data_9I01
#
_entry.id   9I01
#
_entity_poly.entity_id   1
_entity_poly.type   'polypeptide(L)'
_entity_poly.pdbx_seq_one_letter_code
;MGSSHHHHHHSSSAALEVLFQGPMELFNRVGRVLKSQLTHWQQQQEAPEDLLERLLGEMELELIELRRALAQTIATFKST
ERQRDAQQLIAQRWYEKAQAALDRGNEQLAREALGQRQSYQSHTEALGKSLGEQRALVEQVRGQLQKLERKYLELKSQKN
LYLARLKSAIAAQKIEEIAGNLDNASASSLFERIETKILELEAERELLNPPPSPLDKKFEQWEEQQAVEATLAAMKARRS
LPPPSS
;
_entity_poly.pdbx_strand_id   1,2,3,4,5,6,7,0,A,B,C,D,E,F,G,H,I,J,K,L,M,N,O,P,Q,R,S,T,U,V,W,X,Y,Z,a,b,c,d,e,f,g,h,i,j,k,l,m,n,o,p,q,r,s,t,u,v,w,x,y,z
#
# COMPACT_ATOMS: atom_id res chain seq x y z
N MET A 24 76.43 7.39 -78.02
CA MET A 24 76.64 6.46 -76.93
C MET A 24 76.39 7.15 -75.58
N GLU A 25 75.75 6.45 -74.66
CA GLU A 25 75.53 7.02 -73.33
C GLU A 25 76.86 7.25 -72.61
N LEU A 26 77.82 6.35 -72.80
CA LEU A 26 79.15 6.57 -72.25
C LEU A 26 79.74 7.86 -72.77
N PHE A 27 79.65 8.07 -74.09
CA PHE A 27 80.16 9.29 -74.69
C PHE A 27 79.53 10.52 -74.08
N ASN A 28 78.20 10.54 -73.96
CA ASN A 28 77.50 11.65 -73.32
C ASN A 28 77.97 11.89 -71.88
N ARG A 29 78.11 10.83 -71.09
CA ARG A 29 78.69 10.96 -69.75
C ARG A 29 80.07 11.61 -69.77
N VAL A 30 80.93 11.15 -70.67
CA VAL A 30 82.27 11.73 -70.81
C VAL A 30 82.23 13.12 -71.43
N GLY A 31 81.11 13.49 -72.03
CA GLY A 31 81.03 14.74 -72.78
C GLY A 31 81.44 16.00 -72.02
N ARG A 32 81.00 16.15 -70.77
CA ARG A 32 81.39 17.36 -70.05
C ARG A 32 82.92 17.52 -70.00
N VAL A 33 83.63 16.47 -69.58
CA VAL A 33 85.09 16.52 -69.44
C VAL A 33 85.79 16.54 -70.80
N LEU A 34 85.35 15.73 -71.74
CA LEU A 34 86.03 15.68 -73.04
C LEU A 34 85.73 16.94 -73.85
N LYS A 35 84.46 17.30 -73.98
CA LYS A 35 84.08 18.45 -74.78
C LYS A 35 84.56 19.77 -74.21
N SER A 36 84.75 19.90 -72.89
CA SER A 36 85.40 21.11 -72.38
C SER A 36 86.82 21.24 -72.92
N GLN A 37 87.58 20.15 -72.85
CA GLN A 37 88.92 20.12 -73.43
C GLN A 37 88.88 20.38 -74.94
N LEU A 38 87.99 19.73 -75.68
CA LEU A 38 87.94 19.97 -77.12
C LEU A 38 87.51 21.40 -77.47
N THR A 39 86.63 22.01 -76.65
CA THR A 39 86.27 23.41 -76.87
C THR A 39 87.46 24.33 -76.71
N HIS A 40 88.32 24.06 -75.73
CA HIS A 40 89.60 24.77 -75.72
C HIS A 40 90.53 24.32 -76.84
N TRP A 41 90.45 23.06 -77.24
CA TRP A 41 91.36 22.53 -78.26
C TRP A 41 91.21 23.27 -79.56
N GLN A 42 89.96 23.48 -80.00
CA GLN A 42 89.72 24.31 -81.17
C GLN A 42 90.14 25.76 -80.92
N GLN A 43 90.00 26.24 -79.69
CA GLN A 43 90.50 27.55 -79.30
C GLN A 43 92.02 27.66 -79.27
N GLN A 44 92.76 26.55 -79.17
CA GLN A 44 94.17 26.65 -78.80
C GLN A 44 94.96 27.63 -79.65
N GLN A 45 94.59 27.81 -80.92
CA GLN A 45 95.29 28.80 -81.74
C GLN A 45 95.18 30.19 -81.13
N GLU A 46 94.00 30.53 -80.61
CA GLU A 46 93.84 31.76 -79.85
C GLU A 46 94.42 31.64 -78.44
N ALA A 47 94.25 30.48 -77.80
CA ALA A 47 94.52 30.32 -76.37
C ALA A 47 95.37 29.09 -76.11
N PRO A 48 96.68 29.17 -76.35
CA PRO A 48 97.60 28.14 -75.85
C PRO A 48 98.03 28.37 -74.41
N GLU A 49 97.70 29.53 -73.83
CA GLU A 49 98.39 30.03 -72.66
C GLU A 49 98.36 29.07 -71.49
N ASP A 50 97.19 28.48 -71.21
CA ASP A 50 97.07 27.57 -70.07
C ASP A 50 97.90 26.31 -70.22
N LEU A 51 97.88 25.68 -71.41
CA LEU A 51 98.67 24.46 -71.59
C LEU A 51 100.17 24.76 -71.56
N LEU A 52 100.59 25.87 -72.17
CA LEU A 52 102.00 26.26 -72.14
C LEU A 52 102.49 26.51 -70.73
N GLU A 53 101.76 27.31 -69.96
CA GLU A 53 102.17 27.63 -68.59
C GLU A 53 102.03 26.44 -67.65
N ARG A 54 101.09 25.54 -67.88
CA ARG A 54 101.03 24.31 -67.10
C ARG A 54 102.31 23.49 -67.25
N LEU A 55 102.74 23.26 -68.50
CA LEU A 55 103.96 22.50 -68.73
C LEU A 55 105.19 23.15 -68.09
N LEU A 56 105.36 24.46 -68.30
CA LEU A 56 106.49 25.18 -67.72
C LEU A 56 106.39 25.27 -66.19
N GLY A 57 105.18 25.27 -65.64
CA GLY A 57 105.04 25.09 -64.20
C GLY A 57 105.59 23.76 -63.71
N GLU A 58 105.27 22.69 -64.43
CA GLU A 58 105.84 21.37 -64.13
C GLU A 58 107.35 21.39 -64.26
N MET A 59 107.87 22.13 -65.23
CA MET A 59 109.32 22.30 -65.40
C MET A 59 109.96 23.05 -64.25
N GLU A 60 109.25 24.04 -63.69
CA GLU A 60 109.72 24.69 -62.46
C GLU A 60 109.67 23.75 -61.26
N LEU A 61 108.64 22.92 -61.14
CA LEU A 61 108.59 21.93 -60.08
C LEU A 61 109.73 20.91 -60.18
N GLU A 62 110.07 20.50 -61.40
CA GLU A 62 111.26 19.66 -61.58
C GLU A 62 112.53 20.41 -61.20
N LEU A 63 112.70 21.62 -61.71
CA LEU A 63 113.95 22.38 -61.52
C LEU A 63 114.25 22.68 -60.06
N ILE A 64 113.23 22.86 -59.22
CA ILE A 64 113.48 22.97 -57.78
C ILE A 64 113.94 21.62 -57.20
N GLU A 65 113.51 20.50 -57.78
CA GLU A 65 114.13 19.23 -57.43
C GLU A 65 115.58 19.18 -57.92
N LEU A 66 115.84 19.54 -59.17
CA LEU A 66 117.18 19.43 -59.73
C LEU A 66 118.21 20.20 -58.91
N ARG A 67 117.85 21.38 -58.42
CA ARG A 67 118.73 22.14 -57.52
C ARG A 67 118.95 21.44 -56.19
N ARG A 68 117.91 20.86 -55.58
CA ARG A 68 118.11 20.11 -54.36
C ARG A 68 118.91 18.83 -54.57
N ALA A 69 118.78 18.20 -55.74
CA ALA A 69 119.60 17.02 -56.06
C ALA A 69 121.06 17.38 -56.25
N LEU A 70 121.34 18.54 -56.86
CA LEU A 70 122.70 19.09 -56.85
C LEU A 70 123.22 19.32 -55.44
N ALA A 71 122.40 19.90 -54.57
CA ALA A 71 122.84 20.11 -53.19
C ALA A 71 123.08 18.80 -52.45
N GLN A 72 122.29 17.76 -52.75
CA GLN A 72 122.54 16.45 -52.18
C GLN A 72 123.82 15.82 -52.71
N THR A 73 124.18 16.06 -53.97
CA THR A 73 125.46 15.59 -54.48
C THR A 73 126.64 16.30 -53.84
N ILE A 74 126.57 17.63 -53.71
CA ILE A 74 127.65 18.36 -53.04
C ILE A 74 127.80 17.90 -51.58
N ALA A 75 126.68 17.70 -50.90
CA ALA A 75 126.72 17.22 -49.52
C ALA A 75 127.38 15.85 -49.41
N THR A 76 127.02 14.92 -50.31
CA THR A 76 127.65 13.61 -50.32
C THR A 76 129.12 13.64 -50.73
N PHE A 77 129.49 14.56 -51.64
CA PHE A 77 130.89 14.66 -52.03
C PHE A 77 131.79 15.10 -50.88
N LYS A 78 131.42 16.19 -50.21
CA LYS A 78 132.21 16.69 -49.08
C LYS A 78 132.10 15.80 -47.84
N SER A 79 131.00 15.07 -47.66
CA SER A 79 130.96 14.09 -46.59
C SER A 79 131.96 12.96 -46.83
N THR A 80 132.11 12.51 -48.08
CA THR A 80 133.19 11.57 -48.39
C THR A 80 134.54 12.19 -48.07
N GLU A 81 134.69 13.49 -48.34
CA GLU A 81 135.92 14.21 -48.02
C GLU A 81 136.11 14.38 -46.52
N ARG A 82 135.01 14.54 -45.78
CA ARG A 82 135.09 14.56 -44.32
C ARG A 82 135.57 13.21 -43.78
N GLN A 83 135.22 12.12 -44.46
CA GLN A 83 135.75 10.81 -44.09
C GLN A 83 137.24 10.72 -44.40
N ARG A 84 137.67 11.34 -45.50
CA ARG A 84 139.09 11.50 -45.75
C ARG A 84 139.77 12.34 -44.67
N ASP A 85 139.13 13.43 -44.25
CA ASP A 85 139.67 14.25 -43.18
C ASP A 85 139.88 13.45 -41.90
N ALA A 86 138.99 12.49 -41.62
CA ALA A 86 139.19 11.60 -40.49
C ALA A 86 140.35 10.63 -40.74
N GLN A 87 140.41 10.03 -41.93
CA GLN A 87 141.49 9.10 -42.22
C GLN A 87 142.86 9.76 -42.09
N GLN A 88 143.01 10.96 -42.66
CA GLN A 88 144.26 11.69 -42.56
C GLN A 88 144.55 12.16 -41.13
N LEU A 89 143.50 12.43 -40.35
CA LEU A 89 143.69 12.75 -38.93
C LEU A 89 144.20 11.55 -38.15
N ILE A 90 143.73 10.34 -38.46
CA ILE A 90 144.28 9.16 -37.81
C ILE A 90 145.69 8.85 -38.32
N ALA A 91 145.97 9.17 -39.58
CA ALA A 91 147.35 9.11 -40.07
C ALA A 91 148.27 10.04 -39.29
N GLN A 92 147.81 11.26 -39.01
CA GLN A 92 148.57 12.16 -38.14
C GLN A 92 148.71 11.60 -36.73
N ARG A 93 147.64 10.98 -36.21
CA ARG A 93 147.73 10.27 -34.94
C ARG A 93 148.77 9.16 -34.97
N TRP A 94 148.96 8.53 -36.13
CA TRP A 94 150.03 7.56 -36.30
C TRP A 94 151.41 8.21 -36.38
N TYR A 95 151.50 9.44 -36.90
CA TYR A 95 152.76 10.16 -36.81
C TYR A 95 153.07 10.60 -35.40
N GLU A 96 152.06 11.03 -34.63
CA GLU A 96 152.28 11.39 -33.23
C GLU A 96 152.81 10.20 -32.44
N LYS A 97 152.18 9.03 -32.60
CA LYS A 97 152.67 7.81 -31.97
C LYS A 97 154.07 7.43 -32.44
N ALA A 98 154.40 7.73 -33.70
CA ALA A 98 155.78 7.57 -34.13
C ALA A 98 156.70 8.59 -33.46
N GLN A 99 156.24 9.83 -33.30
CA GLN A 99 157.10 10.87 -32.76
C GLN A 99 157.52 10.55 -31.33
N ALA A 100 156.66 9.86 -30.57
CA ALA A 100 157.01 9.38 -29.24
C ALA A 100 158.11 8.34 -29.26
N ALA A 101 158.50 7.86 -30.44
CA ALA A 101 159.63 6.96 -30.61
C ALA A 101 160.62 7.44 -31.66
N LEU A 102 160.43 8.63 -32.21
CA LEU A 102 161.30 9.15 -33.25
C LEU A 102 162.45 9.99 -32.71
N ASP A 103 162.54 10.12 -31.38
CA ASP A 103 163.71 10.66 -30.72
C ASP A 103 164.48 9.54 -30.03
N ARG A 104 165.74 9.83 -29.69
CA ARG A 104 166.64 8.93 -28.98
C ARG A 104 167.04 7.71 -29.81
N GLY A 105 166.70 7.68 -31.11
CA GLY A 105 166.97 6.51 -31.91
C GLY A 105 166.09 5.32 -31.60
N ASN A 106 164.99 5.53 -30.88
CA ASN A 106 164.07 4.46 -30.50
C ASN A 106 162.99 4.22 -31.56
N GLU A 107 163.27 4.58 -32.81
CA GLU A 107 162.30 4.56 -33.91
C GLU A 107 161.78 3.17 -34.24
N GLN A 108 162.24 2.14 -33.52
CA GLN A 108 161.78 0.77 -33.71
C GLN A 108 160.25 0.69 -33.85
N LEU A 109 159.51 1.29 -32.91
CA LEU A 109 158.05 1.23 -32.97
C LEU A 109 157.49 2.00 -34.17
N ALA A 110 158.25 2.92 -34.74
CA ALA A 110 157.80 3.61 -35.94
C ALA A 110 157.62 2.64 -37.10
N ARG A 111 158.28 1.47 -37.05
CA ARG A 111 158.08 0.47 -38.08
C ARG A 111 156.60 0.08 -38.18
N GLU A 112 156.01 -0.31 -37.06
CA GLU A 112 154.58 -0.65 -37.04
C GLU A 112 153.69 0.56 -37.22
N ALA A 113 154.02 1.70 -36.58
CA ALA A 113 153.15 2.87 -36.65
C ALA A 113 153.02 3.41 -38.06
N LEU A 114 154.15 3.55 -38.78
CA LEU A 114 154.10 3.91 -40.19
C LEU A 114 153.63 2.77 -41.08
N GLY A 115 153.83 1.52 -40.66
CA GLY A 115 153.23 0.41 -41.38
C GLY A 115 151.72 0.47 -41.43
N GLN A 116 151.08 0.86 -40.32
CA GLN A 116 149.66 1.18 -40.35
C GLN A 116 149.37 2.41 -41.18
N ARG A 117 150.13 3.49 -40.98
CA ARG A 117 149.85 4.72 -41.73
C ARG A 117 149.90 4.51 -43.23
N GLN A 118 150.72 3.57 -43.71
CA GLN A 118 150.74 3.28 -45.14
C GLN A 118 149.37 2.86 -45.66
N SER A 119 148.69 1.95 -44.93
CA SER A 119 147.32 1.60 -45.29
C SER A 119 146.35 2.76 -45.12
N TYR A 120 146.57 3.63 -44.13
CA TYR A 120 145.69 4.78 -43.97
C TYR A 120 145.89 5.81 -45.08
N GLN A 121 147.13 6.00 -45.53
CA GLN A 121 147.38 6.88 -46.67
C GLN A 121 146.78 6.33 -47.96
N SER A 122 146.77 5.00 -48.14
CA SER A 122 146.19 4.45 -49.36
C SER A 122 144.69 4.73 -49.43
N HIS A 123 143.96 4.55 -48.32
CA HIS A 123 142.55 4.91 -48.29
C HIS A 123 142.35 6.42 -48.39
N THR A 124 143.25 7.21 -47.79
CA THR A 124 143.13 8.67 -47.90
C THR A 124 143.28 9.14 -49.34
N GLU A 125 144.19 8.55 -50.11
CA GLU A 125 144.39 8.98 -51.48
C GLU A 125 143.40 8.33 -52.45
N ALA A 126 142.88 7.15 -52.10
CA ALA A 126 141.71 6.62 -52.79
C ALA A 126 140.52 7.55 -52.65
N LEU A 127 140.26 8.03 -51.43
CA LEU A 127 139.23 9.03 -51.22
C LEU A 127 139.55 10.32 -51.97
N GLY A 128 140.79 10.80 -51.86
CA GLY A 128 141.14 12.05 -52.52
C GLY A 128 140.99 12.03 -54.03
N LYS A 129 141.23 10.88 -54.66
CA LYS A 129 141.08 10.78 -56.11
C LYS A 129 139.66 10.44 -56.56
N SER A 130 138.90 9.69 -55.75
CA SER A 130 137.46 9.65 -55.92
C SER A 130 136.87 11.05 -55.84
N LEU A 131 137.32 11.83 -54.86
CA LEU A 131 136.91 13.21 -54.65
C LEU A 131 137.42 14.15 -55.73
N GLY A 132 138.34 13.70 -56.58
CA GLY A 132 138.71 14.43 -57.77
C GLY A 132 137.67 14.23 -58.87
N GLU A 133 137.15 13.02 -59.00
CA GLU A 133 136.06 12.78 -59.93
C GLU A 133 134.79 13.45 -59.43
N GLN A 134 134.47 13.28 -58.15
CA GLN A 134 133.31 13.92 -57.56
C GLN A 134 133.39 15.44 -57.66
N ARG A 135 134.60 16.00 -57.63
CA ARG A 135 134.77 17.41 -57.97
C ARG A 135 134.29 17.70 -59.38
N ALA A 136 134.87 17.01 -60.36
CA ALA A 136 134.45 17.22 -61.75
C ALA A 136 132.97 16.99 -61.96
N LEU A 137 132.37 16.08 -61.20
CA LEU A 137 130.91 15.88 -61.26
C LEU A 137 130.14 17.10 -60.76
N VAL A 138 130.51 17.65 -59.60
CA VAL A 138 129.80 18.82 -59.10
C VAL A 138 130.06 20.05 -59.97
N GLU A 139 131.24 20.16 -60.58
CA GLU A 139 131.49 21.25 -61.52
C GLU A 139 130.65 21.12 -62.79
N GLN A 140 130.69 19.94 -63.41
CA GLN A 140 129.96 19.75 -64.67
C GLN A 140 128.45 19.82 -64.46
N VAL A 141 127.95 19.30 -63.33
CA VAL A 141 126.52 19.39 -63.05
C VAL A 141 126.11 20.82 -62.76
N ARG A 142 126.99 21.61 -62.15
CA ARG A 142 126.71 23.04 -61.96
C ARG A 142 126.68 23.78 -63.29
N GLY A 143 127.60 23.46 -64.21
CA GLY A 143 127.56 24.10 -65.52
C GLY A 143 126.38 23.64 -66.35
N GLN A 144 126.03 22.36 -66.27
CA GLN A 144 124.83 21.85 -66.94
C GLN A 144 123.59 22.58 -66.44
N LEU A 145 123.43 22.68 -65.13
CA LEU A 145 122.29 23.41 -64.57
C LEU A 145 122.28 24.87 -64.99
N GLN A 146 123.40 25.57 -64.80
CA GLN A 146 123.39 27.01 -65.06
C GLN A 146 123.11 27.35 -66.52
N LYS A 147 123.59 26.52 -67.45
CA LYS A 147 123.17 26.64 -68.85
C LYS A 147 121.68 26.37 -69.02
N LEU A 148 121.20 25.27 -68.44
CA LEU A 148 119.82 24.84 -68.66
C LEU A 148 118.81 25.81 -68.05
N GLU A 149 119.01 26.19 -66.79
CA GLU A 149 118.08 27.06 -66.10
C GLU A 149 118.13 28.49 -66.65
N ARG A 150 119.30 28.95 -67.10
CA ARG A 150 119.36 30.23 -67.81
C ARG A 150 118.61 30.15 -69.12
N LYS A 151 118.66 28.99 -69.80
CA LYS A 151 117.85 28.80 -71.00
C LYS A 151 116.36 28.79 -70.68
N TYR A 152 115.99 28.21 -69.55
CA TYR A 152 114.60 28.29 -69.08
C TYR A 152 114.17 29.72 -68.79
N LEU A 153 115.04 30.52 -68.17
CA LEU A 153 114.74 31.93 -67.92
C LEU A 153 114.51 32.69 -69.23
N GLU A 154 115.44 32.56 -70.18
CA GLU A 154 115.28 33.21 -71.48
C GLU A 154 114.10 32.65 -72.26
N LEU A 155 113.79 31.37 -72.08
CA LEU A 155 112.60 30.77 -72.69
C LEU A 155 111.31 31.30 -72.06
N LYS A 156 111.32 31.58 -70.76
CA LYS A 156 110.21 32.29 -70.15
C LYS A 156 110.04 33.67 -70.75
N SER A 157 111.15 34.40 -70.95
CA SER A 157 111.09 35.70 -71.60
C SER A 157 110.46 35.58 -72.99
N GLN A 158 110.95 34.62 -73.78
CA GLN A 158 110.38 34.38 -75.11
C GLN A 158 108.90 34.01 -75.06
N LYS A 159 108.50 33.15 -74.12
CA LYS A 159 107.09 32.77 -74.03
C LYS A 159 106.20 33.98 -73.76
N ASN A 160 106.59 34.81 -72.78
CA ASN A 160 105.82 36.02 -72.50
C ASN A 160 105.70 36.88 -73.76
N LEU A 161 106.80 37.06 -74.47
CA LEU A 161 106.81 37.79 -75.74
C LEU A 161 106.06 37.06 -76.83
N TYR A 162 105.94 35.74 -76.73
CA TYR A 162 105.20 34.97 -77.74
C TYR A 162 103.70 35.06 -77.54
N LEU A 163 103.24 35.08 -76.29
CA LEU A 163 101.82 35.33 -76.02
C LEU A 163 101.41 36.73 -76.44
N ALA A 164 102.28 37.72 -76.22
CA ALA A 164 102.04 39.06 -76.72
C ALA A 164 101.99 39.10 -78.24
N ARG A 165 102.98 38.50 -78.91
CA ARG A 165 102.96 38.40 -80.36
C ARG A 165 101.68 37.73 -80.86
N LEU A 166 101.31 36.60 -80.26
CA LEU A 166 100.14 35.86 -80.71
C LEU A 166 98.86 36.68 -80.57
N LYS A 167 98.63 37.28 -79.40
CA LYS A 167 97.46 38.13 -79.22
C LYS A 167 97.47 39.32 -80.17
N SER A 168 98.65 39.88 -80.45
CA SER A 168 98.74 41.01 -81.37
C SER A 168 98.44 40.60 -82.80
N ALA A 169 98.95 39.45 -83.23
CA ALA A 169 98.61 38.91 -84.54
C ALA A 169 97.11 38.62 -84.65
N ILE A 170 96.53 38.01 -83.61
CA ILE A 170 95.09 37.74 -83.60
C ILE A 170 94.30 39.04 -83.79
N ALA A 171 94.66 40.08 -83.05
CA ALA A 171 94.03 41.38 -83.20
C ALA A 171 94.19 41.91 -84.62
N ALA A 172 95.39 41.80 -85.19
CA ALA A 172 95.65 42.24 -86.56
C ALA A 172 94.76 41.49 -87.55
N GLN A 173 94.67 40.17 -87.39
CA GLN A 173 93.77 39.36 -88.21
C GLN A 173 92.34 39.87 -88.13
N LYS A 174 91.90 40.25 -86.93
CA LYS A 174 90.55 40.76 -86.76
C LYS A 174 90.35 42.12 -87.44
N ILE A 175 91.35 43.00 -87.42
CA ILE A 175 91.24 44.26 -88.16
C ILE A 175 91.20 44.04 -89.67
N GLU A 176 92.08 43.20 -90.20
CA GLU A 176 92.05 42.95 -91.65
C GLU A 176 90.73 42.33 -92.08
N GLU A 177 90.28 41.27 -91.40
CA GLU A 177 89.06 40.58 -91.82
C GLU A 177 87.81 41.45 -91.64
N ILE A 178 87.71 42.18 -90.54
CA ILE A 178 86.58 43.07 -90.32
C ILE A 178 86.65 44.29 -91.24
N ALA A 179 87.86 44.77 -91.52
CA ALA A 179 88.04 45.84 -92.49
C ALA A 179 87.70 45.38 -93.91
N GLY A 180 88.10 44.18 -94.29
CA GLY A 180 87.72 43.67 -95.59
C GLY A 180 86.23 43.49 -95.77
N ASN A 181 85.54 43.01 -94.73
CA ASN A 181 84.08 42.96 -94.78
C ASN A 181 83.47 44.34 -94.72
N LEU A 182 84.08 45.27 -93.99
CA LEU A 182 83.54 46.63 -93.89
C LEU A 182 83.63 47.35 -95.23
N ASP A 183 84.82 47.35 -95.84
CA ASP A 183 84.99 48.05 -97.10
C ASP A 183 84.26 47.33 -98.23
N ASN A 184 84.51 46.03 -98.38
CA ASN A 184 84.00 45.32 -99.54
C ASN A 184 82.49 45.10 -99.46
N ALA A 185 82.01 44.53 -98.35
CA ALA A 185 80.57 44.27 -98.23
C ALA A 185 79.77 45.54 -97.96
N SER A 186 80.18 46.32 -96.95
CA SER A 186 79.38 47.46 -96.52
C SER A 186 79.44 48.59 -97.54
N ALA A 187 80.64 48.94 -97.99
CA ALA A 187 80.80 50.12 -98.83
C ALA A 187 80.18 49.92 -100.20
N SER A 188 80.32 48.74 -100.80
CA SER A 188 79.64 48.48 -102.06
C SER A 188 78.13 48.53 -101.87
N SER A 189 77.65 48.07 -100.72
CA SER A 189 76.22 48.20 -100.41
C SER A 189 75.81 49.66 -100.28
N LEU A 190 76.70 50.51 -99.76
CA LEU A 190 76.36 51.92 -99.63
C LEU A 190 76.37 52.62 -100.99
N PHE A 191 77.43 52.43 -101.77
CA PHE A 191 77.57 53.19 -103.01
C PHE A 191 76.58 52.72 -104.07
N GLU A 192 76.54 51.42 -104.33
CA GLU A 192 75.68 50.91 -105.39
C GLU A 192 74.20 50.96 -105.05
N ARG A 193 73.80 50.75 -103.78
CA ARG A 193 72.40 50.97 -103.41
C ARG A 193 71.98 52.43 -103.33
N ILE A 194 72.88 53.33 -102.92
CA ILE A 194 72.55 54.75 -102.93
C ILE A 194 72.48 55.28 -104.35
N GLU A 195 73.43 54.86 -105.19
CA GLU A 195 73.42 55.29 -106.58
C GLU A 195 72.17 54.82 -107.32
N THR A 196 71.83 53.53 -107.21
CA THR A 196 70.62 53.02 -107.87
C THR A 196 69.36 53.71 -107.36
N LYS A 197 69.30 54.02 -106.07
CA LYS A 197 68.17 54.78 -105.56
C LYS A 197 68.16 56.21 -106.08
N ILE A 198 69.35 56.79 -106.27
CA ILE A 198 69.44 58.12 -106.87
C ILE A 198 68.94 58.08 -108.31
N LEU A 199 69.35 57.05 -109.05
CA LEU A 199 68.89 56.87 -110.43
C LEU A 199 67.37 56.72 -110.48
N GLU A 200 66.79 56.07 -109.49
CA GLU A 200 65.33 55.96 -109.43
C GLU A 200 64.72 57.34 -109.23
N LEU A 201 65.34 58.17 -108.40
CA LEU A 201 64.89 59.55 -108.24
C LEU A 201 65.10 60.35 -109.52
N GLU A 202 66.16 60.04 -110.27
CA GLU A 202 66.46 60.74 -111.52
C GLU A 202 65.52 60.34 -112.65
N ALA A 203 65.03 59.09 -112.65
CA ALA A 203 64.00 58.70 -113.59
C ALA A 203 62.72 59.49 -113.41
N GLU A 204 62.38 59.85 -112.17
CA GLU A 204 61.30 60.80 -111.95
C GLU A 204 61.72 62.24 -112.24
N ARG A 205 63.00 62.59 -112.09
CA ARG A 205 63.44 63.92 -112.50
C ARG A 205 63.22 64.13 -114.00
N GLU A 206 63.64 63.17 -114.82
CA GLU A 206 63.48 63.29 -116.27
C GLU A 206 62.04 63.12 -116.72
N LEU A 207 61.13 62.70 -115.83
CA LEU A 207 59.71 62.78 -116.11
C LEU A 207 59.14 64.15 -115.78
N LEU A 208 59.65 64.81 -114.74
CA LEU A 208 59.18 66.12 -114.34
C LEU A 208 59.92 67.26 -115.02
N ASN A 209 61.05 66.98 -115.68
CA ASN A 209 62.00 68.01 -116.07
C ASN A 209 62.66 67.64 -117.39
N PRO A 210 62.52 68.47 -118.44
CA PRO A 210 63.23 68.17 -119.68
C PRO A 210 64.73 68.18 -119.46
N PRO A 211 65.48 67.34 -120.19
CA PRO A 211 66.94 67.39 -120.09
C PRO A 211 67.45 68.79 -120.33
N PRO A 212 68.18 69.38 -119.36
CA PRO A 212 68.71 70.73 -119.56
C PRO A 212 69.88 70.76 -120.54
N SER A 213 69.58 70.73 -121.84
CA SER A 213 70.59 70.74 -122.88
C SER A 213 71.36 72.06 -122.84
N PRO A 214 72.50 72.16 -123.53
CA PRO A 214 73.18 73.46 -123.63
C PRO A 214 72.34 74.53 -124.28
N LEU A 215 71.34 74.16 -125.09
CA LEU A 215 70.58 75.16 -125.84
C LEU A 215 69.71 76.00 -124.91
N ASP A 216 68.79 75.36 -124.20
CA ASP A 216 67.93 76.09 -123.27
C ASP A 216 68.75 76.78 -122.18
N LYS A 217 69.89 76.20 -121.79
CA LYS A 217 70.75 76.86 -120.82
C LYS A 217 71.27 78.19 -121.34
N LYS A 218 71.71 78.23 -122.60
CA LYS A 218 72.18 79.48 -123.17
C LYS A 218 71.05 80.50 -123.32
N PHE A 219 69.85 80.04 -123.66
CA PHE A 219 68.71 80.93 -123.75
C PHE A 219 68.37 81.55 -122.40
N GLU A 220 68.42 80.76 -121.32
CA GLU A 220 68.16 81.30 -119.99
C GLU A 220 69.23 82.32 -119.60
N GLN A 221 70.50 82.04 -119.94
CA GLN A 221 71.56 82.99 -119.67
C GLN A 221 71.33 84.30 -120.41
N TRP A 222 70.93 84.22 -121.69
CA TRP A 222 70.60 85.42 -122.44
C TRP A 222 69.40 86.14 -121.85
N GLU A 223 68.46 85.42 -121.25
CA GLU A 223 67.33 86.08 -120.60
C GLU A 223 67.80 86.94 -119.43
N GLU A 224 68.73 86.42 -118.62
CA GLU A 224 69.30 87.23 -117.56
C GLU A 224 70.07 88.41 -118.14
N GLN A 225 70.80 88.18 -119.23
CA GLN A 225 71.52 89.27 -119.90
C GLN A 225 70.56 90.36 -120.37
N GLN A 226 69.39 89.95 -120.88
CA GLN A 226 68.42 90.93 -121.37
C GLN A 226 67.72 91.66 -120.24
N ALA A 227 67.55 91.01 -119.08
CA ALA A 227 67.03 91.72 -117.91
C ALA A 227 67.97 92.84 -117.49
N VAL A 228 69.26 92.54 -117.39
CA VAL A 228 70.23 93.56 -117.02
C VAL A 228 70.36 94.60 -118.13
N GLU A 229 70.19 94.21 -119.39
CA GLU A 229 70.23 95.22 -120.44
C GLU A 229 69.03 96.15 -120.35
N ALA A 230 67.88 95.66 -119.86
CA ALA A 230 66.75 96.55 -119.62
C ALA A 230 66.98 97.49 -118.44
N THR A 231 67.62 97.01 -117.37
CA THR A 231 68.01 97.89 -116.28
C THR A 231 68.98 98.96 -116.74
N LEU A 232 69.94 98.58 -117.60
CA LEU A 232 70.85 99.57 -118.16
C LEU A 232 70.10 100.60 -118.98
N ALA A 233 69.08 100.17 -119.72
CA ALA A 233 68.29 101.11 -120.50
C ALA A 233 67.60 102.13 -119.60
N ALA A 234 67.01 101.65 -118.50
CA ALA A 234 66.43 102.56 -117.51
C ALA A 234 67.48 103.50 -116.93
N MET A 235 68.67 102.97 -116.63
CA MET A 235 69.74 103.80 -116.09
C MET A 235 70.06 104.96 -117.02
N LYS A 236 70.29 104.67 -118.30
CA LYS A 236 70.73 105.72 -119.23
C LYS A 236 69.57 106.59 -119.70
N ALA A 237 68.33 106.13 -119.55
CA ALA A 237 67.18 106.98 -119.84
C ALA A 237 66.97 108.00 -118.72
N ARG A 238 67.15 107.59 -117.47
CA ARG A 238 67.16 108.56 -116.38
C ARG A 238 68.35 109.50 -116.49
N ARG A 239 69.49 109.00 -116.96
CA ARG A 239 70.67 109.82 -117.15
C ARG A 239 70.54 110.78 -118.34
N SER A 240 69.63 110.51 -119.28
CA SER A 240 69.49 111.39 -120.45
C SER A 240 69.21 112.82 -120.01
N MET B 24 78.15 -72.49 7.28
CA MET B 24 76.80 -72.90 7.66
C MET B 24 76.17 -71.87 8.58
N GLU B 25 74.88 -71.60 8.39
CA GLU B 25 74.19 -70.66 9.27
C GLU B 25 74.13 -71.20 10.70
N LEU B 26 73.95 -72.51 10.85
CA LEU B 26 74.01 -73.12 12.18
C LEU B 26 75.35 -72.84 12.84
N PHE B 27 76.44 -73.05 12.08
CA PHE B 27 77.78 -72.79 12.62
C PHE B 27 77.91 -71.35 13.08
N ASN B 28 77.49 -70.39 12.25
CA ASN B 28 77.53 -68.98 12.64
C ASN B 28 76.73 -68.70 13.91
N ARG B 29 75.51 -69.25 14.01
CA ARG B 29 74.74 -69.15 15.24
C ARG B 29 75.50 -69.68 16.46
N VAL B 30 76.11 -70.85 16.32
CA VAL B 30 76.91 -71.44 17.40
C VAL B 30 78.22 -70.69 17.61
N GLY B 31 78.62 -69.86 16.65
CA GLY B 31 79.92 -69.22 16.70
C GLY B 31 80.23 -68.44 17.98
N ARG B 32 79.29 -67.65 18.48
CA ARG B 32 79.59 -66.92 19.71
C ARG B 32 80.03 -67.84 20.84
N VAL B 33 79.25 -68.88 21.11
CA VAL B 33 79.55 -69.81 22.20
C VAL B 33 80.75 -70.70 21.89
N LEU B 34 80.84 -71.23 20.69
CA LEU B 34 81.96 -72.12 20.36
C LEU B 34 83.26 -71.35 20.22
N LYS B 35 83.26 -70.27 19.44
CA LYS B 35 84.47 -69.50 19.21
C LYS B 35 84.98 -68.79 20.46
N SER B 36 84.12 -68.43 21.42
CA SER B 36 84.65 -67.92 22.69
C SER B 36 85.49 -68.98 23.39
N GLN B 37 84.95 -70.20 23.47
CA GLN B 37 85.71 -71.32 24.03
C GLN B 37 86.99 -71.59 23.22
N LEU B 38 86.91 -71.63 21.90
CA LEU B 38 88.13 -71.88 21.11
C LEU B 38 89.15 -70.76 21.24
N THR B 39 88.71 -69.50 21.39
CA THR B 39 89.63 -68.40 21.63
C THR B 39 90.39 -68.57 22.93
N HIS B 40 89.70 -69.04 23.98
CA HIS B 40 90.46 -69.44 25.16
C HIS B 40 91.25 -70.72 24.94
N TRP B 41 90.75 -71.63 24.10
CA TRP B 41 91.41 -72.91 23.89
C TRP B 41 92.81 -72.71 23.33
N GLN B 42 92.95 -71.85 22.32
CA GLN B 42 94.27 -71.51 21.83
C GLN B 42 95.09 -70.77 22.89
N GLN B 43 94.42 -69.98 23.73
CA GLN B 43 95.08 -69.34 24.87
C GLN B 43 95.50 -70.31 25.97
N GLN B 44 94.93 -71.52 26.05
CA GLN B 44 95.06 -72.31 27.27
C GLN B 44 96.50 -72.47 27.73
N GLN B 45 97.47 -72.49 26.81
CA GLN B 45 98.87 -72.58 27.24
C GLN B 45 99.24 -71.40 28.12
N GLU B 46 98.77 -70.20 27.78
CA GLU B 46 98.91 -69.05 28.66
C GLU B 46 97.93 -69.10 29.83
N ALA B 47 96.70 -69.54 29.59
CA ALA B 47 95.60 -69.40 30.55
C ALA B 47 94.86 -70.71 30.74
N PRO B 48 95.44 -71.63 31.53
CA PRO B 48 94.66 -72.78 31.99
C PRO B 48 93.83 -72.49 33.23
N GLU B 49 94.03 -71.32 33.85
CA GLU B 49 93.64 -71.11 35.24
C GLU B 49 92.16 -71.35 35.48
N ASP B 50 91.30 -70.85 34.60
CA ASP B 50 89.85 -71.01 34.80
C ASP B 50 89.41 -72.46 34.72
N LEU B 51 89.89 -73.22 33.72
CA LEU B 51 89.49 -74.62 33.63
C LEU B 51 90.01 -75.45 34.80
N LEU B 52 91.26 -75.20 35.21
CA LEU B 52 91.84 -75.91 36.35
C LEU B 52 91.07 -75.66 37.63
N GLU B 53 90.80 -74.38 37.93
CA GLU B 53 90.07 -74.03 39.15
C GLU B 53 88.61 -74.43 39.10
N ARG B 54 87.99 -74.44 37.93
CA ARG B 54 86.63 -74.96 37.82
C ARG B 54 86.56 -76.43 38.24
N LEU B 55 87.45 -77.27 37.70
CA LEU B 55 87.47 -78.69 38.06
C LEU B 55 87.72 -78.89 39.54
N LEU B 56 88.73 -78.22 40.11
CA LEU B 56 89.00 -78.35 41.54
C LEU B 56 87.90 -77.75 42.41
N GLY B 57 87.18 -76.75 41.92
CA GLY B 57 85.95 -76.32 42.59
C GLY B 57 84.91 -77.42 42.66
N GLU B 58 84.71 -78.13 41.57
CA GLU B 58 83.82 -79.29 41.56
C GLU B 58 84.31 -80.37 42.51
N MET B 59 85.63 -80.53 42.62
CA MET B 59 86.22 -81.47 43.57
C MET B 59 85.98 -81.06 45.01
N GLU B 60 86.00 -79.76 45.29
CA GLU B 60 85.59 -79.27 46.62
C GLU B 60 84.11 -79.49 46.89
N LEU B 61 83.26 -79.29 45.89
CA LEU B 61 81.83 -79.58 46.05
C LEU B 61 81.58 -81.05 46.32
N GLU B 62 82.32 -81.94 45.66
CA GLU B 62 82.24 -83.36 45.99
C GLU B 62 82.73 -83.63 47.40
N LEU B 63 83.91 -83.11 47.75
CA LEU B 63 84.55 -83.41 49.04
C LEU B 63 83.71 -82.98 50.24
N ILE B 64 82.94 -81.89 50.12
CA ILE B 64 82.00 -81.56 51.19
C ILE B 64 80.86 -82.58 51.25
N GLU B 65 80.48 -83.19 50.13
CA GLU B 65 79.61 -84.35 50.20
C GLU B 65 80.29 -85.53 50.88
N LEU B 66 81.53 -85.86 50.47
CA LEU B 66 82.21 -87.03 51.01
C LEU B 66 82.34 -86.98 52.53
N ARG B 67 82.60 -85.80 53.09
CA ARG B 67 82.62 -85.64 54.54
C ARG B 67 81.25 -85.84 55.18
N ARG B 68 80.19 -85.31 54.57
CA ARG B 68 78.85 -85.56 55.10
C ARG B 68 78.43 -87.02 54.96
N ALA B 69 78.88 -87.71 53.91
CA ALA B 69 78.60 -89.14 53.76
C ALA B 69 79.34 -89.97 54.80
N LEU B 70 80.57 -89.59 55.14
CA LEU B 70 81.25 -90.16 56.30
C LEU B 70 80.47 -89.94 57.59
N ALA B 71 79.96 -88.72 57.81
CA ALA B 71 79.19 -88.47 59.01
C ALA B 71 77.89 -89.26 59.04
N GLN B 72 77.27 -89.49 57.87
CA GLN B 72 76.09 -90.34 57.80
C GLN B 72 76.42 -91.81 58.09
N THR B 73 77.61 -92.28 57.69
CA THR B 73 78.02 -93.63 58.05
C THR B 73 78.28 -93.78 59.54
N ILE B 74 78.98 -92.82 60.16
CA ILE B 74 79.20 -92.88 61.60
C ILE B 74 77.87 -92.84 62.36
N ALA B 75 76.95 -91.98 61.92
CA ALA B 75 75.64 -91.91 62.55
C ALA B 75 74.87 -93.22 62.46
N THR B 76 74.89 -93.86 61.28
CA THR B 76 74.24 -95.17 61.14
C THR B 76 74.95 -96.27 61.91
N PHE B 77 76.27 -96.22 62.02
CA PHE B 77 77.00 -97.23 62.79
C PHE B 77 76.63 -97.21 64.27
N LYS B 78 76.70 -96.03 64.89
CA LYS B 78 76.38 -95.90 66.30
C LYS B 78 74.88 -96.02 66.57
N SER B 79 74.01 -95.68 65.62
CA SER B 79 72.59 -95.98 65.80
C SER B 79 72.33 -97.48 65.83
N THR B 80 73.03 -98.26 65.00
CA THR B 80 72.95 -99.71 65.15
C THR B 80 73.45 -100.14 66.53
N GLU B 81 74.48 -99.48 67.03
CA GLU B 81 75.00 -99.76 68.37
C GLU B 81 74.02 -99.30 69.45
N ARG B 82 73.29 -98.22 69.22
CA ARG B 82 72.23 -97.82 70.15
C ARG B 82 71.12 -98.86 70.19
N GLN B 83 70.87 -99.54 69.08
CA GLN B 83 69.92 -100.66 69.09
C GLN B 83 70.47 -101.84 69.88
N ARG B 84 71.79 -102.07 69.80
CA ARG B 84 72.44 -103.02 70.68
C ARG B 84 72.33 -102.60 72.14
N ASP B 85 72.52 -101.32 72.44
CA ASP B 85 72.36 -100.82 73.80
C ASP B 85 70.96 -101.09 74.34
N ALA B 86 69.94 -101.03 73.48
CA ALA B 86 68.60 -101.41 73.91
C ALA B 86 68.47 -102.91 74.11
N GLN B 87 69.00 -103.72 73.19
CA GLN B 87 68.92 -105.16 73.35
C GLN B 87 69.59 -105.62 74.64
N GLN B 88 70.78 -105.11 74.93
CA GLN B 88 71.48 -105.47 76.16
C GLN B 88 70.77 -104.92 77.40
N LEU B 89 70.10 -103.78 77.27
CA LEU B 89 69.28 -103.26 78.37
C LEU B 89 68.09 -104.16 78.66
N ILE B 90 67.46 -104.73 77.63
CA ILE B 90 66.38 -105.68 77.86
C ILE B 90 66.92 -107.01 78.39
N ALA B 91 68.14 -107.38 77.98
CA ALA B 91 68.81 -108.53 78.60
C ALA B 91 69.03 -108.31 80.09
N GLN B 92 69.46 -107.11 80.48
CA GLN B 92 69.56 -106.76 81.90
C GLN B 92 68.19 -106.80 82.58
N ARG B 93 67.16 -106.31 81.89
CA ARG B 93 65.79 -106.45 82.40
C ARG B 93 65.39 -107.90 82.59
N TRP B 94 65.92 -108.80 81.76
CA TRP B 94 65.72 -110.23 81.97
C TRP B 94 66.52 -110.77 83.14
N TYR B 95 67.70 -110.20 83.43
CA TYR B 95 68.40 -110.56 84.66
C TYR B 95 67.69 -110.05 85.89
N GLU B 96 67.13 -108.83 85.85
CA GLU B 96 66.36 -108.32 86.98
C GLU B 96 65.16 -109.23 87.29
N LYS B 97 64.42 -109.61 86.25
CA LYS B 97 63.30 -110.55 86.43
C LYS B 97 63.77 -111.90 86.93
N ALA B 98 64.98 -112.33 86.55
CA ALA B 98 65.57 -113.52 87.16
C ALA B 98 65.92 -113.28 88.63
N GLN B 99 66.46 -112.10 88.95
CA GLN B 99 66.90 -111.84 90.31
C GLN B 99 65.74 -111.89 91.29
N ALA B 100 64.53 -111.52 90.86
CA ALA B 100 63.34 -111.66 91.67
C ALA B 100 62.99 -113.12 91.95
N ALA B 101 63.68 -114.06 91.31
CA ALA B 101 63.52 -115.48 91.59
C ALA B 101 64.86 -116.17 91.84
N LEU B 102 65.96 -115.43 91.92
CA LEU B 102 67.27 -116.01 92.12
C LEU B 102 67.66 -116.08 93.58
N ASP B 103 66.79 -115.65 94.49
CA ASP B 103 66.92 -115.90 95.91
C ASP B 103 65.91 -116.95 96.35
N ARG B 104 66.16 -117.53 97.53
CA ARG B 104 65.30 -118.52 98.16
C ARG B 104 65.27 -119.84 97.42
N GLY B 105 66.13 -120.03 96.42
CA GLY B 105 66.09 -121.23 95.61
C GLY B 105 64.90 -121.31 94.67
N ASN B 106 64.21 -120.19 94.44
CA ASN B 106 63.04 -120.15 93.58
C ASN B 106 63.41 -119.89 92.12
N GLU B 107 64.63 -120.24 91.72
CA GLU B 107 65.19 -119.92 90.41
C GLU B 107 64.44 -120.57 89.25
N GLN B 108 63.39 -121.34 89.54
CA GLN B 108 62.57 -121.98 88.51
C GLN B 108 62.25 -121.02 87.36
N LEU B 109 61.73 -119.83 87.68
CA LEU B 109 61.37 -118.89 86.62
C LEU B 109 62.59 -118.36 85.87
N ALA B 110 63.79 -118.45 86.46
CA ALA B 110 64.98 -118.07 85.74
C ALA B 110 65.20 -118.93 84.51
N ARG B 111 64.61 -120.13 84.47
CA ARG B 111 64.71 -120.97 83.29
C ARG B 111 64.18 -120.25 82.06
N GLU B 112 62.95 -119.74 82.14
CA GLU B 112 62.37 -118.98 81.04
C GLU B 112 63.03 -117.62 80.86
N ALA B 113 63.32 -116.91 81.95
CA ALA B 113 63.88 -115.56 81.84
C ALA B 113 65.24 -115.56 81.15
N LEU B 114 66.14 -116.45 81.55
CA LEU B 114 67.40 -116.62 80.85
C LEU B 114 67.24 -117.32 79.51
N GLY B 115 66.22 -118.15 79.35
CA GLY B 115 65.92 -118.68 78.03
C GLY B 115 65.61 -117.62 77.00
N GLN B 116 64.86 -116.59 77.39
CA GLN B 116 64.72 -115.41 76.54
C GLN B 116 66.03 -114.65 76.40
N ARG B 117 66.73 -114.40 77.50
CA ARG B 117 67.97 -113.64 77.41
C ARG B 117 68.98 -114.27 76.46
N GLN B 118 68.97 -115.61 76.33
CA GLN B 118 69.87 -116.25 75.37
C GLN B 118 69.63 -115.74 73.94
N SER B 119 68.37 -115.65 73.52
CA SER B 119 68.08 -115.04 72.23
C SER B 119 68.42 -113.56 72.17
N TYR B 120 68.27 -112.84 73.28
CA TYR B 120 68.64 -111.43 73.29
C TYR B 120 70.15 -111.22 73.22
N GLN B 121 70.92 -112.09 73.87
CA GLN B 121 72.37 -112.04 73.75
C GLN B 121 72.85 -112.39 72.35
N SER B 122 72.15 -113.30 71.65
CA SER B 122 72.58 -113.64 70.29
C SER B 122 72.43 -112.45 69.36
N HIS B 123 71.30 -111.73 69.44
CA HIS B 123 71.15 -110.51 68.66
C HIS B 123 72.10 -109.41 69.12
N THR B 124 72.37 -109.33 70.43
CA THR B 124 73.32 -108.32 70.92
C THR B 124 74.72 -108.56 70.38
N GLU B 125 75.15 -109.82 70.29
CA GLU B 125 76.50 -110.09 69.80
C GLU B 125 76.56 -110.13 68.27
N ALA B 126 75.45 -110.44 67.61
CA ALA B 126 75.35 -110.19 66.17
C ALA B 126 75.51 -108.72 65.85
N LEU B 127 74.83 -107.85 66.61
CA LEU B 127 75.02 -106.42 66.47
C LEU B 127 76.46 -106.02 66.80
N GLY B 128 76.99 -106.52 67.92
CA GLY B 128 78.34 -106.16 68.32
C GLY B 128 79.42 -106.53 67.32
N LYS B 129 79.25 -107.64 66.60
CA LYS B 129 80.22 -108.05 65.60
C LYS B 129 79.99 -107.44 64.23
N SER B 130 78.73 -107.15 63.87
CA SER B 130 78.47 -106.25 62.76
C SER B 130 79.13 -104.90 63.03
N LEU B 131 78.99 -104.40 64.25
CA LEU B 131 79.58 -103.13 64.69
C LEU B 131 81.09 -103.21 64.82
N GLY B 132 81.67 -104.39 64.74
CA GLY B 132 83.11 -104.54 64.60
C GLY B 132 83.55 -104.28 63.16
N GLU B 133 82.76 -104.77 62.21
CA GLU B 133 83.04 -104.46 60.81
C GLU B 133 82.76 -102.99 60.53
N GLN B 134 81.61 -102.49 61.00
CA GLN B 134 81.27 -101.09 60.84
C GLN B 134 82.30 -100.17 61.50
N ARG B 135 82.93 -100.63 62.58
CA ARG B 135 84.10 -99.93 63.12
C ARG B 135 85.22 -99.84 62.08
N ALA B 136 85.67 -100.99 61.58
CA ALA B 136 86.73 -101.00 60.59
C ALA B 136 86.36 -100.19 59.35
N LEU B 137 85.08 -100.14 58.99
CA LEU B 137 84.64 -99.29 57.89
C LEU B 137 84.83 -97.80 58.18
N VAL B 138 84.39 -97.34 59.36
CA VAL B 138 84.56 -95.92 59.68
C VAL B 138 86.03 -95.57 59.88
N GLU B 139 86.85 -96.50 60.37
CA GLU B 139 88.29 -96.24 60.47
C GLU B 139 88.93 -96.15 59.09
N GLN B 140 88.69 -97.13 58.23
CA GLN B 140 89.32 -97.15 56.92
C GLN B 140 88.83 -96.00 56.04
N VAL B 141 87.54 -95.65 56.14
CA VAL B 141 87.02 -94.52 55.38
C VAL B 141 87.59 -93.20 55.89
N ARG B 142 87.84 -93.10 57.20
CA ARG B 142 88.51 -91.91 57.73
C ARG B 142 89.95 -91.82 57.25
N GLY B 143 90.67 -92.93 57.19
CA GLY B 143 92.03 -92.89 56.68
C GLY B 143 92.07 -92.64 55.18
N GLN B 144 91.12 -93.21 54.44
CA GLN B 144 91.01 -92.94 53.01
C GLN B 144 90.78 -91.44 52.77
N LEU B 145 89.81 -90.86 53.48
CA LEU B 145 89.56 -89.43 53.36
C LEU B 145 90.77 -88.60 53.74
N GLN B 146 91.35 -88.84 54.92
CA GLN B 146 92.42 -87.97 55.39
C GLN B 146 93.65 -88.01 54.48
N LYS B 147 93.96 -89.17 53.90
CA LYS B 147 94.97 -89.23 52.85
C LYS B 147 94.56 -88.43 51.61
N LEU B 148 93.32 -88.64 51.15
CA LEU B 148 92.87 -88.05 49.90
C LEU B 148 92.76 -86.53 49.99
N GLU B 149 92.10 -86.03 51.04
CA GLU B 149 91.90 -84.60 51.19
C GLU B 149 93.20 -83.87 51.51
N ARG B 150 94.11 -84.51 52.25
CA ARG B 150 95.43 -83.94 52.43
C ARG B 150 96.19 -83.86 51.11
N LYS B 151 95.99 -84.87 50.24
CA LYS B 151 96.57 -84.81 48.90
C LYS B 151 95.94 -83.69 48.07
N TYR B 152 94.64 -83.46 48.23
CA TYR B 152 93.99 -82.32 47.60
C TYR B 152 94.55 -80.99 48.11
N LEU B 153 94.79 -80.88 49.41
CA LEU B 153 95.41 -79.66 49.96
C LEU B 153 96.79 -79.41 49.37
N GLU B 154 97.65 -80.43 49.38
CA GLU B 154 98.98 -80.29 48.79
C GLU B 154 98.93 -80.09 47.28
N LEU B 155 97.92 -80.66 46.62
CA LEU B 155 97.71 -80.42 45.20
C LEU B 155 97.23 -78.99 44.92
N LYS B 156 96.43 -78.42 45.82
CA LYS B 156 96.14 -76.99 45.73
C LYS B 156 97.41 -76.16 45.86
N SER B 157 98.27 -76.50 46.82
CA SER B 157 99.54 -75.81 46.96
C SER B 157 100.34 -75.89 45.67
N GLN B 158 100.47 -77.09 45.11
CA GLN B 158 101.17 -77.27 43.83
C GLN B 158 100.53 -76.48 42.69
N LYS B 159 99.20 -76.47 42.60
CA LYS B 159 98.55 -75.72 41.52
C LYS B 159 98.86 -74.23 41.62
N ASN B 160 98.74 -73.65 42.81
CA ASN B 160 99.09 -72.25 42.99
C ASN B 160 100.52 -71.99 42.53
N LEU B 161 101.44 -72.85 42.95
CA LEU B 161 102.83 -72.76 42.53
C LEU B 161 103.02 -73.06 41.05
N TYR B 162 102.10 -73.82 40.45
CA TYR B 162 102.19 -74.12 39.02
C TYR B 162 101.73 -72.97 38.16
N LEU B 163 100.68 -72.25 38.58
CA LEU B 163 100.28 -71.03 37.89
C LEU B 163 101.35 -69.96 37.98
N ALA B 164 102.00 -69.84 39.14
CA ALA B 164 103.15 -68.95 39.26
C ALA B 164 104.30 -69.36 38.34
N ARG B 165 104.67 -70.64 38.37
CA ARG B 165 105.70 -71.13 37.45
C ARG B 165 105.34 -70.85 35.99
N LEU B 166 104.09 -71.15 35.60
CA LEU B 166 103.67 -70.96 34.22
C LEU B 166 103.76 -69.50 33.78
N LYS B 167 103.18 -68.59 34.58
CA LYS B 167 103.29 -67.17 34.27
C LYS B 167 104.73 -66.69 34.23
N SER B 168 105.57 -67.23 35.11
CA SER B 168 106.98 -66.82 35.13
C SER B 168 107.72 -67.33 33.89
N ALA B 169 107.46 -68.57 33.49
CA ALA B 169 108.02 -69.09 32.24
C ALA B 169 107.54 -68.28 31.04
N ILE B 170 106.26 -67.95 30.99
CA ILE B 170 105.71 -67.15 29.90
C ILE B 170 106.45 -65.82 29.81
N ALA B 171 106.63 -65.15 30.96
CA ALA B 171 107.39 -63.90 31.00
C ALA B 171 108.82 -64.10 30.50
N ALA B 172 109.48 -65.18 30.94
CA ALA B 172 110.83 -65.49 30.49
C ALA B 172 110.88 -65.67 28.98
N GLN B 173 109.94 -66.43 28.44
CA GLN B 173 109.83 -66.60 26.99
C GLN B 173 109.72 -65.25 26.30
N LYS B 174 108.94 -64.33 26.87
CA LYS B 174 108.79 -63.01 26.27
C LYS B 174 110.07 -62.19 26.33
N ILE B 175 110.85 -62.29 27.40
CA ILE B 175 112.16 -61.62 27.44
C ILE B 175 113.14 -62.20 26.42
N GLU B 176 113.24 -63.53 26.35
CA GLU B 176 114.16 -64.12 25.36
C GLU B 176 113.77 -63.74 23.93
N GLU B 177 112.50 -63.92 23.57
CA GLU B 177 112.07 -63.66 22.19
C GLU B 177 112.16 -62.18 21.83
N ILE B 178 111.76 -61.29 22.73
CA ILE B 178 111.86 -59.85 22.48
C ILE B 178 113.31 -59.39 22.52
N ALA B 179 114.12 -59.99 23.38
CA ALA B 179 115.56 -59.71 23.40
C ALA B 179 116.25 -60.21 22.13
N GLY B 180 115.89 -61.40 21.65
CA GLY B 180 116.44 -61.87 20.40
C GLY B 180 116.08 -61.02 19.21
N ASN B 181 114.85 -60.54 19.15
CA ASN B 181 114.49 -59.58 18.11
C ASN B 181 115.14 -58.23 18.32
N LEU B 182 115.33 -57.83 19.58
CA LEU B 182 115.95 -56.52 19.85
C LEU B 182 117.41 -56.53 19.45
N ASP B 183 118.16 -57.53 19.89
CA ASP B 183 119.58 -57.59 19.57
C ASP B 183 119.79 -57.89 18.09
N ASN B 184 119.18 -58.97 17.61
CA ASN B 184 119.47 -59.44 16.26
C ASN B 184 118.89 -58.52 15.19
N ALA B 185 117.59 -58.21 15.27
CA ALA B 185 116.99 -57.37 14.25
C ALA B 185 117.37 -55.90 14.43
N SER B 186 117.20 -55.36 15.64
CA SER B 186 117.37 -53.92 15.84
C SER B 186 118.85 -53.54 15.78
N ALA B 187 119.69 -54.27 16.48
CA ALA B 187 121.10 -53.87 16.61
C ALA B 187 121.84 -53.99 15.29
N SER B 188 121.59 -55.05 14.53
CA SER B 188 122.20 -55.14 13.20
C SER B 188 121.70 -54.00 12.31
N SER B 189 120.44 -53.62 12.46
CA SER B 189 119.93 -52.47 11.73
C SER B 189 120.63 -51.18 12.16
N LEU B 190 120.99 -51.07 13.44
CA LEU B 190 121.67 -49.88 13.91
C LEU B 190 123.12 -49.84 13.41
N PHE B 191 123.86 -50.94 13.59
CA PHE B 191 125.29 -50.91 13.29
C PHE B 191 125.53 -50.87 11.78
N GLU B 192 124.91 -51.79 11.05
CA GLU B 192 125.17 -51.84 9.61
C GLU B 192 124.59 -50.69 8.82
N ARG B 193 123.41 -50.16 9.21
CA ARG B 193 122.91 -48.94 8.57
C ARG B 193 123.64 -47.66 8.97
N ILE B 194 124.10 -47.57 10.21
CA ILE B 194 124.90 -46.40 10.60
C ILE B 194 126.29 -46.45 9.96
N GLU B 195 126.89 -47.63 9.91
CA GLU B 195 128.19 -47.78 9.28
C GLU B 195 128.13 -47.45 7.79
N THR B 196 127.18 -48.03 7.06
CA THR B 196 127.05 -47.74 5.63
C THR B 196 126.78 -46.26 5.37
N LYS B 197 125.98 -45.62 6.23
CA LYS B 197 125.79 -44.18 6.09
C LYS B 197 127.05 -43.40 6.40
N ILE B 198 127.85 -43.89 7.34
CA ILE B 198 129.15 -43.27 7.64
C ILE B 198 130.06 -43.40 6.43
N LEU B 199 130.09 -44.59 5.83
CA LEU B 199 130.89 -44.80 4.61
C LEU B 199 130.46 -43.87 3.50
N GLU B 200 129.16 -43.60 3.39
CA GLU B 200 128.69 -42.65 2.40
C GLU B 200 129.23 -41.25 2.69
N LEU B 201 129.27 -40.89 3.97
CA LEU B 201 129.89 -39.62 4.36
C LEU B 201 131.39 -39.64 4.10
N GLU B 202 132.03 -40.80 4.24
CA GLU B 202 133.47 -40.94 4.01
C GLU B 202 133.83 -40.89 2.53
N ALA B 203 132.94 -41.37 1.66
CA ALA B 203 133.15 -41.21 0.22
C ALA B 203 133.17 -39.75 -0.20
N GLU B 204 132.37 -38.91 0.47
CA GLU B 204 132.52 -37.47 0.28
C GLU B 204 133.74 -36.90 1.02
N ARG B 205 134.16 -37.50 2.12
CA ARG B 205 135.40 -37.07 2.77
C ARG B 205 136.59 -37.24 1.83
N GLU B 206 136.73 -38.41 1.22
CA GLU B 206 137.83 -38.66 0.29
C GLU B 206 137.70 -37.92 -1.02
N LEU B 207 136.55 -37.30 -1.29
CA LEU B 207 136.44 -36.35 -2.40
C LEU B 207 136.90 -34.96 -1.99
N LEU B 208 136.66 -34.57 -0.73
CA LEU B 208 137.04 -33.26 -0.24
C LEU B 208 138.45 -33.23 0.36
N ASN B 209 139.05 -34.39 0.60
CA ASN B 209 140.22 -34.48 1.47
C ASN B 209 141.14 -35.59 0.97
N PRO B 210 142.40 -35.28 0.63
CA PRO B 210 143.32 -36.34 0.24
C PRO B 210 143.54 -37.30 1.40
N PRO B 211 143.75 -38.59 1.10
CA PRO B 211 144.09 -39.54 2.18
C PRO B 211 145.26 -39.05 3.00
N PRO B 212 145.08 -38.86 4.32
CA PRO B 212 146.19 -38.41 5.16
C PRO B 212 147.24 -39.49 5.39
N SER B 213 148.11 -39.70 4.39
CA SER B 213 149.15 -40.71 4.48
C SER B 213 150.13 -40.37 5.59
N PRO B 214 151.00 -41.30 6.01
CA PRO B 214 152.04 -40.94 6.98
C PRO B 214 152.99 -39.86 6.49
N LEU B 215 153.10 -39.66 5.17
CA LEU B 215 154.07 -38.71 4.65
C LEU B 215 153.69 -37.27 4.97
N ASP B 216 152.52 -36.85 4.49
CA ASP B 216 152.06 -35.49 4.77
C ASP B 216 151.89 -35.26 6.27
N LYS B 217 151.53 -36.30 7.02
CA LYS B 217 151.42 -36.18 8.47
C LYS B 217 152.76 -35.81 9.09
N LYS B 218 153.84 -36.48 8.67
CA LYS B 218 155.16 -36.17 9.20
C LYS B 218 155.60 -34.76 8.79
N PHE B 219 155.27 -34.34 7.58
CA PHE B 219 155.60 -32.99 7.13
C PHE B 219 154.88 -31.94 7.97
N GLU B 220 153.61 -32.16 8.29
CA GLU B 220 152.89 -31.22 9.14
C GLU B 220 153.49 -31.17 10.54
N GLN B 221 153.89 -32.33 11.07
CA GLN B 221 154.55 -32.36 12.37
C GLN B 221 155.85 -31.57 12.35
N TRP B 222 156.64 -31.74 11.29
CA TRP B 222 157.87 -30.95 11.14
C TRP B 222 157.57 -29.47 11.00
N GLU B 223 156.44 -29.12 10.39
CA GLU B 223 156.07 -27.70 10.29
C GLU B 223 155.84 -27.11 11.68
N GLU B 224 155.16 -27.83 12.56
CA GLU B 224 155.01 -27.37 13.93
C GLU B 224 156.37 -27.30 14.63
N GLN B 225 157.23 -28.29 14.38
CA GLN B 225 158.57 -28.28 14.94
C GLN B 225 159.34 -27.05 14.49
N GLN B 226 159.19 -26.66 13.22
CA GLN B 226 159.91 -25.50 12.69
C GLN B 226 159.34 -24.19 13.21
N ALA B 227 158.03 -24.15 13.50
CA ALA B 227 157.46 -22.97 14.14
C ALA B 227 158.07 -22.75 15.51
N VAL B 228 158.15 -23.80 16.32
CA VAL B 228 158.74 -23.69 17.65
C VAL B 228 160.24 -23.43 17.53
N GLU B 229 160.89 -23.97 16.50
CA GLU B 229 162.31 -23.66 16.33
C GLU B 229 162.52 -22.19 15.99
N ALA B 230 161.57 -21.57 15.30
CA ALA B 230 161.64 -20.13 15.05
C ALA B 230 161.40 -19.31 16.32
N THR B 231 160.46 -19.75 17.18
CA THR B 231 160.29 -19.09 18.46
C THR B 231 161.55 -19.20 19.31
N LEU B 232 162.19 -20.38 19.30
CA LEU B 232 163.44 -20.53 20.02
C LEU B 232 164.51 -19.58 19.47
N ALA B 233 164.53 -19.39 18.15
CA ALA B 233 165.51 -18.47 17.57
C ALA B 233 165.27 -17.04 18.07
N ALA B 234 164.01 -16.62 18.12
CA ALA B 234 163.68 -15.32 18.70
C ALA B 234 164.10 -15.25 20.16
N MET B 235 163.85 -16.32 20.92
CA MET B 235 164.23 -16.34 22.32
C MET B 235 165.72 -16.09 22.50
N LYS B 236 166.56 -16.84 21.78
CA LYS B 236 168.00 -16.73 21.99
C LYS B 236 168.59 -15.51 21.31
N ALA B 237 167.89 -14.91 20.34
CA ALA B 237 168.33 -13.65 19.77
C ALA B 237 168.08 -12.49 20.73
N ARG B 238 166.94 -12.50 21.42
CA ARG B 238 166.71 -11.54 22.48
C ARG B 238 167.69 -11.77 23.63
N ARG B 239 168.01 -13.03 23.91
CA ARG B 239 168.97 -13.36 24.96
C ARG B 239 170.41 -13.01 24.59
N SER B 240 170.71 -12.85 23.30
CA SER B 240 172.08 -12.53 22.89
C SER B 240 172.57 -11.26 23.59
N MET C 24 -34.27 -99.80 23.94
CA MET C 24 -35.14 -99.03 23.06
C MET C 24 -35.36 -97.63 23.63
N GLU C 25 -35.37 -96.62 22.76
CA GLU C 25 -35.63 -95.26 23.22
C GLU C 25 -37.04 -95.13 23.79
N LEU C 26 -38.01 -95.83 23.19
CA LEU C 26 -39.35 -95.86 23.74
C LEU C 26 -39.34 -96.40 25.16
N PHE C 27 -38.63 -97.51 25.37
CA PHE C 27 -38.53 -98.10 26.70
C PHE C 27 -37.95 -97.11 27.69
N ASN C 28 -36.85 -96.44 27.34
CA ASN C 28 -36.26 -95.42 28.21
C ASN C 28 -37.24 -94.29 28.53
N ARG C 29 -37.96 -93.79 27.53
CA ARG C 29 -39.02 -92.81 27.77
C ARG C 29 -40.05 -93.31 28.78
N VAL C 30 -40.53 -94.54 28.60
CA VAL C 30 -41.48 -95.15 29.52
C VAL C 30 -40.86 -95.49 30.87
N GLY C 31 -39.52 -95.52 30.94
CA GLY C 31 -38.84 -95.98 32.13
C GLY C 31 -39.24 -95.29 33.43
N ARG C 32 -39.37 -93.97 33.43
CA ARG C 32 -39.74 -93.31 34.68
C ARG C 32 -41.05 -93.87 35.25
N VAL C 33 -42.09 -93.94 34.42
CA VAL C 33 -43.40 -94.42 34.86
C VAL C 33 -43.41 -95.92 35.11
N LEU C 34 -42.82 -96.71 34.23
CA LEU C 34 -42.84 -98.16 34.40
C LEU C 34 -41.93 -98.59 35.55
N LYS C 35 -40.68 -98.12 35.56
CA LYS C 35 -39.72 -98.53 36.58
C LYS C 35 -40.09 -98.02 37.97
N SER C 36 -40.81 -96.90 38.11
CA SER C 36 -41.31 -96.54 39.44
C SER C 36 -42.28 -97.60 39.96
N GLN C 37 -43.23 -98.01 39.12
CA GLN C 37 -44.13 -99.09 39.46
C GLN C 37 -43.38 -100.40 39.75
N LEU C 38 -42.43 -100.78 38.89
CA LEU C 38 -41.69 -102.01 39.14
C LEU C 38 -40.84 -101.95 40.40
N THR C 39 -40.29 -100.77 40.75
CA THR C 39 -39.55 -100.61 41.99
C THR C 39 -40.44 -100.84 43.20
N HIS C 40 -41.69 -100.35 43.15
CA HIS C 40 -42.63 -100.78 44.19
C HIS C 40 -43.05 -102.23 44.03
N TRP C 41 -43.10 -102.74 42.80
CA TRP C 41 -43.57 -104.10 42.56
C TRP C 41 -42.68 -105.11 43.28
N GLN C 42 -41.36 -104.95 43.14
CA GLN C 42 -40.44 -105.79 43.91
C GLN C 42 -40.58 -105.54 45.40
N GLN C 43 -40.89 -104.31 45.79
CA GLN C 43 -41.18 -103.98 47.19
C GLN C 43 -42.48 -104.57 47.71
N GLN C 44 -43.43 -104.95 46.84
CA GLN C 44 -44.80 -105.18 47.30
C GLN C 44 -44.88 -106.14 48.49
N GLN C 45 -43.96 -107.10 48.59
CA GLN C 45 -43.97 -107.99 49.75
C GLN C 45 -43.81 -107.20 51.04
N GLU C 46 -42.94 -106.19 51.04
CA GLU C 46 -42.85 -105.27 52.16
C GLU C 46 -44.01 -104.26 52.16
N ALA C 47 -44.42 -103.79 50.99
CA ALA C 47 -45.31 -102.63 50.88
C ALA C 47 -46.45 -102.93 49.92
N PRO C 48 -47.46 -103.68 50.36
CA PRO C 48 -48.72 -103.76 49.61
C PRO C 48 -49.67 -102.61 49.91
N GLU C 49 -49.37 -101.79 50.91
CA GLU C 49 -50.37 -100.96 51.57
C GLU C 49 -51.08 -100.02 50.59
N ASP C 50 -50.32 -99.37 49.70
CA ASP C 50 -50.93 -98.43 48.77
C ASP C 50 -51.88 -99.09 47.79
N LEU C 51 -51.49 -100.23 47.20
CA LEU C 51 -52.38 -100.90 46.26
C LEU C 51 -53.63 -101.45 46.94
N LEU C 52 -53.46 -102.02 48.14
CA LEU C 52 -54.61 -102.53 48.90
C LEU C 52 -55.60 -101.43 49.24
N GLU C 53 -55.12 -100.32 49.79
CA GLU C 53 -55.98 -99.21 50.18
C GLU C 53 -56.57 -98.48 48.98
N ARG C 54 -55.85 -98.42 47.86
CA ARG C 54 -56.43 -97.87 46.64
C ARG C 54 -57.68 -98.65 46.20
N LEU C 55 -57.56 -99.98 46.12
CA LEU C 55 -58.69 -100.81 45.73
C LEU C 55 -59.88 -100.66 46.68
N LEU C 56 -59.62 -100.74 47.99
CA LEU C 56 -60.70 -100.57 48.97
C LEU C 56 -61.26 -99.15 48.99
N GLY C 57 -60.46 -98.15 48.65
CA GLY C 57 -61.01 -96.82 48.41
C GLY C 57 -62.00 -96.81 47.27
N GLU C 58 -61.67 -97.46 46.16
CA GLU C 58 -62.60 -97.62 45.05
C GLU C 58 -63.86 -98.37 45.48
N MET C 59 -63.70 -99.36 46.37
CA MET C 59 -64.84 -100.08 46.91
C MET C 59 -65.72 -99.21 47.79
N GLU C 60 -65.13 -98.27 48.53
CA GLU C 60 -65.92 -97.27 49.25
C GLU C 60 -66.63 -96.30 48.31
N LEU C 61 -65.97 -95.89 47.23
CA LEU C 61 -66.63 -95.05 46.23
C LEU C 61 -67.81 -95.76 45.57
N GLU C 62 -67.68 -97.06 45.29
CA GLU C 62 -68.82 -97.83 44.81
C GLU C 62 -69.92 -97.91 45.87
N LEU C 63 -69.55 -98.27 47.10
CA LEU C 63 -70.53 -98.52 48.16
C LEU C 63 -71.38 -97.29 48.50
N ILE C 64 -70.82 -96.08 48.37
CA ILE C 64 -71.65 -94.88 48.50
C ILE C 64 -72.61 -94.75 47.33
N GLU C 65 -72.24 -95.23 46.14
CA GLU C 65 -73.24 -95.37 45.08
C GLU C 65 -74.30 -96.42 45.44
N LEU C 66 -73.88 -97.60 45.88
CA LEU C 66 -74.83 -98.68 46.16
C LEU C 66 -75.90 -98.26 47.16
N ARG C 67 -75.52 -97.50 48.19
CA ARG C 67 -76.50 -96.95 49.13
C ARG C 67 -77.45 -95.95 48.49
N ARG C 68 -76.94 -95.05 47.64
CA ARG C 68 -77.83 -94.14 46.94
C ARG C 68 -78.74 -94.85 45.93
N ALA C 69 -78.26 -95.93 45.32
CA ALA C 69 -79.09 -96.72 44.41
C ALA C 69 -80.19 -97.45 45.16
N LEU C 70 -79.90 -97.95 46.37
CA LEU C 70 -80.95 -98.43 47.26
C LEU C 70 -81.97 -97.35 47.59
N ALA C 71 -81.51 -96.14 47.91
CA ALA C 71 -82.44 -95.07 48.20
C ALA C 71 -83.29 -94.69 46.98
N GLN C 72 -82.71 -94.77 45.78
CA GLN C 72 -83.49 -94.54 44.57
C GLN C 72 -84.51 -95.64 44.32
N THR C 73 -84.21 -96.89 44.68
CA THR C 73 -85.21 -97.95 44.59
C THR C 73 -86.35 -97.76 45.58
N ILE C 74 -86.04 -97.43 46.83
CA ILE C 74 -87.09 -97.17 47.81
C ILE C 74 -87.96 -96.00 47.38
N ALA C 75 -87.34 -94.94 46.87
CA ALA C 75 -88.10 -93.79 46.38
C ALA C 75 -89.04 -94.16 45.24
N THR C 76 -88.55 -94.95 44.28
CA THR C 76 -89.41 -95.40 43.17
C THR C 76 -90.49 -96.38 43.63
N PHE C 77 -90.21 -97.22 44.62
CA PHE C 77 -91.21 -98.15 45.12
C PHE C 77 -92.40 -97.43 45.76
N LYS C 78 -92.11 -96.51 46.69
CA LYS C 78 -93.17 -95.76 47.35
C LYS C 78 -93.83 -94.73 46.45
N SER C 79 -93.13 -94.20 45.44
CA SER C 79 -93.80 -93.37 44.45
C SER C 79 -94.82 -94.16 43.64
N THR C 80 -94.51 -95.41 43.29
CA THR C 80 -95.53 -96.26 42.68
C THR C 80 -96.69 -96.46 43.64
N GLU C 81 -96.40 -96.59 44.94
CA GLU C 81 -97.44 -96.71 45.95
C GLU C 81 -98.23 -95.41 46.13
N ARG C 82 -97.56 -94.26 45.97
CA ARG C 82 -98.27 -92.98 45.97
C ARG C 82 -99.23 -92.89 44.79
N GLN C 83 -98.89 -93.51 43.66
CA GLN C 83 -99.82 -93.58 42.53
C GLN C 83 -100.99 -94.49 42.86
N ARG C 84 -100.74 -95.57 43.61
CA ARG C 84 -101.83 -96.38 44.16
C ARG C 84 -102.69 -95.57 45.12
N ASP C 85 -102.06 -94.77 45.99
CA ASP C 85 -102.81 -93.92 46.90
C ASP C 85 -103.75 -92.97 46.15
N ALA C 86 -103.31 -92.48 44.98
CA ALA C 86 -104.21 -91.68 44.15
C ALA C 86 -105.32 -92.51 43.53
N GLN C 87 -104.99 -93.70 43.00
CA GLN C 87 -106.03 -94.54 42.40
C GLN C 87 -107.10 -94.90 43.42
N GLN C 88 -106.70 -95.30 44.63
CA GLN C 88 -107.67 -95.64 45.67
C GLN C 88 -108.43 -94.40 46.16
N LEU C 89 -107.80 -93.23 46.12
CA LEU C 89 -108.51 -91.99 46.44
C LEU C 89 -109.59 -91.67 45.41
N ILE C 90 -109.32 -91.93 44.13
CA ILE C 90 -110.36 -91.73 43.12
C ILE C 90 -111.42 -92.82 43.22
N ALA C 91 -111.05 -94.03 43.64
CA ALA C 91 -112.04 -95.05 43.96
C ALA C 91 -112.97 -94.60 45.09
N GLN C 92 -112.40 -93.98 46.13
CA GLN C 92 -113.23 -93.39 47.18
C GLN C 92 -114.10 -92.26 46.64
N ARG C 93 -113.55 -91.44 45.75
CA ARG C 93 -114.35 -90.44 45.06
C ARG C 93 -115.49 -91.05 44.27
N TRP C 94 -115.30 -92.26 43.74
CA TRP C 94 -116.39 -93.00 43.10
C TRP C 94 -117.40 -93.55 44.11
N TYR C 95 -116.96 -93.89 45.33
CA TYR C 95 -117.92 -94.23 46.37
C TYR C 95 -118.71 -93.03 46.84
N GLU C 96 -118.07 -91.86 46.96
CA GLU C 96 -118.79 -90.64 47.33
C GLU C 96 -119.87 -90.31 46.30
N LYS C 97 -119.54 -90.37 45.02
CA LYS C 97 -120.52 -90.17 43.96
C LYS C 97 -121.61 -91.23 43.99
N ALA C 98 -121.28 -92.46 44.40
CA ALA C 98 -122.33 -93.45 44.63
C ALA C 98 -123.18 -93.09 45.84
N GLN C 99 -122.56 -92.59 46.92
CA GLN C 99 -123.30 -92.30 48.13
C GLN C 99 -124.37 -91.23 47.90
N ALA C 100 -124.12 -90.29 46.99
CA ALA C 100 -125.12 -89.31 46.59
C ALA C 100 -126.30 -89.94 45.89
N ALA C 101 -126.24 -91.23 45.57
CA ALA C 101 -127.35 -91.97 45.00
C ALA C 101 -127.64 -93.26 45.76
N LEU C 102 -126.95 -93.51 46.87
CA LEU C 102 -127.13 -94.74 47.63
C LEU C 102 -128.17 -94.61 48.74
N ASP C 103 -128.79 -93.44 48.86
CA ASP C 103 -129.97 -93.25 49.67
C ASP C 103 -131.21 -93.11 48.79
N ARG C 104 -132.37 -93.29 49.41
CA ARG C 104 -133.68 -93.16 48.77
C ARG C 104 -133.95 -94.24 47.73
N GLY C 105 -133.09 -95.26 47.63
CA GLY C 105 -133.24 -96.27 46.61
C GLY C 105 -132.90 -95.79 45.21
N ASN C 106 -132.21 -94.65 45.09
CA ASN C 106 -131.84 -94.08 43.81
C ASN C 106 -130.50 -94.62 43.31
N GLU C 107 -130.10 -95.81 43.76
CA GLU C 107 -128.78 -96.39 43.50
C GLU C 107 -128.52 -96.66 42.03
N GLN C 108 -129.47 -96.35 41.15
CA GLN C 108 -129.29 -96.53 39.71
C GLN C 108 -127.94 -96.03 39.22
N LEU C 109 -127.56 -94.79 39.57
CA LEU C 109 -126.29 -94.25 39.12
C LEU C 109 -125.10 -94.98 39.74
N ALA C 110 -125.29 -95.68 40.85
CA ALA C 110 -124.21 -96.48 41.42
C ALA C 110 -123.77 -97.56 40.45
N ARG C 111 -124.63 -97.97 39.52
CA ARG C 111 -124.24 -98.95 38.52
C ARG C 111 -123.01 -98.49 37.75
N GLU C 112 -123.07 -97.27 37.17
CA GLU C 112 -121.93 -96.72 36.47
C GLU C 112 -120.79 -96.34 37.40
N ALA C 113 -121.09 -95.74 38.55
CA ALA C 113 -120.04 -95.27 39.45
C ALA C 113 -119.17 -96.42 39.98
N LEU C 114 -119.81 -97.50 40.43
CA LEU C 114 -119.06 -98.70 40.80
C LEU C 114 -118.53 -99.46 39.60
N GLY C 115 -119.18 -99.35 38.44
CA GLY C 115 -118.61 -99.90 37.23
C GLY C 115 -117.25 -99.30 36.88
N GLN C 116 -117.10 -97.99 37.04
CA GLN C 116 -115.78 -97.38 36.97
C GLN C 116 -114.87 -97.83 38.10
N ARG C 117 -115.37 -97.81 39.34
CA ARG C 117 -114.52 -98.19 40.46
C ARG C 117 -113.94 -99.59 40.31
N GLN C 118 -114.66 -100.50 39.64
CA GLN C 118 -114.12 -101.83 39.40
C GLN C 118 -112.81 -101.79 38.63
N SER C 119 -112.74 -100.98 37.56
CA SER C 119 -111.48 -100.78 36.86
C SER C 119 -110.44 -100.05 37.71
N TYR C 120 -110.87 -99.14 38.57
CA TYR C 120 -109.90 -98.46 39.45
C TYR C 120 -109.35 -99.40 40.52
N GLN C 121 -110.17 -100.29 41.04
CA GLN C 121 -109.69 -101.30 41.98
C GLN C 121 -108.73 -102.29 41.33
N SER C 122 -108.95 -102.63 40.05
CA SER C 122 -108.04 -103.56 39.38
C SER C 122 -106.64 -102.96 39.26
N HIS C 123 -106.55 -101.68 38.85
CA HIS C 123 -105.25 -101.02 38.81
C HIS C 123 -104.68 -100.81 40.22
N THR C 124 -105.54 -100.54 41.21
CA THR C 124 -105.05 -100.38 42.58
C THR C 124 -104.43 -101.67 43.11
N GLU C 125 -105.03 -102.83 42.80
CA GLU C 125 -104.49 -104.09 43.31
C GLU C 125 -103.36 -104.62 42.43
N ALA C 126 -103.34 -104.26 41.16
CA ALA C 126 -102.14 -104.47 40.34
C ALA C 126 -100.95 -103.72 40.91
N LEU C 127 -101.16 -102.44 41.27
CA LEU C 127 -100.13 -101.69 41.95
C LEU C 127 -99.77 -102.31 43.29
N GLY C 128 -100.77 -102.66 44.09
CA GLY C 128 -100.50 -103.23 45.41
C GLY C 128 -99.71 -104.52 45.38
N LYS C 129 -99.90 -105.34 44.35
CA LYS C 129 -99.17 -106.60 44.25
C LYS C 129 -97.82 -106.46 43.55
N SER C 130 -97.70 -105.52 42.61
CA SER C 130 -96.38 -105.08 42.17
C SER C 130 -95.57 -104.57 43.36
N LEU C 131 -96.21 -103.77 44.21
CA LEU C 131 -95.62 -103.21 45.42
C LEU C 131 -95.37 -104.26 46.49
N GLY C 132 -95.91 -105.47 46.32
CA GLY C 132 -95.51 -106.59 47.15
C GLY C 132 -94.19 -107.17 46.71
N GLU C 133 -93.97 -107.25 45.41
CA GLU C 133 -92.66 -107.66 44.90
C GLU C 133 -91.62 -106.59 45.19
N GLN C 134 -91.95 -105.33 44.91
CA GLN C 134 -91.06 -104.22 45.19
C GLN C 134 -90.72 -104.13 46.69
N ARG C 135 -91.66 -104.53 47.55
CA ARG C 135 -91.33 -104.71 48.97
C ARG C 135 -90.22 -105.74 49.15
N ALA C 136 -90.44 -106.96 48.66
CA ALA C 136 -89.44 -108.00 48.79
C ALA C 136 -88.11 -107.60 48.16
N LEU C 137 -88.14 -106.79 47.10
CA LEU C 137 -86.90 -106.27 46.52
C LEU C 137 -86.16 -105.34 47.48
N VAL C 138 -86.85 -104.37 48.07
CA VAL C 138 -86.19 -103.46 49.00
C VAL C 138 -85.74 -104.17 50.27
N GLU C 139 -86.47 -105.20 50.71
CA GLU C 139 -86.02 -105.99 51.85
C GLU C 139 -84.78 -106.80 51.53
N GLN C 140 -84.80 -107.54 50.41
CA GLN C 140 -83.66 -108.40 50.07
C GLN C 140 -82.43 -107.57 49.71
N VAL C 141 -82.62 -106.42 49.05
CA VAL C 141 -81.48 -105.56 48.74
C VAL C 141 -80.91 -104.92 50.00
N ARG C 142 -81.76 -104.63 50.99
CA ARG C 142 -81.26 -104.14 52.28
C ARG C 142 -80.48 -105.22 53.01
N GLY C 143 -80.94 -106.47 52.98
CA GLY C 143 -80.19 -107.54 53.62
C GLY C 143 -78.90 -107.87 52.88
N GLN C 144 -78.95 -107.82 51.54
CA GLN C 144 -77.73 -107.99 50.74
C GLN C 144 -76.70 -106.93 51.09
N LEU C 145 -77.10 -105.67 51.11
CA LEU C 145 -76.19 -104.58 51.49
C LEU C 145 -75.66 -104.76 52.91
N GLN C 146 -76.55 -104.96 53.88
CA GLN C 146 -76.09 -104.98 55.27
C GLN C 146 -75.13 -106.13 55.55
N LYS C 147 -75.33 -107.29 54.91
CA LYS C 147 -74.32 -108.34 54.95
C LYS C 147 -73.02 -107.92 54.29
N LEU C 148 -73.12 -107.34 53.09
CA LEU C 148 -71.92 -107.03 52.30
C LEU C 148 -71.09 -105.93 52.95
N GLU C 149 -71.73 -104.82 53.33
CA GLU C 149 -71.02 -103.69 53.91
C GLU C 149 -70.49 -104.01 55.30
N ARG C 150 -71.19 -104.84 56.07
CA ARG C 150 -70.63 -105.32 57.33
C ARG C 150 -69.42 -106.20 57.09
N LYS C 151 -69.44 -106.98 56.00
CA LYS C 151 -68.26 -107.76 55.63
C LYS C 151 -67.11 -106.85 55.21
N TYR C 152 -67.42 -105.76 54.52
CA TYR C 152 -66.40 -104.75 54.20
C TYR C 152 -65.82 -104.11 55.47
N LEU C 153 -66.66 -103.80 56.45
CA LEU C 153 -66.17 -103.26 57.72
C LEU C 153 -65.23 -104.23 58.42
N GLU C 154 -65.65 -105.48 58.57
CA GLU C 154 -64.78 -106.49 59.18
C GLU C 154 -63.55 -106.78 58.34
N LEU C 155 -63.66 -106.67 57.02
CA LEU C 155 -62.50 -106.80 56.14
C LEU C 155 -61.54 -105.62 56.27
N LYS C 156 -62.05 -104.42 56.52
CA LYS C 156 -61.18 -103.31 56.89
C LYS C 156 -60.45 -103.59 58.19
N SER C 157 -61.16 -104.12 59.18
CA SER C 157 -60.51 -104.50 60.44
C SER C 157 -59.39 -105.50 60.19
N GLN C 158 -59.68 -106.55 59.42
CA GLN C 158 -58.68 -107.55 59.07
C GLN C 158 -57.50 -106.94 58.30
N LYS C 159 -57.76 -106.04 57.34
CA LYS C 159 -56.66 -105.43 56.59
C LYS C 159 -55.73 -104.64 57.51
N ASN C 160 -56.30 -103.81 58.39
CA ASN C 160 -55.48 -103.07 59.34
C ASN C 160 -54.61 -104.03 60.16
N LEU C 161 -55.22 -105.10 60.65
CA LEU C 161 -54.50 -106.14 61.39
C LEU C 161 -53.53 -106.92 60.51
N TYR C 162 -53.78 -106.96 59.20
CA TYR C 162 -52.89 -107.67 58.29
C TYR C 162 -51.64 -106.85 57.97
N LEU C 163 -51.79 -105.54 57.82
CA LEU C 163 -50.62 -104.66 57.67
C LEU C 163 -49.75 -104.67 58.92
N ALA C 164 -50.38 -104.70 60.10
CA ALA C 164 -49.63 -104.86 61.34
C ALA C 164 -48.91 -106.20 61.40
N ARG C 165 -49.62 -107.29 61.11
CA ARG C 165 -48.98 -108.60 61.05
C ARG C 165 -47.82 -108.61 60.06
N LEU C 166 -48.01 -108.07 58.86
CA LEU C 166 -46.98 -108.09 57.84
C LEU C 166 -45.73 -107.32 58.28
N LYS C 167 -45.91 -106.09 58.75
CA LYS C 167 -44.77 -105.32 59.25
C LYS C 167 -44.09 -106.01 60.42
N SER C 168 -44.87 -106.67 61.29
CA SER C 168 -44.27 -107.38 62.43
C SER C 168 -43.47 -108.60 61.99
N ALA C 169 -44.00 -109.36 61.03
CA ALA C 169 -43.25 -110.46 60.44
C ALA C 169 -41.97 -109.98 59.77
N ILE C 170 -42.06 -108.89 59.00
CA ILE C 170 -40.89 -108.32 58.34
C ILE C 170 -39.82 -107.99 59.37
N ALA C 171 -40.22 -107.32 60.46
CA ALA C 171 -39.29 -107.01 61.55
C ALA C 171 -38.67 -108.27 62.13
N ALA C 172 -39.50 -109.30 62.37
CA ALA C 172 -39.02 -110.57 62.89
C ALA C 172 -38.00 -111.20 61.95
N GLN C 173 -38.29 -111.21 60.66
CA GLN C 173 -37.34 -111.69 59.66
C GLN C 173 -36.02 -110.94 59.76
N LYS C 174 -36.07 -109.63 59.97
CA LYS C 174 -34.86 -108.85 60.09
C LYS C 174 -34.07 -109.17 61.35
N ILE C 175 -34.74 -109.45 62.48
CA ILE C 175 -34.02 -109.89 63.68
C ILE C 175 -33.38 -111.26 63.48
N GLU C 176 -34.10 -112.23 62.94
CA GLU C 176 -33.49 -113.55 62.72
C GLU C 176 -32.30 -113.48 61.78
N GLU C 177 -32.46 -112.83 60.63
CA GLU C 177 -31.38 -112.79 59.64
C GLU C 177 -30.17 -111.98 60.12
N ILE C 178 -30.40 -110.84 60.77
CA ILE C 178 -29.30 -110.06 61.32
C ILE C 178 -28.68 -110.74 62.53
N ALA C 179 -29.49 -111.42 63.33
CA ALA C 179 -28.96 -112.23 64.44
C ALA C 179 -28.15 -113.42 63.94
N GLY C 180 -28.62 -114.10 62.89
CA GLY C 180 -27.84 -115.19 62.33
C GLY C 180 -26.51 -114.74 61.75
N ASN C 181 -26.49 -113.59 61.08
CA ASN C 181 -25.21 -113.03 60.64
C ASN C 181 -24.38 -112.53 61.80
N LEU C 182 -25.02 -112.00 62.85
CA LEU C 182 -24.27 -111.50 64.00
C LEU C 182 -23.59 -112.63 64.76
N ASP C 183 -24.35 -113.67 65.09
CA ASP C 183 -23.78 -114.79 65.85
C ASP C 183 -22.82 -115.60 64.98
N ASN C 184 -23.28 -116.02 63.80
CA ASN C 184 -22.49 -116.95 63.00
C ASN C 184 -21.26 -116.27 62.38
N ALA C 185 -21.47 -115.15 61.68
CA ALA C 185 -20.33 -114.49 61.03
C ALA C 185 -19.48 -113.74 62.03
N SER C 186 -20.09 -112.89 62.87
CA SER C 186 -19.31 -112.00 63.73
C SER C 186 -18.65 -112.78 64.86
N ALA C 187 -19.42 -113.64 65.54
CA ALA C 187 -18.91 -114.30 66.74
C ALA C 187 -17.81 -115.30 66.41
N SER C 188 -17.95 -116.06 65.33
CA SER C 188 -16.86 -116.95 64.92
C SER C 188 -15.62 -116.14 64.56
N SER C 189 -15.82 -114.96 63.95
CA SER C 189 -14.70 -114.08 63.68
C SER C 189 -14.05 -113.59 64.97
N LEU C 190 -14.85 -113.37 66.01
CA LEU C 190 -14.28 -112.91 67.28
C LEU C 190 -13.52 -114.04 67.98
N PHE C 191 -14.15 -115.21 68.12
CA PHE C 191 -13.55 -116.27 68.92
C PHE C 191 -12.34 -116.88 68.21
N GLU C 192 -12.50 -117.28 66.96
CA GLU C 192 -11.41 -117.94 66.26
C GLU C 192 -10.24 -117.01 65.90
N ARG C 193 -10.51 -115.74 65.57
CA ARG C 193 -9.41 -114.79 65.38
C ARG C 193 -8.75 -114.34 66.67
N ILE C 194 -9.49 -114.21 67.76
CA ILE C 194 -8.87 -113.88 69.04
C ILE C 194 -8.06 -115.06 69.57
N GLU C 195 -8.61 -116.27 69.45
CA GLU C 195 -7.89 -117.45 69.89
C GLU C 195 -6.59 -117.66 69.11
N THR C 196 -6.65 -117.60 67.78
CA THR C 196 -5.43 -117.76 66.98
C THR C 196 -4.39 -116.68 67.28
N LYS C 197 -4.84 -115.45 67.53
CA LYS C 197 -3.90 -114.41 67.94
C LYS C 197 -3.34 -114.69 69.33
N ILE C 198 -4.14 -115.27 70.22
CA ILE C 198 -3.64 -115.66 71.54
C ILE C 198 -2.59 -116.75 71.39
N LEU C 199 -2.86 -117.73 70.54
CA LEU C 199 -1.90 -118.79 70.26
C LEU C 199 -0.59 -118.23 69.72
N GLU C 200 -0.68 -117.19 68.90
CA GLU C 200 0.53 -116.54 68.40
C GLU C 200 1.31 -115.91 69.55
N LEU C 201 0.59 -115.31 70.51
CA LEU C 201 1.24 -114.79 71.70
C LEU C 201 1.80 -115.92 72.56
N GLU C 202 1.13 -117.07 72.57
CA GLU C 202 1.58 -118.22 73.35
C GLU C 202 2.81 -118.90 72.74
N ALA C 203 2.94 -118.86 71.41
CA ALA C 203 4.16 -119.34 70.78
C ALA C 203 5.38 -118.54 71.19
N GLU C 204 5.21 -117.23 71.40
CA GLU C 204 6.27 -116.45 72.02
C GLU C 204 6.38 -116.68 73.53
N ARG C 205 5.28 -117.03 74.20
CA ARG C 205 5.38 -117.40 75.61
C ARG C 205 6.28 -118.62 75.80
N GLU C 206 6.06 -119.67 75.02
CA GLU C 206 6.86 -120.88 75.11
C GLU C 206 8.27 -120.70 74.57
N LEU C 207 8.56 -119.59 73.90
CA LEU C 207 9.94 -119.24 73.59
C LEU C 207 10.61 -118.51 74.75
N LEU C 208 9.86 -117.70 75.49
CA LEU C 208 10.39 -116.96 76.62
C LEU C 208 10.32 -117.72 77.94
N ASN C 209 9.57 -118.82 77.98
CA ASN C 209 9.17 -119.42 79.25
C ASN C 209 9.10 -120.94 79.11
N PRO C 210 9.85 -121.70 79.88
CA PRO C 210 9.72 -123.15 79.82
C PRO C 210 8.32 -123.58 80.24
N PRO C 211 7.80 -124.66 79.65
CA PRO C 211 6.50 -125.18 80.09
C PRO C 211 6.49 -125.41 81.59
N PRO C 212 5.57 -124.76 82.33
CA PRO C 212 5.51 -124.98 83.78
C PRO C 212 4.93 -126.34 84.15
N SER C 213 5.76 -127.38 84.07
CA SER C 213 5.34 -128.73 84.38
C SER C 213 4.97 -128.84 85.85
N PRO C 214 4.31 -129.92 86.28
CA PRO C 214 4.06 -130.10 87.72
C PRO C 214 5.33 -130.20 88.54
N LEU C 215 6.47 -130.55 87.93
CA LEU C 215 7.69 -130.76 88.69
C LEU C 215 8.24 -129.45 89.25
N ASP C 216 8.57 -128.52 88.36
CA ASP C 216 9.07 -127.22 88.81
C ASP C 216 8.05 -126.49 89.68
N LYS C 217 6.75 -126.70 89.41
CA LYS C 217 5.73 -126.09 90.26
C LYS C 217 5.83 -126.58 91.69
N LYS C 218 6.01 -127.90 91.88
CA LYS C 218 6.13 -128.44 93.23
C LYS C 218 7.42 -127.95 93.90
N PHE C 219 8.51 -127.83 93.14
CA PHE C 219 9.75 -127.30 93.69
C PHE C 219 9.58 -125.86 94.16
N GLU C 220 8.88 -125.02 93.39
CA GLU C 220 8.65 -123.65 93.81
C GLU C 220 7.78 -123.60 95.07
N GLN C 221 6.78 -124.47 95.15
CA GLN C 221 5.96 -124.54 96.35
C GLN C 221 6.79 -124.92 97.56
N TRP C 222 7.68 -125.91 97.40
CA TRP C 222 8.58 -126.28 98.49
C TRP C 222 9.53 -125.15 98.85
N GLU C 223 9.92 -124.32 97.88
CA GLU C 223 10.77 -123.17 98.19
C GLU C 223 10.04 -122.21 99.11
N GLU C 224 8.77 -121.93 98.84
CA GLU C 224 7.98 -121.11 99.76
C GLU C 224 7.86 -121.78 101.11
N GLN C 225 7.65 -123.09 101.12
CA GLN C 225 7.58 -123.84 102.38
C GLN C 225 8.87 -123.71 103.17
N GLN C 226 10.01 -123.73 102.48
CA GLN C 226 11.29 -123.64 103.17
C GLN C 226 11.57 -122.22 103.66
N ALA C 227 11.06 -121.21 102.96
CA ALA C 227 11.17 -119.84 103.46
C ALA C 227 10.43 -119.69 104.78
N VAL C 228 9.19 -120.19 104.85
CA VAL C 228 8.43 -120.12 106.09
C VAL C 228 9.04 -121.02 107.16
N GLU C 229 9.64 -122.14 106.76
CA GLU C 229 10.32 -122.96 107.75
C GLU C 229 11.54 -122.24 108.34
N ALA C 230 12.20 -121.39 107.54
CA ALA C 230 13.28 -120.58 108.08
C ALA C 230 12.78 -119.48 109.02
N THR C 231 11.64 -118.86 108.71
CA THR C 231 11.04 -117.91 109.63
C THR C 231 10.65 -118.59 110.94
N LEU C 232 10.11 -119.81 110.85
CA LEU C 232 9.78 -120.56 112.07
C LEU C 232 11.04 -120.84 112.88
N ALA C 233 12.16 -121.13 112.20
CA ALA C 233 13.41 -121.37 112.91
C ALA C 233 13.85 -120.13 113.67
N ALA C 234 13.75 -118.96 113.03
CA ALA C 234 14.04 -117.71 113.72
C ALA C 234 13.10 -117.50 114.90
N MET C 235 11.81 -117.79 114.70
CA MET C 235 10.84 -117.64 115.78
C MET C 235 11.25 -118.44 117.01
N LYS C 236 11.53 -119.73 116.83
CA LYS C 236 11.81 -120.59 117.97
C LYS C 236 13.22 -120.41 118.51
N ALA C 237 14.13 -119.83 117.72
CA ALA C 237 15.44 -119.49 118.24
C ALA C 237 15.38 -118.25 119.14
N ARG C 238 14.57 -117.26 118.77
CA ARG C 238 14.32 -116.15 119.66
C ARG C 238 13.56 -116.62 120.90
N ARG C 239 12.65 -117.58 120.74
CA ARG C 239 11.91 -118.13 121.86
C ARG C 239 12.77 -119.01 122.77
N SER C 240 13.91 -119.51 122.29
CA SER C 240 14.75 -120.37 123.12
C SER C 240 15.14 -119.66 124.41
N MET D 24 -91.93 -35.15 -54.51
CA MET D 24 -91.03 -34.31 -55.28
C MET D 24 -90.65 -33.07 -54.48
N GLU D 25 -89.39 -32.66 -54.57
CA GLU D 25 -88.96 -31.45 -53.88
C GLU D 25 -89.66 -30.22 -54.45
N LEU D 26 -89.87 -30.19 -55.76
CA LEU D 26 -90.65 -29.11 -56.36
C LEU D 26 -92.04 -29.04 -55.74
N PHE D 27 -92.69 -30.20 -55.63
CA PHE D 27 -94.03 -30.24 -55.03
C PHE D 27 -94.02 -29.68 -53.62
N ASN D 28 -93.07 -30.11 -52.79
CA ASN D 28 -92.94 -29.58 -51.44
C ASN D 28 -92.74 -28.06 -51.42
N ARG D 29 -91.86 -27.55 -52.28
CA ARG D 29 -91.70 -26.10 -52.42
C ARG D 29 -93.02 -25.40 -52.75
N VAL D 30 -93.77 -25.95 -53.71
CA VAL D 30 -95.06 -25.40 -54.08
C VAL D 30 -96.13 -25.65 -53.01
N GLY D 31 -95.85 -26.56 -52.08
CA GLY D 31 -96.85 -26.97 -51.11
C GLY D 31 -97.50 -25.83 -50.32
N ARG D 32 -96.71 -24.88 -49.83
CA ARG D 32 -97.35 -23.81 -49.05
C ARG D 32 -98.45 -23.10 -49.85
N VAL D 33 -98.13 -22.68 -51.08
CA VAL D 33 -99.08 -21.96 -51.92
C VAL D 33 -100.21 -22.86 -52.44
N LEU D 34 -99.87 -24.06 -52.89
CA LEU D 34 -100.90 -24.94 -53.44
C LEU D 34 -101.80 -25.50 -52.34
N LYS D 35 -101.20 -26.05 -51.28
CA LYS D 35 -101.97 -26.65 -50.20
C LYS D 35 -102.79 -25.64 -49.41
N SER D 36 -102.38 -24.37 -49.32
CA SER D 36 -103.28 -23.38 -48.72
C SER D 36 -104.57 -23.25 -49.53
N GLN D 37 -104.42 -23.13 -50.85
CA GLN D 37 -105.58 -23.10 -51.73
C GLN D 37 -106.40 -24.39 -51.63
N LEU D 38 -105.76 -25.55 -51.66
CA LEU D 38 -106.53 -26.80 -51.55
C LEU D 38 -107.22 -26.96 -50.19
N THR D 39 -106.61 -26.46 -49.11
CA THR D 39 -107.24 -26.48 -47.79
C THR D 39 -108.51 -25.65 -47.79
N HIS D 40 -108.49 -24.49 -48.45
CA HIS D 40 -109.76 -23.79 -48.67
C HIS D 40 -110.65 -24.50 -49.68
N TRP D 41 -110.06 -25.18 -50.67
CA TRP D 41 -110.84 -25.82 -51.72
C TRP D 41 -111.76 -26.88 -51.12
N GLN D 42 -111.23 -27.72 -50.24
CA GLN D 42 -112.09 -28.67 -49.53
C GLN D 42 -113.09 -27.95 -48.63
N GLN D 43 -112.69 -26.81 -48.07
CA GLN D 43 -113.61 -25.96 -47.31
C GLN D 43 -114.69 -25.29 -48.15
N GLN D 44 -114.51 -25.15 -49.47
CA GLN D 44 -115.35 -24.22 -50.23
C GLN D 44 -116.84 -24.43 -49.99
N GLN D 45 -117.28 -25.67 -49.73
CA GLN D 45 -118.70 -25.88 -49.44
C GLN D 45 -119.14 -25.07 -48.23
N GLU D 46 -118.29 -25.01 -47.20
CA GLU D 46 -118.54 -24.13 -46.07
C GLU D 46 -118.21 -22.67 -46.41
N ALA D 47 -117.14 -22.43 -47.17
CA ALA D 47 -116.58 -21.10 -47.35
C ALA D 47 -116.33 -20.80 -48.82
N PRO D 48 -117.38 -20.47 -49.57
CA PRO D 48 -117.19 -19.88 -50.91
C PRO D 48 -116.94 -18.38 -50.87
N GLU D 49 -117.11 -17.74 -49.71
CA GLU D 49 -117.34 -16.31 -49.64
C GLU D 49 -116.22 -15.50 -50.30
N ASP D 50 -114.96 -15.87 -50.02
CA ASP D 50 -113.84 -15.11 -50.57
C ASP D 50 -113.75 -15.20 -52.09
N LEU D 51 -113.91 -16.40 -52.67
CA LEU D 51 -113.85 -16.52 -54.12
C LEU D 51 -115.02 -15.79 -54.80
N LEU D 52 -116.22 -15.92 -54.23
CA LEU D 52 -117.39 -15.24 -54.78
C LEU D 52 -117.22 -13.72 -54.78
N GLU D 53 -116.83 -13.16 -53.64
CA GLU D 53 -116.66 -11.71 -53.52
C GLU D 53 -115.45 -11.20 -54.31
N ARG D 54 -114.40 -12.01 -54.45
CA ARG D 54 -113.29 -11.61 -55.33
C ARG D 54 -113.77 -11.41 -56.77
N LEU D 55 -114.49 -12.38 -57.32
CA LEU D 55 -115.00 -12.26 -58.68
C LEU D 55 -115.92 -11.06 -58.86
N LEU D 56 -116.87 -10.88 -57.95
CA LEU D 56 -117.78 -9.73 -58.03
C LEU D 56 -117.06 -8.40 -57.78
N GLY D 57 -115.99 -8.41 -57.00
CA GLY D 57 -115.13 -7.23 -56.93
C GLY D 57 -114.51 -6.89 -58.28
N GLU D 58 -114.01 -7.89 -58.99
CA GLU D 58 -113.51 -7.69 -60.34
C GLU D 58 -114.61 -7.19 -61.27
N MET D 59 -115.83 -7.67 -61.07
CA MET D 59 -116.99 -7.19 -61.84
C MET D 59 -117.32 -5.73 -61.55
N GLU D 60 -117.16 -5.30 -60.29
CA GLU D 60 -117.27 -3.88 -59.96
C GLU D 60 -116.16 -3.04 -60.59
N LEU D 61 -114.92 -3.56 -60.60
CA LEU D 61 -113.83 -2.86 -61.27
C LEU D 61 -114.07 -2.72 -62.77
N GLU D 62 -114.63 -3.75 -63.41
CA GLU D 62 -115.04 -3.62 -64.80
C GLU D 62 -116.15 -2.59 -64.96
N LEU D 63 -117.20 -2.69 -64.14
CA LEU D 63 -118.39 -1.85 -64.29
C LEU D 63 -118.10 -0.37 -64.13
N ILE D 64 -117.12 0.00 -63.30
CA ILE D 64 -116.69 1.40 -63.26
C ILE D 64 -115.98 1.79 -64.55
N GLU D 65 -115.30 0.85 -65.21
CA GLU D 65 -114.84 1.12 -66.57
C GLU D 65 -116.01 1.28 -67.54
N LEU D 66 -116.98 0.36 -67.50
CA LEU D 66 -118.08 0.39 -68.46
C LEU D 66 -118.84 1.70 -68.41
N ARG D 67 -119.04 2.26 -67.22
CA ARG D 67 -119.66 3.58 -67.09
C ARG D 67 -118.80 4.70 -67.68
N ARG D 68 -117.48 4.67 -67.43
CA ARG D 68 -116.62 5.67 -68.06
C ARG D 68 -116.54 5.51 -69.57
N ALA D 69 -116.63 4.29 -70.08
CA ALA D 69 -116.66 4.06 -71.53
C ALA D 69 -117.94 4.57 -72.16
N LEU D 70 -119.07 4.42 -71.46
CA LEU D 70 -120.30 5.09 -71.86
C LEU D 70 -120.15 6.61 -71.88
N ALA D 71 -119.51 7.18 -70.86
CA ALA D 71 -119.30 8.62 -70.85
C ALA D 71 -118.38 9.08 -71.97
N GLN D 72 -117.38 8.26 -72.34
CA GLN D 72 -116.54 8.57 -73.48
C GLN D 72 -117.29 8.48 -74.81
N THR D 73 -118.25 7.56 -74.92
CA THR D 73 -119.09 7.53 -76.12
C THR D 73 -120.00 8.74 -76.23
N ILE D 74 -120.65 9.13 -75.13
CA ILE D 74 -121.49 10.33 -75.16
C ILE D 74 -120.67 11.56 -75.49
N ALA D 75 -119.48 11.67 -74.91
CA ALA D 75 -118.59 12.80 -75.21
C ALA D 75 -118.20 12.85 -76.68
N THR D 76 -117.85 11.70 -77.27
CA THR D 76 -117.53 11.65 -78.69
C THR D 76 -118.73 11.90 -79.58
N PHE D 77 -119.92 11.45 -79.17
CA PHE D 77 -121.13 11.70 -79.97
C PHE D 77 -121.45 13.18 -80.08
N LYS D 78 -121.51 13.87 -78.94
CA LYS D 78 -121.82 15.30 -78.95
C LYS D 78 -120.67 16.15 -79.48
N SER D 79 -119.42 15.70 -79.36
CA SER D 79 -118.33 16.41 -80.03
C SER D 79 -118.48 16.34 -81.55
N THR D 80 -118.89 15.20 -82.10
CA THR D 80 -119.24 15.15 -83.52
C THR D 80 -120.36 16.12 -83.83
N GLU D 81 -121.34 16.24 -82.92
CA GLU D 81 -122.43 17.19 -83.09
C GLU D 81 -121.96 18.63 -82.94
N ARG D 82 -120.97 18.88 -82.09
CA ARG D 82 -120.36 20.21 -82.01
C ARG D 82 -119.67 20.57 -83.32
N GLN D 83 -119.12 19.58 -84.02
CA GLN D 83 -118.56 19.82 -85.35
C GLN D 83 -119.67 20.14 -86.35
N ARG D 84 -120.82 19.49 -86.21
CA ARG D 84 -122.00 19.88 -86.98
C ARG D 84 -122.44 21.30 -86.64
N ASP D 85 -122.43 21.65 -85.35
CA ASP D 85 -122.78 23.01 -84.95
C ASP D 85 -121.88 24.05 -85.61
N ALA D 86 -120.59 23.71 -85.80
CA ALA D 86 -119.71 24.60 -86.55
C ALA D 86 -120.03 24.62 -88.03
N GLN D 87 -120.29 23.46 -88.64
CA GLN D 87 -120.63 23.43 -90.06
C GLN D 87 -121.87 24.26 -90.35
N GLN D 88 -122.92 24.08 -89.54
CA GLN D 88 -124.14 24.85 -89.73
C GLN D 88 -123.94 26.33 -89.43
N LEU D 89 -123.03 26.66 -88.50
CA LEU D 89 -122.69 28.06 -88.25
C LEU D 89 -122.00 28.69 -89.45
N ILE D 90 -121.13 27.95 -90.14
CA ILE D 90 -120.53 28.48 -91.36
C ILE D 90 -121.54 28.53 -92.50
N ALA D 91 -122.50 27.61 -92.52
CA ALA D 91 -123.62 27.72 -93.45
C ALA D 91 -124.41 29.00 -93.22
N GLN D 92 -124.67 29.34 -91.96
CA GLN D 92 -125.30 30.62 -91.64
C GLN D 92 -124.42 31.80 -92.06
N ARG D 93 -123.11 31.68 -91.85
CA ARG D 93 -122.19 32.68 -92.36
C ARG D 93 -122.26 32.82 -93.87
N TRP D 94 -122.56 31.73 -94.58
CA TRP D 94 -122.82 31.80 -96.02
C TRP D 94 -124.15 32.44 -96.34
N TYR D 95 -125.17 32.29 -95.48
CA TYR D 95 -126.40 33.05 -95.67
C TYR D 95 -126.20 34.53 -95.40
N GLU D 96 -125.42 34.89 -94.38
CA GLU D 96 -125.12 36.30 -94.12
C GLU D 96 -124.44 36.95 -95.33
N LYS D 97 -123.42 36.28 -95.87
CA LYS D 97 -122.75 36.76 -97.08
C LYS D 97 -123.71 36.83 -98.27
N ALA D 98 -124.68 35.92 -98.35
CA ALA D 98 -125.73 36.06 -99.34
C ALA D 98 -126.63 37.26 -99.05
N GLN D 99 -126.96 37.50 -97.78
CA GLN D 99 -127.89 38.57 -97.44
C GLN D 99 -127.32 39.93 -97.83
N ALA D 100 -126.00 40.09 -97.79
CA ALA D 100 -125.35 41.30 -98.28
C ALA D 100 -125.52 41.49 -99.78
N ALA D 101 -126.05 40.50 -100.48
CA ALA D 101 -126.37 40.61 -101.90
C ALA D 101 -127.80 40.19 -102.20
N LEU D 102 -128.61 39.90 -101.19
CA LEU D 102 -129.98 39.45 -101.40
C LEU D 102 -130.98 40.59 -101.39
N ASP D 103 -130.51 41.83 -101.25
CA ASP D 103 -131.31 43.02 -101.48
C ASP D 103 -130.88 43.69 -102.77
N ARG D 104 -131.75 44.56 -103.28
CA ARG D 104 -131.51 45.35 -104.49
C ARG D 104 -131.47 44.50 -105.76
N GLY D 105 -131.82 43.21 -105.68
CA GLY D 105 -131.70 42.35 -106.83
C GLY D 105 -130.28 41.99 -107.20
N ASN D 106 -129.32 42.22 -106.31
CA ASN D 106 -127.91 41.94 -106.56
C ASN D 106 -127.53 40.52 -106.19
N GLU D 107 -128.50 39.60 -106.17
CA GLU D 107 -128.33 38.23 -105.68
C GLU D 107 -127.33 37.42 -106.49
N GLN D 108 -126.73 38.01 -107.52
CA GLN D 108 -125.71 37.33 -108.32
C GLN D 108 -124.70 36.57 -107.47
N LEU D 109 -124.12 37.24 -106.48
CA LEU D 109 -123.12 36.57 -105.64
C LEU D 109 -123.72 35.47 -104.79
N ALA D 110 -125.04 35.48 -104.56
CA ALA D 110 -125.67 34.39 -103.85
C ALA D 110 -125.52 33.07 -104.59
N ARG D 111 -125.28 33.11 -105.90
CA ARG D 111 -125.04 31.89 -106.65
C ARG D 111 -123.86 31.11 -106.07
N GLU D 112 -122.71 31.77 -105.92
CA GLU D 112 -121.55 31.13 -105.32
C GLU D 112 -121.72 30.88 -103.82
N ALA D 113 -122.30 31.84 -103.09
CA ALA D 113 -122.41 31.70 -101.64
C ALA D 113 -123.29 30.51 -101.24
N LEU D 114 -124.45 30.38 -101.88
CA LEU D 114 -125.28 29.19 -101.68
C LEU D 114 -124.71 27.95 -102.36
N GLY D 115 -123.95 28.13 -103.44
CA GLY D 115 -123.24 26.99 -104.00
C GLY D 115 -122.26 26.34 -103.03
N GLN D 116 -121.55 27.15 -102.25
CA GLN D 116 -120.77 26.62 -101.14
C GLN D 116 -121.68 26.04 -100.04
N ARG D 117 -122.71 26.77 -99.64
CA ARG D 117 -123.57 26.28 -98.57
C ARG D 117 -124.17 24.92 -98.88
N GLN D 118 -124.42 24.62 -100.16
CA GLN D 118 -124.92 23.29 -100.51
C GLN D 118 -123.98 22.19 -100.05
N SER D 119 -122.67 22.35 -100.30
CA SER D 119 -121.70 21.39 -99.77
C SER D 119 -121.63 21.41 -98.24
N TYR D 120 -121.82 22.57 -97.62
CA TYR D 120 -121.81 22.62 -96.15
C TYR D 120 -123.04 21.95 -95.55
N GLN D 121 -124.20 22.09 -96.19
CA GLN D 121 -125.40 21.39 -95.75
C GLN D 121 -125.27 19.88 -95.91
N SER D 122 -124.58 19.42 -96.97
CA SER D 122 -124.43 17.98 -97.15
C SER D 122 -123.61 17.36 -96.01
N HIS D 123 -122.50 18.01 -95.63
CA HIS D 123 -121.74 17.54 -94.48
C HIS D 123 -122.52 17.72 -93.17
N THR D 124 -123.31 18.79 -93.06
CA THR D 124 -124.10 18.98 -91.84
C THR D 124 -125.14 17.87 -91.67
N GLU D 125 -125.77 17.43 -92.76
CA GLU D 125 -126.78 16.39 -92.65
C GLU D 125 -126.18 14.99 -92.63
N ALA D 126 -125.00 14.82 -93.22
CA ALA D 126 -124.21 13.61 -92.98
C ALA D 126 -123.88 13.46 -91.50
N LEU D 127 -123.41 14.54 -90.87
CA LEU D 127 -123.19 14.53 -89.44
C LEU D 127 -124.48 14.29 -88.67
N GLY D 128 -125.55 15.00 -89.03
CA GLY D 128 -126.81 14.85 -88.33
C GLY D 128 -127.40 13.45 -88.37
N LYS D 129 -127.18 12.72 -89.46
CA LYS D 129 -127.69 11.36 -89.57
C LYS D 129 -126.74 10.31 -89.01
N SER D 130 -125.43 10.55 -89.07
CA SER D 130 -124.51 9.79 -88.24
C SER D 130 -124.86 9.95 -86.77
N LEU D 131 -125.17 11.17 -86.36
CA LEU D 131 -125.58 11.51 -84.99
C LEU D 131 -126.96 10.98 -84.66
N GLY D 132 -127.72 10.49 -85.64
CA GLY D 132 -128.93 9.75 -85.38
C GLY D 132 -128.63 8.31 -84.98
N GLU D 133 -127.64 7.72 -85.65
CA GLU D 133 -127.19 6.39 -85.23
C GLU D 133 -126.48 6.46 -83.89
N GLN D 134 -125.57 7.43 -83.74
CA GLN D 134 -124.88 7.63 -82.47
C GLN D 134 -125.85 7.92 -81.32
N ARG D 135 -126.98 8.56 -81.62
CA ARG D 135 -128.06 8.65 -80.64
C ARG D 135 -128.55 7.27 -80.23
N ALA D 136 -129.00 6.48 -81.20
CA ALA D 136 -129.48 5.13 -80.90
C ALA D 136 -128.43 4.29 -80.18
N LEU D 137 -127.14 4.51 -80.48
CA LEU D 137 -126.08 3.82 -79.75
C LEU D 137 -126.03 4.22 -78.28
N VAL D 138 -126.06 5.52 -77.99
CA VAL D 138 -126.02 5.94 -76.59
C VAL D 138 -127.30 5.56 -75.84
N GLU D 139 -128.44 5.52 -76.53
CA GLU D 139 -129.66 5.05 -75.90
C GLU D 139 -129.61 3.55 -75.59
N GLN D 140 -129.24 2.75 -76.59
CA GLN D 140 -129.21 1.30 -76.39
C GLN D 140 -128.13 0.88 -75.40
N VAL D 141 -126.98 1.55 -75.42
CA VAL D 141 -125.93 1.24 -74.46
C VAL D 141 -126.33 1.66 -73.05
N ARG D 142 -127.10 2.74 -72.91
CA ARG D 142 -127.64 3.11 -71.60
C ARG D 142 -128.66 2.09 -71.11
N GLY D 143 -129.52 1.58 -71.99
CA GLY D 143 -130.46 0.56 -71.57
C GLY D 143 -129.78 -0.77 -71.27
N GLN D 144 -128.77 -1.12 -72.06
CA GLN D 144 -127.98 -2.32 -71.79
C GLN D 144 -127.32 -2.24 -70.42
N LEU D 145 -126.66 -1.11 -70.13
CA LEU D 145 -126.05 -0.91 -68.82
C LEU D 145 -127.07 -0.95 -67.70
N GLN D 146 -128.15 -0.17 -67.81
CA GLN D 146 -129.08 -0.07 -66.69
C GLN D 146 -129.76 -1.41 -66.37
N LYS D 147 -130.04 -2.23 -67.39
CA LYS D 147 -130.48 -3.60 -67.15
C LYS D 147 -129.38 -4.42 -66.47
N LEU D 148 -128.15 -4.35 -66.99
CA LEU D 148 -127.07 -5.21 -66.51
C LEU D 148 -126.67 -4.86 -65.08
N GLU D 149 -126.45 -3.58 -64.80
CA GLU D 149 -125.99 -3.15 -63.49
C GLU D 149 -127.09 -3.29 -62.44
N ARG D 150 -128.35 -3.11 -62.83
CA ARG D 150 -129.45 -3.42 -61.91
C ARG D 150 -129.51 -4.91 -61.61
N LYS D 151 -129.18 -5.75 -62.61
CA LYS D 151 -129.09 -7.18 -62.37
C LYS D 151 -127.92 -7.51 -61.44
N TYR D 152 -126.81 -6.79 -61.58
CA TYR D 152 -125.69 -6.92 -60.64
C TYR D 152 -126.09 -6.52 -59.22
N LEU D 153 -126.85 -5.43 -59.08
CA LEU D 153 -127.34 -5.03 -57.76
C LEU D 153 -128.22 -6.10 -57.12
N GLU D 154 -129.22 -6.59 -57.86
CA GLU D 154 -130.07 -7.66 -57.36
C GLU D 154 -129.31 -8.96 -57.14
N LEU D 155 -128.29 -9.22 -57.95
CA LEU D 155 -127.42 -10.37 -57.74
C LEU D 155 -126.55 -10.21 -56.49
N LYS D 156 -126.12 -9.00 -56.18
CA LYS D 156 -125.49 -8.75 -54.88
C LYS D 156 -126.45 -9.05 -53.73
N SER D 157 -127.69 -8.60 -53.86
CA SER D 157 -128.71 -8.91 -52.85
C SER D 157 -128.85 -10.41 -52.67
N GLN D 158 -129.00 -11.14 -53.78
CA GLN D 158 -129.09 -12.60 -53.74
C GLN D 158 -127.85 -13.24 -53.12
N LYS D 159 -126.65 -12.77 -53.47
CA LYS D 159 -125.44 -13.36 -52.90
C LYS D 159 -125.40 -13.19 -51.39
N ASN D 160 -125.69 -11.99 -50.89
CA ASN D 160 -125.74 -11.77 -49.45
C ASN D 160 -126.71 -12.75 -48.80
N LEU D 161 -127.90 -12.88 -49.40
CA LEU D 161 -128.91 -13.83 -48.92
C LEU D 161 -128.48 -15.27 -49.12
N TYR D 162 -127.60 -15.54 -50.08
CA TYR D 162 -127.12 -16.89 -50.32
C TYR D 162 -126.06 -17.32 -49.30
N LEU D 163 -125.18 -16.40 -48.91
CA LEU D 163 -124.24 -16.68 -47.84
C LEU D 163 -124.96 -16.90 -46.51
N ALA D 164 -126.00 -16.12 -46.25
CA ALA D 164 -126.85 -16.36 -45.07
C ALA D 164 -127.53 -17.71 -45.14
N ARG D 165 -128.17 -18.03 -46.27
CA ARG D 165 -128.77 -19.35 -46.44
C ARG D 165 -127.75 -20.47 -46.24
N LEU D 166 -126.57 -20.34 -46.85
CA LEU D 166 -125.56 -21.39 -46.76
C LEU D 166 -125.10 -21.60 -45.31
N LYS D 167 -124.73 -20.53 -44.61
CA LYS D 167 -124.35 -20.65 -43.21
C LYS D 167 -125.48 -21.22 -42.36
N SER D 168 -126.73 -20.85 -42.66
CA SER D 168 -127.85 -21.37 -41.90
C SER D 168 -128.08 -22.86 -42.15
N ALA D 169 -127.96 -23.29 -43.40
CA ALA D 169 -128.02 -24.71 -43.72
C ALA D 169 -126.89 -25.48 -43.04
N ILE D 170 -125.68 -24.94 -43.08
CA ILE D 170 -124.54 -25.57 -42.42
C ILE D 170 -124.83 -25.78 -40.94
N ALA D 171 -125.33 -24.73 -40.27
CA ALA D 171 -125.71 -24.83 -38.87
C ALA D 171 -126.78 -25.90 -38.66
N ALA D 172 -127.78 -25.93 -39.53
CA ALA D 172 -128.84 -26.94 -39.45
C ALA D 172 -128.27 -28.35 -39.58
N GLN D 173 -127.38 -28.55 -40.55
CA GLN D 173 -126.69 -29.82 -40.71
C GLN D 173 -125.97 -30.21 -39.42
N LYS D 174 -125.34 -29.25 -38.76
CA LYS D 174 -124.64 -29.54 -37.52
C LYS D 174 -125.59 -29.91 -36.38
N ILE D 175 -126.75 -29.28 -36.29
CA ILE D 175 -127.74 -29.70 -35.29
C ILE D 175 -128.29 -31.10 -35.56
N GLU D 176 -128.66 -31.40 -36.80
CA GLU D 176 -129.15 -32.75 -37.10
C GLU D 176 -128.10 -33.81 -36.81
N GLU D 177 -126.88 -33.64 -37.32
CA GLU D 177 -125.84 -34.66 -37.15
C GLU D 177 -125.40 -34.82 -35.69
N ILE D 178 -125.25 -33.71 -34.97
CA ILE D 178 -124.89 -33.78 -33.55
C ILE D 178 -126.06 -34.29 -32.71
N ALA D 179 -127.28 -33.92 -33.09
CA ALA D 179 -128.48 -34.47 -32.43
C ALA D 179 -128.63 -35.97 -32.70
N GLY D 180 -128.39 -36.41 -33.93
CA GLY D 180 -128.43 -37.84 -34.20
C GLY D 180 -127.40 -38.64 -33.44
N ASN D 181 -126.18 -38.12 -33.32
CA ASN D 181 -125.19 -38.77 -32.47
C ASN D 181 -125.53 -38.65 -30.99
N LEU D 182 -126.15 -37.54 -30.59
CA LEU D 182 -126.51 -37.37 -29.18
C LEU D 182 -127.60 -38.35 -28.77
N ASP D 183 -128.68 -38.41 -29.55
CA ASP D 183 -129.79 -39.29 -29.20
C ASP D 183 -129.40 -40.75 -29.41
N ASN D 184 -128.89 -41.08 -30.60
CA ASN D 184 -128.67 -42.48 -30.94
C ASN D 184 -127.49 -43.06 -30.18
N ALA D 185 -126.32 -42.41 -30.24
CA ALA D 185 -125.15 -42.95 -29.57
C ALA D 185 -125.21 -42.75 -28.06
N SER D 186 -125.46 -41.51 -27.61
CA SER D 186 -125.37 -41.20 -26.19
C SER D 186 -126.53 -41.82 -25.42
N ALA D 187 -127.75 -41.64 -25.91
CA ALA D 187 -128.92 -42.06 -25.14
C ALA D 187 -129.02 -43.57 -25.02
N SER D 188 -128.72 -44.31 -26.09
CA SER D 188 -128.68 -45.77 -25.98
C SER D 188 -127.59 -46.20 -25.00
N SER D 189 -126.47 -45.48 -24.98
CA SER D 189 -125.43 -45.76 -23.99
C SER D 189 -125.93 -45.48 -22.58
N LEU D 190 -126.79 -44.47 -22.40
CA LEU D 190 -127.31 -44.16 -21.08
C LEU D 190 -128.33 -45.21 -20.64
N PHE D 191 -129.31 -45.50 -21.50
CA PHE D 191 -130.40 -46.37 -21.08
C PHE D 191 -129.95 -47.82 -20.93
N GLU D 192 -129.31 -48.36 -21.96
CA GLU D 192 -128.92 -49.76 -21.91
C GLU D 192 -127.78 -50.06 -20.94
N ARG D 193 -126.82 -49.15 -20.76
CA ARG D 193 -125.81 -49.34 -19.71
C ARG D 193 -126.33 -49.10 -18.30
N ILE D 194 -127.25 -48.17 -18.11
CA ILE D 194 -127.84 -48.00 -16.78
C ILE D 194 -128.76 -49.15 -16.44
N GLU D 195 -129.55 -49.62 -17.40
CA GLU D 195 -130.43 -50.75 -17.17
C GLU D 195 -129.65 -52.02 -16.84
N THR D 196 -128.63 -52.34 -17.64
CA THR D 196 -127.83 -53.54 -17.36
C THR D 196 -127.13 -53.45 -16.00
N LYS D 197 -126.67 -52.26 -15.62
CA LYS D 197 -126.10 -52.10 -14.29
C LYS D 197 -127.15 -52.24 -13.21
N ILE D 198 -128.38 -51.80 -13.48
CA ILE D 198 -129.49 -51.99 -12.54
C ILE D 198 -129.78 -53.47 -12.38
N LEU D 199 -129.82 -54.19 -13.50
CA LEU D 199 -130.02 -55.64 -13.47
C LEU D 199 -128.95 -56.33 -12.66
N GLU D 200 -127.71 -55.85 -12.74
CA GLU D 200 -126.63 -56.41 -11.94
C GLU D 200 -126.91 -56.17 -10.45
N LEU D 201 -127.42 -54.99 -10.12
CA LEU D 201 -127.84 -54.73 -8.74
C LEU D 201 -129.02 -55.59 -8.34
N GLU D 202 -129.92 -55.89 -9.29
CA GLU D 202 -131.09 -56.72 -9.03
C GLU D 202 -130.75 -58.18 -8.86
N ALA D 203 -129.70 -58.67 -9.53
CA ALA D 203 -129.21 -60.01 -9.29
C ALA D 203 -128.71 -60.20 -7.86
N GLU D 204 -128.11 -59.16 -7.28
CA GLU D 204 -127.82 -59.19 -5.86
C GLU D 204 -129.06 -58.95 -4.99
N ARG D 205 -130.06 -58.21 -5.49
CA ARG D 205 -131.32 -58.09 -4.75
C ARG D 205 -131.98 -59.45 -4.57
N GLU D 206 -132.10 -60.23 -5.64
CA GLU D 206 -132.71 -61.55 -5.57
C GLU D 206 -131.85 -62.57 -4.85
N LEU D 207 -130.58 -62.24 -4.57
CA LEU D 207 -129.79 -63.06 -3.66
C LEU D 207 -130.03 -62.69 -2.20
N LEU D 208 -130.28 -61.41 -1.91
CA LEU D 208 -130.52 -60.94 -0.57
C LEU D 208 -132.00 -60.99 -0.17
N ASN D 209 -132.90 -61.18 -1.13
CA ASN D 209 -134.32 -60.91 -0.92
C ASN D 209 -135.16 -61.89 -1.72
N PRO D 210 -136.02 -62.68 -1.08
CA PRO D 210 -136.90 -63.56 -1.84
C PRO D 210 -137.82 -62.76 -2.73
N PRO D 211 -138.18 -63.28 -3.90
CA PRO D 211 -139.17 -62.59 -4.75
C PRO D 211 -140.44 -62.27 -3.98
N PRO D 212 -140.81 -60.98 -3.88
CA PRO D 212 -142.04 -60.64 -3.16
C PRO D 212 -143.29 -61.02 -3.92
N SER D 213 -143.67 -62.30 -3.87
CA SER D 213 -144.84 -62.80 -4.56
C SER D 213 -146.10 -62.16 -3.99
N PRO D 214 -147.25 -62.28 -4.65
CA PRO D 214 -148.50 -61.79 -4.05
C PRO D 214 -148.85 -62.47 -2.74
N LEU D 215 -148.33 -63.68 -2.49
CA LEU D 215 -148.73 -64.42 -1.30
C LEU D 215 -148.19 -63.77 -0.03
N ASP D 216 -146.86 -63.66 0.08
CA ASP D 216 -146.27 -63.02 1.25
C ASP D 216 -146.73 -61.57 1.39
N LYS D 217 -146.99 -60.89 0.27
CA LYS D 217 -147.51 -59.53 0.33
C LYS D 217 -148.86 -59.48 1.03
N LYS D 218 -149.76 -60.40 0.69
CA LYS D 218 -151.06 -60.43 1.33
C LYS D 218 -150.94 -60.78 2.82
N PHE D 219 -150.02 -61.69 3.16
CA PHE D 219 -149.79 -62.03 4.56
C PHE D 219 -149.31 -60.82 5.35
N GLU D 220 -148.38 -60.04 4.79
CA GLU D 220 -147.91 -58.84 5.48
C GLU D 220 -149.03 -57.83 5.65
N GLN D 221 -149.89 -57.68 4.64
CA GLN D 221 -151.03 -56.79 4.75
C GLN D 221 -151.97 -57.24 5.87
N TRP D 222 -152.23 -58.55 5.95
CA TRP D 222 -153.05 -59.08 7.04
C TRP D 222 -152.37 -58.88 8.39
N GLU D 223 -151.04 -58.90 8.44
CA GLU D 223 -150.36 -58.64 9.70
C GLU D 223 -150.63 -57.22 10.18
N GLU D 224 -150.58 -56.24 9.27
CA GLU D 224 -150.96 -54.88 9.63
C GLU D 224 -152.42 -54.81 10.06
N GLN D 225 -153.29 -55.54 9.35
CA GLN D 225 -154.69 -55.58 9.71
C GLN D 225 -154.89 -56.15 11.12
N GLN D 226 -154.10 -57.16 11.48
CA GLN D 226 -154.22 -57.77 12.80
C GLN D 226 -153.65 -56.88 13.89
N ALA D 227 -152.63 -56.08 13.58
CA ALA D 227 -152.13 -55.10 14.54
C ALA D 227 -153.21 -54.08 14.88
N VAL D 228 -153.88 -53.54 13.87
CA VAL D 228 -154.96 -52.58 14.11
C VAL D 228 -156.15 -53.27 14.76
N GLU D 229 -156.39 -54.54 14.45
CA GLU D 229 -157.47 -55.24 15.14
C GLU D 229 -157.16 -55.43 16.62
N ALA D 230 -155.88 -55.57 16.98
CA ALA D 230 -155.51 -55.62 18.39
C ALA D 230 -155.66 -54.27 19.08
N THR D 231 -155.32 -53.17 18.38
CA THR D 231 -155.58 -51.84 18.93
C THR D 231 -157.07 -51.62 19.15
N LEU D 232 -157.90 -52.07 18.19
CA LEU D 232 -159.35 -51.97 18.37
C LEU D 232 -159.81 -52.76 19.58
N ALA D 233 -159.19 -53.94 19.81
CA ALA D 233 -159.57 -54.74 20.97
C ALA D 233 -159.26 -53.99 22.26
N ALA D 234 -158.08 -53.36 22.33
CA ALA D 234 -157.75 -52.52 23.48
C ALA D 234 -158.74 -51.37 23.62
N MET D 235 -159.10 -50.74 22.51
CA MET D 235 -160.05 -49.64 22.55
C MET D 235 -161.36 -50.07 23.20
N LYS D 236 -161.95 -51.17 22.73
CA LYS D 236 -163.27 -51.57 23.21
C LYS D 236 -163.19 -52.26 24.57
N ALA D 237 -162.02 -52.74 24.98
CA ALA D 237 -161.86 -53.27 26.32
C ALA D 237 -161.79 -52.13 27.34
N ARG D 238 -161.11 -51.04 27.01
CA ARG D 238 -161.16 -49.86 27.85
C ARG D 238 -162.56 -49.27 27.87
N ARG D 239 -163.26 -49.33 26.74
CA ARG D 239 -164.63 -48.83 26.65
C ARG D 239 -165.62 -49.71 27.38
N SER D 240 -165.29 -50.97 27.65
CA SER D 240 -166.23 -51.87 28.34
C SER D 240 -166.65 -51.27 29.68
N MET E 24 -8.17 22.84 -111.77
CA MET E 24 -6.84 22.53 -111.25
C MET E 24 -6.58 23.34 -109.98
N GLU E 25 -5.94 22.70 -108.99
CA GLU E 25 -5.60 23.41 -107.76
C GLU E 25 -4.60 24.52 -108.03
N LEU E 26 -3.66 24.29 -108.95
CA LEU E 26 -2.74 25.35 -109.36
C LEU E 26 -3.51 26.54 -109.91
N PHE E 27 -4.48 26.27 -110.79
CA PHE E 27 -5.28 27.34 -111.36
C PHE E 27 -5.99 28.14 -110.28
N ASN E 28 -6.63 27.46 -109.33
CA ASN E 28 -7.28 28.13 -108.21
C ASN E 28 -6.31 28.99 -107.40
N ARG E 29 -5.13 28.46 -107.09
CA ARG E 29 -4.09 29.25 -106.43
C ARG E 29 -3.76 30.52 -107.22
N VAL E 30 -3.56 30.38 -108.53
CA VAL E 30 -3.27 31.52 -109.39
C VAL E 30 -4.49 32.42 -109.59
N GLY E 31 -5.67 31.93 -109.25
CA GLY E 31 -6.91 32.65 -109.54
C GLY E 31 -6.97 34.07 -109.02
N ARG E 32 -6.55 34.32 -107.78
CA ARG E 32 -6.62 35.69 -107.28
C ARG E 32 -5.87 36.67 -108.19
N VAL E 33 -4.62 36.35 -108.52
CA VAL E 33 -3.78 37.22 -109.35
C VAL E 33 -4.23 37.24 -110.81
N LEU E 34 -4.55 36.09 -111.37
CA LEU E 34 -4.95 36.05 -112.78
C LEU E 34 -6.34 36.63 -112.98
N LYS E 35 -7.31 36.19 -112.19
CA LYS E 35 -8.68 36.65 -112.34
C LYS E 35 -8.85 38.13 -111.99
N SER E 36 -8.05 38.70 -111.10
CA SER E 36 -8.10 40.16 -110.94
C SER E 36 -7.74 40.89 -112.23
N GLN E 37 -6.64 40.46 -112.85
CA GLN E 37 -6.27 41.01 -114.16
C GLN E 37 -7.35 40.77 -115.20
N LEU E 38 -7.88 39.54 -115.29
CA LEU E 38 -8.92 39.28 -116.29
C LEU E 38 -10.20 40.07 -116.03
N THR E 39 -10.55 40.32 -114.76
CA THR E 39 -11.71 41.15 -114.43
C THR E 39 -11.51 42.57 -114.92
N HIS E 40 -10.30 43.11 -114.79
CA HIS E 40 -10.04 44.38 -115.48
C HIS E 40 -9.94 44.21 -116.99
N TRP E 41 -9.48 43.06 -117.47
CA TRP E 41 -9.29 42.85 -118.90
C TRP E 41 -10.61 42.98 -119.64
N GLN E 42 -11.65 42.32 -119.12
CA GLN E 42 -12.98 42.51 -119.70
C GLN E 42 -13.46 43.95 -119.53
N GLN E 43 -13.08 44.60 -118.44
CA GLN E 43 -13.37 46.02 -118.24
C GLN E 43 -12.59 46.95 -119.17
N GLN E 44 -11.49 46.50 -119.77
CA GLN E 44 -10.55 47.46 -120.38
C GLN E 44 -11.23 48.42 -121.35
N GLN E 45 -12.31 48.00 -122.04
CA GLN E 45 -13.00 48.92 -122.92
C GLN E 45 -13.53 50.13 -122.15
N GLU E 46 -14.04 49.90 -120.94
CA GLU E 46 -14.40 51.00 -120.06
C GLU E 46 -13.17 51.63 -119.40
N ALA E 47 -12.18 50.81 -119.02
CA ALA E 47 -11.09 51.24 -118.15
C ALA E 47 -9.74 50.82 -118.73
N PRO E 48 -9.24 51.53 -119.74
CA PRO E 48 -7.83 51.37 -120.13
C PRO E 48 -6.87 52.19 -119.29
N GLU E 49 -7.39 53.09 -118.45
CA GLU E 49 -6.62 54.21 -117.94
C GLU E 49 -5.35 53.76 -117.21
N ASP E 50 -5.46 52.74 -116.36
CA ASP E 50 -4.30 52.29 -115.58
C ASP E 50 -3.20 51.71 -116.46
N LEU E 51 -3.55 50.86 -117.44
CA LEU E 51 -2.52 50.29 -118.30
C LEU E 51 -1.87 51.35 -119.18
N LEU E 52 -2.67 52.27 -119.71
CA LEU E 52 -2.13 53.36 -120.54
C LEU E 52 -1.16 54.23 -119.76
N GLU E 53 -1.57 54.69 -118.58
CA GLU E 53 -0.72 55.55 -117.76
C GLU E 53 0.48 54.82 -117.18
N ARG E 54 0.37 53.52 -116.90
CA ARG E 54 1.54 52.75 -116.50
C ARG E 54 2.62 52.76 -117.57
N LEU E 55 2.24 52.45 -118.82
CA LEU E 55 3.20 52.46 -119.91
C LEU E 55 3.85 53.83 -120.12
N LEU E 56 3.03 54.89 -120.15
CA LEU E 56 3.58 56.24 -120.31
C LEU E 56 4.39 56.70 -119.10
N GLY E 57 4.08 56.19 -117.91
CA GLY E 57 4.97 56.39 -116.78
C GLY E 57 6.34 55.78 -117.00
N GLU E 58 6.38 54.56 -117.52
CA GLU E 58 7.64 53.93 -117.90
C GLU E 58 8.37 54.73 -118.97
N MET E 59 7.61 55.32 -119.89
CA MET E 59 8.19 56.18 -120.92
C MET E 59 8.78 57.46 -120.34
N GLU E 60 8.15 58.02 -119.30
CA GLU E 60 8.76 59.13 -118.56
C GLU E 60 10.02 58.72 -117.81
N LEU E 61 10.02 57.53 -117.20
CA LEU E 61 11.22 57.03 -116.55
C LEU E 61 12.37 56.82 -117.54
N GLU E 62 12.06 56.34 -118.74
CA GLU E 62 13.08 56.27 -119.79
C GLU E 62 13.56 57.67 -120.19
N LEU E 63 12.62 58.58 -120.47
CA LEU E 63 12.95 59.90 -120.99
C LEU E 63 13.82 60.72 -120.05
N ILE E 64 13.67 60.55 -118.73
CA ILE E 64 14.61 61.19 -117.81
C ILE E 64 15.99 60.55 -117.91
N GLU E 65 16.08 59.26 -118.25
CA GLU E 65 17.38 58.70 -118.62
C GLU E 65 17.90 59.32 -119.93
N LEU E 66 17.05 59.39 -120.96
CA LEU E 66 17.51 59.88 -122.27
C LEU E 66 18.10 61.28 -122.19
N ARG E 67 17.50 62.15 -121.37
CA ARG E 67 18.06 63.48 -121.14
C ARG E 67 19.40 63.44 -120.41
N ARG E 68 19.53 62.59 -119.39
CA ARG E 68 20.84 62.46 -118.73
C ARG E 68 21.90 61.83 -119.64
N ALA E 69 21.50 60.93 -120.53
CA ALA E 69 22.43 60.35 -121.50
C ALA E 69 22.89 61.38 -122.52
N LEU E 70 21.99 62.28 -122.95
CA LEU E 70 22.40 63.44 -123.73
C LEU E 70 23.39 64.32 -122.97
N ALA E 71 23.13 64.58 -121.69
CA ALA E 71 24.07 65.38 -120.92
C ALA E 71 25.42 64.70 -120.75
N GLN E 72 25.43 63.37 -120.64
CA GLN E 72 26.69 62.63 -120.61
C GLN E 72 27.44 62.69 -121.94
N THR E 73 26.71 62.71 -123.06
CA THR E 73 27.37 62.89 -124.36
C THR E 73 27.97 64.28 -124.51
N ILE E 74 27.22 65.33 -124.13
CA ILE E 74 27.77 66.69 -124.20
C ILE E 74 29.00 66.82 -123.29
N ALA E 75 28.93 66.24 -122.09
CA ALA E 75 30.07 66.29 -121.18
C ALA E 75 31.30 65.60 -121.76
N THR E 76 31.12 64.43 -122.37
CA THR E 76 32.24 63.73 -123.01
C THR E 76 32.74 64.45 -124.26
N PHE E 77 31.86 65.11 -125.01
CA PHE E 77 32.30 65.85 -126.19
C PHE E 77 33.21 67.01 -125.84
N LYS E 78 32.78 67.85 -124.90
CA LYS E 78 33.59 69.00 -124.49
C LYS E 78 34.79 68.61 -123.65
N SER E 79 34.74 67.49 -122.92
CA SER E 79 35.96 67.00 -122.28
C SER E 79 37.01 66.59 -123.30
N THR E 80 36.61 65.96 -124.40
CA THR E 80 37.55 65.72 -125.50
C THR E 80 38.11 67.04 -126.02
N GLU E 81 37.25 68.06 -126.09
CA GLU E 81 37.68 69.39 -126.52
C GLU E 81 38.58 70.06 -125.49
N ARG E 82 38.35 69.80 -124.20
CA ARG E 82 39.26 70.27 -123.16
C ARG E 82 40.64 69.63 -123.30
N GLN E 83 40.69 68.39 -123.78
CA GLN E 83 41.97 67.75 -124.08
C GLN E 83 42.63 68.41 -125.28
N ARG E 84 41.83 68.82 -126.26
CA ARG E 84 42.35 69.66 -127.35
C ARG E 84 42.86 71.00 -126.84
N ASP E 85 42.12 71.62 -125.91
CA ASP E 85 42.57 72.87 -125.32
C ASP E 85 43.93 72.73 -124.64
N ALA E 86 44.19 71.56 -124.03
CA ALA E 86 45.51 71.30 -123.48
C ALA E 86 46.56 71.09 -124.57
N GLN E 87 46.23 70.31 -125.61
CA GLN E 87 47.19 70.09 -126.68
C GLN E 87 47.60 71.40 -127.34
N GLN E 88 46.62 72.26 -127.65
CA GLN E 88 46.92 73.55 -128.26
C GLN E 88 47.66 74.48 -127.30
N LEU E 89 47.40 74.34 -125.99
CA LEU E 89 48.16 75.11 -125.01
C LEU E 89 49.62 74.67 -124.96
N ILE E 90 49.90 73.38 -125.11
CA ILE E 90 51.29 72.93 -125.18
C ILE E 90 51.91 73.31 -126.51
N ALA E 91 51.12 73.37 -127.59
CA ALA E 91 51.60 73.92 -128.85
C ALA E 91 52.02 75.38 -128.69
N GLN E 92 51.21 76.18 -127.98
CA GLN E 92 51.60 77.55 -127.66
C GLN E 92 52.86 77.58 -126.80
N ARG E 93 52.97 76.67 -125.83
CA ARG E 93 54.20 76.53 -125.07
C ARG E 93 55.39 76.21 -125.95
N TRP E 94 55.18 75.48 -127.04
CA TRP E 94 56.22 75.26 -128.04
C TRP E 94 56.53 76.50 -128.87
N TYR E 95 55.53 77.37 -129.10
CA TYR E 95 55.83 78.65 -129.72
C TYR E 95 56.60 79.57 -128.78
N GLU E 96 56.25 79.59 -127.50
CA GLU E 96 57.00 80.38 -126.52
C GLU E 96 58.47 79.96 -126.48
N LYS E 97 58.72 78.65 -126.41
CA LYS E 97 60.10 78.14 -126.46
C LYS E 97 60.78 78.48 -127.78
N ALA E 98 60.03 78.53 -128.88
CA ALA E 98 60.60 79.04 -130.12
C ALA E 98 60.89 80.54 -130.04
N GLN E 99 60.01 81.31 -129.41
CA GLN E 99 60.18 82.75 -129.37
C GLN E 99 61.45 83.14 -128.63
N ALA E 100 61.85 82.35 -127.63
CA ALA E 100 63.13 82.55 -126.95
C ALA E 100 64.32 82.32 -127.86
N ALA E 101 64.10 81.82 -129.08
CA ALA E 101 65.15 81.68 -130.08
C ALA E 101 64.74 82.29 -131.41
N LEU E 102 63.61 82.97 -131.50
CA LEU E 102 63.14 83.56 -132.75
C LEU E 102 63.59 85.00 -132.92
N ASP E 103 64.35 85.53 -131.98
CA ASP E 103 65.07 86.79 -132.14
C ASP E 103 66.55 86.53 -132.32
N ARG E 104 67.25 87.55 -132.83
CA ARG E 104 68.70 87.53 -133.03
C ARG E 104 69.13 86.55 -134.12
N GLY E 105 68.20 85.97 -134.88
CA GLY E 105 68.55 84.97 -135.85
C GLY E 105 68.97 83.64 -135.27
N ASN E 106 68.69 83.41 -133.98
CA ASN E 106 69.05 82.18 -133.30
C ASN E 106 68.00 81.10 -133.44
N GLU E 107 67.17 81.16 -134.49
CA GLU E 107 66.01 80.30 -134.68
C GLU E 107 66.36 78.83 -134.83
N GLN E 108 67.65 78.49 -134.78
CA GLN E 108 68.08 77.10 -134.86
C GLN E 108 67.23 76.16 -134.00
N LEU E 109 67.05 76.50 -132.72
CA LEU E 109 66.27 75.63 -131.84
C LEU E 109 64.80 75.58 -132.23
N ALA E 110 64.31 76.57 -132.98
CA ALA E 110 62.94 76.51 -133.47
C ALA E 110 62.72 75.31 -134.38
N ARG E 111 63.80 74.77 -134.97
CA ARG E 111 63.66 73.57 -135.78
C ARG E 111 63.04 72.43 -134.98
N GLU E 112 63.63 72.12 -133.83
CA GLU E 112 63.08 71.09 -132.96
C GLU E 112 61.77 71.50 -132.31
N ALA E 113 61.67 72.75 -131.85
CA ALA E 113 60.47 73.18 -131.13
C ALA E 113 59.22 73.13 -132.01
N LEU E 114 59.31 73.64 -133.23
CA LEU E 114 58.22 73.50 -134.19
C LEU E 114 58.11 72.09 -134.75
N GLY E 115 59.21 71.34 -134.79
CA GLY E 115 59.12 69.93 -135.13
C GLY E 115 58.24 69.14 -134.18
N GLN E 116 58.34 69.41 -132.89
CA GLN E 116 57.38 68.87 -131.93
C GLN E 116 55.98 69.45 -132.15
N ARG E 117 55.87 70.77 -132.30
CA ARG E 117 54.54 71.36 -132.45
C ARG E 117 53.79 70.80 -133.65
N GLN E 118 54.49 70.37 -134.70
CA GLN E 118 53.81 69.74 -135.83
C GLN E 118 53.03 68.50 -135.40
N SER E 119 53.64 67.65 -134.58
CA SER E 119 52.89 66.51 -134.03
C SER E 119 51.79 66.94 -133.07
N TYR E 120 51.98 68.02 -132.33
CA TYR E 120 50.93 68.51 -131.44
C TYR E 120 49.76 69.09 -132.21
N GLN E 121 50.04 69.79 -133.31
CA GLN E 121 48.96 70.28 -134.18
C GLN E 121 48.19 69.16 -134.84
N SER E 122 48.87 68.06 -135.21
CA SER E 122 48.15 66.95 -135.83
C SER E 122 47.13 66.34 -134.88
N HIS E 123 47.52 66.11 -133.61
CA HIS E 123 46.57 65.63 -132.62
C HIS E 123 45.51 66.69 -132.30
N THR E 124 45.88 67.97 -132.30
CA THR E 124 44.90 69.02 -132.05
C THR E 124 43.83 69.05 -133.12
N GLU E 125 44.20 68.87 -134.39
CA GLU E 125 43.22 68.92 -135.47
C GLU E 125 42.50 67.59 -135.66
N ALA E 126 43.13 66.48 -135.27
CA ALA E 126 42.40 65.23 -135.14
C ALA E 126 41.30 65.34 -134.09
N LEU E 127 41.61 65.93 -132.94
CA LEU E 127 40.59 66.21 -131.94
C LEU E 127 39.55 67.18 -132.48
N GLY E 128 39.98 68.27 -133.11
CA GLY E 128 39.05 69.26 -133.61
C GLY E 128 38.06 68.73 -134.64
N LYS E 129 38.49 67.77 -135.46
CA LYS E 129 37.60 67.19 -136.46
C LYS E 129 36.78 66.02 -135.94
N SER E 130 37.30 65.26 -134.99
CA SER E 130 36.45 64.38 -134.19
C SER E 130 35.36 65.18 -133.51
N LEU E 131 35.73 66.32 -132.94
CA LEU E 131 34.81 67.24 -132.26
C LEU E 131 33.88 67.95 -133.24
N GLY E 132 34.13 67.85 -134.54
CA GLY E 132 33.16 68.28 -135.53
C GLY E 132 32.07 67.25 -135.72
N GLU E 133 32.44 65.97 -135.70
CA GLU E 133 31.43 64.92 -135.73
C GLU E 133 30.65 64.89 -134.42
N GLN E 134 31.36 64.96 -133.30
CA GLN E 134 30.71 64.99 -131.99
C GLN E 134 29.78 66.21 -131.85
N ARG E 135 30.12 67.31 -132.51
CA ARG E 135 29.18 68.42 -132.62
C ARG E 135 27.89 67.98 -133.32
N ALA E 136 28.02 67.46 -134.54
CA ALA E 136 26.84 67.01 -135.28
C ALA E 136 26.05 65.95 -134.51
N LEU E 137 26.74 65.12 -133.71
CA LEU E 137 26.04 64.16 -132.86
C LEU E 137 25.20 64.84 -131.79
N VAL E 138 25.77 65.80 -131.06
CA VAL E 138 25.00 66.48 -130.03
C VAL E 138 23.89 67.33 -130.62
N GLU E 139 24.08 67.89 -131.82
CA GLU E 139 23.01 68.62 -132.48
C GLU E 139 21.88 67.69 -132.92
N GLN E 140 22.21 66.61 -133.61
CA GLN E 140 21.19 65.70 -134.12
C GLN E 140 20.46 64.98 -132.97
N VAL E 141 21.18 64.63 -131.91
CA VAL E 141 20.53 64.00 -130.76
C VAL E 141 19.63 64.98 -130.02
N ARG E 142 20.01 66.26 -130.00
CA ARG E 142 19.12 67.28 -129.43
C ARG E 142 17.87 67.46 -130.27
N GLY E 143 17.99 67.45 -131.60
CA GLY E 143 16.82 67.55 -132.43
C GLY E 143 15.94 66.32 -132.38
N GLN E 144 16.57 65.14 -132.31
CA GLN E 144 15.84 63.89 -132.13
C GLN E 144 15.03 63.91 -130.84
N LEU E 145 15.68 64.29 -129.73
CA LEU E 145 14.97 64.40 -128.45
C LEU E 145 13.85 65.42 -128.51
N GLN E 146 14.14 66.64 -128.97
CA GLN E 146 13.13 67.69 -128.89
C GLN E 146 11.90 67.39 -129.75
N LYS E 147 12.08 66.73 -130.90
CA LYS E 147 10.95 66.20 -131.64
C LYS E 147 10.21 65.12 -130.86
N LEU E 148 10.96 64.16 -130.31
CA LEU E 148 10.34 63.00 -129.66
C LEU E 148 9.59 63.39 -128.39
N GLU E 149 10.23 64.16 -127.52
CA GLU E 149 9.63 64.54 -126.25
C GLU E 149 8.48 65.52 -126.44
N ARG E 150 8.56 66.39 -127.44
CA ARG E 150 7.41 67.22 -127.78
C ARG E 150 6.26 66.38 -128.29
N LYS E 151 6.57 65.30 -129.03
CA LYS E 151 5.53 64.37 -129.45
C LYS E 151 4.92 63.64 -128.25
N TYR E 152 5.75 63.29 -127.26
CA TYR E 152 5.25 62.73 -126.01
C TYR E 152 4.35 63.71 -125.27
N LEU E 153 4.71 64.98 -125.22
CA LEU E 153 3.85 66.00 -124.60
C LEU E 153 2.50 66.10 -125.29
N GLU E 154 2.50 66.23 -126.62
CA GLU E 154 1.25 66.28 -127.37
C GLU E 154 0.47 64.97 -127.29
N LEU E 155 1.19 63.84 -127.18
CA LEU E 155 0.53 62.55 -126.98
C LEU E 155 -0.08 62.44 -125.59
N LYS E 156 0.54 63.03 -124.57
CA LYS E 156 -0.12 63.16 -123.27
C LYS E 156 -1.40 63.99 -123.37
N SER E 157 -1.34 65.10 -124.10
CA SER E 157 -2.54 65.91 -124.32
C SER E 157 -3.64 65.07 -124.97
N GLN E 158 -3.30 64.36 -126.05
CA GLN E 158 -4.25 63.47 -126.72
C GLN E 158 -4.79 62.39 -125.79
N LYS E 159 -3.93 61.76 -124.98
CA LYS E 159 -4.41 60.71 -124.08
C LYS E 159 -5.43 61.26 -123.08
N ASN E 160 -5.14 62.40 -122.46
CA ASN E 160 -6.09 63.03 -121.56
C ASN E 160 -7.42 63.26 -122.26
N LEU E 161 -7.37 63.81 -123.47
CA LEU E 161 -8.55 64.02 -124.28
C LEU E 161 -9.19 62.72 -124.74
N TYR E 162 -8.41 61.64 -124.83
CA TYR E 162 -8.95 60.35 -125.23
C TYR E 162 -9.69 59.66 -124.11
N LEU E 163 -9.20 59.78 -122.88
CA LEU E 163 -9.94 59.27 -121.72
C LEU E 163 -11.25 60.03 -121.52
N ALA E 164 -11.23 61.35 -121.74
CA ALA E 164 -12.46 62.13 -121.72
C ALA E 164 -13.42 61.69 -122.82
N ARG E 165 -12.93 61.57 -124.05
CA ARG E 165 -13.77 61.07 -125.14
C ARG E 165 -14.35 59.70 -124.82
N LEU E 166 -13.52 58.78 -124.32
CA LEU E 166 -13.98 57.42 -124.03
C LEU E 166 -15.07 57.41 -122.97
N LYS E 167 -14.84 58.08 -121.83
CA LYS E 167 -15.86 58.16 -120.80
C LYS E 167 -17.14 58.83 -121.31
N SER E 168 -17.00 59.84 -122.17
CA SER E 168 -18.18 60.52 -122.72
C SER E 168 -18.96 59.61 -123.66
N ALA E 169 -18.25 58.87 -124.51
CA ALA E 169 -18.91 57.87 -125.36
C ALA E 169 -19.61 56.80 -124.53
N ILE E 170 -18.94 56.31 -123.49
CA ILE E 170 -19.54 55.31 -122.61
C ILE E 170 -20.84 55.83 -122.01
N ALA E 171 -20.82 57.07 -121.51
CA ALA E 171 -22.02 57.71 -120.99
C ALA E 171 -23.11 57.79 -122.05
N ALA E 172 -22.73 58.21 -123.27
CA ALA E 172 -23.68 58.29 -124.38
C ALA E 172 -24.30 56.94 -124.68
N GLN E 173 -23.48 55.89 -124.73
CA GLN E 173 -23.98 54.53 -124.91
C GLN E 173 -24.99 54.17 -123.84
N LYS E 174 -24.73 54.57 -122.60
CA LYS E 174 -25.65 54.28 -121.51
C LYS E 174 -26.97 55.05 -121.65
N ILE E 175 -26.95 56.30 -122.12
CA ILE E 175 -28.20 57.01 -122.38
C ILE E 175 -28.99 56.38 -123.52
N GLU E 176 -28.35 56.05 -124.63
CA GLU E 176 -29.09 55.42 -125.73
C GLU E 176 -29.70 54.09 -125.32
N GLU E 177 -28.91 53.21 -124.71
CA GLU E 177 -29.40 51.88 -124.36
C GLU E 177 -30.46 51.92 -123.26
N ILE E 178 -30.28 52.75 -122.24
CA ILE E 178 -31.29 52.90 -121.20
C ILE E 178 -32.52 53.63 -121.71
N ALA E 179 -32.34 54.59 -122.61
CA ALA E 179 -33.46 55.26 -123.27
C ALA E 179 -34.23 54.30 -124.18
N GLY E 180 -33.53 53.47 -124.94
CA GLY E 180 -34.21 52.48 -125.76
C GLY E 180 -35.00 51.47 -124.96
N ASN E 181 -34.46 51.01 -123.82
CA ASN E 181 -35.24 50.17 -122.93
C ASN E 181 -36.36 50.94 -122.25
N LEU E 182 -36.14 52.22 -121.95
CA LEU E 182 -37.18 53.00 -121.27
C LEU E 182 -38.37 53.25 -122.21
N ASP E 183 -38.10 53.70 -123.42
CA ASP E 183 -39.18 54.00 -124.36
C ASP E 183 -39.82 52.71 -124.85
N ASN E 184 -39.01 51.78 -125.36
CA ASN E 184 -39.55 50.60 -126.01
C ASN E 184 -40.19 49.63 -125.01
N ALA E 185 -39.44 49.24 -123.98
CA ALA E 185 -39.98 48.28 -123.02
C ALA E 185 -41.00 48.93 -122.08
N SER E 186 -40.64 50.05 -121.45
CA SER E 186 -41.48 50.63 -120.41
C SER E 186 -42.74 51.26 -121.01
N ALA E 187 -42.57 52.07 -122.06
CA ALA E 187 -43.69 52.84 -122.58
C ALA E 187 -44.73 51.95 -123.24
N SER E 188 -44.31 50.93 -123.98
CA SER E 188 -45.28 49.98 -124.53
C SER E 188 -46.01 49.25 -123.40
N SER E 189 -45.30 48.96 -122.32
CA SER E 189 -45.94 48.36 -121.15
C SER E 189 -46.95 49.33 -120.53
N LEU E 190 -46.67 50.63 -120.56
CA LEU E 190 -47.60 51.59 -120.00
C LEU E 190 -48.83 51.75 -120.90
N PHE E 191 -48.63 51.96 -122.20
CA PHE E 191 -49.75 52.28 -123.07
C PHE E 191 -50.63 51.06 -123.31
N GLU E 192 -50.04 49.94 -123.71
CA GLU E 192 -50.84 48.77 -124.03
C GLU E 192 -51.47 48.09 -122.82
N ARG E 193 -50.79 48.08 -121.66
CA ARG E 193 -51.44 47.59 -120.44
C ARG E 193 -52.48 48.53 -119.85
N ILE E 194 -52.27 49.84 -119.96
CA ILE E 194 -53.31 50.77 -119.50
C ILE E 194 -54.52 50.75 -120.43
N GLU E 195 -54.26 50.69 -121.73
CA GLU E 195 -55.36 50.63 -122.69
C GLU E 195 -56.20 49.36 -122.52
N THR E 196 -55.54 48.19 -122.44
CA THR E 196 -56.29 46.95 -122.26
C THR E 196 -57.07 46.94 -120.95
N LYS E 197 -56.51 47.52 -119.88
CA LYS E 197 -57.26 47.64 -118.64
C LYS E 197 -58.42 48.61 -118.78
N ILE E 198 -58.25 49.67 -119.58
CA ILE E 198 -59.34 50.59 -119.85
C ILE E 198 -60.46 49.87 -120.61
N LEU E 199 -60.08 49.08 -121.61
CA LEU E 199 -61.03 48.28 -122.37
C LEU E 199 -61.80 47.32 -121.45
N GLU E 200 -61.12 46.77 -120.46
CA GLU E 200 -61.80 45.91 -119.50
C GLU E 200 -62.83 46.71 -118.70
N LEU E 201 -62.48 47.95 -118.34
CA LEU E 201 -63.45 48.83 -117.69
C LEU E 201 -64.58 49.20 -118.64
N GLU E 202 -64.28 49.33 -119.94
CA GLU E 202 -65.28 49.68 -120.94
C GLU E 202 -66.24 48.53 -121.24
N ALA E 203 -65.76 47.28 -121.15
CA ALA E 203 -66.65 46.14 -121.26
C ALA E 203 -67.69 46.11 -120.15
N GLU E 204 -67.34 46.56 -118.95
CA GLU E 204 -68.35 46.78 -117.93
C GLU E 204 -69.15 48.06 -118.15
N ARG E 205 -68.58 49.07 -118.81
CA ARG E 205 -69.37 50.24 -119.17
C ARG E 205 -70.52 49.87 -120.11
N GLU E 206 -70.23 49.11 -121.16
CA GLU E 206 -71.26 48.69 -122.11
C GLU E 206 -72.20 47.63 -121.54
N LEU E 207 -71.89 47.07 -120.37
CA LEU E 207 -72.87 46.27 -119.65
C LEU E 207 -73.79 47.13 -118.80
N LEU E 208 -73.27 48.22 -118.23
CA LEU E 208 -74.06 49.12 -117.40
C LEU E 208 -74.76 50.22 -118.19
N ASN E 209 -74.39 50.43 -119.46
CA ASN E 209 -74.73 51.65 -120.18
C ASN E 209 -74.96 51.33 -121.65
N PRO E 210 -76.13 51.61 -122.20
CA PRO E 210 -76.34 51.41 -123.63
C PRO E 210 -75.41 52.29 -124.43
N PRO E 211 -74.95 51.84 -125.60
CA PRO E 211 -74.14 52.70 -126.47
C PRO E 211 -74.83 54.02 -126.73
N PRO E 212 -74.21 55.16 -126.37
CA PRO E 212 -74.85 56.45 -126.62
C PRO E 212 -74.83 56.83 -128.09
N SER E 213 -75.75 56.27 -128.87
CA SER E 213 -75.85 56.54 -130.30
C SER E 213 -76.19 58.00 -130.54
N PRO E 214 -76.07 58.50 -131.76
CA PRO E 214 -76.53 59.87 -132.04
C PRO E 214 -78.01 60.07 -131.81
N LEU E 215 -78.80 58.99 -131.82
CA LEU E 215 -80.25 59.15 -131.72
C LEU E 215 -80.67 59.60 -130.32
N ASP E 216 -80.34 58.79 -129.30
CA ASP E 216 -80.67 59.17 -127.94
C ASP E 216 -80.00 60.48 -127.53
N LYS E 217 -78.81 60.75 -128.08
CA LYS E 217 -78.14 62.02 -127.79
C LYS E 217 -78.98 63.21 -128.28
N LYS E 218 -79.53 63.11 -129.49
CA LYS E 218 -80.36 64.19 -130.01
C LYS E 218 -81.65 64.34 -129.21
N PHE E 219 -82.22 63.21 -128.78
CA PHE E 219 -83.42 63.26 -127.94
C PHE E 219 -83.15 63.96 -126.62
N GLU E 220 -82.02 63.67 -125.98
CA GLU E 220 -81.67 64.34 -124.73
C GLU E 220 -81.46 65.83 -124.95
N GLN E 221 -80.84 66.21 -126.07
CA GLN E 221 -80.66 67.61 -126.39
C GLN E 221 -82.01 68.30 -126.56
N TRP E 222 -82.94 67.65 -127.26
CA TRP E 222 -84.28 68.21 -127.40
C TRP E 222 -85.00 68.29 -126.06
N GLU E 223 -84.71 67.37 -125.14
CA GLU E 223 -85.31 67.46 -123.81
C GLU E 223 -84.87 68.72 -123.10
N GLU E 224 -83.58 69.06 -123.18
CA GLU E 224 -83.11 70.32 -122.62
C GLU E 224 -83.75 71.49 -123.33
N GLN E 225 -83.88 71.41 -124.66
CA GLN E 225 -84.54 72.46 -125.42
C GLN E 225 -85.98 72.65 -124.96
N GLN E 226 -86.68 71.55 -124.66
CA GLN E 226 -88.07 71.64 -124.23
C GLN E 226 -88.20 72.17 -122.81
N ALA E 227 -87.21 71.89 -121.95
CA ALA E 227 -87.20 72.50 -120.62
C ALA E 227 -87.10 74.01 -120.71
N VAL E 228 -86.18 74.52 -121.53
CA VAL E 228 -86.05 75.96 -121.70
C VAL E 228 -87.26 76.53 -122.42
N GLU E 229 -87.87 75.77 -123.33
CA GLU E 229 -89.08 76.26 -123.95
C GLU E 229 -90.23 76.38 -122.95
N ALA E 230 -90.25 75.51 -121.93
CA ALA E 230 -91.24 75.66 -120.87
C ALA E 230 -90.96 76.86 -119.97
N THR E 231 -89.68 77.14 -119.67
CA THR E 231 -89.34 78.35 -118.95
C THR E 231 -89.75 79.60 -119.74
N LEU E 232 -89.52 79.57 -121.06
CA LEU E 232 -89.95 80.69 -121.89
C LEU E 232 -91.46 80.86 -121.84
N ALA E 233 -92.20 79.74 -121.80
CA ALA E 233 -93.66 79.83 -121.72
C ALA E 233 -94.08 80.50 -120.41
N ALA E 234 -93.45 80.13 -119.31
CA ALA E 234 -93.70 80.81 -118.04
C ALA E 234 -93.35 82.29 -118.12
N MET E 235 -92.22 82.61 -118.75
CA MET E 235 -91.81 84.00 -118.89
C MET E 235 -92.90 84.82 -119.59
N LYS E 236 -93.37 84.36 -120.74
CA LYS E 236 -94.31 85.15 -121.52
C LYS E 236 -95.73 85.07 -120.97
N ALA E 237 -96.03 84.07 -120.15
CA ALA E 237 -97.32 84.03 -119.48
C ALA E 237 -97.37 85.04 -118.33
N ARG E 238 -96.27 85.17 -117.58
CA ARG E 238 -96.19 86.25 -116.61
C ARG E 238 -96.19 87.61 -117.30
N ARG E 239 -95.55 87.70 -118.46
CA ARG E 239 -95.53 88.94 -119.22
C ARG E 239 -96.88 89.28 -119.86
N SER E 240 -97.77 88.30 -120.02
CA SER E 240 -99.07 88.58 -120.64
C SER E 240 -99.81 89.67 -119.88
N MET F 24 91.46 -14.46 -63.36
CA MET F 24 91.22 -15.41 -62.29
C MET F 24 90.82 -14.68 -61.01
N GLU F 25 89.85 -15.23 -60.28
CA GLU F 25 89.45 -14.62 -59.01
C GLU F 25 90.60 -14.66 -58.00
N LEU F 26 91.38 -15.74 -58.01
CA LEU F 26 92.57 -15.81 -57.16
C LEU F 26 93.52 -14.66 -57.49
N PHE F 27 93.77 -14.45 -58.78
CA PHE F 27 94.65 -13.36 -59.20
C PHE F 27 94.15 -12.02 -58.69
N ASN F 28 92.86 -11.74 -58.87
CA ASN F 28 92.27 -10.50 -58.35
C ASN F 28 92.45 -10.35 -56.84
N ARG F 29 92.19 -11.42 -56.09
CA ARG F 29 92.45 -11.41 -54.65
C ARG F 29 93.90 -11.05 -54.33
N VAL F 30 94.85 -11.69 -55.03
CA VAL F 30 96.27 -11.40 -54.85
C VAL F 30 96.65 -10.04 -55.40
N GLY F 31 95.80 -9.44 -56.22
CA GLY F 31 96.14 -8.21 -56.91
C GLY F 31 96.61 -7.08 -56.02
N ARG F 32 95.95 -6.81 -54.90
CA ARG F 32 96.41 -5.71 -54.06
C ARG F 32 97.88 -5.87 -53.65
N VAL F 33 98.24 -7.04 -53.14
CA VAL F 33 99.61 -7.30 -52.68
C VAL F 33 100.59 -7.43 -53.84
N LEU F 34 100.23 -8.14 -54.89
CA LEU F 34 101.16 -8.32 -56.01
C LEU F 34 101.31 -7.04 -56.82
N LYS F 35 100.21 -6.41 -57.21
CA LYS F 35 100.25 -5.21 -58.03
C LYS F 35 100.85 -4.03 -57.29
N SER F 36 100.76 -3.93 -55.96
CA SER F 36 101.52 -2.88 -55.27
C SER F 36 103.01 -3.05 -55.47
N GLN F 37 103.49 -4.28 -55.28
CA GLN F 37 104.90 -4.58 -55.56
C GLN F 37 105.26 -4.32 -57.01
N LEU F 38 104.44 -4.78 -57.97
CA LEU F 38 104.77 -4.54 -59.37
C LEU F 38 104.73 -3.06 -59.75
N THR F 39 103.83 -2.27 -59.12
CA THR F 39 103.82 -0.83 -59.35
C THR F 39 105.11 -0.18 -58.89
N HIS F 40 105.65 -0.62 -57.75
CA HIS F 40 107.00 -0.18 -57.42
C HIS F 40 108.06 -0.82 -58.33
N TRP F 41 107.82 -2.05 -58.80
CA TRP F 41 108.81 -2.75 -59.61
C TRP F 41 109.10 -1.99 -60.89
N GLN F 42 108.06 -1.54 -61.57
CA GLN F 42 108.26 -0.67 -62.73
C GLN F 42 108.90 0.65 -62.34
N GLN F 43 108.58 1.14 -61.14
CA GLN F 43 109.24 2.34 -60.60
C GLN F 43 110.70 2.13 -60.22
N GLN F 44 111.16 0.89 -60.02
CA GLN F 44 112.44 0.69 -59.33
C GLN F 44 113.58 1.49 -59.94
N GLN F 45 113.56 1.74 -61.26
CA GLN F 45 114.62 2.56 -61.85
C GLN F 45 114.65 3.94 -61.22
N GLU F 46 113.48 4.52 -60.96
CA GLU F 46 113.40 5.76 -60.20
C GLU F 46 113.62 5.53 -58.71
N ALA F 47 113.07 4.43 -58.17
CA ALA F 47 112.97 4.23 -56.73
C ALA F 47 113.47 2.83 -56.33
N PRO F 48 114.79 2.65 -56.28
CA PRO F 48 115.34 1.45 -55.63
C PRO F 48 115.47 1.59 -54.12
N GLU F 49 115.26 2.79 -53.59
CA GLU F 49 115.76 3.15 -52.26
C GLU F 49 115.27 2.21 -51.17
N ASP F 50 113.98 1.88 -51.19
CA ASP F 50 113.41 1.03 -50.15
C ASP F 50 113.98 -0.38 -50.17
N LEU F 51 114.10 -1.00 -51.35
CA LEU F 51 114.65 -2.35 -51.41
C LEU F 51 116.14 -2.37 -51.02
N LEU F 52 116.90 -1.38 -51.48
CA LEU F 52 118.31 -1.29 -51.12
C LEU F 52 118.51 -1.14 -49.62
N GLU F 53 117.81 -0.21 -49.00
CA GLU F 53 117.95 0.03 -47.57
C GLU F 53 117.37 -1.11 -46.73
N ARG F 54 116.33 -1.79 -47.21
CA ARG F 54 115.86 -2.98 -46.51
C ARG F 54 116.94 -4.05 -46.41
N LEU F 55 117.58 -4.37 -47.54
CA LEU F 55 118.64 -5.37 -47.53
C LEU F 55 119.80 -4.98 -46.61
N LEU F 56 120.28 -3.73 -46.72
CA LEU F 56 121.37 -3.27 -45.86
C LEU F 56 120.95 -3.16 -44.39
N GLY F 57 119.67 -2.91 -44.12
CA GLY F 57 119.17 -3.04 -42.76
C GLY F 57 119.31 -4.46 -42.22
N GLU F 58 118.96 -5.44 -43.04
CA GLU F 58 119.16 -6.84 -42.68
C GLU F 58 120.64 -7.15 -42.46
N MET F 59 121.50 -6.52 -43.27
CA MET F 59 122.95 -6.68 -43.11
C MET F 59 123.45 -6.06 -41.80
N GLU F 60 122.86 -4.94 -41.38
CA GLU F 60 123.15 -4.40 -40.04
C GLU F 60 122.65 -5.31 -38.92
N LEU F 61 121.47 -5.90 -39.09
CA LEU F 61 120.97 -6.87 -38.09
C LEU F 61 121.88 -8.09 -37.99
N GLU F 62 122.40 -8.57 -39.12
CA GLU F 62 123.40 -9.64 -39.07
C GLU F 62 124.68 -9.17 -38.38
N LEU F 63 125.21 -8.01 -38.78
CA LEU F 63 126.50 -7.53 -38.30
C LEU F 63 126.52 -7.30 -36.79
N ILE F 64 125.40 -6.90 -36.19
CA ILE F 64 125.33 -6.86 -34.72
C ILE F 64 125.37 -8.26 -34.12
N GLU F 65 124.85 -9.26 -34.83
CA GLU F 65 125.11 -10.64 -34.41
C GLU F 65 126.59 -11.00 -34.55
N LEU F 66 127.19 -10.70 -35.72
CA LEU F 66 128.58 -11.08 -35.96
C LEU F 66 129.53 -10.54 -34.90
N ARG F 67 129.31 -9.30 -34.45
CA ARG F 67 130.10 -8.75 -33.34
C ARG F 67 129.87 -9.48 -32.03
N ARG F 68 128.61 -9.82 -31.70
CA ARG F 68 128.38 -10.59 -30.49
C ARG F 68 128.94 -12.01 -30.58
N ALA F 69 128.95 -12.60 -31.77
CA ALA F 69 129.55 -13.93 -31.95
C ALA F 69 131.08 -13.88 -31.80
N LEU F 70 131.71 -12.80 -32.27
CA LEU F 70 133.11 -12.56 -31.95
C LEU F 70 133.34 -12.43 -30.45
N ALA F 71 132.47 -11.69 -29.75
CA ALA F 71 132.62 -11.57 -28.30
C ALA F 71 132.43 -12.90 -27.58
N GLN F 72 131.53 -13.75 -28.10
CA GLN F 72 131.37 -15.08 -27.54
C GLN F 72 132.58 -15.97 -27.80
N THR F 73 133.25 -15.81 -28.94
CA THR F 73 134.50 -16.55 -29.17
C THR F 73 135.62 -16.08 -28.26
N ILE F 74 135.78 -14.78 -28.09
CA ILE F 74 136.81 -14.28 -27.16
C ILE F 74 136.54 -14.75 -25.73
N ALA F 75 135.27 -14.72 -25.32
CA ALA F 75 134.90 -15.19 -23.99
C ALA F 75 135.22 -16.67 -23.80
N THR F 76 134.90 -17.50 -24.79
CA THR F 76 135.23 -18.93 -24.71
C THR F 76 136.74 -19.18 -24.79
N PHE F 77 137.48 -18.38 -25.55
CA PHE F 77 138.93 -18.57 -25.62
C PHE F 77 139.61 -18.32 -24.28
N LYS F 78 139.32 -17.18 -23.66
CA LYS F 78 139.92 -16.85 -22.37
C LYS F 78 139.36 -17.69 -21.23
N SER F 79 138.12 -18.16 -21.32
CA SER F 79 137.64 -19.12 -20.33
C SER F 79 138.42 -20.44 -20.39
N THR F 80 138.75 -20.91 -21.59
CA THR F 80 139.66 -22.05 -21.70
C THR F 80 141.01 -21.72 -21.07
N GLU F 81 141.47 -20.49 -21.24
CA GLU F 81 142.72 -20.05 -20.62
C GLU F 81 142.59 -19.91 -19.11
N ARG F 82 141.40 -19.53 -18.61
CA ARG F 82 141.15 -19.52 -17.18
C ARG F 82 141.21 -20.93 -16.61
N GLN F 83 140.81 -21.93 -17.40
CA GLN F 83 140.97 -23.32 -16.98
C GLN F 83 142.45 -23.72 -16.95
N ARG F 84 143.23 -23.20 -17.90
CA ARG F 84 144.68 -23.35 -17.82
C ARG F 84 145.25 -22.65 -16.59
N ASP F 85 144.76 -21.45 -16.27
CA ASP F 85 145.20 -20.76 -15.07
C ASP F 85 144.95 -21.58 -13.81
N ALA F 86 143.85 -22.33 -13.78
CA ALA F 86 143.61 -23.25 -12.67
C ALA F 86 144.55 -24.44 -12.70
N GLN F 87 144.76 -25.05 -13.87
CA GLN F 87 145.68 -26.18 -13.95
C GLN F 87 147.08 -25.81 -13.49
N GLN F 88 147.59 -24.67 -13.96
CA GLN F 88 148.92 -24.22 -13.55
C GLN F 88 148.96 -23.82 -12.08
N LEU F 89 147.84 -23.33 -11.54
CA LEU F 89 147.76 -23.05 -10.11
C LEU F 89 147.83 -24.33 -9.28
N ILE F 90 147.21 -25.41 -9.75
CA ILE F 90 147.34 -26.68 -9.04
C ILE F 90 148.72 -27.28 -9.24
N ALA F 91 149.36 -27.03 -10.38
CA ALA F 91 150.77 -27.38 -10.56
C ALA F 91 151.65 -26.66 -9.55
N GLN F 92 151.40 -25.37 -9.32
CA GLN F 92 152.10 -24.64 -8.27
C GLN F 92 151.81 -25.22 -6.89
N ARG F 93 150.55 -25.59 -6.65
CA ARG F 93 150.20 -26.30 -5.42
C ARG F 93 150.97 -27.61 -5.27
N TRP F 94 151.28 -28.27 -6.38
CA TRP F 94 152.15 -29.44 -6.36
C TRP F 94 153.61 -29.08 -6.10
N TYR F 95 154.07 -27.91 -6.54
CA TYR F 95 155.40 -27.46 -6.14
C TYR F 95 155.46 -27.09 -4.66
N GLU F 96 154.41 -26.46 -4.13
CA GLU F 96 154.37 -26.15 -2.70
C GLU F 96 154.46 -27.42 -1.86
N LYS F 97 153.66 -28.44 -2.21
CA LYS F 97 153.73 -29.73 -1.54
C LYS F 97 155.10 -30.39 -1.70
N ALA F 98 155.76 -30.17 -2.84
CA ALA F 98 157.14 -30.62 -2.96
C ALA F 98 158.07 -29.81 -2.06
N GLN F 99 157.86 -28.49 -1.96
CA GLN F 99 158.76 -27.66 -1.19
C GLN F 99 158.76 -28.05 0.28
N ALA F 100 157.64 -28.55 0.80
CA ALA F 100 157.57 -29.08 2.15
C ALA F 100 158.42 -30.33 2.33
N ALA F 101 158.95 -30.88 1.24
CA ALA F 101 159.88 -32.00 1.30
C ALA F 101 161.16 -31.74 0.51
N LEU F 102 161.35 -30.54 -0.01
CA LEU F 102 162.52 -30.22 -0.81
C LEU F 102 163.66 -29.63 0.02
N ASP F 103 163.47 -29.51 1.32
CA ASP F 103 164.55 -29.23 2.26
C ASP F 103 164.90 -30.48 3.05
N ARG F 104 166.07 -30.46 3.68
CA ARG F 104 166.59 -31.52 4.52
C ARG F 104 166.91 -32.80 3.75
N GLY F 105 166.88 -32.76 2.42
CA GLY F 105 167.07 -33.96 1.64
C GLY F 105 165.93 -34.94 1.69
N ASN F 106 164.76 -34.51 2.15
CA ASN F 106 163.58 -35.36 2.27
C ASN F 106 162.75 -35.39 0.99
N GLU F 107 163.37 -35.09 -0.15
CA GLU F 107 162.69 -34.92 -1.43
C GLU F 107 161.99 -36.18 -1.93
N GLN F 108 162.06 -37.27 -1.17
CA GLN F 108 161.37 -38.51 -1.53
C GLN F 108 159.94 -38.27 -2.00
N LEU F 109 159.14 -37.53 -1.23
CA LEU F 109 157.76 -37.28 -1.61
C LEU F 109 157.64 -36.42 -2.87
N ALA F 110 158.69 -35.67 -3.21
CA ALA F 110 158.67 -34.92 -4.45
C ALA F 110 158.56 -35.84 -5.66
N ARG F 111 158.94 -37.11 -5.52
CA ARG F 111 158.78 -38.05 -6.61
C ARG F 111 157.32 -38.13 -7.06
N GLU F 112 156.41 -38.39 -6.11
CA GLU F 112 154.99 -38.42 -6.42
C GLU F 112 154.42 -37.04 -6.75
N ALA F 113 154.82 -36.00 -6.00
CA ALA F 113 154.25 -34.67 -6.21
C ALA F 113 154.56 -34.12 -7.60
N LEU F 114 155.81 -34.23 -8.03
CA LEU F 114 156.16 -33.87 -9.40
C LEU F 114 155.69 -34.89 -10.42
N GLY F 115 155.53 -36.15 -10.02
CA GLY F 115 154.90 -37.11 -10.90
C GLY F 115 153.48 -36.74 -11.29
N GLN F 116 152.70 -36.23 -10.33
CA GLN F 116 151.42 -35.62 -10.66
C GLN F 116 151.59 -34.35 -11.48
N ARG F 117 152.47 -33.45 -11.07
CA ARG F 117 152.63 -32.20 -11.81
C ARG F 117 152.97 -32.42 -13.26
N GLN F 118 153.68 -33.51 -13.60
CA GLN F 118 153.96 -33.80 -15.00
C GLN F 118 152.68 -33.94 -15.82
N SER F 119 151.69 -34.67 -15.30
CA SER F 119 150.40 -34.73 -15.98
C SER F 119 149.67 -33.39 -15.97
N TYR F 120 149.82 -32.59 -14.93
CA TYR F 120 149.19 -31.27 -14.91
C TYR F 120 149.84 -30.32 -15.90
N GLN F 121 151.16 -30.39 -16.06
CA GLN F 121 151.83 -29.60 -17.08
C GLN F 121 151.45 -30.00 -18.49
N SER F 122 151.21 -31.30 -18.73
CA SER F 122 150.81 -31.73 -20.07
C SER F 122 149.46 -31.14 -20.46
N HIS F 123 148.48 -31.17 -19.54
CA HIS F 123 147.21 -30.52 -19.81
C HIS F 123 147.35 -29.00 -19.88
N THR F 124 148.23 -28.41 -19.08
CA THR F 124 148.43 -26.96 -19.14
C THR F 124 149.00 -26.53 -20.49
N GLU F 125 149.92 -27.31 -21.06
CA GLU F 125 150.50 -26.93 -22.34
C GLU F 125 149.64 -27.36 -23.53
N ALA F 126 148.83 -28.41 -23.35
CA ALA F 126 147.77 -28.69 -24.31
C ALA F 126 146.79 -27.53 -24.40
N LEU F 127 146.37 -27.01 -23.24
CA LEU F 127 145.54 -25.81 -23.22
C LEU F 127 146.27 -24.62 -23.83
N GLY F 128 147.53 -24.40 -23.42
CA GLY F 128 148.26 -23.26 -23.93
C GLY F 128 148.46 -23.25 -25.43
N LYS F 129 148.60 -24.42 -26.05
CA LYS F 129 148.76 -24.50 -27.50
C LYS F 129 147.44 -24.54 -28.26
N SER F 130 146.40 -25.11 -27.67
CA SER F 130 145.04 -24.85 -28.17
C SER F 130 144.75 -23.36 -28.16
N LEU F 131 145.12 -22.69 -27.07
CA LEU F 131 144.95 -21.25 -26.90
C LEU F 131 145.88 -20.44 -27.79
N GLY F 132 146.86 -21.08 -28.44
CA GLY F 132 147.62 -20.44 -29.49
C GLY F 132 146.84 -20.42 -30.80
N GLU F 133 146.13 -21.51 -31.09
CA GLU F 133 145.26 -21.51 -32.25
C GLU F 133 144.07 -20.59 -32.02
N GLN F 134 143.45 -20.69 -30.84
CA GLN F 134 142.33 -19.82 -30.50
C GLN F 134 142.74 -18.34 -30.51
N ARG F 135 144.00 -18.05 -30.19
CA ARG F 135 144.53 -16.70 -30.42
C ARG F 135 144.45 -16.32 -31.89
N ALA F 136 145.07 -17.12 -32.76
CA ALA F 136 145.05 -16.83 -34.19
C ALA F 136 143.62 -16.76 -34.73
N LEU F 137 142.69 -17.52 -34.16
CA LEU F 137 141.28 -17.41 -34.55
C LEU F 137 140.68 -16.06 -34.19
N VAL F 138 140.89 -15.60 -32.95
CA VAL F 138 140.33 -14.29 -32.57
C VAL F 138 141.02 -13.16 -33.30
N GLU F 139 142.32 -13.30 -33.63
CA GLU F 139 142.98 -12.28 -34.44
C GLU F 139 142.45 -12.25 -35.87
N GLN F 140 142.38 -13.40 -36.52
CA GLN F 140 141.94 -13.45 -37.91
C GLN F 140 140.46 -13.07 -38.04
N VAL F 141 139.63 -13.46 -37.08
CA VAL F 141 138.22 -13.08 -37.12
C VAL F 141 138.06 -11.59 -36.87
N ARG F 142 138.92 -10.99 -36.04
CA ARG F 142 138.89 -9.54 -35.86
C ARG F 142 139.32 -8.81 -37.13
N GLY F 143 140.33 -9.32 -37.83
CA GLY F 143 140.72 -8.69 -39.08
C GLY F 143 139.70 -8.90 -40.18
N GLN F 144 139.08 -10.07 -40.23
CA GLN F 144 137.99 -10.34 -41.17
C GLN F 144 136.83 -9.37 -40.94
N LEU F 145 136.41 -9.22 -39.69
CA LEU F 145 135.34 -8.27 -39.36
C LEU F 145 135.73 -6.85 -39.71
N GLN F 146 136.90 -6.39 -39.25
CA GLN F 146 137.23 -4.98 -39.43
C GLN F 146 137.37 -4.60 -40.91
N LYS F 147 137.87 -5.51 -41.75
CA LYS F 147 137.82 -5.30 -43.19
C LYS F 147 136.38 -5.26 -43.71
N LEU F 148 135.57 -6.23 -43.29
CA LEU F 148 134.21 -6.37 -43.83
C LEU F 148 133.32 -5.21 -43.42
N GLU F 149 133.30 -4.87 -42.13
CA GLU F 149 132.43 -3.82 -41.63
C GLU F 149 132.89 -2.44 -42.10
N ARG F 150 134.19 -2.23 -42.25
CA ARG F 150 134.68 -1.00 -42.87
C ARG F 150 134.24 -0.92 -44.33
N LYS F 151 134.20 -2.07 -45.02
CA LYS F 151 133.67 -2.10 -46.38
C LYS F 151 132.19 -1.79 -46.40
N TYR F 152 131.44 -2.28 -45.40
CA TYR F 152 130.04 -1.92 -45.25
C TYR F 152 129.85 -0.42 -45.00
N LEU F 153 130.70 0.18 -44.16
CA LEU F 153 130.65 1.63 -43.94
C LEU F 153 130.88 2.41 -45.22
N GLU F 154 131.95 2.09 -45.95
CA GLU F 154 132.23 2.75 -47.22
C GLU F 154 131.16 2.44 -48.27
N LEU F 155 130.57 1.25 -48.22
CA LEU F 155 129.46 0.92 -49.11
C LEU F 155 128.19 1.70 -48.75
N LYS F 156 127.96 1.98 -47.47
CA LYS F 156 126.90 2.91 -47.09
C LYS F 156 127.16 4.30 -47.66
N SER F 157 128.41 4.77 -47.57
CA SER F 157 128.76 6.05 -48.16
C SER F 157 128.45 6.06 -49.66
N GLN F 158 128.90 5.03 -50.37
CA GLN F 158 128.62 4.90 -51.80
C GLN F 158 127.12 4.84 -52.09
N LYS F 159 126.34 4.09 -51.31
CA LYS F 159 124.91 4.02 -51.56
C LYS F 159 124.25 5.39 -51.42
N ASN F 160 124.56 6.12 -50.35
CA ASN F 160 124.02 7.46 -50.20
C ASN F 160 124.36 8.32 -51.42
N LEU F 161 125.61 8.26 -51.85
CA LEU F 161 126.05 8.98 -53.05
C LEU F 161 125.43 8.41 -54.32
N TYR F 162 125.03 7.14 -54.31
CA TYR F 162 124.40 6.55 -55.48
C TYR F 162 122.94 6.95 -55.63
N LEU F 163 122.23 7.06 -54.51
CA LEU F 163 120.87 7.60 -54.54
C LEU F 163 120.86 9.06 -54.98
N ALA F 164 121.83 9.84 -54.52
CA ALA F 164 121.99 11.21 -55.01
C ALA F 164 122.29 11.25 -56.51
N ARG F 165 123.26 10.45 -56.95
CA ARG F 165 123.56 10.36 -58.38
C ARG F 165 122.32 9.96 -59.19
N LEU F 166 121.59 8.94 -58.73
CA LEU F 166 120.43 8.45 -59.46
C LEU F 166 119.35 9.53 -59.58
N LYS F 167 118.98 10.16 -58.46
CA LYS F 167 118.00 11.24 -58.51
C LYS F 167 118.47 12.39 -59.38
N SER F 168 119.77 12.69 -59.36
CA SER F 168 120.29 13.78 -60.18
C SER F 168 120.24 13.43 -61.67
N ALA F 169 120.59 12.21 -62.03
CA ALA F 169 120.45 11.74 -63.40
C ALA F 169 119.00 11.77 -63.85
N ILE F 170 118.09 11.31 -63.00
CA ILE F 170 116.66 11.33 -63.31
C ILE F 170 116.21 12.76 -63.63
N ALA F 171 116.60 13.71 -62.77
CA ALA F 171 116.30 15.12 -63.00
C ALA F 171 116.87 15.60 -64.34
N ALA F 172 118.13 15.24 -64.62
CA ALA F 172 118.77 15.60 -65.87
C ALA F 172 117.99 15.05 -67.07
N GLN F 173 117.61 13.78 -67.00
CA GLN F 173 116.78 13.18 -68.04
C GLN F 173 115.50 13.97 -68.24
N LYS F 174 114.88 14.44 -67.16
CA LYS F 174 113.67 15.22 -67.27
C LYS F 174 113.90 16.59 -67.91
N ILE F 175 115.03 17.24 -67.63
CA ILE F 175 115.35 18.49 -68.33
C ILE F 175 115.61 18.28 -69.82
N GLU F 176 116.40 17.27 -70.17
CA GLU F 176 116.64 17.03 -71.61
C GLU F 176 115.35 16.70 -72.35
N GLU F 177 114.57 15.76 -71.83
CA GLU F 177 113.35 15.34 -72.55
C GLU F 177 112.29 16.44 -72.61
N ILE F 178 112.10 17.19 -71.52
CA ILE F 178 111.15 18.30 -71.52
C ILE F 178 111.67 19.46 -72.34
N ALA F 179 112.99 19.68 -72.33
CA ALA F 179 113.60 20.69 -73.19
C ALA F 179 113.50 20.31 -74.67
N GLY F 180 113.73 19.05 -75.00
CA GLY F 180 113.56 18.62 -76.38
C GLY F 180 112.13 18.75 -76.88
N ASN F 181 111.15 18.43 -76.04
CA ASN F 181 109.77 18.69 -76.42
C ASN F 181 109.44 20.17 -76.44
N LEU F 182 110.06 20.95 -75.56
CA LEU F 182 109.78 22.39 -75.52
C LEU F 182 110.33 23.07 -76.77
N ASP F 183 111.59 22.82 -77.10
CA ASP F 183 112.19 23.47 -78.27
C ASP F 183 111.60 22.92 -79.55
N ASN F 184 111.62 21.59 -79.71
CA ASN F 184 111.24 21.00 -80.98
C ASN F 184 109.74 21.10 -81.24
N ALA F 185 108.91 20.64 -80.29
CA ALA F 185 107.47 20.69 -80.51
C ALA F 185 106.91 22.10 -80.37
N SER F 186 107.23 22.78 -79.25
CA SER F 186 106.59 24.06 -78.97
C SER F 186 107.11 25.15 -79.90
N ALA F 187 108.43 25.25 -80.05
CA ALA F 187 109.02 26.36 -80.79
C ALA F 187 108.69 26.30 -82.27
N SER F 188 108.73 25.10 -82.87
CA SER F 188 108.30 24.98 -84.26
C SER F 188 106.83 25.35 -84.41
N SER F 189 106.01 25.01 -83.41
CA SER F 189 104.62 25.42 -83.43
C SER F 189 104.49 26.94 -83.33
N LEU F 190 105.39 27.59 -82.58
CA LEU F 190 105.33 29.04 -82.47
C LEU F 190 105.78 29.71 -83.76
N PHE F 191 106.94 29.31 -84.30
CA PHE F 191 107.50 30.02 -85.44
C PHE F 191 106.70 29.76 -86.71
N GLU F 192 106.47 28.49 -87.03
CA GLU F 192 105.78 28.17 -88.27
C GLU F 192 104.30 28.53 -88.28
N ARG F 193 103.59 28.42 -87.14
CA ARG F 193 102.22 28.92 -87.08
C ARG F 193 102.10 30.43 -87.02
N ILE F 194 103.04 31.12 -86.38
CA ILE F 194 103.01 32.59 -86.41
C ILE F 194 103.39 33.12 -87.78
N GLU F 195 104.38 32.51 -88.41
CA GLU F 195 104.79 32.92 -89.75
C GLU F 195 103.66 32.72 -90.76
N THR F 196 103.06 31.53 -90.78
CA THR F 196 101.95 31.29 -91.73
C THR F 196 100.78 32.22 -91.48
N LYS F 197 100.49 32.54 -90.22
CA LYS F 197 99.44 33.52 -89.94
C LYS F 197 99.85 34.91 -90.39
N ILE F 198 101.14 35.24 -90.29
CA ILE F 198 101.63 36.52 -90.80
C ILE F 198 101.47 36.57 -92.31
N LEU F 199 101.83 35.49 -92.99
CA LEU F 199 101.66 35.39 -94.43
C LEU F 199 100.20 35.57 -94.83
N GLU F 200 99.28 35.05 -94.02
CA GLU F 200 97.86 35.25 -94.29
C GLU F 200 97.50 36.73 -94.17
N LEU F 201 98.09 37.41 -93.18
CA LEU F 201 97.90 38.86 -93.08
C LEU F 201 98.55 39.59 -94.24
N GLU F 202 99.67 39.06 -94.75
CA GLU F 202 100.38 39.68 -95.87
C GLU F 202 99.66 39.48 -97.19
N ALA F 203 98.94 38.37 -97.36
CA ALA F 203 98.10 38.19 -98.52
C ALA F 203 96.99 39.23 -98.60
N GLU F 204 96.46 39.65 -97.44
CA GLU F 204 95.57 40.81 -97.43
C GLU F 204 96.33 42.14 -97.56
N ARG F 205 97.58 42.20 -97.11
CA ARG F 205 98.38 43.41 -97.35
C ARG F 205 98.55 43.67 -98.85
N GLU F 206 98.94 42.64 -99.61
CA GLU F 206 99.13 42.78 -101.04
C GLU F 206 97.82 42.92 -101.81
N LEU F 207 96.68 42.69 -101.15
CA LEU F 207 95.40 43.06 -101.75
C LEU F 207 95.07 44.53 -101.50
N LEU F 208 95.45 45.06 -100.34
CA LEU F 208 95.18 46.44 -99.99
C LEU F 208 96.28 47.41 -100.44
N ASN F 209 97.44 46.89 -100.85
CA ASN F 209 98.64 47.71 -100.98
C ASN F 209 99.49 47.21 -102.13
N PRO F 210 99.77 48.03 -103.14
CA PRO F 210 100.67 47.59 -104.20
C PRO F 210 102.05 47.29 -103.66
N PRO F 211 102.74 46.31 -104.24
CA PRO F 211 104.13 46.05 -103.82
C PRO F 211 104.96 47.32 -103.87
N PRO F 212 105.54 47.75 -102.74
CA PRO F 212 106.37 48.96 -102.76
C PRO F 212 107.71 48.75 -103.45
N SER F 213 107.71 48.77 -104.79
CA SER F 213 108.92 48.57 -105.57
C SER F 213 109.91 49.69 -105.31
N PRO F 214 111.17 49.56 -105.72
CA PRO F 214 112.10 50.69 -105.61
C PRO F 214 111.68 51.92 -106.39
N LEU F 215 110.83 51.75 -107.41
CA LEU F 215 110.47 52.88 -108.26
C LEU F 215 109.60 53.89 -107.52
N ASP F 216 108.43 53.46 -107.06
CA ASP F 216 107.56 54.35 -106.31
C ASP F 216 108.23 54.86 -105.04
N LYS F 217 109.11 54.06 -104.43
CA LYS F 217 109.84 54.53 -103.27
C LYS F 217 110.72 55.73 -103.60
N LYS F 218 111.44 55.67 -104.73
CA LYS F 218 112.28 56.78 -105.12
C LYS F 218 111.44 58.02 -105.47
N PHE F 219 110.28 57.81 -106.09
CA PHE F 219 109.38 58.92 -106.39
C PHE F 219 108.89 59.61 -105.12
N GLU F 220 108.53 58.83 -104.10
CA GLU F 220 108.10 59.42 -102.84
C GLU F 220 109.24 60.19 -102.18
N GLN F 221 110.45 59.65 -102.24
CA GLN F 221 111.60 60.36 -101.70
C GLN F 221 111.82 61.69 -102.42
N TRP F 222 111.70 61.68 -103.75
CA TRP F 222 111.81 62.93 -104.50
C TRP F 222 110.69 63.89 -104.16
N GLU F 223 109.50 63.37 -103.82
CA GLU F 223 108.40 64.26 -103.41
C GLU F 223 108.76 64.99 -102.13
N GLU F 224 109.35 64.31 -101.16
CA GLU F 224 109.83 64.98 -99.96
C GLU F 224 110.93 65.97 -100.30
N GLN F 225 111.83 65.60 -101.22
CA GLN F 225 112.88 66.51 -101.66
C GLN F 225 112.30 67.77 -102.28
N GLN F 226 111.22 67.62 -103.06
CA GLN F 226 110.60 68.78 -103.71
C GLN F 226 109.83 69.64 -102.72
N ALA F 227 109.28 69.04 -101.67
CA ALA F 227 108.66 69.85 -100.61
C ALA F 227 109.68 70.74 -99.93
N VAL F 228 110.84 70.19 -99.57
CA VAL F 228 111.88 70.99 -98.95
C VAL F 228 112.47 71.97 -99.95
N GLU F 229 112.52 71.62 -101.24
CA GLU F 229 112.99 72.58 -102.21
C GLU F 229 112.02 73.76 -102.35
N ALA F 230 110.72 73.52 -102.14
CA ALA F 230 109.76 74.62 -102.12
C ALA F 230 109.91 75.50 -100.88
N THR F 231 110.18 74.89 -99.72
CA THR F 231 110.48 75.68 -98.53
C THR F 231 111.73 76.53 -98.73
N LEU F 232 112.75 75.95 -99.36
CA LEU F 232 113.95 76.72 -99.65
C LEU F 232 113.64 77.89 -100.57
N ALA F 233 112.74 77.68 -101.55
CA ALA F 233 112.36 78.77 -102.44
C ALA F 233 111.69 79.90 -101.67
N ALA F 234 110.79 79.56 -100.75
CA ALA F 234 110.19 80.57 -99.88
C ALA F 234 111.26 81.27 -99.04
N MET F 235 112.21 80.52 -98.51
CA MET F 235 113.29 81.11 -97.70
C MET F 235 114.03 82.17 -98.49
N LYS F 236 114.49 81.84 -99.70
CA LYS F 236 115.32 82.77 -100.45
C LYS F 236 114.50 83.86 -101.13
N ALA F 237 113.19 83.66 -101.28
CA ALA F 237 112.34 84.73 -101.78
C ALA F 237 112.10 85.79 -100.70
N ARG F 238 111.90 85.35 -99.45
CA ARG F 238 111.86 86.29 -98.34
C ARG F 238 113.20 86.97 -98.16
N ARG F 239 114.29 86.24 -98.38
CA ARG F 239 115.63 86.81 -98.27
C ARG F 239 115.97 87.76 -99.41
N SER F 240 115.27 87.68 -100.54
CA SER F 240 115.56 88.56 -101.67
C SER F 240 115.49 90.03 -101.25
N MET G 24 57.55 -92.66 16.60
CA MET G 24 56.10 -92.78 16.66
C MET G 24 55.50 -91.64 17.47
N GLU G 25 54.36 -91.11 17.00
CA GLU G 25 53.70 -90.05 17.75
C GLU G 25 53.21 -90.55 19.10
N LEU G 26 52.74 -91.79 19.15
CA LEU G 26 52.37 -92.40 20.43
C LEU G 26 53.56 -92.41 21.38
N PHE G 27 54.72 -92.83 20.88
CA PHE G 27 55.92 -92.86 21.71
C PHE G 27 56.24 -91.47 22.26
N ASN G 28 56.23 -90.45 21.39
CA ASN G 28 56.45 -89.08 21.84
C ASN G 28 55.46 -88.64 22.92
N ARG G 29 54.17 -88.93 22.72
CA ARG G 29 53.17 -88.66 23.75
C ARG G 29 53.52 -89.33 25.08
N VAL G 30 53.90 -90.61 25.03
CA VAL G 30 54.29 -91.35 26.24
C VAL G 30 55.64 -90.89 26.77
N GLY G 31 56.40 -90.16 25.96
CA GLY G 31 57.77 -89.79 26.32
C GLY G 31 57.93 -89.11 27.66
N ARG G 32 57.07 -88.14 27.99
CA ARG G 32 57.24 -87.47 29.28
C ARG G 32 57.22 -88.45 30.44
N VAL G 33 56.20 -89.32 30.48
CA VAL G 33 56.04 -90.28 31.57
C VAL G 33 57.08 -91.40 31.50
N LEU G 34 57.34 -91.94 30.32
CA LEU G 34 58.29 -93.05 30.21
C LEU G 34 59.72 -92.56 30.40
N LYS G 35 60.12 -91.51 29.69
CA LYS G 35 61.48 -91.01 29.76
C LYS G 35 61.82 -90.42 31.13
N SER G 36 60.86 -89.88 31.88
CA SER G 36 61.19 -89.50 33.26
C SER G 36 61.60 -90.71 34.09
N GLN G 37 60.83 -91.79 33.99
CA GLN G 37 61.20 -93.03 34.65
C GLN G 37 62.54 -93.56 34.15
N LEU G 38 62.76 -93.59 32.83
CA LEU G 38 64.04 -94.09 32.33
C LEU G 38 65.22 -93.21 32.73
N THR G 39 65.02 -91.89 32.84
CA THR G 39 66.07 -90.99 33.31
C THR G 39 66.46 -91.31 34.74
N HIS G 40 65.47 -91.63 35.59
CA HIS G 40 65.84 -92.18 36.90
C HIS G 40 66.39 -93.60 36.80
N TRP G 41 65.92 -94.38 35.82
CA TRP G 41 66.34 -95.78 35.72
C TRP G 41 67.84 -95.88 35.49
N GLN G 42 68.37 -95.06 34.57
CA GLN G 42 69.81 -95.00 34.41
C GLN G 42 70.50 -94.45 35.65
N GLN G 43 69.83 -93.53 36.36
CA GLN G 43 70.33 -93.03 37.64
C GLN G 43 70.29 -94.06 38.76
N GLN G 44 69.48 -95.13 38.66
CA GLN G 44 69.17 -95.93 39.84
C GLN G 44 70.41 -96.38 40.61
N GLN G 45 71.53 -96.61 39.92
CA GLN G 45 72.75 -96.98 40.65
C GLN G 45 73.15 -95.91 41.65
N GLU G 46 73.01 -94.64 41.26
CA GLU G 46 73.18 -93.54 42.20
C GLU G 46 71.98 -93.38 43.12
N ALA G 47 70.77 -93.56 42.59
CA ALA G 47 69.54 -93.18 43.29
C ALA G 47 68.52 -94.31 43.26
N PRO G 48 68.70 -95.33 44.10
CA PRO G 48 67.61 -96.30 44.34
C PRO G 48 66.60 -95.82 45.37
N GLU G 49 66.89 -94.73 46.07
CA GLU G 49 66.26 -94.43 47.35
C GLU G 49 64.74 -94.36 47.24
N ASP G 50 64.22 -93.70 46.21
CA ASP G 50 62.77 -93.55 46.07
C ASP G 50 62.07 -94.88 45.83
N LEU G 51 62.59 -95.73 44.94
CA LEU G 51 61.95 -97.02 44.70
C LEU G 51 62.02 -97.93 45.92
N LEU G 52 63.17 -97.95 46.61
CA LEU G 52 63.31 -98.75 47.82
C LEU G 52 62.34 -98.33 48.91
N GLU G 53 62.28 -97.04 49.20
CA GLU G 53 61.39 -96.54 50.24
C GLU G 53 59.90 -96.62 49.85
N ARG G 54 59.58 -96.51 48.56
CA ARG G 54 58.21 -96.74 48.13
C ARG G 54 57.75 -98.16 48.46
N LEU G 55 58.56 -99.16 48.09
CA LEU G 55 58.20 -100.55 48.38
C LEU G 55 58.05 -100.80 49.88
N LEU G 56 59.02 -100.35 50.68
CA LEU G 56 58.94 -100.53 52.13
C LEU G 56 57.80 -99.72 52.77
N GLY G 57 57.44 -98.59 52.16
CA GLY G 57 56.22 -97.92 52.57
C GLY G 57 54.97 -98.77 52.36
N GLU G 58 54.89 -99.43 51.21
CA GLU G 58 53.81 -100.38 50.96
C GLU G 58 53.84 -101.53 51.95
N MET G 59 55.04 -101.96 52.33
CA MET G 59 55.18 -103.01 53.34
C MET G 59 54.73 -102.54 54.72
N GLU G 60 54.94 -101.28 55.06
CA GLU G 60 54.35 -100.71 56.28
C GLU G 60 52.83 -100.61 56.21
N LEU G 61 52.29 -100.24 55.05
CA LEU G 61 50.83 -100.23 54.88
C LEU G 61 50.23 -101.62 55.02
N GLU G 62 50.91 -102.64 54.50
CA GLU G 62 50.47 -104.02 54.74
C GLU G 62 50.56 -104.37 56.22
N LEU G 63 51.71 -104.11 56.84
CA LEU G 63 51.97 -104.53 58.22
C LEU G 63 50.99 -103.93 59.23
N ILE G 64 50.50 -102.71 58.99
CA ILE G 64 49.42 -102.18 59.83
C ILE G 64 48.12 -102.95 59.60
N GLU G 65 47.90 -103.47 58.40
CA GLU G 65 46.80 -104.42 58.22
C GLU G 65 47.07 -105.72 58.98
N LEU G 66 48.27 -106.30 58.84
CA LEU G 66 48.57 -107.58 59.47
C LEU G 66 48.34 -107.56 60.98
N ARG G 67 48.71 -106.45 61.63
CA ARG G 67 48.43 -106.28 63.06
C ARG G 67 46.95 -106.21 63.36
N ARG G 68 46.18 -105.46 62.56
CA ARG G 68 44.73 -105.43 62.77
C ARG G 68 44.07 -106.77 62.48
N ALA G 69 44.59 -107.54 61.53
CA ALA G 69 44.07 -108.88 61.25
C ALA G 69 44.36 -109.85 62.40
N LEU G 70 45.54 -109.72 63.01
CA LEU G 70 45.80 -110.43 64.27
C LEU G 70 44.82 -110.04 65.37
N ALA G 71 44.53 -108.74 65.51
CA ALA G 71 43.57 -108.33 66.52
C ALA G 71 42.17 -108.83 66.22
N GLN G 72 41.80 -108.93 64.94
CA GLN G 72 40.52 -109.53 64.58
C GLN G 72 40.47 -111.03 64.86
N THR G 73 41.60 -111.73 64.72
CA THR G 73 41.64 -113.15 65.11
C THR G 73 41.51 -113.34 66.61
N ILE G 74 42.24 -112.54 67.40
CA ILE G 74 42.10 -112.64 68.86
C ILE G 74 40.69 -112.32 69.30
N ALA G 75 40.07 -111.29 68.70
CA ALA G 75 38.70 -110.94 69.03
C ALA G 75 37.73 -112.07 68.72
N THR G 76 37.87 -112.71 67.55
CA THR G 76 37.03 -113.85 67.20
C THR G 76 37.30 -115.07 68.06
N PHE G 77 38.55 -115.30 68.48
CA PHE G 77 38.86 -116.43 69.33
C PHE G 77 38.18 -116.33 70.70
N LYS G 78 38.35 -115.19 71.37
CA LYS G 78 37.74 -114.99 72.67
C LYS G 78 36.23 -114.80 72.60
N SER G 79 35.69 -114.29 71.50
CA SER G 79 34.24 -114.29 71.34
C SER G 79 33.67 -115.70 71.25
N THR G 80 34.36 -116.61 70.56
CA THR G 80 33.96 -118.02 70.63
C THR G 80 34.03 -118.53 72.05
N GLU G 81 35.04 -118.10 72.81
CA GLU G 81 35.17 -118.48 74.21
C GLU G 81 34.10 -117.82 75.07
N ARG G 82 33.66 -116.61 74.73
CA ARG G 82 32.53 -115.99 75.41
C ARG G 82 31.24 -116.78 75.17
N GLN G 83 31.12 -117.41 74.00
CA GLN G 83 29.99 -118.30 73.75
C GLN G 83 30.10 -119.56 74.59
N ARG G 84 31.32 -120.06 74.79
CA ARG G 84 31.55 -121.12 75.76
C ARG G 84 31.20 -120.69 77.18
N ASP G 85 31.57 -119.47 77.56
CA ASP G 85 31.21 -118.94 78.86
C ASP G 85 29.71 -118.92 79.08
N ALA G 86 28.94 -118.64 78.01
CA ALA G 86 27.49 -118.73 78.11
C ALA G 86 27.02 -120.18 78.21
N GLN G 87 27.57 -121.09 77.40
CA GLN G 87 27.16 -122.48 77.48
C GLN G 87 27.40 -123.06 78.86
N GLN G 88 28.58 -122.81 79.43
CA GLN G 88 28.90 -123.30 80.77
C GLN G 88 28.06 -122.62 81.84
N LEU G 89 27.67 -121.35 81.61
CA LEU G 89 26.75 -120.67 82.53
C LEU G 89 25.36 -121.32 82.51
N ILE G 90 24.89 -121.73 81.33
CA ILE G 90 23.61 -122.44 81.29
C ILE G 90 23.74 -123.85 81.86
N ALA G 91 24.92 -124.48 81.72
CA ALA G 91 25.18 -125.73 82.42
C ALA G 91 25.10 -125.56 83.93
N GLN G 92 25.66 -124.47 84.46
CA GLN G 92 25.51 -124.15 85.88
C GLN G 92 24.04 -123.90 86.23
N ARG G 93 23.31 -123.21 85.36
CA ARG G 93 21.87 -123.05 85.53
C ARG G 93 21.15 -124.39 85.57
N TRP G 94 21.65 -125.38 84.84
CA TRP G 94 21.13 -126.74 84.94
C TRP G 94 21.52 -127.43 86.24
N TYR G 95 22.69 -127.11 86.80
CA TYR G 95 23.00 -127.62 88.14
C TYR G 95 22.15 -126.96 89.21
N GLU G 96 21.88 -125.66 89.10
CA GLU G 96 20.98 -124.99 90.04
C GLU G 96 19.60 -125.62 90.04
N LYS G 97 19.03 -125.85 88.85
CA LYS G 97 17.75 -126.54 88.73
C LYS G 97 17.81 -127.96 89.27
N ALA G 98 18.97 -128.63 89.14
CA ALA G 98 19.14 -129.91 89.82
C ALA G 98 19.19 -129.74 91.33
N GLN G 99 19.87 -128.70 91.82
CA GLN G 99 20.04 -128.53 93.26
C GLN G 99 18.70 -128.34 93.96
N ALA G 100 17.72 -127.73 93.28
CA ALA G 100 16.37 -127.62 93.80
C ALA G 100 15.68 -128.97 93.93
N ALA G 101 16.29 -130.04 93.42
CA ALA G 101 15.79 -131.39 93.59
C ALA G 101 16.86 -132.34 94.11
N LEU G 102 18.04 -131.84 94.45
CA LEU G 102 19.14 -132.69 94.92
C LEU G 102 19.16 -132.83 96.43
N ASP G 103 18.21 -132.22 97.13
CA ASP G 103 17.96 -132.49 98.54
C ASP G 103 16.69 -133.31 98.70
N ARG G 104 16.54 -133.91 99.88
CA ARG G 104 15.37 -134.70 100.26
C ARG G 104 15.25 -136.00 99.47
N GLY G 105 16.25 -136.36 98.67
CA GLY G 105 16.15 -137.54 97.82
C GLY G 105 15.22 -137.37 96.65
N ASN G 106 14.84 -136.13 96.32
CA ASN G 106 13.93 -135.85 95.22
C ASN G 106 14.66 -135.69 93.88
N GLU G 107 15.85 -136.27 93.76
CA GLU G 107 16.74 -136.08 92.61
C GLU G 107 16.16 -136.57 91.28
N GLN G 108 14.94 -137.11 91.32
CA GLN G 108 14.27 -137.56 90.10
C GLN G 108 14.41 -136.56 88.95
N LEU G 109 14.08 -135.29 89.19
CA LEU G 109 14.18 -134.29 88.13
C LEU G 109 15.61 -134.04 87.69
N ALA G 110 16.59 -134.37 88.52
CA ALA G 110 17.99 -134.24 88.10
C ALA G 110 18.29 -135.13 86.91
N ARG G 111 17.50 -136.19 86.70
CA ARG G 111 17.69 -137.03 85.53
C ARG G 111 17.61 -136.22 84.25
N GLU G 112 16.51 -135.47 84.08
CA GLU G 112 16.37 -134.60 82.91
C GLU G 112 17.32 -133.41 82.93
N ALA G 113 17.49 -132.78 84.10
CA ALA G 113 18.32 -131.58 84.17
C ALA G 113 19.77 -131.85 83.80
N LEU G 114 20.35 -132.92 84.35
CA LEU G 114 21.69 -133.34 83.94
C LEU G 114 21.70 -134.01 82.57
N GLY G 115 20.59 -134.60 82.15
CA GLY G 115 20.49 -135.07 80.78
C GLY G 115 20.64 -133.96 79.75
N GLN G 116 20.06 -132.80 80.01
CA GLN G 116 20.35 -131.62 79.21
C GLN G 116 21.79 -131.15 79.39
N ARG G 117 22.25 -131.05 80.63
CA ARG G 117 23.61 -130.56 80.85
C ARG G 117 24.66 -131.39 80.13
N GLN G 118 24.41 -132.69 79.93
CA GLN G 118 25.35 -133.51 79.17
C GLN G 118 25.56 -132.97 77.75
N SER G 119 24.47 -132.61 77.07
CA SER G 119 24.61 -131.97 75.76
C SER G 119 25.24 -130.58 75.85
N TYR G 120 24.99 -129.85 76.93
CA TYR G 120 25.63 -128.54 77.08
C TYR G 120 27.13 -128.66 77.35
N GLN G 121 27.53 -129.67 78.12
CA GLN G 121 28.96 -129.93 78.33
C GLN G 121 29.66 -130.36 77.05
N SER G 122 28.98 -131.12 76.19
CA SER G 122 29.62 -131.55 74.94
C SER G 122 29.93 -130.34 74.05
N HIS G 123 28.98 -129.41 73.91
CA HIS G 123 29.26 -128.18 73.17
C HIS G 123 30.28 -127.31 73.89
N THR G 124 30.26 -127.28 75.22
CA THR G 124 31.26 -126.49 75.95
C THR G 124 32.66 -127.01 75.72
N GLU G 125 32.85 -128.33 75.67
CA GLU G 125 34.18 -128.88 75.48
C GLU G 125 34.59 -128.94 74.02
N ALA G 126 33.61 -129.02 73.11
CA ALA G 126 33.88 -128.76 71.70
C ALA G 126 34.41 -127.35 71.49
N LEU G 127 33.76 -126.36 72.11
CA LEU G 127 34.27 -125.00 72.08
C LEU G 127 35.65 -124.91 72.74
N GLY G 128 35.80 -125.51 73.93
CA GLY G 128 37.07 -125.43 74.63
C GLY G 128 38.25 -126.02 73.88
N LYS G 129 38.01 -127.07 73.09
CA LYS G 129 39.09 -127.68 72.32
C LYS G 129 39.30 -127.04 70.95
N SER G 130 38.25 -126.50 70.34
CA SER G 130 38.44 -125.55 69.25
C SER G 130 39.28 -124.37 69.70
N LEU G 131 38.97 -123.85 70.89
CA LEU G 131 39.68 -122.73 71.50
C LEU G 131 41.08 -123.12 71.96
N GLY G 132 41.41 -124.41 71.96
CA GLY G 132 42.78 -124.84 72.14
C GLY G 132 43.57 -124.70 70.85
N GLU G 133 42.95 -125.01 69.72
CA GLU G 133 43.59 -124.76 68.43
C GLU G 133 43.68 -123.27 68.16
N GLN G 134 42.59 -122.55 68.39
CA GLN G 134 42.59 -121.10 68.22
C GLN G 134 43.61 -120.42 69.13
N ARG G 135 43.86 -120.99 70.30
CA ARG G 135 45.00 -120.55 71.12
C ARG G 135 46.31 -120.70 70.36
N ALA G 136 46.62 -121.92 69.93
CA ALA G 136 47.86 -122.15 69.19
C ALA G 136 47.96 -121.28 67.94
N LEU G 137 46.82 -120.97 67.31
CA LEU G 137 46.83 -120.05 66.17
C LEU G 137 47.24 -118.64 66.57
N VAL G 138 46.65 -118.09 67.63
CA VAL G 138 47.03 -116.74 68.05
C VAL G 138 48.46 -116.69 68.58
N GLU G 139 48.94 -117.78 69.21
CA GLU G 139 50.34 -117.81 69.62
C GLU G 139 51.29 -117.86 68.43
N GLN G 140 51.04 -118.78 67.50
CA GLN G 140 51.95 -118.93 66.35
C GLN G 140 51.91 -117.71 65.44
N VAL G 141 50.73 -117.10 65.28
CA VAL G 141 50.64 -115.89 64.46
C VAL G 141 51.33 -114.72 65.15
N ARG G 142 51.28 -114.66 66.48
CA ARG G 142 52.05 -113.64 67.20
C ARG G 142 53.55 -113.85 67.06
N GLY G 143 54.02 -115.09 67.11
CA GLY G 143 55.44 -115.34 66.92
C GLY G 143 55.88 -115.10 65.48
N GLN G 144 55.02 -115.47 64.52
CA GLN G 144 55.29 -115.17 63.11
C GLN G 144 55.42 -113.68 62.89
N LEU G 145 54.47 -112.90 63.40
CA LEU G 145 54.53 -111.44 63.28
C LEU G 145 55.78 -110.88 63.96
N GLN G 146 56.02 -111.24 65.23
CA GLN G 146 57.10 -110.61 65.96
C GLN G 146 58.47 -110.90 65.35
N LYS G 147 58.67 -112.11 64.80
CA LYS G 147 59.86 -112.37 63.99
C LYS G 147 59.90 -111.52 62.73
N LEU G 148 58.78 -111.46 62.00
CA LEU G 148 58.76 -110.79 60.70
C LEU G 148 58.95 -109.29 60.84
N GLU G 149 58.18 -108.66 61.74
CA GLU G 149 58.24 -107.21 61.90
C GLU G 149 59.54 -106.77 62.54
N ARG G 150 60.13 -107.58 63.43
CA ARG G 150 61.47 -107.29 63.92
C ARG G 150 62.49 -107.39 62.81
N LYS G 151 62.30 -108.33 61.87
CA LYS G 151 63.16 -108.40 60.70
C LYS G 151 62.98 -107.18 59.81
N TYR G 152 61.76 -106.68 59.68
CA TYR G 152 61.51 -105.43 58.97
C TYR G 152 62.20 -104.24 59.64
N LEU G 153 62.16 -104.17 60.97
CA LEU G 153 62.86 -103.12 61.70
C LEU G 153 64.37 -103.16 61.45
N GLU G 154 64.98 -104.33 61.60
CA GLU G 154 66.41 -104.48 61.33
C GLU G 154 66.73 -104.27 59.85
N LEU G 155 65.81 -104.63 58.97
CA LEU G 155 65.99 -104.35 57.54
C LEU G 155 65.88 -102.86 57.23
N LYS G 156 65.03 -102.13 57.95
CA LYS G 156 65.07 -100.67 57.86
C LYS G 156 66.41 -100.11 58.30
N SER G 157 66.94 -100.63 59.41
CA SER G 157 68.27 -100.22 59.87
C SER G 157 69.31 -100.46 58.78
N GLN G 158 69.32 -101.67 58.21
CA GLN G 158 70.23 -102.00 57.12
C GLN G 158 70.04 -101.10 55.91
N LYS G 159 68.80 -100.81 55.52
CA LYS G 159 68.57 -99.94 54.35
C LYS G 159 69.15 -98.55 54.58
N ASN G 160 68.89 -97.95 55.74
CA ASN G 160 69.45 -96.65 56.06
C ASN G 160 70.97 -96.70 55.94
N LEU G 161 71.58 -97.74 56.51
CA LEU G 161 73.03 -97.94 56.42
C LEU G 161 73.47 -98.27 55.00
N TYR G 162 72.59 -98.83 54.18
CA TYR G 162 72.93 -99.15 52.80
C TYR G 162 72.91 -97.92 51.90
N LEU G 163 71.97 -97.00 52.12
CA LEU G 163 71.99 -95.73 51.41
C LEU G 163 73.21 -94.90 51.78
N ALA G 164 73.59 -94.92 53.06
CA ALA G 164 74.84 -94.28 53.47
C ALA G 164 76.06 -94.92 52.81
N ARG G 165 76.14 -96.25 52.86
CA ARG G 165 77.24 -96.95 52.17
C ARG G 165 77.28 -96.61 50.69
N LEU G 166 76.12 -96.64 50.02
CA LEU G 166 76.07 -96.38 48.58
C LEU G 166 76.55 -94.97 48.25
N LYS G 167 76.01 -93.96 48.93
CA LYS G 167 76.46 -92.59 48.71
C LYS G 167 77.95 -92.43 49.02
N SER G 168 78.44 -93.12 50.05
CA SER G 168 79.86 -93.02 50.39
C SER G 168 80.74 -93.67 49.33
N ALA G 169 80.33 -94.83 48.82
CA ALA G 169 81.04 -95.46 47.71
C ALA G 169 81.02 -94.57 46.47
N ILE G 170 79.87 -93.98 46.15
CA ILE G 170 79.77 -93.08 45.00
C ILE G 170 80.77 -91.94 45.14
N ALA G 171 80.81 -91.32 46.33
CA ALA G 171 81.77 -90.25 46.59
C ALA G 171 83.21 -90.74 46.41
N ALA G 172 83.51 -91.93 46.94
CA ALA G 172 84.84 -92.52 46.79
C ALA G 172 85.20 -92.72 45.32
N GLN G 173 84.27 -93.27 44.55
CA GLN G 173 84.46 -93.41 43.11
C GLN G 173 84.78 -92.07 42.46
N LYS G 174 84.09 -91.01 42.88
CA LYS G 174 84.36 -89.69 42.33
C LYS G 174 85.73 -89.15 42.71
N ILE G 175 86.22 -89.41 43.93
CA ILE G 175 87.59 -89.02 44.28
C ILE G 175 88.63 -89.80 43.48
N GLU G 176 88.48 -91.12 43.37
CA GLU G 176 89.45 -91.88 42.58
C GLU G 176 89.48 -91.45 41.13
N GLU G 177 88.32 -91.36 40.49
CA GLU G 177 88.29 -91.02 39.06
C GLU G 177 88.74 -89.59 38.78
N ILE G 178 88.34 -88.63 39.62
CA ILE G 178 88.78 -87.25 39.46
C ILE G 178 90.25 -87.10 39.84
N ALA G 179 90.70 -87.85 40.84
CA ALA G 179 92.13 -87.87 41.18
C ALA G 179 92.97 -88.51 40.07
N GLY G 180 92.50 -89.60 39.48
CA GLY G 180 93.22 -90.19 38.37
C GLY G 180 93.32 -89.27 37.16
N ASN G 181 92.25 -88.55 36.85
CA ASN G 181 92.33 -87.54 35.79
C ASN G 181 93.18 -86.36 36.21
N LEU G 182 93.16 -86.00 37.49
CA LEU G 182 93.95 -84.85 37.96
C LEU G 182 95.44 -85.16 37.88
N ASP G 183 95.85 -86.31 38.44
CA ASP G 183 97.26 -86.65 38.45
C ASP G 183 97.74 -87.00 37.04
N ASN G 184 97.04 -87.93 36.38
CA ASN G 184 97.53 -88.45 35.11
C ASN G 184 97.41 -87.43 33.99
N ALA G 185 96.22 -86.87 33.79
CA ALA G 185 96.03 -85.91 32.69
C ALA G 185 96.66 -84.56 33.02
N SER G 186 96.32 -83.99 34.18
CA SER G 186 96.74 -82.62 34.48
C SER G 186 98.24 -82.55 34.76
N ALA G 187 98.74 -83.44 35.61
CA ALA G 187 100.13 -83.34 36.06
C ALA G 187 101.11 -83.62 34.93
N SER G 188 100.84 -84.60 34.08
CA SER G 188 101.69 -84.82 32.92
C SER G 188 101.66 -83.61 31.99
N SER G 189 100.50 -82.97 31.88
CA SER G 189 100.40 -81.74 31.10
C SER G 189 101.24 -80.63 31.74
N LEU G 190 101.31 -80.59 33.07
CA LEU G 190 102.10 -79.56 33.73
C LEU G 190 103.60 -79.83 33.56
N PHE G 191 104.04 -81.05 33.86
CA PHE G 191 105.47 -81.33 33.89
C PHE G 191 106.05 -81.34 32.48
N GLU G 192 105.45 -82.10 31.57
CA GLU G 192 106.01 -82.23 30.23
C GLU G 192 105.86 -80.97 29.38
N ARG G 193 104.76 -80.21 29.52
CA ARG G 193 104.67 -78.92 28.84
C ARG G 193 105.55 -77.82 29.46
N ILE G 194 105.72 -77.82 30.78
CA ILE G 194 106.64 -76.85 31.38
C ILE G 194 108.08 -77.18 31.05
N GLU G 195 108.43 -78.46 31.09
CA GLU G 195 109.79 -78.88 30.76
C GLU G 195 110.14 -78.55 29.31
N THR G 196 109.26 -78.92 28.36
CA THR G 196 109.54 -78.61 26.95
C THR G 196 109.63 -77.11 26.70
N LYS G 197 108.82 -76.32 27.39
CA LYS G 197 108.95 -74.87 27.27
C LYS G 197 110.24 -74.37 27.90
N ILE G 198 110.70 -75.02 28.97
CA ILE G 198 111.98 -74.67 29.57
C ILE G 198 113.10 -75.00 28.59
N LEU G 199 113.03 -76.16 27.96
CA LEU G 199 114.01 -76.54 26.95
C LEU G 199 114.05 -75.55 25.80
N GLU G 200 112.89 -75.01 25.43
CA GLU G 200 112.85 -73.99 24.39
C GLU G 200 113.59 -72.73 24.86
N LEU G 201 113.42 -72.37 26.13
CA LEU G 201 114.18 -71.27 26.71
C LEU G 201 115.66 -71.59 26.78
N GLU G 202 116.01 -72.87 27.01
CA GLU G 202 117.39 -73.30 27.10
C GLU G 202 118.09 -73.34 25.74
N ALA G 203 117.34 -73.62 24.67
CA ALA G 203 117.89 -73.51 23.33
C ALA G 203 118.30 -72.09 22.99
N GLU G 204 117.57 -71.09 23.49
CA GLU G 204 118.05 -69.73 23.41
C GLU G 204 119.15 -69.41 24.42
N ARG G 205 119.17 -70.09 25.57
CA ARG G 205 120.30 -69.93 26.49
C ARG G 205 121.62 -70.34 25.84
N GLU G 206 121.65 -71.51 25.21
CA GLU G 206 122.86 -72.00 24.55
C GLU G 206 123.18 -71.24 23.27
N LEU G 207 122.27 -70.40 22.78
CA LEU G 207 122.61 -69.46 21.73
C LEU G 207 123.24 -68.19 22.28
N LEU G 208 122.80 -67.74 23.46
CA LEU G 208 123.32 -66.54 24.09
C LEU G 208 124.54 -66.81 24.99
N ASN G 209 124.81 -68.07 25.31
CA ASN G 209 125.71 -68.39 26.40
C ASN G 209 126.48 -69.67 26.08
N PRO G 210 127.82 -69.64 26.04
CA PRO G 210 128.56 -70.87 25.83
C PRO G 210 128.32 -71.85 26.95
N PRO G 211 128.33 -73.15 26.66
CA PRO G 211 128.21 -74.14 27.74
C PRO G 211 129.24 -73.90 28.82
N PRO G 212 128.80 -73.68 30.08
CA PRO G 212 129.77 -73.46 31.15
C PRO G 212 130.50 -74.74 31.57
N SER G 213 131.51 -75.13 30.78
CA SER G 213 132.27 -76.34 31.06
C SER G 213 133.02 -76.20 32.37
N PRO G 214 133.57 -77.29 32.93
CA PRO G 214 134.41 -77.15 34.12
C PRO G 214 135.64 -76.29 33.90
N LEU G 215 136.09 -76.12 32.65
CA LEU G 215 137.34 -75.40 32.40
C LEU G 215 137.17 -73.91 32.69
N ASP G 216 136.27 -73.25 31.98
CA ASP G 216 136.03 -71.84 32.22
C ASP G 216 135.58 -71.57 33.65
N LYS G 217 134.86 -72.51 34.25
CA LYS G 217 134.45 -72.35 35.64
C LYS G 217 135.67 -72.28 36.57
N LYS G 218 136.65 -73.15 36.36
CA LYS G 218 137.85 -73.12 37.18
C LYS G 218 138.66 -71.84 36.95
N PHE G 219 138.69 -71.37 35.70
CA PHE G 219 139.38 -70.11 35.40
C PHE G 219 138.73 -68.94 36.11
N GLU G 220 137.39 -68.88 36.13
CA GLU G 220 136.70 -67.81 36.84
C GLU G 220 136.97 -67.89 38.34
N GLN G 221 137.00 -69.10 38.90
CA GLN G 221 137.32 -69.26 40.31
C GLN G 221 138.73 -68.75 40.60
N TRP G 222 139.69 -69.09 39.74
CA TRP G 222 141.04 -68.58 39.91
C TRP G 222 141.10 -67.06 39.76
N GLU G 223 140.22 -66.48 38.94
CA GLU G 223 140.19 -65.02 38.83
C GLU G 223 139.78 -64.39 40.15
N GLU G 224 138.78 -64.95 40.82
CA GLU G 224 138.41 -64.47 42.15
C GLU G 224 139.57 -64.68 43.12
N GLN G 225 140.25 -65.83 43.03
CA GLN G 225 141.40 -66.09 43.88
C GLN G 225 142.50 -65.05 43.66
N GLN G 226 142.71 -64.64 42.42
CA GLN G 226 143.75 -63.67 42.12
C GLN G 226 143.35 -62.26 42.55
N ALA G 227 142.06 -61.95 42.54
CA ALA G 227 141.61 -60.67 43.08
C ALA G 227 141.91 -60.57 44.57
N VAL G 228 141.59 -61.62 45.33
CA VAL G 228 141.89 -61.63 46.76
C VAL G 228 143.39 -61.69 46.99
N GLU G 229 144.14 -62.35 46.10
CA GLU G 229 145.59 -62.35 46.27
C GLU G 229 146.17 -60.95 46.05
N ALA G 230 145.53 -60.14 45.18
CA ALA G 230 145.96 -58.75 45.03
C ALA G 230 145.61 -57.91 46.25
N THR G 231 144.43 -58.13 46.85
CA THR G 231 144.10 -57.45 48.09
C THR G 231 145.09 -57.82 49.20
N LEU G 232 145.46 -59.10 49.28
CA LEU G 232 146.47 -59.52 50.25
C LEU G 232 147.79 -58.81 50.00
N ALA G 233 148.16 -58.63 48.73
CA ALA G 233 149.40 -57.93 48.41
C ALA G 233 149.36 -56.49 48.91
N ALA G 234 148.23 -55.81 48.70
CA ALA G 234 148.06 -54.46 49.24
C ALA G 234 148.13 -54.48 50.77
N MET G 235 147.50 -55.47 51.40
CA MET G 235 147.54 -55.56 52.86
C MET G 235 148.97 -55.62 53.36
N LYS G 236 149.78 -56.54 52.82
CA LYS G 236 151.13 -56.73 53.35
C LYS G 236 152.10 -55.66 52.86
N ALA G 237 151.77 -54.93 51.80
CA ALA G 237 152.58 -53.79 51.39
C ALA G 237 152.36 -52.61 52.33
N ARG G 238 151.11 -52.37 52.73
CA ARG G 238 150.85 -51.38 53.77
C ARG G 238 151.48 -51.81 55.10
N ARG G 239 151.46 -53.11 55.38
CA ARG G 239 152.07 -53.63 56.61
C ARG G 239 153.59 -53.58 56.57
N SER G 240 154.21 -53.49 55.39
CA SER G 240 155.67 -53.47 55.32
C SER G 240 156.23 -52.33 56.16
N MET H 24 -58.85 -95.98 6.65
CA MET H 24 -59.34 -95.04 5.64
C MET H 24 -59.39 -93.62 6.20
N GLU H 25 -59.00 -92.64 5.39
CA GLU H 25 -59.07 -91.25 5.84
C GLU H 25 -60.52 -90.83 6.09
N LEU H 26 -61.44 -91.31 5.26
CA LEU H 26 -62.86 -91.06 5.50
C LEU H 26 -63.27 -91.59 6.87
N PHE H 27 -62.87 -92.82 7.18
CA PHE H 27 -63.19 -93.41 8.47
C PHE H 27 -62.67 -92.55 9.62
N ASN H 28 -61.41 -92.14 9.54
CA ASN H 28 -60.84 -91.25 10.56
C ASN H 28 -61.62 -89.95 10.70
N ARG H 29 -61.98 -89.32 9.59
CA ARG H 29 -62.83 -88.14 9.64
C ARG H 29 -64.15 -88.40 10.37
N VAL H 30 -64.81 -89.51 10.03
CA VAL H 30 -66.05 -89.90 10.69
C VAL H 30 -65.82 -90.37 12.13
N GLY H 31 -64.58 -90.66 12.48
CA GLY H 31 -64.29 -91.24 13.79
C GLY H 31 -64.82 -90.50 14.98
N ARG H 32 -64.68 -89.17 15.02
CA ARG H 32 -65.18 -88.45 16.18
C ARG H 32 -66.67 -88.73 16.43
N VAL H 33 -67.49 -88.58 15.38
CA VAL H 33 -68.94 -88.77 15.50
C VAL H 33 -69.31 -90.24 15.67
N LEU H 34 -68.70 -91.13 14.91
CA LEU H 34 -69.06 -92.55 15.01
C LEU H 34 -68.54 -93.16 16.31
N LYS H 35 -67.26 -92.96 16.62
CA LYS H 35 -66.66 -93.55 17.80
C LYS H 35 -67.23 -92.98 19.10
N SER H 36 -67.71 -91.73 19.13
CA SER H 36 -68.42 -91.27 20.33
C SER H 36 -69.67 -92.10 20.57
N GLN H 37 -70.46 -92.31 19.52
CA GLN H 37 -71.62 -93.18 19.62
C GLN H 37 -71.24 -94.60 20.00
N LEU H 38 -70.22 -95.18 19.36
CA LEU H 38 -69.83 -96.54 19.71
C LEU H 38 -69.28 -96.66 21.14
N THR H 39 -68.60 -95.62 21.64
CA THR H 39 -68.14 -95.61 23.03
C THR H 39 -69.31 -95.65 23.99
N HIS H 40 -70.38 -94.91 23.69
CA HIS H 40 -71.61 -95.12 24.47
C HIS H 40 -72.26 -96.46 24.16
N TRP H 41 -72.14 -96.95 22.93
CA TRP H 41 -72.81 -98.18 22.54
C TRP H 41 -72.33 -99.36 23.38
N GLN H 42 -71.01 -99.47 23.55
CA GLN H 42 -70.48 -100.47 24.46
C GLN H 42 -70.90 -100.20 25.90
N GLN H 43 -71.03 -98.93 26.27
CA GLN H 43 -71.56 -98.55 27.58
C GLN H 43 -73.04 -98.84 27.76
N GLN H 44 -73.82 -99.02 26.69
CA GLN H 44 -75.28 -98.97 26.83
C GLN H 44 -75.81 -99.88 27.92
N GLN H 45 -75.15 -101.02 28.19
CA GLN H 45 -75.61 -101.88 29.28
C GLN H 45 -75.60 -101.14 30.61
N GLU H 46 -74.56 -100.33 30.84
CA GLU H 46 -74.54 -99.44 31.99
C GLU H 46 -75.43 -98.22 31.79
N ALA H 47 -75.46 -97.67 30.57
CA ALA H 47 -76.06 -96.36 30.31
C ALA H 47 -76.98 -96.41 29.10
N PRO H 48 -78.20 -96.94 29.28
CA PRO H 48 -79.25 -96.75 28.26
C PRO H 48 -79.98 -95.43 28.39
N GLU H 49 -79.75 -94.70 29.48
CA GLU H 49 -80.69 -93.66 29.93
C GLU H 49 -80.95 -92.61 28.87
N ASP H 50 -79.90 -92.13 28.20
CA ASP H 50 -80.08 -91.08 27.20
C ASP H 50 -80.90 -91.54 26.00
N LEU H 51 -80.62 -92.73 25.46
CA LEU H 51 -81.39 -93.20 24.31
C LEU H 51 -82.84 -93.48 24.69
N LEU H 52 -83.08 -94.07 25.86
CA LEU H 52 -84.44 -94.33 26.32
C LEU H 52 -85.24 -93.05 26.49
N GLU H 53 -84.68 -92.06 27.18
CA GLU H 53 -85.38 -90.80 27.41
C GLU H 53 -85.51 -89.96 26.14
N ARG H 54 -84.56 -90.06 25.21
CA ARG H 54 -84.73 -89.40 23.92
C ARG H 54 -85.96 -89.91 23.19
N LEU H 55 -86.11 -91.24 23.08
CA LEU H 55 -87.26 -91.81 22.40
C LEU H 55 -88.57 -91.41 23.07
N LEU H 56 -88.66 -91.54 24.41
CA LEU H 56 -89.87 -91.15 25.12
C LEU H 56 -90.12 -89.65 25.09
N GLY H 57 -89.07 -88.84 24.97
CA GLY H 57 -89.27 -87.42 24.67
C GLY H 57 -89.95 -87.20 23.34
N GLU H 58 -89.52 -87.92 22.31
CA GLU H 58 -90.19 -87.88 21.01
C GLU H 58 -91.64 -88.35 21.12
N MET H 59 -91.88 -89.34 21.97
CA MET H 59 -93.24 -89.82 22.21
C MET H 59 -94.10 -88.77 22.91
N GLU H 60 -93.52 -87.98 23.81
CA GLU H 60 -94.24 -86.84 24.39
C GLU H 60 -94.50 -85.73 23.35
N LEU H 61 -93.55 -85.48 22.46
CA LEU H 61 -93.78 -84.53 21.37
C LEU H 61 -94.89 -84.98 20.44
N GLU H 62 -94.96 -86.27 20.14
CA GLU H 62 -96.09 -86.80 19.39
C GLU H 62 -97.40 -86.64 20.17
N LEU H 63 -97.41 -87.07 21.44
CA LEU H 63 -98.63 -87.10 22.24
C LEU H 63 -99.26 -85.72 22.43
N ILE H 64 -98.46 -84.66 22.49
CA ILE H 64 -99.03 -83.31 22.48
C ILE H 64 -99.66 -82.98 21.13
N GLU H 65 -99.14 -83.54 20.04
CA GLU H 65 -99.87 -83.47 18.77
C GLU H 65 -101.17 -84.27 18.84
N LEU H 66 -101.11 -85.52 19.32
CA LEU H 66 -102.30 -86.37 19.33
C LEU H 66 -103.46 -85.74 20.09
N ARG H 67 -103.18 -85.06 21.20
CA ARG H 67 -104.22 -84.33 21.93
C ARG H 67 -104.77 -83.16 21.13
N ARG H 68 -103.91 -82.39 20.46
CA ARG H 68 -104.41 -81.30 19.61
C ARG H 68 -105.19 -81.81 18.40
N ALA H 69 -104.81 -82.97 17.87
CA ALA H 69 -105.57 -83.58 16.76
C ALA H 69 -106.94 -84.06 17.21
N LEU H 70 -107.04 -84.60 18.43
CA LEU H 70 -108.33 -84.86 19.05
C LEU H 70 -109.16 -83.59 19.20
N ALA H 71 -108.54 -82.50 19.65
CA ALA H 71 -109.28 -81.25 19.78
C ALA H 71 -109.73 -80.71 18.42
N GLN H 72 -108.93 -80.91 17.37
CA GLN H 72 -109.35 -80.53 16.03
C GLN H 72 -110.50 -81.40 15.52
N THR H 73 -110.54 -82.68 15.88
CA THR H 73 -111.69 -83.51 15.52
C THR H 73 -112.96 -83.09 16.24
N ILE H 74 -112.88 -82.83 17.55
CA ILE H 74 -114.05 -82.35 18.28
C ILE H 74 -114.55 -81.02 17.72
N ALA H 75 -113.62 -80.12 17.40
CA ALA H 75 -114.00 -78.84 16.81
C ALA H 75 -114.71 -79.00 15.47
N THR H 76 -114.20 -79.88 14.61
CA THR H 76 -114.85 -80.15 13.32
C THR H 76 -116.18 -80.88 13.49
N PHE H 77 -116.31 -81.76 14.48
CA PHE H 77 -117.57 -82.46 14.70
C PHE H 77 -118.70 -81.50 15.09
N LYS H 78 -118.45 -80.66 16.09
CA LYS H 78 -119.46 -79.70 16.53
C LYS H 78 -119.67 -78.57 15.55
N SER H 79 -118.66 -78.20 14.76
CA SER H 79 -118.91 -77.24 13.68
C SER H 79 -119.86 -77.81 12.63
N THR H 80 -119.73 -79.09 12.29
CA THR H 80 -120.74 -79.72 11.45
C THR H 80 -122.11 -79.67 12.11
N GLU H 81 -122.15 -79.85 13.43
CA GLU H 81 -123.40 -79.75 14.18
C GLU H 81 -123.91 -78.32 14.24
N ARG H 82 -123.02 -77.33 14.28
CA ARG H 82 -123.44 -75.93 14.18
C ARG H 82 -124.07 -75.64 12.82
N GLN H 83 -123.61 -76.33 11.78
CA GLN H 83 -124.25 -76.21 10.47
C GLN H 83 -125.63 -76.86 10.49
N ARG H 84 -125.78 -77.96 11.22
CA ARG H 84 -127.10 -78.52 11.48
C ARG H 84 -127.98 -77.55 12.26
N ASP H 85 -127.41 -76.89 13.27
CA ASP H 85 -128.16 -75.90 14.04
C ASP H 85 -128.68 -74.78 13.15
N ALA H 86 -127.92 -74.40 12.12
CA ALA H 86 -128.41 -73.43 11.15
C ALA H 86 -129.50 -74.02 10.26
N GLN H 87 -129.31 -75.25 9.76
CA GLN H 87 -130.33 -75.86 8.92
C GLN H 87 -131.66 -75.98 9.64
N GLN H 88 -131.64 -76.45 10.90
CA GLN H 88 -132.86 -76.57 11.68
C GLN H 88 -133.44 -75.22 12.04
N LEU H 89 -132.59 -74.19 12.19
CA LEU H 89 -133.10 -72.83 12.41
C LEU H 89 -133.82 -72.30 11.18
N ILE H 90 -133.33 -72.61 9.98
CA ILE H 90 -134.04 -72.21 8.77
C ILE H 90 -135.31 -73.05 8.59
N ALA H 91 -135.29 -74.31 9.02
CA ALA H 91 -136.52 -75.10 9.08
C ALA H 91 -137.56 -74.46 9.98
N GLN H 92 -137.13 -73.98 11.15
CA GLN H 92 -138.04 -73.22 12.02
C GLN H 92 -138.52 -71.94 11.35
N ARG H 93 -137.63 -71.25 10.64
CA ARG H 93 -138.03 -70.10 9.83
C ARG H 93 -139.07 -70.48 8.79
N TRP H 94 -139.01 -71.70 8.26
CA TRP H 94 -140.04 -72.20 7.37
C TRP H 94 -141.35 -72.52 8.09
N TYR H 95 -141.27 -72.94 9.36
CA TYR H 95 -142.49 -73.07 10.14
C TYR H 95 -143.11 -71.73 10.49
N GLU H 96 -142.29 -70.72 10.80
CA GLU H 96 -142.81 -69.37 11.05
C GLU H 96 -143.55 -68.84 9.82
N LYS H 97 -142.94 -68.97 8.64
CA LYS H 97 -143.60 -68.57 7.40
C LYS H 97 -144.87 -69.38 7.14
N ALA H 98 -144.89 -70.64 7.55
CA ALA H 98 -146.14 -71.40 7.51
C ALA H 98 -147.15 -70.86 8.52
N GLN H 99 -146.71 -70.49 9.72
CA GLN H 99 -147.63 -70.06 10.75
C GLN H 99 -148.38 -68.79 10.34
N ALA H 100 -147.73 -67.93 9.54
CA ALA H 100 -148.40 -66.76 8.98
C ALA H 100 -149.50 -67.14 8.00
N ALA H 101 -149.62 -68.41 7.65
CA ALA H 101 -150.72 -68.91 6.82
C ALA H 101 -151.41 -70.11 7.44
N LEU H 102 -151.07 -70.49 8.66
CA LEU H 102 -151.65 -71.65 9.31
C LEU H 102 -152.86 -71.30 10.16
N ASP H 103 -153.26 -70.03 10.19
CA ASP H 103 -154.53 -69.60 10.74
C ASP H 103 -155.48 -69.21 9.60
N ARG H 104 -156.77 -69.14 9.94
CA ARG H 104 -157.84 -68.75 9.03
C ARG H 104 -158.07 -69.75 7.90
N GLY H 105 -157.46 -70.93 7.96
CA GLY H 105 -157.56 -71.89 6.88
C GLY H 105 -156.82 -71.49 5.63
N ASN H 106 -155.91 -70.52 5.71
CA ASN H 106 -155.14 -70.05 4.57
C ASN H 106 -153.86 -70.86 4.35
N GLU H 107 -153.82 -72.09 4.83
CA GLU H 107 -152.63 -72.94 4.85
C GLU H 107 -152.09 -73.27 3.45
N GLN H 108 -152.75 -72.77 2.40
CA GLN H 108 -152.29 -72.98 1.03
C GLN H 108 -150.78 -72.77 0.88
N LEU H 109 -150.26 -71.64 1.36
CA LEU H 109 -148.83 -71.38 1.23
C LEU H 109 -147.98 -72.33 2.06
N ALA H 110 -148.56 -72.97 3.07
CA ALA H 110 -147.82 -73.98 3.83
C ALA H 110 -147.40 -75.14 2.94
N ARG H 111 -148.09 -75.35 1.81
CA ARG H 111 -147.70 -76.40 0.89
C ARG H 111 -146.25 -76.20 0.43
N GLU H 112 -145.94 -75.01 -0.09
CA GLU H 112 -144.57 -74.70 -0.50
C GLU H 112 -143.63 -74.57 0.68
N ALA H 113 -144.06 -73.91 1.77
CA ALA H 113 -143.16 -73.68 2.90
C ALA H 113 -142.69 -74.97 3.54
N LEU H 114 -143.60 -75.90 3.80
CA LEU H 114 -143.22 -77.22 4.28
C LEU H 114 -142.61 -78.08 3.18
N GLY H 115 -142.94 -77.84 1.92
CA GLY H 115 -142.23 -78.50 0.84
C GLY H 115 -140.74 -78.20 0.82
N GLN H 116 -140.37 -76.95 1.08
CA GLN H 116 -138.97 -76.63 1.33
C GLN H 116 -138.45 -77.26 2.62
N ARG H 117 -139.20 -77.13 3.71
CA ARG H 117 -138.71 -77.67 4.97
C ARG H 117 -138.43 -79.16 4.89
N GLN H 118 -139.15 -79.90 4.04
CA GLN H 118 -138.84 -81.32 3.87
C GLN H 118 -137.41 -81.55 3.41
N SER H 119 -136.94 -80.77 2.43
CA SER H 119 -135.53 -80.85 2.03
C SER H 119 -134.60 -80.35 3.12
N TYR H 120 -135.00 -79.37 3.91
CA TYR H 120 -134.15 -78.89 5.00
C TYR H 120 -134.05 -79.92 6.12
N GLN H 121 -135.14 -80.63 6.42
CA GLN H 121 -135.10 -81.72 7.39
C GLN H 121 -134.23 -82.88 6.93
N SER H 122 -134.22 -83.17 5.62
CA SER H 122 -133.40 -84.27 5.14
C SER H 122 -131.91 -83.98 5.35
N HIS H 123 -131.47 -82.75 5.03
CA HIS H 123 -130.10 -82.37 5.31
C HIS H 123 -129.83 -82.28 6.81
N THR H 124 -130.81 -81.84 7.60
CA THR H 124 -130.62 -81.77 9.05
C THR H 124 -130.41 -83.16 9.64
N GLU H 125 -131.15 -84.17 9.16
CA GLU H 125 -131.01 -85.51 9.72
C GLU H 125 -129.84 -86.28 9.10
N ALA H 126 -129.46 -85.93 7.87
CA ALA H 126 -128.18 -86.38 7.33
C ALA H 126 -127.02 -85.89 8.19
N LEU H 127 -127.04 -84.61 8.55
CA LEU H 127 -126.05 -84.07 9.47
C LEU H 127 -126.14 -84.75 10.83
N GLY H 128 -127.35 -84.89 11.37
CA GLY H 128 -127.51 -85.49 12.68
C GLY H 128 -127.02 -86.92 12.79
N LYS H 129 -127.13 -87.70 11.71
CA LYS H 129 -126.66 -89.07 11.71
C LYS H 129 -125.19 -89.22 11.33
N SER H 130 -124.68 -88.33 10.49
CA SER H 130 -123.23 -88.17 10.38
C SER H 130 -122.63 -87.83 11.73
N LEU H 131 -123.27 -86.92 12.45
CA LEU H 131 -122.86 -86.49 13.79
C LEU H 131 -123.09 -87.56 14.84
N GLY H 132 -123.79 -88.64 14.50
CA GLY H 132 -123.85 -89.81 15.35
C GLY H 132 -122.59 -90.66 15.20
N GLU H 133 -122.11 -90.78 13.96
CA GLU H 133 -120.83 -91.46 13.74
C GLU H 133 -119.68 -90.63 14.30
N GLN H 134 -119.68 -89.33 14.01
CA GLN H 134 -118.67 -88.42 14.55
C GLN H 134 -118.67 -88.40 16.07
N ARG H 135 -119.83 -88.60 16.69
CA ARG H 135 -119.88 -88.84 18.13
C ARG H 135 -119.08 -90.07 18.50
N ALA H 136 -119.42 -91.22 17.92
CA ALA H 136 -118.70 -92.45 18.23
C ALA H 136 -117.21 -92.34 17.94
N LEU H 137 -116.84 -91.54 16.93
CA LEU H 137 -115.42 -91.29 16.67
C LEU H 137 -114.75 -90.53 17.80
N VAL H 138 -115.35 -89.44 18.27
CA VAL H 138 -114.73 -88.68 19.36
C VAL H 138 -114.74 -89.47 20.66
N GLU H 139 -115.75 -90.32 20.88
CA GLU H 139 -115.74 -91.18 22.07
C GLU H 139 -114.64 -92.23 21.98
N GLN H 140 -114.57 -92.96 20.87
CA GLN H 140 -113.58 -94.03 20.74
C GLN H 140 -112.15 -93.47 20.71
N VAL H 141 -111.95 -92.32 20.07
CA VAL H 141 -110.62 -91.71 20.06
C VAL H 141 -110.23 -91.20 21.44
N ARG H 142 -111.21 -90.74 22.23
CA ARG H 142 -110.93 -90.36 23.62
C ARG H 142 -110.57 -91.58 24.46
N GLY H 143 -111.25 -92.70 24.27
CA GLY H 143 -110.90 -93.90 25.01
C GLY H 143 -109.58 -94.49 24.56
N GLN H 144 -109.29 -94.44 23.26
CA GLN H 144 -108.00 -94.86 22.74
C GLN H 144 -106.87 -94.05 23.35
N LEU H 145 -107.02 -92.72 23.34
CA LEU H 145 -106.01 -91.85 23.96
C LEU H 145 -105.86 -92.12 25.45
N GLN H 146 -106.97 -92.13 26.19
CA GLN H 146 -106.85 -92.24 27.65
C GLN H 146 -106.23 -93.57 28.08
N LYS H 147 -106.51 -94.66 27.37
CA LYS H 147 -105.78 -95.91 27.58
C LYS H 147 -104.30 -95.76 27.24
N LEU H 148 -104.00 -95.18 26.07
CA LEU H 148 -102.63 -95.13 25.59
C LEU H 148 -101.75 -94.22 26.45
N GLU H 149 -102.23 -93.01 26.74
CA GLU H 149 -101.45 -92.05 27.50
C GLU H 149 -101.32 -92.46 28.96
N ARG H 150 -102.34 -93.12 29.52
CA ARG H 150 -102.19 -93.70 30.85
C ARG H 150 -101.15 -94.81 30.85
N LYS H 151 -101.09 -95.58 29.75
CA LYS H 151 -100.04 -96.59 29.62
C LYS H 151 -98.66 -95.94 29.50
N TYR H 152 -98.58 -94.80 28.81
CA TYR H 152 -97.34 -94.03 28.77
C TYR H 152 -96.93 -93.52 30.15
N LEU H 153 -97.90 -93.04 30.94
CA LEU H 153 -97.61 -92.61 32.31
C LEU H 153 -97.06 -93.75 33.16
N GLU H 154 -97.74 -94.89 33.16
CA GLU H 154 -97.27 -96.06 33.90
C GLU H 154 -95.96 -96.60 33.35
N LEU H 155 -95.75 -96.47 32.03
CA LEU H 155 -94.47 -96.85 31.43
C LEU H 155 -93.35 -95.89 31.83
N LYS H 156 -93.65 -94.61 32.00
CA LYS H 156 -92.68 -93.70 32.60
C LYS H 156 -92.32 -94.13 34.02
N SER H 157 -93.33 -94.49 34.82
CA SER H 157 -93.08 -95.00 36.16
C SER H 157 -92.16 -96.21 36.12
N GLN H 158 -92.48 -97.18 35.27
CA GLN H 158 -91.63 -98.36 35.10
C GLN H 158 -90.22 -98.01 34.65
N LYS H 159 -90.07 -97.08 33.69
CA LYS H 159 -88.73 -96.72 33.23
C LYS H 159 -87.89 -96.14 34.37
N ASN H 160 -88.47 -95.20 35.13
CA ASN H 160 -87.75 -94.64 36.27
C ASN H 160 -87.30 -95.76 37.22
N LEU H 161 -88.21 -96.68 37.52
CA LEU H 161 -87.90 -97.84 38.36
C LEU H 161 -86.93 -98.80 37.68
N TYR H 162 -86.89 -98.80 36.34
CA TYR H 162 -85.97 -99.68 35.63
C TYR H 162 -84.55 -99.14 35.62
N LEU H 163 -84.38 -97.83 35.51
CA LEU H 163 -83.06 -97.21 35.65
C LEU H 163 -82.52 -97.40 37.06
N ALA H 164 -83.39 -97.29 38.08
CA ALA H 164 -82.99 -97.59 39.44
C ALA H 164 -82.59 -99.06 39.60
N ARG H 165 -83.42 -99.98 39.11
CA ARG H 165 -83.07 -101.39 39.13
C ARG H 165 -81.74 -101.66 38.44
N LEU H 166 -81.55 -101.09 37.25
CA LEU H 166 -80.33 -101.32 36.48
C LEU H 166 -79.08 -100.83 37.22
N LYS H 167 -79.11 -99.59 37.70
CA LYS H 167 -77.99 -99.07 38.47
C LYS H 167 -77.74 -99.89 39.73
N SER H 168 -78.81 -100.37 40.38
CA SER H 168 -78.65 -101.18 41.59
C SER H 168 -78.03 -102.53 41.28
N ALA H 169 -78.47 -103.17 40.19
CA ALA H 169 -77.85 -104.41 39.74
C ALA H 169 -76.39 -104.20 39.39
N ILE H 170 -76.07 -103.13 38.67
CA ILE H 170 -74.70 -102.81 38.32
C ILE H 170 -73.84 -102.71 39.58
N ALA H 171 -74.33 -101.97 40.58
CA ALA H 171 -73.62 -101.85 41.85
C ALA H 171 -73.43 -103.22 42.51
N ALA H 172 -74.48 -104.05 42.51
CA ALA H 172 -74.39 -105.39 43.06
C ALA H 172 -73.33 -106.22 42.35
N GLN H 173 -73.32 -106.17 41.02
CA GLN H 173 -72.29 -106.84 40.23
C GLN H 173 -70.91 -106.38 40.66
N LYS H 174 -70.74 -105.09 40.91
CA LYS H 174 -69.45 -104.57 41.33
C LYS H 174 -69.04 -105.06 42.73
N ILE H 175 -69.99 -105.18 43.66
CA ILE H 175 -69.67 -105.76 44.97
C ILE H 175 -69.30 -107.23 44.86
N GLU H 176 -70.06 -108.03 44.13
CA GLU H 176 -69.70 -109.45 43.99
C GLU H 176 -68.33 -109.63 43.35
N GLU H 177 -68.09 -108.96 42.21
CA GLU H 177 -66.83 -109.16 41.49
C GLU H 177 -65.62 -108.61 42.26
N ILE H 178 -65.77 -107.45 42.90
CA ILE H 178 -64.68 -106.91 43.72
C ILE H 178 -64.50 -107.70 45.00
N ALA H 179 -65.59 -108.20 45.57
CA ALA H 179 -65.50 -109.09 46.73
C ALA H 179 -64.86 -110.43 46.37
N GLY H 180 -65.21 -111.00 45.22
CA GLY H 180 -64.56 -112.22 44.80
C GLY H 180 -63.07 -112.07 44.55
N ASN H 181 -62.66 -110.95 43.95
CA ASN H 181 -61.23 -110.67 43.84
C ASN H 181 -60.60 -110.34 45.17
N LEU H 182 -61.34 -109.70 46.07
CA LEU H 182 -60.78 -109.35 47.38
C LEU H 182 -60.53 -110.60 48.22
N ASP H 183 -61.54 -111.47 48.32
CA ASP H 183 -61.41 -112.66 49.14
C ASP H 183 -60.46 -113.66 48.48
N ASN H 184 -60.71 -113.99 47.21
CA ASN H 184 -59.96 -115.06 46.57
C ASN H 184 -58.53 -114.65 46.26
N ALA H 185 -58.33 -113.52 45.58
CA ALA H 185 -56.98 -113.10 45.23
C ALA H 185 -56.22 -112.55 46.44
N SER H 186 -56.83 -111.59 47.15
CA SER H 186 -56.10 -110.88 48.20
C SER H 186 -55.88 -111.78 49.41
N ALA H 187 -56.94 -112.45 49.86
CA ALA H 187 -56.87 -113.20 51.12
C ALA H 187 -55.94 -114.41 51.00
N SER H 188 -55.99 -115.13 49.88
CA SER H 188 -55.05 -116.22 49.68
C SER H 188 -53.62 -115.68 49.64
N SER H 189 -53.43 -114.50 49.06
CA SER H 189 -52.11 -113.87 49.08
C SER H 189 -51.69 -113.52 50.50
N LEU H 190 -52.64 -113.13 51.36
CA LEU H 190 -52.31 -112.80 52.74
C LEU H 190 -51.97 -114.06 53.53
N PHE H 191 -52.83 -115.07 53.47
CA PHE H 191 -52.66 -116.23 54.34
C PHE H 191 -51.47 -117.07 53.90
N GLU H 192 -51.42 -117.44 52.62
CA GLU H 192 -50.35 -118.32 52.16
C GLU H 192 -48.97 -117.66 52.11
N ARG H 193 -48.89 -116.36 51.78
CA ARG H 193 -47.61 -115.65 51.88
C ARG H 193 -47.17 -115.35 53.31
N ILE H 194 -48.11 -115.06 54.21
CA ILE H 194 -47.74 -114.87 55.61
C ILE H 194 -47.33 -116.18 56.25
N GLU H 195 -48.07 -117.26 55.96
CA GLU H 195 -47.72 -118.56 56.49
C GLU H 195 -46.35 -119.04 56.02
N THR H 196 -46.09 -118.97 54.71
CA THR H 196 -44.79 -119.39 54.20
C THR H 196 -43.65 -118.55 54.77
N LYS H 197 -43.88 -117.25 54.97
CA LYS H 197 -42.86 -116.42 55.62
C LYS H 197 -42.70 -116.80 57.08
N ILE H 198 -43.79 -117.20 57.75
CA ILE H 198 -43.69 -117.68 59.13
C ILE H 198 -42.88 -118.97 59.17
N LEU H 199 -43.14 -119.88 58.24
CA LEU H 199 -42.37 -121.11 58.13
C LEU H 199 -40.89 -120.84 57.92
N GLU H 200 -40.58 -119.80 57.15
CA GLU H 200 -39.18 -119.43 56.96
C GLU H 200 -38.58 -118.97 58.28
N LEU H 201 -39.35 -118.22 59.07
CA LEU H 201 -38.91 -117.85 60.41
C LEU H 201 -38.79 -119.06 61.32
N GLU H 202 -39.66 -120.06 61.14
CA GLU H 202 -39.63 -121.27 61.94
C GLU H 202 -38.47 -122.19 61.59
N ALA H 203 -38.04 -122.19 60.33
CA ALA H 203 -36.82 -122.91 59.96
C ALA H 203 -35.60 -122.37 60.66
N GLU H 204 -35.54 -121.05 60.89
CA GLU H 204 -34.51 -120.51 61.76
C GLU H 204 -34.80 -120.75 63.25
N ARG H 205 -36.07 -120.86 63.64
CA ARG H 205 -36.37 -121.25 65.03
C ARG H 205 -35.80 -122.62 65.35
N GLU H 206 -36.05 -123.61 64.49
CA GLU H 206 -35.56 -124.96 64.72
C GLU H 206 -34.05 -125.09 64.51
N LEU H 207 -33.40 -124.06 63.97
CA LEU H 207 -31.94 -124.00 63.99
C LEU H 207 -31.41 -123.42 65.30
N LEU H 208 -32.13 -122.47 65.89
CA LEU H 208 -31.72 -121.85 67.14
C LEU H 208 -32.25 -122.58 68.38
N ASN H 209 -33.20 -123.50 68.20
CA ASN H 209 -33.99 -124.00 69.32
C ASN H 209 -34.34 -125.47 69.10
N PRO H 210 -33.95 -126.37 69.99
CA PRO H 210 -34.36 -127.76 69.84
C PRO H 210 -35.86 -127.89 69.90
N PRO H 211 -36.45 -128.84 69.17
CA PRO H 211 -37.90 -129.08 69.29
C PRO H 211 -38.30 -129.30 70.74
N PRO H 212 -39.21 -128.46 71.28
CA PRO H 212 -39.64 -128.66 72.67
C PRO H 212 -40.54 -129.86 72.85
N SER H 213 -39.95 -131.06 72.90
CA SER H 213 -40.69 -132.30 73.06
C SER H 213 -41.40 -132.32 74.41
N PRO H 214 -42.35 -133.23 74.63
CA PRO H 214 -42.94 -133.35 75.96
C PRO H 214 -41.94 -133.71 77.04
N LEU H 215 -40.80 -134.29 76.68
CA LEU H 215 -39.84 -134.75 77.69
C LEU H 215 -39.18 -133.58 78.41
N ASP H 216 -38.47 -132.74 77.66
CA ASP H 216 -37.83 -131.58 78.27
C ASP H 216 -38.86 -130.64 78.91
N LYS H 217 -40.07 -130.58 78.37
CA LYS H 217 -41.12 -129.77 78.99
C LYS H 217 -41.45 -130.27 80.39
N LYS H 218 -41.59 -131.58 80.55
CA LYS H 218 -41.88 -132.14 81.87
C LYS H 218 -40.72 -131.92 82.83
N PHE H 219 -39.48 -132.03 82.33
CA PHE H 219 -38.31 -131.77 83.17
C PHE H 219 -38.29 -130.33 83.65
N GLU H 220 -38.60 -129.37 82.79
CA GLU H 220 -38.64 -127.97 83.20
C GLU H 220 -39.73 -127.74 84.23
N GLN H 221 -40.89 -128.39 84.05
CA GLN H 221 -41.96 -128.28 85.03
C GLN H 221 -41.52 -128.83 86.39
N TRP H 222 -40.83 -129.97 86.39
CA TRP H 222 -40.30 -130.52 87.63
C TRP H 222 -39.25 -129.61 88.24
N GLU H 223 -38.50 -128.88 87.41
CA GLU H 223 -37.53 -127.93 87.95
C GLU H 223 -38.23 -126.83 88.73
N GLU H 224 -39.33 -126.30 88.20
CA GLU H 224 -40.11 -125.33 88.95
C GLU H 224 -40.68 -125.96 90.22
N GLN H 225 -41.14 -127.20 90.12
CA GLN H 225 -41.65 -127.91 91.30
C GLN H 225 -40.58 -128.05 92.37
N GLN H 226 -39.33 -128.32 91.95
CA GLN H 226 -38.24 -128.48 92.91
C GLN H 226 -37.80 -127.15 93.50
N ALA H 227 -37.92 -126.06 92.75
CA ALA H 227 -37.66 -124.74 93.33
C ALA H 227 -38.64 -124.43 94.46
N VAL H 228 -39.93 -124.66 94.22
CA VAL H 228 -40.93 -124.43 95.27
C VAL H 228 -40.76 -125.44 96.40
N GLU H 229 -40.32 -126.66 96.10
CA GLU H 229 -40.07 -127.60 97.18
C GLU H 229 -38.90 -127.15 98.05
N ALA H 230 -37.92 -126.45 97.46
CA ALA H 230 -36.84 -125.88 98.27
C ALA H 230 -37.31 -124.71 99.12
N THR H 231 -38.19 -123.86 98.59
CA THR H 231 -38.79 -122.80 99.39
C THR H 231 -39.59 -123.38 100.55
N LEU H 232 -40.34 -124.46 100.29
CA LEU H 232 -41.07 -125.13 101.37
C LEU H 232 -40.11 -125.65 102.43
N ALA H 233 -38.95 -126.18 102.00
CA ALA H 233 -37.98 -126.67 102.97
C ALA H 233 -37.47 -125.54 103.86
N ALA H 234 -37.19 -124.39 103.27
CA ALA H 234 -36.81 -123.22 104.05
C ALA H 234 -37.93 -122.81 105.00
N MET H 235 -39.17 -122.83 104.51
CA MET H 235 -40.31 -122.47 105.36
C MET H 235 -40.36 -123.34 106.60
N LYS H 236 -40.31 -124.67 106.44
CA LYS H 236 -40.48 -125.56 107.58
C LYS H 236 -39.22 -125.67 108.42
N ALA H 237 -38.06 -125.29 107.87
CA ALA H 237 -36.86 -125.23 108.68
C ALA H 237 -36.88 -124.01 109.60
N ARG H 238 -37.36 -122.87 109.10
CA ARG H 238 -37.58 -121.72 109.96
C ARG H 238 -38.67 -122.02 110.98
N ARG H 239 -39.70 -122.78 110.58
CA ARG H 239 -40.77 -123.16 111.49
C ARG H 239 -40.34 -124.19 112.52
N SER H 240 -39.25 -124.92 112.28
CA SER H 240 -38.81 -125.94 113.24
C SER H 240 -38.59 -125.32 114.62
N MET I 24 91.49 31.37 8.40
CA MET I 24 90.91 30.47 9.39
C MET I 24 90.43 31.25 10.61
N GLU I 25 89.27 30.86 11.15
CA GLU I 25 88.77 31.52 12.35
C GLU I 25 89.69 31.30 13.53
N LEU I 26 90.28 30.11 13.63
CA LEU I 26 91.28 29.85 14.66
C LEU I 26 92.44 30.83 14.54
N PHE I 27 92.94 31.00 13.31
CA PHE I 27 94.04 31.93 13.09
C PHE I 27 93.68 33.34 13.54
N ASN I 28 92.50 33.82 13.15
CA ASN I 28 92.03 35.14 13.60
C ASN I 28 91.97 35.25 15.12
N ARG I 29 91.41 34.24 15.79
CA ARG I 29 91.42 34.20 17.25
C ARG I 29 92.83 34.33 17.82
N VAL I 30 93.77 33.55 17.27
CA VAL I 30 95.16 33.60 17.71
C VAL I 30 95.84 34.89 17.27
N GLY I 31 95.25 35.62 16.34
CA GLY I 31 95.90 36.78 15.75
C GLY I 31 96.39 37.83 16.74
N ARG I 32 95.58 38.18 17.74
CA ARG I 32 96.05 39.20 18.68
C ARG I 32 97.39 38.81 19.32
N VAL I 33 97.47 37.59 19.87
CA VAL I 33 98.67 37.11 20.54
C VAL I 33 99.82 36.83 19.57
N LEU I 34 99.53 36.19 18.45
CA LEU I 34 100.60 35.86 17.50
C LEU I 34 101.10 37.11 16.77
N LYS I 35 100.19 37.90 16.21
CA LYS I 35 100.56 39.07 15.45
C LYS I 35 101.21 40.15 16.31
N SER I 36 100.89 40.26 17.61
CA SER I 36 101.67 41.18 18.45
C SER I 36 103.14 40.76 18.51
N GLN I 37 103.39 39.47 18.74
CA GLN I 37 104.74 38.95 18.70
C GLN I 37 105.39 39.14 17.34
N LEU I 38 104.69 38.83 16.24
CA LEU I 38 105.29 39.02 14.93
C LEU I 38 105.55 40.49 14.59
N THR I 39 104.70 41.41 15.07
CA THR I 39 104.95 42.84 14.89
C THR I 39 106.23 43.27 15.58
N HIS I 40 106.49 42.75 16.78
CA HIS I 40 107.81 42.96 17.35
C HIS I 40 108.89 42.16 16.63
N TRP I 41 108.55 40.99 16.09
CA TRP I 41 109.55 40.13 15.45
C TRP I 41 110.18 40.84 14.26
N GLN I 42 109.35 41.46 13.41
CA GLN I 42 109.89 42.28 12.34
C GLN I 42 110.65 43.48 12.88
N GLN I 43 110.21 44.02 14.01
CA GLN I 43 110.94 45.09 14.69
C GLN I 43 112.27 44.65 15.30
N GLN I 44 112.47 43.35 15.56
CA GLN I 44 113.56 42.95 16.45
C GLN I 44 114.91 43.57 16.07
N GLN I 45 115.16 43.81 14.77
CA GLN I 45 116.42 44.45 14.39
C GLN I 45 116.56 45.81 15.06
N GLU I 46 115.46 46.57 15.13
CA GLU I 46 115.46 47.80 15.90
C GLU I 46 115.36 47.53 17.40
N ALA I 47 114.57 46.54 17.81
CA ALA I 47 114.19 46.35 19.21
C ALA I 47 114.38 44.90 19.63
N PRO I 48 115.63 44.50 19.91
CA PRO I 48 115.86 43.23 20.61
C PRO I 48 115.74 43.35 22.12
N GLU I 49 115.64 44.57 22.65
CA GLU I 49 115.95 44.84 24.04
C GLU I 49 115.12 43.99 25.01
N ASP I 50 113.82 43.87 24.76
CA ASP I 50 112.96 43.11 25.67
C ASP I 50 113.30 41.63 25.70
N LEU I 51 113.52 41.00 24.54
CA LEU I 51 113.85 39.58 24.53
C LEU I 51 115.22 39.32 25.17
N LEU I 52 116.20 40.18 24.88
CA LEU I 52 117.52 40.04 25.47
C LEU I 52 117.49 40.15 26.99
N GLU I 53 116.84 41.19 27.51
CA GLU I 53 116.75 41.40 28.95
C GLU I 53 115.87 40.37 29.64
N ARG I 54 114.84 39.86 28.97
CA ARG I 54 114.07 38.76 29.54
C ARG I 54 114.93 37.54 29.80
N LEU I 55 115.71 37.12 28.79
CA LEU I 55 116.58 35.95 28.96
C LEU I 55 117.60 36.16 30.07
N LEU I 56 118.28 37.31 30.08
CA LEU I 56 119.26 37.59 31.13
C LEU I 56 118.62 37.77 32.51
N GLY I 57 117.37 38.22 32.56
CA GLY I 57 116.62 38.16 33.81
C GLY I 57 116.44 36.75 34.31
N GLU I 58 116.08 35.83 33.42
CA GLU I 58 116.00 34.41 33.78
C GLU I 58 117.35 33.88 34.23
N MET I 59 118.43 34.35 33.61
CA MET I 59 119.79 33.97 34.00
C MET I 59 120.14 34.50 35.40
N GLU I 60 119.66 35.69 35.76
CA GLU I 60 119.80 36.18 37.13
C GLU I 60 118.97 35.38 38.12
N LEU I 61 117.76 34.97 37.74
CA LEU I 61 116.96 34.10 38.60
C LEU I 61 117.62 32.74 38.82
N GLU I 62 118.25 32.18 37.79
CA GLU I 62 119.05 30.97 37.97
C GLU I 62 120.24 31.23 38.89
N LEU I 63 121.01 32.28 38.61
CA LEU I 63 122.26 32.55 39.33
C LEU I 63 122.04 32.77 40.83
N ILE I 64 120.91 33.34 41.23
CA ILE I 64 120.60 33.40 42.66
C ILE I 64 120.31 32.01 43.23
N GLU I 65 119.77 31.09 42.42
CA GLU I 65 119.74 29.70 42.83
C GLU I 65 121.14 29.11 42.93
N LEU I 66 121.98 29.31 41.90
CA LEU I 66 123.32 28.71 41.89
C LEU I 66 124.14 29.08 43.11
N ARG I 67 124.04 30.34 43.56
CA ARG I 67 124.70 30.76 44.79
C ARG I 67 124.13 30.08 46.03
N ARG I 68 122.81 29.94 46.13
CA ARG I 68 122.23 29.21 47.26
C ARG I 68 122.58 27.73 47.22
N ALA I 69 122.70 27.14 46.03
CA ALA I 69 123.11 25.74 45.91
C ALA I 69 124.56 25.54 46.33
N LEU I 70 125.43 26.50 46.00
CA LEU I 70 126.77 26.52 46.58
C LEU I 70 126.75 26.60 48.10
N ALA I 71 125.91 27.47 48.66
CA ALA I 71 125.82 27.56 50.11
C ALA I 71 125.30 26.29 50.74
N GLN I 72 124.37 25.59 50.06
CA GLN I 72 123.91 24.30 50.54
C GLN I 72 125.00 23.22 50.46
N THR I 73 125.88 23.28 49.47
CA THR I 73 127.00 22.36 49.42
C THR I 73 128.01 22.62 50.54
N ILE I 74 128.36 23.89 50.78
CA ILE I 74 129.27 24.21 51.88
C ILE I 74 128.67 23.79 53.22
N ALA I 75 127.37 24.03 53.41
CA ALA I 75 126.71 23.62 54.64
C ALA I 75 126.76 22.11 54.84
N THR I 76 126.49 21.34 53.78
CA THR I 76 126.58 19.88 53.88
C THR I 76 128.01 19.37 54.05
N PHE I 77 128.99 20.05 53.46
CA PHE I 77 130.39 19.64 53.63
C PHE I 77 130.85 19.78 55.07
N LYS I 78 130.63 20.94 55.67
CA LYS I 78 131.05 21.17 57.06
C LYS I 78 130.17 20.43 58.06
N SER I 79 128.90 20.15 57.73
CA SER I 79 128.11 19.29 58.60
C SER I 79 128.67 17.87 58.64
N THR I 80 129.13 17.35 57.50
CA THR I 80 129.85 16.08 57.52
C THR I 80 131.11 16.19 58.38
N GLU I 81 131.78 17.33 58.33
CA GLU I 81 132.96 17.57 59.16
C GLU I 81 132.58 17.72 60.63
N ARG I 82 131.41 18.28 60.93
CA ARG I 82 130.92 18.33 62.30
C ARG I 82 130.64 16.93 62.83
N GLN I 83 130.24 16.00 61.95
CA GLN I 83 130.10 14.61 62.35
C GLN I 83 131.46 13.98 62.62
N ARG I 84 132.48 14.37 61.85
CA ARG I 84 133.85 13.99 62.16
C ARG I 84 134.30 14.57 63.50
N ASP I 85 133.96 15.84 63.76
CA ASP I 85 134.28 16.45 65.04
C ASP I 85 133.68 15.68 66.21
N ALA I 86 132.49 15.12 66.03
CA ALA I 86 131.92 14.25 67.05
C ALA I 86 132.66 12.92 67.15
N GLN I 87 132.97 12.29 66.01
CA GLN I 87 133.69 11.03 66.05
C GLN I 87 135.03 11.16 66.77
N GLN I 88 135.80 12.21 66.43
CA GLN I 88 137.08 12.44 67.06
C GLN I 88 136.92 12.83 68.53
N LEU I 89 135.83 13.50 68.89
CA LEU I 89 135.54 13.78 70.29
C LEU I 89 135.27 12.50 71.08
N ILE I 90 134.57 11.53 70.48
CA ILE I 90 134.37 10.25 71.17
C ILE I 90 135.67 9.45 71.19
N ALA I 91 136.52 9.60 70.18
CA ALA I 91 137.86 9.02 70.24
C ALA I 91 138.66 9.59 71.41
N GLN I 92 138.58 10.91 71.62
CA GLN I 92 139.19 11.51 72.81
C GLN I 92 138.56 10.98 74.09
N ARG I 93 137.25 10.81 74.10
CA ARG I 93 136.58 10.17 75.23
C ARG I 93 137.10 8.76 75.48
N TRP I 94 137.49 8.06 74.40
CA TRP I 94 138.14 6.76 74.55
C TRP I 94 139.57 6.87 75.07
N TYR I 95 140.28 7.96 74.76
CA TYR I 95 141.57 8.19 75.39
C TYR I 95 141.44 8.54 76.86
N GLU I 96 140.42 9.34 77.23
CA GLU I 96 140.18 9.65 78.64
C GLU I 96 139.92 8.37 79.44
N LYS I 97 139.05 7.50 78.92
CA LYS I 97 138.80 6.21 79.56
C LYS I 97 140.04 5.34 79.61
N ALA I 98 140.92 5.45 78.62
CA ALA I 98 142.21 4.79 78.72
C ALA I 98 143.09 5.43 79.80
N GLN I 99 143.07 6.77 79.90
CA GLN I 99 143.94 7.45 80.84
C GLN I 99 143.63 7.06 82.28
N ALA I 100 142.36 6.75 82.57
CA ALA I 100 141.98 6.23 83.88
C ALA I 100 142.57 4.85 84.16
N ALA I 101 143.20 4.23 83.17
CA ALA I 101 143.92 2.97 83.35
C ALA I 101 145.34 3.04 82.80
N LEU I 102 145.80 4.19 82.36
CA LEU I 102 147.14 4.32 81.78
C LEU I 102 148.18 4.72 82.80
N ASP I 103 147.79 4.86 84.07
CA ASP I 103 148.72 4.96 85.18
C ASP I 103 148.73 3.67 85.99
N ARG I 104 149.76 3.50 86.79
CA ARG I 104 149.95 2.37 87.70
C ARG I 104 150.19 1.06 86.95
N GLY I 105 150.40 1.10 85.64
CA GLY I 105 150.54 -0.11 84.86
C GLY I 105 149.26 -0.89 84.69
N ASN I 106 148.11 -0.28 84.96
CA ASN I 106 146.81 -0.93 84.85
C ASN I 106 146.22 -0.82 83.45
N GLU I 107 147.07 -0.63 82.43
CA GLU I 107 146.66 -0.34 81.06
C GLU I 107 145.86 -1.47 80.41
N GLN I 108 145.63 -2.57 81.14
CA GLN I 108 144.83 -3.68 80.63
C GLN I 108 143.56 -3.21 79.92
N LEU I 109 142.77 -2.36 80.58
CA LEU I 109 141.53 -1.89 79.96
C LEU I 109 141.78 -1.02 78.74
N ALA I 110 142.97 -0.45 78.59
CA ALA I 110 143.29 0.30 77.39
C ALA I 110 143.24 -0.58 76.16
N ARG I 111 143.39 -1.90 76.32
CA ARG I 111 143.27 -2.81 75.19
C ARG I 111 141.92 -2.65 74.50
N GLU I 112 140.83 -2.75 75.26
CA GLU I 112 139.49 -2.56 74.71
C GLU I 112 139.22 -1.11 74.33
N ALA I 113 139.64 -0.15 75.17
CA ALA I 113 139.33 1.25 74.91
C ALA I 113 139.96 1.75 73.62
N LEU I 114 141.24 1.45 73.40
CA LEU I 114 141.88 1.76 72.12
C LEU I 114 141.44 0.82 71.00
N GLY I 115 141.01 -0.40 71.33
CA GLY I 115 140.40 -1.25 70.33
C GLY I 115 139.15 -0.65 69.71
N GLN I 116 138.31 -0.02 70.54
CA GLN I 116 137.21 0.78 70.01
C GLN I 116 137.72 2.01 69.26
N ARG I 117 138.66 2.76 69.85
CA ARG I 117 139.13 3.97 69.19
C ARG I 117 139.68 3.70 67.81
N GLN I 118 140.26 2.51 67.57
CA GLN I 118 140.73 2.18 66.23
C GLN I 118 139.61 2.25 65.20
N SER I 119 138.44 1.68 65.51
CA SER I 119 137.29 1.83 64.62
C SER I 119 136.79 3.26 64.54
N TYR I 120 136.89 4.04 65.62
CA TYR I 120 136.47 5.43 65.57
C TYR I 120 137.43 6.28 64.74
N GLN I 121 138.73 6.00 64.80
CA GLN I 121 139.69 6.67 63.94
C GLN I 121 139.50 6.33 62.46
N SER I 122 139.10 5.09 62.16
CA SER I 122 138.88 4.74 60.75
C SER I 122 137.73 5.54 60.16
N HIS I 123 136.61 5.66 60.89
CA HIS I 123 135.53 6.51 60.42
C HIS I 123 135.92 7.99 60.42
N THR I 124 136.72 8.42 61.39
CA THR I 124 137.16 9.82 61.40
C THR I 124 138.01 10.16 60.18
N GLU I 125 138.88 9.24 59.75
CA GLU I 125 139.74 9.53 58.61
C GLU I 125 139.04 9.24 57.28
N ALA I 126 138.06 8.34 57.28
CA ALA I 126 137.15 8.23 56.14
C ALA I 126 136.39 9.53 55.93
N LEU I 127 135.87 10.12 57.01
CA LEU I 127 135.24 11.43 56.92
C LEU I 127 136.25 12.49 56.48
N GLY I 128 137.43 12.51 57.10
CA GLY I 128 138.43 13.51 56.77
C GLY I 128 138.87 13.49 55.32
N LYS I 129 138.93 12.31 54.70
CA LYS I 129 139.33 12.21 53.30
C LYS I 129 138.18 12.38 52.32
N SER I 130 136.96 11.99 52.70
CA SER I 130 135.78 12.46 51.99
C SER I 130 135.73 13.99 51.99
N LEU I 131 136.00 14.59 53.15
CA LEU I 131 136.04 16.04 53.33
C LEU I 131 137.22 16.68 52.64
N GLY I 132 138.18 15.90 52.15
CA GLY I 132 139.21 16.40 51.27
C GLY I 132 138.69 16.55 49.85
N GLU I 133 137.88 15.59 49.41
CA GLU I 133 137.23 15.74 48.10
C GLU I 133 136.17 16.83 48.16
N GLN I 134 135.35 16.83 49.20
CA GLN I 134 134.34 17.88 49.38
C GLN I 134 134.97 19.27 49.47
N ARG I 135 136.18 19.35 50.02
CA ARG I 135 136.95 20.59 49.93
C ARG I 135 137.19 20.98 48.47
N ALA I 136 137.82 20.09 47.71
CA ALA I 136 138.09 20.38 46.30
C ALA I 136 136.82 20.69 45.53
N LEU I 137 135.69 20.08 45.91
CA LEU I 137 134.41 20.42 45.28
C LEU I 137 133.98 21.85 45.57
N VAL I 138 134.03 22.28 46.84
CA VAL I 138 133.63 23.64 47.16
C VAL I 138 134.62 24.67 46.58
N GLU I 139 135.90 24.32 46.48
CA GLU I 139 136.85 25.21 45.83
C GLU I 139 136.60 25.34 44.33
N GLN I 140 136.46 24.20 43.65
CA GLN I 140 136.26 24.24 42.19
C GLN I 140 134.91 24.85 41.83
N VAL I 141 133.87 24.59 42.62
CA VAL I 141 132.57 25.19 42.35
C VAL I 141 132.60 26.69 42.62
N ARG I 142 133.38 27.13 43.60
CA ARG I 142 133.56 28.58 43.81
C ARG I 142 134.31 29.23 42.65
N GLY I 143 135.34 28.56 42.13
CA GLY I 143 136.03 29.12 40.98
C GLY I 143 135.20 29.09 39.71
N GLN I 144 134.42 28.02 39.53
CA GLN I 144 133.48 27.94 38.41
C GLN I 144 132.48 29.08 38.46
N LEU I 145 131.86 29.29 39.63
CA LEU I 145 130.92 30.40 39.79
C LEU I 145 131.59 31.75 39.55
N GLN I 146 132.71 32.01 40.22
CA GLN I 146 133.29 33.35 40.14
C GLN I 146 133.75 33.71 38.73
N LYS I 147 134.23 32.73 37.97
CA LYS I 147 134.46 32.94 36.53
C LYS I 147 133.16 33.21 35.78
N LEU I 148 132.14 32.38 36.02
CA LEU I 148 130.90 32.46 35.25
C LEU I 148 130.14 33.75 35.53
N GLU I 149 129.96 34.08 36.81
CA GLU I 149 129.19 35.27 37.18
C GLU I 149 129.94 36.55 36.85
N ARG I 150 131.27 36.55 36.92
CA ARG I 150 132.03 37.69 36.43
C ARG I 150 131.88 37.84 34.93
N LYS I 151 131.78 36.72 34.21
CA LYS I 151 131.50 36.78 32.78
C LYS I 151 130.10 37.32 32.51
N TYR I 152 129.13 36.95 33.35
CA TYR I 152 127.80 37.54 33.26
C TYR I 152 127.81 39.04 33.52
N LEU I 153 128.58 39.50 34.51
CA LEU I 153 128.72 40.93 34.77
C LEU I 153 129.29 41.67 33.56
N GLU I 154 130.41 41.18 33.02
CA GLU I 154 130.99 41.80 31.83
C GLU I 154 130.10 41.66 30.61
N LEU I 155 129.33 40.58 30.53
CA LEU I 155 128.35 40.43 29.45
C LEU I 155 127.18 41.41 29.61
N LYS I 156 126.78 41.71 30.84
CA LYS I 156 125.82 42.81 31.06
C LYS I 156 126.41 44.13 30.58
N SER I 157 127.66 44.40 30.90
CA SER I 157 128.33 45.61 30.41
C SER I 157 128.29 45.67 28.89
N GLN I 158 128.68 44.57 28.24
CA GLN I 158 128.64 44.50 26.78
C GLN I 158 127.23 44.69 26.22
N LYS I 159 126.22 44.07 26.85
CA LYS I 159 124.85 44.22 26.35
C LYS I 159 124.40 45.68 26.40
N ASN I 160 124.63 46.35 27.54
CA ASN I 160 124.29 47.76 27.63
C ASN I 160 124.97 48.56 26.52
N LEU I 161 126.25 48.30 26.31
CA LEU I 161 127.00 48.94 25.22
C LEU I 161 126.53 48.48 23.85
N TYR I 162 125.94 47.30 23.75
CA TYR I 162 125.44 46.81 22.47
C TYR I 162 124.11 47.44 22.09
N LEU I 163 123.23 47.67 23.07
CA LEU I 163 122.01 48.41 22.81
C LEU I 163 122.31 49.86 22.42
N ALA I 164 123.30 50.47 23.07
CA ALA I 164 123.75 51.80 22.66
C ALA I 164 124.31 51.79 21.23
N ARG I 165 125.21 50.85 20.94
CA ARG I 165 125.73 50.71 19.58
C ARG I 165 124.60 50.53 18.56
N LEU I 166 123.66 49.63 18.85
CA LEU I 166 122.58 49.34 17.93
C LEU I 166 121.72 50.57 17.65
N LYS I 167 121.26 51.25 18.70
CA LYS I 167 120.49 52.47 18.52
C LYS I 167 121.28 53.54 17.78
N SER I 168 122.59 53.63 18.03
CA SER I 168 123.41 54.62 17.34
C SER I 168 123.58 54.29 15.86
N ALA I 169 123.79 53.02 15.54
CA ALA I 169 123.81 52.58 14.14
C ALA I 169 122.48 52.85 13.46
N ILE I 170 121.37 52.53 14.12
CA ILE I 170 120.04 52.79 13.56
C ILE I 170 119.88 54.26 13.23
N ALA I 171 120.27 55.14 14.16
CA ALA I 171 120.23 56.58 13.92
C ALA I 171 121.10 56.97 12.72
N ALA I 172 122.32 56.41 12.65
CA ALA I 172 123.22 56.67 11.53
C ALA I 172 122.58 56.25 10.21
N GLN I 173 122.00 55.06 10.17
CA GLN I 173 121.28 54.60 8.99
C GLN I 173 120.19 55.59 8.59
N LYS I 174 119.48 56.14 9.56
CA LYS I 174 118.44 57.11 9.27
C LYS I 174 118.99 58.43 8.71
N ILE I 175 120.14 58.89 9.21
CA ILE I 175 120.77 60.07 8.62
C ILE I 175 121.25 59.82 7.19
N GLU I 176 121.93 58.71 6.94
CA GLU I 176 122.37 58.42 5.57
C GLU I 176 121.20 58.31 4.60
N GLU I 177 120.19 57.51 4.94
CA GLU I 177 119.08 57.29 4.02
C GLU I 177 118.23 58.54 3.82
N ILE I 178 117.97 59.31 4.87
CA ILE I 178 117.23 60.55 4.74
C ILE I 178 118.06 61.63 4.05
N ALA I 179 119.37 61.64 4.30
CA ALA I 179 120.27 62.53 3.59
C ALA I 179 120.38 62.18 2.11
N GLY I 180 120.46 60.89 1.78
CA GLY I 180 120.47 60.50 0.38
C GLY I 180 119.19 60.86 -0.36
N ASN I 181 118.03 60.69 0.29
CA ASN I 181 116.80 61.18 -0.31
C ASN I 181 116.72 62.69 -0.34
N LEU I 182 117.29 63.36 0.66
CA LEU I 182 117.24 64.82 0.69
C LEU I 182 118.10 65.42 -0.43
N ASP I 183 119.34 64.96 -0.55
CA ASP I 183 120.23 65.51 -1.56
C ASP I 183 119.80 65.06 -2.95
N ASN I 184 119.63 63.75 -3.14
CA ASN I 184 119.39 63.22 -4.48
C ASN I 184 117.99 63.56 -4.99
N ALA I 185 116.95 63.25 -4.22
CA ALA I 185 115.59 63.52 -4.67
C ALA I 185 115.25 65.01 -4.59
N SER I 186 115.47 65.63 -3.42
CA SER I 186 115.00 66.99 -3.21
C SER I 186 115.84 67.98 -4.00
N ALA I 187 117.17 67.87 -3.92
CA ALA I 187 118.04 68.88 -4.51
C ALA I 187 117.97 68.86 -6.03
N SER I 188 117.92 67.69 -6.65
CA SER I 188 117.74 67.64 -8.10
C SER I 188 116.39 68.24 -8.49
N SER I 189 115.37 68.02 -7.65
CA SER I 189 114.08 68.66 -7.90
C SER I 189 114.18 70.18 -7.78
N LEU I 190 115.03 70.67 -6.87
CA LEU I 190 115.17 72.12 -6.73
C LEU I 190 115.94 72.70 -7.90
N PHE I 191 117.10 72.13 -8.24
CA PHE I 191 117.96 72.74 -9.24
C PHE I 191 117.37 72.61 -10.64
N GLU I 192 116.99 71.40 -11.03
CA GLU I 192 116.49 71.19 -12.39
C GLU I 192 115.11 71.79 -12.64
N ARG I 193 114.21 71.78 -11.64
CA ARG I 193 112.93 72.50 -11.80
C ARG I 193 113.06 74.02 -11.73
N ILE I 194 113.96 74.54 -10.91
CA ILE I 194 114.17 75.99 -10.89
C ILE I 194 114.86 76.45 -12.17
N GLU I 195 115.84 75.69 -12.63
CA GLU I 195 116.53 76.04 -13.87
C GLU I 195 115.59 76.02 -15.07
N THR I 196 114.81 74.95 -15.23
CA THR I 196 113.87 74.88 -16.35
C THR I 196 112.83 76.00 -16.29
N LYS I 197 112.38 76.35 -15.09
CA LYS I 197 111.46 77.49 -14.97
C LYS I 197 112.16 78.81 -15.29
N ILE I 198 113.44 78.92 -14.97
CA ILE I 198 114.22 80.10 -15.34
C ILE I 198 114.34 80.18 -16.86
N LEU I 199 114.63 79.05 -17.49
CA LEU I 199 114.70 78.99 -18.95
C LEU I 199 113.38 79.40 -19.58
N GLU I 200 112.26 79.03 -18.96
CA GLU I 200 110.97 79.46 -19.47
C GLU I 200 110.83 80.97 -19.37
N LEU I 201 111.33 81.55 -18.27
CA LEU I 201 111.35 83.01 -18.16
C LEU I 201 112.31 83.63 -19.17
N GLU I 202 113.41 82.94 -19.49
CA GLU I 202 114.38 83.43 -20.45
C GLU I 202 113.88 83.35 -21.89
N ALA I 203 113.04 82.37 -22.21
CA ALA I 203 112.39 82.32 -23.51
C ALA I 203 111.49 83.54 -23.74
N GLU I 204 110.85 84.04 -22.69
CA GLU I 204 110.17 85.33 -22.78
C GLU I 204 111.13 86.51 -22.74
N ARG I 205 112.28 86.38 -22.09
CA ARG I 205 113.29 87.44 -22.16
C ARG I 205 113.76 87.66 -23.58
N GLU I 206 114.11 86.59 -24.29
CA GLU I 206 114.57 86.70 -25.67
C GLU I 206 113.45 87.04 -26.65
N LEU I 207 112.19 87.00 -26.22
CA LEU I 207 111.11 87.58 -27.00
C LEU I 207 110.97 89.07 -26.76
N LEU I 208 111.22 89.54 -25.54
CA LEU I 208 111.12 90.95 -25.21
C LEU I 208 112.41 91.73 -25.44
N ASN I 209 113.53 91.03 -25.65
CA ASN I 209 114.85 91.65 -25.55
C ASN I 209 115.80 91.02 -26.56
N PRO I 210 116.38 91.78 -27.47
CA PRO I 210 117.36 91.21 -28.39
C PRO I 210 118.56 90.69 -27.62
N PRO I 211 119.19 89.62 -28.09
CA PRO I 211 120.43 89.14 -27.45
C PRO I 211 121.45 90.25 -27.32
N PRO I 212 121.88 90.58 -26.10
CA PRO I 212 122.88 91.64 -25.93
C PRO I 212 124.27 91.21 -26.39
N SER I 213 124.50 91.24 -27.70
CA SER I 213 125.78 90.85 -28.28
C SER I 213 126.88 91.80 -27.81
N PRO I 214 128.15 91.47 -28.00
CA PRO I 214 129.22 92.43 -27.69
C PRO I 214 129.13 93.71 -28.50
N LEU I 215 128.45 93.69 -29.66
CA LEU I 215 128.45 94.86 -30.53
C LEU I 215 127.63 96.00 -29.92
N ASP I 216 126.34 95.76 -29.68
CA ASP I 216 125.49 96.79 -29.06
C ASP I 216 126.01 97.18 -27.68
N LYS I 217 126.63 96.25 -26.96
CA LYS I 217 127.22 96.58 -25.67
C LYS I 217 128.32 97.62 -25.81
N LYS I 218 129.21 97.45 -26.80
CA LYS I 218 130.26 98.42 -27.01
C LYS I 218 129.71 99.78 -27.46
N PHE I 219 128.66 99.76 -28.28
CA PHE I 219 128.01 101.00 -28.69
C PHE I 219 127.42 101.75 -27.51
N GLU I 220 126.77 101.03 -26.58
CA GLU I 220 126.21 101.68 -25.40
C GLU I 220 127.32 102.26 -24.53
N GLN I 221 128.44 101.54 -24.41
CA GLN I 221 129.58 102.05 -23.65
C GLN I 221 130.12 103.33 -24.28
N TRP I 222 130.23 103.35 -25.61
CA TRP I 222 130.67 104.56 -26.29
C TRP I 222 129.66 105.69 -26.13
N GLU I 223 128.37 105.37 -26.01
CA GLU I 223 127.38 106.41 -25.76
C GLU I 223 127.63 107.09 -24.43
N GLU I 224 127.91 106.30 -23.38
CA GLU I 224 128.27 106.89 -22.10
C GLU I 224 129.56 107.70 -22.22
N GLN I 225 130.54 107.19 -22.97
CA GLN I 225 131.77 107.91 -23.20
C GLN I 225 131.51 109.26 -23.88
N GLN I 226 130.58 109.29 -24.84
CA GLN I 226 130.28 110.52 -25.54
C GLN I 226 129.49 111.50 -24.68
N ALA I 227 128.68 111.00 -23.76
CA ALA I 227 128.01 111.88 -22.80
C ALA I 227 129.02 112.61 -21.94
N VAL I 228 130.01 111.87 -21.39
CA VAL I 228 131.04 112.50 -20.58
C VAL I 228 131.93 113.38 -21.44
N GLU I 229 132.15 113.02 -22.70
CA GLU I 229 132.94 113.90 -23.55
C GLU I 229 132.20 115.21 -23.82
N ALA I 230 130.86 115.19 -23.84
CA ALA I 230 130.11 116.43 -23.96
C ALA I 230 130.17 117.27 -22.69
N THR I 231 130.13 116.62 -21.51
CA THR I 231 130.34 117.35 -20.26
C THR I 231 131.72 117.98 -20.21
N LEU I 232 132.74 117.25 -20.68
CA LEU I 232 134.08 117.82 -20.74
C LEU I 232 134.12 119.03 -21.67
N ALA I 233 133.38 118.97 -22.79
CA ALA I 233 133.33 120.10 -23.70
C ALA I 233 132.73 121.33 -23.03
N ALA I 234 131.65 121.13 -22.28
CA ALA I 234 131.07 122.23 -21.50
C ALA I 234 132.07 122.75 -20.47
N MET I 235 132.78 121.84 -19.79
CA MET I 235 133.78 122.25 -18.81
C MET I 235 134.81 123.19 -19.43
N LYS I 236 135.41 122.79 -20.54
CA LYS I 236 136.50 123.57 -21.11
C LYS I 236 135.99 124.78 -21.89
N ALA I 237 134.72 124.80 -22.27
CA ALA I 237 134.15 125.99 -22.88
C ALA I 237 133.88 127.07 -21.82
N ARG I 238 133.41 126.67 -20.64
CA ARG I 238 133.32 127.60 -19.53
C ARG I 238 134.71 128.06 -19.09
N ARG I 239 135.68 127.16 -19.14
CA ARG I 239 137.06 127.50 -18.79
C ARG I 239 137.73 128.39 -19.83
N SER I 240 137.24 128.43 -21.07
CA SER I 240 137.87 129.26 -22.10
C SER I 240 137.94 130.71 -21.65
N MET J 24 32.23 -40.51 78.98
CA MET J 24 30.79 -40.40 78.77
C MET J 24 30.24 -39.17 79.50
N GLU J 25 29.30 -38.47 78.86
CA GLU J 25 28.69 -37.31 79.51
C GLU J 25 27.91 -37.74 80.75
N LEU J 26 27.24 -38.89 80.68
CA LEU J 26 26.56 -39.43 81.86
C LEU J 26 27.55 -39.62 82.99
N PHE J 27 28.70 -40.24 82.70
CA PHE J 27 29.71 -40.45 83.71
C PHE J 27 30.16 -39.14 84.35
N ASN J 28 30.44 -38.13 83.53
CA ASN J 28 30.80 -36.81 84.05
C ASN J 28 29.72 -36.22 84.95
N ARG J 29 28.46 -36.29 84.52
CA ARG J 29 27.35 -35.87 85.38
C ARG J 29 27.35 -36.59 86.72
N VAL J 30 27.52 -37.91 86.70
CA VAL J 30 27.58 -38.71 87.93
C VAL J 30 28.87 -38.47 88.71
N GLY J 31 29.87 -37.87 88.06
CA GLY J 31 31.18 -37.73 88.66
C GLY J 31 31.22 -37.07 90.04
N ARG J 32 30.49 -35.98 90.23
CA ARG J 32 30.53 -35.35 91.55
C ARG J 32 30.14 -36.33 92.67
N VAL J 33 29.01 -37.01 92.51
CA VAL J 33 28.52 -37.95 93.52
C VAL J 33 29.36 -39.22 93.60
N LEU J 34 29.73 -39.79 92.46
CA LEU J 34 30.50 -41.03 92.49
C LEU J 34 31.94 -40.78 92.94
N LYS J 35 32.61 -39.81 92.34
CA LYS J 35 34.00 -39.53 92.66
C LYS J 35 34.18 -39.00 94.07
N SER J 36 33.21 -38.32 94.67
CA SER J 36 33.34 -38.00 96.10
C SER J 36 33.42 -39.26 96.95
N GLN J 37 32.51 -40.20 96.69
CA GLN J 37 32.55 -41.49 97.36
C GLN J 37 33.86 -42.23 97.08
N LEU J 38 34.30 -42.29 95.82
CA LEU J 38 35.56 -42.99 95.53
C LEU J 38 36.78 -42.31 96.16
N THR J 39 36.77 -40.97 96.27
CA THR J 39 37.84 -40.25 96.94
C THR J 39 37.92 -40.64 98.41
N HIS J 40 36.77 -40.79 99.07
CA HIS J 40 36.81 -41.40 100.40
C HIS J 40 37.13 -42.89 100.36
N TRP J 41 36.73 -43.58 99.29
CA TRP J 41 36.93 -45.02 99.21
C TRP J 41 38.41 -45.36 99.25
N GLN J 42 39.22 -44.64 98.46
CA GLN J 42 40.66 -44.81 98.55
C GLN J 42 41.19 -44.38 99.90
N GLN J 43 40.57 -43.38 100.52
CA GLN J 43 40.91 -42.97 101.88
C GLN J 43 40.50 -43.98 102.95
N GLN J 44 39.57 -44.90 102.68
CA GLN J 44 38.93 -45.64 103.77
C GLN J 44 39.94 -46.28 104.72
N GLN J 45 41.11 -46.69 104.23
CA GLN J 45 42.11 -47.25 105.14
C GLN J 45 42.49 -46.25 106.23
N GLU J 46 42.62 -44.98 105.86
CA GLU J 46 42.81 -43.92 106.84
C GLU J 46 41.50 -43.57 107.55
N ALA J 47 40.39 -43.56 106.81
CA ALA J 47 39.12 -42.99 107.30
C ALA J 47 37.97 -43.94 107.05
N PRO J 48 37.83 -44.98 107.89
CA PRO J 48 36.58 -45.76 107.91
C PRO J 48 35.49 -45.13 108.76
N GLU J 49 35.82 -44.09 109.53
CA GLU J 49 35.03 -43.70 110.69
C GLU J 49 33.58 -43.39 110.33
N ASP J 50 33.36 -42.65 109.24
CA ASP J 50 32.00 -42.28 108.87
C ASP J 50 31.15 -43.47 108.47
N LEU J 51 31.69 -44.40 107.66
CA LEU J 51 30.89 -45.56 107.26
C LEU J 51 30.61 -46.48 108.45
N LEU J 52 31.60 -46.67 109.33
CA LEU J 52 31.41 -47.50 110.52
C LEU J 52 30.33 -46.94 111.43
N GLU J 53 30.42 -45.65 111.75
CA GLU J 53 29.45 -45.01 112.64
C GLU J 53 28.07 -44.86 112.00
N ARG J 54 28.01 -44.69 110.68
CA ARG J 54 26.70 -44.70 110.01
C ARG J 54 25.98 -46.02 110.21
N LEU J 55 26.67 -47.15 109.96
CA LEU J 55 26.05 -48.46 110.15
C LEU J 55 25.61 -48.69 111.59
N LEU J 56 26.48 -48.39 112.56
CA LEU J 56 26.12 -48.56 113.96
C LEU J 56 25.04 -47.57 114.41
N GLY J 57 24.96 -46.40 113.79
CA GLY J 57 23.80 -45.54 114.00
C GLY J 57 22.50 -46.19 113.56
N GLU J 58 22.51 -46.82 112.39
CA GLU J 58 21.36 -47.58 111.92
C GLU J 58 21.04 -48.73 112.88
N MET J 59 22.06 -49.35 113.44
CA MET J 59 21.88 -50.40 114.43
C MET J 59 21.25 -49.87 115.72
N GLU J 60 21.60 -48.66 116.13
CA GLU J 60 20.90 -48.01 117.26
C GLU J 60 19.45 -47.66 116.93
N LEU J 61 19.19 -47.21 115.70
CA LEU J 61 17.80 -46.97 115.28
C LEU J 61 16.97 -48.24 115.27
N GLU J 62 17.56 -49.36 114.84
CA GLU J 62 16.88 -50.65 114.96
C GLU J 62 16.65 -51.01 116.43
N LEU J 63 17.70 -50.94 117.25
CA LEU J 63 17.65 -51.39 118.63
C LEU J 63 16.61 -50.66 119.48
N ILE J 64 16.37 -49.37 119.19
CA ILE J 64 15.27 -48.68 119.85
C ILE J 64 13.91 -49.22 119.38
N GLU J 65 13.83 -49.70 118.14
CA GLU J 65 12.65 -50.46 117.75
C GLU J 65 12.57 -51.78 118.50
N LEU J 66 13.66 -52.54 118.56
CA LEU J 66 13.64 -53.87 119.19
C LEU J 66 13.17 -53.81 120.63
N ARG J 67 13.58 -52.78 121.38
CA ARG J 67 13.09 -52.57 122.74
C ARG J 67 11.60 -52.25 122.78
N ARG J 68 11.11 -51.40 121.88
CA ARG J 68 9.67 -51.14 121.84
C ARG J 68 8.87 -52.36 121.41
N ALA J 69 9.43 -53.19 120.53
CA ALA J 69 8.75 -54.43 120.13
C ALA J 69 8.70 -55.43 121.28
N LEU J 70 9.74 -55.50 122.09
CA LEU J 70 9.67 -56.24 123.35
C LEU J 70 8.58 -55.70 124.27
N ALA J 71 8.49 -54.38 124.41
CA ALA J 71 7.44 -53.82 125.25
C ALA J 71 6.04 -54.09 124.70
N GLN J 72 5.89 -54.13 123.37
CA GLN J 72 4.62 -54.51 122.78
C GLN J 72 4.29 -55.98 123.00
N THR J 73 5.29 -56.86 123.03
CA THR J 73 5.04 -58.25 123.38
C THR J 73 4.63 -58.43 124.83
N ILE J 74 5.31 -57.76 125.76
CA ILE J 74 4.92 -57.84 127.17
C ILE J 74 3.52 -57.29 127.37
N ALA J 75 3.19 -56.18 126.70
CA ALA J 75 1.85 -55.62 126.80
C ALA J 75 0.78 -56.58 126.29
N THR J 76 1.02 -57.22 125.15
CA THR J 76 0.09 -58.21 124.62
C THR J 76 0.01 -59.48 125.48
N PHE J 77 1.11 -59.89 126.10
CA PHE J 77 1.09 -61.07 126.96
C PHE J 77 0.21 -60.86 128.19
N LYS J 78 0.43 -59.75 128.91
CA LYS J 78 -0.36 -59.47 130.11
C LYS J 78 -1.79 -59.03 129.78
N SER J 79 -2.03 -58.45 128.60
CA SER J 79 -3.42 -58.20 128.20
C SER J 79 -4.17 -59.51 127.98
N THR J 80 -3.53 -60.52 127.39
CA THR J 80 -4.14 -61.84 127.34
C THR J 80 -4.41 -62.36 128.75
N GLU J 81 -3.49 -62.10 129.68
CA GLU J 81 -3.68 -62.49 131.07
C GLU J 81 -4.77 -61.69 131.75
N ARG J 82 -4.94 -60.41 131.37
CA ARG J 82 -6.06 -59.63 131.87
C ARG J 82 -7.39 -60.20 131.39
N GLN J 83 -7.40 -60.80 130.20
CA GLN J 83 -8.59 -61.49 129.73
C GLN J 83 -8.84 -62.76 130.53
N ARG J 84 -7.77 -63.43 130.94
CA ARG J 84 -7.89 -64.54 131.89
C ARG J 84 -8.40 -64.05 133.24
N ASP J 85 -7.91 -62.90 133.71
CA ASP J 85 -8.41 -62.34 134.96
C ASP J 85 -9.91 -62.06 134.90
N ALA J 86 -10.41 -61.67 133.74
CA ALA J 86 -11.86 -61.53 133.58
C ALA J 86 -12.57 -62.88 133.55
N GLN J 87 -12.03 -63.86 132.82
CA GLN J 87 -12.66 -65.18 132.79
C GLN J 87 -12.76 -65.79 134.18
N GLN J 88 -11.68 -65.73 134.95
CA GLN J 88 -11.68 -66.27 136.30
C GLN J 88 -12.58 -65.45 137.23
N LEU J 89 -12.71 -64.14 136.98
CA LEU J 89 -13.66 -63.34 137.75
C LEU J 89 -15.10 -63.74 137.47
N ILE J 90 -15.43 -64.08 136.22
CA ILE J 90 -16.77 -64.57 135.93
C ILE J 90 -16.97 -65.98 136.47
N ALA J 91 -15.90 -66.79 136.52
CA ALA J 91 -15.96 -68.07 137.21
C ALA J 91 -16.28 -67.88 138.69
N GLN J 92 -15.65 -66.90 139.34
CA GLN J 92 -16.01 -66.57 140.72
C GLN J 92 -17.45 -66.08 140.82
N ARG J 93 -17.89 -65.28 139.86
CA ARG J 93 -19.31 -64.90 139.79
C ARG J 93 -20.23 -66.10 139.67
N TRP J 94 -19.76 -67.16 139.00
CA TRP J 94 -20.50 -68.42 138.97
C TRP J 94 -20.46 -69.17 140.29
N TYR J 95 -19.37 -69.04 141.06
CA TYR J 95 -19.38 -69.59 142.41
C TYR J 95 -20.30 -68.81 143.34
N GLU J 96 -20.33 -67.48 143.22
CA GLU J 96 -21.26 -66.68 144.02
C GLU J 96 -22.70 -67.08 143.76
N LYS J 97 -23.08 -67.21 142.48
CA LYS J 97 -24.41 -67.69 142.13
C LYS J 97 -24.68 -69.10 142.62
N ALA J 98 -23.63 -69.94 142.68
CA ALA J 98 -23.78 -71.24 143.33
C ALA J 98 -23.97 -71.08 144.84
N GLN J 99 -23.24 -70.17 145.47
CA GLN J 99 -23.30 -70.03 146.91
C GLN J 99 -24.69 -69.63 147.38
N ALA J 100 -25.43 -68.86 146.56
CA ALA J 100 -26.82 -68.54 146.84
C ALA J 100 -27.73 -69.76 146.81
N ALA J 101 -27.20 -70.91 146.39
CA ALA J 101 -27.94 -72.17 146.43
C ALA J 101 -27.13 -73.28 147.09
N LEU J 102 -25.96 -72.98 147.65
CA LEU J 102 -25.12 -73.99 148.27
C LEU J 102 -25.38 -74.14 149.76
N ASP J 103 -26.34 -73.39 150.30
CA ASP J 103 -26.86 -73.61 151.63
C ASP J 103 -28.26 -74.21 151.55
N ARG J 104 -28.70 -74.79 152.66
CA ARG J 104 -30.02 -75.39 152.82
C ARG J 104 -30.21 -76.64 151.98
N GLY J 105 -29.15 -77.16 151.36
CA GLY J 105 -29.30 -78.29 150.47
C GLY J 105 -29.97 -77.98 149.16
N ASN J 106 -30.09 -76.70 148.81
CA ASN J 106 -30.73 -76.27 147.57
C ASN J 106 -29.76 -76.23 146.39
N GLU J 107 -28.68 -76.99 146.46
CA GLU J 107 -27.57 -76.94 145.49
C GLU J 107 -28.00 -77.34 144.07
N GLN J 108 -29.27 -77.67 143.87
CA GLN J 108 -29.77 -78.00 142.54
C GLN J 108 -29.28 -77.04 141.46
N LEU J 109 -29.43 -75.74 141.69
CA LEU J 109 -29.01 -74.76 140.68
C LEU J 109 -27.49 -74.74 140.50
N ALA J 110 -26.74 -75.23 141.48
CA ALA J 110 -25.29 -75.33 141.32
C ALA J 110 -24.93 -76.25 140.17
N ARG J 111 -25.82 -77.17 139.79
CA ARG J 111 -25.57 -78.04 138.65
C ARG J 111 -25.30 -77.21 137.39
N GLU J 112 -26.21 -76.29 137.06
CA GLU J 112 -26.01 -75.42 135.91
C GLU J 112 -24.91 -74.39 136.14
N ALA J 113 -24.83 -73.80 137.33
CA ALA J 113 -23.86 -72.74 137.58
C ALA J 113 -22.43 -73.25 137.46
N LEU J 114 -22.13 -74.39 138.07
CA LEU J 114 -20.83 -75.03 137.89
C LEU J 114 -20.68 -75.68 136.52
N GLY J 115 -21.78 -76.09 135.89
CA GLY J 115 -21.70 -76.53 134.51
C GLY J 115 -21.20 -75.46 133.56
N GLN J 116 -21.64 -74.22 133.75
CA GLN J 116 -21.02 -73.10 133.04
C GLN J 116 -19.59 -72.87 133.48
N ARG J 117 -19.33 -72.85 134.79
CA ARG J 117 -17.97 -72.58 135.25
C ARG J 117 -16.96 -73.57 134.70
N GLN J 118 -17.37 -74.81 134.42
CA GLN J 118 -16.46 -75.77 133.81
C GLN J 118 -15.93 -75.27 132.47
N SER J 119 -16.80 -74.74 131.61
CA SER J 119 -16.34 -74.12 130.37
C SER J 119 -15.52 -72.87 130.61
N TYR J 120 -15.83 -72.10 131.65
CA TYR J 120 -15.03 -70.91 131.95
C TYR J 120 -13.64 -71.27 132.48
N GLN J 121 -13.55 -72.33 133.27
CA GLN J 121 -12.23 -72.82 133.71
C GLN J 121 -11.40 -73.35 132.56
N SER J 122 -12.03 -73.99 131.57
CA SER J 122 -11.26 -74.50 130.44
C SER J 122 -10.62 -73.37 129.65
N HIS J 123 -11.36 -72.30 129.38
CA HIS J 123 -10.77 -71.13 128.73
C HIS J 123 -9.76 -70.43 129.64
N THR J 124 -10.01 -70.40 130.96
CA THR J 124 -9.05 -69.78 131.87
C THR J 124 -7.72 -70.52 131.87
N GLU J 125 -7.74 -71.86 131.81
CA GLU J 125 -6.50 -72.62 131.85
C GLU J 125 -5.86 -72.73 130.46
N ALA J 126 -6.65 -72.65 129.40
CA ALA J 126 -6.11 -72.44 128.07
C ALA J 126 -5.33 -71.13 128.00
N LEU J 127 -5.91 -70.05 128.52
CA LEU J 127 -5.20 -68.79 128.62
C LEU J 127 -3.97 -68.92 129.51
N GLY J 128 -4.12 -69.53 130.69
CA GLY J 128 -3.00 -69.66 131.60
C GLY J 128 -1.81 -70.44 131.05
N LYS J 129 -2.07 -71.43 130.20
CA LYS J 129 -0.99 -72.21 129.61
C LYS J 129 -0.44 -71.60 128.32
N SER J 130 -1.28 -70.91 127.55
CA SER J 130 -0.74 -70.01 126.53
C SER J 130 0.17 -68.96 127.16
N LEU J 131 -0.25 -68.39 128.29
CA LEU J 131 0.51 -67.42 129.05
C LEU J 131 1.73 -68.02 129.73
N GLY J 132 1.85 -69.35 129.76
CA GLY J 132 3.08 -70.00 130.15
C GLY J 132 4.10 -69.98 129.03
N GLU J 133 3.64 -70.18 127.80
CA GLU J 133 4.53 -70.05 126.65
C GLU J 133 4.90 -68.59 126.44
N GLN J 134 3.92 -67.70 126.50
CA GLN J 134 4.17 -66.26 126.38
C GLN J 134 5.11 -65.75 127.46
N ARG J 135 5.06 -66.37 128.65
CA ARG J 135 6.09 -66.11 129.66
C ARG J 135 7.47 -66.47 129.13
N ALA J 136 7.66 -67.72 128.72
CA ALA J 136 8.95 -68.15 128.20
C ALA J 136 9.40 -67.31 127.01
N LEU J 137 8.46 -66.82 126.21
CA LEU J 137 8.81 -65.91 125.12
C LEU J 137 9.37 -64.58 125.62
N VAL J 138 8.70 -63.94 126.58
CA VAL J 138 9.21 -62.67 127.10
C VAL J 138 10.51 -62.85 127.87
N GLU J 139 10.69 -64.00 128.53
CA GLU J 139 11.97 -64.27 129.19
C GLU J 139 13.10 -64.47 128.18
N GLN J 140 12.88 -65.33 127.18
CA GLN J 140 13.93 -65.62 126.21
C GLN J 140 14.24 -64.41 125.35
N VAL J 141 13.23 -63.62 124.99
CA VAL J 141 13.47 -62.41 124.21
C VAL J 141 14.21 -61.36 125.04
N ARG J 142 13.94 -61.30 126.35
CA ARG J 142 14.72 -60.41 127.22
C ARG J 142 16.17 -60.86 127.34
N GLY J 143 16.42 -62.17 127.43
CA GLY J 143 17.80 -62.64 127.47
C GLY J 143 18.51 -62.47 126.14
N GLN J 144 17.79 -62.69 125.04
CA GLN J 144 18.34 -62.45 123.71
C GLN J 144 18.75 -60.99 123.55
N LEU J 145 17.86 -60.07 123.91
CA LEU J 145 18.17 -58.64 123.86
C LEU J 145 19.35 -58.29 124.76
N GLN J 146 19.29 -58.69 126.03
CA GLN J 146 20.32 -58.23 126.96
C GLN J 146 21.71 -58.74 126.58
N LYS J 147 21.81 -59.95 126.05
CA LYS J 147 23.07 -60.42 125.45
C LYS J 147 23.46 -59.57 124.24
N LEU J 148 22.52 -59.34 123.33
CA LEU J 148 22.83 -58.68 122.07
C LEU J 148 23.22 -57.21 122.27
N GLU J 149 22.42 -56.47 123.05
CA GLU J 149 22.68 -55.06 123.26
C GLU J 149 23.91 -54.83 124.13
N ARG J 150 24.18 -55.73 125.08
CA ARG J 150 25.45 -55.66 125.81
C ARG J 150 26.62 -55.92 124.89
N LYS J 151 26.45 -56.80 123.90
CA LYS J 151 27.48 -57.02 122.89
C LYS J 151 27.66 -55.78 122.02
N TYR J 152 26.57 -55.09 121.69
CA TYR J 152 26.65 -53.82 121.00
C TYR J 152 27.39 -52.76 121.81
N LEU J 153 27.12 -52.69 123.11
CA LEU J 153 27.85 -51.76 123.98
C LEU J 153 29.35 -52.04 123.99
N GLU J 154 29.73 -53.30 124.21
CA GLU J 154 31.15 -53.67 124.19
C GLU J 154 31.76 -53.52 122.80
N LEU J 155 30.96 -53.72 121.75
CA LEU J 155 31.41 -53.47 120.39
C LEU J 155 31.60 -51.98 120.11
N LYS J 156 30.77 -51.12 120.69
CA LYS J 156 31.04 -49.68 120.66
C LYS J 156 32.37 -49.36 121.34
N SER J 157 32.60 -49.95 122.50
CA SER J 157 33.88 -49.76 123.19
C SER J 157 35.05 -50.17 122.30
N GLN J 158 34.96 -51.36 121.71
CA GLN J 158 35.99 -51.83 120.78
C GLN J 158 36.15 -50.90 119.57
N LYS J 159 35.06 -50.42 118.98
CA LYS J 159 35.18 -49.53 117.83
C LYS J 159 35.92 -48.25 118.19
N ASN J 160 35.55 -47.62 119.31
CA ASN J 160 36.27 -46.43 119.76
C ASN J 160 37.75 -46.71 119.90
N LEU J 161 38.08 -47.83 120.53
CA LEU J 161 39.47 -48.27 120.68
C LEU J 161 40.10 -48.67 119.36
N TYR J 162 39.28 -49.07 118.38
CA TYR J 162 39.81 -49.44 117.07
C TYR J 162 40.15 -48.22 116.22
N LEU J 163 39.34 -47.17 116.31
CA LEU J 163 39.68 -45.91 115.64
C LEU J 163 40.94 -45.29 116.24
N ALA J 164 41.08 -45.37 117.56
CA ALA J 164 42.32 -44.94 118.21
C ALA J 164 43.52 -45.77 117.75
N ARG J 165 43.39 -47.10 117.78
CA ARG J 165 44.45 -47.97 117.27
C ARG J 165 44.80 -47.62 115.82
N LEU J 166 43.80 -47.47 114.96
CA LEU J 166 44.05 -47.20 113.55
C LEU J 166 44.79 -45.89 113.34
N LYS J 167 44.31 -44.80 113.94
CA LYS J 167 44.99 -43.53 113.85
C LYS J 167 46.41 -43.60 114.41
N SER J 168 46.61 -44.36 115.49
CA SER J 168 47.94 -44.50 116.08
C SER J 168 48.88 -45.27 115.16
N ALA J 169 48.39 -46.35 114.56
CA ALA J 169 49.17 -47.09 113.56
C ALA J 169 49.51 -46.21 112.37
N ILE J 170 48.54 -45.45 111.88
CA ILE J 170 48.78 -44.54 110.76
C ILE J 170 49.91 -43.56 111.10
N ALA J 171 49.84 -42.97 112.29
CA ALA J 171 50.90 -42.07 112.75
C ALA J 171 52.25 -42.78 112.80
N ALA J 172 52.26 -44.00 113.34
CA ALA J 172 53.49 -44.80 113.40
C ALA J 172 54.07 -45.05 112.02
N GLN J 173 53.21 -45.44 111.08
CA GLN J 173 53.62 -45.61 109.69
C GLN J 173 54.25 -44.34 109.15
N LYS J 174 53.69 -43.18 109.48
CA LYS J 174 54.24 -41.92 109.02
C LYS J 174 55.61 -41.61 109.64
N ILE J 175 55.81 -41.94 110.92
CA ILE J 175 57.15 -41.78 111.51
C ILE J 175 58.17 -42.72 110.88
N GLU J 176 57.84 -43.99 110.71
CA GLU J 176 58.81 -44.90 110.08
C GLU J 176 59.16 -44.47 108.66
N GLU J 177 58.16 -44.20 107.84
CA GLU J 177 58.42 -43.86 106.44
C GLU J 177 59.14 -42.51 106.28
N ILE J 178 58.76 -41.51 107.06
CA ILE J 178 59.44 -40.21 107.02
C ILE J 178 60.82 -40.31 107.66
N ALA J 179 60.97 -41.12 108.70
CA ALA J 179 62.28 -41.37 109.28
C ALA J 179 63.20 -42.12 108.32
N GLY J 180 62.67 -43.13 107.62
CA GLY J 180 63.47 -43.83 106.63
C GLY J 180 63.93 -42.94 105.48
N ASN J 181 63.05 -42.05 105.01
CA ASN J 181 63.48 -41.07 104.02
C ASN J 181 64.42 -40.03 104.61
N LEU J 182 64.23 -39.68 105.88
CA LEU J 182 65.10 -38.67 106.50
C LEU J 182 66.50 -39.22 106.69
N ASP J 183 66.63 -40.41 107.26
CA ASP J 183 67.95 -40.97 107.50
C ASP J 183 68.60 -41.40 106.19
N ASN J 184 67.89 -42.21 105.40
CA ASN J 184 68.50 -42.80 104.22
C ASN J 184 68.75 -41.77 103.12
N ALA J 185 67.71 -41.02 102.73
CA ALA J 185 67.88 -40.04 101.65
C ALA J 185 68.64 -38.81 102.12
N SER J 186 68.20 -38.19 103.23
CA SER J 186 68.77 -36.91 103.63
C SER J 186 70.18 -37.08 104.16
N ALA J 187 70.39 -38.05 105.06
CA ALA J 187 71.67 -38.16 105.75
C ALA J 187 72.78 -38.60 104.80
N SER J 188 72.50 -39.53 103.89
CA SER J 188 73.51 -39.88 102.89
C SER J 188 73.82 -38.68 102.01
N SER J 189 72.81 -37.86 101.71
CA SER J 189 73.05 -36.62 100.96
C SER J 189 73.93 -35.67 101.77
N LEU J 190 73.77 -35.64 103.09
CA LEU J 190 74.59 -34.75 103.91
C LEU J 190 76.03 -35.25 103.99
N PHE J 191 76.21 -36.54 104.33
CA PHE J 191 77.56 -37.03 104.59
C PHE J 191 78.38 -37.14 103.30
N GLU J 192 77.82 -37.80 102.28
CA GLU J 192 78.59 -38.01 101.06
C GLU J 192 78.78 -36.74 100.23
N ARG J 193 77.81 -35.82 100.21
CA ARG J 193 78.05 -34.53 99.56
C ARG J 193 78.96 -33.59 100.35
N ILE J 194 78.90 -33.61 101.67
CA ILE J 194 79.84 -32.80 102.45
C ILE J 194 81.25 -33.35 102.37
N GLU J 195 81.38 -34.68 102.43
CA GLU J 195 82.69 -35.31 102.33
C GLU J 195 83.33 -35.04 100.97
N THR J 196 82.60 -35.26 99.88
CA THR J 196 83.15 -35.00 98.55
C THR J 196 83.53 -33.53 98.36
N LYS J 197 82.74 -32.62 98.92
CA LYS J 197 83.12 -31.20 98.87
C LYS J 197 84.34 -30.92 99.73
N ILE J 198 84.49 -31.64 100.84
CA ILE J 198 85.69 -31.50 101.66
C ILE J 198 86.91 -32.00 100.88
N LEU J 199 86.76 -33.14 100.21
CA LEU J 199 87.83 -33.68 99.38
C LEU J 199 88.22 -32.69 98.28
N GLU J 200 87.25 -31.98 97.73
CA GLU J 200 87.55 -30.96 96.73
C GLU J 200 88.38 -29.84 97.36
N LEU J 201 88.05 -29.46 98.59
CA LEU J 201 88.86 -28.49 99.32
C LEU J 201 90.25 -29.06 99.64
N GLU J 202 90.33 -30.36 99.89
CA GLU J 202 91.60 -31.02 100.21
C GLU J 202 92.50 -31.16 98.98
N ALA J 203 91.92 -31.32 97.79
CA ALA J 203 92.70 -31.30 96.57
C ALA J 203 93.39 -29.96 96.35
N GLU J 204 92.75 -28.86 96.75
CA GLU J 204 93.44 -27.58 96.79
C GLU J 204 94.39 -27.46 97.99
N ARG J 205 94.11 -28.13 99.10
CA ARG J 205 95.06 -28.15 100.20
C ARG J 205 96.39 -28.76 99.77
N GLU J 206 96.34 -29.93 99.13
CA GLU J 206 97.56 -30.60 98.68
C GLU J 206 98.21 -29.90 97.49
N LEU J 207 97.55 -28.93 96.87
CA LEU J 207 98.21 -28.05 95.92
C LEU J 207 98.93 -26.90 96.62
N LEU J 208 98.36 -26.39 97.72
CA LEU J 208 98.96 -25.29 98.46
C LEU J 208 99.94 -25.74 99.54
N ASN J 209 99.95 -27.04 99.87
CA ASN J 209 100.57 -27.51 101.10
C ASN J 209 101.18 -28.89 100.87
N PRO J 210 102.49 -29.07 101.07
CA PRO J 210 103.06 -30.40 100.95
C PRO J 210 102.48 -31.34 101.98
N PRO J 211 102.33 -32.62 101.66
CA PRO J 211 101.86 -33.59 102.67
C PRO J 211 102.71 -33.51 103.92
N PRO J 212 102.10 -33.22 105.09
CA PRO J 212 102.90 -33.17 106.32
C PRO J 212 103.33 -34.54 106.81
N SER J 213 104.38 -35.09 106.21
CA SER J 213 104.89 -36.40 106.57
C SER J 213 105.41 -36.39 108.01
N PRO J 214 105.67 -37.55 108.61
CA PRO J 214 106.30 -37.55 109.94
C PRO J 214 107.67 -36.91 109.96
N LEU J 215 108.34 -36.81 108.80
CA LEU J 215 109.72 -36.30 108.80
C LEU J 215 109.76 -34.81 109.10
N ASP J 216 109.09 -34.00 108.26
CA ASP J 216 109.06 -32.56 108.51
C ASP J 216 108.41 -32.23 109.83
N LYS J 217 107.45 -33.04 110.27
CA LYS J 217 106.83 -32.83 111.58
C LYS J 217 107.86 -32.95 112.70
N LYS J 218 108.71 -33.97 112.64
CA LYS J 218 109.75 -34.14 113.67
C LYS J 218 110.76 -33.00 113.61
N PHE J 219 111.10 -32.54 112.40
CA PHE J 219 112.02 -31.41 112.26
C PHE J 219 111.44 -30.14 112.88
N GLU J 220 110.15 -29.88 112.68
CA GLU J 220 109.52 -28.71 113.28
C GLU J 220 109.51 -28.83 114.81
N GLN J 221 109.25 -30.03 115.32
CA GLN J 221 109.29 -30.24 116.76
C GLN J 221 110.69 -29.97 117.31
N TRP J 222 111.73 -30.45 116.62
CA TRP J 222 113.09 -30.16 117.03
C TRP J 222 113.41 -28.68 116.95
N GLU J 223 112.80 -27.96 116.00
CA GLU J 223 113.00 -26.52 115.92
C GLU J 223 112.49 -25.83 117.17
N GLU J 224 111.31 -26.23 117.65
CA GLU J 224 110.79 -25.70 118.91
C GLU J 224 111.70 -26.09 120.06
N GLN J 225 112.20 -27.33 120.05
CA GLN J 225 113.14 -27.77 121.08
C GLN J 225 114.40 -26.92 121.08
N GLN J 226 114.89 -26.55 119.90
CA GLN J 226 116.11 -25.75 119.81
C GLN J 226 115.86 -24.31 120.21
N ALA J 227 114.65 -23.79 119.99
CA ALA J 227 114.33 -22.46 120.49
C ALA J 227 114.38 -22.41 122.01
N VAL J 228 113.77 -23.40 122.67
CA VAL J 228 113.80 -23.45 124.12
C VAL J 228 115.22 -23.75 124.61
N GLU J 229 115.99 -24.53 123.85
CA GLU J 229 117.37 -24.76 124.27
C GLU J 229 118.20 -23.47 124.19
N ALA J 230 117.86 -22.58 123.25
CA ALA J 230 118.51 -21.26 123.21
C ALA J 230 118.09 -20.37 124.37
N THR J 231 116.81 -20.41 124.76
CA THR J 231 116.38 -19.69 125.95
C THR J 231 117.09 -20.21 127.20
N LEU J 232 117.24 -21.53 127.30
CA LEU J 232 117.98 -22.10 128.42
C LEU J 232 119.42 -21.62 128.42
N ALA J 233 120.04 -21.50 127.23
CA ALA J 233 121.41 -21.01 127.16
C ALA J 233 121.50 -19.58 127.69
N ALA J 234 120.54 -18.73 127.30
CA ALA J 234 120.50 -17.37 127.85
C ALA J 234 120.30 -17.41 129.36
N MET J 235 119.42 -18.28 129.85
CA MET J 235 119.18 -18.39 131.28
C MET J 235 120.48 -18.67 132.03
N LYS J 236 121.23 -19.70 131.61
CA LYS J 236 122.41 -20.11 132.35
C LYS J 236 123.60 -19.21 132.08
N ALA J 237 123.58 -18.44 130.99
CA ALA J 237 124.62 -17.44 130.76
C ALA J 237 124.43 -16.24 131.68
N ARG J 238 123.18 -15.80 131.87
CA ARG J 238 122.91 -14.79 132.88
C ARG J 238 123.21 -15.31 134.28
N ARG J 239 122.94 -16.59 134.52
CA ARG J 239 123.23 -17.20 135.81
C ARG J 239 124.74 -17.41 136.05
N SER J 240 125.55 -17.42 135.00
CA SER J 240 126.98 -17.63 135.18
C SER J 240 127.57 -16.59 136.14
N MET K 24 -79.68 -25.10 49.00
CA MET K 24 -79.83 -24.09 47.95
C MET K 24 -79.76 -22.69 48.55
N GLU K 25 -79.08 -21.78 47.84
CA GLU K 25 -79.02 -20.40 48.31
C GLU K 25 -80.40 -19.76 48.32
N LEU K 26 -81.23 -20.08 47.33
CA LEU K 26 -82.60 -19.60 47.33
C LEU K 26 -83.32 -20.06 48.59
N PHE K 27 -83.18 -21.35 48.92
CA PHE K 27 -83.82 -21.88 50.12
C PHE K 27 -83.38 -21.12 51.36
N ASN K 28 -82.07 -20.91 51.52
CA ASN K 28 -81.55 -20.13 52.65
C ASN K 28 -82.14 -18.72 52.70
N ARG K 29 -82.18 -18.03 51.55
CA ARG K 29 -82.84 -16.72 51.49
C ARG K 29 -84.29 -16.78 51.97
N VAL K 30 -85.05 -17.77 51.50
CA VAL K 30 -86.43 -17.96 51.92
C VAL K 30 -86.54 -18.45 53.36
N GLY K 31 -85.44 -18.95 53.92
CA GLY K 31 -85.47 -19.58 55.23
C GLY K 31 -86.08 -18.74 56.35
N ARG K 32 -85.74 -17.47 56.44
CA ARG K 32 -86.32 -16.67 57.52
C ARG K 32 -87.86 -16.70 57.49
N VAL K 33 -88.44 -16.43 56.33
CA VAL K 33 -89.90 -16.39 56.19
C VAL K 33 -90.53 -17.78 56.25
N LEU K 34 -89.94 -18.76 55.58
CA LEU K 34 -90.53 -20.09 55.57
C LEU K 34 -90.35 -20.77 56.93
N LYS K 35 -89.12 -20.79 57.45
CA LYS K 35 -88.84 -21.47 58.71
C LYS K 35 -89.53 -20.81 59.90
N SER K 36 -89.81 -19.50 59.89
CA SER K 36 -90.63 -18.95 60.96
C SER K 36 -92.03 -19.56 60.96
N GLN K 37 -92.65 -19.64 59.78
CA GLN K 37 -93.93 -20.31 59.65
C GLN K 37 -93.85 -21.78 60.05
N LEU K 38 -92.83 -22.51 59.58
CA LEU K 38 -92.73 -23.92 59.95
C LEU K 38 -92.46 -24.12 61.45
N THR K 39 -91.72 -23.20 62.09
CA THR K 39 -91.52 -23.27 63.53
C THR K 39 -92.83 -23.12 64.28
N HIS K 40 -93.70 -22.23 63.83
CA HIS K 40 -95.06 -22.24 64.38
C HIS K 40 -95.87 -23.46 63.92
N TRP K 41 -95.61 -23.96 62.71
CA TRP K 41 -96.38 -25.07 62.18
C TRP K 41 -96.24 -26.30 63.06
N GLN K 42 -95.01 -26.63 63.44
CA GLN K 42 -94.82 -27.71 64.41
C GLN K 42 -95.43 -27.37 65.76
N GLN K 43 -95.42 -26.09 66.13
CA GLN K 43 -96.10 -25.63 67.34
C GLN K 43 -97.62 -25.69 67.26
N GLN K 44 -98.22 -25.74 66.07
CA GLN K 44 -99.65 -25.45 65.95
C GLN K 44 -100.51 -26.28 66.91
N GLN K 45 -100.09 -27.49 67.25
CA GLN K 45 -100.87 -28.27 68.21
C GLN K 45 -100.97 -27.55 69.55
N GLU K 46 -99.87 -26.92 69.98
CA GLU K 46 -99.91 -26.05 71.15
C GLU K 46 -100.56 -24.70 70.82
N ALA K 47 -100.28 -24.15 69.65
CA ALA K 47 -100.61 -22.76 69.32
C ALA K 47 -101.30 -22.65 67.97
N PRO K 48 -102.60 -22.98 67.92
CA PRO K 48 -103.41 -22.64 66.75
C PRO K 48 -103.94 -21.21 66.79
N GLU K 49 -103.79 -20.52 67.92
CA GLU K 49 -104.61 -19.36 68.23
C GLU K 49 -104.52 -18.27 67.16
N ASP K 50 -103.31 -17.97 66.70
CA ASP K 50 -103.14 -16.90 65.72
C ASP K 50 -103.79 -17.22 64.38
N LEU K 51 -103.62 -18.44 63.87
CA LEU K 51 -104.24 -18.78 62.59
C LEU K 51 -105.77 -18.82 62.70
N LEU K 52 -106.29 -19.37 63.80
CA LEU K 52 -107.73 -19.40 64.01
C LEU K 52 -108.34 -18.01 64.06
N GLU K 53 -107.77 -17.13 64.88
CA GLU K 53 -108.28 -15.77 65.02
C GLU K 53 -108.06 -14.93 63.78
N ARG K 54 -106.98 -15.17 63.02
CA ARG K 54 -106.81 -14.48 61.74
C ARG K 54 -107.97 -14.79 60.79
N LEU K 55 -108.30 -16.08 60.62
CA LEU K 55 -109.40 -16.46 59.74
C LEU K 55 -110.73 -15.86 60.19
N LEU K 56 -111.05 -15.97 61.48
CA LEU K 56 -112.30 -15.40 61.99
C LEU K 56 -112.30 -13.87 61.95
N GLY K 57 -111.13 -13.24 62.05
CA GLY K 57 -111.05 -11.81 61.76
C GLY K 57 -111.45 -11.47 60.33
N GLU K 58 -110.96 -12.25 59.37
CA GLU K 58 -111.37 -12.10 57.98
C GLU K 58 -112.87 -12.34 57.82
N MET K 59 -113.42 -13.28 58.59
CA MET K 59 -114.86 -13.54 58.58
C MET K 59 -115.66 -12.37 59.15
N GLU K 60 -115.12 -11.68 60.16
CA GLU K 60 -115.73 -10.43 60.64
C GLU K 60 -115.63 -9.31 59.60
N LEU K 61 -114.51 -9.20 58.89
CA LEU K 61 -114.40 -8.22 57.82
C LEU K 61 -115.39 -8.49 56.69
N GLU K 62 -115.61 -9.76 56.35
CA GLU K 62 -116.66 -10.10 55.40
C GLU K 62 -118.04 -9.73 55.94
N LEU K 63 -118.34 -10.15 57.18
CA LEU K 63 -119.68 -9.99 57.76
C LEU K 63 -120.11 -8.53 57.88
N ILE K 64 -119.16 -7.61 58.10
CA ILE K 64 -119.51 -6.18 58.04
C ILE K 64 -119.83 -5.76 56.61
N GLU K 65 -119.22 -6.39 55.61
CA GLU K 65 -119.69 -6.20 54.24
C GLU K 65 -121.10 -6.78 54.05
N LEU K 66 -121.33 -8.02 54.51
CA LEU K 66 -122.63 -8.67 54.28
C LEU K 66 -123.78 -7.87 54.84
N ARG K 67 -123.60 -7.25 56.01
CA ARG K 67 -124.61 -6.35 56.56
C ARG K 67 -124.82 -5.11 55.72
N ARG K 68 -123.75 -4.48 55.23
CA ARG K 68 -123.92 -3.33 54.35
C ARG K 68 -124.55 -3.72 53.01
N ALA K 69 -124.27 -4.91 52.51
CA ALA K 69 -124.91 -5.39 51.27
C ALA K 69 -126.39 -5.65 51.47
N LEU K 70 -126.78 -6.17 52.64
CA LEU K 70 -128.19 -6.22 53.01
C LEU K 70 -128.82 -4.82 53.04
N ALA K 71 -128.14 -3.85 53.63
CA ALA K 71 -128.68 -2.50 53.66
C ALA K 71 -128.79 -1.89 52.28
N GLN K 72 -127.86 -2.22 51.38
CA GLN K 72 -127.97 -1.78 50.00
C GLN K 72 -129.13 -2.44 49.26
N THR K 73 -129.44 -3.70 49.58
CA THR K 73 -130.62 -4.34 48.99
C THR K 73 -131.92 -3.72 49.50
N ILE K 74 -132.03 -3.47 50.81
CA ILE K 74 -133.22 -2.82 51.34
C ILE K 74 -133.39 -1.43 50.74
N ALA K 75 -132.29 -0.68 50.61
CA ALA K 75 -132.36 0.65 50.00
C ALA K 75 -132.84 0.60 48.55
N THR K 76 -132.33 -0.35 47.77
CA THR K 76 -132.78 -0.51 46.39
C THR K 76 -134.22 -1.02 46.28
N PHE K 77 -134.66 -1.87 47.23
CA PHE K 77 -136.03 -2.35 47.20
C PHE K 77 -137.03 -1.23 47.42
N LYS K 78 -136.84 -0.44 48.48
CA LYS K 78 -137.76 0.66 48.77
C LYS K 78 -137.61 1.82 47.80
N SER K 79 -136.43 2.02 47.20
CA SER K 79 -136.34 3.01 46.12
C SER K 79 -137.16 2.61 44.91
N THR K 80 -137.18 1.31 44.57
CA THR K 80 -138.12 0.86 43.53
C THR K 80 -139.56 1.13 43.95
N GLU K 81 -139.85 0.96 45.24
CA GLU K 81 -141.18 1.25 45.77
C GLU K 81 -141.47 2.75 45.79
N ARG K 82 -140.44 3.58 46.00
CA ARG K 82 -140.61 5.03 45.87
C ARG K 82 -140.93 5.42 44.44
N GLN K 83 -140.42 4.67 43.46
CA GLN K 83 -140.80 4.89 42.07
C GLN K 83 -142.24 4.48 41.83
N ARG K 84 -142.69 3.42 42.50
CA ARG K 84 -144.11 3.06 42.51
C ARG K 84 -144.94 4.16 43.16
N ASP K 85 -144.47 4.72 44.27
CA ASP K 85 -145.18 5.82 44.92
C ASP K 85 -145.35 7.01 43.99
N ALA K 86 -144.37 7.26 43.12
CA ALA K 86 -144.53 8.30 42.11
C ALA K 86 -145.51 7.90 41.02
N GLN K 87 -145.44 6.65 40.54
CA GLN K 87 -146.37 6.22 39.51
C GLN K 87 -147.82 6.31 39.99
N GLN K 88 -148.09 5.83 41.21
CA GLN K 88 -149.43 5.91 41.77
C GLN K 88 -149.85 7.34 42.06
N LEU K 89 -148.89 8.22 42.40
CA LEU K 89 -149.20 9.64 42.56
C LEU K 89 -149.61 10.28 41.24
N ILE K 90 -148.96 9.90 40.13
CA ILE K 90 -149.39 10.41 38.83
C ILE K 90 -150.71 9.79 38.40
N ALA K 91 -150.98 8.54 38.81
CA ALA K 91 -152.30 7.95 38.62
C ALA K 91 -153.38 8.75 39.35
N GLN K 92 -153.09 9.16 40.59
CA GLN K 92 -154.00 10.05 41.31
C GLN K 92 -154.14 11.39 40.60
N ARG K 93 -153.05 11.93 40.08
CA ARG K 93 -153.11 13.13 39.25
C ARG K 93 -154.00 12.93 38.03
N TRP K 94 -154.03 11.71 37.49
CA TRP K 94 -154.97 11.39 36.41
C TRP K 94 -156.41 11.28 36.90
N TYR K 95 -156.63 10.85 38.14
CA TYR K 95 -157.98 10.91 38.70
C TYR K 95 -158.42 12.34 38.97
N GLU K 96 -157.52 13.20 39.45
CA GLU K 96 -157.87 14.61 39.64
C GLU K 96 -158.28 15.26 38.32
N LYS K 97 -157.51 15.04 37.26
CA LYS K 97 -157.86 15.54 35.94
C LYS K 97 -159.17 14.94 35.44
N ALA K 98 -159.47 13.69 35.81
CA ALA K 98 -160.79 13.15 35.53
C ALA K 98 -161.88 13.85 36.36
N GLN K 99 -161.59 14.13 37.63
CA GLN K 99 -162.60 14.71 38.50
C GLN K 99 -163.05 16.08 38.01
N ALA K 100 -162.16 16.83 37.36
CA ALA K 100 -162.52 18.09 36.72
C ALA K 100 -163.48 17.90 35.55
N ALA K 101 -163.73 16.66 35.15
CA ALA K 101 -164.73 16.35 34.13
C ALA K 101 -165.70 15.28 34.58
N LEU K 102 -165.64 14.84 35.84
CA LEU K 102 -166.51 13.79 36.34
C LEU K 102 -167.78 14.33 36.97
N ASP K 103 -167.96 15.64 36.97
CA ASP K 103 -169.24 16.27 37.31
C ASP K 103 -169.89 16.81 36.04
N ARG K 104 -171.19 17.08 36.14
CA ARG K 104 -172.01 17.65 35.08
C ARG K 104 -172.20 16.69 33.91
N GLY K 105 -171.80 15.43 34.04
CA GLY K 105 -171.86 14.51 32.91
C GLY K 105 -170.86 14.78 31.83
N ASN K 106 -169.83 15.59 32.10
CA ASN K 106 -168.82 15.94 31.12
C ASN K 106 -167.66 14.93 31.10
N GLU K 107 -167.90 13.71 31.54
CA GLU K 107 -166.88 12.68 31.74
C GLU K 107 -166.17 12.27 30.44
N GLN K 108 -166.55 12.87 29.32
CA GLN K 108 -165.89 12.59 28.05
C GLN K 108 -164.36 12.56 28.16
N LEU K 109 -163.77 13.58 28.75
CA LEU K 109 -162.30 13.62 28.88
C LEU K 109 -161.78 12.54 29.81
N ALA K 110 -162.63 11.99 30.69
CA ALA K 110 -162.20 10.89 31.53
C ALA K 110 -161.82 9.67 30.70
N ARG K 111 -162.32 9.57 29.47
CA ARG K 111 -161.94 8.48 28.59
C ARG K 111 -160.43 8.44 28.39
N GLU K 112 -159.84 9.57 27.98
CA GLU K 112 -158.40 9.66 27.81
C GLU K 112 -157.65 9.64 29.14
N ALA K 113 -158.17 10.35 30.15
CA ALA K 113 -157.45 10.44 31.43
C ALA K 113 -157.31 9.08 32.11
N LEU K 114 -158.39 8.32 32.17
CA LEU K 114 -158.32 6.94 32.67
C LEU K 114 -157.66 5.99 31.68
N GLY K 115 -157.72 6.29 30.39
CA GLY K 115 -156.94 5.52 29.43
C GLY K 115 -155.45 5.58 29.67
N GLN K 116 -154.94 6.76 30.03
CA GLN K 116 -153.56 6.86 30.52
C GLN K 116 -153.39 6.15 31.86
N ARG K 117 -154.29 6.39 32.81
CA ARG K 117 -154.13 5.78 34.12
C ARG K 117 -154.06 4.26 34.05
N GLN K 118 -154.72 3.64 33.07
CA GLN K 118 -154.63 2.19 32.91
C GLN K 118 -153.18 1.74 32.70
N SER K 119 -152.44 2.43 31.83
CA SER K 119 -151.03 2.13 31.68
C SER K 119 -150.21 2.47 32.93
N TYR K 120 -150.60 3.51 33.66
CA TYR K 120 -149.89 3.83 34.90
C TYR K 120 -150.15 2.80 36.00
N GLN K 121 -151.37 2.28 36.07
CA GLN K 121 -151.67 1.19 37.01
C GLN K 121 -150.93 -0.08 36.66
N SER K 122 -150.74 -0.38 35.37
CA SER K 122 -150.03 -1.59 35.01
C SER K 122 -148.57 -1.54 35.48
N HIS K 123 -147.90 -0.40 35.28
CA HIS K 123 -146.55 -0.25 35.81
C HIS K 123 -146.54 -0.20 37.33
N THR K 124 -147.56 0.39 37.95
CA THR K 124 -147.63 0.42 39.41
C THR K 124 -147.74 -0.98 39.99
N GLU K 125 -148.52 -1.85 39.36
CA GLU K 125 -148.71 -3.20 39.89
C GLU K 125 -147.58 -4.14 39.46
N ALA K 126 -146.94 -3.86 38.32
CA ALA K 126 -145.67 -4.52 38.01
C ALA K 126 -144.62 -4.22 39.06
N LEU K 127 -144.50 -2.95 39.45
CA LEU K 127 -143.62 -2.58 40.55
C LEU K 127 -144.04 -3.24 41.85
N GLY K 128 -145.34 -3.18 42.17
CA GLY K 128 -145.82 -3.75 43.42
C GLY K 128 -145.58 -5.24 43.55
N LYS K 129 -145.63 -5.99 42.45
CA LYS K 129 -145.39 -7.42 42.50
C LYS K 129 -143.91 -7.80 42.38
N SER K 130 -143.12 -7.01 41.66
CA SER K 130 -141.68 -7.09 41.80
C SER K 130 -141.27 -6.85 43.25
N LEU K 131 -141.88 -5.84 43.89
CA LEU K 131 -141.65 -5.48 45.27
C LEU K 131 -142.22 -6.52 46.24
N GLY K 132 -143.02 -7.46 45.75
CA GLY K 132 -143.40 -8.61 46.55
C GLY K 132 -142.30 -9.65 46.58
N GLU K 133 -141.62 -9.84 45.45
CA GLU K 133 -140.46 -10.72 45.44
C GLU K 133 -139.30 -10.08 46.21
N GLN K 134 -139.05 -8.79 45.96
CA GLN K 134 -138.01 -8.07 46.69
C GLN K 134 -138.27 -8.05 48.19
N ARG K 135 -139.55 -8.06 48.59
CA ARG K 135 -139.88 -8.29 50.00
C ARG K 135 -139.36 -9.64 50.47
N ALA K 136 -139.77 -10.71 49.80
CA ALA K 136 -139.32 -12.04 50.19
C ALA K 136 -137.80 -12.16 50.16
N LEU K 137 -137.14 -11.44 49.26
CA LEU K 137 -135.68 -11.43 49.25
C LEU K 137 -135.09 -10.78 50.50
N VAL K 138 -135.59 -9.60 50.89
CA VAL K 138 -135.07 -8.96 52.09
C VAL K 138 -135.43 -9.74 53.35
N GLU K 139 -136.58 -10.42 53.37
CA GLU K 139 -136.91 -11.27 54.51
C GLU K 139 -136.00 -12.49 54.60
N GLN K 140 -135.85 -13.21 53.49
CA GLN K 140 -135.03 -14.43 53.50
C GLN K 140 -133.55 -14.11 53.73
N VAL K 141 -133.06 -13.00 53.17
CA VAL K 141 -131.68 -12.61 53.41
C VAL K 141 -131.47 -12.17 54.85
N ARG K 142 -132.47 -11.56 55.47
CA ARG K 142 -132.38 -11.24 56.90
C ARG K 142 -132.37 -12.50 57.76
N GLY K 143 -133.18 -13.50 57.41
CA GLY K 143 -133.15 -14.74 58.16
C GLY K 143 -131.87 -15.53 57.94
N GLN K 144 -131.38 -15.52 56.70
CA GLN K 144 -130.08 -16.15 56.40
C GLN K 144 -128.98 -15.52 57.22
N LEU K 145 -128.90 -14.19 57.23
CA LEU K 145 -127.90 -13.49 58.03
C LEU K 145 -128.06 -13.79 59.52
N GLN K 146 -129.26 -13.62 60.06
CA GLN K 146 -129.42 -13.75 61.51
C GLN K 146 -129.10 -15.16 62.00
N LYS K 147 -129.42 -16.18 61.22
CA LYS K 147 -128.94 -17.54 61.52
C LYS K 147 -127.42 -17.63 61.45
N LEU K 148 -126.84 -17.11 60.37
CA LEU K 148 -125.40 -17.27 60.12
C LEU K 148 -124.56 -16.52 61.15
N GLU K 149 -124.88 -15.24 61.39
CA GLU K 149 -124.11 -14.43 62.30
C GLU K 149 -124.30 -14.86 63.75
N ARG K 150 -125.50 -15.35 64.11
CA ARG K 150 -125.68 -15.94 65.42
C ARG K 150 -124.85 -17.21 65.57
N LYS K 151 -124.71 -17.97 64.48
CA LYS K 151 -123.83 -19.13 64.49
C LYS K 151 -122.37 -18.72 64.64
N TYR K 152 -121.98 -17.61 64.01
CA TYR K 152 -120.64 -17.05 64.20
C TYR K 152 -120.42 -16.61 65.65
N LEU K 153 -121.42 -15.98 66.27
CA LEU K 153 -121.31 -15.61 67.68
C LEU K 153 -121.11 -16.82 68.59
N GLU K 154 -121.95 -17.84 68.43
CA GLU K 154 -121.80 -19.07 69.21
C GLU K 154 -120.52 -19.81 68.87
N LEU K 155 -120.06 -19.72 67.63
CA LEU K 155 -118.78 -20.29 67.23
C LEU K 155 -117.60 -19.53 67.85
N LYS K 156 -117.72 -18.21 68.00
CA LYS K 156 -116.74 -17.46 68.80
C LYS K 156 -116.72 -17.96 70.24
N SER K 157 -117.89 -18.15 70.83
CA SER K 157 -117.97 -18.69 72.19
C SER K 157 -117.25 -20.04 72.27
N GLN K 158 -117.56 -20.94 71.34
CA GLN K 158 -116.90 -22.25 71.29
C GLN K 158 -115.39 -22.12 71.10
N LYS K 159 -114.93 -21.23 70.21
CA LYS K 159 -113.49 -21.09 70.00
C LYS K 159 -112.78 -20.64 71.28
N ASN K 160 -113.33 -19.64 71.97
CA ASN K 160 -112.74 -19.20 73.23
C ASN K 160 -112.65 -20.37 74.20
N LEU K 161 -113.73 -21.14 74.31
CA LEU K 161 -113.75 -22.33 75.15
C LEU K 161 -112.85 -23.44 74.63
N TYR K 162 -112.58 -23.45 73.32
CA TYR K 162 -111.70 -24.46 72.75
C TYR K 162 -110.22 -24.15 73.00
N LEU K 163 -109.84 -22.87 72.96
CA LEU K 163 -108.49 -22.49 73.34
C LEU K 163 -108.24 -22.76 74.82
N ALA K 164 -109.24 -22.51 75.67
CA ALA K 164 -109.14 -22.88 77.08
C ALA K 164 -109.00 -24.39 77.26
N ARG K 165 -109.88 -25.16 76.61
CA ARG K 165 -109.76 -26.62 76.65
C ARG K 165 -108.39 -27.09 76.19
N LEU K 166 -107.90 -26.56 75.07
CA LEU K 166 -106.62 -26.99 74.51
C LEU K 166 -105.47 -26.70 75.47
N LYS K 167 -105.37 -25.46 75.97
CA LYS K 167 -104.34 -25.13 76.94
C LYS K 167 -104.45 -25.99 78.21
N SER K 168 -105.67 -26.29 78.64
CA SER K 168 -105.85 -27.12 79.83
C SER K 168 -105.42 -28.55 79.59
N ALA K 169 -105.76 -29.11 78.43
CA ALA K 169 -105.27 -30.43 78.06
C ALA K 169 -103.75 -30.46 77.97
N ILE K 170 -103.15 -29.45 77.35
CA ILE K 170 -101.69 -29.36 77.25
C ILE K 170 -101.07 -29.39 78.64
N ALA K 171 -101.60 -28.59 79.56
CA ALA K 171 -101.13 -28.59 80.95
C ALA K 171 -101.27 -29.97 81.58
N ALA K 172 -102.42 -30.62 81.37
CA ALA K 172 -102.65 -31.96 81.89
C ALA K 172 -101.62 -32.95 81.35
N GLN K 173 -101.37 -32.90 80.04
CA GLN K 173 -100.34 -33.73 79.44
C GLN K 173 -98.99 -33.50 80.10
N LYS K 174 -98.67 -32.25 80.42
CA LYS K 174 -97.40 -31.95 81.07
C LYS K 174 -97.33 -32.49 82.50
N ILE K 175 -98.43 -32.46 83.25
CA ILE K 175 -98.45 -33.08 84.57
C ILE K 175 -98.29 -34.60 84.49
N GLU K 176 -99.03 -35.26 83.61
CA GLU K 176 -98.89 -36.72 83.50
C GLU K 176 -97.47 -37.11 83.09
N GLU K 177 -96.93 -36.50 82.04
CA GLU K 177 -95.62 -36.89 81.55
C GLU K 177 -94.49 -36.55 82.53
N ILE K 178 -94.55 -35.38 83.16
CA ILE K 178 -93.56 -35.01 84.16
C ILE K 178 -93.73 -35.83 85.44
N ALA K 179 -94.98 -36.15 85.80
CA ALA K 179 -95.23 -37.04 86.93
C ALA K 179 -94.75 -38.46 86.65
N GLY K 180 -94.98 -38.97 85.44
CA GLY K 180 -94.46 -40.29 85.10
C GLY K 180 -92.95 -40.37 85.12
N ASN K 181 -92.27 -39.33 84.63
CA ASN K 181 -90.82 -39.29 84.77
C ASN K 181 -90.38 -39.07 86.21
N LEU K 182 -91.16 -38.31 86.98
CA LEU K 182 -90.79 -38.06 88.37
C LEU K 182 -90.90 -39.33 89.20
N ASP K 183 -92.03 -40.03 89.11
CA ASP K 183 -92.24 -41.23 89.90
C ASP K 183 -91.35 -42.36 89.38
N ASN K 184 -91.43 -42.65 88.08
CA ASN K 184 -90.76 -43.82 87.55
C ASN K 184 -89.24 -43.65 87.51
N ALA K 185 -88.76 -42.57 86.91
CA ALA K 185 -87.31 -42.37 86.81
C ALA K 185 -86.70 -41.94 88.14
N SER K 186 -87.27 -40.90 88.76
CA SER K 186 -86.63 -40.32 89.95
C SER K 186 -86.78 -41.24 91.15
N ALA K 187 -87.99 -41.74 91.39
CA ALA K 187 -88.25 -42.49 92.62
C ALA K 187 -87.53 -43.83 92.63
N SER K 188 -87.49 -44.53 91.49
CA SER K 188 -86.70 -45.76 91.43
C SER K 188 -85.23 -45.47 91.66
N SER K 189 -84.76 -44.32 91.15
CA SER K 189 -83.38 -43.91 91.41
C SER K 189 -83.17 -43.63 92.90
N LEU K 190 -84.18 -43.10 93.58
CA LEU K 190 -84.04 -42.83 95.01
C LEU K 190 -84.05 -44.12 95.81
N PHE K 191 -85.03 -44.99 95.58
CA PHE K 191 -85.19 -46.17 96.43
C PHE K 191 -84.10 -47.19 96.18
N GLU K 192 -83.89 -47.56 94.92
CA GLU K 192 -82.90 -48.59 94.62
C GLU K 192 -81.46 -48.16 94.82
N ARG K 193 -81.12 -46.89 94.55
CA ARG K 193 -79.78 -46.40 94.89
C ARG K 193 -79.55 -46.17 96.38
N ILE K 194 -80.58 -45.74 97.11
CA ILE K 194 -80.42 -45.61 98.56
C ILE K 194 -80.35 -46.98 99.23
N GLU K 195 -81.18 -47.92 98.78
CA GLU K 195 -81.15 -49.26 99.33
C GLU K 195 -79.81 -49.95 99.09
N THR K 196 -79.31 -49.92 97.84
CA THR K 196 -78.03 -50.54 97.55
C THR K 196 -76.88 -49.89 98.33
N LYS K 197 -76.94 -48.58 98.52
CA LYS K 197 -75.94 -47.93 99.37
C LYS K 197 -76.09 -48.32 100.84
N ILE K 198 -77.32 -48.55 101.28
CA ILE K 198 -77.55 -49.04 102.64
C ILE K 198 -76.97 -50.44 102.78
N LEU K 199 -77.21 -51.29 101.79
CA LEU K 199 -76.64 -52.64 101.79
C LEU K 199 -75.13 -52.60 101.84
N GLU K 200 -74.51 -51.63 101.16
CA GLU K 200 -73.06 -51.49 101.24
C GLU K 200 -72.64 -51.13 102.65
N LEU K 201 -73.41 -50.27 103.32
CA LEU K 201 -73.15 -49.97 104.73
C LEU K 201 -73.39 -51.20 105.61
N GLU K 202 -74.35 -52.04 105.25
CA GLU K 202 -74.67 -53.24 106.01
C GLU K 202 -73.62 -54.33 105.83
N ALA K 203 -72.98 -54.40 104.67
CA ALA K 203 -71.85 -55.30 104.49
C ALA K 203 -70.69 -54.97 105.41
N GLU K 204 -70.47 -53.68 105.69
CA GLU K 204 -69.54 -53.30 106.75
C GLU K 204 -70.12 -53.50 108.14
N ARG K 205 -71.44 -53.41 108.31
CA ARG K 205 -72.03 -53.74 109.61
C ARG K 205 -71.76 -55.19 109.99
N GLU K 206 -72.00 -56.12 109.07
CA GLU K 206 -71.77 -57.54 109.33
C GLU K 206 -70.29 -57.90 109.38
N LEU K 207 -69.40 -56.99 108.99
CA LEU K 207 -67.97 -57.17 109.27
C LEU K 207 -67.61 -56.69 110.66
N LEU K 208 -68.26 -55.63 111.15
CA LEU K 208 -67.98 -55.09 112.47
C LEU K 208 -68.82 -55.72 113.57
N ASN K 209 -69.87 -56.48 113.21
CA ASN K 209 -70.91 -56.85 114.16
C ASN K 209 -71.43 -58.24 113.84
N PRO K 210 -71.36 -59.20 114.76
CA PRO K 210 -71.95 -60.51 114.50
C PRO K 210 -73.45 -60.39 114.30
N PRO K 211 -74.04 -61.23 113.45
CA PRO K 211 -75.50 -61.23 113.31
C PRO K 211 -76.18 -61.39 114.66
N PRO K 212 -77.01 -60.42 115.06
CA PRO K 212 -77.70 -60.55 116.35
C PRO K 212 -78.81 -61.59 116.33
N SER K 213 -78.43 -62.87 116.46
CA SER K 213 -79.38 -63.97 116.44
C SER K 213 -80.31 -63.88 117.65
N PRO K 214 -81.41 -64.63 117.67
CA PRO K 214 -82.24 -64.66 118.88
C PRO K 214 -81.51 -65.17 120.11
N LEU K 215 -80.42 -65.93 119.93
CA LEU K 215 -79.76 -66.54 121.08
C LEU K 215 -79.06 -65.49 121.93
N ASP K 216 -78.09 -64.77 121.34
CA ASP K 216 -77.40 -63.72 122.09
C ASP K 216 -78.36 -62.65 122.57
N LYS K 217 -79.43 -62.38 121.82
CA LYS K 217 -80.43 -61.42 122.28
C LYS K 217 -81.08 -61.86 123.59
N LYS K 218 -81.45 -63.14 123.68
CA LYS K 218 -82.05 -63.64 124.91
C LYS K 218 -81.05 -63.62 126.07
N PHE K 219 -79.78 -63.92 125.78
CA PHE K 219 -78.75 -63.85 126.82
C PHE K 219 -78.58 -62.43 127.35
N GLU K 220 -78.59 -61.43 126.47
CA GLU K 220 -78.48 -60.04 126.90
C GLU K 220 -79.68 -59.64 127.74
N GLN K 221 -80.88 -60.10 127.35
CA GLN K 221 -82.07 -59.82 128.13
C GLN K 221 -81.97 -60.44 129.53
N TRP K 222 -81.49 -61.68 129.61
CA TRP K 222 -81.27 -62.31 130.91
C TRP K 222 -80.22 -61.57 131.71
N GLU K 223 -79.22 -60.98 131.06
CA GLU K 223 -78.22 -60.20 131.79
C GLU K 223 -78.86 -59.00 132.46
N GLU K 224 -79.76 -58.29 131.77
CA GLU K 224 -80.50 -57.22 132.40
C GLU K 224 -81.37 -57.74 133.53
N GLN K 225 -82.00 -58.89 133.32
CA GLN K 225 -82.81 -59.52 134.36
C GLN K 225 -81.97 -59.83 135.60
N GLN K 226 -80.74 -60.29 135.40
CA GLN K 226 -79.87 -60.63 136.52
C GLN K 226 -79.33 -59.39 137.22
N ALA K 227 -79.16 -58.29 136.50
CA ALA K 227 -78.79 -57.03 137.15
C ALA K 227 -79.88 -56.57 138.10
N VAL K 228 -81.14 -56.59 137.64
CA VAL K 228 -82.25 -56.21 138.50
C VAL K 228 -82.44 -57.23 139.62
N GLU K 229 -82.15 -58.50 139.36
CA GLU K 229 -82.26 -59.47 140.44
C GLU K 229 -81.20 -59.22 141.52
N ALA K 230 -80.03 -58.69 141.12
CA ALA K 230 -79.04 -58.30 142.12
C ALA K 230 -79.45 -57.07 142.91
N THR K 231 -80.09 -56.09 142.25
CA THR K 231 -80.64 -54.95 142.97
C THR K 231 -81.71 -55.39 143.96
N LEU K 232 -82.56 -56.34 143.55
CA LEU K 232 -83.56 -56.88 144.46
C LEU K 232 -82.90 -57.55 145.66
N ALA K 233 -81.79 -58.25 145.42
CA ALA K 233 -81.09 -58.91 146.53
C ALA K 233 -80.58 -57.87 147.52
N ALA K 234 -80.01 -56.78 147.02
CA ALA K 234 -79.60 -55.68 147.90
C ALA K 234 -80.80 -55.10 148.64
N MET K 235 -81.92 -54.92 147.95
CA MET K 235 -83.12 -54.39 148.59
C MET K 235 -83.52 -55.24 149.79
N LYS K 236 -83.66 -56.55 149.60
CA LYS K 236 -84.16 -57.41 150.66
C LYS K 236 -83.10 -57.73 151.70
N ALA K 237 -81.81 -57.54 151.39
CA ALA K 237 -80.77 -57.67 152.39
C ALA K 237 -80.76 -56.46 153.33
N ARG K 238 -80.95 -55.26 152.78
CA ARG K 238 -81.15 -54.09 153.63
C ARG K 238 -82.44 -54.21 154.43
N ARG K 239 -83.48 -54.80 153.84
CA ARG K 239 -84.74 -55.00 154.54
C ARG K 239 -84.67 -56.09 155.60
N SER K 240 -83.68 -56.99 155.53
CA SER K 240 -83.58 -58.06 156.52
C SER K 240 -83.51 -57.49 157.93
N MET L 24 -76.12 52.88 -37.98
CA MET L 24 -74.76 53.32 -38.27
C MET L 24 -74.32 54.36 -37.25
N GLU L 25 -73.06 54.28 -36.81
CA GLU L 25 -72.55 55.29 -35.88
C GLU L 25 -72.51 56.66 -36.54
N LEU L 26 -72.17 56.72 -37.83
CA LEU L 26 -72.23 57.98 -38.55
C LEU L 26 -73.63 58.57 -38.50
N PHE L 27 -74.63 57.73 -38.77
CA PHE L 27 -76.02 58.19 -38.72
C PHE L 27 -76.37 58.76 -37.36
N ASN L 28 -76.02 58.05 -36.29
CA ASN L 28 -76.26 58.55 -34.93
C ASN L 28 -75.57 59.89 -34.68
N ARG L 29 -74.32 60.03 -35.09
CA ARG L 29 -73.62 61.32 -35.01
C ARG L 29 -74.39 62.43 -35.73
N VAL L 30 -74.83 62.15 -36.96
CA VAL L 30 -75.61 63.11 -37.73
C VAL L 30 -77.01 63.30 -37.16
N GLY L 31 -77.46 62.39 -36.30
CA GLY L 31 -78.83 62.40 -35.83
C GLY L 31 -79.30 63.72 -35.22
N ARG L 32 -78.50 64.35 -34.38
CA ARG L 32 -78.97 65.60 -33.79
C ARG L 32 -79.36 66.63 -34.86
N VAL L 33 -78.47 66.86 -35.83
CA VAL L 33 -78.71 67.85 -36.88
C VAL L 33 -79.77 67.39 -37.88
N LEU L 34 -79.72 66.13 -38.30
CA LEU L 34 -80.70 65.66 -39.29
C LEU L 34 -82.07 65.50 -38.67
N LYS L 35 -82.17 64.81 -37.53
CA LYS L 35 -83.46 64.56 -36.89
C LYS L 35 -84.11 65.83 -36.37
N SER L 36 -83.36 66.87 -35.99
CA SER L 36 -84.03 68.14 -35.68
C SER L 36 -84.76 68.70 -36.89
N GLN L 37 -84.09 68.71 -38.04
CA GLN L 37 -84.72 69.11 -39.29
C GLN L 37 -85.90 68.21 -39.63
N LEU L 38 -85.75 66.89 -39.54
CA LEU L 38 -86.86 66.01 -39.86
C LEU L 38 -88.04 66.16 -38.89
N THR L 39 -87.77 66.44 -37.61
CA THR L 39 -88.84 66.71 -36.65
C THR L 39 -89.63 67.94 -37.03
N HIS L 40 -88.96 68.99 -37.51
CA HIS L 40 -89.73 70.08 -38.11
C HIS L 40 -90.34 69.70 -39.46
N TRP L 41 -89.68 68.82 -40.21
CA TRP L 41 -90.16 68.46 -41.54
C TRP L 41 -91.53 67.83 -41.46
N GLN L 42 -91.72 66.88 -40.53
CA GLN L 42 -93.05 66.34 -40.31
C GLN L 42 -94.01 67.40 -39.78
N GLN L 43 -93.50 68.34 -39.00
CA GLN L 43 -94.29 69.48 -38.54
C GLN L 43 -94.65 70.47 -39.65
N GLN L 44 -93.94 70.48 -40.78
CA GLN L 44 -94.03 71.63 -41.70
C GLN L 44 -95.47 71.97 -42.07
N GLN L 45 -96.38 70.99 -42.12
CA GLN L 45 -97.77 71.31 -42.42
C GLN L 45 -98.34 72.26 -41.38
N GLU L 46 -98.01 72.05 -40.11
CA GLU L 46 -98.35 73.01 -39.07
C GLU L 46 -97.43 74.24 -39.10
N ALA L 47 -96.15 74.05 -39.37
CA ALA L 47 -95.14 75.09 -39.18
C ALA L 47 -94.24 75.22 -40.40
N PRO L 48 -94.74 75.88 -41.46
CA PRO L 48 -93.84 76.31 -42.55
C PRO L 48 -93.13 77.62 -42.26
N GLU L 49 -93.52 78.32 -41.20
CA GLU L 49 -93.24 79.74 -41.07
C GLU L 49 -91.75 80.07 -41.16
N ASP L 50 -90.91 79.28 -40.47
CA ASP L 50 -89.47 79.57 -40.47
C ASP L 50 -88.85 79.40 -41.84
N LEU L 51 -89.17 78.31 -42.56
CA LEU L 51 -88.59 78.13 -43.89
C LEU L 51 -89.08 79.18 -44.88
N LEU L 52 -90.37 79.53 -44.82
CA LEU L 52 -90.91 80.56 -45.69
C LEU L 52 -90.25 81.91 -45.47
N GLU L 53 -90.16 82.34 -44.21
CA GLU L 53 -89.56 83.63 -43.88
C GLU L 53 -88.06 83.65 -44.10
N ARG L 54 -87.37 82.52 -43.93
CA ARG L 54 -85.96 82.46 -44.26
C ARG L 54 -85.72 82.76 -45.74
N LEU L 55 -86.47 82.09 -46.63
CA LEU L 55 -86.33 82.33 -48.06
C LEU L 55 -86.63 83.77 -48.44
N LEU L 56 -87.75 84.32 -47.95
CA LEU L 56 -88.09 85.72 -48.24
C LEU L 56 -87.11 86.71 -47.60
N GLY L 57 -86.51 86.35 -46.47
CA GLY L 57 -85.39 87.13 -45.97
C GLY L 57 -84.22 87.19 -46.93
N GLU L 58 -83.86 86.05 -47.51
CA GLU L 58 -82.83 86.00 -48.55
C GLU L 58 -83.24 86.83 -49.76
N MET L 59 -84.53 86.82 -50.08
CA MET L 59 -85.04 87.65 -51.18
C MET L 59 -84.95 89.14 -50.87
N GLU L 60 -85.15 89.54 -49.62
CA GLU L 60 -84.89 90.92 -49.20
C GLU L 60 -83.40 91.27 -49.27
N LEU L 61 -82.53 90.35 -48.87
CA LEU L 61 -81.09 90.58 -48.99
C LEU L 61 -80.66 90.74 -50.45
N GLU L 62 -81.25 89.96 -51.36
CA GLU L 62 -81.01 90.17 -52.79
C GLU L 62 -81.53 91.53 -53.24
N LEU L 63 -82.79 91.83 -52.89
CA LEU L 63 -83.46 93.05 -53.39
C LEU L 63 -82.76 94.33 -52.97
N ILE L 64 -82.12 94.36 -51.80
CA ILE L 64 -81.29 95.51 -51.45
C ILE L 64 -80.04 95.57 -52.32
N GLU L 65 -79.53 94.42 -52.77
CA GLU L 65 -78.51 94.46 -53.83
C GLU L 65 -79.08 94.98 -55.14
N LEU L 66 -80.24 94.47 -55.57
CA LEU L 66 -80.80 94.86 -56.87
C LEU L 66 -81.02 96.37 -56.97
N ARG L 67 -81.46 97.00 -55.88
CA ARG L 67 -81.58 98.46 -55.85
C ARG L 67 -80.24 99.16 -55.95
N ARG L 68 -79.21 98.68 -55.24
CA ARG L 68 -77.89 99.29 -55.39
C ARG L 68 -77.28 99.05 -56.76
N ALA L 69 -77.59 97.92 -57.40
CA ALA L 69 -77.12 97.66 -58.76
C ALA L 69 -77.80 98.58 -59.77
N LEU L 70 -79.08 98.86 -59.57
CA LEU L 70 -79.75 99.92 -60.33
C LEU L 70 -79.08 101.28 -60.13
N ALA L 71 -78.75 101.63 -58.89
CA ALA L 71 -78.07 102.89 -58.65
C ALA L 71 -76.69 102.95 -59.28
N GLN L 72 -75.98 101.81 -59.33
CA GLN L 72 -74.71 101.75 -60.02
C GLN L 72 -74.86 101.89 -61.54
N THR L 73 -75.95 101.37 -62.11
CA THR L 73 -76.22 101.59 -63.53
C THR L 73 -76.54 103.04 -63.84
N ILE L 74 -77.39 103.69 -63.04
CA ILE L 74 -77.68 105.10 -63.25
C ILE L 74 -76.43 105.95 -63.12
N ALA L 75 -75.59 105.64 -62.12
CA ALA L 75 -74.34 106.37 -61.94
C ALA L 75 -73.41 106.22 -63.15
N THR L 76 -73.27 105.00 -63.68
CA THR L 76 -72.45 104.79 -64.87
C THR L 76 -73.06 105.41 -66.12
N PHE L 77 -74.39 105.44 -66.24
CA PHE L 77 -75.02 106.06 -67.39
C PHE L 77 -74.75 107.57 -67.46
N LYS L 78 -75.00 108.28 -66.36
CA LYS L 78 -74.77 109.72 -66.33
C LYS L 78 -73.28 110.07 -66.29
N SER L 79 -72.42 109.21 -65.76
CA SER L 79 -70.99 109.46 -65.90
C SER L 79 -70.54 109.40 -67.36
N THR L 80 -71.08 108.46 -68.14
CA THR L 80 -70.83 108.47 -69.57
C THR L 80 -71.34 109.78 -70.18
N GLU L 81 -72.49 110.26 -69.70
CA GLU L 81 -73.03 111.54 -70.17
C GLU L 81 -72.19 112.72 -69.70
N ARG L 82 -71.59 112.63 -68.52
CA ARG L 82 -70.64 113.65 -68.07
C ARG L 82 -69.41 113.69 -68.97
N GLN L 83 -69.02 112.54 -69.52
CA GLN L 83 -67.94 112.52 -70.50
C GLN L 83 -68.37 113.17 -71.81
N ARG L 84 -69.64 112.99 -72.17
CA ARG L 84 -70.22 113.74 -73.29
C ARG L 84 -70.25 115.24 -73.00
N ASP L 85 -70.61 115.62 -71.77
CA ASP L 85 -70.60 117.02 -71.39
C ASP L 85 -69.21 117.64 -71.54
N ALA L 86 -68.16 116.86 -71.27
CA ALA L 86 -66.81 117.33 -71.52
C ALA L 86 -66.50 117.43 -73.02
N GLN L 87 -66.87 116.40 -73.79
CA GLN L 87 -66.62 116.45 -75.22
C GLN L 87 -67.29 117.65 -75.88
N GLN L 88 -68.56 117.90 -75.55
CA GLN L 88 -69.27 119.05 -76.10
C GLN L 88 -68.71 120.36 -75.58
N LEU L 89 -68.18 120.39 -74.35
CA LEU L 89 -67.50 121.57 -73.85
C LEU L 89 -66.22 121.87 -74.63
N ILE L 90 -65.47 120.84 -75.01
CA ILE L 90 -64.29 121.06 -75.84
C ILE L 90 -64.69 121.44 -77.27
N ALA L 91 -65.82 120.92 -77.75
CA ALA L 91 -66.37 121.39 -79.02
C ALA L 91 -66.71 122.88 -78.97
N GLN L 92 -67.30 123.34 -77.86
CA GLN L 92 -67.53 124.77 -77.67
C GLN L 92 -66.21 125.53 -77.60
N ARG L 93 -65.21 124.96 -76.93
CA ARG L 93 -63.88 125.54 -76.94
C ARG L 93 -63.30 125.65 -78.35
N TRP L 94 -63.65 124.71 -79.22
CA TRP L 94 -63.29 124.81 -80.64
C TRP L 94 -64.09 125.88 -81.38
N TYR L 95 -65.34 126.13 -80.98
CA TYR L 95 -66.06 127.27 -81.54
C TYR L 95 -65.49 128.60 -81.06
N GLU L 96 -65.09 128.69 -79.79
CA GLU L 96 -64.45 129.91 -79.28
C GLU L 96 -63.17 130.22 -80.06
N LYS L 97 -62.32 129.21 -80.26
CA LYS L 97 -61.11 129.38 -81.07
C LYS L 97 -61.45 129.73 -82.51
N ALA L 98 -62.56 129.24 -83.04
CA ALA L 98 -63.02 129.71 -84.34
C ALA L 98 -63.49 131.16 -84.28
N GLN L 99 -64.19 131.54 -83.21
CA GLN L 99 -64.74 132.89 -83.13
C GLN L 99 -63.64 133.94 -83.14
N ALA L 100 -62.47 133.62 -82.58
CA ALA L 100 -61.31 134.50 -82.66
C ALA L 100 -60.79 134.68 -84.08
N ALA L 101 -61.32 133.92 -85.03
CA ALA L 101 -61.01 134.09 -86.45
C ALA L 101 -62.25 134.19 -87.31
N LEU L 102 -63.44 134.25 -86.72
CA LEU L 102 -64.68 134.31 -87.47
C LEU L 102 -65.15 135.73 -87.72
N ASP L 103 -64.38 136.72 -87.27
CA ASP L 103 -64.56 138.11 -87.66
C ASP L 103 -63.45 138.53 -88.63
N ARG L 104 -63.69 139.63 -89.33
CA ARG L 104 -62.76 140.25 -90.27
C ARG L 104 -62.52 139.39 -91.51
N GLY L 105 -63.28 138.32 -91.70
CA GLY L 105 -63.04 137.42 -92.81
C GLY L 105 -61.80 136.57 -92.66
N ASN L 106 -61.25 136.48 -91.45
CA ASN L 106 -60.05 135.70 -91.18
C ASN L 106 -60.35 134.24 -90.85
N GLU L 107 -61.50 133.74 -91.28
CA GLU L 107 -62.02 132.42 -90.92
C GLU L 107 -61.13 131.26 -91.38
N GLN L 108 -60.01 131.57 -92.03
CA GLN L 108 -59.06 130.54 -92.47
C GLN L 108 -58.79 129.50 -91.38
N LEU L 109 -58.46 129.95 -90.17
CA LEU L 109 -58.15 129.01 -89.10
C LEU L 109 -59.39 128.22 -88.65
N ALA L 110 -60.59 128.72 -88.95
CA ALA L 110 -61.79 127.95 -88.64
C ALA L 110 -61.82 126.64 -89.41
N ARG L 111 -61.09 126.54 -90.52
CA ARG L 111 -61.01 125.29 -91.25
C ARG L 111 -60.51 124.16 -90.36
N GLU L 112 -59.35 124.37 -89.72
CA GLU L 112 -58.81 123.39 -88.79
C GLU L 112 -59.64 123.27 -87.51
N ALA L 113 -60.08 124.39 -86.95
CA ALA L 113 -60.79 124.36 -85.67
C ALA L 113 -62.09 123.58 -85.77
N LEU L 114 -62.89 123.84 -86.80
CA LEU L 114 -64.09 123.04 -87.05
C LEU L 114 -63.76 121.66 -87.61
N GLY L 115 -62.63 121.51 -88.29
CA GLY L 115 -62.19 120.17 -88.66
C GLY L 115 -61.96 119.25 -87.47
N GLN L 116 -61.38 119.78 -86.40
CA GLN L 116 -61.33 119.05 -85.14
C GLN L 116 -62.73 118.88 -84.54
N ARG L 117 -63.51 119.95 -84.47
CA ARG L 117 -64.83 119.83 -83.86
C ARG L 117 -65.70 118.78 -84.52
N GLN L 118 -65.51 118.53 -85.82
CA GLN L 118 -66.26 117.46 -86.48
C GLN L 118 -66.02 116.11 -85.82
N SER L 119 -64.75 115.78 -85.53
CA SER L 119 -64.46 114.56 -84.78
C SER L 119 -64.99 114.60 -83.35
N TYR L 120 -64.99 115.78 -82.72
CA TYR L 120 -65.53 115.88 -81.37
C TYR L 120 -67.05 115.73 -81.35
N GLN L 121 -67.74 116.25 -82.36
CA GLN L 121 -69.18 116.03 -82.49
C GLN L 121 -69.53 114.58 -82.75
N SER L 122 -68.69 113.86 -83.51
CA SER L 122 -68.99 112.45 -83.77
C SER L 122 -68.94 111.63 -82.48
N HIS L 123 -67.91 111.85 -81.64
CA HIS L 123 -67.87 111.18 -80.34
C HIS L 123 -68.98 111.67 -79.42
N THR L 124 -69.34 112.96 -79.49
CA THR L 124 -70.42 113.48 -78.66
C THR L 124 -71.76 112.82 -79.01
N GLU L 125 -72.02 112.59 -80.30
CA GLU L 125 -73.29 111.99 -80.69
C GLU L 125 -73.26 110.46 -80.59
N ALA L 126 -72.08 109.85 -80.70
CA ALA L 126 -71.94 108.46 -80.32
C ALA L 126 -72.26 108.25 -78.85
N LEU L 127 -71.74 109.12 -77.99
CA LEU L 127 -72.11 109.10 -76.58
C LEU L 127 -73.59 109.36 -76.39
N GLY L 128 -74.12 110.39 -77.05
CA GLY L 128 -75.52 110.72 -76.88
C GLY L 128 -76.49 109.63 -77.30
N LYS L 129 -76.14 108.83 -78.30
CA LYS L 129 -77.00 107.74 -78.74
C LYS L 129 -76.77 106.44 -77.98
N SER L 130 -75.54 106.19 -77.52
CA SER L 130 -75.33 105.18 -76.48
C SER L 130 -76.16 105.52 -75.25
N LEU L 131 -76.16 106.78 -74.85
CA LEU L 131 -76.93 107.29 -73.71
C LEU L 131 -78.43 107.31 -73.98
N GLY L 132 -78.86 107.08 -75.22
CA GLY L 132 -80.24 106.83 -75.52
C GLY L 132 -80.63 105.41 -75.20
N GLU L 133 -79.73 104.47 -75.50
CA GLU L 133 -79.97 103.08 -75.09
C GLU L 133 -79.86 102.94 -73.57
N GLN L 134 -78.82 103.53 -72.99
CA GLN L 134 -78.66 103.52 -71.54
C GLN L 134 -79.83 104.18 -70.83
N ARG L 135 -80.46 105.17 -71.45
CA ARG L 135 -81.73 105.68 -70.95
C ARG L 135 -82.79 104.59 -70.91
N ALA L 136 -83.05 103.96 -72.05
CA ALA L 136 -84.05 102.90 -72.10
C ALA L 136 -83.72 101.76 -71.13
N LEU L 137 -82.44 101.50 -70.90
CA LEU L 137 -82.04 100.51 -69.91
C LEU L 137 -82.43 100.91 -68.49
N VAL L 138 -82.12 102.15 -68.09
CA VAL L 138 -82.49 102.58 -66.74
C VAL L 138 -84.01 102.70 -66.58
N GLU L 139 -84.73 103.06 -67.65
CA GLU L 139 -86.19 103.07 -67.57
C GLU L 139 -86.76 101.68 -67.43
N GLN L 140 -86.34 100.75 -68.30
CA GLN L 140 -86.90 99.39 -68.26
C GLN L 140 -86.50 98.66 -66.99
N VAL L 141 -85.28 98.88 -66.50
CA VAL L 141 -84.87 98.24 -65.25
C VAL L 141 -85.62 98.83 -64.06
N ARG L 142 -85.96 100.12 -64.11
CA ARG L 142 -86.80 100.71 -63.07
C ARG L 142 -88.22 100.14 -63.11
N GLY L 143 -88.78 99.94 -64.30
CA GLY L 143 -90.10 99.33 -64.37
C GLY L 143 -90.10 97.87 -63.99
N GLN L 144 -89.04 97.15 -64.37
CA GLN L 144 -88.88 95.75 -63.95
C GLN L 144 -88.82 95.65 -62.43
N LEU L 145 -87.99 96.48 -61.80
CA LEU L 145 -87.91 96.49 -60.34
C LEU L 145 -89.24 96.86 -59.70
N GLN L 146 -89.84 97.97 -60.13
CA GLN L 146 -91.04 98.44 -59.44
C GLN L 146 -92.20 97.45 -59.54
N LYS L 147 -92.33 96.75 -60.67
CA LYS L 147 -93.26 95.63 -60.76
C LYS L 147 -92.88 94.50 -59.81
N LEU L 148 -91.60 94.11 -59.82
CA LEU L 148 -91.16 92.94 -59.06
C LEU L 148 -91.26 93.17 -57.56
N GLU L 149 -90.73 94.30 -57.08
CA GLU L 149 -90.71 94.59 -55.65
C GLU L 149 -92.10 94.88 -55.12
N ARG L 150 -92.97 95.49 -55.93
CA ARG L 150 -94.36 95.63 -55.54
C ARG L 150 -95.05 94.27 -55.44
N LYS L 151 -94.68 93.34 -56.32
CA LYS L 151 -95.17 91.97 -56.22
C LYS L 151 -94.66 91.29 -54.96
N TYR L 152 -93.40 91.55 -54.59
CA TYR L 152 -92.87 91.06 -53.32
C TYR L 152 -93.62 91.64 -52.13
N LEU L 153 -93.95 92.93 -52.16
CA LEU L 153 -94.74 93.54 -51.09
C LEU L 153 -96.11 92.89 -50.96
N GLU L 154 -96.84 92.75 -52.06
CA GLU L 154 -98.14 92.07 -52.03
C GLU L 154 -98.01 90.60 -51.69
N LEU L 155 -96.91 89.96 -52.07
CA LEU L 155 -96.65 88.58 -51.68
C LEU L 155 -96.35 88.46 -50.19
N LYS L 156 -95.67 89.46 -49.60
CA LYS L 156 -95.56 89.52 -48.14
C LYS L 156 -96.93 89.62 -47.48
N SER L 157 -97.79 90.48 -48.02
CA SER L 157 -99.15 90.60 -47.51
C SER L 157 -99.87 89.25 -47.56
N GLN L 158 -99.81 88.58 -48.71
CA GLN L 158 -100.40 87.26 -48.86
C GLN L 158 -99.81 86.24 -47.90
N LYS L 159 -98.49 86.23 -47.72
CA LYS L 159 -97.87 85.27 -46.80
C LYS L 159 -98.38 85.47 -45.38
N ASN L 160 -98.40 86.71 -44.90
CA ASN L 160 -98.93 86.99 -43.57
C ASN L 160 -100.36 86.46 -43.44
N LEU L 161 -101.18 86.73 -44.45
CA LEU L 161 -102.55 86.22 -44.48
C LEU L 161 -102.61 84.71 -44.67
N TYR L 162 -101.57 84.11 -45.25
CA TYR L 162 -101.54 82.67 -45.44
C TYR L 162 -101.17 81.94 -44.15
N LEU L 163 -100.26 82.50 -43.35
CA LEU L 163 -99.97 81.93 -42.04
C LEU L 163 -101.17 82.04 -41.12
N ALA L 164 -101.90 83.15 -41.19
CA ALA L 164 -103.16 83.27 -40.45
C ALA L 164 -104.19 82.25 -40.92
N ARG L 165 -104.40 82.14 -42.23
CA ARG L 165 -105.30 81.12 -42.76
C ARG L 165 -104.89 79.72 -42.30
N LEU L 166 -103.61 79.39 -42.41
CA LEU L 166 -103.13 78.05 -42.05
C LEU L 166 -103.38 77.74 -40.57
N LYS L 167 -102.97 78.65 -39.68
CA LYS L 167 -103.23 78.44 -38.25
C LYS L 167 -104.72 78.35 -37.95
N SER L 168 -105.55 79.13 -38.67
CA SER L 168 -106.99 79.08 -38.45
C SER L 168 -107.59 77.76 -38.92
N ALA L 169 -107.15 77.27 -40.07
CA ALA L 169 -107.57 75.95 -40.54
C ALA L 169 -107.13 74.86 -39.57
N ILE L 170 -105.88 74.93 -39.09
CA ILE L 170 -105.39 73.95 -38.12
C ILE L 170 -106.28 73.93 -36.89
N ALA L 171 -106.62 75.10 -36.36
CA ALA L 171 -107.53 75.20 -35.22
C ALA L 171 -108.88 74.59 -35.55
N ALA L 172 -109.42 74.89 -36.73
CA ALA L 172 -110.71 74.33 -37.16
C ALA L 172 -110.64 72.80 -37.21
N GLN L 173 -109.58 72.27 -37.80
CA GLN L 173 -109.37 70.82 -37.82
C GLN L 173 -109.38 70.25 -36.41
N LYS L 174 -108.77 70.94 -35.46
CA LYS L 174 -108.75 70.47 -34.08
C LYS L 174 -110.13 70.51 -33.43
N ILE L 175 -110.96 71.52 -33.72
CA ILE L 175 -112.33 71.52 -33.22
C ILE L 175 -113.17 70.40 -33.82
N GLU L 176 -113.10 70.20 -35.13
CA GLU L 176 -113.87 69.11 -35.74
C GLU L 176 -113.46 67.75 -35.19
N GLU L 177 -112.16 67.46 -35.17
CA GLU L 177 -111.69 66.14 -34.74
C GLU L 177 -111.94 65.89 -33.25
N ILE L 178 -111.71 66.90 -32.41
CA ILE L 178 -111.97 66.76 -30.98
C ILE L 178 -113.47 66.73 -30.70
N ALA L 179 -114.25 67.49 -31.47
CA ALA L 179 -115.71 67.43 -31.37
C ALA L 179 -116.26 66.10 -31.83
N GLY L 180 -115.73 65.54 -32.92
CA GLY L 180 -116.15 64.21 -33.34
C GLY L 180 -115.83 63.12 -32.34
N ASN L 181 -114.66 63.18 -31.71
CA ASN L 181 -114.37 62.26 -30.63
C ASN L 181 -115.19 62.54 -29.39
N LEU L 182 -115.50 63.82 -29.13
CA LEU L 182 -116.29 64.15 -27.94
C LEU L 182 -117.73 63.65 -28.09
N ASP L 183 -118.37 63.95 -29.22
CA ASP L 183 -119.75 63.54 -29.41
C ASP L 183 -119.84 62.02 -29.61
N ASN L 184 -119.06 61.50 -30.56
CA ASN L 184 -119.22 60.10 -30.92
C ASN L 184 -118.70 59.15 -29.84
N ALA L 185 -117.46 59.34 -29.40
CA ALA L 185 -116.89 58.44 -28.39
C ALA L 185 -117.48 58.72 -27.01
N SER L 186 -117.43 59.98 -26.55
CA SER L 186 -117.81 60.29 -25.18
C SER L 186 -119.31 60.15 -24.97
N ALA L 187 -120.11 60.73 -25.86
CA ALA L 187 -121.55 60.80 -25.65
C ALA L 187 -122.20 59.43 -25.74
N SER L 188 -121.77 58.60 -26.69
CA SER L 188 -122.28 57.23 -26.72
C SER L 188 -121.89 56.47 -25.46
N SER L 189 -120.70 56.74 -24.94
CA SER L 189 -120.29 56.14 -23.67
C SER L 189 -121.17 56.64 -22.53
N LEU L 190 -121.62 57.90 -22.58
CA LEU L 190 -122.48 58.41 -21.52
C LEU L 190 -123.88 57.82 -21.62
N PHE L 191 -124.49 57.86 -22.81
CA PHE L 191 -125.88 57.47 -22.93
C PHE L 191 -126.04 55.95 -22.78
N GLU L 192 -125.28 55.18 -23.54
CA GLU L 192 -125.45 53.73 -23.50
C GLU L 192 -124.96 53.08 -22.21
N ARG L 193 -123.89 53.60 -21.58
CA ARG L 193 -123.51 53.10 -20.25
C ARG L 193 -124.42 53.55 -19.12
N ILE L 194 -124.96 54.77 -19.20
CA ILE L 194 -125.93 55.19 -18.18
C ILE L 194 -127.24 54.45 -18.33
N GLU L 195 -127.69 54.27 -19.58
CA GLU L 195 -128.93 53.54 -19.81
C GLU L 195 -128.83 52.09 -19.35
N THR L 196 -127.76 51.38 -19.74
CA THR L 196 -127.60 50.00 -19.31
C THR L 196 -127.49 49.88 -17.78
N LYS L 197 -126.85 50.83 -17.13
CA LYS L 197 -126.83 50.83 -15.67
C LYS L 197 -128.19 51.13 -15.09
N ILE L 198 -128.98 51.96 -15.75
CA ILE L 198 -130.35 52.22 -15.33
C ILE L 198 -131.18 50.94 -15.45
N LEU L 199 -131.03 50.25 -16.58
CA LEU L 199 -131.71 48.97 -16.78
C LEU L 199 -131.34 47.96 -15.70
N GLU L 200 -130.08 47.98 -15.27
CA GLU L 200 -129.68 47.09 -14.17
C GLU L 200 -130.41 47.47 -12.89
N LEU L 201 -130.58 48.77 -12.64
CA LEU L 201 -131.38 49.22 -11.51
C LEU L 201 -132.84 48.85 -11.68
N GLU L 202 -133.33 48.86 -12.92
CA GLU L 202 -134.72 48.52 -13.21
C GLU L 202 -135.00 47.03 -13.08
N ALA L 203 -134.01 46.18 -13.36
CA ALA L 203 -134.16 44.75 -13.09
C ALA L 203 -134.34 44.46 -11.62
N GLU L 204 -133.70 45.24 -10.74
CA GLU L 204 -134.02 45.17 -9.32
C GLU L 204 -135.33 45.87 -8.98
N ARG L 205 -135.74 46.89 -9.73
CA ARG L 205 -137.05 47.47 -9.51
C ARG L 205 -138.16 46.45 -9.73
N GLU L 206 -138.11 45.73 -10.85
CA GLU L 206 -139.13 44.72 -11.15
C GLU L 206 -139.00 43.48 -10.28
N LEU L 207 -137.93 43.34 -9.50
CA LEU L 207 -137.88 42.33 -8.45
C LEU L 207 -138.54 42.83 -7.17
N LEU L 208 -138.42 44.12 -6.87
CA LEU L 208 -139.00 44.69 -5.66
C LEU L 208 -140.43 45.19 -5.86
N ASN L 209 -140.89 45.30 -7.11
CA ASN L 209 -142.08 46.07 -7.41
C ASN L 209 -142.83 45.42 -8.57
N PRO L 210 -144.09 45.02 -8.39
CA PRO L 210 -144.84 44.49 -9.52
C PRO L 210 -145.01 45.53 -10.60
N PRO L 211 -145.03 45.13 -11.87
CA PRO L 211 -145.31 46.09 -12.95
C PRO L 211 -146.58 46.87 -12.68
N PRO L 212 -146.50 48.22 -12.60
CA PRO L 212 -147.72 49.00 -12.36
C PRO L 212 -148.62 49.07 -13.58
N SER L 213 -149.40 48.01 -13.80
CA SER L 213 -150.31 47.94 -14.94
C SER L 213 -151.39 49.01 -14.82
N PRO L 214 -152.14 49.28 -15.88
CA PRO L 214 -153.28 50.21 -15.74
C PRO L 214 -154.33 49.74 -14.74
N LEU L 215 -154.38 48.45 -14.44
CA LEU L 215 -155.45 47.94 -13.57
C LEU L 215 -155.26 48.40 -12.13
N ASP L 216 -154.14 48.04 -11.52
CA ASP L 216 -153.87 48.48 -10.15
C ASP L 216 -153.81 50.00 -10.05
N LYS L 217 -153.36 50.67 -11.10
CA LYS L 217 -153.36 52.13 -11.09
C LYS L 217 -154.77 52.69 -10.95
N LYS L 218 -155.72 52.14 -11.70
CA LYS L 218 -157.11 52.60 -11.60
C LYS L 218 -157.70 52.28 -10.23
N PHE L 219 -157.36 51.12 -9.67
CA PHE L 219 -157.83 50.78 -8.33
C PHE L 219 -157.30 51.76 -7.28
N GLU L 220 -156.02 52.14 -7.37
CA GLU L 220 -155.48 53.11 -6.43
C GLU L 220 -156.16 54.47 -6.59
N GLN L 221 -156.45 54.87 -7.82
CA GLN L 221 -157.16 56.12 -8.06
C GLN L 221 -158.55 56.07 -7.43
N TRP L 222 -159.25 54.94 -7.59
CA TRP L 222 -160.56 54.79 -6.96
C TRP L 222 -160.45 54.79 -5.45
N GLU L 223 -159.34 54.29 -4.89
CA GLU L 223 -159.14 54.34 -3.45
C GLU L 223 -159.08 55.78 -2.95
N GLU L 224 -158.35 56.64 -3.67
CA GLU L 224 -158.34 58.06 -3.33
C GLU L 224 -159.73 58.65 -3.48
N GLN L 225 -160.44 58.27 -4.54
CA GLN L 225 -161.81 58.74 -4.75
C GLN L 225 -162.72 58.34 -3.58
N GLN L 226 -162.53 57.12 -3.06
CA GLN L 226 -163.37 56.65 -1.96
C GLN L 226 -162.99 57.31 -0.64
N ALA L 227 -161.72 57.69 -0.47
CA ALA L 227 -161.33 58.46 0.71
C ALA L 227 -162.04 59.81 0.73
N VAL L 228 -162.03 60.52 -0.40
CA VAL L 228 -162.72 61.80 -0.48
C VAL L 228 -164.23 61.61 -0.40
N GLU L 229 -164.75 60.50 -0.91
CA GLU L 229 -166.18 60.26 -0.75
C GLU L 229 -166.55 60.03 0.70
N ALA L 230 -165.65 59.45 1.49
CA ALA L 230 -165.89 59.33 2.93
C ALA L 230 -165.82 60.67 3.65
N THR L 231 -164.90 61.55 3.25
CA THR L 231 -164.87 62.90 3.80
C THR L 231 -166.15 63.65 3.47
N LEU L 232 -166.64 63.49 2.23
CA LEU L 232 -167.92 64.10 1.85
C LEU L 232 -169.05 63.57 2.72
N ALA L 233 -169.02 62.28 3.02
CA ALA L 233 -170.07 61.70 3.87
C ALA L 233 -170.04 62.34 5.25
N ALA L 234 -168.86 62.51 5.82
CA ALA L 234 -168.74 63.21 7.10
C ALA L 234 -169.23 64.65 6.98
N MET L 235 -168.89 65.33 5.89
CA MET L 235 -169.35 66.70 5.68
C MET L 235 -170.87 66.79 5.74
N LYS L 236 -171.56 65.96 4.97
CA LYS L 236 -173.02 66.07 4.88
C LYS L 236 -173.72 65.46 6.07
N ALA L 237 -173.04 64.60 6.84
CA ALA L 237 -173.61 64.10 8.08
C ALA L 237 -173.56 65.18 9.17
N ARG L 238 -172.47 65.93 9.24
CA ARG L 238 -172.43 67.09 10.12
C ARG L 238 -173.43 68.14 9.67
N ARG L 239 -173.60 68.29 8.36
CA ARG L 239 -174.57 69.25 7.81
C ARG L 239 -176.02 68.80 8.02
N SER L 240 -176.27 67.52 8.26
CA SER L 240 -177.64 67.05 8.44
C SER L 240 -178.33 67.81 9.58
N MET M 24 37.70 74.80 -52.88
CA MET M 24 38.53 74.05 -51.93
C MET M 24 38.53 74.75 -50.57
N GLU M 25 38.47 73.97 -49.50
CA GLU M 25 38.53 74.56 -48.16
C GLU M 25 39.87 75.23 -47.91
N LEU M 26 40.95 74.64 -48.43
CA LEU M 26 42.26 75.28 -48.34
C LEU M 26 42.23 76.65 -49.01
N PHE M 27 41.65 76.71 -50.22
CA PHE M 27 41.55 77.97 -50.93
C PHE M 27 40.80 79.01 -50.12
N ASN M 28 39.65 78.64 -49.56
CA ASN M 28 38.89 79.55 -48.70
C ASN M 28 39.70 80.04 -47.50
N ARG M 29 40.41 79.13 -46.82
CA ARG M 29 41.31 79.53 -45.74
C ARG M 29 42.33 80.55 -46.20
N VAL M 30 42.97 80.31 -47.35
CA VAL M 30 43.95 81.23 -47.91
C VAL M 30 43.29 82.50 -48.46
N GLY M 31 41.98 82.47 -48.65
CA GLY M 31 41.28 83.57 -49.29
C GLY M 31 41.52 84.95 -48.68
N ARG M 32 41.48 85.07 -47.37
CA ARG M 32 41.69 86.40 -46.79
C ARG M 32 43.02 87.01 -47.23
N VAL M 33 44.12 86.25 -47.10
CA VAL M 33 45.45 86.73 -47.45
C VAL M 33 45.65 86.86 -48.96
N LEU M 34 45.20 85.87 -49.72
CA LEU M 34 45.39 85.92 -51.17
C LEU M 34 44.48 86.96 -51.82
N LYS M 35 43.18 86.93 -51.51
CA LYS M 35 42.23 87.85 -52.12
C LYS M 35 42.46 89.30 -51.70
N SER M 36 43.01 89.58 -50.51
CA SER M 36 43.39 90.96 -50.22
C SER M 36 44.45 91.46 -51.20
N GLN M 37 45.49 90.65 -51.41
CA GLN M 37 46.51 90.97 -52.40
C GLN M 37 45.90 91.09 -53.81
N LEU M 38 45.07 90.14 -54.22
CA LEU M 38 44.48 90.23 -55.56
C LEU M 38 43.54 91.44 -55.72
N THR M 39 42.84 91.84 -54.65
CA THR M 39 42.02 93.04 -54.69
C THR M 39 42.86 94.28 -54.92
N HIS M 40 44.02 94.36 -54.29
CA HIS M 40 44.95 95.41 -54.68
C HIS M 40 45.56 95.17 -56.06
N TRP M 41 45.75 93.90 -56.44
CA TRP M 41 46.41 93.59 -57.71
C TRP M 41 45.61 94.15 -58.88
N GLN M 42 44.29 93.94 -58.87
CA GLN M 42 43.45 94.57 -59.88
C GLN M 42 43.46 96.09 -59.75
N GLN M 43 43.60 96.60 -58.53
CA GLN M 43 43.75 98.04 -58.30
C GLN M 43 45.10 98.58 -58.77
N GLN M 44 46.13 97.76 -58.95
CA GLN M 44 47.49 98.29 -59.07
C GLN M 44 47.62 99.40 -60.11
N GLN M 45 46.82 99.35 -61.18
CA GLN M 45 46.89 100.44 -62.16
C GLN M 45 46.55 101.77 -61.52
N GLU M 46 45.56 101.80 -60.63
CA GLU M 46 45.29 102.98 -59.83
C GLU M 46 46.31 103.15 -58.70
N ALA M 47 46.72 102.05 -58.06
CA ALA M 47 47.47 102.10 -56.81
C ALA M 47 48.69 101.19 -56.87
N PRO M 48 49.76 101.64 -57.54
CA PRO M 48 51.06 100.97 -57.39
C PRO M 48 51.83 101.42 -56.16
N GLU M 49 51.38 102.48 -55.49
CA GLU M 49 52.23 103.27 -54.61
C GLU M 49 52.86 102.43 -53.51
N ASP M 50 52.09 101.54 -52.87
CA ASP M 50 52.61 100.74 -51.78
C ASP M 50 53.70 99.77 -52.23
N LEU M 51 53.49 99.06 -53.34
CA LEU M 51 54.52 98.13 -53.82
C LEU M 51 55.78 98.85 -54.27
N LEU M 52 55.62 99.98 -54.96
CA LEU M 52 56.77 100.77 -55.39
C LEU M 52 57.59 101.27 -54.23
N GLU M 53 56.94 101.88 -53.24
CA GLU M 53 57.65 102.41 -52.07
C GLU M 53 58.20 101.32 -51.16
N ARG M 54 57.54 100.16 -51.09
CA ARG M 54 58.13 99.04 -50.36
C ARG M 54 59.47 98.63 -50.95
N LEU M 55 59.53 98.43 -52.27
CA LEU M 55 60.78 98.04 -52.91
C LEU M 55 61.87 99.08 -52.71
N LEU M 56 61.56 100.36 -52.93
CA LEU M 56 62.56 101.42 -52.73
C LEU M 56 62.93 101.60 -51.26
N GLY M 57 62.02 101.28 -50.34
CA GLY M 57 62.41 101.20 -48.94
C GLY M 57 63.47 100.13 -48.69
N GLU M 58 63.28 98.96 -49.29
CA GLU M 58 64.29 97.90 -49.22
C GLU M 58 65.61 98.35 -49.85
N MET M 59 65.52 99.14 -50.93
CA MET M 59 66.71 99.69 -51.56
C MET M 59 67.43 100.69 -50.66
N GLU M 60 66.68 101.48 -49.88
CA GLU M 60 67.29 102.34 -48.86
C GLU M 60 67.92 101.53 -47.73
N LEU M 61 67.28 100.44 -47.30
CA LEU M 61 67.89 99.56 -46.30
C LEU M 61 69.18 98.92 -46.80
N GLU M 62 69.22 98.53 -48.07
CA GLU M 62 70.48 98.07 -48.66
C GLU M 62 71.52 99.19 -48.70
N LEU M 63 71.14 100.35 -49.21
CA LEU M 63 72.08 101.46 -49.44
C LEU M 63 72.74 101.95 -48.15
N ILE M 64 72.04 101.89 -47.02
CA ILE M 64 72.70 102.18 -45.74
C ILE M 64 73.71 101.08 -45.37
N GLU M 65 73.47 99.84 -45.79
CA GLU M 65 74.53 98.84 -45.71
C GLU M 65 75.69 99.18 -46.65
N LEU M 66 75.41 99.50 -47.91
CA LEU M 66 76.47 99.75 -48.89
C LEU M 66 77.42 100.85 -48.44
N ARG M 67 76.89 101.91 -47.82
CA ARG M 67 77.73 102.95 -47.25
C ARG M 67 78.58 102.45 -46.08
N ARG M 68 78.01 101.66 -45.18
CA ARG M 68 78.81 101.10 -44.10
C ARG M 68 79.86 100.11 -44.61
N ALA M 69 79.56 99.37 -45.67
CA ALA M 69 80.54 98.46 -46.28
C ALA M 69 81.68 99.22 -46.94
N LEU M 70 81.39 100.36 -47.57
CA LEU M 70 82.43 101.28 -48.01
C LEU M 70 83.29 101.77 -46.84
N ALA M 71 82.66 102.15 -45.74
CA ALA M 71 83.43 102.59 -44.58
C ALA M 71 84.29 101.48 -43.99
N GLN M 72 83.80 100.23 -44.03
CA GLN M 72 84.61 99.09 -43.60
C GLN M 72 85.78 98.83 -44.54
N THR M 73 85.61 99.06 -45.84
CA THR M 73 86.75 98.95 -46.76
C THR M 73 87.79 100.03 -46.53
N ILE M 74 87.37 101.28 -46.35
CA ILE M 74 88.33 102.35 -46.07
C ILE M 74 89.06 102.08 -44.76
N ALA M 75 88.35 101.61 -43.74
CA ALA M 75 88.97 101.27 -42.46
C ALA M 75 90.02 100.17 -42.62
N THR M 76 89.70 99.11 -43.36
CA THR M 76 90.66 98.05 -43.61
C THR M 76 91.83 98.49 -44.48
N PHE M 77 91.60 99.38 -45.44
CA PHE M 77 92.69 99.87 -46.28
C PHE M 77 93.73 100.64 -45.48
N LYS M 78 93.28 101.63 -44.70
CA LYS M 78 94.20 102.43 -43.89
C LYS M 78 94.78 101.65 -42.71
N SER M 79 94.07 100.65 -42.18
CA SER M 79 94.68 99.78 -41.18
C SER M 79 95.84 98.98 -41.77
N THR M 80 95.70 98.50 -43.00
CA THR M 80 96.86 97.90 -43.67
C THR M 80 97.99 98.91 -43.81
N GLU M 81 97.63 100.17 -44.09
CA GLU M 81 98.62 101.24 -44.18
C GLU M 81 99.22 101.58 -42.82
N ARG M 82 98.43 101.47 -41.75
CA ARG M 82 98.97 101.63 -40.40
C ARG M 82 99.98 100.53 -40.08
N GLN M 83 99.78 99.33 -40.63
CA GLN M 83 100.78 98.27 -40.49
C GLN M 83 102.04 98.60 -41.27
N ARG M 84 101.88 99.23 -42.44
CA ARG M 84 103.03 99.78 -43.15
C ARG M 84 103.73 100.87 -42.34
N ASP M 85 102.95 101.76 -41.71
CA ASP M 85 103.54 102.78 -40.85
C ASP M 85 104.37 102.18 -39.73
N ALA M 86 103.96 101.03 -39.20
CA ALA M 86 104.79 100.33 -38.22
C ALA M 86 106.03 99.72 -38.86
N GLN M 87 105.88 99.07 -40.01
CA GLN M 87 107.05 98.48 -40.67
C GLN M 87 108.10 99.53 -40.98
N GLN M 88 107.69 100.67 -41.54
CA GLN M 88 108.63 101.75 -41.85
C GLN M 88 109.20 102.38 -40.59
N LEU M 89 108.42 102.41 -39.49
CA LEU M 89 108.96 102.88 -38.22
C LEU M 89 110.04 101.95 -37.67
N ILE M 90 109.88 100.64 -37.84
CA ILE M 90 110.94 99.72 -37.44
C ILE M 90 112.13 99.80 -38.39
N ALA M 91 111.89 100.10 -39.67
CA ALA M 91 112.98 100.39 -40.58
C ALA M 91 113.78 101.61 -40.13
N GLN M 92 113.09 102.66 -39.68
CA GLN M 92 113.77 103.82 -39.10
C GLN M 92 114.52 103.43 -37.83
N ARG M 93 113.92 102.58 -37.00
CA ARG M 93 114.62 102.04 -35.85
C ARG M 93 115.88 101.27 -36.24
N TRP M 94 115.86 100.63 -37.41
CA TRP M 94 117.08 100.01 -37.95
C TRP M 94 118.09 101.04 -38.47
N TYR M 95 117.62 102.18 -38.96
CA TYR M 95 118.57 103.26 -39.29
C TYR M 95 119.16 103.88 -38.04
N GLU M 96 118.38 104.06 -36.98
CA GLU M 96 118.91 104.57 -35.72
C GLU M 96 120.01 103.65 -35.17
N LYS M 97 119.74 102.35 -35.15
CA LYS M 97 120.76 101.38 -34.74
C LYS M 97 121.97 101.39 -35.66
N ALA M 98 121.78 101.67 -36.94
CA ALA M 98 122.92 101.90 -37.82
C ALA M 98 123.65 103.19 -37.47
N GLN M 99 122.92 104.25 -37.15
CA GLN M 99 123.55 105.54 -36.88
C GLN M 99 124.48 105.47 -35.68
N ALA M 100 124.16 104.62 -34.69
CA ALA M 100 125.05 104.38 -33.57
C ALA M 100 126.35 103.71 -33.98
N ALA M 101 126.46 103.27 -35.23
CA ALA M 101 127.70 102.73 -35.78
C ALA M 101 128.09 103.39 -37.09
N LEU M 102 127.38 104.43 -37.53
CA LEU M 102 127.68 105.10 -38.79
C LEU M 102 128.63 106.27 -38.63
N ASP M 103 129.09 106.54 -37.41
CA ASP M 103 130.19 107.45 -37.16
C ASP M 103 131.44 106.66 -36.79
N ARG M 104 132.59 107.34 -36.88
CA ARG M 104 133.90 106.80 -36.53
C ARG M 104 134.36 105.70 -37.48
N GLY M 105 133.65 105.46 -38.58
CA GLY M 105 133.98 104.36 -39.47
C GLY M 105 133.66 103.00 -38.90
N ASN M 106 132.84 102.93 -37.86
CA ASN M 106 132.47 101.68 -37.22
C ASN M 106 131.24 101.03 -37.87
N GLU M 107 130.97 101.36 -39.13
CA GLU M 107 129.76 100.96 -39.84
C GLU M 107 129.61 99.45 -40.01
N GLN M 108 130.58 98.68 -39.50
CA GLN M 108 130.50 97.22 -39.56
C GLN M 108 129.12 96.69 -39.19
N LEU M 109 128.57 97.11 -38.05
CA LEU M 109 127.27 96.62 -37.63
C LEU M 109 126.14 97.09 -38.54
N ALA M 110 126.36 98.15 -39.31
CA ALA M 110 125.37 98.57 -40.28
C ALA M 110 125.12 97.50 -41.33
N ARG M 111 126.08 96.58 -41.53
CA ARG M 111 125.87 95.48 -42.46
C ARG M 111 124.63 94.67 -42.08
N GLU M 112 124.58 94.21 -40.83
CA GLU M 112 123.41 93.48 -40.35
C GLU M 112 122.18 94.36 -40.20
N ALA M 113 122.34 95.58 -39.68
CA ALA M 113 121.19 96.44 -39.42
C ALA M 113 120.45 96.80 -40.71
N LEU M 114 121.18 97.20 -41.74
CA LEU M 114 120.57 97.42 -43.05
C LEU M 114 120.22 96.13 -43.76
N GLY M 115 120.92 95.03 -43.46
CA GLY M 115 120.48 93.74 -43.96
C GLY M 115 119.09 93.35 -43.51
N GLN M 116 118.76 93.62 -42.24
CA GLN M 116 117.38 93.50 -41.79
C GLN M 116 116.48 94.53 -42.45
N ARG M 117 116.89 95.79 -42.49
CA ARG M 117 116.03 96.81 -43.07
C ARG M 117 115.65 96.51 -44.51
N GLN M 118 116.51 95.82 -45.26
CA GLN M 118 116.16 95.43 -46.62
C GLN M 118 114.90 94.58 -46.66
N SER M 119 114.80 93.58 -45.77
CA SER M 119 113.56 92.82 -45.67
C SER M 119 112.40 93.65 -45.15
N TYR M 120 112.65 94.62 -44.28
CA TYR M 120 111.56 95.48 -43.80
C TYR M 120 111.06 96.42 -44.89
N GLN M 121 111.97 96.93 -45.73
CA GLN M 121 111.56 97.74 -46.87
C GLN M 121 110.77 96.94 -47.89
N SER M 122 111.11 95.66 -48.09
CA SER M 122 110.36 94.86 -49.06
C SER M 122 108.91 94.69 -48.63
N HIS M 123 108.68 94.39 -47.34
CA HIS M 123 107.31 94.32 -46.84
C HIS M 123 106.64 95.69 -46.83
N THR M 124 107.40 96.76 -46.55
CA THR M 124 106.82 98.10 -46.58
C THR M 124 106.33 98.48 -47.98
N GLU M 125 107.08 98.11 -49.02
CA GLU M 125 106.69 98.47 -50.37
C GLU M 125 105.69 97.48 -50.96
N ALA M 126 105.69 96.24 -50.49
CA ALA M 126 104.59 95.33 -50.77
C ALA M 126 103.27 95.88 -50.22
N LEU M 127 103.30 96.36 -48.97
CA LEU M 127 102.14 97.03 -48.41
C LEU M 127 101.79 98.28 -49.19
N GLY M 128 102.78 99.12 -49.49
CA GLY M 128 102.51 100.36 -50.20
C GLY M 128 101.89 100.17 -51.57
N LYS M 129 102.25 99.10 -52.27
CA LYS M 129 101.68 98.84 -53.59
C LYS M 129 100.37 98.06 -53.55
N SER M 130 100.19 97.19 -52.55
CA SER M 130 98.85 96.71 -52.24
C SER M 130 97.92 97.88 -51.94
N LEU M 131 98.40 98.83 -51.14
CA LEU M 131 97.67 100.04 -50.78
C LEU M 131 97.50 101.00 -51.94
N GLY M 132 98.19 100.77 -53.06
CA GLY M 132 97.91 101.47 -54.29
C GLY M 132 96.69 100.90 -54.99
N GLU M 133 96.55 99.58 -54.96
CA GLU M 133 95.35 98.96 -55.49
C GLU M 133 94.15 99.26 -54.58
N GLN M 134 94.35 99.10 -53.27
CA GLN M 134 93.30 99.43 -52.31
C GLN M 134 92.87 100.89 -52.39
N ARG M 135 93.79 101.78 -52.75
CA ARG M 135 93.41 103.15 -53.11
C ARG M 135 92.44 103.17 -54.27
N ALA M 136 92.83 102.60 -55.41
CA ALA M 136 91.97 102.57 -56.57
C ALA M 136 90.63 101.89 -56.27
N LEU M 137 90.62 100.91 -55.38
CA LEU M 137 89.36 100.29 -54.96
C LEU M 137 88.46 101.26 -54.22
N VAL M 138 88.99 101.99 -53.23
CA VAL M 138 88.15 102.93 -52.49
C VAL M 138 87.74 104.11 -53.37
N GLU M 139 88.56 104.51 -54.34
CA GLU M 139 88.15 105.55 -55.28
C GLU M 139 87.04 105.07 -56.20
N GLN M 140 87.22 103.91 -56.82
CA GLN M 140 86.23 103.41 -57.78
C GLN M 140 84.92 103.05 -57.07
N VAL M 141 85.00 102.50 -55.86
CA VAL M 141 83.78 102.19 -55.12
C VAL M 141 83.06 103.46 -54.68
N ARG M 142 83.82 104.52 -54.37
CA ARG M 142 83.18 105.80 -54.07
C ARG M 142 82.50 106.40 -55.31
N GLY M 143 83.13 106.29 -56.47
CA GLY M 143 82.48 106.78 -57.68
C GLY M 143 81.28 105.93 -58.09
N GLN M 144 81.39 104.61 -57.92
CA GLN M 144 80.27 103.72 -58.16
C GLN M 144 79.08 104.08 -57.27
N LEU M 145 79.33 104.24 -55.97
CA LEU M 145 78.26 104.64 -55.05
C LEU M 145 77.69 106.00 -55.42
N GLN M 146 78.53 107.01 -55.59
CA GLN M 146 78.00 108.35 -55.79
C GLN M 146 77.18 108.48 -57.08
N LYS M 147 77.55 107.76 -58.14
CA LYS M 147 76.70 107.64 -59.31
C LYS M 147 75.38 106.93 -58.99
N LEU M 148 75.48 105.78 -58.29
CA LEU M 148 74.30 104.95 -58.06
C LEU M 148 73.30 105.63 -57.13
N GLU M 149 73.77 106.15 -56.00
CA GLU M 149 72.89 106.76 -55.02
C GLU M 149 72.32 108.09 -55.52
N ARG M 150 73.08 108.83 -56.32
CA ARG M 150 72.52 110.01 -56.98
C ARG M 150 71.44 109.62 -57.98
N LYS M 151 71.62 108.48 -58.65
CA LYS M 151 70.58 107.95 -59.53
C LYS M 151 69.34 107.53 -58.73
N TYR M 152 69.55 106.96 -57.55
CA TYR M 152 68.43 106.66 -56.65
C TYR M 152 67.71 107.92 -56.20
N LEU M 153 68.44 108.99 -55.88
CA LEU M 153 67.81 110.26 -55.52
C LEU M 153 66.97 110.81 -56.66
N GLU M 154 67.52 110.89 -57.87
CA GLU M 154 66.76 111.35 -59.02
C GLU M 154 65.62 110.41 -59.39
N LEU M 155 65.80 109.11 -59.14
CA LEU M 155 64.72 108.15 -59.34
C LEU M 155 63.62 108.32 -58.29
N LYS M 156 63.96 108.69 -57.06
CA LYS M 156 62.92 109.09 -56.09
C LYS M 156 62.16 110.31 -56.59
N SER M 157 62.87 111.31 -57.12
CA SER M 157 62.22 112.47 -57.69
C SER M 157 61.25 112.07 -58.79
N GLN M 158 61.71 111.24 -59.73
CA GLN M 158 60.85 110.73 -60.80
C GLN M 158 59.66 109.94 -60.27
N LYS M 159 59.85 109.09 -59.27
CA LYS M 159 58.73 108.31 -58.72
C LYS M 159 57.66 109.23 -58.14
N ASN M 160 58.07 110.21 -57.33
CA ASN M 160 57.11 111.16 -56.79
C ASN M 160 56.33 111.84 -57.91
N LEU M 161 57.04 112.28 -58.95
CA LEU M 161 56.42 112.87 -60.12
C LEU M 161 55.61 111.87 -60.92
N TYR M 162 55.93 110.58 -60.83
CA TYR M 162 55.18 109.56 -61.55
C TYR M 162 53.87 109.22 -60.86
N LEU M 163 53.85 109.20 -59.53
CA LEU M 163 52.60 109.04 -58.80
C LEU M 163 51.67 110.22 -59.03
N ALA M 164 52.22 111.43 -59.08
CA ALA M 164 51.43 112.60 -59.44
C ALA M 164 50.88 112.49 -60.86
N ARG M 165 51.74 112.16 -61.82
CA ARG M 165 51.28 111.95 -63.19
C ARG M 165 50.18 110.89 -63.26
N LEU M 166 50.39 109.76 -62.59
CA LEU M 166 49.41 108.67 -62.64
C LEU M 166 48.06 109.09 -62.08
N LYS M 167 48.04 109.68 -60.88
CA LYS M 167 46.80 110.16 -60.30
C LYS M 167 46.14 111.22 -61.18
N SER M 168 46.94 112.08 -61.82
CA SER M 168 46.38 113.11 -62.69
C SER M 168 45.77 112.51 -63.95
N ALA M 169 46.44 111.53 -64.55
CA ALA M 169 45.87 110.80 -65.68
C ALA M 169 44.59 110.09 -65.29
N ILE M 170 44.58 109.42 -64.13
CA ILE M 170 43.39 108.74 -63.65
C ILE M 170 42.22 109.72 -63.53
N ALA M 171 42.47 110.88 -62.94
CA ALA M 171 41.45 111.93 -62.84
C ALA M 171 40.97 112.36 -64.23
N ALA M 172 41.90 112.56 -65.16
CA ALA M 172 41.55 112.94 -66.53
C ALA M 172 40.67 111.88 -67.18
N GLN M 173 41.04 110.62 -67.03
CA GLN M 173 40.23 109.52 -67.53
C GLN M 173 38.81 109.59 -66.96
N LYS M 174 38.69 109.92 -65.68
CA LYS M 174 37.38 110.02 -65.07
C LYS M 174 36.57 111.20 -65.60
N ILE M 175 37.19 112.33 -65.89
CA ILE M 175 36.48 113.44 -66.53
C ILE M 175 36.03 113.09 -67.95
N GLU M 176 36.90 112.52 -68.76
CA GLU M 176 36.48 112.14 -70.11
C GLU M 176 35.33 111.14 -70.11
N GLU M 177 35.48 110.06 -69.34
CA GLU M 177 34.47 109.01 -69.35
C GLU M 177 33.13 109.47 -68.74
N ILE M 178 33.18 110.22 -67.64
CA ILE M 178 31.96 110.76 -67.04
C ILE M 178 31.36 111.86 -67.91
N ALA M 179 32.21 112.66 -68.56
CA ALA M 179 31.73 113.66 -69.52
C ALA M 179 31.10 113.00 -70.75
N GLY M 180 31.71 111.94 -71.27
CA GLY M 180 31.10 111.24 -72.38
C GLY M 180 29.76 110.61 -72.06
N ASN M 181 29.63 110.04 -70.86
CA ASN M 181 28.33 109.56 -70.42
C ASN M 181 27.37 110.70 -70.13
N LEU M 182 27.88 111.83 -69.63
CA LEU M 182 27.01 112.96 -69.32
C LEU M 182 26.44 113.57 -70.60
N ASP M 183 27.30 113.86 -71.57
CA ASP M 183 26.83 114.48 -72.80
C ASP M 183 26.04 113.49 -73.64
N ASN M 184 26.62 112.32 -73.90
CA ASN M 184 25.99 111.39 -74.83
C ASN M 184 24.74 110.75 -74.26
N ALA M 185 24.83 110.16 -73.07
CA ALA M 185 23.66 109.49 -72.48
C ALA M 185 22.65 110.50 -71.94
N SER M 186 23.10 111.44 -71.10
CA SER M 186 22.17 112.32 -70.41
C SER M 186 21.55 113.33 -71.36
N ALA M 187 22.38 113.98 -72.17
CA ALA M 187 21.90 115.09 -73.00
C ALA M 187 20.95 114.60 -74.09
N SER M 188 21.26 113.47 -74.72
CA SER M 188 20.31 112.92 -75.70
C SER M 188 19.00 112.54 -75.01
N SER M 189 19.08 112.05 -73.77
CA SER M 189 17.87 111.77 -73.01
C SER M 189 17.10 113.06 -72.72
N LEU M 190 17.80 114.17 -72.50
CA LEU M 190 17.11 115.43 -72.24
C LEU M 190 16.47 115.97 -73.50
N PHE M 191 17.22 116.05 -74.60
CA PHE M 191 16.71 116.72 -75.79
C PHE M 191 15.64 115.89 -76.48
N GLU M 192 15.91 114.62 -76.74
CA GLU M 192 14.96 113.80 -77.47
C GLU M 192 13.71 113.44 -76.66
N ARG M 193 13.83 113.23 -75.33
CA ARG M 193 12.64 113.05 -74.51
C ARG M 193 11.84 114.32 -74.26
N ILE M 194 12.51 115.47 -74.14
CA ILE M 194 11.77 116.73 -74.02
C ILE M 194 11.09 117.10 -75.32
N GLU M 195 11.79 116.91 -76.44
CA GLU M 195 11.21 117.20 -77.74
C GLU M 195 9.99 116.32 -78.03
N THR M 196 10.11 115.01 -77.84
CA THR M 196 8.98 114.12 -78.08
C THR M 196 7.80 114.44 -77.16
N LYS M 197 8.07 114.82 -75.92
CA LYS M 197 6.98 115.25 -75.05
C LYS M 197 6.38 116.57 -75.50
N ILE M 198 7.20 117.46 -76.06
CA ILE M 198 6.69 118.70 -76.63
C ILE M 198 5.78 118.39 -77.82
N LEU M 199 6.23 117.49 -78.69
CA LEU M 199 5.43 117.06 -79.83
C LEU M 199 4.09 116.47 -79.38
N GLU M 200 4.09 115.75 -78.26
CA GLU M 200 2.84 115.23 -77.73
C GLU M 200 1.93 116.38 -77.31
N LEU M 201 2.50 117.42 -76.71
CA LEU M 201 1.73 118.61 -76.38
C LEU M 201 1.26 119.33 -77.64
N GLU M 202 2.07 119.29 -78.71
CA GLU M 202 1.72 119.94 -79.97
C GLU M 202 0.63 119.19 -80.73
N ALA M 203 0.57 117.87 -80.59
CA ALA M 203 -0.54 117.11 -81.15
C ALA M 203 -1.87 117.50 -80.54
N GLU M 204 -1.88 117.84 -79.25
CA GLU M 204 -3.06 118.45 -78.65
C GLU M 204 -3.23 119.92 -79.04
N ARG M 205 -2.14 120.64 -79.31
CA ARG M 205 -2.27 122.00 -79.82
C ARG M 205 -3.02 122.02 -81.15
N GLU M 206 -2.62 121.17 -82.10
CA GLU M 206 -3.27 121.11 -83.40
C GLU M 206 -4.66 120.49 -83.34
N LEU M 207 -5.04 119.89 -82.22
CA LEU M 207 -6.44 119.52 -82.00
C LEU M 207 -7.26 120.69 -81.48
N LEU M 208 -6.66 121.54 -80.65
CA LEU M 208 -7.35 122.69 -80.08
C LEU M 208 -7.26 123.94 -80.95
N ASN M 209 -6.38 123.95 -81.95
CA ASN M 209 -5.97 125.19 -82.62
C ASN M 209 -5.70 124.92 -84.09
N PRO M 210 -6.40 125.58 -85.01
CA PRO M 210 -6.07 125.40 -86.42
C PRO M 210 -4.66 125.87 -86.72
N PRO M 211 -3.98 125.23 -87.66
CA PRO M 211 -2.65 125.71 -88.06
C PRO M 211 -2.69 127.19 -88.42
N PRO M 212 -1.90 128.04 -87.74
CA PRO M 212 -1.91 129.47 -88.08
C PRO M 212 -1.18 129.76 -89.38
N SER M 213 -1.87 129.53 -90.51
CA SER M 213 -1.29 129.76 -91.83
C SER M 213 -0.99 131.24 -92.02
N PRO M 214 -0.23 131.62 -93.04
CA PRO M 214 -0.04 133.05 -93.33
C PRO M 214 -1.34 133.78 -93.65
N LEU M 215 -2.38 133.06 -94.08
CA LEU M 215 -3.60 133.71 -94.52
C LEU M 215 -4.35 134.34 -93.34
N ASP M 216 -4.75 133.51 -92.36
CA ASP M 216 -5.43 134.04 -91.18
C ASP M 216 -4.57 135.03 -90.42
N LYS M 217 -3.24 134.84 -90.44
CA LYS M 217 -2.35 135.79 -89.80
C LYS M 217 -2.46 137.18 -90.43
N LYS M 218 -2.49 137.24 -91.76
CA LYS M 218 -2.63 138.53 -92.44
C LYS M 218 -3.99 139.15 -92.17
N PHE M 219 -5.04 138.33 -92.11
CA PHE M 219 -6.37 138.83 -91.79
C PHE M 219 -6.42 139.44 -90.39
N GLU M 220 -5.79 138.79 -89.41
CA GLU M 220 -5.76 139.33 -88.06
C GLU M 220 -4.98 140.65 -88.03
N GLN M 221 -3.88 140.73 -88.77
CA GLN M 221 -3.13 141.97 -88.86
C GLN M 221 -3.97 143.08 -89.44
N TRP M 222 -4.72 142.78 -90.51
CA TRP M 222 -5.62 143.77 -91.09
C TRP M 222 -6.72 144.16 -90.12
N GLU M 223 -7.15 143.24 -89.25
CA GLU M 223 -8.15 143.58 -88.25
C GLU M 223 -7.62 144.64 -87.28
N GLU M 224 -6.38 144.48 -86.85
CA GLU M 224 -5.75 145.51 -86.02
C GLU M 224 -5.62 146.81 -86.79
N GLN M 225 -5.24 146.73 -88.07
CA GLN M 225 -5.15 147.91 -88.91
C GLN M 225 -6.50 148.63 -89.01
N GLN M 226 -7.59 147.87 -89.12
CA GLN M 226 -8.91 148.47 -89.23
C GLN M 226 -9.39 149.05 -87.92
N ALA M 227 -8.97 148.47 -86.79
CA ALA M 227 -9.28 149.08 -85.49
C ALA M 227 -8.64 150.46 -85.37
N VAL M 228 -7.36 150.57 -85.72
CA VAL M 228 -6.68 151.86 -85.68
C VAL M 228 -7.24 152.80 -86.74
N GLU M 229 -7.68 152.27 -87.88
CA GLU M 229 -8.29 153.15 -88.86
C GLU M 229 -9.62 153.71 -88.36
N ALA M 230 -10.34 152.94 -87.53
CA ALA M 230 -11.55 153.47 -86.90
C ALA M 230 -11.24 154.53 -85.84
N THR M 231 -10.18 154.35 -85.06
CA THR M 231 -9.74 155.38 -84.13
C THR M 231 -9.36 156.66 -84.88
N LEU M 232 -8.65 156.50 -86.01
CA LEU M 232 -8.31 157.66 -86.83
C LEU M 232 -9.57 158.37 -87.32
N ALA M 233 -10.60 157.60 -87.69
CA ALA M 233 -11.84 158.20 -88.14
C ALA M 233 -12.48 159.02 -87.04
N ALA M 234 -12.51 158.49 -85.82
CA ALA M 234 -12.99 159.27 -84.68
C ALA M 234 -12.14 160.51 -84.45
N MET M 235 -10.81 160.39 -84.57
CA MET M 235 -9.94 161.54 -84.41
C MET M 235 -10.32 162.66 -85.36
N LYS M 236 -10.41 162.36 -86.66
CA LYS M 236 -10.65 163.41 -87.65
C LYS M 236 -12.10 163.86 -87.69
N ALA M 237 -13.02 163.06 -87.15
CA ALA M 237 -14.41 163.51 -87.01
C ALA M 237 -14.54 164.52 -85.87
N ARG M 238 -13.85 164.28 -84.76
CA ARG M 238 -13.79 165.28 -83.71
C ARG M 238 -13.05 166.52 -84.20
N ARG M 239 -12.02 166.34 -85.02
CA ARG M 239 -11.28 167.47 -85.58
C ARG M 239 -12.07 168.23 -86.63
N SER M 240 -13.10 167.64 -87.23
CA SER M 240 -13.88 168.34 -88.26
C SER M 240 -14.43 169.66 -87.72
N MET N 24 91.10 6.16 25.22
CA MET N 24 90.14 5.40 26.01
C MET N 24 89.56 6.28 27.12
N GLU N 25 88.25 6.14 27.37
CA GLU N 25 87.64 6.90 28.45
C GLU N 25 88.21 6.48 29.81
N LEU N 26 88.50 5.20 29.98
CA LEU N 26 89.16 4.74 31.20
C LEU N 26 90.49 5.46 31.38
N PHE N 27 91.29 5.52 30.31
CA PHE N 27 92.58 6.20 30.37
C PHE N 27 92.42 7.65 30.79
N ASN N 28 91.48 8.37 30.18
CA ASN N 28 91.20 9.76 30.56
C ASN N 28 90.82 9.89 32.03
N ARG N 29 89.92 9.01 32.52
CA ARG N 29 89.60 8.98 33.94
C ARG N 29 90.83 8.81 34.81
N VAL N 30 91.70 7.85 34.46
CA VAL N 30 92.93 7.62 35.20
C VAL N 30 93.95 8.73 34.98
N GLY N 31 93.75 9.57 33.96
CA GLY N 31 94.73 10.57 33.59
C GLY N 31 95.18 11.50 34.71
N ARG N 32 94.26 12.00 35.52
CA ARG N 32 94.71 12.91 36.58
C ARG N 32 95.75 12.25 37.49
N VAL N 33 95.45 11.04 37.98
CA VAL N 33 96.36 10.33 38.89
C VAL N 33 97.61 9.82 38.18
N LEU N 34 97.46 9.24 37.00
CA LEU N 34 98.62 8.70 36.29
C LEU N 34 99.51 9.80 35.75
N LYS N 35 98.93 10.77 35.04
CA LYS N 35 99.70 11.84 34.43
C LYS N 35 100.35 12.76 35.47
N SER N 36 99.77 12.94 36.66
CA SER N 36 100.51 13.67 37.70
C SER N 36 101.81 12.97 38.06
N GLN N 37 101.73 11.66 38.28
CA GLN N 37 102.92 10.87 38.52
C GLN N 37 103.90 10.92 37.34
N LEU N 38 103.40 10.75 36.12
CA LEU N 38 104.32 10.80 34.97
C LEU N 38 104.94 12.18 34.77
N THR N 39 104.21 13.26 35.09
CA THR N 39 104.77 14.61 35.03
C THR N 39 105.93 14.77 36.01
N HIS N 40 105.79 14.21 37.21
CA HIS N 40 106.97 14.14 38.07
C HIS N 40 108.00 13.13 37.57
N TRP N 41 107.56 12.06 36.91
CA TRP N 41 108.47 11.01 36.47
C TRP N 41 109.49 11.57 35.49
N GLN N 42 109.02 12.34 34.51
CA GLN N 42 109.95 13.03 33.61
C GLN N 42 110.80 14.05 34.36
N GLN N 43 110.23 14.67 35.39
CA GLN N 43 110.98 15.57 36.26
C GLN N 43 112.02 14.86 37.14
N GLN N 44 111.90 13.56 37.37
CA GLN N 44 112.65 12.93 38.46
C GLN N 44 114.14 13.25 38.42
N GLN N 45 114.72 13.44 37.23
CA GLN N 45 116.14 13.80 37.16
C GLN N 45 116.40 15.11 37.90
N GLU N 46 115.49 16.08 37.76
CA GLU N 46 115.56 17.29 38.57
C GLU N 46 115.07 17.05 40.00
N ALA N 47 114.03 16.24 40.17
CA ALA N 47 113.31 16.14 41.44
C ALA N 47 113.10 14.68 41.84
N PRO N 48 114.15 14.03 42.37
CA PRO N 48 113.96 12.75 43.04
C PRO N 48 113.52 12.89 44.49
N GLU N 49 113.54 14.10 45.04
CA GLU N 49 113.58 14.31 46.48
C GLU N 49 112.41 13.66 47.19
N ASP N 50 111.20 13.81 46.66
CA ASP N 50 110.02 13.25 47.32
C ASP N 50 110.03 11.73 47.36
N LEU N 51 110.38 11.07 46.25
CA LEU N 51 110.41 9.60 46.26
C LEU N 51 111.51 9.07 47.17
N LEU N 52 112.69 9.71 47.14
CA LEU N 52 113.79 9.30 48.01
C LEU N 52 113.43 9.41 49.49
N GLU N 53 112.90 10.57 49.89
CA GLU N 53 112.55 10.80 51.28
C GLU N 53 111.34 9.98 51.72
N ARG N 54 110.40 9.69 50.81
CA ARG N 54 109.31 8.78 51.15
C ARG N 54 109.83 7.40 51.54
N LEU N 55 110.71 6.82 50.71
CA LEU N 55 111.27 5.51 51.01
C LEU N 55 112.03 5.50 52.33
N LEU N 56 112.91 6.48 52.54
CA LEU N 56 113.66 6.56 53.79
C LEU N 56 112.78 6.87 55.00
N GLY N 57 111.67 7.57 54.80
CA GLY N 57 110.66 7.67 55.84
C GLY N 57 110.08 6.33 56.23
N GLU N 58 109.76 5.50 55.25
CA GLU N 58 109.31 4.14 55.51
C GLU N 58 110.39 3.33 56.23
N MET N 59 111.66 3.57 55.88
CA MET N 59 112.77 2.93 56.56
C MET N 59 112.90 3.37 58.01
N GLU N 60 112.62 4.64 58.30
CA GLU N 60 112.53 5.09 59.70
C GLU N 60 111.35 4.47 60.44
N LEU N 61 110.21 4.33 59.78
CA LEU N 61 109.07 3.65 60.40
C LEU N 61 109.37 2.18 60.71
N GLU N 62 110.09 1.50 59.82
CA GLU N 62 110.57 0.15 60.12
C GLU N 62 111.54 0.16 61.29
N LEU N 63 112.56 1.03 61.24
CA LEU N 63 113.63 1.04 62.23
C LEU N 63 113.14 1.30 63.65
N ILE N 64 112.09 2.09 63.82
CA ILE N 64 111.47 2.22 65.15
C ILE N 64 110.79 0.92 65.56
N GLU N 65 110.28 0.14 64.62
CA GLU N 65 109.87 -1.22 64.95
C GLU N 65 111.06 -2.09 65.34
N LEU N 66 112.13 -2.06 64.54
CA LEU N 66 113.29 -2.94 64.79
C LEU N 66 113.87 -2.73 66.18
N ARG N 67 113.92 -1.49 66.65
CA ARG N 67 114.36 -1.20 68.01
C ARG N 67 113.40 -1.76 69.06
N ARG N 68 112.08 -1.61 68.86
CA ARG N 68 111.14 -2.20 69.80
C ARG N 68 111.17 -3.72 69.77
N ALA N 69 111.43 -4.33 68.62
CA ALA N 69 111.57 -5.79 68.54
C ALA N 69 112.82 -6.28 69.25
N LEU N 70 113.92 -5.52 69.17
CA LEU N 70 115.08 -5.78 70.03
C LEU N 70 114.73 -5.69 71.51
N ALA N 71 113.97 -4.66 71.90
CA ALA N 71 113.58 -4.55 73.30
C ALA N 71 112.67 -5.69 73.75
N GLN N 72 111.81 -6.18 72.84
CA GLN N 72 111.00 -7.35 73.15
C GLN N 72 111.83 -8.62 73.28
N THR N 73 112.91 -8.75 72.50
CA THR N 73 113.81 -9.89 72.67
C THR N 73 114.56 -9.83 73.99
N ILE N 74 115.10 -8.66 74.35
CA ILE N 74 115.78 -8.53 75.64
C ILE N 74 114.83 -8.82 76.80
N ALA N 75 113.59 -8.31 76.70
CA ALA N 75 112.59 -8.58 77.74
C ALA N 75 112.29 -10.07 77.88
N THR N 76 112.11 -10.77 76.76
CA THR N 76 111.88 -12.21 76.80
C THR N 76 113.10 -12.99 77.27
N PHE N 77 114.31 -12.54 76.94
CA PHE N 77 115.52 -13.23 77.39
C PHE N 77 115.66 -13.19 78.91
N LYS N 78 115.56 -12.00 79.50
CA LYS N 78 115.68 -11.86 80.95
C LYS N 78 114.47 -12.40 81.70
N SER N 79 113.28 -12.40 81.09
CA SER N 79 112.16 -13.09 81.72
C SER N 79 112.39 -14.59 81.81
N THR N 80 112.99 -15.20 80.78
CA THR N 80 113.41 -16.59 80.91
C THR N 80 114.42 -16.74 82.03
N GLU N 81 115.32 -15.77 82.18
CA GLU N 81 116.29 -15.78 83.27
C GLU N 81 115.63 -15.54 84.62
N ARG N 82 114.57 -14.75 84.67
CA ARG N 82 113.80 -14.59 85.90
C ARG N 82 113.13 -15.91 86.30
N GLN N 83 112.76 -16.74 85.32
CA GLN N 83 112.25 -18.07 85.61
C GLN N 83 113.37 -18.96 86.15
N ARG N 84 114.58 -18.80 85.63
CA ARG N 84 115.74 -19.45 86.23
C ARG N 84 115.98 -18.96 87.65
N ASP N 85 115.86 -17.65 87.89
CA ASP N 85 116.00 -17.12 89.24
C ASP N 85 115.01 -17.75 90.21
N ALA N 86 113.80 -18.05 89.74
CA ALA N 86 112.84 -18.78 90.58
C ALA N 86 113.26 -20.23 90.78
N GLN N 87 113.69 -20.91 89.71
CA GLN N 87 114.11 -22.30 89.86
C GLN N 87 115.25 -22.44 90.85
N GLN N 88 116.26 -21.58 90.74
CA GLN N 88 117.40 -21.62 91.66
C GLN N 88 116.99 -21.20 93.08
N LEU N 89 116.00 -20.32 93.20
CA LEU N 89 115.47 -19.98 94.52
C LEU N 89 114.76 -21.17 95.17
N ILE N 90 114.04 -21.97 94.39
CA ILE N 90 113.44 -23.18 94.95
C ILE N 90 114.50 -24.24 95.24
N ALA N 91 115.58 -24.27 94.44
CA ALA N 91 116.72 -25.11 94.77
C ALA N 91 117.33 -24.72 96.11
N GLN N 92 117.47 -23.42 96.37
CA GLN N 92 117.92 -22.95 97.68
C GLN N 92 116.93 -23.33 98.77
N ARG N 93 115.62 -23.22 98.48
CA ARG N 93 114.61 -23.71 99.40
C ARG N 93 114.76 -25.20 99.69
N TRP N 94 115.22 -25.97 98.71
CA TRP N 94 115.55 -27.37 98.94
C TRP N 94 116.82 -27.56 99.77
N TYR N 95 117.79 -26.64 99.67
CA TYR N 95 118.92 -26.68 100.58
C TYR N 95 118.53 -26.31 102.00
N GLU N 96 117.65 -25.31 102.16
CA GLU N 96 117.16 -24.96 103.50
C GLU N 96 116.47 -26.15 104.16
N LYS N 97 115.58 -26.82 103.43
CA LYS N 97 114.93 -28.03 103.94
C LYS N 97 115.93 -29.14 104.23
N ALA N 98 117.02 -29.21 103.45
CA ALA N 98 118.09 -30.13 103.81
C ALA N 98 118.81 -29.68 105.09
N GLN N 99 119.04 -28.37 105.24
CA GLN N 99 119.79 -27.88 106.38
C GLN N 99 119.09 -28.20 107.70
N ALA N 100 117.75 -28.23 107.69
CA ALA N 100 116.99 -28.66 108.85
C ALA N 100 117.21 -30.12 109.20
N ALA N 101 117.91 -30.87 108.35
CA ALA N 101 118.29 -32.24 108.62
C ALA N 101 119.78 -32.48 108.41
N LEU N 102 120.56 -31.44 108.12
CA LEU N 102 121.99 -31.60 107.87
C LEU N 102 122.84 -31.43 109.12
N ASP N 103 122.20 -31.21 110.26
CA ASP N 103 122.86 -31.29 111.56
C ASP N 103 122.41 -32.55 112.29
N ARG N 104 123.19 -32.93 113.31
CA ARG N 104 122.93 -34.07 114.17
C ARG N 104 123.06 -35.41 113.44
N GLY N 105 123.57 -35.41 112.21
CA GLY N 105 123.64 -36.64 111.43
C GLY N 105 122.30 -37.14 110.95
N ASN N 106 121.27 -36.29 110.98
CA ASN N 106 119.92 -36.66 110.56
C ASN N 106 119.70 -36.44 109.06
N GLU N 107 120.77 -36.42 108.27
CA GLU N 107 120.75 -36.07 106.86
C GLU N 107 119.91 -37.01 105.99
N GLN N 108 119.30 -38.03 106.61
CA GLN N 108 118.43 -38.95 105.89
C GLN N 108 117.47 -38.24 104.94
N LEU N 109 116.75 -37.23 105.43
CA LEU N 109 115.80 -36.52 104.58
C LEU N 109 116.48 -35.72 103.48
N ALA N 110 117.77 -35.41 103.63
CA ALA N 110 118.51 -34.75 102.57
C ALA N 110 118.55 -35.61 101.31
N ARG N 111 118.39 -36.93 101.45
CA ARG N 111 118.35 -37.79 100.27
C ARG N 111 117.25 -37.36 99.31
N GLU N 112 116.02 -37.23 99.81
CA GLU N 112 114.92 -36.77 98.98
C GLU N 112 115.03 -35.29 98.62
N ALA N 113 115.44 -34.45 99.57
CA ALA N 113 115.49 -33.00 99.31
C ALA N 113 116.49 -32.65 98.20
N LEU N 114 117.69 -33.21 98.27
CA LEU N 114 118.65 -33.05 97.18
C LEU N 114 118.29 -33.88 95.96
N GLY N 115 117.56 -34.98 96.12
CA GLY N 115 117.04 -35.69 94.97
C GLY N 115 116.10 -34.85 94.13
N GLN N 116 115.24 -34.05 94.76
CA GLN N 116 114.49 -33.04 94.04
C GLN N 116 115.39 -31.94 93.48
N ARG N 117 116.29 -31.41 94.30
CA ARG N 117 117.14 -30.32 93.81
C ARG N 117 117.93 -30.71 92.57
N GLN N 118 118.28 -31.99 92.42
CA GLN N 118 118.98 -32.42 91.21
C GLN N 118 118.15 -32.12 89.95
N SER N 119 116.85 -32.43 89.97
CA SER N 119 115.99 -32.05 88.86
C SER N 119 115.83 -30.54 88.74
N TYR N 120 115.83 -29.81 89.84
CA TYR N 120 115.73 -28.35 89.77
C TYR N 120 117.01 -27.73 89.19
N GLN N 121 118.16 -28.28 89.54
CA GLN N 121 119.42 -27.81 88.94
C GLN N 121 119.50 -28.11 87.45
N SER N 122 118.94 -29.24 87.00
CA SER N 122 118.97 -29.55 85.58
C SER N 122 118.18 -28.53 84.77
N HIS N 123 116.97 -28.17 85.24
CA HIS N 123 116.21 -27.12 84.58
C HIS N 123 116.88 -25.76 84.73
N THR N 124 117.52 -25.50 85.87
CA THR N 124 118.22 -24.22 86.05
C THR N 124 119.37 -24.07 85.06
N GLU N 125 120.11 -25.15 84.80
CA GLU N 125 121.25 -25.05 83.88
C GLU N 125 120.83 -25.19 82.43
N ALA N 126 119.71 -25.87 82.16
CA ALA N 126 119.08 -25.79 80.85
C ALA N 126 118.67 -24.36 80.53
N LEU N 127 118.04 -23.68 81.49
CA LEU N 127 117.73 -22.27 81.33
C LEU N 127 119.01 -21.44 81.17
N GLY N 128 119.99 -21.66 82.03
CA GLY N 128 121.22 -20.89 81.97
C GLY N 128 121.97 -21.00 80.66
N LYS N 129 121.92 -22.17 80.02
CA LYS N 129 122.60 -22.36 78.74
C LYS N 129 121.76 -21.95 77.53
N SER N 130 120.44 -22.09 77.63
CA SER N 130 119.57 -21.39 76.69
C SER N 130 119.83 -19.88 76.75
N LEU N 131 119.95 -19.35 77.96
CA LEU N 131 120.24 -17.93 78.20
C LEU N 131 121.66 -17.55 77.82
N GLY N 132 122.52 -18.52 77.53
CA GLY N 132 123.80 -18.24 76.92
C GLY N 132 123.65 -17.99 75.43
N GLU N 133 122.79 -18.76 74.77
CA GLU N 133 122.50 -18.49 73.37
C GLU N 133 121.70 -17.20 73.23
N GLN N 134 120.68 -17.02 74.06
CA GLN N 134 119.89 -15.80 74.06
C GLN N 134 120.75 -14.57 74.36
N ARG N 135 121.81 -14.73 75.16
CA ARG N 135 122.81 -13.68 75.29
C ARG N 135 123.45 -13.36 73.95
N ALA N 136 124.04 -14.36 73.30
CA ALA N 136 124.68 -14.13 72.01
C ALA N 136 123.70 -13.57 70.98
N LEU N 137 122.41 -13.92 71.07
CA LEU N 137 121.41 -13.34 70.19
C LEU N 137 121.22 -11.85 70.45
N VAL N 138 121.06 -11.44 71.71
CA VAL N 138 120.90 -10.01 71.99
C VAL N 138 122.17 -9.22 71.70
N GLU N 139 123.34 -9.83 71.86
CA GLU N 139 124.58 -9.15 71.48
C GLU N 139 124.70 -8.98 69.97
N GLN N 140 124.49 -10.06 69.22
CA GLN N 140 124.63 -9.99 67.76
C GLN N 140 123.56 -9.12 67.14
N VAL N 141 122.34 -9.16 67.67
CA VAL N 141 121.28 -8.29 67.14
C VAL N 141 121.55 -6.83 67.47
N ARG N 142 122.17 -6.56 68.62
CA ARG N 142 122.58 -5.19 68.93
C ARG N 142 123.69 -4.71 68.00
N GLY N 143 124.65 -5.57 67.68
CA GLY N 143 125.69 -5.17 66.74
C GLY N 143 125.18 -5.03 65.32
N GLN N 144 124.26 -5.92 64.93
CA GLN N 144 123.61 -5.81 63.63
C GLN N 144 122.87 -4.48 63.50
N LEU N 145 122.06 -4.14 64.50
CA LEU N 145 121.35 -2.87 64.51
C LEU N 145 122.31 -1.69 64.49
N GLN N 146 123.28 -1.66 65.40
CA GLN N 146 124.13 -0.48 65.51
C GLN N 146 124.95 -0.22 64.25
N LYS N 147 125.39 -1.28 63.56
CA LYS N 147 125.98 -1.13 62.23
C LYS N 147 124.97 -0.60 61.23
N LEU N 148 123.77 -1.20 61.20
CA LEU N 148 122.78 -0.86 60.17
C LEU N 148 122.26 0.56 60.33
N GLU N 149 121.85 0.93 61.55
CA GLU N 149 121.28 2.25 61.79
C GLU N 149 122.32 3.34 61.69
N ARG N 150 123.58 3.07 62.06
CA ARG N 150 124.64 4.02 61.80
C ARG N 150 124.87 4.19 60.32
N LYS N 151 124.72 3.12 59.54
CA LYS N 151 124.79 3.23 58.08
C LYS N 151 123.63 4.04 57.54
N TYR N 152 122.43 3.89 58.12
CA TYR N 152 121.30 4.74 57.77
C TYR N 152 121.56 6.21 58.08
N LEU N 153 122.17 6.50 59.24
CA LEU N 153 122.53 7.87 59.59
C LEU N 153 123.49 8.47 58.58
N GLU N 154 124.58 7.76 58.28
CA GLU N 154 125.55 8.23 57.28
C GLU N 154 124.94 8.29 55.88
N LEU N 155 124.00 7.39 55.58
CA LEU N 155 123.27 7.45 54.31
C LEU N 155 122.33 8.64 54.24
N LYS N 156 121.73 9.02 55.37
CA LYS N 156 120.99 10.30 55.41
C LYS N 156 121.92 11.48 55.13
N SER N 157 123.11 11.48 55.73
CA SER N 157 124.09 12.52 55.47
C SER N 157 124.41 12.58 53.98
N GLN N 158 124.72 11.43 53.38
CA GLN N 158 124.98 11.35 51.94
C GLN N 158 123.80 11.83 51.10
N LYS N 159 122.58 11.43 51.45
CA LYS N 159 121.41 11.87 50.67
C LYS N 159 121.27 13.39 50.69
N ASN N 160 121.38 14.00 51.87
CA ASN N 160 121.31 15.45 51.96
C ASN N 160 122.37 16.09 51.06
N LEU N 161 123.60 15.57 51.12
CA LEU N 161 124.68 16.03 50.26
C LEU N 161 124.46 15.68 48.80
N TYR N 162 123.67 14.64 48.52
CA TYR N 162 123.39 14.26 47.14
C TYR N 162 122.34 15.16 46.50
N LEU N 163 121.32 15.56 47.27
CA LEU N 163 120.36 16.54 46.78
C LEU N 163 121.02 17.89 46.53
N ALA N 164 121.96 18.29 47.40
CA ALA N 164 122.74 19.49 47.17
C ALA N 164 123.60 19.36 45.91
N ARG N 165 124.33 18.25 45.78
CA ARG N 165 125.11 18.00 44.55
C ARG N 165 124.23 18.06 43.31
N LEU N 166 123.08 17.38 43.34
CA LEU N 166 122.20 17.32 42.18
C LEU N 166 121.70 18.70 41.78
N LYS N 167 121.16 19.46 42.74
CA LYS N 167 120.71 20.81 42.45
C LYS N 167 121.85 21.70 41.94
N SER N 168 123.06 21.51 42.48
CA SER N 168 124.21 22.30 42.04
C SER N 168 124.62 21.94 40.62
N ALA N 169 124.64 20.66 40.29
CA ALA N 169 124.89 20.22 38.92
C ALA N 169 123.83 20.75 37.96
N ILE N 170 122.56 20.68 38.35
CA ILE N 170 121.47 21.20 37.53
C ILE N 170 121.70 22.69 37.23
N ALA N 171 122.03 23.46 38.26
CA ALA N 171 122.34 24.88 38.08
C ALA N 171 123.52 25.07 37.13
N ALA N 172 124.58 24.27 37.30
CA ALA N 172 125.75 24.34 36.42
C ALA N 172 125.36 24.05 34.98
N GLN N 173 124.57 23.00 34.76
CA GLN N 173 124.06 22.70 33.43
C GLN N 173 123.32 23.90 32.83
N LYS N 174 122.53 24.58 33.65
CA LYS N 174 121.80 25.75 33.17
C LYS N 174 122.72 26.92 32.82
N ILE N 175 123.80 27.14 33.57
CA ILE N 175 124.77 28.16 33.18
C ILE N 175 125.50 27.81 31.89
N GLU N 176 125.97 26.58 31.76
CA GLU N 176 126.65 26.20 30.51
C GLU N 176 125.73 26.33 29.30
N GLU N 177 124.53 25.76 29.37
CA GLU N 177 123.63 25.77 28.22
C GLU N 177 123.12 27.17 27.88
N ILE N 178 122.79 27.98 28.88
CA ILE N 178 122.37 29.36 28.64
C ILE N 178 123.54 30.23 28.21
N ALA N 179 124.72 29.96 28.75
CA ALA N 179 125.93 30.65 28.29
C ALA N 179 126.29 30.28 26.86
N GLY N 180 126.18 29.00 26.50
CA GLY N 180 126.43 28.61 25.12
C GLY N 180 125.45 29.23 24.13
N ASN N 181 124.18 29.31 24.49
CA ASN N 181 123.22 30.04 23.65
C ASN N 181 123.46 31.53 23.67
N LEU N 182 123.92 32.07 24.80
CA LEU N 182 124.17 33.51 24.89
C LEU N 182 125.35 33.91 24.02
N ASP N 183 126.47 33.21 24.16
CA ASP N 183 127.66 33.55 23.39
C ASP N 183 127.47 33.20 21.92
N ASN N 184 127.09 31.95 21.65
CA ASN N 184 127.05 31.48 20.27
C ASN N 184 125.91 32.11 19.47
N ALA N 185 124.68 32.02 19.98
CA ALA N 185 123.54 32.56 19.25
C ALA N 185 123.50 34.09 19.31
N SER N 186 123.57 34.66 20.52
CA SER N 186 123.36 36.08 20.69
C SER N 186 124.53 36.88 20.15
N ALA N 187 125.76 36.49 20.51
CA ALA N 187 126.93 37.30 20.18
C ALA N 187 127.20 37.29 18.68
N SER N 188 127.06 36.14 18.03
CA SER N 188 127.21 36.13 16.57
C SER N 188 126.13 37.00 15.92
N SER N 189 124.92 37.01 16.49
CA SER N 189 123.87 37.89 16.00
C SER N 189 124.26 39.36 16.20
N LEU N 190 124.96 39.67 17.29
CA LEU N 190 125.36 41.05 17.53
C LEU N 190 126.48 41.46 16.58
N PHE N 191 127.53 40.65 16.48
CA PHE N 191 128.71 41.08 15.72
C PHE N 191 128.43 41.06 14.23
N GLU N 192 127.92 39.96 13.70
CA GLU N 192 127.71 39.86 12.27
C GLU N 192 126.57 40.72 11.74
N ARG N 193 125.48 40.91 12.51
CA ARG N 193 124.45 41.87 12.11
C ARG N 193 124.85 43.33 12.27
N ILE N 194 125.64 43.66 13.29
CA ILE N 194 126.13 45.04 13.41
C ILE N 194 127.17 45.34 12.35
N GLU N 195 128.06 44.39 12.08
CA GLU N 195 129.06 44.59 11.04
C GLU N 195 128.44 44.76 9.66
N THR N 196 127.51 43.87 9.28
CA THR N 196 126.86 44.00 7.98
C THR N 196 126.07 45.30 7.86
N LYS N 197 125.44 45.75 8.94
CA LYS N 197 124.78 47.05 8.91
C LYS N 197 125.78 48.19 8.81
N ILE N 198 126.96 48.03 9.42
CA ILE N 198 128.02 49.03 9.28
C ILE N 198 128.49 49.08 7.83
N LEU N 199 128.68 47.91 7.23
CA LEU N 199 129.07 47.83 5.82
C LEU N 199 128.04 48.51 4.93
N GLU N 200 126.76 48.38 5.27
CA GLU N 200 125.73 49.06 4.50
C GLU N 200 125.88 50.57 4.64
N LEU N 201 126.22 51.04 5.84
CA LEU N 201 126.52 52.46 6.03
C LEU N 201 127.79 52.86 5.28
N GLU N 202 128.76 51.95 5.18
CA GLU N 202 130.01 52.23 4.48
C GLU N 202 129.84 52.26 2.96
N ALA N 203 128.91 51.47 2.42
CA ALA N 203 128.58 51.57 1.01
C ALA N 203 128.03 52.93 0.64
N GLU N 204 127.27 53.56 1.54
CA GLU N 204 126.91 54.95 1.35
C GLU N 204 128.05 55.91 1.66
N ARG N 205 128.98 55.55 2.55
CA ARG N 205 130.16 56.38 2.75
C ARG N 205 130.98 56.50 1.47
N GLU N 206 131.26 55.37 0.82
CA GLU N 206 132.03 55.38 -0.42
C GLU N 206 131.27 55.94 -1.61
N LEU N 207 129.96 56.17 -1.46
CA LEU N 207 129.21 56.95 -2.45
C LEU N 207 129.33 58.44 -2.18
N LEU N 208 129.39 58.85 -0.91
CA LEU N 208 129.51 60.26 -0.55
C LEU N 208 130.95 60.74 -0.45
N ASN N 209 131.92 59.83 -0.44
CA ASN N 209 133.28 60.16 -0.01
C ASN N 209 134.28 59.34 -0.82
N PRO N 210 135.20 59.97 -1.55
CA PRO N 210 136.22 59.20 -2.24
C PRO N 210 137.09 58.44 -1.25
N PRO N 211 137.58 57.26 -1.62
CA PRO N 211 138.51 56.54 -0.75
C PRO N 211 139.68 57.42 -0.34
N PRO N 212 139.88 57.66 0.96
CA PRO N 212 141.02 58.48 1.39
C PRO N 212 142.36 57.78 1.23
N SER N 213 142.88 57.75 0.01
CA SER N 213 144.15 57.10 -0.28
C SER N 213 145.29 57.81 0.45
N PRO N 214 146.47 57.21 0.53
CA PRO N 214 147.61 57.94 1.11
C PRO N 214 147.97 59.20 0.36
N LEU N 215 147.59 59.32 -0.91
CA LEU N 215 148.00 60.47 -1.71
C LEU N 215 147.33 61.75 -1.25
N ASP N 216 145.99 61.78 -1.31
CA ASP N 216 145.26 62.96 -0.84
C ASP N 216 145.52 63.24 0.62
N LYS N 217 145.76 62.20 1.43
CA LYS N 217 146.09 62.41 2.83
C LYS N 217 147.38 63.21 2.98
N LYS N 218 148.41 62.85 2.21
CA LYS N 218 149.67 63.58 2.28
C LYS N 218 149.51 65.01 1.78
N PHE N 219 148.69 65.22 0.75
CA PHE N 219 148.43 66.56 0.25
C PHE N 219 147.75 67.42 1.30
N GLU N 220 146.77 66.86 2.03
CA GLU N 220 146.11 67.61 3.09
C GLU N 220 147.08 67.95 4.21
N GLN N 221 147.97 67.02 4.55
CA GLN N 221 148.98 67.28 5.56
C GLN N 221 149.90 68.42 5.12
N TRP N 222 150.33 68.41 3.85
CA TRP N 222 151.13 69.50 3.33
C TRP N 222 150.37 70.81 3.32
N GLU N 223 149.05 70.77 3.13
CA GLU N 223 148.26 72.00 3.20
C GLU N 223 148.33 72.62 4.59
N GLU N 224 148.21 71.79 5.63
CA GLU N 224 148.38 72.29 6.99
C GLU N 224 149.80 72.82 7.19
N GLN N 225 150.80 72.11 6.65
CA GLN N 225 152.18 72.56 6.74
C GLN N 225 152.35 73.93 6.08
N GLN N 226 151.68 74.15 4.94
CA GLN N 226 151.80 75.42 4.23
C GLN N 226 151.06 76.54 4.94
N ALA N 227 149.97 76.22 5.64
CA ALA N 227 149.30 77.23 6.46
C ALA N 227 150.22 77.73 7.57
N VAL N 228 150.87 76.81 8.28
CA VAL N 228 151.81 77.21 9.33
C VAL N 228 153.03 77.88 8.73
N GLU N 229 153.45 77.48 7.54
CA GLU N 229 154.57 78.19 6.92
C GLU N 229 154.20 79.62 6.55
N ALA N 230 152.92 79.86 6.23
CA ALA N 230 152.48 81.24 6.00
C ALA N 230 152.43 82.05 7.30
N THR N 231 151.99 81.43 8.40
CA THR N 231 152.05 82.10 9.69
C THR N 231 153.48 82.44 10.08
N LEU N 232 154.41 81.50 9.82
CA LEU N 232 155.82 81.78 10.08
C LEU N 232 156.31 82.96 9.23
N ALA N 233 155.85 83.05 7.98
CA ALA N 233 156.24 84.16 7.13
C ALA N 233 155.77 85.48 7.70
N ALA N 234 154.52 85.52 8.19
CA ALA N 234 154.03 86.72 8.86
C ALA N 234 154.85 87.02 10.12
N MET N 235 155.19 85.99 10.89
CA MET N 235 155.99 86.19 12.09
C MET N 235 157.30 86.89 11.76
N LYS N 236 158.05 86.37 10.79
CA LYS N 236 159.38 86.91 10.51
C LYS N 236 159.32 88.19 9.70
N ALA N 237 158.20 88.47 9.04
CA ALA N 237 158.03 89.76 8.37
C ALA N 237 157.76 90.87 9.39
N ARG N 238 156.95 90.58 10.41
CA ARG N 238 156.81 91.51 11.52
C ARG N 238 158.12 91.67 12.27
N ARG N 239 158.88 90.59 12.40
CA ARG N 239 160.18 90.64 13.07
C ARG N 239 161.25 91.37 12.24
N SER N 240 161.05 91.50 10.93
CA SER N 240 162.06 92.18 10.10
C SER N 240 162.33 93.59 10.62
N MET O 24 4.06 -51.59 77.63
CA MET O 24 2.75 -51.19 77.12
C MET O 24 2.32 -49.87 77.76
N GLU O 25 1.71 -48.99 76.96
CA GLU O 25 1.21 -47.73 77.51
C GLU O 25 0.10 -47.98 78.52
N LEU O 26 -0.75 -48.97 78.26
CA LEU O 26 -1.77 -49.35 79.22
C LEU O 26 -1.13 -49.75 80.55
N PHE O 27 -0.09 -50.58 80.48
CA PHE O 27 0.61 -51.00 81.69
C PHE O 27 1.14 -49.81 82.46
N ASN O 28 1.81 -48.89 81.78
CA ASN O 28 2.30 -47.67 82.43
C ASN O 28 1.19 -46.86 83.08
N ARG O 29 0.07 -46.67 82.39
CA ARG O 29 -1.10 -46.02 82.98
C ARG O 29 -1.54 -46.73 84.27
N VAL O 30 -1.65 -48.05 84.23
CA VAL O 30 -2.03 -48.84 85.41
C VAL O 30 -0.93 -48.87 86.46
N GLY O 31 0.29 -48.50 86.08
CA GLY O 31 1.43 -48.63 86.96
C GLY O 31 1.29 -47.99 88.32
N ARG O 32 0.77 -46.77 88.41
CA ARG O 32 0.64 -46.16 89.73
C ARG O 32 -0.18 -47.03 90.69
N VAL O 33 -1.36 -47.47 90.25
CA VAL O 33 -2.25 -48.27 91.09
C VAL O 33 -1.72 -49.69 91.29
N LEU O 34 -1.22 -50.33 90.24
CA LEU O 34 -0.75 -51.70 90.39
C LEU O 34 0.57 -51.76 91.15
N LYS O 35 1.55 -50.95 90.76
CA LYS O 35 2.85 -50.96 91.40
C LYS O 35 2.82 -50.48 92.84
N SER O 36 1.88 -49.60 93.23
CA SER O 36 1.75 -49.31 94.67
C SER O 36 1.37 -50.56 95.46
N GLN O 37 0.37 -51.29 94.96
CA GLN O 37 0.01 -52.56 95.57
C GLN O 37 1.16 -53.55 95.56
N LEU O 38 1.86 -53.71 94.43
CA LEU O 38 2.98 -54.66 94.39
C LEU O 38 4.13 -54.24 95.30
N THR O 39 4.37 -52.93 95.46
CA THR O 39 5.39 -52.45 96.39
C THR O 39 5.05 -52.84 97.83
N HIS O 40 3.77 -52.75 98.20
CA HIS O 40 3.39 -53.34 99.48
C HIS O 40 3.41 -54.87 99.45
N TRP O 41 3.12 -55.46 98.29
CA TRP O 41 3.03 -56.92 98.19
C TRP O 41 4.37 -57.56 98.54
N GLN O 42 5.45 -57.03 97.98
CA GLN O 42 6.78 -57.49 98.38
C GLN O 42 7.07 -57.17 99.84
N GLN O 43 6.54 -56.06 100.34
CA GLN O 43 6.63 -55.72 101.76
C GLN O 43 5.80 -56.63 102.67
N GLN O 44 4.79 -57.33 102.15
CA GLN O 44 3.79 -57.93 103.05
C GLN O 44 4.39 -58.76 104.17
N GLN O 45 5.54 -59.40 103.94
CA GLN O 45 6.17 -60.16 105.02
C GLN O 45 6.50 -59.25 106.20
N GLU O 46 6.96 -58.04 105.93
CA GLU O 46 7.13 -57.04 106.98
C GLU O 46 5.79 -56.42 107.39
N ALA O 47 4.90 -56.18 106.43
CA ALA O 47 3.71 -55.36 106.64
C ALA O 47 2.46 -56.05 106.11
N PRO O 48 1.93 -57.03 106.85
CA PRO O 48 0.58 -57.53 106.55
C PRO O 48 -0.52 -56.70 107.17
N GLU O 49 -0.17 -55.75 108.04
CA GLU O 49 -1.11 -55.20 109.01
C GLU O 49 -2.35 -54.59 108.34
N ASP O 50 -2.15 -53.82 107.27
CA ASP O 50 -3.28 -53.17 106.61
C ASP O 50 -4.25 -54.17 105.99
N LEU O 51 -3.74 -55.19 105.28
CA LEU O 51 -4.65 -56.16 104.67
C LEU O 51 -5.37 -56.99 105.73
N LEU O 52 -4.67 -57.39 106.78
CA LEU O 52 -5.29 -58.16 107.87
C LEU O 52 -6.41 -57.38 108.55
N GLU O 53 -6.13 -56.14 108.93
CA GLU O 53 -7.13 -55.30 109.60
C GLU O 53 -8.26 -54.87 108.68
N ARG O 54 -8.00 -54.70 107.39
CA ARG O 54 -9.08 -54.44 106.45
C ARG O 54 -10.08 -55.58 106.43
N LEU O 55 -9.61 -56.82 106.28
CA LEU O 55 -10.50 -57.98 106.27
C LEU O 55 -11.29 -58.11 107.56
N LEU O 56 -10.62 -58.00 108.71
CA LEU O 56 -11.32 -58.08 110.00
C LEU O 56 -12.25 -56.89 110.24
N GLY O 57 -11.95 -55.73 109.67
CA GLY O 57 -12.92 -54.65 109.65
C GLY O 57 -14.19 -55.01 108.91
N GLU O 58 -14.05 -55.63 107.74
CA GLU O 58 -15.20 -56.14 107.00
C GLU O 58 -15.95 -57.20 107.81
N MET O 59 -15.23 -58.01 108.56
CA MET O 59 -15.85 -59.01 109.44
C MET O 59 -16.62 -58.36 110.58
N GLU O 60 -16.14 -57.23 111.11
CA GLU O 60 -16.92 -56.45 112.07
C GLU O 60 -18.15 -55.82 111.44
N LEU O 61 -18.04 -55.32 110.21
CA LEU O 61 -19.22 -54.79 109.50
C LEU O 61 -20.27 -55.87 109.26
N GLU O 62 -19.83 -57.09 108.92
CA GLU O 62 -20.78 -58.20 108.83
C GLU O 62 -21.39 -58.51 110.19
N LEU O 63 -20.56 -58.65 111.23
CA LEU O 63 -21.03 -59.09 112.55
C LEU O 63 -22.05 -58.14 113.16
N ILE O 64 -21.95 -56.84 112.89
CA ILE O 64 -23.01 -55.93 113.32
C ILE O 64 -24.30 -56.18 112.54
N GLU O 65 -24.20 -56.63 111.29
CA GLU O 65 -25.40 -57.13 110.60
C GLU O 65 -25.92 -58.41 111.27
N LEU O 66 -25.04 -59.38 111.53
CA LEU O 66 -25.47 -60.67 112.09
C LEU O 66 -26.23 -60.50 113.39
N ARG O 67 -25.80 -59.58 114.25
CA ARG O 67 -26.53 -59.27 115.48
C ARG O 67 -27.90 -58.65 115.20
N ARG O 68 -27.99 -57.71 114.25
CA ARG O 68 -29.30 -57.16 113.91
C ARG O 68 -30.21 -58.19 113.24
N ALA O 69 -29.65 -59.12 112.48
CA ALA O 69 -30.45 -60.20 111.89
C ALA O 69 -30.97 -61.16 112.95
N LEU O 70 -30.18 -61.45 113.97
CA LEU O 70 -30.68 -62.14 115.15
C LEU O 70 -31.81 -61.39 115.83
N ALA O 71 -31.67 -60.08 116.00
CA ALA O 71 -32.74 -59.30 116.61
C ALA O 71 -34.00 -59.28 115.75
N GLN O 72 -33.85 -59.30 114.43
CA GLN O 72 -35.00 -59.41 113.54
C GLN O 72 -35.67 -60.78 113.62
N THR O 73 -34.90 -61.84 113.84
CA THR O 73 -35.50 -63.16 114.06
C THR O 73 -36.26 -63.24 115.38
N ILE O 74 -35.68 -62.72 116.46
CA ILE O 74 -36.38 -62.71 117.74
C ILE O 74 -37.66 -61.88 117.65
N ALA O 75 -37.60 -60.73 116.98
CA ALA O 75 -38.78 -59.90 116.80
C ALA O 75 -39.88 -60.62 116.02
N THR O 76 -39.52 -61.31 114.94
CA THR O 76 -40.49 -62.08 114.17
C THR O 76 -41.02 -63.29 114.94
N PHE O 77 -40.19 -63.93 115.77
CA PHE O 77 -40.65 -65.07 116.55
C PHE O 77 -41.72 -64.68 117.56
N LYS O 78 -41.45 -63.65 118.36
CA LYS O 78 -42.42 -63.19 119.36
C LYS O 78 -43.61 -62.48 118.74
N SER O 79 -43.46 -61.85 117.58
CA SER O 79 -44.65 -61.33 116.88
C SER O 79 -45.57 -62.46 116.45
N THR O 80 -45.03 -63.57 115.97
CA THR O 80 -45.88 -64.75 115.73
C THR O 80 -46.55 -65.19 117.01
N GLU O 81 -45.83 -65.12 118.13
CA GLU O 81 -46.41 -65.47 119.43
C GLU O 81 -47.44 -64.44 119.89
N ARG O 82 -47.25 -63.17 119.54
CA ARG O 82 -48.28 -62.16 119.80
C ARG O 82 -49.55 -62.45 119.02
N GLN O 83 -49.42 -63.04 117.83
CA GLN O 83 -50.59 -63.46 117.07
C GLN O 83 -51.26 -64.65 117.75
N ARG O 84 -50.46 -65.54 118.34
CA ARG O 84 -51.02 -66.58 119.20
C ARG O 84 -51.72 -65.99 120.42
N ASP O 85 -51.13 -64.98 121.05
CA ASP O 85 -51.77 -64.32 122.17
C ASP O 85 -53.13 -63.74 121.80
N ALA O 86 -53.27 -63.25 120.56
CA ALA O 86 -54.57 -62.81 120.09
C ALA O 86 -55.52 -63.99 119.86
N GLN O 87 -55.04 -65.06 119.22
CA GLN O 87 -55.90 -66.21 118.99
C GLN O 87 -56.44 -66.79 120.29
N GLN O 88 -55.57 -66.96 121.29
CA GLN O 88 -55.99 -67.48 122.58
C GLN O 88 -56.88 -66.48 123.32
N LEU O 89 -56.69 -65.19 123.10
CA LEU O 89 -57.60 -64.19 123.68
C LEU O 89 -59.00 -64.29 123.07
N ILE O 90 -59.09 -64.56 121.76
CA ILE O 90 -60.40 -64.76 121.16
C ILE O 90 -61.00 -66.10 121.58
N ALA O 91 -60.16 -67.10 121.83
CA ALA O 91 -60.63 -68.34 122.43
C ALA O 91 -61.24 -68.09 123.81
N GLN O 92 -60.58 -67.26 124.63
CA GLN O 92 -61.16 -66.85 125.91
C GLN O 92 -62.46 -66.09 125.71
N ARG O 93 -62.51 -65.21 124.71
CA ARG O 93 -63.76 -64.54 124.35
C ARG O 93 -64.85 -65.53 123.97
N TRP O 94 -64.48 -66.67 123.37
CA TRP O 94 -65.43 -67.75 123.12
C TRP O 94 -65.84 -68.48 124.39
N TYR O 95 -64.95 -68.57 125.38
CA TYR O 95 -65.38 -69.10 126.67
C TYR O 95 -66.30 -68.15 127.41
N GLU O 96 -66.04 -66.84 127.34
CA GLU O 96 -66.94 -65.86 127.95
C GLU O 96 -68.35 -65.96 127.36
N LYS O 97 -68.43 -66.01 126.02
CA LYS O 97 -69.71 -66.20 125.36
C LYS O 97 -70.37 -67.53 125.73
N ALA O 98 -69.57 -68.57 125.97
CA ALA O 98 -70.12 -69.80 126.52
C ALA O 98 -70.61 -69.61 127.96
N GLN O 99 -69.86 -68.86 128.77
CA GLN O 99 -70.23 -68.70 130.17
C GLN O 99 -71.57 -68.02 130.33
N ALA O 100 -71.93 -67.12 129.40
CA ALA O 100 -73.25 -66.52 129.39
C ALA O 100 -74.35 -67.53 129.10
N ALA O 101 -74.00 -68.76 128.74
CA ALA O 101 -74.96 -69.84 128.57
C ALA O 101 -74.57 -71.09 129.35
N LEU O 102 -73.53 -71.04 130.17
CA LEU O 102 -73.07 -72.19 130.91
C LEU O 102 -73.68 -72.28 132.30
N ASP O 103 -74.56 -71.35 132.65
CA ASP O 103 -75.41 -71.45 133.82
C ASP O 103 -76.85 -71.75 133.40
N ARG O 104 -77.63 -72.22 134.37
CA ARG O 104 -79.06 -72.53 134.20
C ARG O 104 -79.30 -73.72 133.28
N GLY O 105 -78.25 -74.45 132.89
CA GLY O 105 -78.41 -75.54 131.94
C GLY O 105 -78.70 -75.09 130.53
N ASN O 106 -78.47 -73.82 130.21
CA ASN O 106 -78.71 -73.27 128.89
C ASN O 106 -77.52 -73.43 127.95
N GLU O 107 -76.65 -74.40 128.22
CA GLU O 107 -75.38 -74.59 127.53
C GLU O 107 -75.53 -74.89 126.03
N GLN O 108 -76.77 -74.95 125.54
CA GLN O 108 -77.01 -75.18 124.12
C GLN O 108 -76.11 -74.34 123.22
N LEU O 109 -76.04 -73.03 123.46
CA LEU O 109 -75.21 -72.18 122.62
C LEU O 109 -73.72 -72.46 122.78
N ALA O 110 -73.32 -73.10 123.89
CA ALA O 110 -71.93 -73.50 124.05
C ALA O 110 -71.51 -74.48 122.97
N ARG O 111 -72.47 -75.19 122.35
CA ARG O 111 -72.14 -76.09 121.27
C ARG O 111 -71.42 -75.35 120.14
N GLU O 112 -72.04 -74.27 119.66
CA GLU O 112 -71.41 -73.45 118.62
C GLU O 112 -70.20 -72.68 119.13
N ALA O 113 -70.29 -72.11 120.33
CA ALA O 113 -69.19 -71.28 120.84
C ALA O 113 -67.90 -72.07 121.01
N LEU O 114 -67.98 -73.25 121.63
CA LEU O 114 -66.83 -74.15 121.71
C LEU O 114 -66.51 -74.82 120.38
N GLY O 115 -67.51 -74.99 119.51
CA GLY O 115 -67.21 -75.44 118.16
C GLY O 115 -66.30 -74.51 117.39
N GLN O 116 -66.51 -73.20 117.53
CA GLN O 116 -65.53 -72.23 117.03
C GLN O 116 -64.21 -72.30 117.79
N ARG O 117 -64.26 -72.33 119.12
CA ARG O 117 -63.02 -72.35 119.89
C ARG O 117 -62.13 -73.53 119.52
N GLN O 118 -62.72 -74.66 119.11
CA GLN O 118 -61.89 -75.79 118.68
C GLN O 118 -60.99 -75.42 117.51
N SER O 119 -61.52 -74.71 116.51
CA SER O 119 -60.68 -74.21 115.43
C SER O 119 -59.69 -73.14 115.90
N TYR O 120 -60.07 -72.33 116.88
CA TYR O 120 -59.14 -71.33 117.40
C TYR O 120 -58.01 -71.97 118.20
N GLN O 121 -58.31 -73.03 118.95
CA GLN O 121 -57.26 -73.77 119.66
C GLN O 121 -56.32 -74.47 118.69
N SER O 122 -56.82 -74.97 117.56
CA SER O 122 -55.94 -75.64 116.60
C SER O 122 -54.91 -74.67 116.04
N HIS O 123 -55.34 -73.46 115.65
CA HIS O 123 -54.39 -72.45 115.20
C HIS O 123 -53.49 -71.97 116.34
N THR O 124 -54.02 -71.89 117.56
CA THR O 124 -53.19 -71.48 118.70
C THR O 124 -52.07 -72.48 118.96
N GLU O 125 -52.35 -73.78 118.84
CA GLU O 125 -51.32 -74.78 119.11
C GLU O 125 -50.43 -75.03 117.91
N ALA O 126 -50.94 -74.79 116.70
CA ALA O 126 -50.06 -74.70 115.53
C ALA O 126 -49.04 -73.58 115.69
N LEU O 127 -49.50 -72.41 116.12
CA LEU O 127 -48.58 -71.32 116.43
C LEU O 127 -47.63 -71.70 117.57
N GLY O 128 -48.17 -72.26 118.65
CA GLY O 128 -47.34 -72.61 119.79
C GLY O 128 -46.24 -73.61 119.47
N LYS O 129 -46.49 -74.55 118.55
CA LYS O 129 -45.48 -75.53 118.18
C LYS O 129 -44.55 -75.06 117.08
N SER O 130 -45.03 -74.21 116.17
CA SER O 130 -44.12 -73.43 115.34
C SER O 130 -43.17 -72.61 116.20
N LEU O 131 -43.72 -71.97 117.22
CA LEU O 131 -42.96 -71.16 118.18
C LEU O 131 -42.07 -72.01 119.09
N GLY O 132 -42.23 -73.32 119.07
CA GLY O 132 -41.28 -74.21 119.71
C GLY O 132 -40.05 -74.41 118.84
N GLU O 133 -40.26 -74.52 117.53
CA GLU O 133 -39.12 -74.57 116.62
C GLU O 133 -38.42 -73.22 116.56
N GLN O 134 -39.20 -72.14 116.43
CA GLN O 134 -38.64 -70.80 116.44
C GLN O 134 -37.89 -70.49 117.73
N ARG O 135 -38.31 -71.08 118.85
CA ARG O 135 -37.51 -71.04 120.07
C ARG O 135 -36.15 -71.68 119.85
N ALA O 136 -36.14 -72.94 119.43
CA ALA O 136 -34.87 -73.63 119.20
C ALA O 136 -34.00 -72.90 118.18
N LEU O 137 -34.62 -72.23 117.20
CA LEU O 137 -33.86 -71.42 116.26
C LEU O 137 -33.17 -70.23 116.93
N VAL O 138 -33.90 -69.47 117.74
CA VAL O 138 -33.28 -68.33 118.42
C VAL O 138 -32.25 -68.78 119.45
N GLU O 139 -32.45 -69.94 120.09
CA GLU O 139 -31.44 -70.46 121.00
C GLU O 139 -30.18 -70.89 120.25
N GLN O 140 -30.34 -71.69 119.20
CA GLN O 140 -29.17 -72.20 118.47
C GLN O 140 -28.43 -71.08 117.75
N VAL O 141 -29.16 -70.10 117.22
CA VAL O 141 -28.50 -68.96 116.56
C VAL O 141 -27.78 -68.09 117.58
N ARG O 142 -28.31 -67.98 118.80
CA ARG O 142 -27.59 -67.26 119.86
C ARG O 142 -26.33 -68.01 120.27
N GLY O 143 -26.38 -69.33 120.37
CA GLY O 143 -25.18 -70.08 120.69
C GLY O 143 -24.16 -70.07 119.56
N GLN O 144 -24.63 -70.14 118.32
CA GLN O 144 -23.76 -70.02 117.16
C GLN O 144 -23.04 -68.68 117.16
N LEU O 145 -23.79 -67.59 117.35
CA LEU O 145 -23.18 -66.26 117.43
C LEU O 145 -22.19 -66.16 118.59
N GLN O 146 -22.61 -66.53 119.80
CA GLN O 146 -21.75 -66.30 120.95
C GLN O 146 -20.45 -67.09 120.87
N LYS O 147 -20.47 -68.30 120.31
CA LYS O 147 -19.24 -69.01 119.99
C LYS O 147 -18.42 -68.27 118.94
N LEU O 148 -19.06 -67.85 117.85
CA LEU O 148 -18.35 -67.27 116.72
C LEU O 148 -17.73 -65.92 117.08
N GLU O 149 -18.51 -65.03 117.68
CA GLU O 149 -18.03 -63.69 118.01
C GLU O 149 -17.01 -63.73 119.14
N ARG O 150 -17.14 -64.66 120.09
CA ARG O 150 -16.09 -64.84 121.07
C ARG O 150 -14.81 -65.34 120.43
N LYS O 151 -14.94 -66.18 119.39
CA LYS O 151 -13.76 -66.61 118.63
C LYS O 151 -13.14 -65.44 117.87
N TYR O 152 -13.98 -64.54 117.35
CA TYR O 152 -13.48 -63.32 116.74
C TYR O 152 -12.74 -62.43 117.74
N LEU O 153 -13.27 -62.30 118.96
CA LEU O 153 -12.60 -61.54 120.01
C LEU O 153 -11.23 -62.12 120.33
N GLU O 154 -11.16 -63.44 120.59
CA GLU O 154 -9.89 -64.09 120.85
C GLU O 154 -8.96 -64.07 119.64
N LEU O 155 -9.52 -64.10 118.43
CA LEU O 155 -8.72 -63.97 117.22
C LEU O 155 -8.18 -62.55 117.06
N LYS O 156 -8.94 -61.53 117.48
CA LYS O 156 -8.38 -60.18 117.56
C LYS O 156 -7.20 -60.13 118.54
N SER O 157 -7.36 -60.77 119.71
CA SER O 157 -6.26 -60.84 120.66
C SER O 157 -5.03 -61.48 120.03
N GLN O 158 -5.22 -62.63 119.38
CA GLN O 158 -4.12 -63.31 118.69
C GLN O 158 -3.50 -62.44 117.59
N LYS O 159 -4.32 -61.74 116.80
CA LYS O 159 -3.76 -60.90 115.74
C LYS O 159 -2.88 -59.80 116.31
N ASN O 160 -3.35 -59.11 117.35
CA ASN O 160 -2.54 -58.08 117.99
C ASN O 160 -1.21 -58.67 118.45
N LEU O 161 -1.26 -59.83 119.09
CA LEU O 161 -0.06 -60.55 119.53
C LEU O 161 0.76 -61.07 118.36
N TYR O 162 0.12 -61.30 117.21
CA TYR O 162 0.85 -61.78 116.04
C TYR O 162 1.61 -60.66 115.34
N LEU O 163 1.03 -59.46 115.27
CA LEU O 163 1.76 -58.31 114.77
C LEU O 163 2.95 -57.95 115.66
N ALA O 164 2.77 -58.06 116.97
CA ALA O 164 3.89 -57.89 117.89
C ALA O 164 4.96 -58.96 117.68
N ARG O 165 4.57 -60.22 117.61
CA ARG O 165 5.52 -61.30 117.32
C ARG O 165 6.25 -61.05 116.00
N LEU O 166 5.51 -60.69 114.95
CA LEU O 166 6.13 -60.48 113.64
C LEU O 166 7.15 -59.35 113.66
N LYS O 167 6.77 -58.18 114.19
CA LYS O 167 7.71 -57.08 114.31
C LYS O 167 8.92 -57.44 115.17
N SER O 168 8.71 -58.22 116.22
CA SER O 168 9.81 -58.63 117.09
C SER O 168 10.76 -59.59 116.37
N ALA O 169 10.20 -60.55 115.63
CA ALA O 169 11.03 -61.43 114.80
C ALA O 169 11.81 -60.65 113.76
N ILE O 170 11.15 -59.70 113.09
CA ILE O 170 11.81 -58.87 112.09
C ILE O 170 13.00 -58.15 112.71
N ALA O 171 12.79 -57.54 113.89
CA ALA O 171 13.88 -56.88 114.61
C ALA O 171 15.01 -57.86 114.93
N ALA O 172 14.65 -59.06 115.40
CA ALA O 172 15.64 -60.09 115.71
C ALA O 172 16.45 -60.46 114.47
N GLN O 173 15.77 -60.66 113.34
CA GLN O 173 16.44 -60.92 112.07
C GLN O 173 17.44 -59.81 111.75
N LYS O 174 17.05 -58.57 112.00
CA LYS O 174 17.94 -57.44 111.72
C LYS O 174 19.16 -57.43 112.65
N ILE O 175 19.00 -57.79 113.92
CA ILE O 175 20.17 -57.91 114.81
C ILE O 175 21.11 -59.04 114.38
N GLU O 176 20.57 -60.21 114.08
CA GLU O 176 21.44 -61.31 113.65
C GLU O 176 22.18 -60.97 112.36
N GLU O 177 21.47 -60.49 111.34
CA GLU O 177 22.12 -60.22 110.05
C GLU O 177 23.10 -59.05 110.12
N ILE O 178 22.76 -57.99 110.84
CA ILE O 178 23.69 -56.87 111.01
C ILE O 178 24.84 -57.24 111.93
N ALA O 179 24.58 -58.06 112.94
CA ALA O 179 25.65 -58.58 113.79
C ALA O 179 26.58 -59.52 113.02
N GLY O 180 26.04 -60.39 112.18
CA GLY O 180 26.89 -61.23 111.36
C GLY O 180 27.76 -60.47 110.39
N ASN O 181 27.21 -59.42 109.77
CA ASN O 181 28.04 -58.55 108.95
C ASN O 181 29.01 -57.73 109.78
N LEU O 182 28.61 -57.34 110.99
CA LEU O 182 29.51 -56.53 111.83
C LEU O 182 30.70 -57.35 112.30
N ASP O 183 30.44 -58.55 112.84
CA ASP O 183 31.54 -59.38 113.34
C ASP O 183 32.36 -59.93 112.19
N ASN O 184 31.70 -60.57 111.22
CA ASN O 184 32.43 -61.28 110.18
C ASN O 184 33.12 -60.33 109.21
N ALA O 185 32.37 -59.38 108.64
CA ALA O 185 32.98 -58.47 107.66
C ALA O 185 33.84 -57.42 108.34
N SER O 186 33.31 -56.72 109.35
CA SER O 186 34.02 -55.58 109.93
C SER O 186 35.21 -56.04 110.75
N ALA O 187 35.00 -57.02 111.63
CA ALA O 187 36.04 -57.41 112.58
C ALA O 187 37.22 -58.06 111.88
N SER O 188 36.98 -58.91 110.89
CA SER O 188 38.10 -59.47 110.12
C SER O 188 38.84 -58.36 109.39
N SER O 189 38.12 -57.35 108.91
CA SER O 189 38.76 -56.20 108.30
C SER O 189 39.61 -55.44 109.31
N LEU O 190 39.16 -55.38 110.57
CA LEU O 190 39.94 -54.68 111.59
C LEU O 190 41.18 -55.47 111.97
N PHE O 191 41.02 -56.76 112.28
CA PHE O 191 42.14 -57.53 112.81
C PHE O 191 43.19 -57.80 111.73
N GLU O 192 42.76 -58.33 110.59
CA GLU O 192 43.72 -58.70 109.55
C GLU O 192 44.36 -57.51 108.85
N ARG O 193 43.63 -56.40 108.65
CA ARG O 193 44.26 -55.19 108.13
C ARG O 193 45.14 -54.46 109.14
N ILE O 194 44.78 -54.47 110.42
CA ILE O 194 45.66 -53.86 111.42
C ILE O 194 46.91 -54.70 111.63
N GLU O 195 46.75 -56.02 111.66
CA GLU O 195 47.89 -56.91 111.82
C GLU O 195 48.87 -56.79 110.66
N THR O 196 48.36 -56.85 109.41
CA THR O 196 49.25 -56.72 108.26
C THR O 196 49.95 -55.36 108.22
N LYS O 197 49.26 -54.30 108.63
CA LYS O 197 49.92 -53.00 108.73
C LYS O 197 50.94 -52.98 109.84
N ILE O 198 50.69 -53.70 110.93
CA ILE O 198 51.68 -53.82 112.01
C ILE O 198 52.91 -54.55 111.49
N LEU O 199 52.69 -55.65 110.76
CA LEU O 199 53.79 -56.39 110.16
C LEU O 199 54.61 -55.52 109.22
N GLU O 200 53.96 -54.62 108.50
CA GLU O 200 54.69 -53.68 107.65
C GLU O 200 55.55 -52.76 108.48
N LEU O 201 55.04 -52.32 109.64
CA LEU O 201 55.85 -51.54 110.57
C LEU O 201 56.97 -52.38 111.16
N GLU O 202 56.73 -53.67 111.36
CA GLU O 202 57.73 -54.57 111.92
C GLU O 202 58.84 -54.90 110.93
N ALA O 203 58.52 -54.94 109.63
CA ALA O 203 59.55 -55.09 108.62
C ALA O 203 60.54 -53.93 108.62
N GLU O 204 60.05 -52.71 108.91
CA GLU O 204 60.96 -51.61 109.15
C GLU O 204 61.62 -51.67 110.54
N ARG O 205 60.96 -52.27 111.53
CA ARG O 205 61.61 -52.48 112.81
C ARG O 205 62.85 -53.37 112.67
N GLU O 206 62.73 -54.49 111.98
CA GLU O 206 63.84 -55.41 111.78
C GLU O 206 64.88 -54.87 110.80
N LEU O 207 64.58 -53.77 110.10
CA LEU O 207 65.61 -53.06 109.36
C LEU O 207 66.37 -52.07 110.24
N LEU O 208 65.68 -51.46 111.21
CA LEU O 208 66.30 -50.50 112.11
C LEU O 208 66.90 -51.15 113.36
N ASN O 209 66.57 -52.41 113.63
CA ASN O 209 66.80 -53.00 114.94
C ASN O 209 67.15 -54.48 114.80
N PRO O 210 68.31 -54.92 115.27
CA PRO O 210 68.61 -56.34 115.22
C PRO O 210 67.63 -57.13 116.05
N PRO O 211 67.30 -58.36 115.66
CA PRO O 211 66.44 -59.20 116.49
C PRO O 211 66.97 -59.31 117.90
N PRO O 212 66.20 -58.89 118.92
CA PRO O 212 66.67 -59.00 120.30
C PRO O 212 66.70 -60.43 120.81
N SER O 213 67.72 -61.19 120.44
CA SER O 213 67.86 -62.58 120.84
C SER O 213 68.04 -62.67 122.35
N PRO O 214 67.91 -63.85 122.95
CA PRO O 214 68.21 -63.98 124.38
C PRO O 214 69.64 -63.63 124.74
N LEU O 215 70.57 -63.69 123.77
CA LEU O 215 71.97 -63.47 124.08
C LEU O 215 72.25 -62.01 124.45
N ASP O 216 71.98 -61.09 123.53
CA ASP O 216 72.17 -59.68 123.81
C ASP O 216 71.32 -59.22 124.99
N LYS O 217 70.14 -59.81 125.16
CA LYS O 217 69.30 -59.47 126.32
C LYS O 217 70.00 -59.79 127.63
N LYS O 218 70.62 -60.97 127.71
CA LYS O 218 71.34 -61.34 128.93
C LYS O 218 72.55 -60.44 129.15
N PHE O 219 73.24 -60.07 128.08
CA PHE O 219 74.38 -59.16 128.19
C PHE O 219 73.94 -57.79 128.72
N GLU O 220 72.81 -57.26 128.24
CA GLU O 220 72.32 -55.99 128.75
C GLU O 220 71.94 -56.09 130.22
N GLN O 221 71.33 -57.22 130.61
CA GLN O 221 71.00 -57.43 132.02
C GLN O 221 72.25 -57.45 132.87
N TRP O 222 73.31 -58.14 132.41
CA TRP O 222 74.58 -58.14 133.13
C TRP O 222 75.19 -56.76 133.18
N GLU O 223 74.97 -55.93 132.15
CA GLU O 223 75.48 -54.56 132.19
C GLU O 223 74.84 -53.77 133.32
N GLU O 224 73.52 -53.91 133.50
CA GLU O 224 72.87 -53.29 134.64
C GLU O 224 73.39 -53.85 135.94
N GLN O 225 73.62 -55.17 135.99
CA GLN O 225 74.18 -55.80 137.18
C GLN O 225 75.55 -55.23 137.51
N GLN O 226 76.37 -54.98 136.48
CA GLN O 226 77.70 -54.44 136.70
C GLN O 226 77.68 -52.98 137.10
N ALA O 227 76.68 -52.22 136.63
CA ALA O 227 76.52 -50.84 137.10
C ALA O 227 76.24 -50.81 138.60
N VAL O 228 75.31 -51.64 139.06
CA VAL O 228 75.01 -51.70 140.48
C VAL O 228 76.17 -52.29 141.26
N GLU O 229 76.93 -53.21 140.67
CA GLU O 229 78.11 -53.71 141.37
C GLU O 229 79.17 -52.63 141.52
N ALA O 230 79.25 -51.68 140.58
CA ALA O 230 80.14 -50.54 140.74
C ALA O 230 79.67 -49.57 141.81
N THR O 231 78.35 -49.35 141.91
CA THR O 231 77.81 -48.54 143.00
C THR O 231 78.10 -49.20 144.35
N LEU O 232 77.95 -50.53 144.42
CA LEU O 232 78.29 -51.24 145.65
C LEU O 232 79.76 -51.06 145.99
N ALA O 233 80.63 -51.07 144.98
CA ALA O 233 82.05 -50.87 145.23
C ALA O 233 82.32 -49.51 145.83
N ALA O 234 81.67 -48.47 145.29
CA ALA O 234 81.76 -47.13 145.87
C ALA O 234 81.23 -47.11 147.29
N MET O 235 80.11 -47.79 147.53
CA MET O 235 79.54 -47.84 148.88
C MET O 235 80.55 -48.39 149.88
N LYS O 236 81.14 -49.55 149.59
CA LYS O 236 82.02 -50.19 150.56
C LYS O 236 83.41 -49.56 150.60
N ALA O 237 83.78 -48.80 149.57
CA ALA O 237 85.02 -48.04 149.62
C ALA O 237 84.88 -46.82 150.53
N ARG O 238 83.74 -46.14 150.46
CA ARG O 238 83.45 -45.08 151.41
C ARG O 238 83.32 -45.65 152.82
N ARG O 239 82.75 -46.85 152.94
CA ARG O 239 82.61 -47.51 154.24
C ARG O 239 83.94 -48.02 154.80
N SER O 240 84.96 -48.20 153.96
CA SER O 240 86.24 -48.70 154.44
C SER O 240 86.79 -47.80 155.54
N MET P 24 -92.63 -13.38 24.24
CA MET P 24 -92.33 -12.38 23.23
C MET P 24 -92.10 -11.01 23.89
N GLU P 25 -91.12 -10.26 23.38
CA GLU P 25 -90.88 -8.92 23.92
C GLU P 25 -92.06 -8.01 23.65
N LEU P 26 -92.70 -8.16 22.49
CA LEU P 26 -93.91 -7.40 22.19
C LEU P 26 -94.99 -7.70 23.25
N PHE P 27 -95.19 -8.98 23.54
CA PHE P 27 -96.17 -9.36 24.55
C PHE P 27 -95.88 -8.71 25.90
N ASN P 28 -94.63 -8.78 26.34
CA ASN P 28 -94.23 -8.12 27.60
C ASN P 28 -94.50 -6.62 27.57
N ARG P 29 -94.15 -5.94 26.48
CA ARG P 29 -94.50 -4.53 26.33
C ARG P 29 -96.00 -4.28 26.48
N VAL P 30 -96.82 -5.09 25.80
CA VAL P 30 -98.27 -4.98 25.89
C VAL P 30 -98.79 -5.44 27.25
N GLY P 31 -97.98 -6.15 28.02
CA GLY P 31 -98.43 -6.75 29.25
C GLY P 31 -99.09 -5.82 30.24
N ARG P 32 -98.54 -4.63 30.47
CA ARG P 32 -99.18 -3.73 31.43
C ARG P 32 -100.64 -3.44 31.06
N VAL P 33 -100.87 -3.05 29.81
CA VAL P 33 -102.22 -2.71 29.35
C VAL P 33 -103.11 -3.94 29.21
N LEU P 34 -102.60 -5.03 28.65
CA LEU P 34 -103.44 -6.22 28.46
C LEU P 34 -103.71 -6.91 29.77
N LYS P 35 -102.67 -7.18 30.57
CA LYS P 35 -102.82 -7.89 31.82
C LYS P 35 -103.61 -7.11 32.86
N SER P 36 -103.59 -5.77 32.84
CA SER P 36 -104.52 -5.04 33.72
C SER P 36 -105.98 -5.36 33.39
N GLN P 37 -106.31 -5.31 32.10
CA GLN P 37 -107.64 -5.70 31.65
C GLN P 37 -107.95 -7.15 32.01
N LEU P 38 -107.02 -8.08 31.73
CA LEU P 38 -107.30 -9.48 32.06
C LEU P 38 -107.42 -9.73 33.56
N THR P 39 -106.68 -8.98 34.40
CA THR P 39 -106.83 -9.08 35.84
C THR P 39 -108.21 -8.67 36.29
N HIS P 40 -108.76 -7.60 35.68
CA HIS P 40 -110.18 -7.34 35.92
C HIS P 40 -111.08 -8.36 35.24
N TRP P 41 -110.67 -8.91 34.10
CA TRP P 41 -111.51 -9.84 33.35
C TRP P 41 -111.83 -11.07 34.19
N GLN P 42 -110.81 -11.64 34.83
CA GLN P 42 -111.06 -12.74 35.76
C GLN P 42 -111.88 -12.28 36.96
N GLN P 43 -111.70 -11.03 37.38
CA GLN P 43 -112.53 -10.43 38.43
C GLN P 43 -113.98 -10.17 38.01
N GLN P 44 -114.28 -10.10 36.71
CA GLN P 44 -115.57 -9.52 36.29
C GLN P 44 -116.76 -10.14 37.00
N GLN P 45 -116.70 -11.42 37.37
CA GLN P 45 -117.81 -12.02 38.11
C GLN P 45 -118.05 -11.28 39.41
N GLU P 46 -116.98 -10.90 40.11
CA GLU P 46 -117.11 -10.03 41.27
C GLU P 46 -117.38 -8.58 40.87
N ALA P 47 -116.73 -8.10 39.81
CA ALA P 47 -116.69 -6.67 39.48
C ALA P 47 -117.02 -6.43 38.02
N PRO P 48 -118.31 -6.49 37.66
CA PRO P 48 -118.75 -5.98 36.36
C PRO P 48 -118.97 -4.48 36.34
N GLU P 49 -118.95 -3.83 37.50
CA GLU P 49 -119.57 -2.52 37.68
C GLU P 49 -119.02 -1.48 36.71
N ASP P 50 -117.69 -1.43 36.54
CA ASP P 50 -117.09 -0.43 35.67
C ASP P 50 -117.48 -0.61 34.21
N LEU P 51 -117.45 -1.85 33.69
CA LEU P 51 -117.83 -2.05 32.29
C LEU P 51 -119.31 -1.78 32.06
N LEU P 52 -120.17 -2.20 32.99
CA LEU P 52 -121.59 -1.93 32.87
C LEU P 52 -121.90 -0.44 32.86
N GLU P 53 -121.36 0.30 33.81
CA GLU P 53 -121.60 1.73 33.90
C GLU P 53 -120.94 2.52 32.76
N ARG P 54 -119.80 2.05 32.26
CA ARG P 54 -119.21 2.68 31.08
C ARG P 54 -120.15 2.62 29.88
N LEU P 55 -120.68 1.43 29.59
CA LEU P 55 -121.61 1.28 28.47
C LEU P 55 -122.87 2.14 28.64
N LEU P 56 -123.49 2.11 29.81
CA LEU P 56 -124.67 2.93 30.06
C LEU P 56 -124.35 4.42 30.09
N GLY P 57 -123.13 4.80 30.47
CA GLY P 57 -122.70 6.18 30.27
C GLY P 57 -122.69 6.58 28.80
N GLU P 58 -122.17 5.71 27.95
CA GLU P 58 -122.22 5.95 26.50
C GLU P 58 -123.65 6.02 26.01
N MET P 59 -124.54 5.22 26.60
CA MET P 59 -125.96 5.27 26.25
C MET P 59 -126.61 6.58 26.69
N GLU P 60 -126.20 7.14 27.82
CA GLU P 60 -126.63 8.49 28.20
C GLU P 60 -126.08 9.56 27.26
N LEU P 61 -124.82 9.43 26.83
CA LEU P 61 -124.27 10.37 25.85
C LEU P 61 -125.02 10.31 24.52
N GLU P 62 -125.41 9.11 24.08
CA GLU P 62 -126.26 9.00 22.91
C GLU P 62 -127.62 9.65 23.15
N LEU P 63 -128.27 9.30 24.27
CA LEU P 63 -129.64 9.74 24.54
C LEU P 63 -129.78 11.26 24.62
N ILE P 64 -128.75 11.96 25.09
CA ILE P 64 -128.78 13.43 25.02
C ILE P 64 -128.67 13.90 23.58
N GLU P 65 -127.99 13.15 22.71
CA GLU P 65 -128.09 13.44 21.28
C GLU P 65 -129.51 13.16 20.76
N LEU P 66 -130.08 12.00 21.09
CA LEU P 66 -131.39 11.62 20.56
C LEU P 66 -132.46 12.66 20.88
N ARG P 67 -132.42 13.23 22.09
CA ARG P 67 -133.34 14.32 22.44
C ARG P 67 -133.09 15.58 21.63
N ARG P 68 -131.83 15.96 21.41
CA ARG P 68 -131.56 17.12 20.57
C ARG P 68 -131.93 16.87 19.10
N ALA P 69 -131.80 15.64 18.62
CA ALA P 69 -132.22 15.30 17.26
C ALA P 69 -133.73 15.35 17.11
N LEU P 70 -134.47 14.93 18.14
CA LEU P 70 -135.92 15.18 18.18
C LEU P 70 -136.24 16.67 18.14
N ALA P 71 -135.52 17.48 18.91
CA ALA P 71 -135.77 18.91 18.89
C ALA P 71 -135.43 19.53 17.53
N GLN P 72 -134.41 19.02 16.84
CA GLN P 72 -134.12 19.47 15.49
C GLN P 72 -135.19 19.05 14.49
N THR P 73 -135.82 17.89 14.67
CA THR P 73 -136.94 17.51 13.82
C THR P 73 -138.16 18.38 14.05
N ILE P 74 -138.51 18.65 15.31
CA ILE P 74 -139.64 19.54 15.59
C ILE P 74 -139.38 20.93 15.03
N ALA P 75 -138.16 21.44 15.18
CA ALA P 75 -137.81 22.75 14.63
C ALA P 75 -137.95 22.79 13.12
N THR P 76 -137.47 21.76 12.42
CA THR P 76 -137.62 21.69 10.96
C THR P 76 -139.08 21.49 10.53
N PHE P 77 -139.87 20.75 11.30
CA PHE P 77 -141.28 20.56 10.96
C PHE P 77 -142.06 21.87 11.00
N LYS P 78 -141.96 22.61 12.11
CA LYS P 78 -142.67 23.88 12.23
C LYS P 78 -142.07 24.98 11.37
N SER P 79 -140.77 24.93 11.06
CA SER P 79 -140.23 25.87 10.07
C SER P 79 -140.83 25.64 8.69
N THR P 80 -141.04 24.38 8.29
CA THR P 80 -141.78 24.13 7.06
C THR P 80 -143.19 24.70 7.16
N GLU P 81 -143.80 24.59 8.35
CA GLU P 81 -145.13 25.16 8.57
C GLU P 81 -145.10 26.68 8.59
N ARG P 82 -144.01 27.28 9.06
CA ARG P 82 -143.85 28.73 8.97
C ARG P 82 -143.75 29.18 7.51
N GLN P 83 -143.19 28.33 6.65
CA GLN P 83 -143.19 28.63 5.21
C GLN P 83 -144.60 28.52 4.64
N ARG P 84 -145.38 27.56 5.15
CA ARG P 84 -146.81 27.53 4.82
C ARG P 84 -147.53 28.78 5.32
N ASP P 85 -147.22 29.23 6.53
CA ASP P 85 -147.81 30.45 7.06
C ASP P 85 -147.52 31.65 6.16
N ALA P 86 -146.34 31.69 5.55
CA ALA P 86 -146.05 32.73 4.57
C ALA P 86 -146.84 32.54 3.28
N GLN P 87 -146.90 31.31 2.77
CA GLN P 87 -147.65 31.07 1.54
C GLN P 87 -149.12 31.47 1.69
N GLN P 88 -149.74 31.06 2.80
CA GLN P 88 -151.13 31.41 3.05
C GLN P 88 -151.31 32.91 3.31
N LEU P 89 -150.30 33.55 3.88
CA LEU P 89 -150.34 35.02 4.03
C LEU P 89 -150.30 35.73 2.68
N ILE P 90 -149.52 35.21 1.73
CA ILE P 90 -149.52 35.80 0.39
C ILE P 90 -150.81 35.46 -0.34
N ALA P 91 -151.41 34.30 -0.07
CA ALA P 91 -152.74 34.00 -0.57
C ALA P 91 -153.76 35.00 -0.06
N GLN P 92 -153.70 35.35 1.23
CA GLN P 92 -154.55 36.41 1.76
C GLN P 92 -154.26 37.75 1.10
N ARG P 93 -152.98 38.04 0.86
CA ARG P 93 -152.61 39.23 0.09
C ARG P 93 -153.21 39.22 -1.31
N TRP P 94 -153.38 38.03 -1.89
CA TRP P 94 -154.09 37.90 -3.16
C TRP P 94 -155.59 38.10 -3.01
N TYR P 95 -156.17 37.73 -1.86
CA TYR P 95 -157.57 38.07 -1.62
C TYR P 95 -157.76 39.56 -1.40
N GLU P 96 -156.84 40.22 -0.69
CA GLU P 96 -156.92 41.67 -0.51
C GLU P 96 -156.89 42.39 -1.86
N LYS P 97 -155.96 42.00 -2.73
CA LYS P 97 -155.90 42.57 -4.08
C LYS P 97 -157.15 42.25 -4.88
N ALA P 98 -157.77 41.10 -4.65
CA ALA P 98 -159.08 40.84 -5.24
C ALA P 98 -160.16 41.74 -4.64
N GLN P 99 -160.11 41.97 -3.32
CA GLN P 99 -161.15 42.75 -2.67
C GLN P 99 -161.19 44.18 -3.20
N ALA P 100 -160.04 44.73 -3.60
CA ALA P 100 -159.99 46.03 -4.24
C ALA P 100 -160.67 46.04 -5.60
N ALA P 101 -161.08 44.88 -6.11
CA ALA P 101 -161.86 44.77 -7.33
C ALA P 101 -163.11 43.93 -7.16
N LEU P 102 -163.43 43.49 -5.94
CA LEU P 102 -164.58 42.65 -5.69
C LEU P 102 -165.82 43.44 -5.33
N ASP P 103 -165.73 44.76 -5.31
CA ASP P 103 -166.88 45.64 -5.24
C ASP P 103 -167.12 46.31 -6.60
N ARG P 104 -168.33 46.85 -6.77
CA ARG P 104 -168.74 47.57 -7.97
C ARG P 104 -168.86 46.66 -9.19
N GLY P 105 -168.75 45.35 -9.04
CA GLY P 105 -168.75 44.45 -10.18
C GLY P 105 -167.49 44.51 -11.01
N ASN P 106 -166.42 45.09 -10.48
CA ASN P 106 -165.16 45.21 -11.19
C ASN P 106 -164.26 44.00 -11.00
N GLU P 107 -164.84 42.84 -10.67
CA GLU P 107 -164.11 41.63 -10.30
C GLU P 107 -163.23 41.07 -11.42
N GLN P 108 -163.20 41.74 -12.58
CA GLN P 108 -162.35 41.32 -13.69
C GLN P 108 -160.93 40.96 -13.23
N LEU P 109 -160.28 41.85 -12.47
CA LEU P 109 -158.92 41.58 -12.03
C LEU P 109 -158.85 40.42 -11.05
N ALA P 110 -159.96 40.07 -10.40
CA ALA P 110 -159.96 38.90 -9.54
C ALA P 110 -159.66 37.63 -10.32
N ARG P 111 -159.89 37.64 -11.64
CA ARG P 111 -159.54 36.48 -12.46
C ARG P 111 -158.06 36.13 -12.31
N GLU P 112 -157.19 37.11 -12.54
CA GLU P 112 -155.76 36.89 -12.37
C GLU P 112 -155.35 36.72 -10.91
N ALA P 113 -155.92 37.53 -10.01
CA ALA P 113 -155.52 37.48 -8.61
C ALA P 113 -155.81 36.12 -7.97
N LEU P 114 -157.01 35.60 -8.18
CA LEU P 114 -157.33 34.24 -7.74
C LEU P 114 -156.68 33.17 -8.60
N GLY P 115 -156.38 33.47 -9.87
CA GLY P 115 -155.58 32.55 -10.66
C GLY P 115 -154.20 32.30 -10.08
N GLN P 116 -153.55 33.35 -9.57
CA GLN P 116 -152.34 33.16 -8.78
C GLN P 116 -152.62 32.43 -7.47
N ARG P 117 -153.64 32.86 -6.73
CA ARG P 117 -153.90 32.23 -5.44
C ARG P 117 -154.13 30.73 -5.57
N GLN P 118 -154.67 30.26 -6.70
CA GLN P 118 -154.84 28.82 -6.89
C GLN P 118 -153.51 28.09 -6.80
N SER P 119 -152.46 28.61 -7.45
CA SER P 119 -151.13 28.02 -7.30
C SER P 119 -150.58 28.18 -5.88
N TYR P 120 -150.90 29.28 -5.21
CA TYR P 120 -150.44 29.46 -3.83
C TYR P 120 -151.15 28.50 -2.87
N GLN P 121 -152.43 28.24 -3.08
CA GLN P 121 -153.14 27.25 -2.29
C GLN P 121 -152.62 25.85 -2.52
N SER P 122 -152.22 25.52 -3.75
CA SER P 122 -151.69 24.18 -4.00
C SER P 122 -150.41 23.93 -3.22
N HIS P 123 -149.49 24.90 -3.21
CA HIS P 123 -148.28 24.78 -2.39
C HIS P 123 -148.62 24.82 -0.89
N THR P 124 -149.61 25.62 -0.50
CA THR P 124 -150.00 25.66 0.91
C THR P 124 -150.53 24.32 1.39
N GLU P 125 -151.30 23.62 0.57
CA GLU P 125 -151.87 22.34 0.99
C GLU P 125 -150.89 21.18 0.77
N ALA P 126 -149.96 21.32 -0.18
CA ALA P 126 -148.82 20.42 -0.24
C ALA P 126 -148.00 20.50 1.04
N LEU P 127 -147.71 21.72 1.50
CA LEU P 127 -147.05 21.89 2.78
C LEU P 127 -147.89 21.34 3.92
N GLY P 128 -149.18 21.67 3.95
CA GLY P 128 -150.03 21.22 5.04
C GLY P 128 -150.14 19.71 5.16
N LYS P 129 -150.08 18.99 4.04
CA LYS P 129 -150.16 17.53 4.08
C LYS P 129 -148.80 16.86 4.26
N SER P 130 -147.72 17.47 3.77
CA SER P 130 -146.40 17.09 4.25
C SER P 130 -146.29 17.25 5.75
N LEU P 131 -146.80 18.36 6.27
CA LEU P 131 -146.83 18.66 7.70
C LEU P 131 -147.80 17.78 8.46
N GLY P 132 -148.65 17.02 7.77
CA GLY P 132 -149.42 15.97 8.41
C GLY P 132 -148.59 14.73 8.64
N GLU P 133 -147.72 14.40 7.68
CA GLU P 133 -146.79 13.30 7.89
C GLU P 133 -145.74 13.69 8.92
N GLN P 134 -145.18 14.89 8.79
CA GLN P 134 -144.21 15.38 9.76
C GLN P 134 -144.79 15.46 11.17
N ARG P 135 -146.10 15.72 11.28
CA ARG P 135 -146.78 15.57 12.56
C ARG P 135 -146.67 14.14 13.08
N ALA P 136 -147.14 13.18 12.29
CA ALA P 136 -147.07 11.78 12.71
C ALA P 136 -145.64 11.35 13.01
N LEU P 137 -144.64 11.91 12.32
CA LEU P 137 -143.25 11.63 12.63
C LEU P 137 -142.85 12.14 14.01
N VAL P 138 -143.18 13.40 14.33
CA VAL P 138 -142.81 13.92 15.65
C VAL P 138 -143.60 13.24 16.76
N GLU P 139 -144.84 12.81 16.50
CA GLU P 139 -145.59 12.05 17.49
C GLU P 139 -144.98 10.67 17.72
N GLN P 140 -144.73 9.93 16.64
CA GLN P 140 -144.21 8.57 16.78
C GLN P 140 -142.79 8.58 17.35
N VAL P 141 -141.97 9.55 16.97
CA VAL P 141 -140.62 9.65 17.52
C VAL P 141 -140.65 10.03 18.99
N ARG P 142 -141.63 10.85 19.40
CA ARG P 142 -141.80 11.15 20.82
C ARG P 142 -142.24 9.91 21.61
N GLY P 143 -143.14 9.11 21.05
CA GLY P 143 -143.54 7.89 21.74
C GLY P 143 -142.43 6.85 21.76
N GLN P 144 -141.67 6.75 20.67
CA GLN P 144 -140.51 5.87 20.64
C GLN P 144 -139.50 6.25 21.71
N LEU P 145 -139.16 7.54 21.79
CA LEU P 145 -138.25 8.02 22.83
C LEU P 145 -138.79 7.77 24.22
N GLN P 146 -140.04 8.18 24.49
CA GLN P 146 -140.53 8.10 25.86
C GLN P 146 -140.63 6.66 26.35
N LYS P 147 -140.97 5.71 25.47
CA LYS P 147 -140.85 4.29 25.81
C LYS P 147 -139.41 3.88 26.07
N LEU P 148 -138.50 4.27 25.17
CA LEU P 148 -137.11 3.81 25.25
C LEU P 148 -136.40 4.37 26.47
N GLU P 149 -136.49 5.69 26.69
CA GLU P 149 -135.80 6.33 27.79
C GLU P 149 -136.40 5.95 29.14
N ARG P 150 -137.71 5.73 29.20
CA ARG P 150 -138.30 5.18 30.42
C ARG P 150 -137.81 3.78 30.68
N LYS P 151 -137.58 2.99 29.62
CA LYS P 151 -136.98 1.67 29.78
C LYS P 151 -135.53 1.78 30.26
N TYR P 152 -134.80 2.78 29.78
CA TYR P 152 -133.46 3.05 30.29
C TYR P 152 -133.48 3.44 31.77
N LEU P 153 -134.44 4.26 32.19
CA LEU P 153 -134.59 4.62 33.60
C LEU P 153 -134.85 3.39 34.47
N GLU P 154 -135.82 2.56 34.09
CA GLU P 154 -136.10 1.33 34.82
C GLU P 154 -134.96 0.34 34.75
N LEU P 155 -134.22 0.34 33.63
CA LEU P 155 -133.03 -0.50 33.52
C LEU P 155 -131.89 0.01 34.41
N LYS P 156 -131.77 1.32 34.60
CA LYS P 156 -130.87 1.84 35.61
C LYS P 156 -131.27 1.38 37.00
N SER P 157 -132.56 1.43 37.31
CA SER P 157 -133.05 0.92 38.59
C SER P 157 -132.66 -0.54 38.77
N GLN P 158 -132.93 -1.37 37.76
CA GLN P 158 -132.55 -2.78 37.80
C GLN P 158 -131.05 -2.98 37.95
N LYS P 159 -130.22 -2.21 37.24
CA LYS P 159 -128.77 -2.37 37.36
C LYS P 159 -128.30 -2.07 38.78
N ASN P 160 -128.77 -0.97 39.37
CA ASN P 160 -128.41 -0.66 40.74
C ASN P 160 -128.78 -1.82 41.66
N LEU P 161 -129.99 -2.35 41.50
CA LEU P 161 -130.45 -3.51 42.26
C LEU P 161 -129.69 -4.78 41.89
N TYR P 162 -129.14 -4.85 40.69
CA TYR P 162 -128.38 -6.02 40.28
C TYR P 162 -126.97 -6.03 40.87
N LEU P 163 -126.33 -4.86 40.96
CA LEU P 163 -125.05 -4.76 41.66
C LEU P 163 -125.20 -5.07 43.15
N ALA P 164 -126.30 -4.62 43.76
CA ALA P 164 -126.60 -5.00 45.14
C ALA P 164 -126.82 -6.50 45.28
N ARG P 165 -127.66 -7.08 44.41
CA ARG P 165 -127.85 -8.53 44.42
C ARG P 165 -126.53 -9.28 44.26
N LEU P 166 -125.71 -8.86 43.29
CA LEU P 166 -124.45 -9.55 43.02
C LEU P 166 -123.51 -9.50 44.22
N LYS P 167 -123.29 -8.31 44.78
CA LYS P 167 -122.45 -8.20 45.97
C LYS P 167 -123.01 -9.01 47.14
N SER P 168 -124.34 -9.05 47.28
CA SER P 168 -124.96 -9.81 48.36
C SER P 168 -124.78 -11.31 48.16
N ALA P 169 -124.95 -11.79 46.94
CA ALA P 169 -124.67 -13.18 46.61
C ALA P 169 -123.21 -13.53 46.87
N ILE P 170 -122.29 -12.67 46.44
CA ILE P 170 -120.87 -12.88 46.67
C ILE P 170 -120.59 -13.04 48.16
N ALA P 171 -121.14 -12.14 48.98
CA ALA P 171 -121.00 -12.23 50.43
C ALA P 171 -121.56 -13.55 50.95
N ALA P 172 -122.74 -13.94 50.47
CA ALA P 172 -123.35 -15.21 50.87
C ALA P 172 -122.45 -16.39 50.53
N GLN P 173 -121.91 -16.40 49.31
CA GLN P 173 -120.95 -17.43 48.91
C GLN P 173 -119.77 -17.48 49.87
N LYS P 174 -119.28 -16.32 50.30
CA LYS P 174 -118.17 -16.28 51.23
C LYS P 174 -118.53 -16.83 52.62
N ILE P 175 -119.75 -16.56 53.10
CA ILE P 175 -120.19 -17.17 54.37
C ILE P 175 -120.33 -18.69 54.25
N GLU P 176 -120.97 -19.18 53.20
CA GLU P 176 -121.09 -20.64 53.06
C GLU P 176 -119.74 -21.32 52.96
N GLU P 177 -118.87 -20.84 52.09
CA GLU P 177 -117.58 -21.49 51.88
C GLU P 177 -116.66 -21.39 53.10
N ILE P 178 -116.62 -20.23 53.76
CA ILE P 178 -115.83 -20.08 54.98
C ILE P 178 -116.44 -20.83 56.14
N ALA P 179 -117.77 -20.88 56.20
CA ALA P 179 -118.45 -21.70 57.20
C ALA P 179 -118.23 -23.19 56.97
N GLY P 180 -118.27 -23.65 55.72
CA GLY P 180 -117.97 -25.05 55.45
C GLY P 180 -116.55 -25.44 55.80
N ASN P 181 -115.58 -24.56 55.52
CA ASN P 181 -114.22 -24.82 55.98
C ASN P 181 -114.09 -24.69 57.48
N LEU P 182 -114.85 -23.79 58.10
CA LEU P 182 -114.77 -23.62 59.56
C LEU P 182 -115.31 -24.83 60.28
N ASP P 183 -116.52 -25.28 59.91
CA ASP P 183 -117.12 -26.42 60.58
C ASP P 183 -116.39 -27.70 60.22
N ASN P 184 -116.23 -27.97 58.92
CA ASN P 184 -115.71 -29.26 58.50
C ASN P 184 -114.23 -29.41 58.81
N ALA P 185 -113.40 -28.45 58.38
CA ALA P 185 -111.96 -28.56 58.61
C ALA P 185 -111.60 -28.27 60.06
N SER P 186 -112.06 -27.12 60.59
CA SER P 186 -111.61 -26.69 61.91
C SER P 186 -112.22 -27.56 63.01
N ALA P 187 -113.52 -27.79 62.95
CA ALA P 187 -114.20 -28.46 64.05
C ALA P 187 -113.78 -29.93 64.16
N SER P 188 -113.64 -30.62 63.04
CA SER P 188 -113.12 -31.99 63.10
C SER P 188 -111.71 -32.00 63.66
N SER P 189 -110.91 -30.99 63.32
CA SER P 189 -109.58 -30.87 63.90
C SER P 189 -109.65 -30.64 65.41
N LEU P 190 -110.66 -29.90 65.87
CA LEU P 190 -110.80 -29.67 67.31
C LEU P 190 -111.26 -30.93 68.03
N PHE P 191 -112.32 -31.57 67.54
CA PHE P 191 -112.90 -32.68 68.28
C PHE P 191 -112.00 -33.91 68.24
N GLU P 192 -111.60 -34.32 67.04
CA GLU P 192 -110.80 -35.54 66.93
C GLU P 192 -109.38 -35.41 67.46
N ARG P 193 -108.73 -34.24 67.32
CA ARG P 193 -107.44 -34.04 67.98
C ARG P 193 -107.52 -33.86 69.49
N ILE P 194 -108.57 -33.22 70.00
CA ILE P 194 -108.72 -33.12 71.45
C ILE P 194 -109.08 -34.47 72.06
N GLU P 195 -109.96 -35.21 71.39
CA GLU P 195 -110.33 -36.54 71.87
C GLU P 195 -109.14 -37.49 71.91
N THR P 196 -108.39 -37.57 70.80
CA THR P 196 -107.21 -38.45 70.78
C THR P 196 -106.17 -38.05 71.83
N LYS P 197 -106.00 -36.75 72.06
CA LYS P 197 -105.11 -36.32 73.13
C LYS P 197 -105.67 -36.67 74.50
N ILE P 198 -106.99 -36.63 74.66
CA ILE P 198 -107.61 -37.06 75.91
C ILE P 198 -107.38 -38.55 76.12
N LEU P 199 -107.55 -39.34 75.06
CA LEU P 199 -107.28 -40.77 75.12
C LEU P 199 -105.84 -41.05 75.52
N GLU P 200 -104.91 -40.23 75.04
CA GLU P 200 -103.51 -40.38 75.43
C GLU P 200 -103.35 -40.12 76.92
N LEU P 201 -104.07 -39.13 77.44
CA LEU P 201 -104.08 -38.88 78.88
C LEU P 201 -104.75 -40.02 79.63
N GLU P 202 -105.76 -40.64 79.02
CA GLU P 202 -106.48 -41.75 79.65
C GLU P 202 -105.66 -43.04 79.66
N ALA P 203 -104.80 -43.24 78.66
CA ALA P 203 -103.87 -44.36 78.70
C ALA P 203 -102.91 -44.28 79.87
N GLU P 204 -102.51 -43.06 80.24
CA GLU P 204 -101.78 -42.88 81.49
C GLU P 204 -102.68 -42.95 82.73
N ARG P 205 -103.96 -42.59 82.60
CA ARG P 205 -104.88 -42.79 83.72
C ARG P 205 -105.00 -44.26 84.09
N GLU P 206 -105.22 -45.12 83.09
CA GLU P 206 -105.34 -46.55 83.34
C GLU P 206 -104.02 -47.22 83.71
N LEU P 207 -102.89 -46.51 83.56
CA LEU P 207 -101.64 -46.98 84.13
C LEU P 207 -101.50 -46.58 85.60
N LEU P 208 -102.03 -45.40 85.97
CA LEU P 208 -101.95 -44.93 87.34
C LEU P 208 -103.13 -45.38 88.21
N ASN P 209 -104.20 -45.90 87.59
CA ASN P 209 -105.48 -46.03 88.26
C ASN P 209 -106.19 -47.29 87.77
N PRO P 210 -106.52 -48.24 88.65
CA PRO P 210 -107.29 -49.40 88.20
C PRO P 210 -108.65 -48.98 87.68
N PRO P 211 -109.19 -49.68 86.69
CA PRO P 211 -110.55 -49.38 86.22
C PRO P 211 -111.53 -49.38 87.38
N PRO P 212 -112.22 -48.26 87.63
CA PRO P 212 -113.20 -48.24 88.73
C PRO P 212 -114.46 -49.03 88.42
N SER P 213 -114.39 -50.35 88.56
CA SER P 213 -115.51 -51.24 88.29
C SER P 213 -116.64 -50.95 89.26
N PRO P 214 -117.86 -51.45 89.01
CA PRO P 214 -118.93 -51.31 90.00
C PRO P 214 -118.61 -51.95 91.34
N LEU P 215 -117.70 -52.93 91.37
CA LEU P 215 -117.44 -53.65 92.61
C LEU P 215 -116.75 -52.78 93.65
N ASP P 216 -115.57 -52.27 93.31
CA ASP P 216 -114.85 -51.39 94.23
C ASP P 216 -115.65 -50.13 94.55
N LYS P 217 -116.46 -49.65 93.59
CA LYS P 217 -117.32 -48.51 93.86
C LYS P 217 -118.31 -48.80 94.96
N LYS P 218 -118.95 -49.97 94.92
CA LYS P 218 -119.90 -50.33 95.96
C LYS P 218 -119.20 -50.51 97.32
N PHE P 219 -118.00 -51.07 97.31
CA PHE P 219 -117.24 -51.21 98.54
C PHE P 219 -116.91 -49.86 99.16
N GLU P 220 -116.51 -48.88 98.34
CA GLU P 220 -116.22 -47.55 98.86
C GLU P 220 -117.48 -46.90 99.42
N GLN P 221 -118.63 -47.10 98.75
CA GLN P 221 -119.89 -46.58 99.26
C GLN P 221 -120.22 -47.19 100.61
N TRP P 222 -120.03 -48.51 100.75
CA TRP P 222 -120.26 -49.16 102.03
C TRP P 222 -119.28 -48.67 103.08
N GLU P 223 -118.07 -48.29 102.69
CA GLU P 223 -117.11 -47.73 103.66
C GLU P 223 -117.64 -46.42 104.23
N GLU P 224 -118.19 -45.55 103.38
CA GLU P 224 -118.82 -44.34 103.88
C GLU P 224 -120.02 -44.67 104.77
N GLN P 225 -120.80 -45.67 104.37
CA GLN P 225 -121.94 -46.11 105.18
C GLN P 225 -121.48 -46.58 106.56
N GLN P 226 -120.35 -47.29 106.61
CA GLN P 226 -119.84 -47.80 107.89
C GLN P 226 -119.25 -46.70 108.74
N ALA P 227 -118.68 -45.66 108.12
CA ALA P 227 -118.22 -44.50 108.90
C ALA P 227 -119.39 -43.82 109.60
N VAL P 228 -120.49 -43.58 108.87
CA VAL P 228 -121.67 -42.97 109.48
C VAL P 228 -122.31 -43.92 110.47
N GLU P 229 -122.23 -45.23 110.23
CA GLU P 229 -122.77 -46.16 111.23
C GLU P 229 -121.96 -46.13 112.52
N ALA P 230 -120.65 -45.85 112.42
CA ALA P 230 -119.84 -45.67 113.62
C ALA P 230 -120.18 -44.37 114.35
N THR P 231 -120.43 -43.29 113.62
CA THR P 231 -120.89 -42.06 114.25
C THR P 231 -122.22 -42.27 114.96
N LEU P 232 -123.13 -43.02 114.32
CA LEU P 232 -124.41 -43.34 114.96
C LEU P 232 -124.18 -44.13 116.24
N ALA P 233 -123.21 -45.05 116.23
CA ALA P 233 -122.92 -45.82 117.43
C ALA P 233 -122.46 -44.92 118.56
N ALA P 234 -121.57 -43.96 118.25
CA ALA P 234 -121.16 -42.97 119.24
C ALA P 234 -122.34 -42.16 119.73
N MET P 235 -123.22 -41.75 118.81
CA MET P 235 -124.41 -40.97 119.20
C MET P 235 -125.23 -41.72 120.24
N LYS P 236 -125.58 -42.98 119.96
CA LYS P 236 -126.48 -43.71 120.84
C LYS P 236 -125.77 -44.24 122.08
N ALA P 237 -124.44 -44.31 122.06
CA ALA P 237 -123.70 -44.66 123.27
C ALA P 237 -123.65 -43.48 124.24
N ARG P 238 -123.47 -42.27 123.72
CA ARG P 238 -123.61 -41.08 124.55
C ARG P 238 -125.05 -40.93 125.05
N ARG P 239 -126.02 -41.28 124.21
CA ARG P 239 -127.43 -41.22 124.59
C ARG P 239 -127.82 -42.30 125.60
N SER P 240 -127.04 -43.38 125.71
CA SER P 240 -127.39 -44.45 126.65
C SER P 240 -127.53 -43.90 128.07
N MET Q 24 -53.70 61.86 -56.28
CA MET Q 24 -52.26 62.00 -56.23
C MET Q 24 -51.85 62.95 -55.10
N GLU Q 25 -50.76 62.60 -54.39
CA GLU Q 25 -50.28 63.48 -53.33
C GLU Q 25 -49.81 64.81 -53.90
N LEU Q 26 -49.19 64.80 -55.08
CA LEU Q 26 -48.82 66.03 -55.74
C LEU Q 26 -50.06 66.90 -55.98
N PHE Q 27 -51.12 66.29 -56.50
CA PHE Q 27 -52.36 67.03 -56.74
C PHE Q 27 -52.88 67.67 -55.46
N ASN Q 28 -52.95 66.90 -54.38
CA ASN Q 28 -53.37 67.45 -53.09
C ASN Q 28 -52.50 68.62 -52.63
N ARG Q 29 -51.18 68.48 -52.74
CA ARG Q 29 -50.28 69.60 -52.45
C ARG Q 29 -50.62 70.85 -53.28
N VAL Q 30 -50.82 70.66 -54.59
CA VAL Q 30 -51.19 71.77 -55.47
C VAL Q 30 -52.62 72.24 -55.23
N GLY Q 31 -53.42 71.44 -54.52
CA GLY Q 31 -54.84 71.75 -54.37
C GLY Q 31 -55.15 73.12 -53.82
N ARG Q 32 -54.46 73.58 -52.79
CA ARG Q 32 -54.78 74.91 -52.27
C ARG Q 32 -54.70 75.99 -53.35
N VAL Q 33 -53.58 76.03 -54.09
CA VAL Q 33 -53.37 77.04 -55.13
C VAL Q 33 -54.25 76.80 -56.35
N LEU Q 34 -54.36 75.57 -56.80
CA LEU Q 34 -55.16 75.30 -58.00
C LEU Q 34 -56.65 75.44 -57.72
N LYS Q 35 -57.13 74.79 -56.66
CA LYS Q 35 -58.56 74.81 -56.33
C LYS Q 35 -59.04 76.19 -55.91
N SER Q 36 -58.20 77.05 -55.33
CA SER Q 36 -58.65 78.44 -55.12
C SER Q 36 -58.96 79.13 -56.44
N GLN Q 37 -58.06 78.99 -57.41
CA GLN Q 37 -58.30 79.52 -58.75
C GLN Q 37 -59.53 78.89 -59.38
N LEU Q 38 -59.67 77.56 -59.32
CA LEU Q 38 -60.84 76.93 -59.92
C LEU Q 38 -62.15 77.32 -59.23
N THR Q 39 -62.12 77.55 -57.91
CA THR Q 39 -63.30 78.03 -57.20
C THR Q 39 -63.73 79.40 -57.70
N HIS Q 40 -62.77 80.29 -57.96
CA HIS Q 40 -63.13 81.51 -58.67
C HIS Q 40 -63.48 81.26 -60.13
N TRP Q 41 -62.87 80.26 -60.76
CA TRP Q 41 -63.10 80.00 -62.18
C TRP Q 41 -64.56 79.66 -62.44
N GLN Q 42 -65.13 78.79 -61.62
CA GLN Q 42 -66.57 78.53 -61.71
C GLN Q 42 -67.38 79.77 -61.37
N GLN Q 43 -66.88 80.59 -60.45
CA GLN Q 43 -67.51 81.88 -60.14
C GLN Q 43 -67.40 82.91 -61.25
N GLN Q 44 -66.46 82.76 -62.19
CA GLN Q 44 -66.11 83.90 -63.06
C GLN Q 44 -67.34 84.54 -63.73
N GLN Q 45 -68.38 83.77 -64.02
CA GLN Q 45 -69.57 84.37 -64.60
C GLN Q 45 -70.17 85.42 -63.67
N GLU Q 46 -70.17 85.15 -62.37
CA GLU Q 46 -70.53 86.16 -61.39
C GLU Q 46 -69.41 87.18 -61.17
N ALA Q 47 -68.17 86.72 -61.16
CA ALA Q 47 -67.03 87.53 -60.69
C ALA Q 47 -65.88 87.47 -61.69
N PRO Q 48 -65.97 88.21 -62.79
CA PRO Q 48 -64.79 88.44 -63.64
C PRO Q 48 -63.91 89.58 -63.15
N GLU Q 49 -64.38 90.34 -62.16
CA GLU Q 49 -63.86 91.68 -61.91
C GLU Q 49 -62.34 91.69 -61.65
N ASP Q 50 -61.87 90.75 -60.83
CA ASP Q 50 -60.44 90.72 -60.50
C ASP Q 50 -59.56 90.42 -61.70
N LEU Q 51 -59.93 89.44 -62.53
CA LEU Q 51 -59.11 89.12 -63.70
C LEU Q 51 -59.14 90.26 -64.72
N LEU Q 52 -60.30 90.86 -64.93
CA LEU Q 52 -60.42 91.99 -65.87
C LEU Q 52 -59.56 93.18 -65.43
N GLU Q 53 -59.68 93.57 -64.17
CA GLU Q 53 -58.92 94.71 -63.66
C GLU Q 53 -57.44 94.42 -63.54
N ARG Q 54 -57.05 93.17 -63.27
CA ARG Q 54 -55.64 92.81 -63.29
C ARG Q 54 -55.03 93.06 -64.67
N LEU Q 55 -55.67 92.55 -65.72
CA LEU Q 55 -55.16 92.75 -67.08
C LEU Q 55 -55.06 94.23 -67.45
N LEU Q 56 -56.12 94.99 -67.19
CA LEU Q 56 -56.11 96.43 -67.49
C LEU Q 56 -55.12 97.20 -66.60
N GLY Q 57 -54.87 96.72 -65.39
CA GLY Q 57 -53.76 97.26 -64.61
C GLY Q 57 -52.42 97.07 -65.29
N GLU Q 58 -52.18 95.88 -65.82
CA GLU Q 58 -50.97 95.62 -66.60
C GLU Q 58 -50.92 96.51 -67.84
N MET Q 59 -52.08 96.77 -68.45
CA MET Q 59 -52.15 97.68 -69.60
C MET Q 59 -51.83 99.12 -69.21
N GLU Q 60 -52.22 99.55 -68.01
CA GLU Q 60 -51.79 100.85 -67.49
C GLU Q 60 -50.28 100.89 -67.20
N LEU Q 61 -49.73 99.81 -66.66
CA LEU Q 61 -48.28 99.73 -66.46
C LEU Q 61 -47.51 99.80 -67.78
N GLU Q 62 -48.02 99.14 -68.82
CA GLU Q 62 -47.43 99.30 -70.15
C GLU Q 62 -47.56 100.74 -70.65
N LEU Q 63 -48.77 101.30 -70.58
CA LEU Q 63 -49.04 102.62 -71.16
C LEU Q 63 -48.21 103.73 -70.54
N ILE Q 64 -47.87 103.63 -69.25
CA ILE Q 64 -46.91 104.59 -68.68
C ILE Q 64 -45.51 104.38 -69.25
N GLU Q 65 -45.16 103.16 -69.63
CA GLU Q 65 -43.95 102.97 -70.42
C GLU Q 65 -44.08 103.61 -71.81
N LEU Q 66 -45.19 103.34 -72.50
CA LEU Q 66 -45.35 103.83 -73.87
C LEU Q 66 -45.23 105.35 -73.96
N ARG Q 67 -45.77 106.07 -72.97
CA ARG Q 67 -45.59 107.52 -72.91
C ARG Q 67 -44.15 107.92 -72.67
N ARG Q 68 -43.44 107.25 -71.77
CA ARG Q 68 -42.02 107.56 -71.59
C ARG Q 68 -41.18 107.20 -72.81
N ALA Q 69 -41.55 106.15 -73.53
CA ALA Q 69 -40.84 105.80 -74.77
C ALA Q 69 -41.08 106.84 -75.87
N LEU Q 70 -42.29 107.38 -75.95
CA LEU Q 70 -42.54 108.55 -76.79
C LEU Q 70 -41.67 109.74 -76.39
N ALA Q 71 -41.57 110.01 -75.09
CA ALA Q 71 -40.73 111.12 -74.65
C ALA Q 71 -39.25 110.88 -74.96
N GLN Q 72 -38.80 109.62 -74.89
CA GLN Q 72 -37.44 109.30 -75.29
C GLN Q 72 -37.22 109.46 -76.80
N THR Q 73 -38.23 109.18 -77.61
CA THR Q 73 -38.11 109.44 -79.05
C THR Q 73 -38.05 110.93 -79.36
N ILE Q 74 -38.92 111.73 -78.73
CA ILE Q 74 -38.86 113.18 -78.95
C ILE Q 74 -37.52 113.75 -78.50
N ALA Q 75 -37.01 113.28 -77.36
CA ALA Q 75 -35.71 113.73 -76.88
C ALA Q 75 -34.59 113.38 -77.84
N THR Q 76 -34.59 112.16 -78.38
CA THR Q 76 -33.58 111.77 -79.37
C THR Q 76 -33.75 112.52 -80.70
N PHE Q 77 -34.98 112.82 -81.11
CA PHE Q 77 -35.19 113.56 -82.35
C PHE Q 77 -34.61 114.96 -82.29
N LYS Q 78 -34.95 115.71 -81.24
CA LYS Q 78 -34.45 117.08 -81.10
C LYS Q 78 -32.98 117.12 -80.72
N SER Q 79 -32.45 116.10 -80.04
CA SER Q 79 -31.00 116.04 -79.85
C SER Q 79 -30.26 115.88 -81.17
N THR Q 80 -30.79 115.07 -82.09
CA THR Q 80 -30.22 115.04 -83.44
C THR Q 80 -30.30 116.42 -84.09
N GLU Q 81 -31.39 117.13 -83.85
CA GLU Q 81 -31.55 118.49 -84.37
C GLU Q 81 -30.62 119.47 -83.68
N ARG Q 82 -30.33 119.26 -82.39
CA ARG Q 82 -29.32 120.07 -81.71
C ARG Q 82 -27.94 119.84 -82.30
N GLN Q 83 -27.67 118.64 -82.81
CA GLN Q 83 -26.42 118.39 -83.52
C GLN Q 83 -26.42 119.11 -84.86
N ARG Q 84 -27.58 119.19 -85.52
CA ARG Q 84 -27.72 120.04 -86.69
C ARG Q 84 -27.51 121.51 -86.34
N ASP Q 85 -28.05 121.97 -85.22
CA ASP Q 85 -27.84 123.35 -84.78
C ASP Q 85 -26.36 123.65 -84.59
N ALA Q 86 -25.59 122.68 -84.13
CA ALA Q 86 -24.14 122.86 -84.05
C ALA Q 86 -23.49 122.88 -85.44
N GLN Q 87 -23.88 121.96 -86.32
CA GLN Q 87 -23.30 121.94 -87.66
C GLN Q 87 -23.54 123.26 -88.39
N GLN Q 88 -24.78 123.76 -88.34
CA GLN Q 88 -25.10 125.03 -88.99
C GLN Q 88 -24.42 126.21 -88.29
N LEU Q 89 -24.18 126.11 -86.99
CA LEU Q 89 -23.41 127.14 -86.29
C LEU Q 89 -21.96 127.17 -86.75
N ILE Q 90 -21.36 126.00 -87.00
CA ILE Q 90 -20.01 125.97 -87.54
C ILE Q 90 -19.99 126.42 -89.00
N ALA Q 91 -21.07 126.14 -89.74
CA ALA Q 91 -21.20 126.72 -91.08
C ALA Q 91 -21.24 128.24 -91.04
N GLN Q 92 -21.96 128.82 -90.08
CA GLN Q 92 -21.93 130.26 -89.87
C GLN Q 92 -20.53 130.73 -89.48
N ARG Q 93 -19.84 129.97 -88.63
CA ARG Q 93 -18.45 130.27 -88.32
C ARG Q 93 -17.56 130.24 -89.56
N TRP Q 94 -17.90 129.39 -90.53
CA TRP Q 94 -17.21 129.41 -91.82
C TRP Q 94 -17.59 130.62 -92.67
N TYR Q 95 -18.82 131.12 -92.55
CA TYR Q 95 -19.13 132.39 -93.20
C TYR Q 95 -18.44 133.57 -92.56
N GLU Q 96 -18.32 133.59 -91.22
CA GLU Q 96 -17.59 134.65 -90.54
C GLU Q 96 -16.13 134.68 -91.00
N LYS Q 97 -15.48 133.51 -91.04
CA LYS Q 97 -14.11 133.43 -91.56
C LYS Q 97 -14.02 133.84 -93.02
N ALA Q 98 -15.07 133.58 -93.81
CA ALA Q 98 -15.12 134.13 -95.16
C ALA Q 98 -15.28 135.65 -95.14
N GLN Q 99 -16.11 136.18 -94.24
CA GLN Q 99 -16.38 137.60 -94.22
C GLN Q 99 -15.12 138.40 -93.93
N ALA Q 100 -14.20 137.85 -93.14
CA ALA Q 100 -12.90 138.47 -92.92
C ALA Q 100 -12.05 138.53 -94.18
N ALA Q 101 -12.49 137.90 -95.27
CA ALA Q 101 -11.83 137.99 -96.57
C ALA Q 101 -12.80 138.35 -97.68
N LEU Q 102 -14.06 138.65 -97.36
CA LEU Q 102 -15.06 138.97 -98.37
C LEU Q 102 -15.15 140.45 -98.65
N ASP Q 103 -14.33 141.27 -98.01
CA ASP Q 103 -14.12 142.66 -98.36
C ASP Q 103 -12.77 142.84 -99.04
N ARG Q 104 -12.61 143.97 -99.72
CA ARG Q 104 -11.38 144.37 -100.40
C ARG Q 104 -11.04 143.47 -101.59
N GLY Q 105 -11.95 142.58 -102.00
CA GLY Q 105 -11.65 141.66 -103.07
C GLY Q 105 -10.68 140.56 -102.68
N ASN Q 106 -10.44 140.36 -101.39
CA ASN Q 106 -9.52 139.35 -100.89
C ASN Q 106 -10.18 138.00 -100.69
N GLU Q 107 -11.28 137.74 -101.40
CA GLU Q 107 -12.12 136.55 -101.22
C GLU Q 107 -11.40 135.23 -101.52
N GLN Q 108 -10.13 135.30 -101.90
CA GLN Q 108 -9.34 134.10 -102.15
C GLN Q 108 -9.54 133.03 -101.08
N LEU Q 109 -9.39 133.40 -99.81
CA LEU Q 109 -9.55 132.42 -98.73
C LEU Q 109 -10.98 131.91 -98.61
N ALA Q 110 -11.96 132.64 -99.14
CA ALA Q 110 -13.33 132.14 -99.15
C ALA Q 110 -13.45 130.86 -99.95
N ARG Q 111 -12.51 130.61 -100.88
CA ARG Q 111 -12.53 129.37 -101.64
C ARG Q 111 -12.48 128.17 -100.70
N GLU Q 112 -11.49 128.14 -99.81
CA GLU Q 112 -11.38 127.06 -98.83
C GLU Q 112 -12.47 127.12 -97.77
N ALA Q 113 -12.80 128.32 -97.27
CA ALA Q 113 -13.77 128.44 -96.19
C ALA Q 113 -15.15 127.94 -96.61
N LEU Q 114 -15.62 128.36 -97.78
CA LEU Q 114 -16.87 127.83 -98.33
C LEU Q 114 -16.72 126.41 -98.86
N GLY Q 115 -15.51 126.02 -99.27
CA GLY Q 115 -15.29 124.62 -99.59
C GLY Q 115 -15.52 123.68 -98.42
N GLN Q 116 -15.10 124.08 -97.23
CA GLN Q 116 -15.50 123.36 -96.02
C GLN Q 116 -16.99 123.48 -95.75
N ARG Q 117 -17.53 124.69 -95.82
CA ARG Q 117 -18.95 124.85 -95.52
C ARG Q 117 -19.84 123.99 -96.40
N GLN Q 118 -19.42 123.71 -97.64
CA GLN Q 118 -20.21 122.81 -98.49
C GLN Q 118 -20.39 121.44 -97.86
N SER Q 119 -19.33 120.87 -97.30
CA SER Q 119 -19.47 119.61 -96.57
C SER Q 119 -20.28 119.78 -95.29
N TYR Q 120 -20.19 120.92 -94.63
CA TYR Q 120 -21.00 121.14 -93.42
C TYR Q 120 -22.48 121.30 -93.75
N GLN Q 121 -22.80 121.95 -94.87
CA GLN Q 121 -24.18 122.04 -95.32
C GLN Q 121 -24.75 120.69 -95.71
N SER Q 122 -23.93 119.80 -96.30
CA SER Q 122 -24.44 118.49 -96.68
C SER Q 122 -24.85 117.68 -95.45
N HIS Q 123 -24.02 117.69 -94.40
CA HIS Q 123 -24.41 117.03 -93.15
C HIS Q 123 -25.57 117.75 -92.47
N THR Q 124 -25.64 119.08 -92.57
CA THR Q 124 -26.75 119.81 -91.98
C THR Q 124 -28.08 119.44 -92.64
N GLU Q 125 -28.08 119.27 -93.97
CA GLU Q 125 -29.33 118.94 -94.65
C GLU Q 125 -29.63 117.45 -94.63
N ALA Q 126 -28.60 116.60 -94.49
CA ALA Q 126 -28.83 115.21 -94.15
C ALA Q 126 -29.52 115.08 -92.80
N LEU Q 127 -29.04 115.83 -91.80
CA LEU Q 127 -29.72 115.88 -90.51
C LEU Q 127 -31.12 116.45 -90.65
N GLY Q 128 -31.26 117.56 -91.36
CA GLY Q 128 -32.58 118.19 -91.50
C GLY Q 128 -33.62 117.31 -92.17
N LYS Q 129 -33.21 116.46 -93.11
CA LYS Q 129 -34.16 115.57 -93.77
C LYS Q 129 -34.38 114.25 -93.03
N SER Q 130 -33.36 113.75 -92.32
CA SER Q 130 -33.60 112.73 -91.30
C SER Q 130 -34.61 113.23 -90.28
N LEU Q 131 -34.44 114.47 -89.84
CA LEU Q 131 -35.32 115.13 -88.88
C LEU Q 131 -36.69 115.45 -89.47
N GLY Q 132 -36.85 115.32 -90.79
CA GLY Q 132 -38.17 115.36 -91.39
C GLY Q 132 -38.90 114.05 -91.23
N GLU Q 133 -38.17 112.94 -91.36
CA GLU Q 133 -38.77 111.64 -91.08
C GLU Q 133 -39.03 111.49 -89.59
N GLN Q 134 -38.06 111.85 -88.76
CA GLN Q 134 -38.22 111.81 -87.31
C GLN Q 134 -39.38 112.69 -86.84
N ARG Q 135 -39.63 113.80 -87.55
CA ARG Q 135 -40.85 114.56 -87.32
C ARG Q 135 -42.08 113.71 -87.56
N ALA Q 136 -42.21 113.15 -88.76
CA ALA Q 136 -43.37 112.32 -89.08
C ALA Q 136 -43.50 111.14 -88.12
N LEU Q 137 -42.38 110.62 -87.61
CA LEU Q 137 -42.44 109.57 -86.61
C LEU Q 137 -43.05 110.05 -85.29
N VAL Q 138 -42.59 111.19 -84.77
CA VAL Q 138 -43.17 111.70 -83.53
C VAL Q 138 -44.61 112.14 -83.70
N GLU Q 139 -44.99 112.63 -84.88
CA GLU Q 139 -46.40 112.95 -85.13
C GLU Q 139 -47.26 111.70 -85.19
N GLN Q 140 -46.85 110.71 -85.98
CA GLN Q 140 -47.66 109.50 -86.13
C GLN Q 140 -47.73 108.70 -84.84
N VAL Q 141 -46.63 108.66 -84.08
CA VAL Q 141 -46.65 107.96 -82.79
C VAL Q 141 -47.51 108.69 -81.78
N ARG Q 142 -47.55 110.02 -81.85
CA ARG Q 142 -48.48 110.78 -80.99
C ARG Q 142 -49.93 110.51 -81.37
N GLY Q 143 -50.24 110.43 -82.66
CA GLY Q 143 -51.60 110.11 -83.05
C GLY Q 143 -51.98 108.68 -82.74
N GLN Q 144 -51.04 107.76 -82.92
CA GLN Q 144 -51.26 106.36 -82.53
C GLN Q 144 -51.57 106.25 -81.04
N LEU Q 145 -50.76 106.89 -80.21
CA LEU Q 145 -51.00 106.90 -78.77
C LEU Q 145 -52.34 107.53 -78.42
N GLN Q 146 -52.60 108.74 -78.92
CA GLN Q 146 -53.80 109.45 -78.49
C GLN Q 146 -55.09 108.72 -78.90
N LYS Q 147 -55.09 108.06 -80.06
CA LYS Q 147 -56.19 107.16 -80.40
C LYS Q 147 -56.27 105.98 -79.44
N LEU Q 148 -55.13 105.33 -79.18
CA LEU Q 148 -55.12 104.09 -78.40
C LEU Q 148 -55.50 104.35 -76.94
N GLU Q 149 -54.88 105.34 -76.31
CA GLU Q 149 -55.13 105.63 -74.91
C GLU Q 149 -56.51 106.21 -74.68
N ARG Q 150 -57.03 106.98 -75.64
CA ARG Q 150 -58.42 107.41 -75.56
C ARG Q 150 -59.37 106.22 -75.68
N LYS Q 151 -59.00 105.22 -76.49
CA LYS Q 151 -59.78 104.00 -76.57
C LYS Q 151 -59.71 103.22 -75.25
N TYR Q 152 -58.54 103.22 -74.60
CA TYR Q 152 -58.42 102.64 -73.27
C TYR Q 152 -59.30 103.36 -72.24
N LEU Q 153 -59.34 104.70 -72.30
CA LEU Q 153 -60.21 105.45 -71.40
C LEU Q 153 -61.68 105.10 -71.60
N GLU Q 154 -62.15 105.11 -72.85
CA GLU Q 154 -63.53 104.73 -73.15
C GLU Q 154 -63.79 103.26 -72.84
N LEU Q 155 -62.79 102.41 -73.00
CA LEU Q 155 -62.90 101.00 -72.62
C LEU Q 155 -62.97 100.82 -71.10
N LYS Q 156 -62.27 101.66 -70.34
CA LYS Q 156 -62.48 101.69 -68.89
C LYS Q 156 -63.92 102.09 -68.55
N SER Q 157 -64.43 103.11 -69.23
CA SER Q 157 -65.83 103.51 -69.02
C SER Q 157 -66.77 102.33 -69.29
N GLN Q 158 -66.59 101.67 -70.43
CA GLN Q 158 -67.39 100.49 -70.77
C GLN Q 158 -67.24 99.37 -69.74
N LYS Q 159 -66.02 99.09 -69.27
CA LYS Q 159 -65.84 98.03 -68.28
C LYS Q 159 -66.60 98.33 -66.99
N ASN Q 160 -66.48 99.56 -66.48
CA ASN Q 160 -67.23 99.94 -65.30
C ASN Q 160 -68.73 99.72 -65.51
N LEU Q 161 -69.23 100.15 -66.66
CA LEU Q 161 -70.64 99.94 -67.03
C LEU Q 161 -70.96 98.48 -67.28
N TYR Q 162 -69.95 97.68 -67.65
CA TYR Q 162 -70.17 96.25 -67.88
C TYR Q 162 -70.27 95.47 -66.58
N LEU Q 163 -69.46 95.82 -65.58
CA LEU Q 163 -69.60 95.22 -64.26
C LEU Q 163 -70.93 95.57 -63.62
N ALA Q 164 -71.38 96.82 -63.81
CA ALA Q 164 -72.73 97.20 -63.36
C ALA Q 164 -73.80 96.41 -64.09
N ARG Q 165 -73.74 96.34 -65.41
CA ARG Q 165 -74.68 95.52 -66.17
C ARG Q 165 -74.68 94.07 -65.70
N LEU Q 166 -73.50 93.48 -65.53
CA LEU Q 166 -73.40 92.08 -65.14
C LEU Q 166 -74.02 91.83 -63.77
N LYS Q 167 -73.66 92.63 -62.77
CA LYS Q 167 -74.27 92.50 -61.45
C LYS Q 167 -75.77 92.71 -61.49
N SER Q 168 -76.24 93.65 -62.33
CA SER Q 168 -77.68 93.90 -62.44
C SER Q 168 -78.42 92.73 -63.09
N ALA Q 169 -77.83 92.16 -64.14
CA ALA Q 169 -78.38 90.95 -64.75
C ALA Q 169 -78.41 89.79 -63.75
N ILE Q 170 -77.33 89.60 -63.01
CA ILE Q 170 -77.27 88.55 -62.00
C ILE Q 170 -78.41 88.71 -61.00
N ALA Q 171 -78.61 89.94 -60.50
CA ALA Q 171 -79.71 90.23 -59.59
C ALA Q 171 -81.05 89.91 -60.23
N ALA Q 172 -81.23 90.31 -61.49
CA ALA Q 172 -82.47 90.03 -62.23
C ALA Q 172 -82.71 88.53 -62.33
N GLN Q 173 -81.67 87.77 -62.68
CA GLN Q 173 -81.77 86.32 -62.72
C GLN Q 173 -82.22 85.76 -61.37
N LYS Q 174 -81.70 86.32 -60.28
CA LYS Q 174 -82.10 85.86 -58.96
C LYS Q 174 -83.55 86.19 -58.63
N ILE Q 175 -84.06 87.34 -59.05
CA ILE Q 175 -85.48 87.63 -58.87
C ILE Q 175 -86.38 86.71 -59.70
N GLU Q 176 -86.05 86.49 -60.96
CA GLU Q 176 -86.88 85.58 -61.77
C GLU Q 176 -86.88 84.17 -61.21
N GLU Q 177 -85.71 83.61 -60.91
CA GLU Q 177 -85.62 82.23 -60.44
C GLU Q 177 -86.24 82.05 -59.06
N ILE Q 178 -86.01 82.98 -58.14
CA ILE Q 178 -86.63 82.91 -56.82
C ILE Q 178 -88.12 83.20 -56.88
N ALA Q 179 -88.53 84.10 -57.77
CA ALA Q 179 -89.96 84.35 -58.00
C ALA Q 179 -90.64 83.14 -58.64
N GLY Q 180 -90.00 82.48 -59.59
CA GLY Q 180 -90.58 81.28 -60.16
C GLY Q 180 -90.72 80.15 -59.16
N ASN Q 181 -89.74 79.97 -58.29
CA ASN Q 181 -89.89 79.00 -57.21
C ASN Q 181 -90.90 79.46 -56.17
N LEU Q 182 -91.00 80.76 -55.93
CA LEU Q 182 -91.95 81.27 -54.94
C LEU Q 182 -93.39 81.07 -55.41
N ASP Q 183 -93.68 81.49 -56.65
CA ASP Q 183 -95.04 81.37 -57.15
C ASP Q 183 -95.38 79.92 -57.44
N ASN Q 184 -94.54 79.23 -58.20
CA ASN Q 184 -94.88 77.89 -58.67
C ASN Q 184 -94.83 76.87 -57.54
N ALA Q 185 -93.71 76.79 -56.82
CA ALA Q 185 -93.59 75.80 -55.75
C ALA Q 185 -94.40 76.19 -54.52
N SER Q 186 -94.21 77.42 -54.02
CA SER Q 186 -94.81 77.81 -52.75
C SER Q 186 -96.31 77.99 -52.88
N ALA Q 187 -96.75 78.72 -53.91
CA ALA Q 187 -98.16 79.09 -54.02
C ALA Q 187 -99.03 77.87 -54.30
N SER Q 188 -98.58 76.97 -55.17
CA SER Q 188 -99.35 75.74 -55.39
C SER Q 188 -99.40 74.92 -54.10
N SER Q 189 -98.33 74.94 -53.31
CA SER Q 189 -98.36 74.28 -52.01
C SER Q 189 -99.35 74.94 -51.07
N LEU Q 190 -99.51 76.26 -51.17
CA LEU Q 190 -100.46 76.96 -50.31
C LEU Q 190 -101.89 76.67 -50.74
N PHE Q 191 -102.19 76.82 -52.03
CA PHE Q 191 -103.57 76.73 -52.47
C PHE Q 191 -104.08 75.29 -52.43
N GLU Q 192 -103.32 74.37 -53.03
CA GLU Q 192 -103.79 72.99 -53.10
C GLU Q 192 -103.76 72.26 -51.76
N ARG Q 193 -102.77 72.54 -50.89
CA ARG Q 193 -102.81 71.98 -49.54
C ARG Q 193 -103.85 72.62 -48.62
N ILE Q 194 -104.10 73.91 -48.75
CA ILE Q 194 -105.15 74.53 -47.96
C ILE Q 194 -106.53 74.08 -48.43
N GLU Q 195 -106.72 73.99 -49.75
CA GLU Q 195 -107.98 73.53 -50.29
C GLU Q 195 -108.29 72.10 -49.88
N THR Q 196 -107.32 71.18 -50.05
CA THR Q 196 -107.55 69.79 -49.65
C THR Q 196 -107.82 69.66 -48.15
N LYS Q 197 -107.16 70.47 -47.34
CA LYS Q 197 -107.47 70.46 -45.90
C LYS Q 197 -108.84 71.04 -45.63
N ILE Q 198 -109.27 72.02 -46.42
CA ILE Q 198 -110.63 72.55 -46.29
C ILE Q 198 -111.64 71.48 -46.66
N LEU Q 199 -111.39 70.76 -47.74
CA LEU Q 199 -112.25 69.65 -48.15
C LEU Q 199 -112.34 68.60 -47.07
N GLU Q 200 -111.25 68.35 -46.35
CA GLU Q 200 -111.28 67.40 -45.24
C GLU Q 200 -112.19 67.93 -44.14
N LEU Q 201 -112.15 69.24 -43.88
CA LEU Q 201 -113.07 69.84 -42.93
C LEU Q 201 -114.50 69.79 -43.45
N GLU Q 202 -114.69 69.90 -44.77
CA GLU Q 202 -116.02 69.85 -45.37
C GLU Q 202 -116.62 68.45 -45.36
N ALA Q 203 -115.79 67.42 -45.46
CA ALA Q 203 -116.26 66.05 -45.29
C ALA Q 203 -116.84 65.81 -43.91
N GLU Q 204 -116.27 66.44 -42.88
CA GLU Q 204 -116.91 66.44 -41.58
C GLU Q 204 -118.10 67.40 -41.49
N ARG Q 205 -118.10 68.47 -42.27
CA ARG Q 205 -119.29 69.33 -42.32
C ARG Q 205 -120.51 68.55 -42.83
N GLU Q 206 -120.35 67.83 -43.94
CA GLU Q 206 -121.45 67.06 -44.51
C GLU Q 206 -121.80 65.82 -43.68
N LEU Q 207 -120.96 65.47 -42.70
CA LEU Q 207 -121.36 64.47 -41.71
C LEU Q 207 -122.18 65.09 -40.58
N LEU Q 208 -121.87 66.33 -40.19
CA LEU Q 208 -122.58 67.02 -39.13
C LEU Q 208 -123.79 67.81 -39.62
N ASN Q 209 -123.93 68.00 -40.93
CA ASN Q 209 -124.84 69.01 -41.47
C ASN Q 209 -125.42 68.52 -42.79
N PRO Q 210 -126.74 68.39 -42.91
CA PRO Q 210 -127.32 68.03 -44.20
C PRO Q 210 -127.01 69.07 -45.24
N PRO Q 211 -126.83 68.68 -46.50
CA PRO Q 211 -126.65 69.68 -47.57
C PRO Q 211 -127.77 70.70 -47.56
N PRO Q 212 -127.44 72.00 -47.40
CA PRO Q 212 -128.49 73.02 -47.40
C PRO Q 212 -129.06 73.28 -48.79
N SER Q 213 -129.97 72.40 -49.23
CA SER Q 213 -130.60 72.51 -50.54
C SER Q 213 -131.43 73.78 -50.61
N PRO Q 214 -131.86 74.20 -51.80
CA PRO Q 214 -132.78 75.35 -51.88
C PRO Q 214 -134.10 75.11 -51.16
N LEU Q 215 -134.49 73.86 -50.93
CA LEU Q 215 -135.79 73.59 -50.35
C LEU Q 215 -135.85 74.01 -48.89
N ASP Q 216 -134.99 73.41 -48.05
CA ASP Q 216 -134.97 73.79 -46.65
C ASP Q 216 -134.63 75.27 -46.46
N LYS Q 217 -133.82 75.83 -47.36
CA LYS Q 217 -133.51 77.26 -47.29
C LYS Q 217 -134.78 78.11 -47.44
N LYS Q 218 -135.63 77.76 -48.41
CA LYS Q 218 -136.87 78.50 -48.59
C LYS Q 218 -137.82 78.31 -47.40
N PHE Q 219 -137.85 77.12 -46.83
CA PHE Q 219 -138.68 76.88 -45.65
C PHE Q 219 -138.21 77.72 -44.47
N GLU Q 220 -136.90 77.84 -44.26
CA GLU Q 220 -136.39 78.68 -43.18
C GLU Q 220 -136.73 80.14 -43.42
N GLN Q 221 -136.64 80.59 -44.67
CA GLN Q 221 -137.02 81.96 -45.00
C GLN Q 221 -138.49 82.20 -44.70
N TRP Q 222 -139.36 81.25 -45.06
CA TRP Q 222 -140.77 81.38 -44.75
C TRP Q 222 -141.01 81.35 -43.24
N GLU Q 223 -140.17 80.64 -42.48
CA GLU Q 223 -140.31 80.65 -41.03
C GLU Q 223 -140.07 82.05 -40.47
N GLU Q 224 -139.04 82.74 -40.97
CA GLU Q 224 -138.82 84.12 -40.57
C GLU Q 224 -139.99 85.00 -41.01
N GLN Q 225 -140.51 84.76 -42.21
CA GLN Q 225 -141.67 85.50 -42.69
C GLN Q 225 -142.87 85.30 -41.78
N GLN Q 226 -143.06 84.08 -41.28
CA GLN Q 226 -144.20 83.79 -40.42
C GLN Q 226 -144.01 84.36 -39.02
N ALA Q 227 -142.76 84.47 -38.55
CA ALA Q 227 -142.51 85.15 -37.28
C ALA Q 227 -142.91 86.62 -37.37
N VAL Q 228 -142.50 87.30 -38.43
CA VAL Q 228 -142.88 88.70 -38.60
C VAL Q 228 -144.37 88.83 -38.87
N GLU Q 229 -144.98 87.84 -39.53
CA GLU Q 229 -146.42 87.92 -39.71
C GLU Q 229 -147.16 87.76 -38.38
N ALA Q 230 -146.58 87.02 -37.44
CA ALA Q 230 -147.17 86.95 -36.10
C ALA Q 230 -147.00 88.25 -35.33
N THR Q 231 -145.85 88.92 -35.46
CA THR Q 231 -145.68 90.24 -34.87
C THR Q 231 -146.67 91.24 -35.45
N LEU Q 232 -146.88 91.18 -36.77
CA LEU Q 232 -147.88 92.04 -37.38
C LEU Q 232 -149.27 91.75 -36.84
N ALA Q 233 -149.58 90.48 -36.58
CA ALA Q 233 -150.88 90.14 -36.01
C ALA Q 233 -151.05 90.76 -34.63
N ALA Q 234 -150.01 90.69 -33.80
CA ALA Q 234 -150.03 91.36 -32.51
C ALA Q 234 -150.20 92.86 -32.66
N MET Q 235 -149.49 93.45 -33.62
CA MET Q 235 -149.59 94.89 -33.86
C MET Q 235 -151.04 95.30 -34.14
N LYS Q 236 -151.69 94.62 -35.09
CA LYS Q 236 -153.02 95.04 -35.49
C LYS Q 236 -154.10 94.58 -34.51
N ALA Q 237 -153.79 93.60 -33.65
CA ALA Q 237 -154.72 93.24 -32.58
C ALA Q 237 -154.70 94.29 -31.47
N ARG Q 238 -153.52 94.80 -31.13
CA ARG Q 238 -153.45 95.93 -30.21
C ARG Q 238 -154.09 97.16 -30.82
N ARG Q 239 -153.93 97.35 -32.14
CA ARG Q 239 -154.54 98.48 -32.84
C ARG Q 239 -156.04 98.35 -32.98
N SER Q 240 -156.60 97.14 -32.85
CA SER Q 240 -158.04 96.97 -33.00
C SER Q 240 -158.80 97.86 -32.01
N MET R 24 62.56 59.61 -44.53
CA MET R 24 62.98 58.71 -43.45
C MET R 24 62.81 59.40 -42.10
N GLU R 25 62.36 58.65 -41.09
CA GLU R 25 62.22 59.22 -39.76
C GLU R 25 63.59 59.59 -39.19
N LEU R 26 64.61 58.79 -39.47
CA LEU R 26 65.97 59.15 -39.07
C LEU R 26 66.36 60.49 -39.67
N PHE R 27 66.11 60.67 -40.98
CA PHE R 27 66.43 61.92 -41.63
C PHE R 27 65.73 63.10 -40.96
N ASN R 28 64.43 62.98 -40.69
CA ASN R 28 63.70 64.02 -39.98
C ASN R 28 64.30 64.33 -38.61
N ARG R 29 64.64 63.30 -37.83
CA ARG R 29 65.33 63.50 -36.56
C ARG R 29 66.63 64.30 -36.74
N VAL R 30 67.44 63.92 -37.73
CA VAL R 30 68.69 64.62 -38.02
C VAL R 30 68.44 65.99 -38.64
N GLY R 31 67.23 66.24 -39.11
CA GLY R 31 66.93 67.46 -39.84
C GLY R 31 67.30 68.75 -39.15
N ARG R 32 66.99 68.89 -37.86
CA ARG R 32 67.34 70.15 -37.20
C ARG R 32 68.82 70.47 -37.31
N VAL R 33 69.68 69.50 -36.97
CA VAL R 33 71.13 69.69 -37.00
C VAL R 33 71.68 69.76 -38.42
N LEU R 34 71.23 68.90 -39.31
CA LEU R 34 71.75 68.90 -40.67
C LEU R 34 71.24 70.10 -41.46
N LYS R 35 69.93 70.34 -41.44
CA LYS R 35 69.35 71.43 -42.20
C LYS R 35 69.77 72.80 -41.69
N SER R 36 70.07 72.97 -40.39
CA SER R 36 70.65 74.24 -39.97
C SER R 36 71.99 74.51 -40.66
N GLN R 37 72.86 73.50 -40.67
CA GLN R 37 74.11 73.60 -41.40
C GLN R 37 73.89 73.84 -42.89
N LEU R 38 72.99 73.08 -43.53
CA LEU R 38 72.76 73.29 -44.96
C LEU R 38 72.14 74.66 -45.26
N THR R 39 71.31 75.20 -44.36
CA THR R 39 70.77 76.55 -44.54
C THR R 39 71.89 77.58 -44.52
N HIS R 40 72.87 77.42 -43.64
CA HIS R 40 74.06 78.26 -43.77
C HIS R 40 74.90 77.88 -44.98
N TRP R 41 74.92 76.62 -45.38
CA TRP R 41 75.76 76.17 -46.48
C TRP R 41 75.38 76.87 -47.77
N GLN R 42 74.07 76.94 -48.06
CA GLN R 42 73.63 77.73 -49.20
C GLN R 42 73.92 79.21 -49.01
N GLN R 43 73.87 79.69 -47.77
CA GLN R 43 74.27 81.06 -47.45
C GLN R 43 75.77 81.32 -47.59
N GLN R 44 76.63 80.29 -47.56
CA GLN R 44 78.05 80.54 -47.35
C GLN R 44 78.63 81.59 -48.29
N GLN R 45 78.11 81.71 -49.51
CA GLN R 45 78.62 82.74 -50.40
C GLN R 45 78.42 84.13 -49.80
N GLU R 46 77.28 84.36 -49.15
CA GLU R 46 77.08 85.58 -48.38
C GLU R 46 77.83 85.53 -47.04
N ALA R 47 77.86 84.38 -46.38
CA ALA R 47 78.29 84.27 -44.99
C ALA R 47 79.29 83.13 -44.82
N PRO R 48 80.55 83.34 -45.21
CA PRO R 48 81.62 82.42 -44.81
C PRO R 48 82.17 82.70 -43.42
N GLU R 49 81.79 83.83 -42.82
CA GLU R 49 82.56 84.43 -41.74
C GLU R 49 82.75 83.48 -40.56
N ASP R 50 81.68 82.78 -40.15
CA ASP R 50 81.78 81.88 -39.00
C ASP R 50 82.72 80.71 -39.24
N LEU R 51 82.63 80.06 -40.41
CA LEU R 51 83.52 78.93 -40.68
C LEU R 51 84.97 79.38 -40.80
N LEU R 52 85.21 80.51 -41.47
CA LEU R 52 86.57 81.05 -41.61
C LEU R 52 87.19 81.37 -40.25
N GLU R 53 86.47 82.10 -39.41
CA GLU R 53 86.98 82.48 -38.10
C GLU R 53 87.08 81.30 -37.14
N ARG R 54 86.20 80.30 -37.27
CA ARG R 54 86.36 79.09 -36.48
C ARG R 54 87.69 78.40 -36.76
N LEU R 55 88.01 78.19 -38.05
CA LEU R 55 89.27 77.55 -38.41
C LEU R 55 90.48 78.34 -37.93
N LEU R 56 90.49 79.66 -38.16
CA LEU R 56 91.60 80.49 -37.69
C LEU R 56 91.67 80.59 -36.17
N GLY R 57 90.53 80.47 -35.48
CA GLY R 57 90.56 80.31 -34.04
C GLY R 57 91.29 79.05 -33.61
N GLU R 58 91.01 77.93 -34.28
CA GLU R 58 91.75 76.70 -34.04
C GLU R 58 93.23 76.86 -34.35
N MET R 59 93.55 77.64 -35.37
CA MET R 59 94.94 77.93 -35.70
C MET R 59 95.63 78.77 -34.62
N GLU R 60 94.89 79.69 -34.00
CA GLU R 60 95.42 80.41 -32.82
C GLU R 60 95.61 79.50 -31.62
N LEU R 61 94.68 78.56 -31.40
CA LEU R 61 94.85 77.59 -30.33
C LEU R 61 96.06 76.69 -30.55
N GLU R 62 96.32 76.29 -31.80
CA GLU R 62 97.55 75.58 -32.12
C GLU R 62 98.77 76.45 -31.87
N LEU R 63 98.77 77.68 -32.40
CA LEU R 63 99.94 78.56 -32.36
C LEU R 63 100.37 78.90 -30.94
N ILE R 64 99.44 79.00 -30.00
CA ILE R 64 99.84 79.15 -28.59
C ILE R 64 100.49 77.87 -28.07
N GLU R 65 100.11 76.70 -28.58
CA GLU R 65 100.89 75.50 -28.30
C GLU R 65 102.28 75.58 -28.94
N LEU R 66 102.36 75.96 -30.23
CA LEU R 66 103.64 75.98 -30.93
C LEU R 66 104.67 76.86 -30.23
N ARG R 67 104.25 78.01 -29.71
CA ARG R 67 105.13 78.86 -28.91
C ARG R 67 105.57 78.20 -27.62
N ARG R 68 104.66 77.54 -26.89
CA ARG R 68 105.08 76.82 -25.69
C ARG R 68 105.98 75.63 -25.99
N ALA R 69 105.78 74.98 -27.13
CA ALA R 69 106.67 73.88 -27.54
C ALA R 69 108.07 74.39 -27.90
N LEU R 70 108.15 75.55 -28.52
CA LEU R 70 109.44 76.23 -28.68
C LEU R 70 110.09 76.54 -27.33
N ALA R 71 109.31 77.05 -26.38
CA ALA R 71 109.88 77.32 -25.06
C ALA R 71 110.34 76.06 -24.35
N GLN R 72 109.63 74.94 -24.55
CA GLN R 72 110.07 73.67 -24.00
C GLN R 72 111.35 73.16 -24.67
N THR R 73 111.53 73.42 -25.96
CA THR R 73 112.79 73.06 -26.61
C THR R 73 113.95 73.91 -26.11
N ILE R 74 113.77 75.22 -25.97
CA ILE R 74 114.83 76.07 -25.43
C ILE R 74 115.19 75.65 -24.00
N ALA R 75 114.17 75.35 -23.19
CA ALA R 75 114.42 74.90 -21.83
C ALA R 75 115.22 73.60 -21.79
N THR R 76 114.87 72.63 -22.63
CA THR R 76 115.62 71.37 -22.71
C THR R 76 117.02 71.57 -23.28
N PHE R 77 117.21 72.49 -24.23
CA PHE R 77 118.53 72.74 -24.78
C PHE R 77 119.50 73.28 -23.74
N LYS R 78 119.10 74.33 -23.03
CA LYS R 78 119.95 74.93 -22.00
C LYS R 78 120.07 74.06 -20.76
N SER R 79 119.07 73.23 -20.45
CA SER R 79 119.25 72.25 -19.37
C SER R 79 120.33 71.23 -19.72
N THR R 80 120.38 70.78 -20.98
CA THR R 80 121.51 69.95 -21.40
C THR R 80 122.82 70.71 -21.24
N GLU R 81 122.80 72.01 -21.54
CA GLU R 81 123.99 72.84 -21.35
C GLU R 81 124.31 73.06 -19.88
N ARG R 82 123.30 73.12 -19.02
CA ARG R 82 123.54 73.16 -17.57
C ARG R 82 124.20 71.89 -17.09
N GLN R 83 123.90 70.75 -17.72
CA GLN R 83 124.60 69.51 -17.41
C GLN R 83 126.04 69.57 -17.88
N ARG R 84 126.29 70.21 -19.02
CA ARG R 84 127.65 70.51 -19.44
C ARG R 84 128.35 71.44 -18.45
N ASP R 85 127.66 72.46 -17.96
CA ASP R 85 128.23 73.35 -16.96
C ASP R 85 128.66 72.59 -15.70
N ALA R 86 127.90 71.56 -15.33
CA ALA R 86 128.32 70.70 -14.22
C ALA R 86 129.53 69.84 -14.59
N GLN R 87 129.52 69.24 -15.78
CA GLN R 87 130.66 68.41 -16.18
C GLN R 87 131.95 69.22 -16.21
N GLN R 88 131.91 70.42 -16.79
CA GLN R 88 133.10 71.27 -16.84
C GLN R 88 133.48 71.78 -15.45
N LEU R 89 132.50 71.97 -14.57
CA LEU R 89 132.81 72.33 -13.18
C LEU R 89 133.53 71.20 -12.46
N ILE R 90 133.16 69.95 -12.71
CA ILE R 90 133.88 68.83 -12.12
C ILE R 90 135.26 68.66 -12.77
N ALA R 91 135.38 68.99 -14.06
CA ALA R 91 136.68 69.05 -14.70
C ALA R 91 137.59 70.08 -14.03
N GLN R 92 137.04 71.26 -13.70
CA GLN R 92 137.78 72.24 -12.93
C GLN R 92 138.13 71.71 -11.54
N ARG R 93 137.20 71.01 -10.90
CA ARG R 93 137.51 70.33 -9.65
C ARG R 93 138.64 69.32 -9.79
N TRP R 94 138.76 68.69 -10.96
CA TRP R 94 139.91 67.84 -11.25
C TRP R 94 141.19 68.62 -11.47
N TYR R 95 141.10 69.85 -12.02
CA TYR R 95 142.29 70.69 -12.07
C TYR R 95 142.71 71.19 -10.69
N GLU R 96 141.74 71.53 -9.83
CA GLU R 96 142.08 71.92 -8.46
C GLU R 96 142.81 70.80 -7.72
N LYS R 97 142.29 69.58 -7.82
CA LYS R 97 142.96 68.42 -7.23
C LYS R 97 144.33 68.18 -7.85
N ALA R 98 144.50 68.49 -9.14
CA ALA R 98 145.83 68.47 -9.73
C ALA R 98 146.71 69.58 -9.17
N GLN R 99 146.15 70.78 -8.97
CA GLN R 99 146.95 71.90 -8.52
C GLN R 99 147.55 71.65 -7.14
N ALA R 100 146.85 70.89 -6.29
CA ALA R 100 147.40 70.47 -5.01
C ALA R 100 148.59 69.54 -5.15
N ALA R 101 148.89 69.09 -6.37
CA ALA R 101 150.09 68.29 -6.64
C ALA R 101 150.90 68.86 -7.81
N LEU R 102 150.53 70.02 -8.34
CA LEU R 102 151.22 70.61 -9.48
C LEU R 102 152.33 71.56 -9.06
N ASP R 103 152.55 71.72 -7.76
CA ASP R 103 153.73 72.39 -7.23
C ASP R 103 154.69 71.37 -6.63
N ARG R 104 155.93 71.79 -6.43
CA ARG R 104 156.99 70.99 -5.82
C ARG R 104 157.42 69.81 -6.69
N GLY R 105 156.95 69.72 -7.93
CA GLY R 105 157.24 68.58 -8.76
C GLY R 105 156.52 67.31 -8.35
N ASN R 106 155.49 67.41 -7.51
CA ASN R 106 154.74 66.27 -7.03
C ASN R 106 153.59 65.89 -7.97
N GLU R 107 153.68 66.26 -9.24
CA GLU R 107 152.61 66.13 -10.22
C GLU R 107 152.20 64.68 -10.49
N GLN R 108 152.84 63.72 -9.81
CA GLN R 108 152.49 62.31 -9.95
C GLN R 108 150.98 62.07 -9.91
N LEU R 109 150.30 62.61 -8.91
CA LEU R 109 148.85 62.41 -8.81
C LEU R 109 148.08 63.09 -9.93
N ALA R 110 148.69 64.08 -10.58
CA ALA R 110 148.04 64.70 -11.74
C ALA R 110 147.82 63.69 -12.86
N ARG R 111 148.59 62.60 -12.87
CA ARG R 111 148.38 61.57 -13.88
C ARG R 111 146.96 61.03 -13.81
N GLU R 112 146.53 60.59 -12.62
CA GLU R 112 145.15 60.12 -12.45
C GLU R 112 144.13 61.24 -12.54
N ALA R 113 144.41 62.40 -11.94
CA ALA R 113 143.44 63.48 -11.91
C ALA R 113 143.09 63.98 -13.31
N LEU R 114 144.11 64.22 -14.14
CA LEU R 114 143.87 64.56 -15.55
C LEU R 114 143.42 63.36 -16.37
N GLY R 115 143.79 62.14 -15.97
CA GLY R 115 143.24 60.98 -16.62
C GLY R 115 141.73 60.88 -16.49
N GLN R 116 141.19 61.22 -15.33
CA GLN R 116 139.74 61.39 -15.20
C GLN R 116 139.24 62.58 -16.00
N ARG R 117 139.90 63.73 -15.89
CA ARG R 117 139.42 64.91 -16.60
C ARG R 117 139.33 64.69 -18.10
N GLN R 118 140.18 63.83 -18.67
CA GLN R 118 140.07 63.52 -20.09
C GLN R 118 138.70 62.95 -20.45
N SER R 119 138.21 62.00 -19.64
CA SER R 119 136.84 61.50 -19.85
C SER R 119 135.78 62.56 -19.57
N TYR R 120 136.02 63.46 -18.63
CA TYR R 120 135.06 64.53 -18.36
C TYR R 120 135.02 65.55 -19.49
N GLN R 121 136.17 65.86 -20.09
CA GLN R 121 136.21 66.73 -21.26
C GLN R 121 135.53 66.11 -22.46
N SER R 122 135.63 64.78 -22.63
CA SER R 122 134.98 64.15 -23.78
C SER R 122 133.46 64.29 -23.69
N HIS R 123 132.89 64.04 -22.50
CA HIS R 123 131.45 64.27 -22.32
C HIS R 123 131.10 65.75 -22.40
N THR R 124 131.98 66.63 -21.91
CA THR R 124 131.70 68.06 -22.00
C THR R 124 131.63 68.53 -23.46
N GLU R 125 132.51 68.01 -24.32
CA GLU R 125 132.51 68.45 -25.71
C GLU R 125 131.49 67.68 -26.55
N ALA R 126 131.13 66.47 -26.15
CA ALA R 126 129.96 65.81 -26.70
C ALA R 126 128.69 66.62 -26.43
N LEU R 127 128.54 67.08 -25.19
CA LEU R 127 127.44 67.98 -24.88
C LEU R 127 127.53 69.28 -25.66
N GLY R 128 128.72 69.89 -25.69
CA GLY R 128 128.88 71.16 -26.39
C GLY R 128 128.56 71.10 -27.88
N LYS R 129 128.84 69.97 -28.53
CA LYS R 129 128.54 69.83 -29.95
C LYS R 129 127.13 69.34 -30.23
N SER R 130 126.55 68.54 -29.34
CA SER R 130 125.10 68.35 -29.35
C SER R 130 124.39 69.68 -29.21
N LEU R 131 124.86 70.52 -28.30
CA LEU R 131 124.34 71.85 -28.04
C LEU R 131 124.63 72.82 -29.17
N GLY R 132 125.49 72.45 -30.12
CA GLY R 132 125.64 73.20 -31.36
C GLY R 132 124.52 72.89 -32.33
N GLU R 133 124.12 71.61 -32.39
CA GLU R 133 122.96 71.26 -33.20
C GLU R 133 121.68 71.80 -32.57
N GLN R 134 121.53 71.62 -31.25
CA GLN R 134 120.38 72.16 -30.53
C GLN R 134 120.29 73.67 -30.65
N ARG R 135 121.44 74.35 -30.76
CA ARG R 135 121.43 75.77 -31.13
C ARG R 135 120.77 75.98 -32.48
N ALA R 136 121.29 75.34 -33.51
CA ALA R 136 120.72 75.49 -34.85
C ALA R 136 119.24 75.11 -34.89
N LEU R 137 118.83 74.14 -34.05
CA LEU R 137 117.42 73.80 -33.96
C LEU R 137 116.57 74.95 -33.39
N VAL R 138 117.01 75.55 -32.28
CA VAL R 138 116.25 76.65 -31.71
C VAL R 138 116.28 77.88 -32.60
N GLU R 139 117.36 78.10 -33.34
CA GLU R 139 117.40 79.20 -34.31
C GLU R 139 116.46 78.96 -35.47
N GLN R 140 116.53 77.78 -36.09
CA GLN R 140 115.70 77.50 -37.26
C GLN R 140 114.22 77.42 -36.88
N VAL R 141 113.90 76.87 -35.71
CA VAL R 141 112.52 76.82 -35.27
C VAL R 141 111.99 78.21 -34.94
N ARG R 142 112.85 79.09 -34.43
CA ARG R 142 112.44 80.49 -34.22
C ARG R 142 112.19 81.20 -35.55
N GLY R 143 113.03 80.96 -36.55
CA GLY R 143 112.79 81.57 -37.85
C GLY R 143 111.57 80.99 -38.55
N GLN R 144 111.37 79.68 -38.41
CA GLN R 144 110.16 79.03 -38.94
C GLN R 144 108.91 79.63 -38.33
N LEU R 145 108.89 79.75 -37.00
CA LEU R 145 107.75 80.37 -36.32
C LEU R 145 107.55 81.81 -36.74
N GLN R 146 108.61 82.63 -36.69
CA GLN R 146 108.42 84.05 -36.94
C GLN R 146 107.94 84.34 -38.37
N LYS R 147 108.41 83.55 -39.35
CA LYS R 147 107.83 83.61 -40.68
C LYS R 147 106.36 83.19 -40.69
N LEU R 148 106.06 82.05 -40.05
CA LEU R 148 104.71 81.48 -40.12
C LEU R 148 103.68 82.35 -39.41
N GLU R 149 103.99 82.77 -38.17
CA GLU R 149 103.05 83.57 -37.39
C GLU R 149 102.89 84.97 -37.95
N ARG R 150 103.95 85.54 -38.53
CA ARG R 150 103.81 86.80 -39.24
C ARG R 150 102.92 86.64 -40.47
N LYS R 151 103.01 85.48 -41.14
CA LYS R 151 102.11 85.19 -42.25
C LYS R 151 100.67 85.04 -41.76
N TYR R 152 100.47 84.43 -40.58
CA TYR R 152 99.15 84.38 -39.97
C TYR R 152 98.61 85.76 -39.64
N LEU R 153 99.46 86.65 -39.12
CA LEU R 153 99.04 88.03 -38.85
C LEU R 153 98.60 88.75 -40.13
N GLU R 154 99.42 88.70 -41.17
CA GLU R 154 99.06 89.31 -42.46
C GLU R 154 97.86 88.62 -43.10
N LEU R 155 97.71 87.31 -42.87
CA LEU R 155 96.53 86.59 -43.35
C LEU R 155 95.27 87.00 -42.57
N LYS R 156 95.40 87.29 -41.28
CA LYS R 156 94.29 87.90 -40.56
C LYS R 156 93.91 89.25 -41.15
N SER R 157 94.90 90.08 -41.47
CA SER R 157 94.64 91.36 -42.12
C SER R 157 93.89 91.15 -43.42
N GLN R 158 94.37 90.24 -44.26
CA GLN R 158 93.70 89.92 -45.52
C GLN R 158 92.28 89.40 -45.30
N LYS R 159 92.06 88.52 -44.32
CA LYS R 159 90.72 88.00 -44.08
C LYS R 159 89.75 89.13 -43.71
N ASN R 160 90.16 90.00 -42.79
CA ASN R 160 89.31 91.13 -42.43
C ASN R 160 88.96 91.95 -43.67
N LEU R 161 89.96 92.23 -44.50
CA LEU R 161 89.75 92.94 -45.76
C LEU R 161 88.95 92.13 -46.77
N TYR R 162 88.99 90.80 -46.65
CA TYR R 162 88.23 89.94 -47.56
C TYR R 162 86.75 89.89 -47.20
N LEU R 163 86.43 89.87 -45.91
CA LEU R 163 85.03 89.98 -45.48
C LEU R 163 84.44 91.34 -45.86
N ALA R 164 85.22 92.41 -45.73
CA ALA R 164 84.80 93.72 -46.21
C ALA R 164 84.57 93.72 -47.72
N ARG R 165 85.54 93.21 -48.48
CA ARG R 165 85.37 93.10 -49.93
C ARG R 165 84.12 92.29 -50.28
N LEU R 166 83.93 91.14 -49.64
CA LEU R 166 82.80 90.27 -49.95
C LEU R 166 81.47 90.97 -49.68
N LYS R 167 81.30 91.55 -48.49
CA LYS R 167 80.09 92.29 -48.18
C LYS R 167 79.87 93.45 -49.14
N SER R 168 80.95 94.12 -49.54
CA SER R 168 80.83 95.24 -50.47
C SER R 168 80.41 94.78 -51.86
N ALA R 169 80.98 93.68 -52.34
CA ALA R 169 80.55 93.09 -53.60
C ALA R 169 79.09 92.66 -53.54
N ILE R 170 78.70 92.01 -52.44
CA ILE R 170 77.30 91.59 -52.27
C ILE R 170 76.37 92.79 -52.38
N ALA R 171 76.71 93.88 -51.69
CA ALA R 171 75.92 95.11 -51.77
C ALA R 171 75.86 95.63 -53.20
N ALA R 172 77.01 95.63 -53.90
CA ALA R 172 77.06 96.07 -55.29
C ALA R 172 76.15 95.22 -56.17
N GLN R 173 76.22 93.91 -56.00
CA GLN R 173 75.33 93.00 -56.72
C GLN R 173 73.87 93.37 -56.48
N LYS R 174 73.53 93.71 -55.24
CA LYS R 174 72.16 94.09 -54.92
C LYS R 174 71.75 95.41 -55.58
N ILE R 175 72.64 96.39 -55.67
CA ILE R 175 72.33 97.61 -56.40
C ILE R 175 72.14 97.37 -57.90
N GLU R 176 73.05 96.62 -58.52
CA GLU R 176 72.88 96.34 -59.95
C GLU R 176 71.58 95.58 -60.24
N GLU R 177 71.33 94.50 -59.51
CA GLU R 177 70.14 93.68 -59.79
C GLU R 177 68.84 94.41 -59.47
N ILE R 178 68.79 95.15 -58.36
CA ILE R 178 67.60 95.93 -58.02
C ILE R 178 67.45 97.13 -58.95
N ALA R 179 68.56 97.73 -59.36
CA ALA R 179 68.52 98.80 -60.36
C ALA R 179 68.07 98.29 -61.73
N GLY R 180 68.56 97.12 -62.14
CA GLY R 180 68.09 96.55 -63.39
C GLY R 180 66.61 96.23 -63.40
N ASN R 181 66.09 95.69 -62.29
CA ASN R 181 64.66 95.50 -62.18
C ASN R 181 63.90 96.82 -62.06
N LEU R 182 64.51 97.81 -61.41
CA LEU R 182 63.83 99.10 -61.25
C LEU R 182 63.71 99.81 -62.59
N ASP R 183 64.81 99.91 -63.33
CA ASP R 183 64.78 100.62 -64.61
C ASP R 183 64.00 99.81 -65.65
N ASN R 184 64.37 98.54 -65.83
CA ASN R 184 63.80 97.76 -66.91
C ASN R 184 62.34 97.40 -66.66
N ALA R 185 62.05 96.80 -65.50
CA ALA R 185 60.67 96.39 -65.22
C ALA R 185 59.78 97.59 -64.88
N SER R 186 60.22 98.42 -63.92
CA SER R 186 59.36 99.48 -63.41
C SER R 186 59.18 100.59 -64.43
N ALA R 187 60.29 101.06 -65.01
CA ALA R 187 60.24 102.23 -65.87
C ALA R 187 59.48 101.95 -67.17
N SER R 188 59.69 100.78 -67.76
CA SER R 188 58.90 100.43 -68.94
C SER R 188 57.42 100.34 -68.59
N SER R 189 57.12 99.84 -67.38
CA SER R 189 55.73 99.83 -66.92
C SER R 189 55.19 101.24 -66.76
N LEU R 190 56.04 102.18 -66.34
CA LEU R 190 55.57 103.56 -66.18
C LEU R 190 55.35 104.23 -67.54
N PHE R 191 56.35 104.14 -68.43
CA PHE R 191 56.27 104.90 -69.68
C PHE R 191 55.22 104.31 -70.62
N GLU R 192 55.29 103.00 -70.87
CA GLU R 192 54.38 102.40 -71.82
C GLU R 192 52.93 102.30 -71.33
N ARG R 193 52.70 102.08 -70.02
CA ARG R 193 51.34 102.15 -69.49
C ARG R 193 50.79 103.57 -69.37
N ILE R 194 51.63 104.56 -69.06
CA ILE R 194 51.15 105.93 -69.04
C ILE R 194 50.87 106.43 -70.45
N GLU R 195 51.75 106.10 -71.39
CA GLU R 195 51.56 106.50 -72.77
C GLU R 195 50.29 105.90 -73.37
N THR R 196 50.09 104.59 -73.21
CA THR R 196 48.88 103.95 -73.73
C THR R 196 47.62 104.51 -73.09
N LYS R 197 47.67 104.83 -71.80
CA LYS R 197 46.53 105.49 -71.18
C LYS R 197 46.32 106.90 -71.70
N ILE R 198 47.41 107.59 -72.02
CA ILE R 198 47.30 108.91 -72.63
C ILE R 198 46.66 108.80 -74.01
N LEU R 199 47.09 107.82 -74.79
CA LEU R 199 46.50 107.56 -76.10
C LEU R 199 45.01 107.27 -75.99
N GLU R 200 44.60 106.56 -74.93
CA GLU R 200 43.18 106.31 -74.71
C GLU R 200 42.45 107.62 -74.44
N LEU R 201 43.08 108.53 -73.69
CA LEU R 201 42.50 109.86 -73.50
C LEU R 201 42.49 110.65 -74.80
N GLU R 202 43.49 110.44 -75.65
CA GLU R 202 43.58 111.14 -76.93
C GLU R 202 42.56 110.64 -77.95
N ALA R 203 42.21 109.35 -77.89
CA ALA R 203 41.12 108.84 -78.71
C ALA R 203 39.79 109.50 -78.39
N GLU R 204 39.56 109.84 -77.12
CA GLU R 204 38.42 110.68 -76.79
C GLU R 204 38.65 112.16 -77.13
N ARG R 205 39.90 112.63 -77.12
CA ARG R 205 40.16 113.99 -77.59
C ARG R 205 39.76 114.17 -79.05
N GLU R 206 40.18 113.24 -79.91
CA GLU R 206 39.85 113.31 -81.33
C GLU R 206 38.38 112.99 -81.62
N LEU R 207 37.64 112.50 -80.63
CA LEU R 207 36.18 112.42 -80.75
C LEU R 207 35.52 113.74 -80.36
N LEU R 208 36.08 114.46 -79.39
CA LEU R 208 35.53 115.72 -78.94
C LEU R 208 36.07 116.92 -79.71
N ASN R 209 37.13 116.74 -80.49
CA ASN R 209 37.92 117.86 -80.99
C ASN R 209 38.46 117.54 -82.38
N PRO R 210 38.14 118.33 -83.40
CA PRO R 210 38.73 118.08 -84.71
C PRO R 210 40.24 118.25 -84.67
N PRO R 211 40.97 117.48 -85.46
CA PRO R 211 42.43 117.68 -85.54
C PRO R 211 42.77 119.13 -85.84
N PRO R 212 43.53 119.80 -84.95
CA PRO R 212 43.90 121.19 -85.22
C PRO R 212 44.94 121.32 -86.32
N SER R 213 44.50 121.23 -87.57
CA SER R 213 45.40 121.33 -88.72
C SER R 213 46.02 122.73 -88.78
N PRO R 214 47.06 122.93 -89.59
CA PRO R 214 47.59 124.29 -89.76
C PRO R 214 46.58 125.27 -90.33
N LEU R 215 45.53 124.78 -91.02
CA LEU R 215 44.60 125.68 -91.67
C LEU R 215 43.75 126.45 -90.67
N ASP R 216 42.99 125.73 -89.85
CA ASP R 216 42.18 126.38 -88.83
C ASP R 216 43.03 127.17 -87.85
N LYS R 217 44.25 126.72 -87.59
CA LYS R 217 45.15 127.47 -86.72
C LYS R 217 45.47 128.85 -87.30
N LYS R 218 45.76 128.91 -88.60
CA LYS R 218 46.04 130.19 -89.23
C LYS R 218 44.81 131.09 -89.25
N PHE R 219 43.63 130.49 -89.46
CA PHE R 219 42.39 131.27 -89.42
C PHE R 219 42.15 131.87 -88.04
N GLU R 220 42.39 131.12 -86.98
CA GLU R 220 42.23 131.64 -85.63
C GLU R 220 43.23 132.77 -85.36
N GLN R 221 44.47 132.61 -85.84
CA GLN R 221 45.46 133.67 -85.70
C GLN R 221 45.01 134.94 -86.42
N TRP R 222 44.48 134.80 -87.64
CA TRP R 222 43.95 135.95 -88.35
C TRP R 222 42.76 136.56 -87.63
N GLU R 223 41.97 135.75 -86.94
CA GLU R 223 40.85 136.30 -86.16
C GLU R 223 41.36 137.22 -85.06
N GLU R 224 42.41 136.81 -84.35
CA GLU R 224 43.03 137.69 -83.37
C GLU R 224 43.60 138.93 -84.03
N GLN R 225 44.21 138.77 -85.20
CA GLN R 225 44.74 139.90 -85.94
C GLN R 225 43.63 140.89 -86.31
N GLN R 226 42.46 140.36 -86.68
CA GLN R 226 41.35 141.23 -87.07
C GLN R 226 40.71 141.90 -85.87
N ALA R 227 40.74 141.25 -84.70
CA ALA R 227 40.27 141.92 -83.48
C ALA R 227 41.13 143.13 -83.17
N VAL R 228 42.46 142.97 -83.21
CA VAL R 228 43.35 144.10 -82.96
C VAL R 228 43.25 145.12 -84.08
N GLU R 229 42.99 144.70 -85.31
CA GLU R 229 42.80 145.68 -86.37
C GLU R 229 41.53 146.50 -86.15
N ALA R 230 40.51 145.91 -85.53
CA ALA R 230 39.32 146.68 -85.17
C ALA R 230 39.59 147.66 -84.03
N THR R 231 40.39 147.25 -83.03
CA THR R 231 40.80 148.18 -81.99
C THR R 231 41.60 149.35 -82.57
N LEU R 232 42.49 149.04 -83.52
CA LEU R 232 43.24 150.12 -84.19
C LEU R 232 42.30 151.05 -84.93
N ALA R 233 41.25 150.51 -85.54
CA ALA R 233 40.29 151.36 -86.24
C ALA R 233 39.59 152.30 -85.27
N ALA R 234 39.19 151.79 -84.10
CA ALA R 234 38.62 152.65 -83.06
C ALA R 234 39.63 153.70 -82.61
N MET R 235 40.89 153.30 -82.44
CA MET R 235 41.93 154.25 -82.02
C MET R 235 42.02 155.42 -82.99
N LYS R 236 42.14 155.14 -84.29
CA LYS R 236 42.36 156.20 -85.26
C LYS R 236 41.08 156.95 -85.60
N ALA R 237 39.92 156.37 -85.32
CA ALA R 237 38.66 157.09 -85.47
C ALA R 237 38.47 158.11 -84.35
N ARG R 238 38.83 157.74 -83.12
CA ARG R 238 38.86 158.70 -82.04
C ARG R 238 39.93 159.77 -82.29
N ARG R 239 41.06 159.38 -82.88
CA ARG R 239 42.12 160.31 -83.21
C ARG R 239 41.76 161.23 -84.38
N SER R 240 40.79 160.86 -85.21
CA SER R 240 40.42 161.70 -86.36
C SER R 240 40.05 163.10 -85.89
N MET S 24 81.79 -18.35 40.40
CA MET S 24 80.55 -18.89 40.93
C MET S 24 79.92 -17.91 41.91
N GLU S 25 78.60 -17.78 41.87
CA GLU S 25 77.91 -16.91 42.82
C GLU S 25 78.07 -17.42 44.24
N LEU S 26 78.04 -18.75 44.43
CA LEU S 26 78.30 -19.32 45.73
C LEU S 26 79.68 -18.90 46.24
N PHE S 27 80.69 -19.01 45.37
CA PHE S 27 82.04 -18.61 45.75
C PHE S 27 82.08 -17.15 46.19
N ASN S 28 81.49 -16.25 45.41
CA ASN S 28 81.41 -14.84 45.79
C ASN S 28 80.73 -14.63 47.14
N ARG S 29 79.61 -15.30 47.38
CA ARG S 29 78.96 -15.25 48.68
C ARG S 29 79.90 -15.68 49.80
N VAL S 30 80.61 -16.79 49.61
CA VAL S 30 81.58 -17.28 50.59
C VAL S 30 82.82 -16.40 50.66
N GLY S 31 83.03 -15.55 49.66
CA GLY S 31 84.25 -14.77 49.57
C GLY S 31 84.62 -13.96 50.78
N ARG S 32 83.66 -13.26 51.39
CA ARG S 32 84.03 -12.47 52.57
C ARG S 32 84.69 -13.32 53.66
N VAL S 33 84.04 -14.44 54.01
CA VAL S 33 84.55 -15.32 55.07
C VAL S 33 85.80 -16.09 54.63
N LEU S 34 85.81 -16.62 53.42
CA LEU S 34 86.96 -17.40 52.98
C LEU S 34 88.16 -16.50 52.69
N LYS S 35 87.97 -15.44 51.91
CA LYS S 35 89.06 -14.55 51.54
C LYS S 35 89.63 -13.78 52.73
N SER S 36 88.84 -13.49 53.77
CA SER S 36 89.46 -12.92 54.98
C SER S 36 90.47 -13.88 55.59
N GLN S 37 90.08 -15.15 55.73
CA GLN S 37 91.00 -16.17 56.20
C GLN S 37 92.19 -16.31 55.27
N LEU S 38 91.98 -16.39 53.95
CA LEU S 38 93.11 -16.53 53.04
C LEU S 38 94.04 -15.31 53.05
N THR S 39 93.49 -14.10 53.25
CA THR S 39 94.31 -12.90 53.37
C THR S 39 95.22 -12.97 54.58
N HIS S 40 94.71 -13.49 55.70
CA HIS S 40 95.62 -13.80 56.80
C HIS S 40 96.52 -15.01 56.49
N TRP S 41 96.02 -15.97 55.71
CA TRP S 41 96.79 -17.18 55.44
C TRP S 41 98.09 -16.85 54.72
N GLN S 42 98.01 -16.00 53.71
CA GLN S 42 99.24 -15.52 53.07
C GLN S 42 100.08 -14.70 54.03
N GLN S 43 99.44 -13.97 54.93
CA GLN S 43 100.15 -13.24 55.99
C GLN S 43 100.79 -14.15 57.04
N GLN S 44 100.35 -15.40 57.19
CA GLN S 44 100.70 -16.16 58.39
C GLN S 44 102.20 -16.16 58.70
N GLN S 45 103.05 -16.11 57.67
CA GLN S 45 104.49 -16.04 57.93
C GLN S 45 104.84 -14.82 58.77
N GLU S 46 104.21 -13.68 58.47
CA GLU S 46 104.34 -12.51 59.33
C GLU S 46 103.50 -12.64 60.60
N ALA S 47 102.30 -13.21 60.50
CA ALA S 47 101.30 -13.15 61.57
C ALA S 47 100.73 -14.53 61.85
N PRO S 48 101.46 -15.38 62.57
CA PRO S 48 100.87 -16.60 63.13
C PRO S 48 100.15 -16.37 64.46
N GLU S 49 100.31 -15.18 65.04
CA GLU S 49 100.06 -14.98 66.47
C GLU S 49 98.64 -15.38 66.88
N ASP S 50 97.64 -14.97 66.08
CA ASP S 50 96.25 -15.28 66.44
C ASP S 50 95.94 -16.77 66.42
N LEU S 51 96.40 -17.49 65.39
CA LEU S 51 96.12 -18.92 65.34
C LEU S 51 96.86 -19.67 66.45
N LEU S 52 98.11 -19.30 66.71
CA LEU S 52 98.89 -19.92 67.78
C LEU S 52 98.23 -19.72 69.15
N GLU S 53 97.88 -18.49 69.47
CA GLU S 53 97.26 -18.19 70.76
C GLU S 53 95.84 -18.74 70.88
N ARG S 54 95.10 -18.83 69.78
CA ARG S 54 93.79 -19.49 69.82
C ARG S 54 93.93 -20.94 70.25
N LEU S 55 94.83 -21.69 69.62
CA LEU S 55 95.03 -23.10 69.98
C LEU S 55 95.46 -23.26 71.44
N LEU S 56 96.45 -22.48 71.88
CA LEU S 56 96.89 -22.56 73.27
C LEU S 56 95.84 -22.06 74.26
N GLY S 57 94.98 -21.14 73.84
CA GLY S 57 93.80 -20.83 74.65
C GLY S 57 92.88 -22.03 74.84
N GLU S 58 92.64 -22.77 73.77
CA GLU S 58 91.87 -24.01 73.87
C GLU S 58 92.57 -25.02 74.77
N MET S 59 93.91 -25.05 74.72
CA MET S 59 94.68 -25.92 75.60
C MET S 59 94.57 -25.51 77.07
N GLU S 60 94.48 -24.21 77.35
CA GLU S 60 94.19 -23.74 78.71
C GLU S 60 92.77 -24.09 79.15
N LEU S 61 91.79 -24.00 78.24
CA LEU S 61 90.43 -24.43 78.56
C LEU S 61 90.35 -25.92 78.86
N GLU S 62 91.10 -26.74 78.12
CA GLU S 62 91.21 -28.16 78.46
C GLU S 62 91.88 -28.35 79.83
N LEU S 63 93.03 -27.71 80.03
CA LEU S 63 93.83 -27.92 81.24
C LEU S 63 93.10 -27.56 82.52
N ILE S 64 92.22 -26.56 82.49
CA ILE S 64 91.37 -26.31 83.65
C ILE S 64 90.34 -27.43 83.85
N GLU S 65 89.91 -28.09 82.78
CA GLU S 65 89.18 -29.34 82.95
C GLU S 65 90.05 -30.44 83.55
N LEU S 66 91.26 -30.65 83.01
CA LEU S 66 92.11 -31.73 83.48
C LEU S 66 92.40 -31.65 84.97
N ARG S 67 92.60 -30.43 85.49
CA ARG S 67 92.76 -30.24 86.93
C ARG S 67 91.50 -30.58 87.71
N ARG S 68 90.33 -30.16 87.23
CA ARG S 68 89.09 -30.54 87.91
C ARG S 68 88.81 -32.04 87.83
N ALA S 69 89.20 -32.69 86.74
CA ALA S 69 89.06 -34.15 86.62
C ALA S 69 89.99 -34.89 87.58
N LEU S 70 91.20 -34.37 87.77
CA LEU S 70 92.06 -34.86 88.85
C LEU S 70 91.41 -34.69 90.22
N ALA S 71 90.81 -33.54 90.49
CA ALA S 71 90.15 -33.33 91.76
C ALA S 71 88.95 -34.26 91.94
N GLN S 72 88.23 -34.56 90.85
CA GLN S 72 87.15 -35.54 90.92
C GLN S 72 87.65 -36.96 91.17
N THR S 73 88.83 -37.31 90.65
CA THR S 73 89.41 -38.61 90.97
C THR S 73 89.85 -38.71 92.42
N ILE S 74 90.51 -37.67 92.94
CA ILE S 74 90.90 -37.68 94.36
C ILE S 74 89.67 -37.76 95.26
N ALA S 75 88.62 -37.01 94.91
CA ALA S 75 87.38 -37.06 95.69
C ALA S 75 86.76 -38.45 95.69
N THR S 76 86.70 -39.10 94.53
CA THR S 76 86.18 -40.47 94.46
C THR S 76 87.08 -41.48 95.15
N PHE S 77 88.39 -41.29 95.12
CA PHE S 77 89.30 -42.22 95.80
C PHE S 77 89.10 -42.20 97.31
N LYS S 78 89.11 -41.02 97.91
CA LYS S 78 88.93 -40.90 99.36
C LYS S 78 87.50 -41.17 99.80
N SER S 79 86.50 -40.93 98.94
CA SER S 79 85.15 -41.37 99.27
C SER S 79 85.04 -42.88 99.35
N THR S 80 85.72 -43.60 98.45
CA THR S 80 85.81 -45.06 98.61
C THR S 80 86.49 -45.41 99.92
N GLU S 81 87.51 -44.64 100.31
CA GLU S 81 88.18 -44.85 101.58
C GLU S 81 87.30 -44.48 102.77
N ARG S 82 86.44 -43.48 102.61
CA ARG S 82 85.46 -43.17 103.65
C ARG S 82 84.47 -44.31 103.82
N GLN S 83 84.17 -45.04 102.75
CA GLN S 83 83.34 -46.24 102.87
C GLN S 83 84.10 -47.35 103.60
N ARG S 84 85.41 -47.44 103.38
CA ARG S 84 86.25 -48.31 104.18
C ARG S 84 86.25 -47.89 105.65
N ASP S 85 86.34 -46.58 105.90
CA ASP S 85 86.28 -46.09 107.27
C ASP S 85 84.99 -46.48 107.97
N ALA S 86 83.89 -46.53 107.23
CA ALA S 86 82.64 -47.04 107.80
C ALA S 86 82.69 -48.55 108.03
N GLN S 87 83.20 -49.31 107.05
CA GLN S 87 83.28 -50.76 107.23
C GLN S 87 84.13 -51.13 108.45
N GLN S 88 85.29 -50.50 108.60
CA GLN S 88 86.15 -50.76 109.74
C GLN S 88 85.53 -50.27 111.04
N LEU S 89 84.73 -49.20 110.99
CA LEU S 89 84.00 -48.75 112.17
C LEU S 89 82.94 -49.77 112.60
N ILE S 90 82.27 -50.41 111.64
CA ILE S 90 81.32 -51.46 112.00
C ILE S 90 82.05 -52.72 112.47
N ALA S 91 83.25 -52.98 111.94
CA ALA S 91 84.09 -54.04 112.48
C ALA S 91 84.46 -53.77 113.94
N GLN S 92 84.80 -52.53 114.27
CA GLN S 92 85.02 -52.16 115.67
C GLN S 92 83.74 -52.32 116.49
N ARG S 93 82.59 -51.94 115.92
CA ARG S 93 81.32 -52.21 116.58
C ARG S 93 81.09 -53.68 116.82
N TRP S 94 81.60 -54.54 115.94
CA TRP S 94 81.58 -55.99 116.18
C TRP S 94 82.56 -56.43 117.26
N TYR S 95 83.70 -55.73 117.41
CA TYR S 95 84.56 -56.01 118.56
C TYR S 95 83.94 -55.55 119.86
N GLU S 96 83.26 -54.39 119.87
CA GLU S 96 82.57 -53.95 121.08
C GLU S 96 81.51 -54.96 121.52
N LYS S 97 80.70 -55.43 120.57
CA LYS S 97 79.72 -56.48 120.88
C LYS S 97 80.38 -57.77 121.33
N ALA S 98 81.57 -58.08 120.82
CA ALA S 98 82.34 -59.19 121.36
C ALA S 98 82.82 -58.89 122.78
N GLN S 99 83.28 -57.66 123.04
CA GLN S 99 83.83 -57.34 124.34
C GLN S 99 82.80 -57.49 125.45
N ALA S 100 81.52 -57.25 125.14
CA ALA S 100 80.44 -57.51 126.09
C ALA S 100 80.27 -58.98 126.42
N ALA S 101 80.99 -59.86 125.71
CA ALA S 101 81.01 -61.29 126.00
C ALA S 101 82.43 -61.82 126.11
N LEU S 102 83.45 -60.98 126.05
CA LEU S 102 84.83 -61.42 126.11
C LEU S 102 85.39 -61.43 127.52
N ASP S 103 84.57 -61.08 128.52
CA ASP S 103 84.88 -61.29 129.92
C ASP S 103 84.04 -62.43 130.48
N ARG S 104 84.47 -62.96 131.62
CA ARG S 104 83.80 -64.02 132.36
C ARG S 104 83.82 -65.36 131.62
N GLY S 105 84.58 -65.47 130.53
CA GLY S 105 84.57 -66.68 129.73
C GLY S 105 83.30 -66.89 128.94
N ASN S 106 82.48 -65.86 128.78
CA ASN S 106 81.23 -65.94 128.05
C ASN S 106 81.40 -65.68 126.55
N GLU S 107 82.60 -65.90 126.03
CA GLU S 107 82.97 -65.54 124.66
C GLU S 107 82.18 -66.30 123.59
N GLN S 108 81.25 -67.16 124.01
CA GLN S 108 80.39 -67.88 123.07
C GLN S 108 79.84 -66.99 121.97
N LEU S 109 79.24 -65.85 122.33
CA LEU S 109 78.68 -64.96 121.32
C LEU S 109 79.74 -64.33 120.44
N ALA S 110 80.99 -64.29 120.89
CA ALA S 110 82.07 -63.80 120.03
C ALA S 110 82.23 -64.65 118.79
N ARG S 111 81.77 -65.91 118.83
CA ARG S 111 81.83 -66.75 117.64
C ARG S 111 81.09 -66.11 116.48
N GLU S 112 79.83 -65.73 116.70
CA GLU S 112 79.06 -65.04 115.67
C GLU S 112 79.55 -63.63 115.40
N ALA S 113 79.89 -62.87 116.45
CA ALA S 113 80.29 -61.48 116.28
C ALA S 113 81.56 -61.35 115.44
N LEU S 114 82.58 -62.14 115.74
CA LEU S 114 83.77 -62.19 114.90
C LEU S 114 83.54 -62.93 113.59
N GLY S 115 82.59 -63.86 113.55
CA GLY S 115 82.21 -64.44 112.28
C GLY S 115 81.67 -63.43 111.28
N GLN S 116 80.88 -62.47 111.74
CA GLN S 116 80.52 -61.33 110.92
C GLN S 116 81.72 -60.45 110.62
N ARG S 117 82.52 -60.11 111.64
CA ARG S 117 83.66 -59.22 111.41
C ARG S 117 84.60 -59.76 110.36
N GLN S 118 84.72 -61.09 110.23
CA GLN S 118 85.56 -61.66 109.18
C GLN S 118 85.14 -61.20 107.79
N SER S 119 83.82 -61.23 107.51
CA SER S 119 83.33 -60.68 106.25
C SER S 119 83.51 -59.17 106.16
N TYR S 120 83.41 -58.46 107.27
CA TYR S 120 83.63 -57.01 107.23
C TYR S 120 85.09 -56.66 106.99
N GLN S 121 86.02 -57.44 107.56
CA GLN S 121 87.44 -57.25 107.27
C GLN S 121 87.79 -57.56 105.83
N SER S 122 87.12 -58.56 105.22
CA SER S 122 87.42 -58.87 103.83
C SER S 122 87.05 -57.71 102.90
N HIS S 123 85.87 -57.11 103.11
CA HIS S 123 85.50 -55.92 102.34
C HIS S 123 86.39 -54.73 102.70
N THR S 124 86.79 -54.60 103.96
CA THR S 124 87.68 -53.50 104.35
C THR S 124 89.03 -53.59 103.65
N GLU S 125 89.58 -54.80 103.51
CA GLU S 125 90.89 -54.95 102.88
C GLU S 125 90.78 -55.01 101.36
N ALA S 126 89.65 -55.43 100.82
CA ALA S 126 89.35 -55.23 99.41
C ALA S 126 89.34 -53.74 99.06
N LEU S 127 88.65 -52.95 99.89
CA LEU S 127 88.69 -51.50 99.72
C LEU S 127 90.10 -50.95 99.89
N GLY S 128 90.80 -51.38 100.94
CA GLY S 128 92.14 -50.87 101.19
C GLY S 128 93.13 -51.15 100.08
N LYS S 129 93.00 -52.29 99.39
CA LYS S 129 93.89 -52.62 98.29
C LYS S 129 93.45 -52.05 96.95
N SER S 130 92.14 -51.90 96.73
CA SER S 130 91.67 -51.03 95.66
C SER S 130 92.20 -49.62 95.84
N LEU S 131 92.16 -49.12 97.06
CA LEU S 131 92.65 -47.80 97.43
C LEU S 131 94.18 -47.71 97.39
N GLY S 132 94.86 -48.85 97.25
CA GLY S 132 96.28 -48.84 96.95
C GLY S 132 96.53 -48.57 95.48
N GLU S 133 95.70 -49.14 94.62
CA GLU S 133 95.79 -48.83 93.20
C GLU S 133 95.33 -47.40 92.94
N GLN S 134 94.20 -47.02 93.54
CA GLN S 134 93.70 -45.64 93.41
C GLN S 134 94.70 -44.62 93.94
N ARG S 135 95.49 -45.00 94.95
CA ARG S 135 96.63 -44.18 95.35
C ARG S 135 97.61 -43.99 94.20
N ALA S 136 98.11 -45.10 93.66
CA ALA S 136 99.05 -45.02 92.55
C ALA S 136 98.48 -44.26 91.35
N LEU S 137 97.16 -44.35 91.14
CA LEU S 137 96.52 -43.57 90.09
C LEU S 137 96.58 -42.07 90.37
N VAL S 138 96.24 -41.64 91.58
CA VAL S 138 96.30 -40.21 91.87
C VAL S 138 97.73 -39.70 91.91
N GLU S 139 98.70 -40.53 92.30
CA GLU S 139 100.10 -40.13 92.24
C GLU S 139 100.58 -39.99 90.80
N GLN S 140 100.34 -41.01 89.97
CA GLN S 140 100.82 -40.98 88.59
C GLN S 140 100.13 -39.90 87.78
N VAL S 141 98.83 -39.68 88.01
CA VAL S 141 98.12 -38.62 87.31
C VAL S 141 98.60 -37.25 87.75
N ARG S 142 98.98 -37.10 89.02
CA ARG S 142 99.57 -35.84 89.48
C ARG S 142 100.94 -35.61 88.84
N GLY S 143 101.76 -36.66 88.71
CA GLY S 143 103.04 -36.49 88.04
C GLY S 143 102.90 -36.25 86.55
N GLN S 144 101.93 -36.92 85.92
CA GLN S 144 101.63 -36.68 84.51
C GLN S 144 101.22 -35.24 84.28
N LEU S 145 100.29 -34.73 85.10
CA LEU S 145 99.88 -33.33 85.00
C LEU S 145 101.04 -32.38 85.25
N GLN S 146 101.77 -32.55 86.35
CA GLN S 146 102.78 -31.57 86.69
C GLN S 146 103.90 -31.50 85.66
N LYS S 147 104.27 -32.62 85.05
CA LYS S 147 105.16 -32.60 83.88
C LYS S 147 104.53 -31.88 82.71
N LEU S 148 103.27 -32.21 82.38
CA LEU S 148 102.63 -31.69 81.18
C LEU S 148 102.38 -30.18 81.28
N GLU S 149 101.79 -29.73 82.39
CA GLU S 149 101.46 -28.33 82.57
C GLU S 149 102.71 -27.47 82.74
N ARG S 150 103.75 -28.01 83.37
CA ARG S 150 105.03 -27.29 83.40
C ARG S 150 105.62 -27.17 82.00
N LYS S 151 105.43 -28.20 81.17
CA LYS S 151 105.85 -28.11 79.77
C LYS S 151 105.03 -27.07 79.02
N TYR S 152 103.73 -26.97 79.32
CA TYR S 152 102.90 -25.91 78.75
C TYR S 152 103.38 -24.52 79.19
N LEU S 153 103.75 -24.36 80.46
CA LEU S 153 104.29 -23.09 80.93
C LEU S 153 105.57 -22.71 80.20
N GLU S 154 106.53 -23.63 80.11
CA GLU S 154 107.76 -23.37 79.37
C GLU S 154 107.52 -23.20 77.88
N LEU S 155 106.51 -23.88 77.34
CA LEU S 155 106.12 -23.68 75.94
C LEU S 155 105.47 -22.31 75.72
N LYS S 156 104.73 -21.81 76.70
CA LYS S 156 104.28 -20.42 76.63
C LYS S 156 105.46 -19.46 76.62
N SER S 157 106.45 -19.70 77.48
CA SER S 157 107.66 -18.88 77.47
C SER S 157 108.32 -18.90 76.10
N GLN S 158 108.51 -20.09 75.53
CA GLN S 158 109.08 -20.22 74.19
C GLN S 158 108.24 -19.52 73.13
N LYS S 159 106.91 -19.65 73.18
CA LYS S 159 106.06 -18.98 72.18
C LYS S 159 106.24 -17.47 72.23
N ASN S 160 106.19 -16.88 73.44
CA ASN S 160 106.41 -15.45 73.57
C ASN S 160 107.75 -15.05 72.95
N LEU S 161 108.79 -15.82 73.27
CA LEU S 161 110.12 -15.59 72.69
C LEU S 161 110.16 -15.89 71.20
N TYR S 162 109.27 -16.75 70.71
CA TYR S 162 109.23 -17.06 69.28
C TYR S 162 108.56 -15.97 68.47
N LEU S 163 107.50 -15.36 69.02
CA LEU S 163 106.89 -14.20 68.36
C LEU S 163 107.86 -13.02 68.33
N ALA S 164 108.62 -12.82 69.40
CA ALA S 164 109.68 -11.81 69.39
C ALA S 164 110.75 -12.12 68.35
N ARG S 165 111.25 -13.36 68.34
CA ARG S 165 112.22 -13.76 67.32
C ARG S 165 111.67 -13.54 65.91
N LEU S 166 110.43 -13.97 65.66
CA LEU S 166 109.85 -13.85 64.33
C LEU S 166 109.73 -12.39 63.88
N LYS S 167 109.16 -11.53 64.73
CA LYS S 167 109.07 -10.11 64.40
C LYS S 167 110.46 -9.49 64.20
N SER S 168 111.44 -9.92 64.99
CA SER S 168 112.80 -9.38 64.85
C SER S 168 113.44 -9.82 63.54
N ALA S 169 113.26 -11.09 63.17
CA ALA S 169 113.73 -11.57 61.87
C ALA S 169 113.05 -10.83 60.73
N ILE S 170 111.74 -10.65 60.83
CA ILE S 170 111.00 -9.91 59.80
C ILE S 170 111.58 -8.51 59.62
N ALA S 171 111.83 -7.81 60.74
CA ALA S 171 112.45 -6.49 60.70
C ALA S 171 113.82 -6.55 60.03
N ALA S 172 114.63 -7.55 60.41
CA ALA S 172 115.95 -7.74 59.81
C ALA S 172 115.85 -7.94 58.31
N GLN S 173 114.93 -8.80 57.87
CA GLN S 173 114.69 -8.99 56.44
C GLN S 173 114.36 -7.68 55.76
N LYS S 174 113.57 -6.83 56.41
CA LYS S 174 113.22 -5.55 55.83
C LYS S 174 114.40 -4.60 55.74
N ILE S 175 115.31 -4.60 56.73
CA ILE S 175 116.53 -3.80 56.61
C ILE S 175 117.45 -4.30 55.49
N GLU S 176 117.68 -5.61 55.42
CA GLU S 176 118.53 -6.11 54.33
C GLU S 176 117.95 -5.81 52.96
N GLU S 177 116.67 -6.11 52.74
CA GLU S 177 116.08 -5.92 51.42
C GLU S 177 115.97 -4.44 51.03
N ILE S 178 115.58 -3.58 51.97
CA ILE S 178 115.51 -2.15 51.71
C ILE S 178 116.90 -1.54 51.58
N ALA S 179 117.87 -2.04 52.35
CA ALA S 179 119.25 -1.62 52.21
C ALA S 179 119.85 -2.07 50.87
N GLY S 180 119.56 -3.29 50.44
CA GLY S 180 120.03 -3.73 49.14
C GLY S 180 119.45 -2.93 47.99
N ASN S 181 118.16 -2.58 48.06
CA ASN S 181 117.60 -1.68 47.07
C ASN S 181 118.12 -0.27 47.21
N LEU S 182 118.41 0.17 48.43
CA LEU S 182 118.92 1.53 48.63
C LEU S 182 120.33 1.67 48.06
N ASP S 183 121.23 0.75 48.42
CA ASP S 183 122.60 0.84 47.95
C ASP S 183 122.68 0.53 46.46
N ASN S 184 122.12 -0.62 46.05
CA ASN S 184 122.31 -1.07 44.68
C ASN S 184 121.53 -0.22 43.68
N ALA S 185 120.22 -0.06 43.90
CA ALA S 185 119.41 0.71 42.95
C ALA S 185 119.67 2.21 43.08
N SER S 186 119.57 2.75 44.30
CA SER S 186 119.63 4.20 44.47
C SER S 186 121.04 4.74 44.24
N ALA S 187 122.03 4.10 44.85
CA ALA S 187 123.39 4.64 44.83
C ALA S 187 123.99 4.58 43.42
N SER S 188 123.77 3.48 42.70
CA SER S 188 124.23 3.43 41.31
C SER S 188 123.53 4.50 40.48
N SER S 189 122.25 4.76 40.77
CA SER S 189 121.55 5.84 40.10
C SER S 189 122.17 7.20 40.44
N LEU S 190 122.64 7.36 41.67
CA LEU S 190 123.26 8.63 42.05
C LEU S 190 124.62 8.80 41.40
N PHE S 191 125.48 7.79 41.50
CA PHE S 191 126.86 7.95 41.04
C PHE S 191 126.94 7.99 39.52
N GLU S 192 126.34 7.02 38.85
CA GLU S 192 126.45 6.96 37.40
C GLU S 192 125.65 8.04 36.67
N ARG S 193 124.48 8.45 37.19
CA ARG S 193 123.79 9.60 36.61
C ARG S 193 124.43 10.95 36.92
N ILE S 194 125.02 11.11 38.11
CA ILE S 194 125.74 12.35 38.39
C ILE S 194 127.02 12.44 37.60
N GLU S 195 127.74 11.32 37.49
CA GLU S 195 128.97 11.30 36.72
C GLU S 195 128.72 11.59 35.24
N THR S 196 127.74 10.91 34.63
CA THR S 196 127.44 11.17 33.22
C THR S 196 126.99 12.61 32.98
N LYS S 197 126.23 13.18 33.92
CA LYS S 197 125.88 14.59 33.80
C LYS S 197 127.08 15.50 33.97
N ILE S 198 128.03 15.10 34.82
CA ILE S 198 129.28 15.86 34.96
C ILE S 198 130.06 15.80 33.66
N LEU S 199 130.15 14.62 33.06
CA LEU S 199 130.83 14.46 31.77
C LEU S 199 130.18 15.32 30.70
N GLU S 200 128.86 15.47 30.74
CA GLU S 200 128.18 16.35 29.80
C GLU S 200 128.61 17.79 30.03
N LEU S 201 128.75 18.18 31.30
CA LEU S 201 129.29 19.51 31.60
C LEU S 201 130.74 19.65 31.17
N GLU S 202 131.51 18.55 31.25
CA GLU S 202 132.92 18.55 30.87
C GLU S 202 133.10 18.62 29.35
N ALA S 203 132.18 18.03 28.59
CA ALA S 203 132.20 18.19 27.14
C ALA S 203 132.04 19.64 26.72
N GLU S 204 131.23 20.41 27.46
CA GLU S 204 131.22 21.85 27.25
C GLU S 204 132.44 22.56 27.85
N ARG S 205 133.04 22.01 28.90
CA ARG S 205 134.29 22.57 29.40
C ARG S 205 135.39 22.52 28.34
N GLU S 206 135.57 21.36 27.71
CA GLU S 206 136.59 21.20 26.68
C GLU S 206 136.24 21.90 25.38
N LEU S 207 135.01 22.40 25.24
CA LEU S 207 134.69 23.32 24.15
C LEU S 207 135.03 24.75 24.50
N LEU S 208 134.89 25.14 25.77
CA LEU S 208 135.20 26.49 26.21
C LEU S 208 136.65 26.67 26.65
N ASN S 209 137.39 25.58 26.83
CA ASN S 209 138.65 25.62 27.56
C ASN S 209 139.62 24.60 26.97
N PRO S 210 140.79 25.03 26.49
CA PRO S 210 141.77 24.06 26.01
C PRO S 210 142.22 23.14 27.13
N PRO S 211 142.52 21.88 26.83
CA PRO S 211 143.06 20.99 27.86
C PRO S 211 144.27 21.61 28.55
N PRO S 212 144.21 21.80 29.88
CA PRO S 212 145.36 22.38 30.57
C PRO S 212 146.53 21.41 30.70
N SER S 213 147.31 21.26 29.62
CA SER S 213 148.45 20.36 29.59
C SER S 213 149.51 20.82 30.59
N PRO S 214 150.50 20.00 30.90
CA PRO S 214 151.60 20.47 31.76
C PRO S 214 152.37 21.63 31.16
N LEU S 215 152.31 21.82 29.83
CA LEU S 215 153.13 22.84 29.20
C LEU S 215 152.64 24.25 29.56
N ASP S 216 151.39 24.56 29.20
CA ASP S 216 150.83 25.86 29.54
C ASP S 216 150.80 26.09 31.04
N LYS S 217 150.63 25.03 31.83
CA LYS S 217 150.66 25.17 33.28
C LYS S 217 152.03 25.68 33.75
N LYS S 218 153.11 25.12 33.21
CA LYS S 218 154.44 25.57 33.59
C LYS S 218 154.70 27.00 33.13
N PHE S 219 154.19 27.36 31.95
CA PHE S 219 154.33 28.74 31.47
C PHE S 219 153.61 29.73 32.38
N GLU S 220 152.40 29.39 32.84
CA GLU S 220 151.68 30.26 33.77
C GLU S 220 152.43 30.39 35.09
N GLN S 221 153.01 29.29 35.57
CA GLN S 221 153.80 29.34 36.80
C GLN S 221 155.01 30.26 36.62
N TRP S 222 155.70 30.16 35.48
CA TRP S 222 156.80 31.06 35.20
C TRP S 222 156.35 32.50 35.08
N GLU S 223 155.12 32.74 34.60
CA GLU S 223 154.61 34.10 34.54
C GLU S 223 154.47 34.69 35.93
N GLU S 224 153.96 33.91 36.89
CA GLU S 224 153.92 34.37 38.27
C GLU S 224 155.33 34.59 38.81
N GLN S 225 156.25 33.70 38.47
CA GLN S 225 157.64 33.85 38.89
C GLN S 225 158.24 35.15 38.34
N GLN S 226 157.90 35.49 37.10
CA GLN S 226 158.44 36.71 36.49
C GLN S 226 157.79 37.96 37.07
N ALA S 227 156.53 37.88 37.49
CA ALA S 227 155.91 39.01 38.18
C ALA S 227 156.65 39.31 39.48
N VAL S 228 156.92 38.28 40.28
CA VAL S 228 157.65 38.48 41.54
C VAL S 228 159.09 38.88 41.25
N GLU S 229 159.68 38.39 40.16
CA GLU S 229 161.03 38.84 39.83
C GLU S 229 161.05 40.32 39.46
N ALA S 230 159.96 40.84 38.87
CA ALA S 230 159.86 42.27 38.62
C ALA S 230 159.68 43.08 39.90
N THR S 231 158.90 42.57 40.85
CA THR S 231 158.80 43.21 42.16
C THR S 231 160.15 43.25 42.86
N LEU S 232 160.90 42.15 42.77
CA LEU S 232 162.24 42.13 43.36
C LEU S 232 163.13 43.16 42.68
N ALA S 233 162.99 43.35 41.37
CA ALA S 233 163.79 44.35 40.68
C ALA S 233 163.47 45.75 41.20
N ALA S 234 162.19 46.05 41.39
CA ALA S 234 161.80 47.31 42.00
C ALA S 234 162.36 47.45 43.40
N MET S 235 162.30 46.37 44.19
CA MET S 235 162.83 46.41 45.55
C MET S 235 164.30 46.81 45.55
N LYS S 236 165.13 46.14 44.74
CA LYS S 236 166.57 46.39 44.79
C LYS S 236 166.96 47.67 44.03
N ALA S 237 166.09 48.17 43.16
CA ALA S 237 166.34 49.46 42.53
C ALA S 237 166.08 50.60 43.51
N ARG S 238 165.02 50.49 44.32
CA ARG S 238 164.83 51.44 45.40
C ARG S 238 165.94 51.33 46.43
N ARG S 239 166.42 50.11 46.69
CA ARG S 239 167.51 49.89 47.62
C ARG S 239 168.86 50.38 47.09
N SER S 240 169.00 50.55 45.77
CA SER S 240 170.27 50.99 45.22
C SER S 240 170.70 52.32 45.85
N MET T 24 -24.72 -56.60 69.58
CA MET T 24 -25.77 -55.93 68.81
C MET T 24 -26.06 -54.54 69.39
N GLU T 25 -26.28 -53.56 68.52
CA GLU T 25 -26.62 -52.22 69.00
C GLU T 25 -27.96 -52.24 69.72
N LEU T 26 -28.91 -53.03 69.23
CA LEU T 26 -30.19 -53.19 69.93
C LEU T 26 -29.95 -53.69 71.34
N PHE T 27 -29.11 -54.73 71.47
CA PHE T 27 -28.81 -55.28 72.79
C PHE T 27 -28.23 -54.22 73.72
N ASN T 28 -27.25 -53.46 73.24
CA ASN T 28 -26.68 -52.37 74.03
C ASN T 28 -27.73 -51.35 74.46
N ARG T 29 -28.60 -50.94 73.54
CA ARG T 29 -29.71 -50.05 73.89
C ARG T 29 -30.58 -50.64 75.01
N VAL T 30 -30.94 -51.92 74.89
CA VAL T 30 -31.72 -52.60 75.91
C VAL T 30 -30.92 -52.87 77.19
N GLY T 31 -29.59 -52.75 77.10
CA GLY T 31 -28.74 -53.11 78.22
C GLY T 31 -29.05 -52.46 79.54
N ARG T 32 -29.31 -51.15 79.55
CA ARG T 32 -29.62 -50.53 80.84
C ARG T 32 -30.79 -51.20 81.56
N VAL T 33 -31.90 -51.39 80.85
CA VAL T 33 -33.10 -51.99 81.43
C VAL T 33 -32.94 -53.48 81.68
N LEU T 34 -32.36 -54.22 80.74
CA LEU T 34 -32.22 -55.66 80.93
C LEU T 34 -31.15 -55.98 81.96
N LYS T 35 -29.96 -55.39 81.84
CA LYS T 35 -28.86 -55.68 82.75
C LYS T 35 -29.13 -55.19 84.16
N SER T 36 -29.93 -54.14 84.38
CA SER T 36 -30.32 -53.82 85.76
C SER T 36 -31.11 -54.96 86.39
N GLN T 37 -32.09 -55.47 85.65
CA GLN T 37 -32.84 -56.64 86.10
C GLN T 37 -31.94 -57.85 86.31
N LEU T 38 -31.05 -58.15 85.35
CA LEU T 38 -30.18 -59.31 85.53
C LEU T 38 -29.19 -59.14 86.69
N THR T 39 -28.73 -57.90 86.96
CA THR T 39 -27.88 -57.64 88.11
C THR T 39 -28.60 -57.95 89.41
N HIS T 40 -29.89 -57.59 89.50
CA HIS T 40 -30.66 -58.09 90.64
C HIS T 40 -30.94 -59.58 90.53
N TRP T 41 -31.08 -60.12 89.32
CA TRP T 41 -31.43 -61.52 89.14
C TRP T 41 -30.37 -62.43 89.75
N GLN T 42 -29.10 -62.13 89.47
CA GLN T 42 -28.02 -62.85 90.13
C GLN T 42 -28.01 -62.60 91.64
N GLN T 43 -28.40 -61.40 92.06
CA GLN T 43 -28.57 -61.09 93.48
C GLN T 43 -29.76 -61.79 94.13
N GLN T 44 -30.74 -62.28 93.38
CA GLN T 44 -32.02 -62.64 93.99
C GLN T 44 -31.86 -63.58 95.19
N GLN T 45 -30.85 -64.44 95.19
CA GLN T 45 -30.65 -65.32 96.35
C GLN T 45 -30.43 -64.49 97.61
N GLU T 46 -29.67 -63.40 97.50
CA GLU T 46 -29.54 -62.46 98.61
C GLU T 46 -30.79 -61.57 98.74
N ALA T 47 -31.37 -61.15 97.61
CA ALA T 47 -32.39 -60.10 97.59
C ALA T 47 -33.60 -60.52 96.76
N PRO T 48 -34.47 -61.37 97.32
CA PRO T 48 -35.79 -61.58 96.71
C PRO T 48 -36.81 -60.53 97.11
N GLU T 49 -36.48 -59.67 98.07
CA GLU T 49 -37.48 -58.94 98.83
C GLU T 49 -38.39 -58.09 97.94
N ASP T 50 -37.81 -57.38 96.97
CA ASP T 50 -38.60 -56.52 96.11
C ASP T 50 -39.59 -57.29 95.24
N LEU T 51 -39.15 -58.39 94.61
CA LEU T 51 -40.07 -59.16 93.78
C LEU T 51 -41.17 -59.82 94.61
N LEU T 52 -40.81 -60.36 95.78
CA LEU T 52 -41.80 -60.96 96.66
C LEU T 52 -42.87 -59.96 97.11
N GLU T 53 -42.43 -58.81 97.59
CA GLU T 53 -43.37 -57.79 98.07
C GLU T 53 -44.16 -57.14 96.94
N ARG T 54 -43.58 -57.02 95.74
CA ARG T 54 -44.34 -56.55 94.60
C ARG T 54 -45.53 -57.46 94.31
N LEU T 55 -45.29 -58.77 94.22
CA LEU T 55 -46.37 -59.72 93.96
C LEU T 55 -47.45 -59.67 95.03
N LEU T 56 -47.05 -59.71 96.31
CA LEU T 56 -48.02 -59.63 97.40
C LEU T 56 -48.72 -58.28 97.48
N GLY T 57 -48.07 -57.21 97.05
CA GLY T 57 -48.77 -55.95 96.86
C GLY T 57 -49.88 -56.04 95.83
N GLU T 58 -49.61 -56.68 94.70
CA GLU T 58 -50.64 -56.94 93.70
C GLU T 58 -51.76 -57.81 94.27
N MET T 59 -51.39 -58.76 95.14
CA MET T 59 -52.40 -59.60 95.80
C MET T 59 -53.26 -58.80 96.77
N GLU T 60 -52.69 -57.80 97.45
CA GLU T 60 -53.49 -56.86 98.25
C GLU T 60 -54.40 -55.99 97.39
N LEU T 61 -53.91 -55.54 96.23
CA LEU T 61 -54.76 -54.78 95.31
C LEU T 61 -55.92 -55.62 94.79
N GLU T 62 -55.69 -56.90 94.50
CA GLU T 62 -56.78 -57.79 94.16
C GLU T 62 -57.75 -57.96 95.33
N LEU T 63 -57.22 -58.26 96.51
CA LEU T 63 -58.05 -58.59 97.68
C LEU T 63 -58.97 -57.45 98.10
N ILE T 64 -58.56 -56.20 97.91
CA ILE T 64 -59.48 -55.08 98.13
C ILE T 64 -60.58 -55.07 97.07
N GLU T 65 -60.30 -55.53 95.85
CA GLU T 65 -61.38 -55.78 94.91
C GLU T 65 -62.28 -56.92 95.38
N LEU T 66 -61.70 -58.05 95.78
CA LEU T 66 -62.49 -59.22 96.18
C LEU T 66 -63.49 -58.89 97.28
N ARG T 67 -63.08 -58.08 98.26
CA ARG T 67 -64.00 -57.62 99.30
C ARG T 67 -65.11 -56.73 98.76
N ARG T 68 -64.79 -55.80 97.86
CA ARG T 68 -65.84 -54.99 97.25
C ARG T 68 -66.78 -55.81 96.36
N ALA T 69 -66.26 -56.83 95.70
CA ALA T 69 -67.10 -57.73 94.90
C ALA T 69 -68.03 -58.55 95.77
N LEU T 70 -67.56 -59.00 96.94
CA LEU T 70 -68.45 -59.58 97.94
C LEU T 70 -69.54 -58.60 98.38
N ALA T 71 -69.17 -57.34 98.63
CA ALA T 71 -70.17 -56.36 99.02
C ALA T 71 -71.17 -56.08 97.91
N GLN T 72 -70.73 -56.13 96.65
CA GLN T 72 -71.66 -56.00 95.53
C GLN T 72 -72.59 -57.20 95.40
N THR T 73 -72.11 -58.41 95.74
CA THR T 73 -73.00 -59.56 95.76
C THR T 73 -74.04 -59.48 96.87
N ILE T 74 -73.63 -59.09 98.08
CA ILE T 74 -74.60 -58.93 99.17
C ILE T 74 -75.62 -57.85 98.83
N ALA T 75 -75.17 -56.75 98.25
CA ALA T 75 -76.09 -55.69 97.84
C ALA T 75 -77.11 -56.17 96.81
N THR T 76 -76.65 -56.92 95.81
CA THR T 76 -77.57 -57.47 94.81
C THR T 76 -78.49 -58.55 95.39
N PHE T 77 -78.01 -59.34 96.34
CA PHE T 77 -78.86 -60.36 96.96
C PHE T 77 -80.03 -59.74 97.72
N LYS T 78 -79.75 -58.79 98.60
CA LYS T 78 -80.80 -58.15 99.38
C LYS T 78 -81.66 -57.20 98.55
N SER T 79 -81.13 -56.62 97.47
CA SER T 79 -81.99 -55.87 96.56
C SER T 79 -83.01 -56.78 95.87
N THR T 80 -82.60 -57.98 95.48
CA THR T 80 -83.59 -58.96 95.01
C THR T 80 -84.62 -59.25 96.09
N GLU T 81 -84.17 -59.33 97.34
CA GLU T 81 -85.08 -59.54 98.47
C GLU T 81 -85.96 -58.32 98.72
N ARG T 82 -85.44 -57.12 98.48
CA ARG T 82 -86.27 -55.91 98.56
C ARG T 82 -87.36 -55.93 97.49
N GLN T 83 -87.09 -56.54 96.34
CA GLN T 83 -88.13 -56.72 95.33
C GLN T 83 -89.16 -57.74 95.79
N ARG T 84 -88.72 -58.77 96.51
CA ARG T 84 -89.65 -59.67 97.17
C ARG T 84 -90.48 -58.95 98.23
N ASP T 85 -89.84 -58.08 99.01
CA ASP T 85 -90.57 -57.29 99.99
C ASP T 85 -91.66 -56.45 99.35
N ALA T 86 -91.43 -55.94 98.14
CA ALA T 86 -92.47 -55.24 97.41
C ALA T 86 -93.56 -56.20 96.92
N GLN T 87 -93.18 -57.35 96.36
CA GLN T 87 -94.17 -58.30 95.89
C GLN T 87 -95.10 -58.75 97.02
N GLN T 88 -94.53 -59.09 98.17
CA GLN T 88 -95.33 -59.50 99.32
C GLN T 88 -96.16 -58.35 99.88
N LEU T 89 -95.65 -57.11 99.77
CA LEU T 89 -96.44 -55.95 100.17
C LEU T 89 -97.66 -55.76 99.26
N ILE T 90 -97.51 -56.01 97.96
CA ILE T 90 -98.66 -55.93 97.06
C ILE T 90 -99.60 -57.12 97.29
N ALA T 91 -99.06 -58.28 97.67
CA ALA T 91 -99.91 -59.39 98.10
C ALA T 91 -100.73 -59.02 99.32
N GLN T 92 -100.13 -58.33 100.30
CA GLN T 92 -100.89 -57.81 101.43
C GLN T 92 -101.93 -56.79 100.99
N ARG T 93 -101.56 -55.93 100.04
CA ARG T 93 -102.53 -55.02 99.44
C ARG T 93 -103.70 -55.76 98.78
N TRP T 94 -103.43 -56.95 98.24
CA TRP T 94 -104.51 -57.80 97.73
C TRP T 94 -105.32 -58.43 98.85
N TYR T 95 -104.73 -58.71 100.01
CA TYR T 95 -105.54 -59.13 101.15
C TYR T 95 -106.39 -58.00 101.70
N GLU T 96 -105.85 -56.77 101.75
CA GLU T 96 -106.65 -55.63 102.18
C GLU T 96 -107.87 -55.43 101.28
N LYS T 97 -107.66 -55.47 99.97
CA LYS T 97 -108.78 -55.39 99.03
C LYS T 97 -109.75 -56.56 99.18
N ALA T 98 -109.25 -57.74 99.55
CA ALA T 98 -110.15 -58.82 99.91
C ALA T 98 -110.91 -58.53 101.21
N GLN T 99 -110.22 -57.95 102.20
CA GLN T 99 -110.85 -57.73 103.49
C GLN T 99 -112.04 -56.77 103.38
N ALA T 100 -111.98 -55.82 102.43
CA ALA T 100 -113.12 -54.96 102.15
C ALA T 100 -114.31 -55.71 101.58
N ALA T 101 -114.15 -57.00 101.26
CA ALA T 101 -115.24 -57.86 100.83
C ALA T 101 -115.29 -59.16 101.62
N LEU T 102 -114.48 -59.31 102.65
CA LEU T 102 -114.44 -60.54 103.43
C LEU T 102 -115.36 -60.49 104.64
N ASP T 103 -116.09 -59.40 104.82
CA ASP T 103 -117.19 -59.32 105.78
C ASP T 103 -118.52 -59.32 105.03
N ARG T 104 -119.58 -59.62 105.77
CA ARG T 104 -120.96 -59.62 105.28
C ARG T 104 -121.23 -60.74 104.28
N GLY T 105 -120.29 -61.67 104.10
CA GLY T 105 -120.45 -62.70 103.09
C GLY T 105 -120.31 -62.21 101.67
N ASN T 106 -119.76 -61.01 101.47
CA ASN T 106 -119.58 -60.42 100.15
C ASN T 106 -118.26 -60.84 99.50
N GLU T 107 -117.70 -61.97 99.91
CA GLU T 107 -116.37 -62.42 99.52
C GLU T 107 -116.24 -62.69 98.01
N GLN T 108 -117.31 -62.49 97.26
CA GLN T 108 -117.28 -62.67 95.81
C GLN T 108 -116.04 -62.04 95.17
N LEU T 109 -115.75 -60.77 95.47
CA LEU T 109 -114.60 -60.10 94.88
C LEU T 109 -113.28 -60.70 95.36
N ALA T 110 -113.28 -61.40 96.50
CA ALA T 110 -112.07 -62.07 96.93
C ALA T 110 -111.62 -63.13 95.94
N ARG T 111 -112.54 -63.63 95.10
CA ARG T 111 -112.16 -64.58 94.07
C ARG T 111 -111.09 -64.01 93.16
N GLU T 112 -111.34 -62.82 92.60
CA GLU T 112 -110.33 -62.16 91.77
C GLU T 112 -109.14 -61.65 92.56
N ALA T 113 -109.37 -61.07 93.75
CA ALA T 113 -108.28 -60.49 94.52
C ALA T 113 -107.26 -61.53 94.94
N LEU T 114 -107.72 -62.66 95.46
CA LEU T 114 -106.81 -63.78 95.76
C LEU T 114 -106.35 -64.50 94.51
N GLY T 115 -107.14 -64.47 93.43
CA GLY T 115 -106.64 -64.98 92.17
C GLY T 115 -105.40 -64.26 91.66
N GLN T 116 -105.37 -62.93 91.81
CA GLN T 116 -104.13 -62.19 91.58
C GLN T 116 -103.06 -62.54 92.61
N ARG T 117 -103.42 -62.55 93.89
CA ARG T 117 -102.41 -62.82 94.91
C ARG T 117 -101.72 -64.16 94.70
N GLN T 118 -102.41 -65.14 94.13
CA GLN T 118 -101.76 -66.42 93.84
C GLN T 118 -100.56 -66.25 92.92
N SER T 119 -100.70 -65.46 91.86
CA SER T 119 -99.54 -65.14 91.01
C SER T 119 -98.49 -64.30 91.74
N TYR T 120 -98.91 -63.43 92.64
CA TYR T 120 -97.94 -62.63 93.40
C TYR T 120 -97.17 -63.49 94.40
N GLN T 121 -97.84 -64.47 95.02
CA GLN T 121 -97.16 -65.41 95.91
C GLN T 121 -96.18 -66.30 95.15
N SER T 122 -96.50 -66.68 93.91
CA SER T 122 -95.58 -67.52 93.15
C SER T 122 -94.27 -66.79 92.86
N HIS T 123 -94.36 -65.52 92.45
CA HIS T 123 -93.15 -64.73 92.27
C HIS T 123 -92.45 -64.44 93.60
N THR T 124 -93.22 -64.25 94.67
CA THR T 124 -92.59 -64.01 95.98
C THR T 124 -91.80 -65.22 96.44
N GLU T 125 -92.29 -66.44 96.21
CA GLU T 125 -91.58 -67.63 96.66
C GLU T 125 -90.52 -68.06 95.67
N ALA T 126 -90.66 -67.72 94.39
CA ALA T 126 -89.55 -67.82 93.45
C ALA T 126 -88.39 -66.94 93.88
N LEU T 127 -88.68 -65.69 94.25
CA LEU T 127 -87.66 -64.82 94.80
C LEU T 127 -87.10 -65.38 96.10
N GLY T 128 -87.97 -65.83 97.02
CA GLY T 128 -87.50 -66.34 98.29
C GLY T 128 -86.59 -67.55 98.19
N LYS T 129 -86.81 -68.40 97.19
CA LYS T 129 -85.96 -69.58 97.01
C LYS T 129 -84.73 -69.32 96.17
N SER T 130 -84.81 -68.39 95.21
CA SER T 130 -83.59 -67.81 94.64
C SER T 130 -82.71 -67.21 95.72
N LEU T 131 -83.34 -66.46 96.63
CA LEU T 131 -82.68 -65.83 97.77
C LEU T 131 -82.20 -66.84 98.81
N GLY T 132 -82.62 -68.09 98.70
CA GLY T 132 -82.04 -69.16 99.49
C GLY T 132 -80.71 -69.61 98.91
N GLU T 133 -80.62 -69.68 97.58
CA GLU T 133 -79.35 -69.97 96.95
C GLU T 133 -78.40 -68.79 97.10
N GLN T 134 -78.89 -67.57 96.85
CA GLN T 134 -78.08 -66.38 97.05
C GLN T 134 -77.60 -66.23 98.48
N ARG T 135 -78.38 -66.71 99.45
CA ARG T 135 -77.89 -66.83 100.82
C ARG T 135 -76.66 -67.74 100.88
N ALA T 136 -76.81 -68.98 100.42
CA ALA T 136 -75.70 -69.92 100.44
C ALA T 136 -74.49 -69.40 99.68
N LEU T 137 -74.72 -68.61 98.62
CA LEU T 137 -73.61 -67.98 97.90
C LEU T 137 -72.87 -66.96 98.76
N VAL T 138 -73.61 -66.06 99.43
CA VAL T 138 -72.92 -65.07 100.27
C VAL T 138 -72.27 -65.72 101.49
N GLU T 139 -72.84 -66.80 102.01
CA GLU T 139 -72.19 -67.52 103.10
C GLU T 139 -70.91 -68.21 102.64
N GLN T 140 -70.98 -68.97 101.55
CA GLN T 140 -69.81 -69.71 101.07
C GLN T 140 -68.71 -68.77 100.58
N VAL T 141 -69.09 -67.66 99.94
CA VAL T 141 -68.09 -66.69 99.50
C VAL T 141 -67.45 -65.98 100.69
N ARG T 142 -68.22 -65.76 101.76
CA ARG T 142 -67.62 -65.21 102.99
C ARG T 142 -66.66 -66.19 103.64
N GLY T 143 -67.00 -67.48 103.66
CA GLY T 143 -66.08 -68.46 104.21
C GLY T 143 -64.85 -68.66 103.34
N GLN T 144 -65.04 -68.64 102.02
CA GLN T 144 -63.91 -68.70 101.08
C GLN T 144 -62.95 -67.54 101.31
N LEU T 145 -63.49 -66.32 101.37
CA LEU T 145 -62.66 -65.15 101.65
C LEU T 145 -61.96 -65.24 102.99
N GLN T 146 -62.71 -65.52 104.07
CA GLN T 146 -62.11 -65.47 105.39
C GLN T 146 -61.00 -66.51 105.57
N LYS T 147 -61.15 -67.69 104.97
CA LYS T 147 -60.04 -68.65 104.89
C LYS T 147 -58.88 -68.10 104.08
N LEU T 148 -59.16 -67.56 102.90
CA LEU T 148 -58.10 -67.13 101.98
C LEU T 148 -57.32 -65.95 102.52
N GLU T 149 -58.02 -64.91 102.98
CA GLU T 149 -57.37 -63.70 103.47
C GLU T 149 -56.65 -63.94 104.79
N ARG T 150 -57.18 -64.82 105.64
CA ARG T 150 -56.45 -65.22 106.84
C ARG T 150 -55.18 -65.98 106.47
N LYS T 151 -55.23 -66.78 105.39
CA LYS T 151 -54.04 -67.44 104.89
C LYS T 151 -53.03 -66.43 104.34
N TYR T 152 -53.53 -65.37 103.68
CA TYR T 152 -52.67 -64.28 103.26
C TYR T 152 -52.02 -63.57 104.44
N LEU T 153 -52.77 -63.33 105.51
CA LEU T 153 -52.20 -62.72 106.71
C LEU T 153 -51.09 -63.57 107.31
N GLU T 154 -51.36 -64.87 107.51
CA GLU T 154 -50.33 -65.78 108.03
C GLU T 154 -49.17 -65.95 107.05
N LEU T 155 -49.45 -65.87 105.75
CA LEU T 155 -48.39 -65.90 104.75
C LEU T 155 -47.54 -64.63 104.78
N LYS T 156 -48.14 -63.48 105.06
CA LYS T 156 -47.36 -62.28 105.33
C LYS T 156 -46.45 -62.47 106.54
N SER T 157 -46.98 -63.05 107.62
CA SER T 157 -46.18 -63.35 108.79
C SER T 157 -45.00 -64.23 108.42
N GLN T 158 -45.26 -65.32 107.70
CA GLN T 158 -44.20 -66.21 107.23
C GLN T 158 -43.18 -65.50 106.34
N LYS T 159 -43.63 -64.65 105.42
CA LYS T 159 -42.69 -63.94 104.54
C LYS T 159 -41.76 -63.05 105.35
N ASN T 160 -42.31 -62.27 106.29
CA ASN T 160 -41.47 -61.43 107.13
C ASN T 160 -40.42 -62.28 107.86
N LEU T 161 -40.86 -63.41 108.42
CA LEU T 161 -39.96 -64.35 109.08
C LEU T 161 -39.02 -65.03 108.09
N TYR T 162 -39.41 -65.13 106.83
CA TYR T 162 -38.55 -65.76 105.82
C TYR T 162 -37.44 -64.82 105.36
N LEU T 163 -37.74 -63.52 105.23
CA LEU T 163 -36.68 -62.55 104.94
C LEU T 163 -35.69 -62.46 106.09
N ALA T 164 -36.18 -62.51 107.32
CA ALA T 164 -35.29 -62.59 108.48
C ALA T 164 -34.42 -63.84 108.46
N ARG T 165 -35.05 -65.01 108.26
CA ARG T 165 -34.29 -66.26 108.12
C ARG T 165 -33.24 -66.16 107.02
N LEU T 166 -33.64 -65.67 105.85
CA LEU T 166 -32.71 -65.59 104.72
C LEU T 166 -31.52 -64.70 105.02
N LYS T 167 -31.76 -63.48 105.50
CA LYS T 167 -30.66 -62.59 105.87
C LYS T 167 -29.79 -63.19 106.96
N SER T 168 -30.38 -63.91 107.91
CA SER T 168 -29.61 -64.54 108.98
C SER T 168 -28.74 -65.67 108.45
N ALA T 169 -29.29 -66.50 107.56
CA ALA T 169 -28.51 -67.54 106.90
C ALA T 169 -27.36 -66.93 106.09
N ILE T 170 -27.65 -65.88 105.33
CA ILE T 170 -26.62 -65.20 104.55
C ILE T 170 -25.48 -64.74 105.44
N ALA T 171 -25.82 -64.10 106.57
CA ALA T 171 -24.81 -63.68 107.55
C ALA T 171 -24.01 -64.87 108.07
N ALA T 172 -24.71 -65.97 108.40
CA ALA T 172 -24.04 -67.18 108.87
C ALA T 172 -23.06 -67.71 107.82
N GLN T 173 -23.50 -67.78 106.57
CA GLN T 173 -22.62 -68.17 105.47
C GLN T 173 -21.38 -67.30 105.42
N LYS T 174 -21.55 -65.99 105.63
CA LYS T 174 -20.40 -65.08 105.61
C LYS T 174 -19.45 -65.31 106.78
N ILE T 175 -19.96 -65.63 107.98
CA ILE T 175 -19.08 -65.99 109.08
C ILE T 175 -18.33 -67.29 108.83
N GLU T 176 -19.01 -68.33 108.37
CA GLU T 176 -18.29 -69.59 108.09
C GLU T 176 -17.22 -69.41 107.03
N GLU T 177 -17.58 -68.80 105.89
CA GLU T 177 -16.62 -68.67 104.79
C GLU T 177 -15.46 -67.73 105.13
N ILE T 178 -15.72 -66.62 105.80
CA ILE T 178 -14.66 -65.71 106.22
C ILE T 178 -13.83 -66.31 107.36
N ALA T 179 -14.48 -67.06 108.25
CA ALA T 179 -13.76 -67.78 109.29
C ALA T 179 -12.90 -68.90 108.72
N GLY T 180 -13.40 -69.64 107.73
CA GLY T 180 -12.58 -70.65 107.09
C GLY T 180 -11.38 -70.08 106.36
N ASN T 181 -11.54 -68.95 105.69
CA ASN T 181 -10.38 -68.27 105.10
C ASN T 181 -9.48 -67.66 106.16
N LEU T 182 -10.05 -67.20 107.28
CA LEU T 182 -9.24 -66.59 108.32
C LEU T 182 -8.37 -67.65 109.01
N ASP T 183 -8.97 -68.76 109.43
CA ASP T 183 -8.22 -69.79 110.12
C ASP T 183 -7.28 -70.51 109.16
N ASN T 184 -7.82 -71.00 108.04
CA ASN T 184 -7.03 -71.85 107.16
C ASN T 184 -5.96 -71.07 106.41
N ALA T 185 -6.35 -69.99 105.73
CA ALA T 185 -5.38 -69.22 104.96
C ALA T 185 -4.49 -68.37 105.86
N SER T 186 -5.08 -67.57 106.75
CA SER T 186 -4.31 -66.60 107.52
C SER T 186 -3.46 -67.30 108.57
N ALA T 187 -4.05 -68.22 109.33
CA ALA T 187 -3.35 -68.80 110.47
C ALA T 187 -2.20 -69.69 110.03
N SER T 188 -2.38 -70.48 108.97
CA SER T 188 -1.26 -71.26 108.45
C SER T 188 -0.16 -70.33 107.95
N SER T 189 -0.53 -69.19 107.36
CA SER T 189 0.45 -68.20 106.96
C SER T 189 1.18 -67.63 108.17
N LEU T 190 0.49 -67.47 109.29
CA LEU T 190 1.14 -66.95 110.49
C LEU T 190 2.08 -67.98 111.10
N PHE T 191 1.59 -69.21 111.31
CA PHE T 191 2.39 -70.19 112.05
C PHE T 191 3.57 -70.67 111.21
N GLU T 192 3.31 -71.12 109.99
CA GLU T 192 4.39 -71.68 109.18
C GLU T 192 5.40 -70.64 108.68
N ARG T 193 4.97 -69.40 108.37
CA ARG T 193 5.94 -68.35 108.06
C ARG T 193 6.69 -67.82 109.27
N ILE T 194 6.06 -67.75 110.44
CA ILE T 194 6.79 -67.34 111.64
C ILE T 194 7.77 -68.42 112.08
N GLU T 195 7.34 -69.67 112.02
CA GLU T 195 8.21 -70.78 112.39
C GLU T 195 9.43 -70.86 111.47
N THR T 196 9.22 -70.83 110.15
CA THR T 196 10.35 -70.88 109.22
C THR T 196 11.30 -69.70 109.40
N LYS T 197 10.77 -68.52 109.70
CA LYS T 197 11.64 -67.39 110.00
C LYS T 197 12.36 -67.56 111.32
N ILE T 198 11.73 -68.22 112.28
CA ILE T 198 12.40 -68.54 113.54
C ILE T 198 13.55 -69.52 113.29
N LEU T 199 13.28 -70.54 112.47
CA LEU T 199 14.31 -71.50 112.10
C LEU T 199 15.48 -70.82 111.42
N GLU T 200 15.20 -69.80 110.60
CA GLU T 200 16.28 -69.05 109.97
C GLU T 200 17.11 -68.33 111.03
N LEU T 201 16.44 -67.78 112.05
CA LEU T 201 17.16 -67.18 113.17
C LEU T 201 17.93 -68.23 113.96
N GLU T 202 17.39 -69.45 114.05
CA GLU T 202 18.04 -70.54 114.78
C GLU T 202 19.25 -71.09 114.04
N ALA T 203 19.23 -71.07 112.71
CA ALA T 203 20.41 -71.43 111.94
C ALA T 203 21.58 -70.50 112.21
N GLU T 204 21.30 -69.21 112.43
CA GLU T 204 22.34 -68.32 112.93
C GLU T 204 22.64 -68.51 114.41
N ARG T 205 21.67 -68.96 115.21
CA ARG T 205 21.96 -69.30 116.60
C ARG T 205 22.99 -70.42 116.70
N GLU T 206 22.79 -71.50 115.94
CA GLU T 206 23.72 -72.62 115.95
C GLU T 206 25.04 -72.31 115.26
N LEU T 207 25.14 -71.18 114.55
CA LEU T 207 26.44 -70.70 114.10
C LEU T 207 27.15 -69.89 115.16
N LEU T 208 26.40 -69.15 115.98
CA LEU T 208 26.98 -68.34 117.04
C LEU T 208 27.14 -69.08 118.36
N ASN T 209 26.51 -70.25 118.50
CA ASN T 209 26.31 -70.87 119.81
C ASN T 209 26.37 -72.39 119.67
N PRO T 210 27.29 -73.07 120.37
CA PRO T 210 27.30 -74.52 120.33
C PRO T 210 26.01 -75.09 120.89
N PRO T 211 25.53 -76.21 120.37
CA PRO T 211 24.35 -76.86 120.96
C PRO T 211 24.52 -77.07 122.45
N PRO T 212 23.64 -76.50 123.28
CA PRO T 212 23.76 -76.70 124.73
C PRO T 212 23.37 -78.10 125.17
N SER T 213 24.28 -79.05 125.00
CA SER T 213 24.04 -80.44 125.36
C SER T 213 23.84 -80.56 126.87
N PRO T 214 23.35 -81.69 127.37
CA PRO T 214 23.28 -81.88 128.83
C PRO T 214 24.64 -81.83 129.51
N LEU T 215 25.73 -82.07 128.77
CA LEU T 215 27.04 -82.16 129.39
C LEU T 215 27.51 -80.79 129.88
N ASP T 216 27.65 -79.84 128.96
CA ASP T 216 28.06 -78.49 129.35
C ASP T 216 27.08 -77.86 130.32
N LYS T 217 25.79 -78.19 130.20
CA LYS T 217 24.80 -77.68 131.15
C LYS T 217 25.11 -78.14 132.57
N LYS T 218 25.44 -79.42 132.74
CA LYS T 218 25.78 -79.93 134.07
C LYS T 218 27.06 -79.30 134.59
N PHE T 219 28.04 -79.08 133.71
CA PHE T 219 29.27 -78.42 134.12
C PHE T 219 29.02 -77.00 134.60
N GLU T 220 28.16 -76.25 133.91
CA GLU T 220 27.83 -74.90 134.35
C GLU T 220 27.11 -74.92 135.69
N GLN T 221 26.21 -75.88 135.89
CA GLN T 221 25.55 -76.02 137.17
C GLN T 221 26.54 -76.30 138.29
N TRP T 222 27.51 -77.19 138.04
CA TRP T 222 28.55 -77.46 139.02
C TRP T 222 29.41 -76.23 139.26
N GLU T 223 29.60 -75.38 138.25
CA GLU T 223 30.35 -74.15 138.46
C GLU T 223 29.65 -73.24 139.45
N GLU T 224 28.32 -73.11 139.34
CA GLU T 224 27.57 -72.35 140.32
C GLU T 224 27.65 -73.01 141.69
N GLN T 225 27.59 -74.34 141.73
CA GLN T 225 27.73 -75.07 142.98
C GLN T 225 29.09 -74.79 143.63
N GLN T 226 30.14 -74.72 142.82
CA GLN T 226 31.47 -74.47 143.35
C GLN T 226 31.66 -73.03 143.80
N ALA T 227 30.97 -72.09 143.16
CA ALA T 227 30.99 -70.70 143.64
C ALA T 227 30.38 -70.61 145.03
N VAL T 228 29.23 -71.23 145.25
CA VAL T 228 28.60 -71.21 146.56
C VAL T 228 29.43 -72.04 147.55
N GLU T 229 30.09 -73.09 147.10
CA GLU T 229 30.95 -73.83 148.02
C GLU T 229 32.15 -72.98 148.46
N ALA T 230 32.63 -72.08 147.59
CA ALA T 230 33.67 -71.16 148.01
C ALA T 230 33.17 -70.11 148.99
N THR T 231 31.95 -69.60 148.80
CA THR T 231 31.35 -68.71 149.78
C THR T 231 31.18 -69.40 151.12
N LEU T 232 30.75 -70.67 151.10
CA LEU T 232 30.66 -71.42 152.35
C LEU T 232 32.02 -71.57 153.01
N ALA T 233 33.07 -71.75 152.22
CA ALA T 233 34.41 -71.86 152.79
C ALA T 233 34.80 -70.56 153.49
N ALA T 234 34.52 -69.43 152.86
CA ALA T 234 34.75 -68.13 153.51
C ALA T 234 33.93 -68.00 154.78
N MET T 235 32.66 -68.43 154.73
CA MET T 235 31.81 -68.35 155.92
C MET T 235 32.43 -69.09 157.09
N LYS T 236 32.81 -70.35 156.89
CA LYS T 236 33.31 -71.16 158.00
C LYS T 236 34.74 -70.84 158.37
N ALA T 237 35.49 -70.18 157.49
CA ALA T 237 36.82 -69.69 157.84
C ALA T 237 36.73 -68.46 158.75
N ARG T 238 35.79 -67.56 158.46
CA ARG T 238 35.52 -66.46 159.37
C ARG T 238 34.96 -66.99 160.69
N ARG T 239 34.14 -68.04 160.63
CA ARG T 239 33.58 -68.65 161.84
C ARG T 239 34.62 -69.42 162.65
N SER T 240 35.74 -69.82 162.05
CA SER T 240 36.76 -70.57 162.78
C SER T 240 37.21 -69.81 164.02
N MET U 24 -96.98 0.69 -2.25
CA MET U 24 -96.26 1.60 -3.12
C MET U 24 -95.92 2.89 -2.37
N GLU U 25 -94.71 3.42 -2.60
CA GLU U 25 -94.33 4.68 -1.97
C GLU U 25 -95.21 5.83 -2.46
N LEU U 26 -95.58 5.81 -3.74
CA LEU U 26 -96.52 6.79 -4.25
C LEU U 26 -97.84 6.73 -3.48
N PHE U 27 -98.35 5.52 -3.30
CA PHE U 27 -99.60 5.35 -2.55
C PHE U 27 -99.49 5.94 -1.15
N ASN U 28 -98.42 5.61 -0.43
CA ASN U 28 -98.19 6.18 0.90
C ASN U 28 -98.14 7.70 0.89
N ARG U 29 -97.43 8.29 -0.08
CA ARG U 29 -97.43 9.74 -0.24
C ARG U 29 -98.85 10.30 -0.42
N VAL U 30 -99.63 9.67 -1.29
CA VAL U 30 -101.02 10.08 -1.52
C VAL U 30 -101.92 9.74 -0.33
N GLY U 31 -101.46 8.88 0.56
CA GLY U 31 -102.30 8.39 1.65
C GLY U 31 -102.96 9.45 2.50
N ARG U 32 -102.23 10.50 2.89
CA ARG U 32 -102.88 11.51 3.73
C ARG U 32 -104.12 12.09 3.06
N VAL U 33 -104.00 12.52 1.80
CA VAL U 33 -105.11 13.14 1.06
C VAL U 33 -106.18 12.12 0.68
N LEU U 34 -105.78 10.95 0.20
CA LEU U 34 -106.76 9.96 -0.23
C LEU U 34 -107.47 9.33 0.97
N LYS U 35 -106.71 8.86 1.95
CA LYS U 35 -107.29 8.19 3.11
C LYS U 35 -108.11 9.14 3.98
N SER U 36 -107.82 10.44 4.02
CA SER U 36 -108.75 11.34 4.71
C SER U 36 -110.13 11.34 4.05
N GLN U 37 -110.14 11.45 2.73
CA GLN U 37 -111.39 11.34 1.97
C GLN U 37 -112.06 9.99 2.18
N LEU U 38 -111.31 8.88 2.09
CA LEU U 38 -111.92 7.57 2.29
C LEU U 38 -112.44 7.36 3.71
N THR U 39 -111.76 7.94 4.72
CA THR U 39 -112.25 7.88 6.09
C THR U 39 -113.59 8.58 6.23
N HIS U 40 -113.76 9.72 5.57
CA HIS U 40 -115.11 10.28 5.50
C HIS U 40 -116.02 9.47 4.59
N TRP U 41 -115.49 8.84 3.55
CA TRP U 41 -116.30 8.10 2.59
C TRP U 41 -117.05 6.96 3.28
N GLN U 42 -116.34 6.20 4.11
CA GLN U 42 -117.01 5.18 4.92
C GLN U 42 -117.97 5.81 5.91
N GLN U 43 -117.64 7.00 6.42
CA GLN U 43 -118.55 7.75 7.28
C GLN U 43 -119.77 8.30 6.56
N GLN U 44 -119.76 8.43 5.24
CA GLN U 44 -120.76 9.27 4.57
C GLN U 44 -122.20 8.91 4.97
N GLN U 45 -122.47 7.65 5.28
CA GLN U 45 -123.82 7.29 5.73
C GLN U 45 -124.21 8.07 6.98
N GLU U 46 -123.26 8.23 7.91
CA GLU U 46 -123.47 9.11 9.05
C GLU U 46 -123.33 10.58 8.67
N ALA U 47 -122.39 10.91 7.79
CA ALA U 47 -121.99 12.29 7.55
C ALA U 47 -121.93 12.60 6.05
N PRO U 48 -123.08 12.81 5.42
CA PRO U 48 -123.10 13.39 4.07
C PRO U 48 -123.00 14.91 4.08
N GLU U 49 -123.12 15.54 5.25
CA GLU U 49 -123.48 16.95 5.33
C GLU U 49 -122.52 17.86 4.55
N ASP U 50 -121.21 17.62 4.69
CA ASP U 50 -120.23 18.47 4.02
C ASP U 50 -120.31 18.37 2.50
N LEU U 51 -120.42 17.15 1.95
CA LEU U 51 -120.49 17.03 0.49
C LEU U 51 -121.80 17.61 -0.05
N LEU U 52 -122.91 17.37 0.65
CA LEU U 52 -124.20 17.93 0.23
C LEU U 52 -124.19 19.45 0.21
N GLU U 53 -123.73 20.07 1.29
CA GLU U 53 -123.69 21.53 1.38
C GLU U 53 -122.64 22.14 0.47
N ARG U 54 -121.53 21.45 0.20
CA ARG U 54 -120.58 21.94 -0.78
C ARG U 54 -121.22 22.07 -2.16
N LEU U 55 -121.91 21.01 -2.62
CA LEU U 55 -122.57 21.06 -3.93
C LEU U 55 -123.62 22.16 -4.00
N LEU U 56 -124.49 22.26 -2.99
CA LEU U 56 -125.50 23.31 -2.98
C LEU U 56 -124.91 24.71 -2.82
N GLY U 57 -123.75 24.83 -2.16
CA GLY U 57 -123.01 26.09 -2.20
C GLY U 57 -122.59 26.47 -3.61
N GLU U 58 -122.08 25.51 -4.36
CA GLU U 58 -121.75 25.74 -5.77
C GLU U 58 -122.99 26.11 -6.56
N MET U 59 -124.13 25.51 -6.23
CA MET U 59 -125.39 25.86 -6.87
C MET U 59 -125.84 27.28 -6.55
N GLU U 60 -125.59 27.74 -5.32
CA GLU U 60 -125.82 29.16 -4.99
C GLU U 60 -124.86 30.10 -5.73
N LEU U 61 -123.59 29.70 -5.88
CA LEU U 61 -122.65 30.50 -6.67
C LEU U 61 -123.07 30.58 -8.13
N GLU U 62 -123.59 29.49 -8.69
CA GLU U 62 -124.16 29.56 -10.04
C GLU U 62 -125.39 30.47 -10.08
N LEU U 63 -126.32 30.28 -9.15
CA LEU U 63 -127.60 30.99 -9.17
C LEU U 63 -127.45 32.50 -9.05
N ILE U 64 -126.42 32.98 -8.33
CA ILE U 64 -126.14 34.42 -8.35
C ILE U 64 -125.61 34.86 -9.71
N GLU U 65 -124.92 33.98 -10.44
CA GLU U 65 -124.64 34.28 -11.84
C GLU U 65 -125.92 34.29 -12.67
N LEU U 66 -126.78 33.28 -12.54
CA LEU U 66 -127.99 33.18 -13.35
C LEU U 66 -128.87 34.42 -13.23
N ARG U 67 -129.00 34.97 -12.02
CA ARG U 67 -129.72 36.23 -11.83
C ARG U 67 -129.05 37.40 -12.52
N ARG U 68 -127.72 37.52 -12.42
CA ARG U 68 -127.03 38.59 -13.14
C ARG U 68 -127.11 38.42 -14.65
N ALA U 69 -127.12 37.19 -15.15
CA ALA U 69 -127.28 36.94 -16.58
C ALA U 69 -128.68 37.31 -17.07
N LEU U 70 -129.71 37.05 -16.24
CA LEU U 70 -131.03 37.60 -16.52
C LEU U 70 -131.03 39.12 -16.56
N ALA U 71 -130.35 39.77 -15.61
CA ALA U 71 -130.30 41.22 -15.64
C ALA U 71 -129.55 41.75 -16.85
N GLN U 72 -128.52 41.03 -17.32
CA GLN U 72 -127.84 41.40 -18.55
C GLN U 72 -128.72 41.21 -19.78
N THR U 73 -129.60 40.21 -19.79
CA THR U 73 -130.55 40.07 -20.89
C THR U 73 -131.59 41.18 -20.90
N ILE U 74 -132.15 41.52 -19.74
CA ILE U 74 -133.10 42.63 -19.68
C ILE U 74 -132.45 43.94 -20.11
N ALA U 75 -131.22 44.17 -19.66
CA ALA U 75 -130.50 45.38 -20.06
C ALA U 75 -130.28 45.44 -21.57
N THR U 76 -129.88 44.33 -22.18
CA THR U 76 -129.71 44.29 -23.64
C THR U 76 -131.03 44.40 -24.39
N PHE U 77 -132.12 43.85 -23.85
CA PHE U 77 -133.42 43.95 -24.51
C PHE U 77 -133.90 45.39 -24.58
N LYS U 78 -133.90 46.09 -23.45
CA LYS U 78 -134.35 47.49 -23.43
C LYS U 78 -133.37 48.44 -24.09
N SER U 79 -132.07 48.12 -24.10
CA SER U 79 -131.14 48.92 -24.91
C SER U 79 -131.44 48.82 -26.39
N THR U 80 -131.80 47.63 -26.88
CA THR U 80 -132.29 47.53 -28.26
C THR U 80 -133.54 48.38 -28.45
N GLU U 81 -134.41 48.40 -27.44
CA GLU U 81 -135.61 49.23 -27.48
C GLU U 81 -135.27 50.72 -27.39
N ARG U 82 -134.23 51.08 -26.67
CA ARG U 82 -133.74 52.46 -26.66
C ARG U 82 -133.24 52.87 -28.03
N GLN U 83 -132.68 51.93 -28.79
CA GLN U 83 -132.30 52.21 -30.17
C GLN U 83 -133.54 52.40 -31.04
N ARG U 84 -134.59 51.64 -30.77
CA ARG U 84 -135.88 51.89 -31.40
C ARG U 84 -136.43 53.26 -31.03
N ASP U 85 -136.32 53.64 -29.76
CA ASP U 85 -136.75 54.96 -29.33
C ASP U 85 -136.03 56.08 -30.08
N ALA U 86 -134.75 55.87 -30.41
CA ALA U 86 -134.04 56.82 -31.26
C ALA U 86 -134.54 56.79 -32.69
N GLN U 87 -134.73 55.60 -33.27
CA GLN U 87 -135.22 55.52 -34.64
C GLN U 87 -136.58 56.21 -34.79
N GLN U 88 -137.50 55.95 -33.87
CA GLN U 88 -138.82 56.58 -33.92
C GLN U 88 -138.74 58.08 -33.65
N LEU U 89 -137.76 58.51 -32.83
CA LEU U 89 -137.55 59.94 -32.63
C LEU U 89 -137.05 60.62 -33.91
N ILE U 90 -136.19 59.96 -34.68
CA ILE U 90 -135.78 60.53 -35.96
C ILE U 90 -136.90 60.46 -36.98
N ALA U 91 -137.78 59.45 -36.89
CA ALA U 91 -138.99 59.43 -37.70
C ALA U 91 -139.88 60.63 -37.38
N GLN U 92 -140.04 60.96 -36.10
CA GLN U 92 -140.75 62.18 -35.71
C GLN U 92 -140.06 63.42 -36.24
N ARG U 93 -138.72 63.44 -36.17
CA ARG U 93 -137.97 64.53 -36.79
C ARG U 93 -138.22 64.63 -38.28
N TRP U 94 -138.48 63.51 -38.95
CA TRP U 94 -138.90 63.53 -40.35
C TRP U 94 -140.33 64.02 -40.53
N TYR U 95 -141.22 63.79 -39.55
CA TYR U 95 -142.53 64.42 -39.62
C TYR U 95 -142.47 65.91 -39.37
N GLU U 96 -141.61 66.37 -38.45
CA GLU U 96 -141.43 67.80 -38.23
C GLU U 96 -140.95 68.49 -39.51
N LYS U 97 -139.94 67.92 -40.16
CA LYS U 97 -139.47 68.45 -41.44
C LYS U 97 -140.54 68.41 -42.52
N ALA U 98 -141.42 67.41 -42.47
CA ALA U 98 -142.59 67.42 -43.35
C ALA U 98 -143.56 68.54 -42.97
N GLN U 99 -143.77 68.75 -41.66
CA GLN U 99 -144.75 69.73 -41.23
C GLN U 99 -144.39 71.14 -41.69
N ALA U 100 -143.09 71.43 -41.80
CA ALA U 100 -142.62 72.69 -42.36
C ALA U 100 -142.97 72.84 -43.83
N ALA U 101 -143.47 71.79 -44.46
CA ALA U 101 -143.96 71.84 -45.84
C ALA U 101 -145.37 71.28 -45.98
N LEU U 102 -146.03 70.92 -44.88
CA LEU U 102 -147.35 70.33 -44.93
C LEU U 102 -148.47 71.37 -44.83
N ASP U 103 -148.10 72.64 -44.73
CA ASP U 103 -149.04 73.75 -44.89
C ASP U 103 -148.82 74.44 -46.23
N ARG U 104 -149.83 75.20 -46.64
CA ARG U 104 -149.81 76.00 -47.87
C ARG U 104 -149.82 75.14 -49.12
N GLY U 105 -150.02 73.83 -49.00
CA GLY U 105 -149.95 72.95 -50.16
C GLY U 105 -148.55 72.74 -50.68
N ASN U 106 -147.53 73.08 -49.90
CA ASN U 106 -146.14 72.95 -50.31
C ASN U 106 -145.56 71.56 -49.97
N GLU U 107 -146.43 70.56 -49.84
CA GLU U 107 -146.07 69.23 -49.37
C GLU U 107 -145.09 68.49 -50.28
N GLN U 108 -144.67 69.13 -51.37
CA GLN U 108 -143.69 68.54 -52.28
C GLN U 108 -142.52 67.90 -51.54
N LEU U 109 -141.89 68.64 -50.63
CA LEU U 109 -140.74 68.09 -49.90
C LEU U 109 -141.13 66.94 -48.98
N ALA U 110 -142.41 66.83 -48.61
CA ALA U 110 -142.85 65.69 -47.82
C ALA U 110 -142.64 64.39 -48.57
N ARG U 111 -142.56 64.44 -49.91
CA ARG U 111 -142.28 63.23 -50.67
C ARG U 111 -140.97 62.58 -50.22
N GLU U 112 -139.89 63.36 -50.21
CA GLU U 112 -138.60 62.85 -49.73
C GLU U 112 -138.59 62.60 -48.23
N ALA U 113 -139.17 63.51 -47.44
CA ALA U 113 -139.11 63.38 -45.98
C ALA U 113 -139.81 62.12 -45.49
N LEU U 114 -141.01 61.86 -45.99
CA LEU U 114 -141.70 60.60 -45.69
C LEU U 114 -141.08 59.41 -46.43
N GLY U 115 -140.46 59.64 -47.59
CA GLY U 115 -139.71 58.58 -48.22
C GLY U 115 -138.58 58.04 -47.36
N GLN U 116 -137.86 58.93 -46.67
CA GLN U 116 -136.92 58.50 -45.64
C GLN U 116 -137.63 57.85 -44.46
N ARG U 117 -138.68 58.49 -43.95
CA ARG U 117 -139.35 57.93 -42.78
C ARG U 117 -139.85 56.51 -43.02
N GLN U 118 -140.20 56.16 -44.26
CA GLN U 118 -140.61 54.79 -44.55
C GLN U 118 -139.51 53.78 -44.19
N SER U 119 -138.27 54.08 -44.57
CA SER U 119 -137.16 53.22 -44.15
C SER U 119 -136.91 53.28 -42.64
N TYR U 120 -137.16 54.42 -42.01
CA TYR U 120 -136.99 54.50 -40.56
C TYR U 120 -138.06 53.71 -39.82
N GLN U 121 -139.30 53.73 -40.33
CA GLN U 121 -140.36 52.92 -39.75
C GLN U 121 -140.10 51.43 -39.92
N SER U 122 -139.50 51.02 -41.05
CA SER U 122 -139.21 49.59 -41.23
C SER U 122 -138.22 49.09 -40.20
N HIS U 123 -137.14 49.85 -39.95
CA HIS U 123 -136.21 49.48 -38.88
C HIS U 123 -136.86 49.60 -37.50
N THR U 124 -137.73 50.58 -37.30
CA THR U 124 -138.41 50.71 -36.00
C THR U 124 -139.29 49.51 -35.71
N GLU U 125 -139.99 48.99 -36.73
CA GLU U 125 -140.89 47.86 -36.50
C GLU U 125 -140.14 46.52 -36.54
N ALA U 126 -139.01 46.46 -37.25
CA ALA U 126 -138.10 45.34 -37.10
C ALA U 126 -137.59 45.25 -35.67
N LEU U 127 -137.17 46.38 -35.10
CA LEU U 127 -136.78 46.42 -33.70
C LEU U 127 -137.95 46.06 -32.80
N GLY U 128 -139.13 46.65 -33.04
CA GLY U 128 -140.27 46.39 -32.19
C GLY U 128 -140.72 44.94 -32.17
N LYS U 129 -140.55 44.22 -33.28
CA LYS U 129 -140.93 42.81 -33.32
C LYS U 129 -139.82 41.87 -32.87
N SER U 130 -138.56 42.24 -33.07
CA SER U 130 -137.47 41.60 -32.34
C SER U 130 -137.69 41.73 -30.84
N LEU U 131 -138.06 42.92 -30.40
CA LEU U 131 -138.34 43.23 -29.00
C LEU U 131 -139.63 42.57 -28.51
N GLY U 132 -140.43 42.00 -29.40
CA GLY U 132 -141.53 41.14 -29.00
C GLY U 132 -141.04 39.75 -28.64
N GLU U 133 -140.07 39.24 -29.40
CA GLU U 133 -139.45 37.98 -29.04
C GLU U 133 -138.60 38.14 -27.78
N GLN U 134 -137.79 39.20 -27.73
CA GLN U 134 -136.99 39.49 -26.55
C GLN U 134 -137.85 39.69 -25.31
N ARG U 135 -139.07 40.22 -25.48
CA ARG U 135 -140.03 40.21 -24.39
C ARG U 135 -140.33 38.80 -23.92
N ALA U 136 -140.79 37.95 -24.83
CA ALA U 136 -141.11 36.56 -24.47
C ALA U 136 -139.90 35.85 -23.88
N LEU U 137 -138.69 36.19 -24.31
CA LEU U 137 -137.49 35.62 -23.71
C LEU U 137 -137.31 36.05 -22.25
N VAL U 138 -137.44 37.34 -21.96
CA VAL U 138 -137.29 37.79 -20.58
C VAL U 138 -138.43 37.28 -19.69
N GLU U 139 -139.64 37.12 -20.24
CA GLU U 139 -140.73 36.54 -19.48
C GLU U 139 -140.48 35.07 -19.18
N GLN U 140 -140.15 34.28 -20.20
CA GLN U 140 -139.95 32.84 -20.01
C GLN U 140 -138.73 32.56 -19.14
N VAL U 141 -137.66 33.35 -19.29
CA VAL U 141 -136.49 33.15 -18.44
C VAL U 141 -136.78 33.54 -17.00
N ARG U 142 -137.64 34.55 -16.79
CA ARG U 142 -138.06 34.88 -15.43
C ARG U 142 -138.90 33.77 -14.81
N GLY U 143 -139.80 33.17 -15.60
CA GLY U 143 -140.58 32.06 -15.07
C GLY U 143 -139.75 30.81 -14.84
N GLN U 144 -138.80 30.55 -15.74
CA GLN U 144 -137.85 29.45 -15.55
C GLN U 144 -137.07 29.62 -14.27
N LEU U 145 -136.49 30.81 -14.06
CA LEU U 145 -135.76 31.09 -12.82
C LEU U 145 -136.65 30.96 -11.59
N GLN U 146 -137.81 31.62 -11.59
CA GLN U 146 -138.62 31.64 -10.37
C GLN U 146 -139.12 30.26 -9.98
N LYS U 147 -139.43 29.40 -10.94
CA LYS U 147 -139.68 28.00 -10.66
C LYS U 147 -138.45 27.30 -10.10
N LEU U 148 -137.30 27.48 -10.75
CA LEU U 148 -136.09 26.75 -10.40
C LEU U 148 -135.56 27.15 -9.02
N GLU U 149 -135.45 28.45 -8.77
CA GLU U 149 -134.90 28.95 -7.52
C GLU U 149 -135.85 28.71 -6.36
N ARG U 150 -137.16 28.76 -6.60
CA ARG U 150 -138.11 28.36 -5.57
C ARG U 150 -137.99 26.87 -5.26
N LYS U 151 -137.69 26.07 -6.28
CA LYS U 151 -137.42 24.64 -6.05
C LYS U 151 -136.13 24.45 -5.25
N TYR U 152 -135.11 25.27 -5.51
CA TYR U 152 -133.90 25.26 -4.70
C TYR U 152 -134.18 25.65 -3.25
N LEU U 153 -135.02 26.66 -3.03
CA LEU U 153 -135.41 27.04 -1.67
C LEU U 153 -136.10 25.89 -0.93
N GLU U 154 -137.11 25.29 -1.56
CA GLU U 154 -137.80 24.15 -0.96
C GLU U 154 -136.88 22.94 -0.82
N LEU U 155 -135.94 22.78 -1.74
CA LEU U 155 -134.94 21.71 -1.62
C LEU U 155 -133.96 21.98 -0.48
N LYS U 156 -133.62 23.23 -0.21
CA LYS U 156 -132.88 23.56 1.00
C LYS U 156 -133.68 23.18 2.25
N SER U 157 -134.97 23.51 2.26
CA SER U 157 -135.82 23.12 3.38
C SER U 157 -135.79 21.60 3.58
N GLN U 158 -135.99 20.86 2.49
CA GLN U 158 -135.92 19.39 2.55
C GLN U 158 -134.56 18.89 3.03
N LYS U 159 -133.46 19.47 2.55
CA LYS U 159 -132.13 19.02 2.98
C LYS U 159 -131.95 19.21 4.48
N ASN U 160 -132.31 20.39 5.00
CA ASN U 160 -132.22 20.62 6.44
C ASN U 160 -133.02 19.56 7.20
N LEU U 161 -134.24 19.30 6.74
CA LEU U 161 -135.08 18.26 7.33
C LEU U 161 -134.54 16.86 7.09
N TYR U 162 -133.75 16.67 6.04
CA TYR U 162 -133.16 15.37 5.75
C TYR U 162 -131.96 15.07 6.64
N LEU U 163 -131.15 16.09 6.93
CA LEU U 163 -130.06 15.91 7.90
C LEU U 163 -130.60 15.64 9.30
N ALA U 164 -131.69 16.32 9.67
CA ALA U 164 -132.36 16.01 10.93
C ALA U 164 -132.91 14.59 10.94
N ARG U 165 -133.64 14.20 9.90
CA ARG U 165 -134.11 12.81 9.79
C ARG U 165 -132.97 11.81 9.90
N LEU U 166 -131.88 12.04 9.15
CA LEU U 166 -130.76 11.11 9.14
C LEU U 166 -130.12 10.96 10.52
N LYS U 167 -129.81 12.08 11.17
CA LYS U 167 -129.25 12.02 12.52
C LYS U 167 -130.21 11.35 13.50
N SER U 168 -131.52 11.59 13.34
CA SER U 168 -132.51 10.98 14.22
C SER U 168 -132.60 9.47 14.00
N ALA U 169 -132.58 9.03 12.75
CA ALA U 169 -132.52 7.61 12.44
C ALA U 169 -131.26 6.97 13.00
N ILE U 170 -130.11 7.62 12.82
CA ILE U 170 -128.85 7.12 13.35
C ILE U 170 -128.95 6.91 14.85
N ALA U 171 -129.48 7.91 15.57
CA ALA U 171 -129.70 7.79 17.01
C ALA U 171 -130.62 6.62 17.34
N ALA U 172 -131.71 6.48 16.59
CA ALA U 172 -132.65 5.37 16.79
C ALA U 172 -131.95 4.02 16.61
N GLN U 173 -131.16 3.90 15.54
CA GLN U 173 -130.36 2.69 15.32
C GLN U 173 -129.47 2.40 16.51
N LYS U 174 -128.87 3.44 17.09
CA LYS U 174 -128.01 3.24 18.24
C LYS U 174 -128.78 2.80 19.49
N ILE U 175 -129.99 3.30 19.71
CA ILE U 175 -130.82 2.80 20.81
C ILE U 175 -131.24 1.35 20.61
N GLU U 176 -131.71 1.00 19.42
CA GLU U 176 -132.09 -0.40 19.18
C GLU U 176 -130.92 -1.35 19.36
N GLU U 177 -129.79 -1.06 18.72
CA GLU U 177 -128.64 -1.97 18.78
C GLU U 177 -128.03 -2.05 20.17
N ILE U 178 -127.91 -0.93 20.87
CA ILE U 178 -127.39 -0.94 22.24
C ILE U 178 -128.40 -1.55 23.20
N ALA U 179 -129.69 -1.32 22.96
CA ALA U 179 -130.73 -1.98 23.76
C ALA U 179 -130.77 -3.48 23.52
N GLY U 180 -130.62 -3.92 22.27
CA GLY U 180 -130.56 -5.35 22.01
C GLY U 180 -129.36 -6.03 22.65
N ASN U 181 -128.20 -5.38 22.63
CA ASN U 181 -127.06 -5.92 23.37
C ASN U 181 -127.25 -5.81 24.87
N LEU U 182 -127.93 -4.77 25.34
CA LEU U 182 -128.14 -4.61 26.78
C LEU U 182 -129.08 -5.69 27.32
N ASP U 183 -130.22 -5.87 26.66
CA ASP U 183 -131.19 -6.86 27.14
C ASP U 183 -130.68 -8.27 26.89
N ASN U 184 -130.28 -8.56 25.65
CA ASN U 184 -129.95 -9.93 25.30
C ASN U 184 -128.63 -10.39 25.92
N ALA U 185 -127.55 -9.62 25.73
CA ALA U 185 -126.26 -10.03 26.27
C ALA U 185 -126.18 -9.81 27.77
N SER U 186 -126.51 -8.60 28.24
CA SER U 186 -126.29 -8.26 29.65
C SER U 186 -127.29 -8.98 30.55
N ALA U 187 -128.58 -8.94 30.19
CA ALA U 187 -129.61 -9.45 31.08
C ALA U 187 -129.53 -10.96 31.21
N SER U 188 -129.28 -11.68 30.12
CA SER U 188 -129.08 -13.13 30.24
C SER U 188 -127.86 -13.44 31.09
N SER U 189 -126.82 -12.61 30.99
CA SER U 189 -125.66 -12.76 31.85
C SER U 189 -126.02 -12.51 33.31
N LEU U 190 -126.94 -11.59 33.57
CA LEU U 190 -127.35 -11.32 34.95
C LEU U 190 -128.20 -12.46 35.50
N PHE U 191 -129.23 -12.87 34.76
CA PHE U 191 -130.19 -13.83 35.30
C PHE U 191 -129.57 -15.22 35.40
N GLU U 192 -128.98 -15.71 34.31
CA GLU U 192 -128.45 -17.07 34.32
C GLU U 192 -127.20 -17.24 35.16
N ARG U 193 -126.31 -16.23 35.23
CA ARG U 193 -125.19 -16.30 36.16
C ARG U 193 -125.56 -16.10 37.63
N ILE U 194 -126.55 -15.26 37.92
CA ILE U 194 -127.01 -15.12 39.30
C ILE U 194 -127.76 -16.37 39.75
N GLU U 195 -128.60 -16.91 38.87
CA GLU U 195 -129.33 -18.13 39.20
C GLU U 195 -128.40 -19.30 39.45
N THR U 196 -127.44 -19.54 38.55
CA THR U 196 -126.50 -20.64 38.75
C THR U 196 -125.66 -20.46 40.01
N LYS U 197 -125.29 -19.23 40.33
CA LYS U 197 -124.59 -19.00 41.60
C LYS U 197 -125.50 -19.21 42.80
N ILE U 198 -126.79 -18.90 42.65
CA ILE U 198 -127.76 -19.19 43.71
C ILE U 198 -127.88 -20.70 43.91
N LEU U 199 -127.97 -21.43 42.80
CA LEU U 199 -128.02 -22.89 42.86
C LEU U 199 -126.80 -23.46 43.55
N GLU U 200 -125.63 -22.85 43.32
CA GLU U 200 -124.42 -23.29 44.01
C GLU U 200 -124.56 -23.06 45.51
N LEU U 201 -125.15 -21.94 45.90
CA LEU U 201 -125.44 -21.69 47.31
C LEU U 201 -126.48 -22.67 47.85
N GLU U 202 -127.43 -23.06 47.00
CA GLU U 202 -128.48 -24.00 47.40
C GLU U 202 -127.97 -25.43 47.55
N ALA U 203 -126.96 -25.81 46.75
CA ALA U 203 -126.31 -27.10 46.95
C ALA U 203 -125.65 -27.21 48.30
N GLU U 204 -125.09 -26.10 48.81
CA GLU U 204 -124.65 -26.07 50.21
C GLU U 204 -125.80 -25.95 51.19
N ARG U 205 -126.92 -25.33 50.80
CA ARG U 205 -128.09 -25.32 51.67
C ARG U 205 -128.58 -26.74 51.94
N GLU U 206 -128.74 -27.55 50.89
CA GLU U 206 -129.21 -28.92 51.04
C GLU U 206 -128.16 -29.84 51.66
N LEU U 207 -126.92 -29.39 51.80
CA LEU U 207 -125.95 -30.10 52.62
C LEU U 207 -126.08 -29.73 54.09
N LEU U 208 -126.41 -28.48 54.39
CA LEU U 208 -126.56 -28.02 55.76
C LEU U 208 -127.96 -28.21 56.32
N ASN U 209 -128.95 -28.50 55.46
CA ASN U 209 -130.35 -28.37 55.83
C ASN U 209 -131.17 -29.45 55.14
N PRO U 210 -131.87 -30.31 55.87
CA PRO U 210 -132.74 -31.28 55.22
C PRO U 210 -133.83 -30.59 54.43
N PRO U 211 -134.26 -31.17 53.31
CA PRO U 211 -135.39 -30.59 52.57
C PRO U 211 -136.59 -30.39 53.48
N PRO U 212 -137.08 -29.15 53.62
CA PRO U 212 -138.26 -28.92 54.47
C PRO U 212 -139.54 -29.43 53.85
N SER U 213 -139.78 -30.75 53.96
CA SER U 213 -140.97 -31.37 53.39
C SER U 213 -142.21 -30.85 54.10
N PRO U 214 -143.41 -31.10 53.57
CA PRO U 214 -144.63 -30.72 54.30
C PRO U 214 -144.76 -31.42 55.64
N LEU U 215 -144.09 -32.56 55.84
CA LEU U 215 -144.27 -33.33 57.06
C LEU U 215 -143.67 -32.60 58.27
N ASP U 216 -142.36 -32.36 58.24
CA ASP U 216 -141.72 -31.63 59.34
C ASP U 216 -142.30 -30.24 59.51
N LYS U 217 -142.74 -29.61 58.42
CA LYS U 217 -143.39 -28.31 58.53
C LYS U 217 -144.66 -28.38 59.38
N LYS U 218 -145.49 -29.39 59.15
CA LYS U 218 -146.70 -29.55 59.94
C LYS U 218 -146.39 -29.86 61.39
N PHE U 219 -145.35 -30.66 61.63
CA PHE U 219 -144.93 -30.96 63.00
C PHE U 219 -144.48 -29.70 63.73
N GLU U 220 -143.71 -28.83 63.07
CA GLU U 220 -143.29 -27.58 63.69
C GLU U 220 -144.49 -26.68 63.98
N GLN U 221 -145.46 -26.64 63.08
CA GLN U 221 -146.67 -25.87 63.31
C GLN U 221 -147.42 -26.40 64.53
N TRP U 222 -147.54 -27.73 64.65
CA TRP U 222 -148.18 -28.31 65.82
C TRP U 222 -147.38 -28.03 67.08
N GLU U 223 -146.05 -27.91 66.99
CA GLU U 223 -145.26 -27.56 68.16
C GLU U 223 -145.63 -26.17 68.66
N GLU U 224 -145.78 -25.21 67.76
CA GLU U 224 -146.25 -23.88 68.15
C GLU U 224 -147.66 -23.96 68.73
N GLN U 225 -148.52 -24.77 68.13
CA GLN U 225 -149.87 -24.96 68.64
C GLN U 225 -149.84 -25.52 70.07
N GLN U 226 -148.92 -26.44 70.34
CA GLN U 226 -148.83 -27.04 71.67
C GLN U 226 -148.24 -26.08 72.68
N ALA U 227 -147.35 -25.19 72.25
CA ALA U 227 -146.85 -24.15 73.16
C ALA U 227 -147.98 -23.24 73.61
N VAL U 228 -148.81 -22.78 72.68
CA VAL U 228 -149.95 -21.94 73.04
C VAL U 228 -150.99 -22.73 73.82
N GLU U 229 -151.13 -24.03 73.54
CA GLU U 229 -152.05 -24.82 74.34
C GLU U 229 -151.56 -24.96 75.79
N ALA U 230 -150.23 -24.95 75.99
CA ALA U 230 -149.70 -24.94 77.35
C ALA U 230 -149.92 -23.60 78.05
N THR U 231 -149.78 -22.49 77.33
CA THR U 231 -150.11 -21.19 77.88
C THR U 231 -151.58 -21.11 78.27
N LEU U 232 -152.46 -21.66 77.42
CA LEU U 232 -153.88 -21.70 77.75
C LEU U 232 -154.11 -22.52 79.01
N ALA U 233 -153.37 -23.62 79.17
CA ALA U 233 -153.53 -24.44 80.37
C ALA U 233 -153.16 -23.64 81.62
N ALA U 234 -152.05 -22.90 81.55
CA ALA U 234 -151.68 -22.01 82.65
C ALA U 234 -152.76 -20.96 82.90
N MET U 235 -153.31 -20.39 81.83
CA MET U 235 -154.35 -19.38 81.98
C MET U 235 -155.53 -19.94 82.77
N LYS U 236 -156.06 -21.09 82.36
CA LYS U 236 -157.26 -21.62 83.00
C LYS U 236 -156.98 -22.28 84.34
N ALA U 237 -155.72 -22.63 84.61
CA ALA U 237 -155.35 -23.12 85.94
C ALA U 237 -155.30 -21.97 86.94
N ARG U 238 -154.75 -20.82 86.53
CA ARG U 238 -154.84 -19.64 87.36
C ARG U 238 -156.28 -19.19 87.53
N ARG U 239 -157.10 -19.33 86.48
CA ARG U 239 -158.50 -18.97 86.55
C ARG U 239 -159.32 -19.95 87.40
N SER U 240 -158.84 -21.17 87.63
CA SER U 240 -159.60 -22.13 88.42
C SER U 240 -159.93 -21.56 89.79
N MET V 24 -26.37 65.93 -68.72
CA MET V 24 -24.98 65.76 -68.35
C MET V 24 -24.65 66.60 -67.11
N GLU V 25 -23.86 66.04 -66.20
CA GLU V 25 -23.45 66.81 -65.02
C GLU V 25 -22.61 68.02 -65.41
N LEU V 26 -21.75 67.86 -66.42
CA LEU V 26 -20.99 69.00 -66.94
C LEU V 26 -21.95 70.10 -67.40
N PHE V 27 -22.96 69.72 -68.17
CA PHE V 27 -23.94 70.69 -68.65
C PHE V 27 -24.60 71.44 -67.49
N ASN V 28 -25.05 70.71 -66.49
CA ASN V 28 -25.64 71.33 -65.30
C ASN V 28 -24.69 72.30 -64.61
N ARG V 29 -23.42 71.89 -64.43
CA ARG V 29 -22.41 72.80 -63.90
C ARG V 29 -22.30 74.08 -64.72
N VAL V 30 -22.23 73.95 -66.05
CA VAL V 30 -22.16 75.09 -66.94
C VAL V 30 -23.47 75.86 -67.00
N GLY V 31 -24.56 75.25 -66.53
CA GLY V 31 -25.88 75.85 -66.67
C GLY V 31 -26.02 77.25 -66.16
N ARG V 32 -25.50 77.56 -64.98
CA ARG V 32 -25.66 78.93 -64.48
C ARG V 32 -25.12 79.96 -65.47
N VAL V 33 -23.88 79.77 -65.94
CA VAL V 33 -23.23 80.71 -66.86
C VAL V 33 -23.84 80.66 -68.26
N LEU V 34 -24.10 79.47 -68.78
CA LEU V 34 -24.64 79.37 -70.14
C LEU V 34 -26.11 79.81 -70.18
N LYS V 35 -26.94 79.29 -69.29
CA LYS V 35 -28.35 79.61 -69.29
C LYS V 35 -28.63 81.06 -68.93
N SER V 36 -27.79 81.73 -68.14
CA SER V 36 -27.98 83.18 -67.97
C SER V 36 -27.84 83.91 -69.30
N GLN V 37 -26.79 83.59 -70.04
CA GLN V 37 -26.60 84.14 -71.37
C GLN V 37 -27.76 83.78 -72.29
N LEU V 38 -28.18 82.51 -72.32
CA LEU V 38 -29.29 82.14 -73.20
C LEU V 38 -30.61 82.79 -72.79
N THR V 39 -30.84 83.02 -71.50
CA THR V 39 -32.03 83.74 -71.04
C THR V 39 -32.05 85.16 -71.56
N HIS V 40 -30.89 85.83 -71.57
CA HIS V 40 -30.83 87.10 -72.29
C HIS V 40 -30.89 86.92 -73.80
N TRP V 41 -30.36 85.81 -74.32
CA TRP V 41 -30.31 85.60 -75.77
C TRP V 41 -31.70 85.57 -76.36
N GLN V 42 -32.62 84.84 -75.72
CA GLN V 42 -34.01 84.89 -76.15
C GLN V 42 -34.61 86.26 -75.93
N GLN V 43 -34.18 86.97 -74.89
CA GLN V 43 -34.59 88.36 -74.67
C GLN V 43 -34.02 89.34 -75.69
N GLN V 44 -32.94 89.00 -76.40
CA GLN V 44 -32.19 90.05 -77.12
C GLN V 44 -33.07 90.92 -78.00
N GLN V 45 -34.15 90.37 -78.56
CA GLN V 45 -35.04 91.21 -79.37
C GLN V 45 -35.59 92.37 -78.55
N GLU V 46 -35.95 92.11 -77.30
CA GLU V 46 -36.32 93.18 -76.38
C GLU V 46 -35.09 93.94 -75.87
N ALA V 47 -33.99 93.23 -75.60
CA ALA V 47 -32.86 93.79 -74.86
C ALA V 47 -31.55 93.48 -75.57
N PRO V 48 -31.24 94.23 -76.64
CA PRO V 48 -29.87 94.20 -77.19
C PRO V 48 -28.91 95.14 -76.47
N GLU V 49 -29.42 95.99 -75.58
CA GLU V 49 -28.71 97.19 -75.16
C GLU V 49 -27.34 96.88 -74.57
N ASP V 50 -27.25 95.87 -73.70
CA ASP V 50 -25.97 95.55 -73.06
C ASP V 50 -24.92 95.06 -74.05
N LEU V 51 -25.29 94.17 -74.99
CA LEU V 51 -24.31 93.69 -75.95
C LEU V 51 -23.87 94.81 -76.90
N LEU V 52 -24.81 95.63 -77.35
CA LEU V 52 -24.49 96.75 -78.23
C LEU V 52 -23.53 97.74 -77.57
N GLU V 53 -23.84 98.16 -76.35
CA GLU V 53 -23.00 99.12 -75.64
C GLU V 53 -21.67 98.52 -75.20
N ARG V 54 -21.62 97.22 -74.90
CA ARG V 54 -20.34 96.58 -74.63
C ARG V 54 -19.40 96.69 -75.82
N LEU V 55 -19.88 96.32 -77.01
CA LEU V 55 -19.04 96.41 -78.21
C LEU V 55 -18.57 97.83 -78.48
N LEU V 56 -19.49 98.80 -78.44
CA LEU V 56 -19.10 100.20 -78.66
C LEU V 56 -18.21 100.75 -77.54
N GLY V 57 -18.35 100.23 -76.32
CA GLY V 57 -17.36 100.54 -75.30
C GLY V 57 -15.96 100.07 -75.67
N GLU V 58 -15.86 98.85 -76.19
CA GLU V 58 -14.58 98.34 -76.69
C GLU V 58 -14.06 99.20 -77.85
N MET V 59 -14.98 99.70 -78.69
CA MET V 59 -14.60 100.59 -79.78
C MET V 59 -14.09 101.93 -79.26
N GLU V 60 -14.66 102.44 -78.17
CA GLU V 60 -14.08 103.63 -77.51
C GLU V 60 -12.72 103.36 -76.88
N LEU V 61 -12.53 102.18 -76.29
CA LEU V 61 -11.21 101.81 -75.77
C LEU V 61 -10.17 101.71 -76.88
N GLU V 62 -10.54 101.18 -78.04
CA GLU V 62 -9.65 101.20 -79.19
C GLU V 62 -9.36 102.63 -79.65
N LEU V 63 -10.42 103.43 -79.82
CA LEU V 63 -10.29 104.77 -80.39
C LEU V 63 -9.40 105.70 -79.56
N ILE V 64 -9.40 105.53 -78.23
CA ILE V 64 -8.42 106.27 -77.41
C ILE V 64 -7.00 105.78 -77.68
N GLU V 65 -6.83 104.50 -78.01
CA GLU V 65 -5.53 104.07 -78.52
C GLU V 65 -5.22 104.71 -79.88
N LEU V 66 -6.17 104.67 -80.82
CA LEU V 66 -5.92 105.19 -82.16
C LEU V 66 -5.47 106.65 -82.15
N ARG V 67 -6.07 107.47 -81.28
CA ARG V 67 -5.62 108.85 -81.11
C ARG V 67 -4.21 108.95 -80.55
N ARG V 68 -3.87 108.14 -79.54
CA ARG V 68 -2.50 108.15 -79.03
C ARG V 68 -1.49 107.62 -80.05
N ALA V 69 -1.89 106.67 -80.89
CA ALA V 69 -1.01 106.17 -81.95
C ALA V 69 -0.78 107.23 -83.03
N LEU V 70 -1.80 108.02 -83.35
CA LEU V 70 -1.61 109.21 -84.17
C LEU V 70 -0.64 110.20 -83.54
N ALA V 71 -0.77 110.45 -82.24
CA ALA V 71 0.15 111.35 -81.58
C ALA V 71 1.58 110.81 -81.56
N GLN V 72 1.74 109.48 -81.44
CA GLN V 72 3.06 108.88 -81.55
C GLN V 72 3.65 108.99 -82.96
N THR V 73 2.81 108.93 -83.99
CA THR V 73 3.30 109.15 -85.35
C THR V 73 3.73 110.59 -85.58
N ILE V 74 2.93 111.56 -85.12
CA ILE V 74 3.32 112.96 -85.25
C ILE V 74 4.61 113.24 -84.50
N ALA V 75 4.74 112.68 -83.29
CA ALA V 75 5.97 112.85 -82.51
C ALA V 75 7.19 112.28 -83.22
N THR V 76 7.06 111.09 -83.80
CA THR V 76 8.17 110.49 -84.56
C THR V 76 8.46 111.25 -85.86
N PHE V 77 7.44 111.80 -86.52
CA PHE V 77 7.67 112.56 -87.74
C PHE V 77 8.49 113.81 -87.48
N LYS V 78 8.08 114.62 -86.51
CA LYS V 78 8.81 115.85 -86.20
C LYS V 78 10.13 115.60 -85.50
N SER V 79 10.27 114.49 -84.76
CA SER V 79 11.60 114.13 -84.26
C SER V 79 12.57 113.81 -85.39
N THR V 80 12.11 113.13 -86.44
CA THR V 80 12.95 112.97 -87.62
C THR V 80 13.30 114.33 -88.22
N GLU V 81 12.34 115.26 -88.19
CA GLU V 81 12.59 116.62 -88.68
C GLU V 81 13.52 117.39 -87.75
N ARG V 82 13.46 117.13 -86.45
CA ARG V 82 14.43 117.71 -85.52
C ARG V 82 15.84 117.21 -85.81
N GLN V 83 15.97 115.97 -86.28
CA GLN V 83 17.26 115.47 -86.72
C GLN V 83 17.72 116.17 -87.99
N ARG V 84 16.77 116.49 -88.88
CA ARG V 84 17.08 117.35 -90.02
C ARG V 84 17.51 118.74 -89.57
N ASP V 85 16.82 119.30 -88.58
CA ASP V 85 17.20 120.60 -88.04
C ASP V 85 18.63 120.60 -87.52
N ALA V 86 19.07 119.48 -86.94
CA ALA V 86 20.47 119.36 -86.54
C ALA V 86 21.40 119.24 -87.73
N GLN V 87 21.04 118.41 -88.72
CA GLN V 87 21.89 118.27 -89.89
C GLN V 87 22.09 119.61 -90.61
N GLN V 88 21.01 120.36 -90.81
CA GLN V 88 21.11 121.67 -91.45
C GLN V 88 21.84 122.68 -90.59
N LEU V 89 21.75 122.55 -89.25
CA LEU V 89 22.54 123.39 -88.36
C LEU V 89 24.03 123.11 -88.48
N ILE V 90 24.41 121.84 -88.65
CA ILE V 90 25.82 121.53 -88.87
C ILE V 90 26.26 121.96 -90.27
N ALA V 91 25.35 121.91 -91.25
CA ALA V 91 25.63 122.50 -92.56
C ALA V 91 25.91 123.99 -92.46
N GLN V 92 25.11 124.71 -91.66
CA GLN V 92 25.40 126.12 -91.39
C GLN V 92 26.73 126.29 -90.67
N ARG V 93 27.04 125.41 -89.72
CA ARG V 93 28.36 125.41 -89.10
C ARG V 93 29.47 125.20 -90.11
N TRP V 94 29.21 124.43 -91.17
CA TRP V 94 30.16 124.31 -92.28
C TRP V 94 30.23 125.55 -93.13
N TYR V 95 29.14 126.31 -93.26
CA TYR V 95 29.24 127.61 -93.92
C TYR V 95 30.00 128.62 -93.07
N GLU V 96 29.80 128.61 -91.75
CA GLU V 96 30.58 129.50 -90.88
C GLU V 96 32.07 129.23 -91.00
N LYS V 97 32.46 127.96 -90.95
CA LYS V 97 33.87 127.59 -91.15
C LYS V 97 34.36 127.97 -92.54
N ALA V 98 33.49 127.93 -93.54
CA ALA V 98 33.86 128.47 -94.85
C ALA V 98 34.02 129.99 -94.80
N GLN V 99 33.13 130.68 -94.08
CA GLN V 99 33.15 132.14 -94.07
C GLN V 99 34.45 132.66 -93.47
N ALA V 100 35.05 131.93 -92.52
CA ALA V 100 36.35 132.26 -91.99
C ALA V 100 37.47 132.14 -93.03
N ALA V 101 37.16 131.61 -94.21
CA ALA V 101 38.09 131.55 -95.32
C ALA V 101 37.50 132.10 -96.60
N LEU V 102 36.30 132.67 -96.56
CA LEU V 102 35.63 133.18 -97.75
C LEU V 102 35.92 134.66 -97.99
N ASP V 103 36.71 135.28 -97.14
CA ASP V 103 37.27 136.60 -97.38
C ASP V 103 38.75 136.49 -97.72
N ARG V 104 39.28 137.56 -98.31
CA ARG V 104 40.69 137.69 -98.68
C ARG V 104 41.10 136.74 -99.80
N GLY V 105 40.14 136.06 -100.44
CA GLY V 105 40.49 135.08 -101.45
C GLY V 105 41.10 133.81 -100.91
N ASN V 106 40.99 133.58 -99.61
CA ASN V 106 41.56 132.40 -98.96
C ASN V 106 40.60 131.20 -98.98
N GLU V 107 39.67 131.18 -99.92
CA GLU V 107 38.58 130.20 -99.98
C GLU V 107 39.06 128.76 -100.17
N GLN V 108 40.38 128.56 -100.26
CA GLN V 108 40.94 127.22 -100.38
C GLN V 108 40.29 126.21 -99.42
N LEU V 109 40.22 126.55 -98.14
CA LEU V 109 39.63 125.63 -97.17
C LEU V 109 38.14 125.42 -97.39
N ALA V 110 37.48 126.35 -98.09
CA ALA V 110 36.07 126.14 -98.42
C ALA V 110 35.87 124.91 -99.30
N ARG V 111 36.93 124.47 -100.00
CA ARG V 111 36.83 123.26 -100.79
C ARG V 111 36.41 122.07 -99.92
N GLU V 112 37.16 121.84 -98.84
CA GLU V 112 36.82 120.76 -97.91
C GLU V 112 35.55 121.05 -97.11
N ALA V 113 35.37 122.30 -96.65
CA ALA V 113 34.22 122.62 -95.81
C ALA V 113 32.89 122.43 -96.54
N LEU V 114 32.80 122.93 -97.77
CA LEU V 114 31.63 122.66 -98.60
C LEU V 114 31.61 121.24 -99.14
N GLY V 115 32.77 120.60 -99.30
CA GLY V 115 32.77 119.19 -99.62
C GLY V 115 32.09 118.32 -98.58
N GLN V 116 32.31 118.62 -97.30
CA GLN V 116 31.51 118.00 -96.24
C GLN V 116 30.05 118.43 -96.31
N ARG V 117 29.80 119.73 -96.45
CA ARG V 117 28.40 120.19 -96.46
C ARG V 117 27.59 119.53 -97.56
N GLN V 118 28.21 119.16 -98.68
CA GLN V 118 27.47 118.45 -99.72
C GLN V 118 26.87 117.15 -99.20
N SER V 119 27.65 116.36 -98.45
CA SER V 119 27.09 115.17 -97.82
C SER V 119 26.06 115.50 -96.74
N TYR V 120 26.23 116.61 -96.04
CA TYR V 120 25.24 116.99 -95.03
C TYR V 120 23.94 117.46 -95.67
N GLN V 121 24.01 118.16 -96.81
CA GLN V 121 22.81 118.53 -97.54
C GLN V 121 22.08 117.32 -98.11
N SER V 122 22.82 116.29 -98.54
CA SER V 122 22.15 115.10 -99.08
C SER V 122 21.32 114.40 -98.02
N HIS V 123 21.88 114.25 -96.81
CA HIS V 123 21.08 113.69 -95.71
C HIS V 123 19.97 114.63 -95.28
N THR V 124 20.20 115.94 -95.32
CA THR V 124 19.15 116.89 -94.97
C THR V 124 17.96 116.81 -95.92
N GLU V 125 18.23 116.63 -97.22
CA GLU V 125 17.13 116.57 -98.18
C GLU V 125 16.53 115.17 -98.29
N ALA V 126 17.30 114.13 -97.97
CA ALA V 126 16.73 112.82 -97.74
C ALA V 126 15.74 112.84 -96.59
N LEU V 127 16.12 113.47 -95.48
CA LEU V 127 15.19 113.67 -94.37
C LEU V 127 14.00 114.52 -94.80
N GLY V 128 14.26 115.63 -95.48
CA GLY V 128 13.17 116.52 -95.87
C GLY V 128 12.14 115.87 -96.78
N LYS V 129 12.57 114.95 -97.65
CA LYS V 129 11.64 114.27 -98.54
C LYS V 129 11.00 113.03 -97.93
N SER V 130 11.71 112.34 -97.03
CA SER V 130 11.04 111.40 -96.14
C SER V 130 9.95 112.09 -95.34
N LEU V 131 10.26 113.27 -94.82
CA LEU V 131 9.34 114.11 -94.06
C LEU V 131 8.23 114.70 -94.92
N GLY V 132 8.35 114.61 -96.25
CA GLY V 132 7.24 114.92 -97.13
C GLY V 132 6.24 113.78 -97.19
N GLU V 133 6.74 112.55 -97.20
CA GLU V 133 5.85 111.40 -97.12
C GLU V 133 5.22 111.31 -95.72
N GLN V 134 6.05 111.46 -94.68
CA GLN V 134 5.54 111.46 -93.31
C GLN V 134 4.53 112.57 -93.08
N ARG V 135 4.66 113.70 -93.78
CA ARG V 135 3.60 114.70 -93.79
C ARG V 135 2.31 114.12 -94.34
N ALA V 136 2.35 113.60 -95.56
CA ALA V 136 1.15 113.02 -96.16
C ALA V 136 0.56 111.90 -95.31
N LEU V 137 1.41 111.16 -94.59
CA LEU V 137 0.91 110.14 -93.66
C LEU V 137 0.14 110.75 -92.50
N VAL V 138 0.68 111.78 -91.85
CA VAL V 138 -0.04 112.39 -90.73
C VAL V 138 -1.29 113.12 -91.21
N GLU V 139 -1.29 113.68 -92.42
CA GLU V 139 -2.50 114.28 -92.97
C GLU V 139 -3.57 113.24 -93.27
N GLN V 140 -3.20 112.18 -93.99
CA GLN V 140 -4.18 111.17 -94.37
C GLN V 140 -4.70 110.40 -93.16
N VAL V 141 -3.84 110.13 -92.17
CA VAL V 141 -4.28 109.46 -90.96
C VAL V 141 -5.19 110.36 -90.13
N ARG V 142 -4.95 111.67 -90.15
CA ARG V 142 -5.87 112.61 -89.49
C ARG V 142 -7.22 112.65 -90.19
N GLY V 143 -7.24 112.63 -91.52
CA GLY V 143 -8.51 112.60 -92.22
C GLY V 143 -9.24 111.28 -92.07
N GLN V 144 -8.48 110.17 -92.06
CA GLN V 144 -9.06 108.86 -91.80
C GLN V 144 -9.72 108.82 -90.43
N LEU V 145 -9.01 109.28 -89.40
CA LEU V 145 -9.56 109.34 -88.05
C LEU V 145 -10.78 110.24 -87.98
N GLN V 146 -10.68 111.47 -88.48
CA GLN V 146 -11.77 112.42 -88.30
C GLN V 146 -13.05 111.98 -89.01
N LYS V 147 -12.93 111.34 -90.16
CA LYS V 147 -14.08 110.67 -90.78
C LYS V 147 -14.62 109.53 -89.92
N LEU V 148 -13.72 108.66 -89.44
CA LEU V 148 -14.13 107.46 -88.73
C LEU V 148 -14.77 107.79 -87.39
N GLU V 149 -14.13 108.64 -86.59
CA GLU V 149 -14.62 108.97 -85.26
C GLU V 149 -15.88 109.83 -85.33
N ARG V 150 -15.99 110.69 -86.34
CA ARG V 150 -17.26 111.39 -86.56
C ARG V 150 -18.37 110.43 -86.93
N LYS V 151 -18.03 109.38 -87.69
CA LYS V 151 -19.01 108.34 -87.99
C LYS V 151 -19.40 107.57 -86.73
N TYR V 152 -18.43 107.33 -85.83
CA TYR V 152 -18.74 106.74 -84.54
C TYR V 152 -19.66 107.63 -83.70
N LEU V 153 -19.42 108.94 -83.70
CA LEU V 153 -20.30 109.87 -82.99
C LEU V 153 -21.72 109.82 -83.53
N GLU V 154 -21.88 109.93 -84.85
CA GLU V 154 -23.21 109.84 -85.46
C GLU V 154 -23.83 108.46 -85.28
N LEU V 155 -23.01 107.41 -85.25
CA LEU V 155 -23.49 106.07 -84.97
C LEU V 155 -23.94 105.92 -83.51
N LYS V 156 -23.26 106.59 -82.58
CA LYS V 156 -23.79 106.68 -81.21
C LYS V 156 -25.15 107.35 -81.18
N SER V 157 -25.29 108.46 -81.91
CA SER V 157 -26.58 109.14 -82.01
C SER V 157 -27.65 108.18 -82.52
N GLN V 158 -27.36 107.50 -83.63
CA GLN V 158 -28.29 106.51 -84.19
C GLN V 158 -28.60 105.38 -83.20
N LYS V 159 -27.61 104.86 -82.48
CA LYS V 159 -27.87 103.79 -81.53
C LYS V 159 -28.83 104.24 -80.43
N ASN V 160 -28.58 105.43 -79.86
CA ASN V 160 -29.49 105.95 -78.84
C ASN V 160 -30.91 106.05 -79.40
N LEU V 161 -31.04 106.58 -80.61
CA LEU V 161 -32.33 106.65 -81.28
C LEU V 161 -32.88 105.29 -81.67
N TYR V 162 -32.00 104.29 -81.84
CA TYR V 162 -32.46 102.95 -82.18
C TYR V 162 -33.00 102.20 -80.97
N LEU V 163 -32.38 102.39 -79.79
CA LEU V 163 -32.93 101.83 -78.57
C LEU V 163 -34.27 102.46 -78.23
N ALA V 164 -34.42 103.76 -78.45
CA ALA V 164 -35.72 104.42 -78.30
C ALA V 164 -36.74 103.87 -79.28
N ARG V 165 -36.38 103.78 -80.56
CA ARG V 165 -37.28 103.17 -81.56
C ARG V 165 -37.68 101.76 -81.15
N LEU V 166 -36.71 100.93 -80.75
CA LEU V 166 -36.99 99.55 -80.40
C LEU V 166 -37.95 99.44 -79.22
N LYS V 167 -37.67 100.15 -78.13
CA LYS V 167 -38.58 100.15 -76.98
C LYS V 167 -39.96 100.67 -77.35
N SER V 168 -40.03 101.68 -78.23
CA SER V 168 -41.32 102.23 -78.65
C SER V 168 -42.10 101.23 -79.49
N ALA V 169 -41.43 100.54 -80.42
CA ALA V 169 -42.06 99.48 -81.19
C ALA V 169 -42.55 98.36 -80.28
N ILE V 170 -41.72 97.94 -79.31
CA ILE V 170 -42.11 96.91 -78.37
C ILE V 170 -43.39 97.31 -77.64
N ALA V 171 -43.44 98.54 -77.14
CA ALA V 171 -44.63 99.06 -76.49
C ALA V 171 -45.84 99.03 -77.42
N ALA V 172 -45.64 99.45 -78.67
CA ALA V 172 -46.71 99.43 -79.68
C ALA V 172 -47.22 98.01 -79.89
N GLN V 173 -46.31 97.06 -80.04
CA GLN V 173 -46.68 95.65 -80.16
C GLN V 173 -47.53 95.21 -78.97
N LYS V 174 -47.17 95.65 -77.77
CA LYS V 174 -47.94 95.29 -76.59
C LYS V 174 -49.33 95.91 -76.58
N ILE V 175 -49.49 97.15 -77.06
CA ILE V 175 -50.83 97.73 -77.18
C ILE V 175 -51.68 97.00 -78.22
N GLU V 176 -51.13 96.72 -79.39
CA GLU V 176 -51.91 96.00 -80.40
C GLU V 176 -52.33 94.63 -79.92
N GLU V 177 -51.39 93.84 -79.40
CA GLU V 177 -51.71 92.47 -78.99
C GLU V 177 -52.65 92.42 -77.78
N ILE V 178 -52.44 93.29 -76.80
CA ILE V 178 -53.33 93.35 -75.64
C ILE V 178 -54.69 93.95 -76.02
N ALA V 179 -54.69 94.91 -76.94
CA ALA V 179 -55.95 95.44 -77.47
C ALA V 179 -56.71 94.41 -78.28
N GLY V 180 -56.01 93.63 -79.12
CA GLY V 180 -56.68 92.57 -79.85
C GLY V 180 -57.27 91.50 -78.96
N ASN V 181 -56.57 91.11 -77.89
CA ASN V 181 -57.15 90.21 -76.92
C ASN V 181 -58.26 90.87 -76.11
N LEU V 182 -58.15 92.17 -75.85
CA LEU V 182 -59.18 92.85 -75.07
C LEU V 182 -60.48 92.96 -75.86
N ASP V 183 -60.39 93.43 -77.11
CA ASP V 183 -61.59 93.60 -77.91
C ASP V 183 -62.15 92.24 -78.32
N ASN V 184 -61.31 91.39 -78.91
CA ASN V 184 -61.80 90.16 -79.50
C ASN V 184 -62.22 89.14 -78.43
N ALA V 185 -61.32 88.84 -77.48
CA ALA V 185 -61.66 87.85 -76.46
C ALA V 185 -62.62 88.40 -75.42
N SER V 186 -62.31 89.57 -74.84
CA SER V 186 -63.09 90.07 -73.72
C SER V 186 -64.46 90.56 -74.18
N ALA V 187 -64.50 91.37 -75.24
CA ALA V 187 -65.73 92.02 -75.64
C ALA V 187 -66.75 91.01 -76.17
N SER V 188 -66.31 90.03 -76.95
CA SER V 188 -67.24 88.98 -77.39
C SER V 188 -67.75 88.20 -76.18
N SER V 189 -66.90 88.00 -75.18
CA SER V 189 -67.36 87.36 -73.95
C SER V 189 -68.39 88.22 -73.22
N LEU V 190 -68.24 89.55 -73.30
CA LEU V 190 -69.21 90.42 -72.63
C LEU V 190 -70.53 90.44 -73.39
N PHE V 191 -70.49 90.65 -74.71
CA PHE V 191 -71.72 90.85 -75.45
C PHE V 191 -72.50 89.54 -75.59
N GLU V 192 -71.85 88.48 -76.05
CA GLU V 192 -72.55 87.22 -76.27
C GLU V 192 -72.97 86.51 -74.99
N ARG V 193 -72.17 86.58 -73.91
CA ARG V 193 -72.62 86.05 -72.63
C ARG V 193 -73.69 86.89 -71.93
N ILE V 194 -73.63 88.21 -72.07
CA ILE V 194 -74.70 89.04 -71.51
C ILE V 194 -75.99 88.88 -72.29
N GLU V 195 -75.89 88.83 -73.62
CA GLU V 195 -77.07 88.64 -74.45
C GLU V 195 -77.74 87.30 -74.18
N THR V 196 -76.98 86.20 -74.17
CA THR V 196 -77.56 84.90 -73.89
C THR V 196 -78.18 84.83 -72.50
N LYS V 197 -77.57 85.48 -71.51
CA LYS V 197 -78.20 85.54 -70.19
C LYS V 197 -79.46 86.40 -70.20
N ILE V 198 -79.48 87.44 -71.03
CA ILE V 198 -80.69 88.24 -71.18
C ILE V 198 -81.80 87.40 -71.80
N LEU V 199 -81.45 86.64 -72.84
CA LEU V 199 -82.40 85.74 -73.48
C LEU V 199 -82.96 84.73 -72.48
N GLU V 200 -82.12 84.26 -71.57
CA GLU V 200 -82.60 83.35 -70.53
C GLU V 200 -83.61 84.05 -69.63
N LEU V 201 -83.36 85.32 -69.31
CA LEU V 201 -84.33 86.12 -68.57
C LEU V 201 -85.59 86.35 -69.39
N GLU V 202 -85.45 86.49 -70.71
CA GLU V 202 -86.59 86.72 -71.59
C GLU V 202 -87.44 85.47 -71.78
N ALA V 203 -86.84 84.29 -71.73
CA ALA V 203 -87.61 83.05 -71.75
C ALA V 203 -88.52 82.94 -70.53
N GLU V 204 -88.08 83.45 -69.38
CA GLU V 204 -88.98 83.59 -68.24
C GLU V 204 -89.94 84.76 -68.39
N ARG V 205 -89.55 85.82 -69.10
CA ARG V 205 -90.50 86.90 -69.38
C ARG V 205 -91.70 86.39 -70.18
N GLU V 206 -91.44 85.66 -71.26
CA GLU V 206 -92.52 85.12 -72.09
C GLU V 206 -93.29 83.99 -71.42
N LEU V 207 -92.80 83.47 -70.29
CA LEU V 207 -93.60 82.58 -69.45
C LEU V 207 -94.50 83.37 -68.51
N LEU V 208 -94.04 84.51 -68.01
CA LEU V 208 -94.83 85.34 -67.11
C LEU V 208 -95.71 86.35 -67.81
N ASN V 209 -95.50 86.57 -69.12
CA ASN V 209 -96.04 87.74 -69.79
C ASN V 209 -96.40 87.38 -71.23
N PRO V 210 -97.66 87.53 -71.65
CA PRO V 210 -97.98 87.28 -73.05
C PRO V 210 -97.24 88.25 -73.96
N PRO V 211 -96.88 87.82 -75.15
CA PRO V 211 -96.26 88.75 -76.11
C PRO V 211 -97.11 89.99 -76.30
N PRO V 212 -96.57 91.19 -76.02
CA PRO V 212 -97.37 92.41 -76.21
C PRO V 212 -97.54 92.77 -77.68
N SER V 213 -98.49 92.10 -78.34
CA SER V 213 -98.76 92.34 -79.75
C SER V 213 -99.28 93.75 -79.96
N PRO V 214 -99.34 94.25 -81.19
CA PRO V 214 -99.96 95.56 -81.43
C PRO V 214 -101.42 95.61 -81.03
N LEU V 215 -102.11 94.46 -80.95
CA LEU V 215 -103.54 94.46 -80.69
C LEU V 215 -103.84 94.90 -79.25
N ASP V 216 -103.33 94.14 -78.27
CA ASP V 216 -103.54 94.51 -76.87
C ASP V 216 -102.96 95.88 -76.56
N LYS V 217 -101.87 96.27 -77.23
CA LYS V 217 -101.32 97.60 -77.03
C LYS V 217 -102.32 98.68 -77.42
N LYS V 218 -102.98 98.52 -78.57
CA LYS V 218 -103.97 99.51 -79.00
C LYS V 218 -105.17 99.52 -78.05
N PHE V 219 -105.58 98.35 -77.56
CA PHE V 219 -106.68 98.30 -76.60
C PHE V 219 -106.33 99.04 -75.31
N GLU V 220 -105.10 98.88 -74.80
CA GLU V 220 -104.70 99.60 -73.61
C GLU V 220 -104.67 101.10 -73.85
N GLN V 221 -104.21 101.52 -75.03
CA GLN V 221 -104.22 102.93 -75.38
C GLN V 221 -105.64 103.48 -75.40
N TRP V 222 -106.57 102.72 -75.99
CA TRP V 222 -107.97 103.14 -75.99
C TRP V 222 -108.54 103.17 -74.58
N GLU V 223 -108.06 102.30 -73.68
CA GLU V 223 -108.51 102.35 -72.29
C GLU V 223 -108.12 103.66 -71.65
N GLU V 224 -106.89 104.12 -71.86
CA GLU V 224 -106.49 105.43 -71.37
C GLU V 224 -107.33 106.53 -72.01
N GLN V 225 -107.60 106.40 -73.31
CA GLN V 225 -108.44 107.37 -74.00
C GLN V 225 -109.84 107.43 -73.39
N GLN V 226 -110.39 106.27 -73.01
CA GLN V 226 -111.71 106.23 -72.42
C GLN V 226 -111.74 106.76 -71.00
N ALA V 227 -110.64 106.60 -70.26
CA ALA V 227 -110.54 107.22 -68.94
C ALA V 227 -110.61 108.73 -69.04
N VAL V 228 -109.84 109.31 -69.96
CA VAL V 228 -109.88 110.76 -70.15
C VAL V 228 -111.21 111.20 -70.74
N GLU V 229 -111.84 110.36 -71.57
CA GLU V 229 -113.16 110.72 -72.06
C GLU V 229 -114.19 110.74 -70.93
N ALA V 230 -114.02 109.89 -69.92
CA ALA V 230 -114.89 109.95 -68.74
C ALA V 230 -114.63 111.20 -67.90
N THR V 231 -113.37 111.60 -67.74
CA THR V 231 -113.08 112.86 -67.07
C THR V 231 -113.69 114.04 -67.81
N LEU V 232 -113.61 114.02 -69.15
CA LEU V 232 -114.24 115.08 -69.93
C LEU V 232 -115.74 115.09 -69.71
N ALA V 233 -116.36 113.91 -69.59
CA ALA V 233 -117.80 113.85 -69.34
C ALA V 233 -118.14 114.49 -68.00
N ALA V 234 -117.35 114.20 -66.97
CA ALA V 234 -117.54 114.87 -65.68
C ALA V 234 -117.34 116.37 -65.81
N MET V 235 -116.33 116.80 -66.56
CA MET V 235 -116.09 118.23 -66.76
C MET V 235 -117.32 118.92 -67.32
N LYS V 236 -117.86 118.40 -68.43
CA LYS V 236 -118.96 119.08 -69.10
C LYS V 236 -120.30 118.86 -68.40
N ALA V 237 -120.40 117.85 -67.54
CA ALA V 237 -121.60 117.69 -66.73
C ALA V 237 -121.62 118.71 -65.59
N ARG V 238 -120.47 118.96 -64.97
CA ARG V 238 -120.38 120.05 -64.01
C ARG V 238 -120.59 121.40 -64.70
N ARG V 239 -120.11 121.53 -65.93
CA ARG V 239 -120.30 122.76 -66.70
C ARG V 239 -121.74 122.95 -67.18
N SER V 240 -122.54 121.89 -67.24
CA SER V 240 -123.92 122.02 -67.70
C SER V 240 -124.67 123.05 -66.87
N MET W 24 81.26 39.61 -31.53
CA MET W 24 81.23 38.65 -30.43
C MET W 24 80.91 39.37 -29.12
N GLU W 25 80.09 38.73 -28.28
CA GLU W 25 79.78 39.32 -26.98
C GLU W 25 81.02 39.41 -26.11
N LEU W 26 81.90 38.41 -26.20
CA LEU W 26 83.18 38.48 -25.49
C LEU W 26 83.96 39.70 -25.92
N PHE W 27 84.05 39.93 -27.24
CA PHE W 27 84.76 41.08 -27.75
C PHE W 27 84.19 42.39 -27.19
N ASN W 28 82.86 42.53 -27.23
CA ASN W 28 82.21 43.71 -26.66
C ASN W 28 82.54 43.90 -25.18
N ARG W 29 82.48 42.82 -24.39
CA ARG W 29 82.89 42.88 -22.99
C ARG W 29 84.32 43.39 -22.84
N VAL W 30 85.24 42.84 -23.64
CA VAL W 30 86.64 43.27 -23.61
C VAL W 30 86.82 44.66 -24.21
N GLY W 31 85.83 45.15 -24.94
CA GLY W 31 85.96 46.41 -25.66
C GLY W 31 86.41 47.60 -24.85
N ARG W 32 85.85 47.80 -23.66
CA ARG W 32 86.29 48.96 -22.87
C ARG W 32 87.80 48.96 -22.63
N VAL W 33 88.34 47.83 -22.16
CA VAL W 33 89.77 47.72 -21.85
C VAL W 33 90.63 47.68 -23.11
N LEU W 34 90.21 46.91 -24.11
CA LEU W 34 91.03 46.81 -25.33
C LEU W 34 90.97 48.09 -26.15
N LYS W 35 89.76 48.59 -26.42
CA LYS W 35 89.61 49.77 -27.25
C LYS W 35 90.15 51.03 -26.58
N SER W 36 90.19 51.14 -25.26
CA SER W 36 90.91 52.27 -24.66
C SER W 36 92.39 52.25 -25.02
N GLN W 37 93.01 51.08 -24.88
CA GLN W 37 94.40 50.91 -25.31
C GLN W 37 94.57 51.19 -26.80
N LEU W 38 93.70 50.63 -27.65
CA LEU W 38 93.84 50.88 -29.08
C LEU W 38 93.62 52.35 -29.46
N THR W 39 92.72 53.05 -28.75
CA THR W 39 92.53 54.48 -28.97
C THR W 39 93.79 55.26 -28.67
N HIS W 40 94.49 54.90 -27.59
CA HIS W 40 95.83 55.47 -27.42
C HIS W 40 96.83 54.93 -28.43
N TRP W 41 96.67 53.68 -28.87
CA TRP W 41 97.63 53.06 -29.77
C TRP W 41 97.71 53.82 -31.09
N GLN W 42 96.54 54.17 -31.65
CA GLN W 42 96.54 55.03 -32.83
C GLN W 42 97.08 56.42 -32.52
N GLN W 43 96.85 56.90 -31.30
CA GLN W 43 97.43 58.16 -30.83
C GLN W 43 98.94 58.10 -30.62
N GLN W 44 99.54 56.92 -30.46
CA GLN W 44 100.90 56.85 -29.91
C GLN W 44 101.88 57.77 -30.65
N GLN W 45 101.69 57.98 -31.96
CA GLN W 45 102.59 58.89 -32.67
C GLN W 45 102.55 60.29 -32.06
N GLU W 46 101.36 60.75 -31.67
CA GLU W 46 101.25 61.99 -30.92
C GLU W 46 101.64 61.79 -29.45
N ALA W 47 101.28 60.66 -28.85
CA ALA W 47 101.36 60.47 -27.40
C ALA W 47 102.03 59.14 -27.06
N PRO W 48 103.36 59.09 -27.16
CA PRO W 48 104.11 57.97 -26.57
C PRO W 48 104.38 58.14 -25.08
N GLU W 49 104.11 59.33 -24.54
CA GLU W 49 104.72 59.75 -23.28
C GLU W 49 104.44 58.78 -22.13
N ASP W 50 103.20 58.33 -22.00
CA ASP W 50 102.84 57.43 -20.90
C ASP W 50 103.55 56.09 -20.99
N LEU W 51 103.60 55.47 -22.17
CA LEU W 51 104.27 54.18 -22.28
C LEU W 51 105.78 54.32 -22.06
N LEU W 52 106.39 55.37 -22.60
CA LEU W 52 107.82 55.61 -22.41
C LEU W 52 108.17 55.80 -20.94
N GLU W 53 107.44 56.67 -20.25
CA GLU W 53 107.71 56.94 -18.84
C GLU W 53 107.35 55.76 -17.94
N ARG W 54 106.34 54.97 -18.30
CA ARG W 54 106.07 53.75 -17.54
C ARG W 54 107.26 52.80 -17.56
N LEU W 55 107.81 52.52 -18.75
CA LEU W 55 108.96 51.64 -18.85
C LEU W 55 110.16 52.17 -18.08
N LEU W 56 110.49 53.44 -18.24
CA LEU W 56 111.61 54.03 -17.50
C LEU W 56 111.35 54.12 -16.00
N GLY W 57 110.09 54.25 -15.59
CA GLY W 57 109.76 54.09 -14.19
C GLY W 57 110.11 52.70 -13.66
N GLU W 58 109.77 51.67 -14.43
CA GLU W 58 110.15 50.30 -14.08
C GLU W 58 111.67 50.16 -14.04
N MET W 59 112.37 50.85 -14.94
CA MET W 59 113.84 50.84 -14.93
C MET W 59 114.40 51.53 -13.70
N GLU W 60 113.75 52.59 -13.21
CA GLU W 60 114.13 53.17 -11.92
C GLU W 60 113.85 52.25 -10.74
N LEU W 61 112.73 51.53 -10.78
CA LEU W 61 112.45 50.54 -9.74
C LEU W 61 113.48 49.41 -9.73
N GLU W 62 113.92 48.97 -10.91
CA GLU W 62 115.02 48.01 -10.97
C GLU W 62 116.31 48.61 -10.41
N LEU W 63 116.67 49.81 -10.89
CA LEU W 63 117.95 50.43 -10.55
C LEU W 63 118.12 50.68 -9.06
N ILE W 64 117.03 50.97 -8.33
CA ILE W 64 117.13 51.04 -6.87
C ILE W 64 117.37 49.65 -6.27
N GLU W 65 116.88 48.59 -6.90
CA GLU W 65 117.33 47.25 -6.52
C GLU W 65 118.82 47.05 -6.82
N LEU W 66 119.25 47.39 -8.03
CA LEU W 66 120.64 47.14 -8.44
C LEU W 66 121.64 47.79 -7.50
N ARG W 67 121.35 49.01 -7.03
CA ARG W 67 122.19 49.66 -6.02
C ARG W 67 122.18 48.92 -4.69
N ARG W 68 121.01 48.47 -4.21
CA ARG W 68 120.99 47.69 -2.98
C ARG W 68 121.68 46.33 -3.12
N ALA W 69 121.62 45.73 -4.31
CA ALA W 69 122.33 44.47 -4.56
C ALA W 69 123.84 44.67 -4.57
N LEU W 70 124.30 45.80 -5.11
CA LEU W 70 125.70 46.19 -4.95
C LEU W 70 126.08 46.37 -3.48
N ALA W 71 125.23 47.02 -2.70
CA ALA W 71 125.53 47.18 -1.28
C ALA W 71 125.54 45.85 -0.54
N GLN W 72 124.69 44.90 -0.94
CA GLN W 72 124.72 43.57 -0.36
C GLN W 72 125.98 42.80 -0.76
N THR W 73 126.50 43.01 -1.96
CA THR W 73 127.79 42.41 -2.33
C THR W 73 128.95 42.99 -1.54
N ILE W 74 129.00 44.31 -1.39
CA ILE W 74 130.07 44.92 -0.59
C ILE W 74 130.00 44.45 0.85
N ALA W 75 128.78 44.36 1.41
CA ALA W 75 128.62 43.87 2.77
C ALA W 75 129.11 42.44 2.93
N THR W 76 128.77 41.56 1.99
CA THR W 76 129.25 40.18 2.03
C THR W 76 130.76 40.08 1.79
N PHE W 77 131.33 40.93 0.95
CA PHE W 77 132.78 40.90 0.71
C PHE W 77 133.57 41.24 1.97
N LYS W 78 133.23 42.35 2.62
CA LYS W 78 133.94 42.76 3.83
C LYS W 78 133.59 41.88 5.04
N SER W 79 132.40 41.29 5.08
CA SER W 79 132.14 40.30 6.12
C SER W 79 133.03 39.07 5.98
N THR W 80 133.28 38.61 4.75
CA THR W 80 134.28 37.57 4.55
C THR W 80 135.65 38.04 5.03
N GLU W 81 135.96 39.31 4.80
CA GLU W 81 137.21 39.89 5.27
C GLU W 81 137.24 40.03 6.79
N ARG W 82 136.09 40.30 7.41
CA ARG W 82 136.00 40.31 8.86
C ARG W 82 136.26 38.91 9.43
N GLN W 83 135.89 37.87 8.70
CA GLN W 83 136.22 36.51 9.10
C GLN W 83 137.72 36.26 8.96
N ARG W 84 138.34 36.85 7.94
CA ARG W 84 139.80 36.85 7.85
C ARG W 84 140.43 37.61 9.01
N ASP W 85 139.86 38.76 9.37
CA ASP W 85 140.35 39.51 10.52
C ASP W 85 140.33 38.69 11.80
N ALA W 86 139.31 37.83 11.96
CA ALA W 86 139.30 36.91 13.09
C ALA W 86 140.35 35.82 12.96
N GLN W 87 140.49 35.22 11.78
CA GLN W 87 141.50 34.18 11.60
C GLN W 87 142.90 34.70 11.89
N GLN W 88 143.24 35.88 11.37
CA GLN W 88 144.55 36.47 11.63
C GLN W 88 144.71 36.89 13.08
N LEU W 89 143.61 37.29 13.74
CA LEU W 89 143.67 37.57 15.17
C LEU W 89 143.96 36.32 15.99
N ILE W 90 143.40 35.17 15.60
CA ILE W 90 143.74 33.93 16.29
C ILE W 90 145.15 33.47 15.95
N ALA W 91 145.62 33.77 14.74
CA ALA W 91 147.03 33.56 14.41
C ALA W 91 147.94 34.38 15.31
N GLN W 92 147.59 35.64 15.56
CA GLN W 92 148.33 36.46 16.52
C GLN W 92 148.24 35.87 17.93
N ARG W 93 147.06 35.38 18.30
CA ARG W 93 146.93 34.65 19.57
C ARG W 93 147.84 33.44 19.64
N TRP W 94 148.09 32.79 18.50
CA TRP W 94 149.07 31.71 18.44
C TRP W 94 150.51 32.22 18.54
N TYR W 95 150.79 33.43 18.04
CA TYR W 95 152.10 34.01 18.29
C TYR W 95 152.29 34.41 19.75
N GLU W 96 151.25 34.95 20.39
CA GLU W 96 151.34 35.27 21.81
C GLU W 96 151.65 34.02 22.64
N LYS W 97 150.91 32.93 22.38
CA LYS W 97 151.19 31.66 23.05
C LYS W 97 152.59 31.14 22.73
N ALA W 98 153.10 31.40 21.54
CA ALA W 98 154.50 31.10 21.26
C ALA W 98 155.44 32.01 22.05
N GLN W 99 155.10 33.29 22.17
CA GLN W 99 155.99 34.23 22.84
C GLN W 99 156.20 33.86 24.30
N ALA W 100 155.18 33.27 24.94
CA ALA W 100 155.33 32.75 26.29
C ALA W 100 156.31 31.59 26.38
N ALA W 101 156.79 31.08 25.24
CA ALA W 101 157.82 30.07 25.19
C ALA W 101 158.96 30.44 24.27
N LEU W 102 158.97 31.65 23.72
CA LEU W 102 160.01 32.07 22.80
C LEU W 102 161.17 32.79 23.49
N ASP W 103 161.12 32.90 24.81
CA ASP W 103 162.25 33.31 25.62
C ASP W 103 162.81 32.11 26.38
N ARG W 104 164.05 32.27 26.86
CA ARG W 104 164.76 31.26 27.66
C ARG W 104 165.12 30.02 26.85
N GLY W 105 164.93 30.03 25.53
CA GLY W 105 165.17 28.84 24.74
C GLY W 105 164.14 27.76 24.93
N ASN W 106 162.99 28.08 25.51
CA ASN W 106 161.93 27.12 25.76
C ASN W 106 160.97 26.98 24.59
N GLU W 107 161.42 27.32 23.38
CA GLU W 107 160.59 27.40 22.19
C GLU W 107 159.96 26.07 21.77
N GLN W 108 160.23 25.01 22.53
CA GLN W 108 159.65 23.70 22.25
C GLN W 108 158.15 23.78 21.94
N LEU W 109 157.38 24.45 22.80
CA LEU W 109 155.93 24.55 22.56
C LEU W 109 155.60 25.37 21.33
N ALA W 110 156.53 26.22 20.87
CA ALA W 110 156.29 26.95 19.63
C ALA W 110 156.13 26.01 18.45
N ARG W 111 156.66 24.78 18.55
CA ARG W 111 156.47 23.81 17.48
C ARG W 111 154.98 23.58 17.20
N GLU W 112 154.22 23.25 18.25
CA GLU W 112 152.79 23.07 18.10
C GLU W 112 152.05 24.38 17.83
N ALA W 113 152.42 25.46 18.52
CA ALA W 113 151.70 26.72 18.38
C ALA W 113 151.80 27.28 16.96
N LEU W 114 153.00 27.30 16.39
CA LEU W 114 153.16 27.67 14.99
C LEU W 114 152.68 26.59 14.03
N GLY W 115 152.70 25.32 14.45
CA GLY W 115 152.07 24.29 13.65
C GLY W 115 150.59 24.51 13.42
N GLN W 116 149.87 24.95 14.46
CA GLN W 116 148.50 25.42 14.27
C GLN W 116 148.45 26.69 13.43
N ARG W 117 149.29 27.68 13.74
CA ARG W 117 149.23 28.93 12.98
C ARG W 117 149.43 28.73 11.50
N GLN W 118 150.19 27.71 11.10
CA GLN W 118 150.35 27.43 9.67
C GLN W 118 149.01 27.15 8.99
N SER W 119 148.16 26.33 9.63
CA SER W 119 146.81 26.12 9.10
C SER W 119 145.96 27.38 9.18
N TYR W 120 146.15 28.21 10.19
CA TYR W 120 145.39 29.46 10.28
C TYR W 120 145.82 30.46 9.22
N GLN W 121 147.12 30.52 8.90
CA GLN W 121 147.59 31.36 7.82
C GLN W 121 147.09 30.88 6.46
N SER W 122 146.96 29.57 6.26
CA SER W 122 146.47 29.09 4.97
C SER W 122 145.03 29.53 4.73
N HIS W 123 144.17 29.42 5.75
CA HIS W 123 142.81 29.94 5.61
C HIS W 123 142.79 31.46 5.52
N THR W 124 143.69 32.14 6.23
CA THR W 124 143.73 33.61 6.14
C THR W 124 144.09 34.07 4.73
N GLU W 125 145.02 33.38 4.06
CA GLU W 125 145.42 33.80 2.72
C GLU W 125 144.50 33.26 1.65
N ALA W 126 143.81 32.14 1.91
CA ALA W 126 142.69 31.74 1.08
C ALA W 126 141.58 32.79 1.10
N LEU W 127 141.24 33.29 2.29
CA LEU W 127 140.30 34.40 2.40
C LEU W 127 140.85 35.65 1.71
N GLY W 128 142.10 35.99 1.96
CA GLY W 128 142.67 37.20 1.38
C GLY W 128 142.70 37.20 -0.14
N LYS W 129 142.88 36.04 -0.76
CA LYS W 129 142.89 35.96 -2.22
C LYS W 129 141.51 35.77 -2.83
N SER W 130 140.59 35.11 -2.13
CA SER W 130 139.18 35.23 -2.47
C SER W 130 138.74 36.68 -2.43
N LEU W 131 139.15 37.40 -1.39
CA LEU W 131 138.85 38.82 -1.21
C LEU W 131 139.59 39.70 -2.21
N GLY W 132 140.55 39.15 -2.95
CA GLY W 132 141.13 39.85 -4.08
C GLY W 132 140.22 39.78 -5.30
N GLU W 133 139.59 38.62 -5.51
CA GLU W 133 138.60 38.50 -6.56
C GLU W 133 137.35 39.30 -6.21
N GLN W 134 136.87 39.16 -4.97
CA GLN W 134 135.72 39.93 -4.50
C GLN W 134 135.97 41.43 -4.57
N ARG W 135 137.22 41.86 -4.39
CA ARG W 135 137.59 43.24 -4.68
C ARG W 135 137.31 43.59 -6.14
N ALA W 136 137.91 42.84 -7.06
CA ALA W 136 137.69 43.10 -8.48
C ALA W 136 136.22 43.03 -8.86
N LEU W 137 135.44 42.18 -8.19
CA LEU W 137 134.00 42.14 -8.42
C LEU W 137 133.31 43.44 -8.00
N VAL W 138 133.59 43.94 -6.80
CA VAL W 138 132.96 45.18 -6.37
C VAL W 138 133.45 46.38 -7.18
N GLU W 139 134.69 46.36 -7.64
CA GLU W 139 135.16 47.42 -8.53
C GLU W 139 134.47 47.38 -9.89
N GLN W 140 134.45 46.21 -10.52
CA GLN W 140 133.86 46.11 -11.86
C GLN W 140 132.36 46.33 -11.82
N VAL W 141 131.68 45.86 -10.77
CA VAL W 141 130.25 46.11 -10.66
C VAL W 141 129.96 47.57 -10.39
N ARG W 142 130.83 48.27 -9.67
CA ARG W 142 130.68 49.71 -9.49
C ARG W 142 130.89 50.46 -10.81
N GLY W 143 131.86 50.05 -11.62
CA GLY W 143 132.05 50.69 -12.91
C GLY W 143 130.94 50.37 -13.88
N GLN W 144 130.44 49.13 -13.85
CA GLN W 144 129.29 48.75 -14.67
C GLN W 144 128.08 49.60 -14.32
N LEU W 145 127.77 49.72 -13.02
CA LEU W 145 126.66 50.56 -12.58
C LEU W 145 126.86 52.02 -12.98
N GLN W 146 128.02 52.60 -12.65
CA GLN W 146 128.19 54.03 -12.88
C GLN W 146 128.12 54.40 -14.36
N LYS W 147 128.62 53.54 -15.24
CA LYS W 147 128.38 53.71 -16.68
C LYS W 147 126.90 53.59 -17.03
N LEU W 148 126.24 52.55 -16.52
CA LEU W 148 124.86 52.27 -16.91
C LEU W 148 123.90 53.34 -16.40
N GLU W 149 123.99 53.70 -15.13
CA GLU W 149 123.07 54.66 -14.53
C GLU W 149 123.34 56.07 -15.05
N ARG W 150 124.59 56.40 -15.35
CA ARG W 150 124.88 57.67 -16.03
C ARG W 150 124.27 57.69 -17.43
N LYS W 151 124.28 56.54 -18.10
CA LYS W 151 123.61 56.43 -19.40
C LYS W 151 122.10 56.59 -19.26
N TYR W 152 121.53 56.04 -18.18
CA TYR W 152 120.11 56.26 -17.88
C TYR W 152 119.81 57.73 -17.62
N LEU W 153 120.68 58.42 -16.88
CA LEU W 153 120.50 59.86 -16.65
C LEU W 153 120.51 60.65 -17.96
N GLU W 154 121.52 60.42 -18.80
CA GLU W 154 121.59 61.09 -20.10
C GLU W 154 120.45 60.66 -21.02
N LEU W 155 120.00 59.42 -20.90
CA LEU W 155 118.83 58.96 -21.65
C LEU W 155 117.54 59.61 -21.15
N LYS W 156 117.42 59.89 -19.86
CA LYS W 156 116.32 60.72 -19.37
C LYS W 156 116.37 62.11 -19.98
N SER W 157 117.57 62.71 -20.02
CA SER W 157 117.72 64.01 -20.66
C SER W 157 117.26 63.97 -22.11
N GLN W 158 117.73 62.97 -22.86
CA GLN W 158 117.30 62.79 -24.25
C GLN W 158 115.80 62.58 -24.38
N LYS W 159 115.19 61.77 -23.51
CA LYS W 159 113.74 61.54 -23.59
C LYS W 159 112.97 62.84 -23.39
N ASN W 160 113.32 63.62 -22.37
CA ASN W 160 112.67 64.91 -22.16
C ASN W 160 112.78 65.77 -23.41
N LEU W 161 113.98 65.84 -23.99
CA LEU W 161 114.21 66.57 -25.22
C LEU W 161 113.51 65.93 -26.42
N TYR W 162 113.25 64.62 -26.35
CA TYR W 162 112.56 63.95 -27.45
C TYR W 162 111.06 64.20 -27.43
N LEU W 163 110.46 64.27 -26.24
CA LEU W 163 109.05 64.66 -26.13
C LEU W 163 108.85 66.10 -26.57
N ALA W 164 109.78 66.98 -26.23
CA ALA W 164 109.75 68.35 -26.74
C ALA W 164 109.88 68.40 -28.25
N ARG W 165 110.87 67.70 -28.80
CA ARG W 165 111.01 67.61 -30.26
C ARG W 165 109.74 67.08 -30.92
N LEU W 166 109.18 66.00 -30.38
CA LEU W 166 107.99 65.39 -30.97
C LEU W 166 106.80 66.34 -30.97
N LYS W 167 106.50 66.95 -29.83
CA LYS W 167 105.42 67.92 -29.76
C LYS W 167 105.67 69.11 -30.69
N SER W 168 106.92 69.54 -30.82
CA SER W 168 107.24 70.66 -31.70
C SER W 168 107.07 70.29 -33.17
N ALA W 169 107.50 69.09 -33.55
CA ALA W 169 107.25 68.59 -34.90
C ALA W 169 105.76 68.47 -35.18
N ILE W 170 105.00 67.93 -34.24
CA ILE W 170 103.55 67.81 -34.40
C ILE W 170 102.93 69.18 -34.66
N ALA W 171 103.31 70.18 -33.86
CA ALA W 171 102.84 71.54 -34.06
C ALA W 171 103.22 72.06 -35.45
N ALA W 172 104.46 71.82 -35.87
CA ALA W 172 104.92 72.23 -37.20
C ALA W 172 104.08 71.58 -38.29
N GLN W 173 103.84 70.29 -38.17
CA GLN W 173 102.96 69.58 -39.11
C GLN W 173 101.60 70.24 -39.18
N LYS W 174 101.06 70.66 -38.04
CA LYS W 174 99.76 71.31 -38.02
C LYS W 174 99.79 72.69 -38.69
N ILE W 175 100.85 73.46 -38.53
CA ILE W 175 100.97 74.72 -39.26
C ILE W 175 101.08 74.51 -40.77
N GLU W 176 101.93 73.59 -41.21
CA GLU W 176 102.04 73.35 -42.66
C GLU W 176 100.72 72.88 -43.26
N GLU W 177 100.09 71.87 -42.65
CA GLU W 177 98.85 71.32 -43.22
C GLU W 177 97.70 72.31 -43.17
N ILE W 178 97.55 73.04 -42.06
CA ILE W 178 96.49 74.05 -41.97
C ILE W 178 96.80 75.25 -42.85
N ALA W 179 98.07 75.61 -42.98
CA ALA W 179 98.48 76.66 -43.91
C ALA W 179 98.27 76.26 -45.36
N GLY W 180 98.58 75.00 -45.71
CA GLY W 180 98.30 74.55 -47.07
C GLY W 180 96.82 74.52 -47.41
N ASN W 181 95.98 74.11 -46.47
CA ASN W 181 94.54 74.23 -46.69
C ASN W 181 94.07 75.67 -46.67
N LEU W 182 94.69 76.52 -45.87
CA LEU W 182 94.29 77.93 -45.81
C LEU W 182 94.62 78.64 -47.11
N ASP W 183 95.85 78.51 -47.59
CA ASP W 183 96.25 79.20 -48.80
C ASP W 183 95.59 78.57 -50.02
N ASN W 184 95.71 77.25 -50.17
CA ASN W 184 95.26 76.60 -51.39
C ASN W 184 93.74 76.55 -51.49
N ALA W 185 93.08 76.03 -50.45
CA ALA W 185 91.62 75.92 -50.50
C ALA W 185 90.94 77.27 -50.31
N SER W 186 91.30 77.99 -49.24
CA SER W 186 90.58 79.22 -48.89
C SER W 186 90.88 80.34 -49.88
N ALA W 187 92.15 80.56 -50.18
CA ALA W 187 92.54 81.72 -50.97
C ALA W 187 92.06 81.59 -52.41
N SER W 188 92.15 80.40 -53.00
CA SER W 188 91.60 80.22 -54.34
C SER W 188 90.08 80.44 -54.33
N SER W 189 89.42 80.03 -53.24
CA SER W 189 87.99 80.30 -53.10
C SER W 189 87.72 81.79 -53.00
N LEU W 190 88.63 82.55 -52.37
CA LEU W 190 88.44 83.99 -52.25
C LEU W 190 88.67 84.68 -53.59
N PHE W 191 89.80 84.39 -54.25
CA PHE W 191 90.16 85.13 -55.44
C PHE W 191 89.26 84.77 -56.61
N GLU W 192 89.11 83.48 -56.90
CA GLU W 192 88.33 83.08 -58.06
C GLU W 192 86.83 83.28 -57.90
N ARG W 193 86.27 83.12 -56.70
CA ARG W 193 84.87 83.47 -56.48
C ARG W 193 84.61 84.98 -56.42
N ILE W 194 85.53 85.76 -55.89
CA ILE W 194 85.35 87.22 -55.92
C ILE W 194 85.52 87.76 -57.33
N GLU W 195 86.50 87.24 -58.06
CA GLU W 195 86.70 87.67 -59.43
C GLU W 195 85.50 87.35 -60.32
N THR W 196 85.01 86.10 -60.27
CA THR W 196 83.86 85.73 -61.08
C THR W 196 82.61 86.55 -60.71
N LYS W 197 82.43 86.85 -59.43
CA LYS W 197 81.33 87.73 -59.05
C LYS W 197 81.55 89.16 -59.52
N ILE W 198 82.80 89.60 -59.58
CA ILE W 198 83.10 90.92 -60.15
C ILE W 198 82.77 90.93 -61.63
N LEU W 199 83.16 89.88 -62.34
CA LEU W 199 82.84 89.75 -63.76
C LEU W 199 81.34 89.77 -63.99
N GLU W 200 80.57 89.17 -63.08
CA GLU W 200 79.12 89.23 -63.19
C GLU W 200 78.63 90.66 -63.04
N LEU W 201 79.24 91.41 -62.13
CA LEU W 201 78.92 92.83 -62.01
C LEU W 201 79.37 93.61 -63.24
N GLU W 202 80.47 93.19 -63.86
CA GLU W 202 80.98 93.86 -65.06
C GLU W 202 80.14 93.57 -66.30
N ALA W 203 79.53 92.39 -66.37
CA ALA W 203 78.57 92.10 -67.44
C ALA W 203 77.37 93.04 -67.39
N GLU W 204 76.93 93.42 -66.19
CA GLU W 204 75.94 94.48 -66.07
C GLU W 204 76.54 95.87 -66.30
N ARG W 205 77.83 96.08 -66.00
CA ARG W 205 78.46 97.35 -66.33
C ARG W 205 78.43 97.60 -67.84
N GLU W 206 78.84 96.60 -68.62
CA GLU W 206 78.86 96.74 -70.08
C GLU W 206 77.47 96.73 -70.69
N LEU W 207 76.43 96.40 -69.92
CA LEU W 207 75.07 96.63 -70.37
C LEU W 207 74.61 98.06 -70.08
N LEU W 208 75.07 98.65 -68.97
CA LEU W 208 74.70 100.00 -68.60
C LEU W 208 75.63 101.06 -69.18
N ASN W 209 76.79 100.66 -69.71
CA ASN W 209 77.87 101.59 -69.97
C ASN W 209 78.64 101.16 -71.22
N PRO W 210 78.73 102.00 -72.26
CA PRO W 210 79.53 101.63 -73.41
C PRO W 210 80.99 101.47 -73.02
N PRO W 211 81.72 100.57 -73.67
CA PRO W 211 83.16 100.46 -73.41
C PRO W 211 83.85 101.80 -73.56
N PRO W 212 84.51 102.30 -72.49
CA PRO W 212 85.20 103.59 -72.62
C PRO W 212 86.48 103.50 -73.45
N SER W 213 86.32 103.50 -74.77
CA SER W 213 87.45 103.41 -75.69
C SER W 213 88.34 104.64 -75.55
N PRO W 214 89.56 104.63 -76.10
CA PRO W 214 90.37 105.84 -76.08
C PRO W 214 89.74 107.00 -76.82
N LEU W 215 88.81 106.74 -77.74
CA LEU W 215 88.25 107.81 -78.56
C LEU W 215 87.36 108.75 -77.73
N ASP W 216 86.31 108.20 -77.14
CA ASP W 216 85.44 109.02 -76.29
C ASP W 216 86.19 109.61 -75.11
N LYS W 217 87.20 108.92 -74.61
CA LYS W 217 88.02 109.47 -73.53
C LYS W 217 88.72 110.75 -73.96
N LYS W 218 89.31 110.74 -75.16
CA LYS W 218 89.99 111.93 -75.66
C LYS W 218 88.99 113.07 -75.91
N PHE W 219 87.79 112.73 -76.40
CA PHE W 219 86.76 113.75 -76.60
C PHE W 219 86.34 114.40 -75.29
N GLU W 220 86.19 113.60 -74.23
CA GLU W 220 85.84 114.16 -72.92
C GLU W 220 86.95 115.05 -72.39
N GLN W 221 88.21 114.64 -72.60
CA GLN W 221 89.33 115.47 -72.19
C GLN W 221 89.32 116.80 -72.93
N TRP W 222 89.07 116.77 -74.24
CA TRP W 222 88.96 118.00 -75.01
C TRP W 222 87.78 118.85 -74.55
N GLU W 223 86.71 118.23 -74.08
CA GLU W 223 85.58 119.00 -73.55
C GLU W 223 86.01 119.79 -72.32
N GLU W 224 86.77 119.18 -71.42
CA GLU W 224 87.30 119.91 -70.28
C GLU W 224 88.24 121.01 -70.75
N GLN W 225 89.07 120.71 -71.76
CA GLN W 225 89.97 121.72 -72.32
C GLN W 225 89.20 122.91 -72.88
N GLN W 226 88.06 122.64 -73.52
CA GLN W 226 87.26 123.71 -74.11
C GLN W 226 86.52 124.51 -73.05
N ALA W 227 86.15 123.87 -71.93
CA ALA W 227 85.56 124.63 -70.82
C ALA W 227 86.57 125.63 -70.27
N VAL W 228 87.80 125.20 -70.03
CA VAL W 228 88.82 126.12 -69.53
C VAL W 228 89.19 127.14 -70.60
N GLU W 229 89.13 126.77 -71.88
CA GLU W 229 89.39 127.76 -72.91
C GLU W 229 88.30 128.84 -72.94
N ALA W 230 87.06 128.47 -72.59
CA ALA W 230 86.01 129.47 -72.47
C ALA W 230 86.20 130.38 -71.25
N THR W 231 86.66 129.82 -70.13
CA THR W 231 87.00 130.65 -68.98
C THR W 231 88.13 131.62 -69.32
N LEU W 232 89.14 131.13 -70.06
CA LEU W 232 90.22 132.02 -70.50
C LEU W 232 89.68 133.14 -71.38
N ALA W 233 88.70 132.82 -72.24
CA ALA W 233 88.12 133.85 -73.09
C ALA W 233 87.43 134.92 -72.25
N ALA W 234 86.68 134.50 -71.23
CA ALA W 234 86.08 135.47 -70.31
C ALA W 234 87.15 136.29 -69.60
N MET W 235 88.24 135.63 -69.17
CA MET W 235 89.31 136.34 -68.50
C MET W 235 89.86 137.47 -69.37
N LYS W 236 90.22 137.16 -70.61
CA LYS W 236 90.86 138.16 -71.46
C LYS W 236 89.87 139.15 -72.05
N ALA W 237 88.57 138.82 -72.06
CA ALA W 237 87.57 139.79 -72.46
C ALA W 237 87.34 140.83 -71.36
N ARG W 238 87.33 140.40 -70.10
CA ARG W 238 87.31 141.35 -69.00
C ARG W 238 88.59 142.17 -68.97
N ARG W 239 89.72 141.54 -69.30
CA ARG W 239 91.00 142.24 -69.34
C ARG W 239 91.10 143.20 -70.52
N SER W 240 90.30 143.04 -71.56
CA SER W 240 90.38 143.93 -72.72
C SER W 240 90.21 145.38 -72.30
N MET X 24 64.51 -40.35 52.05
CA MET X 24 63.10 -40.62 52.26
C MET X 24 62.47 -39.52 53.13
N GLU X 25 61.25 -39.12 52.79
CA GLU X 25 60.57 -38.12 53.60
C GLU X 25 60.28 -38.65 55.00
N LEU X 26 59.95 -39.94 55.11
CA LEU X 26 59.79 -40.56 56.43
C LEU X 26 61.07 -40.42 57.24
N PHE X 27 62.20 -40.75 56.62
CA PHE X 27 63.48 -40.63 57.30
C PHE X 27 63.73 -39.21 57.81
N ASN X 28 63.51 -38.21 56.95
CA ASN X 28 63.64 -36.82 57.37
C ASN X 28 62.73 -36.46 58.54
N ARG X 29 61.47 -36.88 58.48
CA ARG X 29 60.57 -36.70 59.62
C ARG X 29 61.13 -37.31 60.91
N VAL X 30 61.61 -38.55 60.82
CA VAL X 30 62.22 -39.22 61.98
C VAL X 30 63.57 -38.62 62.35
N GLY X 31 64.16 -37.83 61.46
CA GLY X 31 65.51 -37.32 61.68
C GLY X 31 65.74 -36.60 62.98
N ARG X 32 64.84 -35.72 63.39
CA ARG X 32 65.08 -35.01 64.65
C ARG X 32 65.28 -35.99 65.82
N VAL X 33 64.37 -36.94 65.98
CA VAL X 33 64.43 -37.90 67.08
C VAL X 33 65.56 -38.91 66.90
N LEU X 34 65.75 -39.45 65.70
CA LEU X 34 66.79 -40.45 65.49
C LEU X 34 68.17 -39.82 65.52
N LYS X 35 68.37 -38.74 64.76
CA LYS X 35 69.69 -38.11 64.68
C LYS X 35 70.11 -37.46 66.00
N SER X 36 69.19 -37.01 66.85
CA SER X 36 69.61 -36.58 68.18
C SER X 36 70.25 -37.72 68.97
N GLN X 37 69.59 -38.88 68.96
CA GLN X 37 70.15 -40.07 69.58
C GLN X 37 71.47 -40.46 68.93
N LEU X 38 71.55 -40.50 67.60
CA LEU X 38 72.80 -40.87 66.96
C LEU X 38 73.93 -39.87 67.22
N THR X 39 73.61 -38.57 67.34
CA THR X 39 74.60 -37.57 67.70
C THR X 39 75.18 -37.84 69.08
N HIS X 40 74.34 -38.23 70.04
CA HIS X 40 74.90 -38.72 71.29
C HIS X 40 75.57 -40.07 71.14
N TRP X 41 75.08 -40.92 70.23
CA TRP X 41 75.62 -42.27 70.08
C TRP X 41 77.10 -42.22 69.68
N GLN X 42 77.43 -41.37 68.72
CA GLN X 42 78.84 -41.16 68.38
C GLN X 42 79.59 -40.52 69.54
N GLN X 43 78.92 -39.68 70.32
CA GLN X 43 79.50 -39.11 71.54
C GLN X 43 79.69 -40.12 72.66
N GLN X 44 78.99 -41.26 72.65
CA GLN X 44 78.89 -42.08 73.87
C GLN X 44 80.25 -42.37 74.50
N GLN X 45 81.31 -42.51 73.69
CA GLN X 45 82.63 -42.74 74.27
C GLN X 45 83.02 -41.62 75.22
N GLU X 46 82.72 -40.37 74.84
CA GLU X 46 82.88 -39.25 75.75
C GLU X 46 81.77 -39.20 76.80
N ALA X 47 80.53 -39.51 76.41
CA ALA X 47 79.36 -39.24 77.24
C ALA X 47 78.47 -40.47 77.31
N PRO X 48 78.83 -41.45 78.14
CA PRO X 48 77.89 -42.52 78.51
C PRO X 48 76.96 -42.13 79.64
N GLU X 49 77.20 -41.01 80.30
CA GLU X 49 76.69 -40.76 81.64
C GLU X 49 75.17 -40.84 81.71
N ASP X 50 74.47 -40.25 80.74
CA ASP X 50 73.01 -40.26 80.76
C ASP X 50 72.42 -41.65 80.61
N LEU X 51 72.93 -42.45 79.67
CA LEU X 51 72.40 -43.80 79.50
C LEU X 51 72.70 -44.68 80.71
N LEU X 52 73.91 -44.57 81.26
CA LEU X 52 74.27 -45.34 82.45
C LEU X 52 73.38 -45.01 83.64
N GLU X 53 73.22 -43.73 83.94
CA GLU X 53 72.40 -43.30 85.07
C GLU X 53 70.91 -43.54 84.84
N ARG X 54 70.44 -43.47 83.60
CA ARG X 54 69.05 -43.85 83.32
C ARG X 54 68.78 -45.30 83.71
N LEU X 55 69.64 -46.23 83.26
CA LEU X 55 69.47 -47.63 83.59
C LEU X 55 69.51 -47.88 85.10
N LEU X 56 70.50 -47.32 85.79
CA LEU X 56 70.59 -47.48 87.23
C LEU X 56 69.47 -46.78 87.99
N GLY X 57 68.92 -45.71 87.43
CA GLY X 57 67.68 -45.15 87.96
C GLY X 57 66.53 -46.13 87.89
N GLU X 58 66.39 -46.81 86.77
CA GLU X 58 65.39 -47.87 86.64
C GLU X 58 65.64 -48.99 87.63
N MET X 59 66.92 -49.30 87.88
CA MET X 59 67.28 -50.31 88.86
C MET X 59 66.92 -49.88 90.29
N GLU X 60 67.04 -48.59 90.60
CA GLU X 60 66.54 -48.06 91.88
C GLU X 60 65.02 -48.12 91.98
N LEU X 61 64.32 -47.82 90.88
CA LEU X 61 62.87 -47.96 90.87
C LEU X 61 62.42 -49.40 91.08
N GLU X 62 63.13 -50.36 90.49
CA GLU X 62 62.87 -51.77 90.79
C GLU X 62 63.16 -52.09 92.25
N LEU X 63 64.34 -51.70 92.74
CA LEU X 63 64.79 -52.07 94.08
C LEU X 63 63.87 -51.56 95.19
N ILE X 64 63.24 -50.40 94.99
CA ILE X 64 62.22 -49.97 95.95
C ILE X 64 60.97 -50.86 95.87
N GLU X 65 60.67 -51.42 94.70
CA GLU X 65 59.67 -52.48 94.65
C GLU X 65 60.15 -53.73 95.38
N LEU X 66 61.38 -54.19 95.12
CA LEU X 66 61.87 -55.43 95.71
C LEU X 66 61.82 -55.40 97.24
N ARG X 67 62.14 -54.26 97.84
CA ARG X 67 62.00 -54.10 99.29
C ARG X 67 60.55 -54.17 99.75
N ARG X 68 59.63 -53.52 99.04
CA ARG X 68 58.23 -53.63 99.41
C ARG X 68 57.68 -55.04 99.20
N ALA X 69 58.16 -55.76 98.20
CA ALA X 69 57.76 -57.15 97.99
C ALA X 69 58.28 -58.06 99.09
N LEU X 70 59.49 -57.81 99.58
CA LEU X 70 59.96 -58.47 100.80
C LEU X 70 59.07 -58.16 102.00
N ALA X 71 58.68 -56.90 102.17
CA ALA X 71 57.79 -56.56 103.27
C ALA X 71 56.42 -57.22 103.15
N GLN X 72 55.92 -57.37 101.91
CA GLN X 72 54.68 -58.10 101.69
C GLN X 72 54.82 -59.59 101.98
N THR X 73 55.98 -60.19 101.73
CA THR X 73 56.21 -61.58 102.11
C THR X 73 56.27 -61.75 103.62
N ILE X 74 56.99 -60.88 104.32
CA ILE X 74 57.04 -60.97 105.78
C ILE X 74 55.65 -60.78 106.38
N ALA X 75 54.88 -59.83 105.84
CA ALA X 75 53.51 -59.62 106.33
C ALA X 75 52.64 -60.85 106.12
N THR X 76 52.72 -61.48 104.95
CA THR X 76 51.95 -62.71 104.71
C THR X 76 52.44 -63.90 105.53
N PHE X 77 53.75 -63.97 105.81
CA PHE X 77 54.26 -65.06 106.63
C PHE X 77 53.74 -65.00 108.06
N LYS X 78 53.85 -63.84 108.70
CA LYS X 78 53.38 -63.69 110.08
C LYS X 78 51.86 -63.65 110.17
N SER X 79 51.16 -63.22 109.12
CA SER X 79 49.70 -63.36 109.13
C SER X 79 49.27 -64.82 109.11
N THR X 80 49.97 -65.67 108.35
CA THR X 80 49.73 -67.11 108.47
C THR X 80 50.01 -67.59 109.88
N GLU X 81 51.05 -67.05 110.52
CA GLU X 81 51.36 -67.39 111.90
C GLU X 81 50.33 -66.84 112.87
N ARG X 82 49.74 -65.68 112.58
CA ARG X 82 48.63 -65.17 113.38
C ARG X 82 47.42 -66.08 113.28
N GLN X 83 47.23 -66.74 112.13
CA GLN X 83 46.18 -67.74 112.02
C GLN X 83 46.50 -68.97 112.84
N ARG X 84 47.78 -69.34 112.92
CA ARG X 84 48.22 -70.37 113.85
C ARG X 84 47.98 -69.94 115.29
N ASP X 85 48.28 -68.69 115.63
CA ASP X 85 48.01 -68.18 116.96
C ASP X 85 46.54 -68.30 117.34
N ALA X 86 45.64 -68.12 116.37
CA ALA X 86 44.23 -68.36 116.63
C ALA X 86 43.92 -69.84 116.79
N GLN X 87 44.47 -70.70 115.93
CA GLN X 87 44.22 -72.13 116.06
C GLN X 87 44.67 -72.67 117.41
N GLN X 88 45.87 -72.29 117.84
CA GLN X 88 46.38 -72.72 119.13
C GLN X 88 45.59 -72.11 120.29
N LEU X 89 45.06 -70.89 120.11
CA LEU X 89 44.19 -70.30 121.12
C LEU X 89 42.87 -71.07 121.25
N ILE X 90 42.31 -71.56 120.14
CA ILE X 90 41.12 -72.39 120.23
C ILE X 90 41.46 -73.77 120.79
N ALA X 91 42.66 -74.27 120.53
CA ALA X 91 43.13 -75.48 121.20
C ALA X 91 43.20 -75.30 122.71
N GLN X 92 43.70 -74.15 123.16
CA GLN X 92 43.67 -73.83 124.59
C GLN X 92 42.24 -73.71 125.10
N ARG X 93 41.35 -73.12 124.31
CA ARG X 93 39.93 -73.11 124.66
C ARG X 93 39.35 -74.51 124.78
N TRP X 94 39.88 -75.45 123.99
CA TRP X 94 39.50 -76.86 124.16
C TRP X 94 40.11 -77.49 125.41
N TYR X 95 41.29 -77.04 125.84
CA TYR X 95 41.80 -77.49 127.13
C TYR X 95 41.01 -76.91 128.29
N GLU X 96 40.59 -75.64 128.20
CA GLU X 96 39.74 -75.05 129.24
C GLU X 96 38.44 -75.82 129.39
N LYS X 97 37.78 -76.12 128.27
CA LYS X 97 36.57 -76.94 128.30
C LYS X 97 36.83 -78.34 128.83
N ALA X 98 38.02 -78.88 128.58
CA ALA X 98 38.40 -80.13 129.24
C ALA X 98 38.60 -79.94 130.74
N GLN X 99 39.22 -78.83 131.15
CA GLN X 99 39.52 -78.62 132.55
C GLN X 99 38.26 -78.55 133.39
N ALA X 100 37.16 -78.05 132.83
CA ALA X 100 35.87 -78.07 133.50
C ALA X 100 35.33 -79.48 133.71
N ALA X 101 36.00 -80.49 133.14
CA ALA X 101 35.65 -81.89 133.37
C ALA X 101 36.87 -82.71 133.77
N LEU X 102 38.03 -82.09 133.97
CA LEU X 102 39.24 -82.82 134.32
C LEU X 102 39.45 -82.93 135.82
N ASP X 103 38.53 -82.42 136.62
CA ASP X 103 38.45 -82.69 138.05
C ASP X 103 37.30 -83.62 138.35
N ARG X 104 37.35 -84.22 139.54
CA ARG X 104 36.32 -85.12 140.06
C ARG X 104 36.24 -86.43 139.28
N GLY X 105 37.19 -86.71 138.38
CA GLY X 105 37.10 -87.90 137.56
C GLY X 105 36.04 -87.84 136.50
N ASN X 106 35.50 -86.66 136.20
CA ASN X 106 34.45 -86.48 135.21
C ASN X 106 35.01 -86.27 133.80
N GLU X 107 36.23 -86.73 133.55
CA GLU X 107 36.96 -86.47 132.31
C GLU X 107 36.30 -87.04 131.06
N GLN X 108 35.14 -87.70 131.23
CA GLN X 108 34.40 -88.23 130.09
C GLN X 108 34.30 -87.24 128.93
N LEU X 109 33.88 -86.00 129.20
CA LEU X 109 33.75 -85.02 128.13
C LEU X 109 35.10 -84.63 127.53
N ALA X 110 36.19 -84.85 128.25
CA ALA X 110 37.51 -84.59 127.69
C ALA X 110 37.77 -85.47 126.47
N ARG X 111 37.08 -86.60 126.35
CA ARG X 111 37.22 -87.43 125.17
C ARG X 111 36.91 -86.65 123.90
N GLU X 112 35.74 -86.02 123.85
CA GLU X 112 35.37 -85.20 122.70
C GLU X 112 36.20 -83.91 122.61
N ALA X 113 36.43 -83.25 123.75
CA ALA X 113 37.14 -81.96 123.73
C ALA X 113 38.56 -82.10 123.20
N LEU X 114 39.31 -83.09 123.69
CA LEU X 114 40.62 -83.39 123.13
C LEU X 114 40.55 -84.06 121.77
N GLY X 115 39.47 -84.78 121.48
CA GLY X 115 39.27 -85.27 120.12
C GLY X 115 39.19 -84.17 119.08
N GLN X 116 38.52 -83.07 119.40
CA GLN X 116 38.60 -81.88 118.57
C GLN X 116 39.99 -81.27 118.58
N ARG X 117 40.58 -81.10 119.77
CA ARG X 117 41.90 -80.47 119.83
C ARG X 117 42.93 -81.20 118.99
N GLN X 118 42.80 -82.53 118.84
CA GLN X 118 43.73 -83.26 117.98
C GLN X 118 43.72 -82.73 116.55
N SER X 119 42.54 -82.49 115.99
CA SER X 119 42.46 -81.86 114.68
C SER X 119 42.96 -80.41 114.69
N TYR X 120 42.76 -79.69 115.78
CA TYR X 120 43.28 -78.31 115.86
C TYR X 120 44.80 -78.28 115.96
N GLN X 121 45.39 -79.23 116.68
CA GLN X 121 46.84 -79.35 116.73
C GLN X 121 47.44 -79.73 115.38
N SER X 122 46.75 -80.57 114.61
CA SER X 122 47.29 -80.94 113.30
C SER X 122 47.37 -79.73 112.37
N HIS X 123 46.32 -78.90 112.34
CA HIS X 123 46.40 -77.66 111.56
C HIS X 123 47.40 -76.67 112.15
N THR X 124 47.52 -76.63 113.48
CA THR X 124 48.50 -75.73 114.10
C THR X 124 49.93 -76.11 113.72
N GLU X 125 50.23 -77.41 113.65
CA GLU X 125 51.58 -77.82 113.32
C GLU X 125 51.83 -77.86 111.81
N ALA X 126 50.78 -78.05 111.02
CA ALA X 126 50.86 -77.79 109.59
C ALA X 126 51.22 -76.34 109.31
N LEU X 127 50.55 -75.41 110.00
CA LEU X 127 50.90 -74.00 109.91
C LEU X 127 52.33 -73.76 110.41
N GLY X 128 52.67 -74.33 111.57
CA GLY X 128 53.99 -74.11 112.14
C GLY X 128 55.14 -74.59 111.26
N LYS X 129 54.93 -75.66 110.50
CA LYS X 129 55.97 -76.18 109.62
C LYS X 129 55.96 -75.54 108.24
N SER X 130 54.79 -75.12 107.74
CA SER X 130 54.76 -74.18 106.63
C SER X 130 55.52 -72.91 106.98
N LEU X 131 55.30 -72.40 108.20
CA LEU X 131 55.96 -71.21 108.72
C LEU X 131 57.43 -71.45 109.02
N GLY X 132 57.90 -72.70 108.99
CA GLY X 132 59.31 -72.99 109.02
C GLY X 132 59.94 -72.78 107.65
N GLU X 133 59.23 -73.17 106.60
CA GLU X 133 59.69 -72.88 105.25
C GLU X 133 59.60 -71.39 104.96
N GLN X 134 58.48 -70.78 105.30
CA GLN X 134 58.30 -69.33 105.13
C GLN X 134 59.34 -68.55 105.92
N ARG X 135 59.79 -69.08 107.06
CA ARG X 135 60.95 -68.50 107.74
C ARG X 135 62.18 -68.53 106.84
N ALA X 136 62.56 -69.73 106.38
CA ALA X 136 63.73 -69.84 105.51
C ALA X 136 63.60 -68.99 104.25
N LEU X 137 62.38 -68.80 103.75
CA LEU X 137 62.16 -67.90 102.62
C LEU X 137 62.47 -66.45 102.96
N VAL X 138 61.95 -65.95 104.08
CA VAL X 138 62.23 -64.56 104.45
C VAL X 138 63.70 -64.36 104.82
N GLU X 139 64.35 -65.38 105.39
CA GLU X 139 65.78 -65.27 105.65
C GLU X 139 66.60 -65.25 104.36
N GLN X 140 66.35 -66.20 103.46
CA GLN X 140 67.13 -66.28 102.23
C GLN X 140 66.87 -65.07 101.32
N VAL X 141 65.62 -64.59 101.28
CA VAL X 141 65.32 -63.41 100.48
C VAL X 141 65.95 -62.16 101.08
N ARG X 142 66.06 -62.09 102.41
CA ARG X 142 66.78 -60.99 103.04
C ARG X 142 68.28 -61.04 102.73
N GLY X 143 68.88 -62.23 102.73
CA GLY X 143 70.28 -62.34 102.38
C GLY X 143 70.53 -62.08 100.91
N GLN X 144 69.62 -62.55 100.05
CA GLN X 144 69.70 -62.25 98.61
C GLN X 144 69.66 -60.75 98.37
N LEU X 145 68.68 -60.07 98.98
CA LEU X 145 68.59 -58.61 98.85
C LEU X 145 69.84 -57.92 99.39
N GLN X 146 70.24 -58.23 100.62
CA GLN X 146 71.34 -57.48 101.23
C GLN X 146 72.66 -57.65 100.47
N LYS X 147 72.90 -58.82 99.91
CA LYS X 147 74.02 -58.99 98.97
C LYS X 147 73.84 -58.16 97.71
N LEU X 148 72.66 -58.23 97.11
CA LEU X 148 72.42 -57.58 95.82
C LEU X 148 72.46 -56.06 95.93
N GLU X 149 71.74 -55.49 96.90
CA GLU X 149 71.67 -54.05 97.05
C GLU X 149 72.99 -53.47 97.54
N ARG X 150 73.74 -54.20 98.36
CA ARG X 150 75.09 -53.77 98.70
C ARG X 150 75.99 -53.78 97.48
N LYS X 151 75.79 -54.74 96.58
CA LYS X 151 76.52 -54.75 95.31
C LYS X 151 76.13 -53.57 94.44
N TYR X 152 74.84 -53.21 94.46
CA TYR X 152 74.40 -52.00 93.77
C TYR X 152 75.03 -50.74 94.36
N LEU X 153 75.13 -50.65 95.68
CA LEU X 153 75.80 -49.52 96.32
C LEU X 153 77.27 -49.41 95.90
N GLU X 154 78.01 -50.51 95.99
CA GLU X 154 79.40 -50.52 95.56
C GLU X 154 79.55 -50.30 94.06
N LEU X 155 78.56 -50.76 93.28
CA LEU X 155 78.56 -50.50 91.84
C LEU X 155 78.26 -49.03 91.54
N LYS X 156 77.43 -48.37 92.35
CA LYS X 156 77.30 -46.91 92.26
C LYS X 156 78.63 -46.22 92.54
N SER X 157 79.33 -46.67 93.58
CA SER X 157 80.65 -46.11 93.88
C SER X 157 81.59 -46.27 92.69
N GLN X 158 81.65 -47.48 92.13
CA GLN X 158 82.46 -47.73 90.94
C GLN X 158 82.05 -46.87 89.76
N LYS X 159 80.75 -46.71 89.50
CA LYS X 159 80.30 -45.90 88.37
C LYS X 159 80.76 -44.45 88.53
N ASN X 160 80.57 -43.87 89.71
CA ASN X 160 81.04 -42.51 89.95
C ASN X 160 82.53 -42.40 89.67
N LEU X 161 83.30 -43.36 90.17
CA LEU X 161 84.74 -43.42 89.91
C LEU X 161 85.06 -43.73 88.46
N TYR X 162 84.14 -44.39 87.75
CA TYR X 162 84.37 -44.69 86.33
C TYR X 162 84.13 -43.48 85.44
N LEU X 163 83.13 -42.66 85.77
CA LEU X 163 82.94 -41.41 85.05
C LEU X 163 84.10 -40.45 85.27
N ALA X 164 84.63 -40.41 86.50
CA ALA X 164 85.83 -39.64 86.77
C ALA X 164 87.03 -40.17 85.98
N ARG X 165 87.26 -41.48 86.03
CA ARG X 165 88.32 -42.09 85.22
C ARG X 165 88.18 -41.76 83.74
N LEU X 166 86.96 -41.92 83.21
CA LEU X 166 86.72 -41.68 81.78
C LEU X 166 87.02 -40.24 81.40
N LYS X 167 86.45 -39.28 82.13
CA LYS X 167 86.74 -37.87 81.85
C LYS X 167 88.22 -37.56 81.99
N SER X 168 88.90 -38.18 82.96
CA SER X 168 90.33 -37.93 83.14
C SER X 168 91.15 -38.51 82.00
N ALA X 169 90.81 -39.71 81.54
CA ALA X 169 91.45 -40.28 80.36
C ALA X 169 91.21 -39.42 79.13
N ILE X 170 89.98 -38.96 78.93
CA ILE X 170 89.65 -38.09 77.80
C ILE X 170 90.53 -36.85 77.82
N ALA X 171 90.65 -36.21 78.99
CA ALA X 171 91.52 -35.05 79.15
C ALA X 171 92.97 -35.39 78.81
N ALA X 172 93.44 -36.54 79.31
CA ALA X 172 94.81 -36.99 79.01
C ALA X 172 95.02 -37.18 77.51
N GLN X 173 94.06 -37.83 76.85
CA GLN X 173 94.11 -37.97 75.40
C GLN X 173 94.22 -36.61 74.71
N LYS X 174 93.49 -35.63 75.21
CA LYS X 174 93.55 -34.30 74.62
C LYS X 174 94.90 -33.61 74.84
N ILE X 175 95.54 -33.80 76.00
CA ILE X 175 96.88 -33.27 76.19
C ILE X 175 97.91 -33.96 75.29
N GLU X 176 97.88 -35.28 75.20
CA GLU X 176 98.84 -35.96 74.31
C GLU X 176 98.66 -35.54 72.86
N GLU X 177 97.44 -35.58 72.35
CA GLU X 177 97.21 -35.27 70.94
C GLU X 177 97.48 -33.80 70.61
N ILE X 178 97.07 -32.88 71.48
CA ILE X 178 97.36 -31.46 71.26
C ILE X 178 98.84 -31.16 71.48
N ALA X 179 99.47 -31.85 72.43
CA ALA X 179 100.92 -31.72 72.61
C ALA X 179 101.70 -32.28 71.42
N GLY X 180 101.27 -33.43 70.89
CA GLY X 180 101.92 -33.96 69.70
C GLY X 180 101.79 -33.06 68.49
N ASN X 181 100.63 -32.45 68.29
CA ASN X 181 100.49 -31.46 67.23
C ASN X 181 101.26 -30.18 67.55
N LEU X 182 101.34 -29.81 68.82
CA LEU X 182 102.05 -28.58 69.18
C LEU X 182 103.56 -28.74 68.96
N ASP X 183 104.14 -29.82 69.46
CA ASP X 183 105.57 -30.02 69.31
C ASP X 183 105.93 -30.35 67.86
N ASN X 184 105.25 -31.35 67.29
CA ASN X 184 105.65 -31.85 65.98
C ASN X 184 105.31 -30.86 64.87
N ALA X 185 104.04 -30.42 64.80
CA ALA X 185 103.65 -29.50 63.73
C ALA X 185 104.16 -28.09 63.97
N SER X 186 103.90 -27.54 65.17
CA SER X 186 104.21 -26.13 65.41
C SER X 186 105.71 -25.90 65.52
N ALA X 187 106.40 -26.73 66.31
CA ALA X 187 107.80 -26.48 66.60
C ALA X 187 108.68 -26.67 65.38
N SER X 188 108.41 -27.70 64.58
CA SER X 188 109.15 -27.85 63.32
C SER X 188 108.89 -26.67 62.41
N SER X 189 107.67 -26.14 62.41
CA SER X 189 107.37 -24.94 61.65
C SER X 189 108.14 -23.74 62.18
N LEU X 190 108.36 -23.68 63.49
CA LEU X 190 109.11 -22.57 64.06
C LEU X 190 110.60 -22.68 63.73
N PHE X 191 111.19 -23.85 63.98
CA PHE X 191 112.64 -23.98 63.84
C PHE X 191 113.06 -23.96 62.38
N GLU X 192 112.45 -24.80 61.56
CA GLU X 192 112.87 -24.88 60.16
C GLU X 192 112.50 -23.66 59.32
N ARG X 193 111.35 -23.01 59.59
CA ARG X 193 111.06 -21.74 58.91
C ARG X 193 111.87 -20.55 59.42
N ILE X 194 112.19 -20.51 60.71
CA ILE X 194 113.05 -19.45 61.20
C ILE X 194 114.48 -19.63 60.72
N GLU X 195 114.97 -20.88 60.73
CA GLU X 195 116.31 -21.16 60.25
C GLU X 195 116.47 -20.82 58.77
N THR X 196 115.54 -21.28 57.92
CA THR X 196 115.62 -20.97 56.49
C THR X 196 115.54 -19.48 56.23
N LYS X 197 114.72 -18.76 56.99
CA LYS X 197 114.69 -17.30 56.86
C LYS X 197 115.99 -16.66 57.34
N ILE X 198 116.62 -17.25 58.35
CA ILE X 198 117.92 -16.77 58.80
C ILE X 198 118.96 -16.99 57.71
N LEU X 199 118.94 -18.17 57.10
CA LEU X 199 119.83 -18.47 55.99
C LEU X 199 119.64 -17.49 54.83
N GLU X 200 118.40 -17.08 54.58
CA GLU X 200 118.15 -16.08 53.56
C GLU X 200 118.79 -14.75 53.94
N LEU X 201 118.73 -14.40 55.22
CA LEU X 201 119.43 -13.21 55.70
C LEU X 201 120.95 -13.38 55.60
N GLU X 202 121.43 -14.61 55.81
CA GLU X 202 122.86 -14.89 55.74
C GLU X 202 123.40 -14.88 54.31
N ALA X 203 122.57 -15.26 53.33
CA ALA X 203 122.95 -15.13 51.94
C ALA X 203 123.19 -13.67 51.55
N GLU X 204 122.41 -12.74 52.13
CA GLU X 204 122.74 -11.32 51.99
C GLU X 204 123.90 -10.90 52.87
N ARG X 205 124.13 -11.55 54.01
CA ARG X 205 125.33 -11.26 54.80
C ARG X 205 126.59 -11.54 54.01
N GLU X 206 126.68 -12.72 53.39
CA GLU X 206 127.85 -13.09 52.60
C GLU X 206 127.96 -12.33 51.28
N LEU X 207 126.91 -11.60 50.89
CA LEU X 207 127.03 -10.64 49.81
C LEU X 207 127.59 -9.30 50.28
N LEU X 208 127.24 -8.88 51.50
CA LEU X 208 127.71 -7.63 52.06
C LEU X 208 129.03 -7.75 52.82
N ASN X 209 129.46 -8.97 53.11
CA ASN X 209 130.51 -9.20 54.11
C ASN X 209 131.37 -10.39 53.71
N PRO X 210 132.68 -10.22 53.51
CA PRO X 210 133.52 -11.37 53.22
C PRO X 210 133.50 -12.36 54.37
N PRO X 211 133.61 -13.66 54.09
CA PRO X 211 133.71 -14.64 55.17
C PRO X 211 134.82 -14.28 56.14
N PRO X 212 134.51 -14.08 57.43
CA PRO X 212 135.56 -13.75 58.39
C PRO X 212 136.46 -14.94 58.73
N SER X 213 137.41 -15.24 57.84
CA SER X 213 138.32 -16.36 58.03
C SER X 213 139.19 -16.13 59.26
N PRO X 214 139.89 -17.14 59.75
CA PRO X 214 140.85 -16.90 60.85
C PRO X 214 141.96 -15.93 60.48
N LEU X 215 142.25 -15.74 59.19
CA LEU X 215 143.37 -14.90 58.79
C LEU X 215 143.10 -13.43 59.10
N ASP X 216 142.05 -12.87 58.49
CA ASP X 216 141.71 -11.47 58.75
C ASP X 216 141.39 -11.24 60.22
N LYS X 217 140.83 -12.24 60.91
CA LYS X 217 140.58 -12.11 62.33
C LYS X 217 141.86 -11.89 63.12
N LYS X 218 142.90 -12.67 62.80
CA LYS X 218 144.19 -12.50 63.49
C LYS X 218 144.82 -11.15 63.16
N PHE X 219 144.68 -10.70 61.91
CA PHE X 219 145.20 -9.38 61.53
C PHE X 219 144.51 -8.27 62.31
N GLU X 220 143.18 -8.35 62.47
CA GLU X 220 142.47 -7.34 63.25
C GLU X 220 142.90 -7.36 64.71
N GLN X 221 143.12 -8.55 65.26
CA GLN X 221 143.60 -8.66 66.63
C GLN X 221 144.98 -8.02 66.77
N TRP X 222 145.87 -8.26 65.81
CA TRP X 222 147.18 -7.61 65.82
C TRP X 222 147.06 -6.11 65.66
N GLU X 223 146.05 -5.63 64.94
CA GLU X 223 145.85 -4.18 64.82
C GLU X 223 145.53 -3.58 66.18
N GLU X 224 144.67 -4.23 66.96
CA GLU X 224 144.41 -3.76 68.32
C GLU X 224 145.67 -3.84 69.16
N GLN X 225 146.45 -4.91 69.00
CA GLN X 225 147.71 -5.05 69.72
C GLN X 225 148.66 -3.90 69.38
N GLN X 226 148.69 -3.49 68.10
CA GLN X 226 149.59 -2.42 67.69
C GLN X 226 149.10 -1.06 68.16
N ALA X 227 147.79 -0.88 68.29
CA ALA X 227 147.27 0.36 68.88
C ALA X 227 147.73 0.51 70.32
N VAL X 228 147.61 -0.56 71.12
CA VAL X 228 148.05 -0.51 72.50
C VAL X 228 149.58 -0.42 72.56
N GLU X 229 150.28 -1.02 71.61
CA GLU X 229 151.73 -0.86 71.62
C GLU X 229 152.14 0.58 71.32
N ALA X 230 151.34 1.31 70.53
CA ALA X 230 151.60 2.73 70.32
C ALA X 230 151.30 3.56 71.56
N THR X 231 150.23 3.23 72.29
CA THR X 231 149.97 3.89 73.57
C THR X 231 151.11 3.64 74.56
N LEU X 232 151.62 2.40 74.60
CA LEU X 232 152.75 2.11 75.45
C LEU X 232 153.96 2.94 75.05
N ALA X 233 154.17 3.14 73.75
CA ALA X 233 155.29 3.95 73.29
C ALA X 233 155.15 5.39 73.79
N ALA X 234 153.95 5.95 73.70
CA ALA X 234 153.70 7.28 74.25
C ALA X 234 153.94 7.29 75.76
N MET X 235 153.49 6.25 76.47
CA MET X 235 153.70 6.18 77.90
C MET X 235 155.18 6.28 78.25
N LYS X 236 156.01 5.44 77.63
CA LYS X 236 157.43 5.40 78.00
C LYS X 236 158.22 6.55 77.41
N ALA X 237 157.69 7.22 76.38
CA ALA X 237 158.34 8.43 75.88
C ALA X 237 158.10 9.61 76.83
N ARG X 238 156.89 9.72 77.38
CA ARG X 238 156.65 10.69 78.43
C ARG X 238 157.45 10.35 79.68
N ARG X 239 157.61 9.06 79.97
CA ARG X 239 158.39 8.63 81.12
C ARG X 239 159.89 8.83 80.92
N SER X 240 160.36 8.95 79.68
CA SER X 240 161.80 9.13 79.44
C SER X 240 162.33 10.33 80.21
N MET Y 24 -51.33 -55.53 55.11
CA MET Y 24 -52.02 -54.67 54.16
C MET Y 24 -52.15 -53.26 54.73
N GLU Y 25 -51.96 -52.25 53.87
CA GLU Y 25 -52.12 -50.87 54.32
C GLU Y 25 -53.56 -50.59 54.72
N LEU Y 26 -54.53 -51.17 54.00
CA LEU Y 26 -55.92 -51.06 54.40
C LEU Y 26 -56.12 -51.61 55.81
N PHE Y 27 -55.57 -52.80 56.07
CA PHE Y 27 -55.69 -53.39 57.39
C PHE Y 27 -55.13 -52.47 58.48
N ASN Y 28 -53.93 -51.93 58.25
CA ASN Y 28 -53.34 -50.98 59.20
C ASN Y 28 -54.23 -49.76 59.43
N ARG Y 29 -54.77 -49.17 58.35
CA ARG Y 29 -55.73 -48.08 58.49
C ARG Y 29 -56.92 -48.48 59.37
N VAL Y 30 -57.50 -49.65 59.11
CA VAL Y 30 -58.62 -50.15 59.90
C VAL Y 30 -58.20 -50.57 61.31
N GLY Y 31 -56.89 -50.73 61.52
CA GLY Y 31 -56.40 -51.26 62.79
C GLY Y 31 -56.87 -50.55 64.03
N ARG Y 32 -56.87 -49.22 64.05
CA ARG Y 32 -57.31 -48.54 65.26
C ARG Y 32 -58.73 -48.95 65.67
N VAL Y 33 -59.67 -48.91 64.73
CA VAL Y 33 -61.06 -49.25 65.00
C VAL Y 33 -61.27 -50.74 65.22
N LEU Y 34 -60.65 -51.58 64.40
CA LEU Y 34 -60.84 -53.02 64.55
C LEU Y 34 -60.13 -53.55 65.78
N LYS Y 35 -58.86 -53.22 65.94
CA LYS Y 35 -58.07 -53.74 67.05
C LYS Y 35 -58.54 -53.20 68.41
N SER Y 36 -59.14 -52.00 68.48
CA SER Y 36 -59.76 -51.60 69.75
C SER Y 36 -60.89 -52.55 70.14
N GLN Y 37 -61.77 -52.86 69.19
CA GLN Y 37 -62.82 -53.83 69.41
C GLN Y 37 -62.25 -55.20 69.75
N LEU Y 38 -61.25 -55.69 69.00
CA LEU Y 38 -60.69 -57.00 69.32
C LEU Y 38 -59.98 -57.04 70.68
N THR Y 39 -59.35 -55.92 71.10
CA THR Y 39 -58.75 -55.84 72.42
C THR Y 39 -59.80 -55.98 73.51
N HIS Y 40 -60.96 -55.37 73.33
CA HIS Y 40 -62.06 -55.69 74.24
C HIS Y 40 -62.61 -57.10 74.02
N TRP Y 41 -62.58 -57.59 72.77
CA TRP Y 41 -63.16 -58.89 72.46
C TRP Y 41 -62.47 -60.00 73.25
N GLN Y 42 -61.14 -59.97 73.28
CA GLN Y 42 -60.41 -60.90 74.13
C GLN Y 42 -60.68 -60.65 75.60
N GLN Y 43 -60.91 -59.39 75.98
CA GLN Y 43 -61.32 -59.05 77.34
C GLN Y 43 -62.74 -59.49 77.69
N GLN Y 44 -63.61 -59.76 76.71
CA GLN Y 44 -65.04 -59.85 77.01
C GLN Y 44 -65.36 -60.79 78.17
N GLN Y 45 -64.56 -61.85 78.35
CA GLN Y 45 -64.81 -62.74 79.49
C GLN Y 45 -64.72 -61.98 80.81
N GLU Y 46 -63.76 -61.07 80.92
CA GLU Y 46 -63.70 -60.17 82.06
C GLU Y 46 -64.73 -59.05 81.95
N ALA Y 47 -64.94 -58.52 80.74
CA ALA Y 47 -65.70 -57.28 80.54
C ALA Y 47 -66.74 -57.44 79.45
N PRO Y 48 -67.86 -58.09 79.77
CA PRO Y 48 -69.03 -58.02 78.87
C PRO Y 48 -69.88 -56.78 79.07
N GLU Y 49 -69.61 -56.01 80.13
CA GLU Y 49 -70.58 -55.08 80.67
C GLU Y 49 -71.08 -54.06 79.64
N ASP Y 50 -70.16 -53.49 78.85
CA ASP Y 50 -70.55 -52.48 77.87
C ASP Y 50 -71.44 -53.04 76.78
N LEU Y 51 -71.11 -54.21 76.22
CA LEU Y 51 -71.95 -54.78 75.17
C LEU Y 51 -73.31 -55.18 75.70
N LEU Y 52 -73.36 -55.78 76.90
CA LEU Y 52 -74.62 -56.17 77.51
C LEU Y 52 -75.53 -54.97 77.75
N GLU Y 53 -75.00 -53.92 78.37
CA GLU Y 53 -75.79 -52.73 78.67
C GLU Y 53 -76.15 -51.94 77.43
N ARG Y 54 -75.30 -51.95 76.39
CA ARG Y 54 -75.68 -51.33 75.13
C ARG Y 54 -76.93 -51.97 74.54
N LEU Y 55 -76.95 -53.31 74.45
CA LEU Y 55 -78.11 -54.00 73.91
C LEU Y 55 -79.37 -53.74 74.73
N LEU Y 56 -79.29 -53.85 76.06
CA LEU Y 56 -80.45 -53.57 76.90
C LEU Y 56 -80.86 -52.09 76.88
N GLY Y 57 -79.91 -51.19 76.65
CA GLY Y 57 -80.29 -49.81 76.37
C GLY Y 57 -81.13 -49.68 75.12
N GLU Y 58 -80.75 -50.37 74.05
CA GLU Y 58 -81.55 -50.41 72.83
C GLU Y 58 -82.92 -51.03 73.11
N MET Y 59 -82.98 -52.03 73.99
CA MET Y 59 -84.24 -52.64 74.38
C MET Y 59 -85.13 -51.67 75.16
N GLU Y 60 -84.53 -50.81 75.99
CA GLU Y 60 -85.29 -49.73 76.63
C GLU Y 60 -85.77 -48.68 75.64
N LEU Y 61 -84.96 -48.34 74.64
CA LEU Y 61 -85.41 -47.43 73.58
C LEU Y 61 -86.56 -48.01 72.78
N GLU Y 62 -86.53 -49.31 72.50
CA GLU Y 62 -87.68 -49.96 71.88
C GLU Y 62 -88.91 -49.92 72.80
N LEU Y 63 -88.73 -50.32 74.06
CA LEU Y 63 -89.84 -50.47 75.00
C LEU Y 63 -90.59 -49.16 75.25
N ILE Y 64 -89.89 -48.02 75.21
CA ILE Y 64 -90.59 -46.74 75.27
C ILE Y 64 -91.40 -46.50 73.99
N GLU Y 65 -90.95 -47.01 72.84
CA GLU Y 65 -91.82 -47.04 71.67
C GLU Y 65 -93.01 -47.96 71.89
N LEU Y 66 -92.79 -49.18 72.36
CA LEU Y 66 -93.87 -50.16 72.51
C LEU Y 66 -95.00 -49.64 73.38
N ARG Y 67 -94.67 -48.92 74.46
CA ARG Y 67 -95.68 -48.28 75.29
C ARG Y 67 -96.44 -47.18 74.55
N ARG Y 68 -95.74 -46.34 73.79
CA ARG Y 68 -96.44 -45.33 73.00
C ARG Y 68 -97.30 -45.94 71.89
N ALA Y 69 -96.86 -47.06 71.32
CA ALA Y 69 -97.67 -47.76 70.31
C ALA Y 69 -98.92 -48.37 70.92
N LEU Y 70 -98.82 -48.89 72.13
CA LEU Y 70 -100.02 -49.27 72.89
C LEU Y 70 -100.94 -48.09 73.12
N ALA Y 71 -100.41 -46.93 73.51
CA ALA Y 71 -101.25 -45.76 73.70
C ALA Y 71 -101.89 -45.29 72.42
N GLN Y 72 -101.19 -45.43 71.28
CA GLN Y 72 -101.80 -45.12 69.99
C GLN Y 72 -102.90 -46.10 69.60
N THR Y 73 -102.77 -47.37 69.98
CA THR Y 73 -103.86 -48.32 69.75
C THR Y 73 -105.08 -48.02 70.61
N ILE Y 74 -104.88 -47.72 71.90
CA ILE Y 74 -106.01 -47.36 72.75
C ILE Y 74 -106.70 -46.10 72.24
N ALA Y 75 -105.92 -45.11 71.82
CA ALA Y 75 -106.48 -43.88 71.27
C ALA Y 75 -107.31 -44.14 70.01
N THR Y 76 -106.81 -44.97 69.10
CA THR Y 76 -107.56 -45.33 67.90
C THR Y 76 -108.79 -46.19 68.21
N PHE Y 77 -108.72 -47.06 69.22
CA PHE Y 77 -109.88 -47.87 69.58
C PHE Y 77 -111.04 -47.04 70.10
N LYS Y 78 -110.77 -46.16 71.06
CA LYS Y 78 -111.81 -45.30 71.61
C LYS Y 78 -112.25 -44.20 70.65
N SER Y 79 -111.38 -43.76 69.74
CA SER Y 79 -111.84 -42.84 68.70
C SER Y 79 -112.84 -43.51 67.76
N THR Y 80 -112.62 -44.79 67.43
CA THR Y 80 -113.64 -45.53 66.70
C THR Y 80 -114.93 -45.60 67.51
N GLU Y 81 -114.81 -45.76 68.82
CA GLU Y 81 -115.97 -45.78 69.71
C GLU Y 81 -116.63 -44.41 69.82
N ARG Y 82 -115.83 -43.34 69.75
CA ARG Y 82 -116.40 -41.99 69.69
C ARG Y 82 -117.20 -41.79 68.41
N GLN Y 83 -116.79 -42.44 67.32
CA GLN Y 83 -117.58 -42.40 66.10
C GLN Y 83 -118.88 -43.18 66.27
N ARG Y 84 -118.83 -44.28 67.03
CA ARG Y 84 -120.05 -44.97 67.43
C ARG Y 84 -120.94 -44.09 68.30
N ASP Y 85 -120.32 -43.36 69.25
CA ASP Y 85 -121.09 -42.43 70.08
C ASP Y 85 -121.81 -41.38 69.25
N ALA Y 86 -121.20 -40.94 68.14
CA ALA Y 86 -121.91 -40.04 67.22
C ALA Y 86 -123.01 -40.76 66.47
N GLN Y 87 -122.75 -41.97 65.96
CA GLN Y 87 -123.79 -42.68 65.23
C GLN Y 87 -125.02 -42.93 66.10
N GLN Y 88 -124.81 -43.38 67.35
CA GLN Y 88 -125.92 -43.61 68.26
C GLN Y 88 -126.59 -42.32 68.68
N LEU Y 89 -125.85 -41.21 68.74
CA LEU Y 89 -126.45 -39.90 68.99
C LEU Y 89 -127.36 -39.46 67.85
N ILE Y 90 -126.97 -39.74 66.60
CA ILE Y 90 -127.85 -39.44 65.48
C ILE Y 90 -129.04 -40.40 65.44
N ALA Y 91 -128.85 -41.64 65.88
CA ALA Y 91 -129.97 -42.56 66.07
C ALA Y 91 -130.97 -42.01 67.09
N GLN Y 92 -130.48 -41.47 68.20
CA GLN Y 92 -131.35 -40.80 69.16
C GLN Y 92 -132.03 -39.58 68.54
N ARG Y 93 -131.29 -38.81 67.73
CA ARG Y 93 -131.90 -37.73 66.98
C ARG Y 93 -133.00 -38.21 66.05
N TRP Y 94 -132.87 -39.44 65.53
CA TRP Y 94 -133.95 -40.05 64.75
C TRP Y 94 -135.12 -40.49 65.62
N TYR Y 95 -134.87 -40.88 66.88
CA TYR Y 95 -135.98 -41.13 67.79
C TYR Y 95 -136.68 -39.84 68.19
N GLU Y 96 -135.94 -38.75 68.41
CA GLU Y 96 -136.56 -37.47 68.71
C GLU Y 96 -137.48 -37.02 67.57
N LYS Y 97 -137.00 -37.11 66.33
CA LYS Y 97 -137.83 -36.80 65.17
C LYS Y 97 -139.02 -37.73 65.05
N ALA Y 98 -138.87 -38.99 65.47
CA ALA Y 98 -140.04 -39.87 65.57
C ALA Y 98 -140.98 -39.42 66.68
N GLN Y 99 -140.44 -38.99 67.83
CA GLN Y 99 -141.30 -38.64 68.96
C GLN Y 99 -142.20 -37.46 68.62
N ALA Y 100 -141.74 -36.54 67.76
CA ALA Y 100 -142.58 -35.46 67.26
C ALA Y 100 -143.75 -35.96 66.41
N ALA Y 101 -143.77 -37.24 66.08
CA ALA Y 101 -144.89 -37.86 65.38
C ALA Y 101 -145.39 -39.11 66.08
N LEU Y 102 -144.88 -39.44 67.26
CA LEU Y 102 -145.27 -40.64 67.97
C LEU Y 102 -146.41 -40.40 68.95
N ASP Y 103 -146.92 -39.18 69.02
CA ASP Y 103 -148.17 -38.87 69.70
C ASP Y 103 -149.27 -38.60 68.68
N ARG Y 104 -150.51 -38.66 69.15
CA ARG Y 104 -151.71 -38.38 68.37
C ARG Y 104 -151.96 -39.42 67.29
N GLY Y 105 -151.22 -40.53 67.28
CA GLY Y 105 -151.35 -41.51 66.21
C GLY Y 105 -150.80 -41.06 64.88
N ASN Y 106 -149.99 -40.01 64.87
CA ASN Y 106 -149.40 -39.47 63.64
C ASN Y 106 -148.08 -40.16 63.29
N GLU Y 107 -147.86 -41.38 63.77
CA GLU Y 107 -146.60 -42.09 63.65
C GLU Y 107 -146.19 -42.40 62.21
N GLN Y 108 -147.00 -41.98 61.24
CA GLN Y 108 -146.67 -42.16 59.82
C GLN Y 108 -145.22 -41.80 59.51
N LEU Y 109 -144.77 -40.62 59.92
CA LEU Y 109 -143.39 -40.22 59.63
C LEU Y 109 -142.37 -41.07 60.36
N ALA Y 110 -142.76 -41.74 61.43
CA ALA Y 110 -141.84 -42.66 62.11
C ALA Y 110 -141.41 -43.79 61.19
N ARG Y 111 -142.20 -44.09 60.15
CA ARG Y 111 -141.79 -45.10 59.19
C ARG Y 111 -140.44 -44.77 58.57
N GLU Y 112 -140.32 -43.56 58.02
CA GLU Y 112 -139.04 -43.12 57.46
C GLU Y 112 -137.97 -42.87 58.52
N ALA Y 113 -138.36 -42.25 59.64
CA ALA Y 113 -137.37 -41.90 60.67
C ALA Y 113 -136.70 -43.14 61.27
N LEU Y 114 -137.48 -44.14 61.62
CA LEU Y 114 -136.92 -45.42 62.06
C LEU Y 114 -136.34 -46.23 60.91
N GLY Y 115 -136.83 -46.04 59.69
CA GLY Y 115 -136.18 -46.65 58.54
C GLY Y 115 -134.74 -46.20 58.36
N GLN Y 116 -134.47 -44.91 58.57
CA GLN Y 116 -133.10 -44.44 58.65
C GLN Y 116 -132.38 -45.00 59.88
N ARG Y 117 -133.01 -44.93 61.05
CA ARG Y 117 -132.33 -45.40 62.25
C ARG Y 117 -131.90 -46.85 62.14
N GLN Y 118 -132.64 -47.68 61.38
CA GLN Y 118 -132.21 -49.06 61.19
C GLN Y 118 -130.82 -49.15 60.57
N SER Y 119 -130.55 -48.34 59.54
CA SER Y 119 -129.19 -48.29 58.99
C SER Y 119 -128.20 -47.67 59.96
N TYR Y 120 -128.62 -46.73 60.79
CA TYR Y 120 -127.70 -46.17 61.78
C TYR Y 120 -127.38 -47.15 62.89
N GLN Y 121 -128.34 -47.96 63.31
CA GLN Y 121 -128.08 -49.02 64.27
C GLN Y 121 -127.17 -50.10 63.71
N SER Y 122 -127.27 -50.41 62.42
CA SER Y 122 -126.39 -51.42 61.85
C SER Y 122 -124.93 -50.98 61.89
N HIS Y 123 -124.66 -49.72 61.53
CA HIS Y 123 -123.30 -49.20 61.65
C HIS Y 123 -122.88 -49.06 63.12
N THR Y 124 -123.82 -48.71 64.00
CA THR Y 124 -123.47 -48.60 65.42
C THR Y 124 -123.06 -49.95 66.00
N GLU Y 125 -123.73 -51.03 65.60
CA GLU Y 125 -123.40 -52.34 66.14
C GLU Y 125 -122.24 -53.00 65.40
N ALA Y 126 -122.03 -52.64 64.14
CA ALA Y 126 -120.78 -52.98 63.47
C ALA Y 126 -119.59 -52.35 64.18
N LEU Y 127 -119.70 -51.07 64.53
CA LEU Y 127 -118.67 -50.42 65.34
C LEU Y 127 -118.54 -51.09 66.70
N GLY Y 128 -119.66 -51.34 67.37
CA GLY Y 128 -119.62 -51.92 68.70
C GLY Y 128 -118.96 -53.30 68.75
N LYS Y 129 -119.13 -54.10 67.69
CA LYS Y 129 -118.52 -55.42 67.66
C LYS Y 129 -117.09 -55.42 67.12
N SER Y 130 -116.76 -54.50 66.21
CA SER Y 130 -115.36 -54.20 65.95
C SER Y 130 -114.65 -53.78 67.23
N LEU Y 131 -115.30 -52.92 68.01
CA LEU Y 131 -114.79 -52.43 69.29
C LEU Y 131 -114.79 -53.51 70.36
N GLY Y 132 -115.42 -54.66 70.11
CA GLY Y 132 -115.25 -55.82 70.96
C GLY Y 132 -113.95 -56.54 70.68
N GLU Y 133 -113.59 -56.62 69.39
CA GLU Y 133 -112.28 -57.18 69.05
C GLU Y 133 -111.17 -56.22 69.46
N GLN Y 134 -111.34 -54.93 69.16
CA GLN Y 134 -110.37 -53.92 69.58
C GLN Y 134 -110.20 -53.88 71.09
N ARG Y 135 -111.27 -54.19 71.84
CA ARG Y 135 -111.12 -54.40 73.28
C ARG Y 135 -110.16 -55.54 73.57
N ALA Y 136 -110.46 -56.73 73.04
CA ALA Y 136 -109.58 -57.88 73.27
C ALA Y 136 -108.16 -57.62 72.81
N LEU Y 137 -107.97 -56.81 71.77
CA LEU Y 137 -106.63 -56.42 71.34
C LEU Y 137 -105.92 -55.57 72.39
N VAL Y 138 -106.58 -54.54 72.91
CA VAL Y 138 -105.92 -53.71 73.93
C VAL Y 138 -105.71 -54.47 75.23
N GLU Y 139 -106.58 -55.42 75.56
CA GLU Y 139 -106.36 -56.25 76.74
C GLU Y 139 -105.18 -57.19 76.54
N GLN Y 140 -105.15 -57.92 75.43
CA GLN Y 140 -104.08 -58.89 75.20
C GLN Y 140 -102.73 -58.20 75.00
N VAL Y 141 -102.72 -57.04 74.35
CA VAL Y 141 -101.47 -56.30 74.18
C VAL Y 141 -100.99 -55.73 75.51
N ARG Y 142 -101.91 -55.35 76.40
CA ARG Y 142 -101.51 -54.93 77.74
C ARG Y 142 -100.94 -56.09 78.55
N GLY Y 143 -101.53 -57.28 78.44
CA GLY Y 143 -100.97 -58.43 79.14
C GLY Y 143 -99.66 -58.89 78.55
N GLN Y 144 -99.53 -58.83 77.23
CA GLN Y 144 -98.27 -59.13 76.56
C GLN Y 144 -97.16 -58.19 77.04
N LEU Y 145 -97.44 -56.89 77.05
CA LEU Y 145 -96.47 -55.91 77.54
C LEU Y 145 -96.13 -56.15 79.01
N GLN Y 146 -97.14 -56.25 79.87
CA GLN Y 146 -96.85 -56.32 81.30
C GLN Y 146 -96.06 -57.57 81.67
N LYS Y 147 -96.30 -58.70 81.00
CA LYS Y 147 -95.43 -59.87 81.14
C LYS Y 147 -94.02 -59.57 80.63
N LEU Y 148 -93.90 -58.99 79.43
CA LEU Y 148 -92.61 -58.80 78.79
C LEU Y 148 -91.74 -57.80 79.55
N GLU Y 149 -92.30 -56.64 79.89
CA GLU Y 149 -91.54 -55.59 80.56
C GLU Y 149 -91.22 -55.97 82.00
N ARG Y 150 -92.09 -56.71 82.67
CA ARG Y 150 -91.74 -57.25 83.97
C ARG Y 150 -90.61 -58.26 83.86
N LYS Y 151 -90.58 -59.03 82.78
CA LYS Y 151 -89.46 -59.94 82.53
C LYS Y 151 -88.18 -59.15 82.26
N TYR Y 152 -88.28 -58.03 81.55
CA TYR Y 152 -87.14 -57.13 81.37
C TYR Y 152 -86.64 -56.57 82.70
N LEU Y 153 -87.56 -56.17 83.59
CA LEU Y 153 -87.16 -55.69 84.91
C LEU Y 153 -86.42 -56.76 85.71
N GLU Y 154 -86.97 -57.96 85.78
CA GLU Y 154 -86.30 -59.06 86.47
C GLU Y 154 -85.01 -59.48 85.78
N LEU Y 155 -84.96 -59.35 84.45
CA LEU Y 155 -83.72 -59.61 83.71
C LEU Y 155 -82.67 -58.53 83.97
N LYS Y 156 -83.08 -57.28 84.17
CA LYS Y 156 -82.14 -56.26 84.66
C LYS Y 156 -81.60 -56.64 86.03
N SER Y 157 -82.46 -57.09 86.93
CA SER Y 157 -82.02 -57.55 88.25
C SER Y 157 -80.99 -58.66 88.11
N GLN Y 158 -81.30 -59.67 87.30
CA GLN Y 158 -80.36 -60.77 87.05
C GLN Y 158 -79.05 -60.28 86.43
N LYS Y 159 -79.10 -59.36 85.47
CA LYS Y 159 -77.86 -58.87 84.86
C LYS Y 159 -76.97 -58.18 85.89
N ASN Y 160 -77.55 -57.31 86.72
CA ASN Y 160 -76.77 -56.66 87.76
C ASN Y 160 -76.12 -57.71 88.66
N LEU Y 161 -76.88 -58.71 89.06
CA LEU Y 161 -76.36 -59.82 89.86
C LEU Y 161 -75.39 -60.69 89.08
N TYR Y 162 -75.50 -60.71 87.76
CA TYR Y 162 -74.57 -61.50 86.94
C TYR Y 162 -73.22 -60.82 86.78
N LEU Y 163 -73.21 -59.49 86.65
CA LEU Y 163 -71.95 -58.76 86.64
C LEU Y 163 -71.24 -58.86 87.98
N ALA Y 164 -71.99 -58.82 89.08
CA ALA Y 164 -71.42 -59.07 90.40
C ALA Y 164 -70.86 -60.48 90.51
N ARG Y 165 -71.64 -61.49 90.13
CA ARG Y 165 -71.14 -62.87 90.11
C ARG Y 165 -69.88 -62.99 89.27
N LEU Y 166 -69.87 -62.43 88.07
CA LEU Y 166 -68.73 -62.56 87.17
C LEU Y 166 -67.47 -61.93 87.77
N LYS Y 167 -67.57 -60.68 88.24
CA LYS Y 167 -66.43 -60.04 88.88
C LYS Y 167 -65.96 -60.81 90.11
N SER Y 168 -66.89 -61.39 90.87
CA SER Y 168 -66.52 -62.16 92.06
C SER Y 168 -65.81 -63.45 91.69
N ALA Y 169 -66.30 -64.15 90.67
CA ALA Y 169 -65.61 -65.32 90.15
C ALA Y 169 -64.22 -64.98 89.64
N ILE Y 170 -64.10 -63.88 88.88
CA ILE Y 170 -62.80 -63.44 88.38
C ILE Y 170 -61.83 -63.21 89.53
N ALA Y 171 -62.28 -62.52 90.57
CA ALA Y 171 -61.46 -62.32 91.77
C ALA Y 171 -61.06 -63.65 92.40
N ALA Y 172 -62.00 -64.57 92.52
CA ALA Y 172 -61.73 -65.90 93.08
C ALA Y 172 -60.67 -66.62 92.24
N GLN Y 173 -60.82 -66.60 90.93
CA GLN Y 173 -59.81 -67.17 90.03
C GLN Y 173 -58.43 -66.57 90.30
N LYS Y 174 -58.37 -65.27 90.53
CA LYS Y 174 -57.11 -64.61 90.80
C LYS Y 174 -56.51 -65.03 92.15
N ILE Y 175 -57.33 -65.23 93.18
CA ILE Y 175 -56.80 -65.76 94.44
C ILE Y 175 -56.30 -67.19 94.30
N GLU Y 176 -57.05 -68.07 93.66
CA GLU Y 176 -56.57 -69.45 93.49
C GLU Y 176 -55.27 -69.50 92.70
N GLU Y 177 -55.23 -68.83 91.54
CA GLU Y 177 -54.04 -68.90 90.68
C GLU Y 177 -52.82 -68.23 91.32
N ILE Y 178 -53.00 -67.08 91.96
CA ILE Y 178 -51.89 -66.42 92.64
C ILE Y 178 -51.49 -67.17 93.91
N ALA Y 179 -52.47 -67.77 94.60
CA ALA Y 179 -52.15 -68.62 95.74
C ALA Y 179 -51.42 -69.89 95.33
N GLY Y 180 -51.83 -70.52 94.22
CA GLY Y 180 -51.11 -71.68 93.74
C GLY Y 180 -49.68 -71.38 93.32
N ASN Y 181 -49.46 -70.23 92.68
CA ASN Y 181 -48.09 -69.82 92.40
C ASN Y 181 -47.35 -69.40 93.65
N LEU Y 182 -48.05 -68.82 94.63
CA LEU Y 182 -47.39 -68.40 95.87
C LEU Y 182 -46.93 -69.61 96.68
N ASP Y 183 -47.83 -70.57 96.90
CA ASP Y 183 -47.47 -71.73 97.69
C ASP Y 183 -46.51 -72.64 96.94
N ASN Y 184 -46.87 -73.00 95.70
CA ASN Y 184 -46.09 -74.00 94.99
C ASN Y 184 -44.75 -73.46 94.53
N ALA Y 185 -44.74 -72.33 93.82
CA ALA Y 185 -43.47 -71.78 93.32
C ALA Y 185 -42.66 -71.13 94.43
N SER Y 186 -43.28 -70.22 95.20
CA SER Y 186 -42.51 -69.44 96.17
C SER Y 186 -42.07 -70.29 97.35
N ALA Y 187 -43.00 -71.06 97.92
CA ALA Y 187 -42.72 -71.77 99.16
C ALA Y 187 -41.70 -72.89 98.95
N SER Y 188 -41.79 -73.62 97.84
CA SER Y 188 -40.76 -74.61 97.54
C SER Y 188 -39.41 -73.94 97.35
N SER Y 189 -39.41 -72.75 96.74
CA SER Y 189 -38.17 -71.99 96.61
C SER Y 189 -37.63 -71.58 97.98
N LEU Y 190 -38.53 -71.28 98.93
CA LEU Y 190 -38.06 -70.89 100.26
C LEU Y 190 -37.52 -72.09 101.02
N PHE Y 191 -38.28 -73.19 101.06
CA PHE Y 191 -37.88 -74.31 101.91
C PHE Y 191 -36.67 -75.04 101.34
N GLU Y 192 -36.73 -75.42 100.07
CA GLU Y 192 -35.63 -76.20 99.50
C GLU Y 192 -34.35 -75.40 99.28
N ARG Y 193 -34.44 -74.10 98.94
CA ARG Y 193 -33.23 -73.27 98.90
C ARG Y 193 -32.67 -72.90 100.27
N ILE Y 194 -33.52 -72.70 101.27
CA ILE Y 194 -33.02 -72.44 102.61
C ILE Y 194 -32.41 -73.70 103.21
N GLU Y 195 -33.06 -74.84 103.01
CA GLU Y 195 -32.53 -76.10 103.51
C GLU Y 195 -31.18 -76.44 102.89
N THR Y 196 -31.08 -76.37 101.56
CA THR Y 196 -29.80 -76.66 100.90
C THR Y 196 -28.70 -75.71 101.35
N LYS Y 197 -29.04 -74.43 101.56
CA LYS Y 197 -28.04 -73.50 102.09
C LYS Y 197 -27.68 -73.83 103.54
N ILE Y 198 -28.63 -74.34 104.31
CA ILE Y 198 -28.34 -74.78 105.67
C ILE Y 198 -27.40 -75.98 105.63
N LEU Y 199 -27.68 -76.92 104.74
CA LEU Y 199 -26.81 -78.08 104.56
C LEU Y 199 -25.39 -77.66 104.18
N GLU Y 200 -25.27 -76.61 103.37
CA GLU Y 200 -23.95 -76.10 103.03
C GLU Y 200 -23.25 -75.55 104.27
N LEU Y 201 -24.01 -74.88 105.14
CA LEU Y 201 -23.46 -74.44 106.42
C LEU Y 201 -23.11 -75.62 107.32
N GLU Y 202 -23.90 -76.70 107.23
CA GLU Y 202 -23.67 -77.90 108.04
C GLU Y 202 -22.46 -78.70 107.56
N ALA Y 203 -22.17 -78.68 106.26
CA ALA Y 203 -20.94 -79.29 105.76
C ALA Y 203 -19.70 -78.61 106.32
N GLU Y 204 -19.75 -77.29 106.54
CA GLU Y 204 -18.70 -76.62 107.30
C GLU Y 204 -18.79 -76.87 108.79
N ARG Y 205 -19.98 -77.11 109.34
CA ARG Y 205 -20.09 -77.49 110.74
C ARG Y 205 -19.36 -78.80 111.01
N GLU Y 206 -19.60 -79.82 110.18
CA GLU Y 206 -18.94 -81.12 110.36
C GLU Y 206 -17.46 -81.09 109.98
N LEU Y 207 -16.98 -80.02 109.36
CA LEU Y 207 -15.55 -79.80 109.23
C LEU Y 207 -14.94 -79.16 110.46
N LEU Y 208 -15.68 -78.27 111.13
CA LEU Y 208 -15.21 -77.60 112.32
C LEU Y 208 -15.52 -78.35 113.61
N ASN Y 209 -16.38 -79.37 113.55
CA ASN Y 209 -17.00 -79.93 114.75
C ASN Y 209 -17.21 -81.42 114.57
N PRO Y 210 -16.63 -82.27 115.42
CA PRO Y 210 -16.91 -83.70 115.32
C PRO Y 210 -18.38 -83.98 115.56
N PRO Y 211 -18.95 -84.99 114.90
CA PRO Y 211 -20.34 -85.37 115.18
C PRO Y 211 -20.56 -85.61 116.66
N PRO Y 212 -21.48 -84.86 117.30
CA PRO Y 212 -21.73 -85.08 118.73
C PRO Y 212 -22.48 -86.37 119.01
N SER Y 213 -21.76 -87.49 119.01
CA SER Y 213 -22.37 -88.80 119.25
C SER Y 213 -22.91 -88.87 120.66
N PRO Y 214 -23.73 -89.87 120.99
CA PRO Y 214 -24.16 -90.03 122.39
C PRO Y 214 -23.01 -90.26 123.35
N LEU Y 215 -21.85 -90.73 122.86
CA LEU Y 215 -20.76 -91.09 123.77
C LEU Y 215 -20.15 -89.84 124.41
N ASP Y 216 -19.61 -88.94 123.58
CA ASP Y 216 -19.04 -87.70 124.11
C ASP Y 216 -20.07 -86.88 124.86
N LYS Y 217 -21.33 -86.94 124.45
CA LYS Y 217 -22.38 -86.23 125.17
C LYS Y 217 -22.51 -86.74 126.60
N LYS Y 218 -22.49 -88.07 126.79
CA LYS Y 218 -22.58 -88.63 128.13
C LYS Y 218 -21.34 -88.28 128.96
N PHE Y 219 -20.17 -88.27 128.33
CA PHE Y 219 -18.94 -87.88 129.03
C PHE Y 219 -19.00 -86.44 129.51
N GLU Y 220 -19.52 -85.53 128.67
CA GLU Y 220 -19.66 -84.13 129.08
C GLU Y 220 -20.64 -84.00 130.23
N GLN Y 221 -21.74 -84.76 130.18
CA GLN Y 221 -22.70 -84.74 131.27
C GLN Y 221 -22.06 -85.22 132.57
N TRP Y 222 -21.27 -86.30 132.50
CA TRP Y 222 -20.55 -86.76 133.68
C TRP Y 222 -19.54 -85.74 134.16
N GLU Y 223 -18.95 -84.96 133.26
CA GLU Y 223 -18.03 -83.91 133.68
C GLU Y 223 -18.75 -82.87 134.54
N GLU Y 224 -19.95 -82.46 134.12
CA GLU Y 224 -20.75 -81.56 134.95
C GLU Y 224 -21.10 -82.22 136.27
N GLN Y 225 -21.45 -83.51 136.24
CA GLN Y 225 -21.74 -84.25 137.46
C GLN Y 225 -20.55 -84.26 138.41
N GLN Y 226 -19.34 -84.41 137.85
CA GLN Y 226 -18.14 -84.44 138.68
C GLN Y 226 -17.77 -83.07 139.22
N ALA Y 227 -18.09 -82.00 138.49
CA ALA Y 227 -17.90 -80.66 139.03
C ALA Y 227 -18.77 -80.44 140.25
N VAL Y 228 -20.05 -80.80 140.17
CA VAL Y 228 -20.93 -80.65 141.32
C VAL Y 228 -20.54 -81.62 142.43
N GLU Y 229 -20.03 -82.79 142.08
CA GLU Y 229 -19.56 -83.68 143.14
C GLU Y 229 -18.35 -83.11 143.87
N ALA Y 230 -17.52 -82.33 143.17
CA ALA Y 230 -16.42 -81.64 143.85
C ALA Y 230 -16.91 -80.50 144.74
N THR Y 231 -17.93 -79.76 144.30
CA THR Y 231 -18.54 -78.75 145.16
C THR Y 231 -19.15 -79.39 146.41
N LEU Y 232 -19.81 -80.55 146.24
CA LEU Y 232 -20.34 -81.27 147.39
C LEU Y 232 -19.22 -81.67 148.34
N ALA Y 233 -18.08 -82.09 147.79
CA ALA Y 233 -16.95 -82.47 148.65
C ALA Y 233 -16.48 -81.28 149.46
N ALA Y 234 -16.36 -80.10 148.84
CA ALA Y 234 -16.03 -78.89 149.58
C ALA Y 234 -17.08 -78.58 150.64
N MET Y 235 -18.36 -78.74 150.30
CA MET Y 235 -19.43 -78.49 151.26
C MET Y 235 -19.26 -79.33 152.51
N LYS Y 236 -19.08 -80.65 152.34
CA LYS Y 236 -19.04 -81.54 153.50
C LYS Y 236 -17.68 -81.51 154.20
N ALA Y 237 -16.64 -81.03 153.53
CA ALA Y 237 -15.36 -80.82 154.19
C ALA Y 237 -15.41 -79.60 155.11
N ARG Y 238 -16.05 -78.52 154.66
CA ARG Y 238 -16.30 -77.40 155.54
C ARG Y 238 -17.23 -77.79 156.67
N ARG Y 239 -18.21 -78.64 156.38
CA ARG Y 239 -19.14 -79.12 157.41
C ARG Y 239 -18.48 -80.08 158.39
N SER Y 240 -17.37 -80.71 158.04
CA SER Y 240 -16.72 -81.66 158.95
C SER Y 240 -16.41 -81.00 160.29
N MET Z 24 -92.26 15.26 -28.39
CA MET Z 24 -91.19 16.01 -29.04
C MET Z 24 -90.78 17.20 -28.18
N GLU Z 25 -89.47 17.46 -28.11
CA GLU Z 25 -88.99 18.61 -27.36
C GLU Z 25 -89.49 19.92 -27.98
N LEU Z 26 -89.55 19.97 -29.31
CA LEU Z 26 -90.13 21.13 -29.98
C LEU Z 26 -91.57 21.35 -29.53
N PHE Z 27 -92.36 20.27 -29.51
CA PHE Z 27 -93.74 20.36 -29.07
C PHE Z 27 -93.84 20.92 -27.65
N ASN Z 28 -93.04 20.38 -26.73
CA ASN Z 28 -93.01 20.89 -25.35
C ASN Z 28 -92.66 22.38 -25.30
N ARG Z 29 -91.64 22.80 -26.04
CA ARG Z 29 -91.31 24.22 -26.14
C ARG Z 29 -92.50 25.06 -26.61
N VAL Z 30 -93.18 24.60 -27.66
CA VAL Z 30 -94.36 25.29 -28.17
C VAL Z 30 -95.56 25.15 -27.23
N GLY Z 31 -95.49 24.21 -26.29
CA GLY Z 31 -96.64 23.92 -25.45
C GLY Z 31 -97.24 25.09 -24.72
N ARG Z 32 -96.45 25.96 -24.12
CA ARG Z 32 -97.04 27.09 -23.41
C ARG Z 32 -97.95 27.92 -24.32
N VAL Z 33 -97.45 28.31 -25.50
CA VAL Z 33 -98.23 29.14 -26.43
C VAL Z 33 -99.36 28.36 -27.09
N LEU Z 34 -99.11 27.13 -27.51
CA LEU Z 34 -100.16 26.37 -28.20
C LEU Z 34 -101.23 25.91 -27.21
N LYS Z 35 -100.82 25.29 -26.11
CA LYS Z 35 -101.77 24.76 -25.14
C LYS Z 35 -102.56 25.85 -24.43
N SER Z 36 -102.03 27.07 -24.27
CA SER Z 36 -102.89 28.15 -23.77
C SER Z 36 -104.06 28.43 -24.72
N GLN Z 37 -103.74 28.54 -26.01
CA GLN Z 37 -104.79 28.69 -27.02
C GLN Z 37 -105.74 27.51 -27.02
N LEU Z 38 -105.23 26.27 -27.00
CA LEU Z 38 -106.12 25.12 -27.00
C LEU Z 38 -106.98 25.02 -25.73
N THR Z 39 -106.45 25.45 -24.58
CA THR Z 39 -107.24 25.49 -23.35
C THR Z 39 -108.40 26.46 -23.48
N HIS Z 40 -108.19 27.61 -24.11
CA HIS Z 40 -109.34 28.44 -24.46
C HIS Z 40 -110.18 27.83 -25.58
N TRP Z 41 -109.55 27.10 -26.51
CA TRP Z 41 -110.26 26.55 -27.65
C TRP Z 41 -111.36 25.59 -27.20
N GLN Z 42 -111.02 24.70 -26.27
CA GLN Z 42 -112.05 23.84 -25.67
C GLN Z 42 -113.06 24.66 -24.88
N GLN Z 43 -112.63 25.75 -24.27
CA GLN Z 43 -113.53 26.69 -23.60
C GLN Z 43 -114.43 27.47 -24.54
N GLN Z 44 -114.08 27.60 -25.83
CA GLN Z 44 -114.72 28.62 -26.67
C GLN Z 44 -116.24 28.57 -26.61
N GLN Z 45 -116.85 27.39 -26.42
CA GLN Z 45 -118.29 27.32 -26.30
C GLN Z 45 -118.79 28.17 -25.14
N GLU Z 46 -118.06 28.13 -24.02
CA GLU Z 46 -118.35 29.03 -22.91
C GLU Z 46 -117.83 30.45 -23.19
N ALA Z 47 -116.66 30.57 -23.82
CA ALA Z 47 -115.94 31.84 -23.90
C ALA Z 47 -115.49 32.11 -25.33
N PRO Z 48 -116.40 32.57 -26.19
CA PRO Z 48 -115.99 33.13 -27.48
C PRO Z 48 -115.59 34.60 -27.40
N GLU Z 49 -115.84 35.25 -26.26
CA GLU Z 49 -115.92 36.70 -26.19
C GLU Z 49 -114.64 37.38 -26.69
N ASP Z 50 -113.47 36.88 -26.28
CA ASP Z 50 -112.23 37.51 -26.68
C ASP Z 50 -111.97 37.42 -28.18
N LEU Z 51 -112.19 36.25 -28.79
CA LEU Z 51 -111.97 36.13 -30.23
C LEU Z 51 -112.97 36.97 -31.02
N LEU Z 52 -114.23 36.98 -30.60
CA LEU Z 52 -115.26 37.79 -31.28
C LEU Z 52 -114.92 39.28 -31.22
N GLU Z 53 -114.61 39.78 -30.04
CA GLU Z 53 -114.29 41.20 -29.88
C GLU Z 53 -112.96 41.59 -30.52
N ARG Z 54 -111.99 40.68 -30.56
CA ARG Z 54 -110.75 40.95 -31.28
C ARG Z 54 -111.03 41.21 -32.77
N LEU Z 55 -111.79 40.32 -33.41
CA LEU Z 55 -112.12 40.50 -34.82
C LEU Z 55 -112.88 41.79 -35.08
N LEU Z 56 -113.91 42.08 -34.29
CA LEU Z 56 -114.67 43.32 -34.46
C LEU Z 56 -113.86 44.56 -34.10
N GLY Z 57 -112.88 44.44 -33.20
CA GLY Z 57 -111.92 45.51 -33.02
C GLY Z 57 -111.11 45.80 -34.28
N GLU Z 58 -110.65 44.75 -34.94
CA GLU Z 58 -109.97 44.90 -36.23
C GLU Z 58 -110.89 45.52 -37.26
N MET Z 59 -112.18 45.17 -37.22
CA MET Z 59 -113.17 45.77 -38.11
C MET Z 59 -113.38 47.25 -37.83
N GLU Z 60 -113.33 47.66 -36.56
CA GLU Z 60 -113.33 49.09 -36.23
C GLU Z 60 -112.06 49.81 -36.69
N LEU Z 61 -110.90 49.15 -36.57
CA LEU Z 61 -109.67 49.74 -37.10
C LEU Z 61 -109.72 49.90 -38.61
N GLU Z 62 -110.30 48.94 -39.33
CA GLU Z 62 -110.52 49.12 -40.76
C GLU Z 62 -111.49 50.27 -41.03
N LEU Z 63 -112.64 50.27 -40.34
CA LEU Z 63 -113.71 51.24 -40.61
C LEU Z 63 -113.28 52.68 -40.40
N ILE Z 64 -112.38 52.94 -39.45
CA ILE Z 64 -111.81 54.29 -39.34
C ILE Z 64 -110.91 54.61 -40.53
N GLU Z 65 -110.26 53.61 -41.13
CA GLU Z 65 -109.62 53.83 -42.41
C GLU Z 65 -110.65 54.11 -43.51
N LEU Z 66 -111.70 53.30 -43.60
CA LEU Z 66 -112.69 53.45 -44.68
C LEU Z 66 -113.30 54.84 -44.70
N ARG Z 67 -113.58 55.41 -43.53
CA ARG Z 67 -114.07 56.79 -43.45
C ARG Z 67 -113.02 57.80 -43.92
N ARG Z 68 -111.76 57.64 -43.52
CA ARG Z 68 -110.73 58.55 -44.03
C ARG Z 68 -110.49 58.39 -45.52
N ALA Z 69 -110.64 57.18 -46.06
CA ALA Z 69 -110.52 56.97 -47.51
C ALA Z 69 -111.67 57.62 -48.27
N LEU Z 70 -112.87 57.58 -47.71
CA LEU Z 70 -113.98 58.39 -48.24
C LEU Z 70 -113.66 59.87 -48.22
N ALA Z 71 -113.09 60.38 -47.12
CA ALA Z 71 -112.74 61.78 -47.06
C ALA Z 71 -111.64 62.15 -48.07
N GLN Z 72 -110.70 61.22 -48.32
CA GLN Z 72 -109.70 61.44 -49.35
C GLN Z 72 -110.30 61.44 -50.76
N THR Z 73 -111.33 60.63 -50.99
CA THR Z 73 -112.02 60.69 -52.29
C THR Z 73 -112.78 61.99 -52.48
N ILE Z 74 -113.51 62.44 -51.46
CA ILE Z 74 -114.21 63.73 -51.56
C ILE Z 74 -113.23 64.87 -51.77
N ALA Z 75 -112.10 64.85 -51.06
CA ALA Z 75 -111.08 65.88 -51.24
C ALA Z 75 -110.52 65.89 -52.66
N THR Z 76 -110.23 64.72 -53.21
CA THR Z 76 -109.74 64.64 -54.60
C THR Z 76 -110.81 65.01 -55.62
N PHE Z 77 -112.08 64.70 -55.35
CA PHE Z 77 -113.14 65.08 -56.28
C PHE Z 77 -113.30 66.58 -56.40
N LYS Z 78 -113.41 67.27 -55.26
CA LYS Z 78 -113.57 68.73 -55.28
C LYS Z 78 -112.27 69.45 -55.66
N SER Z 79 -111.11 68.86 -55.41
CA SER Z 79 -109.88 69.46 -55.94
C SER Z 79 -109.85 69.42 -57.47
N THR Z 80 -110.32 68.33 -58.07
CA THR Z 80 -110.49 68.32 -59.52
C THR Z 80 -111.48 69.41 -59.95
N GLU Z 81 -112.52 69.62 -59.16
CA GLU Z 81 -113.49 70.68 -59.43
C GLU Z 81 -112.89 72.07 -59.20
N ARG Z 82 -111.98 72.21 -58.24
CA ARG Z 82 -111.25 73.46 -58.07
C ARG Z 82 -110.36 73.75 -59.28
N GLN Z 83 -109.85 72.71 -59.93
CA GLN Z 83 -109.12 72.90 -61.19
C GLN Z 83 -110.06 73.33 -62.30
N ARG Z 84 -111.28 72.82 -62.30
CA ARG Z 84 -112.32 73.33 -63.20
C ARG Z 84 -112.65 74.78 -62.89
N ASP Z 85 -112.75 75.14 -61.61
CA ASP Z 85 -112.99 76.52 -61.23
C ASP Z 85 -111.91 77.46 -61.76
N ALA Z 86 -110.66 76.98 -61.80
CA ALA Z 86 -109.60 77.77 -62.42
C ALA Z 86 -109.75 77.84 -63.94
N GLN Z 87 -110.05 76.71 -64.59
CA GLN Z 87 -110.22 76.73 -66.04
C GLN Z 87 -111.33 77.68 -66.46
N GLN Z 88 -112.48 77.62 -65.79
CA GLN Z 88 -113.58 78.52 -66.10
C GLN Z 88 -113.27 79.97 -65.74
N LEU Z 89 -112.44 80.19 -64.72
CA LEU Z 89 -111.98 81.54 -64.41
C LEU Z 89 -111.09 82.10 -65.51
N ILE Z 90 -110.23 81.27 -66.11
CA ILE Z 90 -109.43 81.74 -67.23
C ILE Z 90 -110.29 81.90 -68.48
N ALA Z 91 -111.34 81.09 -68.63
CA ALA Z 91 -112.33 81.33 -69.69
C ALA Z 91 -113.00 82.68 -69.53
N GLN Z 92 -113.37 83.04 -68.29
CA GLN Z 92 -113.90 84.39 -68.03
C GLN Z 92 -112.86 85.46 -68.33
N ARG Z 93 -111.60 85.20 -67.97
CA ARG Z 93 -110.51 86.10 -68.35
C ARG Z 93 -110.40 86.26 -69.86
N TRP Z 94 -110.73 85.20 -70.61
CA TRP Z 94 -110.80 85.31 -72.07
C TRP Z 94 -112.03 86.09 -72.54
N TYR Z 95 -113.14 86.05 -71.80
CA TYR Z 95 -114.24 86.93 -72.12
C TYR Z 95 -113.93 88.38 -71.81
N GLU Z 96 -113.24 88.65 -70.70
CA GLU Z 96 -112.82 90.03 -70.39
C GLU Z 96 -111.94 90.60 -71.49
N LYS Z 97 -110.94 89.82 -71.93
CA LYS Z 97 -110.10 90.24 -73.04
C LYS Z 97 -110.89 90.41 -74.33
N ALA Z 98 -111.94 89.61 -74.53
CA ALA Z 98 -112.85 89.87 -75.64
C ALA Z 98 -113.64 91.16 -75.43
N GLN Z 99 -114.08 91.42 -74.21
CA GLN Z 99 -114.92 92.59 -73.96
C GLN Z 99 -114.18 93.88 -74.26
N ALA Z 100 -112.85 93.90 -74.06
CA ALA Z 100 -112.03 95.04 -74.46
C ALA Z 100 -112.00 95.25 -75.96
N ALA Z 101 -112.56 94.32 -76.74
CA ALA Z 101 -112.69 94.48 -78.18
C ALA Z 101 -114.12 94.21 -78.65
N LEU Z 102 -115.06 94.01 -77.75
CA LEU Z 102 -116.44 93.70 -78.12
C LEU Z 102 -117.30 94.95 -78.21
N ASP Z 103 -116.74 96.13 -77.99
CA ASP Z 103 -117.36 97.40 -78.29
C ASP Z 103 -116.71 98.02 -79.52
N ARG Z 104 -117.41 98.98 -80.12
CA ARG Z 104 -116.96 99.75 -81.27
C ARG Z 104 -116.86 98.91 -82.54
N GLY Z 105 -117.35 97.66 -82.52
CA GLY Z 105 -117.19 96.79 -83.67
C GLY Z 105 -115.79 96.29 -83.87
N ASN Z 106 -114.92 96.41 -82.87
CA ASN Z 106 -113.53 95.98 -82.96
C ASN Z 106 -113.35 94.52 -82.58
N GLU Z 107 -114.40 93.72 -82.68
CA GLU Z 107 -114.44 92.34 -82.20
C GLU Z 107 -113.44 91.41 -82.90
N GLN Z 108 -112.66 91.95 -83.84
CA GLN Z 108 -111.64 91.17 -84.54
C GLN Z 108 -110.82 90.30 -83.59
N LEU Z 109 -110.28 90.89 -82.52
CA LEU Z 109 -109.47 90.13 -81.58
C LEU Z 109 -110.28 89.08 -80.82
N ALA Z 110 -111.60 89.24 -80.75
CA ALA Z 110 -112.44 88.22 -80.14
C ALA Z 110 -112.33 86.89 -80.87
N ARG Z 111 -111.93 86.92 -82.15
CA ARG Z 111 -111.75 85.68 -82.89
C ARG Z 111 -110.74 84.78 -82.19
N GLU Z 112 -109.55 85.31 -81.90
CA GLU Z 112 -108.53 84.55 -81.17
C GLU Z 112 -108.91 84.31 -79.72
N ALA Z 113 -109.46 85.33 -79.04
CA ALA Z 113 -109.76 85.19 -77.61
C ALA Z 113 -110.79 84.10 -77.35
N LEU Z 114 -111.88 84.09 -78.11
CA LEU Z 114 -112.86 83.00 -78.02
C LEU Z 114 -112.35 81.71 -78.66
N GLY Z 115 -111.44 81.80 -79.63
CA GLY Z 115 -110.80 80.60 -80.13
C GLY Z 115 -110.02 79.85 -79.06
N GLN Z 116 -109.31 80.57 -78.20
CA GLN Z 116 -108.73 79.96 -77.01
C GLN Z 116 -109.81 79.47 -76.04
N ARG Z 117 -110.80 80.31 -75.75
CA ARG Z 117 -111.83 79.91 -74.79
C ARG Z 117 -112.53 78.63 -75.19
N GLN Z 118 -112.66 78.36 -76.49
CA GLN Z 118 -113.26 77.10 -76.93
C GLN Z 118 -112.50 75.89 -76.38
N SER Z 119 -111.16 75.92 -76.45
CA SER Z 119 -110.37 74.85 -75.83
C SER Z 119 -110.47 74.86 -74.32
N TYR Z 120 -110.61 76.03 -73.70
CA TYR Z 120 -110.77 76.07 -72.25
C TYR Z 120 -112.12 75.54 -71.80
N GLN Z 121 -113.17 75.81 -72.57
CA GLN Z 121 -114.49 75.23 -72.29
C GLN Z 121 -114.50 73.71 -72.46
N SER Z 122 -113.75 73.19 -73.43
CA SER Z 122 -113.73 71.74 -73.61
C SER Z 122 -113.12 71.04 -72.40
N HIS Z 123 -112.00 71.56 -71.88
CA HIS Z 123 -111.43 71.01 -70.66
C HIS Z 123 -112.33 71.26 -69.45
N THR Z 124 -113.02 72.41 -69.41
CA THR Z 124 -113.92 72.69 -68.30
C THR Z 124 -115.08 71.69 -68.25
N GLU Z 125 -115.62 71.32 -69.42
CA GLU Z 125 -116.75 70.40 -69.44
C GLU Z 125 -116.30 68.94 -69.38
N ALA Z 126 -115.08 68.64 -69.83
CA ALA Z 126 -114.47 67.35 -69.52
C ALA Z 126 -114.32 67.16 -68.02
N LEU Z 127 -113.82 68.19 -67.33
CA LEU Z 127 -113.76 68.16 -65.87
C LEU Z 127 -115.16 68.05 -65.27
N GLY Z 128 -116.10 68.86 -65.74
CA GLY Z 128 -117.44 68.86 -65.19
C GLY Z 128 -118.16 67.53 -65.32
N LYS Z 129 -117.90 66.78 -66.39
CA LYS Z 129 -118.53 65.48 -66.58
C LYS Z 129 -117.77 64.33 -65.93
N SER Z 130 -116.44 64.43 -65.84
CA SER Z 130 -115.72 63.58 -64.91
C SER Z 130 -116.23 63.76 -63.50
N LEU Z 131 -116.44 65.02 -63.09
CA LEU Z 131 -116.97 65.38 -61.78
C LEU Z 131 -118.44 65.00 -61.62
N GLY Z 132 -119.12 64.60 -62.69
CA GLY Z 132 -120.42 64.00 -62.59
C GLY Z 132 -120.32 62.53 -62.18
N GLU Z 133 -119.32 61.84 -62.73
CA GLU Z 133 -119.07 60.47 -62.30
C GLU Z 133 -118.52 60.45 -60.88
N GLN Z 134 -117.55 61.32 -60.60
CA GLN Z 134 -116.99 61.44 -59.25
C GLN Z 134 -118.05 61.83 -58.23
N ARG Z 135 -119.06 62.59 -58.65
CA ARG Z 135 -120.24 62.80 -57.80
C ARG Z 135 -120.91 61.47 -57.47
N ALA Z 136 -121.32 60.73 -58.50
CA ALA Z 136 -121.98 59.45 -58.27
C ALA Z 136 -121.11 58.49 -57.46
N LEU Z 137 -119.79 58.58 -57.60
CA LEU Z 137 -118.90 57.77 -56.77
C LEU Z 137 -118.97 58.16 -55.29
N VAL Z 138 -118.90 59.45 -54.98
CA VAL Z 138 -118.98 59.86 -53.57
C VAL Z 138 -120.36 59.61 -52.99
N GLU Z 139 -121.42 59.71 -53.81
CA GLU Z 139 -122.75 59.36 -53.33
C GLU Z 139 -122.88 57.87 -53.05
N GLN Z 140 -122.50 57.03 -54.01
CA GLN Z 140 -122.65 55.58 -53.83
C GLN Z 140 -121.74 55.05 -52.73
N VAL Z 141 -120.53 55.60 -52.60
CA VAL Z 141 -119.64 55.17 -51.53
C VAL Z 141 -120.16 55.62 -50.17
N ARG Z 142 -120.82 56.78 -50.11
CA ARG Z 142 -121.46 57.20 -48.86
C ARG Z 142 -122.63 56.29 -48.50
N GLY Z 143 -123.43 55.88 -49.49
CA GLY Z 143 -124.52 54.96 -49.20
C GLY Z 143 -124.03 53.57 -48.85
N GLN Z 144 -122.97 53.11 -49.52
CA GLN Z 144 -122.34 51.84 -49.18
C GLN Z 144 -121.84 51.85 -47.74
N LEU Z 145 -121.12 52.89 -47.36
CA LEU Z 145 -120.64 53.02 -45.98
C LEU Z 145 -121.79 53.08 -44.99
N GLN Z 146 -122.76 53.97 -45.21
CA GLN Z 146 -123.80 54.16 -44.21
C GLN Z 146 -124.64 52.91 -43.99
N LYS Z 147 -124.89 52.14 -45.04
CA LYS Z 147 -125.49 50.81 -44.88
C LYS Z 147 -124.58 49.87 -44.09
N LEU Z 148 -123.30 49.82 -44.47
CA LEU Z 148 -122.38 48.85 -43.88
C LEU Z 148 -122.11 49.14 -42.41
N GLU Z 149 -121.79 50.39 -42.08
CA GLU Z 149 -121.45 50.76 -40.72
C GLU Z 149 -122.67 50.73 -39.81
N ARG Z 150 -123.85 51.05 -40.34
CA ARG Z 150 -125.08 50.86 -39.56
C ARG Z 150 -125.33 49.38 -39.30
N LYS Z 151 -124.98 48.52 -40.25
CA LYS Z 151 -125.06 47.08 -40.03
C LYS Z 151 -124.05 46.63 -38.98
N TYR Z 152 -122.86 47.22 -38.98
CA TYR Z 152 -121.89 46.96 -37.91
C TYR Z 152 -122.40 47.40 -36.55
N LEU Z 153 -123.05 48.56 -36.47
CA LEU Z 153 -123.65 49.02 -35.21
C LEU Z 153 -124.71 48.05 -34.71
N GLU Z 154 -125.65 47.66 -35.56
CA GLU Z 154 -126.67 46.69 -35.18
C GLU Z 154 -126.08 45.32 -34.90
N LEU Z 155 -125.00 44.96 -35.58
CA LEU Z 155 -124.30 43.71 -35.30
C LEU Z 155 -123.56 43.77 -33.95
N LYS Z 156 -123.05 44.93 -33.57
CA LYS Z 156 -122.55 45.11 -32.20
C LYS Z 156 -123.67 44.91 -31.19
N SER Z 157 -124.83 45.49 -31.45
CA SER Z 157 -125.99 45.29 -30.56
C SER Z 157 -126.31 43.80 -30.43
N GLN Z 158 -126.40 43.11 -31.56
CA GLN Z 158 -126.65 41.66 -31.55
C GLN Z 158 -125.56 40.89 -30.81
N LYS Z 159 -124.29 41.22 -31.01
CA LYS Z 159 -123.21 40.51 -30.32
C LYS Z 159 -123.34 40.66 -28.80
N ASN Z 160 -123.56 41.89 -28.32
CA ASN Z 160 -123.75 42.10 -26.89
C ASN Z 160 -124.89 41.24 -26.38
N LEU Z 161 -126.01 41.23 -27.10
CA LEU Z 161 -127.16 40.39 -26.76
C LEU Z 161 -126.87 38.91 -26.94
N TYR Z 162 -125.92 38.56 -27.80
CA TYR Z 162 -125.55 37.16 -28.00
C TYR Z 162 -124.68 36.62 -26.88
N LEU Z 163 -123.76 37.44 -26.36
CA LEU Z 163 -122.98 37.06 -25.19
C LEU Z 163 -123.87 36.92 -23.97
N ALA Z 164 -124.85 37.80 -23.82
CA ALA Z 164 -125.84 37.65 -22.76
C ALA Z 164 -126.66 36.37 -22.92
N ARG Z 165 -127.19 36.13 -24.12
CA ARG Z 165 -127.90 34.88 -24.40
C ARG Z 165 -127.03 33.66 -24.08
N LEU Z 166 -125.78 33.66 -24.55
CA LEU Z 166 -124.91 32.51 -24.35
C LEU Z 166 -124.65 32.24 -22.87
N LYS Z 167 -124.25 33.27 -22.12
CA LYS Z 167 -124.05 33.10 -20.69
C LYS Z 167 -125.32 32.65 -19.98
N SER Z 168 -126.48 33.16 -20.42
CA SER Z 168 -127.74 32.76 -19.80
C SER Z 168 -128.09 31.30 -20.09
N ALA Z 169 -127.88 30.87 -21.33
CA ALA Z 169 -128.04 29.46 -21.69
C ALA Z 169 -127.09 28.57 -20.89
N ILE Z 170 -125.83 28.98 -20.78
CA ILE Z 170 -124.85 28.22 -20.00
C ILE Z 170 -125.33 28.06 -18.56
N ALA Z 171 -125.80 29.14 -17.95
CA ALA Z 171 -126.34 29.08 -16.60
C ALA Z 171 -127.54 28.12 -16.54
N ALA Z 172 -128.44 28.20 -17.51
CA ALA Z 172 -129.60 27.31 -17.58
C ALA Z 172 -129.16 25.85 -17.66
N GLN Z 173 -128.20 25.57 -18.53
CA GLN Z 173 -127.63 24.22 -18.62
C GLN Z 173 -127.11 23.75 -17.27
N LYS Z 174 -126.46 24.63 -16.52
CA LYS Z 174 -125.94 24.27 -15.22
C LYS Z 174 -127.05 24.00 -14.20
N ILE Z 175 -128.15 24.75 -14.23
CA ILE Z 175 -129.29 24.44 -13.37
C ILE Z 175 -129.94 23.10 -13.72
N GLU Z 176 -130.19 22.85 -15.00
CA GLU Z 176 -130.78 21.56 -15.37
C GLU Z 176 -129.90 20.39 -14.98
N GLU Z 177 -128.61 20.44 -15.34
CA GLU Z 177 -127.72 19.30 -15.07
C GLU Z 177 -127.47 19.10 -13.58
N ILE Z 178 -127.29 20.18 -12.82
CA ILE Z 178 -127.11 20.07 -11.37
C ILE Z 178 -128.42 19.69 -10.69
N ALA Z 179 -129.54 20.17 -11.19
CA ALA Z 179 -130.85 19.75 -10.69
C ALA Z 179 -131.13 18.29 -10.98
N GLY Z 180 -130.80 17.82 -12.19
CA GLY Z 180 -130.96 16.41 -12.49
C GLY Z 180 -130.11 15.50 -11.63
N ASN Z 181 -128.86 15.89 -11.36
CA ASN Z 181 -128.06 15.14 -10.42
C ASN Z 181 -128.55 15.29 -8.99
N LEU Z 182 -129.10 16.45 -8.64
CA LEU Z 182 -129.59 16.65 -7.28
C LEU Z 182 -130.82 15.79 -7.01
N ASP Z 183 -131.81 15.86 -7.90
CA ASP Z 183 -133.04 15.09 -7.70
C ASP Z 183 -132.78 13.60 -7.90
N ASN Z 184 -132.18 13.22 -9.02
CA ASN Z 184 -132.06 11.81 -9.35
C ASN Z 184 -131.05 11.10 -8.48
N ALA Z 185 -129.81 11.62 -8.39
CA ALA Z 185 -128.79 10.95 -7.60
C ALA Z 185 -129.02 11.16 -6.10
N SER Z 186 -129.18 12.42 -5.67
CA SER Z 186 -129.23 12.71 -4.24
C SER Z 186 -130.53 12.21 -3.62
N ALA Z 187 -131.66 12.52 -4.24
CA ALA Z 187 -132.95 12.24 -3.63
C ALA Z 187 -133.22 10.74 -3.55
N SER Z 188 -132.87 9.98 -4.58
CA SER Z 188 -133.00 8.53 -4.50
C SER Z 188 -132.09 7.97 -3.40
N SER Z 189 -130.91 8.57 -3.23
CA SER Z 189 -130.04 8.18 -2.14
C SER Z 189 -130.66 8.50 -0.79
N LEU Z 190 -131.41 9.60 -0.70
CA LEU Z 190 -132.05 9.95 0.56
C LEU Z 190 -133.22 9.01 0.86
N PHE Z 191 -134.12 8.82 -0.11
CA PHE Z 191 -135.34 8.08 0.17
C PHE Z 191 -135.07 6.59 0.34
N GLU Z 192 -134.36 5.99 -0.62
CA GLU Z 192 -134.13 4.56 -0.55
C GLU Z 192 -133.16 4.13 0.54
N ARG Z 193 -132.13 4.94 0.85
CA ARG Z 193 -131.28 4.63 2.01
C ARG Z 193 -131.94 4.91 3.36
N ILE Z 194 -132.77 5.95 3.45
CA ILE Z 194 -133.49 6.18 4.70
C ILE Z 194 -134.56 5.12 4.92
N GLU Z 195 -135.27 4.75 3.86
CA GLU Z 195 -136.29 3.72 3.97
C GLU Z 195 -135.70 2.37 4.37
N THR Z 196 -134.62 1.94 3.69
CA THR Z 196 -134.00 0.67 4.04
C THR Z 196 -133.45 0.67 5.46
N LYS Z 197 -132.91 1.80 5.92
CA LYS Z 197 -132.50 1.89 7.31
C LYS Z 197 -133.68 1.88 8.27
N ILE Z 198 -134.81 2.44 7.86
CA ILE Z 198 -136.02 2.37 8.66
C ILE Z 198 -136.49 0.92 8.75
N LEU Z 199 -136.48 0.21 7.63
CA LEU Z 199 -136.84 -1.20 7.61
C LEU Z 199 -135.94 -2.01 8.53
N GLU Z 200 -134.66 -1.66 8.60
CA GLU Z 200 -133.75 -2.34 9.51
C GLU Z 200 -134.17 -2.08 10.96
N LEU Z 201 -134.60 -0.86 11.25
CA LEU Z 201 -135.13 -0.55 12.57
C LEU Z 201 -136.45 -1.29 12.82
N GLU Z 202 -137.25 -1.48 11.76
CA GLU Z 202 -138.53 -2.18 11.88
C GLU Z 202 -138.36 -3.68 12.07
N ALA Z 203 -137.30 -4.26 11.51
CA ALA Z 203 -136.98 -5.67 11.78
C ALA Z 203 -136.68 -5.90 13.25
N GLU Z 204 -136.05 -4.93 13.91
CA GLU Z 204 -135.93 -4.99 15.37
C GLU Z 204 -137.23 -4.63 16.09
N ARG Z 205 -138.08 -3.79 15.48
CA ARG Z 205 -139.39 -3.54 16.07
C ARG Z 205 -140.21 -4.82 16.16
N GLU Z 206 -140.29 -5.58 15.07
CA GLU Z 206 -141.04 -6.83 15.05
C GLU Z 206 -140.38 -7.94 15.84
N LEU Z 207 -139.13 -7.76 16.27
CA LEU Z 207 -138.54 -8.65 17.26
C LEU Z 207 -138.91 -8.26 18.68
N LEU Z 208 -139.05 -6.96 18.96
CA LEU Z 208 -139.41 -6.48 20.28
C LEU Z 208 -140.91 -6.37 20.51
N ASN Z 209 -141.71 -6.46 19.44
CA ASN Z 209 -143.11 -6.03 19.49
C ASN Z 209 -143.95 -6.92 18.58
N PRO Z 210 -144.97 -7.61 19.10
CA PRO Z 210 -145.84 -8.39 18.23
C PRO Z 210 -146.55 -7.49 17.25
N PRO Z 211 -146.83 -7.97 16.04
CA PRO Z 211 -147.62 -7.17 15.09
C PRO Z 211 -148.93 -6.72 15.72
N PRO Z 212 -149.18 -5.40 15.79
CA PRO Z 212 -150.44 -4.93 16.38
C PRO Z 212 -151.63 -5.17 15.47
N SER Z 213 -152.14 -6.40 15.46
CA SER Z 213 -153.27 -6.78 14.62
C SER Z 213 -154.52 -6.00 15.05
N PRO Z 214 -155.58 -6.00 14.26
CA PRO Z 214 -156.84 -5.38 14.72
C PRO Z 214 -157.41 -6.03 15.97
N LEU Z 215 -157.04 -7.28 16.26
CA LEU Z 215 -157.66 -7.99 17.38
C LEU Z 215 -157.21 -7.40 18.72
N ASP Z 216 -155.91 -7.43 18.98
CA ASP Z 216 -155.39 -6.86 20.23
C ASP Z 216 -155.70 -5.37 20.33
N LYS Z 217 -155.76 -4.66 19.20
CA LYS Z 217 -156.12 -3.25 19.22
C LYS Z 217 -157.54 -3.06 19.76
N LYS Z 218 -158.49 -3.88 19.31
CA LYS Z 218 -159.86 -3.77 19.80
C LYS Z 218 -159.95 -4.15 21.28
N PHE Z 219 -159.17 -5.14 21.71
CA PHE Z 219 -159.14 -5.51 23.12
C PHE Z 219 -158.63 -4.37 23.99
N GLU Z 220 -157.57 -3.68 23.54
CA GLU Z 220 -157.06 -2.55 24.30
C GLU Z 220 -158.08 -1.42 24.36
N GLN Z 221 -158.79 -1.18 23.26
CA GLN Z 221 -159.84 -0.17 23.25
C GLN Z 221 -160.95 -0.53 24.25
N TRP Z 222 -161.35 -1.80 24.27
CA TRP Z 222 -162.34 -2.24 25.26
C TRP Z 222 -161.81 -2.12 26.68
N GLU Z 223 -160.51 -2.29 26.88
CA GLU Z 223 -159.94 -2.10 28.22
C GLU Z 223 -160.12 -0.66 28.69
N GLU Z 224 -159.87 0.31 27.81
CA GLU Z 224 -160.13 1.70 28.15
C GLU Z 224 -161.62 1.92 28.40
N GLN Z 225 -162.47 1.30 27.58
CA GLN Z 225 -163.91 1.40 27.78
C GLN Z 225 -164.32 0.85 29.15
N GLN Z 226 -163.69 -0.25 29.58
CA GLN Z 226 -164.04 -0.84 30.87
C GLN Z 226 -163.50 -0.03 32.03
N ALA Z 227 -162.37 0.66 31.85
CA ALA Z 227 -161.89 1.59 32.87
C ALA Z 227 -162.89 2.71 33.11
N VAL Z 228 -163.38 3.33 32.03
CA VAL Z 228 -164.37 4.39 32.17
C VAL Z 228 -165.69 3.83 32.66
N GLU Z 229 -166.02 2.59 32.31
CA GLU Z 229 -167.24 2.02 32.86
C GLU Z 229 -167.13 1.78 34.36
N ALA Z 230 -165.93 1.50 34.86
CA ALA Z 230 -165.72 1.41 36.29
C ALA Z 230 -165.81 2.77 36.99
N THR Z 231 -165.28 3.83 36.36
CA THR Z 231 -165.46 5.17 36.89
C THR Z 231 -166.94 5.55 36.94
N LEU Z 232 -167.69 5.20 35.88
CA LEU Z 232 -169.13 5.45 35.89
C LEU Z 232 -169.80 4.71 37.03
N ALA Z 233 -169.36 3.47 37.31
CA ALA Z 233 -169.94 2.72 38.40
C ALA Z 233 -169.71 3.41 39.73
N ALA Z 234 -168.49 3.92 39.95
CA ALA Z 234 -168.21 4.71 41.15
C ALA Z 234 -169.08 5.96 41.20
N MET Z 235 -169.24 6.64 40.05
CA MET Z 235 -170.07 7.83 40.01
C MET Z 235 -171.49 7.54 40.49
N LYS Z 236 -172.13 6.52 39.93
CA LYS Z 236 -173.53 6.25 40.26
C LYS Z 236 -173.68 5.55 41.61
N ALA Z 237 -172.63 4.94 42.13
CA ALA Z 237 -172.68 4.40 43.48
C ALA Z 237 -172.61 5.51 44.53
N ARG Z 238 -171.78 6.53 44.29
CA ARG Z 238 -171.80 7.71 45.14
C ARG Z 238 -173.12 8.45 45.00
N ARG Z 239 -173.69 8.47 43.79
CA ARG Z 239 -174.98 9.10 43.56
C ARG Z 239 -176.15 8.33 44.16
N SER Z 240 -175.98 7.04 44.44
CA SER Z 240 -177.08 6.25 45.00
C SER Z 240 -177.60 6.89 46.29
N MET AA 24 3.31 64.18 -74.59
CA MET AA 24 4.52 63.73 -73.92
C MET AA 24 4.72 64.49 -72.61
N GLU AA 25 5.16 63.79 -71.57
CA GLU AA 25 5.43 64.45 -70.30
C GLU AA 25 6.57 65.45 -70.43
N LEU AA 26 7.58 65.13 -71.24
CA LEU AA 26 8.64 66.08 -71.52
C LEU AA 26 8.07 67.35 -72.14
N PHE AA 27 7.19 67.19 -73.13
CA PHE AA 27 6.58 68.35 -73.77
C PHE AA 27 5.84 69.21 -72.75
N ASN AA 28 5.02 68.59 -71.91
CA ASN AA 28 4.32 69.33 -70.85
C ASN AA 28 5.27 70.08 -69.93
N ARG AA 29 6.35 69.42 -69.49
CA ARG AA 29 7.39 70.10 -68.71
C ARG AA 29 7.94 71.33 -69.43
N VAL AA 30 8.27 71.17 -70.71
CA VAL AA 30 8.78 72.28 -71.51
C VAL AA 30 7.70 73.30 -71.83
N GLY AA 31 6.43 72.94 -71.64
CA GLY AA 31 5.33 73.79 -72.05
C GLY AA 31 5.35 75.20 -71.52
N ARG AA 32 5.65 75.40 -70.24
CA ARG AA 32 5.67 76.77 -69.74
C ARG AA 32 6.62 77.67 -70.53
N VAL AA 33 7.86 77.22 -70.72
CA VAL AA 33 8.88 78.00 -71.43
C VAL AA 33 8.60 78.07 -72.93
N LEU AA 34 8.23 76.96 -73.55
CA LEU AA 34 8.00 76.97 -75.00
C LEU AA 34 6.71 77.72 -75.34
N LYS AA 35 5.61 77.37 -74.68
CA LYS AA 35 4.32 77.97 -74.99
C LYS AA 35 4.26 79.45 -74.63
N SER AA 36 5.03 79.93 -73.64
CA SER AA 36 5.11 81.39 -73.46
C SER AA 36 5.69 82.08 -74.68
N GLN AA 37 6.80 81.54 -75.19
CA GLN AA 37 7.38 82.04 -76.43
C GLN AA 37 6.41 81.92 -77.60
N LEU AA 38 5.77 80.77 -77.77
CA LEU AA 38 4.83 80.63 -78.89
C LEU AA 38 3.61 81.55 -78.76
N THR AA 39 3.15 81.82 -77.53
CA THR AA 39 2.06 82.77 -77.33
C THR AA 39 2.46 84.17 -77.78
N HIS AA 40 3.69 84.58 -77.49
CA HIS AA 40 4.17 85.81 -78.12
C HIS AA 40 4.42 85.63 -79.62
N TRP AA 41 4.81 84.44 -80.05
CA TRP AA 41 5.15 84.22 -81.46
C TRP AA 41 3.94 84.48 -82.35
N GLN AA 42 2.78 83.96 -81.97
CA GLN AA 42 1.55 84.29 -82.68
C GLN AA 42 1.21 85.77 -82.55
N GLN AA 43 1.54 86.37 -81.41
CA GLN AA 43 1.38 87.81 -81.22
C GLN AA 43 2.35 88.65 -82.05
N GLN AA 44 3.47 88.10 -82.52
CA GLN AA 44 4.56 88.96 -83.01
C GLN AA 44 4.11 89.99 -84.02
N GLN AA 45 3.08 89.68 -84.83
CA GLN AA 45 2.60 90.68 -85.78
C GLN AA 45 2.12 91.93 -85.06
N GLU AA 46 1.44 91.76 -83.93
CA GLU AA 46 1.11 92.88 -83.06
C GLU AA 46 2.31 93.37 -82.26
N ALA AA 47 3.15 92.45 -81.78
CA ALA AA 47 4.18 92.77 -80.80
C ALA AA 47 5.52 92.19 -81.21
N PRO AA 48 6.21 92.85 -82.14
CA PRO AA 48 7.63 92.54 -82.38
C PRO AA 48 8.57 93.26 -81.42
N GLU AA 49 8.05 94.19 -80.62
CA GLU AA 49 8.88 95.23 -80.01
C GLU AA 49 10.00 94.65 -79.15
N ASP AA 50 9.68 93.64 -78.33
CA ASP AA 50 10.69 93.06 -77.44
C ASP AA 50 11.81 92.37 -78.19
N LEU AA 51 11.50 91.56 -79.21
CA LEU AA 51 12.56 90.89 -79.96
C LEU AA 51 13.40 91.88 -80.74
N LEU AA 52 12.78 92.89 -81.35
CA LEU AA 52 13.52 93.91 -82.08
C LEU AA 52 14.47 94.68 -81.18
N GLU AA 53 13.99 95.17 -80.05
CA GLU AA 53 14.82 95.93 -79.13
C GLU AA 53 15.87 95.07 -78.42
N ARG AA 54 15.58 93.79 -78.18
CA ARG AA 54 16.61 92.90 -77.65
C ARG AA 54 17.80 92.80 -78.60
N LEU AA 55 17.54 92.54 -79.89
CA LEU AA 55 18.63 92.44 -80.86
C LEU AA 55 19.42 93.73 -80.96
N LEU AA 56 18.74 94.88 -81.08
CA LEU AA 56 19.44 96.16 -81.15
C LEU AA 56 20.15 96.53 -79.85
N GLY AA 57 19.64 96.05 -78.71
CA GLY AA 57 20.42 96.15 -77.48
C GLY AA 57 21.73 95.40 -77.55
N GLU AA 58 21.70 94.18 -78.08
CA GLU AA 58 22.93 93.42 -78.31
C GLU AA 58 23.85 94.14 -79.28
N MET AA 59 23.27 94.82 -80.28
CA MET AA 59 24.05 95.62 -81.22
C MET AA 59 24.71 96.82 -80.55
N GLU AA 60 24.03 97.43 -79.58
CA GLU AA 60 24.66 98.48 -78.76
C GLU AA 60 25.77 97.93 -77.86
N LEU AA 61 25.57 96.74 -77.29
CA LEU AA 61 26.63 96.11 -76.51
C LEU AA 61 27.85 95.79 -77.37
N GLU AA 62 27.65 95.35 -78.61
CA GLU AA 62 28.77 95.18 -79.53
C GLU AA 62 29.44 96.51 -79.84
N LEU AA 63 28.64 97.52 -80.21
CA LEU AA 63 29.16 98.80 -80.68
C LEU AA 63 29.99 99.53 -79.63
N ILE AA 64 29.68 99.36 -78.34
CA ILE AA 64 30.56 99.89 -77.30
C ILE AA 64 31.88 99.11 -77.25
N GLU AA 65 31.86 97.82 -77.60
CA GLU AA 65 33.13 97.13 -77.84
C GLU AA 65 33.86 97.69 -79.05
N LEU AA 66 33.17 97.85 -80.18
CA LEU AA 66 33.81 98.29 -81.41
C LEU AA 66 34.53 99.63 -81.24
N ARG AA 67 33.93 100.56 -80.49
CA ARG AA 67 34.61 101.81 -80.16
C ARG AA 67 35.84 101.62 -79.29
N ARG AA 68 35.76 100.76 -78.28
CA ARG AA 68 36.96 100.49 -77.48
C ARG AA 68 38.04 99.76 -78.27
N ALA AA 69 37.66 98.91 -79.22
CA ALA AA 69 38.63 98.24 -80.08
C ALA AA 69 39.31 99.22 -81.03
N LEU AA 70 38.57 100.20 -81.53
CA LEU AA 70 39.18 101.33 -82.24
C LEU AA 70 40.17 102.09 -81.36
N ALA AA 71 39.79 102.37 -80.11
CA ALA AA 71 40.71 103.06 -79.22
C ALA AA 71 41.95 102.24 -78.91
N GLN AA 72 41.82 100.91 -78.83
CA GLN AA 72 42.97 100.05 -78.66
C GLN AA 72 43.86 100.02 -79.90
N THR AA 73 43.29 100.13 -81.09
CA THR AA 73 44.12 100.25 -82.30
C THR AA 73 44.87 101.57 -82.36
N ILE AA 74 44.20 102.68 -82.05
CA ILE AA 74 44.89 103.98 -82.03
C ILE AA 74 46.00 103.98 -80.99
N ALA AA 75 45.74 103.41 -79.81
CA ALA AA 75 46.77 103.32 -78.77
C ALA AA 75 47.97 102.51 -79.22
N THR AA 76 47.74 101.36 -79.86
CA THR AA 76 48.84 100.55 -80.39
C THR AA 76 49.57 101.21 -81.55
N PHE AA 77 48.85 101.97 -82.40
CA PHE AA 77 49.51 102.66 -83.50
C PHE AA 77 50.48 103.73 -83.02
N LYS AA 78 50.04 104.60 -82.13
CA LYS AA 78 50.91 105.66 -81.60
C LYS AA 78 51.97 105.13 -80.64
N SER AA 79 51.71 104.01 -79.95
CA SER AA 79 52.78 103.39 -79.17
C SER AA 79 53.90 102.88 -80.07
N THR AA 80 53.56 102.30 -81.22
CA THR AA 80 54.59 101.97 -82.20
C THR AA 80 55.35 103.23 -82.64
N GLU AA 81 54.61 104.33 -82.79
CA GLU AA 81 55.23 105.61 -83.15
C GLU AA 81 56.07 106.18 -82.00
N ARG AA 82 55.66 105.93 -80.75
CA ARG AA 82 56.50 106.31 -79.61
C ARG AA 82 57.80 105.52 -79.60
N GLN AA 83 57.78 104.28 -80.09
CA GLN AA 83 59.01 103.52 -80.25
C GLN AA 83 59.87 104.10 -81.36
N ARG AA 84 59.25 104.61 -82.41
CA ARG AA 84 59.97 105.38 -83.42
C ARG AA 84 60.56 106.66 -82.83
N ASP AA 85 59.79 107.35 -81.99
CA ASP AA 85 60.29 108.54 -81.33
C ASP AA 85 61.54 108.25 -80.49
N ALA AA 86 61.60 107.07 -79.88
CA ALA AA 86 62.81 106.66 -79.19
C ALA AA 86 63.95 106.34 -80.15
N GLN AA 87 63.66 105.61 -81.23
CA GLN AA 87 64.71 105.29 -82.19
C GLN AA 87 65.34 106.55 -82.78
N GLN AA 88 64.50 107.51 -83.18
CA GLN AA 88 65.00 108.77 -83.74
C GLN AA 88 65.71 109.61 -82.67
N LEU AA 89 65.29 109.50 -81.40
CA LEU AA 89 66.01 110.17 -80.33
C LEU AA 89 67.41 109.58 -80.13
N ILE AA 90 67.55 108.26 -80.26
CA ILE AA 90 68.89 107.67 -80.18
C ILE AA 90 69.70 107.99 -81.43
N ALA AA 91 69.05 108.13 -82.58
CA ALA AA 91 69.73 108.64 -83.77
C ALA AA 91 70.27 110.04 -83.54
N GLN AA 92 69.48 110.91 -82.91
CA GLN AA 92 69.98 112.23 -82.52
C GLN AA 92 71.12 112.13 -81.52
N ARG AA 93 71.02 111.21 -80.57
CA ARG AA 93 72.14 110.93 -79.67
C ARG AA 93 73.39 110.49 -80.41
N TRP AA 94 73.21 109.79 -81.53
CA TRP AA 94 74.35 109.46 -82.40
C TRP AA 94 74.87 110.67 -83.17
N TYR AA 95 74.01 111.64 -83.51
CA TYR AA 95 74.51 112.89 -84.07
C TYR AA 95 75.26 113.72 -83.03
N GLU AA 96 74.76 113.76 -81.79
CA GLU AA 96 75.49 114.47 -80.72
C GLU AA 96 76.88 113.89 -80.52
N LYS AA 97 76.98 112.57 -80.45
CA LYS AA 97 78.28 111.91 -80.34
C LYS AA 97 79.15 112.17 -81.57
N ALA AA 98 78.54 112.31 -82.74
CA ALA AA 98 79.31 112.77 -83.91
C ALA AA 98 79.75 114.22 -83.76
N GLN AA 99 78.88 115.08 -83.23
CA GLN AA 99 79.20 116.50 -83.14
C GLN AA 99 80.41 116.74 -82.25
N ALA AA 100 80.60 115.90 -81.23
CA ALA AA 100 81.80 115.97 -80.40
C ALA AA 100 83.07 115.62 -81.17
N ALA AA 101 82.94 115.15 -82.41
CA ALA AA 101 84.07 114.90 -83.29
C ALA AA 101 83.90 115.56 -84.65
N LEU AA 102 82.86 116.36 -84.86
CA LEU AA 102 82.61 116.99 -86.14
C LEU AA 102 83.22 118.38 -86.24
N ASP AA 103 83.92 118.83 -85.21
CA ASP AA 103 84.77 119.99 -85.26
C ASP AA 103 86.24 119.58 -85.27
N ARG AA 104 87.09 120.51 -85.68
CA ARG AA 104 88.55 120.35 -85.71
C ARG AA 104 89.00 119.34 -86.77
N GLY AA 105 88.09 118.86 -87.63
CA GLY AA 105 88.45 117.83 -88.58
C GLY AA 105 88.66 116.47 -87.97
N ASN AA 106 88.20 116.26 -86.73
CA ASN AA 106 88.36 114.99 -86.03
C ASN AA 106 87.22 114.02 -86.31
N GLU AA 107 86.54 114.19 -87.44
CA GLU AA 107 85.32 113.46 -87.79
C GLU AA 107 85.52 111.95 -87.92
N GLN AA 108 86.75 111.48 -87.72
CA GLN AA 108 87.05 110.05 -87.78
C GLN AA 108 86.01 109.21 -87.04
N LEU AA 109 85.71 109.55 -85.78
CA LEU AA 109 84.75 108.78 -85.01
C LEU AA 109 83.33 108.89 -85.57
N ALA AA 110 83.05 109.92 -86.35
CA ALA AA 110 81.75 110.01 -87.00
C ALA AA 110 81.50 108.85 -87.95
N ARG AA 111 82.57 108.20 -88.42
CA ARG AA 111 82.41 107.03 -89.27
C ARG AA 111 81.58 105.96 -88.56
N GLU AA 112 82.00 105.58 -87.35
CA GLU AA 112 81.25 104.60 -86.57
C GLU AA 112 79.92 105.15 -86.07
N ALA AA 113 79.89 106.40 -85.59
CA ALA AA 113 78.67 106.96 -85.01
C ALA AA 113 77.54 107.04 -86.04
N LEU AA 114 77.83 107.55 -87.23
CA LEU AA 114 76.85 107.53 -88.31
C LEU AA 114 76.65 106.14 -88.91
N GLY AA 115 77.67 105.28 -88.83
CA GLY AA 115 77.46 103.89 -89.21
C GLY AA 115 76.40 103.19 -88.38
N GLN AA 116 76.38 103.45 -87.08
CA GLN AA 116 75.26 103.01 -86.25
C GLN AA 116 73.97 103.73 -86.62
N ARG AA 117 74.02 105.06 -86.75
CA ARG AA 117 72.79 105.79 -87.05
C ARG AA 117 72.12 105.31 -88.33
N GLN AA 118 72.90 104.82 -89.30
CA GLN AA 118 72.29 104.27 -90.52
C GLN AA 118 71.33 103.12 -90.20
N SER AA 119 71.74 102.20 -89.33
CA SER AA 119 70.83 101.14 -88.89
C SER AA 119 69.67 101.68 -88.07
N TYR AA 120 69.90 102.74 -87.29
CA TYR AA 120 68.80 103.32 -86.51
C TYR AA 120 67.80 104.05 -87.40
N GLN AA 121 68.27 104.72 -88.46
CA GLN AA 121 67.37 105.32 -89.43
C GLN AA 121 66.56 104.29 -90.21
N SER AA 122 67.15 103.13 -90.50
CA SER AA 122 66.40 102.11 -91.22
C SER AA 122 65.22 101.60 -90.40
N HIS AA 123 65.44 101.33 -89.10
CA HIS AA 123 64.33 100.95 -88.23
C HIS AA 123 63.36 102.11 -88.02
N THR AA 124 63.86 103.34 -87.95
CA THR AA 124 62.97 104.49 -87.80
C THR AA 124 62.03 104.65 -89.00
N GLU AA 125 62.53 104.42 -90.21
CA GLU AA 125 61.70 104.59 -91.39
C GLU AA 125 60.87 103.34 -91.69
N ALA AA 126 61.32 102.17 -91.26
CA ALA AA 126 60.46 101.00 -91.22
C ALA AA 126 59.25 101.23 -90.32
N LEU AA 127 59.50 101.78 -89.12
CA LEU AA 127 58.41 102.16 -88.24
C LEU AA 127 57.54 103.24 -88.88
N GLY AA 128 58.16 104.27 -89.44
CA GLY AA 128 57.39 105.36 -90.03
C GLY AA 128 56.50 104.94 -91.17
N LYS AA 129 56.91 103.95 -91.96
CA LYS AA 129 56.09 103.47 -93.06
C LYS AA 129 55.09 102.40 -92.67
N SER AA 130 55.41 101.58 -91.67
CA SER AA 130 54.39 100.80 -90.99
C SER AA 130 53.31 101.71 -90.42
N LEU AA 131 53.72 102.80 -89.79
CA LEU AA 131 52.84 103.80 -89.22
C LEU AA 131 52.11 104.62 -90.28
N GLY AA 132 52.49 104.49 -91.55
CA GLY AA 132 51.71 105.03 -92.64
C GLY AA 132 50.54 104.13 -92.97
N GLU AA 133 50.77 102.81 -92.92
CA GLU AA 133 49.66 101.88 -93.09
C GLU AA 133 48.74 101.92 -91.88
N GLN AA 134 49.31 101.91 -90.68
CA GLN AA 134 48.52 102.02 -89.46
C GLN AA 134 47.73 103.31 -89.41
N ARG AA 135 48.25 104.38 -90.00
CA ARG AA 135 47.44 105.58 -90.21
C ARG AA 135 46.22 105.29 -91.06
N ALA AA 136 46.42 104.76 -92.26
CA ALA AA 136 45.30 104.44 -93.13
C ALA AA 136 44.33 103.48 -92.48
N LEU AA 137 44.81 102.58 -91.63
CA LEU AA 137 43.93 101.69 -90.88
C LEU AA 137 43.04 102.44 -89.89
N VAL AA 138 43.63 103.34 -89.10
CA VAL AA 138 42.81 104.10 -88.15
C VAL AA 138 41.87 105.07 -88.85
N GLU AA 139 42.27 105.60 -90.01
CA GLU AA 139 41.35 106.44 -90.78
C GLU AA 139 40.19 105.64 -91.35
N GLN AA 140 40.50 104.53 -92.02
CA GLN AA 140 39.44 103.74 -92.66
C GLN AA 140 38.51 103.10 -91.62
N VAL AA 141 39.06 102.66 -90.48
CA VAL AA 141 38.22 102.10 -89.43
C VAL AA 141 37.36 103.18 -88.79
N ARG AA 142 37.86 104.41 -88.70
CA ARG AA 142 37.02 105.51 -88.21
C ARG AA 142 35.90 105.84 -89.20
N GLY AA 143 36.18 105.82 -90.50
CA GLY AA 143 35.12 106.05 -91.47
C GLY AA 143 34.13 104.91 -91.53
N GLN AA 144 34.61 103.67 -91.41
CA GLN AA 144 33.73 102.51 -91.34
C GLN AA 144 32.79 102.62 -90.14
N LEU AA 145 33.34 102.91 -88.97
CA LEU AA 145 32.51 103.09 -87.78
C LEU AA 145 31.52 104.23 -87.95
N GLN AA 146 31.98 105.41 -88.34
CA GLN AA 146 31.09 106.57 -88.37
C GLN AA 146 29.94 106.39 -89.37
N LYS AA 147 30.19 105.74 -90.50
CA LYS AA 147 29.10 105.32 -91.38
C LYS AA 147 28.16 104.33 -90.71
N LEU AA 148 28.73 103.29 -90.09
CA LEU AA 148 27.93 102.20 -89.54
C LEU AA 148 27.08 102.66 -88.36
N GLU AA 149 27.69 103.36 -87.40
CA GLU AA 149 26.98 103.79 -86.20
C GLU AA 149 25.98 104.89 -86.51
N ARG AA 150 26.27 105.75 -87.48
CA ARG AA 150 25.26 106.70 -87.94
C ARG AA 150 24.09 105.99 -88.60
N LYS AA 151 24.37 104.90 -89.31
CA LYS AA 151 23.29 104.07 -89.86
C LYS AA 151 22.48 103.41 -88.75
N TYR AA 152 23.15 102.97 -87.68
CA TYR AA 152 22.45 102.46 -86.51
C TYR AA 152 21.57 103.53 -85.86
N LEU AA 153 22.06 104.76 -85.75
CA LEU AA 153 21.25 105.86 -85.21
C LEU AA 153 20.00 106.10 -86.05
N GLU AA 154 20.17 106.24 -87.37
CA GLU AA 154 19.03 106.43 -88.26
C GLU AA 154 18.11 105.20 -88.29
N LEU AA 155 18.68 104.01 -88.12
CA LEU AA 155 17.88 102.80 -88.02
C LEU AA 155 17.09 102.75 -86.71
N LYS AA 156 17.66 103.26 -85.61
CA LYS AA 156 16.87 103.46 -84.39
C LYS AA 156 15.70 104.41 -84.64
N SER AA 157 15.96 105.52 -85.33
CA SER AA 157 14.89 106.44 -85.68
C SER AA 157 13.79 105.74 -86.47
N GLN AA 158 14.18 105.00 -87.50
CA GLN AA 158 13.23 104.23 -88.30
C GLN AA 158 12.47 103.19 -87.46
N LYS AA 159 13.15 102.48 -86.56
CA LYS AA 159 12.46 101.48 -85.73
C LYS AA 159 11.39 102.14 -84.86
N ASN AA 160 11.74 103.24 -84.19
CA ASN AA 160 10.75 103.95 -83.39
C ASN AA 160 9.55 104.33 -84.23
N LEU AA 161 9.80 104.87 -85.43
CA LEU AA 161 8.75 105.22 -86.37
C LEU AA 161 8.04 103.99 -86.92
N TYR AA 162 8.70 102.84 -86.93
CA TYR AA 162 8.07 101.61 -87.42
C TYR AA 162 7.14 101.00 -86.40
N LEU AA 163 7.50 101.06 -85.11
CA LEU AA 163 6.58 100.64 -84.07
C LEU AA 163 5.35 101.53 -84.00
N ALA AA 164 5.53 102.83 -84.19
CA ALA AA 164 4.39 103.74 -84.31
C ALA AA 164 3.52 103.41 -85.52
N ARG AA 165 4.14 103.25 -86.69
CA ARG AA 165 3.39 102.84 -87.88
C ARG AA 165 2.62 101.54 -87.64
N LEU AA 166 3.29 100.53 -87.07
CA LEU AA 166 2.66 99.24 -86.86
C LEU AA 166 1.46 99.34 -85.93
N LYS AA 167 1.63 99.98 -84.77
CA LYS AA 167 0.50 100.17 -83.85
C LYS AA 167 -0.62 100.96 -84.49
N SER AA 168 -0.28 101.96 -85.32
CA SER AA 168 -1.31 102.76 -85.99
C SER AA 168 -2.06 101.95 -87.03
N ALA AA 169 -1.36 101.13 -87.81
CA ALA AA 169 -2.00 100.22 -88.75
C ALA AA 169 -2.91 99.23 -88.02
N ILE AA 170 -2.42 98.66 -86.91
CA ILE AA 170 -3.21 97.72 -86.12
C ILE AA 170 -4.51 98.39 -85.67
N ALA AA 171 -4.42 99.61 -85.16
CA ALA AA 171 -5.61 100.37 -84.76
C ALA AA 171 -6.54 100.58 -85.95
N ALA AA 172 -5.99 100.95 -87.10
CA ALA AA 172 -6.78 101.14 -88.31
C ALA AA 172 -7.51 99.86 -88.70
N GLN AA 173 -6.80 98.74 -88.69
CA GLN AA 173 -7.41 97.44 -88.94
C GLN AA 173 -8.58 97.19 -87.99
N LYS AA 174 -8.42 97.55 -86.73
CA LYS AA 174 -9.50 97.36 -85.76
C LYS AA 174 -10.70 98.25 -86.03
N ILE AA 175 -10.49 99.50 -86.47
CA ILE AA 175 -11.62 100.34 -86.87
C ILE AA 175 -12.34 99.80 -88.10
N GLU AA 176 -11.61 99.42 -89.14
CA GLU AA 176 -12.28 98.87 -90.33
C GLU AA 176 -13.07 97.61 -90.01
N GLU AA 177 -12.44 96.64 -89.32
CA GLU AA 177 -13.11 95.38 -89.06
C GLU AA 177 -14.29 95.53 -88.09
N ILE AA 178 -14.14 96.34 -87.05
CA ILE AA 178 -15.25 96.59 -86.12
C ILE AA 178 -16.33 97.45 -86.77
N ALA AA 179 -15.93 98.39 -87.63
CA ALA AA 179 -16.89 99.17 -88.40
C ALA AA 179 -17.65 98.31 -89.40
N GLY AA 180 -16.95 97.40 -90.09
CA GLY AA 180 -17.63 96.50 -91.00
C GLY AA 180 -18.63 95.58 -90.31
N ASN AA 181 -18.26 95.06 -89.13
CA ASN AA 181 -19.24 94.30 -88.35
C ASN AA 181 -20.34 95.18 -87.78
N LEU AA 182 -20.02 96.42 -87.44
CA LEU AA 182 -21.04 97.32 -86.88
C LEU AA 182 -22.07 97.69 -87.93
N ASP AA 183 -21.62 98.13 -89.10
CA ASP AA 183 -22.54 98.53 -90.15
C ASP AA 183 -23.26 97.32 -90.74
N ASN AA 184 -22.49 96.31 -91.17
CA ASN AA 184 -23.09 95.21 -91.90
C ASN AA 184 -23.92 94.31 -91.00
N ALA AA 185 -23.36 93.83 -89.89
CA ALA AA 185 -24.10 92.93 -89.01
C ALA AA 185 -25.15 93.68 -88.19
N SER AA 186 -24.74 94.75 -87.50
CA SER AA 186 -25.64 95.42 -86.56
C SER AA 186 -26.74 96.18 -87.29
N ALA AA 187 -26.37 96.97 -88.30
CA ALA AA 187 -27.33 97.86 -88.94
C ALA AA 187 -28.38 97.08 -89.72
N SER AA 188 -27.98 96.03 -90.43
CA SER AA 188 -28.97 95.20 -91.10
C SER AA 188 -29.90 94.54 -90.08
N SER AA 189 -29.36 94.17 -88.92
CA SER AA 189 -30.20 93.64 -87.84
C SER AA 189 -31.17 94.70 -87.34
N LEU AA 190 -30.75 95.97 -87.31
CA LEU AA 190 -31.64 97.03 -86.85
C LEU AA 190 -32.73 97.32 -87.88
N PHE AA 191 -32.34 97.51 -89.14
CA PHE AA 191 -33.32 97.95 -90.13
C PHE AA 191 -34.29 96.83 -90.49
N GLU AA 192 -33.78 95.67 -90.84
CA GLU AA 192 -34.65 94.58 -91.27
C GLU AA 192 -35.48 93.97 -90.15
N ARG AA 193 -34.96 93.88 -88.92
CA ARG AA 193 -35.79 93.46 -87.79
C ARG AA 193 -36.79 94.51 -87.32
N ILE AA 194 -36.43 95.79 -87.38
CA ILE AA 194 -37.41 96.82 -87.03
C ILE AA 194 -38.50 96.93 -88.09
N GLU AA 195 -38.10 96.86 -89.36
CA GLU AA 195 -39.07 96.91 -90.43
C GLU AA 195 -40.06 95.74 -90.39
N THR AA 196 -39.54 94.51 -90.25
CA THR AA 196 -40.44 93.35 -90.17
C THR AA 196 -41.36 93.42 -88.96
N LYS AA 197 -40.86 93.93 -87.83
CA LYS AA 197 -41.74 94.13 -86.68
C LYS AA 197 -42.77 95.23 -86.93
N ILE AA 198 -42.40 96.25 -87.70
CA ILE AA 198 -43.35 97.29 -88.08
C ILE AA 198 -44.43 96.69 -88.97
N LEU AA 199 -44.02 95.87 -89.94
CA LEU AA 199 -44.97 95.18 -90.80
C LEU AA 199 -45.92 94.31 -90.01
N GLU AA 200 -45.44 93.68 -88.94
CA GLU AA 200 -46.31 92.89 -88.08
C GLU AA 200 -47.34 93.80 -87.41
N LEU AA 201 -46.90 94.99 -86.98
CA LEU AA 201 -47.84 95.97 -86.44
C LEU AA 201 -48.81 96.46 -87.51
N GLU AA 202 -48.35 96.56 -88.76
CA GLU AA 202 -49.18 97.02 -89.86
C GLU AA 202 -50.21 95.98 -90.29
N ALA AA 203 -49.88 94.70 -90.16
CA ALA AA 203 -50.87 93.64 -90.40
C ALA AA 203 -52.04 93.73 -89.42
N GLU AA 204 -51.77 94.14 -88.18
CA GLU AA 204 -52.87 94.46 -87.26
C GLU AA 204 -53.50 95.82 -87.57
N ARG AA 205 -52.75 96.76 -88.13
CA ARG AA 205 -53.37 98.02 -88.57
C ARG AA 205 -54.44 97.77 -89.63
N GLU AA 206 -54.10 96.99 -90.66
CA GLU AA 206 -55.05 96.68 -91.73
C GLU AA 206 -56.16 95.74 -91.29
N LEU AA 207 -56.05 95.13 -90.11
CA LEU AA 207 -57.18 94.44 -89.52
C LEU AA 207 -58.10 95.39 -88.76
N LEU AA 208 -57.54 96.43 -88.13
CA LEU AA 208 -58.32 97.39 -87.38
C LEU AA 208 -58.80 98.57 -88.22
N ASN AA 209 -58.26 98.73 -89.43
CA ASN AA 209 -58.39 99.99 -90.16
C ASN AA 209 -58.48 99.71 -91.66
N PRO AA 210 -59.55 100.11 -92.34
CA PRO AA 210 -59.59 99.94 -93.78
C PRO AA 210 -58.49 100.73 -94.46
N PRO AA 211 -57.95 100.22 -95.57
CA PRO AA 211 -56.96 101.00 -96.32
C PRO AA 211 -57.48 102.39 -96.64
N PRO AA 212 -56.78 103.45 -96.19
CA PRO AA 212 -57.25 104.81 -96.50
C PRO AA 212 -57.02 105.19 -97.95
N SER AA 213 -57.90 104.73 -98.84
CA SER AA 213 -57.80 105.01 -100.27
C SER AA 213 -57.96 106.51 -100.52
N PRO AA 214 -57.62 107.00 -101.71
CA PRO AA 214 -57.90 108.41 -102.02
C PRO AA 214 -59.37 108.77 -101.96
N LEU AA 215 -60.27 107.78 -102.08
CA LEU AA 215 -61.70 108.08 -102.15
C LEU AA 215 -62.22 108.58 -100.80
N ASP AA 216 -62.11 107.73 -99.76
CA ASP AA 216 -62.56 108.15 -98.43
C ASP AA 216 -61.79 109.36 -97.93
N LYS AA 217 -60.54 109.52 -98.33
CA LYS AA 217 -59.77 110.70 -97.95
C LYS AA 217 -60.41 111.97 -98.51
N LYS AA 218 -60.82 111.95 -99.78
CA LYS AA 218 -61.47 113.11 -100.37
C LYS AA 218 -62.82 113.39 -99.73
N PHE AA 219 -63.56 112.33 -99.37
CA PHE AA 219 -64.83 112.50 -98.69
C PHE AA 219 -64.65 113.16 -97.33
N GLU AA 220 -63.63 112.75 -96.57
CA GLU AA 220 -63.36 113.37 -95.28
C GLU AA 220 -62.98 114.83 -95.44
N GLN AA 221 -62.18 115.14 -96.47
CA GLN AA 221 -61.83 116.52 -96.75
C GLN AA 221 -63.06 117.36 -97.07
N TRP AA 222 -63.97 116.81 -97.88
CA TRP AA 222 -65.22 117.51 -98.17
C TRP AA 222 -66.08 117.66 -96.92
N GLU AA 223 -65.99 116.72 -95.99
CA GLU AA 223 -66.74 116.86 -94.73
C GLU AA 223 -66.25 118.07 -93.94
N GLU AA 224 -64.93 118.26 -93.87
CA GLU AA 224 -64.40 119.46 -93.25
C GLU AA 224 -64.83 120.71 -94.01
N GLN AA 225 -64.81 120.63 -95.34
CA GLN AA 225 -65.26 121.75 -96.16
C GLN AA 225 -66.72 122.10 -95.87
N GLN AA 226 -67.56 121.08 -95.67
CA GLN AA 226 -68.98 121.32 -95.40
C GLN AA 226 -69.21 121.85 -94.00
N ALA AA 227 -68.36 121.46 -93.03
CA ALA AA 227 -68.45 122.06 -91.70
C ALA AA 227 -68.18 123.55 -91.75
N VAL AA 228 -67.12 123.96 -92.45
CA VAL AA 228 -66.81 125.38 -92.58
C VAL AA 228 -67.86 126.08 -93.43
N GLU AA 229 -68.44 125.39 -94.41
CA GLU AA 229 -69.52 126.02 -95.16
C GLU AA 229 -70.75 126.26 -94.30
N ALA AA 230 -70.98 125.39 -93.31
CA ALA AA 230 -72.07 125.63 -92.36
C ALA AA 230 -71.77 126.80 -91.42
N THR AA 231 -70.52 126.94 -90.97
CA THR AA 231 -70.13 128.10 -90.19
C THR AA 231 -70.30 129.39 -91.00
N LEU AA 232 -69.93 129.35 -92.29
CA LEU AA 232 -70.15 130.50 -93.15
C LEU AA 232 -71.63 130.83 -93.27
N ALA AA 233 -72.47 129.81 -93.34
CA ALA AA 233 -73.91 130.05 -93.41
C ALA AA 233 -74.42 130.75 -92.17
N ALA AA 234 -73.96 130.31 -90.99
CA ALA AA 234 -74.29 131.00 -89.75
C ALA AA 234 -73.78 132.44 -89.76
N MET AA 235 -72.55 132.65 -90.26
CA MET AA 235 -71.98 133.98 -90.32
C MET AA 235 -72.89 134.92 -91.12
N LYS AA 236 -73.27 134.52 -92.34
CA LYS AA 236 -74.02 135.41 -93.21
C LYS AA 236 -75.49 135.47 -92.83
N ALA AA 237 -75.99 134.50 -92.06
CA ALA AA 237 -77.35 134.60 -91.54
C ALA AA 237 -77.43 135.61 -90.40
N ARG AA 238 -76.42 135.62 -89.52
CA ARG AA 238 -76.33 136.67 -88.53
C ARG AA 238 -76.10 138.03 -89.18
N ARG AA 239 -75.34 138.06 -90.27
CA ARG AA 239 -75.09 139.30 -91.00
C ARG AA 239 -76.31 139.78 -91.78
N SER AA 240 -77.28 138.90 -92.06
CA SER AA 240 -78.46 139.32 -92.82
C SER AA 240 -79.16 140.48 -92.14
N MET BA 24 92.07 16.21 -15.59
CA MET BA 24 91.60 15.29 -14.57
C MET BA 24 91.14 16.06 -13.33
N GLU BA 25 90.04 15.61 -12.73
CA GLU BA 25 89.57 16.25 -11.50
C GLU BA 25 90.58 16.09 -10.37
N LEU BA 26 91.23 14.93 -10.30
CA LEU BA 26 92.30 14.73 -9.33
C LEU BA 26 93.39 15.77 -9.53
N PHE BA 27 93.81 15.96 -10.78
CA PHE BA 27 94.84 16.94 -11.07
C PHE BA 27 94.44 18.33 -10.61
N ASN BA 28 93.22 18.76 -10.92
CA ASN BA 28 92.70 20.04 -10.45
C ASN BA 28 92.72 20.16 -8.93
N ARG BA 29 92.26 19.12 -8.23
CA ARG BA 29 92.35 19.10 -6.77
C ARG BA 29 93.79 19.30 -6.28
N VAL BA 30 94.73 18.57 -6.88
CA VAL BA 30 96.14 18.70 -6.52
C VAL BA 30 96.73 20.02 -7.00
N GLY BA 31 96.05 20.71 -7.91
CA GLY BA 31 96.60 21.91 -8.53
C GLY BA 31 97.08 22.98 -7.58
N ARG BA 32 96.33 23.30 -6.54
CA ARG BA 32 96.79 24.35 -5.64
C ARG BA 32 98.18 24.03 -5.07
N VAL BA 33 98.36 22.82 -4.53
CA VAL BA 33 99.63 22.42 -3.92
C VAL BA 33 100.72 22.18 -4.95
N LEU BA 34 100.40 21.53 -6.06
CA LEU BA 34 101.43 21.24 -7.06
C LEU BA 34 101.82 22.51 -7.82
N LYS BA 35 100.84 23.25 -8.33
CA LYS BA 35 101.11 24.43 -9.12
C LYS BA 35 101.74 25.56 -8.30
N SER BA 36 101.50 25.65 -6.99
CA SER BA 36 102.27 26.62 -6.20
C SER BA 36 103.76 26.29 -6.23
N GLN BA 37 104.09 25.01 -6.01
CA GLN BA 37 105.47 24.56 -6.12
C GLN BA 37 106.02 24.78 -7.52
N LEU BA 38 105.28 24.42 -8.57
CA LEU BA 38 105.79 24.63 -9.92
C LEU BA 38 105.95 26.11 -10.28
N THR BA 39 105.08 26.99 -9.74
CA THR BA 39 105.24 28.43 -9.95
C THR BA 39 106.54 28.93 -9.33
N HIS BA 40 106.89 28.44 -8.15
CA HIS BA 40 108.24 28.72 -7.66
C HIS BA 40 109.31 27.98 -8.45
N TRP BA 41 109.00 26.78 -8.96
CA TRP BA 41 110.00 25.98 -9.66
C TRP BA 41 110.52 26.70 -10.88
N GLN BA 42 109.61 27.28 -11.68
CA GLN BA 42 110.04 28.12 -12.79
C GLN BA 42 110.77 29.36 -12.30
N GLN BA 43 110.37 29.89 -11.14
CA GLN BA 43 111.08 31.00 -10.51
C GLN BA 43 112.46 30.63 -9.97
N GLN BA 44 112.75 29.35 -9.73
CA GLN BA 44 113.92 29.01 -8.90
C GLN BA 44 115.20 29.69 -9.36
N GLN BA 45 115.35 29.94 -10.66
CA GLN BA 45 116.56 30.64 -11.12
C GLN BA 45 116.66 32.01 -10.47
N GLU BA 46 115.54 32.71 -10.34
CA GLU BA 46 115.51 33.95 -9.57
C GLU BA 46 115.52 33.69 -8.07
N ALA BA 47 114.80 32.65 -7.61
CA ALA BA 47 114.52 32.46 -6.20
C ALA BA 47 114.81 31.02 -5.77
N PRO BA 48 116.10 30.70 -5.57
CA PRO BA 48 116.44 29.44 -4.88
C PRO BA 48 116.39 29.56 -3.36
N GLU BA 49 116.25 30.78 -2.84
CA GLU BA 49 116.64 31.08 -1.46
C GLU BA 49 115.92 30.19 -0.45
N ASP BA 50 114.60 30.00 -0.62
CA ASP BA 50 113.84 29.20 0.33
C ASP BA 50 114.26 27.74 0.36
N LEU BA 51 114.44 27.11 -0.81
CA LEU BA 51 114.85 25.71 -0.83
C LEU BA 51 116.27 25.53 -0.28
N LEU BA 52 117.18 26.44 -0.62
CA LEU BA 52 118.55 26.38 -0.11
C LEU BA 52 118.59 26.49 1.40
N GLU BA 53 117.92 27.50 1.96
CA GLU BA 53 117.90 27.71 3.41
C GLU BA 53 117.12 26.64 4.15
N ARG BA 54 116.08 26.08 3.54
CA ARG BA 54 115.40 24.95 4.16
C ARG BA 54 116.35 23.76 4.37
N LEU BA 55 117.08 23.38 3.33
CA LEU BA 55 118.03 22.27 3.44
C LEU BA 55 119.10 22.54 4.48
N LEU BA 56 119.71 23.72 4.46
CA LEU BA 56 120.73 24.06 5.44
C LEU BA 56 120.16 24.22 6.85
N GLY BA 57 118.90 24.60 6.98
CA GLY BA 57 118.23 24.51 8.27
C GLY BA 57 118.15 23.09 8.79
N GLU BA 58 117.79 22.15 7.93
CA GLU BA 58 117.81 20.73 8.29
C GLU BA 58 119.21 20.27 8.66
N MET BA 59 120.23 20.80 7.97
CA MET BA 59 121.62 20.50 8.31
C MET BA 59 122.02 21.05 9.66
N GLU BA 60 121.51 22.22 10.04
CA GLU BA 60 121.70 22.72 11.41
C GLU BA 60 120.98 21.88 12.45
N LEU BA 61 119.76 21.40 12.14
CA LEU BA 61 119.07 20.50 13.05
C LEU BA 61 119.81 19.19 13.23
N GLU BA 62 120.41 18.65 12.17
CA GLU BA 62 121.27 17.49 12.31
C GLU BA 62 122.51 17.81 13.16
N LEU BA 63 123.19 18.91 12.83
CA LEU BA 63 124.47 19.24 13.48
C LEU BA 63 124.34 19.46 14.98
N ILE BA 64 123.20 19.97 15.45
CA ILE BA 64 122.97 20.03 16.90
C ILE BA 64 122.78 18.63 17.47
N GLU BA 65 122.25 17.68 16.70
CA GLU BA 65 122.31 16.28 17.12
C GLU BA 65 123.76 15.77 17.15
N LEU BA 66 124.51 16.01 16.08
CA LEU BA 66 125.88 15.48 15.98
C LEU BA 66 126.75 15.91 17.16
N ARG BA 67 126.60 17.16 17.60
CA ARG BA 67 127.31 17.63 18.79
C ARG BA 67 126.86 16.92 20.07
N ARG BA 68 125.55 16.71 20.24
CA ARG BA 68 125.09 15.96 21.40
C ARG BA 68 125.50 14.50 21.35
N ALA BA 69 125.58 13.91 20.16
CA ALA BA 69 126.07 12.53 20.02
C ALA BA 69 127.55 12.42 20.35
N LEU BA 70 128.34 13.42 19.98
CA LEU BA 70 129.72 13.51 20.46
C LEU BA 70 129.78 13.61 21.98
N ALA BA 71 128.93 14.43 22.59
CA ALA BA 71 128.92 14.53 24.04
C ALA BA 71 128.50 13.23 24.71
N GLN BA 72 127.58 12.48 24.08
CA GLN BA 72 127.21 11.16 24.60
C GLN BA 72 128.35 10.15 24.47
N THR BA 73 129.16 10.25 23.41
CA THR BA 73 130.34 9.39 23.31
C THR BA 73 131.39 9.72 24.36
N ILE BA 74 131.68 11.00 24.58
CA ILE BA 74 132.64 11.38 25.62
C ILE BA 74 132.15 10.94 26.99
N ALA BA 75 130.84 11.10 27.26
CA ALA BA 75 130.28 10.67 28.53
C ALA BA 75 130.42 9.16 28.73
N THR BA 76 130.13 8.37 27.69
CA THR BA 76 130.31 6.92 27.79
C THR BA 76 131.76 6.49 27.88
N PHE BA 77 132.68 7.22 27.23
CA PHE BA 77 134.09 6.88 27.32
C PHE BA 77 134.64 7.06 28.73
N LYS BA 78 134.40 8.22 29.34
CA LYS BA 78 134.87 8.47 30.70
C LYS BA 78 134.10 7.69 31.75
N SER BA 79 132.83 7.35 31.50
CA SER BA 79 132.15 6.45 32.41
C SER BA 79 132.77 5.06 32.42
N THR BA 80 133.20 4.56 31.26
CA THR BA 80 133.98 3.32 31.25
C THR BA 80 135.27 3.50 32.04
N GLU BA 81 135.88 4.69 31.93
CA GLU BA 81 137.09 4.98 32.70
C GLU BA 81 136.80 5.13 34.19
N ARG BA 82 135.62 5.63 34.55
CA ARG BA 82 135.20 5.66 35.95
C ARG BA 82 135.04 4.24 36.50
N GLN BA 83 134.64 3.30 35.65
CA GLN BA 83 134.59 1.90 36.06
C GLN BA 83 136.00 1.35 36.25
N ARG BA 84 136.95 1.79 35.42
CA ARG BA 84 138.35 1.49 35.65
C ARG BA 84 138.84 2.11 36.95
N ASP BA 85 138.45 3.35 37.24
CA ASP BA 85 138.82 3.98 38.49
C ASP BA 85 138.33 3.19 39.69
N ALA BA 86 137.16 2.56 39.59
CA ALA BA 86 136.70 1.67 40.65
C ALA BA 86 137.51 0.38 40.71
N GLN BA 87 137.79 -0.24 39.56
CA GLN BA 87 138.58 -1.46 39.56
C GLN BA 87 139.95 -1.25 40.19
N GLN BA 88 140.63 -0.16 39.80
CA GLN BA 88 141.94 0.14 40.37
C GLN BA 88 141.84 0.54 41.85
N LEU BA 89 140.74 1.14 42.26
CA LEU BA 89 140.52 1.42 43.68
C LEU BA 89 140.36 0.14 44.48
N ILE BA 90 139.69 -0.87 43.93
CA ILE BA 90 139.59 -2.15 44.62
C ILE BA 90 140.93 -2.89 44.58
N ALA BA 91 141.72 -2.71 43.52
CA ALA BA 91 143.08 -3.21 43.51
C ALA BA 91 143.92 -2.59 44.62
N GLN BA 92 143.78 -1.28 44.84
CA GLN BA 92 144.43 -0.64 45.98
C GLN BA 92 143.91 -1.18 47.30
N ARG BA 93 142.60 -1.43 47.39
CA ARG BA 93 142.04 -2.10 48.56
C ARG BA 93 142.64 -3.48 48.78
N TRP BA 94 143.01 -4.17 47.69
CA TRP BA 94 143.74 -5.42 47.80
C TRP BA 94 145.19 -5.23 48.23
N TYR BA 95 145.81 -4.11 47.88
CA TYR BA 95 147.13 -3.81 48.44
C TYR BA 95 147.06 -3.45 49.91
N GLU BA 96 146.04 -2.71 50.33
CA GLU BA 96 145.86 -2.40 51.75
C GLU BA 96 145.71 -3.68 52.57
N LYS BA 97 144.86 -4.61 52.11
CA LYS BA 97 144.71 -5.90 52.77
C LYS BA 97 146.00 -6.71 52.75
N ALA BA 98 146.82 -6.55 51.70
CA ALA BA 98 148.15 -7.14 51.73
C ALA BA 98 149.05 -6.44 52.75
N GLN BA 99 148.96 -5.11 52.85
CA GLN BA 99 149.86 -4.38 53.74
C GLN BA 99 149.65 -4.78 55.19
N ALA BA 100 148.41 -5.15 55.56
CA ALA BA 100 148.13 -5.68 56.89
C ALA BA 100 148.82 -7.02 57.14
N ALA BA 101 149.42 -7.62 56.11
CA ALA BA 101 150.21 -8.83 56.26
C ALA BA 101 151.59 -8.70 55.63
N LEU BA 102 151.97 -7.52 55.15
CA LEU BA 102 153.25 -7.32 54.49
C LEU BA 102 154.34 -6.87 55.46
N ASP BA 103 154.02 -6.75 56.74
CA ASP BA 103 155.00 -6.58 57.80
C ASP BA 103 155.12 -7.86 58.60
N ARG BA 104 156.22 -7.97 59.35
CA ARG BA 104 156.51 -9.09 60.25
C ARG BA 104 156.78 -10.39 59.49
N GLY BA 105 156.91 -10.34 58.17
CA GLY BA 105 157.07 -11.56 57.39
C GLY BA 105 155.82 -12.41 57.30
N ASN BA 106 154.66 -11.85 57.63
CA ASN BA 106 153.39 -12.57 57.60
C ASN BA 106 152.72 -12.50 56.24
N GLU BA 107 153.49 -12.27 55.17
CA GLU BA 107 152.99 -12.02 53.82
C GLU BA 107 152.21 -13.19 53.23
N GLN BA 108 152.09 -14.29 53.98
CA GLN BA 108 151.32 -15.45 53.52
C GLN BA 108 149.99 -15.06 52.89
N LEU BA 109 149.20 -14.24 53.57
CA LEU BA 109 147.89 -13.84 53.03
C LEU BA 109 148.02 -12.97 51.79
N ALA BA 110 149.18 -12.34 51.59
CA ALA BA 110 149.39 -11.58 50.36
C ALA BA 110 149.31 -12.47 49.13
N ARG BA 111 149.54 -13.78 49.29
CA ARG BA 111 149.40 -14.69 48.17
C ARG BA 111 148.01 -14.62 47.56
N GLU BA 112 146.97 -14.77 48.39
CA GLU BA 112 145.60 -14.65 47.91
C GLU BA 112 145.23 -13.22 47.54
N ALA BA 113 145.64 -12.24 48.35
CA ALA BA 113 145.25 -10.86 48.11
C ALA BA 113 145.77 -10.33 46.77
N LEU BA 114 147.05 -10.57 46.49
CA LEU BA 114 147.59 -10.24 45.17
C LEU BA 114 147.14 -11.20 44.09
N GLY BA 115 146.80 -12.44 44.45
CA GLY BA 115 146.18 -13.33 43.48
C GLY BA 115 144.86 -12.80 42.94
N GLN BA 116 144.04 -12.22 43.81
CA GLN BA 116 142.86 -11.47 43.34
C GLN BA 116 143.26 -10.22 42.56
N ARG BA 117 144.19 -9.43 43.09
CA ARG BA 117 144.56 -8.20 42.41
C ARG BA 117 145.05 -8.45 40.99
N GLN BA 118 145.67 -9.60 40.72
CA GLN BA 118 146.08 -9.91 39.35
C GLN BA 118 144.89 -9.91 38.39
N SER BA 119 143.78 -10.54 38.78
CA SER BA 119 142.57 -10.46 37.96
C SER BA 119 142.00 -9.05 37.90
N TYR BA 120 142.12 -8.27 38.97
CA TYR BA 120 141.63 -6.90 38.93
C TYR BA 120 142.48 -6.01 38.04
N GLN BA 121 143.79 -6.22 38.03
CA GLN BA 121 144.67 -5.49 37.12
C GLN BA 121 144.40 -5.87 35.66
N SER BA 122 144.06 -7.12 35.38
CA SER BA 122 143.78 -7.49 33.99
C SER BA 122 142.55 -6.76 33.46
N HIS BA 123 141.48 -6.69 34.25
CA HIS BA 123 140.32 -5.91 33.85
C HIS BA 123 140.63 -4.41 33.82
N THR BA 124 141.47 -3.93 34.74
CA THR BA 124 141.83 -2.51 34.72
C THR BA 124 142.58 -2.13 33.45
N GLU BA 125 143.48 -3.01 32.98
CA GLU BA 125 144.26 -2.69 31.78
C GLU BA 125 143.50 -3.02 30.50
N ALA BA 126 142.56 -3.97 30.56
CA ALA BA 126 141.60 -4.13 29.48
C ALA BA 126 140.76 -2.87 29.30
N LEU BA 127 140.27 -2.31 30.40
CA LEU BA 127 139.58 -1.04 30.35
C LEU BA 127 140.49 0.08 29.85
N GLY BA 128 141.71 0.15 30.39
CA GLY BA 128 142.62 1.21 30.01
C GLY BA 128 142.99 1.21 28.53
N LYS BA 129 143.06 0.03 27.91
CA LYS BA 129 143.39 -0.06 26.50
C LYS BA 129 142.18 0.05 25.58
N SER BA 130 141.01 -0.41 26.04
CA SER BA 130 139.76 -0.01 25.39
C SER BA 130 139.63 1.50 25.40
N LEU BA 131 139.94 2.14 26.53
CA LEU BA 131 139.91 3.58 26.70
C LEU BA 131 141.01 4.29 25.94
N GLY BA 132 141.98 3.55 25.40
CA GLY BA 132 142.92 4.11 24.45
C GLY BA 132 142.32 4.22 23.07
N GLU BA 133 141.53 3.22 22.68
CA GLU BA 133 140.81 3.31 21.42
C GLU BA 133 139.70 4.35 21.52
N GLN BA 134 138.94 4.31 22.62
CA GLN BA 134 137.89 5.31 22.86
C GLN BA 134 138.44 6.72 22.91
N ARG BA 135 139.69 6.88 23.38
CA ARG BA 135 140.38 8.16 23.24
C ARG BA 135 140.51 8.55 21.77
N ALA BA 136 141.14 7.69 20.97
CA ALA BA 136 141.32 7.99 19.55
C ALA BA 136 139.98 8.22 18.85
N LEU BA 137 138.91 7.55 19.30
CA LEU BA 137 137.59 7.82 18.75
C LEU BA 137 137.10 9.23 19.06
N VAL BA 138 137.20 9.66 20.32
CA VAL BA 138 136.75 11.01 20.65
C VAL BA 138 137.64 12.08 20.02
N GLU BA 139 138.92 11.80 19.84
CA GLU BA 139 139.79 12.74 19.14
C GLU BA 139 139.44 12.84 17.66
N GLN BA 140 139.32 11.69 16.98
CA GLN BA 140 139.04 11.71 15.54
C GLN BA 140 137.65 12.24 15.25
N VAL BA 141 136.66 11.93 16.10
CA VAL BA 141 135.32 12.46 15.91
C VAL BA 141 135.28 13.96 16.17
N ARG BA 142 136.10 14.46 17.10
CA ARG BA 142 136.21 15.90 17.30
C ARG BA 142 136.85 16.59 16.10
N GLY BA 143 137.89 15.98 15.51
CA GLY BA 143 138.48 16.57 14.32
C GLY BA 143 137.58 16.48 13.11
N GLN BA 144 136.85 15.37 12.98
CA GLN BA 144 135.85 15.24 11.91
C GLN BA 144 134.80 16.33 12.02
N LEU BA 145 134.24 16.50 13.22
CA LEU BA 145 133.25 17.56 13.43
C LEU BA 145 133.83 18.94 13.16
N GLN BA 146 134.97 19.27 13.75
CA GLN BA 146 135.48 20.64 13.63
C GLN BA 146 135.82 21.00 12.20
N LYS BA 147 136.32 20.06 11.41
CA LYS BA 147 136.45 20.27 9.96
C LYS BA 147 135.10 20.46 9.29
N LEU BA 148 134.14 19.58 9.59
CA LEU BA 148 132.86 19.59 8.89
C LEU BA 148 132.04 20.84 9.22
N GLU BA 149 131.91 21.17 10.50
CA GLU BA 149 131.11 22.31 10.92
C GLU BA 149 131.76 23.63 10.53
N ARG BA 150 133.10 23.70 10.53
CA ARG BA 150 133.77 24.87 9.99
C ARG BA 150 133.52 25.01 8.50
N LYS BA 151 133.44 23.88 7.80
CA LYS BA 151 133.08 23.91 6.38
C LYS BA 151 131.64 24.37 6.19
N TYR BA 152 130.74 23.97 7.08
CA TYR BA 152 129.37 24.48 7.07
C TYR BA 152 129.32 25.98 7.33
N LEU BA 153 130.12 26.48 8.26
CA LEU BA 153 130.19 27.92 8.51
C LEU BA 153 130.66 28.69 7.27
N GLU BA 154 131.76 28.25 6.67
CA GLU BA 154 132.25 28.89 5.44
C GLU BA 154 131.30 28.70 4.28
N LEU BA 155 130.57 27.58 4.24
CA LEU BA 155 129.55 27.37 3.22
C LEU BA 155 128.34 28.29 3.45
N LYS BA 156 127.99 28.57 4.70
CA LYS BA 156 127.01 29.62 4.97
C LYS BA 156 127.48 30.97 4.45
N SER BA 157 128.74 31.31 4.70
CA SER BA 157 129.30 32.54 4.17
C SER BA 157 129.17 32.59 2.65
N GLN BA 158 129.59 31.52 1.98
CA GLN BA 158 129.46 31.43 0.52
C GLN BA 158 128.01 31.54 0.06
N LYS BA 159 127.07 30.87 0.73
CA LYS BA 159 125.67 30.95 0.32
C LYS BA 159 125.15 32.38 0.40
N ASN BA 160 125.42 33.07 1.50
CA ASN BA 160 125.00 34.46 1.62
C ASN BA 160 125.56 35.28 0.47
N LEU BA 161 126.86 35.10 0.17
CA LEU BA 161 127.50 35.77 -0.95
C LEU BA 161 126.99 35.28 -2.29
N TYR BA 162 126.45 34.06 -2.35
CA TYR BA 162 125.90 33.54 -3.60
C TYR BA 162 124.52 34.10 -3.90
N LEU BA 163 123.69 34.28 -2.87
CA LEU BA 163 122.41 34.96 -3.07
C LEU BA 163 122.61 36.41 -3.47
N ALA BA 164 123.60 37.09 -2.89
CA ALA BA 164 123.96 38.43 -3.33
C ALA BA 164 124.44 38.44 -4.78
N ARG BA 165 125.37 37.55 -5.12
CA ARG BA 165 125.81 37.42 -6.52
C ARG BA 165 124.64 37.17 -7.46
N LEU BA 166 123.76 36.23 -7.11
CA LEU BA 166 122.64 35.88 -7.98
C LEU BA 166 121.70 37.06 -8.21
N LYS BA 167 121.28 37.72 -7.13
CA LYS BA 167 120.43 38.90 -7.26
C LYS BA 167 121.12 40.00 -8.06
N SER BA 168 122.43 40.16 -7.88
CA SER BA 168 123.16 41.19 -8.63
C SER BA 168 123.25 40.86 -10.11
N ALA BA 169 123.51 39.60 -10.44
CA ALA BA 169 123.48 39.15 -11.83
C ALA BA 169 122.10 39.35 -12.44
N ILE BA 170 121.04 38.97 -11.71
CA ILE BA 170 119.67 39.16 -12.20
C ILE BA 170 119.42 40.63 -12.52
N ALA BA 171 119.81 41.53 -11.62
CA ALA BA 171 119.68 42.96 -11.87
C ALA BA 171 120.46 43.38 -13.11
N ALA BA 172 121.69 42.89 -13.25
CA ALA BA 172 122.51 43.19 -14.42
C ALA BA 172 121.83 42.73 -15.71
N GLN BA 173 121.31 41.51 -15.70
CA GLN BA 173 120.54 41.00 -16.84
C GLN BA 173 119.39 41.93 -17.18
N LYS BA 174 118.71 42.45 -16.17
CA LYS BA 174 117.59 43.36 -16.41
C LYS BA 174 118.05 44.70 -17.00
N ILE BA 175 119.19 45.22 -16.57
CA ILE BA 175 119.73 46.44 -17.21
C ILE BA 175 120.13 46.20 -18.66
N GLU BA 176 120.85 45.12 -18.94
CA GLU BA 176 121.23 44.86 -20.33
C GLU BA 176 120.01 44.67 -21.23
N GLU BA 177 119.07 43.83 -20.83
CA GLU BA 177 117.92 43.54 -21.68
C GLU BA 177 116.99 44.75 -21.84
N ILE BA 178 116.75 45.49 -20.77
CA ILE BA 178 115.93 46.71 -20.87
C ILE BA 178 116.67 47.82 -21.61
N ALA BA 179 117.99 47.90 -21.43
CA ALA BA 179 118.81 48.83 -22.20
C ALA BA 179 118.84 48.48 -23.68
N GLY BA 180 118.97 47.19 -24.01
CA GLY BA 180 118.91 46.80 -25.41
C GLY BA 180 117.58 47.08 -26.07
N ASN BA 181 116.48 46.86 -25.36
CA ASN BA 181 115.18 47.27 -25.89
C ASN BA 181 115.02 48.78 -25.92
N LEU BA 182 115.62 49.48 -24.96
CA LEU BA 182 115.49 50.94 -24.93
C LEU BA 182 116.24 51.57 -26.09
N ASP BA 183 117.51 51.19 -26.28
CA ASP BA 183 118.30 51.77 -27.35
C ASP BA 183 117.81 51.28 -28.71
N ASN BA 184 117.70 49.96 -28.88
CA ASN BA 184 117.42 49.42 -30.20
C ASN BA 184 115.97 49.69 -30.64
N ALA BA 185 115.00 49.32 -29.80
CA ALA BA 185 113.60 49.52 -30.18
C ALA BA 185 113.18 50.98 -30.08
N SER BA 186 113.44 51.61 -28.93
CA SER BA 186 112.92 52.96 -28.69
C SER BA 186 113.65 53.99 -29.54
N ALA BA 187 114.98 53.94 -29.54
CA ALA BA 187 115.77 55.00 -30.18
C ALA BA 187 115.61 54.97 -31.69
N SER BA 188 115.59 53.78 -32.30
CA SER BA 188 115.32 53.71 -33.74
C SER BA 188 113.92 54.24 -34.05
N SER BA 189 112.97 53.98 -33.16
CA SER BA 189 111.63 54.54 -33.32
C SER BA 189 111.66 56.06 -33.22
N LEU BA 190 112.53 56.61 -32.36
CA LEU BA 190 112.61 58.06 -32.23
C LEU BA 190 113.28 58.68 -33.46
N PHE BA 191 114.44 58.17 -33.86
CA PHE BA 191 115.20 58.81 -34.91
C PHE BA 191 114.54 58.64 -36.27
N GLU BA 192 114.20 57.41 -36.63
CA GLU BA 192 113.64 57.17 -37.96
C GLU BA 192 112.22 57.69 -38.13
N ARG BA 193 111.38 57.65 -37.08
CA ARG BA 193 110.06 58.29 -37.17
C ARG BA 193 110.10 59.81 -37.11
N ILE BA 194 111.03 60.39 -36.35
CA ILE BA 194 111.15 61.85 -36.36
C ILE BA 194 111.74 62.34 -37.67
N GLU BA 195 112.74 61.63 -38.19
CA GLU BA 195 113.33 62.01 -39.46
C GLU BA 195 112.32 61.93 -40.60
N THR BA 196 111.59 60.81 -40.71
CA THR BA 196 110.59 60.69 -41.77
C THR BA 196 109.50 61.75 -41.66
N LYS BA 197 109.10 62.09 -40.44
CA LYS BA 197 108.14 63.17 -40.26
C LYS BA 197 108.74 64.52 -40.63
N ILE BA 198 110.04 64.70 -40.38
CA ILE BA 198 110.73 65.93 -40.81
C ILE BA 198 110.75 66.00 -42.33
N LEU BA 199 111.06 64.89 -42.98
CA LEU BA 199 111.06 64.82 -44.43
C LEU BA 199 109.68 65.16 -45.00
N GLU BA 200 108.62 64.73 -44.31
CA GLU BA 200 107.27 65.08 -44.73
C GLU BA 200 107.07 66.59 -44.64
N LEU BA 201 107.59 67.20 -43.58
CA LEU BA 201 107.55 68.66 -43.46
C LEU BA 201 108.41 69.32 -44.53
N GLU BA 202 109.52 68.68 -44.92
CA GLU BA 202 110.42 69.22 -45.93
C GLU BA 202 109.83 69.11 -47.34
N ALA BA 203 109.03 68.08 -47.60
CA ALA BA 203 108.31 67.99 -48.87
C ALA BA 203 107.34 69.16 -49.05
N GLU BA 204 106.72 69.63 -47.96
CA GLU BA 204 105.97 70.88 -48.02
C GLU BA 204 106.87 72.11 -48.04
N ARG BA 205 108.06 72.04 -47.45
CA ARG BA 205 109.00 73.15 -47.58
C ARG BA 205 109.38 73.40 -49.04
N GLU BA 206 109.75 72.34 -49.76
CA GLU BA 206 110.12 72.46 -51.17
C GLU BA 206 108.93 72.74 -52.08
N LEU BA 207 107.70 72.63 -51.58
CA LEU BA 207 106.54 73.14 -52.29
C LEU BA 207 106.33 74.63 -52.06
N LEU BA 208 106.64 75.12 -50.85
CA LEU BA 208 106.48 76.52 -50.52
C LEU BA 208 107.71 77.37 -50.83
N ASN BA 209 108.85 76.73 -51.10
CA ASN BA 209 110.14 77.42 -51.07
C ASN BA 209 111.06 76.83 -52.13
N PRO BA 210 111.55 77.63 -53.09
CA PRO BA 210 112.51 77.10 -54.05
C PRO BA 210 113.77 76.65 -53.35
N PRO BA 211 114.42 75.60 -53.86
CA PRO BA 211 115.72 75.20 -53.29
C PRO BA 211 116.69 76.36 -53.23
N PRO BA 212 117.17 76.72 -52.03
CA PRO BA 212 118.13 77.83 -51.93
C PRO BA 212 119.51 77.49 -52.47
N SER BA 213 119.66 77.51 -53.79
CA SER BA 213 120.93 77.19 -54.44
C SER BA 213 121.99 78.20 -54.04
N PRO BA 214 123.27 77.94 -54.31
CA PRO BA 214 124.30 78.96 -54.06
C PRO BA 214 124.09 80.22 -54.88
N LEU BA 215 123.35 80.15 -55.99
CA LEU BA 215 123.22 81.31 -56.86
C LEU BA 215 122.39 82.42 -56.21
N ASP BA 216 121.13 82.10 -55.88
CA ASP BA 216 120.28 83.09 -55.22
C ASP BA 216 120.85 83.52 -53.88
N LYS BA 217 121.56 82.63 -53.19
CA LYS BA 217 122.20 83.00 -51.94
C LYS BA 217 123.23 84.11 -52.15
N LYS BA 218 124.07 83.97 -53.18
CA LYS BA 218 125.06 85.00 -53.46
C LYS BA 218 124.40 86.31 -53.88
N PHE BA 219 123.30 86.24 -54.64
CA PHE BA 219 122.58 87.44 -55.02
C PHE BA 219 122.01 88.16 -53.81
N GLU BA 220 121.45 87.43 -52.85
CA GLU BA 220 120.93 88.04 -51.63
C GLU BA 220 122.06 88.69 -50.83
N GLN BA 221 123.22 88.03 -50.77
CA GLN BA 221 124.37 88.61 -50.08
C GLN BA 221 124.80 89.91 -50.75
N TRP BA 222 124.85 89.92 -52.08
CA TRP BA 222 125.18 91.15 -52.80
C TRP BA 222 124.12 92.22 -52.57
N GLU BA 223 122.86 91.83 -52.38
CA GLU BA 223 121.83 92.83 -52.08
C GLU BA 223 122.11 93.53 -50.75
N GLU BA 224 122.50 92.77 -49.74
CA GLU BA 224 122.91 93.38 -48.48
C GLU BA 224 124.14 94.25 -48.67
N GLN BA 225 125.09 93.79 -49.48
CA GLN BA 225 126.28 94.58 -49.79
C GLN BA 225 125.90 95.91 -50.46
N GLN BA 226 124.92 95.88 -51.35
CA GLN BA 226 124.50 97.09 -52.05
C GLN BA 226 123.73 98.03 -51.15
N ALA BA 227 122.99 97.49 -50.17
CA ALA BA 227 122.33 98.35 -49.18
C ALA BA 227 123.37 99.13 -48.38
N VAL BA 228 124.40 98.45 -47.89
CA VAL BA 228 125.45 99.13 -47.14
C VAL BA 228 126.25 100.05 -48.05
N GLU BA 229 126.41 99.70 -49.33
CA GLU BA 229 127.09 100.62 -50.22
C GLU BA 229 126.28 101.89 -50.45
N ALA BA 230 124.94 101.79 -50.40
CA ALA BA 230 124.11 102.99 -50.47
C ALA BA 230 124.21 103.84 -49.21
N THR BA 231 124.27 103.20 -48.03
CA THR BA 231 124.51 103.95 -46.81
C THR BA 231 125.85 104.66 -46.84
N LEU BA 232 126.88 103.97 -47.36
CA LEU BA 232 128.20 104.61 -47.51
C LEU BA 232 128.10 105.81 -48.45
N ALA BA 233 127.31 105.71 -49.51
CA ALA BA 233 127.15 106.83 -50.42
C ALA BA 233 126.52 108.02 -49.72
N ALA BA 234 125.49 107.78 -48.90
CA ALA BA 234 124.91 108.85 -48.10
C ALA BA 234 125.94 109.42 -47.13
N MET BA 235 126.74 108.57 -46.50
CA MET BA 235 127.75 109.04 -45.56
C MET BA 235 128.70 110.02 -46.25
N LYS BA 236 129.27 109.64 -47.40
CA LYS BA 236 130.27 110.49 -48.04
C LYS BA 236 129.66 111.65 -48.78
N ALA BA 237 128.36 111.60 -49.09
CA ALA BA 237 127.68 112.76 -49.67
C ALA BA 237 127.43 113.83 -48.60
N ARG BA 238 127.04 113.41 -47.40
CA ARG BA 238 126.98 114.34 -46.29
C ARG BA 238 128.36 114.88 -45.94
N ARG BA 239 129.38 114.04 -46.04
CA ARG BA 239 130.75 114.45 -45.77
C ARG BA 239 131.32 115.37 -46.84
N SER BA 240 130.74 115.37 -48.05
CA SER BA 240 131.27 116.22 -49.12
C SER BA 240 131.30 117.69 -48.68
N MET CA 24 40.95 -58.24 58.59
CA MET CA 24 39.49 -58.21 58.47
C MET CA 24 38.92 -57.00 59.22
N GLU CA 25 37.91 -56.35 58.64
CA GLU CA 25 37.28 -55.23 59.32
C GLU CA 25 36.59 -55.69 60.60
N LEU CA 26 35.99 -56.88 60.58
CA LEU CA 26 35.40 -57.44 61.79
C LEU CA 26 36.47 -57.57 62.87
N PHE CA 27 37.63 -58.13 62.51
CA PHE CA 27 38.73 -58.28 63.47
C PHE CA 27 39.12 -56.95 64.07
N ASN CA 28 39.31 -55.93 63.23
CA ASN CA 28 39.63 -54.58 63.73
C ASN CA 28 38.57 -54.04 64.68
N ARG CA 29 37.29 -54.19 64.34
CA ARG CA 29 36.21 -53.82 65.25
C ARG CA 29 36.32 -54.53 66.60
N VAL CA 30 36.57 -55.85 66.57
CA VAL CA 30 36.74 -56.62 67.79
C VAL CA 30 38.06 -56.31 68.49
N GLY CA 31 38.98 -55.67 67.79
CA GLY CA 31 40.32 -55.45 68.32
C GLY CA 31 40.40 -54.78 69.68
N ARG CA 32 39.63 -53.73 69.91
CA ARG CA 32 39.71 -53.09 71.22
C ARG CA 32 39.45 -54.08 72.36
N VAL CA 33 38.34 -54.83 72.27
CA VAL CA 33 37.96 -55.78 73.32
C VAL CA 33 38.87 -57.00 73.35
N LEU CA 34 39.21 -57.56 72.19
CA LEU CA 34 40.04 -58.76 72.18
C LEU CA 34 41.49 -58.43 72.55
N LYS CA 35 42.07 -57.43 71.90
CA LYS CA 35 43.46 -57.08 72.14
C LYS CA 35 43.70 -56.53 73.55
N SER CA 36 42.72 -55.89 74.19
CA SER CA 36 42.91 -55.56 75.61
C SER CA 36 43.12 -56.80 76.45
N GLN CA 37 42.24 -57.80 76.25
CA GLN CA 37 42.40 -59.08 76.93
C GLN CA 37 43.73 -59.75 76.57
N LEU CA 38 44.09 -59.79 75.29
CA LEU CA 38 45.36 -60.42 74.93
C LEU CA 38 46.58 -59.67 75.48
N THR CA 39 46.50 -58.34 75.59
CA THR CA 39 47.58 -57.57 76.20
C THR CA 39 47.76 -57.93 77.66
N HIS CA 40 46.66 -58.14 78.39
CA HIS CA 40 46.81 -58.73 79.71
C HIS CA 40 47.21 -60.20 79.65
N TRP CA 41 46.78 -60.93 78.62
CA TRP CA 41 47.05 -62.36 78.53
C TRP CA 41 48.55 -62.61 78.48
N GLN CA 42 49.27 -61.86 77.65
CA GLN CA 42 50.72 -61.95 77.65
C GLN CA 42 51.31 -61.48 78.98
N GLN CA 43 50.67 -60.51 79.62
CA GLN CA 43 51.07 -60.07 80.96
C GLN CA 43 50.78 -61.09 82.05
N GLN CA 44 49.88 -62.07 81.84
CA GLN CA 44 49.35 -62.84 82.97
C GLN CA 44 50.44 -63.42 83.87
N GLN CA 45 51.61 -63.76 83.31
CA GLN CA 45 52.68 -64.27 84.16
C GLN CA 45 53.08 -63.24 85.21
N GLU CA 46 53.12 -61.97 84.84
CA GLU CA 46 53.30 -60.90 85.81
C GLU CA 46 52.02 -60.61 86.59
N ALA CA 47 50.86 -60.66 85.91
CA ALA CA 47 49.61 -60.15 86.47
C ALA CA 47 48.49 -61.17 86.30
N PRO CA 48 48.45 -62.20 87.14
CA PRO CA 48 47.25 -63.05 87.24
C PRO CA 48 46.18 -62.48 88.16
N GLU CA 49 46.50 -61.42 88.90
CA GLU CA 49 45.76 -61.06 90.10
C GLU CA 49 44.28 -60.83 89.82
N ASP CA 50 43.96 -60.11 88.75
CA ASP CA 50 42.55 -59.81 88.45
C ASP CA 50 41.75 -61.05 88.11
N LEU CA 51 42.29 -61.95 87.27
CA LEU CA 51 41.54 -63.16 86.93
C LEU CA 51 41.37 -64.09 88.13
N LEU CA 52 42.42 -64.22 88.95
CA LEU CA 52 42.34 -65.04 90.15
C LEU CA 52 41.29 -64.53 91.12
N GLU CA 53 41.33 -63.24 91.43
CA GLU CA 53 40.38 -62.65 92.37
C GLU CA 53 38.97 -62.58 91.81
N ARG CA 54 38.81 -62.42 90.50
CA ARG CA 54 37.48 -62.50 89.91
C ARG CA 54 36.84 -63.87 90.16
N LEU CA 55 37.57 -64.95 89.87
CA LEU CA 55 37.03 -66.29 90.10
C LEU CA 55 36.69 -66.53 91.56
N LEU CA 56 37.60 -66.19 92.48
CA LEU CA 56 37.32 -66.36 93.90
C LEU CA 56 36.22 -65.43 94.41
N GLY CA 57 36.05 -64.27 93.79
CA GLY CA 57 34.86 -63.47 94.07
C GLY CA 57 33.58 -64.19 93.70
N GLU CA 58 33.55 -64.83 92.54
CA GLU CA 58 32.41 -65.65 92.14
C GLU CA 58 32.20 -66.81 93.11
N MET CA 59 33.30 -67.37 93.63
CA MET CA 59 33.22 -68.42 94.63
C MET CA 59 32.64 -67.92 95.95
N GLU CA 60 32.95 -66.69 96.34
CA GLU CA 60 32.30 -66.07 97.50
C GLU CA 60 30.81 -65.80 97.25
N LEU CA 61 30.45 -65.37 96.04
CA LEU CA 61 29.04 -65.21 95.70
C LEU CA 61 28.27 -66.52 95.74
N GLU CA 62 28.89 -67.61 95.28
CA GLU CA 62 28.28 -68.93 95.45
C GLU CA 62 28.16 -69.30 96.93
N LEU CA 63 29.26 -69.16 97.68
CA LEU CA 63 29.30 -69.62 99.07
C LEU CA 63 28.29 -68.92 99.97
N ILE CA 64 27.96 -67.65 99.69
CA ILE CA 64 26.86 -67.02 100.42
C ILE CA 64 25.51 -67.63 100.02
N GLU CA 65 25.38 -68.12 98.79
CA GLU CA 65 24.22 -68.96 98.48
C GLU CA 65 24.26 -70.28 99.24
N LEU CA 66 25.39 -70.97 99.24
CA LEU CA 66 25.47 -72.29 99.87
C LEU CA 66 25.09 -72.25 101.35
N ARG CA 67 25.49 -71.19 102.05
CA ARG CA 67 25.06 -71.01 103.44
C ARG CA 67 23.56 -70.76 103.57
N ARG CA 68 22.98 -69.94 102.70
CA ARG CA 68 21.53 -69.76 102.74
C ARG CA 68 20.77 -71.02 102.35
N ALA CA 69 21.32 -71.84 101.46
CA ALA CA 69 20.70 -73.11 101.10
C ALA CA 69 20.75 -74.11 102.25
N LEU CA 70 21.85 -74.11 103.00
CA LEU CA 70 21.89 -74.85 104.27
C LEU CA 70 20.83 -74.36 105.25
N ALA CA 71 20.67 -73.04 105.38
CA ALA CA 71 19.64 -72.53 106.28
C ALA CA 71 18.24 -72.88 105.82
N GLN CA 72 18.01 -72.93 104.50
CA GLN CA 72 16.73 -73.39 103.98
C GLN CA 72 16.49 -74.87 104.23
N THR CA 73 17.54 -75.70 104.21
CA THR CA 73 17.38 -77.10 104.57
C THR CA 73 17.07 -77.29 106.05
N ILE CA 74 17.77 -76.58 106.93
CA ILE CA 74 17.47 -76.67 108.36
C ILE CA 74 16.04 -76.20 108.64
N ALA CA 75 15.62 -75.11 107.99
CA ALA CA 75 14.26 -74.62 108.17
C ALA CA 75 13.22 -75.64 107.72
N THR CA 76 13.43 -76.28 106.57
CA THR CA 76 12.51 -77.32 106.11
C THR CA 76 12.55 -78.58 106.97
N PHE CA 77 13.72 -78.93 107.53
CA PHE CA 77 13.80 -80.10 108.39
C PHE CA 77 12.98 -79.92 109.67
N LYS CA 78 13.19 -78.81 110.37
CA LYS CA 78 12.46 -78.56 111.61
C LYS CA 78 10.99 -78.21 111.37
N SER CA 79 10.65 -77.64 110.20
CA SER CA 79 9.22 -77.47 109.88
C SER CA 79 8.53 -78.82 109.71
N THR CA 80 9.20 -79.79 109.09
CA THR CA 80 8.66 -81.15 109.08
C THR CA 80 8.50 -81.68 110.50
N GLU CA 81 9.45 -81.35 111.37
CA GLU CA 81 9.37 -81.75 112.78
C GLU CA 81 8.27 -80.99 113.52
N ARG CA 82 8.02 -79.74 113.15
CA ARG CA 82 6.89 -79.01 113.71
C ARG CA 82 5.56 -79.65 113.30
N GLN CA 83 5.52 -80.26 112.12
CA GLN CA 83 4.33 -81.02 111.72
C GLN CA 83 4.20 -82.29 112.55
N ARG CA 84 5.33 -82.91 112.89
CA ARG CA 84 5.33 -84.00 113.85
C ARG CA 84 4.87 -83.54 115.23
N ASP CA 85 5.33 -82.36 115.66
CA ASP CA 85 4.87 -81.82 116.94
C ASP CA 85 3.36 -81.62 116.96
N ALA CA 86 2.76 -81.27 115.83
CA ALA CA 86 1.30 -81.21 115.75
C ALA CA 86 0.67 -82.59 115.78
N GLN CA 87 1.22 -83.55 115.02
CA GLN CA 87 0.66 -84.89 115.03
C GLN CA 87 0.67 -85.50 116.42
N GLN CA 88 1.80 -85.38 117.13
CA GLN CA 88 1.90 -85.91 118.49
C GLN CA 88 1.01 -85.13 119.46
N LEU CA 89 0.79 -83.84 119.22
CA LEU CA 89 -0.14 -83.08 120.03
C LEU CA 89 -1.58 -83.55 119.83
N ILE CA 90 -1.96 -83.93 118.61
CA ILE CA 90 -3.29 -84.49 118.40
C ILE CA 90 -3.38 -85.90 118.95
N ALA CA 91 -2.27 -86.65 118.95
CA ALA CA 91 -2.22 -87.93 119.65
C ALA CA 91 -2.47 -87.76 121.15
N GLN CA 92 -1.85 -86.73 121.75
CA GLN CA 92 -2.14 -86.41 123.15
C GLN CA 92 -3.59 -86.00 123.33
N ARG CA 93 -4.14 -85.23 122.39
CA ARG CA 93 -5.57 -84.93 122.41
C ARG CA 93 -6.43 -86.18 122.34
N TRP CA 94 -5.96 -87.21 121.65
CA TRP CA 94 -6.63 -88.51 121.67
C TRP CA 94 -6.47 -89.25 122.99
N TYR CA 95 -5.34 -89.06 123.69
CA TYR CA 95 -5.24 -89.59 125.05
C TYR CA 95 -6.14 -88.86 126.03
N GLU CA 96 -6.26 -87.53 125.90
CA GLU CA 96 -7.18 -86.78 126.75
C GLU CA 96 -8.61 -87.25 126.57
N LYS CA 97 -9.05 -87.41 125.32
CA LYS CA 97 -10.38 -87.96 125.05
C LYS CA 97 -10.53 -89.38 125.56
N ALA CA 98 -9.46 -90.17 125.56
CA ALA CA 98 -9.50 -91.47 126.23
C ALA CA 98 -9.61 -91.31 127.74
N GLN CA 99 -8.89 -90.35 128.32
CA GLN CA 99 -8.86 -90.21 129.77
C GLN CA 99 -10.25 -89.88 130.31
N ALA CA 100 -11.07 -89.16 129.54
CA ALA CA 100 -12.45 -88.91 129.90
C ALA CA 100 -13.30 -90.18 129.93
N ALA CA 101 -12.74 -91.30 129.47
CA ALA CA 101 -13.40 -92.60 129.56
C ALA CA 101 -12.50 -93.66 130.18
N LEU CA 102 -11.32 -93.29 130.67
CA LEU CA 102 -10.39 -94.25 131.25
C LEU CA 102 -10.56 -94.40 132.75
N ASP CA 103 -11.51 -93.70 133.34
CA ASP CA 103 -11.95 -93.95 134.71
C ASP CA 103 -13.31 -94.62 134.70
N ARG CA 104 -13.66 -95.22 135.84
CA ARG CA 104 -14.94 -95.88 136.08
C ARG CA 104 -15.11 -97.15 135.26
N GLY CA 105 -14.06 -97.61 134.58
CA GLY CA 105 -14.19 -98.77 133.70
C GLY CA 105 -14.96 -98.49 132.44
N ASN CA 106 -15.16 -97.22 132.08
CA ASN CA 106 -15.90 -96.83 130.88
C ASN CA 106 -15.00 -96.74 129.66
N GLU CA 107 -13.87 -97.45 129.65
CA GLU CA 107 -12.84 -97.36 128.63
C GLU CA 107 -13.32 -97.77 127.24
N GLN CA 108 -14.58 -98.18 127.11
CA GLN CA 108 -15.15 -98.55 125.82
C GLN CA 108 -14.76 -97.57 124.71
N LEU CA 109 -14.98 -96.27 124.93
CA LEU CA 109 -14.66 -95.29 123.90
C LEU CA 109 -13.16 -95.18 123.63
N ALA CA 110 -12.33 -95.62 124.57
CA ALA CA 110 -10.90 -95.65 124.32
C ALA CA 110 -10.54 -96.56 123.16
N ARG CA 111 -11.42 -97.53 122.84
CA ARG CA 111 -11.18 -98.38 121.68
C ARG CA 111 -11.03 -97.56 120.41
N GLU CA 112 -12.00 -96.69 120.13
CA GLU CA 112 -11.93 -95.81 118.97
C GLU CA 112 -10.86 -94.73 119.12
N ALA CA 113 -10.76 -94.13 120.31
CA ALA CA 113 -9.82 -93.02 120.50
C ALA CA 113 -8.37 -93.45 120.29
N LEU CA 114 -7.97 -94.57 120.89
CA LEU CA 114 -6.66 -95.13 120.63
C LEU CA 114 -6.55 -95.78 119.26
N GLY CA 115 -7.67 -96.26 118.70
CA GLY CA 115 -7.65 -96.70 117.32
C GLY CA 115 -7.26 -95.62 116.33
N GLN CA 116 -7.75 -94.40 116.54
CA GLN CA 116 -7.24 -93.25 115.80
C GLN CA 116 -5.79 -92.94 116.15
N ARG CA 117 -5.47 -92.90 117.45
CA ARG CA 117 -4.10 -92.55 117.82
C ARG CA 117 -3.07 -93.49 117.22
N GLN CA 118 -3.43 -94.76 116.97
CA GLN CA 118 -2.50 -95.67 116.31
C GLN CA 118 -2.08 -95.15 114.94
N SER CA 119 -3.03 -94.68 114.14
CA SER CA 119 -2.68 -94.04 112.87
C SER CA 119 -1.91 -92.74 113.05
N TYR CA 120 -2.20 -91.98 114.11
CA TYR CA 120 -1.45 -90.75 114.35
C TYR CA 120 -0.02 -91.03 114.80
N GLN CA 121 0.19 -92.08 115.59
CA GLN CA 121 1.54 -92.49 115.96
C GLN CA 121 2.33 -93.00 114.75
N SER CA 122 1.68 -93.67 113.81
CA SER CA 122 2.41 -94.15 112.64
C SER CA 122 2.95 -92.99 111.81
N HIS CA 123 2.14 -91.95 111.58
CA HIS CA 123 2.63 -90.77 110.89
C HIS CA 123 3.65 -90.00 111.73
N THR CA 124 3.47 -89.99 113.06
CA THR CA 124 4.45 -89.31 113.92
C THR CA 124 5.82 -89.97 113.84
N GLU CA 125 5.87 -91.31 113.79
CA GLU CA 125 7.14 -92.00 113.75
C GLU CA 125 7.71 -92.09 112.34
N ALA CA 126 6.84 -92.06 111.33
CA ALA CA 126 7.31 -91.83 109.96
C ALA CA 126 8.01 -90.48 109.84
N LEU CA 127 7.40 -89.44 110.40
CA LEU CA 127 8.05 -88.14 110.45
C LEU CA 127 9.34 -88.19 111.27
N GLY CA 128 9.28 -88.81 112.44
CA GLY CA 128 10.46 -88.86 113.29
C GLY CA 128 11.65 -89.58 112.68
N LYS CA 129 11.40 -90.60 111.85
CA LYS CA 129 12.49 -91.31 111.20
C LYS CA 129 12.93 -90.69 109.87
N SER CA 130 12.02 -90.04 109.15
CA SER CA 130 12.43 -89.12 108.10
C SER CA 130 13.33 -88.03 108.68
N LEU CA 131 12.94 -87.48 109.83
CA LEU CA 131 13.69 -86.46 110.54
C LEU CA 131 14.98 -86.99 111.14
N GLY CA 132 15.18 -88.31 111.16
CA GLY CA 132 16.46 -88.89 111.49
C GLY CA 132 17.41 -88.82 110.31
N GLU CA 133 16.88 -89.06 109.11
CA GLU CA 133 17.70 -88.88 107.91
C GLU CA 133 17.98 -87.40 107.67
N GLN CA 134 16.95 -86.57 107.79
CA GLN CA 134 17.12 -85.12 107.65
C GLN CA 134 18.09 -84.56 108.68
N ARG CA 135 18.15 -85.16 109.86
CA ARG CA 135 19.22 -84.85 110.81
C ARG CA 135 20.59 -85.14 110.20
N ALA CA 136 20.82 -86.38 109.79
CA ALA CA 136 22.10 -86.74 109.20
C ALA CA 136 22.44 -85.88 107.98
N LEU CA 137 21.42 -85.45 107.23
CA LEU CA 137 21.66 -84.53 106.12
C LEU CA 137 22.17 -83.17 106.58
N VAL CA 138 21.52 -82.57 107.58
CA VAL CA 138 21.99 -81.27 108.06
C VAL CA 138 23.34 -81.38 108.76
N GLU CA 139 23.63 -82.51 109.41
CA GLU CA 139 24.96 -82.70 109.99
C GLU CA 139 26.02 -82.85 108.92
N GLN CA 140 25.80 -83.73 107.94
CA GLN CA 140 26.80 -83.97 106.91
C GLN CA 140 27.00 -82.75 106.02
N VAL CA 141 25.92 -82.01 105.72
CA VAL CA 141 26.06 -80.80 104.93
C VAL CA 141 26.78 -79.71 105.71
N ARG CA 142 26.60 -79.65 107.03
CA ARG CA 142 27.36 -78.72 107.85
C ARG CA 142 28.85 -79.09 107.88
N GLY CA 143 29.17 -80.38 107.97
CA GLY CA 143 30.57 -80.77 107.93
C GLY CA 143 31.19 -80.58 106.56
N GLN CA 144 30.43 -80.85 105.51
CA GLN CA 144 30.89 -80.58 104.14
C GLN CA 144 31.21 -79.09 103.96
N LEU CA 145 30.29 -78.23 104.36
CA LEU CA 145 30.52 -76.78 104.28
C LEU CA 145 31.72 -76.36 105.11
N GLN CA 146 31.77 -76.76 106.39
CA GLN CA 146 32.83 -76.24 107.26
C GLN CA 146 34.22 -76.68 106.80
N LYS CA 147 34.35 -77.89 106.26
CA LYS CA 147 35.59 -78.29 105.59
C LYS CA 147 35.87 -77.44 104.36
N LEU CA 148 34.86 -77.26 103.50
CA LEU CA 148 35.06 -76.59 102.23
C LEU CA 148 35.39 -75.11 102.41
N GLU CA 149 34.60 -74.40 103.22
CA GLU CA 149 34.78 -72.97 103.41
C GLU CA 149 36.05 -72.67 104.21
N ARG CA 150 36.43 -73.55 105.14
CA ARG CA 150 37.73 -73.40 105.79
C ARG CA 150 38.86 -73.61 104.81
N LYS CA 151 38.67 -74.51 103.84
CA LYS CA 151 39.66 -74.68 102.77
C LYS CA 151 39.72 -73.44 101.88
N TYR CA 152 38.58 -72.81 101.62
CA TYR CA 152 38.55 -71.54 100.91
C TYR CA 152 39.27 -70.44 101.68
N LEU CA 153 39.08 -70.37 103.00
CA LEU CA 153 39.81 -69.40 103.82
C LEU CA 153 41.32 -69.60 103.74
N GLU CA 154 41.79 -70.83 103.95
CA GLU CA 154 43.21 -71.13 103.84
C GLU CA 154 43.73 -70.95 102.41
N LEU CA 155 42.88 -71.20 101.42
CA LEU CA 155 43.24 -70.94 100.03
C LEU CA 155 43.33 -69.45 99.73
N LYS CA 156 42.50 -68.63 100.36
CA LYS CA 156 42.69 -67.18 100.31
C LYS CA 156 44.02 -66.78 100.91
N SER CA 157 44.37 -67.35 102.06
CA SER CA 157 45.66 -67.08 102.66
C SER CA 157 46.80 -67.44 101.71
N GLN CA 158 46.74 -68.64 101.13
CA GLN CA 158 47.74 -69.06 100.14
C GLN CA 158 47.79 -68.13 98.93
N LYS CA 159 46.64 -67.71 98.40
CA LYS CA 159 46.63 -66.82 97.23
C LYS CA 159 47.33 -65.50 97.55
N ASN CA 160 47.00 -64.88 98.69
CA ASN CA 160 47.66 -63.65 99.09
C ASN CA 160 49.18 -63.86 99.15
N LEU CA 161 49.60 -64.95 99.76
CA LEU CA 161 51.01 -65.31 99.83
C LEU CA 161 51.58 -65.69 98.47
N TYR CA 162 50.74 -66.14 97.55
CA TYR CA 162 51.21 -66.49 96.21
C TYR CA 162 51.44 -65.26 95.34
N LEU CA 163 50.57 -64.25 95.46
CA LEU CA 163 50.80 -62.98 94.77
C LEU CA 163 52.06 -62.29 95.30
N ALA CA 164 52.29 -62.36 96.61
CA ALA CA 164 53.54 -61.86 97.18
C ALA CA 164 54.74 -62.62 96.65
N ARG CA 165 54.69 -63.95 96.69
CA ARG CA 165 55.76 -64.77 96.12
C ARG CA 165 56.01 -64.42 94.66
N LEU CA 166 54.95 -64.33 93.86
CA LEU CA 166 55.10 -64.06 92.43
C LEU CA 166 55.76 -62.70 92.18
N LYS CA 167 55.25 -61.64 92.81
CA LYS CA 167 55.87 -60.33 92.67
C LYS CA 167 57.32 -60.33 93.15
N SER CA 168 57.61 -61.07 94.21
CA SER CA 168 58.98 -61.13 94.73
C SER CA 168 59.91 -61.86 93.76
N ALA CA 169 59.44 -62.97 93.19
CA ALA CA 169 60.21 -63.67 92.16
C ALA CA 169 60.43 -62.78 90.93
N ILE CA 170 59.40 -62.07 90.50
CA ILE CA 170 59.51 -61.16 89.36
C ILE CA 170 60.60 -60.12 89.64
N ALA CA 171 60.58 -59.53 90.83
CA ALA CA 171 61.61 -58.57 91.22
C ALA CA 171 63.00 -59.21 91.20
N ALA CA 172 63.11 -60.43 91.73
CA ALA CA 172 64.38 -61.16 91.73
C ALA CA 172 64.88 -61.38 90.31
N GLN CA 173 63.99 -61.82 89.43
CA GLN CA 173 64.34 -61.98 88.02
C GLN CA 173 64.87 -60.68 87.43
N LYS CA 174 64.26 -59.55 87.79
CA LYS CA 174 64.72 -58.27 87.30
C LYS CA 174 66.10 -57.88 87.84
N ILE CA 175 66.40 -58.20 89.10
CA ILE CA 175 67.75 -57.96 89.61
C ILE CA 175 68.79 -58.84 88.93
N GLU CA 176 68.52 -60.13 88.79
CA GLU CA 176 69.49 -61.00 88.10
C GLU CA 176 69.74 -60.56 86.67
N GLU CA 177 68.68 -60.34 85.89
CA GLU CA 177 68.84 -60.00 84.48
C GLU CA 177 69.48 -58.62 84.28
N ILE CA 178 69.08 -57.63 85.08
CA ILE CA 178 69.69 -56.30 85.00
C ILE CA 178 71.11 -56.31 85.54
N ALA CA 179 71.36 -57.11 86.58
CA ALA CA 179 72.72 -57.29 87.09
C ALA CA 179 73.62 -58.00 86.08
N GLY CA 180 73.10 -59.04 85.41
CA GLY CA 180 73.89 -59.70 84.38
C GLY CA 180 74.22 -58.79 83.20
N ASN CA 181 73.27 -57.96 82.78
CA ASN CA 181 73.59 -56.96 81.77
C ASN CA 181 74.50 -55.87 82.29
N LEU CA 182 74.36 -55.52 83.57
CA LEU CA 182 75.22 -54.47 84.14
C LEU CA 182 76.66 -54.93 84.24
N ASP CA 183 76.88 -56.11 84.82
CA ASP CA 183 78.25 -56.61 84.98
C ASP CA 183 78.84 -57.01 83.63
N ASN CA 184 78.13 -57.85 82.88
CA ASN CA 184 78.71 -58.42 81.68
C ASN CA 184 78.82 -57.38 80.55
N ALA CA 185 77.73 -56.69 80.23
CA ALA CA 185 77.78 -55.72 79.14
C ALA CA 185 78.50 -54.44 79.55
N SER CA 186 78.10 -53.84 80.68
CA SER CA 186 78.62 -52.53 81.05
C SER CA 186 80.07 -52.62 81.50
N ALA CA 187 80.37 -53.57 82.39
CA ALA CA 187 81.70 -53.61 83.00
C ALA CA 187 82.77 -53.99 81.99
N SER CA 188 82.49 -54.94 81.10
CA SER CA 188 83.45 -55.25 80.04
C SER CA 188 83.66 -54.03 79.14
N SER CA 189 82.60 -53.27 78.90
CA SER CA 189 82.72 -52.03 78.13
C SER CA 189 83.59 -51.02 78.88
N LEU CA 190 83.50 -51.00 80.21
CA LEU CA 190 84.32 -50.06 80.98
C LEU CA 190 85.79 -50.49 80.99
N PHE CA 191 86.06 -51.75 81.31
CA PHE CA 191 87.44 -52.18 81.49
C PHE CA 191 88.19 -52.25 80.16
N GLU CA 192 87.62 -52.94 79.18
CA GLU CA 192 88.31 -53.12 77.92
C GLU CA 192 88.40 -51.85 77.07
N ARG CA 193 87.37 -50.97 77.10
CA ARG CA 193 87.51 -49.68 76.43
C ARG CA 193 88.40 -48.69 77.17
N ILE CA 194 88.42 -48.70 78.49
CA ILE CA 194 89.36 -47.84 79.21
C ILE CA 194 90.79 -48.32 79.05
N GLU CA 195 91.00 -49.64 79.11
CA GLU CA 195 92.32 -50.20 78.93
C GLU CA 195 92.88 -49.90 77.53
N THR CA 196 92.10 -50.17 76.49
CA THR CA 196 92.56 -49.89 75.13
C THR CA 196 92.84 -48.41 74.92
N LYS CA 197 92.03 -47.53 75.51
CA LYS CA 197 92.34 -46.10 75.44
C LYS CA 197 93.59 -45.74 76.22
N ILE CA 198 93.85 -46.44 77.32
CA ILE CA 198 95.08 -46.24 78.07
C ILE CA 198 96.27 -46.68 77.23
N LEU CA 199 96.15 -47.83 76.57
CA LEU CA 199 97.19 -48.32 75.68
C LEU CA 199 97.48 -47.32 74.55
N GLU CA 200 96.43 -46.66 74.06
CA GLU CA 200 96.62 -45.63 73.04
C GLU CA 200 97.43 -44.47 73.62
N LEU CA 201 97.15 -44.10 74.87
CA LEU CA 201 97.95 -43.08 75.54
C LEU CA 201 99.37 -43.57 75.78
N GLU CA 202 99.55 -44.86 76.03
CA GLU CA 202 100.86 -45.45 76.27
C GLU CA 202 101.69 -45.55 75.00
N ALA CA 203 101.05 -45.75 73.85
CA ALA CA 203 101.77 -45.70 72.57
C ALA CA 203 102.37 -44.32 72.31
N GLU CA 204 101.69 -43.26 72.74
CA GLU CA 204 102.31 -41.94 72.75
C GLU CA 204 103.32 -41.76 73.88
N ARG CA 205 103.14 -42.45 75.01
CA ARG CA 205 104.16 -42.40 76.06
C ARG CA 205 105.49 -42.95 75.55
N GLU CA 206 105.47 -44.12 74.92
CA GLU CA 206 106.69 -44.73 74.40
C GLU CA 206 107.24 -44.01 73.17
N LEU CA 207 106.49 -43.07 72.58
CA LEU CA 207 107.05 -42.16 71.60
C LEU CA 207 107.74 -40.97 72.25
N LEU CA 208 107.21 -40.49 73.38
CA LEU CA 208 107.78 -39.35 74.08
C LEU CA 208 108.85 -39.75 75.11
N ASN CA 209 108.95 -41.04 75.44
CA ASN CA 209 109.68 -41.46 76.63
C ASN CA 209 110.34 -42.81 76.37
N PRO CA 210 111.66 -42.92 76.48
CA PRO CA 210 112.30 -44.22 76.34
C PRO CA 210 111.82 -45.17 77.42
N PRO CA 211 111.72 -46.47 77.11
CA PRO CA 211 111.38 -47.45 78.14
C PRO CA 211 112.29 -47.33 79.35
N PRO CA 212 111.74 -47.06 80.54
CA PRO CA 212 112.60 -46.95 81.73
C PRO CA 212 113.13 -48.30 82.20
N SER CA 213 114.17 -48.80 81.54
CA SER CA 213 114.77 -50.08 81.87
C SER CA 213 115.37 -50.03 83.27
N PRO CA 214 115.73 -51.17 83.86
CA PRO CA 214 116.43 -51.13 85.15
C PRO CA 214 117.77 -50.40 85.08
N LEU CA 215 118.37 -50.28 83.90
CA LEU CA 215 119.70 -49.71 83.80
C LEU CA 215 119.68 -48.20 84.10
N ASP CA 216 118.93 -47.44 83.30
CA ASP CA 216 118.83 -46.00 83.54
C ASP CA 216 118.24 -45.70 84.91
N LYS CA 217 117.35 -46.56 85.40
CA LYS CA 217 116.81 -46.37 86.75
C LYS CA 217 117.90 -46.43 87.80
N LYS CA 218 118.81 -47.41 87.70
CA LYS CA 218 119.91 -47.50 88.66
C LYS CA 218 120.85 -46.32 88.54
N PHE CA 219 121.10 -45.84 87.32
CA PHE CA 219 121.94 -44.68 87.12
C PHE CA 219 121.34 -43.43 87.77
N GLU CA 220 120.02 -43.24 87.63
CA GLU CA 220 119.36 -42.10 88.27
C GLU CA 220 119.45 -42.21 89.79
N GLN CA 221 119.29 -43.42 90.33
CA GLN CA 221 119.42 -43.62 91.76
C GLN CA 221 120.83 -43.27 92.23
N TRP CA 222 121.85 -43.70 91.48
CA TRP CA 222 123.22 -43.34 91.82
C TRP CA 222 123.45 -41.84 91.70
N GLU CA 223 122.75 -41.17 90.79
CA GLU CA 223 122.88 -39.71 90.70
C GLU CA 223 122.39 -39.04 91.98
N GLU CA 224 121.25 -39.50 92.51
CA GLU CA 224 120.80 -38.99 93.79
C GLU CA 224 121.80 -39.32 94.90
N GLN CA 225 122.35 -40.53 94.86
CA GLN CA 225 123.37 -40.93 95.84
C GLN CA 225 124.59 -40.00 95.77
N GLN CA 226 124.98 -39.62 94.56
CA GLN CA 226 126.15 -38.76 94.40
C GLN CA 226 125.86 -37.32 94.80
N ALA CA 227 124.62 -36.87 94.65
CA ALA CA 227 124.23 -35.55 95.16
C ALA CA 227 124.38 -35.50 96.67
N VAL CA 228 123.86 -36.51 97.37
CA VAL CA 228 123.99 -36.55 98.82
C VAL CA 228 125.44 -36.77 99.22
N GLU CA 229 126.21 -37.51 98.43
CA GLU CA 229 127.62 -37.65 98.77
C GLU CA 229 128.36 -36.33 98.63
N ALA CA 230 127.93 -35.46 97.71
CA ALA CA 230 128.51 -34.12 97.63
C ALA CA 230 128.11 -33.24 98.81
N THR CA 231 126.86 -33.34 99.27
CA THR CA 231 126.45 -32.64 100.48
C THR CA 231 127.26 -33.11 101.69
N LEU CA 232 127.50 -34.43 101.78
CA LEU CA 232 128.32 -34.95 102.87
C LEU CA 232 129.74 -34.40 102.77
N ALA CA 233 130.26 -34.24 101.55
CA ALA CA 233 131.60 -33.68 101.40
C ALA CA 233 131.65 -32.26 101.91
N ALA CA 234 130.64 -31.45 101.58
CA ALA CA 234 130.55 -30.10 102.13
C ALA CA 234 130.43 -30.13 103.65
N MET CA 235 129.64 -31.05 104.19
CA MET CA 235 129.49 -31.15 105.64
C MET CA 235 130.85 -31.37 106.31
N LYS CA 236 131.61 -32.36 105.84
CA LYS CA 236 132.86 -32.70 106.52
C LYS CA 236 133.99 -31.74 106.17
N ALA CA 237 133.86 -30.97 105.08
CA ALA CA 237 134.83 -29.93 104.80
C ALA CA 237 134.63 -28.72 105.72
N ARG CA 238 133.38 -28.36 105.98
CA ARG CA 238 133.10 -27.36 107.00
C ARG CA 238 133.52 -27.85 108.37
N ARG CA 239 133.33 -29.14 108.64
CA ARG CA 239 133.73 -29.73 109.92
C ARG CA 239 135.25 -29.85 110.07
N SER CA 240 136.00 -29.83 108.97
CA SER CA 240 137.45 -29.95 109.06
C SER CA 240 138.04 -28.89 109.98
N MET DA 24 -73.18 -49.02 35.16
CA MET DA 24 -73.45 -48.03 34.12
C MET DA 24 -73.41 -46.62 34.70
N GLU DA 25 -72.83 -45.68 33.95
CA GLU DA 25 -72.81 -44.29 34.42
C GLU DA 25 -74.22 -43.72 34.50
N LEU DA 26 -75.09 -44.09 33.56
CA LEU DA 26 -76.49 -43.70 33.64
C LEU DA 26 -77.11 -44.18 34.94
N PHE DA 27 -76.88 -45.46 35.27
CA PHE DA 27 -77.41 -46.01 36.51
C PHE DA 27 -76.95 -45.23 37.72
N ASN DA 28 -75.64 -44.94 37.80
CA ASN DA 28 -75.10 -44.13 38.89
C ASN DA 28 -75.76 -42.75 38.98
N ARG DA 29 -75.90 -42.07 37.83
CA ARG DA 29 -76.63 -40.81 37.80
C ARG DA 29 -78.05 -40.94 38.37
N VAL DA 30 -78.78 -41.97 37.94
CA VAL DA 30 -80.13 -42.23 38.44
C VAL DA 30 -80.12 -42.72 39.89
N GLY DA 31 -78.96 -43.15 40.38
CA GLY DA 31 -78.88 -43.77 41.69
C GLY DA 31 -79.47 -42.96 42.84
N ARG DA 32 -79.20 -41.67 42.92
CA ARG DA 32 -79.76 -40.90 44.03
C ARG DA 32 -81.29 -41.02 44.09
N VAL DA 33 -81.96 -40.78 42.96
CA VAL DA 33 -83.42 -40.82 42.90
C VAL DA 33 -83.97 -42.23 43.00
N LEU DA 34 -83.36 -43.19 42.31
CA LEU DA 34 -83.88 -44.56 42.34
C LEU DA 34 -83.58 -45.22 43.69
N LYS DA 35 -82.34 -45.16 44.13
CA LYS DA 35 -81.95 -45.83 45.37
C LYS DA 35 -82.60 -45.19 46.60
N SER DA 36 -82.94 -43.90 46.60
CA SER DA 36 -83.73 -43.38 47.72
C SER DA 36 -85.09 -44.07 47.80
N GLN DA 37 -85.77 -44.18 46.66
CA GLN DA 37 -87.02 -44.92 46.61
C GLN DA 37 -86.83 -46.38 47.00
N LEU DA 38 -85.81 -47.06 46.48
CA LEU DA 38 -85.61 -48.47 46.86
C LEU DA 38 -85.25 -48.64 48.33
N THR DA 39 -84.53 -47.68 48.92
CA THR DA 39 -84.24 -47.72 50.36
C THR DA 39 -85.50 -47.64 51.18
N HIS DA 40 -86.45 -46.80 50.77
CA HIS DA 40 -87.77 -46.88 51.40
C HIS DA 40 -88.53 -48.14 50.99
N TRP DA 41 -88.32 -48.63 49.77
CA TRP DA 41 -89.06 -49.79 49.29
C TRP DA 41 -88.81 -51.00 50.16
N GLN DA 42 -87.54 -51.26 50.48
CA GLN DA 42 -87.23 -52.32 51.44
C GLN DA 42 -87.78 -52.01 52.82
N GLN DA 43 -87.82 -50.73 53.18
CA GLN DA 43 -88.46 -50.30 54.43
C GLN DA 43 -89.97 -50.44 54.44
N GLN DA 44 -90.63 -50.53 53.28
CA GLN DA 44 -92.08 -50.32 53.25
C GLN DA 44 -92.84 -51.17 54.27
N GLN DA 45 -92.33 -52.37 54.58
CA GLN DA 45 -93.02 -53.19 55.59
C GLN DA 45 -93.07 -52.46 56.93
N GLU DA 46 -91.99 -51.77 57.29
CA GLU DA 46 -92.01 -50.89 58.46
C GLU DA 46 -92.74 -49.58 58.17
N ALA DA 47 -92.56 -49.02 56.97
CA ALA DA 47 -92.98 -47.65 56.66
C ALA DA 47 -93.76 -47.60 55.36
N PRO DA 48 -95.04 -48.00 55.38
CA PRO DA 48 -95.93 -47.70 54.26
C PRO DA 48 -96.54 -46.30 54.32
N GLU DA 49 -96.36 -45.60 55.44
CA GLU DA 49 -97.22 -44.48 55.79
C GLU DA 49 -97.25 -43.40 54.73
N ASP DA 50 -96.08 -43.03 54.19
CA ASP DA 50 -96.03 -41.97 53.19
C ASP DA 50 -96.74 -42.32 51.90
N LEU DA 51 -96.54 -43.55 51.38
CA LEU DA 51 -97.22 -43.93 50.14
C LEU DA 51 -98.73 -44.05 50.34
N LEU DA 52 -99.15 -44.61 51.47
CA LEU DA 52 -100.58 -44.72 51.77
C LEU DA 52 -101.26 -43.37 51.85
N GLU DA 53 -100.68 -42.45 52.63
CA GLU DA 53 -101.25 -41.11 52.79
C GLU DA 53 -101.15 -40.27 51.53
N ARG DA 54 -100.11 -40.46 50.72
CA ARG DA 54 -100.06 -39.78 49.43
C ARG DA 54 -101.25 -40.16 48.55
N LEU DA 55 -101.52 -41.46 48.40
CA LEU DA 55 -102.65 -41.90 47.59
C LEU DA 55 -103.97 -41.37 48.11
N LEU DA 56 -104.21 -41.49 49.41
CA LEU DA 56 -105.45 -40.98 50.00
C LEU DA 56 -105.55 -39.45 49.96
N GLY DA 57 -104.41 -38.76 49.98
CA GLY DA 57 -104.42 -37.33 49.68
C GLY DA 57 -104.92 -37.03 48.28
N GLU DA 58 -104.45 -37.79 47.30
CA GLU DA 58 -104.95 -37.67 45.93
C GLU DA 58 -106.44 -37.99 45.86
N MET DA 59 -106.89 -38.95 46.66
CA MET DA 59 -108.31 -39.27 46.74
C MET DA 59 -109.14 -38.15 47.35
N GLU DA 60 -108.58 -37.43 48.32
CA GLU DA 60 -109.23 -36.22 48.83
C GLU DA 60 -109.26 -35.10 47.78
N LEU DA 61 -108.18 -34.94 47.02
CA LEU DA 61 -108.18 -33.96 45.93
C LEU DA 61 -109.22 -34.28 44.86
N GLU DA 62 -109.39 -35.57 44.55
CA GLU DA 62 -110.48 -35.96 43.65
C GLU DA 62 -111.84 -35.66 44.28
N LEU DA 63 -112.04 -36.09 45.53
CA LEU DA 63 -113.35 -36.00 46.19
C LEU DA 63 -113.85 -34.56 46.32
N ILE DA 64 -112.95 -33.59 46.49
CA ILE DA 64 -113.38 -32.19 46.45
C ILE DA 64 -113.80 -31.79 45.04
N GLU DA 65 -113.21 -32.40 44.00
CA GLU DA 65 -113.78 -32.24 42.66
C GLU DA 65 -115.15 -32.90 42.56
N LEU DA 66 -115.29 -34.14 43.03
CA LEU DA 66 -116.56 -34.87 42.89
C LEU DA 66 -117.73 -34.12 43.51
N ARG DA 67 -117.51 -33.48 44.66
CA ARG DA 67 -118.54 -32.64 45.27
C ARG DA 67 -118.86 -31.40 44.44
N ARG DA 68 -117.85 -30.73 43.88
CA ARG DA 68 -118.14 -29.60 43.00
C ARG DA 68 -118.82 -30.03 41.71
N ALA DA 69 -118.51 -31.21 41.19
CA ALA DA 69 -119.19 -31.74 40.01
C ALA DA 69 -120.65 -32.07 40.29
N LEU DA 70 -120.94 -32.60 41.47
CA LEU DA 70 -122.32 -32.72 41.93
C LEU DA 70 -123.02 -31.36 42.00
N ALA DA 71 -122.35 -30.35 42.55
CA ALA DA 71 -122.96 -29.03 42.61
C ALA DA 71 -123.19 -28.44 41.22
N GLN DA 72 -122.29 -28.72 40.27
CA GLN DA 72 -122.52 -28.30 38.89
C GLN DA 72 -123.68 -29.03 38.23
N THR DA 73 -123.90 -30.30 38.57
CA THR DA 73 -125.08 -31.00 38.06
C THR DA 73 -126.37 -30.45 38.64
N ILE DA 74 -126.42 -30.20 39.95
CA ILE DA 74 -127.61 -29.60 40.54
C ILE DA 74 -127.89 -28.23 39.95
N ALA DA 75 -126.85 -27.43 39.76
CA ALA DA 75 -127.02 -26.11 39.15
C ALA DA 75 -127.58 -26.20 37.73
N THR DA 76 -127.06 -27.12 36.92
CA THR DA 76 -127.59 -27.32 35.57
C THR DA 76 -128.99 -27.90 35.55
N PHE DA 77 -129.33 -28.76 36.52
CA PHE DA 77 -130.67 -29.32 36.58
C PHE DA 77 -131.73 -28.25 36.85
N LYS DA 78 -131.51 -27.45 37.89
CA LYS DA 78 -132.47 -26.39 38.23
C LYS DA 78 -132.44 -25.23 37.25
N SER DA 79 -131.31 -24.98 36.58
CA SER DA 79 -131.33 -23.99 35.50
C SER DA 79 -132.20 -24.44 34.33
N THR DA 80 -132.18 -25.73 34.00
CA THR DA 80 -133.14 -26.25 33.03
C THR DA 80 -134.57 -26.05 33.53
N GLU DA 81 -134.77 -26.23 34.84
CA GLU DA 81 -136.08 -26.00 35.44
C GLU DA 81 -136.45 -24.52 35.46
N ARG DA 82 -135.46 -23.64 35.62
CA ARG DA 82 -135.71 -22.20 35.49
C ARG DA 82 -136.15 -21.84 34.07
N GLN DA 83 -135.65 -22.57 33.08
CA GLN DA 83 -136.12 -22.38 31.71
C GLN DA 83 -137.55 -22.87 31.56
N ARG DA 84 -137.90 -23.95 32.26
CA ARG DA 84 -139.30 -24.37 32.34
C ARG DA 84 -140.15 -23.31 33.03
N ASP DA 85 -139.64 -22.73 34.12
CA ASP DA 85 -140.36 -21.67 34.81
C ASP DA 85 -140.66 -20.49 33.87
N ALA DA 86 -139.74 -20.19 32.96
CA ALA DA 86 -140.01 -19.17 31.95
C ALA DA 86 -141.04 -19.63 30.93
N GLN DA 87 -140.93 -20.88 30.44
CA GLN DA 87 -141.90 -21.37 29.47
C GLN DA 87 -143.31 -21.35 30.04
N GLN DA 88 -143.48 -21.82 31.27
CA GLN DA 88 -144.79 -21.82 31.91
C GLN DA 88 -145.27 -20.40 32.23
N LEU DA 89 -144.34 -19.48 32.50
CA LEU DA 89 -144.71 -18.08 32.67
C LEU DA 89 -145.23 -17.47 31.37
N ILE DA 90 -144.64 -17.82 30.23
CA ILE DA 90 -145.17 -17.35 28.96
C ILE DA 90 -146.48 -18.04 28.61
N ALA DA 91 -146.65 -19.29 29.03
CA ALA DA 91 -147.95 -19.95 28.92
C ALA DA 91 -149.02 -19.21 29.72
N GLN DA 92 -148.69 -18.77 30.93
CA GLN DA 92 -149.60 -17.93 31.70
C GLN DA 92 -149.86 -16.61 31.00
N ARG DA 93 -148.82 -16.02 30.41
CA ARG DA 93 -149.01 -14.82 29.58
C ARG DA 93 -149.94 -15.08 28.42
N TRP DA 94 -149.95 -16.30 27.88
CA TRP DA 94 -150.93 -16.68 26.86
C TRP DA 94 -152.33 -16.87 27.43
N TYR DA 95 -152.45 -17.29 28.69
CA TYR DA 95 -153.76 -17.30 29.33
C TYR DA 95 -154.27 -15.90 29.61
N GLU DA 96 -153.39 -14.99 30.04
CA GLU DA 96 -153.79 -13.59 30.24
C GLU DA 96 -154.32 -12.98 28.96
N LYS DA 97 -153.59 -13.16 27.85
CA LYS DA 97 -154.06 -12.69 26.55
C LYS DA 97 -155.36 -13.36 26.13
N ALA DA 98 -155.57 -14.62 26.52
CA ALA DA 98 -156.88 -15.24 26.32
C ALA DA 98 -157.94 -14.59 27.20
N GLN DA 99 -157.60 -14.29 28.46
CA GLN DA 99 -158.59 -13.75 29.38
C GLN DA 99 -159.14 -12.42 28.91
N ALA DA 100 -158.32 -11.62 28.21
CA ALA DA 100 -158.79 -10.39 27.59
C ALA DA 100 -159.80 -10.63 26.48
N ALA DA 101 -160.02 -11.89 26.10
CA ALA DA 101 -161.05 -12.26 25.14
C ALA DA 101 -161.94 -13.38 25.65
N LEU DA 102 -161.78 -13.81 26.90
CA LEU DA 102 -162.56 -14.90 27.46
C LEU DA 102 -163.82 -14.42 28.16
N ASP DA 103 -164.07 -13.12 28.17
CA ASP DA 103 -165.35 -12.56 28.57
C ASP DA 103 -166.11 -12.07 27.35
N ARG DA 104 -167.41 -11.87 27.53
CA ARG DA 104 -168.32 -11.35 26.51
C ARG DA 104 -168.53 -12.32 25.35
N GLY DA 105 -168.04 -13.56 25.47
CA GLY DA 105 -168.13 -14.49 24.36
C GLY DA 105 -167.22 -14.17 23.21
N ASN DA 106 -166.22 -13.31 23.42
CA ASN DA 106 -165.28 -12.92 22.38
C ASN DA 106 -164.07 -13.85 22.30
N GLU DA 107 -164.22 -15.09 22.76
CA GLU DA 107 -163.14 -16.06 22.89
C GLU DA 107 -162.48 -16.43 21.56
N GLN DA 108 -162.96 -15.86 20.45
CA GLN DA 108 -162.36 -16.12 19.14
C GLN DA 108 -160.83 -16.07 19.17
N LEU DA 109 -160.25 -15.01 19.73
CA LEU DA 109 -158.79 -14.90 19.77
C LEU DA 109 -158.15 -15.94 20.67
N ALA DA 110 -158.92 -16.53 21.60
CA ALA DA 110 -158.38 -17.61 22.42
C ALA DA 110 -157.98 -18.80 21.56
N ARG DA 111 -158.56 -18.93 20.36
CA ARG DA 111 -158.17 -20.01 19.48
C ARG DA 111 -156.67 -19.97 19.19
N GLU DA 112 -156.18 -18.81 18.73
CA GLU DA 112 -154.75 -18.65 18.49
C GLU DA 112 -153.93 -18.62 19.77
N ALA DA 113 -154.41 -17.93 20.81
CA ALA DA 113 -153.64 -17.79 22.04
C ALA DA 113 -153.38 -19.14 22.72
N LEU DA 114 -154.42 -19.96 22.85
CA LEU DA 114 -154.24 -21.32 23.34
C LEU DA 114 -153.59 -22.24 22.31
N GLY DA 115 -153.75 -21.96 21.02
CA GLY DA 115 -152.99 -22.69 20.03
C GLY DA 115 -151.48 -22.55 20.19
N GLN DA 116 -151.01 -21.34 20.51
CA GLN DA 116 -149.63 -21.18 20.92
C GLN DA 116 -149.33 -21.86 22.25
N ARG DA 117 -150.18 -21.66 23.25
CA ARG DA 117 -149.91 -22.26 24.55
C ARG DA 117 -149.77 -23.77 24.48
N GLN DA 118 -150.46 -24.43 23.54
CA GLN DA 118 -150.29 -25.87 23.39
C GLN DA 118 -148.85 -26.25 23.09
N SER DA 119 -148.19 -25.52 22.17
CA SER DA 119 -146.77 -25.74 21.94
C SER DA 119 -145.91 -25.36 23.14
N TYR DA 120 -146.31 -24.34 23.90
CA TYR DA 120 -145.54 -23.97 25.09
C TYR DA 120 -145.68 -25.00 26.20
N GLN DA 121 -146.87 -25.59 26.35
CA GLN DA 121 -147.05 -26.67 27.31
C GLN DA 121 -146.27 -27.93 26.92
N SER DA 122 -146.13 -28.21 25.63
CA SER DA 122 -145.38 -29.39 25.22
C SER DA 122 -143.91 -29.25 25.60
N HIS DA 123 -143.31 -28.08 25.36
CA HIS DA 123 -141.94 -27.85 25.81
C HIS DA 123 -141.84 -27.80 27.33
N THR DA 124 -142.86 -27.25 28.00
CA THR DA 124 -142.84 -27.22 29.47
C THR DA 124 -142.84 -28.62 30.06
N GLU DA 125 -143.62 -29.55 29.48
CA GLU DA 125 -143.69 -30.90 30.03
C GLU DA 125 -142.55 -31.78 29.53
N ALA DA 126 -141.99 -31.47 28.36
CA ALA DA 126 -140.71 -32.06 27.97
C ALA DA 126 -139.62 -31.70 28.96
N LEU DA 127 -139.54 -30.42 29.33
CA LEU DA 127 -138.62 -30.00 30.38
C LEU DA 127 -138.93 -30.67 31.71
N GLY DA 128 -140.21 -30.68 32.09
CA GLY DA 128 -140.58 -31.26 33.38
C GLY DA 128 -140.26 -32.74 33.51
N LYS DA 129 -140.33 -33.49 32.41
CA LYS DA 129 -140.01 -34.91 32.45
C LYS DA 129 -138.53 -35.21 32.24
N SER DA 130 -137.82 -34.38 31.47
CA SER DA 130 -136.36 -34.39 31.53
C SER DA 130 -135.89 -34.11 32.96
N LEU DA 131 -136.51 -33.13 33.62
CA LEU DA 131 -136.22 -32.76 35.00
C LEU DA 131 -136.68 -33.81 36.00
N GLY DA 132 -137.46 -34.80 35.56
CA GLY DA 132 -137.73 -35.96 36.37
C GLY DA 132 -136.57 -36.94 36.35
N GLU DA 133 -135.95 -37.10 35.18
CA GLU DA 133 -134.75 -37.92 35.11
C GLU DA 133 -133.58 -37.22 35.81
N GLN DA 134 -133.41 -35.92 35.53
CA GLN DA 134 -132.37 -35.13 36.20
C GLN DA 134 -132.55 -35.12 37.71
N ARG DA 135 -133.80 -35.19 38.19
CA ARG DA 135 -134.03 -35.43 39.61
C ARG DA 135 -133.41 -36.75 40.06
N ALA DA 136 -133.81 -37.85 39.43
CA ALA DA 136 -133.27 -39.15 39.79
C ALA DA 136 -131.75 -39.19 39.67
N LEU DA 137 -131.17 -38.44 38.73
CA LEU DA 137 -129.72 -38.34 38.63
C LEU DA 137 -129.10 -37.66 39.85
N VAL DA 138 -129.64 -36.51 40.26
CA VAL DA 138 -129.08 -35.83 41.43
C VAL DA 138 -129.33 -36.62 42.71
N GLU DA 139 -130.43 -37.36 42.80
CA GLU DA 139 -130.65 -38.22 43.96
C GLU DA 139 -129.67 -39.38 43.99
N GLN DA 140 -129.55 -40.11 42.88
CA GLN DA 140 -128.67 -41.28 42.85
C GLN DA 140 -127.20 -40.88 42.99
N VAL DA 141 -126.80 -39.75 42.41
CA VAL DA 141 -125.42 -39.29 42.55
C VAL DA 141 -125.15 -38.83 43.98
N ARG DA 142 -126.15 -38.26 44.66
CA ARG DA 142 -125.99 -37.93 46.07
C ARG DA 142 -125.87 -39.18 46.93
N GLY DA 143 -126.64 -40.23 46.65
CA GLY DA 143 -126.50 -41.46 47.40
C GLY DA 143 -125.21 -42.18 47.10
N GLN DA 144 -124.77 -42.16 45.84
CA GLN DA 144 -123.48 -42.72 45.47
C GLN DA 144 -122.35 -42.01 46.22
N LEU DA 145 -122.35 -40.69 46.21
CA LEU DA 145 -121.35 -39.93 46.95
C LEU DA 145 -121.40 -40.23 48.44
N GLN DA 146 -122.58 -40.13 49.06
CA GLN DA 146 -122.65 -40.25 50.51
C GLN DA 146 -122.22 -41.63 51.00
N LYS DA 147 -122.53 -42.68 50.24
CA LYS DA 147 -121.97 -44.01 50.51
C LYS DA 147 -120.44 -44.02 50.35
N LEU DA 148 -119.96 -43.47 49.24
CA LEU DA 148 -118.53 -43.56 48.91
C LEU DA 148 -117.68 -42.76 49.88
N GLU DA 149 -118.05 -41.50 50.14
CA GLU DA 149 -117.27 -40.64 51.00
C GLU DA 149 -117.35 -41.07 52.46
N ARG DA 150 -118.49 -41.61 52.88
CA ARG DA 150 -118.56 -42.21 54.22
C ARG DA 150 -117.66 -43.43 54.32
N LYS DA 151 -117.55 -44.19 53.23
CA LYS DA 151 -116.61 -45.31 53.19
C LYS DA 151 -115.17 -44.82 53.25
N TYR DA 152 -114.88 -43.69 52.58
CA TYR DA 152 -113.56 -43.06 52.71
C TYR DA 152 -113.27 -42.60 54.14
N LEU DA 153 -114.27 -42.02 54.81
CA LEU DA 153 -114.10 -41.63 56.21
C LEU DA 153 -113.78 -42.82 57.11
N GLU DA 154 -114.58 -43.89 57.00
CA GLU DA 154 -114.32 -45.10 57.78
C GLU DA 154 -113.02 -45.78 57.37
N LEU DA 155 -112.64 -45.67 56.10
CA LEU DA 155 -111.35 -46.18 55.64
C LEU DA 155 -110.19 -45.34 56.17
N LYS DA 156 -110.36 -44.04 56.33
CA LYS DA 156 -109.38 -43.23 57.07
C LYS DA 156 -109.25 -43.71 58.51
N SER DA 157 -110.38 -43.97 59.16
CA SER DA 157 -110.34 -44.50 60.52
C SER DA 157 -109.55 -45.81 60.57
N GLN DA 158 -109.87 -46.73 59.66
CA GLN DA 158 -109.14 -48.00 59.58
C GLN DA 158 -107.64 -47.80 59.30
N LYS DA 159 -107.29 -46.89 58.39
CA LYS DA 159 -105.87 -46.67 58.09
C LYS DA 159 -105.13 -46.18 59.32
N ASN DA 160 -105.68 -45.20 60.03
CA ASN DA 160 -105.05 -44.72 61.26
C ASN DA 160 -104.84 -45.88 62.23
N LEU DA 161 -105.87 -46.71 62.41
CA LEU DA 161 -105.78 -47.90 63.25
C LEU DA 161 -104.85 -48.96 62.68
N TYR DA 162 -104.65 -48.96 61.36
CA TYR DA 162 -103.74 -49.92 60.74
C TYR DA 162 -102.28 -49.53 60.90
N LEU DA 163 -101.97 -48.24 60.84
CA LEU DA 163 -100.62 -47.78 61.14
C LEU DA 163 -100.27 -48.03 62.60
N ALA DA 164 -101.24 -47.83 63.51
CA ALA DA 164 -101.03 -48.18 64.91
C ALA DA 164 -100.80 -49.68 65.08
N ARG DA 165 -101.67 -50.50 64.49
CA ARG DA 165 -101.47 -51.96 64.52
C ARG DA 165 -100.10 -52.35 63.99
N LEU DA 166 -99.71 -51.80 62.83
CA LEU DA 166 -98.44 -52.16 62.21
C LEU DA 166 -97.25 -51.81 63.10
N LYS DA 167 -97.20 -50.57 63.59
CA LYS DA 167 -96.13 -50.17 64.50
C LYS DA 167 -96.12 -51.02 65.76
N SER DA 168 -97.30 -51.39 66.27
CA SER DA 168 -97.37 -52.21 67.48
C SER DA 168 -96.87 -53.63 67.22
N ALA DA 169 -97.25 -54.21 66.08
CA ALA DA 169 -96.71 -55.51 65.68
C ALA DA 169 -95.19 -55.46 65.51
N ILE DA 170 -94.69 -54.41 64.84
CA ILE DA 170 -93.26 -54.25 64.66
C ILE DA 170 -92.54 -54.24 66.02
N ALA DA 171 -93.07 -53.46 66.97
CA ALA DA 171 -92.52 -53.42 68.31
C ALA DA 171 -92.55 -54.81 68.96
N ALA DA 172 -93.66 -55.52 68.82
CA ALA DA 172 -93.79 -56.87 69.37
C ALA DA 172 -92.75 -57.80 68.76
N GLN DA 173 -92.58 -57.75 67.45
CA GLN DA 173 -91.54 -58.52 66.78
C GLN DA 173 -90.17 -58.22 67.37
N LYS DA 174 -89.90 -56.95 67.66
CA LYS DA 174 -88.62 -56.58 68.24
C LYS DA 174 -88.44 -57.11 69.66
N ILE DA 175 -89.49 -57.13 70.48
CA ILE DA 175 -89.39 -57.75 71.80
C ILE DA 175 -89.16 -59.26 71.72
N GLU DA 176 -89.91 -59.96 70.88
CA GLU DA 176 -89.70 -61.41 70.76
C GLU DA 176 -88.29 -61.73 70.28
N GLU DA 177 -87.84 -61.09 69.19
CA GLU DA 177 -86.53 -61.42 68.62
C GLU DA 177 -85.38 -61.01 69.54
N ILE DA 178 -85.46 -59.85 70.17
CA ILE DA 178 -84.44 -59.42 71.12
C ILE DA 178 -84.49 -60.24 72.41
N ALA DA 179 -85.69 -60.62 72.83
CA ALA DA 179 -85.83 -61.51 73.98
C ALA DA 179 -85.30 -62.91 73.68
N GLY DA 180 -85.57 -63.44 72.48
CA GLY DA 180 -85.00 -64.72 72.12
C GLY DA 180 -83.48 -64.73 72.05
N ASN DA 181 -82.90 -63.66 71.52
CA ASN DA 181 -81.44 -63.53 71.57
C ASN DA 181 -80.93 -63.28 72.97
N LEU DA 182 -81.70 -62.57 73.80
CA LEU DA 182 -81.27 -62.29 75.17
C LEU DA 182 -81.27 -63.56 76.01
N ASP DA 183 -82.36 -64.30 75.99
CA ASP DA 183 -82.44 -65.52 76.79
C ASP DA 183 -81.54 -66.60 76.22
N ASN DA 184 -81.68 -66.89 74.92
CA ASN DA 184 -80.98 -68.04 74.36
C ASN DA 184 -79.48 -67.79 74.23
N ALA DA 185 -79.08 -66.68 73.59
CA ALA DA 185 -77.66 -66.42 73.41
C ALA DA 185 -77.00 -65.94 74.70
N SER DA 186 -77.57 -64.93 75.36
CA SER DA 186 -76.91 -64.31 76.50
C SER DA 186 -76.93 -65.23 77.71
N ALA DA 187 -78.10 -65.79 78.03
CA ALA DA 187 -78.25 -66.54 79.27
C ALA DA 187 -77.45 -67.84 79.24
N SER DA 188 -77.45 -68.55 78.11
CA SER DA 188 -76.60 -69.73 78.00
C SER DA 188 -75.13 -69.36 78.14
N SER DA 189 -74.75 -68.19 77.60
CA SER DA 189 -73.39 -67.71 77.78
C SER DA 189 -73.10 -67.41 79.25
N LEU DA 190 -74.10 -66.93 79.99
CA LEU DA 190 -73.90 -66.64 81.41
C LEU DA 190 -73.78 -67.93 82.22
N PHE DA 191 -74.74 -68.85 82.04
CA PHE DA 191 -74.79 -70.02 82.91
C PHE DA 191 -73.65 -70.99 82.59
N GLU DA 192 -73.50 -71.36 81.33
CA GLU DA 192 -72.48 -72.34 80.97
C GLU DA 192 -71.05 -71.83 81.09
N ARG DA 193 -70.79 -70.54 80.79
CA ARG DA 193 -69.46 -69.98 81.05
C ARG DA 193 -69.17 -69.73 82.53
N ILE DA 194 -70.17 -69.35 83.32
CA ILE DA 194 -69.93 -69.20 84.75
C ILE DA 194 -69.75 -70.56 85.42
N GLU DA 195 -70.55 -71.54 85.02
CA GLU DA 195 -70.42 -72.88 85.58
C GLU DA 195 -69.06 -73.49 85.26
N THR DA 196 -68.64 -73.45 83.99
CA THR DA 196 -67.33 -74.00 83.62
C THR DA 196 -66.19 -73.29 84.34
N LYS DA 197 -66.30 -71.98 84.52
CA LYS DA 197 -65.29 -71.27 85.31
C LYS DA 197 -65.34 -71.66 86.78
N ILE DA 198 -66.53 -71.96 87.30
CA ILE DA 198 -66.66 -72.44 88.67
C ILE DA 198 -65.99 -73.82 88.79
N LEU DA 199 -66.24 -74.68 87.81
CA LEU DA 199 -65.60 -76.00 87.79
C LEU DA 199 -64.09 -75.89 87.75
N GLU DA 200 -63.57 -74.88 87.03
CA GLU DA 200 -62.13 -74.66 87.02
C GLU DA 200 -61.64 -74.26 88.40
N LEU DA 201 -62.42 -73.45 89.11
CA LEU DA 201 -62.09 -73.13 90.50
C LEU DA 201 -62.21 -74.35 91.40
N GLU DA 202 -63.16 -75.25 91.09
CA GLU DA 202 -63.36 -76.46 91.88
C GLU DA 202 -62.26 -77.50 91.65
N ALA DA 203 -61.68 -77.54 90.44
CA ALA DA 203 -60.52 -78.39 90.20
C ALA DA 203 -59.34 -77.98 91.06
N GLU DA 204 -59.17 -76.68 91.31
CA GLU DA 204 -58.20 -76.24 92.31
C GLU DA 204 -58.68 -76.47 93.74
N ARG DA 205 -59.99 -76.45 93.99
CA ARG DA 205 -60.49 -76.80 95.32
C ARG DA 205 -60.11 -78.23 95.69
N GLU DA 206 -60.37 -79.18 94.79
CA GLU DA 206 -60.04 -80.58 95.04
C GLU DA 206 -58.54 -80.86 95.01
N LEU DA 207 -57.73 -79.91 94.55
CA LEU DA 207 -56.29 -80.01 94.76
C LEU DA 207 -55.86 -79.50 96.13
N LEU DA 208 -56.54 -78.47 96.65
CA LEU DA 208 -56.22 -77.91 97.95
C LEU DA 208 -56.96 -78.58 99.10
N ASN DA 209 -57.97 -79.39 98.80
CA ASN DA 209 -58.94 -79.81 99.82
C ASN DA 209 -59.41 -81.23 99.52
N PRO DA 210 -59.23 -82.18 100.45
CA PRO DA 210 -59.76 -83.51 100.22
C PRO DA 210 -61.27 -83.47 100.12
N PRO DA 211 -61.87 -84.35 99.30
CA PRO DA 211 -63.33 -84.44 99.25
C PRO DA 211 -63.92 -84.62 100.63
N PRO DA 212 -64.78 -83.70 101.08
CA PRO DA 212 -65.39 -83.85 102.41
C PRO DA 212 -66.44 -84.95 102.46
N SER DA 213 -65.98 -86.21 102.57
CA SER DA 213 -66.87 -87.36 102.61
C SER DA 213 -67.73 -87.31 103.86
N PRO DA 214 -68.78 -88.12 103.96
CA PRO DA 214 -69.54 -88.18 105.22
C PRO DA 214 -68.71 -88.65 106.40
N LEU DA 215 -67.60 -89.34 106.16
CA LEU DA 215 -66.83 -89.92 107.27
C LEU DA 215 -66.14 -88.83 108.08
N ASP DA 216 -65.26 -88.06 107.44
CA ASP DA 216 -64.58 -86.96 108.13
C ASP DA 216 -65.57 -85.94 108.67
N LYS DA 217 -66.69 -85.74 107.99
CA LYS DA 217 -67.71 -84.83 108.49
C LYS DA 217 -68.26 -85.29 109.83
N LYS DA 218 -68.56 -86.59 109.96
CA LYS DA 218 -69.05 -87.11 111.23
C LYS DA 218 -67.99 -87.03 112.32
N PHE DA 219 -66.73 -87.26 111.97
CA PHE DA 219 -65.65 -87.14 112.94
C PHE DA 219 -65.52 -85.70 113.45
N GLU DA 220 -65.64 -84.71 112.56
CA GLU DA 220 -65.57 -83.32 112.99
C GLU DA 220 -66.75 -82.98 113.90
N GLN DA 221 -67.94 -83.50 113.58
CA GLN DA 221 -69.09 -83.28 114.42
C GLN DA 221 -68.87 -83.87 115.81
N TRP DA 222 -68.33 -85.09 115.87
CA TRP DA 222 -68.00 -85.70 117.16
C TRP DA 222 -66.94 -84.91 117.90
N GLU DA 223 -66.02 -84.26 117.18
CA GLU DA 223 -65.02 -83.42 117.84
C GLU DA 223 -65.69 -82.25 118.57
N GLU DA 224 -66.66 -81.60 117.91
CA GLU DA 224 -67.42 -80.56 118.58
C GLU DA 224 -68.19 -81.13 119.77
N GLN DA 225 -68.77 -82.31 119.59
CA GLN DA 225 -69.48 -82.97 120.69
C GLN DA 225 -68.55 -83.23 121.88
N GLN DA 226 -67.31 -83.62 121.60
CA GLN DA 226 -66.36 -83.91 122.67
C GLN DA 226 -65.86 -82.64 123.33
N ALA DA 227 -65.78 -81.53 122.60
CA ALA DA 227 -65.45 -80.25 123.22
C ALA DA 227 -66.51 -79.85 124.23
N VAL DA 228 -67.79 -79.94 123.85
CA VAL DA 228 -68.86 -79.61 124.78
C VAL DA 228 -68.93 -80.63 125.90
N GLU DA 229 -68.59 -81.89 125.64
CA GLU DA 229 -68.58 -82.85 126.73
C GLU DA 229 -67.47 -82.54 127.73
N ALA DA 230 -66.37 -81.95 127.27
CA ALA DA 230 -65.33 -81.50 128.20
C ALA DA 230 -65.77 -80.29 129.01
N THR DA 231 -66.50 -79.35 128.39
CA THR DA 231 -67.07 -78.24 129.14
C THR DA 231 -68.05 -78.73 130.19
N LEU DA 232 -68.88 -79.72 129.82
CA LEU DA 232 -69.79 -80.31 130.81
C LEU DA 232 -69.02 -80.94 131.95
N ALA DA 233 -67.89 -81.58 131.66
CA ALA DA 233 -67.09 -82.18 132.72
C ALA DA 233 -66.58 -81.13 133.68
N ALA DA 234 -66.10 -80.00 133.15
CA ALA DA 234 -65.70 -78.88 134.00
C ALA DA 234 -66.87 -78.35 134.81
N MET DA 235 -68.05 -78.24 134.19
CA MET DA 235 -69.23 -77.76 134.90
C MET DA 235 -69.52 -78.63 136.12
N LYS DA 236 -69.59 -79.95 135.93
CA LYS DA 236 -69.99 -80.82 137.02
C LYS DA 236 -68.86 -81.08 138.01
N ALA DA 237 -67.61 -80.82 137.61
CA ALA DA 237 -66.49 -80.89 138.56
C ALA DA 237 -66.50 -79.68 139.49
N ARG DA 238 -66.79 -78.50 138.95
CA ARG DA 238 -67.00 -77.34 139.81
C ARG DA 238 -68.23 -77.52 140.68
N ARG DA 239 -69.26 -78.16 140.15
CA ARG DA 239 -70.47 -78.43 140.92
C ARG DA 239 -70.28 -79.51 141.99
N SER DA 240 -69.25 -80.35 141.86
CA SER DA 240 -69.04 -81.41 142.84
C SER DA 240 -68.91 -80.82 144.25
N MET EA 24 -78.89 28.44 -52.17
CA MET EA 24 -77.56 28.95 -52.53
C MET EA 24 -77.12 30.03 -51.55
N GLU EA 25 -75.84 30.02 -51.18
CA GLU EA 25 -75.33 31.06 -50.29
C GLU EA 25 -75.40 32.43 -50.96
N LEU EA 26 -75.14 32.49 -52.26
CA LEU EA 26 -75.31 33.74 -52.99
C LEU EA 26 -76.73 34.25 -52.85
N PHE EA 27 -77.70 33.36 -53.06
CA PHE EA 27 -79.10 33.74 -52.93
C PHE EA 27 -79.40 34.30 -51.56
N ASN EA 28 -78.97 33.62 -50.51
CA ASN EA 28 -79.15 34.12 -49.14
C ASN EA 28 -78.52 35.50 -48.94
N ARG EA 29 -77.29 35.70 -49.41
CA ARG EA 29 -76.67 37.02 -49.37
C ARG EA 29 -77.53 38.08 -50.05
N VAL EA 30 -78.03 37.78 -51.25
CA VAL EA 30 -78.90 38.69 -51.98
C VAL EA 30 -80.28 38.81 -51.35
N GLY EA 31 -80.62 37.88 -50.45
CA GLY EA 31 -81.97 37.83 -49.90
C GLY EA 31 -82.47 39.12 -49.26
N ARG EA 32 -81.66 39.80 -48.48
CA ARG EA 32 -82.16 41.03 -47.87
C ARG EA 32 -82.66 42.02 -48.91
N VAL EA 33 -81.84 42.29 -49.93
CA VAL EA 33 -82.19 43.26 -50.98
C VAL EA 33 -83.28 42.74 -51.90
N LEU EA 34 -83.20 41.48 -52.32
CA LEU EA 34 -84.19 40.95 -53.25
C LEU EA 34 -85.53 40.73 -52.54
N LYS EA 35 -85.52 40.04 -51.41
CA LYS EA 35 -86.74 39.72 -50.70
C LYS EA 35 -87.44 40.96 -50.14
N SER EA 36 -86.73 42.05 -49.81
CA SER EA 36 -87.44 43.28 -49.46
C SER EA 36 -88.28 43.79 -50.63
N GLN EA 37 -87.67 43.83 -51.82
CA GLN EA 37 -88.40 44.19 -53.03
C GLN EA 37 -89.55 43.22 -53.30
N LEU EA 38 -89.31 41.91 -53.21
CA LEU EA 38 -90.41 40.97 -53.46
C LEU EA 38 -91.53 41.06 -52.42
N THR EA 39 -91.19 41.38 -51.17
CA THR EA 39 -92.22 41.59 -50.14
C THR EA 39 -93.11 42.77 -50.48
N HIS EA 40 -92.51 43.85 -51.00
CA HIS EA 40 -93.37 44.90 -51.56
C HIS EA 40 -94.03 44.47 -52.86
N TRP EA 41 -93.37 43.62 -53.66
CA TRP EA 41 -93.91 43.23 -54.96
C TRP EA 41 -95.24 42.53 -54.80
N GLN EA 42 -95.32 41.58 -53.85
CA GLN EA 42 -96.61 40.96 -53.54
C GLN EA 42 -97.60 41.97 -52.97
N GLN EA 43 -97.09 42.95 -52.22
CA GLN EA 43 -97.92 44.05 -51.72
C GLN EA 43 -98.39 45.01 -52.82
N GLN EA 44 -97.74 45.05 -53.99
CA GLN EA 44 -97.96 46.18 -54.90
C GLN EA 44 -99.43 46.44 -55.18
N GLN EA 45 -100.28 45.42 -55.18
CA GLN EA 45 -101.71 45.66 -55.40
C GLN EA 45 -102.27 46.59 -54.33
N GLU EA 46 -101.85 46.41 -53.08
CA GLU EA 46 -102.18 47.36 -52.03
C GLU EA 46 -101.34 48.63 -52.12
N ALA EA 47 -100.06 48.50 -52.46
CA ALA EA 47 -99.09 49.60 -52.34
C ALA EA 47 -98.28 49.77 -53.61
N PRO EA 48 -98.86 50.40 -54.63
CA PRO EA 48 -98.07 50.86 -55.78
C PRO EA 48 -97.41 52.21 -55.54
N GLU EA 49 -97.77 52.90 -54.46
CA GLU EA 49 -97.56 54.34 -54.34
C GLU EA 49 -96.10 54.74 -54.52
N ASP EA 50 -95.18 54.01 -53.89
CA ASP EA 50 -93.77 54.37 -53.97
C ASP EA 50 -93.21 54.22 -55.37
N LEU EA 51 -93.52 53.12 -56.07
CA LEU EA 51 -93.00 52.95 -57.43
C LEU EA 51 -93.60 53.97 -58.39
N LEU EA 52 -94.90 54.25 -58.26
CA LEU EA 52 -95.56 55.25 -59.11
C LEU EA 52 -94.95 56.63 -58.93
N GLU EA 53 -94.82 57.07 -57.67
CA GLU EA 53 -94.27 58.40 -57.39
C GLU EA 53 -92.78 58.50 -57.69
N ARG EA 54 -92.03 57.40 -57.55
CA ARG EA 54 -90.63 57.42 -57.98
C ARG EA 54 -90.51 57.72 -59.47
N LEU EA 55 -91.27 57.00 -60.30
CA LEU EA 55 -91.22 57.24 -61.74
C LEU EA 55 -91.61 58.66 -62.11
N LEU EA 56 -92.73 59.15 -61.55
CA LEU EA 56 -93.16 60.52 -61.83
C LEU EA 56 -92.21 61.57 -61.25
N GLY EA 57 -91.52 61.25 -60.16
CA GLY EA 57 -90.42 62.10 -59.72
C GLY EA 57 -89.31 62.21 -60.76
N GLU EA 58 -88.93 61.09 -61.35
CA GLU EA 58 -87.96 61.09 -62.44
C GLU EA 58 -88.48 61.88 -63.63
N MET EA 59 -89.79 61.81 -63.88
CA MET EA 59 -90.41 62.60 -64.95
C MET EA 59 -90.38 64.09 -64.65
N GLU EA 60 -90.51 64.49 -63.39
CA GLU EA 60 -90.31 65.88 -63.00
C GLU EA 60 -88.85 66.32 -63.15
N LEU EA 61 -87.91 65.44 -62.80
CA LEU EA 61 -86.50 65.76 -63.02
C LEU EA 61 -86.16 65.93 -64.49
N GLU EA 62 -86.75 65.11 -65.36
CA GLU EA 62 -86.61 65.32 -66.80
C GLU EA 62 -87.24 66.64 -67.22
N LEU EA 63 -88.48 66.89 -66.81
CA LEU EA 63 -89.24 68.05 -67.27
C LEU EA 63 -88.59 69.38 -66.90
N ILE EA 64 -87.90 69.45 -65.77
CA ILE EA 64 -87.10 70.65 -65.47
C ILE EA 64 -85.91 70.77 -66.42
N GLU EA 65 -85.37 69.65 -66.89
CA GLU EA 65 -84.41 69.73 -68.00
C GLU EA 65 -85.09 70.22 -69.28
N LEU EA 66 -86.24 69.64 -69.64
CA LEU EA 66 -86.90 69.99 -70.90
C LEU EA 66 -87.19 71.48 -71.00
N ARG EA 67 -87.61 72.10 -69.89
CA ARG EA 67 -87.80 73.55 -69.86
C ARG EA 67 -86.51 74.32 -70.03
N ARG EA 68 -85.42 73.90 -69.39
CA ARG EA 68 -84.14 74.57 -69.61
C ARG EA 68 -83.61 74.36 -71.02
N ALA EA 69 -83.88 73.21 -71.63
CA ALA EA 69 -83.48 72.97 -73.02
C ALA EA 69 -84.27 73.84 -74.00
N LEU EA 70 -85.56 74.06 -73.71
CA LEU EA 70 -86.32 75.07 -74.44
C LEU EA 70 -85.72 76.46 -74.28
N ALA EA 71 -85.32 76.84 -73.07
CA ALA EA 71 -84.71 78.14 -72.87
C ALA EA 71 -83.37 78.26 -73.59
N GLN EA 72 -82.61 77.17 -73.66
CA GLN EA 72 -81.37 77.17 -74.44
C GLN EA 72 -81.62 77.29 -75.94
N THR EA 73 -82.72 76.71 -76.44
CA THR EA 73 -83.07 76.91 -77.85
C THR EA 73 -83.49 78.34 -78.14
N ILE EA 74 -84.32 78.94 -77.29
CA ILE EA 74 -84.70 80.34 -77.50
C ILE EA 74 -83.49 81.25 -77.44
N ALA EA 75 -82.58 80.99 -76.49
CA ALA EA 75 -81.35 81.79 -76.39
C ALA EA 75 -80.50 81.68 -77.64
N THR EA 76 -80.33 80.47 -78.17
CA THR EA 76 -79.57 80.29 -79.42
C THR EA 76 -80.28 80.86 -80.63
N PHE EA 77 -81.62 80.83 -80.67
CA PHE EA 77 -82.34 81.41 -81.79
C PHE EA 77 -82.16 82.92 -81.88
N LYS EA 78 -82.38 83.62 -80.77
CA LYS EA 78 -82.23 85.08 -80.75
C LYS EA 78 -80.77 85.51 -80.81
N SER EA 79 -79.83 84.70 -80.33
CA SER EA 79 -78.42 85.03 -80.55
C SER EA 79 -78.05 84.98 -82.03
N THR EA 80 -78.59 84.00 -82.77
CA THR EA 80 -78.43 84.03 -84.23
C THR EA 80 -79.04 85.29 -84.80
N GLU EA 81 -80.18 85.73 -84.26
CA GLU EA 81 -80.82 86.97 -84.70
C GLU EA 81 -80.01 88.20 -84.28
N ARG EA 82 -79.34 88.15 -83.14
CA ARG EA 82 -78.43 89.22 -82.76
C ARG EA 82 -77.25 89.31 -83.72
N GLN EA 83 -76.84 88.19 -84.29
CA GLN EA 83 -75.81 88.22 -85.34
C GLN EA 83 -76.36 88.84 -86.61
N ARG EA 84 -77.63 88.58 -86.90
CA ARG EA 84 -78.31 89.29 -87.99
C ARG EA 84 -78.41 90.79 -87.70
N ASP EA 85 -78.72 91.15 -86.45
CA ASP EA 85 -78.75 92.56 -86.08
C ASP EA 85 -77.41 93.25 -86.31
N ALA EA 86 -76.31 92.53 -86.10
CA ALA EA 86 -75.00 93.08 -86.44
C ALA EA 86 -74.78 93.17 -87.94
N GLN EA 87 -75.15 92.13 -88.69
CA GLN EA 87 -74.98 92.17 -90.14
C GLN EA 87 -75.75 93.34 -90.76
N GLN EA 88 -77.01 93.52 -90.36
CA GLN EA 88 -77.81 94.62 -90.87
C GLN EA 88 -77.30 95.98 -90.38
N LEU EA 89 -76.69 96.03 -89.19
CA LEU EA 89 -76.05 97.26 -88.73
C LEU EA 89 -74.84 97.62 -89.59
N ILE EA 90 -74.06 96.62 -90.01
CA ILE EA 90 -72.95 96.91 -90.91
C ILE EA 90 -73.45 97.25 -92.31
N ALA EA 91 -74.58 96.67 -92.72
CA ALA EA 91 -75.22 97.10 -93.96
C ALA EA 91 -75.63 98.57 -93.90
N GLN EA 92 -76.19 99.00 -92.76
CA GLN EA 92 -76.47 100.42 -92.56
C GLN EA 92 -75.20 101.25 -92.57
N ARG EA 93 -74.13 100.75 -91.96
CA ARG EA 93 -72.84 101.40 -92.05
C ARG EA 93 -72.35 101.52 -93.49
N TRP EA 94 -72.70 100.56 -94.34
CA TRP EA 94 -72.44 100.67 -95.77
C TRP EA 94 -73.32 101.68 -96.46
N TYR EA 95 -74.56 101.87 -95.99
CA TYR EA 95 -75.37 102.97 -96.51
C TYR EA 95 -74.84 104.33 -96.07
N GLU EA 96 -74.38 104.45 -94.83
CA GLU EA 96 -73.78 105.70 -94.37
C GLU EA 96 -72.57 106.08 -95.22
N LYS EA 97 -71.68 105.11 -95.46
CA LYS EA 97 -70.53 105.34 -96.34
C LYS EA 97 -70.96 105.67 -97.77
N ALA EA 98 -72.08 105.11 -98.23
CA ALA EA 98 -72.64 105.54 -99.50
C ALA EA 98 -73.18 106.97 -99.42
N GLN EA 99 -73.83 107.33 -98.31
CA GLN EA 99 -74.45 108.64 -98.20
C GLN EA 99 -73.41 109.75 -98.28
N ALA EA 100 -72.19 109.50 -97.79
CA ALA EA 100 -71.09 110.44 -97.94
C ALA EA 100 -70.66 110.63 -99.39
N ALA EA 101 -71.21 109.84 -100.31
CA ALA EA 101 -70.98 110.00 -101.73
C ALA EA 101 -72.29 110.04 -102.52
N LEU EA 102 -73.43 110.04 -101.87
CA LEU EA 102 -74.72 110.03 -102.54
C LEU EA 102 -75.27 111.42 -102.77
N ASP EA 103 -74.54 112.46 -102.37
CA ASP EA 103 -74.81 113.83 -102.76
C ASP EA 103 -73.79 114.30 -103.78
N ARG EA 104 -74.13 115.39 -104.48
CA ARG EA 104 -73.28 116.04 -105.47
C ARG EA 104 -73.07 115.19 -106.72
N GLY EA 105 -73.79 114.08 -106.86
CA GLY EA 105 -73.57 113.19 -107.98
C GLY EA 105 -72.27 112.40 -107.89
N ASN EA 106 -71.65 112.35 -106.72
CA ASN EA 106 -70.39 111.64 -106.52
C ASN EA 106 -70.60 110.17 -106.15
N GLU EA 107 -71.75 109.60 -106.54
CA GLU EA 107 -72.16 108.26 -106.14
C GLU EA 107 -71.25 107.15 -106.63
N GLN EA 108 -70.19 107.51 -107.36
CA GLN EA 108 -69.22 106.53 -107.84
C GLN EA 108 -68.83 105.51 -106.77
N LEU EA 109 -68.44 105.98 -105.58
CA LEU EA 109 -68.03 105.07 -104.53
C LEU EA 109 -69.18 104.22 -104.01
N ALA EA 110 -70.42 104.65 -104.23
CA ALA EA 110 -71.57 103.83 -103.86
C ALA EA 110 -71.57 102.51 -104.61
N ARG EA 111 -70.90 102.45 -105.77
CA ARG EA 111 -70.80 101.19 -106.50
C ARG EA 111 -70.18 100.10 -105.63
N GLU EA 112 -69.01 100.38 -105.06
CA GLU EA 112 -68.36 99.42 -104.16
C GLU EA 112 -69.10 99.27 -102.84
N ALA EA 113 -69.56 100.38 -102.26
CA ALA EA 113 -70.20 100.32 -100.94
C ALA EA 113 -71.48 99.47 -100.95
N LEU EA 114 -72.33 99.68 -101.94
CA LEU EA 114 -73.50 98.82 -102.12
C LEU EA 114 -73.14 97.45 -102.69
N GLY EA 115 -72.04 97.35 -103.43
CA GLY EA 115 -71.56 96.04 -103.82
C GLY EA 115 -71.21 95.14 -102.65
N GLN EA 116 -70.59 95.70 -101.61
CA GLN EA 116 -70.43 94.99 -100.35
C GLN EA 116 -71.77 94.74 -99.67
N ARG EA 117 -72.62 95.77 -99.57
CA ARG EA 117 -73.89 95.59 -98.87
C ARG EA 117 -74.72 94.48 -99.48
N GLN EA 118 -74.61 94.24 -100.79
CA GLN EA 118 -75.33 93.12 -101.40
C GLN EA 118 -74.98 91.79 -100.75
N SER EA 119 -73.68 91.54 -100.54
CA SER EA 119 -73.29 90.34 -99.80
C SER EA 119 -73.73 90.36 -98.34
N TYR EA 120 -73.77 91.54 -97.72
CA TYR EA 120 -74.23 91.62 -96.34
C TYR EA 120 -75.73 91.39 -96.23
N GLN EA 121 -76.51 91.87 -97.20
CA GLN EA 121 -77.94 91.58 -97.23
C GLN EA 121 -78.22 90.09 -97.47
N SER EA 122 -77.39 89.42 -98.28
CA SER EA 122 -77.63 87.99 -98.51
C SER EA 122 -77.46 87.19 -97.23
N HIS EA 123 -76.40 87.47 -96.45
CA HIS EA 123 -76.25 86.82 -95.16
C HIS EA 123 -77.33 87.26 -94.17
N THR EA 124 -77.75 88.52 -94.23
CA THR EA 124 -78.82 88.97 -93.33
C THR EA 124 -80.14 88.24 -93.60
N GLU EA 125 -80.46 88.00 -94.87
CA GLU EA 125 -81.71 87.32 -95.18
C GLU EA 125 -81.61 85.81 -95.09
N ALA EA 126 -80.39 85.26 -95.26
CA ALA EA 126 -80.15 83.88 -94.89
C ALA EA 126 -80.38 83.67 -93.40
N LEU EA 127 -79.85 84.57 -92.57
CA LEU EA 127 -80.14 84.53 -91.14
C LEU EA 127 -81.63 84.71 -90.87
N GLY EA 128 -82.25 85.70 -91.50
CA GLY EA 128 -83.66 85.98 -91.26
C GLY EA 128 -84.58 84.82 -91.60
N LYS EA 129 -84.25 84.04 -92.63
CA LYS EA 129 -85.06 82.90 -93.01
C LYS EA 129 -84.72 81.62 -92.26
N SER EA 130 -83.46 81.44 -91.86
CA SER EA 130 -83.14 80.46 -90.85
C SER EA 130 -83.91 80.75 -89.56
N LEU EA 131 -83.96 82.02 -89.16
CA LEU EA 131 -84.68 82.49 -88.00
C LEU EA 131 -86.19 82.42 -88.17
N GLY EA 132 -86.67 82.17 -89.39
CA GLY EA 132 -88.07 81.85 -89.60
C GLY EA 132 -88.36 80.40 -89.25
N GLU EA 133 -87.43 79.51 -89.59
CA GLU EA 133 -87.56 78.12 -89.18
C GLU EA 133 -87.36 77.99 -87.66
N GLN EA 134 -86.32 78.65 -87.15
CA GLN EA 134 -86.07 78.65 -85.71
C GLN EA 134 -87.23 79.25 -84.93
N ARG EA 135 -87.95 80.20 -85.52
CA ARG EA 135 -89.22 80.65 -84.95
C ARG EA 135 -90.21 79.50 -84.84
N ALA EA 136 -90.51 78.86 -85.96
CA ALA EA 136 -91.45 77.74 -85.95
C ALA EA 136 -91.00 76.63 -85.00
N LEU EA 137 -89.69 76.44 -84.84
CA LEU EA 137 -89.19 75.47 -83.87
C LEU EA 137 -89.53 75.86 -82.43
N VAL EA 138 -89.26 77.12 -82.05
CA VAL EA 138 -89.57 77.53 -80.69
C VAL EA 138 -91.08 77.58 -80.44
N GLU EA 139 -91.88 77.88 -81.46
CA GLU EA 139 -93.33 77.83 -81.30
C GLU EA 139 -93.82 76.40 -81.12
N GLN EA 140 -93.41 75.50 -82.01
CA GLN EA 140 -93.88 74.11 -81.94
C GLN EA 140 -93.38 73.41 -80.69
N VAL EA 141 -92.14 73.69 -80.27
CA VAL EA 141 -91.61 73.09 -79.04
C VAL EA 141 -92.33 73.65 -77.82
N ARG EA 142 -92.73 74.91 -77.85
CA ARG EA 142 -93.55 75.46 -76.76
C ARG EA 142 -94.93 74.82 -76.71
N GLY EA 143 -95.55 74.58 -77.87
CA GLY EA 143 -96.85 73.91 -77.87
C GLY EA 143 -96.73 72.44 -77.48
N GLN EA 144 -95.67 71.78 -77.92
CA GLN EA 144 -95.40 70.41 -77.51
C GLN EA 144 -95.26 70.32 -75.99
N LEU EA 145 -94.44 71.18 -75.41
CA LEU EA 145 -94.27 71.22 -73.96
C LEU EA 145 -95.57 71.52 -73.24
N GLN EA 146 -96.27 72.59 -73.64
CA GLN EA 146 -97.44 73.00 -72.88
C GLN EA 146 -98.55 71.95 -72.91
N LYS EA 147 -98.71 71.24 -74.04
CA LYS EA 147 -99.58 70.07 -74.06
C LYS EA 147 -99.09 68.96 -73.13
N LEU EA 148 -97.80 68.64 -73.21
CA LEU EA 148 -97.25 67.50 -72.48
C LEU EA 148 -97.26 67.73 -70.97
N GLU EA 149 -96.78 68.89 -70.53
CA GLU EA 149 -96.68 69.19 -69.11
C GLU EA 149 -98.06 69.42 -68.49
N ARG EA 150 -99.00 69.98 -69.26
CA ARG EA 150 -100.39 70.04 -68.78
C ARG EA 150 -100.99 68.65 -68.64
N LYS EA 151 -100.61 67.74 -69.54
CA LYS EA 151 -101.03 66.35 -69.41
C LYS EA 151 -100.40 65.70 -68.18
N TYR EA 152 -99.14 66.02 -67.88
CA TYR EA 152 -98.52 65.58 -66.65
C TYR EA 152 -99.22 66.12 -65.41
N LEU EA 153 -99.62 67.39 -65.43
CA LEU EA 153 -100.39 67.97 -64.32
C LEU EA 153 -101.71 67.23 -64.09
N GLU EA 154 -102.49 67.06 -65.16
CA GLU EA 154 -103.75 66.31 -65.06
C GLU EA 154 -103.53 64.85 -64.71
N LEU EA 155 -102.41 64.27 -65.16
CA LEU EA 155 -102.06 62.91 -64.78
C LEU EA 155 -101.66 62.82 -63.30
N LYS EA 156 -101.02 63.85 -62.76
CA LYS EA 156 -100.82 63.92 -61.31
C LYS EA 156 -102.15 63.96 -60.57
N SER EA 157 -103.08 64.77 -61.06
CA SER EA 157 -104.42 64.81 -60.47
C SER EA 157 -105.06 63.43 -60.48
N GLN EA 158 -105.03 62.76 -61.63
CA GLN EA 158 -105.56 61.40 -61.74
C GLN EA 158 -104.86 60.42 -60.80
N LYS EA 159 -103.53 60.49 -60.70
CA LYS EA 159 -102.81 59.57 -59.82
C LYS EA 159 -103.24 59.75 -58.37
N ASN EA 160 -103.30 61.00 -57.90
CA ASN EA 160 -103.77 61.24 -56.53
C ASN EA 160 -105.16 60.64 -56.32
N LEU EA 161 -106.06 60.86 -57.28
CA LEU EA 161 -107.39 60.28 -57.24
C LEU EA 161 -107.38 58.77 -57.41
N TYR EA 162 -106.34 58.23 -58.05
CA TYR EA 162 -106.25 56.78 -58.23
C TYR EA 162 -105.76 56.08 -56.97
N LEU EA 163 -104.84 56.70 -56.23
CA LEU EA 163 -104.44 56.16 -54.93
C LEU EA 163 -105.60 56.21 -53.94
N ALA EA 164 -106.39 57.28 -53.97
CA ALA EA 164 -107.61 57.34 -53.16
C ALA EA 164 -108.60 56.26 -53.57
N ARG EA 165 -108.89 56.13 -54.86
CA ARG EA 165 -109.76 55.05 -55.34
C ARG EA 165 -109.25 53.68 -54.89
N LEU EA 166 -107.96 53.42 -55.07
CA LEU EA 166 -107.39 52.11 -54.74
C LEU EA 166 -107.53 51.80 -53.25
N LYS EA 167 -107.13 52.73 -52.39
CA LYS EA 167 -107.28 52.53 -50.95
C LYS EA 167 -108.75 52.36 -50.56
N SER EA 168 -109.65 53.08 -51.22
CA SER EA 168 -111.08 52.96 -50.92
C SER EA 168 -111.63 51.61 -51.35
N ALA EA 169 -111.24 51.13 -52.53
CA ALA EA 169 -111.60 49.79 -52.97
C ALA EA 169 -111.06 48.73 -52.03
N ILE EA 170 -109.80 48.87 -51.62
CA ILE EA 170 -109.19 47.92 -50.68
C ILE EA 170 -110.01 47.86 -49.39
N ALA EA 171 -110.38 49.02 -48.84
CA ALA EA 171 -111.22 49.08 -47.66
C ALA EA 171 -112.57 48.39 -47.90
N ALA EA 172 -113.18 48.66 -49.05
CA ALA EA 172 -114.45 48.03 -49.41
C ALA EA 172 -114.32 46.51 -49.45
N GLN EA 173 -113.26 46.02 -50.09
CA GLN EA 173 -112.98 44.59 -50.12
C GLN EA 173 -112.88 44.03 -48.71
N LYS EA 174 -112.25 44.76 -47.80
CA LYS EA 174 -112.13 44.30 -46.43
C LYS EA 174 -113.46 44.27 -45.69
N ILE EA 175 -114.35 45.23 -45.94
CA ILE EA 175 -115.70 45.16 -45.36
C ILE EA 175 -116.51 43.99 -45.91
N GLU EA 176 -116.50 43.79 -47.23
CA GLU EA 176 -117.25 42.66 -47.78
C GLU EA 176 -116.74 41.32 -47.25
N GLU EA 177 -115.42 41.10 -47.31
CA GLU EA 177 -114.86 39.82 -46.91
C GLU EA 177 -115.00 39.57 -45.40
N ILE EA 178 -114.78 40.59 -44.58
CA ILE EA 178 -114.96 40.44 -43.13
C ILE EA 178 -116.43 40.34 -42.76
N ALA EA 179 -117.30 41.05 -43.49
CA ALA EA 179 -118.74 40.92 -43.31
C ALA EA 179 -119.24 39.55 -43.73
N GLY EA 180 -118.75 39.01 -44.84
CA GLY EA 180 -119.12 37.66 -45.23
C GLY EA 180 -118.69 36.60 -44.25
N ASN EA 181 -117.48 36.73 -43.70
CA ASN EA 181 -117.08 35.82 -42.62
C ASN EA 181 -117.85 36.07 -41.34
N LEU EA 182 -118.21 37.33 -41.07
CA LEU EA 182 -118.94 37.63 -39.84
C LEU EA 182 -120.35 37.05 -39.90
N ASP EA 183 -121.08 37.31 -40.98
CA ASP EA 183 -122.44 36.82 -41.09
C ASP EA 183 -122.46 35.30 -41.28
N ASN EA 184 -121.72 34.81 -42.27
CA ASN EA 184 -121.81 33.41 -42.63
C ASN EA 184 -121.19 32.50 -41.58
N ALA EA 185 -119.93 32.75 -41.20
CA ALA EA 185 -119.26 31.89 -40.23
C ALA EA 185 -119.78 32.14 -38.81
N SER EA 186 -119.79 33.41 -38.37
CA SER EA 186 -120.09 33.71 -36.97
C SER EA 186 -121.57 33.49 -36.67
N ALA EA 187 -122.45 34.03 -37.53
CA ALA EA 187 -123.87 34.02 -37.23
C ALA EA 187 -124.44 32.61 -37.27
N SER EA 188 -124.03 31.79 -38.24
CA SER EA 188 -124.48 30.40 -38.24
C SER EA 188 -123.97 29.68 -37.00
N SER EA 189 -122.76 30.01 -36.56
CA SER EA 189 -122.26 29.45 -35.31
C SER EA 189 -123.09 29.90 -34.12
N LEU EA 190 -123.60 31.13 -34.15
CA LEU EA 190 -124.43 31.61 -33.05
C LEU EA 190 -125.80 30.94 -33.06
N PHE EA 191 -126.47 30.94 -34.21
CA PHE EA 191 -127.85 30.48 -34.25
C PHE EA 191 -127.93 28.96 -34.09
N GLU EA 192 -127.17 28.22 -34.88
CA GLU EA 192 -127.25 26.77 -34.83
C GLU EA 192 -126.66 26.15 -33.56
N ARG EA 193 -125.58 26.73 -33.00
CA ARG EA 193 -125.10 26.26 -31.71
C ARG EA 193 -125.97 26.67 -30.52
N ILE EA 194 -126.57 27.86 -30.57
CA ILE EA 194 -127.50 28.24 -29.50
C ILE EA 194 -128.78 27.43 -29.57
N GLU EA 195 -129.30 27.21 -30.78
CA GLU EA 195 -130.49 26.41 -30.94
C GLU EA 195 -130.30 24.98 -30.48
N THR EA 196 -129.21 24.32 -30.92
CA THR EA 196 -128.95 22.95 -30.50
C THR EA 196 -128.76 22.85 -28.99
N LYS EA 197 -128.12 23.84 -28.38
CA LYS EA 197 -128.01 23.85 -26.92
C LYS EA 197 -129.36 24.07 -26.26
N ILE EA 198 -130.23 24.87 -26.89
CA ILE EA 198 -131.58 25.05 -26.37
C ILE EA 198 -132.34 23.74 -26.45
N LEU EA 199 -132.22 23.04 -27.57
CA LEU EA 199 -132.85 21.73 -27.74
C LEU EA 199 -132.37 20.75 -26.68
N GLU EA 200 -131.09 20.83 -26.31
CA GLU EA 200 -130.57 19.98 -25.25
C GLU EA 200 -131.25 20.32 -23.92
N LEU EA 201 -131.47 21.61 -23.68
CA LEU EA 201 -132.21 22.03 -22.49
C LEU EA 201 -133.67 21.58 -22.58
N GLU EA 202 -134.24 21.55 -23.79
CA GLU EA 202 -135.62 21.13 -23.99
C GLU EA 202 -135.81 19.63 -23.84
N ALA EA 203 -134.79 18.84 -24.18
CA ALA EA 203 -134.84 17.40 -23.91
C ALA EA 203 -134.93 17.12 -22.41
N GLU EA 204 -134.27 17.94 -21.58
CA GLU EA 204 -134.51 17.86 -20.14
C GLU EA 204 -135.84 18.48 -19.72
N ARG EA 205 -136.34 19.48 -20.46
CA ARG EA 205 -137.67 20.00 -20.16
C ARG EA 205 -138.74 18.91 -20.31
N GLU EA 206 -138.71 18.18 -21.43
CA GLU EA 206 -139.68 17.12 -21.67
C GLU EA 206 -139.45 15.90 -20.80
N LEU EA 207 -138.32 15.81 -20.09
CA LEU EA 207 -138.16 14.83 -19.04
C LEU EA 207 -138.76 15.29 -17.72
N LEU EA 208 -138.69 16.59 -17.42
CA LEU EA 208 -139.23 17.14 -16.19
C LEU EA 208 -140.70 17.56 -16.31
N ASN EA 209 -141.23 17.64 -17.53
CA ASN EA 209 -142.49 18.34 -17.77
C ASN EA 209 -143.27 17.64 -18.88
N PRO EA 210 -144.49 17.18 -18.63
CA PRO EA 210 -145.28 16.60 -19.70
C PRO EA 210 -145.56 17.64 -20.78
N PRO EA 211 -145.64 17.21 -22.04
CA PRO EA 211 -146.02 18.15 -23.10
C PRO EA 211 -147.32 18.87 -22.77
N PRO EA 212 -147.31 20.21 -22.69
CA PRO EA 212 -148.55 20.94 -22.39
C PRO EA 212 -149.53 20.95 -23.55
N SER EA 213 -150.26 19.84 -23.72
CA SER EA 213 -151.23 19.72 -24.81
C SER EA 213 -152.35 20.73 -24.63
N PRO EA 214 -153.19 20.95 -25.64
CA PRO EA 214 -154.36 21.82 -25.44
C PRO EA 214 -155.32 21.31 -24.38
N LEU EA 215 -155.29 20.00 -24.07
CA LEU EA 215 -156.27 19.45 -23.14
C LEU EA 215 -156.03 19.93 -21.72
N ASP EA 216 -154.85 19.63 -21.17
CA ASP EA 216 -154.52 20.09 -19.81
C ASP EA 216 -154.55 21.61 -19.72
N LYS EA 217 -154.20 22.31 -20.81
CA LYS EA 217 -154.27 23.77 -20.80
C LYS EA 217 -155.70 24.25 -20.58
N LYS EA 218 -156.66 23.64 -21.27
CA LYS EA 218 -158.06 24.03 -21.09
C LYS EA 218 -158.55 23.70 -19.69
N PHE EA 219 -158.12 22.56 -19.14
CA PHE EA 219 -158.49 22.19 -17.78
C PHE EA 219 -157.96 23.21 -16.77
N GLU EA 220 -156.71 23.66 -16.93
CA GLU EA 220 -156.16 24.67 -16.03
C GLU EA 220 -156.92 25.98 -16.15
N GLN EA 221 -157.30 26.36 -17.37
CA GLN EA 221 -158.10 27.56 -17.56
C GLN EA 221 -159.44 27.45 -16.86
N TRP EA 222 -160.09 26.29 -16.98
CA TRP EA 222 -161.35 26.06 -16.26
C TRP EA 222 -161.14 26.08 -14.76
N GLU EA 223 -159.98 25.64 -14.27
CA GLU EA 223 -159.70 25.71 -12.84
C GLU EA 223 -159.69 27.16 -12.36
N GLU EA 224 -159.05 28.05 -13.12
CA GLU EA 224 -159.10 29.47 -12.78
C GLU EA 224 -160.53 29.99 -12.86
N GLN EA 225 -161.27 29.56 -13.87
CA GLN EA 225 -162.68 29.96 -13.99
C GLN EA 225 -163.49 29.52 -12.78
N GLN EA 226 -163.21 28.31 -12.26
CA GLN EA 226 -163.95 27.81 -11.12
C GLN EA 226 -163.54 28.50 -9.83
N ALA EA 227 -162.28 28.94 -9.73
CA ALA EA 227 -161.87 29.74 -8.57
C ALA EA 227 -162.65 31.05 -8.52
N VAL EA 228 -162.74 31.75 -9.65
CA VAL EA 228 -163.49 32.99 -9.69
C VAL EA 228 -164.99 32.72 -9.52
N GLU EA 229 -165.48 31.58 -10.00
CA GLU EA 229 -166.88 31.28 -9.76
C GLU EA 229 -167.16 31.03 -8.29
N ALA EA 230 -166.18 30.50 -7.54
CA ALA EA 230 -166.33 30.38 -6.10
C ALA EA 230 -166.29 31.73 -5.39
N THR EA 231 -165.45 32.65 -5.84
CA THR EA 231 -165.45 34.01 -5.30
C THR EA 231 -166.80 34.68 -5.56
N LEU EA 232 -167.35 34.49 -6.77
CA LEU EA 232 -168.67 35.04 -7.07
C LEU EA 232 -169.72 34.44 -6.15
N ALA EA 233 -169.61 33.15 -5.83
CA ALA EA 233 -170.57 32.54 -4.93
C ALA EA 233 -170.50 33.17 -3.55
N ALA EA 234 -169.28 33.42 -3.04
CA ALA EA 234 -169.13 34.14 -1.79
C ALA EA 234 -169.72 35.54 -1.88
N MET EA 235 -169.47 36.23 -2.99
CA MET EA 235 -170.01 37.58 -3.17
C MET EA 235 -171.53 37.58 -3.02
N LYS EA 236 -172.22 36.71 -3.75
CA LYS EA 236 -173.68 36.75 -3.76
C LYS EA 236 -174.28 36.10 -2.52
N ALA EA 237 -173.51 35.29 -1.79
CA ALA EA 237 -173.98 34.77 -0.52
C ALA EA 237 -173.93 35.85 0.56
N ARG EA 238 -172.87 36.67 0.56
CA ARG EA 238 -172.84 37.83 1.44
C ARG EA 238 -173.93 38.83 1.04
N ARG EA 239 -174.18 38.96 -0.26
CA ARG EA 239 -175.23 39.85 -0.75
C ARG EA 239 -176.63 39.34 -0.45
N SER EA 240 -176.80 38.04 -0.20
CA SER EA 240 -178.13 37.50 0.07
C SER EA 240 -178.79 38.24 1.23
N MET FA 24 32.55 56.29 -73.78
CA MET FA 24 33.46 55.61 -72.88
C MET FA 24 33.51 56.31 -71.53
N GLU FA 25 33.55 55.53 -70.45
CA GLU FA 25 33.66 56.13 -69.12
C GLU FA 25 34.98 56.88 -68.96
N LEU FA 26 36.05 56.34 -69.53
CA LEU FA 26 37.33 57.05 -69.52
C LEU FA 26 37.18 58.41 -70.20
N PHE FA 27 36.54 58.43 -71.36
CA PHE FA 27 36.33 59.69 -72.08
C PHE FA 27 35.58 60.69 -71.22
N ASN FA 28 34.47 60.26 -70.60
CA ASN FA 28 33.72 61.13 -69.69
C ASN FA 28 34.57 61.67 -68.55
N ARG FA 29 35.36 60.80 -67.91
CA ARG FA 29 36.30 61.25 -66.89
C ARG FA 29 37.24 62.34 -67.41
N VAL FA 30 37.83 62.11 -68.59
CA VAL FA 30 38.72 63.09 -69.22
C VAL FA 30 37.96 64.31 -69.72
N GLY FA 31 36.64 64.22 -69.83
CA GLY FA 31 35.86 65.28 -70.45
C GLY FA 31 36.04 66.66 -69.85
N ARG FA 32 36.08 66.79 -68.53
CA ARG FA 32 36.26 68.13 -67.98
C ARG FA 32 37.52 68.81 -68.50
N VAL FA 33 38.66 68.11 -68.43
CA VAL FA 33 39.95 68.67 -68.87
C VAL FA 33 40.04 68.78 -70.38
N LEU FA 34 39.60 67.78 -71.12
CA LEU FA 34 39.72 67.83 -72.57
C LEU FA 34 38.71 68.81 -73.16
N LYS FA 35 37.44 68.71 -72.78
CA LYS FA 35 36.40 69.56 -73.34
C LYS FA 35 36.58 71.03 -72.94
N SER FA 36 37.18 71.35 -71.79
CA SER FA 36 37.50 72.75 -71.52
C SER FA 36 38.47 73.31 -72.57
N GLN FA 37 39.54 72.55 -72.84
CA GLN FA 37 40.47 72.91 -73.88
C GLN FA 37 39.79 72.99 -75.25
N LEU FA 38 38.98 72.00 -75.61
CA LEU FA 38 38.32 72.05 -76.91
C LEU FA 38 37.31 73.20 -77.02
N THR FA 39 36.66 73.57 -75.91
CA THR FA 39 35.76 74.73 -75.91
C THR FA 39 36.52 76.00 -76.20
N HIS FA 40 37.71 76.15 -75.63
CA HIS FA 40 38.57 77.26 -76.09
C HIS FA 40 39.11 77.03 -77.49
N TRP FA 41 39.34 75.78 -77.88
CA TRP FA 41 39.93 75.49 -79.18
C TRP FA 41 39.04 76.00 -80.31
N GLN FA 42 37.74 75.72 -80.22
CA GLN FA 42 36.81 76.30 -81.18
C GLN FA 42 36.74 77.82 -81.06
N GLN FA 43 36.92 78.34 -79.85
CA GLN FA 43 37.02 79.78 -79.64
C GLN FA 43 38.30 80.40 -80.19
N GLN FA 44 39.37 79.63 -80.43
CA GLN FA 44 40.68 80.24 -80.62
C GLN FA 44 40.69 81.33 -81.67
N GLN FA 45 39.84 81.25 -82.70
CA GLN FA 45 39.79 82.32 -83.68
C GLN FA 45 39.43 83.65 -83.03
N GLU FA 46 38.48 83.62 -82.08
CA GLU FA 46 38.20 84.80 -81.27
C GLU FA 46 39.27 85.03 -80.21
N ALA FA 47 39.77 83.96 -79.59
CA ALA FA 47 40.59 84.05 -78.38
C ALA FA 47 41.85 83.21 -78.51
N PRO FA 48 42.85 83.71 -79.24
CA PRO FA 48 44.19 83.11 -79.17
C PRO FA 48 45.02 83.62 -77.99
N GLU FA 49 44.54 84.65 -77.29
CA GLU FA 49 45.39 85.48 -76.46
C GLU FA 49 46.14 84.69 -75.40
N ASP FA 50 45.45 83.77 -74.72
CA ASP FA 50 46.09 83.00 -73.65
C ASP FA 50 47.19 82.08 -74.16
N LEU FA 51 46.96 81.36 -75.27
CA LEU FA 51 48.00 80.48 -75.79
C LEU FA 51 49.19 81.26 -76.32
N LEU FA 52 48.93 82.38 -77.00
CA LEU FA 52 50.01 83.23 -77.51
C LEU FA 52 50.88 83.78 -76.39
N GLU FA 53 50.25 84.36 -75.37
CA GLU FA 53 50.99 84.94 -74.24
C GLU FA 53 51.65 83.88 -73.37
N ARG FA 54 51.08 82.69 -73.25
CA ARG FA 54 51.75 81.61 -72.55
C ARG FA 54 53.08 81.26 -73.22
N LEU FA 55 53.07 81.06 -74.54
CA LEU FA 55 54.30 80.74 -75.25
C LEU FA 55 55.36 81.84 -75.12
N LEU FA 56 54.96 83.09 -75.33
CA LEU FA 56 55.90 84.21 -75.19
C LEU FA 56 56.36 84.41 -73.74
N GLY FA 57 55.52 84.06 -72.77
CA GLY FA 57 55.99 84.00 -71.39
C GLY FA 57 57.11 82.99 -71.20
N GLU FA 58 56.96 81.81 -71.78
CA GLU FA 58 58.02 80.81 -71.77
C GLU FA 58 59.27 81.32 -72.48
N MET FA 59 59.08 82.09 -73.55
CA MET FA 59 60.20 82.71 -74.25
C MET FA 59 60.92 83.75 -73.40
N GLU FA 60 60.18 84.50 -72.59
CA GLU FA 60 60.80 85.39 -71.60
C GLU FA 60 61.54 84.63 -70.51
N LEU FA 61 60.98 83.51 -70.04
CA LEU FA 61 61.69 82.67 -69.07
C LEU FA 61 62.99 82.10 -69.65
N GLU FA 62 62.97 81.70 -70.92
CA GLU FA 62 64.22 81.31 -71.58
C GLU FA 62 65.20 82.48 -71.68
N LEU FA 63 64.72 83.63 -72.18
CA LEU FA 63 65.59 84.77 -72.46
C LEU FA 63 66.29 85.30 -71.21
N ILE FA 64 65.66 85.22 -70.04
CA ILE FA 64 66.38 85.55 -68.80
C ILE FA 64 67.47 84.51 -68.50
N GLU FA 65 67.27 83.26 -68.90
CA GLU FA 65 68.38 82.31 -68.87
C GLU FA 65 69.48 82.70 -69.87
N LEU FA 66 69.09 83.01 -71.12
CA LEU FA 66 70.09 83.30 -72.16
C LEU FA 66 71.00 84.46 -71.77
N ARG FA 67 70.45 85.49 -71.13
CA ARG FA 67 71.27 86.58 -70.61
C ARG FA 67 72.21 86.14 -69.49
N ARG FA 68 71.73 85.32 -68.56
CA ARG FA 68 72.63 84.81 -67.53
C ARG FA 68 73.69 83.87 -68.09
N ALA FA 69 73.37 83.11 -69.13
CA ALA FA 69 74.37 82.25 -69.79
C ALA FA 69 75.43 83.07 -70.51
N LEU FA 70 75.03 84.18 -71.13
CA LEU FA 70 76.00 85.15 -71.63
C LEU FA 70 76.89 85.69 -70.52
N ALA FA 71 76.31 86.05 -69.38
CA ALA FA 71 77.13 86.54 -68.28
C ALA FA 71 78.07 85.48 -67.74
N GLN FA 72 77.65 84.21 -67.75
CA GLN FA 72 78.54 83.13 -67.36
C GLN FA 72 79.67 82.91 -68.37
N THR FA 73 79.42 83.13 -69.66
CA THR FA 73 80.50 83.07 -70.64
C THR FA 73 81.50 84.20 -70.47
N ILE FA 74 81.01 85.43 -70.28
CA ILE FA 74 81.93 86.56 -70.05
C ILE FA 74 82.76 86.33 -68.79
N ALA FA 75 82.13 85.83 -67.72
CA ALA FA 75 82.84 85.54 -66.49
C ALA FA 75 83.94 84.49 -66.69
N THR FA 76 83.62 83.41 -67.41
CA THR FA 76 84.62 82.39 -67.72
C THR FA 76 85.71 82.89 -68.67
N PHE FA 77 85.39 83.77 -69.61
CA PHE FA 77 86.40 84.31 -70.51
C PHE FA 77 87.44 85.14 -69.78
N LYS FA 78 86.99 86.10 -68.96
CA LYS FA 78 87.91 86.95 -68.22
C LYS FA 78 88.59 86.22 -67.07
N SER FA 79 87.96 85.19 -66.51
CA SER FA 79 88.68 84.36 -65.53
C SER FA 79 89.85 83.62 -66.18
N THR FA 80 89.67 83.12 -67.41
CA THR FA 80 90.81 82.58 -68.14
C THR FA 80 91.87 83.65 -68.35
N GLU FA 81 91.44 84.88 -68.61
CA GLU FA 81 92.37 86.01 -68.76
C GLU FA 81 93.03 86.39 -67.44
N ARG FA 82 92.31 86.24 -66.32
CA ARG FA 82 92.91 86.43 -65.01
C ARG FA 82 93.99 85.39 -64.74
N GLN FA 83 93.82 84.19 -65.28
CA GLN FA 83 94.89 83.18 -65.19
C GLN FA 83 96.08 83.58 -66.06
N ARG FA 84 95.82 84.18 -67.21
CA ARG FA 84 96.89 84.79 -67.99
C ARG FA 84 97.57 85.92 -67.23
N ASP FA 85 96.79 86.76 -66.54
CA ASP FA 85 97.37 87.83 -65.74
C ASP FA 85 98.31 87.28 -64.66
N ALA FA 86 97.98 86.12 -64.10
CA ALA FA 86 98.91 85.47 -63.17
C ALA FA 86 100.14 84.92 -63.88
N GLN FA 87 99.97 84.26 -65.02
CA GLN FA 87 101.12 83.72 -65.74
C GLN FA 87 102.10 84.83 -66.12
N GLN FA 88 101.59 85.94 -66.65
CA GLN FA 88 102.45 87.06 -67.02
C GLN FA 88 103.05 87.74 -65.79
N LEU FA 89 102.35 87.73 -64.66
CA LEU FA 89 102.93 88.23 -63.42
C LEU FA 89 104.09 87.37 -62.94
N ILE FA 90 103.99 86.05 -63.09
CA ILE FA 90 105.11 85.19 -62.75
C ILE FA 90 106.24 85.33 -63.77
N ALA FA 91 105.92 85.60 -65.03
CA ALA FA 91 106.94 85.95 -66.01
C ALA FA 91 107.69 87.21 -65.61
N GLN FA 92 106.97 88.23 -65.13
CA GLN FA 92 107.62 89.42 -64.58
C GLN FA 92 108.46 89.09 -63.37
N ARG FA 93 107.96 88.20 -62.49
CA ARG FA 93 108.76 87.71 -61.38
C ARG FA 93 110.03 87.01 -61.85
N TRP FA 94 109.98 86.37 -63.02
CA TRP FA 94 111.19 85.81 -63.62
C TRP FA 94 112.11 86.87 -64.19
N TYR FA 95 111.56 87.99 -64.67
CA TYR FA 95 112.42 89.11 -65.05
C TYR FA 95 113.06 89.78 -63.85
N GLU FA 96 112.33 89.92 -62.74
CA GLU FA 96 112.90 90.47 -61.52
C GLU FA 96 114.07 89.62 -61.04
N LYS FA 97 113.89 88.30 -60.99
CA LYS FA 97 114.98 87.39 -60.63
C LYS FA 97 116.13 87.46 -61.62
N ALA FA 98 115.85 87.72 -62.90
CA ALA FA 98 116.93 88.00 -63.84
C ALA FA 98 117.61 89.33 -63.53
N GLN FA 99 116.84 90.36 -63.17
CA GLN FA 99 117.41 91.68 -62.96
C GLN FA 99 118.41 91.66 -61.80
N ALA FA 100 118.19 90.81 -60.80
CA ALA FA 100 119.16 90.62 -59.73
C ALA FA 100 120.47 90.02 -60.22
N ALA FA 101 120.53 89.58 -61.47
CA ALA FA 101 121.76 89.10 -62.08
C ALA FA 101 122.04 89.78 -63.42
N LEU FA 102 121.25 90.77 -63.81
CA LEU FA 102 121.43 91.44 -65.09
C LEU FA 102 122.32 92.67 -64.99
N ASP FA 103 122.85 92.96 -63.81
CA ASP FA 103 123.91 93.94 -63.63
C ASP FA 103 125.22 93.22 -63.32
N ARG FA 104 126.32 93.95 -63.49
CA ARG FA 104 127.68 93.49 -63.22
C ARG FA 104 128.14 92.41 -64.18
N GLY FA 105 127.38 92.12 -65.24
CA GLY FA 105 127.72 91.04 -66.13
C GLY FA 105 127.50 89.66 -65.55
N ASN FA 106 126.75 89.56 -64.46
CA ASN FA 106 126.49 88.29 -63.80
C ASN FA 106 125.26 87.59 -64.36
N GLU FA 107 124.90 87.88 -65.61
CA GLU FA 107 123.67 87.42 -66.25
C GLU FA 107 123.59 85.90 -66.40
N GLN FA 108 124.62 85.18 -65.95
CA GLN FA 108 124.62 83.72 -66.01
C GLN FA 108 123.29 83.12 -65.55
N LEU FA 109 122.80 83.52 -64.38
CA LEU FA 109 121.54 82.96 -63.88
C LEU FA 109 120.36 83.37 -64.73
N ALA FA 110 120.46 84.44 -65.52
CA ALA FA 110 119.39 84.79 -66.43
C ALA FA 110 119.15 83.70 -67.46
N ARG FA 111 120.13 82.84 -67.71
CA ARG FA 111 119.93 81.72 -68.62
C ARG FA 111 118.77 80.85 -68.16
N GLU FA 112 118.81 80.39 -66.91
CA GLU FA 112 117.72 79.60 -66.36
C GLU FA 112 116.45 80.42 -66.14
N ALA FA 113 116.58 81.65 -65.64
CA ALA FA 113 115.40 82.45 -65.32
C ALA FA 113 114.56 82.76 -66.55
N LEU FA 114 115.22 83.20 -67.64
CA LEU FA 114 114.52 83.37 -68.91
C LEU FA 114 114.19 82.05 -69.59
N GLY FA 115 114.96 81.00 -69.33
CA GLY FA 115 114.57 79.69 -69.80
C GLY FA 115 113.23 79.22 -69.26
N GLN FA 116 112.96 79.48 -67.98
CA GLN FA 116 111.61 79.29 -67.45
C GLN FA 116 110.62 80.27 -68.06
N ARG FA 117 110.97 81.55 -68.13
CA ARG FA 117 110.02 82.53 -68.66
C ARG FA 117 109.57 82.19 -70.07
N GLN FA 118 110.43 81.54 -70.87
CA GLN FA 118 110.02 81.13 -72.21
C GLN FA 118 108.80 80.21 -72.17
N SER FA 119 108.80 79.21 -71.27
CA SER FA 119 107.62 78.38 -71.09
C SER FA 119 106.44 79.15 -70.52
N TYR FA 120 106.68 80.14 -69.66
CA TYR FA 120 105.59 80.94 -69.13
C TYR FA 120 104.98 81.85 -70.19
N GLN FA 121 105.80 82.40 -71.08
CA GLN FA 121 105.29 83.19 -72.19
C GLN FA 121 104.49 82.33 -73.18
N SER FA 122 104.88 81.07 -73.38
CA SER FA 122 104.12 80.23 -74.30
C SER FA 122 102.71 79.98 -73.78
N HIS FA 123 102.57 79.67 -72.48
CA HIS FA 123 101.24 79.54 -71.90
C HIS FA 123 100.50 80.88 -71.86
N THR FA 124 101.21 81.98 -71.63
CA THR FA 124 100.56 83.29 -71.62
C THR FA 124 99.98 83.63 -72.99
N GLU FA 125 100.69 83.30 -74.07
CA GLU FA 125 100.19 83.63 -75.41
C GLU FA 125 99.22 82.58 -75.93
N ALA FA 126 99.32 81.35 -75.46
CA ALA FA 126 98.24 80.38 -75.67
C ALA FA 126 96.94 80.86 -75.04
N LEU FA 127 97.01 81.35 -73.80
CA LEU FA 127 95.85 81.95 -73.17
C LEU FA 127 95.38 83.19 -73.94
N GLY FA 128 96.31 84.07 -74.30
CA GLY FA 128 95.93 85.29 -75.00
C GLY FA 128 95.25 85.07 -76.33
N LYS FA 129 95.62 84.00 -77.04
CA LYS FA 129 94.99 83.71 -78.33
C LYS FA 129 93.74 82.86 -78.21
N SER FA 130 93.65 81.99 -77.19
CA SER FA 130 92.36 81.44 -76.81
C SER FA 130 91.39 82.56 -76.45
N LEU FA 131 91.87 83.55 -75.69
CA LEU FA 131 91.09 84.71 -75.29
C LEU FA 131 90.81 85.66 -76.45
N GLY FA 132 91.44 85.45 -77.60
CA GLY FA 132 91.05 86.13 -78.81
C GLY FA 132 89.82 85.49 -79.43
N GLU FA 133 89.76 84.16 -79.40
CA GLU FA 133 88.55 83.48 -79.85
C GLU FA 133 87.41 83.72 -78.88
N GLN FA 134 87.68 83.59 -77.58
CA GLN FA 134 86.68 83.85 -76.56
C GLN FA 134 86.17 85.30 -76.63
N ARG FA 135 87.02 86.23 -77.05
CA ARG FA 135 86.55 87.58 -77.37
C ARG FA 135 85.50 87.53 -78.48
N ALA FA 136 85.87 86.97 -79.63
CA ALA FA 136 84.93 86.89 -80.75
C ALA FA 136 83.66 86.15 -80.37
N LEU FA 137 83.74 85.17 -79.47
CA LEU FA 137 82.56 84.49 -78.98
C LEU FA 137 81.65 85.42 -78.19
N VAL FA 138 82.19 86.17 -77.24
CA VAL FA 138 81.35 87.09 -76.46
C VAL FA 138 80.82 88.23 -77.32
N GLU FA 139 81.57 88.67 -78.33
CA GLU FA 139 81.05 89.67 -79.24
C GLU FA 139 79.91 89.13 -80.10
N GLN FA 140 80.12 87.98 -80.73
CA GLN FA 140 79.09 87.42 -81.62
C GLN FA 140 77.86 86.99 -80.84
N VAL FA 141 78.03 86.46 -79.63
CA VAL FA 141 76.88 86.08 -78.82
C VAL FA 141 76.12 87.31 -78.33
N ARG FA 142 76.83 88.42 -78.08
CA ARG FA 142 76.15 89.68 -77.75
C ARG FA 142 75.37 90.22 -78.94
N GLY FA 143 75.93 90.13 -80.14
CA GLY FA 143 75.19 90.58 -81.31
C GLY FA 143 74.01 89.67 -81.65
N GLN FA 144 74.20 88.36 -81.48
CA GLN FA 144 73.12 87.40 -81.65
C GLN FA 144 71.97 87.71 -80.69
N LEU FA 145 72.28 87.89 -79.42
CA LEU FA 145 71.26 88.24 -78.43
C LEU FA 145 70.58 89.56 -78.77
N GLN FA 146 71.36 90.62 -79.00
CA GLN FA 146 70.75 91.94 -79.18
C GLN FA 146 69.84 92.00 -80.41
N LYS FA 147 70.21 91.29 -81.48
CA LYS FA 147 69.28 91.12 -82.61
C LYS FA 147 68.03 90.34 -82.20
N LEU FA 148 68.23 89.21 -81.51
CA LEU FA 148 67.11 88.31 -81.20
C LEU FA 148 66.13 88.95 -80.23
N GLU FA 149 66.64 89.50 -79.12
CA GLU FA 149 65.78 90.08 -78.10
C GLU FA 149 65.12 91.36 -78.57
N ARG FA 150 65.79 92.14 -79.42
CA ARG FA 150 65.13 93.29 -80.05
C ARG FA 150 64.01 92.83 -80.98
N LYS FA 151 64.22 91.70 -81.65
CA LYS FA 151 63.15 91.11 -82.47
C LYS FA 151 61.99 90.63 -81.60
N TYR FA 152 62.29 90.07 -80.42
CA TYR FA 152 61.26 89.73 -79.46
C TYR FA 152 60.48 90.95 -78.98
N LEU FA 153 61.18 92.06 -78.71
CA LEU FA 153 60.51 93.30 -78.32
C LEU FA 153 59.57 93.79 -79.40
N GLU FA 154 60.05 93.89 -80.64
CA GLU FA 154 59.20 94.30 -81.76
C GLU FA 154 58.10 93.29 -82.04
N LEU FA 155 58.35 92.01 -81.80
CA LEU FA 155 57.31 90.99 -81.93
C LEU FA 155 56.27 91.11 -80.83
N LYS FA 156 56.65 91.51 -79.62
CA LYS FA 156 55.66 91.87 -78.60
C LYS FA 156 54.80 93.03 -79.05
N SER FA 157 55.43 94.06 -79.62
CA SER FA 157 54.68 95.19 -80.16
C SER FA 157 53.67 94.72 -81.20
N GLN FA 158 54.12 93.91 -82.16
CA GLN FA 158 53.23 93.36 -83.18
C GLN FA 158 52.11 92.51 -82.57
N LYS FA 159 52.42 91.67 -81.58
CA LYS FA 159 51.37 90.84 -80.97
C LYS FA 159 50.29 91.70 -80.33
N ASN FA 160 50.69 92.71 -79.55
CA ASN FA 160 49.71 93.61 -78.95
C ASN FA 160 48.84 94.24 -80.04
N LEU FA 161 49.46 94.71 -81.11
CA LEU FA 161 48.73 95.27 -82.25
C LEU FA 161 47.93 94.21 -83.00
N TYR FA 162 48.34 92.95 -82.92
CA TYR FA 162 47.60 91.87 -83.58
C TYR FA 162 46.35 91.47 -82.82
N LEU FA 163 46.41 91.46 -81.49
CA LEU FA 163 45.21 91.24 -80.69
C LEU FA 163 44.21 92.37 -80.87
N ALA FA 164 44.70 93.61 -80.95
CA ALA FA 164 43.82 94.73 -81.28
C ALA FA 164 43.20 94.59 -82.67
N ARG FA 165 44.02 94.30 -83.68
CA ARG FA 165 43.49 94.05 -85.01
C ARG FA 165 42.44 92.93 -85.01
N LEU FA 166 42.74 91.81 -84.35
CA LEU FA 166 41.84 90.68 -84.34
C LEU FA 166 40.50 91.03 -83.70
N LYS FA 167 40.52 91.62 -82.50
CA LYS FA 167 39.29 92.04 -81.85
C LYS FA 167 38.52 93.06 -82.70
N SER FA 168 39.23 93.95 -83.38
CA SER FA 168 38.58 94.95 -84.22
C SER FA 168 37.92 94.31 -85.44
N ALA FA 169 38.62 93.36 -86.07
CA ALA FA 169 38.01 92.60 -87.17
C ALA FA 169 36.79 91.82 -86.71
N ILE FA 170 36.89 91.16 -85.55
CA ILE FA 170 35.77 90.42 -85.00
C ILE FA 170 34.56 91.34 -84.82
N ALA FA 171 34.78 92.52 -84.24
CA ALA FA 171 33.71 93.50 -84.09
C ALA FA 171 33.13 93.90 -85.44
N ALA FA 172 34.00 94.15 -86.43
CA ALA FA 172 33.55 94.50 -87.77
C ALA FA 172 32.69 93.39 -88.37
N GLN FA 173 33.14 92.14 -88.24
CA GLN FA 173 32.34 91.00 -88.69
C GLN FA 173 30.97 91.00 -88.04
N LYS FA 174 30.91 91.33 -86.76
CA LYS FA 174 29.63 91.37 -86.06
C LYS FA 174 28.72 92.50 -86.55
N ILE FA 175 29.27 93.67 -86.88
CA ILE FA 175 28.46 94.72 -87.48
C ILE FA 175 27.94 94.34 -88.86
N GLU FA 176 28.79 93.81 -89.73
CA GLU FA 176 28.32 93.41 -91.06
C GLU FA 176 27.24 92.34 -90.98
N GLU FA 177 27.48 91.27 -90.22
CA GLU FA 177 26.52 90.17 -90.16
C GLU FA 177 25.21 90.56 -89.47
N ILE FA 178 25.28 91.33 -88.39
CA ILE FA 178 24.07 91.80 -87.72
C ILE FA 178 23.36 92.87 -88.55
N ALA FA 179 24.13 93.70 -89.25
CA ALA FA 179 23.54 94.66 -90.18
C ALA FA 179 22.88 93.97 -91.38
N GLY FA 180 23.51 92.94 -91.93
CA GLY FA 180 22.88 92.20 -93.00
C GLY FA 180 21.59 91.50 -92.59
N ASN FA 181 21.57 90.93 -91.39
CA ASN FA 181 20.31 90.39 -90.88
C ASN FA 181 19.31 91.48 -90.53
N LEU FA 182 19.79 92.64 -90.08
CA LEU FA 182 18.88 93.72 -89.71
C LEU FA 182 18.20 94.29 -90.96
N ASP FA 183 18.99 94.63 -91.97
CA ASP FA 183 18.42 95.21 -93.18
C ASP FA 183 17.63 94.17 -93.97
N ASN FA 184 18.25 93.03 -94.26
CA ASN FA 184 17.63 92.07 -95.16
C ASN FA 184 16.45 91.36 -94.50
N ALA FA 185 16.64 90.78 -93.31
CA ALA FA 185 15.55 90.06 -92.66
C ALA FA 185 14.52 91.01 -92.07
N SER FA 186 14.97 91.98 -91.26
CA SER FA 186 14.03 92.82 -90.51
C SER FA 186 13.30 93.78 -91.43
N ALA FA 187 14.05 94.48 -92.30
CA ALA FA 187 13.46 95.55 -93.09
C ALA FA 187 12.48 95.00 -94.12
N SER FA 188 12.80 93.89 -94.77
CA SER FA 188 11.83 93.28 -95.69
C SER FA 188 10.59 92.84 -94.92
N SER FA 189 10.77 92.36 -93.69
CA SER FA 189 9.62 92.02 -92.85
C SER FA 189 8.80 93.27 -92.53
N LEU FA 190 9.45 94.42 -92.36
CA LEU FA 190 8.71 95.64 -92.05
C LEU FA 190 7.97 96.14 -93.28
N PHE FA 191 8.66 96.26 -94.42
CA PHE FA 191 8.05 96.88 -95.58
C PHE FA 191 6.97 95.99 -96.20
N GLU FA 192 7.31 94.74 -96.47
CA GLU FA 192 6.34 93.86 -97.14
C GLU FA 192 5.17 93.44 -96.26
N ARG FA 193 5.38 93.24 -94.94
CA ARG FA 193 4.24 93.00 -94.05
C ARG FA 193 3.40 94.24 -93.77
N ILE FA 194 4.01 95.42 -93.69
CA ILE FA 194 3.21 96.64 -93.52
C ILE FA 194 2.45 96.96 -94.78
N GLU FA 195 3.08 96.80 -95.94
CA GLU FA 195 2.41 97.06 -97.21
C GLU FA 195 1.23 96.11 -97.42
N THR FA 196 1.44 94.81 -97.23
CA THR FA 196 0.33 93.86 -97.41
C THR FA 196 -0.81 94.12 -96.43
N LYS FA 197 -0.48 94.53 -95.20
CA LYS FA 197 -1.55 94.90 -94.26
C LYS FA 197 -2.24 96.19 -94.69
N ILE FA 198 -1.50 97.11 -95.30
CA ILE FA 198 -2.11 98.32 -95.84
C ILE FA 198 -3.07 97.96 -96.98
N LEU FA 199 -2.62 97.07 -97.86
CA LEU FA 199 -3.46 96.59 -98.95
C LEU FA 199 -4.73 95.94 -98.43
N GLU FA 200 -4.64 95.23 -97.31
CA GLU FA 200 -5.83 94.64 -96.70
C GLU FA 200 -6.77 95.74 -96.22
N LEU FA 201 -6.21 96.82 -95.67
CA LEU FA 201 -7.03 97.97 -95.30
C LEU FA 201 -7.62 98.65 -96.54
N GLU FA 202 -6.87 98.65 -97.64
CA GLU FA 202 -7.32 99.27 -98.88
C GLU FA 202 -8.41 98.46 -99.58
N ALA FA 203 -8.40 97.13 -99.43
CA ALA FA 203 -9.49 96.31 -99.93
C ALA FA 203 -10.81 96.64 -99.23
N GLU FA 204 -10.75 96.99 -97.95
CA GLU FA 204 -11.93 97.54 -97.29
C GLU FA 204 -12.20 98.99 -97.67
N ARG FA 205 -11.16 99.76 -98.01
CA ARG FA 205 -11.40 101.12 -98.51
C ARG FA 205 -12.22 101.09 -99.80
N GLU FA 206 -11.83 100.25 -100.76
CA GLU FA 206 -12.56 100.14 -102.02
C GLU FA 206 -13.90 99.45 -101.88
N LEU FA 207 -14.19 98.84 -100.74
CA LEU FA 207 -15.55 98.41 -100.45
C LEU FA 207 -16.40 99.53 -99.87
N LEU FA 208 -15.81 100.42 -99.08
CA LEU FA 208 -16.52 101.54 -98.48
C LEU FA 208 -16.55 102.78 -99.36
N ASN FA 209 -15.72 102.83 -100.41
CA ASN FA 209 -15.42 104.08 -101.10
C ASN FA 209 -15.22 103.82 -102.59
N PRO FA 210 -16.00 104.43 -103.47
CA PRO FA 210 -15.76 104.27 -104.90
C PRO FA 210 -14.39 104.81 -105.27
N PRO FA 211 -13.73 104.20 -106.26
CA PRO FA 211 -12.46 104.75 -106.73
C PRO FA 211 -12.60 106.22 -107.10
N PRO FA 212 -11.83 107.11 -106.46
CA PRO FA 212 -11.91 108.53 -106.80
C PRO FA 212 -11.29 108.86 -108.15
N SER FA 213 -12.02 108.59 -109.23
CA SER FA 213 -11.55 108.83 -110.58
C SER FA 213 -11.34 110.33 -110.80
N PRO FA 214 -10.65 110.74 -111.87
CA PRO FA 214 -10.56 112.18 -112.17
C PRO FA 214 -11.91 112.83 -112.41
N LEU FA 215 -12.94 112.05 -112.78
CA LEU FA 215 -14.22 112.65 -113.15
C LEU FA 215 -14.92 113.24 -111.93
N ASP FA 216 -15.22 112.40 -110.94
CA ASP FA 216 -15.86 112.90 -109.71
C ASP FA 216 -15.00 113.93 -109.01
N LYS FA 217 -13.68 113.81 -109.11
CA LYS FA 217 -12.80 114.83 -108.52
C LYS FA 217 -13.03 116.20 -109.15
N LYS FA 218 -13.13 116.24 -110.48
CA LYS FA 218 -13.37 117.52 -111.15
C LYS FA 218 -14.76 118.07 -110.81
N PHE FA 219 -15.75 117.20 -110.68
CA PHE FA 219 -17.09 117.63 -110.29
C PHE FA 219 -17.09 118.24 -108.89
N GLU FA 220 -16.37 117.63 -107.95
CA GLU FA 220 -16.28 118.18 -106.60
C GLU FA 220 -15.58 119.53 -106.61
N GLN FA 221 -14.53 119.67 -107.43
CA GLN FA 221 -13.85 120.95 -107.55
C GLN FA 221 -14.78 122.02 -108.10
N TRP FA 222 -15.58 121.67 -109.12
CA TRP FA 222 -16.56 122.60 -109.65
C TRP FA 222 -17.63 122.94 -108.61
N GLU FA 223 -17.95 122.00 -107.73
CA GLU FA 223 -18.92 122.30 -106.66
C GLU FA 223 -18.39 123.39 -105.74
N GLU FA 224 -17.10 123.30 -105.36
CA GLU FA 224 -16.50 124.36 -104.58
C GLU FA 224 -16.48 125.67 -105.37
N GLN FA 225 -16.18 125.59 -106.66
CA GLN FA 225 -16.20 126.78 -107.52
C GLN FA 225 -17.57 127.42 -107.54
N GLN FA 226 -18.63 126.60 -107.57
CA GLN FA 226 -19.98 127.13 -107.62
C GLN FA 226 -20.42 127.69 -106.28
N ALA FA 227 -19.91 127.15 -105.17
CA ALA FA 227 -20.17 127.75 -103.87
C ALA FA 227 -19.60 129.16 -103.79
N VAL FA 228 -18.35 129.33 -104.21
CA VAL FA 228 -17.74 130.66 -104.21
C VAL FA 228 -18.41 131.55 -105.24
N GLU FA 229 -18.88 131.00 -106.35
CA GLU FA 229 -19.60 131.84 -107.30
C GLU FA 229 -20.93 132.32 -106.73
N ALA FA 230 -21.55 131.53 -105.85
CA ALA FA 230 -22.75 132.00 -105.16
C ALA FA 230 -22.44 133.08 -104.12
N THR FA 231 -21.32 132.96 -103.41
CA THR FA 231 -20.89 134.02 -102.50
C THR FA 231 -20.61 135.31 -103.28
N LEU FA 232 -19.97 135.19 -104.45
CA LEU FA 232 -19.74 136.37 -105.28
C LEU FA 232 -21.07 136.98 -105.71
N ALA FA 233 -22.07 136.16 -106.01
CA ALA FA 233 -23.37 136.69 -106.40
C ALA FA 233 -23.98 137.50 -105.26
N ALA FA 234 -23.91 136.97 -104.03
CA ALA FA 234 -24.36 137.73 -102.87
C ALA FA 234 -23.58 139.01 -102.70
N MET FA 235 -22.26 138.96 -102.90
CA MET FA 235 -21.43 140.16 -102.78
C MET FA 235 -21.92 141.25 -103.72
N LYS FA 236 -22.09 140.94 -105.01
CA LYS FA 236 -22.42 141.96 -105.99
C LYS FA 236 -23.91 142.34 -105.95
N ALA FA 237 -24.75 141.49 -105.35
CA ALA FA 237 -26.14 141.87 -105.14
C ALA FA 237 -26.27 142.87 -103.99
N ARG FA 238 -25.51 142.68 -102.92
CA ARG FA 238 -25.43 143.69 -101.88
C ARG FA 238 -24.80 144.97 -102.42
N ARG FA 239 -23.80 144.84 -103.30
CA ARG FA 239 -23.15 145.99 -103.90
C ARG FA 239 -24.05 146.71 -104.91
N SER FA 240 -25.08 146.06 -105.45
CA SER FA 240 -25.95 146.71 -106.43
C SER FA 240 -26.54 148.00 -105.87
N MET GA 24 94.00 -8.86 1.31
CA MET GA 24 93.14 -9.67 2.16
C MET GA 24 92.57 -8.82 3.30
N GLU GA 25 91.29 -9.03 3.63
CA GLU GA 25 90.70 -8.29 4.74
C GLU GA 25 91.37 -8.66 6.05
N LEU GA 26 91.74 -9.94 6.22
CA LEU GA 26 92.50 -10.34 7.39
C LEU GA 26 93.80 -9.56 7.49
N PHE GA 27 94.52 -9.46 6.37
CA PHE GA 27 95.77 -8.71 6.36
C PHE GA 27 95.56 -7.27 6.78
N ASN GA 28 94.55 -6.60 6.23
CA ASN GA 28 94.23 -5.23 6.62
C ASN GA 28 93.91 -5.12 8.11
N ARG GA 29 93.10 -6.03 8.65
CA ARG GA 29 92.86 -6.07 10.09
C ARG GA 29 94.16 -6.17 10.90
N VAL GA 30 95.05 -7.08 10.49
CA VAL GA 30 96.33 -7.25 11.16
C VAL GA 30 97.27 -6.08 10.88
N GLY GA 31 96.96 -5.26 9.87
CA GLY GA 31 97.87 -4.21 9.43
C GLY GA 31 98.34 -3.25 10.52
N ARG GA 32 97.45 -2.79 11.38
CA ARG GA 32 97.89 -1.86 12.41
C ARG GA 32 99.03 -2.45 13.26
N VAL GA 33 98.83 -3.67 13.77
CA VAL GA 33 99.82 -4.32 14.63
C VAL GA 33 101.05 -4.78 13.86
N LEU GA 34 100.86 -5.37 12.68
CA LEU GA 34 102.01 -5.86 11.92
C LEU GA 34 102.81 -4.70 11.32
N LYS GA 35 102.13 -3.78 10.64
CA LYS GA 35 102.82 -2.67 9.97
C LYS GA 35 103.46 -1.71 10.97
N SER GA 36 102.96 -1.56 12.20
CA SER GA 36 103.70 -0.77 13.18
C SER GA 36 105.07 -1.41 13.47
N GLN GA 37 105.07 -2.72 13.70
CA GLN GA 37 106.32 -3.45 13.88
C GLN GA 37 107.20 -3.35 12.64
N LEU GA 38 106.66 -3.56 11.45
CA LEU GA 38 107.50 -3.46 10.25
C LEU GA 38 108.03 -2.05 10.01
N THR GA 39 107.27 -1.01 10.37
CA THR GA 39 107.76 0.37 10.27
C THR GA 39 108.94 0.60 11.17
N HIS GA 40 108.92 0.04 12.39
CA HIS GA 40 110.15 0.04 13.18
C HIS GA 40 111.20 -0.92 12.62
N TRP GA 41 110.78 -2.02 12.00
CA TRP GA 41 111.73 -3.02 11.51
C TRP GA 41 112.64 -2.41 10.46
N GLN GA 42 112.07 -1.68 9.51
CA GLN GA 42 112.91 -0.94 8.56
C GLN GA 42 113.74 0.13 9.25
N GLN GA 43 113.21 0.72 10.31
CA GLN GA 43 113.97 1.67 11.13
C GLN GA 43 115.08 1.03 11.95
N GLN GA 44 115.05 -0.29 12.20
CA GLN GA 44 115.90 -0.86 13.24
C GLN GA 44 117.37 -0.47 13.11
N GLN GA 45 117.86 -0.25 11.88
CA GLN GA 45 119.25 0.18 11.74
C GLN GA 45 119.48 1.50 12.45
N GLU GA 46 118.52 2.42 12.36
CA GLU GA 46 118.57 3.64 13.16
C GLU GA 46 118.19 3.39 14.62
N ALA GA 47 117.19 2.52 14.86
CA ALA GA 47 116.55 2.39 16.17
C ALA GA 47 116.45 0.93 16.58
N PRO GA 48 117.56 0.35 17.04
CA PRO GA 48 117.48 -0.95 17.74
C PRO GA 48 117.12 -0.82 19.21
N GLU GA 49 117.11 0.40 19.75
CA GLU GA 49 117.22 0.62 21.18
C GLU GA 49 116.13 -0.09 21.97
N ASP GA 50 114.88 -0.01 21.50
CA ASP GA 50 113.77 -0.63 22.23
C ASP GA 50 113.86 -2.14 22.28
N LEU GA 51 114.18 -2.80 21.16
CA LEU GA 51 114.30 -4.25 21.17
C LEU GA 51 115.48 -4.72 22.01
N LEU GA 52 116.61 -4.03 21.92
CA LEU GA 52 117.78 -4.37 22.72
C LEU GA 52 117.51 -4.26 24.21
N GLU GA 53 116.94 -3.13 24.65
CA GLU GA 53 116.65 -2.92 26.06
C GLU GA 53 115.51 -3.80 26.57
N ARG GA 54 114.55 -4.14 25.72
CA ARG GA 54 113.52 -5.10 26.12
C ARG GA 54 114.14 -6.45 26.48
N LEU GA 55 115.00 -6.98 25.60
CA LEU GA 55 115.65 -8.26 25.88
C LEU GA 55 116.48 -8.23 27.15
N LEU GA 56 117.33 -7.20 27.31
CA LEU GA 56 118.14 -7.07 28.52
C LEU GA 56 117.30 -6.80 29.77
N GLY GA 57 116.15 -6.16 29.62
CA GLY GA 57 115.20 -6.10 30.73
C GLY GA 57 114.72 -7.47 31.16
N GLU GA 58 114.39 -8.32 30.20
CA GLU GA 58 114.03 -9.71 30.49
C GLU GA 58 115.19 -10.45 31.14
N MET GA 59 116.42 -10.14 30.72
CA MET GA 59 117.61 -10.73 31.34
C MET GA 59 117.80 -10.27 32.78
N GLU GA 60 117.47 -9.02 33.08
CA GLU GA 60 117.43 -8.56 34.48
C GLU GA 60 116.33 -9.24 35.29
N LEU GA 61 115.16 -9.44 34.70
CA LEU GA 61 114.10 -10.18 35.39
C LEU GA 61 114.50 -11.62 35.68
N GLU GA 62 115.21 -12.27 34.75
CA GLU GA 62 115.76 -13.59 35.03
C GLU GA 62 116.80 -13.52 36.14
N LEU GA 63 117.76 -12.60 36.03
CA LEU GA 63 118.90 -12.53 36.96
C LEU GA 63 118.48 -12.28 38.40
N ILE GA 64 117.39 -11.54 38.63
CA ILE GA 64 116.86 -11.44 39.99
C ILE GA 64 116.26 -12.77 40.45
N GLU GA 65 115.74 -13.58 39.54
CA GLU GA 65 115.42 -14.97 39.90
C GLU GA 65 116.68 -15.77 40.22
N LEU GA 66 117.70 -15.69 39.35
CA LEU GA 66 118.91 -16.50 39.55
C LEU GA 66 119.56 -16.25 40.90
N ARG GA 67 119.58 -15.00 41.35
CA ARG GA 67 120.08 -14.68 42.69
C ARG GA 67 119.21 -15.27 43.80
N ARG GA 68 117.88 -15.21 43.67
CA ARG GA 68 117.03 -15.84 44.66
C ARG GA 68 117.14 -17.36 44.65
N ALA GA 69 117.36 -17.96 43.48
CA ALA GA 69 117.57 -19.40 43.39
C ALA GA 69 118.88 -19.83 44.04
N LEU GA 70 119.93 -19.01 43.89
CA LEU GA 70 121.15 -19.20 44.68
C LEU GA 70 120.88 -19.12 46.18
N ALA GA 71 120.11 -18.13 46.61
CA ALA GA 71 119.79 -18.03 48.03
C ALA GA 71 118.97 -19.21 48.53
N GLN GA 72 118.08 -19.75 47.68
CA GLN GA 72 117.35 -20.97 48.04
C GLN GA 72 118.26 -22.20 48.13
N THR GA 73 119.30 -22.27 47.29
CA THR GA 73 120.26 -23.36 47.41
C THR GA 73 121.09 -23.25 48.68
N ILE GA 74 121.58 -22.05 49.01
CA ILE GA 74 122.32 -21.88 50.25
C ILE GA 74 121.46 -22.21 51.46
N ALA GA 75 120.20 -21.77 51.44
CA ALA GA 75 119.28 -22.08 52.54
C ALA GA 75 119.06 -23.58 52.70
N THR GA 76 118.86 -24.29 51.59
CA THR GA 76 118.71 -25.75 51.65
C THR GA 76 120.00 -26.47 52.04
N PHE GA 77 121.16 -25.95 51.65
CA PHE GA 77 122.43 -26.57 52.04
C PHE GA 77 122.66 -26.52 53.54
N LYS GA 78 122.52 -25.33 54.13
CA LYS GA 78 122.73 -25.17 55.57
C LYS GA 78 121.58 -25.77 56.39
N SER GA 79 120.37 -25.84 55.85
CA SER GA 79 119.32 -26.58 56.55
C SER GA 79 119.64 -28.06 56.63
N THR GA 80 120.20 -28.65 55.57
CA THR GA 80 120.71 -30.01 55.68
C THR GA 80 121.79 -30.11 56.75
N GLU GA 81 122.64 -29.08 56.84
CA GLU GA 81 123.67 -29.03 57.86
C GLU GA 81 123.09 -28.82 59.25
N ARG GA 82 121.98 -28.08 59.36
CA ARG GA 82 121.27 -27.97 60.64
C ARG GA 82 120.71 -29.32 61.07
N GLN GA 83 120.33 -30.16 60.12
CA GLN GA 83 119.91 -31.52 60.45
C GLN GA 83 121.09 -32.35 60.92
N ARG GA 84 122.27 -32.13 60.33
CA ARG GA 84 123.49 -32.71 60.87
C ARG GA 84 123.79 -32.20 62.27
N ASP GA 85 123.61 -30.90 62.51
CA ASP GA 85 123.80 -30.35 63.84
C ASP GA 85 122.90 -31.02 64.87
N ALA GA 86 121.69 -31.39 64.48
CA ALA GA 86 120.82 -32.16 65.37
C ALA GA 86 121.32 -33.59 65.55
N GLN GA 87 121.73 -34.26 64.47
CA GLN GA 87 122.23 -35.62 64.60
C GLN GA 87 123.43 -35.69 65.52
N GLN GA 88 124.40 -34.78 65.34
CA GLN GA 88 125.57 -34.75 66.20
C GLN GA 88 125.23 -34.34 67.63
N LEU GA 89 124.19 -33.52 67.81
CA LEU GA 89 123.73 -33.20 69.16
C LEU GA 89 123.13 -34.42 69.86
N ILE GA 90 122.41 -35.26 69.12
CA ILE GA 90 121.91 -36.50 69.72
C ILE GA 90 123.04 -37.50 69.95
N ALA GA 91 124.06 -37.48 69.09
CA ALA GA 91 125.27 -38.26 69.36
C ALA GA 91 125.94 -37.82 70.66
N GLN GA 92 126.03 -36.51 70.90
CA GLN GA 92 126.52 -36.01 72.18
C GLN GA 92 125.61 -36.43 73.33
N ARG GA 93 124.29 -36.40 73.11
CA ARG GA 93 123.35 -36.93 74.10
C ARG GA 93 123.60 -38.41 74.38
N TRP GA 94 124.06 -39.16 73.38
CA TRP GA 94 124.48 -40.54 73.59
C TRP GA 94 125.79 -40.66 74.35
N TYR GA 95 126.70 -39.69 74.18
CA TYR GA 95 127.89 -39.67 75.03
C TYR GA 95 127.56 -39.30 76.47
N GLU GA 96 126.64 -38.36 76.69
CA GLU GA 96 126.21 -38.02 78.04
C GLU GA 96 125.62 -39.24 78.75
N LYS GA 97 124.72 -39.96 78.07
CA LYS GA 97 124.17 -41.20 78.62
C LYS GA 97 125.24 -42.25 78.86
N ALA GA 98 126.29 -42.27 78.02
CA ALA GA 98 127.44 -43.12 78.32
C ALA GA 98 128.20 -42.63 79.55
N GLN GA 99 128.37 -41.31 79.68
CA GLN GA 99 129.16 -40.77 80.77
C GLN GA 99 128.55 -41.12 82.13
N ALA GA 100 127.22 -41.22 82.20
CA ALA GA 100 126.54 -41.68 83.41
C ALA GA 100 126.87 -43.13 83.75
N ALA GA 101 127.56 -43.84 82.86
CA ALA GA 101 128.03 -45.19 83.12
C ALA GA 101 129.51 -45.36 82.82
N LEU GA 102 130.22 -44.28 82.48
CA LEU GA 102 131.63 -44.36 82.15
C LEU GA 102 132.53 -44.14 83.35
N ASP GA 103 131.96 -43.94 84.52
CA ASP GA 103 132.70 -43.98 85.78
C ASP GA 103 132.37 -45.25 86.53
N ARG GA 104 133.22 -45.59 87.50
CA ARG GA 104 133.07 -46.74 88.39
C ARG GA 104 133.23 -48.07 87.66
N GLY GA 105 133.67 -48.05 86.40
CA GLY GA 105 133.75 -49.27 85.63
C GLY GA 105 132.41 -49.85 85.22
N ASN GA 106 131.35 -49.06 85.31
CA ASN GA 106 130.00 -49.51 84.97
C ASN GA 106 129.68 -49.30 83.49
N GLU GA 107 130.70 -49.24 82.64
CA GLU GA 107 130.58 -48.90 81.23
C GLU GA 107 129.74 -49.88 80.42
N GLN GA 108 129.22 -50.93 81.07
CA GLN GA 108 128.36 -51.91 80.41
C GLN GA 108 127.32 -51.25 79.51
N LEU GA 109 126.56 -50.28 80.04
CA LEU GA 109 125.54 -49.63 79.24
C LEU GA 109 126.11 -48.80 78.10
N ALA GA 110 127.39 -48.42 78.18
CA ALA GA 110 128.02 -47.73 77.07
C ALA GA 110 128.05 -48.59 75.82
N ARG GA 111 127.96 -49.91 75.96
CA ARG GA 111 127.90 -50.79 74.81
C ARG GA 111 126.72 -50.42 73.90
N GLU GA 112 125.52 -50.36 74.48
CA GLU GA 112 124.35 -49.96 73.71
C GLU GA 112 124.36 -48.48 73.33
N ALA GA 113 124.77 -47.61 74.26
CA ALA GA 113 124.73 -46.17 73.99
C ALA GA 113 125.64 -45.78 72.83
N LEU GA 114 126.88 -46.27 72.82
CA LEU GA 114 127.76 -46.06 71.68
C LEU GA 114 127.37 -46.92 70.48
N GLY GA 115 126.73 -48.06 70.70
CA GLY GA 115 126.17 -48.79 69.57
C GLY GA 115 125.14 -48.01 68.78
N GLN GA 116 124.28 -47.26 69.47
CA GLN GA 116 123.43 -46.29 68.79
C GLN GA 116 124.23 -45.16 68.17
N ARG GA 117 125.16 -44.57 68.93
CA ARG GA 117 125.92 -43.44 68.40
C ARG GA 117 126.65 -43.79 67.11
N GLN GA 118 127.07 -45.05 66.94
CA GLN GA 118 127.70 -45.45 65.69
C GLN GA 118 126.80 -45.21 64.49
N SER GA 119 125.52 -45.58 64.58
CA SER GA 119 124.57 -45.26 63.52
C SER GA 119 124.32 -43.76 63.39
N TYR GA 120 124.35 -43.03 64.51
CA TYR GA 120 124.17 -41.58 64.42
C TYR GA 120 125.37 -40.89 63.78
N GLN GA 121 126.57 -41.37 64.05
CA GLN GA 121 127.76 -40.84 63.39
C GLN GA 121 127.77 -41.15 61.89
N SER GA 122 127.25 -42.31 61.49
CA SER GA 122 127.22 -42.63 60.06
C SER GA 122 126.32 -41.66 59.30
N HIS GA 123 125.13 -41.36 59.84
CA HIS GA 123 124.28 -40.35 59.22
C HIS GA 123 124.88 -38.95 59.32
N THR GA 124 125.57 -38.65 60.42
CA THR GA 124 126.21 -37.34 60.56
C THR GA 124 127.29 -37.14 59.50
N GLU GA 125 128.08 -38.17 59.20
CA GLU GA 125 129.15 -38.03 58.22
C GLU GA 125 128.64 -38.20 56.79
N ALA GA 126 127.55 -38.93 56.59
CA ALA GA 126 126.85 -38.89 55.32
C ALA GA 126 126.34 -37.49 55.02
N LEU GA 127 125.73 -36.84 56.02
CA LEU GA 127 125.34 -35.45 55.86
C LEU GA 127 126.56 -34.55 55.63
N GLY GA 128 127.61 -34.73 56.43
CA GLY GA 128 128.78 -33.88 56.30
C GLY GA 128 129.47 -33.96 54.94
N LYS GA 129 129.45 -35.14 54.31
CA LYS GA 129 130.06 -35.30 53.00
C LYS GA 129 129.13 -34.95 51.84
N SER GA 130 127.82 -35.15 52.01
CA SER GA 130 126.86 -34.50 51.12
C SER GA 130 127.04 -32.98 51.16
N LEU GA 131 127.21 -32.43 52.37
CA LEU GA 131 127.42 -31.02 52.59
C LEU GA 131 128.80 -30.56 52.12
N GLY GA 132 129.69 -31.48 51.77
CA GLY GA 132 130.92 -31.13 51.09
C GLY GA 132 130.68 -30.90 49.61
N GLU GA 133 129.82 -31.72 49.01
CA GLU GA 133 129.42 -31.48 47.63
C GLU GA 133 128.56 -30.23 47.52
N GLN GA 134 127.58 -30.11 48.42
CA GLN GA 134 126.73 -28.92 48.45
C GLN GA 134 127.53 -27.65 48.70
N ARG GA 135 128.64 -27.75 49.44
CA ARG GA 135 129.59 -26.64 49.51
C ARG GA 135 130.13 -26.30 48.13
N ALA GA 136 130.73 -27.27 47.46
CA ALA GA 136 131.28 -27.02 46.13
C ALA GA 136 130.22 -26.52 45.16
N LEU GA 137 128.97 -26.94 45.32
CA LEU GA 137 127.88 -26.41 44.50
C LEU GA 137 127.63 -24.93 44.76
N VAL GA 138 127.52 -24.52 46.03
CA VAL GA 138 127.29 -23.11 46.31
C VAL GA 138 128.50 -22.26 45.95
N GLU GA 139 129.72 -22.79 46.04
CA GLU GA 139 130.89 -22.06 45.59
C GLU GA 139 130.90 -21.89 44.07
N GLN GA 140 130.73 -22.98 43.34
CA GLN GA 140 130.78 -22.92 41.88
C GLN GA 140 129.62 -22.11 41.31
N VAL GA 141 128.44 -22.20 41.91
CA VAL GA 141 127.31 -21.41 41.44
C VAL GA 141 127.52 -19.93 41.75
N ARG GA 142 128.18 -19.61 42.86
CA ARG GA 142 128.54 -18.22 43.14
C ARG GA 142 129.56 -17.69 42.14
N GLY GA 143 130.56 -18.50 41.78
CA GLY GA 143 131.52 -18.06 40.78
C GLY GA 143 130.91 -17.95 39.39
N GLN GA 144 130.02 -18.89 39.05
CA GLN GA 144 129.29 -18.82 37.79
C GLN GA 144 128.47 -17.53 37.71
N LEU GA 145 127.71 -17.24 38.76
CA LEU GA 145 126.93 -16.00 38.79
C LEU GA 145 127.82 -14.77 38.71
N GLN GA 146 128.85 -14.68 39.56
CA GLN GA 146 129.63 -13.46 39.62
C GLN GA 146 130.36 -13.17 38.31
N LYS GA 147 130.82 -14.21 37.60
CA LYS GA 147 131.32 -14.03 36.24
C LYS GA 147 130.22 -13.56 35.30
N LEU GA 148 129.06 -14.22 35.34
CA LEU GA 148 128.00 -13.95 34.38
C LEU GA 148 127.40 -12.56 34.56
N GLU GA 149 127.05 -12.20 35.80
CA GLU GA 149 126.43 -10.92 36.07
C GLU GA 149 127.40 -9.77 35.90
N ARG GA 150 128.69 -9.98 36.20
CA ARG GA 150 129.69 -8.96 35.87
C ARG GA 150 129.82 -8.78 34.37
N LYS GA 151 129.68 -9.87 33.62
CA LYS GA 151 129.66 -9.78 32.16
C LYS GA 151 128.43 -9.02 31.68
N TYR GA 152 127.28 -9.24 32.33
CA TYR GA 152 126.08 -8.45 32.04
C TYR GA 152 126.28 -6.97 32.34
N LEU GA 153 126.94 -6.64 33.45
CA LEU GA 153 127.24 -5.25 33.77
C LEU GA 153 128.12 -4.60 32.70
N GLU GA 154 129.22 -5.26 32.34
CA GLU GA 154 130.09 -4.74 31.28
C GLU GA 154 129.41 -4.73 29.93
N LEU GA 155 128.50 -5.67 29.68
CA LEU GA 155 127.71 -5.67 28.46
C LEU GA 155 126.69 -4.52 28.44
N LYS GA 156 126.14 -4.17 29.60
CA LYS GA 156 125.35 -2.93 29.69
C LYS GA 156 126.19 -1.71 29.35
N SER GA 157 127.41 -1.65 29.88
CA SER GA 157 128.31 -0.55 29.55
C SER GA 157 128.54 -0.48 28.04
N GLN GA 158 128.87 -1.62 27.43
CA GLN GA 158 129.06 -1.69 25.98
C GLN GA 158 127.81 -1.29 25.21
N LYS GA 159 126.62 -1.74 25.63
CA LYS GA 159 125.39 -1.37 24.92
C LYS GA 159 125.18 0.13 24.94
N ASN GA 160 125.32 0.76 26.11
CA ASN GA 160 125.19 2.21 26.20
C ASN GA 160 126.14 2.89 25.23
N LEU GA 161 127.40 2.44 25.23
CA LEU GA 161 128.40 2.95 24.30
C LEU GA 161 128.12 2.58 22.86
N TYR GA 162 127.38 1.50 22.63
CA TYR GA 162 127.03 1.09 21.27
C TYR GA 162 125.90 1.93 20.69
N LEU GA 163 124.91 2.28 21.51
CA LEU GA 163 123.87 3.22 21.08
C LEU GA 163 124.45 4.59 20.78
N ALA GA 164 125.40 5.05 21.60
CA ALA GA 164 126.11 6.29 21.31
C ALA GA 164 126.90 6.19 20.01
N ARG GA 165 127.68 5.13 19.84
CA ARG GA 165 128.40 4.91 18.58
C ARG GA 165 127.45 4.90 17.39
N LEU GA 166 126.34 4.16 17.49
CA LEU GA 166 125.40 4.05 16.38
C LEU GA 166 124.80 5.40 16.01
N LYS GA 167 124.28 6.13 16.99
CA LYS GA 167 123.74 7.47 16.71
C LYS GA 167 124.80 8.40 16.14
N SER GA 168 126.04 8.29 16.61
CA SER GA 168 127.11 9.13 16.10
C SER GA 168 127.47 8.79 14.66
N ALA GA 169 127.54 7.50 14.34
CA ALA GA 169 127.73 7.07 12.96
C ALA GA 169 126.60 7.54 12.06
N ILE GA 170 125.35 7.40 12.53
CA ILE GA 170 124.20 7.86 11.76
C ILE GA 170 124.32 9.35 11.45
N ALA GA 171 124.67 10.15 12.45
CA ALA GA 171 124.90 11.58 12.25
C ALA GA 171 126.01 11.82 11.23
N ALA GA 172 127.11 11.09 11.34
CA ALA GA 172 128.22 11.21 10.40
C ALA GA 172 127.77 10.89 8.97
N GLN GA 173 127.01 9.81 8.81
CA GLN GA 173 126.44 9.46 7.51
C GLN GA 173 125.62 10.61 6.96
N LYS GA 174 124.84 11.26 7.82
CA LYS GA 174 124.02 12.38 7.38
C LYS GA 174 124.86 13.60 6.96
N ILE GA 175 125.96 13.88 7.66
CA ILE GA 175 126.85 14.95 7.21
C ILE GA 175 127.52 14.63 5.87
N GLU GA 176 128.05 13.43 5.71
CA GLU GA 176 128.68 13.09 4.43
C GLU GA 176 127.68 13.15 3.28
N GLU GA 177 126.52 12.52 3.42
CA GLU GA 177 125.56 12.47 2.33
C GLU GA 177 124.96 13.85 2.01
N ILE GA 178 124.64 14.63 3.04
CA ILE GA 178 124.12 15.99 2.81
C ILE GA 178 125.22 16.92 2.30
N ALA GA 179 126.46 16.72 2.78
CA ALA GA 179 127.59 17.47 2.25
C ALA GA 179 127.89 17.11 0.79
N GLY GA 180 127.82 15.83 0.44
CA GLY GA 180 128.01 15.44 -0.94
C GLY GA 180 126.95 15.99 -1.87
N ASN GA 181 125.69 16.01 -1.43
CA ASN GA 181 124.66 16.68 -2.22
C ASN GA 181 124.82 18.18 -2.22
N LEU GA 182 125.31 18.76 -1.12
CA LEU GA 182 125.48 20.21 -1.06
C LEU GA 182 126.59 20.67 -2.00
N ASP GA 183 127.75 20.03 -1.91
CA ASP GA 183 128.87 20.43 -2.76
C ASP GA 183 128.62 20.05 -4.22
N ASN GA 184 128.28 18.78 -4.46
CA ASN GA 184 128.20 18.30 -5.83
C ASN GA 184 126.98 18.86 -6.56
N ALA GA 185 125.79 18.71 -5.98
CA ALA GA 185 124.58 19.19 -6.66
C ALA GA 185 124.46 20.71 -6.59
N SER GA 186 124.57 21.28 -5.38
CA SER GA 186 124.29 22.71 -5.21
C SER GA 186 125.39 23.56 -5.83
N ALA GA 187 126.65 23.24 -5.53
CA ALA GA 187 127.76 24.10 -5.93
C ALA GA 187 127.95 24.10 -7.44
N SER GA 188 127.82 22.95 -8.09
CA SER GA 188 127.88 22.93 -9.55
C SER GA 188 126.73 23.73 -10.14
N SER GA 189 125.56 23.68 -9.50
CA SER GA 189 124.44 24.50 -9.94
C SER GA 189 124.75 25.99 -9.76
N LEU GA 190 125.50 26.34 -8.71
CA LEU GA 190 125.83 27.75 -8.50
C LEU GA 190 126.88 28.21 -9.52
N PHE GA 191 127.97 27.46 -9.67
CA PHE GA 191 129.06 27.94 -10.50
C PHE GA 191 128.70 27.90 -11.98
N GLU GA 192 128.22 26.76 -12.46
CA GLU GA 192 127.94 26.65 -13.89
C GLU GA 192 126.72 27.44 -14.35
N ARG GA 193 125.67 27.58 -13.51
CA ARG GA 193 124.58 28.48 -13.87
C ARG GA 193 124.91 29.97 -13.73
N ILE GA 194 125.74 30.34 -12.76
CA ILE GA 194 126.15 31.74 -12.67
C ILE GA 194 127.10 32.10 -13.80
N GLU GA 195 128.03 31.19 -14.12
CA GLU GA 195 128.96 31.43 -15.21
C GLU GA 195 128.24 31.56 -16.54
N THR GA 196 127.35 30.62 -16.87
CA THR GA 196 126.61 30.70 -18.13
C THR GA 196 125.75 31.97 -18.21
N LYS GA 197 125.17 32.39 -17.10
CA LYS GA 197 124.44 33.65 -17.09
C LYS GA 197 125.37 34.84 -17.26
N ILE GA 198 126.58 34.75 -16.72
CA ILE GA 198 127.58 35.80 -16.92
C ILE GA 198 127.96 35.87 -18.40
N LEU GA 199 128.19 34.71 -19.01
CA LEU GA 199 128.49 34.64 -20.43
C LEU GA 199 127.38 35.25 -21.27
N GLU GA 200 126.13 35.06 -20.85
CA GLU GA 200 125.01 35.68 -21.55
C GLU GA 200 125.10 37.19 -21.44
N LEU GA 201 125.48 37.69 -20.27
CA LEU GA 201 125.72 39.12 -20.10
C LEU GA 201 126.91 39.59 -20.92
N GLU GA 202 127.92 38.73 -21.07
CA GLU GA 202 129.12 39.07 -21.85
C GLU GA 202 128.86 39.08 -23.34
N ALA GA 203 127.94 38.24 -23.83
CA ALA GA 203 127.52 38.30 -25.23
C ALA GA 203 126.88 39.64 -25.57
N GLU GA 204 126.14 40.23 -24.62
CA GLU GA 204 125.69 41.60 -24.80
C GLU GA 204 126.81 42.63 -24.56
N ARG GA 205 127.79 42.31 -23.72
CA ARG GA 205 128.94 43.21 -23.59
C ARG GA 205 129.68 43.36 -24.92
N GLU GA 206 129.98 42.25 -25.59
CA GLU GA 206 130.68 42.29 -26.86
C GLU GA 206 129.81 42.80 -28.00
N LEU GA 207 128.50 42.96 -27.80
CA LEU GA 207 127.67 43.70 -28.73
C LEU GA 207 127.72 45.20 -28.48
N LEU GA 208 127.83 45.61 -27.21
CA LEU GA 208 127.88 47.02 -26.86
C LEU GA 208 129.30 47.59 -26.86
N ASN GA 209 130.32 46.73 -26.90
CA ASN GA 209 131.68 47.13 -26.56
C ASN GA 209 132.68 46.36 -27.41
N PRO GA 210 133.52 47.03 -28.19
CA PRO GA 210 134.55 46.32 -28.94
C PRO GA 210 135.51 45.62 -28.00
N PRO GA 211 136.03 44.45 -28.40
CA PRO GA 211 137.05 43.79 -27.58
C PRO GA 211 138.19 44.73 -27.24
N PRO GA 212 138.46 44.99 -25.95
CA PRO GA 212 139.57 45.88 -25.60
C PRO GA 212 140.93 45.25 -25.83
N SER GA 213 141.39 45.24 -27.08
CA SER GA 213 142.67 44.66 -27.44
C SER GA 213 143.80 45.43 -26.78
N PRO GA 214 145.03 44.90 -26.76
CA PRO GA 214 146.16 45.68 -26.25
C PRO GA 214 146.40 46.96 -27.03
N LEU GA 215 145.94 47.05 -28.28
CA LEU GA 215 146.26 48.21 -29.10
C LEU GA 215 145.53 49.46 -28.61
N ASP GA 216 144.19 49.42 -28.59
CA ASP GA 216 143.43 50.56 -28.09
C ASP GA 216 143.77 50.86 -26.64
N LYS GA 217 144.09 49.84 -25.85
CA LYS GA 217 144.50 50.08 -24.46
C LYS GA 217 145.76 50.95 -24.39
N LYS GA 218 146.76 50.64 -25.22
CA LYS GA 218 147.97 51.44 -25.24
C LYS GA 218 147.72 52.86 -25.73
N PHE GA 219 146.82 53.01 -26.71
CA PHE GA 219 146.46 54.34 -27.20
C PHE GA 219 145.79 55.17 -26.11
N GLU GA 220 144.89 54.56 -25.33
CA GLU GA 220 144.25 55.28 -24.23
C GLU GA 220 145.28 55.68 -23.17
N GLN GA 221 146.23 54.79 -22.88
CA GLN GA 221 147.29 55.12 -21.93
C GLN GA 221 148.12 56.30 -22.43
N TRP GA 222 148.46 56.30 -23.72
CA TRP GA 222 149.18 57.43 -24.29
C TRP GA 222 148.35 58.71 -24.26
N GLU GA 223 147.02 58.59 -24.37
CA GLU GA 223 146.17 59.77 -24.26
C GLU GA 223 146.29 60.40 -22.88
N GLU GA 224 146.27 59.58 -21.83
CA GLU GA 224 146.50 60.10 -20.49
C GLU GA 224 147.89 60.70 -20.37
N GLN GA 225 148.89 60.04 -20.97
CA GLN GA 225 150.25 60.57 -20.96
C GLN GA 225 150.32 61.94 -21.64
N GLN GA 226 149.57 62.11 -22.73
CA GLN GA 226 149.58 63.38 -23.45
C GLN GA 226 148.82 64.47 -22.70
N ALA GA 227 147.79 64.10 -21.94
CA ALA GA 227 147.12 65.08 -21.09
C ALA GA 227 148.08 65.63 -20.03
N VAL GA 228 148.82 64.76 -19.37
CA VAL GA 228 149.78 65.21 -18.37
C VAL GA 228 150.94 65.94 -19.04
N GLU GA 229 151.30 65.56 -20.26
CA GLU GA 229 152.35 66.31 -20.94
C GLU GA 229 151.89 67.72 -21.29
N ALA GA 230 150.58 67.90 -21.54
CA ALA GA 230 150.05 69.24 -21.74
C ALA GA 230 150.02 70.06 -20.45
N THR GA 231 149.69 69.42 -19.32
CA THR GA 231 149.79 70.11 -18.04
C THR GA 231 151.22 70.53 -17.75
N LEU GA 232 152.19 69.64 -18.05
CA LEU GA 232 153.59 70.00 -17.87
C LEU GA 232 153.96 71.19 -18.75
N ALA GA 233 153.42 71.24 -19.98
CA ALA GA 233 153.71 72.37 -20.85
C ALA GA 233 153.20 73.67 -20.24
N ALA GA 234 151.98 73.65 -19.70
CA ALA GA 234 151.46 74.81 -18.99
C ALA GA 234 152.34 75.17 -17.80
N MET GA 235 152.78 74.17 -17.04
CA MET GA 235 153.64 74.43 -15.89
C MET GA 235 154.89 75.18 -16.30
N LYS GA 236 155.61 74.69 -17.31
CA LYS GA 236 156.89 75.30 -17.67
C LYS GA 236 156.71 76.58 -18.49
N ALA GA 237 155.53 76.79 -19.07
CA ALA GA 237 155.26 78.07 -19.74
C ALA GA 237 154.99 79.17 -18.71
N ARG GA 238 154.26 78.84 -17.64
CA ARG GA 238 154.14 79.77 -16.53
C ARG GA 238 155.48 80.01 -15.85
N ARG GA 239 156.30 78.97 -15.77
CA ARG GA 239 157.63 79.10 -15.18
C ARG GA 239 158.60 79.87 -16.07
N SER GA 240 158.33 79.99 -17.37
CA SER GA 240 159.24 80.71 -18.26
C SER GA 240 159.48 82.13 -17.75
N MET HA 24 13.38 -70.82 58.94
CA MET HA 24 12.03 -70.49 58.50
C MET HA 24 11.56 -69.19 59.16
N GLU HA 25 10.86 -68.35 58.39
CA GLU HA 25 10.33 -67.12 58.97
C GLU HA 25 9.29 -67.41 60.04
N LEU HA 26 8.49 -68.45 59.84
CA LEU HA 26 7.55 -68.88 60.86
C LEU HA 26 8.28 -69.23 62.15
N PHE HA 27 9.36 -70.01 62.02
CA PHE HA 27 10.15 -70.38 63.19
C PHE HA 27 10.66 -69.16 63.93
N ASN HA 28 11.24 -68.20 63.20
CA ASN HA 28 11.70 -66.95 63.81
C ASN HA 28 10.59 -66.20 64.53
N ARG HA 29 9.42 -66.08 63.90
CA ARG HA 29 8.25 -65.49 64.56
C ARG HA 29 7.92 -66.20 65.87
N VAL HA 30 7.89 -67.54 65.84
CA VAL HA 30 7.61 -68.34 67.04
C VAL HA 30 8.78 -68.30 68.03
N GLY HA 31 9.95 -67.87 67.58
CA GLY HA 31 11.15 -67.94 68.39
C GLY HA 31 11.05 -67.29 69.77
N ARG HA 32 10.47 -66.10 69.87
CA ARG HA 32 10.39 -65.49 71.20
C ARG HA 32 9.67 -66.39 72.20
N VAL HA 33 8.50 -66.90 71.84
CA VAL HA 33 7.70 -67.75 72.73
C VAL HA 33 8.31 -69.13 72.91
N LEU HA 34 8.78 -69.75 71.83
CA LEU HA 34 9.33 -71.10 71.95
C LEU HA 34 10.69 -71.07 72.65
N LYS HA 35 11.61 -70.21 72.19
CA LYS HA 35 12.95 -70.16 72.74
C LYS HA 35 12.96 -69.67 74.19
N SER HA 36 12.02 -68.84 74.64
CA SER HA 36 11.95 -68.54 76.07
C SER HA 36 11.68 -69.80 76.88
N GLN HA 37 10.70 -70.60 76.45
CA GLN HA 37 10.45 -71.88 77.09
C GLN HA 37 11.65 -72.81 77.01
N LEU HA 38 12.28 -72.94 75.84
CA LEU HA 38 13.45 -73.82 75.74
C LEU HA 38 14.63 -73.33 76.58
N THR HA 39 14.81 -72.01 76.73
CA THR HA 39 15.85 -71.48 77.59
C THR HA 39 15.62 -71.87 79.04
N HIS HA 40 14.36 -71.84 79.50
CA HIS HA 40 14.09 -72.45 80.80
C HIS HA 40 14.18 -73.97 80.76
N TRP HA 41 13.86 -74.59 79.63
CA TRP HA 41 13.84 -76.05 79.55
C TRP HA 41 15.23 -76.61 79.82
N GLN HA 42 16.26 -76.03 79.19
CA GLN HA 42 17.62 -76.42 79.52
C GLN HA 42 17.98 -76.07 80.96
N GLN HA 43 17.42 -74.99 81.48
CA GLN HA 43 17.57 -74.64 82.90
C GLN HA 43 16.85 -75.58 83.85
N GLN HA 44 15.85 -76.34 83.40
CA GLN HA 44 14.93 -76.98 84.35
C GLN HA 44 15.65 -77.77 85.43
N GLN HA 45 16.81 -78.35 85.14
CA GLN HA 45 17.55 -79.07 86.19
C GLN HA 45 17.89 -78.14 87.34
N GLU HA 46 18.27 -76.91 87.04
CA GLU HA 46 18.45 -75.89 88.07
C GLU HA 46 17.11 -75.34 88.56
N ALA HA 47 16.15 -75.16 87.66
CA ALA HA 47 14.93 -74.40 87.94
C ALA HA 47 13.69 -75.16 87.48
N PRO HA 48 13.26 -76.16 88.24
CA PRO HA 48 11.93 -76.74 88.03
C PRO HA 48 10.81 -75.95 88.71
N GLU HA 49 11.17 -74.98 89.56
CA GLU HA 49 10.25 -74.48 90.58
C GLU HA 49 8.95 -73.94 89.99
N ASP HA 50 9.03 -73.17 88.90
CA ASP HA 50 7.84 -72.59 88.31
C ASP HA 50 6.89 -73.63 87.74
N LEU HA 51 7.41 -74.63 87.01
CA LEU HA 51 6.53 -75.66 86.45
C LEU HA 51 5.91 -76.53 87.55
N LEU HA 52 6.70 -76.87 88.57
CA LEU HA 52 6.18 -77.66 89.69
C LEU HA 52 5.06 -76.94 90.43
N GLU HA 53 5.29 -75.68 90.79
CA GLU HA 53 4.30 -74.90 91.52
C GLU HA 53 3.09 -74.54 90.67
N ARG HA 54 3.27 -74.35 89.36
CA ARG HA 54 2.12 -74.16 88.49
C ARG HA 54 1.17 -75.36 88.53
N LEU HA 55 1.71 -76.57 88.36
CA LEU HA 55 0.89 -77.77 88.40
C LEU HA 55 0.17 -77.94 89.75
N LEU HA 56 0.90 -77.78 90.85
CA LEU HA 56 0.28 -77.89 92.17
C LEU HA 56 -0.70 -76.75 92.47
N GLY HA 57 -0.49 -75.58 91.87
CA GLY HA 57 -1.52 -74.55 91.91
C GLY HA 57 -2.80 -74.99 91.24
N GLU HA 58 -2.69 -75.61 90.07
CA GLU HA 58 -3.86 -76.18 89.40
C GLU HA 58 -4.50 -77.27 90.25
N MET HA 59 -3.69 -78.04 90.97
CA MET HA 59 -4.21 -79.05 91.88
C MET HA 59 -4.96 -78.44 93.06
N GLU HA 60 -4.50 -77.29 93.56
CA GLU HA 60 -5.27 -76.55 94.56
C GLU HA 60 -6.56 -75.99 94.01
N LEU HA 61 -6.55 -75.49 92.76
CA LEU HA 61 -7.79 -75.04 92.13
C LEU HA 61 -8.79 -76.17 91.95
N GLU HA 62 -8.31 -77.36 91.60
CA GLU HA 62 -9.20 -78.53 91.56
C GLU HA 62 -9.72 -78.86 92.95
N LEU HA 63 -8.83 -78.95 93.94
CA LEU HA 63 -9.18 -79.40 95.29
C LEU HA 63 -10.22 -78.50 95.97
N ILE HA 64 -10.21 -77.19 95.68
CA ILE HA 64 -11.29 -76.34 96.17
C ILE HA 64 -12.61 -76.67 95.46
N GLU HA 65 -12.56 -77.12 94.21
CA GLU HA 65 -13.76 -77.69 93.60
C GLU HA 65 -14.17 -78.99 94.30
N LEU HA 66 -13.23 -79.91 94.52
CA LEU HA 66 -13.56 -81.21 95.09
C LEU HA 66 -14.25 -81.08 96.44
N ARG HA 67 -13.82 -80.13 97.27
CA ARG HA 67 -14.50 -79.86 98.54
C ARG HA 67 -15.91 -79.31 98.34
N ARG HA 68 -16.10 -78.39 97.40
CA ARG HA 68 -17.45 -77.91 97.13
C ARG HA 68 -18.35 -78.98 96.52
N ALA HA 69 -17.79 -79.89 95.73
CA ALA HA 69 -18.56 -81.02 95.19
C ALA HA 69 -18.97 -82.00 96.28
N LEU HA 70 -18.10 -82.23 97.26
CA LEU HA 70 -18.49 -82.95 98.46
C LEU HA 70 -19.63 -82.25 99.20
N ALA HA 71 -19.54 -80.93 99.36
CA ALA HA 71 -20.62 -80.21 100.03
C ALA HA 71 -21.92 -80.27 99.25
N GLN HA 72 -21.86 -80.27 97.91
CA GLN HA 72 -23.05 -80.46 97.10
C GLN HA 72 -23.64 -81.86 97.23
N THR HA 73 -22.79 -82.88 97.40
CA THR HA 73 -23.32 -84.22 97.66
C THR HA 73 -23.98 -84.33 99.02
N ILE HA 74 -23.37 -83.78 100.07
CA ILE HA 74 -24.00 -83.80 101.39
C ILE HA 74 -25.33 -83.04 101.37
N ALA HA 75 -25.36 -81.90 100.69
CA ALA HA 75 -26.60 -81.13 100.58
C ALA HA 75 -27.69 -81.91 99.87
N THR HA 76 -27.36 -82.59 98.77
CA THR HA 76 -28.34 -83.42 98.07
C THR HA 76 -28.75 -84.65 98.86
N PHE HA 77 -27.85 -85.24 99.64
CA PHE HA 77 -28.20 -86.40 100.46
C PHE HA 77 -29.23 -86.05 101.53
N LYS HA 78 -28.97 -85.00 102.30
CA LYS HA 78 -29.90 -84.59 103.36
C LYS HA 78 -31.16 -83.95 102.81
N SER HA 79 -31.12 -83.33 101.63
CA SER HA 79 -32.36 -82.87 101.01
C SER HA 79 -33.25 -84.04 100.63
N THR HA 80 -32.68 -85.14 100.13
CA THR HA 80 -33.47 -86.35 99.93
C THR HA 80 -34.05 -86.83 101.26
N GLU HA 81 -33.27 -86.71 102.34
CA GLU HA 81 -33.75 -87.07 103.67
C GLU HA 81 -34.80 -86.10 104.18
N ARG HA 82 -34.71 -84.82 103.82
CA ARG HA 82 -35.77 -83.87 104.14
C ARG HA 82 -37.06 -84.23 103.43
N GLN HA 83 -36.97 -84.82 102.24
CA GLN HA 83 -38.16 -85.32 101.55
C GLN HA 83 -38.72 -86.53 102.28
N ARG HA 84 -37.84 -87.37 102.82
CA ARG HA 84 -38.30 -88.44 103.72
C ARG HA 84 -38.95 -87.88 104.97
N ASP HA 85 -38.38 -86.83 105.56
CA ASP HA 85 -38.99 -86.19 106.72
C ASP HA 85 -40.40 -85.69 106.42
N ALA HA 86 -40.64 -85.22 105.19
CA ALA HA 86 -41.99 -84.86 104.80
C ALA HA 86 -42.88 -86.08 104.62
N GLN HA 87 -42.39 -87.13 103.96
CA GLN HA 87 -43.19 -88.33 103.79
C GLN HA 87 -43.62 -88.92 105.12
N GLN HA 88 -42.68 -89.04 106.07
CA GLN HA 88 -43.01 -89.57 107.38
C GLN HA 88 -43.91 -88.62 108.18
N LEU HA 89 -43.80 -87.32 107.94
CA LEU HA 89 -44.72 -86.37 108.56
C LEU HA 89 -46.15 -86.54 108.03
N ILE HA 90 -46.30 -86.83 106.74
CA ILE HA 90 -47.64 -87.10 106.21
C ILE HA 90 -48.13 -88.47 106.67
N ALA HA 91 -47.23 -89.43 106.87
CA ALA HA 91 -47.60 -90.69 107.52
C ALA HA 91 -48.13 -90.46 108.92
N GLN HA 92 -47.48 -89.58 109.69
CA GLN HA 92 -48.01 -89.20 111.00
C GLN HA 92 -49.35 -88.51 110.88
N ARG HA 93 -49.50 -87.64 109.88
CA ARG HA 93 -50.81 -87.04 109.59
C ARG HA 93 -51.87 -88.09 109.28
N TRP HA 94 -51.47 -89.21 108.67
CA TRP HA 94 -52.37 -90.33 108.47
C TRP HA 94 -52.67 -91.09 109.77
N TYR HA 95 -51.72 -91.13 110.71
CA TYR HA 95 -52.04 -91.67 112.03
C TYR HA 95 -52.97 -90.76 112.81
N GLU HA 96 -52.78 -89.44 112.72
CA GLU HA 96 -53.70 -88.50 113.38
C GLU HA 96 -55.12 -88.68 112.86
N LYS HA 97 -55.29 -88.75 111.54
CA LYS HA 97 -56.60 -89.01 110.96
C LYS HA 97 -57.15 -90.36 111.36
N ALA HA 98 -56.28 -91.36 111.57
CA ALA HA 98 -56.74 -92.62 112.15
C ALA HA 98 -57.15 -92.44 113.61
N GLN HA 99 -56.40 -91.64 114.38
CA GLN HA 99 -56.69 -91.50 115.80
C GLN HA 99 -58.06 -90.89 116.03
N ALA HA 100 -58.51 -90.02 115.13
CA ALA HA 100 -59.87 -89.49 115.18
C ALA HA 100 -60.93 -90.55 114.96
N ALA HA 101 -60.53 -91.77 114.60
CA ALA HA 101 -61.44 -92.90 114.48
C ALA HA 101 -60.94 -94.12 115.24
N LEU HA 102 -59.85 -94.00 115.99
CA LEU HA 102 -59.29 -95.13 116.72
C LEU HA 102 -59.82 -95.24 118.14
N ASP HA 103 -60.73 -94.36 118.54
CA ASP HA 103 -61.50 -94.50 119.75
C ASP HA 103 -62.94 -94.88 119.42
N ARG HA 104 -63.65 -95.38 120.42
CA ARG HA 104 -65.05 -95.76 120.34
C ARG HA 104 -65.29 -96.97 119.45
N GLY HA 105 -64.23 -97.66 119.00
CA GLY HA 105 -64.38 -98.75 118.07
C GLY HA 105 -64.77 -98.33 116.67
N ASN HA 106 -64.63 -97.05 116.34
CA ASN HA 106 -64.98 -96.52 115.03
C ASN HA 106 -63.83 -96.61 114.03
N GLU HA 107 -62.90 -97.55 114.25
CA GLU HA 107 -61.66 -97.67 113.49
C GLU HA 107 -61.89 -97.99 112.01
N GLN HA 108 -63.15 -98.12 111.58
CA GLN HA 108 -63.46 -98.37 110.18
C GLN HA 108 -62.66 -97.49 109.22
N LEU HA 109 -62.65 -96.18 109.46
CA LEU HA 109 -61.90 -95.28 108.57
C LEU HA 109 -60.40 -95.50 108.65
N ALA HA 110 -59.91 -96.10 109.72
CA ALA HA 110 -58.48 -96.42 109.80
C ALA HA 110 -58.08 -97.39 108.70
N ARG HA 111 -59.03 -98.15 108.15
CA ARG HA 111 -58.72 -99.04 107.05
C ARG HA 111 -58.12 -98.27 105.87
N GLU HA 112 -58.81 -97.23 105.42
CA GLU HA 112 -58.28 -96.38 104.35
C GLU HA 112 -57.09 -95.55 104.79
N ALA HA 113 -57.14 -94.98 106.00
CA ALA HA 113 -56.06 -94.08 106.43
C ALA HA 113 -54.73 -94.80 106.53
N LEU HA 114 -54.72 -95.98 107.15
CA LEU HA 114 -53.51 -96.81 107.17
C LEU HA 114 -53.24 -97.47 105.83
N GLY HA 115 -54.26 -97.71 105.02
CA GLY HA 115 -54.02 -98.15 103.65
C GLY HA 115 -53.21 -97.17 102.83
N GLN HA 116 -53.47 -95.88 102.98
CA GLN HA 116 -52.59 -94.87 102.42
C GLN HA 116 -51.23 -94.87 103.10
N ARG HA 117 -51.20 -94.88 104.43
CA ARG HA 117 -49.91 -94.83 105.12
C ARG HA 117 -48.99 -95.96 104.71
N GLN HA 118 -49.52 -97.13 104.34
CA GLN HA 118 -48.68 -98.21 103.86
C GLN HA 118 -47.86 -97.80 102.64
N SER HA 119 -48.49 -97.14 101.67
CA SER HA 119 -47.74 -96.60 100.54
C SER HA 119 -46.78 -95.48 100.95
N TYR HA 120 -47.15 -94.68 101.95
CA TYR HA 120 -46.24 -93.63 102.40
C TYR HA 120 -45.03 -94.20 103.14
N GLN HA 121 -45.23 -95.26 103.92
CA GLN HA 121 -44.10 -95.94 104.56
C GLN HA 121 -43.18 -96.61 103.54
N SER HA 122 -43.72 -97.13 102.44
CA SER HA 122 -42.86 -97.76 101.45
C SER HA 122 -41.92 -96.74 100.81
N HIS HA 123 -42.45 -95.56 100.45
CA HIS HA 123 -41.57 -94.50 99.94
C HIS HA 123 -40.64 -93.97 101.02
N THR HA 124 -41.10 -93.90 102.27
CA THR HA 124 -40.23 -93.44 103.35
C THR HA 124 -39.04 -94.38 103.56
N GLU HA 125 -39.26 -95.69 103.46
CA GLU HA 125 -38.17 -96.64 103.68
C GLU HA 125 -37.33 -96.85 102.42
N ALA HA 126 -37.92 -96.64 101.24
CA ALA HA 126 -37.12 -96.52 100.03
C ALA HA 126 -36.15 -95.34 100.11
N LEU HA 127 -36.65 -94.19 100.58
CA LEU HA 127 -35.78 -93.05 100.83
C LEU HA 127 -34.74 -93.37 101.90
N GLY HA 128 -35.19 -93.96 103.02
CA GLY HA 128 -34.27 -94.26 104.11
C GLY HA 128 -33.14 -95.20 103.73
N LYS HA 129 -33.40 -96.15 102.83
CA LYS HA 129 -32.36 -97.08 102.40
C LYS HA 129 -31.52 -96.57 101.25
N SER HA 130 -32.09 -95.75 100.36
CA SER HA 130 -31.27 -94.94 99.47
C SER HA 130 -30.33 -94.05 100.27
N LEU HA 131 -30.84 -93.43 101.34
CA LEU HA 131 -30.08 -92.59 102.25
C LEU HA 131 -29.10 -93.38 103.10
N GLY HA 132 -29.19 -94.70 103.10
CA GLY HA 132 -28.15 -95.53 103.68
C GLY HA 132 -26.97 -95.67 102.74
N GLU HA 133 -27.24 -95.80 101.44
CA GLU HA 133 -26.16 -95.80 100.47
C GLU HA 133 -25.54 -94.41 100.36
N GLN HA 134 -26.38 -93.38 100.29
CA GLN HA 134 -25.89 -92.01 100.24
C GLN HA 134 -25.08 -91.65 101.49
N ARG HA 135 -25.41 -92.25 102.63
CA ARG HA 135 -24.55 -92.16 103.81
C ARG HA 135 -23.16 -92.73 103.51
N ALA HA 136 -23.11 -93.99 103.10
CA ALA HA 136 -21.82 -94.61 102.79
C ALA HA 136 -21.05 -93.85 101.72
N LEU HA 137 -21.76 -93.21 100.78
CA LEU HA 137 -21.09 -92.37 99.79
C LEU HA 137 -20.44 -91.14 100.41
N VAL HA 138 -21.16 -90.42 101.27
CA VAL HA 138 -20.56 -89.24 101.90
C VAL HA 138 -19.45 -89.63 102.88
N GLU HA 139 -19.56 -90.79 103.53
CA GLU HA 139 -18.46 -91.25 104.38
C GLU HA 139 -17.23 -91.62 103.57
N GLN HA 140 -17.40 -92.44 102.53
CA GLN HA 140 -16.26 -92.89 101.74
C GLN HA 140 -15.62 -91.74 100.97
N VAL HA 141 -16.43 -90.80 100.47
CA VAL HA 141 -15.88 -89.63 99.78
C VAL HA 141 -15.15 -88.71 100.74
N ARG HA 142 -15.61 -88.62 101.99
CA ARG HA 142 -14.87 -87.87 103.01
C ARG HA 142 -13.55 -88.54 103.35
N GLY HA 143 -13.52 -89.86 103.45
CA GLY HA 143 -12.26 -90.54 103.70
C GLY HA 143 -11.31 -90.48 102.52
N GLN HA 144 -11.85 -90.59 101.30
CA GLN HA 144 -11.06 -90.42 100.09
C GLN HA 144 -10.41 -89.04 100.05
N LEU HA 145 -11.21 -88.01 100.28
CA LEU HA 145 -10.67 -86.64 100.32
C LEU HA 145 -9.62 -86.48 101.41
N GLN HA 146 -9.94 -86.86 102.64
CA GLN HA 146 -9.03 -86.58 103.74
C GLN HA 146 -7.69 -87.30 103.60
N LYS HA 147 -7.69 -88.51 103.04
CA LYS HA 147 -6.44 -89.16 102.65
C LYS HA 147 -5.72 -88.39 101.55
N LEU HA 148 -6.45 -88.01 100.50
CA LEU HA 148 -5.84 -87.40 99.33
C LEU HA 148 -5.27 -86.02 99.64
N GLU HA 149 -6.06 -85.16 100.29
CA GLU HA 149 -5.63 -83.80 100.58
C GLU HA 149 -4.54 -83.76 101.65
N ARG HA 150 -4.57 -84.70 102.60
CA ARG HA 150 -3.46 -84.83 103.54
C ARG HA 150 -2.20 -85.27 102.82
N LYS HA 151 -2.33 -86.11 101.79
CA LYS HA 151 -1.19 -86.48 100.96
C LYS HA 151 -0.68 -85.28 100.17
N TYR HA 152 -1.59 -84.44 99.69
CA TYR HA 152 -1.19 -83.19 99.05
C TYR HA 152 -0.45 -82.26 100.00
N LEU HA 153 -0.91 -82.15 101.25
CA LEU HA 153 -0.22 -81.35 102.25
C LEU HA 153 1.20 -81.85 102.50
N GLU HA 154 1.34 -83.16 102.75
CA GLU HA 154 2.67 -83.74 102.94
C GLU HA 154 3.52 -83.69 101.69
N LEU HA 155 2.89 -83.76 100.51
CA LEU HA 155 3.60 -83.58 99.25
C LEU HA 155 4.06 -82.14 99.05
N LYS HA 156 3.28 -81.16 99.51
CA LYS HA 156 3.78 -79.78 99.56
C LYS HA 156 4.99 -79.67 100.47
N SER HA 157 4.94 -80.30 101.64
CA SER HA 157 6.10 -80.30 102.53
C SER HA 157 7.32 -80.88 101.83
N GLN HA 158 7.15 -82.04 101.20
CA GLN HA 158 8.24 -82.67 100.44
C GLN HA 158 8.76 -81.78 99.31
N LYS HA 159 7.86 -81.13 98.56
CA LYS HA 159 8.31 -80.27 97.47
C LYS HA 159 9.16 -79.12 97.99
N ASN HA 160 8.71 -78.44 99.05
CA ASN HA 160 9.51 -77.37 99.64
C ASN HA 160 10.89 -77.88 100.02
N LEU HA 161 10.93 -79.05 100.67
CA LEU HA 161 12.19 -79.69 101.03
C LEU HA 161 12.97 -80.18 99.82
N TYR HA 162 12.28 -80.45 98.71
CA TYR HA 162 12.96 -80.89 97.50
C TYR HA 162 13.62 -79.75 96.76
N LEU HA 163 12.98 -78.58 96.72
CA LEU HA 163 13.61 -77.38 96.16
C LEU HA 163 14.83 -76.97 96.98
N ALA HA 164 14.73 -77.07 98.31
CA ALA HA 164 15.90 -76.84 99.17
C ALA HA 164 17.02 -77.85 98.89
N ARG HA 165 16.68 -79.14 98.85
CA ARG HA 165 17.67 -80.16 98.51
C ARG HA 165 18.31 -79.88 97.15
N LEU HA 166 17.50 -79.57 96.14
CA LEU HA 166 18.01 -79.34 94.79
C LEU HA 166 18.98 -78.15 94.75
N LYS HA 167 18.56 -77.01 95.30
CA LYS HA 167 19.45 -75.85 95.35
C LYS HA 167 20.72 -76.14 96.14
N SER HA 168 20.62 -76.93 97.22
CA SER HA 168 21.80 -77.27 98.01
C SER HA 168 22.75 -78.18 97.25
N ALA HA 169 22.20 -79.17 96.54
CA ALA HA 169 23.02 -80.02 95.68
C ALA HA 169 23.69 -79.20 94.58
N ILE HA 170 22.95 -78.29 93.95
CA ILE HA 170 23.51 -77.43 92.91
C ILE HA 170 24.69 -76.64 93.47
N ALA HA 171 24.52 -76.04 94.64
CA ALA HA 171 25.61 -75.32 95.29
C ALA HA 171 26.81 -76.24 95.56
N ALA HA 172 26.54 -77.45 96.05
CA ALA HA 172 27.61 -78.43 96.30
C ALA HA 172 28.36 -78.76 95.01
N GLN HA 173 27.62 -79.00 93.94
CA GLN HA 173 28.23 -79.24 92.64
C GLN HA 173 29.14 -78.08 92.25
N LYS HA 174 28.71 -76.85 92.51
CA LYS HA 174 29.52 -75.69 92.18
C LYS HA 174 30.79 -75.59 93.03
N ILE HA 175 30.73 -75.96 94.31
CA ILE HA 175 31.95 -76.01 95.13
C ILE HA 175 32.91 -77.09 94.65
N GLU HA 176 32.43 -78.30 94.39
CA GLU HA 176 33.33 -79.35 93.91
C GLU HA 176 33.98 -78.97 92.58
N GLU HA 177 33.19 -78.54 91.60
CA GLU HA 177 33.73 -78.24 90.28
C GLU HA 177 34.66 -77.03 90.29
N ILE HA 178 34.31 -75.98 91.02
CA ILE HA 178 35.17 -74.81 91.13
C ILE HA 178 36.40 -75.11 91.98
N ALA HA 179 36.25 -75.94 93.01
CA ALA HA 179 37.39 -76.40 93.80
C ALA HA 179 38.33 -77.29 92.98
N GLY HA 180 37.77 -78.19 92.17
CA GLY HA 180 38.62 -79.00 91.31
C GLY HA 180 39.39 -78.19 90.29
N ASN HA 181 38.75 -77.18 89.69
CA ASN HA 181 39.49 -76.27 88.82
C ASN HA 181 40.46 -75.39 89.59
N LEU HA 182 40.11 -75.01 90.82
CA LEU HA 182 41.00 -74.16 91.61
C LEU HA 182 42.27 -74.92 92.01
N ASP HA 183 42.11 -76.11 92.57
CA ASP HA 183 43.27 -76.88 93.00
C ASP HA 183 44.06 -77.40 91.81
N ASN HA 184 43.38 -78.08 90.88
CA ASN HA 184 44.08 -78.76 89.81
C ASN HA 184 44.66 -77.78 88.79
N ALA HA 185 43.83 -76.87 88.26
CA ALA HA 185 44.33 -75.94 87.26
C ALA HA 185 45.18 -74.84 87.87
N SER HA 186 44.66 -74.16 88.91
CA SER HA 186 45.34 -72.98 89.44
C SER HA 186 46.60 -73.37 90.20
N ALA HA 187 46.50 -74.36 91.08
CA ALA HA 187 47.61 -74.68 91.98
C ALA HA 187 48.78 -75.27 91.21
N SER HA 188 48.53 -76.15 90.24
CA SER HA 188 49.62 -76.64 89.41
C SER HA 188 50.27 -75.51 88.63
N SER HA 189 49.46 -74.54 88.19
CA SER HA 189 50.01 -73.36 87.54
C SER HA 189 50.87 -72.55 88.50
N LEU HA 190 50.50 -72.50 89.78
CA LEU HA 190 51.29 -71.75 90.74
C LEU HA 190 52.60 -72.47 91.05
N PHE HA 191 52.53 -73.77 91.38
CA PHE HA 191 53.72 -74.47 91.85
C PHE HA 191 54.71 -74.70 90.71
N GLU HA 192 54.25 -75.26 89.60
CA GLU HA 192 55.17 -75.59 88.52
C GLU HA 192 55.69 -74.37 87.77
N ARG HA 193 54.89 -73.30 87.61
CA ARG HA 193 55.43 -72.05 87.04
C ARG HA 193 56.33 -71.27 87.99
N ILE HA 194 56.04 -71.29 89.30
CA ILE HA 194 56.94 -70.63 90.24
C ILE HA 194 58.24 -71.40 90.38
N GLU HA 195 58.15 -72.73 90.43
CA GLU HA 195 59.36 -73.55 90.52
C GLU HA 195 60.26 -73.39 89.30
N THR HA 196 59.69 -73.49 88.09
CA THR HA 196 60.49 -73.31 86.88
C THR HA 196 61.12 -71.92 86.80
N LYS HA 197 60.40 -70.90 87.25
CA LYS HA 197 60.98 -69.56 87.30
C LYS HA 197 62.08 -69.48 88.35
N ILE HA 198 61.92 -70.20 89.46
CA ILE HA 198 62.97 -70.26 90.47
C ILE HA 198 64.21 -70.94 89.89
N LEU HA 199 64.01 -72.04 89.18
CA LEU HA 199 65.11 -72.74 88.52
C LEU HA 199 65.83 -71.83 87.53
N GLU HA 200 65.09 -70.96 86.84
CA GLU HA 200 65.71 -70.00 85.95
C GLU HA 200 66.58 -69.03 86.73
N LEU HA 201 66.10 -68.61 87.90
CA LEU HA 201 66.92 -67.77 88.78
C LEU HA 201 68.12 -68.55 89.31
N GLU HA 202 67.97 -69.85 89.53
CA GLU HA 202 69.05 -70.69 90.04
C GLU HA 202 70.11 -70.97 88.98
N ALA HA 203 69.73 -71.04 87.71
CA ALA HA 203 70.70 -71.14 86.63
C ALA HA 203 71.61 -69.93 86.57
N GLU HA 204 71.09 -68.74 86.89
CA GLU HA 204 71.95 -67.58 87.07
C GLU HA 204 72.68 -67.60 88.42
N ARG HA 205 72.11 -68.23 89.45
CA ARG HA 205 72.86 -68.40 90.70
C ARG HA 205 74.13 -69.21 90.48
N GLU HA 206 74.02 -70.35 89.80
CA GLU HA 206 75.17 -71.21 89.54
C GLU HA 206 76.12 -70.62 88.50
N LEU HA 207 75.72 -69.55 87.80
CA LEU HA 207 76.67 -68.78 87.01
C LEU HA 207 77.42 -67.75 87.84
N LEU HA 208 76.76 -67.17 88.85
CA LEU HA 208 77.38 -66.17 89.71
C LEU HA 208 78.08 -66.78 90.93
N ASN HA 209 77.83 -68.06 91.22
CA ASN HA 209 78.17 -68.62 92.52
C ASN HA 209 78.59 -70.08 92.36
N PRO HA 210 79.80 -70.46 92.76
CA PRO HA 210 80.18 -71.87 92.70
C PRO HA 210 79.28 -72.69 93.60
N PRO HA 211 79.00 -73.94 93.22
CA PRO HA 211 78.23 -74.83 94.11
C PRO HA 211 78.86 -74.89 95.49
N PRO HA 212 78.12 -74.51 96.54
CA PRO HA 212 78.68 -74.58 97.89
C PRO HA 212 78.81 -76.01 98.41
N SER HA 213 79.85 -76.71 97.98
CA SER HA 213 80.09 -78.09 98.38
C SER HA 213 80.35 -78.16 99.88
N PRO HA 214 80.33 -79.34 100.48
CA PRO HA 214 80.72 -79.45 101.90
C PRO HA 214 82.15 -79.02 102.17
N LEU HA 215 83.02 -79.03 101.15
CA LEU HA 215 84.43 -78.74 101.38
C LEU HA 215 84.64 -77.27 101.73
N ASP HA 216 84.27 -76.38 100.82
CA ASP HA 216 84.41 -74.94 101.08
C ASP HA 216 83.59 -74.52 102.30
N LYS HA 217 82.46 -75.18 102.55
CA LYS HA 217 81.68 -74.87 103.75
C LYS HA 217 82.47 -75.15 105.02
N LYS HA 218 83.16 -76.30 105.08
CA LYS HA 218 83.97 -76.61 106.25
C LYS HA 218 85.14 -75.66 106.40
N PHE HA 219 85.75 -75.24 105.28
CA PHE HA 219 86.83 -74.28 105.32
C PHE HA 219 86.36 -72.93 105.87
N GLU HA 220 85.18 -72.47 105.46
CA GLU HA 220 84.64 -71.22 105.98
C GLU HA 220 84.35 -71.34 107.48
N GLN HA 221 83.83 -72.49 107.92
CA GLN HA 221 83.59 -72.71 109.33
C GLN HA 221 84.90 -72.66 110.12
N TRP HA 222 85.95 -73.29 109.60
CA TRP HA 222 87.26 -73.22 110.24
C TRP HA 222 87.80 -71.80 110.24
N GLU HA 223 87.48 -71.00 109.23
CA GLU HA 223 87.92 -69.60 109.23
C GLU HA 223 87.30 -68.84 110.40
N GLU HA 224 86.01 -69.05 110.65
CA GLU HA 224 85.39 -68.45 111.82
C GLU HA 224 86.01 -68.99 113.11
N GLN HA 225 86.31 -70.28 113.14
CA GLN HA 225 86.97 -70.88 114.30
C GLN HA 225 88.33 -70.23 114.54
N GLN HA 226 89.08 -69.94 113.46
CA GLN HA 226 90.39 -69.34 113.61
C GLN HA 226 90.32 -67.87 114.00
N ALA HA 227 89.25 -67.17 113.59
CA ALA HA 227 89.05 -65.80 114.07
C ALA HA 227 88.85 -65.77 115.57
N VAL HA 228 87.99 -66.65 116.09
CA VAL HA 228 87.77 -66.71 117.53
C VAL HA 228 89.02 -67.23 118.24
N GLU HA 229 89.78 -68.12 117.60
CA GLU HA 229 91.02 -68.55 118.24
C GLU HA 229 92.03 -67.41 118.33
N ALA HA 230 92.00 -66.48 117.38
CA ALA HA 230 92.85 -65.29 117.48
C ALA HA 230 92.38 -64.34 118.58
N THR HA 231 91.06 -64.18 118.75
CA THR HA 231 90.55 -63.40 119.87
C THR HA 231 90.95 -64.02 121.20
N LEU HA 232 90.88 -65.36 121.29
CA LEU HA 232 91.32 -66.04 122.50
C LEU HA 232 92.80 -65.78 122.75
N ALA HA 233 93.61 -65.76 121.69
CA ALA HA 233 95.03 -65.48 121.86
C ALA HA 233 95.26 -64.09 122.44
N ALA HA 234 94.53 -63.10 121.92
CA ALA HA 234 94.59 -61.76 122.50
C ALA HA 234 94.14 -61.75 123.94
N MET HA 235 93.06 -62.49 124.26
CA MET HA 235 92.58 -62.57 125.63
C MET HA 235 93.67 -63.05 126.58
N LYS HA 236 94.30 -64.18 126.26
CA LYS HA 236 95.27 -64.76 127.17
C LYS HA 236 96.62 -64.06 127.13
N ALA HA 237 96.90 -63.29 126.08
CA ALA HA 237 98.10 -62.47 126.05
C ALA HA 237 97.94 -61.24 126.96
N ARG HA 238 96.76 -60.63 126.95
CA ARG HA 238 96.48 -59.59 127.93
C ARG HA 238 96.45 -60.15 129.34
N ARG HA 239 95.96 -61.37 129.50
CA ARG HA 239 95.93 -62.02 130.80
C ARG HA 239 97.32 -62.46 131.28
N SER HA 240 98.29 -62.59 130.38
CA SER HA 240 99.63 -63.03 130.79
C SER HA 240 100.19 -62.09 131.86
N MET IA 24 -88.17 -38.17 11.15
CA MET IA 24 -87.97 -37.16 10.12
C MET IA 24 -87.79 -35.78 10.76
N GLU IA 25 -86.87 -34.99 10.21
CA GLU IA 25 -86.68 -33.64 10.72
C GLU IA 25 -87.92 -32.78 10.51
N LEU IA 26 -88.61 -32.97 9.39
CA LEU IA 26 -89.88 -32.29 9.17
C LEU IA 26 -90.87 -32.63 10.28
N PHE IA 27 -90.98 -33.92 10.60
CA PHE IA 27 -91.89 -34.35 11.66
C PHE IA 27 -91.55 -33.68 12.98
N ASN IA 28 -90.27 -33.67 13.36
CA ASN IA 28 -89.84 -32.98 14.58
C ASN IA 28 -90.20 -31.50 14.57
N ARG IA 29 -89.95 -30.81 13.46
CA ARG IA 29 -90.38 -29.42 13.32
C ARG IA 29 -91.88 -29.25 13.55
N VAL IA 30 -92.69 -30.11 12.93
CA VAL IA 30 -94.14 -30.08 13.11
C VAL IA 30 -94.56 -30.55 14.49
N GLY IA 31 -93.66 -31.22 15.22
CA GLY IA 31 -94.00 -31.83 16.48
C GLY IA 31 -94.66 -30.92 17.50
N ARG IA 32 -94.16 -29.71 17.69
CA ARG IA 32 -94.79 -28.84 18.68
C ARG IA 32 -96.27 -28.63 18.40
N VAL IA 33 -96.61 -28.27 17.16
CA VAL IA 33 -98.00 -28.00 16.78
C VAL IA 33 -98.83 -29.27 16.69
N LEU IA 34 -98.29 -30.33 16.10
CA LEU IA 34 -99.07 -31.56 15.97
C LEU IA 34 -99.23 -32.27 17.31
N LYS IA 35 -98.13 -32.48 18.03
CA LYS IA 35 -98.17 -33.19 19.30
C LYS IA 35 -98.94 -32.44 20.38
N SER IA 36 -99.00 -31.10 20.35
CA SER IA 36 -99.91 -30.42 21.28
C SER IA 36 -101.36 -30.82 21.04
N GLN IA 37 -101.78 -30.79 19.77
CA GLN IA 37 -103.10 -31.26 19.41
C GLN IA 37 -103.31 -32.73 19.77
N LEU IA 38 -102.35 -33.60 19.46
CA LEU IA 38 -102.54 -35.01 19.81
C LEU IA 38 -102.56 -35.25 21.32
N THR IA 39 -101.81 -34.46 22.10
CA THR IA 39 -101.86 -34.56 23.56
C THR IA 39 -103.24 -34.22 24.08
N HIS IA 40 -103.89 -33.19 23.51
CA HIS IA 40 -105.30 -33.00 23.82
C HIS IA 40 -106.19 -34.07 23.20
N TRP IA 41 -105.81 -34.60 22.04
CA TRP IA 41 -106.65 -35.58 21.35
C TRP IA 41 -106.85 -36.82 22.21
N GLN IA 42 -105.76 -37.33 22.79
CA GLN IA 42 -105.89 -38.43 23.74
C GLN IA 42 -106.67 -38.01 24.98
N GLN IA 43 -106.53 -36.75 25.38
CA GLN IA 43 -107.33 -36.19 26.48
C GLN IA 43 -108.80 -36.01 26.14
N GLN IA 44 -109.19 -35.96 24.86
CA GLN IA 44 -110.53 -35.46 24.52
C GLN IA 44 -111.65 -36.14 25.30
N GLN IA 45 -111.49 -37.41 25.67
CA GLN IA 45 -112.52 -38.06 26.47
C GLN IA 45 -112.73 -37.33 27.79
N GLU IA 46 -111.64 -36.88 28.41
CA GLU IA 46 -111.75 -36.02 29.58
C GLU IA 46 -112.12 -34.58 29.19
N ALA IA 47 -111.56 -34.08 28.09
CA ALA IA 47 -111.62 -32.66 27.76
C ALA IA 47 -112.05 -32.44 26.31
N PRO IA 48 -113.35 -32.57 26.04
CA PRO IA 48 -113.88 -32.10 24.76
C PRO IA 48 -114.20 -30.60 24.74
N GLU IA 49 -114.14 -29.95 25.90
CA GLU IA 49 -114.81 -28.68 26.11
C GLU IA 49 -114.38 -27.61 25.10
N ASP IA 50 -113.07 -27.50 24.86
CA ASP IA 50 -112.57 -26.47 23.95
C ASP IA 50 -113.04 -26.68 22.51
N LEU IA 51 -112.97 -27.91 22.00
CA LEU IA 51 -113.41 -28.16 20.63
C LEU IA 51 -114.92 -27.96 20.48
N LEU IA 52 -115.69 -28.41 21.46
CA LEU IA 52 -117.14 -28.23 21.43
C LEU IA 52 -117.53 -26.76 21.42
N GLU IA 53 -116.97 -25.98 22.34
CA GLU IA 53 -117.29 -24.56 22.43
C GLU IA 53 -116.74 -23.75 21.27
N ARG IA 54 -115.60 -24.16 20.69
CA ARG IA 54 -115.12 -23.51 19.48
C ARG IA 54 -116.12 -23.63 18.34
N LEU IA 55 -116.62 -24.85 18.08
CA LEU IA 55 -117.60 -25.06 17.02
C LEU IA 55 -118.87 -24.25 17.25
N LEU IA 56 -119.42 -24.32 18.47
CA LEU IA 56 -120.64 -23.56 18.78
C LEU IA 56 -120.40 -22.04 18.79
N GLY IA 57 -119.18 -21.60 19.09
CA GLY IA 57 -118.83 -20.21 18.87
C GLY IA 57 -118.93 -19.81 17.40
N GLU IA 58 -118.41 -20.66 16.52
CA GLU IA 58 -118.56 -20.44 15.08
C GLU IA 58 -120.02 -20.44 14.67
N MET IA 59 -120.83 -21.29 15.30
CA MET IA 59 -122.27 -21.31 15.06
C MET IA 59 -122.96 -20.04 15.51
N GLU IA 60 -122.50 -19.44 16.61
CA GLU IA 60 -122.99 -18.11 17.01
C GLU IA 60 -122.55 -17.02 16.04
N LEU IA 61 -121.33 -17.09 15.54
CA LEU IA 61 -120.88 -16.13 14.52
C LEU IA 61 -121.70 -16.25 13.25
N GLU IA 62 -122.04 -17.46 12.84
CA GLU IA 62 -122.96 -17.63 11.71
C GLU IA 62 -124.34 -17.06 12.03
N LEU IA 63 -124.91 -17.42 13.18
CA LEU IA 63 -126.28 -17.06 13.54
C LEU IA 63 -126.49 -15.55 13.62
N ILE IA 64 -125.47 -14.79 14.03
CA ILE IA 64 -125.58 -13.33 13.95
C ILE IA 64 -125.59 -12.85 12.50
N GLU IA 65 -124.92 -13.57 11.60
CA GLU IA 65 -125.13 -13.31 10.17
C GLU IA 65 -126.55 -13.66 9.74
N LEU IA 66 -127.04 -14.85 10.11
CA LEU IA 66 -128.36 -15.30 9.66
C LEU IA 66 -129.46 -14.32 10.04
N ARG IA 67 -129.38 -13.74 11.24
CA ARG IA 67 -130.33 -12.70 11.64
C ARG IA 67 -130.20 -11.43 10.81
N ARG IA 68 -128.98 -10.99 10.52
CA ARG IA 68 -128.82 -9.82 9.65
C ARG IA 68 -129.25 -10.10 8.22
N ALA IA 69 -129.09 -11.33 7.74
CA ALA IA 69 -129.57 -11.69 6.40
C ALA IA 69 -131.09 -11.72 6.34
N LEU IA 70 -131.74 -12.17 7.41
CA LEU IA 70 -133.19 -12.01 7.54
C LEU IA 70 -133.59 -10.54 7.51
N ALA IA 71 -132.88 -9.68 8.24
CA ALA IA 71 -133.21 -8.26 8.21
C ALA IA 71 -132.99 -7.64 6.84
N GLN IA 72 -131.98 -8.10 6.10
CA GLN IA 72 -131.79 -7.65 4.73
C GLN IA 72 -132.90 -8.13 3.79
N THR IA 73 -133.44 -9.32 4.02
CA THR IA 73 -134.59 -9.76 3.23
C THR IA 73 -135.84 -8.95 3.53
N ILE IA 74 -136.13 -8.69 4.81
CA ILE IA 74 -137.28 -7.86 5.15
C ILE IA 74 -137.14 -6.46 4.57
N ALA IA 75 -135.94 -5.89 4.65
CA ALA IA 75 -135.69 -4.57 4.07
C ALA IA 75 -135.93 -4.55 2.57
N THR IA 76 -135.43 -5.56 1.85
CA THR IA 76 -135.66 -5.65 0.41
C THR IA 76 -137.12 -5.93 0.06
N PHE IA 77 -137.83 -6.70 0.89
CA PHE IA 77 -139.25 -6.96 0.62
C PHE IA 77 -140.10 -5.69 0.70
N LYS IA 78 -139.96 -4.95 1.79
CA LYS IA 78 -140.73 -3.72 1.96
C LYS IA 78 -140.25 -2.59 1.06
N SER IA 79 -138.97 -2.58 0.67
CA SER IA 79 -138.54 -1.61 -0.34
C SER IA 79 -139.20 -1.88 -1.69
N THR IA 80 -139.36 -3.15 -2.07
CA THR IA 80 -140.17 -3.46 -3.25
C THR IA 80 -141.60 -2.97 -3.07
N GLU IA 81 -142.14 -3.09 -1.86
CA GLU IA 81 -143.47 -2.59 -1.55
C GLU IA 81 -143.52 -1.07 -1.54
N ARG IA 82 -142.44 -0.41 -1.14
CA ARG IA 82 -142.36 1.04 -1.25
C ARG IA 82 -142.38 1.48 -2.71
N GLN IA 83 -141.82 0.66 -3.60
CA GLN IA 83 -141.92 0.94 -5.03
C GLN IA 83 -143.35 0.76 -5.52
N ARG IA 84 -144.06 -0.23 -4.97
CA ARG IA 84 -145.49 -0.34 -5.20
C ARG IA 84 -146.26 0.87 -4.67
N ASP IA 85 -145.90 1.34 -3.48
CA ASP IA 85 -146.52 2.53 -2.93
C ASP IA 85 -146.35 3.74 -3.84
N ALA IA 86 -145.20 3.84 -4.52
CA ALA IA 86 -145.03 4.89 -5.52
C ALA IA 86 -145.88 4.64 -6.76
N GLN IA 87 -145.91 3.41 -7.27
CA GLN IA 87 -146.72 3.12 -8.45
C GLN IA 87 -148.19 3.44 -8.21
N GLN IA 88 -148.72 3.01 -7.06
CA GLN IA 88 -150.12 3.29 -6.73
C GLN IA 88 -150.36 4.78 -6.47
N LEU IA 89 -149.34 5.49 -5.97
CA LEU IA 89 -149.45 6.94 -5.82
C LEU IA 89 -149.53 7.63 -7.16
N ILE IA 90 -148.78 7.17 -8.17
CA ILE IA 90 -148.89 7.74 -9.50
C ILE IA 90 -150.21 7.33 -10.16
N ALA IA 91 -150.72 6.14 -9.84
CA ALA IA 91 -152.06 5.77 -10.27
C ALA IA 91 -153.11 6.72 -9.70
N GLN IA 92 -152.99 7.07 -8.42
CA GLN IA 92 -153.86 8.10 -7.84
C GLN IA 92 -153.68 9.44 -8.52
N ARG IA 93 -152.43 9.81 -8.84
CA ARG IA 93 -152.18 11.00 -9.63
C ARG IA 93 -152.86 10.95 -10.99
N TRP IA 94 -153.00 9.75 -11.57
CA TRP IA 94 -153.78 9.57 -12.79
C TRP IA 94 -155.28 9.68 -12.55
N TYR IA 95 -155.77 9.30 -11.37
CA TYR IA 95 -157.17 9.57 -11.05
C TYR IA 95 -157.42 11.05 -10.82
N GLU IA 96 -156.49 11.76 -10.17
CA GLU IA 96 -156.64 13.20 -9.99
C GLU IA 96 -156.72 13.91 -11.35
N LYS IA 97 -155.82 13.57 -12.26
CA LYS IA 97 -155.87 14.12 -13.62
C LYS IA 97 -157.15 13.74 -14.35
N ALA IA 98 -157.70 12.55 -14.07
CA ALA IA 98 -159.03 12.22 -14.58
C ALA IA 98 -160.11 13.07 -13.92
N GLN IA 99 -160.00 13.31 -12.62
CA GLN IA 99 -161.04 14.04 -11.91
C GLN IA 99 -161.19 15.46 -12.44
N ALA IA 100 -160.09 16.06 -12.90
CA ALA IA 100 -160.15 17.37 -13.56
C ALA IA 100 -160.91 17.33 -14.87
N ALA IA 101 -161.29 16.14 -15.35
CA ALA IA 101 -162.13 15.99 -16.53
C ALA IA 101 -163.32 15.08 -16.27
N LEU IA 102 -163.54 14.64 -15.03
CA LEU IA 102 -164.63 13.74 -14.72
C LEU IA 102 -165.89 14.46 -14.29
N ASP IA 103 -165.87 15.79 -14.28
CA ASP IA 103 -167.06 16.61 -14.15
C ASP IA 103 -167.41 17.24 -15.49
N ARG IA 104 -168.65 17.71 -15.60
CA ARG IA 104 -169.18 18.41 -16.77
C ARG IA 104 -169.32 17.49 -17.98
N GLY IA 105 -169.13 16.18 -17.82
CA GLY IA 105 -169.14 15.29 -18.95
C GLY IA 105 -167.95 15.40 -19.86
N ASN IA 106 -166.87 16.04 -19.40
CA ASN IA 106 -165.66 16.23 -20.19
C ASN IA 106 -164.68 15.06 -20.04
N GLU IA 107 -165.18 13.88 -19.68
CA GLU IA 107 -164.38 12.71 -19.35
C GLU IA 107 -163.53 12.20 -20.50
N GLN IA 108 -163.61 12.85 -21.67
CA GLN IA 108 -162.80 12.47 -22.82
C GLN IA 108 -161.34 12.20 -22.45
N LEU IA 109 -160.70 13.12 -21.74
CA LEU IA 109 -159.30 12.93 -21.37
C LEU IA 109 -159.11 11.78 -20.40
N ALA IA 110 -160.16 11.38 -19.69
CA ALA IA 110 -160.06 10.21 -18.82
C ALA IA 110 -159.73 8.95 -19.61
N ARG IA 111 -160.03 8.94 -20.91
CA ARG IA 111 -159.67 7.79 -21.74
C ARG IA 111 -158.17 7.52 -21.68
N GLU IA 112 -157.37 8.55 -21.97
CA GLU IA 112 -155.92 8.42 -21.89
C GLU IA 112 -155.42 8.27 -20.45
N ALA IA 113 -155.98 9.06 -19.52
CA ALA IA 113 -155.49 9.04 -18.14
C ALA IA 113 -155.67 7.67 -17.48
N LEU IA 114 -156.86 7.08 -17.62
CA LEU IA 114 -157.08 5.71 -17.16
C LEU IA 114 -156.40 4.68 -18.06
N GLY IA 115 -156.21 4.98 -19.33
CA GLY IA 115 -155.41 4.11 -20.17
C GLY IA 115 -153.98 3.93 -19.67
N GLN IA 116 -153.37 5.00 -19.20
CA GLN IA 116 -152.10 4.89 -18.49
C GLN IA 116 -152.26 4.16 -17.16
N ARG IA 117 -153.26 4.54 -16.36
CA ARG IA 117 -153.41 3.90 -15.06
C ARG IA 117 -153.57 2.40 -15.17
N GLN IA 118 -154.15 1.89 -16.26
CA GLN IA 118 -154.25 0.44 -16.44
C GLN IA 118 -152.88 -0.22 -16.42
N SER IA 119 -151.90 0.34 -17.14
CA SER IA 119 -150.53 -0.17 -17.05
C SER IA 119 -149.91 0.03 -15.68
N TYR IA 120 -150.25 1.12 -14.99
CA TYR IA 120 -149.72 1.32 -13.65
C TYR IA 120 -150.31 0.35 -12.64
N GLN IA 121 -151.60 0.02 -12.78
CA GLN IA 121 -152.21 -1.00 -11.93
C GLN IA 121 -151.63 -2.39 -12.19
N SER IA 122 -151.27 -2.70 -13.44
CA SER IA 122 -150.70 -4.01 -13.72
C SER IA 122 -149.36 -4.18 -13.01
N HIS IA 123 -148.49 -3.17 -13.06
CA HIS IA 123 -147.24 -3.23 -12.31
C HIS IA 123 -147.49 -3.18 -10.80
N THR IA 124 -148.49 -2.44 -10.35
CA THR IA 124 -148.80 -2.41 -8.92
C THR IA 124 -149.22 -3.77 -8.40
N GLU IA 125 -150.02 -4.52 -9.18
CA GLU IA 125 -150.48 -5.82 -8.72
C GLU IA 125 -149.46 -6.93 -8.99
N ALA IA 126 -148.59 -6.75 -9.99
CA ALA IA 126 -147.41 -7.58 -10.12
C ALA IA 126 -146.52 -7.46 -8.89
N LEU IA 127 -146.27 -6.22 -8.46
CA LEU IA 127 -145.55 -5.99 -7.22
C LEU IA 127 -146.28 -6.59 -6.02
N GLY IA 128 -147.58 -6.32 -5.92
CA GLY IA 128 -148.36 -6.81 -4.78
C GLY IA 128 -148.38 -8.33 -4.65
N LYS IA 129 -148.34 -9.05 -5.77
CA LYS IA 129 -148.33 -10.51 -5.72
C LYS IA 129 -146.94 -11.11 -5.61
N SER IA 130 -145.92 -10.45 -6.16
CA SER IA 130 -144.55 -10.75 -5.78
C SER IA 130 -144.37 -10.57 -4.28
N LEU IA 131 -144.91 -9.50 -3.73
CA LEU IA 131 -144.87 -9.18 -2.31
C LEU IA 131 -145.75 -10.11 -1.48
N GLY IA 132 -146.59 -10.92 -2.12
CA GLY IA 132 -147.27 -11.99 -1.44
C GLY IA 132 -146.36 -13.19 -1.24
N GLU IA 133 -145.53 -13.49 -2.25
CA GLU IA 133 -144.54 -14.53 -2.09
C GLU IA 133 -143.44 -14.08 -1.13
N GLN IA 134 -142.96 -12.85 -1.29
CA GLN IA 134 -141.96 -12.30 -0.39
C GLN IA 134 -142.47 -12.24 1.05
N ARG IA 135 -143.78 -12.05 1.24
CA ARG IA 135 -144.38 -12.23 2.56
C ARG IA 135 -144.16 -13.65 3.08
N ALA IA 136 -144.61 -14.64 2.32
CA ALA IA 136 -144.44 -16.03 2.74
C ALA IA 136 -142.98 -16.38 2.96
N LEU IA 137 -142.06 -15.77 2.21
CA LEU IA 137 -140.63 -15.98 2.44
C LEU IA 137 -140.19 -15.44 3.79
N VAL IA 138 -140.55 -14.20 4.12
CA VAL IA 138 -140.15 -13.65 5.42
C VAL IA 138 -140.84 -14.36 6.58
N GLU IA 139 -142.06 -14.85 6.38
CA GLU IA 139 -142.71 -15.65 7.43
C GLU IA 139 -142.02 -16.99 7.62
N GLN IA 140 -141.78 -17.73 6.53
CA GLN IA 140 -141.18 -19.06 6.65
C GLN IA 140 -139.74 -18.97 7.13
N VAL IA 141 -139.00 -17.95 6.70
CA VAL IA 141 -137.62 -17.79 7.17
C VAL IA 141 -137.60 -17.39 8.64
N ARG IA 142 -138.58 -16.62 9.10
CA ARG IA 142 -138.69 -16.32 10.53
C ARG IA 142 -139.02 -17.57 11.35
N GLY IA 143 -139.90 -18.43 10.85
CA GLY IA 143 -140.19 -19.66 11.56
C GLY IA 143 -139.03 -20.64 11.52
N GLN IA 144 -138.34 -20.71 10.39
CA GLN IA 144 -137.13 -21.53 10.29
C GLN IA 144 -136.08 -21.08 11.31
N LEU IA 145 -135.81 -19.78 11.36
CA LEU IA 145 -134.87 -19.24 12.33
C LEU IA 145 -135.31 -19.52 13.76
N GLN IA 146 -136.56 -19.17 14.11
CA GLN IA 146 -136.97 -19.28 15.50
C GLN IA 146 -136.97 -20.72 16.01
N LYS IA 147 -137.30 -21.69 15.15
CA LYS IA 147 -137.09 -23.09 15.48
C LYS IA 147 -135.61 -23.41 15.66
N LEU IA 148 -134.78 -22.99 14.71
CA LEU IA 148 -133.36 -23.37 14.71
C LEU IA 148 -132.61 -22.76 15.88
N GLU IA 149 -132.77 -21.45 16.09
CA GLU IA 149 -132.04 -20.77 17.15
C GLU IA 149 -132.54 -21.16 18.53
N ARG IA 150 -133.84 -21.46 18.67
CA ARG IA 150 -134.33 -22.03 19.92
C ARG IA 150 -133.74 -23.41 20.17
N LYS IA 151 -133.53 -24.18 19.09
CA LYS IA 151 -132.85 -25.47 19.22
C LYS IA 151 -131.40 -25.28 19.63
N TYR IA 152 -130.75 -24.25 19.09
CA TYR IA 152 -129.39 -23.90 19.53
C TYR IA 152 -129.34 -23.50 21.00
N LEU IA 153 -130.33 -22.73 21.47
CA LEU IA 153 -130.40 -22.38 22.89
C LEU IA 153 -130.55 -23.61 23.78
N GLU IA 154 -131.50 -24.48 23.45
CA GLU IA 154 -131.67 -25.73 24.21
C GLU IA 154 -130.47 -26.66 24.07
N LEU IA 155 -129.81 -26.63 22.92
CA LEU IA 155 -128.58 -27.40 22.74
C LEU IA 155 -127.42 -26.83 23.56
N LYS IA 156 -127.36 -25.51 23.73
CA LYS IA 156 -126.43 -24.93 24.69
C LYS IA 156 -126.72 -25.41 26.11
N SER IA 157 -128.00 -25.43 26.49
CA SER IA 157 -128.37 -25.95 27.80
C SER IA 157 -127.90 -27.40 27.97
N GLN IA 158 -128.19 -28.24 26.97
CA GLN IA 158 -127.74 -29.63 26.99
C GLN IA 158 -126.21 -29.74 27.06
N LYS IA 159 -125.48 -28.93 26.29
CA LYS IA 159 -124.02 -29.01 26.33
C LYS IA 159 -123.48 -28.68 27.71
N ASN IA 160 -123.97 -27.61 28.33
CA ASN IA 160 -123.54 -27.27 29.68
C ASN IA 160 -123.81 -28.44 30.62
N LEU IA 161 -124.99 -29.03 30.53
CA LEU IA 161 -125.35 -30.21 31.32
C LEU IA 161 -124.54 -31.44 30.92
N TYR IA 162 -124.05 -31.48 29.68
CA TYR IA 162 -123.25 -32.62 29.23
C TYR IA 162 -121.81 -32.55 29.74
N LEU IA 163 -121.24 -31.35 29.79
CA LEU IA 163 -119.93 -31.18 30.41
C LEU IA 163 -119.97 -31.49 31.91
N ALA IA 164 -121.06 -31.08 32.58
CA ALA IA 164 -121.26 -31.47 33.98
C ALA IA 164 -121.39 -32.98 34.13
N ARG IA 165 -122.24 -33.61 33.32
CA ARG IA 165 -122.36 -35.07 33.34
C ARG IA 165 -121.01 -35.75 33.11
N LEU IA 166 -120.27 -35.29 32.09
CA LEU IA 166 -118.99 -35.91 31.75
C LEU IA 166 -117.99 -35.81 32.89
N LYS IA 167 -117.80 -34.60 33.43
CA LYS IA 167 -116.90 -34.44 34.58
C LYS IA 167 -117.35 -35.27 35.78
N SER IA 168 -118.66 -35.38 36.00
CA SER IA 168 -119.17 -36.17 37.11
C SER IA 168 -118.93 -37.66 36.92
N ALA IA 169 -119.14 -38.15 35.69
CA ALA IA 169 -118.80 -39.53 35.37
C ALA IA 169 -117.32 -39.80 35.54
N ILE IA 170 -116.47 -38.88 35.05
CA ILE IA 170 -115.02 -39.03 35.20
C ILE IA 170 -114.65 -39.15 36.68
N ALA IA 171 -115.21 -38.28 37.51
CA ALA IA 171 -114.98 -38.36 38.95
C ALA IA 171 -115.43 -39.70 39.52
N ALA IA 172 -116.62 -40.16 39.10
CA ALA IA 172 -117.13 -41.46 39.55
C ALA IA 172 -116.19 -42.59 39.16
N GLN IA 173 -115.72 -42.58 37.91
CA GLN IA 173 -114.74 -43.56 37.46
C GLN IA 173 -113.50 -43.54 38.35
N LYS IA 174 -113.05 -42.36 38.75
CA LYS IA 174 -111.89 -42.25 39.61
C LYS IA 174 -112.15 -42.80 41.01
N ILE IA 175 -113.34 -42.60 41.57
CA ILE IA 175 -113.67 -43.23 42.86
C ILE IA 175 -113.74 -44.74 42.76
N GLU IA 176 -114.41 -45.28 41.75
CA GLU IA 176 -114.46 -46.74 41.62
C GLU IA 176 -113.09 -47.35 41.44
N GLU IA 177 -112.29 -46.83 40.52
CA GLU IA 177 -110.98 -47.42 40.24
C GLU IA 177 -110.00 -47.26 41.40
N ILE IA 178 -109.99 -46.10 42.05
CA ILE IA 178 -109.13 -45.89 43.22
C ILE IA 178 -109.65 -46.67 44.42
N ALA IA 179 -110.96 -46.79 44.56
CA ALA IA 179 -111.54 -47.63 45.60
C ALA IA 179 -111.25 -49.12 45.37
N GLY IA 180 -111.34 -49.58 44.12
CA GLY IA 180 -110.98 -50.96 43.84
C GLY IA 180 -109.52 -51.28 44.11
N ASN IA 181 -108.62 -50.36 43.77
CA ASN IA 181 -107.22 -50.53 44.14
C ASN IA 181 -107.01 -50.39 45.65
N LEU IA 182 -107.78 -49.52 46.30
CA LEU IA 182 -107.62 -49.34 47.74
C LEU IA 182 -108.06 -50.58 48.50
N ASP IA 183 -109.25 -51.08 48.21
CA ASP IA 183 -109.77 -52.25 48.92
C ASP IA 183 -108.99 -53.50 48.52
N ASN IA 184 -108.89 -53.77 47.21
CA ASN IA 184 -108.32 -55.03 46.77
C ASN IA 184 -106.82 -55.10 46.99
N ALA IA 185 -106.07 -54.10 46.50
CA ALA IA 185 -104.62 -54.13 46.65
C ALA IA 185 -104.19 -53.81 48.08
N SER IA 186 -104.68 -52.69 48.63
CA SER IA 186 -104.18 -52.22 49.92
C SER IA 186 -104.66 -53.11 51.06
N ALA IA 187 -105.96 -53.41 51.08
CA ALA IA 187 -106.54 -54.11 52.22
C ALA IA 187 -106.03 -55.55 52.31
N SER IA 188 -105.91 -56.25 51.18
CA SER IA 188 -105.32 -57.59 51.22
C SER IA 188 -103.88 -57.52 51.69
N SER IA 189 -103.16 -56.46 51.30
CA SER IA 189 -101.81 -56.27 51.80
C SER IA 189 -101.81 -56.03 53.31
N LEU IA 190 -102.83 -55.35 53.84
CA LEU IA 190 -102.89 -55.11 55.27
C LEU IA 190 -103.23 -56.39 56.03
N PHE IA 191 -104.29 -57.09 55.61
CA PHE IA 191 -104.77 -58.22 56.38
C PHE IA 191 -103.81 -59.41 56.28
N GLU IA 192 -103.45 -59.80 55.07
CA GLU IA 192 -102.61 -60.98 54.91
C GLU IA 192 -101.16 -60.77 55.36
N ARG IA 193 -100.58 -59.57 55.19
CA ARG IA 193 -99.27 -59.30 55.76
C ARG IA 193 -99.27 -59.11 57.28
N ILE IA 194 -100.32 -58.53 57.84
CA ILE IA 194 -100.39 -58.42 59.30
C ILE IA 194 -100.64 -59.79 59.93
N GLU IA 195 -101.52 -60.58 59.32
CA GLU IA 195 -101.79 -61.91 59.83
C GLU IA 195 -100.55 -62.80 59.79
N THR IA 196 -99.86 -62.85 58.65
CA THR IA 196 -98.65 -63.66 58.56
C THR IA 196 -97.57 -63.20 59.54
N LYS IA 197 -97.45 -61.90 59.76
CA LYS IA 197 -96.52 -61.41 60.78
C LYS IA 197 -96.97 -61.78 62.18
N ILE IA 198 -98.29 -61.82 62.41
CA ILE IA 198 -98.82 -62.27 63.70
C ILE IA 198 -98.48 -63.74 63.90
N LEU IA 199 -98.68 -64.54 62.86
CA LEU IA 199 -98.34 -65.96 62.91
C LEU IA 199 -96.86 -66.16 63.22
N GLU IA 200 -96.00 -65.29 62.68
CA GLU IA 200 -94.58 -65.37 63.00
C GLU IA 200 -94.35 -65.09 64.47
N LEU IA 201 -95.08 -64.13 65.03
CA LEU IA 201 -95.02 -63.88 66.47
C LEU IA 201 -95.59 -65.04 67.26
N GLU IA 202 -96.61 -65.72 66.71
CA GLU IA 202 -97.22 -66.87 67.38
C GLU IA 202 -96.33 -68.11 67.36
N ALA IA 203 -95.52 -68.27 66.31
CA ALA IA 203 -94.53 -69.34 66.30
C ALA IA 203 -93.51 -69.19 67.41
N GLU IA 204 -93.15 -67.95 67.75
CA GLU IA 204 -92.36 -67.73 68.96
C GLU IA 204 -93.19 -67.84 70.24
N ARG IA 205 -94.49 -67.55 70.19
CA ARG IA 205 -95.33 -67.78 71.36
C ARG IA 205 -95.35 -69.26 71.73
N GLU IA 206 -95.58 -70.14 70.76
CA GLU IA 206 -95.62 -71.57 71.02
C GLU IA 206 -94.23 -72.16 71.31
N LEU IA 207 -93.16 -71.40 71.09
CA LEU IA 207 -91.85 -71.80 71.60
C LEU IA 207 -91.66 -71.38 73.05
N LEU IA 208 -92.21 -70.23 73.45
CA LEU IA 208 -92.09 -69.75 74.82
C LEU IA 208 -93.19 -70.24 75.74
N ASN IA 209 -94.26 -70.83 75.19
CA ASN IA 209 -95.49 -71.03 75.94
C ASN IA 209 -96.16 -72.33 75.50
N PRO IA 210 -96.39 -73.29 76.39
CA PRO IA 210 -97.11 -74.48 76.00
C PRO IA 210 -98.52 -74.13 75.56
N PRO IA 211 -99.08 -74.87 74.59
CA PRO IA 211 -100.48 -74.65 74.22
C PRO IA 211 -101.40 -74.70 75.43
N PRO IA 212 -102.14 -73.62 75.72
CA PRO IA 212 -103.05 -73.64 76.86
C PRO IA 212 -104.27 -74.50 76.63
N SER IA 213 -104.11 -75.81 76.77
CA SER IA 213 -105.21 -76.76 76.57
C SER IA 213 -106.30 -76.53 77.61
N PRO IA 214 -107.49 -77.10 77.43
CA PRO IA 214 -108.52 -77.00 78.49
C PRO IA 214 -108.09 -77.62 79.80
N LEU IA 215 -107.11 -78.54 79.78
CA LEU IA 215 -106.75 -79.25 81.01
C LEU IA 215 -106.06 -78.32 82.00
N ASP IA 216 -104.91 -77.76 81.60
CA ASP IA 216 -104.20 -76.84 82.47
C ASP IA 216 -105.05 -75.62 82.82
N LYS IA 217 -105.93 -75.19 81.92
CA LYS IA 217 -106.83 -74.09 82.22
C LYS IA 217 -107.75 -74.42 83.39
N LYS IA 218 -108.33 -75.63 83.39
CA LYS IA 218 -109.19 -76.03 84.49
C LYS IA 218 -108.41 -76.17 85.80
N PHE IA 219 -107.18 -76.66 85.73
CA PHE IA 219 -106.34 -76.76 86.92
C PHE IA 219 -106.05 -75.38 87.50
N GLU IA 220 -105.75 -74.39 86.66
CA GLU IA 220 -105.50 -73.04 87.15
C GLU IA 220 -106.76 -72.46 87.79
N GLN IA 221 -107.93 -72.72 87.19
CA GLN IA 221 -109.18 -72.27 87.77
C GLN IA 221 -109.41 -72.89 89.14
N TRP IA 222 -109.14 -74.19 89.26
CA TRP IA 222 -109.25 -74.85 90.57
C TRP IA 222 -108.24 -74.29 91.56
N GLU IA 223 -107.07 -73.86 91.09
CA GLU IA 223 -106.10 -73.24 92.00
C GLU IA 223 -106.66 -71.95 92.60
N GLU IA 224 -107.31 -71.13 91.78
CA GLU IA 224 -107.97 -69.95 92.31
C GLU IA 224 -109.09 -70.34 93.27
N GLN IA 225 -109.85 -71.37 92.91
CA GLN IA 225 -110.91 -71.86 93.79
C GLN IA 225 -110.34 -72.30 95.14
N GLN IA 226 -109.17 -72.95 95.14
CA GLN IA 226 -108.57 -73.42 96.38
C GLN IA 226 -107.98 -72.29 97.20
N ALA IA 227 -107.51 -71.22 96.54
CA ALA IA 227 -107.08 -70.03 97.27
C ALA IA 227 -108.24 -69.42 98.04
N VAL IA 228 -109.38 -69.24 97.39
CA VAL IA 228 -110.56 -68.69 98.06
C VAL IA 228 -111.08 -69.67 99.09
N GLU IA 229 -110.96 -70.97 98.85
CA GLU IA 229 -111.39 -71.91 99.88
C GLU IA 229 -110.50 -71.83 101.12
N ALA IA 230 -109.22 -71.50 100.95
CA ALA IA 230 -108.35 -71.26 102.10
C ALA IA 230 -108.70 -69.98 102.85
N THR IA 231 -109.06 -68.91 102.12
CA THR IA 231 -109.55 -67.71 102.77
C THR IA 231 -110.83 -67.98 103.56
N LEU IA 232 -111.74 -68.78 102.97
CA LEU IA 232 -112.95 -69.16 103.70
C LEU IA 232 -112.60 -69.93 104.97
N ALA IA 233 -111.60 -70.80 104.90
CA ALA IA 233 -111.19 -71.55 106.08
C ALA IA 233 -110.71 -70.61 107.18
N ALA IA 234 -109.90 -69.61 106.81
CA ALA IA 234 -109.48 -68.60 107.77
C ALA IA 234 -110.68 -67.84 108.33
N MET IA 235 -111.64 -67.49 107.47
CA MET IA 235 -112.83 -66.78 107.91
C MET IA 235 -113.55 -67.56 109.00
N LYS IA 236 -113.85 -68.83 108.75
CA LYS IA 236 -114.65 -69.60 109.69
C LYS IA 236 -113.85 -70.09 110.89
N ALA IA 237 -112.51 -70.09 110.79
CA ALA IA 237 -111.68 -70.39 111.95
C ALA IA 237 -111.65 -69.20 112.91
N ARG IA 238 -111.56 -67.98 112.37
CA ARG IA 238 -111.72 -66.81 113.21
C ARG IA 238 -113.12 -66.72 113.79
N ARG IA 239 -114.12 -67.14 113.01
CA ARG IA 239 -115.50 -67.15 113.48
C ARG IA 239 -115.78 -68.24 114.51
N SER IA 240 -114.95 -69.27 114.58
CA SER IA 240 -115.18 -70.35 115.54
C SER IA 240 -115.26 -69.80 116.96
N MET JA 24 -58.07 38.48 -71.78
CA MET JA 24 -56.64 38.70 -71.82
C MET JA 24 -56.22 39.67 -70.71
N GLU JA 25 -55.08 39.39 -70.08
CA GLU JA 25 -54.58 40.30 -69.04
C GLU JA 25 -54.22 41.66 -69.65
N LEU JA 26 -53.66 41.66 -70.86
CA LEU JA 26 -53.41 42.92 -71.55
C LEU JA 26 -54.69 43.72 -71.72
N PHE JA 27 -55.76 43.04 -72.17
CA PHE JA 27 -57.04 43.71 -72.34
C PHE JA 27 -57.52 44.33 -71.04
N ASN JA 28 -57.48 43.57 -69.95
CA ASN JA 28 -57.86 44.10 -68.63
C ASN JA 28 -57.03 45.32 -68.23
N ARG JA 29 -55.71 45.25 -68.42
CA ARG JA 29 -54.86 46.42 -68.19
C ARG JA 29 -55.31 47.64 -69.00
N VAL JA 30 -55.58 47.44 -70.29
CA VAL JA 30 -56.05 48.51 -71.15
C VAL JA 30 -57.49 48.91 -70.83
N GLY JA 31 -58.21 48.08 -70.08
CA GLY JA 31 -59.63 48.31 -69.84
C GLY JA 31 -59.99 49.67 -69.28
N ARG JA 32 -59.25 50.18 -68.30
CA ARG JA 32 -59.62 51.49 -67.77
C ARG JA 32 -59.66 52.56 -68.85
N VAL JA 33 -58.59 52.65 -69.65
CA VAL JA 33 -58.49 53.67 -70.70
C VAL JA 33 -59.43 53.38 -71.87
N LEU JA 34 -59.51 52.13 -72.32
CA LEU JA 34 -60.35 51.82 -73.47
C LEU JA 34 -61.83 51.88 -73.09
N LYS JA 35 -62.22 51.21 -72.00
CA LYS JA 35 -63.61 51.16 -71.60
C LYS JA 35 -64.15 52.51 -71.15
N SER JA 36 -63.32 53.43 -70.63
CA SER JA 36 -63.83 54.78 -70.39
C SER JA 36 -64.26 55.45 -71.70
N GLN JA 37 -63.40 55.36 -72.72
CA GLN JA 37 -63.76 55.85 -74.04
C GLN JA 37 -64.98 55.15 -74.61
N LEU JA 38 -65.05 53.82 -74.53
CA LEU JA 38 -66.21 53.13 -75.06
C LEU JA 38 -67.50 53.45 -74.29
N THR JA 39 -67.41 53.69 -72.97
CA THR JA 39 -68.57 54.11 -72.20
C THR JA 39 -69.10 55.45 -72.67
N HIS JA 40 -68.20 56.39 -73.00
CA HIS JA 40 -68.67 57.59 -73.69
C HIS JA 40 -69.09 57.30 -75.12
N TRP JA 41 -68.46 56.33 -75.78
CA TRP JA 41 -68.76 56.06 -77.19
C TRP JA 41 -70.22 55.65 -77.36
N GLN JA 42 -70.69 54.74 -76.50
CA GLN JA 42 -72.12 54.41 -76.51
C GLN JA 42 -72.98 55.60 -76.12
N GLN JA 43 -72.46 56.45 -75.24
CA GLN JA 43 -73.14 57.70 -74.89
C GLN JA 43 -73.15 58.74 -76.02
N GLN JA 44 -72.26 58.64 -77.01
CA GLN JA 44 -72.03 59.79 -77.91
C GLN JA 44 -73.32 60.35 -78.50
N GLN JA 45 -74.33 59.52 -78.73
CA GLN JA 45 -75.59 60.06 -79.24
C GLN JA 45 -76.18 61.08 -78.29
N GLU JA 46 -76.10 60.82 -76.98
CA GLU JA 46 -76.46 61.82 -75.99
C GLU JA 46 -75.38 62.90 -75.84
N ALA JA 47 -74.11 62.51 -75.90
CA ALA JA 47 -72.99 63.38 -75.51
C ALA JA 47 -71.90 63.37 -76.56
N PRO JA 48 -72.10 64.10 -77.66
CA PRO JA 48 -70.98 64.38 -78.58
C PRO JA 48 -70.14 65.57 -78.14
N GLU JA 49 -70.59 66.32 -77.13
CA GLU JA 49 -70.12 67.69 -76.92
C GLU JA 49 -68.61 67.77 -76.74
N ASP JA 50 -68.03 66.87 -75.96
CA ASP JA 50 -66.59 66.92 -75.71
C ASP JA 50 -65.77 66.66 -76.95
N LEU JA 51 -66.12 65.64 -77.75
CA LEU JA 51 -65.35 65.37 -78.97
C LEU JA 51 -65.50 66.49 -80.00
N LEU JA 52 -66.72 67.03 -80.14
CA LEU JA 52 -66.94 68.14 -81.07
C LEU JA 52 -66.13 69.36 -80.69
N GLU JA 53 -66.20 69.78 -79.43
CA GLU JA 53 -65.47 70.96 -78.97
C GLU JA 53 -63.97 70.74 -78.93
N ARG JA 54 -63.50 69.52 -78.67
CA ARG JA 54 -62.07 69.24 -78.78
C ARG JA 54 -61.55 69.50 -80.19
N LEU JA 55 -62.23 68.96 -81.20
CA LEU JA 55 -61.81 69.17 -82.58
C LEU JA 55 -61.82 70.65 -82.97
N LEU JA 56 -62.91 71.36 -82.65
CA LEU JA 56 -62.98 72.79 -82.96
C LEU JA 56 -61.99 73.63 -82.14
N GLY JA 57 -61.64 73.17 -80.94
CA GLY JA 57 -60.52 73.77 -80.22
C GLY JA 57 -59.20 73.65 -80.98
N GLU JA 58 -58.94 72.47 -81.52
CA GLU JA 58 -57.77 72.27 -82.37
C GLU JA 58 -57.84 73.15 -83.61
N MET JA 59 -59.03 73.35 -84.16
CA MET JA 59 -59.22 74.25 -85.29
C MET JA 59 -58.96 75.70 -84.93
N GLU JA 60 -59.30 76.11 -83.71
CA GLU JA 60 -58.91 77.44 -83.23
C GLU JA 60 -57.39 77.56 -83.03
N LEU JA 61 -56.75 76.51 -82.52
CA LEU JA 61 -55.30 76.52 -82.40
C LEU JA 61 -54.61 76.61 -83.75
N GLU JA 62 -55.14 75.93 -84.77
CA GLU JA 62 -54.63 76.11 -86.13
C GLU JA 62 -54.87 77.53 -86.62
N LEU JA 63 -56.10 78.03 -86.49
CA LEU JA 63 -56.48 79.33 -87.06
C LEU JA 63 -55.67 80.49 -86.49
N ILE JA 64 -55.25 80.41 -85.22
CA ILE JA 64 -54.33 81.43 -84.71
C ILE JA 64 -52.95 81.29 -85.36
N GLU JA 65 -52.55 80.08 -85.75
CA GLU JA 65 -51.37 79.96 -86.62
C GLU JA 65 -51.63 80.57 -88.00
N LEU JA 66 -52.76 80.25 -88.63
CA LEU JA 66 -53.03 80.72 -89.99
C LEU JA 66 -52.99 82.24 -90.08
N ARG JA 67 -53.51 82.94 -89.07
CA ARG JA 67 -53.41 84.39 -89.02
C ARG JA 67 -51.98 84.88 -88.87
N ARG JA 68 -51.18 84.24 -88.01
CA ARG JA 68 -49.77 84.63 -87.91
C ARG JA 68 -48.99 84.32 -89.18
N ALA JA 69 -49.34 83.24 -89.89
CA ALA JA 69 -48.69 82.92 -91.16
C ALA JA 69 -49.05 83.93 -92.24
N LEU JA 70 -50.29 84.41 -92.25
CA LEU JA 70 -50.65 85.56 -93.08
C LEU JA 70 -49.82 86.80 -92.73
N ALA JA 71 -49.65 87.09 -91.45
CA ALA JA 71 -48.85 88.24 -91.07
C ALA JA 71 -47.38 88.07 -91.45
N GLN JA 72 -46.86 86.84 -91.41
CA GLN JA 72 -45.52 86.59 -91.89
C GLN JA 72 -45.39 86.75 -93.40
N THR JA 73 -46.43 86.41 -94.16
CA THR JA 73 -46.41 86.67 -95.60
C THR JA 73 -46.45 88.16 -95.92
N ILE JA 74 -47.32 88.92 -95.25
CA ILE JA 74 -47.35 90.37 -95.47
C ILE JA 74 -46.01 91.01 -95.10
N ALA JA 75 -45.42 90.57 -93.99
CA ALA JA 75 -44.12 91.10 -93.59
C ALA JA 75 -43.04 90.80 -94.62
N THR JA 76 -43.00 89.59 -95.15
CA THR JA 76 -42.03 89.24 -96.20
C THR JA 76 -42.32 89.95 -97.52
N PHE JA 77 -43.58 90.20 -97.85
CA PHE JA 77 -43.91 90.91 -99.08
C PHE JA 77 -43.41 92.35 -99.06
N LYS JA 78 -43.73 93.09 -98.00
CA LYS JA 78 -43.28 94.48 -97.89
C LYS JA 78 -41.80 94.60 -97.60
N SER JA 79 -41.18 93.61 -96.95
CA SER JA 79 -39.72 93.64 -96.84
C SER JA 79 -39.05 93.51 -98.20
N THR JA 80 -39.59 92.67 -99.09
CA THR JA 80 -39.09 92.65 -100.46
C THR JA 80 -39.29 94.02 -101.12
N GLU JA 81 -40.41 94.67 -100.81
CA GLU JA 81 -40.67 96.02 -101.33
C GLU JA 81 -39.75 97.05 -100.69
N ARG JA 82 -39.37 96.87 -99.43
CA ARG JA 82 -38.37 97.74 -98.81
C ARG JA 82 -37.01 97.58 -99.48
N GLN JA 83 -36.72 96.39 -100.00
CA GLN JA 83 -35.50 96.20 -100.78
C GLN JA 83 -35.61 96.92 -102.12
N ARG JA 84 -36.81 96.92 -102.71
CA ARG JA 84 -37.07 97.76 -103.87
C ARG JA 84 -36.91 99.24 -103.55
N ASP JA 85 -37.41 99.67 -102.39
CA ASP JA 85 -37.25 101.06 -101.97
C ASP JA 85 -35.78 101.45 -101.87
N ALA JA 86 -34.93 100.52 -101.45
CA ALA JA 86 -33.50 100.78 -101.46
C ALA JA 86 -32.93 100.82 -102.88
N GLN JA 87 -33.32 99.88 -103.74
CA GLN JA 87 -32.82 99.88 -105.11
C GLN JA 87 -33.17 101.18 -105.83
N GLN JA 88 -34.43 101.62 -105.71
CA GLN JA 88 -34.86 102.86 -106.34
C GLN JA 88 -34.20 104.08 -105.69
N LEU JA 89 -33.88 104.00 -104.40
CA LEU JA 89 -33.13 105.08 -103.75
C LEU JA 89 -31.71 105.18 -104.30
N ILE JA 90 -31.06 104.04 -104.58
CA ILE JA 90 -29.75 104.09 -105.20
C ILE JA 90 -29.84 104.51 -106.65
N ALA JA 91 -30.94 104.18 -107.33
CA ALA JA 91 -31.19 104.74 -108.67
C ALA JA 91 -31.29 106.26 -108.63
N GLN JA 92 -31.99 106.80 -107.63
CA GLN JA 92 -32.02 108.25 -107.44
C GLN JA 92 -30.64 108.80 -107.12
N ARG JA 93 -29.86 108.08 -106.30
CA ARG JA 93 -28.47 108.45 -106.08
C ARG JA 93 -27.66 108.46 -107.37
N TRP JA 94 -28.00 107.59 -108.32
CA TRP JA 94 -27.39 107.64 -109.64
C TRP JA 94 -27.88 108.82 -110.48
N TYR JA 95 -29.13 109.26 -110.29
CA TYR JA 95 -29.55 110.50 -110.93
C TYR JA 95 -28.88 111.72 -110.32
N GLU JA 96 -28.69 111.75 -109.00
CA GLU JA 96 -27.97 112.85 -108.37
C GLU JA 96 -26.55 112.96 -108.91
N LYS JA 97 -25.84 111.84 -108.99
CA LYS JA 97 -24.51 111.81 -109.58
C LYS JA 97 -24.52 112.22 -111.05
N ALA JA 98 -25.60 111.90 -111.77
CA ALA JA 98 -25.75 112.44 -113.11
C ALA JA 98 -25.99 113.95 -113.10
N GLN JA 99 -26.80 114.44 -112.15
CA GLN JA 99 -27.14 115.85 -112.12
C GLN JA 99 -25.91 116.72 -111.91
N ALA JA 100 -24.91 116.22 -111.18
CA ALA JA 100 -23.63 116.91 -111.04
C ALA JA 100 -22.87 117.01 -112.34
N ALA JA 101 -23.34 116.34 -113.40
CA ALA JA 101 -22.76 116.45 -114.73
C ALA JA 101 -23.82 116.76 -115.79
N LEU JA 102 -25.06 117.00 -115.40
CA LEU JA 102 -26.13 117.25 -116.35
C LEU JA 102 -26.32 118.73 -116.63
N ASP JA 103 -25.51 119.59 -116.03
CA ASP JA 103 -25.40 120.99 -116.41
C ASP JA 103 -24.10 121.23 -117.16
N ARG JA 104 -24.05 122.36 -117.86
CA ARG JA 104 -22.88 122.82 -118.61
C ARG JA 104 -22.57 121.95 -119.82
N GLY JA 105 -23.45 121.01 -120.17
CA GLY JA 105 -23.16 120.08 -121.24
C GLY JA 105 -22.11 119.05 -120.91
N ASN JA 106 -21.79 118.87 -119.63
CA ASN JA 106 -20.79 117.92 -119.19
C ASN JA 106 -21.36 116.53 -118.95
N GLU JA 107 -22.48 116.20 -119.59
CA GLU JA 107 -23.25 114.98 -119.36
C GLU JA 107 -22.48 113.71 -119.69
N GLN JA 108 -21.23 113.83 -120.14
CA GLN JA 108 -20.40 112.67 -120.44
C GLN JA 108 -20.48 111.60 -119.35
N LEU JA 109 -20.28 111.98 -118.09
CA LEU JA 109 -20.32 111.00 -117.00
C LEU JA 109 -21.71 110.42 -116.80
N ALA JA 110 -22.75 111.09 -117.27
CA ALA JA 110 -24.09 110.52 -117.19
C ALA JA 110 -24.20 109.23 -117.99
N ARG JA 111 -23.30 109.02 -118.97
CA ARG JA 111 -23.30 107.78 -119.71
C ARG JA 111 -23.13 106.58 -118.78
N GLU JA 112 -22.08 106.62 -117.95
CA GLU JA 112 -21.87 105.55 -116.98
C GLU JA 112 -22.90 105.56 -115.86
N ALA JA 113 -23.26 106.74 -115.35
CA ALA JA 113 -24.16 106.81 -114.20
C ALA JA 113 -25.55 106.25 -114.54
N LEU JA 114 -26.10 106.64 -115.69
CA LEU JA 114 -27.35 106.03 -116.16
C LEU JA 114 -27.15 104.61 -116.68
N GLY JA 115 -25.96 104.28 -117.17
CA GLY JA 115 -25.67 102.90 -117.50
C GLY JA 115 -25.79 101.96 -116.31
N GLN JA 116 -25.31 102.39 -115.15
CA GLN JA 116 -25.60 101.65 -113.92
C GLN JA 116 -27.08 101.70 -113.56
N ARG JA 117 -27.69 102.88 -113.60
CA ARG JA 117 -29.10 102.97 -113.22
C ARG JA 117 -29.99 102.06 -114.05
N GLN JA 118 -29.63 101.79 -115.31
CA GLN JA 118 -30.41 100.85 -116.11
C GLN JA 118 -30.49 99.47 -115.45
N SER JA 119 -29.35 98.95 -114.97
CA SER JA 119 -29.39 97.70 -114.22
C SER JA 119 -30.13 97.82 -112.89
N TYR JA 120 -30.07 98.99 -112.24
CA TYR JA 120 -30.81 99.16 -111.00
C TYR JA 120 -32.31 99.25 -111.24
N GLN JA 121 -32.74 99.88 -112.33
CA GLN JA 121 -34.15 99.89 -112.70
C GLN JA 121 -34.67 98.50 -113.05
N SER JA 122 -33.83 97.66 -113.68
CA SER JA 122 -34.29 96.32 -114.03
C SER JA 122 -34.58 95.50 -112.78
N HIS JA 123 -33.70 95.55 -111.77
CA HIS JA 123 -33.98 94.89 -110.51
C HIS JA 123 -35.14 95.55 -109.77
N THR JA 124 -35.27 96.87 -109.86
CA THR JA 124 -36.40 97.54 -109.21
C THR JA 124 -37.74 97.10 -109.79
N GLU JA 125 -37.81 96.92 -111.12
CA GLU JA 125 -39.08 96.52 -111.73
C GLU JA 125 -39.30 95.01 -111.67
N ALA JA 126 -38.22 94.23 -111.60
CA ALA JA 126 -38.35 92.82 -111.23
C ALA JA 126 -38.95 92.66 -109.85
N LEU JA 127 -38.46 93.44 -108.88
CA LEU JA 127 -39.05 93.47 -107.56
C LEU JA 127 -40.50 93.97 -107.62
N GLY JA 128 -40.75 95.06 -108.32
CA GLY JA 128 -42.09 95.62 -108.39
C GLY JA 128 -43.13 94.68 -108.99
N LYS JA 129 -42.73 93.84 -109.94
CA LYS JA 129 -43.66 92.90 -110.55
C LYS JA 129 -43.75 91.57 -109.79
N SER JA 130 -42.69 91.14 -109.14
CA SER JA 130 -42.81 90.11 -108.11
C SER JA 130 -43.78 90.56 -107.03
N LEU JA 131 -43.66 91.81 -106.60
CA LEU JA 131 -44.51 92.43 -105.60
C LEU JA 131 -45.92 92.68 -106.11
N GLY JA 132 -46.16 92.53 -107.41
CA GLY JA 132 -47.51 92.50 -107.94
C GLY JA 132 -48.15 91.14 -107.72
N GLU JA 133 -47.37 90.08 -107.89
CA GLU JA 133 -47.88 88.75 -107.58
C GLU JA 133 -48.05 88.59 -106.07
N GLN JA 134 -47.05 89.01 -105.30
CA GLN JA 134 -47.13 88.97 -103.85
C GLN JA 134 -48.30 89.80 -103.32
N ARG JA 135 -48.65 90.88 -104.01
CA ARG JA 135 -49.90 91.59 -103.72
C ARG JA 135 -51.10 90.66 -103.88
N ALA JA 136 -51.27 90.09 -105.07
CA ALA JA 136 -52.38 89.20 -105.31
C ALA JA 136 -52.41 88.02 -104.34
N LEU JA 137 -51.23 87.56 -103.90
CA LEU JA 137 -51.17 86.51 -102.89
C LEU JA 137 -51.73 86.97 -101.54
N VAL JA 138 -51.31 88.14 -101.06
CA VAL JA 138 -51.84 88.62 -99.78
C VAL JA 138 -53.31 88.99 -99.88
N GLU JA 139 -53.78 89.44 -101.03
CA GLU JA 139 -55.21 89.69 -101.20
C GLU JA 139 -56.01 88.40 -101.21
N GLN JA 140 -55.59 87.42 -102.01
CA GLN JA 140 -56.35 86.17 -102.11
C GLN JA 140 -56.29 85.37 -100.81
N VAL JA 141 -55.14 85.40 -100.11
CA VAL JA 141 -55.05 84.71 -98.83
C VAL JA 141 -55.90 85.40 -97.77
N ARG JA 142 -56.02 86.73 -97.84
CA ARG JA 142 -56.93 87.44 -96.94
C ARG JA 142 -58.39 87.10 -97.23
N GLY JA 143 -58.76 86.99 -98.49
CA GLY JA 143 -60.13 86.60 -98.81
C GLY JA 143 -60.41 85.15 -98.47
N GLN JA 144 -59.44 84.27 -98.69
CA GLN JA 144 -59.56 82.87 -98.29
C GLN JA 144 -59.77 82.76 -96.78
N LEU JA 145 -58.95 83.44 -96.00
CA LEU JA 145 -59.11 83.44 -94.55
C LEU JA 145 -60.46 84.01 -94.13
N GLN JA 146 -60.81 85.20 -94.62
CA GLN JA 146 -62.02 85.85 -94.12
C GLN JA 146 -63.29 85.06 -94.45
N LYS JA 147 -63.33 84.38 -95.60
CA LYS JA 147 -64.39 83.42 -95.88
C LYS JA 147 -64.35 82.24 -94.92
N LEU JA 148 -63.16 81.66 -94.72
CA LEU JA 148 -63.04 80.43 -93.93
C LEU JA 148 -63.34 80.67 -92.46
N GLU JA 149 -62.75 81.70 -91.87
CA GLU JA 149 -62.93 81.98 -90.45
C GLU JA 149 -64.33 82.49 -90.15
N ARG JA 150 -64.94 83.23 -91.08
CA ARG JA 150 -66.35 83.58 -90.92
C ARG JA 150 -67.23 82.35 -90.98
N LYS JA 151 -66.86 81.36 -91.81
CA LYS JA 151 -67.58 80.10 -91.83
C LYS JA 151 -67.39 79.34 -90.52
N TYR JA 152 -66.19 79.40 -89.94
CA TYR JA 152 -65.96 78.83 -88.61
C TYR JA 152 -66.80 79.52 -87.55
N LEU JA 153 -66.92 80.84 -87.59
CA LEU JA 153 -67.78 81.57 -86.66
C LEU JA 153 -69.24 81.12 -86.77
N GLU JA 154 -69.78 81.11 -87.99
CA GLU JA 154 -71.15 80.65 -88.20
C GLU JA 154 -71.32 79.17 -87.88
N LEU JA 155 -70.28 78.37 -88.09
CA LEU JA 155 -70.30 76.96 -87.69
C LEU JA 155 -70.27 76.80 -86.18
N LYS JA 156 -69.57 77.67 -85.46
CA LYS JA 156 -69.70 77.70 -84.00
C LYS JA 156 -71.13 78.03 -83.58
N SER JA 157 -71.74 79.01 -84.23
CA SER JA 157 -73.13 79.33 -83.94
C SER JA 157 -74.03 78.12 -84.16
N GLN JA 158 -73.88 77.45 -85.30
CA GLN JA 158 -74.63 76.23 -85.58
C GLN JA 158 -74.37 75.13 -84.57
N LYS JA 159 -73.12 74.92 -84.17
CA LYS JA 159 -72.82 73.87 -83.19
C LYS JA 159 -73.52 74.14 -81.86
N ASN JA 160 -73.43 75.38 -81.36
CA ASN JA 160 -74.14 75.72 -80.13
C ASN JA 160 -75.62 75.42 -80.26
N LEU JA 161 -76.22 75.82 -81.38
CA LEU JA 161 -77.63 75.53 -81.66
C LEU JA 161 -77.88 74.05 -81.89
N TYR JA 162 -76.86 73.30 -82.31
CA TYR JA 162 -77.02 71.87 -82.52
C TYR JA 162 -76.99 71.09 -81.22
N LEU JA 163 -76.15 71.49 -80.27
CA LEU JA 163 -76.17 70.90 -78.94
C LEU JA 163 -77.49 71.18 -78.22
N ALA JA 164 -78.02 72.39 -78.39
CA ALA JA 164 -79.35 72.71 -77.87
C ALA JA 164 -80.43 71.85 -78.52
N ARG JA 165 -80.42 71.78 -79.85
CA ARG JA 165 -81.37 70.91 -80.56
C ARG JA 165 -81.26 69.47 -80.08
N LEU JA 166 -80.04 68.94 -79.98
CA LEU JA 166 -79.85 67.55 -79.58
C LEU JA 166 -80.39 67.28 -78.18
N LYS JA 167 -80.00 68.10 -77.20
CA LYS JA 167 -80.52 67.94 -75.85
C LYS JA 167 -82.04 68.09 -75.81
N SER JA 168 -82.60 68.98 -76.62
CA SER JA 168 -84.05 69.15 -76.64
C SER JA 168 -84.76 67.94 -77.25
N ALA JA 169 -84.21 67.39 -78.33
CA ALA JA 169 -84.73 66.16 -78.90
C ALA JA 169 -84.64 65.01 -77.90
N ILE JA 170 -83.51 64.88 -77.22
CA ILE JA 170 -83.34 63.84 -76.21
C ILE JA 170 -84.42 63.95 -75.13
N ALA JA 171 -84.65 65.16 -74.64
CA ALA JA 171 -85.72 65.40 -73.67
C ALA JA 171 -87.08 65.01 -74.23
N ALA JA 172 -87.35 65.39 -75.48
CA ALA JA 172 -88.61 65.04 -76.14
C ALA JA 172 -88.78 63.52 -76.22
N GLN JA 173 -87.73 62.82 -76.63
CA GLN JA 173 -87.73 61.36 -76.66
C GLN JA 173 -88.08 60.80 -75.29
N LYS JA 174 -87.54 61.39 -74.23
CA LYS JA 174 -87.82 60.92 -72.88
C LYS JA 174 -89.28 61.17 -72.47
N ILE JA 175 -89.86 62.29 -72.86
CA ILE JA 175 -91.29 62.51 -72.60
C ILE JA 175 -92.18 61.52 -73.37
N GLU JA 176 -91.92 61.33 -74.65
CA GLU JA 176 -92.74 60.36 -75.40
C GLU JA 176 -92.63 58.96 -74.84
N GLU JA 177 -91.41 58.47 -74.62
CA GLU JA 177 -91.24 57.10 -74.15
C GLU JA 177 -91.77 56.89 -72.73
N ILE JA 178 -91.53 57.84 -71.83
CA ILE JA 178 -92.06 57.74 -70.47
C ILE JA 178 -93.56 57.95 -70.45
N ALA JA 179 -94.07 58.83 -71.32
CA ALA JA 179 -95.51 58.99 -71.46
C ALA JA 179 -96.18 57.75 -72.05
N GLY JA 180 -95.56 57.12 -73.04
CA GLY JA 180 -96.10 55.88 -73.57
C GLY JA 180 -96.13 54.75 -72.55
N ASN JA 181 -95.08 54.63 -71.74
CA ASN JA 181 -95.12 53.66 -70.65
C ASN JA 181 -96.09 54.07 -69.56
N LEU JA 182 -96.25 55.38 -69.32
CA LEU JA 182 -97.17 55.83 -68.27
C LEU JA 182 -98.62 55.56 -68.67
N ASP JA 183 -99.00 55.96 -69.87
CA ASP JA 183 -100.39 55.76 -70.31
C ASP JA 183 -100.66 54.28 -70.56
N ASN JA 184 -99.82 53.64 -71.38
CA ASN JA 184 -100.12 52.28 -71.81
C ASN JA 184 -99.95 51.27 -70.69
N ALA JA 185 -98.78 51.26 -70.03
CA ALA JA 185 -98.56 50.28 -68.97
C ALA JA 185 -99.31 50.64 -67.70
N SER JA 186 -99.16 51.88 -67.21
CA SER JA 186 -99.71 52.25 -65.91
C SER JA 186 -101.22 52.34 -65.96
N ALA JA 187 -101.75 53.05 -66.96
CA ALA JA 187 -103.18 53.33 -66.98
C ALA JA 187 -104.01 52.07 -67.21
N SER JA 188 -103.56 51.19 -68.10
CA SER JA 188 -104.27 49.91 -68.27
C SER JA 188 -104.21 49.11 -66.98
N SER JA 189 -103.09 49.18 -66.25
CA SER JA 189 -103.00 48.53 -64.96
C SER JA 189 -103.99 49.15 -63.96
N LEU JA 190 -104.22 50.46 -64.05
CA LEU JA 190 -105.15 51.11 -63.14
C LEU JA 190 -106.58 50.74 -63.48
N PHE JA 191 -106.97 50.87 -64.76
CA PHE JA 191 -108.37 50.70 -65.12
C PHE JA 191 -108.78 49.23 -65.04
N GLU JA 192 -108.03 48.35 -65.68
CA GLU JA 192 -108.43 46.95 -65.72
C GLU JA 192 -108.26 46.23 -64.38
N ARG JA 193 -107.25 46.57 -63.57
CA ARG JA 193 -107.18 46.01 -62.21
C ARG JA 193 -108.19 46.61 -61.24
N ILE JA 194 -108.52 47.89 -61.36
CA ILE JA 194 -109.57 48.45 -60.51
C ILE JA 194 -110.94 47.93 -60.90
N GLU JA 195 -111.19 47.82 -62.20
CA GLU JA 195 -112.47 47.29 -62.67
C GLU JA 195 -112.67 45.84 -62.24
N THR JA 196 -111.67 44.98 -62.46
CA THR JA 196 -111.79 43.58 -62.04
C THR JA 196 -111.98 43.45 -60.53
N LYS JA 197 -111.30 44.29 -59.75
CA LYS JA 197 -111.53 44.28 -58.31
C LYS JA 197 -112.92 44.78 -57.96
N ILE JA 198 -113.45 45.73 -58.72
CA ILE JA 198 -114.81 46.20 -58.52
C ILE JA 198 -115.79 45.07 -58.82
N LEU JA 199 -115.56 44.35 -59.91
CA LEU JA 199 -116.39 43.20 -60.27
C LEU JA 199 -116.36 42.15 -59.17
N GLU JA 200 -115.21 41.96 -58.53
CA GLU JA 200 -115.14 41.02 -57.41
C GLU JA 200 -116.00 41.51 -56.26
N LEU JA 201 -116.01 42.82 -56.02
CA LEU JA 201 -116.91 43.38 -55.01
C LEU JA 201 -118.37 43.25 -55.44
N GLU JA 202 -118.63 43.33 -56.74
CA GLU JA 202 -119.99 43.22 -57.27
C GLU JA 202 -120.52 41.78 -57.22
N ALA JA 203 -119.63 40.80 -57.37
CA ALA JA 203 -120.03 39.41 -57.16
C ALA JA 203 -120.51 39.14 -55.74
N GLU JA 204 -119.91 39.81 -54.76
CA GLU JA 204 -120.47 39.78 -53.42
C GLU JA 204 -121.70 40.68 -53.27
N ARG JA 205 -121.81 41.75 -54.05
CA ARG JA 205 -123.04 42.54 -54.04
C ARG JA 205 -124.24 41.70 -54.47
N GLU JA 206 -124.11 40.98 -55.59
CA GLU JA 206 -125.21 40.14 -56.08
C GLU JA 206 -125.43 38.89 -55.23
N LEU JA 207 -124.53 38.59 -54.30
CA LEU JA 207 -124.82 37.59 -53.29
C LEU JA 207 -125.60 38.17 -52.11
N LEU JA 208 -125.33 39.43 -51.75
CA LEU JA 208 -126.02 40.08 -50.65
C LEU JA 208 -127.30 40.80 -51.07
N ASN JA 209 -127.51 40.98 -52.38
CA ASN JA 209 -128.51 41.93 -52.85
C ASN JA 209 -129.14 41.40 -54.14
N PRO JA 210 -130.46 41.21 -54.19
CA PRO JA 210 -131.09 40.80 -55.44
C PRO JA 210 -130.90 41.87 -56.50
N PRO JA 211 -130.78 41.46 -57.77
CA PRO JA 211 -130.72 42.46 -58.84
C PRO JA 211 -131.88 43.43 -58.77
N PRO JA 212 -131.61 44.74 -58.64
CA PRO JA 212 -132.72 45.71 -58.58
C PRO JA 212 -133.38 45.92 -59.93
N SER JA 213 -134.26 44.99 -60.32
CA SER JA 213 -134.97 45.06 -61.59
C SER JA 213 -135.87 46.28 -61.61
N PRO JA 214 -136.39 46.68 -62.78
CA PRO JA 214 -137.37 47.77 -62.81
C PRO JA 214 -138.64 47.47 -62.01
N LEU JA 215 -138.94 46.20 -61.76
CA LEU JA 215 -140.20 45.85 -61.10
C LEU JA 215 -140.19 46.29 -59.64
N ASP JA 216 -139.25 45.75 -58.86
CA ASP JA 216 -139.16 46.13 -57.45
C ASP JA 216 -138.89 47.62 -57.29
N LYS JA 217 -138.18 48.23 -58.24
CA LYS JA 217 -137.94 49.67 -58.19
C LYS JA 217 -139.26 50.44 -58.27
N LYS JA 218 -140.15 50.05 -59.18
CA LYS JA 218 -141.44 50.72 -59.30
C LYS JA 218 -142.29 50.50 -58.06
N PHE JA 219 -142.23 49.30 -57.48
CA PHE JA 219 -142.97 49.02 -56.25
C PHE JA 219 -142.49 49.90 -55.10
N GLU JA 220 -141.17 50.09 -54.97
CA GLU JA 220 -140.64 50.96 -53.92
C GLU JA 220 -141.07 52.41 -54.15
N GLN JA 221 -141.08 52.85 -55.41
CA GLN JA 221 -141.55 54.19 -55.72
C GLN JA 221 -143.02 54.36 -55.34
N TRP JA 222 -143.85 53.36 -55.65
CA TRP JA 222 -145.25 53.41 -55.24
C TRP JA 222 -145.39 53.38 -53.73
N GLU JA 223 -144.48 52.72 -53.02
CA GLU JA 223 -144.53 52.73 -51.55
C GLU JA 223 -144.34 54.15 -51.02
N GLU JA 224 -143.37 54.89 -51.58
CA GLU JA 224 -143.21 56.28 -51.20
C GLU JA 224 -144.44 57.09 -51.57
N GLN JA 225 -145.01 56.82 -52.74
CA GLN JA 225 -146.23 57.50 -53.15
C GLN JA 225 -147.38 57.24 -52.17
N GLN JA 226 -147.47 56.01 -51.66
CA GLN JA 226 -148.54 55.67 -50.73
C GLN JA 226 -148.30 56.26 -49.35
N ALA JA 227 -147.03 56.43 -48.95
CA ALA JA 227 -146.74 57.14 -47.71
C ALA JA 227 -147.23 58.57 -47.77
N VAL JA 228 -146.92 59.28 -48.86
CA VAL JA 228 -147.38 60.66 -49.02
C VAL JA 228 -148.90 60.70 -49.19
N GLU JA 229 -149.48 59.68 -49.82
CA GLU JA 229 -150.93 59.67 -49.91
C GLU JA 229 -151.58 59.49 -48.54
N ALA JA 230 -150.92 58.78 -47.63
CA ALA JA 230 -151.42 58.69 -46.26
C ALA JA 230 -151.28 60.01 -45.50
N THR JA 231 -150.17 60.73 -45.71
CA THR JA 231 -150.03 62.06 -45.13
C THR JA 231 -151.11 63.00 -45.65
N LEU JA 232 -151.40 62.92 -46.96
CA LEU JA 232 -152.48 63.73 -47.52
C LEU JA 232 -153.81 63.38 -46.88
N ALA JA 233 -154.04 62.09 -46.61
CA ALA JA 233 -155.29 61.69 -45.96
C ALA JA 233 -155.41 62.31 -44.57
N ALA JA 234 -154.31 62.29 -43.81
CA ALA JA 234 -154.30 62.97 -42.52
C ALA JA 234 -154.55 64.46 -42.67
N MET JA 235 -153.93 65.08 -43.67
CA MET JA 235 -154.13 66.51 -43.91
C MET JA 235 -155.60 66.83 -44.10
N LYS JA 236 -156.28 66.12 -45.01
CA LYS JA 236 -157.66 66.46 -45.33
C LYS JA 236 -158.64 65.96 -44.29
N ALA JA 237 -158.24 65.00 -43.45
CA ALA JA 237 -159.08 64.60 -42.33
C ALA JA 237 -159.06 65.65 -41.22
N ARG JA 238 -157.89 66.22 -40.95
CA ARG JA 238 -157.82 67.36 -40.05
C ARG JA 238 -158.56 68.56 -40.62
N ARG JA 239 -158.48 68.74 -41.94
CA ARG JA 239 -159.19 69.83 -42.61
C ARG JA 239 -160.70 69.62 -42.66
N SER JA 240 -161.18 68.39 -42.51
CA SER JA 240 -162.62 68.14 -42.57
C SER JA 240 -163.36 68.99 -41.54
N MET KA 24 58.62 42.51 -66.84
CA MET KA 24 59.15 41.64 -65.79
C MET KA 24 59.03 42.33 -64.43
N GLU KA 25 58.67 41.56 -63.40
CA GLU KA 25 58.58 42.13 -62.06
C GLU KA 25 59.96 42.59 -61.58
N LEU KA 26 61.01 41.84 -61.92
CA LEU KA 26 62.37 42.27 -61.60
C LEU KA 26 62.65 43.63 -62.23
N PHE KA 27 62.31 43.78 -63.51
CA PHE KA 27 62.53 45.05 -64.19
C PHE KA 27 61.81 46.18 -63.48
N ASN KA 28 60.54 45.99 -63.14
CA ASN KA 28 59.79 47.01 -62.39
C ASN KA 28 60.45 47.36 -61.06
N ARG KA 29 60.89 46.35 -60.30
CA ARG KA 29 61.64 46.60 -59.08
C ARG KA 29 62.88 47.47 -59.33
N VAL KA 30 63.65 47.12 -60.36
CA VAL KA 30 64.85 47.89 -60.73
C VAL KA 30 64.49 49.24 -61.33
N GLY KA 31 63.24 49.42 -61.74
CA GLY KA 31 62.83 50.62 -62.47
C GLY KA 31 63.17 51.94 -61.78
N ARG KA 32 62.93 52.06 -60.49
CA ARG KA 32 63.25 53.34 -59.85
C ARG KA 32 64.71 53.73 -60.05
N VAL KA 33 65.64 52.81 -59.75
CA VAL KA 33 67.07 53.09 -59.87
C VAL KA 33 67.53 53.18 -61.32
N LEU KA 34 67.07 52.28 -62.17
CA LEU KA 34 67.52 52.30 -63.57
C LEU KA 34 66.90 53.47 -64.32
N LYS KA 35 65.58 53.64 -64.24
CA LYS KA 35 64.89 54.69 -64.97
C LYS KA 35 65.26 56.09 -64.48
N SER KA 36 65.64 56.28 -63.21
CA SER KA 36 66.17 57.59 -62.82
C SER KA 36 67.45 57.92 -63.60
N GLN KA 37 68.38 56.96 -63.65
CA GLN KA 37 69.58 57.12 -64.45
C GLN KA 37 69.25 57.32 -65.93
N LEU KA 38 68.35 56.52 -66.51
CA LEU KA 38 68.03 56.71 -67.92
C LEU KA 38 67.33 58.05 -68.20
N THR KA 39 66.52 58.55 -67.25
CA THR KA 39 65.91 59.86 -67.40
C THR KA 39 66.95 60.95 -67.45
N HIS KA 40 68.00 60.85 -66.62
CA HIS KA 40 69.13 61.75 -66.83
C HIS KA 40 69.93 61.41 -68.09
N TRP KA 41 69.99 60.14 -68.47
CA TRP KA 41 70.78 59.73 -69.62
C TRP KA 41 70.29 60.41 -70.89
N GLN KA 42 68.97 60.41 -71.11
CA GLN KA 42 68.42 61.16 -72.22
C GLN KA 42 68.64 62.66 -72.06
N GLN KA 43 68.64 63.14 -70.81
CA GLN KA 43 68.98 64.54 -70.53
C GLN KA 43 70.45 64.87 -70.75
N GLN KA 44 71.36 63.89 -70.78
CA GLN KA 44 72.78 64.21 -70.64
C GLN KA 44 73.25 65.29 -71.62
N GLN KA 45 72.65 65.37 -72.81
CA GLN KA 45 73.05 66.43 -73.74
C GLN KA 45 72.82 67.80 -73.12
N GLU KA 46 71.71 67.97 -72.41
CA GLU KA 46 71.49 69.19 -71.63
C GLU KA 46 72.31 69.19 -70.34
N ALA KA 47 72.43 68.05 -69.69
CA ALA KA 47 72.96 67.97 -68.32
C ALA KA 47 74.02 66.89 -68.20
N PRO KA 48 75.24 67.16 -68.67
CA PRO KA 48 76.39 66.30 -68.33
C PRO KA 48 77.00 66.62 -66.97
N GLU KA 49 76.60 67.74 -66.36
CA GLU KA 49 77.40 68.38 -65.32
C GLU KA 49 77.70 67.45 -64.15
N ASP KA 50 76.71 66.70 -63.68
CA ASP KA 50 76.92 65.81 -62.53
C ASP KA 50 77.90 64.69 -62.83
N LEU KA 51 77.77 64.03 -63.98
CA LEU KA 51 78.70 62.95 -64.30
C LEU KA 51 80.13 63.47 -64.52
N LEU KA 52 80.26 64.61 -65.19
CA LEU KA 52 81.57 65.22 -65.41
C LEU KA 52 82.26 65.57 -64.10
N GLU KA 53 81.54 66.28 -63.23
CA GLU KA 53 82.12 66.69 -61.94
C GLU KA 53 82.34 65.53 -60.99
N ARG KA 54 81.51 64.48 -61.05
CA ARG KA 54 81.78 63.28 -60.27
C ARG KA 54 83.13 62.67 -60.64
N LEU KA 55 83.38 62.46 -61.93
CA LEU KA 55 84.65 61.89 -62.37
C LEU KA 55 85.84 62.75 -61.95
N LEU KA 56 85.76 64.06 -62.20
CA LEU KA 56 86.86 64.95 -61.80
C LEU KA 56 87.00 65.07 -60.28
N GLY KA 57 85.91 64.90 -59.54
CA GLY KA 57 86.04 64.75 -58.09
C GLY KA 57 86.86 63.53 -57.70
N GLU KA 58 86.60 62.40 -58.36
CA GLU KA 58 87.42 61.20 -58.15
C GLU KA 58 88.86 61.44 -58.54
N MET KA 59 89.09 62.23 -59.58
CA MET KA 59 90.43 62.60 -59.99
C MET KA 59 91.14 63.47 -58.96
N GLU KA 60 90.40 64.37 -58.30
CA GLU KA 60 90.95 65.11 -57.17
C GLU KA 60 91.25 64.21 -55.97
N LEU KA 61 90.39 63.24 -55.69
CA LEU KA 61 90.68 62.27 -54.62
C LEU KA 61 91.92 61.44 -54.92
N GLU KA 62 92.12 61.06 -56.18
CA GLU KA 62 93.37 60.40 -56.56
C GLU KA 62 94.56 61.34 -56.39
N LEU KA 63 94.45 62.56 -56.93
CA LEU KA 63 95.58 63.50 -56.96
C LEU KA 63 96.08 63.88 -55.57
N ILE KA 64 95.20 63.93 -54.57
CA ILE KA 64 95.67 64.12 -53.19
C ILE KA 64 96.41 62.88 -52.70
N GLU KA 65 96.07 61.68 -53.18
CA GLU KA 65 96.94 60.53 -52.95
C GLU KA 65 98.27 60.69 -53.67
N LEU KA 66 98.25 61.05 -54.96
CA LEU KA 66 99.49 61.14 -55.74
C LEU KA 66 100.52 62.07 -55.10
N ARG KA 67 100.06 63.20 -54.55
CA ARG KA 67 100.94 64.11 -53.82
C ARG KA 67 101.49 63.49 -52.54
N ARG KA 68 100.67 62.78 -51.78
CA ARG KA 68 101.18 62.09 -50.59
C ARG KA 68 102.13 60.95 -50.94
N ALA KA 69 101.90 60.28 -52.07
CA ALA KA 69 102.82 59.23 -52.52
C ALA KA 69 104.16 59.80 -52.96
N LEU KA 70 104.15 60.97 -53.60
CA LEU KA 70 105.39 61.72 -53.83
C LEU KA 70 106.10 62.07 -52.53
N ALA KA 71 105.36 62.53 -51.52
CA ALA KA 71 105.99 62.85 -50.25
C ALA KA 71 106.55 61.62 -49.56
N GLN KA 72 105.88 60.46 -49.71
CA GLN KA 72 106.43 59.22 -49.19
C GLN KA 72 107.69 58.78 -49.93
N THR KA 73 107.78 59.04 -51.23
CA THR KA 73 109.03 58.75 -51.95
C THR KA 73 110.17 59.65 -51.52
N ILE KA 74 109.92 60.95 -51.38
CA ILE KA 74 110.96 61.86 -50.90
C ILE KA 74 111.42 61.48 -49.50
N ALA KA 75 110.47 61.12 -48.63
CA ALA KA 75 110.82 60.69 -47.28
C ALA KA 75 111.69 59.44 -47.28
N THR KA 76 111.35 58.45 -48.10
CA THR KA 76 112.16 57.24 -48.22
C THR KA 76 113.52 57.50 -48.87
N PHE KA 77 113.59 58.42 -49.83
CA PHE KA 77 114.87 58.74 -50.46
C PHE KA 77 115.86 59.34 -49.48
N LYS KA 78 115.45 60.37 -48.74
CA LYS KA 78 116.32 61.01 -47.77
C LYS KA 78 116.56 60.16 -46.54
N SER KA 79 115.63 59.29 -46.16
CA SER KA 79 115.93 58.33 -45.10
C SER KA 79 117.03 57.36 -45.51
N THR KA 80 117.04 56.91 -46.76
CA THR KA 80 118.18 56.14 -47.25
C THR KA 80 119.46 56.96 -47.17
N GLU KA 81 119.36 58.26 -47.46
CA GLU KA 81 120.51 59.16 -47.36
C GLU KA 81 120.90 59.41 -45.91
N ARG KA 82 119.94 59.41 -44.99
CA ARG KA 82 120.26 59.48 -43.56
C ARG KA 82 121.02 58.24 -43.11
N GLN KA 83 120.74 57.09 -43.72
CA GLN KA 83 121.52 55.89 -43.44
C GLN KA 83 122.93 56.02 -44.00
N ARG KA 84 123.07 56.67 -45.15
CA ARG KA 84 124.40 57.04 -45.65
C ARG KA 84 125.10 58.00 -44.71
N ASP KA 85 124.37 58.99 -44.18
CA ASP KA 85 124.95 59.92 -43.22
C ASP KA 85 125.49 59.20 -41.99
N ALA KA 86 124.82 58.12 -41.57
CA ALA KA 86 125.36 57.30 -40.48
C ALA KA 86 126.58 56.51 -40.92
N GLN KA 87 126.53 55.89 -42.10
CA GLN KA 87 127.69 55.13 -42.57
C GLN KA 87 128.94 56.00 -42.67
N GLN KA 88 128.80 57.19 -43.26
CA GLN KA 88 129.93 58.10 -43.38
C GLN KA 88 130.37 58.65 -42.01
N LEU KA 89 129.43 58.78 -41.07
CA LEU KA 89 129.81 59.17 -39.71
C LEU KA 89 130.63 58.08 -39.02
N ILE KA 90 130.30 56.81 -39.25
CA ILE KA 90 131.12 55.74 -38.70
C ILE KA 90 132.46 55.63 -39.43
N ALA KA 91 132.48 55.96 -40.72
CA ALA KA 91 133.75 56.10 -41.44
C ALA KA 91 134.62 57.17 -40.83
N GLN KA 92 134.03 58.32 -40.48
CA GLN KA 92 134.78 59.35 -39.75
C GLN KA 92 135.24 58.85 -38.39
N ARG KA 93 134.38 58.10 -37.69
CA ARG KA 93 134.80 57.45 -36.45
C ARG KA 93 135.97 56.50 -36.65
N TRP KA 94 136.05 55.87 -37.82
CA TRP KA 94 137.22 55.08 -38.18
C TRP KA 94 138.45 55.93 -38.48
N TYR KA 95 138.27 57.14 -39.02
CA TYR KA 95 139.40 58.05 -39.15
C TYR KA 95 139.87 58.57 -37.80
N GLU KA 96 138.94 58.87 -36.88
CA GLU KA 96 139.34 59.29 -35.54
C GLU KA 96 140.17 58.21 -34.84
N LYS KA 97 139.71 56.96 -34.90
CA LYS KA 97 140.47 55.85 -34.35
C LYS KA 97 141.82 55.67 -35.05
N ALA KA 98 141.89 55.99 -36.35
CA ALA KA 98 143.18 56.03 -37.01
C ALA KA 98 144.04 57.19 -36.51
N GLN KA 99 143.43 58.36 -36.28
CA GLN KA 99 144.19 59.53 -35.88
C GLN KA 99 144.89 59.31 -34.54
N ALA KA 100 144.28 58.52 -33.65
CA ALA KA 100 144.91 58.15 -32.40
C ALA KA 100 146.15 57.28 -32.61
N ALA KA 101 146.41 56.84 -33.84
CA ALA KA 101 147.61 56.11 -34.19
C ALA KA 101 148.33 56.71 -35.39
N LEU KA 102 147.87 57.84 -35.91
CA LEU KA 102 148.47 58.46 -37.09
C LEU KA 102 149.54 59.47 -36.74
N ASP KA 103 149.83 59.65 -35.45
CA ASP KA 103 150.99 60.39 -35.00
C ASP KA 103 152.03 59.42 -34.44
N ARG KA 104 153.27 59.90 -34.33
CA ARG KA 104 154.41 59.17 -33.78
C ARG KA 104 154.84 58.01 -34.66
N GLY KA 105 154.31 57.89 -35.87
CA GLY KA 105 154.62 56.75 -36.71
C GLY KA 105 154.00 55.45 -36.26
N ASN KA 106 153.01 55.51 -35.36
CA ASN KA 106 152.34 54.33 -34.83
C ASN KA 106 151.16 53.89 -35.69
N GLU KA 107 151.16 54.25 -36.97
CA GLU KA 107 150.05 54.05 -37.89
C GLU KA 107 149.70 52.59 -38.12
N GLN KA 108 150.43 51.67 -37.49
CA GLN KA 108 150.15 50.24 -37.60
C GLN KA 108 148.65 49.92 -37.48
N LEU KA 109 148.00 50.42 -36.43
CA LEU KA 109 146.58 50.14 -36.25
C LEU KA 109 145.71 50.78 -37.32
N ALA KA 110 146.22 51.80 -38.02
CA ALA KA 110 145.47 52.37 -39.13
C ALA KA 110 145.24 51.34 -40.23
N ARG KA 111 146.07 50.30 -40.30
CA ARG KA 111 145.86 49.24 -41.27
C ARG KA 111 144.48 48.63 -41.13
N GLU KA 112 144.13 48.19 -39.92
CA GLU KA 112 142.80 47.64 -39.66
C GLU KA 112 141.71 48.70 -39.69
N ALA KA 113 141.97 49.88 -39.11
CA ALA KA 113 140.94 50.91 -39.04
C ALA KA 113 140.49 51.39 -40.42
N LEU KA 114 141.44 51.67 -41.30
CA LEU KA 114 141.10 51.98 -42.69
C LEU KA 114 140.68 50.76 -43.48
N GLY KA 115 141.14 49.57 -43.11
CA GLY KA 115 140.60 48.36 -43.70
C GLY KA 115 139.11 48.19 -43.50
N GLN KA 116 138.62 48.50 -42.30
CA GLN KA 116 137.18 48.60 -42.09
C GLN KA 116 136.56 49.76 -42.87
N ARG KA 117 137.17 50.94 -42.80
CA ARG KA 117 136.59 52.09 -43.49
C ARG KA 117 136.42 51.85 -44.97
N GLN KA 118 137.28 51.04 -45.59
CA GLN KA 118 137.10 50.71 -47.01
C GLN KA 118 135.75 50.06 -47.27
N SER KA 119 135.35 49.09 -46.45
CA SER KA 119 134.01 48.53 -46.57
C SER KA 119 132.91 49.52 -46.23
N TYR KA 120 133.16 50.45 -45.30
CA TYR KA 120 132.15 51.46 -44.99
C TYR KA 120 132.00 52.48 -46.12
N GLN KA 121 133.10 52.84 -46.78
CA GLN KA 121 133.02 53.71 -47.95
C GLN KA 121 132.31 53.04 -49.12
N SER KA 122 132.47 51.73 -49.29
CA SER KA 122 131.78 51.05 -50.39
C SER KA 122 130.26 51.10 -50.21
N HIS KA 123 129.78 50.84 -48.99
CA HIS KA 123 128.35 50.99 -48.73
C HIS KA 123 127.91 52.44 -48.79
N THR KA 124 128.76 53.38 -48.36
CA THR KA 124 128.40 54.79 -48.44
C THR KA 124 128.23 55.24 -49.89
N GLU KA 125 129.08 54.77 -50.80
CA GLU KA 125 128.98 55.19 -52.19
C GLU KA 125 127.95 54.37 -52.97
N ALA KA 126 127.68 53.14 -52.54
CA ALA KA 126 126.52 52.42 -53.02
C ALA KA 126 125.24 53.16 -52.68
N LEU KA 127 125.12 53.62 -51.43
CA LEU KA 127 124.00 54.46 -51.05
C LEU KA 127 123.98 55.76 -51.85
N GLY KA 128 125.12 56.43 -51.95
CA GLY KA 128 125.17 57.70 -52.66
C GLY KA 128 124.78 57.62 -54.13
N LYS KA 129 125.07 56.50 -54.79
CA LYS KA 129 124.70 56.33 -56.19
C LYS KA 129 123.30 55.77 -56.39
N SER KA 130 122.82 54.94 -55.46
CA SER KA 130 121.39 54.67 -55.39
C SER KA 130 120.61 55.96 -55.21
N LEU KA 131 121.10 56.83 -54.33
CA LEU KA 131 120.51 58.14 -54.05
C LEU KA 131 120.69 59.12 -55.20
N GLY KA 132 121.50 58.78 -56.20
CA GLY KA 132 121.55 59.53 -57.44
C GLY KA 132 120.39 59.15 -58.34
N GLU KA 133 120.05 57.87 -58.38
CA GLU KA 133 118.87 57.44 -59.11
C GLU KA 133 117.60 57.91 -58.41
N GLN KA 134 117.55 57.73 -57.09
CA GLN KA 134 116.42 58.21 -56.31
C GLN KA 134 116.23 59.72 -56.42
N ARG KA 135 117.33 60.47 -56.61
CA ARG KA 135 117.22 61.87 -56.97
C ARG KA 135 116.48 62.05 -58.28
N ALA KA 136 116.97 61.42 -59.35
CA ALA KA 136 116.31 61.53 -60.64
C ALA KA 136 114.86 61.07 -60.60
N LEU KA 137 114.55 60.09 -59.74
CA LEU KA 137 113.17 59.68 -59.56
C LEU KA 137 112.31 60.78 -58.94
N VAL KA 138 112.77 61.41 -57.86
CA VAL KA 138 111.97 62.48 -57.25
C VAL KA 138 111.89 63.70 -58.15
N GLU KA 139 112.92 63.97 -58.95
CA GLU KA 139 112.85 65.06 -59.92
C GLU KA 139 111.84 64.77 -61.03
N GLN KA 140 111.95 63.59 -61.65
CA GLN KA 140 111.06 63.26 -62.77
C GLN KA 140 109.62 63.10 -62.31
N VAL KA 141 109.40 62.55 -61.11
CA VAL KA 141 108.04 62.42 -60.59
C VAL KA 141 107.46 63.78 -60.23
N ARG KA 142 108.31 64.72 -59.78
CA ARG KA 142 107.83 66.09 -59.56
C ARG KA 142 107.47 66.78 -60.86
N GLY KA 143 108.25 66.58 -61.92
CA GLY KA 143 107.90 67.16 -63.20
C GLY KA 143 106.69 66.52 -63.83
N GLN KA 144 106.56 65.19 -63.67
CA GLN KA 144 105.36 64.48 -64.13
C GLN KA 144 104.12 65.03 -63.44
N LEU KA 145 104.16 65.14 -62.12
CA LEU KA 145 103.04 65.70 -61.37
C LEU KA 145 102.74 67.13 -61.79
N GLN KA 146 103.75 68.00 -61.80
CA GLN KA 146 103.47 69.42 -62.05
C GLN KA 146 102.91 69.67 -63.44
N LYS KA 147 103.34 68.90 -64.44
CA LYS KA 147 102.69 68.92 -65.75
C LYS KA 147 101.25 68.41 -65.66
N LEU KA 148 101.04 67.27 -65.00
CA LEU KA 148 99.73 66.62 -64.99
C LEU KA 148 98.71 67.45 -64.22
N GLU KA 149 99.05 67.89 -63.01
CA GLU KA 149 98.12 68.64 -62.18
C GLU KA 149 97.85 70.03 -62.74
N ARG KA 150 98.85 70.65 -63.37
CA ARG KA 150 98.59 71.90 -64.09
C ARG KA 150 97.65 71.68 -65.26
N LYS KA 151 97.76 70.52 -65.93
CA LYS KA 151 96.82 70.18 -66.98
C LYS KA 151 95.42 69.96 -66.41
N TYR KA 152 95.32 69.35 -65.22
CA TYR KA 152 94.05 69.22 -64.53
C TYR KA 152 93.45 70.58 -64.17
N LEU KA 153 94.28 71.52 -63.71
CA LEU KA 153 93.81 72.88 -63.42
C LEU KA 153 93.25 73.56 -64.67
N GLU KA 154 94.01 73.54 -65.76
CA GLU KA 154 93.53 74.12 -67.02
C GLU KA 154 92.34 73.37 -67.59
N LEU KA 155 92.27 72.06 -67.35
CA LEU KA 155 91.11 71.27 -67.75
C LEU KA 155 89.88 71.61 -66.91
N LYS KA 156 90.06 71.92 -65.63
CA LYS KA 156 88.96 72.48 -64.84
C LYS KA 156 88.48 73.81 -65.42
N SER KA 157 89.41 74.68 -65.79
CA SER KA 157 89.04 75.94 -66.43
C SER KA 157 88.23 75.68 -67.69
N GLN KA 158 88.72 74.80 -68.56
CA GLN KA 158 87.99 74.43 -69.77
C GLN KA 158 86.61 73.84 -69.47
N LYS KA 159 86.50 72.96 -68.47
CA LYS KA 159 85.20 72.37 -68.15
C LYS KA 159 84.20 73.44 -67.72
N ASN KA 160 84.60 74.35 -66.84
CA ASN KA 160 83.72 75.43 -66.43
C ASN KA 160 83.26 76.22 -67.65
N LEU KA 161 84.19 76.55 -68.54
CA LEU KA 161 83.87 77.24 -69.79
C LEU KA 161 83.07 76.37 -70.74
N TYR KA 162 83.17 75.05 -70.62
CA TYR KA 162 82.41 74.15 -71.48
C TYR KA 162 80.97 74.02 -71.04
N LEU KA 163 80.72 73.99 -69.73
CA LEU KA 163 79.35 74.03 -69.22
C LEU KA 163 78.66 75.35 -69.57
N ALA KA 164 79.40 76.46 -69.50
CA ALA KA 164 78.86 77.74 -69.96
C ALA KA 164 78.56 77.72 -71.45
N ARG KA 165 79.51 77.26 -72.26
CA ARG KA 165 79.26 77.13 -73.70
C ARG KA 165 78.03 76.25 -73.98
N LEU KA 166 77.94 75.09 -73.31
CA LEU KA 166 76.84 74.17 -73.56
C LEU KA 166 75.49 74.80 -73.21
N LYS KA 167 75.37 75.38 -72.02
CA LYS KA 167 74.13 76.05 -71.64
C LYS KA 167 73.80 77.20 -72.59
N SER KA 168 74.81 77.92 -73.06
CA SER KA 168 74.58 79.03 -73.98
C SER KA 168 74.10 78.54 -75.34
N ALA KA 169 74.71 77.46 -75.84
CA ALA KA 169 74.24 76.84 -77.08
C ALA KA 169 72.81 76.33 -76.93
N ILE KA 170 72.51 75.67 -75.81
CA ILE KA 170 71.16 75.18 -75.55
C ILE KA 170 70.15 76.33 -75.62
N ALA KA 171 70.47 77.44 -74.95
CA ALA KA 171 69.62 78.63 -74.99
C ALA KA 171 69.46 79.13 -76.42
N ALA KA 172 70.55 79.19 -77.18
CA ALA KA 172 70.51 79.62 -78.57
C ALA KA 172 69.60 78.71 -79.39
N GLN KA 173 69.74 77.41 -79.23
CA GLN KA 173 68.85 76.45 -79.89
C GLN KA 173 67.40 76.74 -79.56
N LYS KA 174 67.10 77.07 -78.30
CA LYS KA 174 65.75 77.38 -77.91
C LYS KA 174 65.22 78.67 -78.55
N ILE KA 175 66.06 79.70 -78.69
CA ILE KA 175 65.63 80.90 -79.41
C ILE KA 175 65.38 80.63 -80.89
N GLU KA 176 66.28 79.93 -81.56
CA GLU KA 176 66.05 79.63 -82.98
C GLU KA 176 64.78 78.80 -83.19
N GLU KA 177 64.62 77.72 -82.44
CA GLU KA 177 63.47 76.84 -82.65
C GLU KA 177 62.15 77.50 -82.25
N ILE KA 178 62.12 78.24 -81.15
CA ILE KA 178 60.91 78.96 -80.75
C ILE KA 178 60.64 80.14 -81.67
N ALA KA 179 61.70 80.79 -82.15
CA ALA KA 179 61.55 81.86 -83.14
C ALA KA 179 61.04 81.31 -84.48
N GLY KA 180 61.56 80.17 -84.92
CA GLY KA 180 61.06 79.57 -86.14
C GLY KA 180 59.60 79.16 -86.06
N ASN KA 181 59.18 78.61 -84.92
CA ASN KA 181 57.76 78.34 -84.72
C ASN KA 181 56.96 79.61 -84.56
N LEU KA 182 57.53 80.65 -83.95
CA LEU KA 182 56.81 81.90 -83.76
C LEU KA 182 56.57 82.60 -85.09
N ASP KA 183 57.61 82.76 -85.90
CA ASP KA 183 57.47 83.44 -87.18
C ASP KA 183 56.68 82.59 -88.16
N ASN KA 184 57.10 81.34 -88.36
CA ASN KA 184 56.52 80.52 -89.40
C ASN KA 184 55.10 80.09 -89.07
N ALA KA 185 54.90 79.47 -87.89
CA ALA KA 185 53.57 79.00 -87.53
C ALA KA 185 52.64 80.15 -87.14
N SER KA 186 53.08 81.00 -86.20
CA SER KA 186 52.19 82.02 -85.65
C SER KA 186 51.91 83.12 -86.67
N ALA KA 187 52.95 83.64 -87.31
CA ALA KA 187 52.79 84.80 -88.17
C ALA KA 187 51.97 84.47 -89.42
N SER KA 188 52.21 83.31 -90.03
CA SER KA 188 51.36 82.91 -91.16
C SER KA 188 49.92 82.74 -90.71
N SER KA 189 49.71 82.24 -89.49
CA SER KA 189 48.36 82.16 -88.95
C SER KA 189 47.76 83.54 -88.76
N LEU KA 190 48.57 84.53 -88.39
CA LEU KA 190 48.04 85.88 -88.22
C LEU KA 190 47.72 86.52 -89.55
N PHE KA 191 48.65 86.49 -90.51
CA PHE KA 191 48.46 87.23 -91.75
C PHE KA 191 47.40 86.57 -92.62
N GLU KA 192 47.53 85.27 -92.87
CA GLU KA 192 46.58 84.61 -93.77
C GLU KA 192 45.18 84.45 -93.20
N ARG KA 193 45.04 84.22 -91.87
CA ARG KA 193 43.71 84.22 -91.27
C ARG KA 193 43.09 85.61 -91.12
N ILE KA 194 43.89 86.64 -90.86
CA ILE KA 194 43.34 87.99 -90.82
C ILE KA 194 42.96 88.47 -92.21
N GLU KA 195 43.80 88.17 -93.20
CA GLU KA 195 43.49 88.56 -94.57
C GLU KA 195 42.23 87.89 -95.09
N THR KA 196 42.12 86.57 -94.92
CA THR KA 196 40.91 85.86 -95.37
C THR KA 196 39.66 86.36 -94.65
N LYS KA 197 39.77 86.69 -93.37
CA LYS KA 197 38.63 87.28 -92.67
C LYS KA 197 38.32 88.68 -93.19
N ILE KA 198 39.35 89.43 -93.58
CA ILE KA 198 39.13 90.74 -94.19
C ILE KA 198 38.42 90.58 -95.52
N LEU KA 199 38.85 89.61 -96.33
CA LEU KA 199 38.20 89.32 -97.60
C LEU KA 199 36.74 88.95 -97.40
N GLU KA 200 36.43 88.24 -96.32
CA GLU KA 200 35.05 87.91 -96.01
C GLU KA 200 34.26 89.18 -95.71
N LEU KA 201 34.88 90.12 -95.00
CA LEU KA 201 34.25 91.42 -94.77
C LEU KA 201 34.12 92.20 -96.07
N GLU KA 202 35.08 92.04 -96.99
CA GLU KA 202 35.06 92.74 -98.27
C GLU KA 202 34.01 92.17 -99.23
N ALA KA 203 33.73 90.87 -99.14
CA ALA KA 203 32.62 90.29 -99.89
C ALA KA 203 31.28 90.89 -99.50
N GLU KA 204 31.11 91.22 -98.22
CA GLU KA 204 29.95 92.00 -97.82
C GLU KA 204 30.08 93.48 -98.18
N ARG KA 205 31.30 94.02 -98.25
CA ARG KA 205 31.46 95.39 -98.74
C ARG KA 205 30.97 95.54 -100.18
N GLU KA 206 31.38 94.63 -101.06
CA GLU KA 206 30.96 94.68 -102.46
C GLU KA 206 29.51 94.27 -102.65
N LEU KA 207 28.84 93.75 -101.62
CA LEU KA 207 27.39 93.60 -101.66
C LEU KA 207 26.68 94.88 -101.24
N LEU KA 208 27.26 95.63 -100.30
CA LEU KA 208 26.66 96.87 -99.82
C LEU KA 208 27.09 98.09 -100.63
N ASN KA 209 28.12 97.96 -101.47
CA ASN KA 209 28.82 99.12 -102.02
C ASN KA 209 29.29 98.82 -103.43
N PRO KA 210 28.87 99.58 -104.44
CA PRO KA 210 29.40 99.36 -105.78
C PRO KA 210 30.89 99.61 -105.82
N PRO KA 211 31.62 98.87 -106.66
CA PRO KA 211 33.06 99.14 -106.82
C PRO KA 211 33.31 100.60 -107.14
N PRO KA 212 34.07 101.32 -106.31
CA PRO KA 212 34.35 102.73 -106.60
C PRO KA 212 35.32 102.91 -107.76
N SER KA 213 34.82 102.79 -108.99
CA SER KA 213 35.63 102.93 -110.19
C SER KA 213 36.18 104.35 -110.29
N PRO KA 214 37.16 104.61 -111.16
CA PRO KA 214 37.60 105.99 -111.36
C PRO KA 214 36.51 106.91 -111.88
N LEU KA 215 35.46 106.36 -112.50
CA LEU KA 215 34.44 107.21 -113.11
C LEU KA 215 33.60 107.94 -112.06
N ASP KA 216 32.93 107.18 -111.19
CA ASP KA 216 32.14 107.79 -110.13
C ASP KA 216 33.01 108.64 -109.20
N LYS KA 217 34.28 108.26 -109.01
CA LYS KA 217 35.18 109.06 -108.20
C LYS KA 217 35.38 110.44 -108.80
N LYS KA 218 35.60 110.51 -110.11
CA LYS KA 218 35.77 111.80 -110.77
C LYS KA 218 34.49 112.63 -110.72
N PHE KA 219 33.33 111.98 -110.84
CA PHE KA 219 32.06 112.69 -110.75
C PHE KA 219 31.87 113.29 -109.36
N GLU KA 220 32.22 112.54 -108.30
CA GLU KA 220 32.11 113.08 -106.95
C GLU KA 220 33.06 114.25 -106.75
N GLN KA 221 34.27 114.16 -107.30
CA GLN KA 221 35.20 115.27 -107.22
C GLN KA 221 34.65 116.51 -107.91
N TRP KA 222 34.06 116.33 -109.10
CA TRP KA 222 33.43 117.45 -109.79
C TRP KA 222 32.25 118.00 -109.00
N GLU KA 223 31.55 117.15 -108.25
CA GLU KA 223 30.45 117.65 -107.42
C GLU KA 223 30.97 118.60 -106.36
N GLU KA 224 32.08 118.25 -105.71
CA GLU KA 224 32.71 119.17 -104.76
C GLU KA 224 33.17 120.44 -105.46
N GLN KA 225 33.73 120.30 -106.67
CA GLN KA 225 34.15 121.46 -107.45
C GLN KA 225 32.97 122.37 -107.75
N GLN KA 226 31.81 121.79 -108.05
CA GLN KA 226 30.63 122.59 -108.37
C GLN KA 226 30.02 123.24 -107.14
N ALA KA 227 30.15 122.60 -105.97
CA ALA KA 227 29.72 123.25 -104.73
C ALA KA 227 30.55 124.51 -104.47
N VAL KA 228 31.86 124.41 -104.59
CA VAL KA 228 32.71 125.59 -104.40
C VAL KA 228 32.48 126.61 -105.52
N GLU KA 229 32.18 126.15 -106.72
CA GLU KA 229 31.88 127.11 -107.78
C GLU KA 229 30.58 127.87 -107.49
N ALA KA 230 29.63 127.23 -106.80
CA ALA KA 230 28.42 127.94 -106.38
C ALA KA 230 28.70 128.94 -105.26
N THR KA 231 29.58 128.59 -104.31
CA THR KA 231 30.01 129.54 -103.30
C THR KA 231 30.71 130.74 -103.93
N LEU KA 232 31.56 130.48 -104.93
CA LEU KA 232 32.21 131.59 -105.64
C LEU KA 232 31.17 132.47 -106.33
N ALA KA 233 30.12 131.86 -106.87
CA ALA KA 233 29.07 132.66 -107.52
C ALA KA 233 28.38 133.57 -106.51
N ALA KA 234 28.08 133.04 -105.32
CA ALA KA 234 27.53 133.88 -104.26
C ALA KA 234 28.51 134.99 -103.87
N MET KA 235 29.80 134.65 -103.76
CA MET KA 235 30.80 135.65 -103.42
C MET KA 235 30.77 136.82 -104.39
N LYS KA 236 30.85 136.54 -105.69
CA LYS KA 236 30.94 137.61 -106.68
C LYS KA 236 29.60 138.28 -106.95
N ALA KA 237 28.49 137.64 -106.59
CA ALA KA 237 27.19 138.29 -106.68
C ALA KA 237 27.02 139.31 -105.55
N ARG KA 238 27.47 138.97 -104.34
CA ARG KA 238 27.51 139.95 -103.27
C ARG KA 238 28.49 141.06 -103.59
N ARG KA 239 29.61 140.73 -104.24
CA ARG KA 239 30.60 141.72 -104.64
C ARG KA 239 30.13 142.60 -105.79
N SER KA 240 29.13 142.17 -106.56
CA SER KA 240 28.65 142.99 -107.68
C SER KA 240 28.23 144.37 -107.21
N MET LA 24 86.92 -33.74 17.10
CA MET LA 24 85.74 -34.34 17.71
C MET LA 24 85.12 -33.38 18.72
N GLU LA 25 83.79 -33.32 18.74
CA GLU LA 25 83.11 -32.48 19.74
C GLU LA 25 83.39 -32.98 21.15
N LEU LA 26 83.44 -34.29 21.33
CA LEU LA 26 83.81 -34.85 22.63
C LEU LA 26 85.19 -34.35 23.05
N PHE LA 27 86.15 -34.41 22.13
CA PHE LA 27 87.50 -33.94 22.42
C PHE LA 27 87.49 -32.49 22.86
N ASN LA 28 86.79 -31.62 22.11
CA ASN LA 28 86.67 -30.21 22.49
C ASN LA 28 86.06 -30.03 23.88
N ARG LA 29 84.98 -30.76 24.18
CA ARG LA 29 84.41 -30.73 25.52
C ARG LA 29 85.45 -31.10 26.59
N VAL LA 30 86.20 -32.18 26.36
CA VAL LA 30 87.24 -32.60 27.28
C VAL LA 30 88.44 -31.66 27.27
N GLY LA 31 88.54 -30.80 26.26
CA GLY LA 31 89.71 -29.97 26.08
C GLY LA 31 90.11 -29.12 27.29
N ARG LA 32 89.15 -28.47 27.94
CA ARG LA 32 89.54 -27.65 29.09
C ARG LA 32 90.30 -28.47 30.15
N VAL LA 33 89.75 -29.62 30.54
CA VAL LA 33 90.36 -30.46 31.57
C VAL LA 33 91.62 -31.17 31.07
N LEU LA 34 91.59 -31.71 29.86
CA LEU LA 34 92.76 -32.43 29.35
C LEU LA 34 93.89 -31.47 28.99
N LYS LA 35 93.59 -30.42 28.22
CA LYS LA 35 94.62 -29.48 27.78
C LYS LA 35 95.20 -28.67 28.93
N SER LA 36 94.47 -28.41 30.02
CA SER LA 36 95.13 -27.80 31.18
C SER LA 36 96.22 -28.70 31.74
N GLN LA 37 95.90 -29.98 31.90
CA GLN LA 37 96.91 -30.95 32.32
C GLN LA 37 98.05 -31.05 31.32
N LEU LA 38 97.76 -31.14 30.02
CA LEU LA 38 98.85 -31.22 29.05
C LEU LA 38 99.70 -29.95 28.99
N THR LA 39 99.10 -28.78 29.22
CA THR LA 39 99.86 -27.54 29.29
C THR LA 39 100.85 -27.55 30.45
N HIS LA 40 100.43 -28.09 31.60
CA HIS LA 40 101.42 -28.34 32.64
C HIS LA 40 102.36 -29.49 32.29
N TRP LA 41 101.87 -30.49 31.54
CA TRP LA 41 102.68 -31.67 31.23
C TRP LA 41 103.92 -31.27 30.44
N GLN LA 42 103.74 -30.43 29.42
CA GLN LA 42 104.90 -29.90 28.71
C GLN LA 42 105.76 -29.01 29.61
N GLN LA 43 105.13 -28.32 30.56
CA GLN LA 43 105.86 -27.55 31.57
C GLN LA 43 106.60 -28.41 32.58
N GLN LA 44 106.25 -29.69 32.76
CA GLN LA 44 106.71 -30.41 33.94
C GLN LA 44 108.21 -30.34 34.15
N GLN LA 45 109.00 -30.23 33.08
CA GLN LA 45 110.44 -30.10 33.27
C GLN LA 45 110.77 -28.85 34.07
N GLU LA 46 110.07 -27.75 33.81
CA GLU LA 46 110.19 -26.57 34.65
C GLU LA 46 109.43 -26.73 35.98
N ALA LA 47 108.26 -27.37 35.95
CA ALA LA 47 107.33 -27.36 37.07
C ALA LA 47 106.84 -28.77 37.39
N PRO LA 48 107.66 -29.57 38.07
CA PRO LA 48 107.17 -30.81 38.67
C PRO LA 48 106.52 -30.61 40.03
N GLU LA 49 106.64 -29.41 40.60
CA GLU LA 49 106.46 -29.22 42.04
C GLU LA 49 105.09 -29.69 42.53
N ASP LA 50 104.03 -29.34 41.80
CA ASP LA 50 102.69 -29.71 42.23
C ASP LA 50 102.47 -31.22 42.24
N LEU LA 51 102.88 -31.92 41.18
CA LEU LA 51 102.69 -33.38 41.16
C LEU LA 51 103.54 -34.07 42.21
N LEU LA 52 104.77 -33.63 42.41
CA LEU LA 52 105.64 -34.21 43.44
C LEU LA 52 105.06 -34.04 44.84
N GLU LA 53 104.65 -32.82 45.18
CA GLU LA 53 104.10 -32.54 46.50
C GLU LA 53 102.73 -33.16 46.70
N ARG LA 54 101.93 -33.30 45.65
CA ARG LA 54 100.67 -34.03 45.77
C ARG LA 54 100.90 -35.47 46.20
N LEU LA 55 101.80 -36.18 45.52
CA LEU LA 55 102.10 -37.56 45.87
C LEU LA 55 102.62 -37.70 47.30
N LEU LA 56 103.59 -36.86 47.68
CA LEU LA 56 104.12 -36.90 49.04
C LEU LA 56 103.10 -36.46 50.09
N GLY LA 57 102.16 -35.59 49.72
CA GLY LA 57 101.02 -35.34 50.59
C GLY LA 57 100.18 -36.58 50.84
N GLU LA 58 99.91 -37.34 49.79
CA GLU LA 58 99.23 -38.62 49.94
C GLU LA 58 100.03 -39.58 50.80
N MET LA 59 101.36 -39.54 50.68
CA MET LA 59 102.23 -40.36 51.52
C MET LA 59 102.18 -39.95 52.98
N GLU LA 60 102.04 -38.65 53.26
CA GLU LA 60 101.80 -38.19 54.63
C GLU LA 60 100.43 -38.63 55.15
N LEU LA 61 99.40 -38.58 54.30
CA LEU LA 61 98.09 -39.09 54.71
C LEU LA 61 98.10 -40.58 55.02
N GLU LA 62 98.85 -41.36 54.24
CA GLU LA 62 99.05 -42.77 54.58
C GLU LA 62 99.81 -42.91 55.90
N LEU LA 63 100.94 -42.20 56.04
CA LEU LA 63 101.82 -42.37 57.20
C LEU LA 63 101.15 -42.04 58.52
N ILE LA 64 100.21 -41.09 58.54
CA ILE LA 64 99.41 -40.87 59.74
C ILE LA 64 98.47 -42.05 60.01
N GLU LA 65 98.01 -42.74 58.96
CA GLU LA 65 97.35 -44.02 59.18
C GLU LA 65 98.32 -45.06 59.74
N LEU LA 66 99.50 -45.21 59.12
CA LEU LA 66 100.44 -46.25 59.55
C LEU LA 66 100.80 -46.14 61.02
N ARG LA 67 100.97 -44.91 61.53
CA ARG LA 67 101.20 -44.71 62.96
C ARG LA 67 100.01 -45.10 63.81
N ARG LA 68 98.79 -44.76 63.39
CA ARG LA 68 97.62 -45.19 64.14
C ARG LA 68 97.41 -46.71 64.09
N ALA LA 69 97.78 -47.34 62.97
CA ALA LA 69 97.70 -48.80 62.87
C ALA LA 69 98.72 -49.49 63.78
N LEU LA 70 99.92 -48.91 63.90
CA LEU LA 70 100.86 -49.34 64.93
C LEU LA 70 100.29 -49.20 66.33
N ALA LA 71 99.64 -48.07 66.62
CA ALA LA 71 99.04 -47.90 67.94
C ALA LA 71 97.91 -48.89 68.19
N GLN LA 72 97.15 -49.24 67.15
CA GLN LA 72 96.13 -50.26 67.28
C GLN LA 72 96.72 -51.65 67.50
N THR LA 73 97.88 -51.95 66.91
CA THR LA 73 98.56 -53.21 67.21
C THR LA 73 99.08 -53.28 68.63
N ILE LA 74 99.71 -52.20 69.11
CA ILE LA 74 100.17 -52.18 70.50
C ILE LA 74 99.01 -52.32 71.47
N ALA LA 75 97.90 -51.63 71.19
CA ALA LA 75 96.72 -51.74 72.04
C ALA LA 75 96.16 -53.16 72.08
N THR LA 76 96.09 -53.82 70.93
CA THR LA 76 95.63 -55.21 70.89
C THR LA 76 96.62 -56.17 71.53
N PHE LA 77 97.92 -55.92 71.43
CA PHE LA 77 98.91 -56.79 72.06
C PHE LA 77 98.80 -56.78 73.58
N LYS LA 78 98.78 -55.58 74.17
CA LYS LA 78 98.68 -55.47 75.62
C LYS LA 78 97.30 -55.81 76.15
N SER LA 79 96.24 -55.62 75.34
CA SER LA 79 94.93 -56.14 75.76
C SER LA 79 94.91 -57.66 75.85
N THR LA 80 95.58 -58.35 74.91
CA THR LA 80 95.75 -59.79 75.07
C THR LA 80 96.52 -60.10 76.34
N GLU LA 81 97.52 -59.27 76.66
CA GLU LA 81 98.28 -59.44 77.90
C GLU LA 81 97.45 -59.10 79.13
N ARG LA 82 96.52 -58.15 79.02
CA ARG LA 82 95.59 -57.88 80.11
C ARG LA 82 94.67 -59.09 80.35
N GLN LA 83 94.36 -59.83 79.30
CA GLN LA 83 93.60 -61.08 79.47
C GLN LA 83 94.46 -62.13 80.16
N ARG LA 84 95.76 -62.16 79.86
CA ARG LA 84 96.69 -62.98 80.62
C ARG LA 84 96.76 -62.54 82.08
N ASP LA 85 96.79 -61.23 82.33
CA ASP LA 85 96.79 -60.73 83.70
C ASP LA 85 95.56 -61.20 84.47
N ALA LA 86 94.41 -61.31 83.80
CA ALA LA 86 93.23 -61.88 84.44
C ALA LA 86 93.38 -63.38 84.66
N GLN LA 87 93.87 -64.12 83.67
CA GLN LA 87 94.05 -65.56 83.85
C GLN LA 87 94.96 -65.88 85.01
N GLN LA 88 96.11 -65.18 85.09
CA GLN LA 88 97.04 -65.40 86.19
C GLN LA 88 96.48 -64.92 87.53
N LEU LA 89 95.62 -63.90 87.50
CA LEU LA 89 94.93 -63.48 88.73
C LEU LA 89 93.96 -64.55 89.22
N ILE LA 90 93.26 -65.23 88.31
CA ILE LA 90 92.40 -66.33 88.73
C ILE LA 90 93.22 -67.54 89.15
N ALA LA 91 94.40 -67.74 88.55
CA ALA LA 91 95.33 -68.75 89.04
C ALA LA 91 95.76 -68.46 90.48
N GLN LA 92 96.05 -67.19 90.79
CA GLN LA 92 96.33 -66.81 92.17
C GLN LA 92 95.12 -67.03 93.07
N ARG LA 93 93.93 -66.72 92.56
CA ARG LA 93 92.70 -67.04 93.29
C ARG LA 93 92.56 -68.54 93.56
N TRP LA 94 93.07 -69.37 92.65
CA TRP LA 94 93.14 -70.81 92.89
C TRP LA 94 94.21 -71.18 93.91
N TYR LA 95 95.30 -70.43 94.00
CA TYR LA 95 96.25 -70.65 95.09
C TYR LA 95 95.68 -70.22 96.43
N GLU LA 96 94.95 -69.11 96.48
CA GLU LA 96 94.30 -68.69 97.72
C GLU LA 96 93.33 -69.75 98.23
N LYS LA 97 92.49 -70.27 97.33
CA LYS LA 97 91.59 -71.37 97.70
C LYS LA 97 92.35 -72.62 98.12
N ALA LA 98 93.52 -72.87 97.54
CA ALA LA 98 94.37 -73.93 98.04
C ALA LA 98 94.92 -73.60 99.43
N GLN LA 99 95.31 -72.35 99.65
CA GLN LA 99 95.94 -71.98 100.92
C GLN LA 99 94.98 -72.18 102.08
N ALA LA 100 93.67 -72.01 101.86
CA ALA LA 100 92.67 -72.32 102.87
C ALA LA 100 92.60 -73.80 103.20
N ALA LA 101 93.32 -74.64 102.46
CA ALA LA 101 93.43 -76.06 102.75
C ALA LA 101 94.88 -76.53 102.79
N LEU LA 102 95.85 -75.63 102.67
CA LEU LA 102 97.25 -76.00 102.64
C LEU LA 102 97.89 -75.96 104.02
N ASP LA 103 97.11 -75.65 105.06
CA ASP LA 103 97.52 -75.84 106.44
C ASP LA 103 96.78 -77.01 107.05
N ARG LA 104 97.30 -77.50 108.17
CA ARG LA 104 96.72 -78.60 108.94
C ARG LA 104 96.78 -79.94 108.22
N GLY LA 105 97.48 -80.02 107.08
CA GLY LA 105 97.48 -81.24 106.30
C GLY LA 105 96.18 -81.52 105.58
N ASN LA 106 95.30 -80.53 105.46
CA ASN LA 106 94.01 -80.69 104.81
C ASN LA 106 94.09 -80.42 103.31
N GLU LA 107 95.27 -80.58 102.71
CA GLU LA 107 95.54 -80.23 101.32
C GLU LA 107 94.71 -81.01 100.31
N GLN LA 108 93.87 -81.93 100.78
CA GLN LA 108 93.00 -82.70 99.89
C GLN LA 108 92.34 -81.85 98.82
N LEU LA 109 91.70 -80.75 99.21
CA LEU LA 109 91.03 -79.89 98.23
C LEU LA 109 92.01 -79.21 97.29
N ALA LA 110 93.28 -79.11 97.67
CA ALA LA 110 94.28 -78.56 96.75
C ALA LA 110 94.41 -79.41 95.50
N ARG LA 111 94.03 -80.69 95.57
CA ARG LA 111 94.06 -81.53 94.38
C ARG LA 111 93.21 -80.94 93.26
N GLU LA 112 91.95 -80.63 93.56
CA GLU LA 112 91.08 -79.99 92.56
C GLU LA 112 91.48 -78.55 92.27
N ALA LA 113 91.85 -77.78 93.30
CA ALA LA 113 92.16 -76.36 93.09
C ALA LA 113 93.37 -76.17 92.18
N LEU LA 114 94.44 -76.91 92.42
CA LEU LA 114 95.59 -76.90 91.52
C LEU LA 114 95.32 -77.65 90.22
N GLY LA 115 94.41 -78.63 90.24
CA GLY LA 115 93.99 -79.24 88.99
C GLY LA 115 93.36 -78.27 88.03
N GLN LA 116 92.53 -77.35 88.53
CA GLN LA 116 92.06 -76.24 87.73
C GLN LA 116 93.20 -75.29 87.36
N ARG LA 117 94.03 -74.91 88.33
CA ARG LA 117 95.10 -73.96 88.03
C ARG LA 117 96.02 -74.46 86.92
N GLN LA 118 96.20 -75.78 86.79
CA GLN LA 118 97.01 -76.31 85.70
C GLN LA 118 96.47 -75.89 84.34
N SER LA 119 95.15 -75.99 84.13
CA SER LA 119 94.56 -75.47 82.90
C SER LA 119 94.65 -73.95 82.79
N TYR LA 120 94.58 -73.24 83.90
CA TYR LA 120 94.72 -71.78 83.85
C TYR LA 120 96.15 -71.36 83.52
N GLN LA 121 97.14 -72.08 84.03
CA GLN LA 121 98.53 -71.81 83.67
C GLN LA 121 98.80 -72.12 82.21
N SER LA 122 98.17 -73.15 81.64
CA SER LA 122 98.40 -73.46 80.23
C SER LA 122 97.92 -72.33 79.33
N HIS LA 123 96.72 -71.79 79.61
CA HIS LA 123 96.26 -70.63 78.86
C HIS LA 123 97.08 -69.39 79.15
N THR LA 124 97.55 -69.23 80.39
CA THR LA 124 98.40 -68.08 80.72
C THR LA 124 99.71 -68.11 79.94
N GLU LA 125 100.32 -69.29 79.78
CA GLU LA 125 101.59 -69.37 79.07
C GLU LA 125 101.40 -69.44 77.56
N ALA LA 126 100.26 -69.93 77.09
CA ALA LA 126 99.88 -69.75 75.70
C ALA LA 126 99.75 -68.27 75.35
N LEU LA 127 99.09 -67.50 76.21
CA LEU LA 127 99.02 -66.07 76.04
C LEU LA 127 100.42 -65.44 76.12
N GLY LA 128 101.20 -65.82 77.13
CA GLY LA 128 102.52 -65.24 77.30
C GLY LA 128 103.46 -65.48 76.13
N LYS LA 129 103.35 -66.62 75.46
CA LYS LA 129 104.20 -66.91 74.31
C LYS LA 129 103.64 -66.38 72.99
N SER LA 130 102.32 -66.30 72.85
CA SER LA 130 101.74 -65.47 71.80
C SER LA 130 102.21 -64.03 71.95
N LEU LA 131 102.20 -63.52 73.17
CA LEU LA 131 102.65 -62.17 73.51
C LEU LA 131 104.16 -62.01 73.38
N GLY LA 132 104.90 -63.10 73.20
CA GLY LA 132 106.29 -63.02 72.82
C GLY LA 132 106.44 -62.75 71.33
N GLU LA 133 105.59 -63.37 70.53
CA GLU LA 133 105.59 -63.06 69.10
C GLU LA 133 105.03 -61.66 68.86
N GLN LA 134 103.92 -61.33 69.52
CA GLN LA 134 103.34 -60.00 69.42
C GLN LA 134 104.32 -58.91 69.89
N ARG LA 135 105.18 -59.24 70.86
CA ARG LA 135 106.30 -58.35 71.18
C ARG LA 135 107.19 -58.13 69.97
N ALA LA 136 107.73 -59.21 69.41
CA ALA LA 136 108.60 -59.09 68.25
C ALA LA 136 107.91 -58.38 67.09
N LEU LA 137 106.59 -58.53 66.95
CA LEU LA 137 105.84 -57.79 65.94
C LEU LA 137 105.85 -56.29 66.19
N VAL LA 138 105.55 -55.87 67.42
CA VAL LA 138 105.55 -54.43 67.71
C VAL LA 138 106.96 -53.85 67.66
N GLU LA 139 107.99 -54.63 68.01
CA GLU LA 139 109.35 -54.15 67.85
C GLU LA 139 109.75 -54.00 66.39
N GLN LA 140 109.51 -55.04 65.59
CA GLN LA 140 109.91 -54.99 64.18
C GLN LA 140 109.11 -53.96 63.40
N VAL LA 141 107.82 -53.80 63.72
CA VAL LA 141 107.01 -52.78 63.04
C VAL LA 141 107.45 -51.38 63.46
N ARG LA 142 107.89 -51.21 64.70
CA ARG LA 142 108.45 -49.92 65.12
C ARG LA 142 109.76 -49.62 64.40
N GLY LA 143 110.62 -50.62 64.22
CA GLY LA 143 111.85 -50.38 63.48
C GLY LA 143 111.61 -50.17 62.00
N GLN LA 144 110.65 -50.90 61.43
CA GLN LA 144 110.26 -50.68 60.04
C GLN LA 144 109.75 -49.25 59.84
N LEU LA 145 108.85 -48.80 60.70
CA LEU LA 145 108.35 -47.43 60.62
C LEU LA 145 109.47 -46.41 60.79
N GLN LA 146 110.26 -46.54 61.85
CA GLN LA 146 111.25 -45.50 62.14
C GLN LA 146 112.31 -45.37 61.03
N LYS LA 147 112.70 -46.49 60.41
CA LYS LA 147 113.51 -46.42 59.20
C LYS LA 147 112.78 -45.74 58.05
N LEU LA 148 111.53 -46.14 57.81
CA LEU LA 148 110.78 -45.66 56.64
C LEU LA 148 110.46 -44.18 56.75
N GLU LA 149 109.92 -43.75 57.90
CA GLU LA 149 109.52 -42.36 58.08
C GLU LA 149 110.73 -41.44 58.18
N ARG LA 150 111.83 -41.91 58.75
CA ARG LA 150 113.07 -41.13 58.70
C ARG LA 150 113.57 -40.99 57.27
N LYS LA 151 113.39 -42.03 56.45
CA LYS LA 151 113.71 -41.93 55.04
C LYS LA 151 112.80 -40.94 54.32
N TYR LA 152 111.52 -40.91 54.70
CA TYR LA 152 110.60 -39.89 54.18
C TYR LA 152 111.03 -38.48 54.58
N LEU LA 153 111.46 -38.30 55.83
CA LEU LA 153 111.97 -36.99 56.26
C LEU LA 153 113.17 -36.55 55.45
N GLU LA 154 114.18 -37.41 55.31
CA GLU LA 154 115.35 -37.09 54.50
C GLU LA 154 115.01 -36.95 53.03
N LEU LA 155 114.01 -37.68 52.55
CA LEU LA 155 113.53 -37.52 51.18
C LEU LA 155 112.80 -36.19 50.99
N LYS LA 156 112.08 -35.72 52.01
CA LYS LA 156 111.56 -34.35 51.96
C LYS LA 156 112.69 -33.33 51.88
N SER LA 157 113.73 -33.51 52.67
CA SER LA 157 114.90 -32.64 52.60
C SER LA 157 115.47 -32.63 51.19
N GLN LA 158 115.69 -33.81 50.62
CA GLN LA 158 116.19 -33.92 49.24
C GLN LA 158 115.26 -33.27 48.23
N LYS LA 159 113.93 -33.46 48.36
CA LYS LA 159 113.00 -32.85 47.40
C LYS LA 159 113.09 -31.33 47.44
N ASN LA 160 113.10 -30.75 48.65
CA ASN LA 160 113.24 -29.30 48.76
C ASN LA 160 114.51 -28.83 48.06
N LEU LA 161 115.62 -29.54 48.32
CA LEU LA 161 116.89 -29.25 47.66
C LEU LA 161 116.86 -29.56 46.17
N TYR LA 162 115.99 -30.46 45.74
CA TYR LA 162 115.89 -30.79 44.33
C TYR LA 162 115.10 -29.74 43.54
N LEU LA 163 114.06 -29.18 44.14
CA LEU LA 163 113.35 -28.06 43.52
C LEU LA 163 114.24 -26.83 43.43
N ALA LA 164 115.06 -26.59 44.46
CA ALA LA 164 116.06 -25.52 44.39
C ALA LA 164 117.09 -25.78 43.29
N ARG LA 165 117.65 -26.98 43.25
CA ARG LA 165 118.58 -27.34 42.17
C ARG LA 165 117.94 -27.16 40.80
N LEU LA 166 116.71 -27.65 40.62
CA LEU LA 166 116.04 -27.58 39.33
C LEU LA 166 115.82 -26.13 38.89
N LYS LA 167 115.26 -25.30 39.76
CA LYS LA 167 115.08 -23.89 39.44
C LYS LA 167 116.40 -23.20 39.15
N SER LA 168 117.46 -23.57 39.88
CA SER LA 168 118.77 -22.96 39.66
C SER LA 168 119.37 -23.38 38.32
N ALA LA 169 119.23 -24.65 37.96
CA ALA LA 169 119.65 -25.12 36.65
C ALA LA 169 118.87 -24.42 35.53
N ILE LA 170 117.55 -24.31 35.71
CA ILE LA 170 116.71 -23.62 34.73
C ILE LA 170 117.22 -22.19 34.51
N ALA LA 171 117.48 -21.48 35.61
CA ALA LA 171 118.03 -20.12 35.52
C ALA LA 171 119.37 -20.11 34.78
N ALA LA 172 120.24 -21.07 35.11
CA ALA LA 172 121.54 -21.18 34.44
C ALA LA 172 121.36 -21.40 32.94
N GLN LA 173 120.47 -22.31 32.57
CA GLN LA 173 120.14 -22.53 31.16
C GLN LA 173 119.71 -21.23 30.48
N LYS LA 174 118.91 -20.43 31.18
CA LYS LA 174 118.46 -19.16 30.61
C LYS LA 174 119.59 -18.16 30.45
N ILE LA 175 120.54 -18.11 31.38
CA ILE LA 175 121.72 -17.24 31.19
C ILE LA 175 122.59 -17.70 30.03
N GLU LA 176 122.89 -18.99 29.94
CA GLU LA 176 123.70 -19.46 28.81
C GLU LA 176 123.03 -19.19 27.47
N GLU LA 177 121.76 -19.57 27.33
CA GLU LA 177 121.08 -19.42 26.04
C GLU LA 177 120.86 -17.95 25.66
N ILE LA 178 120.49 -17.11 26.62
CA ILE LA 178 120.33 -15.68 26.35
C ILE LA 178 121.67 -15.00 26.14
N ALA LA 179 122.70 -15.45 26.86
CA ALA LA 179 124.05 -14.95 26.63
C ALA LA 179 124.60 -15.38 25.26
N GLY LA 180 124.35 -16.62 24.86
CA GLY LA 180 124.76 -17.04 23.53
C GLY LA 180 124.08 -16.27 22.41
N ASN LA 181 122.78 -16.00 22.56
CA ASN LA 181 122.11 -15.14 21.60
C ASN LA 181 122.57 -13.69 21.70
N LEU LA 182 122.90 -13.23 22.90
CA LEU LA 182 123.35 -11.85 23.07
C LEU LA 182 124.71 -11.63 22.42
N ASP LA 183 125.67 -12.50 22.73
CA ASP LA 183 127.02 -12.34 22.17
C ASP LA 183 127.02 -12.66 20.68
N ASN LA 184 126.50 -13.83 20.31
CA ASN LA 184 126.64 -14.29 18.93
C ASN LA 184 125.75 -13.49 17.98
N ALA LA 185 124.45 -13.39 18.27
CA ALA LA 185 123.56 -12.67 17.37
C ALA LA 185 123.73 -11.16 17.48
N SER LA 186 123.68 -10.62 18.70
CA SER LA 186 123.67 -9.17 18.87
C SER LA 186 125.03 -8.56 18.55
N ALA LA 187 126.10 -9.14 19.11
CA ALA LA 187 127.41 -8.53 19.00
C ALA LA 187 127.93 -8.57 17.56
N SER LA 188 127.73 -9.68 16.86
CA SER LA 188 128.11 -9.71 15.44
C SER LA 188 127.31 -8.69 14.65
N SER LA 189 126.04 -8.49 15.01
CA SER LA 189 125.24 -7.46 14.38
C SER LA 189 125.79 -6.07 14.68
N LEU LA 190 126.34 -5.87 15.89
CA LEU LA 190 126.91 -4.57 16.23
C LEU LA 190 128.23 -4.34 15.49
N PHE LA 191 129.15 -5.30 15.55
CA PHE LA 191 130.47 -5.06 15.00
C PHE LA 191 130.46 -5.02 13.48
N GLU LA 192 129.88 -6.04 12.85
CA GLU LA 192 129.90 -6.11 11.40
C GLU LA 192 129.01 -5.07 10.71
N ARG LA 193 127.86 -4.72 11.30
CA ARG LA 193 127.07 -3.60 10.75
C ARG LA 193 127.66 -2.23 11.02
N ILE LA 194 128.30 -2.03 12.17
CA ILE LA 194 128.96 -0.74 12.40
C ILE LA 194 130.20 -0.60 11.54
N GLU LA 195 130.97 -1.68 11.40
CA GLU LA 195 132.15 -1.64 10.55
C GLU LA 195 131.80 -1.36 9.09
N THR LA 196 130.83 -2.10 8.54
CA THR LA 196 130.43 -1.87 7.15
C THR LA 196 129.89 -0.46 6.94
N LYS LA 197 129.16 0.07 7.91
CA LYS LA 197 128.72 1.47 7.80
C LYS LA 197 129.89 2.43 7.90
N ILE LA 198 130.91 2.10 8.70
CA ILE LA 198 132.11 2.92 8.76
C ILE LA 198 132.82 2.90 7.42
N LEU LA 199 132.94 1.71 6.82
CA LEU LA 199 133.53 1.58 5.50
C LEU LA 199 132.79 2.41 4.46
N GLU LA 200 131.47 2.48 4.58
CA GLU LA 200 130.69 3.32 3.67
C GLU LA 200 131.06 4.78 3.88
N LEU LA 201 131.25 5.19 5.13
CA LEU LA 201 131.73 6.54 5.40
C LEU LA 201 133.15 6.75 4.88
N GLU LA 202 133.97 5.70 4.92
CA GLU LA 202 135.35 5.78 4.45
C GLU LA 202 135.45 5.83 2.94
N ALA LA 203 134.51 5.20 2.23
CA ALA LA 203 134.45 5.35 0.78
C ALA LA 203 134.18 6.79 0.36
N GLU LA 204 133.38 7.52 1.14
CA GLU LA 204 133.27 8.96 0.93
C GLU LA 204 134.49 9.73 1.45
N ARG LA 205 135.17 9.22 2.47
CA ARG LA 205 136.42 9.86 2.90
C ARG LA 205 137.46 9.85 1.78
N GLU LA 206 137.67 8.69 1.14
CA GLU LA 206 138.63 8.59 0.05
C GLU LA 206 138.16 9.26 -1.23
N LEU LA 207 136.90 9.69 -1.30
CA LEU LA 207 136.47 10.58 -2.37
C LEU LA 207 136.77 12.04 -2.05
N LEU LA 208 136.67 12.43 -0.78
CA LEU LA 208 136.94 13.80 -0.36
C LEU LA 208 138.39 14.05 -0.01
N ASN LA 209 139.20 12.99 0.14
CA ASN LA 209 140.50 13.11 0.79
C ASN LA 209 141.49 12.15 0.15
N PRO LA 210 142.61 12.63 -0.41
CA PRO LA 210 143.60 11.71 -0.94
C PRO LA 210 144.15 10.84 0.17
N PRO LA 211 144.51 9.59 -0.16
CA PRO LA 211 145.17 8.73 0.85
C PRO LA 211 146.37 9.41 1.46
N PRO LA 212 146.39 9.61 2.79
CA PRO LA 212 147.54 10.25 3.42
C PRO LA 212 148.77 9.35 3.47
N SER LA 213 149.48 9.24 2.36
CA SER LA 213 150.67 8.41 2.26
C SER LA 213 151.75 8.92 3.19
N PRO LA 214 152.81 8.16 3.46
CA PRO LA 214 153.93 8.69 4.24
C PRO LA 214 154.60 9.89 3.59
N LEU LA 215 154.46 10.06 2.28
CA LEU LA 215 155.18 11.14 1.59
C LEU LA 215 154.63 12.51 1.97
N ASP LA 216 153.34 12.74 1.69
CA ASP LA 216 152.74 14.01 2.05
C ASP LA 216 152.79 14.26 3.55
N LYS LA 217 152.71 13.20 4.35
CA LYS LA 217 152.84 13.35 5.80
C LYS LA 217 154.19 13.93 6.19
N LYS LA 218 155.27 13.42 5.59
CA LYS LA 218 156.59 13.95 5.89
C LYS LA 218 156.74 15.39 5.41
N PHE LA 219 156.15 15.72 4.25
CA PHE LA 219 156.19 17.09 3.77
C PHE LA 219 155.48 18.05 4.71
N GLU LA 220 154.32 17.64 5.25
CA GLU LA 220 153.60 18.48 6.20
C GLU LA 220 154.42 18.67 7.48
N GLN LA 221 155.09 17.60 7.94
CA GLN LA 221 155.93 17.71 9.11
C GLN LA 221 157.08 18.69 8.86
N TRP LA 222 157.70 18.61 7.69
CA TRP LA 222 158.75 19.57 7.34
C TRP LA 222 158.21 20.98 7.23
N GLU LA 223 156.94 21.14 6.83
CA GLU LA 223 156.35 22.48 6.79
C GLU LA 223 156.27 23.07 8.19
N GLU LA 224 155.86 22.28 9.18
CA GLU LA 224 155.87 22.75 10.56
C GLU LA 224 157.30 23.05 11.01
N GLN LA 225 158.25 22.19 10.62
CA GLN LA 225 159.65 22.42 10.95
C GLN LA 225 160.15 23.75 10.37
N GLN LA 226 159.71 24.07 9.15
CA GLN LA 226 160.15 25.31 8.50
C GLN LA 226 159.48 26.53 9.11
N ALA LA 227 158.24 26.38 9.61
CA ALA LA 227 157.61 27.48 10.34
C ALA LA 227 158.40 27.83 11.59
N VAL LA 228 158.78 26.82 12.37
CA VAL LA 228 159.56 27.07 13.58
C VAL LA 228 160.96 27.54 13.21
N GLU LA 229 161.51 27.08 12.09
CA GLU LA 229 162.81 27.60 11.69
C GLU LA 229 162.73 29.08 11.30
N ALA LA 230 161.58 29.52 10.78
CA ALA LA 230 161.40 30.95 10.53
C ALA LA 230 161.24 31.76 11.81
N THR LA 231 160.55 31.21 12.82
CA THR LA 231 160.48 31.86 14.12
C THR LA 231 161.87 31.97 14.74
N LEU LA 232 162.68 30.91 14.62
CA LEU LA 232 164.04 30.97 15.11
C LEU LA 232 164.84 32.05 14.40
N ALA LA 233 164.61 32.21 13.09
CA ALA LA 233 165.32 33.25 12.35
C ALA LA 233 164.96 34.63 12.88
N ALA LA 234 163.68 34.86 13.14
CA ALA LA 234 163.25 36.11 13.76
C ALA LA 234 163.89 36.29 15.13
N MET LA 235 163.93 35.21 15.93
CA MET LA 235 164.55 35.28 17.25
C MET LA 235 165.98 35.77 17.17
N LYS LA 236 166.80 35.14 16.32
CA LYS LA 236 168.22 35.47 16.28
C LYS LA 236 168.49 36.75 15.50
N ALA LA 237 167.56 37.20 14.67
CA ALA LA 237 167.69 38.50 14.02
C ALA LA 237 167.43 39.63 15.02
N ARG LA 238 166.43 39.47 15.89
CA ARG LA 238 166.24 40.41 16.97
C ARG LA 238 167.42 40.37 17.94
N ARG LA 239 167.98 39.18 18.16
CA ARG LA 239 169.14 39.03 19.04
C ARG LA 239 170.42 39.58 18.43
N SER LA 240 170.48 39.75 17.11
CA SER LA 240 171.70 40.26 16.48
C SER LA 240 172.09 41.61 17.07
N MET MA 24 -15.51 -77.40 52.60
CA MET MA 24 -16.63 -76.79 51.88
C MET MA 24 -16.96 -75.42 52.48
N GLU MA 25 -17.28 -74.46 51.62
CA GLU MA 25 -17.67 -73.14 52.11
C GLU MA 25 -18.97 -73.21 52.91
N LEU MA 26 -19.90 -74.06 52.49
CA LEU MA 26 -21.12 -74.29 53.27
C LEU MA 26 -20.77 -74.77 54.66
N PHE MA 27 -19.88 -75.76 54.75
CA PHE MA 27 -19.47 -76.28 56.04
C PHE MA 27 -18.89 -75.20 56.93
N ASN MA 28 -17.98 -74.38 56.39
CA ASN MA 28 -17.43 -73.25 57.15
C ASN MA 28 -18.50 -72.28 57.63
N ARG MA 29 -19.45 -71.92 56.76
CA ARG MA 29 -20.58 -71.11 57.18
C ARG MA 29 -21.35 -71.73 58.34
N VAL MA 30 -21.64 -73.02 58.25
CA VAL MA 30 -22.34 -73.74 59.32
C VAL MA 30 -21.44 -73.95 60.54
N GLY MA 31 -20.13 -73.77 60.38
CA GLY MA 31 -19.19 -74.08 61.44
C GLY MA 31 -19.47 -73.42 62.79
N ARG MA 32 -19.80 -72.15 62.81
CA ARG MA 32 -20.05 -71.52 64.11
C ARG MA 32 -21.15 -72.25 64.89
N VAL MA 33 -22.29 -72.50 64.25
CA VAL MA 33 -23.42 -73.16 64.91
C VAL MA 33 -23.17 -74.65 65.16
N LEU MA 34 -22.60 -75.35 64.19
CA LEU MA 34 -22.37 -76.79 64.37
C LEU MA 34 -21.23 -77.04 65.33
N LYS MA 35 -20.09 -76.39 65.14
CA LYS MA 35 -18.92 -76.61 65.98
C LYS MA 35 -19.12 -76.14 67.42
N SER MA 36 -19.96 -75.12 67.67
CA SER MA 36 -20.30 -74.81 69.06
C SER MA 36 -20.99 -76.00 69.75
N GLN MA 37 -21.98 -76.57 69.08
CA GLN MA 37 -22.63 -77.76 69.58
C GLN MA 37 -21.65 -78.92 69.72
N LEU MA 38 -20.82 -79.18 68.72
CA LEU MA 38 -19.87 -80.29 68.85
C LEU MA 38 -18.83 -80.06 69.95
N THR MA 39 -18.43 -78.80 70.19
CA THR MA 39 -17.51 -78.49 71.29
C THR MA 39 -18.15 -78.82 72.63
N HIS MA 40 -19.44 -78.53 72.79
CA HIS MA 40 -20.12 -79.06 73.98
C HIS MA 40 -20.33 -80.57 73.90
N TRP MA 41 -20.52 -81.12 72.70
CA TRP MA 41 -20.79 -82.54 72.54
C TRP MA 41 -19.66 -83.38 73.10
N GLN MA 42 -18.42 -83.02 72.74
CA GLN MA 42 -17.27 -83.68 73.34
C GLN MA 42 -17.19 -83.42 74.84
N GLN MA 43 -17.62 -82.24 75.27
CA GLN MA 43 -17.71 -81.92 76.70
C GLN MA 43 -18.81 -82.69 77.43
N GLN MA 44 -19.82 -83.23 76.74
CA GLN MA 44 -21.03 -83.66 77.42
C GLN MA 44 -20.76 -84.58 78.61
N GLN MA 45 -19.70 -85.39 78.56
CA GLN MA 45 -19.39 -86.24 79.70
C GLN MA 45 -19.15 -85.40 80.95
N GLU MA 46 -18.45 -84.27 80.80
CA GLU MA 46 -18.32 -83.31 81.88
C GLU MA 46 -19.60 -82.49 82.08
N ALA MA 47 -20.27 -82.11 80.99
CA ALA MA 47 -21.33 -81.12 81.03
C ALA MA 47 -22.56 -81.61 80.27
N PRO MA 48 -23.35 -82.50 80.88
CA PRO MA 48 -24.69 -82.79 80.36
C PRO MA 48 -25.75 -81.78 80.80
N GLU MA 49 -25.40 -80.90 81.75
CA GLU MA 49 -26.40 -80.22 82.56
C GLU MA 49 -27.40 -79.43 81.72
N ASP MA 50 -26.92 -78.70 80.72
CA ASP MA 50 -27.80 -77.88 79.89
C ASP MA 50 -28.79 -78.71 79.09
N LEU MA 51 -28.34 -79.79 78.44
CA LEU MA 51 -29.26 -80.61 77.67
C LEU MA 51 -30.27 -81.33 78.57
N LEU MA 52 -29.82 -81.83 79.71
CA LEU MA 52 -30.72 -82.49 80.66
C LEU MA 52 -31.81 -81.55 81.16
N GLU MA 53 -31.41 -80.36 81.62
CA GLU MA 53 -32.37 -79.39 82.14
C GLU MA 53 -33.26 -78.79 81.05
N ARG MA 54 -32.75 -78.65 79.83
CA ARG MA 54 -33.62 -78.23 78.73
C ARG MA 54 -34.76 -79.20 78.50
N LEU MA 55 -34.46 -80.50 78.41
CA LEU MA 55 -35.50 -81.51 78.22
C LEU MA 55 -36.52 -81.51 79.36
N LEU MA 56 -36.04 -81.51 80.60
CA LEU MA 56 -36.95 -81.48 81.75
C LEU MA 56 -37.73 -80.16 81.87
N GLY MA 57 -37.15 -79.07 81.39
CA GLY MA 57 -37.93 -77.84 81.24
C GLY MA 57 -39.10 -78.01 80.28
N GLU MA 58 -38.85 -78.64 79.14
CA GLU MA 58 -39.92 -78.97 78.20
C GLU MA 58 -40.96 -79.89 78.84
N MET MA 59 -40.50 -80.81 79.68
CA MET MA 59 -41.41 -81.69 80.42
C MET MA 59 -42.26 -80.93 81.43
N GLU MA 60 -41.70 -79.90 82.06
CA GLU MA 60 -42.50 -79.01 82.91
C GLU MA 60 -43.50 -78.19 82.09
N LEU MA 61 -43.11 -77.71 80.91
CA LEU MA 61 -44.05 -77.01 80.04
C LEU MA 61 -45.19 -77.91 79.59
N GLU MA 62 -44.91 -79.18 79.29
CA GLU MA 62 -45.97 -80.14 79.02
C GLU MA 62 -46.86 -80.35 80.25
N LEU MA 63 -46.25 -80.62 81.40
CA LEU MA 63 -46.98 -80.97 82.61
C LEU MA 63 -47.94 -79.88 83.07
N ILE MA 64 -47.61 -78.61 82.86
CA ILE MA 64 -48.58 -77.54 83.13
C ILE MA 64 -49.73 -77.60 82.14
N GLU MA 65 -49.50 -78.06 80.91
CA GLU MA 65 -50.62 -78.36 80.02
C GLU MA 65 -51.42 -79.55 80.56
N LEU MA 66 -50.76 -80.64 80.94
CA LEU MA 66 -51.47 -81.85 81.37
C LEU MA 66 -52.42 -81.57 82.54
N ARG MA 67 -51.99 -80.73 83.48
CA ARG MA 67 -52.88 -80.31 84.57
C ARG MA 67 -54.06 -79.48 84.10
N ARG MA 68 -53.84 -78.55 83.17
CA ARG MA 68 -54.97 -77.80 82.63
C ARG MA 68 -55.91 -78.66 81.79
N ALA MA 69 -55.37 -79.68 81.11
CA ALA MA 69 -56.22 -80.62 80.36
C ALA MA 69 -57.05 -81.49 81.29
N LEU MA 70 -56.49 -81.89 82.43
CA LEU MA 70 -57.29 -82.51 83.48
C LEU MA 70 -58.39 -81.59 83.99
N ALA MA 71 -58.08 -80.31 84.21
CA ALA MA 71 -59.11 -79.39 84.66
C ALA MA 71 -60.19 -79.17 83.61
N GLN MA 72 -59.82 -79.20 82.32
CA GLN MA 72 -60.81 -79.13 81.25
C GLN MA 72 -61.69 -80.38 81.18
N THR MA 73 -61.14 -81.55 81.50
CA THR MA 73 -61.96 -82.76 81.58
C THR MA 73 -62.93 -82.72 82.75
N ILE MA 74 -62.47 -82.31 83.93
CA ILE MA 74 -63.38 -82.19 85.07
C ILE MA 74 -64.48 -81.17 84.79
N ALA MA 75 -64.12 -80.04 84.17
CA ALA MA 75 -65.12 -79.04 83.82
C ALA MA 75 -66.17 -79.58 82.85
N THR MA 76 -65.73 -80.31 81.83
CA THR MA 76 -66.68 -80.92 80.88
C THR MA 76 -67.50 -82.04 81.52
N PHE MA 77 -66.93 -82.80 82.45
CA PHE MA 77 -67.68 -83.85 83.12
C PHE MA 77 -68.83 -83.30 83.95
N LYS MA 78 -68.56 -82.33 84.80
CA LYS MA 78 -69.59 -81.73 85.64
C LYS MA 78 -70.55 -80.84 84.86
N SER MA 79 -70.10 -80.24 83.75
CA SER MA 79 -71.06 -79.55 82.89
C SER MA 79 -72.06 -80.51 82.26
N THR MA 80 -71.62 -81.70 81.86
CA THR MA 80 -72.59 -82.72 81.44
C THR MA 80 -73.53 -83.06 82.58
N GLU MA 81 -73.01 -83.10 83.80
CA GLU MA 81 -73.84 -83.36 84.99
C GLU MA 81 -74.77 -82.19 85.29
N ARG MA 82 -74.33 -80.96 85.01
CA ARG MA 82 -75.21 -79.80 85.13
C ARG MA 82 -76.37 -79.89 84.13
N GLN MA 83 -76.13 -80.49 82.97
CA GLN MA 83 -77.20 -80.73 82.02
C GLN MA 83 -78.15 -81.80 82.54
N ARG MA 84 -77.62 -82.80 83.23
CA ARG MA 84 -78.46 -83.75 83.96
C ARG MA 84 -79.26 -83.06 85.06
N ASP MA 85 -78.63 -82.15 85.80
CA ASP MA 85 -79.34 -81.39 86.82
C ASP MA 85 -80.52 -80.62 86.24
N ALA MA 86 -80.37 -80.11 85.02
CA ALA MA 86 -81.49 -79.47 84.34
C ALA MA 86 -82.56 -80.48 83.92
N GLN MA 87 -82.14 -81.62 83.35
CA GLN MA 87 -83.11 -82.62 82.94
C GLN MA 87 -83.95 -83.11 84.12
N GLN MA 88 -83.30 -83.42 85.24
CA GLN MA 88 -84.01 -83.87 86.44
C GLN MA 88 -84.85 -82.75 87.04
N LEU MA 89 -84.43 -81.49 86.89
CA LEU MA 89 -85.26 -80.37 87.33
C LEU MA 89 -86.53 -80.25 86.50
N ILE MA 90 -86.45 -80.50 85.19
CA ILE MA 90 -87.65 -80.49 84.37
C ILE MA 90 -88.50 -81.73 84.65
N ALA MA 91 -87.88 -82.85 85.01
CA ALA MA 91 -88.64 -84.00 85.49
C ALA MA 91 -89.42 -83.67 86.76
N GLN MA 92 -88.80 -82.94 87.69
CA GLN MA 92 -89.52 -82.45 88.86
C GLN MA 92 -90.63 -81.49 88.47
N ARG MA 93 -90.38 -80.62 87.50
CA ARG MA 93 -91.42 -79.77 86.96
C ARG MA 93 -92.57 -80.57 86.37
N TRP MA 94 -92.28 -81.75 85.82
CA TRP MA 94 -93.33 -82.66 85.38
C TRP MA 94 -94.06 -83.33 86.54
N TYR MA 95 -93.37 -83.57 87.67
CA TYR MA 95 -94.09 -84.03 88.86
C TYR MA 95 -94.96 -82.94 89.45
N GLU MA 96 -94.50 -81.69 89.47
CA GLU MA 96 -95.33 -80.58 89.95
C GLU MA 96 -96.61 -80.46 89.12
N LYS MA 97 -96.48 -80.50 87.79
CA LYS MA 97 -97.65 -80.47 86.91
C LYS MA 97 -98.54 -81.69 87.12
N ALA MA 98 -97.96 -82.84 87.48
CA ALA MA 98 -98.78 -83.97 87.89
C ALA MA 98 -99.47 -83.71 89.23
N GLN MA 99 -98.77 -83.08 90.17
CA GLN MA 99 -99.34 -82.88 91.50
C GLN MA 99 -100.58 -82.00 91.45
N ALA MA 100 -100.63 -81.06 90.51
CA ALA MA 100 -101.82 -80.26 90.29
C ALA MA 100 -103.00 -81.07 89.79
N ALA MA 101 -102.78 -82.35 89.46
CA ALA MA 101 -103.86 -83.27 89.10
C ALA MA 101 -103.80 -84.57 89.90
N LEU MA 102 -102.91 -84.67 90.88
CA LEU MA 102 -102.77 -85.89 91.66
C LEU MA 102 -103.61 -85.89 92.92
N ASP MA 103 -104.38 -84.83 93.14
CA ASP MA 103 -105.43 -84.80 94.16
C ASP MA 103 -106.80 -84.88 93.50
N ARG MA 104 -107.80 -85.22 94.30
CA ARG MA 104 -109.21 -85.30 93.89
C ARG MA 104 -109.47 -86.44 92.91
N GLY MA 105 -108.49 -87.32 92.68
CA GLY MA 105 -108.66 -88.36 91.69
C GLY MA 105 -108.63 -87.88 90.25
N ASN MA 106 -108.15 -86.66 90.02
CA ASN MA 106 -108.08 -86.07 88.69
C ASN MA 106 -106.78 -86.41 87.97
N GLU MA 107 -106.13 -87.51 88.35
CA GLU MA 107 -104.81 -87.89 87.87
C GLU MA 107 -104.76 -88.16 86.37
N GLN MA 108 -105.88 -88.03 85.67
CA GLN MA 108 -105.92 -88.21 84.22
C GLN MA 108 -104.76 -87.53 83.51
N LEU MA 109 -104.52 -86.24 83.80
CA LEU MA 109 -103.44 -85.52 83.13
C LEU MA 109 -102.07 -86.04 83.54
N ALA MA 110 -101.96 -86.73 84.67
CA ALA MA 110 -100.70 -87.34 85.05
C ALA MA 110 -100.25 -88.38 84.02
N ARG MA 111 -101.19 -88.93 83.24
CA ARG MA 111 -100.82 -89.87 82.20
C ARG MA 111 -99.83 -89.25 81.23
N GLU MA 112 -100.18 -88.07 80.67
CA GLU MA 112 -99.26 -87.37 79.78
C GLU MA 112 -98.05 -86.80 80.51
N ALA MA 113 -98.25 -86.22 81.70
CA ALA MA 113 -97.15 -85.57 82.40
C ALA MA 113 -96.04 -86.55 82.77
N LEU MA 114 -96.40 -87.70 83.33
CA LEU MA 114 -95.43 -88.77 83.57
C LEU MA 114 -95.00 -89.48 82.30
N GLY MA 115 -95.85 -89.49 81.26
CA GLY MA 115 -95.40 -89.98 79.98
C GLY MA 115 -94.24 -89.20 79.40
N GLN MA 116 -94.27 -87.88 79.54
CA GLN MA 116 -93.08 -87.07 79.23
C GLN MA 116 -91.94 -87.35 80.20
N ARG MA 117 -92.22 -87.37 81.50
CA ARG MA 117 -91.14 -87.58 82.46
C ARG MA 117 -90.40 -88.88 82.22
N GLN MA 118 -91.06 -89.91 81.69
CA GLN MA 118 -90.37 -91.15 81.36
C GLN MA 118 -89.23 -90.92 80.37
N SER MA 119 -89.47 -90.15 79.32
CA SER MA 119 -88.39 -89.78 78.41
C SER MA 119 -87.35 -88.88 79.07
N TYR MA 120 -87.75 -88.02 79.99
CA TYR MA 120 -86.78 -87.17 80.69
C TYR MA 120 -85.91 -87.98 81.65
N GLN MA 121 -86.50 -88.99 82.32
CA GLN MA 121 -85.71 -89.88 83.16
C GLN MA 121 -84.73 -90.72 82.35
N SER MA 122 -85.11 -91.13 81.13
CA SER MA 122 -84.19 -91.92 80.32
C SER MA 122 -82.94 -91.12 79.95
N HIS MA 123 -83.12 -89.86 79.54
CA HIS MA 123 -81.96 -89.01 79.28
C HIS MA 123 -81.20 -88.68 80.57
N THR MA 124 -81.91 -88.52 81.69
CA THR MA 124 -81.24 -88.25 82.96
C THR MA 124 -80.34 -89.40 83.37
N GLU MA 125 -80.79 -90.65 83.18
CA GLU MA 125 -79.99 -91.79 83.58
C GLU MA 125 -78.96 -92.18 82.54
N ALA MA 126 -79.20 -91.85 81.27
CA ALA MA 126 -78.14 -91.90 80.27
C ALA MA 126 -77.00 -90.96 80.62
N LEU MA 127 -77.34 -89.72 81.01
CA LEU MA 127 -76.34 -88.80 81.50
C LEU MA 127 -75.67 -89.32 82.76
N GLY MA 128 -76.46 -89.80 83.73
CA GLY MA 128 -75.90 -90.28 84.97
C GLY MA 128 -74.93 -91.44 84.83
N LYS MA 129 -75.16 -92.31 83.84
CA LYS MA 129 -74.26 -93.44 83.62
C LYS MA 129 -73.10 -93.12 82.70
N SER MA 130 -73.28 -92.20 81.75
CA SER MA 130 -72.13 -91.57 81.09
C SER MA 130 -71.23 -90.91 82.13
N LEU MA 131 -71.83 -90.19 83.07
CA LEU MA 131 -71.14 -89.51 84.16
C LEU MA 131 -70.56 -90.49 85.18
N GLY MA 132 -70.91 -91.77 85.11
CA GLY MA 132 -70.23 -92.79 85.86
C GLY MA 132 -68.92 -93.18 85.21
N GLU MA 133 -68.91 -93.25 83.88
CA GLU MA 133 -67.66 -93.48 83.17
C GLU MA 133 -66.76 -92.25 83.26
N GLN MA 134 -67.33 -91.07 83.04
CA GLN MA 134 -66.58 -89.83 83.18
C GLN MA 134 -66.02 -89.64 84.58
N ARG MA 135 -66.71 -90.15 85.60
CA ARG MA 135 -66.13 -90.24 86.94
C ARG MA 135 -64.87 -91.08 86.93
N ALA MA 136 -64.97 -92.33 86.49
CA ALA MA 136 -63.81 -93.21 86.45
C ALA MA 136 -62.68 -92.63 85.60
N LEU MA 137 -63.01 -91.87 84.57
CA LEU MA 137 -61.99 -91.18 83.78
C LEU MA 137 -61.25 -90.11 84.59
N VAL MA 138 -61.99 -89.25 85.29
CA VAL MA 138 -61.32 -88.23 86.10
C VAL MA 138 -60.56 -88.83 87.27
N GLU MA 139 -61.04 -89.94 87.83
CA GLU MA 139 -60.29 -90.62 88.89
C GLU MA 139 -59.00 -91.24 88.35
N GLN MA 140 -59.10 -92.00 87.26
CA GLN MA 140 -57.92 -92.69 86.73
C GLN MA 140 -56.91 -91.69 86.17
N VAL MA 141 -57.37 -90.61 85.55
CA VAL MA 141 -56.45 -89.59 85.05
C VAL MA 141 -55.79 -88.84 86.20
N ARG MA 142 -56.49 -88.64 87.31
CA ARG MA 142 -55.87 -88.05 88.49
C ARG MA 142 -54.81 -88.98 89.09
N GLY MA 143 -55.08 -90.29 89.14
CA GLY MA 143 -54.08 -91.21 89.64
C GLY MA 143 -52.90 -91.35 88.69
N GLN MA 144 -53.17 -91.35 87.39
CA GLN MA 144 -52.10 -91.36 86.39
C GLN MA 144 -51.19 -90.15 86.56
N LEU MA 145 -51.78 -88.96 86.65
CA LEU MA 145 -51.00 -87.74 86.87
C LEU MA 145 -50.22 -87.79 88.16
N GLN MA 146 -50.89 -88.10 89.28
CA GLN MA 146 -50.21 -88.00 90.57
C GLN MA 146 -49.05 -88.99 90.69
N LYS MA 147 -49.16 -90.18 90.09
CA LYS MA 147 -48.02 -91.07 89.97
C LYS MA 147 -46.93 -90.47 89.09
N LEU MA 148 -47.31 -89.95 87.92
CA LEU MA 148 -46.33 -89.49 86.94
C LEU MA 148 -45.58 -88.25 87.43
N GLU MA 149 -46.30 -87.25 87.93
CA GLU MA 149 -45.69 -86.01 88.37
C GLU MA 149 -44.89 -86.19 89.65
N ARG MA 150 -45.32 -87.10 90.54
CA ARG MA 150 -44.50 -87.45 91.68
C ARG MA 150 -43.22 -88.14 91.24
N LYS MA 151 -43.30 -88.95 90.17
CA LYS MA 151 -42.09 -89.55 89.61
C LYS MA 151 -41.18 -88.49 89.00
N TYR MA 152 -41.77 -87.47 88.36
CA TYR MA 152 -40.99 -86.33 87.88
C TYR MA 152 -40.32 -85.57 89.02
N LEU MA 153 -41.02 -85.37 90.14
CA LEU MA 153 -40.41 -84.73 91.31
C LEU MA 153 -39.22 -85.52 91.84
N GLU MA 154 -39.41 -86.82 92.06
CA GLU MA 154 -38.31 -87.67 92.51
C GLU MA 154 -37.20 -87.79 91.48
N LEU MA 155 -37.55 -87.74 90.20
CA LEU MA 155 -36.54 -87.72 89.13
C LEU MA 155 -35.77 -86.40 89.11
N LYS MA 156 -36.42 -85.28 89.42
CA LYS MA 156 -35.69 -84.04 89.64
C LYS MA 156 -34.70 -84.17 90.80
N SER MA 157 -35.15 -84.77 91.90
CA SER MA 157 -34.25 -85.01 93.03
C SER MA 157 -33.04 -85.84 92.59
N GLN MA 158 -33.30 -86.94 91.89
CA GLN MA 158 -32.21 -87.78 91.37
C GLN MA 158 -31.29 -87.02 90.42
N LYS MA 159 -31.84 -86.20 89.52
CA LYS MA 159 -30.99 -85.45 88.59
C LYS MA 159 -30.06 -84.50 89.33
N ASN MA 160 -30.60 -83.75 90.30
CA ASN MA 160 -29.76 -82.86 91.09
C ASN MA 160 -28.63 -83.65 91.75
N LEU MA 161 -28.96 -84.80 92.35
CA LEU MA 161 -27.98 -85.68 92.95
C LEU MA 161 -27.07 -86.33 91.92
N TYR MA 162 -27.52 -86.46 90.68
CA TYR MA 162 -26.69 -87.04 89.63
C TYR MA 162 -25.66 -86.05 89.09
N LEU MA 163 -26.03 -84.78 88.97
CA LEU MA 163 -25.06 -83.75 88.63
C LEU MA 163 -24.00 -83.58 89.71
N ALA MA 164 -24.41 -83.67 90.98
CA ALA MA 164 -23.44 -83.68 92.08
C ALA MA 164 -22.53 -84.89 92.01
N ARG MA 165 -23.10 -86.08 91.85
CA ARG MA 165 -22.29 -87.29 91.68
C ARG MA 165 -21.31 -87.15 90.52
N LEU MA 166 -21.79 -86.69 89.37
CA LEU MA 166 -20.95 -86.57 88.18
C LEU MA 166 -19.78 -85.61 88.40
N LYS MA 167 -20.06 -84.40 88.90
CA LYS MA 167 -18.99 -83.46 89.20
C LYS MA 167 -18.02 -84.00 90.24
N SER MA 168 -18.53 -84.75 91.22
CA SER MA 168 -17.66 -85.32 92.24
C SER MA 168 -16.76 -86.41 91.67
N ALA MA 169 -17.32 -87.27 90.82
CA ALA MA 169 -16.52 -88.28 90.12
C ALA MA 169 -15.46 -87.61 89.24
N ILE MA 170 -15.85 -86.58 88.50
CA ILE MA 170 -14.90 -85.85 87.65
C ILE MA 170 -13.73 -85.33 88.48
N ALA MA 171 -14.04 -84.70 89.62
CA ALA MA 171 -13.01 -84.22 90.54
C ALA MA 171 -12.12 -85.37 91.01
N ALA MA 172 -12.72 -86.49 91.39
CA ALA MA 172 -11.96 -87.67 91.82
C ALA MA 172 -11.03 -88.15 90.72
N GLN MA 173 -11.54 -88.25 89.50
CA GLN MA 173 -10.70 -88.60 88.35
C GLN MA 173 -9.51 -87.66 88.22
N LYS MA 174 -9.74 -86.37 88.44
CA LYS MA 174 -8.65 -85.40 88.35
C LYS MA 174 -7.62 -85.57 89.46
N ILE MA 175 -8.05 -85.91 90.69
CA ILE MA 175 -7.08 -86.21 91.75
C ILE MA 175 -6.27 -87.47 91.45
N GLU MA 176 -6.92 -88.55 91.04
CA GLU MA 176 -6.16 -89.76 90.72
C GLU MA 176 -5.16 -89.54 89.59
N GLU MA 177 -5.62 -88.96 88.48
CA GLU MA 177 -4.73 -88.79 87.33
C GLU MA 177 -3.61 -87.79 87.59
N ILE MA 178 -3.90 -86.68 88.27
CA ILE MA 178 -2.85 -85.71 88.62
C ILE MA 178 -1.94 -86.26 89.71
N ALA MA 179 -2.49 -87.04 90.64
CA ALA MA 179 -1.67 -87.72 91.65
C ALA MA 179 -0.77 -88.79 91.02
N GLY MA 180 -1.30 -89.56 90.07
CA GLY MA 180 -0.47 -90.53 89.39
C GLY MA 180 0.66 -89.90 88.59
N ASN MA 181 0.39 -88.79 87.92
CA ASN MA 181 1.48 -88.05 87.27
C ASN MA 181 2.41 -87.39 88.28
N LEU MA 182 1.88 -86.95 89.41
CA LEU MA 182 2.72 -86.29 90.41
C LEU MA 182 3.69 -87.29 91.05
N ASP MA 183 3.16 -88.43 91.50
CA ASP MA 183 4.02 -89.42 92.16
C ASP MA 183 4.92 -90.10 91.15
N ASN MA 184 4.35 -90.62 90.06
CA ASN MA 184 5.13 -91.44 89.15
C ASN MA 184 6.11 -90.60 88.33
N ALA MA 185 5.63 -89.55 87.66
CA ALA MA 185 6.51 -88.74 86.83
C ALA MA 185 7.42 -87.83 87.67
N SER MA 186 6.82 -87.06 88.59
CA SER MA 186 7.59 -86.05 89.32
C SER MA 186 8.54 -86.69 90.32
N ALA MA 187 8.04 -87.63 91.12
CA ALA MA 187 8.83 -88.17 92.22
C ALA MA 187 10.00 -89.00 91.71
N SER MA 188 9.80 -89.80 90.67
CA SER MA 188 10.93 -90.52 90.08
C SER MA 188 11.95 -89.54 89.51
N SER MA 189 11.48 -88.43 88.95
CA SER MA 189 12.39 -87.39 88.48
C SER MA 189 13.16 -86.77 89.65
N LEU MA 190 12.52 -86.65 90.82
CA LEU MA 190 13.21 -86.08 91.97
C LEU MA 190 14.24 -87.06 92.53
N PHE MA 191 13.84 -88.30 92.76
CA PHE MA 191 14.72 -89.24 93.46
C PHE MA 191 15.87 -89.67 92.56
N GLU MA 192 15.57 -90.13 91.36
CA GLU MA 192 16.62 -90.64 90.48
C GLU MA 192 17.55 -89.55 89.93
N ARG MA 193 17.04 -88.35 89.64
CA ARG MA 193 17.92 -87.24 89.26
C ARG MA 193 18.72 -86.66 90.43
N ILE MA 194 18.16 -86.61 91.63
CA ILE MA 194 18.94 -86.16 92.78
C ILE MA 194 19.99 -87.18 93.17
N GLU MA 195 19.62 -88.46 93.14
CA GLU MA 195 20.57 -89.52 93.46
C GLU MA 195 21.74 -89.54 92.48
N THR MA 196 21.45 -89.52 91.17
CA THR MA 196 22.53 -89.53 90.18
C THR MA 196 23.43 -88.30 90.30
N LYS MA 197 22.84 -87.15 90.62
CA LYS MA 197 23.66 -85.96 90.86
C LYS MA 197 24.49 -86.10 92.14
N ILE MA 198 23.94 -86.77 93.14
CA ILE MA 198 24.71 -87.05 94.36
C ILE MA 198 25.87 -87.97 94.05
N LEU MA 199 25.62 -89.01 93.25
CA LEU MA 199 26.68 -89.92 92.82
C LEU MA 199 27.77 -89.18 92.06
N GLU MA 200 27.40 -88.18 91.27
CA GLU MA 200 28.38 -87.37 90.57
C GLU MA 200 29.24 -86.60 91.57
N LEU MA 201 28.60 -86.08 92.63
CA LEU MA 201 29.35 -85.44 93.70
C LEU MA 201 30.22 -86.44 94.45
N GLU MA 202 29.75 -87.69 94.58
CA GLU MA 202 30.50 -88.73 95.27
C GLU MA 202 31.70 -89.23 94.46
N ALA MA 203 31.60 -89.22 93.13
CA ALA MA 203 32.75 -89.52 92.30
C ALA MA 203 33.88 -88.52 92.50
N GLU MA 204 33.55 -87.25 92.74
CA GLU MA 204 34.56 -86.30 93.16
C GLU MA 204 34.95 -86.47 94.64
N ARG MA 205 34.06 -86.96 95.48
CA ARG MA 205 34.45 -87.27 96.86
C ARG MA 205 35.54 -88.33 96.89
N GLU MA 206 35.36 -89.43 96.16
CA GLU MA 206 36.34 -90.51 96.13
C GLU MA 206 37.59 -90.13 95.35
N LEU MA 207 37.59 -89.00 94.63
CA LEU MA 207 38.83 -88.46 94.10
C LEU MA 207 39.56 -87.61 95.13
N LEU MA 208 38.83 -86.89 95.98
CA LEU MA 208 39.43 -86.05 97.00
C LEU MA 208 39.70 -86.78 98.32
N ASN MA 209 39.14 -87.98 98.49
CA ASN MA 209 39.05 -88.60 99.81
C ASN MA 209 39.19 -90.11 99.68
N PRO MA 210 40.17 -90.73 100.32
CA PRO MA 210 40.26 -92.18 100.28
C PRO MA 210 39.04 -92.81 100.92
N PRO MA 211 38.60 -93.97 100.44
CA PRO MA 211 37.49 -94.67 101.10
C PRO MA 211 37.76 -94.86 102.58
N PRO MA 212 36.89 -94.33 103.46
CA PRO MA 212 37.11 -94.51 104.89
C PRO MA 212 36.82 -95.93 105.36
N SER MA 213 37.77 -96.84 105.14
CA SER MA 213 37.62 -98.23 105.52
C SER MA 213 37.53 -98.36 107.04
N PRO MA 214 37.13 -99.50 107.57
CA PRO MA 214 37.15 -99.68 109.04
C PRO MA 214 38.55 -99.56 109.63
N LEU MA 215 39.60 -99.75 108.83
CA LEU MA 215 40.95 -99.76 109.38
C LEU MA 215 41.37 -98.36 109.83
N ASP MA 216 41.40 -97.41 108.90
CA ASP MA 216 41.76 -96.05 109.25
C ASP MA 216 40.80 -95.46 110.28
N LYS MA 217 39.53 -95.86 110.24
CA LYS MA 217 38.58 -95.39 111.24
C LYS MA 217 38.99 -95.83 112.65
N LYS MA 218 39.40 -97.09 112.81
CA LYS MA 218 39.83 -97.57 114.11
C LYS MA 218 41.11 -96.87 114.56
N PHE MA 219 42.03 -96.61 113.62
CA PHE MA 219 43.25 -95.88 113.95
C PHE MA 219 42.95 -94.46 114.44
N GLU MA 220 42.01 -93.77 113.80
CA GLU MA 220 41.63 -92.43 114.24
C GLU MA 220 40.99 -92.48 115.63
N GLN MA 221 40.17 -93.50 115.89
CA GLN MA 221 39.57 -93.65 117.20
C GLN MA 221 40.65 -93.87 118.26
N TRP MA 222 41.64 -94.71 117.96
CA TRP MA 222 42.76 -94.92 118.88
C TRP MA 222 43.56 -93.65 119.07
N GLU MA 223 43.65 -92.79 118.04
CA GLU MA 223 44.34 -91.52 118.21
C GLU MA 223 43.66 -90.65 119.24
N GLU MA 224 42.31 -90.58 119.19
CA GLU MA 224 41.58 -89.86 120.21
C GLU MA 224 41.79 -90.50 121.58
N GLN MA 225 41.80 -91.83 121.62
CA GLN MA 225 42.04 -92.55 122.87
C GLN MA 225 43.41 -92.20 123.44
N GLN MA 226 44.42 -92.07 122.57
CA GLN MA 226 45.77 -91.76 123.03
C GLN MA 226 45.90 -90.31 123.46
N ALA MA 227 45.13 -89.40 122.86
CA ALA MA 227 45.10 -88.02 123.33
C ALA MA 227 44.57 -87.95 124.76
N VAL MA 228 43.47 -88.62 125.03
CA VAL MA 228 42.92 -88.63 126.38
C VAL MA 228 43.84 -89.40 127.33
N GLU MA 229 44.54 -90.42 126.84
CA GLU MA 229 45.48 -91.11 127.71
C GLU MA 229 46.65 -90.20 128.08
N ALA MA 230 47.03 -89.28 127.19
CA ALA MA 230 48.06 -88.29 127.53
C ALA MA 230 47.55 -87.26 128.53
N THR MA 231 46.29 -86.83 128.41
CA THR MA 231 45.71 -85.96 129.42
C THR MA 231 45.66 -86.65 130.78
N LEU MA 232 45.30 -87.94 130.80
CA LEU MA 232 45.31 -88.69 132.04
C LEU MA 232 46.71 -88.75 132.63
N ALA MA 233 47.73 -88.90 131.78
CA ALA MA 233 49.10 -88.92 132.27
C ALA MA 233 49.46 -87.60 132.94
N ALA MA 234 49.09 -86.49 132.32
CA ALA MA 234 49.29 -85.19 132.95
C ALA MA 234 48.53 -85.09 134.27
N MET MA 235 47.29 -85.58 134.30
CA MET MA 235 46.50 -85.54 135.52
C MET MA 235 47.23 -86.24 136.66
N LYS MA 236 47.68 -87.48 136.44
CA LYS MA 236 48.27 -88.26 137.53
C LYS MA 236 49.71 -87.85 137.82
N ALA MA 237 50.36 -87.15 136.88
CA ALA MA 237 51.68 -86.60 137.16
C ALA MA 237 51.58 -85.37 138.07
N ARG MA 238 50.57 -84.51 137.82
CA ARG MA 238 50.30 -83.43 138.75
C ARG MA 238 49.85 -83.98 140.11
N ARG MA 239 49.08 -85.07 140.09
CA ARG MA 239 48.63 -85.70 141.33
C ARG MA 239 49.76 -86.40 142.08
N SER MA 240 50.87 -86.75 141.42
CA SER MA 240 51.96 -87.44 142.09
C SER MA 240 52.44 -86.65 143.31
N MET NA 24 -94.79 -24.54 -15.08
CA MET NA 24 -94.17 -23.59 -16.00
C MET NA 24 -93.86 -22.28 -15.28
N GLU NA 25 -92.69 -21.69 -15.58
CA GLU NA 25 -92.35 -20.41 -14.97
C GLU NA 25 -93.32 -19.32 -15.41
N LEU NA 26 -93.76 -19.37 -16.67
CA LEU NA 26 -94.78 -18.43 -17.14
C LEU NA 26 -96.04 -18.56 -16.29
N PHE NA 27 -96.49 -19.79 -16.07
CA PHE NA 27 -97.67 -20.02 -15.25
C PHE NA 27 -97.52 -19.43 -13.87
N ASN NA 28 -96.38 -19.68 -13.21
CA ASN NA 28 -96.11 -19.10 -11.89
C ASN NA 28 -96.15 -17.57 -11.92
N ARG NA 29 -95.52 -16.96 -12.92
CA ARG NA 29 -95.61 -15.51 -13.08
C ARG NA 29 -97.06 -15.03 -13.18
N VAL NA 30 -97.86 -15.70 -14.01
CA VAL NA 30 -99.28 -15.37 -14.16
C VAL NA 30 -100.09 -15.74 -12.92
N GLY NA 31 -99.53 -16.58 -12.04
CA GLY NA 31 -100.28 -17.11 -10.92
C GLY NA 31 -100.94 -16.07 -10.03
N ARG NA 32 -100.26 -14.99 -9.68
CA ARG NA 32 -100.91 -14.00 -8.82
C ARG NA 32 -102.22 -13.50 -9.41
N VAL NA 33 -102.19 -13.07 -10.67
CA VAL NA 33 -103.36 -12.52 -11.34
C VAL NA 33 -104.40 -13.60 -11.67
N LEU NA 34 -103.97 -14.75 -12.17
CA LEU NA 34 -104.92 -15.79 -12.53
C LEU NA 34 -105.52 -16.45 -11.29
N LYS NA 35 -104.69 -16.87 -10.35
CA LYS NA 35 -105.16 -17.56 -9.15
C LYS NA 35 -105.98 -16.66 -8.24
N SER NA 36 -105.76 -15.33 -8.23
CA SER NA 36 -106.70 -14.48 -7.49
C SER NA 36 -108.10 -14.56 -8.07
N GLN NA 37 -108.21 -14.46 -9.39
CA GLN NA 37 -109.49 -14.65 -10.06
C GLN NA 37 -110.06 -16.03 -9.81
N LEU NA 38 -109.26 -17.09 -9.95
CA LEU NA 38 -109.80 -18.43 -9.71
C LEU NA 38 -110.21 -18.65 -8.26
N THR NA 39 -109.52 -18.04 -7.29
CA THR NA 39 -109.92 -18.12 -5.89
C THR NA 39 -111.29 -17.49 -5.67
N HIS NA 40 -111.55 -16.36 -6.33
CA HIS NA 40 -112.93 -15.87 -6.33
C HIS NA 40 -113.85 -16.74 -7.18
N TRP NA 41 -113.34 -17.34 -8.24
CA TRP NA 41 -114.17 -18.13 -9.15
C TRP NA 41 -114.81 -19.29 -8.41
N GLN NA 42 -114.02 -20.03 -7.62
CA GLN NA 42 -114.58 -21.06 -6.78
C GLN NA 42 -115.52 -20.49 -5.72
N GLN NA 43 -115.23 -19.28 -5.25
CA GLN NA 43 -116.12 -18.57 -4.33
C GLN NA 43 -117.41 -18.09 -4.98
N GLN NA 44 -117.48 -17.97 -6.31
CA GLN NA 44 -118.57 -17.20 -6.92
C GLN NA 44 -119.95 -17.62 -6.44
N GLN NA 45 -120.14 -18.90 -6.10
CA GLN NA 45 -121.44 -19.32 -5.58
C GLN NA 45 -121.80 -18.56 -4.31
N GLU NA 46 -120.81 -18.34 -3.44
CA GLU NA 46 -120.99 -17.47 -2.29
C GLU NA 46 -120.96 -15.99 -2.68
N ALA NA 47 -120.08 -15.62 -3.61
CA ALA NA 47 -119.77 -14.21 -3.88
C ALA NA 47 -119.82 -13.92 -5.38
N PRO NA 48 -121.02 -13.77 -5.94
CA PRO NA 48 -121.14 -13.20 -7.29
C PRO NA 48 -121.12 -11.68 -7.30
N GLU NA 49 -121.21 -11.05 -6.13
CA GLU NA 49 -121.64 -9.66 -6.03
C GLU NA 49 -120.77 -8.71 -6.86
N ASP NA 50 -119.46 -8.88 -6.80
CA ASP NA 50 -118.56 -7.97 -7.54
C ASP NA 50 -118.72 -8.09 -9.05
N LEU NA 51 -118.79 -9.31 -9.58
CA LEU NA 51 -118.96 -9.46 -11.02
C LEU NA 51 -120.32 -8.95 -11.50
N LEU NA 52 -121.37 -9.24 -10.74
CA LEU NA 52 -122.70 -8.76 -11.08
C LEU NA 52 -122.78 -7.24 -11.12
N GLU NA 53 -122.29 -6.59 -10.05
CA GLU NA 53 -122.33 -5.13 -9.97
C GLU NA 53 -121.37 -4.46 -10.95
N ARG NA 54 -120.25 -5.10 -11.28
CA ARG NA 54 -119.38 -4.57 -12.32
C ARG NA 54 -120.10 -4.48 -13.66
N LEU NA 55 -120.75 -5.57 -14.07
CA LEU NA 55 -121.49 -5.57 -15.34
C LEU NA 55 -122.60 -4.53 -15.35
N LEU NA 56 -123.41 -4.46 -14.30
CA LEU NA 56 -124.48 -3.47 -14.23
C LEU NA 56 -123.95 -2.04 -14.10
N GLY NA 57 -122.77 -1.86 -13.52
CA GLY NA 57 -122.11 -0.57 -13.60
C GLY NA 57 -121.78 -0.17 -15.03
N GLU NA 58 -121.26 -1.11 -15.81
CA GLU NA 58 -121.03 -0.87 -17.24
C GLU NA 58 -122.33 -0.56 -17.96
N MET NA 59 -123.42 -1.22 -17.56
CA MET NA 59 -124.73 -0.95 -18.13
C MET NA 59 -125.24 0.45 -17.78
N GLU NA 60 -124.94 0.93 -16.58
CA GLU NA 60 -125.23 2.33 -16.23
C GLU NA 60 -124.37 3.31 -17.03
N LEU NA 61 -123.09 2.99 -17.26
CA LEU NA 61 -122.24 3.83 -18.11
C LEU NA 61 -122.75 3.88 -19.54
N GLU NA 62 -123.24 2.76 -20.07
CA GLU NA 62 -123.89 2.79 -21.38
C GLU NA 62 -125.16 3.64 -21.35
N LEU NA 63 -126.04 3.40 -20.37
CA LEU NA 63 -127.35 4.04 -20.31
C LEU NA 63 -127.27 5.56 -20.21
N ILE NA 64 -126.23 6.10 -19.55
CA ILE NA 64 -126.02 7.54 -19.58
C ILE NA 64 -125.60 8.01 -20.99
N GLU NA 65 -124.91 7.16 -21.74
CA GLU NA 65 -124.73 7.46 -23.16
C GLU NA 65 -126.05 7.41 -23.92
N LEU NA 66 -126.85 6.34 -23.73
CA LEU NA 66 -128.09 6.18 -24.48
C LEU NA 66 -129.03 7.37 -24.30
N ARG NA 67 -129.11 7.92 -23.09
CA ARG NA 67 -129.90 9.14 -22.87
C ARG NA 67 -129.32 10.36 -23.59
N ARG NA 68 -128.00 10.53 -23.58
CA ARG NA 68 -127.42 11.64 -24.34
C ARG NA 68 -127.57 11.45 -25.85
N ALA NA 69 -127.55 10.22 -26.34
CA ALA NA 69 -127.78 9.95 -27.76
C ALA NA 69 -129.23 10.24 -28.15
N LEU NA 70 -130.18 9.93 -27.28
CA LEU NA 70 -131.55 10.40 -27.46
C LEU NA 70 -131.63 11.92 -27.52
N ALA NA 71 -130.94 12.62 -26.62
CA ALA NA 71 -130.95 14.07 -26.65
C ALA NA 71 -130.31 14.63 -27.91
N GLN NA 72 -129.28 13.96 -28.43
CA GLN NA 72 -128.69 14.36 -29.70
C GLN NA 72 -129.63 14.12 -30.88
N THR NA 73 -130.45 13.07 -30.83
CA THR NA 73 -131.45 12.87 -31.87
C THR NA 73 -132.55 13.92 -31.83
N ILE NA 74 -133.06 14.24 -30.63
CA ILE NA 74 -134.07 15.29 -30.52
C ILE NA 74 -133.51 16.63 -30.99
N ALA NA 75 -132.27 16.93 -30.62
CA ALA NA 75 -131.64 18.18 -31.07
C ALA NA 75 -131.51 18.24 -32.59
N THR NA 76 -131.09 17.15 -33.22
CA THR NA 76 -131.00 17.11 -34.68
C THR NA 76 -132.37 17.15 -35.36
N PHE NA 77 -133.39 16.54 -34.75
CA PHE NA 77 -134.73 16.56 -35.33
C PHE NA 77 -135.30 17.98 -35.39
N LYS NA 78 -135.27 18.69 -34.26
CA LYS NA 78 -135.79 20.05 -34.21
C LYS NA 78 -134.89 21.05 -34.93
N SER NA 79 -133.59 20.81 -35.03
CA SER NA 79 -132.75 21.65 -35.88
C SER NA 79 -133.13 21.52 -37.35
N THR NA 80 -133.46 20.31 -37.81
CA THR NA 80 -134.01 20.17 -39.15
C THR NA 80 -135.33 20.95 -39.27
N GLU NA 81 -136.13 20.94 -38.21
CA GLU NA 81 -137.37 21.71 -38.20
C GLU NA 81 -137.12 23.21 -38.13
N ARG NA 82 -136.04 23.63 -37.47
CA ARG NA 82 -135.65 25.04 -37.49
C ARG NA 82 -135.24 25.46 -38.90
N GLN NA 83 -134.67 24.55 -39.68
CA GLN NA 83 -134.39 24.83 -41.08
C GLN NA 83 -135.68 24.95 -41.88
N ARG NA 84 -136.68 24.13 -41.55
CA ARG NA 84 -138.01 24.32 -42.10
C ARG NA 84 -138.62 25.66 -41.70
N ASP NA 85 -138.45 26.06 -40.44
CA ASP NA 85 -138.93 27.35 -39.99
C ASP NA 85 -138.31 28.49 -40.79
N ALA NA 86 -137.05 28.35 -41.19
CA ALA NA 86 -136.44 29.34 -42.07
C ALA NA 86 -137.01 29.27 -43.49
N GLN NA 87 -137.18 28.07 -44.04
CA GLN NA 87 -137.74 27.96 -45.38
C GLN NA 87 -139.13 28.57 -45.47
N GLN NA 88 -139.99 28.26 -44.48
CA GLN NA 88 -141.34 28.83 -44.46
C GLN NA 88 -141.32 30.33 -44.20
N LEU NA 89 -140.33 30.81 -43.45
CA LEU NA 89 -140.18 32.26 -43.26
C LEU NA 89 -139.80 32.96 -44.56
N ILE NA 90 -138.95 32.33 -45.39
CA ILE NA 90 -138.64 32.92 -46.69
C ILE NA 90 -139.83 32.78 -47.64
N ALA NA 91 -140.63 31.73 -47.50
CA ALA NA 91 -141.89 31.64 -48.23
C ALA NA 91 -142.82 32.79 -47.87
N GLN NA 92 -142.92 33.12 -46.57
CA GLN NA 92 -143.67 34.30 -46.16
C GLN NA 92 -143.07 35.58 -46.72
N ARG NA 93 -141.75 35.67 -46.74
CA ARG NA 93 -141.07 36.79 -47.40
C ARG NA 93 -141.43 36.87 -48.88
N TRP NA 94 -141.67 35.72 -49.52
CA TRP NA 94 -142.17 35.71 -50.89
C TRP NA 94 -143.63 36.14 -50.99
N TYR NA 95 -144.44 35.86 -49.97
CA TYR NA 95 -145.80 36.41 -49.95
C TYR NA 95 -145.79 37.92 -49.72
N GLU NA 96 -144.91 38.42 -48.85
CA GLU NA 96 -144.80 39.87 -48.65
C GLU NA 96 -144.43 40.57 -49.95
N LYS NA 97 -143.43 40.05 -50.67
CA LYS NA 97 -143.06 40.60 -51.97
C LYS NA 97 -144.20 40.49 -52.98
N ALA NA 98 -145.02 39.44 -52.89
CA ALA NA 98 -146.23 39.39 -53.69
C ALA NA 98 -147.23 40.45 -53.26
N GLN NA 99 -147.38 40.66 -51.95
CA GLN NA 99 -148.39 41.60 -51.46
C GLN NA 99 -148.12 43.01 -51.94
N ALA NA 100 -146.85 43.37 -52.12
CA ALA NA 100 -146.49 44.65 -52.71
C ALA NA 100 -146.93 44.78 -54.17
N ALA NA 101 -147.41 43.69 -54.77
CA ALA NA 101 -147.98 43.71 -56.11
C ALA NA 101 -149.36 43.07 -56.17
N LEU NA 102 -149.93 42.69 -55.03
CA LEU NA 102 -151.23 42.03 -55.00
C LEU NA 102 -152.38 43.01 -54.83
N ASP NA 103 -152.09 44.30 -54.76
CA ASP NA 103 -153.09 45.35 -54.87
C ASP NA 103 -152.99 46.04 -56.22
N ARG NA 104 -154.06 46.76 -56.57
CA ARG NA 104 -154.15 47.54 -57.81
C ARG NA 104 -154.19 46.67 -59.06
N GLY NA 105 -154.31 45.35 -58.92
CA GLY NA 105 -154.26 44.47 -60.07
C GLY NA 105 -152.88 44.33 -60.68
N ASN NA 106 -151.83 44.73 -59.96
CA ASN NA 106 -150.47 44.67 -60.45
C ASN NA 106 -149.81 43.32 -60.14
N GLU NA 107 -150.61 42.27 -59.96
CA GLU NA 107 -150.15 40.96 -59.50
C GLU NA 107 -149.18 40.28 -60.46
N GLN NA 108 -148.87 40.93 -61.59
CA GLN NA 108 -147.91 40.39 -62.55
C GLN NA 108 -146.66 39.82 -61.88
N LEU NA 109 -146.02 40.60 -61.00
CA LEU NA 109 -144.81 40.11 -60.34
C LEU NA 109 -145.08 38.95 -59.39
N ALA NA 110 -146.33 38.77 -58.95
CA ALA NA 110 -146.66 37.62 -58.13
C ALA NA 110 -146.42 36.32 -58.89
N ARG NA 111 -146.42 36.36 -60.22
CA ARG NA 111 -146.12 35.17 -61.00
C ARG NA 111 -144.76 34.60 -60.63
N GLU NA 112 -143.72 35.43 -60.68
CA GLU NA 112 -142.39 34.99 -60.28
C GLU NA 112 -142.27 34.76 -58.78
N ALA NA 113 -142.86 35.64 -57.96
CA ALA NA 113 -142.70 35.52 -56.51
C ALA NA 113 -143.31 34.23 -55.97
N LEU NA 114 -144.52 33.90 -56.40
CA LEU NA 114 -145.11 32.60 -56.05
C LEU NA 114 -144.48 31.45 -56.82
N GLY NA 115 -143.94 31.70 -58.01
CA GLY NA 115 -143.16 30.68 -58.69
C GLY NA 115 -141.96 30.21 -57.89
N GLN NA 116 -141.25 31.14 -57.25
CA GLN NA 116 -140.23 30.77 -56.28
C GLN NA 116 -140.84 30.09 -55.06
N ARG NA 117 -141.89 30.67 -54.49
CA ARG NA 117 -142.47 30.08 -53.27
C ARG NA 117 -142.90 28.64 -53.48
N GLN NA 118 -143.30 28.26 -54.70
CA GLN NA 118 -143.65 26.86 -54.95
C GLN NA 118 -142.48 25.93 -54.66
N SER NA 119 -141.28 26.29 -55.11
CA SER NA 119 -140.09 25.50 -54.76
C SER NA 119 -139.78 25.57 -53.26
N TYR NA 120 -140.03 26.70 -52.62
CA TYR NA 120 -139.79 26.80 -51.18
C TYR NA 120 -140.79 25.97 -50.38
N GLN NA 121 -142.05 25.92 -50.82
CA GLN NA 121 -143.03 25.04 -50.18
C GLN NA 121 -142.69 23.57 -50.36
N SER NA 122 -142.13 23.19 -51.51
CA SER NA 122 -141.78 21.78 -51.71
C SER NA 122 -140.70 21.34 -50.73
N HIS NA 123 -139.66 22.16 -50.55
CA HIS NA 123 -138.66 21.84 -49.54
C HIS NA 123 -139.21 21.93 -48.12
N THR NA 124 -140.14 22.87 -47.87
CA THR NA 124 -140.73 22.98 -46.54
C THR NA 124 -141.54 21.73 -46.19
N GLU NA 125 -142.27 21.16 -47.16
CA GLU NA 125 -143.08 19.99 -46.88
C GLU NA 125 -142.27 18.69 -46.96
N ALA NA 126 -141.19 18.69 -47.74
CA ALA NA 126 -140.20 17.62 -47.63
C ALA NA 126 -139.60 17.56 -46.23
N LEU NA 127 -139.21 18.72 -45.70
CA LEU NA 127 -138.76 18.80 -44.32
C LEU NA 127 -139.85 18.38 -43.35
N GLY NA 128 -141.06 18.90 -43.52
CA GLY NA 128 -142.15 18.59 -42.62
C GLY NA 128 -142.51 17.11 -42.55
N LYS NA 129 -142.37 16.39 -43.66
CA LYS NA 129 -142.67 14.96 -43.68
C LYS NA 129 -141.49 14.09 -43.29
N SER NA 130 -140.26 14.53 -43.58
CA SER NA 130 -139.11 13.95 -42.90
C SER NA 130 -139.23 14.08 -41.40
N LEU NA 131 -139.65 15.25 -40.94
CA LEU NA 131 -139.87 15.56 -39.53
C LEU NA 131 -141.09 14.83 -38.95
N GLY NA 132 -141.90 14.21 -39.80
CA GLY NA 132 -142.93 13.30 -39.34
C GLY NA 132 -142.34 11.95 -39.00
N GLU NA 133 -141.40 11.48 -39.81
CA GLU NA 133 -140.68 10.25 -39.48
C GLU NA 133 -139.78 10.47 -38.28
N GLN NA 134 -139.03 11.57 -38.28
CA GLN NA 134 -138.17 11.90 -37.15
C GLN NA 134 -138.97 12.08 -35.86
N ARG NA 135 -140.22 12.53 -35.96
CA ARG NA 135 -141.12 12.49 -34.81
C ARG NA 135 -141.32 11.06 -34.32
N ALA NA 136 -141.79 10.18 -35.20
CA ALA NA 136 -142.00 8.78 -34.81
C ALA NA 136 -140.73 8.13 -34.29
N LEU NA 137 -139.56 8.54 -34.79
CA LEU NA 137 -138.30 8.04 -34.26
C LEU NA 137 -138.06 8.48 -32.82
N VAL NA 138 -138.23 9.77 -32.52
CA VAL NA 138 -138.04 10.23 -31.16
C VAL NA 138 -139.09 9.68 -30.20
N GLU NA 139 -140.31 9.45 -30.69
CA GLU NA 139 -141.32 8.81 -29.85
C GLU NA 139 -140.99 7.36 -29.57
N GLN NA 140 -140.67 6.58 -30.60
CA GLN NA 140 -140.40 5.16 -30.42
C GLN NA 140 -139.11 4.94 -29.62
N VAL NA 141 -138.09 5.78 -29.83
CA VAL NA 141 -136.87 5.66 -29.06
C VAL NA 141 -137.09 6.05 -27.61
N ARG NA 142 -137.98 7.01 -27.34
CA ARG NA 142 -138.35 7.33 -25.96
C ARG NA 142 -139.10 6.18 -25.30
N GLY NA 143 -139.99 5.52 -26.02
CA GLY NA 143 -140.69 4.38 -25.45
C GLY NA 143 -139.77 3.17 -25.26
N GLN NA 144 -138.87 2.96 -26.21
CA GLN NA 144 -137.86 1.91 -26.08
C GLN NA 144 -137.00 2.13 -24.84
N LEU NA 145 -136.49 3.35 -24.67
CA LEU NA 145 -135.71 3.68 -23.49
C LEU NA 145 -136.51 3.51 -22.21
N GLN NA 146 -137.70 4.11 -22.13
CA GLN NA 146 -138.43 4.10 -20.87
C GLN NA 146 -138.83 2.69 -20.44
N LYS NA 147 -139.15 1.81 -21.40
CA LYS NA 147 -139.31 0.39 -21.08
C LYS NA 147 -138.01 -0.23 -20.59
N LEU NA 148 -136.92 0.01 -21.31
CA LEU NA 148 -135.65 -0.66 -21.03
C LEU NA 148 -135.07 -0.21 -19.69
N GLU NA 149 -135.00 1.10 -19.45
CA GLU NA 149 -134.41 1.62 -18.23
C GLU NA 149 -135.29 1.34 -17.01
N ARG NA 150 -136.61 1.32 -17.18
CA ARG NA 150 -137.47 0.88 -16.10
C ARG NA 150 -137.24 -0.60 -15.79
N LYS NA 151 -136.97 -1.41 -16.82
CA LYS NA 151 -136.61 -2.80 -16.60
C LYS NA 151 -135.27 -2.92 -15.88
N TYR NA 152 -134.32 -2.04 -16.21
CA TYR NA 152 -133.07 -1.98 -15.47
C TYR NA 152 -133.27 -1.60 -14.00
N LEU NA 153 -134.16 -0.64 -13.73
CA LEU NA 153 -134.48 -0.27 -12.35
C LEU NA 153 -135.07 -1.44 -11.57
N GLU NA 154 -136.07 -2.10 -12.14
CA GLU NA 154 -136.66 -3.28 -11.49
C GLU NA 154 -135.68 -4.44 -11.40
N LEU NA 155 -134.79 -4.56 -12.37
CA LEU NA 155 -133.72 -5.56 -12.31
C LEU NA 155 -132.69 -5.24 -11.23
N LYS NA 156 -132.41 -3.97 -10.99
CA LYS NA 156 -131.61 -3.59 -9.83
C LYS NA 156 -132.32 -4.00 -8.53
N SER NA 157 -133.62 -3.75 -8.44
CA SER NA 157 -134.39 -4.18 -7.28
C SER NA 157 -134.26 -5.68 -7.08
N GLN NA 158 -134.48 -6.45 -8.14
CA GLN NA 158 -134.33 -7.91 -8.08
C GLN NA 158 -132.93 -8.33 -7.68
N LYS NA 159 -131.88 -7.69 -8.23
CA LYS NA 159 -130.52 -8.07 -7.87
C LYS NA 159 -130.26 -7.86 -6.39
N ASN NA 160 -130.65 -6.70 -5.85
CA ASN NA 160 -130.48 -6.46 -4.42
C ASN NA 160 -131.18 -7.55 -3.61
N LEU NA 161 -132.41 -7.88 -3.99
CA LEU NA 161 -133.16 -8.96 -3.35
C LEU NA 161 -132.56 -10.33 -3.62
N TYR NA 162 -131.81 -10.48 -4.72
CA TYR NA 162 -131.18 -11.76 -5.03
C TYR NA 162 -129.92 -11.98 -4.21
N LEU NA 163 -129.14 -10.93 -3.98
CA LEU NA 163 -127.99 -11.04 -3.07
C LEU NA 163 -128.44 -11.32 -1.65
N ALA NA 164 -129.54 -10.70 -1.21
CA ALA NA 164 -130.12 -11.03 0.08
C ALA NA 164 -130.59 -12.48 0.14
N ARG NA 165 -131.35 -12.92 -0.87
CA ARG NA 165 -131.76 -14.32 -0.93
C ARG NA 165 -130.56 -15.27 -0.90
N LEU NA 166 -129.53 -14.98 -1.70
CA LEU NA 166 -128.37 -15.85 -1.78
C LEU NA 166 -127.64 -15.96 -0.43
N LYS NA 167 -127.34 -14.82 0.19
CA LYS NA 167 -126.72 -14.84 1.51
C LYS NA 167 -127.58 -15.55 2.54
N SER NA 168 -128.90 -15.39 2.46
CA SER NA 168 -129.80 -16.04 3.40
C SER NA 168 -129.83 -17.56 3.19
N ALA NA 169 -129.85 -18.00 1.94
CA ALA NA 169 -129.74 -19.42 1.63
C ALA NA 169 -128.41 -19.99 2.12
N ILE NA 170 -127.32 -19.27 1.87
CA ILE NA 170 -126.00 -19.71 2.33
C ILE NA 170 -126.00 -19.91 3.84
N ALA NA 171 -126.55 -18.94 4.58
CA ALA NA 171 -126.67 -19.05 6.03
C ALA NA 171 -127.51 -20.27 6.42
N ALA NA 172 -128.63 -20.48 5.73
CA ALA NA 172 -129.48 -21.64 5.99
C ALA NA 172 -128.72 -22.94 5.77
N GLN NA 173 -128.00 -23.03 4.66
CA GLN NA 173 -127.15 -24.19 4.40
C GLN NA 173 -126.18 -24.43 5.54
N LYS NA 174 -125.60 -23.36 6.08
CA LYS NA 174 -124.67 -23.50 7.18
C LYS NA 174 -125.34 -23.98 8.47
N ILE NA 175 -126.56 -23.54 8.76
CA ILE NA 175 -127.29 -24.07 9.91
C ILE NA 175 -127.64 -25.54 9.73
N GLU NA 176 -128.17 -25.93 8.57
CA GLU NA 176 -128.48 -27.35 8.37
C GLU NA 176 -127.26 -28.24 8.48
N GLU NA 177 -126.18 -27.89 7.77
CA GLU NA 177 -124.98 -28.74 7.77
C GLU NA 177 -124.29 -28.78 9.13
N ILE NA 178 -124.19 -27.65 9.81
CA ILE NA 178 -123.59 -27.62 11.15
C ILE NA 178 -124.52 -28.28 12.18
N ALA NA 179 -125.83 -28.12 12.01
CA ALA NA 179 -126.78 -28.82 12.86
C ALA NA 179 -126.74 -30.33 12.63
N GLY NA 180 -126.65 -30.77 11.38
CA GLY NA 180 -126.53 -32.19 11.12
C GLY NA 180 -125.26 -32.80 11.69
N ASN NA 181 -124.13 -32.09 11.60
CA ASN NA 181 -122.93 -32.56 12.27
C ASN NA 181 -123.03 -32.46 13.79
N LEU NA 182 -123.74 -31.44 14.29
CA LEU NA 182 -123.87 -31.29 15.74
C LEU NA 182 -124.72 -32.41 16.33
N ASP NA 183 -125.89 -32.66 15.75
CA ASP NA 183 -126.77 -33.69 16.28
C ASP NA 183 -126.21 -35.08 16.01
N ASN NA 184 -125.87 -35.36 14.75
CA ASN NA 184 -125.48 -36.72 14.39
C ASN NA 184 -124.12 -37.10 14.93
N ALA NA 185 -123.10 -36.27 14.67
CA ALA NA 185 -121.75 -36.61 15.14
C ALA NA 185 -121.59 -36.38 16.64
N SER NA 186 -121.96 -35.17 17.11
CA SER NA 186 -121.68 -34.82 18.50
C SER NA 186 -122.58 -35.59 19.46
N ALA NA 187 -123.88 -35.61 19.18
CA ALA NA 187 -124.84 -36.17 20.13
C ALA NA 187 -124.66 -37.68 20.27
N SER NA 188 -124.44 -38.39 19.17
CA SER NA 188 -124.16 -39.83 19.28
C SER NA 188 -122.88 -40.06 20.06
N SER NA 189 -121.89 -39.18 19.89
CA SER NA 189 -120.67 -39.27 20.69
C SER NA 189 -120.96 -39.03 22.17
N LEU NA 190 -121.92 -38.15 22.47
CA LEU NA 190 -122.25 -37.90 23.87
C LEU NA 190 -123.01 -39.07 24.48
N PHE NA 191 -124.06 -39.54 23.80
CA PHE NA 191 -124.93 -40.55 24.40
C PHE NA 191 -124.23 -41.91 24.47
N GLU NA 192 -123.69 -42.37 23.35
CA GLU NA 192 -123.09 -43.70 23.33
C GLU NA 192 -121.78 -43.79 24.10
N ARG NA 193 -120.94 -42.74 24.11
CA ARG NA 193 -119.76 -42.74 24.97
C ARG NA 193 -120.07 -42.55 26.46
N ILE NA 194 -121.08 -41.76 26.80
CA ILE NA 194 -121.46 -41.64 28.21
C ILE NA 194 -122.11 -42.91 28.70
N GLU NA 195 -122.97 -43.51 27.88
CA GLU NA 195 -123.62 -44.77 28.26
C GLU NA 195 -122.61 -45.89 28.46
N THR NA 196 -121.70 -46.09 27.50
CA THR NA 196 -120.68 -47.13 27.65
C THR NA 196 -119.79 -46.90 28.86
N LYS NA 197 -119.47 -45.65 29.16
CA LYS NA 197 -118.71 -45.36 30.37
C LYS NA 197 -119.54 -45.63 31.62
N ILE NA 198 -120.85 -45.39 31.56
CA ILE NA 198 -121.73 -45.71 32.67
C ILE NA 198 -121.77 -47.23 32.88
N LEU NA 199 -121.88 -47.97 31.78
CA LEU NA 199 -121.85 -49.43 31.86
C LEU NA 199 -120.55 -49.93 32.47
N GLU NA 200 -119.44 -49.26 32.17
CA GLU NA 200 -118.17 -49.63 32.79
C GLU NA 200 -118.23 -49.40 34.30
N LEU NA 201 -118.85 -48.30 34.71
CA LEU NA 201 -119.07 -48.07 36.14
C LEU NA 201 -120.03 -49.09 36.74
N GLU NA 202 -121.01 -49.55 35.95
CA GLU NA 202 -121.98 -50.53 36.42
C GLU NA 202 -121.38 -51.93 36.53
N ALA NA 203 -120.41 -52.27 35.69
CA ALA NA 203 -119.68 -53.51 35.85
C ALA NA 203 -118.92 -53.58 37.16
N GLU NA 204 -118.40 -52.44 37.63
CA GLU NA 204 -117.88 -52.38 38.99
C GLU NA 204 -118.99 -52.31 40.05
N ARG NA 205 -120.16 -51.75 39.72
CA ARG NA 205 -121.27 -51.81 40.67
C ARG NA 205 -121.68 -53.24 40.96
N GLU NA 206 -121.85 -54.06 39.93
CA GLU NA 206 -122.23 -55.46 40.11
C GLU NA 206 -121.11 -56.32 40.67
N LEU NA 207 -119.88 -55.79 40.73
CA LEU NA 207 -118.83 -56.45 41.50
C LEU NA 207 -118.89 -56.08 42.97
N LEU NA 208 -119.27 -54.84 43.29
CA LEU NA 208 -119.36 -54.39 44.67
C LEU NA 208 -120.72 -54.64 45.30
N ASN NA 209 -121.73 -55.00 44.51
CA ASN NA 209 -123.12 -54.94 44.96
C ASN NA 209 -123.92 -56.07 44.32
N PRO NA 210 -124.53 -56.96 45.10
CA PRO NA 210 -125.38 -57.98 44.50
C PRO NA 210 -126.55 -57.35 43.77
N PRO NA 211 -127.01 -57.96 42.68
CA PRO NA 211 -128.22 -57.45 42.01
C PRO NA 211 -129.37 -57.30 42.98
N PRO NA 212 -129.92 -56.09 43.14
CA PRO NA 212 -131.05 -55.91 44.06
C PRO NA 212 -132.35 -56.50 43.52
N SER NA 213 -132.50 -57.82 43.64
CA SER NA 213 -133.68 -58.52 43.16
C SER NA 213 -134.91 -58.06 43.94
N PRO NA 214 -136.12 -58.37 43.47
CA PRO NA 214 -137.31 -58.06 44.28
C PRO NA 214 -137.34 -58.75 45.62
N LEU NA 215 -136.58 -59.85 45.79
CA LEU NA 215 -136.66 -60.62 47.03
C LEU NA 215 -136.04 -59.86 48.19
N ASP NA 216 -134.74 -59.54 48.07
CA ASP NA 216 -134.07 -58.78 49.12
C ASP NA 216 -134.72 -57.41 49.33
N LYS NA 217 -135.26 -56.82 48.27
CA LYS NA 217 -135.96 -55.55 48.41
C LYS NA 217 -137.17 -55.68 49.34
N LYS NA 218 -137.96 -56.75 49.16
CA LYS NA 218 -139.12 -56.96 50.02
C LYS NA 218 -138.70 -57.25 51.46
N PHE NA 219 -137.61 -57.99 51.63
CA PHE NA 219 -137.10 -58.25 52.98
C PHE NA 219 -136.67 -56.96 53.68
N GLU NA 220 -136.00 -56.06 52.96
CA GLU NA 220 -135.60 -54.79 53.56
C GLU NA 220 -136.83 -53.95 53.92
N GLN NA 221 -137.85 -53.97 53.07
CA GLN NA 221 -139.08 -53.26 53.37
C GLN NA 221 -139.74 -53.82 54.63
N TRP NA 222 -139.78 -55.15 54.76
CA TRP NA 222 -140.31 -55.76 55.97
C TRP NA 222 -139.46 -55.43 57.19
N GLU NA 223 -138.16 -55.24 57.01
CA GLU NA 223 -137.31 -54.84 58.13
C GLU NA 223 -137.72 -53.47 58.65
N GLU NA 224 -137.98 -52.52 57.75
CA GLU NA 224 -138.49 -51.22 58.17
C GLU NA 224 -139.86 -51.37 58.83
N GLN NA 225 -140.71 -52.23 58.28
CA GLN NA 225 -142.01 -52.49 58.88
C GLN NA 225 -141.87 -53.03 60.30
N GLN NA 226 -140.89 -53.91 60.52
CA GLN NA 226 -140.69 -54.48 61.84
C GLN NA 226 -140.09 -53.49 62.82
N ALA NA 227 -139.28 -52.55 62.34
CA ALA NA 227 -138.78 -51.48 63.20
C ALA NA 227 -139.94 -50.63 63.72
N VAL NA 228 -140.85 -50.23 62.83
CA VAL NA 228 -142.00 -49.44 63.25
C VAL NA 228 -142.94 -50.28 64.10
N GLU NA 229 -143.03 -51.59 63.84
CA GLU NA 229 -143.86 -52.42 64.70
C GLU NA 229 -143.28 -52.52 66.10
N ALA NA 230 -141.95 -52.45 66.24
CA ALA NA 230 -141.34 -52.40 67.56
C ALA NA 230 -141.59 -51.07 68.27
N THR NA 231 -141.55 -49.95 67.52
CA THR NA 231 -141.92 -48.67 68.10
C THR NA 231 -143.36 -48.67 68.57
N LEU NA 232 -144.26 -49.27 67.77
CA LEU NA 232 -145.65 -49.38 68.19
C LEU NA 232 -145.77 -50.21 69.47
N ALA NA 233 -144.96 -51.26 69.58
CA ALA NA 233 -145.00 -52.08 70.80
C ALA NA 233 -144.60 -51.26 72.02
N ALA NA 234 -143.55 -50.45 71.88
CA ALA NA 234 -143.16 -49.54 72.96
C ALA NA 234 -144.27 -48.55 73.26
N MET NA 235 -144.91 -48.01 72.22
CA MET NA 235 -146.00 -47.07 72.42
C MET NA 235 -147.10 -47.67 73.29
N LYS NA 236 -147.59 -48.86 72.92
CA LYS NA 236 -148.73 -49.45 73.63
C LYS NA 236 -148.32 -50.08 74.96
N ALA NA 237 -147.04 -50.36 75.15
CA ALA NA 237 -146.57 -50.82 76.45
C ALA NA 237 -146.52 -49.67 77.45
N ARG NA 238 -146.07 -48.49 77.00
CA ARG NA 238 -146.16 -47.31 77.84
C ARG NA 238 -147.62 -46.94 78.09
N ARG NA 239 -148.48 -47.13 77.08
CA ARG NA 239 -149.90 -46.85 77.24
C ARG NA 239 -150.61 -47.86 78.13
N SER NA 240 -150.05 -49.04 78.34
CA SER NA 240 -150.71 -50.05 79.18
C SER NA 240 -151.00 -49.48 80.57
N MET OA 24 -31.77 43.91 -85.82
CA MET OA 24 -30.35 43.83 -85.52
C MET OA 24 -30.00 44.69 -84.31
N GLU OA 25 -29.12 44.18 -83.44
CA GLU OA 25 -28.69 44.98 -82.30
C GLU OA 25 -27.94 46.23 -82.74
N LEU OA 26 -27.14 46.11 -83.80
CA LEU OA 26 -26.48 47.28 -84.36
C LEU OA 26 -27.51 48.33 -84.77
N PHE OA 27 -28.55 47.89 -85.48
CA PHE OA 27 -29.60 48.81 -85.91
C PHE OA 27 -30.23 49.52 -84.71
N ASN OA 28 -30.59 48.77 -83.68
CA ASN OA 28 -31.14 49.37 -82.46
C ASN OA 28 -30.20 50.39 -81.83
N ARG OA 29 -28.91 50.06 -81.72
CA ARG OA 29 -27.91 51.03 -81.26
C ARG OA 29 -27.91 52.30 -82.09
N VAL OA 30 -27.92 52.16 -83.42
CA VAL OA 30 -27.95 53.31 -84.32
C VAL OA 30 -29.32 54.00 -84.30
N GLY OA 31 -30.34 53.34 -83.77
CA GLY OA 31 -31.69 53.85 -83.84
C GLY OA 31 -31.89 55.26 -83.32
N ARG OA 32 -31.31 55.61 -82.18
CA ARG OA 32 -31.52 56.97 -81.68
C ARG OA 32 -31.09 58.02 -82.70
N VAL OA 33 -29.87 57.89 -83.23
CA VAL OA 33 -29.33 58.86 -84.20
C VAL OA 33 -30.02 58.76 -85.56
N LEU OA 34 -30.24 57.56 -86.06
CA LEU OA 34 -30.85 57.42 -87.38
C LEU OA 34 -32.33 57.79 -87.34
N LYS OA 35 -33.08 57.22 -86.40
CA LYS OA 35 -34.52 57.46 -86.31
C LYS OA 35 -34.86 58.90 -85.95
N SER OA 36 -34.00 59.62 -85.21
CA SER OA 36 -34.26 61.06 -85.03
C SER OA 36 -34.24 61.79 -86.37
N GLN OA 37 -33.21 61.52 -87.18
CA GLN OA 37 -33.15 62.08 -88.52
C GLN OA 37 -34.33 61.64 -89.36
N LEU OA 38 -34.68 60.36 -89.37
CA LEU OA 38 -35.82 59.92 -90.18
C LEU OA 38 -37.15 60.50 -89.70
N THR OA 39 -37.31 60.73 -88.39
CA THR OA 39 -38.50 61.38 -87.87
C THR OA 39 -38.62 62.80 -88.39
N HIS OA 40 -37.51 63.53 -88.47
CA HIS OA 40 -37.56 64.79 -89.19
C HIS OA 40 -37.69 64.60 -90.70
N TRP OA 41 -37.14 63.52 -91.25
CA TRP OA 41 -37.16 63.31 -92.69
C TRP OA 41 -38.59 63.20 -93.19
N GLN OA 42 -39.42 62.42 -92.51
CA GLN OA 42 -40.84 62.39 -92.85
C GLN OA 42 -41.51 63.74 -92.61
N GLN OA 43 -41.05 64.47 -91.59
CA GLN OA 43 -41.52 65.83 -91.35
C GLN OA 43 -41.06 66.84 -92.41
N GLN OA 44 -40.01 66.56 -93.19
CA GLN OA 44 -39.36 67.63 -93.94
C GLN OA 44 -40.33 68.44 -94.79
N GLN OA 45 -41.41 67.85 -95.28
CA GLN OA 45 -42.39 68.63 -96.04
C GLN OA 45 -42.96 69.76 -95.19
N GLU OA 46 -43.23 69.49 -93.91
CA GLU OA 46 -43.59 70.54 -92.98
C GLU OA 46 -42.38 71.38 -92.55
N ALA OA 47 -41.24 70.72 -92.33
CA ALA OA 47 -40.09 71.35 -91.67
C ALA OA 47 -38.81 71.11 -92.46
N PRO OA 48 -38.60 71.86 -93.54
CA PRO OA 48 -37.28 71.91 -94.17
C PRO OA 48 -36.33 72.89 -93.51
N GLU OA 49 -36.82 73.72 -92.59
CA GLU OA 49 -36.16 74.96 -92.22
C GLU OA 49 -34.74 74.73 -91.71
N ASP OA 50 -34.54 73.73 -90.85
CA ASP OA 50 -33.22 73.48 -90.28
C ASP OA 50 -32.20 73.05 -91.33
N LEU OA 51 -32.57 72.13 -92.23
CA LEU OA 51 -31.62 71.70 -93.26
C LEU OA 51 -31.30 72.83 -94.24
N LEU OA 52 -32.32 73.60 -94.63
CA LEU OA 52 -32.10 74.73 -95.53
C LEU OA 52 -31.16 75.77 -94.93
N GLU OA 53 -31.43 76.18 -93.70
CA GLU OA 53 -30.60 77.19 -93.04
C GLU OA 53 -29.22 76.67 -92.67
N ARG OA 54 -29.08 75.37 -92.37
CA ARG OA 54 -27.76 74.81 -92.17
C ARG OA 54 -26.89 74.95 -93.42
N LEU OA 55 -27.41 74.56 -94.58
CA LEU OA 55 -26.66 74.68 -95.83
C LEU OA 55 -26.28 76.12 -96.13
N LEU OA 56 -27.24 77.04 -96.04
CA LEU OA 56 -26.94 78.45 -96.29
C LEU OA 56 -26.02 79.07 -95.24
N GLY OA 57 -26.05 78.55 -94.00
CA GLY OA 57 -25.03 78.92 -93.04
C GLY OA 57 -23.63 78.52 -93.49
N GLU OA 58 -23.49 77.30 -94.01
CA GLU OA 58 -22.22 76.86 -94.59
C GLU OA 58 -21.83 77.73 -95.77
N MET OA 59 -22.81 78.18 -96.56
CA MET OA 59 -22.55 79.08 -97.67
C MET OA 59 -22.07 80.45 -97.19
N GLU OA 60 -22.60 80.94 -96.06
CA GLU OA 60 -22.06 82.16 -95.44
C GLU OA 60 -20.64 81.96 -94.91
N LEU OA 61 -20.36 80.80 -94.32
CA LEU OA 61 -18.99 80.51 -93.87
C LEU OA 61 -18.02 80.45 -95.04
N GLU OA 62 -18.44 79.89 -96.18
CA GLU OA 62 -17.61 79.96 -97.38
C GLU OA 62 -17.43 81.39 -97.85
N LEU OA 63 -18.53 82.14 -97.97
CA LEU OA 63 -18.51 83.49 -98.55
C LEU OA 63 -17.63 84.45 -97.77
N ILE OA 64 -17.53 84.30 -96.45
CA ILE OA 64 -16.56 85.09 -95.69
C ILE OA 64 -15.12 84.68 -96.03
N GLU OA 65 -14.90 83.41 -96.38
CA GLU OA 65 -13.61 83.04 -96.96
C GLU OA 65 -13.42 83.69 -98.34
N LEU OA 66 -14.41 83.60 -99.22
CA LEU OA 66 -14.27 84.12 -100.58
C LEU OA 66 -13.91 85.60 -100.60
N ARG OA 67 -14.49 86.39 -99.70
CA ARG OA 67 -14.11 87.80 -99.56
C ARG OA 67 -12.68 87.97 -99.08
N ARG OA 68 -12.24 87.19 -98.09
CA ARG OA 68 -10.84 87.28 -97.66
C ARG OA 68 -9.87 86.79 -98.73
N ALA OA 69 -10.26 85.82 -99.55
CA ALA OA 69 -9.42 85.37 -100.66
C ALA OA 69 -9.31 86.43 -101.75
N LEU OA 70 -10.39 87.16 -102.01
CA LEU OA 70 -10.31 88.35 -102.85
C LEU OA 70 -9.35 89.39 -102.28
N ALA OA 71 -9.43 89.64 -100.97
CA ALA OA 71 -8.51 90.60 -100.37
C ALA OA 71 -7.07 90.13 -100.43
N GLN OA 72 -6.83 88.82 -100.32
CA GLN OA 72 -5.48 88.29 -100.51
C GLN OA 72 -4.99 88.42 -101.94
N THR OA 73 -5.89 88.30 -102.93
CA THR OA 73 -5.48 88.54 -104.31
C THR OA 73 -5.15 90.00 -104.57
N ILE OA 74 -5.97 90.93 -104.07
CA ILE OA 74 -5.66 92.35 -104.23
C ILE OA 74 -4.34 92.71 -103.55
N ALA OA 75 -4.11 92.16 -102.35
CA ALA OA 75 -2.86 92.40 -101.65
C ALA OA 75 -1.65 91.89 -102.43
N THR OA 76 -1.74 90.69 -102.99
CA THR OA 76 -0.66 90.15 -103.81
C THR OA 76 -0.48 90.91 -105.13
N PHE OA 77 -1.56 91.40 -105.72
CA PHE OA 77 -1.45 92.16 -106.96
C PHE OA 77 -0.68 93.46 -106.76
N LYS OA 78 -1.08 94.25 -105.77
CA LYS OA 78 -0.41 95.52 -105.50
C LYS OA 78 0.98 95.34 -104.88
N SER OA 79 1.22 94.25 -104.16
CA SER OA 79 2.58 93.97 -103.73
C SER OA 79 3.51 93.69 -104.91
N THR OA 80 3.03 92.98 -105.93
CA THR OA 80 3.80 92.86 -107.16
C THR OA 80 4.04 94.23 -107.78
N GLU OA 81 3.04 95.11 -107.71
CA GLU OA 81 3.18 96.47 -108.21
C GLU OA 81 4.13 97.30 -107.34
N ARG OA 82 4.16 97.05 -106.03
CA ARG OA 82 5.15 97.69 -105.17
C ARG OA 82 6.56 97.25 -105.53
N GLN OA 83 6.72 96.02 -106.01
CA GLN OA 83 8.02 95.59 -106.52
C GLN OA 83 8.36 96.30 -107.82
N ARG OA 84 7.36 96.56 -108.66
CA ARG OA 84 7.54 97.43 -109.81
C ARG OA 84 7.92 98.85 -109.40
N ASP OA 85 7.26 99.37 -108.36
CA ASP OA 85 7.60 100.69 -107.85
C ASP OA 85 9.06 100.78 -107.41
N ALA OA 86 9.59 99.69 -106.85
CA ALA OA 86 11.02 99.65 -106.54
C ALA OA 86 11.88 99.56 -107.79
N GLN OA 87 11.51 98.72 -108.75
CA GLN OA 87 12.30 98.61 -109.97
C GLN OA 87 12.39 99.95 -110.70
N GLN OA 88 11.25 100.64 -110.84
CA GLN OA 88 11.25 101.95 -111.49
C GLN OA 88 11.98 103.00 -110.67
N LEU OA 89 11.97 102.87 -109.34
CA LEU OA 89 12.76 103.77 -108.50
C LEU OA 89 14.25 103.57 -108.70
N ILE OA 90 14.70 102.32 -108.89
CA ILE OA 90 16.10 102.09 -109.19
C ILE OA 90 16.43 102.52 -110.61
N ALA OA 91 15.48 102.42 -111.53
CA ALA OA 91 15.64 103.01 -112.86
C ALA OA 91 15.85 104.52 -112.78
N GLN OA 92 15.07 105.20 -111.94
CA GLN OA 92 15.28 106.62 -111.69
C GLN OA 92 16.65 106.88 -111.06
N ARG OA 93 17.05 106.01 -110.13
CA ARG OA 93 18.41 106.09 -109.58
C ARG OA 93 19.48 105.93 -110.66
N TRP OA 94 19.18 105.14 -111.70
CA TRP OA 94 20.08 105.06 -112.85
C TRP OA 94 20.03 106.31 -113.72
N TYR OA 95 18.90 107.01 -113.79
CA TYR OA 95 18.89 108.31 -114.45
C TYR OA 95 19.64 109.36 -113.66
N GLU OA 96 19.52 109.35 -112.33
CA GLU OA 96 20.30 110.28 -111.50
C GLU OA 96 21.79 110.09 -111.71
N LYS OA 97 22.26 108.84 -111.68
CA LYS OA 97 23.66 108.55 -111.96
C LYS OA 97 24.05 108.94 -113.37
N ALA OA 98 23.13 108.85 -114.33
CA ALA OA 98 23.40 109.41 -115.66
C ALA OA 98 23.47 110.93 -115.62
N GLN OA 99 22.59 111.57 -114.85
CA GLN OA 99 22.55 113.03 -114.84
C GLN OA 99 23.84 113.62 -114.33
N ALA OA 100 24.53 112.93 -113.41
CA ALA OA 100 25.84 113.34 -112.96
C ALA OA 100 26.90 113.27 -114.06
N ALA OA 101 26.55 112.71 -115.22
CA ALA OA 101 27.43 112.70 -116.38
C ALA OA 101 26.73 113.21 -117.63
N LEU OA 102 25.50 113.71 -117.52
CA LEU OA 102 24.74 114.18 -118.67
C LEU OA 102 24.92 115.67 -118.93
N ASP OA 103 25.74 116.34 -118.13
CA ASP OA 103 26.21 117.68 -118.41
C ASP OA 103 27.67 117.65 -118.84
N ARG OA 104 28.11 118.74 -119.45
CA ARG OA 104 29.48 118.94 -119.91
C ARG OA 104 29.87 118.01 -121.05
N GLY OA 105 28.93 117.28 -121.63
CA GLY OA 105 29.26 116.31 -122.65
C GLY OA 105 29.98 115.08 -122.15
N ASN OA 106 29.96 114.84 -120.83
CA ASN OA 106 30.61 113.71 -120.22
C ASN OA 106 29.73 112.46 -120.18
N GLU OA 107 28.75 112.38 -121.07
CA GLU OA 107 27.72 111.35 -121.06
C GLU OA 107 28.25 109.93 -121.27
N GLN OA 108 29.57 109.80 -121.43
CA GLN OA 108 30.19 108.49 -121.59
C GLN OA 108 29.67 107.46 -120.59
N LEU OA 109 29.64 107.80 -119.30
CA LEU OA 109 29.16 106.85 -118.30
C LEU OA 109 27.67 106.57 -118.43
N ALA OA 110 26.93 107.45 -119.09
CA ALA OA 110 25.52 107.17 -119.34
C ALA OA 110 25.33 105.92 -120.19
N ARG OA 111 26.37 105.54 -120.96
CA ARG OA 111 26.28 104.31 -121.74
C ARG OA 111 26.00 103.11 -120.84
N GLU OA 112 26.81 102.92 -119.80
CA GLU OA 112 26.58 101.84 -118.85
C GLU OA 112 25.34 102.07 -117.99
N ALA OA 113 25.13 103.30 -117.51
CA ALA OA 113 24.01 103.56 -116.61
C ALA OA 113 22.66 103.30 -117.27
N LEU OA 114 22.46 103.79 -118.49
CA LEU OA 114 21.26 103.45 -119.25
C LEU OA 114 21.28 102.03 -119.78
N GLY OA 115 22.47 101.45 -120.00
CA GLY OA 115 22.53 100.04 -120.32
C GLY OA 115 21.96 99.15 -119.24
N GLN OA 116 22.23 99.47 -117.98
CA GLN OA 116 21.53 98.82 -116.87
C GLN OA 116 20.05 99.17 -116.85
N ARG OA 117 19.71 100.45 -116.98
CA ARG OA 117 18.30 100.83 -116.91
C ARG OA 117 17.46 100.12 -117.96
N GLN OA 118 18.03 99.78 -119.11
CA GLN OA 118 17.28 99.02 -120.11
C GLN OA 118 16.78 97.69 -119.56
N SER OA 119 17.64 96.96 -118.84
CA SER OA 119 17.19 95.73 -118.18
C SER OA 119 16.20 96.02 -117.05
N TYR OA 120 16.35 97.14 -116.36
CA TYR OA 120 15.40 97.48 -115.29
C TYR OA 120 14.04 97.87 -115.86
N GLN OA 121 14.02 98.57 -117.00
CA GLN OA 121 12.76 98.86 -117.67
C GLN OA 121 12.06 97.61 -118.18
N SER OA 122 12.83 96.62 -118.65
CA SER OA 122 12.20 95.40 -119.15
C SER OA 122 11.47 94.67 -118.03
N HIS OA 123 12.09 94.54 -116.85
CA HIS OA 123 11.40 93.95 -115.71
C HIS OA 123 10.26 94.83 -115.22
N THR OA 124 10.42 96.16 -115.29
CA THR OA 124 9.34 97.05 -114.87
C THR OA 124 8.11 96.90 -115.75
N GLU OA 125 8.30 96.73 -117.07
CA GLU OA 125 7.16 96.60 -117.96
C GLU OA 125 6.63 95.17 -118.02
N ALA OA 126 7.48 94.18 -117.75
CA ALA OA 126 6.98 92.84 -117.49
C ALA OA 126 6.07 92.82 -116.27
N LEU OA 127 6.48 93.48 -115.19
CA LEU OA 127 5.61 93.63 -114.03
C LEU OA 127 4.35 94.41 -114.38
N GLY OA 128 4.50 95.53 -115.08
CA GLY OA 128 3.35 96.35 -115.42
C GLY OA 128 2.30 95.65 -116.27
N LYS OA 129 2.73 94.75 -117.15
CA LYS OA 129 1.79 94.01 -117.98
C LYS OA 129 1.25 92.74 -117.33
N SER OA 130 2.04 92.09 -116.47
CA SER OA 130 1.48 91.13 -115.55
C SER OA 130 0.40 91.76 -114.69
N LEU OA 131 0.68 92.96 -114.19
CA LEU OA 131 -0.24 93.75 -113.38
C LEU OA 131 -1.42 94.28 -114.17
N GLY OA 132 -1.37 94.18 -115.50
CA GLY OA 132 -2.55 94.43 -116.32
C GLY OA 132 -3.49 93.24 -116.32
N GLU OA 133 -2.92 92.04 -116.36
CA GLU OA 133 -3.75 90.84 -116.21
C GLU OA 133 -4.29 90.73 -114.79
N GLN OA 134 -3.42 90.94 -113.80
CA GLN OA 134 -3.84 90.91 -112.41
C GLN OA 134 -4.89 91.98 -112.12
N ARG OA 135 -4.86 93.10 -112.82
CA ARG OA 135 -5.97 94.05 -112.78
C ARG OA 135 -7.26 93.40 -113.25
N ALA OA 136 -7.27 92.87 -114.47
CA ALA OA 136 -8.46 92.22 -114.99
C ALA OA 136 -8.94 91.08 -114.10
N LEU OA 137 -8.01 90.39 -113.44
CA LEU OA 137 -8.40 89.35 -112.47
C LEU OA 137 -9.15 89.93 -111.27
N VAL OA 138 -8.62 90.99 -110.66
CA VAL OA 138 -9.31 91.57 -109.51
C VAL OA 138 -10.62 92.23 -109.91
N GLU OA 139 -10.71 92.77 -111.12
CA GLU OA 139 -11.99 93.31 -111.59
C GLU OA 139 -13.01 92.21 -111.83
N GLN OA 140 -12.62 91.16 -112.56
CA GLN OA 140 -13.57 90.10 -112.89
C GLN OA 140 -13.98 89.31 -111.64
N VAL OA 141 -13.04 89.10 -110.71
CA VAL OA 141 -13.39 88.41 -109.47
C VAL OA 141 -14.28 89.27 -108.59
N ARG OA 142 -14.12 90.59 -108.63
CA ARG OA 142 -15.04 91.48 -107.92
C ARG OA 142 -16.44 91.44 -108.54
N GLY OA 143 -16.53 91.41 -109.87
CA GLY OA 143 -17.84 91.31 -110.50
C GLY OA 143 -18.49 89.95 -110.29
N GLN OA 144 -17.67 88.89 -110.33
CA GLN OA 144 -18.17 87.55 -110.02
C GLN OA 144 -18.75 87.48 -108.61
N LEU OA 145 -17.98 87.99 -107.63
CA LEU OA 145 -18.47 88.03 -106.25
C LEU OA 145 -19.74 88.86 -106.12
N GLN OA 146 -19.72 90.10 -106.62
CA GLN OA 146 -20.85 90.99 -106.39
C GLN OA 146 -22.14 90.47 -107.02
N LYS OA 147 -22.06 89.82 -108.18
CA LYS OA 147 -23.21 89.10 -108.73
C LYS OA 147 -23.62 87.94 -107.82
N LEU OA 148 -22.66 87.12 -107.40
CA LEU OA 148 -22.97 85.90 -106.66
C LEU OA 148 -23.55 86.21 -105.28
N GLU OA 149 -22.89 87.09 -104.53
CA GLU OA 149 -23.34 87.41 -103.18
C GLU OA 149 -24.64 88.20 -103.17
N ARG OA 150 -24.86 89.04 -104.18
CA ARG OA 150 -26.17 89.68 -104.32
C ARG OA 150 -27.24 88.65 -104.63
N LYS OA 151 -26.90 87.62 -105.40
CA LYS OA 151 -27.84 86.52 -105.63
C LYS OA 151 -28.11 85.75 -104.35
N TYR OA 152 -27.08 85.56 -103.51
CA TYR OA 152 -27.27 84.96 -102.20
C TYR OA 152 -28.19 85.81 -101.32
N LEU OA 153 -28.01 87.13 -101.33
CA LEU OA 153 -28.90 88.02 -100.58
C LEU OA 153 -30.36 87.89 -101.03
N GLU OA 154 -30.60 87.99 -102.34
CA GLU OA 154 -31.96 87.82 -102.87
C GLU OA 154 -32.48 86.41 -102.66
N LEU OA 155 -31.60 85.41 -102.67
CA LEU OA 155 -32.00 84.04 -102.35
C LEU OA 155 -32.36 83.88 -100.87
N LYS OA 156 -31.67 84.59 -99.98
CA LYS OA 156 -32.11 84.65 -98.59
C LYS OA 156 -33.50 85.26 -98.48
N SER OA 157 -33.74 86.36 -99.20
CA SER OA 157 -35.07 86.96 -99.22
C SER OA 157 -36.13 85.95 -99.68
N GLN OA 158 -35.85 85.27 -100.79
CA GLN OA 158 -36.75 84.23 -101.29
C GLN OA 158 -36.96 83.10 -100.28
N LYS OA 159 -35.90 82.63 -99.62
CA LYS OA 159 -36.05 81.55 -98.65
C LYS OA 159 -36.97 81.97 -97.50
N ASN OA 160 -36.74 83.16 -96.94
CA ASN OA 160 -37.62 83.65 -95.89
C ASN OA 160 -39.07 83.66 -96.35
N LEU OA 161 -39.30 84.17 -97.56
CA LEU OA 161 -40.63 84.18 -98.16
C LEU OA 161 -41.12 82.79 -98.51
N TYR OA 162 -40.21 81.84 -98.72
CA TYR OA 162 -40.61 80.47 -99.03
C TYR OA 162 -41.04 79.70 -97.79
N LEU OA 163 -40.36 79.92 -96.66
CA LEU OA 163 -40.82 79.35 -95.40
C LEU OA 163 -42.17 79.91 -94.98
N ALA OA 164 -42.39 81.21 -95.20
CA ALA OA 164 -43.71 81.79 -94.98
C ALA OA 164 -44.76 81.18 -95.89
N ARG OA 165 -44.47 81.10 -97.19
CA ARG OA 165 -45.39 80.44 -98.12
C ARG OA 165 -45.69 79.01 -97.70
N LEU OA 166 -44.66 78.24 -97.35
CA LEU OA 166 -44.84 76.84 -96.98
C LEU OA 166 -45.73 76.69 -95.75
N LYS OA 167 -45.41 77.42 -94.67
CA LYS OA 167 -46.26 77.38 -93.48
C LYS OA 167 -47.69 77.83 -93.77
N SER OA 168 -47.85 78.82 -94.65
CA SER OA 168 -49.19 79.30 -94.98
C SER OA 168 -49.97 78.26 -95.78
N ALA OA 169 -49.32 77.60 -96.74
CA ALA OA 169 -49.94 76.50 -97.47
C ALA OA 169 -50.32 75.35 -96.52
N ILE OA 170 -49.41 75.00 -95.61
CA ILE OA 170 -49.69 73.95 -94.64
C ILE OA 170 -50.93 74.28 -93.83
N ALA OA 171 -51.03 75.52 -93.35
CA ALA OA 171 -52.21 75.98 -92.62
C ALA OA 171 -53.47 75.87 -93.49
N ALA OA 172 -53.36 76.30 -94.75
CA ALA OA 172 -54.48 76.21 -95.68
C ALA OA 172 -54.93 74.76 -95.87
N GLN OA 173 -53.97 73.86 -96.07
CA GLN OA 173 -54.28 72.44 -96.15
C GLN OA 173 -55.04 71.96 -94.92
N LYS OA 174 -54.64 72.43 -93.75
CA LYS OA 174 -55.31 72.03 -92.52
C LYS OA 174 -56.73 72.58 -92.43
N ILE OA 175 -56.98 73.81 -92.90
CA ILE OA 175 -58.35 74.31 -92.95
C ILE OA 175 -59.22 73.53 -93.93
N GLU OA 176 -58.73 73.28 -95.14
CA GLU OA 176 -59.53 72.51 -96.09
C GLU OA 176 -59.84 71.11 -95.58
N GLU OA 177 -58.83 70.38 -95.11
CA GLU OA 177 -59.05 69.00 -94.67
C GLU OA 177 -59.91 68.91 -93.42
N ILE OA 178 -59.70 69.80 -92.45
CA ILE OA 178 -60.53 69.82 -91.25
C ILE OA 178 -61.94 70.34 -91.55
N ALA OA 179 -62.05 71.29 -92.47
CA ALA OA 179 -63.36 71.75 -92.93
C ALA OA 179 -64.10 70.66 -93.70
N GLY OA 180 -63.41 69.93 -94.56
CA GLY OA 180 -64.07 68.83 -95.25
C GLY OA 180 -64.55 67.73 -94.32
N ASN OA 181 -63.76 67.39 -93.30
CA ASN OA 181 -64.24 66.46 -92.28
C ASN OA 181 -65.34 67.07 -91.42
N LEU OA 182 -65.27 68.37 -91.16
CA LEU OA 182 -66.29 69.02 -90.33
C LEU OA 182 -67.63 69.05 -91.04
N ASP OA 183 -67.65 69.51 -92.30
CA ASP OA 183 -68.91 69.61 -93.03
C ASP OA 183 -69.41 68.22 -93.41
N ASN OA 184 -68.56 67.41 -94.04
CA ASN OA 184 -69.02 66.14 -94.59
C ASN OA 184 -69.32 65.12 -93.50
N ALA OA 185 -68.36 64.88 -92.60
CA ALA OA 185 -68.58 63.87 -91.56
C ALA OA 185 -69.51 64.38 -90.47
N SER OA 186 -69.22 65.57 -89.91
CA SER OA 186 -69.96 66.04 -88.75
C SER OA 186 -71.39 66.45 -89.13
N ALA OA 187 -71.52 67.25 -90.19
CA ALA OA 187 -72.82 67.83 -90.52
C ALA OA 187 -73.81 66.76 -90.98
N SER OA 188 -73.36 65.80 -91.79
CA SER OA 188 -74.25 64.70 -92.16
C SER OA 188 -74.65 63.91 -90.93
N SER OA 189 -73.74 63.75 -89.97
CA SER OA 189 -74.09 63.10 -88.72
C SER OA 189 -75.12 63.91 -87.94
N LEU OA 190 -75.04 65.24 -88.02
CA LEU OA 190 -76.02 66.07 -87.31
C LEU OA 190 -77.38 66.01 -87.99
N PHE OA 191 -77.42 66.21 -89.30
CA PHE OA 191 -78.71 66.33 -89.97
C PHE OA 191 -79.42 64.98 -90.05
N GLU OA 192 -78.74 63.96 -90.54
CA GLU OA 192 -79.39 62.67 -90.73
C GLU OA 192 -79.69 61.94 -89.42
N ARG OA 193 -78.84 62.07 -88.40
CA ARG OA 193 -79.19 61.51 -87.08
C ARG OA 193 -80.25 62.31 -86.33
N ILE OA 194 -80.28 63.63 -86.47
CA ILE OA 194 -81.36 64.40 -85.85
C ILE OA 194 -82.68 64.17 -86.56
N GLU OA 195 -82.65 64.11 -87.89
CA GLU OA 195 -83.86 63.86 -88.65
C GLU OA 195 -84.45 62.48 -88.33
N THR OA 196 -83.62 61.43 -88.36
CA THR OA 196 -84.13 60.09 -88.05
C THR OA 196 -84.66 60.00 -86.62
N LYS OA 197 -84.03 60.69 -85.68
CA LYS OA 197 -84.57 60.73 -84.32
C LYS OA 197 -85.87 61.51 -84.27
N ILE OA 198 -86.00 62.55 -85.09
CA ILE OA 198 -87.26 63.29 -85.18
C ILE OA 198 -88.36 62.38 -85.73
N LEU OA 199 -88.03 61.64 -86.78
CA LEU OA 199 -88.97 60.68 -87.36
C LEU OA 199 -89.41 59.65 -86.33
N GLU OA 200 -88.50 59.23 -85.46
CA GLU OA 200 -88.86 58.31 -84.40
C GLU OA 200 -89.86 58.96 -83.44
N LEU OA 201 -89.65 60.24 -83.15
CA LEU OA 201 -90.63 60.98 -82.35
C LEU OA 201 -91.94 61.16 -83.09
N GLU OA 202 -91.88 61.29 -84.42
CA GLU OA 202 -93.09 61.45 -85.23
C GLU OA 202 -93.88 60.16 -85.37
N ALA OA 203 -93.21 59.01 -85.36
CA ALA OA 203 -93.92 57.73 -85.31
C ALA OA 203 -94.75 57.58 -84.04
N GLU OA 204 -94.27 58.11 -82.92
CA GLU OA 204 -95.11 58.21 -81.74
C GLU OA 204 -96.14 59.34 -81.83
N ARG OA 205 -95.85 60.41 -82.58
CA ARG OA 205 -96.86 61.44 -82.80
C ARG OA 205 -98.07 60.87 -83.53
N GLU OA 206 -97.85 60.13 -84.62
CA GLU OA 206 -98.94 59.53 -85.37
C GLU OA 206 -99.60 58.36 -84.65
N LEU OA 207 -99.02 57.89 -83.56
CA LEU OA 207 -99.72 56.96 -82.67
C LEU OA 207 -100.61 57.70 -81.68
N LEU OA 208 -100.18 58.87 -81.21
CA LEU OA 208 -100.96 59.66 -80.27
C LEU OA 208 -101.93 60.62 -80.92
N ASN OA 209 -101.82 60.84 -82.24
CA ASN OA 209 -102.46 61.98 -82.89
C ASN OA 209 -102.88 61.59 -84.31
N PRO OA 210 -104.16 61.67 -84.65
CA PRO OA 210 -104.56 61.40 -86.03
C PRO OA 210 -103.93 62.40 -86.98
N PRO OA 211 -103.60 61.98 -88.19
CA PRO OA 211 -103.09 62.93 -89.19
C PRO OA 211 -104.02 64.12 -89.33
N PRO OA 212 -103.54 65.35 -89.08
CA PRO OA 212 -104.39 66.52 -89.23
C PRO OA 212 -104.68 66.87 -90.69
N SER OA 213 -105.63 66.15 -91.30
CA SER OA 213 -106.00 66.35 -92.69
C SER OA 213 -106.60 67.73 -92.86
N PRO OA 214 -106.75 68.22 -94.10
CA PRO OA 214 -107.46 69.50 -94.30
C PRO OA 214 -108.90 69.47 -93.81
N LEU OA 215 -109.51 68.29 -93.70
CA LEU OA 215 -110.93 68.22 -93.34
C LEU OA 215 -111.17 68.64 -91.90
N ASP OA 216 -110.56 67.93 -90.95
CA ASP OA 216 -110.71 68.28 -89.54
C ASP OA 216 -110.18 69.69 -89.27
N LYS OA 217 -109.16 70.13 -90.01
CA LYS OA 217 -108.67 71.49 -89.84
C LYS OA 217 -109.74 72.52 -90.18
N LYS OA 218 -110.46 72.31 -91.28
CA LYS OA 218 -111.52 73.23 -91.65
C LYS OA 218 -112.67 73.20 -90.64
N PHE OA 219 -112.99 72.01 -90.12
CA PHE OA 219 -114.02 71.91 -89.10
C PHE OA 219 -113.65 72.67 -87.83
N GLU OA 220 -112.38 72.58 -87.40
CA GLU OA 220 -111.95 73.33 -86.23
C GLU OA 220 -112.01 74.83 -86.48
N GLN OA 221 -111.64 75.26 -87.69
CA GLN OA 221 -111.75 76.67 -88.04
C GLN OA 221 -113.20 77.14 -87.98
N TRP OA 222 -114.11 76.34 -88.51
CA TRP OA 222 -115.53 76.67 -88.43
C TRP OA 222 -116.02 76.69 -86.99
N GLU OA 223 -115.44 75.85 -86.12
CA GLU OA 223 -115.82 75.88 -84.71
C GLU OA 223 -115.47 77.22 -84.09
N GLU OA 224 -114.28 77.74 -84.38
CA GLU OA 224 -113.92 79.07 -83.91
C GLU OA 224 -114.84 80.12 -84.51
N GLN OA 225 -115.18 79.97 -85.79
CA GLN OA 225 -116.12 80.89 -86.44
C GLN OA 225 -117.48 80.88 -85.75
N GLN OA 226 -117.94 79.69 -85.33
CA GLN OA 226 -119.22 79.58 -84.67
C GLN OA 226 -119.19 80.12 -83.24
N ALA OA 227 -118.05 80.02 -82.57
CA ALA OA 227 -117.91 80.66 -81.26
C ALA OA 227 -118.06 82.17 -81.37
N VAL OA 228 -117.38 82.78 -82.33
CA VAL OA 228 -117.50 84.23 -82.52
C VAL OA 228 -118.89 84.59 -83.03
N GLU OA 229 -119.51 83.71 -83.81
CA GLU OA 229 -120.89 84.00 -84.23
C GLU OA 229 -121.85 83.97 -83.05
N ALA OA 230 -121.57 83.14 -82.04
CA ALA OA 230 -122.37 83.16 -80.82
C ALA OA 230 -122.14 84.42 -80.00
N THR OA 231 -120.89 84.90 -79.92
CA THR OA 231 -120.63 86.17 -79.27
C THR OA 231 -121.35 87.31 -79.98
N LEU OA 232 -121.34 87.29 -81.31
CA LEU OA 232 -122.08 88.30 -82.06
C LEU OA 232 -123.56 88.24 -81.75
N ALA OA 233 -124.11 87.03 -81.60
CA ALA OA 233 -125.52 86.89 -81.26
C ALA OA 233 -125.82 87.53 -79.91
N ALA OA 234 -124.95 87.29 -78.92
CA ALA OA 234 -125.10 87.95 -77.63
C ALA OA 234 -125.00 89.46 -77.77
N MET OA 235 -124.05 89.94 -78.58
CA MET OA 235 -123.90 91.38 -78.79
C MET OA 235 -125.20 92.00 -79.30
N LYS OA 236 -125.78 91.44 -80.36
CA LYS OA 236 -126.95 92.05 -80.97
C LYS OA 236 -128.22 91.77 -80.19
N ALA OA 237 -128.23 90.76 -79.32
CA ALA OA 237 -129.37 90.53 -78.43
C ALA OA 237 -129.38 91.57 -77.31
N ARG OA 238 -128.21 91.88 -76.75
CA ARG OA 238 -128.12 92.99 -75.81
C ARG OA 238 -128.45 94.31 -76.49
N ARG OA 239 -128.04 94.47 -77.75
CA ARG OA 239 -128.34 95.68 -78.50
C ARG OA 239 -129.81 95.79 -78.90
N SER OA 240 -130.56 94.68 -78.91
CA SER OA 240 -131.96 94.73 -79.30
C SER OA 240 -132.72 95.73 -78.43
N MET PA 24 79.09 23.63 -54.89
CA MET PA 24 79.18 22.68 -53.79
C MET PA 24 78.90 23.38 -52.46
N GLU PA 25 78.17 22.71 -51.57
CA GLU PA 25 77.90 23.28 -50.26
C GLU PA 25 79.19 23.45 -49.47
N LEU PA 26 80.11 22.49 -49.59
CA LEU PA 26 81.41 22.63 -48.96
C LEU PA 26 82.11 23.90 -49.45
N PHE PA 27 82.10 24.12 -50.77
CA PHE PA 27 82.72 25.31 -51.33
C PHE PA 27 82.11 26.58 -50.74
N ASN PA 28 80.79 26.66 -50.70
CA ASN PA 28 80.11 27.80 -50.09
C ASN PA 28 80.51 28.01 -48.64
N ARG PA 29 80.55 26.94 -47.85
CA ARG PA 29 81.04 27.03 -46.47
C ARG PA 29 82.45 27.62 -46.41
N VAL PA 30 83.35 27.12 -47.26
CA VAL PA 30 84.73 27.62 -47.31
C VAL PA 30 84.80 29.01 -47.93
N GLY PA 31 83.73 29.45 -48.59
CA GLY PA 31 83.76 30.70 -49.33
C GLY PA 31 84.19 31.92 -48.55
N ARG PA 32 83.70 32.10 -47.33
CA ARG PA 32 84.11 33.29 -46.58
C ARG PA 32 85.63 33.37 -46.43
N VAL PA 33 86.25 32.28 -45.98
CA VAL PA 33 87.71 32.25 -45.75
C VAL PA 33 88.49 32.24 -47.06
N LEU PA 34 88.07 31.45 -48.04
CA LEU PA 34 88.81 31.37 -49.29
C LEU PA 34 88.63 32.64 -50.12
N LYS PA 35 87.38 33.08 -50.32
CA LYS PA 35 87.12 34.25 -51.14
C LYS PA 35 87.64 35.54 -50.52
N SER PA 36 87.75 35.65 -49.19
CA SER PA 36 88.44 36.83 -48.64
C SER PA 36 89.89 36.88 -49.09
N GLN PA 37 90.59 35.75 -48.98
CA GLN PA 37 91.95 35.65 -49.49
C GLN PA 37 92.02 35.92 -50.98
N LEU PA 38 91.13 35.32 -51.79
CA LEU PA 38 91.18 35.57 -53.23
C LEU PA 38 90.85 37.01 -53.59
N THR PA 39 89.97 37.68 -52.83
CA THR PA 39 89.68 39.09 -53.06
C THR PA 39 90.91 39.94 -52.83
N HIS PA 40 91.71 39.62 -51.79
CA HIS PA 40 93.00 40.27 -51.70
C HIS PA 40 93.98 39.77 -52.77
N TRP PA 41 93.86 38.51 -53.18
CA TRP PA 41 94.80 37.94 -54.15
C TRP PA 41 94.75 38.70 -55.46
N GLN PA 42 93.54 38.98 -55.96
CA GLN PA 42 93.42 39.83 -57.14
C GLN PA 42 93.91 41.25 -56.87
N GLN PA 43 93.72 41.72 -55.63
CA GLN PA 43 94.26 43.02 -55.22
C GLN PA 43 95.78 43.03 -55.08
N GLN PA 44 96.46 41.89 -54.95
CA GLN PA 44 97.85 41.91 -54.50
C GLN PA 44 98.73 42.85 -55.29
N GLN PA 45 98.46 43.06 -56.59
CA GLN PA 45 99.25 44.01 -57.35
C GLN PA 45 99.17 45.40 -56.74
N GLU PA 46 97.99 45.80 -56.29
CA GLU PA 46 97.85 47.04 -55.53
C GLU PA 46 98.34 46.88 -54.09
N ALA PA 47 98.08 45.73 -53.47
CA ALA PA 47 98.25 45.55 -52.03
C ALA PA 47 99.01 44.27 -51.73
N PRO PA 48 100.34 44.29 -51.90
CA PRO PA 48 101.18 43.21 -51.34
C PRO PA 48 101.53 43.40 -49.87
N GLU PA 49 101.22 44.58 -49.32
CA GLU PA 49 101.88 45.05 -48.10
C GLU PA 49 101.72 44.07 -46.94
N ASP PA 50 100.51 43.55 -46.73
CA ASP PA 50 100.27 42.64 -45.61
C ASP PA 50 101.04 41.34 -45.73
N LEU PA 51 101.06 40.71 -46.91
CA LEU PA 51 101.80 39.46 -47.06
C LEU PA 51 103.31 39.68 -46.93
N LEU PA 52 103.82 40.76 -47.51
CA LEU PA 52 105.24 41.08 -47.40
C LEU PA 52 105.67 41.30 -45.96
N GLU PA 53 104.94 42.13 -45.23
CA GLU PA 53 105.27 42.43 -43.84
C GLU PA 53 105.02 41.24 -42.91
N ARG PA 54 104.05 40.39 -43.21
CA ARG PA 54 103.88 39.17 -42.43
C ARG PA 54 105.12 38.28 -42.52
N LEU PA 55 105.61 38.03 -43.73
CA LEU PA 55 106.80 37.20 -43.90
C LEU PA 55 108.01 37.79 -43.19
N LEU PA 56 108.27 39.09 -43.39
CA LEU PA 56 109.40 39.74 -42.72
C LEU PA 56 109.22 39.82 -41.20
N GLY PA 57 107.98 39.89 -40.73
CA GLY PA 57 107.74 39.71 -39.30
C GLY PA 57 108.18 38.36 -38.79
N GLU PA 58 107.86 37.30 -39.53
CA GLU PA 58 108.34 35.96 -39.20
C GLU PA 58 109.87 35.90 -39.25
N MET PA 59 110.47 36.62 -40.19
CA MET PA 59 111.92 36.69 -40.28
C MET PA 59 112.53 37.41 -39.07
N GLU PA 60 111.86 38.44 -38.55
CA GLU PA 60 112.28 39.06 -37.29
C GLU PA 60 112.12 38.12 -36.10
N LEU PA 61 111.03 37.34 -36.06
CA LEU PA 61 110.87 36.34 -35.00
C LEU PA 61 111.95 35.28 -35.05
N GLU PA 62 112.35 34.85 -36.24
CA GLU PA 62 113.50 33.95 -36.37
C GLU PA 62 114.78 34.63 -35.90
N LEU PA 63 115.06 35.84 -36.39
CA LEU PA 63 116.31 36.53 -36.13
C LEU PA 63 116.55 36.79 -34.65
N ILE PA 64 115.50 37.03 -33.87
CA ILE PA 64 115.68 37.12 -32.42
C ILE PA 64 116.02 35.75 -31.83
N GLU PA 65 115.56 34.66 -32.43
CA GLU PA 65 116.10 33.35 -32.06
C GLU PA 65 117.57 33.22 -32.45
N LEU PA 66 117.92 33.58 -33.70
CA LEU PA 66 119.29 33.40 -34.18
C LEU PA 66 120.32 34.11 -33.29
N ARG PA 67 119.98 35.31 -32.81
CA ARG PA 67 120.84 36.01 -31.86
C ARG PA 67 120.95 35.29 -30.52
N ARG PA 68 119.84 34.78 -29.99
CA ARG PA 68 119.93 34.00 -28.74
C ARG PA 68 120.68 32.69 -28.92
N ALA PA 69 120.59 32.07 -30.10
CA ALA PA 69 121.34 30.85 -30.38
C ALA PA 69 122.85 31.13 -30.49
N LEU PA 70 123.22 32.28 -31.06
CA LEU PA 70 124.59 32.75 -30.98
C LEU PA 70 125.05 32.95 -29.54
N ALA PA 71 124.21 33.57 -28.71
CA ALA PA 71 124.58 33.75 -27.31
C ALA PA 71 124.71 32.43 -26.57
N GLN PA 72 123.88 31.43 -26.91
CA GLN PA 72 124.03 30.11 -26.34
C GLN PA 72 125.30 29.40 -26.80
N THR PA 73 125.74 29.64 -28.04
CA THR PA 73 127.03 29.10 -28.48
C THR PA 73 128.20 29.75 -27.76
N ILE PA 74 128.20 31.07 -27.62
CA ILE PA 74 129.27 31.74 -26.88
C ILE PA 74 129.31 31.27 -25.43
N ALA PA 75 128.14 31.13 -24.81
CA ALA PA 75 128.08 30.64 -23.43
C ALA PA 75 128.65 29.23 -23.30
N THR PA 76 128.31 28.34 -24.22
CA THR PA 76 128.86 26.98 -24.20
C THR PA 76 130.35 26.95 -24.53
N PHE PA 77 130.83 27.84 -25.41
CA PHE PA 77 132.26 27.88 -25.72
C PHE PA 77 133.10 28.27 -24.52
N LYS PA 78 132.74 29.36 -23.85
CA LYS PA 78 133.49 29.81 -22.68
C LYS PA 78 133.27 28.93 -21.46
N SER PA 79 132.12 28.28 -21.35
CA SER PA 79 131.97 27.28 -20.29
C SER PA 79 132.92 26.10 -20.48
N THR PA 80 133.11 25.65 -21.72
CA THR PA 80 134.16 24.66 -21.97
C THR PA 80 135.52 25.20 -21.57
N GLU PA 81 135.76 26.49 -21.82
CA GLU PA 81 137.01 27.13 -21.43
C GLU PA 81 137.11 27.29 -19.92
N ARG PA 82 135.99 27.50 -19.23
CA ARG PA 82 135.97 27.51 -17.77
C ARG PA 82 136.34 26.14 -17.22
N GLN PA 83 135.99 25.08 -17.93
CA GLN PA 83 136.42 23.73 -17.54
C GLN PA 83 137.92 23.57 -17.76
N ARG PA 84 138.45 24.17 -18.82
CA ARG PA 84 139.90 24.26 -19.00
C ARG PA 84 140.55 25.05 -17.87
N ASP PA 85 139.94 26.18 -17.48
CA ASP PA 85 140.46 26.96 -16.37
C ASP PA 85 140.55 26.14 -15.09
N ALA PA 86 139.60 25.24 -14.87
CA ALA PA 86 139.69 24.33 -13.74
C ALA PA 86 140.80 23.29 -13.92
N GLN PA 87 140.90 22.70 -15.12
CA GLN PA 87 141.94 21.71 -15.35
C GLN PA 87 143.33 22.31 -15.13
N GLN PA 88 143.58 23.49 -15.68
CA GLN PA 88 144.87 24.16 -15.51
C GLN PA 88 145.09 24.59 -14.06
N LEU PA 89 144.01 24.93 -13.35
CA LEU PA 89 144.13 25.24 -11.92
C LEU PA 89 144.54 24.00 -11.11
N ILE PA 90 144.02 22.82 -11.46
CA ILE PA 90 144.47 21.60 -10.78
C ILE PA 90 145.87 21.22 -11.21
N ALA PA 91 146.27 21.55 -12.45
CA ALA PA 91 147.66 21.40 -12.86
C ALA PA 91 148.58 22.28 -12.02
N GLN PA 92 148.17 23.52 -11.76
CA GLN PA 92 148.92 24.38 -10.84
C GLN PA 92 148.95 23.80 -9.43
N ARG PA 93 147.83 23.24 -8.98
CA ARG PA 93 147.80 22.53 -7.71
C ARG PA 93 148.78 21.36 -7.68
N TRP PA 94 148.99 20.72 -8.83
CA TRP PA 94 150.03 19.69 -8.95
C TRP PA 94 151.44 20.27 -8.94
N TYR PA 95 151.62 21.49 -9.45
CA TYR PA 95 152.92 22.15 -9.29
C TYR PA 95 153.17 22.56 -7.84
N GLU PA 96 152.15 23.05 -7.14
CA GLU PA 96 152.29 23.39 -5.73
C GLU PA 96 152.71 22.16 -4.91
N LYS PA 97 152.03 21.04 -5.13
CA LYS PA 97 152.42 19.79 -4.46
C LYS PA 97 153.82 19.34 -4.86
N ALA PA 98 154.24 19.62 -6.09
CA ALA PA 98 155.63 19.39 -6.45
C ALA PA 98 156.57 20.35 -5.71
N GLN PA 99 156.17 21.62 -5.58
CA GLN PA 99 157.04 22.61 -4.97
C GLN PA 99 157.36 22.26 -3.52
N ALA PA 100 156.42 21.62 -2.83
CA ALA PA 100 156.67 21.12 -1.48
C ALA PA 100 157.72 20.01 -1.44
N ALA PA 101 158.15 19.53 -2.61
CA ALA PA 101 159.24 18.56 -2.71
C ALA PA 101 160.30 18.99 -3.70
N LEU PA 102 160.21 20.20 -4.25
CA LEU PA 102 161.17 20.67 -5.24
C LEU PA 102 162.32 21.44 -4.61
N ASP PA 103 162.34 21.56 -3.29
CA ASP PA 103 163.50 22.04 -2.55
C ASP PA 103 164.17 20.88 -1.83
N ARG PA 104 165.42 21.10 -1.42
CA ARG PA 104 166.23 20.15 -0.67
C ARG PA 104 166.60 18.91 -1.48
N GLY PA 105 166.34 18.91 -2.79
CA GLY PA 105 166.60 17.72 -3.59
C GLY PA 105 165.64 16.58 -3.33
N ASN PA 106 164.51 16.85 -2.68
CA ASN PA 106 163.52 15.84 -2.37
C ASN PA 106 162.50 15.64 -3.49
N GLU PA 107 162.87 16.00 -4.72
CA GLU PA 107 161.96 16.03 -5.86
C GLU PA 107 161.38 14.66 -6.24
N GLN PA 108 161.75 13.62 -5.50
CA GLN PA 108 161.22 12.28 -5.73
C GLN PA 108 159.70 12.28 -5.96
N LEU PA 109 158.95 12.91 -5.06
CA LEU PA 109 157.50 12.94 -5.21
C LEU PA 109 157.05 13.74 -6.43
N ALA PA 110 157.89 14.62 -6.94
CA ALA PA 110 157.55 15.34 -8.17
C ALA PA 110 157.37 14.37 -9.33
N ARG PA 111 157.96 13.18 -9.26
CA ARG PA 111 157.77 12.19 -10.31
C ARG PA 111 156.29 11.88 -10.49
N GLU PA 112 155.61 11.52 -9.41
CA GLU PA 112 154.17 11.25 -9.47
C GLU PA 112 153.35 12.53 -9.71
N ALA PA 113 153.71 13.63 -9.04
CA ALA PA 113 152.91 14.85 -9.15
C ALA PA 113 152.89 15.40 -10.57
N LEU PA 114 154.06 15.48 -11.21
CA LEU PA 114 154.12 15.85 -12.62
C LEU PA 114 153.63 14.74 -13.54
N GLY PA 115 153.75 13.48 -13.12
CA GLY PA 115 153.14 12.40 -13.88
C GLY PA 115 151.63 12.55 -14.02
N GLN PA 116 150.96 12.97 -12.95
CA GLN PA 116 149.55 13.35 -13.05
C GLN PA 116 149.39 14.61 -13.90
N ARG PA 117 150.18 15.65 -13.64
CA ARG PA 117 150.01 16.89 -14.39
C ARG PA 117 150.14 16.69 -15.89
N GLN PA 118 150.94 15.71 -16.33
CA GLN PA 118 151.02 15.42 -17.76
C GLN PA 118 149.66 15.07 -18.36
N SER PA 119 148.90 14.21 -17.67
CA SER PA 119 147.54 13.93 -18.13
C SER PA 119 146.62 15.14 -17.99
N TYR PA 120 146.83 15.99 -17.00
CA TYR PA 120 146.01 17.19 -16.87
C TYR PA 120 146.32 18.21 -17.96
N GLN PA 121 147.59 18.33 -18.34
CA GLN PA 121 147.96 19.20 -19.47
C GLN PA 121 147.40 18.69 -20.79
N SER PA 122 147.33 17.36 -20.98
CA SER PA 122 146.79 16.85 -22.23
C SER PA 122 145.32 17.21 -22.39
N HIS PA 123 144.53 17.06 -21.32
CA HIS PA 123 143.13 17.50 -21.38
C HIS PA 123 143.02 19.02 -21.47
N THR PA 124 143.92 19.76 -20.82
CA THR PA 124 143.89 21.22 -20.92
C THR PA 124 144.15 21.69 -22.35
N GLU PA 125 145.07 21.04 -23.07
CA GLU PA 125 145.37 21.47 -24.43
C GLU PA 125 144.40 20.88 -25.45
N ALA PA 126 143.80 19.73 -25.14
CA ALA PA 126 142.65 19.27 -25.91
C ALA PA 126 141.50 20.26 -25.83
N LEU PA 127 141.20 20.74 -24.62
CA LEU PA 127 140.22 21.80 -24.46
C LEU PA 127 140.64 23.07 -25.18
N GLY PA 128 141.89 23.49 -25.00
CA GLY PA 128 142.35 24.72 -25.63
C GLY PA 128 142.30 24.71 -27.14
N LYS PA 129 142.50 23.55 -27.77
CA LYS PA 129 142.44 23.47 -29.22
C LYS PA 129 141.03 23.20 -29.76
N SER PA 130 140.19 22.49 -28.99
CA SER PA 130 138.76 22.53 -29.25
C SER PA 130 138.24 23.96 -29.20
N LEU PA 131 138.68 24.71 -28.19
CA LEU PA 131 138.32 26.11 -27.99
C LEU PA 131 138.95 27.03 -29.03
N GLY PA 132 139.88 26.52 -29.83
CA GLY PA 132 140.36 27.24 -31.00
C GLY PA 132 139.39 27.11 -32.15
N GLU PA 133 138.81 25.92 -32.32
CA GLU PA 133 137.76 25.75 -33.32
C GLU PA 133 136.49 26.48 -32.89
N GLN PA 134 136.10 26.32 -31.63
CA GLN PA 134 134.94 27.02 -31.10
C GLN PA 134 135.11 28.54 -31.18
N ARG PA 135 136.35 29.03 -31.08
CA ARG PA 135 136.62 30.44 -31.40
C ARG PA 135 136.23 30.76 -32.84
N ALA PA 136 136.81 30.04 -33.80
CA ALA PA 136 136.51 30.27 -35.20
C ALA PA 136 135.02 30.13 -35.49
N LEU PA 137 134.33 29.24 -34.77
CA LEU PA 137 132.88 29.12 -34.92
C LEU PA 137 132.14 30.38 -34.46
N VAL PA 138 132.47 30.90 -33.28
CA VAL PA 138 131.80 32.12 -32.82
C VAL PA 138 132.17 33.32 -33.66
N GLU PA 139 133.39 33.38 -34.20
CA GLU PA 139 133.75 34.46 -35.11
C GLU PA 139 132.99 34.37 -36.42
N GLN PA 140 132.99 33.20 -37.06
CA GLN PA 140 132.33 33.05 -38.36
C GLN PA 140 130.82 33.19 -38.23
N VAL PA 141 130.23 32.70 -37.14
CA VAL PA 141 128.79 32.86 -36.94
C VAL PA 141 128.44 34.32 -36.67
N ARG PA 142 129.33 35.06 -36.00
CA ARG PA 142 129.11 36.50 -35.82
C ARG PA 142 129.20 37.25 -37.15
N GLY PA 143 130.14 36.88 -38.01
CA GLY PA 143 130.22 37.53 -39.31
C GLY PA 143 129.07 37.14 -40.22
N GLN PA 144 128.64 35.87 -40.16
CA GLN PA 144 127.47 35.42 -40.90
C GLN PA 144 126.23 36.21 -40.49
N LEU PA 145 126.00 36.32 -39.17
CA LEU PA 145 124.87 37.11 -38.67
C LEU PA 145 124.97 38.57 -39.09
N GLN PA 146 126.11 39.22 -38.83
CA GLN PA 146 126.19 40.65 -39.07
C GLN PA 146 126.02 41.01 -40.55
N LYS PA 147 126.51 40.16 -41.46
CA LYS PA 147 126.18 40.31 -42.87
C LYS PA 147 124.69 40.12 -43.14
N LEU PA 148 124.11 39.05 -42.59
CA LEU PA 148 122.73 38.68 -42.89
C LEU PA 148 121.75 39.71 -42.34
N GLU PA 149 121.89 40.08 -41.07
CA GLU PA 149 120.96 41.00 -40.43
C GLU PA 149 121.12 42.41 -40.96
N ARG PA 150 122.33 42.82 -41.34
CA ARG PA 150 122.50 44.09 -42.04
C ARG PA 150 121.83 44.07 -43.40
N LYS PA 151 121.86 42.91 -44.07
CA LYS PA 151 121.12 42.76 -45.32
C LYS PA 151 119.62 42.83 -45.09
N TYR PA 152 119.13 42.26 -43.98
CA TYR PA 152 117.73 42.42 -43.60
C TYR PA 152 117.36 43.87 -43.32
N LEU PA 153 118.24 44.62 -42.64
CA LEU PA 153 118.00 46.04 -42.41
C LEU PA 153 117.88 46.82 -43.72
N GLU PA 154 118.86 46.64 -44.62
CA GLU PA 154 118.81 47.30 -45.92
C GLU PA 154 117.65 46.80 -46.77
N LEU PA 155 117.26 45.54 -46.62
CA LEU PA 155 116.08 45.02 -47.30
C LEU PA 155 114.79 45.61 -46.74
N LYS PA 156 114.74 45.87 -45.43
CA LYS PA 156 113.63 46.65 -44.89
C LYS PA 156 113.57 48.05 -45.50
N SER PA 157 114.72 48.70 -45.61
CA SER PA 157 114.77 50.01 -46.26
C SER PA 157 114.23 49.93 -47.68
N GLN PA 158 114.70 48.96 -48.46
CA GLN PA 158 114.21 48.74 -49.82
C GLN PA 158 112.71 48.45 -49.85
N LYS PA 159 112.20 47.62 -48.95
CA LYS PA 159 110.77 47.31 -48.95
C LYS PA 159 109.94 48.57 -48.71
N ASN PA 160 110.31 49.37 -47.71
CA ASN PA 160 109.60 50.62 -47.47
C ASN PA 160 109.59 51.48 -48.72
N LEU PA 161 110.74 51.61 -49.37
CA LEU PA 161 110.86 52.35 -50.63
C LEU PA 161 110.14 51.66 -51.77
N TYR PA 162 109.95 50.35 -51.69
CA TYR PA 162 109.23 49.62 -52.74
C TYR PA 162 107.72 49.80 -52.63
N LEU PA 163 107.19 49.83 -51.41
CA LEU PA 163 105.78 50.15 -51.22
C LEU PA 163 105.47 51.58 -51.65
N ALA PA 164 106.38 52.52 -51.37
CA ALA PA 164 106.23 53.88 -51.88
C ALA PA 164 106.27 53.92 -53.40
N ARG PA 165 107.27 53.27 -54.01
CA ARG PA 165 107.33 53.18 -55.46
C ARG PA 165 106.06 52.58 -56.05
N LEU PA 166 105.59 51.47 -55.47
CA LEU PA 166 104.40 50.79 -55.99
C LEU PA 166 103.16 51.69 -55.93
N LYS PA 167 102.89 52.28 -54.77
CA LYS PA 167 101.76 53.20 -54.65
C LYS PA 167 101.90 54.39 -55.60
N SER PA 168 103.11 54.89 -55.80
CA SER PA 168 103.32 56.02 -56.70
C SER PA 168 103.08 55.63 -58.15
N ALA PA 169 103.55 54.45 -58.56
CA ALA PA 169 103.25 53.93 -59.89
C ALA PA 169 101.75 53.73 -60.08
N ILE PA 170 101.08 53.16 -59.09
CA ILE PA 170 99.64 52.95 -59.16
C ILE PA 170 98.93 54.28 -59.39
N ALA PA 171 99.31 55.31 -58.62
CA ALA PA 171 98.74 56.64 -58.80
C ALA PA 171 99.02 57.17 -60.21
N ALA PA 172 100.25 57.00 -60.70
CA ALA PA 172 100.61 57.43 -62.05
C ALA PA 172 99.74 56.73 -63.10
N GLN PA 173 99.57 55.42 -62.96
CA GLN PA 173 98.68 54.66 -63.83
C GLN PA 173 97.28 55.25 -63.83
N LYS PA 174 96.79 55.64 -62.66
CA LYS PA 174 95.46 56.22 -62.56
C LYS PA 174 95.37 57.59 -63.24
N ILE PA 175 96.41 58.42 -63.15
CA ILE PA 175 96.41 59.69 -63.90
C ILE PA 175 96.45 59.47 -65.40
N GLU PA 176 97.32 58.59 -65.89
CA GLU PA 176 97.36 58.34 -67.33
C GLU PA 176 96.03 57.80 -67.86
N GLU PA 177 95.49 56.77 -67.21
CA GLU PA 177 94.25 56.15 -67.71
C GLU PA 177 93.04 57.07 -67.59
N ILE PA 178 92.92 57.80 -66.49
CA ILE PA 178 91.82 58.76 -66.33
C ILE PA 178 92.02 59.97 -67.23
N ALA PA 179 93.26 60.39 -67.44
CA ALA PA 179 93.56 61.46 -68.40
C ALA PA 179 93.28 61.02 -69.84
N GLY PA 180 93.64 59.80 -70.20
CA GLY PA 180 93.31 59.31 -71.52
C GLY PA 180 91.82 59.21 -71.79
N ASN PA 181 91.05 58.76 -70.79
CA ASN PA 181 89.60 58.80 -70.93
C ASN PA 181 89.05 60.21 -70.89
N LEU PA 182 89.68 61.10 -70.13
CA LEU PA 182 89.19 62.48 -70.05
C LEU PA 182 89.41 63.21 -71.38
N ASP PA 183 90.62 63.14 -71.92
CA ASP PA 183 90.91 63.84 -73.16
C ASP PA 183 90.21 63.16 -74.33
N ASN PA 184 90.41 61.85 -74.48
CA ASN PA 184 89.91 61.17 -75.67
C ASN PA 184 88.40 61.04 -75.68
N ALA PA 185 87.82 60.49 -74.60
CA ALA PA 185 86.37 60.31 -74.57
C ALA PA 185 85.63 61.62 -74.34
N SER PA 186 86.01 62.37 -73.30
CA SER PA 186 85.25 63.55 -72.91
C SER PA 186 85.43 64.68 -73.92
N ALA PA 187 86.67 64.97 -74.29
CA ALA PA 187 86.95 66.14 -75.12
C ALA PA 187 86.39 65.98 -76.52
N SER PA 188 86.51 64.79 -77.11
CA SER PA 188 85.89 64.57 -78.42
C SER PA 188 84.37 64.71 -78.32
N SER PA 189 83.79 64.27 -77.20
CA SER PA 189 82.37 64.46 -76.97
C SER PA 189 82.03 65.95 -76.86
N LEU PA 190 82.93 66.75 -76.28
CA LEU PA 190 82.67 68.18 -76.16
C LEU PA 190 82.78 68.87 -77.51
N PHE PA 191 83.88 68.63 -78.23
CA PHE PA 191 84.13 69.40 -79.45
C PHE PA 191 83.18 68.98 -80.57
N GLU PA 192 83.10 67.68 -80.84
CA GLU PA 192 82.27 67.22 -81.95
C GLU PA 192 80.77 67.36 -81.71
N ARG PA 193 80.30 67.17 -80.47
CA ARG PA 193 78.88 67.45 -80.17
C ARG PA 193 78.54 68.93 -80.10
N ILE PA 194 79.46 69.77 -79.63
CA ILE PA 194 79.20 71.21 -79.65
C ILE PA 194 79.25 71.76 -81.07
N GLU PA 195 80.22 71.29 -81.86
CA GLU PA 195 80.31 71.73 -83.25
C GLU PA 195 79.08 71.32 -84.05
N THR PA 196 78.67 70.05 -83.97
CA THR PA 196 77.48 69.61 -84.71
C THR PA 196 76.23 70.37 -84.27
N LYS PA 197 76.11 70.67 -82.98
CA LYS PA 197 74.99 71.49 -82.54
C LYS PA 197 75.10 72.92 -83.05
N ILE PA 198 76.32 73.44 -83.16
CA ILE PA 198 76.52 74.77 -83.75
C ILE PA 198 76.10 74.75 -85.22
N LEU PA 199 76.50 73.71 -85.94
CA LEU PA 199 76.11 73.56 -87.34
C LEU PA 199 74.59 73.50 -87.48
N GLU PA 200 73.92 72.86 -86.53
CA GLU PA 200 72.45 72.84 -86.56
C GLU PA 200 71.91 74.24 -86.38
N LEU PA 201 72.52 75.04 -85.51
CA LEU PA 201 72.14 76.44 -85.37
C LEU PA 201 72.46 77.23 -86.63
N GLU PA 202 73.55 76.87 -87.32
CA GLU PA 202 73.96 77.55 -88.55
C GLU PA 202 73.06 77.21 -89.73
N ALA PA 203 72.51 76.00 -89.77
CA ALA PA 203 71.52 75.66 -90.77
C ALA PA 203 70.27 76.52 -90.66
N GLU PA 204 69.88 76.88 -89.43
CA GLU PA 204 68.84 77.89 -89.27
C GLU PA 204 69.35 79.31 -89.53
N ARG PA 205 70.63 79.59 -89.31
CA ARG PA 205 71.18 80.90 -89.68
C ARG PA 205 71.06 81.13 -91.18
N GLU PA 206 71.47 80.15 -91.99
CA GLU PA 206 71.40 80.28 -93.44
C GLU PA 206 69.98 80.19 -93.98
N LEU PA 207 69.01 79.81 -93.14
CA LEU PA 207 67.61 79.97 -93.50
C LEU PA 207 67.09 81.37 -93.20
N LEU PA 208 67.58 81.99 -92.12
CA LEU PA 208 67.16 83.33 -91.74
C LEU PA 208 68.00 84.44 -92.38
N ASN PA 209 69.15 84.09 -92.97
CA ASN PA 209 70.16 85.08 -93.30
C ASN PA 209 70.87 84.67 -94.58
N PRO PA 210 70.85 85.51 -95.63
CA PRO PA 210 71.61 85.18 -96.83
C PRO PA 210 73.10 85.11 -96.53
N PRO PA 211 73.84 84.23 -97.21
CA PRO PA 211 75.29 84.20 -97.03
C PRO PA 211 75.89 85.58 -97.23
N PRO PA 212 76.59 86.12 -96.21
CA PRO PA 212 77.20 87.44 -96.38
C PRO PA 212 78.43 87.42 -97.28
N SER PA 213 78.20 87.40 -98.60
CA SER PA 213 79.28 87.37 -99.58
C SER PA 213 80.11 88.64 -99.49
N PRO PA 214 81.29 88.68 -100.10
CA PRO PA 214 82.04 89.94 -100.15
C PRO PA 214 81.30 91.07 -100.85
N LEU PA 215 80.32 90.75 -101.71
CA LEU PA 215 79.67 91.79 -102.50
C LEU PA 215 78.78 92.67 -101.63
N ASP PA 216 77.80 92.07 -100.96
CA ASP PA 216 76.93 92.85 -100.08
C ASP PA 216 77.72 93.50 -98.95
N LYS PA 217 78.79 92.86 -98.50
CA LYS PA 217 79.63 93.45 -97.47
C LYS PA 217 80.25 94.77 -97.95
N LYS PA 218 80.77 94.78 -99.18
CA LYS PA 218 81.35 96.01 -99.72
C LYS PA 218 80.28 97.09 -99.92
N PHE PA 219 79.08 96.69 -100.34
CA PHE PA 219 77.99 97.64 -100.48
C PHE PA 219 77.61 98.28 -99.15
N GLU PA 220 77.55 97.48 -98.08
CA GLU PA 220 77.25 98.03 -96.76
C GLU PA 220 78.34 98.98 -96.30
N GLN PA 221 79.60 98.64 -96.58
CA GLN PA 221 80.70 99.53 -96.23
C GLN PA 221 80.59 100.85 -96.98
N TRP PA 222 80.26 100.80 -98.28
CA TRP PA 222 80.04 102.02 -99.04
C TRP PA 222 78.85 102.81 -98.51
N GLU PA 223 77.83 102.12 -97.97
CA GLU PA 223 76.71 102.84 -97.38
C GLU PA 223 77.15 103.67 -96.20
N GLU PA 224 77.99 103.10 -95.33
CA GLU PA 224 78.55 103.87 -94.23
C GLU PA 224 79.41 105.02 -94.76
N GLN PA 225 80.19 104.76 -95.81
CA GLN PA 225 81.01 105.80 -96.42
C GLN PA 225 80.14 106.94 -96.94
N GLN PA 226 78.98 106.61 -97.52
CA GLN PA 226 78.09 107.64 -98.06
C GLN PA 226 77.37 108.40 -96.96
N ALA PA 227 77.10 107.76 -95.83
CA ALA PA 227 76.55 108.48 -94.68
C ALA PA 227 77.51 109.55 -94.19
N VAL PA 228 78.79 109.18 -94.03
CA VAL PA 228 79.78 110.15 -93.59
C VAL PA 228 80.03 111.19 -94.69
N GLU PA 229 79.92 110.81 -95.96
CA GLU PA 229 80.07 111.80 -97.00
C GLU PA 229 78.92 112.82 -96.97
N ALA PA 230 77.73 112.39 -96.55
CA ALA PA 230 76.62 113.33 -96.37
C ALA PA 230 76.84 114.26 -95.17
N THR PA 231 77.40 113.73 -94.07
CA THR PA 231 77.76 114.58 -92.94
C THR PA 231 78.81 115.61 -93.35
N LEU PA 232 79.80 115.18 -94.15
CA LEU PA 232 80.80 116.11 -94.66
C LEU PA 232 80.15 117.20 -95.51
N ALA PA 233 79.14 116.82 -96.31
CA ALA PA 233 78.46 117.81 -97.13
C ALA PA 233 77.76 118.85 -96.26
N ALA PA 234 77.10 118.40 -95.20
CA ALA PA 234 76.50 119.33 -94.24
C ALA PA 234 77.57 120.21 -93.60
N MET PA 235 78.71 119.62 -93.23
CA MET PA 235 79.79 120.40 -92.62
C MET PA 235 80.21 121.55 -93.53
N LYS PA 236 80.52 121.25 -94.80
CA LYS PA 236 81.06 122.27 -95.68
C LYS PA 236 79.98 123.21 -96.21
N ALA PA 237 78.70 122.81 -96.14
CA ALA PA 237 77.63 123.72 -96.49
C ALA PA 237 77.41 124.75 -95.38
N ARG PA 238 77.49 124.33 -94.12
CA ARG PA 238 77.49 125.28 -93.03
C ARG PA 238 78.73 126.17 -93.07
N ARG PA 239 79.87 125.60 -93.46
CA ARG PA 239 81.10 126.37 -93.59
C ARG PA 239 81.09 127.33 -94.78
N SER PA 240 80.23 127.11 -95.77
CA SER PA 240 80.20 128.00 -96.93
C SER PA 240 79.97 129.45 -96.50
N MET QA 24 71.56 -56.54 29.82
CA MET QA 24 70.17 -56.88 30.12
C MET QA 24 69.53 -55.82 31.01
N GLU QA 25 68.27 -55.49 30.75
CA GLU QA 25 67.58 -54.51 31.59
C GLU QA 25 67.42 -55.05 33.01
N LEU QA 26 67.16 -56.35 33.14
CA LEU QA 26 67.11 -56.97 34.47
C LEU QA 26 68.43 -56.77 35.21
N PHE QA 27 69.54 -57.02 34.51
CA PHE QA 27 70.85 -56.84 35.12
C PHE QA 27 71.05 -55.41 35.61
N ASN QA 28 70.72 -54.43 34.77
CA ASN QA 28 70.80 -53.02 35.16
C ASN QA 28 69.95 -52.71 36.38
N ARG QA 29 68.70 -53.20 36.41
CA ARG QA 29 67.87 -53.06 37.60
C ARG QA 29 68.53 -53.62 38.85
N VAL QA 30 69.09 -54.84 38.74
CA VAL QA 30 69.78 -55.47 39.86
C VAL QA 30 71.12 -54.79 40.15
N GLY QA 31 71.62 -53.98 39.23
CA GLY QA 31 72.94 -53.39 39.36
C GLY QA 31 73.21 -52.66 40.65
N ARG QA 32 72.29 -51.82 41.11
CA ARG QA 32 72.57 -51.09 42.34
C ARG QA 32 72.88 -52.05 43.50
N VAL QA 33 72.04 -53.05 43.72
CA VAL QA 33 72.22 -54.00 44.82
C VAL QA 33 73.39 -54.95 44.58
N LEU QA 34 73.53 -55.48 43.37
CA LEU QA 34 74.60 -56.43 43.10
C LEU QA 34 75.96 -55.73 43.05
N LYS QA 35 76.07 -54.65 42.28
CA LYS QA 35 77.32 -53.94 42.12
C LYS QA 35 77.79 -53.27 43.41
N SER QA 36 76.90 -52.86 44.31
CA SER QA 36 77.38 -52.39 45.61
C SER QA 36 78.12 -53.50 46.36
N GLN QA 37 77.52 -54.69 46.40
CA GLN QA 37 78.18 -55.84 46.98
C GLN QA 37 79.48 -56.17 46.27
N LEU QA 38 79.48 -56.21 44.93
CA LEU QA 38 80.72 -56.52 44.22
C LEU QA 38 81.80 -55.46 44.41
N THR QA 39 81.41 -54.18 44.55
CA THR QA 39 82.38 -53.12 44.84
C THR QA 39 83.04 -53.34 46.19
N HIS QA 40 82.28 -53.78 47.19
CA HIS QA 40 82.94 -54.22 48.41
C HIS QA 40 83.68 -55.55 48.23
N TRP QA 41 83.19 -56.42 47.36
CA TRP QA 41 83.78 -57.74 47.18
C TRP QA 41 85.22 -57.62 46.70
N GLN QA 42 85.45 -56.76 45.70
CA GLN QA 42 86.83 -56.48 45.30
C GLN QA 42 87.62 -55.79 46.40
N GLN QA 43 86.95 -54.97 47.21
CA GLN QA 43 87.57 -54.37 48.39
C GLN QA 43 87.88 -55.37 49.51
N GLN QA 44 87.23 -56.54 49.54
CA GLN QA 44 87.25 -57.35 50.77
C GLN QA 44 88.66 -57.58 51.31
N GLN QA 45 89.67 -57.65 50.45
CA GLN QA 45 91.04 -57.81 50.95
C GLN QA 45 91.42 -56.66 51.87
N GLU QA 46 91.02 -55.44 51.51
CA GLU QA 46 91.19 -54.30 52.39
C GLU QA 46 90.14 -54.30 53.51
N ALA QA 47 88.91 -54.68 53.20
CA ALA QA 47 87.76 -54.47 54.09
C ALA QA 47 86.94 -55.75 54.23
N PRO QA 48 87.41 -56.70 55.04
CA PRO QA 48 86.55 -57.82 55.45
C PRO QA 48 85.66 -57.48 56.65
N GLU QA 49 85.89 -56.33 57.28
CA GLU QA 49 85.44 -56.10 58.65
C GLU QA 49 83.93 -56.27 58.81
N ASP QA 50 83.15 -55.72 57.88
CA ASP QA 50 81.70 -55.80 57.98
C ASP QA 50 81.17 -57.22 57.87
N LEU QA 51 81.67 -58.00 56.90
CA LEU QA 51 81.20 -59.38 56.77
C LEU QA 51 81.62 -60.23 57.97
N LEU QA 52 82.85 -60.06 58.45
CA LEU QA 52 83.33 -60.80 59.61
C LEU QA 52 82.49 -60.51 60.86
N GLU QA 53 82.28 -59.23 61.15
CA GLU QA 53 81.50 -58.84 62.33
C GLU QA 53 80.01 -59.17 62.20
N ARG QA 54 79.47 -59.14 60.98
CA ARG QA 54 78.09 -59.58 60.78
C ARG QA 54 77.93 -61.05 61.20
N LEU QA 55 78.80 -61.93 60.70
CA LEU QA 55 78.71 -63.34 61.05
C LEU QA 55 78.86 -63.57 62.55
N LEU QA 56 79.87 -62.96 63.18
CA LEU QA 56 80.06 -63.10 64.62
C LEU QA 56 78.93 -62.46 65.43
N GLY QA 57 78.30 -61.41 64.90
CA GLY QA 57 77.07 -60.92 65.50
C GLY QA 57 75.96 -61.96 65.51
N GLU QA 58 75.79 -62.66 64.39
CA GLU QA 58 74.84 -63.77 64.33
C GLU QA 58 75.22 -64.87 65.30
N MET QA 59 76.52 -65.11 65.48
CA MET QA 59 77.00 -66.08 66.45
C MET QA 59 76.70 -65.67 67.89
N GLU QA 60 76.77 -64.36 68.18
CA GLU QA 60 76.32 -63.86 69.48
C GLU QA 60 74.80 -63.99 69.67
N LEU QA 61 74.02 -63.75 68.62
CA LEU QA 61 72.58 -63.96 68.70
C LEU QA 61 72.23 -65.42 68.94
N GLU QA 62 72.96 -66.35 68.31
CA GLU QA 62 72.78 -67.76 68.62
C GLU QA 62 73.18 -68.06 70.07
N LEU QA 63 74.36 -67.61 70.49
CA LEU QA 63 74.90 -67.94 71.80
C LEU QA 63 74.03 -67.48 72.96
N ILE QA 64 73.33 -66.35 72.80
CA ILE QA 64 72.33 -65.97 73.82
C ILE QA 64 71.14 -66.93 73.81
N GLU QA 65 70.81 -67.51 72.67
CA GLU QA 65 69.86 -68.62 72.67
C GLU QA 65 70.45 -69.85 73.39
N LEU QA 66 71.67 -70.24 73.04
CA LEU QA 66 72.27 -71.45 73.62
C LEU QA 66 72.31 -71.41 75.14
N ARG QA 67 72.60 -70.24 75.72
CA ARG QA 67 72.55 -70.08 77.18
C ARG QA 67 71.13 -70.22 77.72
N ARG QA 68 70.13 -69.63 77.06
CA ARG QA 68 68.76 -69.82 77.52
C ARG QA 68 68.28 -71.25 77.35
N ALA QA 69 68.75 -71.95 76.32
CA ALA QA 69 68.39 -73.36 76.14
C ALA QA 69 69.03 -74.24 77.21
N LEU QA 70 70.26 -73.92 77.63
CA LEU QA 70 70.83 -74.54 78.82
C LEU QA 70 69.99 -74.28 80.07
N ALA QA 71 69.54 -73.04 80.26
CA ALA QA 71 68.70 -72.75 81.41
C ALA QA 71 67.37 -73.47 81.36
N GLN QA 72 66.81 -73.65 80.16
CA GLN QA 72 65.60 -74.45 80.02
C GLN QA 72 65.83 -75.93 80.31
N THR QA 73 67.01 -76.46 79.98
CA THR QA 73 67.33 -77.84 80.35
C THR QA 73 67.49 -78.00 81.86
N ILE QA 74 68.20 -77.08 82.51
CA ILE QA 74 68.33 -77.16 83.97
C ILE QA 74 66.97 -77.04 84.65
N ALA QA 75 66.13 -76.14 84.16
CA ALA QA 75 64.78 -76.00 84.72
C ALA QA 75 63.96 -77.27 84.57
N THR QA 76 64.01 -77.91 83.40
CA THR QA 76 63.30 -79.18 83.20
C THR QA 76 63.91 -80.32 84.01
N PHE QA 77 65.22 -80.34 84.21
CA PHE QA 77 65.84 -81.39 85.00
C PHE QA 77 65.40 -81.36 86.46
N LYS QA 78 65.49 -80.18 87.08
CA LYS QA 78 65.08 -80.04 88.48
C LYS QA 78 63.58 -80.09 88.66
N SER QA 79 62.78 -79.69 87.67
CA SER QA 79 61.34 -79.92 87.75
C SER QA 79 61.00 -81.40 87.77
N THR QA 80 61.70 -82.22 86.98
CA THR QA 80 61.54 -83.66 87.10
C THR QA 80 61.93 -84.12 88.50
N GLU QA 81 62.96 -83.52 89.07
CA GLU QA 81 63.38 -83.83 90.44
C GLU QA 81 62.37 -83.33 91.47
N ARG QA 82 61.72 -82.20 91.19
CA ARG QA 82 60.63 -81.75 92.06
C ARG QA 82 59.46 -82.73 92.04
N GLN QA 83 59.24 -83.40 90.91
CA GLN QA 83 58.24 -84.46 90.86
C GLN QA 83 58.68 -85.67 91.67
N ARG QA 84 59.98 -85.97 91.66
CA ARG QA 84 60.52 -86.96 92.58
C ARG QA 84 60.35 -86.54 94.03
N ASP QA 85 60.59 -85.27 94.34
CA ASP QA 85 60.38 -84.77 95.69
C ASP QA 85 58.94 -84.97 96.16
N ALA QA 86 57.98 -84.85 95.24
CA ALA QA 86 56.60 -85.15 95.58
C ALA QA 86 56.37 -86.65 95.76
N GLN QA 87 56.93 -87.48 94.88
CA GLN QA 87 56.75 -88.92 95.02
C GLN QA 87 57.31 -89.42 96.34
N GLN QA 88 58.52 -88.98 96.71
CA GLN QA 88 59.12 -89.38 97.97
C GLN QA 88 58.37 -88.80 99.17
N LEU QA 89 57.77 -87.62 99.01
CA LEU QA 89 56.92 -87.06 100.06
C LEU QA 89 55.66 -87.90 100.28
N ILE QA 90 55.06 -88.42 99.21
CA ILE QA 90 53.92 -89.32 99.38
C ILE QA 90 54.37 -90.67 99.92
N ALA QA 91 55.58 -91.11 99.58
CA ALA QA 91 56.15 -92.29 100.23
C ALA QA 91 56.29 -92.09 101.74
N GLN QA 92 56.77 -90.92 102.16
CA GLN QA 92 56.79 -90.59 103.58
C GLN QA 92 55.40 -90.55 104.17
N ARG QA 93 54.43 -90.00 103.44
CA ARG QA 93 53.04 -90.07 103.86
C ARG QA 93 52.54 -91.50 104.03
N TRP QA 94 53.07 -92.42 103.21
CA TRP QA 94 52.78 -93.84 103.41
C TRP QA 94 53.49 -94.43 104.62
N TYR QA 95 54.67 -93.92 104.98
CA TYR QA 95 55.27 -94.33 106.24
C TYR QA 95 54.52 -93.78 107.44
N GLU QA 96 54.04 -92.54 107.37
CA GLU QA 96 53.23 -91.99 108.46
C GLU QA 96 51.97 -92.83 108.69
N LYS QA 97 51.26 -93.17 107.61
CA LYS QA 97 50.10 -94.05 107.71
C LYS QA 97 50.47 -95.43 108.23
N ALA QA 98 51.67 -95.91 107.92
CA ALA QA 98 52.15 -97.13 108.55
C ALA QA 98 52.43 -96.92 110.04
N GLN QA 99 53.01 -95.77 110.40
CA GLN QA 99 53.38 -95.54 111.79
C GLN QA 99 52.17 -95.54 112.70
N ALA QA 100 51.02 -95.09 112.20
CA ALA QA 100 49.76 -95.18 112.94
C ALA QA 100 49.32 -96.62 113.19
N ALA QA 101 49.99 -97.59 112.59
CA ALA QA 101 49.75 -99.01 112.85
C ALA QA 101 51.03 -99.76 113.17
N LEU QA 102 52.16 -99.08 113.31
CA LEU QA 102 53.43 -99.74 113.59
C LEU QA 102 53.73 -99.83 115.08
N ASP QA 103 52.83 -99.36 115.92
CA ASP QA 103 52.86 -99.62 117.35
C ASP QA 103 51.78 -100.61 117.73
N ARG QA 104 51.92 -101.20 118.91
CA ARG QA 104 50.97 -102.15 119.49
C ARG QA 104 50.92 -103.48 118.73
N GLY QA 105 51.83 -103.70 117.78
CA GLY QA 105 51.76 -104.90 116.96
C GLY QA 105 50.63 -104.91 115.97
N ASN QA 106 50.02 -103.76 115.70
CA ASN QA 106 48.91 -103.64 114.77
C ASN QA 106 49.36 -103.41 113.33
N GLU QA 107 50.59 -103.81 113.01
CA GLU QA 107 51.24 -103.51 111.73
C GLU QA 107 50.53 -104.13 110.52
N GLN QA 108 49.42 -104.84 110.76
CA GLN QA 108 48.65 -105.42 109.67
C GLN QA 108 48.43 -104.45 108.51
N LEU QA 109 47.96 -103.24 108.80
CA LEU QA 109 47.72 -102.27 107.73
C LEU QA 109 49.00 -101.81 107.06
N ALA QA 110 50.15 -101.97 107.72
CA ALA QA 110 51.42 -101.64 107.07
C ALA QA 110 51.65 -102.51 105.84
N ARG QA 111 51.01 -103.68 105.77
CA ARG QA 111 51.13 -104.52 104.59
C ARG QA 111 50.71 -103.76 103.34
N GLU QA 112 49.50 -103.19 103.35
CA GLU QA 112 49.03 -102.40 102.23
C GLU QA 112 49.77 -101.07 102.08
N ALA QA 113 50.04 -100.39 103.20
CA ALA QA 113 50.67 -99.07 103.13
C ALA QA 113 52.07 -99.13 102.52
N LEU QA 114 52.89 -100.08 102.97
CA LEU QA 114 54.18 -100.31 102.34
C LEU QA 114 54.07 -101.00 100.99
N GLY QA 115 53.01 -101.77 100.76
CA GLY QA 115 52.76 -102.28 99.42
C GLY QA 115 52.57 -101.20 98.39
N GLN QA 116 51.86 -100.13 98.73
CA GLN QA 116 51.82 -98.94 97.89
C GLN QA 116 53.19 -98.25 97.82
N ARG QA 117 53.83 -98.05 98.97
CA ARG QA 117 55.12 -97.35 98.96
C ARG QA 117 56.13 -98.03 98.07
N GLN QA 118 56.07 -99.36 97.92
CA GLN QA 118 56.98 -100.05 97.01
C GLN QA 118 56.86 -99.52 95.58
N SER QA 119 55.63 -99.35 95.10
CA SER QA 119 55.45 -98.74 93.78
C SER QA 119 55.87 -97.27 93.76
N TYR QA 120 55.69 -96.55 94.86
CA TYR QA 120 56.13 -95.15 94.90
C TYR QA 120 57.65 -95.04 94.92
N GLN QA 121 58.33 -95.95 95.61
CA GLN QA 121 59.80 -95.98 95.57
C GLN QA 121 60.33 -96.34 94.20
N SER QA 122 59.64 -97.22 93.45
CA SER QA 122 60.12 -97.57 92.12
C SER QA 122 60.09 -96.37 91.19
N HIS QA 123 59.00 -95.59 91.21
CA HIS QA 123 58.96 -94.36 90.43
C HIS QA 123 59.94 -93.31 90.96
N THR QA 124 60.14 -93.26 92.28
CA THR QA 124 61.10 -92.30 92.83
C THR QA 124 62.52 -92.61 92.37
N GLU QA 125 62.89 -93.89 92.29
CA GLU QA 125 64.25 -94.24 91.88
C GLU QA 125 64.40 -94.27 90.36
N ALA QA 126 63.31 -94.51 89.63
CA ALA QA 126 63.30 -94.26 88.20
C ALA QA 126 63.57 -92.79 87.90
N LEU QA 127 62.89 -91.90 88.62
CA LEU QA 127 63.17 -90.48 88.50
C LEU QA 127 64.60 -90.16 88.92
N GLY QA 128 65.04 -90.69 90.06
CA GLY QA 128 66.38 -90.40 90.54
C GLY QA 128 67.49 -90.82 89.60
N LYS QA 129 67.30 -91.92 88.86
CA LYS QA 129 68.31 -92.38 87.93
C LYS QA 129 68.19 -91.75 86.54
N SER QA 130 66.98 -91.40 86.12
CA SER QA 130 66.83 -90.47 85.01
C SER QA 130 67.54 -89.16 85.31
N LEU QA 131 67.35 -88.66 86.52
CA LEU QA 131 67.98 -87.43 87.01
C LEU QA 131 69.48 -87.59 87.23
N GLY QA 132 70.01 -88.81 87.17
CA GLY QA 132 71.44 -89.02 87.12
C GLY QA 132 71.97 -88.80 85.72
N GLU QA 133 71.22 -89.22 84.70
CA GLU QA 133 71.60 -88.92 83.33
C GLU QA 133 71.41 -87.44 83.04
N GLN QA 134 70.26 -86.89 83.45
CA GLN QA 134 70.01 -85.45 83.28
C GLN QA 134 71.05 -84.60 84.00
N ARG QA 135 71.59 -85.10 85.12
CA ARG QA 135 72.76 -84.46 85.72
C ARG QA 135 73.93 -84.44 84.76
N ALA QA 136 74.35 -85.61 84.28
CA ALA QA 136 75.47 -85.67 83.35
C ALA QA 136 75.22 -84.83 82.10
N LEU QA 137 73.97 -84.72 81.67
CA LEU QA 137 73.63 -83.84 80.54
C LEU QA 137 73.89 -82.37 80.86
N VAL QA 138 73.40 -81.89 82.01
CA VAL QA 138 73.63 -80.48 82.35
C VAL QA 138 75.10 -80.20 82.64
N GLU QA 139 75.84 -81.18 83.17
CA GLU QA 139 77.28 -81.00 83.35
C GLU QA 139 78.01 -80.94 82.02
N GLN QA 140 77.76 -81.90 81.13
CA GLN QA 140 78.48 -81.95 79.85
C GLN QA 140 78.10 -80.77 78.96
N VAL QA 141 76.82 -80.35 78.99
CA VAL QA 141 76.42 -79.20 78.21
C VAL QA 141 77.01 -77.91 78.76
N ARG QA 142 77.20 -77.83 80.08
CA ARG QA 142 77.89 -76.68 80.66
C ARG QA 142 79.37 -76.66 80.27
N GLY QA 143 80.03 -77.82 80.24
CA GLY QA 143 81.41 -77.85 79.81
C GLY QA 143 81.56 -77.58 78.32
N GLN QA 144 80.63 -78.10 77.52
CA GLN QA 144 80.61 -77.81 76.08
C GLN QA 144 80.47 -76.32 75.84
N LEU QA 145 79.51 -75.69 76.50
CA LEU QA 145 79.33 -74.24 76.37
C LEU QA 145 80.56 -73.47 76.83
N GLN QA 146 81.06 -73.76 78.03
CA GLN QA 146 82.14 -72.94 78.57
C GLN QA 146 83.42 -73.05 77.75
N LYS QA 147 83.71 -74.22 77.17
CA LYS QA 147 84.76 -74.33 76.17
C LYS QA 147 84.46 -73.52 74.93
N LEU QA 148 83.25 -73.65 74.39
CA LEU QA 148 82.91 -73.03 73.11
C LEU QA 148 82.87 -71.51 73.21
N GLU QA 149 82.18 -70.97 74.23
CA GLU QA 149 82.05 -69.54 74.38
C GLU QA 149 83.36 -68.88 74.78
N ARG QA 150 84.20 -69.57 75.56
CA ARG QA 150 85.53 -69.06 75.82
C ARG QA 150 86.36 -69.03 74.55
N LYS QA 151 86.16 -70.02 73.66
CA LYS QA 151 86.82 -69.99 72.36
C LYS QA 151 86.31 -68.83 71.51
N TYR QA 152 85.02 -68.54 71.59
CA TYR QA 152 84.47 -67.35 70.93
C TYR QA 152 85.06 -66.06 71.47
N LEU QA 153 85.23 -65.97 72.80
CA LEU QA 153 85.88 -64.80 73.39
C LEU QA 153 87.30 -64.61 72.88
N GLU QA 154 88.11 -65.67 72.94
CA GLU QA 154 89.48 -65.60 72.42
C GLU QA 154 89.52 -65.39 70.91
N LEU QA 155 88.52 -65.91 70.20
CA LEU QA 155 88.41 -65.65 68.76
C LEU QA 155 88.03 -64.20 68.47
N LYS QA 156 87.21 -63.59 69.33
CA LYS QA 156 87.00 -62.14 69.22
C LYS QA 156 88.30 -61.38 69.44
N SER QA 157 89.08 -61.77 70.44
CA SER QA 157 90.38 -61.16 70.66
C SER QA 157 91.26 -61.27 69.41
N GLN QA 158 91.36 -62.47 68.85
CA GLN QA 158 92.11 -62.69 67.62
C GLN QA 158 91.58 -61.86 66.45
N LYS QA 159 90.26 -61.78 66.28
CA LYS QA 159 89.72 -60.99 65.18
C LYS QA 159 90.10 -59.52 65.30
N ASN QA 160 89.94 -58.95 66.50
CA ASN QA 160 90.35 -57.56 66.70
C ASN QA 160 91.82 -57.37 66.32
N LEU QA 161 92.66 -58.29 66.79
CA LEU QA 161 94.09 -58.27 66.44
C LEU QA 161 94.34 -58.57 64.98
N TYR QA 162 93.42 -59.28 64.32
CA TYR QA 162 93.57 -59.58 62.90
C TYR QA 162 93.23 -58.40 62.02
N LEU QA 163 92.20 -57.63 62.39
CA LEU QA 163 91.90 -56.39 61.69
C LEU QA 163 93.02 -55.37 61.84
N ALA QA 164 93.61 -55.30 63.03
CA ALA QA 164 94.80 -54.46 63.23
C ALA QA 164 95.97 -54.93 62.38
N ARG QA 165 96.27 -56.23 62.41
CA ARG QA 165 97.32 -56.78 61.56
C ARG QA 165 97.06 -56.47 60.08
N LEU QA 166 95.84 -56.70 59.61
CA LEU QA 166 95.50 -56.49 58.21
C LEU QA 166 95.69 -55.03 57.80
N LYS QA 167 95.12 -54.10 58.56
CA LYS QA 167 95.31 -52.68 58.26
C LYS QA 167 96.78 -52.28 58.31
N SER QA 168 97.55 -52.86 59.24
CA SER QA 168 98.97 -52.54 59.34
C SER QA 168 99.76 -53.08 58.15
N ALA QA 169 99.45 -54.30 57.72
CA ALA QA 169 100.05 -54.85 56.51
C ALA QA 169 99.70 -54.00 55.28
N ILE QA 170 98.43 -53.61 55.16
CA ILE QA 170 98.00 -52.77 54.05
C ILE QA 170 98.80 -51.48 54.01
N ALA QA 171 98.96 -50.83 55.18
CA ALA QA 171 99.77 -49.62 55.27
C ALA QA 171 101.21 -49.90 54.85
N ALA QA 172 101.79 -51.01 55.32
CA ALA QA 172 103.15 -51.39 54.95
C ALA QA 172 103.27 -51.57 53.44
N GLN QA 173 102.33 -52.28 52.84
CA GLN QA 173 102.30 -52.43 51.39
C GLN QA 173 102.29 -51.07 50.69
N LYS QA 174 101.54 -50.13 51.23
CA LYS QA 174 101.49 -48.80 50.63
C LYS QA 174 102.81 -48.04 50.77
N ILE QA 175 103.52 -48.18 51.89
CA ILE QA 175 104.85 -47.59 52.00
C ILE QA 175 105.86 -48.22 51.04
N GLU QA 176 105.90 -49.54 50.96
CA GLU QA 176 106.83 -50.18 50.02
C GLU QA 176 106.55 -49.78 48.58
N GLU QA 177 105.30 -49.88 48.14
CA GLU QA 177 104.98 -49.60 46.75
C GLU QA 177 105.15 -48.12 46.39
N ILE QA 178 104.74 -47.22 47.28
CA ILE QA 178 104.94 -45.79 47.05
C ILE QA 178 106.41 -45.40 47.17
N ALA QA 179 107.14 -46.05 48.08
CA ALA QA 179 108.59 -45.84 48.18
C ALA QA 179 109.32 -46.38 46.95
N GLY QA 180 108.92 -47.54 46.45
CA GLY QA 180 109.53 -48.05 45.23
C GLY QA 180 109.28 -47.16 44.02
N ASN QA 181 108.08 -46.62 43.88
CA ASN QA 181 107.83 -45.64 42.84
C ASN QA 181 108.54 -44.32 43.10
N LEU QA 182 108.68 -43.93 44.36
CA LEU QA 182 109.34 -42.67 44.68
C LEU QA 182 110.83 -42.75 44.37
N ASP QA 183 111.51 -43.80 44.84
CA ASP QA 183 112.94 -43.93 44.61
C ASP QA 183 113.21 -44.24 43.14
N ASN QA 184 112.58 -45.29 42.62
CA ASN QA 184 112.92 -45.76 41.29
C ASN QA 184 112.46 -44.80 40.19
N ALA QA 185 111.17 -44.44 40.20
CA ALA QA 185 110.66 -43.55 39.15
C ALA QA 185 111.12 -42.11 39.36
N SER QA 186 110.90 -41.56 40.56
CA SER QA 186 111.14 -40.14 40.79
C SER QA 186 112.63 -39.83 40.80
N ALA QA 187 113.40 -40.62 41.56
CA ALA QA 187 114.81 -40.29 41.77
C ALA QA 187 115.63 -40.44 40.49
N SER QA 188 115.36 -41.49 39.71
CA SER QA 188 116.05 -41.60 38.41
C SER QA 188 115.67 -40.44 37.50
N SER QA 189 114.41 -39.99 37.59
CA SER QA 189 114.01 -38.81 36.84
C SER QA 189 114.76 -37.57 37.32
N LEU QA 190 115.04 -37.48 38.62
CA LEU QA 190 115.76 -36.32 39.13
C LEU QA 190 117.22 -36.37 38.71
N PHE QA 191 117.90 -37.50 38.94
CA PHE QA 191 119.34 -37.55 38.72
C PHE QA 191 119.67 -37.51 37.23
N GLU QA 192 119.06 -38.39 36.45
CA GLU QA 192 119.39 -38.46 35.03
C GLU QA 192 118.92 -37.27 34.21
N ARG QA 193 117.76 -36.68 34.54
CA ARG QA 193 117.35 -35.43 33.87
C ARG QA 193 118.13 -34.20 34.33
N ILE QA 194 118.52 -34.13 35.60
CA ILE QA 194 119.36 -33.02 36.04
C ILE QA 194 120.77 -33.14 35.48
N GLU QA 195 121.31 -34.35 35.46
CA GLU QA 195 122.63 -34.56 34.90
C GLU QA 195 122.69 -34.23 33.41
N THR QA 196 121.74 -34.74 32.62
CA THR QA 196 121.72 -34.45 31.20
C THR QA 196 121.54 -32.96 30.93
N LYS QA 197 120.73 -32.27 31.74
CA LYS QA 197 120.62 -30.82 31.60
C LYS QA 197 121.91 -30.12 32.00
N ILE QA 198 122.63 -30.66 32.98
CA ILE QA 198 123.93 -30.11 33.35
C ILE QA 198 124.91 -30.28 32.20
N LEU QA 199 124.91 -31.46 31.59
CA LEU QA 199 125.75 -31.72 30.43
C LEU QA 199 125.45 -30.76 29.29
N GLU QA 200 124.18 -30.41 29.11
CA GLU QA 200 123.81 -29.44 28.10
C GLU QA 200 124.41 -28.07 28.43
N LEU QA 201 124.40 -27.71 29.71
CA LEU QA 201 125.06 -26.49 30.15
C LEU QA 201 126.58 -26.58 29.97
N GLU QA 202 127.14 -27.78 30.15
CA GLU QA 202 128.57 -27.99 30.00
C GLU QA 202 129.02 -27.96 28.54
N ALA QA 203 128.16 -28.39 27.62
CA ALA QA 203 128.46 -28.23 26.20
C ALA QA 203 128.59 -26.78 25.79
N GLU QA 204 127.80 -25.89 26.41
CA GLU QA 204 128.04 -24.47 26.24
C GLU QA 204 129.23 -23.96 27.05
N ARG QA 205 129.56 -24.60 28.18
CA ARG QA 205 130.78 -24.23 28.90
C ARG QA 205 132.02 -24.46 28.03
N GLU QA 206 132.12 -25.63 27.41
CA GLU QA 206 133.27 -25.95 26.56
C GLU QA 206 133.25 -25.19 25.24
N LEU QA 207 132.15 -24.51 24.91
CA LEU QA 207 132.16 -23.55 23.81
C LEU QA 207 132.67 -22.18 24.25
N LEU QA 208 132.36 -21.78 25.49
CA LEU QA 208 132.80 -20.50 26.01
C LEU QA 208 134.17 -20.55 26.69
N ASN QA 209 134.68 -21.75 26.97
CA ASN QA 209 135.80 -21.90 27.90
C ASN QA 209 136.69 -23.05 27.44
N PRO QA 210 137.98 -22.81 27.18
CA PRO QA 210 138.86 -23.92 26.84
C PRO QA 210 138.96 -24.90 28.00
N PRO QA 211 139.12 -26.19 27.71
CA PRO QA 211 139.34 -27.16 28.79
C PRO QA 211 140.49 -26.73 29.69
N PRO QA 212 140.24 -26.54 31.00
CA PRO QA 212 141.33 -26.15 31.89
C PRO QA 212 142.30 -27.28 32.18
N SER QA 213 143.22 -27.54 31.24
CA SER QA 213 144.20 -28.61 31.38
C SER QA 213 145.12 -28.32 32.55
N PRO QA 214 145.90 -29.29 33.01
CA PRO QA 214 146.91 -29.00 34.05
C PRO QA 214 147.94 -27.97 33.62
N LEU QA 215 148.14 -27.77 32.31
CA LEU QA 215 149.19 -26.88 31.85
C LEU QA 215 148.87 -25.43 32.16
N ASP QA 216 147.75 -24.93 31.61
CA ASP QA 216 147.36 -23.55 31.88
C ASP QA 216 147.11 -23.32 33.37
N LYS QA 217 146.65 -24.34 34.08
CA LYS QA 217 146.46 -24.21 35.52
C LYS QA 217 147.78 -23.92 36.23
N LYS QA 218 148.85 -24.65 35.87
CA LYS QA 218 150.15 -24.41 36.47
C LYS QA 218 150.69 -23.03 36.10
N PHE QA 219 150.46 -22.59 34.86
CA PHE QA 219 150.88 -21.26 34.45
C PHE QA 219 150.18 -20.17 35.26
N GLU QA 220 148.87 -20.32 35.51
CA GLU QA 220 148.15 -19.35 36.32
C GLU QA 220 148.67 -19.34 37.75
N GLN QA 221 148.98 -20.51 38.29
CA GLN QA 221 149.55 -20.58 39.63
C GLN QA 221 150.89 -19.86 39.68
N TRP QA 222 151.74 -20.07 38.67
CA TRP QA 222 153.01 -19.35 38.61
C TRP QA 222 152.80 -17.85 38.45
N GLU QA 223 151.73 -17.44 37.79
CA GLU QA 223 151.44 -16.01 37.68
C GLU QA 223 151.17 -15.40 39.04
N GLU QA 224 150.39 -16.09 39.88
CA GLU QA 224 150.19 -15.64 41.25
C GLU QA 224 151.51 -15.64 42.02
N GLN QA 225 152.32 -16.67 41.82
CA GLN QA 225 153.63 -16.73 42.46
C GLN QA 225 154.50 -15.55 42.06
N GLN QA 226 154.43 -15.14 40.78
CA GLN QA 226 155.25 -14.03 40.31
C GLN QA 226 154.72 -12.69 40.80
N ALA QA 227 153.40 -12.58 41.01
CA ALA QA 227 152.85 -11.37 41.62
C ALA QA 227 153.39 -11.19 43.04
N VAL QA 228 153.36 -12.25 43.84
CA VAL QA 228 153.89 -12.17 45.20
C VAL QA 228 155.40 -11.99 45.17
N GLU QA 229 156.09 -12.56 44.18
CA GLU QA 229 157.53 -12.33 44.10
C GLU QA 229 157.83 -10.86 43.78
N ALA QA 230 156.96 -10.20 43.03
CA ALA QA 230 157.12 -8.76 42.80
C ALA QA 230 156.85 -7.94 44.06
N THR QA 231 155.85 -8.32 44.85
CA THR QA 231 155.62 -7.67 46.14
C THR QA 231 156.82 -7.85 47.06
N LEU QA 232 157.40 -9.05 47.07
CA LEU QA 232 158.61 -9.29 47.86
C LEU QA 232 159.75 -8.39 47.39
N ALA QA 233 159.86 -8.19 46.07
CA ALA QA 233 160.92 -7.32 45.55
C ALA QA 233 160.73 -5.89 46.05
N ALA QA 234 159.49 -5.40 46.02
CA ALA QA 234 159.20 -4.08 46.59
C ALA QA 234 159.53 -4.04 48.08
N MET QA 235 159.18 -5.10 48.81
CA MET QA 235 159.48 -5.14 50.25
C MET QA 235 160.97 -4.97 50.50
N LYS QA 236 161.80 -5.76 49.83
CA LYS QA 236 163.23 -5.74 50.12
C LYS QA 236 163.94 -4.54 49.48
N ALA QA 237 163.31 -3.91 48.48
CA ALA QA 237 163.86 -2.67 47.95
C ALA QA 237 163.61 -1.51 48.90
N ARG QA 238 162.43 -1.45 49.51
CA ARG QA 238 162.20 -0.48 50.57
C ARG QA 238 163.10 -0.77 51.77
N ARG QA 239 163.34 -2.04 52.06
CA ARG QA 239 164.20 -2.43 53.17
C ARG QA 239 165.68 -2.16 52.88
N SER QA 240 166.07 -2.01 51.61
CA SER QA 240 167.48 -1.77 51.29
C SER QA 240 167.99 -0.53 52.02
N MET RA 24 -42.94 -77.85 39.71
CA MET RA 24 -43.72 -77.04 38.80
C MET RA 24 -43.90 -75.63 39.37
N GLU RA 25 -43.80 -74.62 38.50
CA GLU RA 25 -44.01 -73.24 38.95
C GLU RA 25 -45.44 -73.04 39.44
N LEU RA 26 -46.42 -73.68 38.78
CA LEU RA 26 -47.78 -73.64 39.25
C LEU RA 26 -47.88 -74.19 40.67
N PHE RA 27 -47.24 -75.34 40.90
CA PHE RA 27 -47.25 -75.93 42.24
C PHE RA 27 -46.69 -74.98 43.28
N ASN RA 28 -45.53 -74.37 42.99
CA ASN RA 28 -44.94 -73.39 43.90
C ASN RA 28 -45.88 -72.21 44.17
N ARG RA 29 -46.52 -71.67 43.13
CA ARG RA 29 -47.53 -70.63 43.32
C ARG RA 29 -48.65 -71.08 44.27
N VAL RA 30 -49.17 -72.28 44.04
CA VAL RA 30 -50.21 -72.84 44.91
C VAL RA 30 -49.68 -73.22 46.28
N GLY RA 31 -48.36 -73.32 46.43
CA GLY RA 31 -47.77 -73.81 47.66
C GLY RA 31 -48.20 -73.12 48.93
N ARG RA 32 -48.26 -71.79 48.94
CA ARG RA 32 -48.67 -71.12 50.17
C ARG RA 32 -50.04 -71.61 50.66
N VAL RA 33 -51.04 -71.62 49.77
CA VAL RA 33 -52.40 -72.03 50.13
C VAL RA 33 -52.51 -73.53 50.37
N LEU RA 34 -51.90 -74.34 49.51
CA LEU RA 34 -52.01 -75.79 49.68
C LEU RA 34 -51.20 -76.28 50.87
N LYS RA 35 -49.92 -75.88 50.95
CA LYS RA 35 -49.05 -76.33 52.03
C LYS RA 35 -49.48 -75.82 53.40
N SER RA 36 -50.13 -74.66 53.51
CA SER RA 36 -50.69 -74.28 54.81
C SER RA 36 -51.74 -75.29 55.27
N GLN RA 37 -52.66 -75.64 54.36
CA GLN RA 37 -53.64 -76.67 54.65
C GLN RA 37 -52.97 -78.01 54.97
N LEU RA 38 -52.01 -78.44 54.16
CA LEU RA 38 -51.35 -79.72 54.45
C LEU RA 38 -50.56 -79.71 55.76
N THR RA 39 -49.98 -78.57 56.14
CA THR RA 39 -49.31 -78.44 57.43
C THR RA 39 -50.28 -78.63 58.58
N HIS RA 40 -51.48 -78.08 58.46
CA HIS RA 40 -52.51 -78.45 59.44
C HIS RA 40 -52.99 -79.88 59.25
N TRP RA 41 -53.01 -80.38 58.01
CA TRP RA 41 -53.54 -81.72 57.74
C TRP RA 41 -52.74 -82.78 58.49
N GLN RA 42 -51.41 -82.68 58.44
CA GLN RA 42 -50.58 -83.57 59.25
C GLN RA 42 -50.79 -83.33 60.74
N GLN RA 43 -51.06 -82.08 61.12
CA GLN RA 43 -51.41 -81.75 62.50
C GLN RA 43 -52.78 -82.26 62.93
N GLN RA 44 -53.69 -82.58 62.01
CA GLN RA 44 -55.09 -82.75 62.39
C GLN RA 44 -55.29 -83.69 63.57
N GLN RA 45 -54.43 -84.72 63.72
CA GLN RA 45 -54.56 -85.60 64.87
C GLN RA 45 -54.44 -84.83 66.17
N GLU RA 46 -53.51 -83.87 66.22
CA GLU RA 46 -53.44 -82.96 67.35
C GLU RA 46 -54.54 -81.89 67.30
N ALA RA 47 -54.84 -81.39 66.11
CA ALA RA 47 -55.68 -80.19 65.95
C ALA RA 47 -56.77 -80.42 64.92
N PRO RA 48 -57.84 -81.12 65.30
CA PRO RA 48 -59.06 -81.13 64.47
C PRO RA 48 -59.96 -79.92 64.72
N GLU RA 49 -59.67 -79.13 65.75
CA GLU RA 49 -60.67 -78.25 66.35
C GLU RA 49 -61.26 -77.28 65.35
N ASP RA 50 -60.43 -76.66 64.51
CA ASP RA 50 -60.92 -75.67 63.55
C ASP RA 50 -61.85 -76.29 62.51
N LEU RA 51 -61.49 -77.45 61.94
CA LEU RA 51 -62.36 -78.06 60.94
C LEU RA 51 -63.67 -78.54 61.55
N LEU RA 52 -63.61 -79.13 62.75
CA LEU RA 52 -64.82 -79.58 63.44
C LEU RA 52 -65.77 -78.43 63.73
N GLU RA 53 -65.26 -77.35 64.31
CA GLU RA 53 -66.10 -76.20 64.65
C GLU RA 53 -66.57 -75.43 63.42
N ARG RA 54 -65.78 -75.41 62.35
CA ARG RA 54 -66.26 -74.82 61.10
C ARG RA 54 -67.51 -75.53 60.59
N LEU RA 55 -67.46 -76.87 60.51
CA LEU RA 55 -68.61 -77.63 60.05
C LEU RA 55 -69.84 -77.42 60.92
N LEU RA 56 -69.67 -77.52 62.25
CA LEU RA 56 -70.80 -77.30 63.16
C LEU RA 56 -71.28 -75.85 63.17
N GLY RA 57 -70.40 -74.90 62.88
CA GLY RA 57 -70.87 -73.54 62.61
C GLY RA 57 -71.79 -73.46 61.41
N GLU RA 58 -71.43 -74.14 60.33
CA GLU RA 58 -72.30 -74.23 59.15
C GLU RA 58 -73.62 -74.91 59.51
N MET RA 59 -73.57 -75.91 60.40
CA MET RA 59 -74.77 -76.58 60.86
C MET RA 59 -75.66 -75.66 61.69
N GLU RA 60 -75.06 -74.76 62.48
CA GLU RA 60 -75.84 -73.72 63.17
C GLU RA 60 -76.44 -72.71 62.19
N LEU RA 61 -75.70 -72.33 61.15
CA LEU RA 61 -76.25 -71.45 60.12
C LEU RA 61 -77.43 -72.10 59.38
N GLU RA 62 -77.34 -73.40 59.11
CA GLU RA 62 -78.50 -74.12 58.56
C GLU RA 62 -79.65 -74.13 59.55
N LEU RA 63 -79.39 -74.52 60.80
CA LEU RA 63 -80.44 -74.72 61.80
C LEU RA 63 -81.24 -73.45 62.08
N ILE RA 64 -80.61 -72.27 62.01
CA ILE RA 64 -81.38 -71.03 62.10
C ILE RA 64 -82.26 -70.84 60.87
N GLU RA 65 -81.85 -71.34 59.70
CA GLU RA 65 -82.78 -71.41 58.58
C GLU RA 65 -83.91 -72.40 58.87
N LEU RA 66 -83.59 -73.61 59.33
CA LEU RA 66 -84.62 -74.64 59.55
C LEU RA 66 -85.72 -74.17 60.49
N ARG RA 67 -85.36 -73.43 61.54
CA ARG RA 67 -86.36 -72.84 62.43
C ARG RA 67 -87.22 -71.78 61.73
N ARG RA 68 -86.60 -70.91 60.92
CA ARG RA 68 -87.41 -69.95 60.18
C ARG RA 68 -88.29 -70.60 59.12
N ALA RA 69 -87.84 -71.71 58.53
CA ALA RA 69 -88.65 -72.45 57.56
C ALA RA 69 -89.84 -73.13 58.25
N LEU RA 70 -89.64 -73.64 59.47
CA LEU RA 70 -90.77 -74.07 60.29
C LEU RA 70 -91.75 -72.94 60.57
N ALA RA 71 -91.24 -71.75 60.91
CA ALA RA 71 -92.13 -70.64 61.16
C ALA RA 71 -92.88 -70.20 59.90
N GLN RA 72 -92.24 -70.31 58.73
CA GLN RA 72 -92.93 -70.04 57.48
C GLN RA 72 -94.00 -71.08 57.16
N THR RA 73 -93.78 -72.34 57.54
CA THR RA 73 -94.83 -73.35 57.38
C THR RA 73 -96.01 -73.11 58.30
N ILE RA 74 -95.76 -72.79 59.57
CA ILE RA 74 -96.85 -72.48 60.49
C ILE RA 74 -97.63 -71.26 60.02
N ALA RA 75 -96.93 -70.24 59.55
CA ALA RA 75 -97.60 -69.05 59.02
C ALA RA 75 -98.48 -69.36 57.83
N THR RA 76 -97.99 -70.17 56.89
CA THR RA 76 -98.80 -70.57 55.74
C THR RA 76 -99.95 -71.49 56.12
N PHE RA 77 -99.77 -72.35 57.12
CA PHE RA 77 -100.86 -73.23 57.56
C PHE RA 77 -102.03 -72.45 58.13
N LYS RA 78 -101.76 -71.55 59.08
CA LYS RA 78 -102.82 -70.75 59.69
C LYS RA 78 -103.37 -69.68 58.75
N SER RA 79 -102.57 -69.19 57.80
CA SER RA 79 -103.14 -68.32 56.78
C SER RA 79 -104.16 -69.05 55.90
N THR RA 80 -103.89 -70.31 55.56
CA THR RA 80 -104.92 -71.11 54.89
C THR RA 80 -106.14 -71.24 55.77
N GLU RA 81 -105.94 -71.39 57.08
CA GLU RA 81 -107.04 -71.46 58.04
C GLU RA 81 -107.76 -70.12 58.18
N ARG RA 82 -107.03 -69.01 58.05
CA ARG RA 82 -107.67 -67.69 58.03
C ARG RA 82 -108.55 -67.54 56.79
N GLN RA 83 -108.18 -68.18 55.69
CA GLN RA 83 -109.05 -68.20 54.51
C GLN RA 83 -110.28 -69.04 54.76
N ARG RA 84 -110.13 -70.13 55.52
CA ARG RA 84 -111.29 -70.89 55.99
C ARG RA 84 -112.16 -70.04 56.91
N ASP RA 85 -111.54 -69.27 57.81
CA ASP RA 85 -112.30 -68.39 58.68
C ASP RA 85 -113.13 -67.38 57.89
N ALA RA 86 -112.61 -66.93 56.76
CA ALA RA 86 -113.41 -66.07 55.88
C ALA RA 86 -114.53 -66.84 55.19
N GLN RA 87 -114.23 -68.04 54.67
CA GLN RA 87 -115.27 -68.82 54.01
C GLN RA 87 -116.43 -69.12 54.96
N GLN RA 88 -116.12 -69.55 56.18
CA GLN RA 88 -117.16 -69.84 57.17
C GLN RA 88 -117.88 -68.57 57.61
N LEU RA 89 -117.18 -67.43 57.62
CA LEU RA 89 -117.85 -66.16 57.91
C LEU RA 89 -118.84 -65.78 56.82
N ILE RA 90 -118.51 -66.04 55.55
CA ILE RA 90 -119.48 -65.79 54.49
C ILE RA 90 -120.61 -66.82 54.52
N ALA RA 91 -120.33 -68.05 54.95
CA ALA RA 91 -121.39 -69.01 55.21
C ALA RA 91 -122.35 -68.52 56.28
N GLN RA 92 -121.82 -67.94 57.36
CA GLN RA 92 -122.68 -67.31 58.37
C GLN RA 92 -123.45 -66.13 57.78
N ARG RA 93 -122.81 -65.34 56.93
CA ARG RA 93 -123.51 -64.29 56.21
C ARG RA 93 -124.64 -64.84 55.34
N TRP RA 94 -124.48 -66.05 54.82
CA TRP RA 94 -125.56 -66.73 54.12
C TRP RA 94 -126.65 -67.23 55.06
N TYR RA 95 -126.31 -67.60 56.30
CA TYR RA 95 -127.35 -67.89 57.27
C TYR RA 95 -128.09 -66.65 57.71
N GLU RA 96 -127.40 -65.52 57.88
CA GLU RA 96 -128.08 -64.26 58.21
C GLU RA 96 -129.08 -63.88 57.13
N LYS RA 97 -128.67 -63.94 55.86
CA LYS RA 97 -129.58 -63.69 54.75
C LYS RA 97 -130.72 -64.69 54.71
N ALA RA 98 -130.49 -65.93 55.12
CA ALA RA 98 -131.59 -66.87 55.29
C ALA RA 98 -132.49 -66.46 56.45
N GLN RA 99 -131.91 -66.00 57.56
CA GLN RA 99 -132.72 -65.68 58.73
C GLN RA 99 -133.70 -64.55 58.45
N ALA RA 100 -133.34 -63.63 57.56
CA ALA RA 100 -134.27 -62.59 57.11
C ALA RA 100 -135.45 -63.15 56.33
N ALA RA 101 -135.43 -64.45 56.01
CA ALA RA 101 -136.55 -65.12 55.37
C ALA RA 101 -136.94 -66.40 56.11
N LEU RA 102 -136.34 -66.69 57.26
CA LEU RA 102 -136.62 -67.91 57.99
C LEU RA 102 -137.72 -67.72 59.04
N ASP RA 103 -138.28 -66.53 59.13
CA ASP RA 103 -139.51 -66.28 59.88
C ASP RA 103 -140.68 -66.07 58.93
N ARG RA 104 -141.89 -66.19 59.48
CA ARG RA 104 -143.14 -65.99 58.76
C ARG RA 104 -143.40 -67.05 57.70
N GLY RA 105 -142.60 -68.11 57.65
CA GLY RA 105 -142.74 -69.11 56.60
C GLY RA 105 -142.29 -68.64 55.24
N ASN RA 106 -141.54 -67.54 55.17
CA ASN RA 106 -141.06 -66.99 53.91
C ASN RA 106 -139.72 -67.60 53.48
N GLU RA 107 -139.41 -68.80 53.95
CA GLU RA 107 -138.12 -69.45 53.76
C GLU RA 107 -137.78 -69.74 52.30
N GLN RA 108 -138.67 -69.37 51.38
CA GLN RA 108 -138.42 -69.55 49.95
C GLN RA 108 -137.01 -69.12 49.55
N LEU RA 109 -136.59 -67.91 49.92
CA LEU RA 109 -135.26 -67.44 49.56
C LEU RA 109 -134.15 -68.23 50.23
N ALA RA 110 -134.45 -68.92 51.33
CA ALA RA 110 -133.44 -69.78 51.95
C ALA RA 110 -133.01 -70.89 51.01
N ARG RA 111 -133.83 -71.23 50.01
CA ARG RA 111 -133.43 -72.23 49.04
C ARG RA 111 -132.14 -71.83 48.34
N GLU RA 112 -132.11 -70.62 47.77
CA GLU RA 112 -130.90 -70.12 47.14
C GLU RA 112 -129.79 -69.81 48.14
N ALA RA 113 -130.14 -69.20 49.28
CA ALA RA 113 -129.11 -68.79 50.24
C ALA RA 113 -128.34 -69.98 50.80
N LEU RA 114 -129.06 -71.03 51.21
CA LEU RA 114 -128.39 -72.27 51.62
C LEU RA 114 -127.84 -73.05 50.44
N GLY RA 115 -128.41 -72.90 49.25
CA GLY RA 115 -127.80 -73.48 48.07
C GLY RA 115 -126.39 -72.96 47.80
N GLN RA 116 -126.18 -71.65 47.99
CA GLN RA 116 -124.83 -71.11 47.99
C GLN RA 116 -124.02 -71.62 49.17
N ARG RA 117 -124.58 -71.58 50.38
CA ARG RA 117 -123.81 -72.00 51.54
C ARG RA 117 -123.31 -73.43 51.42
N GLN RA 118 -124.03 -74.30 50.70
CA GLN RA 118 -123.55 -75.66 50.49
C GLN RA 118 -122.19 -75.67 49.79
N SER RA 119 -122.04 -74.86 48.74
CA SER RA 119 -120.72 -74.74 48.11
C SER RA 119 -119.70 -74.07 49.03
N TYR RA 120 -120.12 -73.14 49.87
CA TYR RA 120 -119.17 -72.51 50.80
C TYR RA 120 -118.73 -73.48 51.89
N GLN RA 121 -119.64 -74.34 52.37
CA GLN RA 121 -119.26 -75.38 53.33
C GLN RA 121 -118.32 -76.41 52.72
N SER RA 122 -118.48 -76.74 51.43
CA SER RA 122 -117.59 -77.71 50.82
C SER RA 122 -116.16 -77.18 50.77
N HIS RA 123 -115.96 -75.91 50.38
CA HIS RA 123 -114.64 -75.32 50.43
C HIS RA 123 -114.14 -75.15 51.86
N THR RA 124 -115.04 -74.84 52.80
CA THR RA 124 -114.62 -74.71 54.20
C THR RA 124 -114.10 -76.03 54.76
N GLU RA 125 -114.74 -77.15 54.41
CA GLU RA 125 -114.30 -78.43 54.93
C GLU RA 125 -113.16 -79.04 54.13
N ALA RA 126 -113.03 -78.67 52.85
CA ALA RA 126 -111.81 -78.94 52.11
C ALA RA 126 -110.61 -78.25 52.75
N LEU RA 127 -110.78 -76.97 53.10
CA LEU RA 127 -109.75 -76.27 53.84
C LEU RA 127 -109.50 -76.92 55.21
N GLY RA 128 -110.57 -77.22 55.94
CA GLY RA 128 -110.41 -77.80 57.27
C GLY RA 128 -109.69 -79.14 57.28
N LYS RA 129 -109.86 -79.95 56.24
CA LYS RA 129 -109.18 -81.24 56.17
C LYS RA 129 -107.79 -81.17 55.54
N SER RA 130 -107.57 -80.24 54.62
CA SER RA 130 -106.20 -79.86 54.28
C SER RA 130 -105.44 -79.40 55.50
N LEU RA 131 -106.08 -78.57 56.32
CA LEU RA 131 -105.53 -78.05 57.57
C LEU RA 131 -105.41 -79.12 58.65
N GLY RA 132 -105.99 -80.29 58.43
CA GLY RA 132 -105.72 -81.44 59.28
C GLY RA 132 -104.40 -82.09 58.92
N GLU RA 133 -104.11 -82.16 57.62
CA GLU RA 133 -102.80 -82.65 57.20
C GLU RA 133 -101.72 -81.64 57.55
N GLN RA 134 -101.97 -80.36 57.25
CA GLN RA 134 -101.03 -79.30 57.61
C GLN RA 134 -100.78 -79.23 59.10
N ARG RA 135 -101.78 -79.59 59.92
CA ARG RA 135 -101.55 -79.79 61.34
C ARG RA 135 -100.51 -80.88 61.59
N ALA RA 136 -100.77 -82.08 61.07
CA ALA RA 136 -99.83 -83.18 61.26
C ALA RA 136 -98.44 -82.84 60.71
N LEU RA 137 -98.36 -82.03 59.66
CA LEU RA 137 -97.07 -81.58 59.15
C LEU RA 137 -96.33 -80.68 60.15
N VAL RA 138 -97.02 -79.68 60.71
CA VAL RA 138 -96.36 -78.81 61.68
C VAL RA 138 -96.02 -79.56 62.98
N GLU RA 139 -96.83 -80.55 63.37
CA GLU RA 139 -96.49 -81.36 64.53
C GLU RA 139 -95.28 -82.24 64.27
N GLN RA 140 -95.28 -82.97 63.15
CA GLN RA 140 -94.16 -83.88 62.86
C GLN RA 140 -92.87 -83.12 62.59
N VAL RA 141 -92.96 -81.96 61.92
CA VAL RA 141 -91.75 -81.17 61.69
C VAL RA 141 -91.23 -80.56 62.98
N ARG RA 142 -92.13 -80.22 63.92
CA ARG RA 142 -91.67 -79.78 65.24
C ARG RA 142 -90.99 -80.90 66.02
N GLY RA 143 -91.52 -82.12 65.95
CA GLY RA 143 -90.86 -83.23 66.62
C GLY RA 143 -89.55 -83.62 65.96
N GLN RA 144 -89.52 -83.57 64.62
CA GLN RA 144 -88.27 -83.80 63.89
C GLN RA 144 -87.20 -82.81 64.30
N LEU RA 145 -87.55 -81.52 64.32
CA LEU RA 145 -86.60 -80.48 64.75
C LEU RA 145 -86.17 -80.69 66.19
N GLN RA 146 -87.12 -80.85 67.11
CA GLN RA 146 -86.75 -80.90 68.53
C GLN RA 146 -85.86 -82.10 68.86
N LYS RA 147 -86.09 -83.23 68.20
CA LYS RA 147 -85.14 -84.35 68.28
C LYS RA 147 -83.78 -84.00 67.70
N LEU RA 148 -83.77 -83.41 66.50
CA LEU RA 148 -82.53 -83.16 65.78
C LEU RA 148 -81.67 -82.11 66.49
N GLU RA 149 -82.28 -80.97 66.85
CA GLU RA 149 -81.54 -79.88 67.47
C GLU RA 149 -81.11 -80.23 68.89
N ARG RA 150 -81.90 -81.02 69.61
CA ARG RA 150 -81.44 -81.53 70.90
C ARG RA 150 -80.26 -82.48 70.73
N LYS RA 151 -80.25 -83.26 69.63
CA LYS RA 151 -79.10 -84.09 69.33
C LYS RA 151 -77.88 -83.25 68.98
N TYR RA 152 -78.09 -82.14 68.28
CA TYR RA 152 -77.01 -81.18 68.03
C TYR RA 152 -76.47 -80.58 69.32
N LEU RA 153 -77.35 -80.23 70.26
CA LEU RA 153 -76.91 -79.72 71.56
C LEU RA 153 -76.05 -80.74 72.31
N GLU RA 154 -76.55 -81.97 72.42
CA GLU RA 154 -75.77 -83.03 73.08
C GLU RA 154 -74.51 -83.38 72.31
N LEU RA 155 -74.54 -83.26 70.98
CA LEU RA 155 -73.34 -83.46 70.18
C LEU RA 155 -72.33 -82.33 70.37
N LYS RA 156 -72.80 -81.10 70.59
CA LYS RA 156 -71.89 -80.03 71.02
C LYS RA 156 -71.24 -80.36 72.36
N SER RA 157 -72.04 -80.86 73.31
CA SER RA 157 -71.49 -81.28 74.60
C SER RA 157 -70.41 -82.34 74.40
N GLN RA 158 -70.71 -83.37 73.61
CA GLN RA 158 -69.73 -84.41 73.31
C GLN RA 158 -68.48 -83.86 72.62
N LYS RA 159 -68.64 -82.95 71.66
CA LYS RA 159 -67.46 -82.39 70.97
C LYS RA 159 -66.55 -81.66 71.95
N ASN RA 160 -67.13 -80.81 72.81
CA ASN RA 160 -66.33 -80.11 73.80
C ASN RA 160 -65.56 -81.12 74.66
N LEU RA 161 -66.26 -82.17 75.12
CA LEU RA 161 -65.63 -83.24 75.89
C LEU RA 161 -64.67 -84.06 75.06
N TYR RA 162 -64.84 -84.09 73.74
CA TYR RA 162 -63.93 -84.84 72.87
C TYR RA 162 -62.63 -84.08 72.63
N LEU RA 163 -62.70 -82.75 72.49
CA LEU RA 163 -61.47 -81.96 72.41
C LEU RA 163 -60.68 -82.02 73.71
N ALA RA 164 -61.38 -82.01 74.84
CA ALA RA 164 -60.71 -82.21 76.13
C ALA RA 164 -60.07 -83.60 76.22
N ARG RA 165 -60.82 -84.65 75.88
CA ARG RA 165 -60.25 -85.99 75.85
C ARG RA 165 -59.03 -86.06 74.93
N LEU RA 166 -59.13 -85.50 73.72
CA LEU RA 166 -58.03 -85.57 72.76
C LEU RA 166 -56.78 -84.88 73.28
N LYS RA 167 -56.91 -83.64 73.75
CA LYS RA 167 -55.77 -82.93 74.33
C LYS RA 167 -55.20 -83.67 75.53
N SER RA 168 -56.05 -84.28 76.34
CA SER RA 168 -55.57 -85.03 77.51
C SER RA 168 -54.81 -86.29 77.11
N ALA RA 169 -55.32 -87.01 76.11
CA ALA RA 169 -54.60 -88.15 75.56
C ALA RA 169 -53.26 -87.74 74.97
N ILE RA 170 -53.25 -86.65 74.21
CA ILE RA 170 -52.01 -86.13 73.62
C ILE RA 170 -50.99 -85.85 74.71
N ALA RA 171 -51.41 -85.18 75.79
CA ALA RA 171 -50.53 -84.92 76.92
C ALA RA 171 -50.03 -86.22 77.53
N ALA RA 172 -50.91 -87.20 77.71
CA ALA RA 172 -50.53 -88.50 78.26
C ALA RA 172 -49.48 -89.18 77.37
N GLN RA 173 -49.71 -89.17 76.07
CA GLN RA 173 -48.73 -89.69 75.12
C GLN RA 173 -47.37 -89.02 75.30
N LYS RA 174 -47.37 -87.71 75.51
CA LYS RA 174 -46.13 -86.99 75.71
C LYS RA 174 -45.43 -87.36 77.02
N ILE RA 175 -46.17 -87.60 78.10
CA ILE RA 175 -45.56 -88.09 79.33
C ILE RA 175 -44.98 -89.49 79.17
N GLU RA 176 -45.72 -90.41 78.57
CA GLU RA 176 -45.17 -91.76 78.38
C GLU RA 176 -43.92 -91.75 77.51
N GLU RA 177 -43.97 -91.09 76.35
CA GLU RA 177 -42.84 -91.11 75.44
C GLU RA 177 -41.62 -90.37 76.00
N ILE RA 178 -41.83 -89.23 76.64
CA ILE RA 178 -40.72 -88.50 77.26
C ILE RA 178 -40.21 -89.22 78.50
N ALA RA 179 -41.10 -89.86 79.24
CA ALA RA 179 -40.69 -90.69 80.37
C ALA RA 179 -39.92 -91.93 79.91
N GLY RA 180 -40.35 -92.58 78.84
CA GLY RA 180 -39.60 -93.70 78.32
C GLY RA 180 -38.21 -93.33 77.82
N ASN RA 181 -38.09 -92.17 77.15
CA ASN RA 181 -36.76 -91.69 76.80
C ASN RA 181 -35.97 -91.23 78.01
N LEU RA 182 -36.64 -90.68 79.02
CA LEU RA 182 -35.93 -90.22 80.21
C LEU RA 182 -35.37 -91.39 81.00
N ASP RA 183 -36.20 -92.40 81.28
CA ASP RA 183 -35.74 -93.54 82.06
C ASP RA 183 -34.78 -94.39 81.25
N ASN RA 184 -35.18 -94.79 80.04
CA ASN RA 184 -34.40 -95.75 79.29
C ASN RA 184 -33.11 -95.14 78.74
N ALA RA 185 -33.20 -94.01 78.03
CA ALA RA 185 -32.01 -93.40 77.46
C ALA RA 185 -31.16 -92.70 78.52
N SER RA 186 -31.78 -91.82 79.32
CA SER RA 186 -31.01 -90.99 80.23
C SER RA 186 -30.45 -91.81 81.40
N ALA RA 187 -31.30 -92.62 82.02
CA ALA RA 187 -30.91 -93.31 83.24
C ALA RA 187 -29.84 -94.37 82.97
N SER RA 188 -29.97 -95.12 81.88
CA SER RA 188 -28.90 -96.06 81.53
C SER RA 188 -27.60 -95.32 81.25
N SER RA 189 -27.70 -94.13 80.64
CA SER RA 189 -26.51 -93.30 80.43
C SER RA 189 -25.93 -92.86 81.77
N LEU RA 190 -26.77 -92.59 82.76
CA LEU RA 190 -26.26 -92.18 84.07
C LEU RA 190 -25.60 -93.35 84.80
N PHE RA 191 -26.30 -94.48 84.89
CA PHE RA 191 -25.80 -95.58 85.72
C PHE RA 191 -24.58 -96.24 85.08
N GLU RA 192 -24.69 -96.63 83.82
CA GLU RA 192 -23.59 -97.35 83.18
C GLU RA 192 -22.36 -96.49 82.89
N ARG RA 193 -22.54 -95.19 82.55
CA ARG RA 193 -21.38 -94.31 82.43
C ARG RA 193 -20.77 -93.90 83.77
N ILE RA 194 -21.57 -93.73 84.81
CA ILE RA 194 -21.00 -93.44 86.12
C ILE RA 194 -20.30 -94.66 86.69
N GLU RA 195 -20.89 -95.84 86.53
CA GLU RA 195 -20.27 -97.07 87.01
C GLU RA 195 -18.95 -97.34 86.31
N THR RA 196 -18.92 -97.26 84.97
CA THR RA 196 -17.67 -97.50 84.25
C THR RA 196 -16.60 -96.48 84.62
N LYS RA 197 -16.99 -95.22 84.84
CA LYS RA 197 -16.02 -94.24 85.32
C LYS RA 197 -15.56 -94.53 86.74
N ILE RA 198 -16.43 -95.08 87.56
CA ILE RA 198 -16.05 -95.50 88.91
C ILE RA 198 -15.05 -96.65 88.82
N LEU RA 199 -15.32 -97.61 87.95
CA LEU RA 199 -14.40 -98.73 87.72
C LEU RA 199 -13.03 -98.23 87.26
N GLU RA 200 -13.01 -97.18 86.44
CA GLU RA 200 -11.75 -96.60 86.02
C GLU RA 200 -11.01 -96.01 87.22
N LEU RA 201 -11.74 -95.38 88.13
CA LEU RA 201 -11.14 -94.90 89.37
C LEU RA 201 -10.69 -96.06 90.25
N GLU RA 202 -11.41 -97.18 90.21
CA GLU RA 202 -11.07 -98.35 91.01
C GLU RA 202 -9.85 -99.09 90.46
N ALA RA 203 -9.64 -99.06 89.15
CA ALA RA 203 -8.41 -99.60 88.58
C ALA RA 203 -7.18 -98.86 89.07
N GLU RA 204 -7.29 -97.55 89.29
CA GLU RA 204 -6.23 -96.83 89.97
C GLU RA 204 -6.23 -97.07 91.48
N ARG RA 205 -7.37 -97.36 92.09
CA ARG RA 205 -7.38 -97.74 93.49
C ARG RA 205 -6.55 -99.01 93.73
N GLU RA 206 -6.79 -100.04 92.92
CA GLU RA 206 -6.06 -101.30 93.06
C GLU RA 206 -4.61 -101.20 92.60
N LEU RA 207 -4.23 -100.09 91.95
CA LEU RA 207 -2.81 -99.82 91.73
C LEU RA 207 -2.17 -99.13 92.93
N LEU RA 208 -2.92 -98.28 93.63
CA LEU RA 208 -2.42 -97.58 94.80
C LEU RA 208 -2.60 -98.34 96.10
N ASN RA 209 -3.42 -99.39 96.09
CA ASN RA 209 -3.92 -99.98 97.33
C ASN RA 209 -4.07 -101.48 97.17
N PRO RA 210 -3.40 -102.30 97.99
CA PRO RA 210 -3.60 -103.74 97.91
C PRO RA 210 -5.05 -104.09 98.23
N PRO RA 211 -5.59 -105.14 97.61
CA PRO RA 211 -6.94 -105.60 97.98
C PRO RA 211 -7.05 -105.83 99.47
N PRO RA 212 -7.97 -105.13 100.16
CA PRO RA 212 -8.12 -105.35 101.60
C PRO RA 212 -8.80 -106.67 101.93
N SER RA 213 -8.03 -107.76 101.89
CA SER RA 213 -8.54 -109.09 102.16
C SER RA 213 -8.99 -109.18 103.61
N PRO RA 214 -9.73 -110.22 103.99
CA PRO RA 214 -10.07 -110.40 105.42
C PRO RA 214 -8.86 -110.57 106.31
N LEU RA 215 -7.71 -110.97 105.76
CA LEU RA 215 -6.56 -111.27 106.59
C LEU RA 215 -5.97 -109.98 107.19
N ASP RA 216 -5.54 -109.06 106.33
CA ASP RA 216 -5.00 -107.80 106.81
C ASP RA 216 -6.02 -107.01 107.62
N LYS RA 217 -7.31 -107.15 107.29
CA LYS RA 217 -8.34 -106.50 108.07
C LYS RA 217 -8.36 -107.00 109.52
N LYS RA 218 -8.26 -108.32 109.70
CA LYS RA 218 -8.24 -108.87 111.05
C LYS RA 218 -6.98 -108.45 111.80
N PHE RA 219 -5.85 -108.39 111.10
CA PHE RA 219 -4.61 -107.92 111.72
C PHE RA 219 -4.72 -106.48 112.20
N GLU RA 220 -5.32 -105.61 111.40
CA GLU RA 220 -5.52 -104.22 111.80
C GLU RA 220 -6.44 -104.13 113.01
N GLN RA 221 -7.50 -104.95 113.03
CA GLN RA 221 -8.39 -104.98 114.17
C GLN RA 221 -7.65 -105.41 115.44
N TRP RA 222 -6.81 -106.44 115.32
CA TRP RA 222 -6.00 -106.87 116.46
C TRP RA 222 -5.01 -105.79 116.88
N GLU RA 223 -4.53 -104.98 115.93
CA GLU RA 223 -3.64 -103.88 116.30
C GLU RA 223 -4.36 -102.88 117.19
N GLU RA 224 -5.60 -102.53 116.85
CA GLU RA 224 -6.40 -101.67 117.72
C GLU RA 224 -6.64 -102.34 119.07
N GLN RA 225 -6.91 -103.65 119.05
CA GLN RA 225 -7.10 -104.39 120.29
C GLN RA 225 -5.85 -104.33 121.17
N GLN RA 226 -4.67 -104.42 120.55
CA GLN RA 226 -3.42 -104.39 121.30
C GLN RA 226 -3.10 -103.00 121.82
N ALA RA 227 -3.52 -101.95 121.09
CA ALA RA 227 -3.37 -100.59 121.62
C ALA RA 227 -4.18 -100.40 122.89
N VAL RA 228 -5.44 -100.84 122.89
CA VAL RA 228 -6.27 -100.73 124.08
C VAL RA 228 -5.76 -101.67 125.17
N GLU RA 229 -5.20 -102.82 124.81
CA GLU RA 229 -4.63 -103.68 125.83
C GLU RA 229 -3.41 -103.03 126.49
N ALA RA 230 -2.67 -102.22 125.75
CA ALA RA 230 -1.57 -101.45 126.34
C ALA RA 230 -2.07 -100.35 127.27
N THR RA 231 -3.15 -99.66 126.88
CA THR RA 231 -3.76 -98.68 127.78
C THR RA 231 -4.25 -99.34 129.05
N LEU RA 232 -4.86 -100.53 128.93
CA LEU RA 232 -5.29 -101.28 130.12
C LEU RA 232 -4.10 -101.61 131.00
N ALA RA 233 -2.96 -101.97 130.39
CA ALA RA 233 -1.77 -102.28 131.17
C ALA RA 233 -1.31 -101.07 131.96
N ALA RA 234 -1.30 -99.89 131.33
CA ALA RA 234 -0.99 -98.65 132.04
C ALA RA 234 -1.99 -98.39 133.15
N MET RA 235 -3.27 -98.62 132.89
CA MET RA 235 -4.30 -98.41 133.91
C MET RA 235 -4.01 -99.25 135.15
N LYS RA 236 -3.78 -100.55 134.98
CA LYS RA 236 -3.62 -101.43 136.14
C LYS RA 236 -2.23 -101.33 136.75
N ALA RA 237 -1.25 -100.79 136.03
CA ALA RA 237 0.05 -100.52 136.62
C ALA RA 237 0.00 -99.29 137.52
N ARG RA 238 -0.73 -98.26 137.11
CA ARG RA 238 -0.98 -97.14 138.00
C ARG RA 238 -1.83 -97.56 139.18
N ARG RA 239 -2.77 -98.48 138.96
CA ARG RA 239 -3.61 -98.99 140.03
C ARG RA 239 -2.86 -99.92 140.99
N SER RA 240 -1.73 -100.48 140.57
CA SER RA 240 -0.98 -101.39 141.44
C SER RA 240 -0.63 -100.71 142.76
N MET SA 24 -92.39 -9.91 -41.51
CA MET SA 24 -91.40 -9.12 -42.22
C MET SA 24 -91.00 -7.90 -41.39
N GLU SA 25 -89.70 -7.57 -41.41
CA GLU SA 25 -89.25 -6.38 -40.68
C GLU SA 25 -89.86 -5.11 -41.28
N LEU SA 26 -90.00 -5.07 -42.60
CA LEU SA 26 -90.68 -3.95 -43.25
C LEU SA 26 -92.10 -3.81 -42.71
N PHE SA 27 -92.82 -4.92 -42.64
CA PHE SA 27 -94.19 -4.90 -42.12
C PHE SA 27 -94.23 -4.34 -40.70
N ASN SA 28 -93.35 -4.83 -39.83
CA ASN SA 28 -93.27 -4.31 -38.46
C ASN SA 28 -92.99 -2.81 -38.43
N ARG SA 29 -92.03 -2.33 -39.24
CA ARG SA 29 -91.79 -0.90 -39.35
C ARG SA 29 -93.06 -0.13 -39.75
N VAL SA 30 -93.77 -0.63 -40.76
CA VAL SA 30 -95.02 -0.01 -41.21
C VAL SA 30 -96.15 -0.21 -40.20
N GLY SA 31 -95.98 -1.13 -39.26
CA GLY SA 31 -97.05 -1.48 -38.34
C GLY SA 31 -97.68 -0.34 -37.59
N ARG SA 32 -96.89 0.58 -37.05
CA ARG SA 32 -97.50 1.68 -36.30
C ARG SA 32 -98.51 2.45 -37.16
N VAL SA 33 -98.10 2.86 -38.37
CA VAL SA 33 -98.96 3.63 -39.25
C VAL SA 33 -100.10 2.79 -39.84
N LEU SA 34 -99.81 1.58 -40.28
CA LEU SA 34 -100.85 0.76 -40.89
C LEU SA 34 -101.83 0.24 -39.85
N LYS SA 35 -101.33 -0.34 -38.76
CA LYS SA 35 -102.19 -0.91 -37.74
C LYS SA 35 -103.00 0.15 -37.00
N SER SA 36 -102.53 1.39 -36.87
CA SER SA 36 -103.41 2.42 -36.32
C SER SA 36 -104.64 2.63 -37.20
N GLN SA 37 -104.42 2.75 -38.51
CA GLN SA 37 -105.51 2.84 -39.46
C GLN SA 37 -106.41 1.60 -39.40
N LEU SA 38 -105.83 0.40 -39.40
CA LEU SA 38 -106.66 -0.80 -39.35
C LEU SA 38 -107.43 -0.93 -38.04
N THR SA 39 -106.86 -0.47 -36.91
CA THR SA 39 -107.59 -0.46 -35.64
C THR SA 39 -108.80 0.44 -35.70
N HIS SA 40 -108.68 1.60 -36.36
CA HIS SA 40 -109.89 2.36 -36.64
C HIS SA 40 -110.76 1.70 -37.71
N TRP SA 41 -110.15 1.00 -38.66
CA TRP SA 41 -110.90 0.41 -39.76
C TRP SA 41 -111.92 -0.61 -39.24
N GLN SA 42 -111.48 -1.48 -38.32
CA GLN SA 42 -112.42 -2.38 -37.67
C GLN SA 42 -113.44 -1.61 -36.83
N GLN SA 43 -113.01 -0.49 -36.24
CA GLN SA 43 -113.93 0.39 -35.52
C GLN SA 43 -114.91 1.13 -36.42
N GLN SA 44 -114.66 1.26 -37.72
CA GLN SA 44 -115.40 2.24 -38.53
C GLN SA 44 -116.91 2.11 -38.37
N GLN SA 45 -117.43 0.90 -38.15
CA GLN SA 45 -118.87 0.76 -37.95
C GLN SA 45 -119.33 1.58 -36.76
N GLU SA 46 -118.55 1.60 -35.68
CA GLU SA 46 -118.81 2.49 -34.57
C GLU SA 46 -118.39 3.92 -34.87
N ALA SA 47 -117.27 4.10 -35.57
CA ALA SA 47 -116.62 5.42 -35.71
C ALA SA 47 -116.27 5.70 -37.15
N PRO SA 48 -117.27 6.10 -37.97
CA PRO SA 48 -116.96 6.67 -39.28
C PRO SA 48 -116.63 8.16 -39.23
N GLU SA 49 -116.84 8.80 -38.08
CA GLU SA 49 -116.99 10.25 -38.01
C GLU SA 49 -115.79 10.99 -38.59
N ASP SA 50 -114.58 10.56 -38.25
CA ASP SA 50 -113.39 11.25 -38.72
C ASP SA 50 -113.21 11.17 -40.23
N LEU SA 51 -113.41 9.98 -40.82
CA LEU SA 51 -113.26 9.87 -42.28
C LEU SA 51 -114.35 10.65 -43.01
N LEU SA 52 -115.59 10.59 -42.52
CA LEU SA 52 -116.68 11.34 -43.13
C LEU SA 52 -116.44 12.84 -43.11
N GLU SA 53 -116.08 13.37 -41.94
CA GLU SA 53 -115.84 14.80 -41.80
C GLU SA 53 -114.56 15.26 -42.52
N ARG SA 54 -113.55 14.40 -42.61
CA ARG SA 54 -112.38 14.74 -43.41
C ARG SA 54 -112.75 14.97 -44.87
N LEU SA 55 -113.50 14.04 -45.47
CA LEU SA 55 -113.91 14.18 -46.86
C LEU SA 55 -114.75 15.44 -47.09
N LEU SA 56 -115.76 15.67 -46.23
CA LEU SA 56 -116.58 16.86 -46.36
C LEU SA 56 -115.83 18.15 -46.05
N GLY SA 57 -114.80 18.09 -45.21
CA GLY SA 57 -113.87 19.21 -45.09
C GLY SA 57 -113.17 19.53 -46.40
N GLU SA 58 -112.68 18.51 -47.08
CA GLU SA 58 -112.09 18.68 -48.41
C GLU SA 58 -113.11 19.25 -49.39
N MET SA 59 -114.37 18.83 -49.27
CA MET SA 59 -115.44 19.37 -50.10
C MET SA 59 -115.71 20.84 -49.81
N GLU SA 60 -115.60 21.26 -48.55
CA GLU SA 60 -115.66 22.69 -48.22
C GLU SA 60 -114.46 23.47 -48.77
N LEU SA 61 -113.27 22.88 -48.72
CA LEU SA 61 -112.10 23.52 -49.31
C LEU SA 61 -112.24 23.68 -50.83
N GLU SA 62 -112.82 22.68 -51.50
CA GLU SA 62 -113.14 22.84 -52.92
C GLU SA 62 -114.18 23.93 -53.13
N LEU SA 63 -115.28 23.88 -52.38
CA LEU SA 63 -116.41 24.78 -52.59
C LEU SA 63 -116.05 26.26 -52.41
N ILE SA 64 -115.11 26.57 -51.51
CA ILE SA 64 -114.61 27.94 -51.44
C ILE SA 64 -113.80 28.30 -52.68
N GLU SA 65 -113.13 27.33 -53.31
CA GLU SA 65 -112.58 27.58 -54.64
C GLU SA 65 -113.69 27.80 -55.67
N LEU SA 66 -114.70 26.92 -55.70
CA LEU SA 66 -115.75 27.02 -56.71
C LEU SA 66 -116.44 28.38 -56.71
N ARG SA 67 -116.68 28.94 -55.52
CA ARG SA 67 -117.23 30.29 -55.42
C ARG SA 67 -116.27 31.35 -55.95
N ARG SA 68 -114.98 31.26 -55.63
CA ARG SA 68 -114.03 32.22 -56.20
C ARG SA 68 -113.87 32.06 -57.71
N ALA SA 69 -113.99 30.84 -58.23
CA ALA SA 69 -113.94 30.63 -59.68
C ALA SA 69 -115.17 31.21 -60.37
N LEU SA 70 -116.34 31.11 -59.75
CA LEU SA 70 -117.51 31.86 -60.21
C LEU SA 70 -117.26 33.36 -60.22
N ALA SA 71 -116.67 33.90 -59.16
CA ALA SA 71 -116.38 35.33 -59.13
C ALA SA 71 -115.37 35.74 -60.19
N GLN SA 72 -114.41 34.86 -60.49
CA GLN SA 72 -113.47 35.13 -61.58
C GLN SA 72 -114.15 35.08 -62.95
N THR SA 73 -115.15 34.22 -63.13
CA THR SA 73 -115.92 34.23 -64.38
C THR SA 73 -116.75 35.49 -64.53
N ILE SA 74 -117.45 35.91 -63.47
CA ILE SA 74 -118.22 37.16 -63.53
C ILE SA 74 -117.32 38.35 -63.81
N ALA SA 75 -116.14 38.39 -63.16
CA ALA SA 75 -115.19 39.47 -63.40
C ALA SA 75 -114.72 39.51 -64.86
N THR SA 76 -114.39 38.35 -65.42
CA THR SA 76 -113.98 38.28 -66.83
C THR SA 76 -115.14 38.59 -67.78
N PHE SA 77 -116.37 38.21 -67.45
CA PHE SA 77 -117.51 38.52 -68.31
C PHE SA 77 -117.75 40.02 -68.43
N LYS SA 78 -117.83 40.71 -67.30
CA LYS SA 78 -118.06 42.15 -67.30
C LYS SA 78 -116.83 42.95 -67.77
N SER SA 79 -115.63 42.43 -67.57
CA SER SA 79 -114.47 43.08 -68.18
C SER SA 79 -114.53 43.03 -69.70
N THR SA 80 -114.97 41.91 -70.28
CA THR SA 80 -115.23 41.88 -71.71
C THR SA 80 -116.28 42.92 -72.09
N GLU SA 81 -117.29 43.08 -71.24
CA GLU SA 81 -118.33 44.09 -71.46
C GLU SA 81 -117.79 45.50 -71.28
N ARG SA 82 -116.84 45.69 -70.37
CA ARG SA 82 -116.16 46.99 -70.25
C ARG SA 82 -115.37 47.32 -71.51
N GLN SA 83 -114.84 46.30 -72.19
CA GLN SA 83 -114.20 46.52 -73.48
C GLN SA 83 -115.22 46.90 -74.53
N ARG SA 84 -116.41 46.32 -74.47
CA ARG SA 84 -117.52 46.76 -75.30
C ARG SA 84 -117.91 48.20 -74.98
N ASP SA 85 -117.96 48.56 -73.70
CA ASP SA 85 -118.26 49.92 -73.30
C ASP SA 85 -117.25 50.91 -73.90
N ALA SA 86 -115.99 50.51 -74.02
CA ALA SA 86 -115.01 51.35 -74.71
C ALA SA 86 -115.25 51.40 -76.21
N GLN SA 87 -115.53 50.25 -76.84
CA GLN SA 87 -115.78 50.25 -78.27
C GLN SA 87 -116.97 51.14 -78.63
N GLN SA 88 -118.07 51.03 -77.89
CA GLN SA 88 -119.23 51.86 -78.14
C GLN SA 88 -118.98 53.32 -77.81
N LEU SA 89 -118.10 53.60 -76.84
CA LEU SA 89 -117.70 54.98 -76.56
C LEU SA 89 -116.91 55.58 -77.71
N ILE SA 90 -116.04 54.78 -78.35
CA ILE SA 90 -115.34 55.29 -79.53
C ILE SA 90 -116.27 55.40 -80.72
N ALA SA 91 -117.28 54.53 -80.81
CA ALA SA 91 -118.34 54.71 -81.80
C ALA SA 91 -119.08 56.03 -81.61
N GLN SA 92 -119.39 56.38 -80.36
CA GLN SA 92 -119.97 57.69 -80.07
C GLN SA 92 -119.01 58.81 -80.43
N ARG SA 93 -117.72 58.63 -80.15
CA ARG SA 93 -116.71 59.58 -80.60
C ARG SA 93 -116.69 59.73 -82.11
N TRP SA 94 -117.01 58.66 -82.84
CA TRP SA 94 -117.17 58.75 -84.29
C TRP SA 94 -118.46 59.46 -84.69
N TYR SA 95 -119.52 59.36 -83.88
CA TYR SA 95 -120.70 60.18 -84.14
C TYR SA 95 -120.44 61.65 -83.85
N GLU SA 96 -119.71 61.96 -82.79
CA GLU SA 96 -119.35 63.36 -82.51
C GLU SA 96 -118.55 63.97 -83.66
N LYS SA 97 -117.55 63.25 -84.16
CA LYS SA 97 -116.79 63.70 -85.32
C LYS SA 97 -117.66 63.82 -86.56
N ALA SA 98 -118.68 62.97 -86.70
CA ALA SA 98 -119.67 63.17 -87.75
C ALA SA 98 -120.50 64.42 -87.51
N GLN SA 99 -120.90 64.67 -86.26
CA GLN SA 99 -121.78 65.78 -85.96
C GLN SA 99 -121.13 67.11 -86.31
N ALA SA 100 -119.80 67.20 -86.19
CA ALA SA 100 -119.07 68.38 -86.63
C ALA SA 100 -119.13 68.59 -88.14
N ALA SA 101 -119.68 67.63 -88.88
CA ALA SA 101 -119.91 67.76 -90.31
C ALA SA 101 -121.34 67.41 -90.69
N LEU SA 102 -122.22 67.16 -89.74
CA LEU SA 102 -123.59 66.79 -90.03
C LEU SA 102 -124.53 67.98 -90.07
N ASP SA 103 -124.01 69.19 -89.89
CA ASP SA 103 -124.73 70.42 -90.16
C ASP SA 103 -124.18 71.08 -91.43
N ARG SA 104 -124.97 71.99 -91.98
CA ARG SA 104 -124.63 72.78 -93.17
C ARG SA 104 -124.55 71.93 -94.43
N GLY SA 105 -124.97 70.67 -94.39
CA GLY SA 105 -124.84 69.79 -95.54
C GLY SA 105 -123.42 69.37 -95.82
N ASN SA 106 -122.50 69.54 -94.87
CA ASN SA 106 -121.10 69.19 -95.05
C ASN SA 106 -120.81 67.73 -94.66
N GLU SA 107 -121.83 66.88 -94.70
CA GLU SA 107 -121.76 65.50 -94.22
C GLU SA 107 -120.76 64.63 -94.98
N GLN SA 108 -120.08 65.20 -95.96
CA GLN SA 108 -119.05 64.47 -96.71
C GLN SA 108 -118.13 63.65 -95.80
N LEU SA 109 -117.56 64.28 -94.77
CA LEU SA 109 -116.66 63.56 -93.88
C LEU SA 109 -117.37 62.49 -93.07
N ALA SA 110 -118.69 62.57 -92.92
CA ALA SA 110 -119.43 61.51 -92.26
C ALA SA 110 -119.30 60.19 -92.99
N ARG SA 111 -118.98 60.23 -94.29
CA ARG SA 111 -118.77 59.00 -95.04
C ARG SA 111 -117.67 58.15 -94.39
N GLU SA 112 -116.49 58.75 -94.18
CA GLU SA 112 -115.40 58.05 -93.51
C GLU SA 112 -115.68 57.80 -92.03
N ALA SA 113 -116.24 58.79 -91.33
CA ALA SA 113 -116.45 58.64 -89.88
C ALA SA 113 -117.40 57.51 -89.55
N LEU SA 114 -118.53 57.44 -90.25
CA LEU SA 114 -119.44 56.29 -90.10
C LEU SA 114 -118.91 55.03 -90.76
N GLY SA 115 -118.06 55.17 -91.79
CA GLY SA 115 -117.39 53.99 -92.32
C GLY SA 115 -116.51 53.29 -91.30
N GLN SA 116 -115.80 54.06 -90.48
CA GLN SA 116 -115.11 53.48 -89.32
C GLN SA 116 -116.11 52.95 -88.29
N ARG SA 117 -117.12 53.74 -87.94
CA ARG SA 117 -118.07 53.29 -86.92
C ARG SA 117 -118.72 51.97 -87.28
N GLN SA 118 -118.91 51.68 -88.57
CA GLN SA 118 -119.46 50.38 -88.96
C GLN SA 118 -118.60 49.22 -88.46
N SER SA 119 -117.29 49.32 -88.61
CA SER SA 119 -116.40 48.31 -88.04
C SER SA 119 -116.42 48.31 -86.51
N TYR SA 120 -116.58 49.48 -85.89
CA TYR SA 120 -116.65 49.53 -84.43
C TYR SA 120 -117.95 48.92 -83.90
N GLN SA 121 -119.07 49.13 -84.62
CA GLN SA 121 -120.32 48.48 -84.25
C GLN SA 121 -120.27 46.98 -84.41
N SER SA 122 -119.55 46.47 -85.42
CA SER SA 122 -119.45 45.03 -85.61
C SER SA 122 -118.74 44.37 -84.43
N HIS SA 123 -117.62 44.96 -83.98
CA HIS SA 123 -116.95 44.45 -82.79
C HIS SA 123 -117.80 44.66 -81.53
N THR SA 124 -118.53 45.77 -81.45
CA THR SA 124 -119.39 45.99 -80.28
C THR SA 124 -120.49 44.94 -80.18
N GLU SA 125 -121.07 44.54 -81.31
CA GLU SA 125 -122.15 43.56 -81.27
C GLU SA 125 -121.63 42.12 -81.22
N ALA SA 126 -120.41 41.89 -81.74
CA ALA SA 126 -119.72 40.64 -81.46
C ALA SA 126 -119.47 40.47 -79.97
N LEU SA 127 -118.99 41.52 -79.31
CA LEU SA 127 -118.85 41.50 -77.86
C LEU SA 127 -120.20 41.32 -77.18
N GLY SA 128 -121.21 42.10 -77.60
CA GLY SA 128 -122.51 42.01 -76.96
C GLY SA 128 -123.16 40.64 -77.05
N LYS SA 129 -122.93 39.91 -78.14
CA LYS SA 129 -123.50 38.58 -78.28
C LYS SA 129 -122.64 37.47 -77.68
N SER SA 130 -121.32 37.64 -77.66
CA SER SA 130 -120.49 36.84 -76.77
C SER SA 130 -120.92 37.00 -75.33
N LEU SA 131 -121.19 38.24 -74.92
CA LEU SA 131 -121.66 38.59 -73.59
C LEU SA 131 -123.09 38.13 -73.33
N GLY SA 132 -123.81 37.69 -74.36
CA GLY SA 132 -125.07 37.02 -74.18
C GLY SA 132 -124.87 35.57 -73.78
N GLU SA 133 -123.87 34.92 -74.38
CA GLU SA 133 -123.52 33.57 -73.95
C GLU SA 133 -122.88 33.59 -72.57
N GLN SA 134 -121.94 34.51 -72.36
CA GLN SA 134 -121.31 34.68 -71.05
C GLN SA 134 -122.33 35.00 -69.96
N ARG SA 135 -123.41 35.71 -70.32
CA ARG SA 135 -124.54 35.86 -69.41
C ARG SA 135 -125.12 34.51 -69.04
N ALA SA 136 -125.55 33.73 -70.03
CA ALA SA 136 -126.12 32.42 -69.76
C ALA SA 136 -125.16 31.52 -69.00
N LEU SA 137 -123.86 31.67 -69.22
CA LEU SA 137 -122.87 30.93 -68.44
C LEU SA 137 -122.88 31.31 -66.96
N VAL SA 138 -122.86 32.61 -66.66
CA VAL SA 138 -122.89 33.03 -65.26
C VAL SA 138 -124.22 32.70 -64.59
N GLU SA 139 -125.32 32.74 -65.34
CA GLU SA 139 -126.60 32.33 -64.78
C GLU SA 139 -126.64 30.83 -64.49
N GLN SA 140 -126.26 30.01 -65.47
CA GLN SA 140 -126.33 28.56 -65.28
C GLN SA 140 -125.32 28.08 -64.23
N VAL SA 141 -124.14 28.69 -64.17
CA VAL SA 141 -123.17 28.32 -63.15
C VAL SA 141 -123.63 28.75 -61.77
N ARG SA 142 -124.35 29.88 -61.68
CA ARG SA 142 -124.94 30.27 -60.40
C ARG SA 142 -126.04 29.30 -59.96
N GLY SA 143 -126.88 28.84 -60.90
CA GLY SA 143 -127.89 27.87 -60.54
C GLY SA 143 -127.30 26.50 -60.21
N GLN SA 144 -126.27 26.10 -60.95
CA GLN SA 144 -125.55 24.86 -60.64
C GLN SA 144 -124.97 24.91 -59.23
N LEU SA 145 -124.28 25.99 -58.90
CA LEU SA 145 -123.73 26.16 -57.55
C LEU SA 145 -124.82 26.17 -56.50
N GLN SA 146 -125.85 27.00 -56.66
CA GLN SA 146 -126.84 27.15 -55.60
C GLN SA 146 -127.60 25.85 -55.33
N LYS SA 147 -127.87 25.06 -56.36
CA LYS SA 147 -128.38 23.70 -56.16
C LYS SA 147 -127.38 22.82 -55.42
N LEU SA 148 -126.13 22.83 -55.87
CA LEU SA 148 -125.12 21.91 -55.34
C LEU SA 148 -124.78 22.23 -53.88
N GLU SA 149 -124.50 23.50 -53.58
CA GLU SA 149 -124.11 23.89 -52.24
C GLU SA 149 -125.28 23.80 -51.26
N ARG SA 150 -126.50 24.06 -51.71
CA ARG SA 150 -127.66 23.80 -50.87
C ARG SA 150 -127.81 22.32 -50.59
N LYS SA 151 -127.48 21.47 -51.56
CA LYS SA 151 -127.48 20.03 -51.33
C LYS SA 151 -126.39 19.64 -50.34
N TYR SA 152 -125.23 20.29 -50.40
CA TYR SA 152 -124.18 20.10 -49.41
C TYR SA 152 -124.64 20.52 -48.01
N LEU SA 153 -125.34 21.65 -47.90
CA LEU SA 153 -125.89 22.08 -46.61
C LEU SA 153 -126.86 21.05 -46.03
N GLU SA 154 -127.83 20.61 -46.83
CA GLU SA 154 -128.77 19.59 -46.39
C GLU SA 154 -128.10 18.25 -46.14
N LEU SA 155 -127.05 17.94 -46.89
CA LEU SA 155 -126.25 16.74 -46.64
C LEU SA 155 -125.45 16.85 -45.34
N LYS SA 156 -124.98 18.04 -44.99
CA LYS SA 156 -124.41 18.24 -43.66
C LYS SA 156 -125.45 18.00 -42.57
N SER SA 157 -126.66 18.51 -42.77
CA SER SA 157 -127.75 18.25 -41.82
C SER SA 157 -127.98 16.76 -41.66
N GLN SA 158 -128.11 16.05 -42.78
CA GLN SA 158 -128.27 14.60 -42.76
C GLN SA 158 -127.11 13.88 -42.07
N LYS SA 159 -125.86 14.29 -42.35
CA LYS SA 159 -124.71 13.63 -41.71
C LYS SA 159 -124.76 13.80 -40.20
N ASN SA 160 -125.02 15.01 -39.71
CA ASN SA 160 -125.13 15.22 -38.28
C ASN SA 160 -126.20 14.30 -37.68
N LEU SA 161 -127.35 14.23 -38.35
CA LEU SA 161 -128.43 13.34 -37.94
C LEU SA 161 -128.08 11.87 -38.12
N TYR SA 162 -127.16 11.57 -39.04
CA TYR SA 162 -126.74 10.18 -39.25
C TYR SA 162 -125.76 9.70 -38.18
N LEU SA 163 -124.86 10.57 -37.73
CA LEU SA 163 -124.00 10.23 -36.60
C LEU SA 163 -124.80 10.05 -35.32
N ALA SA 164 -125.82 10.89 -35.12
CA ALA SA 164 -126.74 10.69 -34.00
C ALA SA 164 -127.49 9.37 -34.11
N ARG SA 165 -128.07 9.09 -35.28
CA ARG SA 165 -128.74 7.80 -35.51
C ARG SA 165 -127.79 6.64 -35.24
N LEU SA 166 -126.57 6.69 -35.78
CA LEU SA 166 -125.63 5.60 -35.64
C LEU SA 166 -125.26 5.35 -34.17
N LYS SA 167 -124.88 6.41 -33.45
CA LYS SA 167 -124.59 6.26 -32.02
C LYS SA 167 -125.80 5.75 -31.24
N SER SA 168 -127.00 6.18 -31.61
CA SER SA 168 -128.21 5.73 -30.92
C SER SA 168 -128.49 4.26 -31.20
N ALA SA 169 -128.32 3.82 -32.44
CA ALA SA 169 -128.43 2.41 -32.78
C ALA SA 169 -127.39 1.57 -32.03
N ILE SA 170 -126.14 2.05 -32.00
CA ILE SA 170 -125.09 1.35 -31.27
C ILE SA 170 -125.47 1.16 -29.81
N ALA SA 171 -125.96 2.23 -29.18
CA ALA SA 171 -126.43 2.14 -27.79
C ALA SA 171 -127.56 1.13 -27.66
N ALA SA 172 -128.52 1.15 -28.58
CA ALA SA 172 -129.62 0.20 -28.57
C ALA SA 172 -129.12 -1.23 -28.67
N GLN SA 173 -128.20 -1.47 -29.60
CA GLN SA 173 -127.56 -2.79 -29.72
C GLN SA 173 -126.94 -3.22 -28.40
N LYS SA 174 -126.30 -2.30 -27.70
CA LYS SA 174 -125.68 -2.62 -26.42
C LYS SA 174 -126.72 -2.94 -25.34
N ILE SA 175 -127.85 -2.25 -25.32
CA ILE SA 175 -128.91 -2.62 -24.37
C ILE SA 175 -129.52 -3.99 -24.69
N GLU SA 176 -129.83 -4.27 -25.95
CA GLU SA 176 -130.37 -5.59 -26.28
C GLU SA 176 -129.41 -6.71 -25.94
N GLU SA 177 -128.15 -6.59 -26.37
CA GLU SA 177 -127.19 -7.67 -26.15
C GLU SA 177 -126.84 -7.85 -24.68
N ILE SA 178 -126.66 -6.76 -23.93
CA ILE SA 178 -126.40 -6.86 -22.50
C ILE SA 178 -127.63 -7.30 -21.73
N ALA SA 179 -128.82 -6.88 -22.18
CA ALA SA 179 -130.07 -7.36 -21.60
C ALA SA 179 -130.29 -8.85 -21.87
N GLY SA 180 -130.00 -9.30 -23.10
CA GLY SA 180 -130.11 -10.72 -23.38
C GLY SA 180 -129.16 -11.58 -22.57
N ASN SA 181 -127.92 -11.12 -22.37
CA ASN SA 181 -127.02 -11.83 -21.47
C ASN SA 181 -127.44 -11.70 -20.02
N LEU SA 182 -128.03 -10.56 -19.64
CA LEU SA 182 -128.45 -10.37 -18.25
C LEU SA 182 -129.62 -11.29 -17.91
N ASP SA 183 -130.66 -11.29 -18.76
CA ASP SA 183 -131.82 -12.12 -18.48
C ASP SA 183 -131.50 -13.59 -18.67
N ASN SA 184 -130.95 -13.95 -19.83
CA ASN SA 184 -130.77 -15.35 -20.17
C ASN SA 184 -129.67 -16.01 -19.34
N ALA SA 185 -128.48 -15.41 -19.34
CA ALA SA 185 -127.36 -16.02 -18.60
C ALA SA 185 -127.51 -15.82 -17.10
N SER SA 186 -127.72 -14.56 -16.66
CA SER SA 186 -127.70 -14.27 -15.23
C SER SA 186 -128.93 -14.83 -14.53
N ALA SA 187 -130.11 -14.59 -15.09
CA ALA SA 187 -131.35 -14.94 -14.40
C ALA SA 187 -131.53 -16.45 -14.30
N SER SA 188 -131.20 -17.19 -15.35
CA SER SA 188 -131.25 -18.65 -15.24
C SER SA 188 -130.26 -19.14 -14.21
N SER SA 189 -129.10 -18.48 -14.12
CA SER SA 189 -128.14 -18.83 -13.07
C SER SA 189 -128.71 -18.53 -11.68
N LEU SA 190 -129.50 -17.47 -11.55
CA LEU SA 190 -130.08 -17.14 -10.26
C LEU SA 190 -131.18 -18.14 -9.89
N PHE SA 191 -132.13 -18.37 -10.81
CA PHE SA 191 -133.29 -19.18 -10.46
C PHE SA 191 -132.93 -20.65 -10.30
N GLU SA 192 -132.25 -21.22 -11.28
CA GLU SA 192 -131.94 -22.65 -11.23
C GLU SA 192 -130.88 -23.01 -10.19
N ARG SA 193 -129.87 -22.15 -9.95
CA ARG SA 193 -128.95 -22.40 -8.84
C ARG SA 193 -129.53 -22.14 -7.46
N ILE SA 194 -130.42 -21.15 -7.32
CA ILE SA 194 -131.08 -20.96 -6.03
C ILE SA 194 -132.07 -22.07 -5.74
N GLU SA 195 -132.82 -22.48 -6.76
CA GLU SA 195 -133.78 -23.56 -6.59
C GLU SA 195 -133.09 -24.87 -6.22
N THR SA 196 -132.04 -25.26 -6.96
CA THR SA 196 -131.33 -26.49 -6.64
C THR SA 196 -130.70 -26.45 -5.25
N LYS SA 197 -130.20 -25.28 -4.83
CA LYS SA 197 -129.70 -25.16 -3.47
C LYS SA 197 -130.83 -25.24 -2.44
N ILE SA 198 -132.01 -24.74 -2.79
CA ILE SA 198 -133.17 -24.87 -1.91
C ILE SA 198 -133.56 -26.33 -1.79
N LEU SA 199 -133.57 -27.05 -2.91
CA LEU SA 199 -133.86 -28.48 -2.90
C LEU SA 199 -132.86 -29.24 -2.03
N GLU SA 200 -131.59 -28.82 -2.04
CA GLU SA 200 -130.61 -29.44 -1.18
C GLU SA 200 -130.95 -29.20 0.29
N LEU SA 201 -131.42 -27.99 0.60
CA LEU SA 201 -131.90 -27.71 1.95
C LEU SA 201 -133.16 -28.51 2.27
N GLU SA 202 -134.00 -28.75 1.27
CA GLU SA 202 -135.23 -29.52 1.46
C GLU SA 202 -134.98 -31.01 1.65
N ALA SA 203 -133.92 -31.54 1.03
CA ALA SA 203 -133.51 -32.91 1.29
C ALA SA 203 -133.11 -33.13 2.74
N GLU SA 204 -132.49 -32.12 3.36
CA GLU SA 204 -132.29 -32.17 4.80
C GLU SA 204 -133.57 -31.87 5.59
N ARG SA 205 -134.49 -31.08 5.04
CA ARG SA 205 -135.77 -30.89 5.70
C ARG SA 205 -136.53 -32.22 5.84
N GLU SA 206 -136.62 -32.99 4.76
CA GLU SA 206 -137.31 -34.27 4.79
C GLU SA 206 -136.54 -35.34 5.55
N LEU SA 207 -135.28 -35.09 5.91
CA LEU SA 207 -134.58 -35.95 6.86
C LEU SA 207 -134.90 -35.57 8.30
N LEU SA 208 -135.09 -34.27 8.57
CA LEU SA 208 -135.40 -33.80 9.91
C LEU SA 208 -136.88 -33.77 10.23
N ASN SA 209 -137.74 -33.91 9.21
CA ASN SA 209 -139.15 -33.56 9.34
C ASN SA 209 -139.99 -34.50 8.48
N PRO SA 210 -140.93 -35.24 9.07
CA PRO SA 210 -141.82 -36.07 8.26
C PRO SA 210 -142.64 -35.21 7.31
N PRO SA 211 -142.95 -35.71 6.12
CA PRO SA 211 -143.85 -34.96 5.22
C PRO SA 211 -145.13 -34.58 5.92
N PRO SA 212 -145.44 -33.28 6.01
CA PRO SA 212 -146.70 -32.87 6.66
C PRO SA 212 -147.93 -33.18 5.82
N SER SA 213 -148.37 -34.44 5.85
CA SER SA 213 -149.53 -34.87 5.08
C SER SA 213 -150.78 -34.17 5.58
N PRO SA 214 -151.90 -34.22 4.85
CA PRO SA 214 -153.15 -33.67 5.38
C PRO SA 214 -153.61 -34.34 6.66
N LEU SA 215 -153.17 -35.57 6.94
CA LEU SA 215 -153.67 -36.30 8.09
C LEU SA 215 -153.18 -35.67 9.40
N ASP SA 216 -151.86 -35.64 9.59
CA ASP SA 216 -151.31 -35.03 10.79
C ASP SA 216 -151.69 -33.56 10.91
N LYS SA 217 -151.85 -32.87 9.79
CA LYS SA 217 -152.29 -31.48 9.83
C LYS SA 217 -153.68 -31.36 10.45
N LYS SA 218 -154.61 -32.23 10.05
CA LYS SA 218 -155.94 -32.20 10.62
C LYS SA 218 -155.93 -32.56 12.10
N PHE SA 219 -155.08 -33.51 12.49
CA PHE SA 219 -154.96 -33.87 13.90
C PHE SA 219 -154.44 -32.70 14.73
N GLU SA 220 -153.47 -31.95 14.22
CA GLU SA 220 -152.96 -30.79 14.94
C GLU SA 220 -154.04 -29.72 15.06
N GLN SA 221 -154.83 -29.53 14.01
CA GLN SA 221 -155.93 -28.57 14.06
C GLN SA 221 -156.95 -28.98 15.12
N TRP SA 222 -157.28 -30.27 15.17
CA TRP SA 222 -158.19 -30.76 16.21
C TRP SA 222 -157.59 -30.60 17.60
N GLU SA 223 -156.27 -30.70 17.73
CA GLU SA 223 -155.63 -30.47 19.02
C GLU SA 223 -155.86 -29.04 19.49
N GLU SA 224 -155.71 -28.06 18.60
CA GLU SA 224 -156.03 -26.69 18.95
C GLU SA 224 -157.50 -26.55 19.29
N GLN SA 225 -158.37 -27.21 18.52
CA GLN SA 225 -159.80 -27.19 18.81
C GLN SA 225 -160.10 -27.75 20.19
N GLN SA 226 -159.39 -28.81 20.59
CA GLN SA 226 -159.63 -29.41 21.90
C GLN SA 226 -159.07 -28.56 23.03
N ALA SA 227 -157.99 -27.81 22.78
CA ALA SA 227 -157.50 -26.86 23.77
C ALA SA 227 -158.55 -25.79 24.06
N VAL SA 228 -159.13 -25.21 23.01
CA VAL SA 228 -160.16 -24.20 23.20
C VAL SA 228 -161.42 -24.83 23.78
N GLU SA 229 -161.72 -26.08 23.45
CA GLU SA 229 -162.87 -26.72 24.06
C GLU SA 229 -162.66 -26.94 25.56
N ALA SA 230 -161.40 -27.14 25.98
CA ALA SA 230 -161.11 -27.22 27.42
C ALA SA 230 -161.24 -25.86 28.10
N THR SA 231 -160.80 -24.78 27.44
CA THR SA 231 -161.02 -23.44 27.98
C THR SA 231 -162.52 -23.15 28.12
N LEU SA 232 -163.30 -23.55 27.11
CA LEU SA 232 -164.75 -23.37 27.19
C LEU SA 232 -165.32 -24.15 28.38
N ALA SA 233 -164.79 -25.34 28.63
CA ALA SA 233 -165.27 -26.13 29.76
C ALA SA 233 -165.00 -25.41 31.07
N ALA SA 234 -163.80 -24.84 31.22
CA ALA SA 234 -163.49 -24.02 32.39
C ALA SA 234 -164.42 -22.82 32.48
N MET SA 235 -164.68 -22.16 31.35
CA MET SA 235 -165.58 -21.01 31.36
C MET SA 235 -166.94 -21.38 31.92
N LYS SA 236 -167.56 -22.44 31.40
CA LYS SA 236 -168.92 -22.78 31.81
C LYS SA 236 -168.97 -23.47 33.16
N ALA SA 237 -167.85 -24.02 33.63
CA ALA SA 237 -167.80 -24.56 34.98
C ALA SA 237 -167.72 -23.43 36.02
N ARG SA 238 -166.96 -22.38 35.73
CA ARG SA 238 -166.99 -21.20 36.57
C ARG SA 238 -168.36 -20.53 36.51
N ARG SA 239 -169.00 -20.55 35.34
CA ARG SA 239 -170.33 -19.98 35.18
C ARG SA 239 -171.41 -20.81 35.85
N SER SA 240 -171.17 -22.09 36.13
CA SER SA 240 -172.18 -22.93 36.75
C SER SA 240 -172.66 -22.32 38.07
N MET TA 24 -2.44 43.71 -93.40
CA MET TA 24 -1.17 43.33 -92.80
C MET TA 24 -0.93 44.11 -91.51
N GLU TA 25 -0.39 43.44 -90.49
CA GLU TA 25 -0.09 44.13 -89.24
C GLU TA 25 0.98 45.19 -89.45
N LEU TA 26 1.97 44.91 -90.31
CA LEU TA 26 2.96 45.92 -90.66
C LEU TA 26 2.29 47.15 -91.25
N PHE TA 27 1.37 46.93 -92.18
CA PHE TA 27 0.65 48.05 -92.79
C PHE TA 27 -0.08 48.89 -91.74
N ASN TA 28 -0.81 48.23 -90.85
CA ASN TA 28 -1.49 48.94 -89.75
C ASN TA 28 -0.53 49.74 -88.89
N ARG TA 29 0.61 49.14 -88.51
CA ARG TA 29 1.65 49.88 -87.79
C ARG TA 29 2.10 51.13 -88.55
N VAL TA 30 2.36 50.98 -89.84
CA VAL TA 30 2.77 52.12 -90.69
C VAL TA 30 1.61 53.08 -90.94
N GLY TA 31 0.38 52.64 -90.68
CA GLY TA 31 -0.79 53.44 -91.02
C GLY TA 31 -0.81 54.85 -90.50
N ARG TA 32 -0.45 55.07 -89.24
CA ARG TA 32 -0.48 56.45 -88.75
C ARG TA 32 0.38 57.38 -89.59
N VAL TA 33 1.62 57.00 -89.85
CA VAL TA 33 2.56 57.83 -90.62
C VAL TA 33 2.20 57.88 -92.11
N LEU TA 34 1.85 56.74 -92.70
CA LEU TA 34 1.53 56.73 -94.13
C LEU TA 34 0.19 57.39 -94.40
N LYS TA 35 -0.85 57.00 -93.68
CA LYS TA 35 -2.19 57.53 -93.90
C LYS TA 35 -2.30 59.01 -93.55
N SER TA 36 -1.51 59.55 -92.62
CA SER TA 36 -1.51 61.00 -92.45
C SER TA 36 -1.03 61.71 -93.70
N GLN TA 37 0.08 61.23 -94.28
CA GLN TA 37 0.56 61.75 -95.54
C GLN TA 37 -0.47 61.58 -96.65
N LEU TA 38 -1.06 60.39 -96.79
CA LEU TA 38 -2.05 60.19 -97.84
C LEU TA 38 -3.31 61.04 -97.65
N THR TA 39 -3.71 61.30 -96.40
CA THR TA 39 -4.84 62.19 -96.13
C THR TA 39 -4.55 63.60 -96.61
N HIS TA 40 -3.31 64.08 -96.40
CA HIS TA 40 -2.94 65.33 -97.06
C HIS TA 40 -2.77 65.16 -98.57
N TRP TA 41 -2.34 63.99 -99.02
CA TRP TA 41 -2.08 63.78 -100.45
C TRP TA 41 -3.34 63.97 -101.26
N GLN TA 42 -4.45 63.38 -100.81
CA GLN TA 42 -5.73 63.64 -101.46
C GLN TA 42 -6.15 65.10 -101.31
N GLN TA 43 -5.79 65.73 -100.19
CA GLN TA 43 -6.01 67.16 -100.00
C GLN TA 43 -5.14 68.05 -100.88
N GLN TA 44 -4.02 67.55 -101.42
CA GLN TA 44 -3.00 68.46 -101.97
C GLN TA 44 -3.57 69.47 -102.96
N GLN TA 45 -4.62 69.09 -103.71
CA GLN TA 45 -5.22 70.06 -104.63
C GLN TA 45 -5.72 71.29 -103.89
N GLU TA 46 -6.33 71.08 -102.72
CA GLU TA 46 -6.67 72.20 -101.84
C GLU TA 46 -5.44 72.75 -101.11
N ALA TA 47 -4.53 71.88 -100.68
CA ALA TA 47 -3.46 72.26 -99.75
C ALA TA 47 -2.11 71.76 -100.25
N PRO TA 48 -1.51 72.45 -101.22
CA PRO TA 48 -0.10 72.21 -101.54
C PRO TA 48 0.86 72.98 -100.63
N GLU TA 49 0.33 73.90 -99.82
CA GLU TA 49 1.14 74.97 -99.25
C GLU TA 49 2.33 74.46 -98.45
N ASP TA 50 2.12 73.44 -97.61
CA ASP TA 50 3.21 72.92 -96.78
C ASP TA 50 4.32 72.29 -97.59
N LEU TA 51 3.98 71.46 -98.60
CA LEU TA 51 5.04 70.84 -99.40
C LEU TA 51 5.79 71.88 -100.24
N LEU TA 52 5.08 72.84 -100.81
CA LEU TA 52 5.71 73.90 -101.59
C LEU TA 52 6.68 74.72 -100.75
N GLU TA 53 6.23 75.18 -99.59
CA GLU TA 53 7.08 75.99 -98.72
C GLU TA 53 8.21 75.20 -98.08
N ARG TA 54 8.00 73.91 -97.82
CA ARG TA 54 9.11 73.08 -97.35
C ARG TA 54 10.24 73.03 -98.36
N LEU TA 55 9.93 72.75 -99.63
CA LEU TA 55 10.95 72.71 -100.67
C LEU TA 55 11.68 74.05 -100.83
N LEU TA 56 10.92 75.15 -100.90
CA LEU TA 56 11.55 76.46 -101.02
C LEU TA 56 12.31 76.88 -99.76
N GLY TA 57 11.90 76.38 -98.59
CA GLY TA 57 12.74 76.52 -97.40
C GLY TA 57 14.08 75.85 -97.55
N GLU TA 58 14.09 74.63 -98.08
CA GLU TA 58 15.33 73.93 -98.38
C GLU TA 58 16.16 74.69 -99.40
N MET TA 59 15.50 75.33 -100.37
CA MET TA 59 16.18 76.16 -101.36
C MET TA 59 16.80 77.40 -100.73
N GLU TA 60 16.14 77.99 -99.73
CA GLU TA 60 16.76 79.07 -98.95
C GLU TA 60 17.95 78.60 -98.12
N LEU TA 61 17.85 77.40 -97.53
CA LEU TA 61 18.99 76.83 -96.81
C LEU TA 61 20.18 76.56 -97.73
N GLU TA 62 19.92 76.10 -98.95
CA GLU TA 62 20.99 75.99 -99.94
C GLU TA 62 21.57 77.36 -100.30
N LEU TA 63 20.69 78.31 -100.63
CA LEU TA 63 21.12 79.63 -101.13
C LEU TA 63 21.98 80.39 -100.13
N ILE TA 64 21.74 80.23 -98.83
CA ILE TA 64 22.67 80.80 -97.84
C ILE TA 64 24.02 80.09 -97.86
N GLU TA 65 24.05 78.81 -98.21
CA GLU TA 65 25.34 78.18 -98.51
C GLU TA 65 25.96 78.77 -99.77
N LEU TA 66 25.20 78.88 -100.86
CA LEU TA 66 25.74 79.36 -102.13
C LEU TA 66 26.40 80.73 -102.00
N ARG TA 67 25.79 81.63 -101.22
CA ARG TA 67 26.42 82.92 -100.94
C ARG TA 67 27.71 82.80 -100.15
N ARG TA 68 27.74 81.95 -99.12
CA ARG TA 68 28.99 81.74 -98.39
C ARG TA 68 30.06 81.06 -99.24
N ALA TA 69 29.67 80.19 -100.16
CA ALA TA 69 30.63 79.57 -101.08
C ALA TA 69 31.20 80.58 -102.07
N LEU TA 70 30.38 81.52 -102.54
CA LEU TA 70 30.89 82.66 -103.28
C LEU TA 70 31.88 83.48 -102.46
N ALA TA 71 31.57 83.76 -101.20
CA ALA TA 71 32.50 84.50 -100.36
C ALA TA 71 33.80 83.75 -100.13
N GLN TA 72 33.73 82.41 -100.02
CA GLN TA 72 34.94 81.61 -99.92
C GLN TA 72 35.76 81.63 -101.21
N THR TA 73 35.12 81.70 -102.37
CA THR TA 73 35.86 81.85 -103.62
C THR TA 73 36.54 83.21 -103.74
N ILE TA 74 35.83 84.28 -103.39
CA ILE TA 74 36.45 85.62 -103.42
C ILE TA 74 37.62 85.69 -102.44
N ALA TA 75 37.46 85.11 -101.25
CA ALA TA 75 38.54 85.08 -100.27
C ALA TA 75 39.77 84.34 -100.79
N THR TA 76 39.55 83.17 -101.41
CA THR TA 76 40.67 82.42 -101.99
C THR TA 76 41.29 83.12 -103.20
N PHE TA 77 40.49 83.82 -104.00
CA PHE TA 77 41.04 84.54 -105.15
C PHE TA 77 41.99 85.65 -104.72
N LYS TA 78 41.55 86.52 -103.81
CA LYS TA 78 42.38 87.62 -103.35
C LYS TA 78 43.52 87.15 -102.44
N SER TA 79 43.36 86.04 -101.73
CA SER TA 79 44.51 85.47 -101.02
C SER TA 79 45.61 85.02 -101.98
N THR TA 80 45.23 84.41 -103.11
CA THR TA 80 46.22 84.13 -104.15
C THR TA 80 46.87 85.42 -104.63
N GLU TA 81 46.08 86.49 -104.75
CA GLU TA 81 46.60 87.79 -105.14
C GLU TA 81 47.48 88.41 -104.05
N ARG TA 82 47.16 88.15 -102.78
CA ARG TA 82 48.03 88.58 -101.69
C ARG TA 82 49.38 87.86 -101.75
N GLN TA 83 49.39 86.62 -102.24
CA GLN TA 83 50.65 85.92 -102.46
C GLN TA 83 51.42 86.55 -103.62
N ARG TA 84 50.71 87.01 -104.64
CA ARG TA 84 51.32 87.82 -105.70
C ARG TA 84 51.87 89.12 -105.14
N ASP TA 85 51.12 89.78 -104.26
CA ASP TA 85 51.60 91.01 -103.63
C ASP TA 85 52.90 90.78 -102.87
N ALA TA 86 53.05 89.60 -102.25
CA ALA TA 86 54.34 89.27 -101.63
C ALA TA 86 55.43 89.01 -102.66
N GLN TA 87 55.12 88.25 -103.72
CA GLN TA 87 56.13 87.99 -104.74
C GLN TA 87 56.64 89.27 -105.36
N GLN TA 88 55.74 90.19 -105.73
CA GLN TA 88 56.15 91.46 -106.31
C GLN TA 88 56.87 92.34 -105.30
N LEU TA 89 56.52 92.23 -104.01
CA LEU TA 89 57.27 92.94 -102.97
C LEU TA 89 58.70 92.43 -102.85
N ILE TA 90 58.91 91.11 -102.99
CA ILE TA 90 60.27 90.60 -102.98
C ILE TA 90 61.00 90.95 -104.27
N ALA TA 91 60.27 91.04 -105.39
CA ALA TA 91 60.86 91.58 -106.61
C ALA TA 91 61.34 93.02 -106.43
N GLN TA 92 60.54 93.85 -105.75
CA GLN TA 92 60.99 95.20 -105.40
C GLN TA 92 62.20 95.16 -104.47
N ARG TA 93 62.20 94.24 -103.51
CA ARG TA 93 63.37 94.03 -102.67
C ARG TA 93 64.60 93.65 -103.49
N TRP TA 94 64.40 92.94 -104.60
CA TRP TA 94 65.50 92.66 -105.53
C TRP TA 94 65.91 93.89 -106.33
N TYR TA 95 64.98 94.81 -106.62
CA TYR TA 95 65.38 96.08 -107.21
C TYR TA 95 66.14 96.96 -106.23
N GLU TA 96 65.72 96.98 -104.95
CA GLU TA 96 66.45 97.73 -103.94
C GLU TA 96 67.89 97.24 -103.82
N LYS TA 97 68.08 95.91 -103.74
CA LYS TA 97 69.41 95.33 -103.71
C LYS TA 97 70.19 95.63 -104.99
N ALA TA 98 69.51 95.73 -106.13
CA ALA TA 98 70.18 96.22 -107.33
C ALA TA 98 70.55 97.69 -107.22
N GLN TA 99 69.67 98.51 -106.64
CA GLN TA 99 69.91 99.94 -106.57
C GLN TA 99 71.16 100.25 -105.76
N ALA TA 100 71.45 99.44 -104.75
CA ALA TA 100 72.70 99.56 -103.99
C ALA TA 100 73.93 99.28 -104.84
N ALA TA 101 73.75 98.80 -106.06
CA ALA TA 101 74.84 98.60 -107.00
C ALA TA 101 74.57 99.25 -108.36
N LEU TA 102 73.47 99.98 -108.50
CA LEU TA 102 73.10 100.60 -109.77
C LEU TA 102 73.65 102.01 -109.91
N ASP TA 103 74.38 102.50 -108.92
CA ASP TA 103 75.16 103.71 -109.03
C ASP TA 103 76.65 103.38 -109.13
N ARG TA 104 77.42 104.36 -109.59
CA ARG TA 104 78.88 104.27 -109.71
C ARG TA 104 79.32 103.27 -110.78
N GLY TA 105 78.40 102.75 -111.59
CA GLY TA 105 78.75 101.72 -112.56
C GLY TA 105 79.07 100.38 -111.95
N ASN TA 106 78.70 100.16 -110.69
CA ASN TA 106 78.96 98.91 -109.99
C ASN TA 106 77.85 97.87 -110.20
N GLU TA 107 77.10 98.00 -111.29
CA GLU TA 107 75.90 97.20 -111.56
C GLU TA 107 76.19 95.71 -111.71
N GLN TA 108 77.45 95.30 -111.57
CA GLN TA 108 77.81 93.89 -111.64
C GLN TA 108 76.87 93.00 -110.84
N LEU TA 109 76.63 93.34 -109.57
CA LEU TA 109 75.75 92.51 -108.74
C LEU TA 109 74.30 92.54 -109.21
N ALA TA 110 73.91 93.56 -109.99
CA ALA TA 110 72.58 93.58 -110.55
C ALA TA 110 72.34 92.39 -111.48
N ARG TA 111 73.42 91.80 -112.02
CA ARG TA 111 73.27 90.61 -112.84
C ARG TA 111 72.54 89.50 -112.09
N GLU TA 112 73.05 89.16 -110.90
CA GLU TA 112 72.40 88.14 -110.07
C GLU TA 112 71.07 88.63 -109.50
N ALA TA 113 71.01 89.88 -109.03
CA ALA TA 113 69.79 90.38 -108.38
C ALA TA 113 68.59 90.39 -109.33
N LEU TA 114 68.79 90.90 -110.54
CA LEU TA 114 67.75 90.82 -111.57
C LEU TA 114 67.60 89.43 -112.15
N GLY TA 115 68.66 88.61 -112.12
CA GLY TA 115 68.50 87.22 -112.48
C GLY TA 115 67.54 86.47 -111.59
N GLN TA 116 67.57 86.73 -110.29
CA GLN TA 116 66.53 86.24 -109.40
C GLN TA 116 65.18 86.89 -109.69
N ARG TA 117 65.14 88.22 -109.84
CA ARG TA 117 63.87 88.89 -110.07
C ARG TA 117 63.16 88.36 -111.30
N GLN TA 118 63.89 87.90 -112.32
CA GLN TA 118 63.25 87.32 -113.49
C GLN TA 118 62.37 86.12 -113.12
N SER TA 119 62.89 85.22 -112.27
CA SER TA 119 62.06 84.13 -111.78
C SER TA 119 60.92 84.61 -110.87
N TYR TA 120 61.13 85.68 -110.12
CA TYR TA 120 60.06 86.22 -109.28
C TYR TA 120 58.97 86.87 -110.12
N GLN TA 121 59.34 87.56 -111.20
CA GLN TA 121 58.35 88.11 -112.12
C GLN TA 121 57.56 87.03 -112.83
N SER TA 122 58.19 85.90 -113.17
CA SER TA 122 57.46 84.83 -113.84
C SER TA 122 56.36 84.27 -112.95
N HIS TA 123 56.66 84.02 -111.67
CA HIS TA 123 55.63 83.59 -110.73
C HIS TA 123 54.60 84.70 -110.47
N THR TA 124 55.04 85.95 -110.43
CA THR TA 124 54.10 87.06 -110.24
C THR TA 124 53.10 87.15 -111.37
N GLU TA 125 53.54 86.94 -112.61
CA GLU TA 125 52.63 87.06 -113.75
C GLU TA 125 51.85 85.77 -113.99
N ALA TA 126 52.40 84.62 -113.57
CA ALA TA 126 51.59 83.41 -113.48
C ALA TA 126 50.44 83.59 -112.52
N LEU TA 127 50.72 84.15 -111.34
CA LEU TA 127 49.66 84.49 -110.40
C LEU TA 127 48.69 85.51 -110.99
N GLY TA 128 49.23 86.58 -111.58
CA GLY TA 128 48.37 87.62 -112.14
C GLY TA 128 47.43 87.14 -113.22
N LYS TA 129 47.85 86.17 -114.03
CA LYS TA 129 46.99 85.64 -115.08
C LYS TA 129 46.08 84.51 -114.62
N SER TA 130 46.51 83.72 -113.64
CA SER TA 130 45.56 82.89 -112.90
C SER TA 130 44.47 83.74 -112.28
N LEU TA 131 44.87 84.86 -111.68
CA LEU TA 131 43.97 85.82 -111.05
C LEU TA 131 43.13 86.58 -112.07
N GLY TA 132 43.45 86.47 -113.36
CA GLY TA 132 42.57 86.95 -114.40
C GLY TA 132 41.44 85.99 -114.66
N GLU TA 133 41.73 84.70 -114.63
CA GLU TA 133 40.67 83.70 -114.73
C GLU TA 133 39.82 83.70 -113.46
N GLN TA 134 40.47 83.73 -112.30
CA GLN TA 134 39.75 83.80 -111.03
C GLN TA 134 38.88 85.06 -110.94
N ARG TA 135 39.31 86.15 -111.57
CA ARG TA 135 38.44 87.31 -111.74
C ARG TA 135 37.17 86.93 -112.51
N ALA TA 136 37.34 86.41 -113.72
CA ALA TA 136 36.19 86.03 -114.52
C ALA TA 136 35.31 85.01 -113.81
N LEU TA 137 35.89 84.14 -112.98
CA LEU TA 137 35.10 83.22 -112.18
C LEU TA 137 34.23 83.94 -111.15
N VAL TA 138 34.81 84.87 -110.39
CA VAL TA 138 34.01 85.58 -109.39
C VAL TA 138 32.98 86.50 -110.05
N GLU TA 139 33.28 87.05 -111.23
CA GLU TA 139 32.29 87.83 -111.95
C GLU TA 139 31.14 86.97 -112.46
N GLN TA 140 31.46 85.87 -113.13
CA GLN TA 140 30.41 85.02 -113.70
C GLN TA 140 29.59 84.34 -112.61
N VAL TA 141 30.22 83.94 -111.50
CA VAL TA 141 29.47 83.34 -110.40
C VAL TA 141 28.59 84.37 -109.71
N ARG TA 142 29.02 85.63 -109.66
CA ARG TA 142 28.16 86.69 -109.13
C ARG TA 142 26.97 86.94 -110.04
N GLY TA 143 27.17 86.93 -111.36
CA GLY TA 143 26.05 87.10 -112.27
C GLY TA 143 25.11 85.91 -112.27
N GLN TA 144 25.67 84.70 -112.17
CA GLN TA 144 24.86 83.49 -112.05
C GLN TA 144 23.99 83.55 -110.80
N LEU TA 145 24.59 83.89 -109.66
CA LEU TA 145 23.82 84.03 -108.42
C LEU TA 145 22.75 85.12 -108.54
N GLN TA 146 23.14 86.32 -108.96
CA GLN TA 146 22.18 87.43 -108.95
C GLN TA 146 21.00 87.18 -109.87
N LYS TA 147 21.21 86.54 -111.01
CA LYS TA 147 20.09 86.06 -111.83
C LYS TA 147 19.25 85.01 -111.10
N LEU TA 148 19.91 84.01 -110.51
CA LEU TA 148 19.20 82.89 -109.91
C LEU TA 148 18.39 83.31 -108.68
N GLU TA 149 19.02 84.04 -107.76
CA GLU TA 149 18.36 84.45 -106.53
C GLU TA 149 17.28 85.49 -106.78
N ARG TA 150 17.48 86.37 -107.78
CA ARG TA 150 16.39 87.26 -108.18
C ARG TA 150 15.22 86.48 -108.76
N LYS TA 151 15.52 85.39 -109.47
CA LYS TA 151 14.46 84.51 -109.97
C LYS TA 151 13.75 83.81 -108.81
N TYR TA 152 14.50 83.42 -107.78
CA TYR TA 152 13.89 82.88 -106.56
C TYR TA 152 12.99 83.90 -105.87
N LEU TA 153 13.43 85.16 -105.79
CA LEU TA 153 12.60 86.22 -105.21
C LEU TA 153 11.29 86.39 -105.98
N GLU TA 154 11.37 86.52 -107.30
CA GLU TA 154 10.17 86.64 -108.13
C GLU TA 154 9.33 85.37 -108.10
N LEU TA 155 9.97 84.21 -107.96
CA LEU TA 155 9.24 82.96 -107.80
C LEU TA 155 8.53 82.87 -106.45
N LYS TA 156 9.13 83.43 -105.39
CA LYS TA 156 8.40 83.58 -104.13
C LYS TA 156 7.18 84.48 -104.31
N SER TA 157 7.33 85.59 -105.02
CA SER TA 157 6.20 86.46 -105.31
C SER TA 157 5.10 85.69 -106.03
N GLN TA 158 5.47 84.96 -107.08
CA GLN TA 158 4.51 84.14 -107.82
C GLN TA 158 3.85 83.07 -106.93
N LYS TA 159 4.62 82.40 -106.07
CA LYS TA 159 4.03 81.37 -105.20
C LYS TA 159 2.99 81.98 -104.27
N ASN TA 160 3.31 83.10 -103.63
CA ASN TA 160 2.34 83.76 -102.77
C ASN TA 160 1.07 84.07 -103.55
N LEU TA 161 1.23 84.62 -104.75
CA LEU TA 161 0.10 84.90 -105.63
C LEU TA 161 -0.57 83.63 -106.14
N TYR TA 162 0.15 82.52 -106.19
CA TYR TA 162 -0.44 81.26 -106.63
C TYR TA 162 -1.29 80.60 -105.55
N LEU TA 163 -0.85 80.69 -104.29
CA LEU TA 163 -1.68 80.22 -103.18
C LEU TA 163 -2.96 81.05 -103.06
N ALA TA 164 -2.86 82.37 -103.27
CA ALA TA 164 -4.04 83.21 -103.32
C ALA TA 164 -4.97 82.83 -104.47
N ARG TA 165 -4.41 82.69 -105.67
CA ARG TA 165 -5.20 82.22 -106.82
C ARG TA 165 -5.88 80.90 -106.54
N LEU TA 166 -5.13 79.93 -106.00
CA LEU TA 166 -5.68 78.60 -105.74
C LEU TA 166 -6.82 78.64 -104.74
N LYS TA 167 -6.62 79.29 -103.59
CA LYS TA 167 -7.70 79.43 -102.62
C LYS TA 167 -8.90 80.17 -103.20
N SER TA 168 -8.67 81.17 -104.05
CA SER TA 168 -9.77 81.91 -104.65
C SER TA 168 -10.54 81.05 -105.65
N ALA TA 169 -9.83 80.27 -106.46
CA ALA TA 169 -10.48 79.32 -107.36
C ALA TA 169 -11.29 78.28 -106.57
N ILE TA 170 -10.71 77.75 -105.50
CA ILE TA 170 -11.41 76.78 -104.66
C ILE TA 170 -12.71 77.37 -104.14
N ALA TA 171 -12.65 78.61 -103.63
CA ALA TA 171 -13.85 79.30 -103.17
C ALA TA 171 -14.87 79.45 -104.30
N ALA TA 172 -14.40 79.85 -105.49
CA ALA TA 172 -15.28 79.99 -106.65
C ALA TA 172 -15.96 78.67 -106.99
N GLN TA 173 -15.18 77.59 -107.01
CA GLN TA 173 -15.74 76.25 -107.23
C GLN TA 173 -16.84 75.95 -106.21
N LYS TA 174 -16.62 76.32 -104.95
CA LYS TA 174 -17.63 76.08 -103.93
C LYS TA 174 -18.89 76.92 -104.14
N ILE TA 175 -18.77 78.17 -104.60
CA ILE TA 175 -19.97 78.94 -104.92
C ILE TA 175 -20.73 78.36 -106.11
N GLU TA 176 -20.04 78.00 -107.19
CA GLU TA 176 -20.75 77.41 -108.33
C GLU TA 176 -21.45 76.11 -107.96
N GLU TA 177 -20.74 75.19 -107.31
CA GLU TA 177 -21.32 73.89 -107.00
C GLU TA 177 -22.45 73.99 -105.97
N ILE TA 178 -22.28 74.81 -104.94
CA ILE TA 178 -23.35 75.00 -103.95
C ILE TA 178 -24.50 75.80 -104.54
N ALA TA 179 -24.21 76.76 -105.42
CA ALA TA 179 -25.26 77.48 -106.13
C ALA TA 179 -26.02 76.58 -107.09
N GLY TA 180 -25.32 75.70 -107.82
CA GLY TA 180 -26.00 74.76 -108.68
C GLY TA 180 -26.90 73.79 -107.93
N ASN TA 181 -26.44 73.30 -106.77
CA ASN TA 181 -27.33 72.49 -105.93
C ASN TA 181 -28.44 73.31 -105.31
N LEU TA 182 -28.17 74.58 -104.98
CA LEU TA 182 -29.20 75.42 -104.37
C LEU TA 182 -30.32 75.73 -105.36
N ASP TA 183 -29.94 76.18 -106.57
CA ASP TA 183 -30.96 76.53 -107.56
C ASP TA 183 -31.63 75.28 -108.10
N ASN TA 184 -30.84 74.31 -108.56
CA ASN TA 184 -31.42 73.17 -109.26
C ASN TA 184 -32.15 72.23 -108.31
N ALA TA 185 -31.50 71.80 -107.23
CA ALA TA 185 -32.14 70.86 -106.30
C ALA TA 185 -33.18 71.56 -105.43
N SER TA 186 -32.79 72.66 -104.76
CA SER TA 186 -33.66 73.28 -103.78
C SER TA 186 -34.84 73.98 -104.45
N ALA TA 187 -34.57 74.78 -105.48
CA ALA TA 187 -35.62 75.61 -106.06
C ALA TA 187 -36.66 74.78 -106.78
N SER TA 188 -36.26 73.74 -107.50
CA SER TA 188 -37.24 72.85 -108.11
C SER TA 188 -38.07 72.16 -107.04
N SER TA 189 -37.44 71.82 -105.91
CA SER TA 189 -38.19 71.26 -104.79
C SER TA 189 -39.18 72.27 -104.23
N LEU TA 190 -38.83 73.55 -104.23
CA LEU TA 190 -39.74 74.57 -103.72
C LEU TA 190 -40.91 74.79 -104.68
N PHE TA 191 -40.61 75.00 -105.97
CA PHE TA 191 -41.66 75.38 -106.90
C PHE TA 191 -42.60 74.21 -107.20
N GLU TA 192 -42.04 73.06 -107.57
CA GLU TA 192 -42.88 71.94 -107.95
C GLU TA 192 -43.61 71.28 -106.78
N ARG TA 193 -43.01 71.24 -105.58
CA ARG TA 193 -43.75 70.77 -104.40
C ARG TA 193 -44.78 71.77 -103.88
N ILE TA 194 -44.49 73.07 -103.96
CA ILE TA 194 -45.51 74.05 -103.56
C ILE TA 194 -46.65 74.09 -104.55
N GLU TA 195 -46.33 74.03 -105.84
CA GLU TA 195 -47.37 74.03 -106.86
C GLU TA 195 -48.28 72.81 -106.75
N THR TA 196 -47.70 71.61 -106.64
CA THR TA 196 -48.52 70.41 -106.51
C THR TA 196 -49.37 70.43 -105.24
N LYS TA 197 -48.83 70.98 -104.15
CA LYS TA 197 -49.66 71.14 -102.95
C LYS TA 197 -50.76 72.18 -103.14
N ILE TA 198 -50.48 73.21 -103.93
CA ILE TA 198 -51.50 74.19 -104.26
C ILE TA 198 -52.61 73.54 -105.09
N LEU TA 199 -52.21 72.73 -106.07
CA LEU TA 199 -53.17 71.99 -106.88
C LEU TA 199 -54.03 71.08 -106.03
N GLU TA 200 -53.44 70.48 -104.99
CA GLU TA 200 -54.23 69.65 -104.08
C GLU TA 200 -55.25 70.51 -103.34
N LEU TA 201 -54.87 71.72 -102.95
CA LEU TA 201 -55.82 72.65 -102.36
C LEU TA 201 -56.88 73.08 -103.37
N GLU TA 202 -56.49 73.20 -104.64
CA GLU TA 202 -57.41 73.61 -105.70
C GLU TA 202 -58.40 72.51 -106.06
N ALA TA 203 -58.00 71.24 -105.95
CA ALA TA 203 -58.94 70.15 -106.12
C ALA TA 203 -60.05 70.17 -105.08
N GLU TA 204 -59.74 70.59 -103.85
CA GLU TA 204 -60.79 70.87 -102.88
C GLU TA 204 -61.52 72.18 -103.15
N ARG TA 205 -60.86 73.17 -103.76
CA ARG TA 205 -61.56 74.38 -104.16
C ARG TA 205 -62.67 74.07 -105.17
N GLU TA 206 -62.36 73.30 -106.20
CA GLU TA 206 -63.35 72.95 -107.22
C GLU TA 206 -64.38 71.94 -106.71
N LEU TA 207 -64.17 71.35 -105.53
CA LEU TA 207 -65.23 70.60 -104.87
C LEU TA 207 -66.15 71.51 -104.08
N LEU TA 208 -65.61 72.57 -103.47
CA LEU TA 208 -66.40 73.50 -102.68
C LEU TA 208 -66.99 74.65 -103.51
N ASN TA 209 -66.53 74.84 -104.75
CA ASN TA 209 -66.77 76.08 -105.47
C ASN TA 209 -66.93 75.78 -106.96
N PRO TA 210 -68.06 76.12 -107.58
CA PRO TA 210 -68.17 75.94 -109.02
C PRO TA 210 -67.16 76.77 -109.76
N PRO TA 211 -66.66 76.30 -110.89
CA PRO TA 211 -65.75 77.12 -111.71
C PRO TA 211 -66.37 78.48 -112.00
N PRO TA 212 -65.70 79.58 -111.60
CA PRO TA 212 -66.26 80.91 -111.89
C PRO TA 212 -66.13 81.29 -113.35
N SER TA 213 -67.03 80.78 -114.19
CA SER TA 213 -67.03 81.06 -115.61
C SER TA 213 -67.28 82.54 -115.86
N PRO TA 214 -67.06 83.04 -117.07
CA PRO TA 214 -67.42 84.43 -117.37
C PRO TA 214 -68.91 84.71 -117.22
N LEU TA 215 -69.75 83.67 -117.29
CA LEU TA 215 -71.20 83.89 -117.27
C LEU TA 215 -71.67 84.37 -115.89
N ASP TA 216 -71.45 83.55 -114.86
CA ASP TA 216 -71.84 83.94 -113.51
C ASP TA 216 -71.12 85.20 -113.06
N LYS TA 217 -69.89 85.42 -113.53
CA LYS TA 217 -69.17 86.65 -113.20
C LYS TA 217 -69.92 87.88 -113.73
N LYS TA 218 -70.40 87.82 -114.98
CA LYS TA 218 -71.13 88.94 -115.53
C LYS TA 218 -72.46 89.15 -114.81
N PHE TA 219 -73.12 88.05 -114.42
CA PHE TA 219 -74.36 88.17 -113.65
C PHE TA 219 -74.13 88.84 -112.31
N GLU TA 220 -73.05 88.49 -111.61
CA GLU TA 220 -72.74 89.13 -110.33
C GLU TA 220 -72.44 90.62 -110.53
N GLN TA 221 -71.73 90.96 -111.61
CA GLN TA 221 -71.47 92.36 -111.91
C GLN TA 221 -72.76 93.12 -112.16
N TRP TA 222 -73.68 92.52 -112.91
CA TRP TA 222 -74.99 93.15 -113.13
C TRP TA 222 -75.77 93.26 -111.83
N GLU TA 223 -75.59 92.33 -110.90
CA GLU TA 223 -76.26 92.44 -109.61
C GLU TA 223 -75.80 93.68 -108.86
N GLU TA 224 -74.48 93.94 -108.86
CA GLU TA 224 -73.98 95.18 -108.27
C GLU TA 224 -74.51 96.39 -109.01
N GLN TA 225 -74.57 96.31 -110.34
CA GLN TA 225 -75.13 97.40 -111.14
C GLN TA 225 -76.58 97.67 -110.76
N GLN TA 226 -77.36 96.61 -110.51
CA GLN TA 226 -78.76 96.77 -110.16
C GLN TA 226 -78.94 97.30 -108.74
N ALA TA 227 -78.03 96.97 -107.83
CA ALA TA 227 -78.06 97.56 -106.50
C ALA TA 227 -77.88 99.07 -106.57
N VAL TA 228 -76.89 99.53 -107.33
CA VAL TA 228 -76.67 100.96 -107.48
C VAL TA 228 -77.80 101.60 -108.27
N GLU TA 229 -78.40 100.87 -109.21
CA GLU TA 229 -79.54 101.44 -109.92
C GLU TA 229 -80.74 101.61 -108.98
N ALA TA 230 -80.87 100.75 -107.97
CA ALA TA 230 -81.91 100.94 -106.96
C ALA TA 230 -81.62 102.12 -106.04
N THR TA 231 -80.34 102.33 -105.67
CA THR TA 231 -79.98 103.52 -104.92
C THR TA 231 -80.27 104.79 -105.72
N LEU TA 232 -79.97 104.76 -107.02
CA LEU TA 232 -80.29 105.89 -107.88
C LEU TA 232 -81.79 106.14 -107.91
N ALA TA 233 -82.59 105.08 -107.93
CA ALA TA 233 -84.05 105.24 -107.92
C ALA TA 233 -84.51 105.92 -106.65
N ALA TA 234 -83.96 105.52 -105.50
CA ALA TA 234 -84.26 106.20 -104.24
C ALA TA 234 -83.82 107.66 -104.29
N MET TA 235 -82.63 107.93 -104.86
CA MET TA 235 -82.15 109.30 -104.96
C MET TA 235 -83.14 110.17 -105.71
N LYS TA 236 -83.57 109.75 -106.90
CA LYS TA 236 -84.42 110.59 -107.73
C LYS TA 236 -85.87 110.58 -107.27
N ALA TA 237 -86.28 109.59 -106.46
CA ALA TA 237 -87.60 109.62 -105.87
C ALA TA 237 -87.67 110.63 -104.72
N ARG TA 238 -86.62 110.70 -103.91
CA ARG TA 238 -86.52 111.77 -102.93
C ARG TA 238 -86.41 113.12 -103.60
N ARG TA 239 -85.70 113.19 -104.73
CA ARG TA 239 -85.57 114.43 -105.48
C ARG TA 239 -86.86 114.84 -106.18
N SER TA 240 -87.79 113.92 -106.41
CA SER TA 240 -89.03 114.26 -107.10
C SER TA 240 -89.75 115.39 -106.38
N MET UA 24 92.05 0.95 -39.53
CA MET UA 24 91.69 0.01 -38.47
C MET UA 24 91.26 0.76 -37.22
N GLU UA 25 90.23 0.25 -36.54
CA GLU UA 25 89.80 0.88 -35.30
C GLU UA 25 90.88 0.77 -34.22
N LEU UA 26 91.59 -0.35 -34.19
CA LEU UA 26 92.72 -0.49 -33.28
C LEU UA 26 93.74 0.61 -33.54
N PHE UA 27 94.08 0.82 -34.82
CA PHE UA 27 95.04 1.86 -35.18
C PHE UA 27 94.59 3.22 -34.68
N ASN UA 28 93.33 3.58 -34.94
CA ASN UA 28 92.78 4.85 -34.45
C ASN UA 28 92.88 4.97 -32.93
N ARG UA 29 92.51 3.91 -32.20
CA ARG UA 29 92.69 3.91 -30.75
C ARG UA 29 94.14 4.19 -30.35
N VAL UA 30 95.09 3.50 -30.99
CA VAL UA 30 96.50 3.71 -30.73
C VAL UA 30 97.00 5.06 -31.24
N GLY UA 31 96.22 5.70 -32.11
CA GLY UA 31 96.67 6.92 -32.76
C GLY UA 31 97.16 8.02 -31.85
N ARG UA 32 96.44 8.31 -30.77
CA ARG UA 32 96.91 9.38 -29.89
C ARG UA 32 98.34 9.15 -29.41
N VAL UA 33 98.61 7.96 -28.88
CA VAL UA 33 99.93 7.63 -28.34
C VAL UA 33 100.97 7.45 -29.44
N LEU UA 34 100.63 6.76 -30.52
CA LEU UA 34 101.61 6.53 -31.58
C LEU UA 34 101.89 7.80 -32.36
N LYS UA 35 100.84 8.49 -32.81
CA LYS UA 35 101.00 9.69 -33.62
C LYS UA 35 101.62 10.85 -32.85
N SER UA 36 101.45 10.94 -31.53
CA SER UA 36 102.22 11.94 -30.79
C SER UA 36 103.72 11.69 -30.90
N GLN UA 37 104.13 10.44 -30.69
CA GLN UA 37 105.52 10.06 -30.88
C GLN UA 37 105.98 10.31 -32.31
N LEU UA 38 105.19 9.89 -33.32
CA LEU UA 38 105.61 10.12 -34.70
C LEU UA 38 105.67 11.61 -35.06
N THR UA 39 104.79 12.44 -34.49
CA THR UA 39 104.86 13.88 -34.71
C THR UA 39 106.16 14.46 -34.18
N HIS UA 40 106.60 13.99 -33.00
CA HIS UA 40 107.96 14.35 -32.60
C HIS UA 40 109.03 13.66 -33.45
N TRP UA 41 108.75 12.45 -33.93
CA TRP UA 41 109.75 11.69 -34.68
C TRP UA 41 110.16 12.43 -35.94
N GLN UA 42 109.18 12.96 -36.69
CA GLN UA 42 109.50 13.81 -37.83
C GLN UA 42 110.18 15.10 -37.38
N GLN UA 43 109.83 15.61 -36.21
CA GLN UA 43 110.51 16.76 -35.62
C GLN UA 43 111.94 16.47 -35.16
N GLN UA 44 112.31 15.21 -34.93
CA GLN UA 44 113.54 14.93 -34.17
C GLN UA 44 114.75 15.68 -34.71
N GLN UA 45 114.82 15.92 -36.02
CA GLN UA 45 115.95 16.69 -36.55
C GLN UA 45 116.02 18.07 -35.92
N GLU UA 46 114.87 18.71 -35.72
CA GLU UA 46 114.82 19.95 -34.95
C GLU UA 46 114.93 19.70 -33.45
N ALA UA 47 114.30 18.63 -32.96
CA ALA UA 47 114.10 18.43 -31.52
C ALA UA 47 114.50 17.01 -31.11
N PRO UA 48 115.81 16.75 -30.98
CA PRO UA 48 116.26 15.53 -30.31
C PRO UA 48 116.30 15.65 -28.79
N GLU UA 49 116.12 16.86 -28.26
CA GLU UA 49 116.57 17.19 -26.91
C GLU UA 49 115.95 16.27 -25.85
N ASP UA 50 114.65 16.01 -25.95
CA ASP UA 50 113.99 15.19 -24.95
C ASP UA 50 114.48 13.75 -24.94
N LEU UA 51 114.63 13.13 -26.13
CA LEU UA 51 115.12 11.75 -26.16
C LEU UA 51 116.56 11.65 -25.69
N LEU UA 52 117.41 12.60 -26.09
CA LEU UA 52 118.81 12.62 -25.66
C LEU UA 52 118.94 12.75 -24.14
N GLU UA 53 118.24 13.72 -23.56
CA GLU UA 53 118.30 13.94 -22.12
C GLU UA 53 117.62 12.83 -21.32
N ARG UA 54 116.58 12.20 -21.86
CA ARG UA 54 116.00 11.04 -21.20
C ARG UA 54 117.01 9.92 -21.05
N LEU UA 55 117.70 9.56 -22.14
CA LEU UA 55 118.71 8.51 -22.07
C LEU UA 55 119.83 8.84 -21.09
N LEU UA 56 120.38 10.05 -21.16
CA LEU UA 56 121.44 10.45 -20.23
C LEU UA 56 120.94 10.59 -18.79
N GLY UA 57 119.67 10.91 -18.60
CA GLY UA 57 119.08 10.79 -17.27
C GLY UA 57 119.11 9.36 -16.73
N GLU UA 58 118.75 8.40 -17.57
CA GLU UA 58 118.86 7.00 -17.21
C GLU UA 58 120.31 6.62 -16.92
N MET UA 59 121.25 7.19 -17.66
CA MET UA 59 122.67 6.96 -17.42
C MET UA 59 123.13 7.54 -16.09
N GLU UA 60 122.57 8.69 -15.68
CA GLU UA 60 122.82 9.21 -14.33
C GLU UA 60 122.20 8.34 -13.24
N LEU UA 61 121.00 7.80 -13.48
CA LEU UA 61 120.40 6.86 -12.53
C LEU UA 61 121.22 5.59 -12.39
N GLU UA 62 121.78 5.08 -13.48
CA GLU UA 62 122.73 3.96 -13.39
C GLU UA 62 123.98 4.36 -12.61
N LEU UA 63 124.60 5.49 -12.98
CA LEU UA 63 125.87 5.90 -12.42
C LEU UA 63 125.83 6.12 -10.91
N ILE UA 64 124.69 6.57 -10.38
CA ILE UA 64 124.54 6.63 -8.92
C ILE UA 64 124.47 5.22 -8.32
N GLU UA 65 123.95 4.25 -9.06
CA GLU UA 65 124.11 2.85 -8.64
C GLU UA 65 125.57 2.42 -8.70
N LEU UA 66 126.25 2.69 -9.82
CA LEU UA 66 127.63 2.23 -9.99
C LEU UA 66 128.55 2.72 -8.87
N ARG UA 67 128.37 3.96 -8.42
CA ARG UA 67 129.11 4.47 -7.27
C ARG UA 67 128.77 3.74 -5.98
N ARG UA 68 127.48 3.48 -5.72
CA ARG UA 68 127.13 2.71 -4.53
C ARG UA 68 127.63 1.27 -4.60
N ALA UA 69 127.68 0.67 -5.79
CA ALA UA 69 128.22 -0.68 -5.95
C ALA UA 69 129.72 -0.71 -5.71
N LEU UA 70 130.44 0.33 -6.14
CA LEU UA 70 131.83 0.50 -5.72
C LEU UA 70 131.97 0.61 -4.21
N ALA UA 71 131.12 1.39 -3.56
CA ALA UA 71 131.19 1.50 -2.11
C ALA UA 71 130.88 0.18 -1.41
N GLN UA 72 129.96 -0.62 -1.99
CA GLN UA 72 129.71 -1.95 -1.44
C GLN UA 72 130.88 -2.90 -1.64
N THR UA 73 131.62 -2.76 -2.74
CA THR UA 73 132.83 -3.56 -2.91
C THR UA 73 133.92 -3.17 -1.92
N ILE UA 74 134.16 -1.88 -1.73
CA ILE UA 74 135.15 -1.44 -0.74
C ILE UA 74 134.77 -1.90 0.66
N ALA UA 75 133.48 -1.80 1.00
CA ALA UA 75 133.02 -2.26 2.31
C ALA UA 75 133.24 -3.75 2.50
N THR UA 76 132.94 -4.56 1.49
CA THR UA 76 133.19 -6.00 1.57
C THR UA 76 134.67 -6.34 1.59
N PHE UA 77 135.51 -5.58 0.88
CA PHE UA 77 136.95 -5.84 0.88
C PHE UA 77 137.56 -5.63 2.26
N LYS UA 78 137.30 -4.48 2.88
CA LYS UA 78 137.83 -4.19 4.21
C LYS UA 78 137.17 -5.00 5.30
N SER UA 79 135.91 -5.40 5.14
CA SER UA 79 135.32 -6.34 6.09
C SER UA 79 136.03 -7.70 6.07
N THR UA 80 136.40 -8.18 4.88
CA THR UA 80 137.26 -9.37 4.82
C THR UA 80 138.58 -9.11 5.53
N GLU UA 81 139.12 -7.91 5.40
CA GLU UA 81 140.35 -7.54 6.09
C GLU UA 81 140.13 -7.40 7.59
N ARG UA 82 138.96 -6.95 8.02
CA ARG UA 82 138.62 -6.94 9.44
C ARG UA 82 138.57 -8.36 10.00
N GLN UA 83 138.16 -9.33 9.18
CA GLN UA 83 138.22 -10.73 9.61
C GLN UA 83 139.67 -11.20 9.72
N ARG UA 84 140.53 -10.72 8.83
CA ARG UA 84 141.96 -10.95 8.98
C ARG UA 84 142.49 -10.29 10.25
N ASP UA 85 142.06 -9.07 10.54
CA ASP UA 85 142.46 -8.40 11.77
C ASP UA 85 142.09 -9.22 13.01
N ALA UA 86 140.95 -9.91 12.97
CA ALA UA 86 140.59 -10.81 14.06
C ALA UA 86 141.48 -12.05 14.07
N GLN UA 87 141.72 -12.66 12.91
CA GLN UA 87 142.57 -13.85 12.88
C GLN UA 87 143.97 -13.55 13.42
N GLN UA 88 144.57 -12.44 12.99
CA GLN UA 88 145.89 -12.06 13.48
C GLN UA 88 145.86 -11.67 14.95
N LEU UA 89 144.74 -11.11 15.43
CA LEU UA 89 144.60 -10.84 16.86
C LEU UA 89 144.55 -12.12 17.68
N ILE UA 90 143.90 -13.18 17.17
CA ILE UA 90 143.92 -14.46 17.88
C ILE UA 90 145.29 -15.12 17.76
N ALA UA 91 146.00 -14.90 16.65
CA ALA UA 91 147.39 -15.33 16.56
C ALA UA 91 148.25 -14.66 17.62
N GLN UA 92 148.06 -13.35 17.83
CA GLN UA 92 148.74 -12.67 18.93
C GLN UA 92 148.33 -13.23 20.28
N ARG UA 93 147.04 -13.55 20.45
CA ARG UA 93 146.58 -14.24 21.65
C ARG UA 93 147.27 -15.58 21.84
N TRP UA 94 147.62 -16.25 20.74
CA TRP UA 94 148.41 -17.47 20.81
C TRP UA 94 149.88 -17.20 21.16
N TYR UA 95 150.42 -16.05 20.76
CA TYR UA 95 151.74 -15.67 21.24
C TYR UA 95 151.75 -15.31 22.72
N GLU UA 96 150.70 -14.62 23.19
CA GLU UA 96 150.59 -14.32 24.62
C GLU UA 96 150.56 -15.60 25.45
N LYS UA 97 149.74 -16.57 25.05
CA LYS UA 97 149.70 -17.86 25.71
C LYS UA 97 151.03 -18.60 25.62
N ALA UA 98 151.77 -18.41 24.53
CA ALA UA 98 153.13 -18.92 24.48
C ALA UA 98 154.05 -18.17 25.44
N GLN UA 99 153.90 -16.85 25.54
CA GLN UA 99 154.79 -16.07 26.38
C GLN UA 99 154.70 -16.46 27.84
N ALA UA 100 153.51 -16.89 28.28
CA ALA UA 100 153.34 -17.43 29.63
C ALA UA 100 154.11 -18.73 29.84
N ALA UA 101 154.68 -19.30 28.79
CA ALA UA 101 155.53 -20.47 28.89
C ALA UA 101 156.87 -20.27 28.18
N LEU UA 102 157.16 -19.08 27.67
CA LEU UA 102 158.39 -18.82 26.95
C LEU UA 102 159.50 -18.31 27.84
N ASP UA 103 159.25 -18.19 29.14
CA ASP UA 103 160.28 -17.96 30.14
C ASP UA 103 160.52 -19.23 30.95
N ARG UA 104 161.66 -19.27 31.63
CA ARG UA 104 162.07 -20.37 32.50
C ARG UA 104 162.36 -21.65 31.74
N GLY UA 105 162.41 -21.61 30.41
CA GLY UA 105 162.59 -22.82 29.63
C GLY UA 105 161.39 -23.74 29.62
N ASN UA 106 160.22 -23.24 30.01
CA ASN UA 106 158.99 -24.03 30.05
C ASN UA 106 158.24 -24.01 28.73
N GLU UA 107 158.93 -23.74 27.63
CA GLU UA 107 158.34 -23.52 26.31
C GLU UA 107 157.60 -24.75 25.76
N GLN UA 108 157.57 -25.84 26.52
CA GLN UA 108 156.85 -27.04 26.11
C GLN UA 108 155.45 -26.72 25.55
N LEU UA 109 154.66 -25.95 26.29
CA LEU UA 109 153.31 -25.63 25.82
C LEU UA 109 153.31 -24.75 24.57
N ALA UA 110 154.42 -24.06 24.30
CA ALA UA 110 154.52 -23.30 23.06
C ALA UA 110 154.42 -24.20 21.84
N ARG UA 111 154.72 -25.50 21.99
CA ARG UA 111 154.57 -26.42 20.88
C ARG UA 111 153.14 -26.43 20.36
N GLU UA 112 152.17 -26.63 21.24
CA GLU UA 112 150.77 -26.59 20.85
C GLU UA 112 150.30 -25.19 20.50
N ALA UA 113 150.71 -24.18 21.28
CA ALA UA 113 150.22 -22.82 21.06
C ALA UA 113 150.64 -22.27 19.69
N LEU UA 114 151.91 -22.44 19.33
CA LEU UA 114 152.36 -22.10 17.99
C LEU UA 114 151.89 -23.09 16.93
N GLY UA 115 151.64 -24.34 17.31
CA GLY UA 115 151.02 -25.26 16.38
C GLY UA 115 149.64 -24.81 15.92
N GLN UA 116 148.85 -24.27 16.83
CA GLN UA 116 147.61 -23.59 16.43
C GLN UA 116 147.90 -22.33 15.63
N ARG UA 117 148.80 -21.48 16.10
CA ARG UA 117 149.06 -20.23 15.38
C ARG UA 117 149.48 -20.47 13.95
N GLN UA 118 150.15 -21.59 13.65
CA GLN UA 118 150.50 -21.89 12.26
C GLN UA 118 149.26 -21.96 11.37
N SER UA 119 148.20 -22.63 11.82
CA SER UA 119 146.95 -22.63 11.07
C SER UA 119 146.29 -21.25 11.05
N TYR UA 120 146.44 -20.47 12.10
CA TYR UA 120 145.87 -19.11 12.10
C TYR UA 120 146.63 -18.19 11.15
N GLN UA 121 147.94 -18.33 11.06
CA GLN UA 121 148.72 -17.57 10.09
C GLN UA 121 148.39 -17.95 8.65
N SER UA 122 148.10 -19.24 8.40
CA SER UA 122 147.77 -19.63 7.03
C SER UA 122 146.47 -18.97 6.57
N HIS UA 123 145.44 -18.95 7.42
CA HIS UA 123 144.21 -18.23 7.08
C HIS UA 123 144.44 -16.73 7.03
N THR UA 124 145.30 -16.19 7.90
CA THR UA 124 145.60 -14.75 7.86
C THR UA 124 146.25 -14.35 6.54
N GLU UA 125 147.16 -15.17 6.02
CA GLU UA 125 147.84 -14.82 4.78
C GLU UA 125 147.03 -15.20 3.55
N ALA UA 126 146.16 -16.20 3.66
CA ALA UA 126 145.15 -16.42 2.64
C ALA UA 126 144.23 -15.21 2.50
N LEU UA 127 143.77 -14.67 3.64
CA LEU UA 127 143.01 -13.43 3.62
C LEU UA 127 143.83 -12.28 3.06
N GLY UA 128 145.08 -12.14 3.53
CA GLY UA 128 145.91 -11.02 3.08
C GLY UA 128 146.19 -11.02 1.60
N LYS UA 129 146.30 -12.20 0.98
CA LYS UA 129 146.54 -12.28 -0.46
C LYS UA 129 145.27 -12.25 -1.30
N SER UA 130 144.16 -12.76 -0.77
CA SER UA 130 142.85 -12.43 -1.34
C SER UA 130 142.65 -10.93 -1.34
N LEU UA 131 142.98 -10.28 -0.23
CA LEU UA 131 142.88 -8.83 -0.06
C LEU UA 131 143.90 -8.07 -0.89
N GLY UA 132 144.88 -8.76 -1.48
CA GLY UA 132 145.73 -8.16 -2.48
C GLY UA 132 145.04 -8.09 -3.83
N GLU UA 133 144.29 -9.13 -4.17
CA GLU UA 133 143.49 -9.09 -5.38
C GLU UA 133 142.32 -8.11 -5.22
N GLN UA 134 141.64 -8.18 -4.08
CA GLN UA 134 140.56 -7.24 -3.79
C GLN UA 134 141.04 -5.80 -3.77
N ARG UA 135 142.29 -5.57 -3.38
CA ARG UA 135 142.90 -4.26 -3.56
C ARG UA 135 142.93 -3.87 -5.03
N ALA UA 136 143.56 -4.70 -5.87
CA ALA UA 136 143.63 -4.41 -7.29
C ALA UA 136 142.25 -4.24 -7.92
N LEU UA 137 141.25 -4.96 -7.41
CA LEU UA 137 139.88 -4.77 -7.88
C LEU UA 137 139.33 -3.40 -7.54
N VAL UA 138 139.49 -2.95 -6.30
CA VAL UA 138 138.98 -1.62 -5.94
C VAL UA 138 139.77 -0.52 -6.62
N GLU UA 139 141.06 -0.73 -6.88
CA GLU UA 139 141.83 0.26 -7.64
C GLU UA 139 141.39 0.33 -9.09
N GLN UA 140 141.30 -0.83 -9.76
CA GLN UA 140 140.93 -0.84 -11.18
C GLN UA 140 139.50 -0.38 -11.39
N VAL UA 141 138.59 -0.74 -10.48
CA VAL UA 141 137.21 -0.28 -10.60
C VAL UA 141 137.10 1.22 -10.34
N ARG UA 142 137.95 1.76 -9.46
CA ARG UA 142 137.99 3.21 -9.27
C ARG UA 142 138.53 3.93 -10.51
N GLY UA 143 139.55 3.37 -11.16
CA GLY UA 143 140.04 3.97 -12.38
C GLY UA 143 139.08 3.84 -13.54
N GLN UA 144 138.41 2.69 -13.63
CA GLN UA 144 137.36 2.49 -14.63
C GLN UA 144 136.25 3.52 -14.47
N LEU UA 145 135.75 3.68 -13.24
CA LEU UA 145 134.73 4.68 -12.96
C LEU UA 145 135.21 6.09 -13.28
N GLN UA 146 136.37 6.49 -12.75
CA GLN UA 146 136.79 7.88 -12.91
C GLN UA 146 137.04 8.25 -14.37
N LYS UA 147 137.53 7.33 -15.18
CA LYS UA 147 137.57 7.53 -16.63
C LYS UA 147 136.16 7.65 -17.23
N LEU UA 148 135.28 6.72 -16.86
CA LEU UA 148 133.96 6.66 -17.48
C LEU UA 148 133.10 7.86 -17.12
N GLU UA 149 133.03 8.20 -15.83
CA GLU UA 149 132.18 9.30 -15.37
C GLU UA 149 132.75 10.65 -15.80
N ARG UA 150 134.07 10.78 -15.88
CA ARG UA 150 134.65 12.00 -16.46
C ARG UA 150 134.30 12.11 -17.94
N LYS UA 151 134.25 10.97 -18.63
CA LYS UA 151 133.80 10.97 -20.02
C LYS UA 151 132.33 11.36 -20.14
N TYR UA 152 131.51 10.90 -19.18
CA TYR UA 152 130.12 11.34 -19.11
C TYR UA 152 130.00 12.84 -18.87
N LEU UA 153 130.82 13.39 -17.98
CA LEU UA 153 130.84 14.83 -17.74
C LEU UA 153 131.18 15.61 -19.01
N GLU UA 154 132.28 15.24 -19.68
CA GLU UA 154 132.65 15.89 -20.93
C GLU UA 154 131.65 15.65 -22.04
N LEU UA 155 130.99 14.49 -22.02
CA LEU UA 155 129.91 14.22 -22.98
C LEU UA 155 128.67 15.06 -22.69
N LYS UA 156 128.38 15.34 -21.42
CA LYS UA 156 127.36 16.34 -21.09
C LYS UA 156 127.73 17.71 -21.65
N SER UA 157 128.98 18.11 -21.48
CA SER UA 157 129.44 19.37 -22.04
C SER UA 157 129.22 19.40 -23.55
N GLN UA 158 129.66 18.35 -24.24
CA GLN UA 158 129.45 18.24 -25.69
C GLN UA 158 127.97 18.27 -26.06
N LYS UA 159 127.12 17.56 -25.33
CA LYS UA 159 125.69 17.56 -25.66
C LYS UA 159 125.10 18.96 -25.56
N ASN UA 160 125.39 19.68 -24.47
CA ASN UA 160 124.91 21.04 -24.34
C ASN UA 160 125.36 21.89 -25.52
N LEU UA 161 126.63 21.76 -25.89
CA LEU UA 161 127.18 22.46 -27.05
C LEU UA 161 126.61 21.94 -28.37
N TYR UA 162 126.14 20.69 -28.38
CA TYR UA 162 125.55 20.13 -29.59
C TYR UA 162 124.13 20.61 -29.82
N LEU UA 163 123.35 20.76 -28.74
CA LEU UA 163 122.02 21.36 -28.86
C LEU UA 163 122.12 22.83 -29.29
N ALA UA 164 123.11 23.55 -28.77
CA ALA UA 164 123.36 24.92 -29.24
C ALA UA 164 123.76 24.94 -30.71
N ARG UA 165 124.71 24.09 -31.10
CA ARG UA 165 125.08 23.99 -32.52
C ARG UA 165 123.87 23.67 -33.39
N LEU UA 166 123.07 22.68 -32.99
CA LEU UA 166 121.92 22.27 -33.79
C LEU UA 166 120.91 23.39 -33.96
N LYS UA 167 120.50 24.04 -32.86
CA LYS UA 167 119.60 25.17 -32.96
C LYS UA 167 120.18 26.30 -33.80
N SER UA 168 121.49 26.53 -33.70
CA SER UA 168 122.12 27.59 -34.48
C SER UA 168 122.13 27.26 -35.97
N ALA UA 169 122.44 26.01 -36.31
CA ALA UA 169 122.35 25.56 -37.70
C ALA UA 169 120.93 25.67 -38.23
N ILE UA 170 119.95 25.25 -37.44
CA ILE UA 170 118.54 25.36 -37.84
C ILE UA 170 118.19 26.80 -38.16
N ALA UA 171 118.59 27.73 -37.28
CA ALA UA 171 118.36 29.16 -37.52
C ALA UA 171 119.05 29.61 -38.81
N ALA UA 172 120.30 29.18 -39.02
CA ALA UA 172 121.03 29.52 -40.24
C ALA UA 172 120.30 29.01 -41.48
N GLN UA 173 119.84 27.76 -41.44
CA GLN UA 173 119.04 27.21 -42.53
C GLN UA 173 117.82 28.07 -42.81
N LYS UA 174 117.17 28.56 -41.75
CA LYS UA 174 116.00 29.41 -41.94
C LYS UA 174 116.35 30.77 -42.55
N ILE UA 175 117.48 31.36 -42.20
CA ILE UA 175 117.91 32.59 -42.87
C ILE UA 175 118.24 32.37 -44.34
N GLU UA 176 119.00 31.33 -44.66
CA GLU UA 176 119.31 31.07 -46.07
C GLU UA 176 118.06 30.82 -46.89
N GLU UA 177 117.19 29.92 -46.43
CA GLU UA 177 116.00 29.56 -47.21
C GLU UA 177 115.01 30.72 -47.33
N ILE UA 178 114.79 31.47 -46.25
CA ILE UA 178 113.90 32.63 -46.30
C ILE UA 178 114.54 33.77 -47.08
N ALA UA 179 115.85 33.93 -46.99
CA ALA UA 179 116.57 34.90 -47.81
C ALA UA 179 116.54 34.54 -49.28
N GLY UA 180 116.72 33.26 -49.62
CA GLY UA 180 116.60 32.85 -51.01
C GLY UA 180 115.23 33.06 -51.60
N ASN UA 181 114.18 32.78 -50.82
CA ASN UA 181 112.83 33.12 -51.27
C ASN UA 181 112.58 34.61 -51.30
N LEU UA 182 113.20 35.36 -50.38
CA LEU UA 182 112.99 36.81 -50.35
C LEU UA 182 113.64 37.47 -51.56
N ASP UA 183 114.91 37.15 -51.82
CA ASP UA 183 115.61 37.77 -52.93
C ASP UA 183 115.07 37.25 -54.26
N ASN UA 184 115.02 35.92 -54.42
CA ASN UA 184 114.69 35.36 -55.72
C ASN UA 184 113.22 35.54 -56.07
N ALA UA 185 112.31 35.13 -55.17
CA ALA UA 185 110.88 35.25 -55.47
C ALA UA 185 110.40 36.69 -55.35
N SER UA 186 110.68 37.35 -54.22
CA SER UA 186 110.10 38.66 -53.96
C SER UA 186 110.73 39.72 -54.85
N ALA UA 187 112.07 39.75 -54.93
CA ALA UA 187 112.74 40.83 -55.62
C ALA UA 187 112.50 40.79 -57.12
N SER UA 188 112.51 39.60 -57.72
CA SER UA 188 112.16 39.51 -59.14
C SER UA 188 110.73 39.96 -59.37
N SER UA 189 109.84 39.65 -58.43
CA SER UA 189 108.46 40.14 -58.52
C SER UA 189 108.42 41.66 -58.41
N LEU UA 190 109.30 42.26 -57.61
CA LEU UA 190 109.31 43.71 -57.50
C LEU UA 190 109.88 44.37 -58.76
N PHE UA 191 111.04 43.90 -59.23
CA PHE UA 191 111.71 44.59 -60.33
C PHE UA 191 110.98 44.37 -61.64
N GLU UA 192 110.69 43.12 -61.98
CA GLU UA 192 110.06 42.85 -63.27
C GLU UA 192 108.60 43.28 -63.36
N ARG UA 193 107.83 43.20 -62.27
CA ARG UA 193 106.48 43.77 -62.28
C ARG UA 193 106.44 45.30 -62.22
N ILE UA 194 107.37 45.93 -61.52
CA ILE UA 194 107.42 47.39 -61.54
C ILE UA 194 107.90 47.90 -62.88
N GLU UA 195 108.90 47.25 -63.46
CA GLU UA 195 109.40 47.64 -64.77
C GLU UA 195 108.33 47.50 -65.85
N THR UA 196 107.66 46.35 -65.92
CA THR UA 196 106.61 46.17 -66.92
C THR UA 196 105.47 47.16 -66.73
N LYS UA 197 105.13 47.49 -65.49
CA LYS UA 197 104.12 48.53 -65.27
C LYS UA 197 104.63 49.91 -65.68
N ILE UA 198 105.92 50.15 -65.50
CA ILE UA 198 106.52 51.41 -65.97
C ILE UA 198 106.45 51.47 -67.49
N LEU UA 199 106.79 50.37 -68.15
CA LEU UA 199 106.69 50.30 -69.61
C LEU UA 199 105.28 50.56 -70.09
N GLU UA 200 104.29 50.08 -69.34
CA GLU UA 200 102.89 50.36 -69.69
C GLU UA 200 102.61 51.85 -69.58
N LEU UA 201 103.16 52.50 -68.56
CA LEU UA 201 103.06 53.95 -68.45
C LEU UA 201 103.81 54.65 -69.57
N GLU UA 202 104.93 54.07 -70.01
CA GLU UA 202 105.73 54.65 -71.08
C GLU UA 202 105.07 54.50 -72.45
N ALA UA 203 104.31 53.43 -72.67
CA ALA UA 203 103.53 53.29 -73.89
C ALA UA 203 102.49 54.40 -74.02
N GLU UA 204 101.91 54.84 -72.89
CA GLU UA 204 101.10 56.05 -72.91
C GLU UA 204 101.93 57.33 -72.99
N ARG UA 205 103.15 57.33 -72.48
CA ARG UA 205 104.01 58.49 -72.66
C ARG UA 205 104.29 58.74 -74.14
N GLU UA 206 104.68 57.70 -74.88
CA GLU UA 206 104.96 57.83 -76.31
C GLU UA 206 103.70 58.04 -77.15
N LEU UA 207 102.52 57.87 -76.56
CA LEU UA 207 101.29 58.32 -77.23
C LEU UA 207 101.02 59.80 -76.98
N LEU UA 208 101.37 60.30 -75.80
CA LEU UA 208 101.15 61.71 -75.46
C LEU UA 208 102.32 62.61 -75.84
N ASN UA 209 103.47 62.02 -76.18
CA ASN UA 209 104.72 62.78 -76.23
C ASN UA 209 105.60 62.24 -77.34
N PRO UA 210 105.99 63.05 -78.33
CA PRO UA 210 106.92 62.57 -79.34
C PRO UA 210 108.25 62.18 -78.72
N PRO UA 211 108.93 61.18 -79.26
CA PRO UA 211 110.27 60.84 -78.76
C PRO UA 211 111.17 62.07 -78.76
N PRO UA 212 111.71 62.46 -77.59
CA PRO UA 212 112.61 63.62 -77.56
C PRO UA 212 113.97 63.34 -78.17
N SER UA 213 114.05 63.37 -79.50
CA SER UA 213 115.29 63.11 -80.22
C SER UA 213 116.32 64.18 -79.89
N PRO UA 214 117.59 63.97 -80.23
CA PRO UA 214 118.58 65.06 -80.05
C PRO UA 214 118.26 66.30 -80.85
N LEU UA 215 117.46 66.19 -81.92
CA LEU UA 215 117.22 67.33 -82.79
C LEU UA 215 116.36 68.39 -82.09
N ASP UA 216 115.15 68.02 -81.70
CA ASP UA 216 114.28 68.96 -80.98
C ASP UA 216 114.91 69.43 -79.69
N LYS UA 217 115.70 68.58 -79.03
CA LYS UA 217 116.39 68.99 -77.82
C LYS UA 217 117.36 70.15 -78.09
N LYS UA 218 118.12 70.05 -79.17
CA LYS UA 218 119.05 71.13 -79.52
C LYS UA 218 118.29 72.41 -79.90
N PHE UA 219 117.16 72.26 -80.60
CA PHE UA 219 116.35 73.42 -80.94
C PHE UA 219 115.81 74.13 -79.69
N GLU UA 220 115.36 73.36 -78.70
CA GLU UA 220 114.89 73.97 -77.46
C GLU UA 220 116.02 74.67 -76.72
N GLN UA 221 117.21 74.08 -76.73
CA GLN UA 221 118.37 74.72 -76.11
C GLN UA 221 118.69 76.04 -76.81
N TRP UA 222 118.65 76.05 -78.15
CA TRP UA 222 118.87 77.29 -78.89
C TRP UA 222 117.78 78.30 -78.60
N GLU UA 223 116.55 77.85 -78.34
CA GLU UA 223 115.49 78.79 -77.98
C GLU UA 223 115.80 79.51 -76.68
N GLU UA 224 116.30 78.78 -75.68
CA GLU UA 224 116.75 79.42 -74.45
C GLU UA 224 117.91 80.36 -74.72
N GLN UA 225 118.84 79.94 -75.58
CA GLN UA 225 119.96 80.79 -75.95
C GLN UA 225 119.48 82.09 -76.61
N GLN UA 226 118.44 82.00 -77.44
CA GLN UA 226 117.93 83.19 -78.12
C GLN UA 226 117.15 84.09 -77.18
N ALA UA 227 116.50 83.52 -76.16
CA ALA UA 227 115.86 84.34 -75.13
C ALA UA 227 116.89 85.18 -74.39
N VAL UA 228 117.99 84.57 -73.97
CA VAL UA 228 119.04 85.31 -73.28
C VAL UA 228 119.73 86.27 -74.24
N GLU UA 229 119.84 85.91 -75.52
CA GLU UA 229 120.42 86.86 -76.46
C GLU UA 229 119.53 88.09 -76.65
N ALA UA 230 118.21 87.92 -76.52
CA ALA UA 230 117.31 89.06 -76.54
C ALA UA 230 117.43 89.93 -75.29
N THR UA 231 117.60 89.30 -74.12
CA THR UA 231 117.87 90.07 -72.91
C THR UA 231 119.17 90.85 -73.02
N LEU UA 232 120.21 90.22 -73.60
CA LEU UA 232 121.46 90.93 -73.83
C LEU UA 232 121.25 92.11 -74.76
N ALA UA 233 120.41 91.96 -75.78
CA ALA UA 233 120.14 93.06 -76.69
C ALA UA 233 119.49 94.22 -75.95
N ALA UA 234 118.53 93.93 -75.08
CA ALA UA 234 117.93 94.97 -74.24
C ALA UA 234 118.98 95.61 -73.34
N MET UA 235 119.86 94.80 -72.75
CA MET UA 235 120.91 95.34 -71.88
C MET UA 235 121.76 96.37 -72.62
N LYS UA 236 122.27 96.01 -73.80
CA LYS UA 236 123.19 96.89 -74.50
C LYS UA 236 122.48 98.03 -75.22
N ALA UA 237 121.17 97.91 -75.45
CA ALA UA 237 120.40 99.02 -75.99
C ALA UA 237 120.15 100.08 -74.91
N ARG UA 238 119.86 99.65 -73.69
CA ARG UA 238 119.80 100.59 -72.58
C ARG UA 238 121.17 101.20 -72.30
N ARG UA 239 122.23 100.40 -72.46
CA ARG UA 239 123.59 100.90 -72.27
C ARG UA 239 124.04 101.83 -73.39
N SER UA 240 123.40 101.80 -74.56
CA SER UA 240 123.82 102.67 -75.66
C SER UA 240 123.79 104.14 -75.23
N MET VA 24 49.40 -75.61 37.79
CA MET VA 24 47.94 -75.66 37.76
C MET VA 24 47.36 -74.49 38.54
N GLU VA 25 46.28 -73.90 38.01
CA GLU VA 25 45.63 -72.81 38.73
C GLU VA 25 45.04 -73.29 40.05
N LEU VA 26 44.50 -74.51 40.07
CA LEU VA 26 44.03 -75.09 41.31
C LEU VA 26 45.16 -75.17 42.33
N PHE VA 27 46.32 -75.65 41.90
CA PHE VA 27 47.46 -75.75 42.79
C PHE VA 27 47.83 -74.38 43.37
N ASN VA 28 47.92 -73.36 42.52
CA ASN VA 28 48.19 -72.00 42.99
C ASN VA 28 47.16 -71.51 44.00
N ARG VA 29 45.87 -71.73 43.73
CA ARG VA 29 44.83 -71.41 44.70
C ARG VA 29 45.07 -72.10 46.04
N VAL VA 30 45.38 -73.40 46.01
CA VAL VA 30 45.66 -74.17 47.23
C VAL VA 30 47.00 -73.78 47.84
N GLY VA 31 47.84 -73.09 47.09
CA GLY VA 31 49.20 -72.80 47.54
C GLY VA 31 49.32 -72.13 48.88
N ARG VA 32 48.50 -71.11 49.16
CA ARG VA 32 48.63 -70.46 50.46
C ARG VA 32 48.49 -71.45 51.62
N VAL VA 33 47.42 -72.25 51.59
CA VAL VA 33 47.15 -73.22 52.67
C VAL VA 33 48.13 -74.39 52.65
N LEU VA 34 48.43 -74.94 51.48
CA LEU VA 34 49.32 -76.09 51.41
C LEU VA 34 50.76 -75.69 51.69
N LYS VA 35 51.25 -74.66 51.02
CA LYS VA 35 52.64 -74.23 51.17
C LYS VA 35 52.93 -73.66 52.55
N SER VA 36 51.96 -73.07 53.26
CA SER VA 36 52.22 -72.71 54.65
C SER VA 36 52.52 -73.94 55.50
N GLN VA 37 51.70 -74.98 55.35
CA GLN VA 37 51.97 -76.25 56.02
C GLN VA 37 53.30 -76.84 55.59
N LEU VA 38 53.59 -76.88 54.29
CA LEU VA 38 54.87 -77.45 53.86
C LEU VA 38 56.08 -76.63 54.33
N THR VA 39 55.94 -75.30 54.44
CA THR VA 39 57.01 -74.47 54.98
C THR VA 39 57.29 -74.82 56.43
N HIS VA 40 56.24 -75.08 57.22
CA HIS VA 40 56.51 -75.65 58.54
C HIS VA 40 56.98 -77.10 58.47
N TRP VA 41 56.53 -77.85 57.46
CA TRP VA 41 56.88 -79.27 57.36
C TRP VA 41 58.38 -79.45 57.22
N GLN VA 42 59.00 -78.66 56.34
CA GLN VA 42 60.45 -78.68 56.27
C GLN VA 42 61.09 -78.17 57.55
N GLN VA 43 60.44 -77.22 58.22
CA GLN VA 43 60.89 -76.75 59.54
C GLN VA 43 60.72 -77.79 60.65
N GLN VA 44 59.87 -78.81 60.49
CA GLN VA 44 59.45 -79.59 61.65
C GLN VA 44 60.62 -80.11 62.49
N GLN VA 45 61.76 -80.40 61.87
CA GLN VA 45 62.91 -80.84 62.65
C GLN VA 45 63.31 -79.78 63.68
N GLU VA 46 63.26 -78.51 63.30
CA GLU VA 46 63.45 -77.43 64.25
C GLU VA 46 62.20 -77.21 65.10
N ALA VA 47 61.01 -77.32 64.50
CA ALA VA 47 59.76 -76.88 65.13
C ALA VA 47 58.69 -77.95 65.02
N PRO VA 48 58.76 -78.98 65.87
CA PRO VA 48 57.62 -79.89 66.04
C PRO VA 48 56.57 -79.37 67.02
N GLU VA 49 56.88 -78.29 67.74
CA GLU VA 49 56.18 -77.97 68.98
C GLU VA 49 54.68 -77.82 68.79
N ASP VA 50 54.26 -77.12 67.73
CA ASP VA 50 52.83 -76.90 67.51
C ASP VA 50 52.07 -78.18 67.22
N LEU VA 51 52.60 -79.05 66.36
CA LEU VA 51 51.91 -80.31 66.07
C LEU VA 51 51.86 -81.22 67.28
N LEU VA 52 52.96 -81.30 68.03
CA LEU VA 52 53.00 -82.13 69.25
C LEU VA 52 51.98 -81.66 70.28
N GLU VA 53 51.97 -80.36 70.58
CA GLU VA 53 51.04 -79.82 71.57
C GLU VA 53 49.60 -79.83 71.09
N ARG VA 54 49.35 -79.69 69.79
CA ARG VA 54 47.99 -79.84 69.28
C ARG VA 54 47.44 -81.24 69.57
N LEU VA 55 48.21 -82.28 69.25
CA LEU VA 55 47.77 -83.65 69.50
C LEU VA 55 47.52 -83.90 70.99
N LEU VA 56 48.46 -83.50 71.85
CA LEU VA 56 48.28 -83.68 73.29
C LEU VA 56 47.16 -82.81 73.86
N GLY VA 57 46.89 -81.66 73.24
CA GLY VA 57 45.68 -80.92 73.58
C GLY VA 57 44.42 -81.71 73.30
N GLU VA 58 44.36 -82.35 72.14
CA GLU VA 58 43.25 -83.25 71.82
C GLU VA 58 43.16 -84.40 72.80
N MET VA 59 44.31 -84.90 73.25
CA MET VA 59 44.35 -85.96 74.26
C MET VA 59 43.82 -85.48 75.61
N GLU VA 60 44.08 -84.22 75.97
CA GLU VA 60 43.46 -83.63 77.17
C GLU VA 60 41.96 -83.44 77.01
N LEU VA 61 41.50 -83.05 75.82
CA LEU VA 61 40.06 -82.95 75.56
C LEU VA 61 39.37 -84.31 75.66
N GLU VA 62 40.03 -85.37 75.17
CA GLU VA 62 39.51 -86.71 75.37
C GLU VA 62 39.49 -87.08 76.85
N LEU VA 63 40.61 -86.88 77.55
CA LEU VA 63 40.76 -87.32 78.93
C LEU VA 63 39.76 -86.68 79.88
N ILE VA 64 39.36 -85.43 79.63
CA ILE VA 64 38.27 -84.85 80.41
C ILE VA 64 36.93 -85.54 80.10
N GLU VA 65 36.75 -86.05 78.88
CA GLU VA 65 35.62 -86.93 78.63
C GLU VA 65 35.78 -88.25 79.40
N LEU VA 66 36.95 -88.88 79.33
CA LEU VA 66 37.14 -90.19 79.96
C LEU VA 66 36.84 -90.16 81.45
N ARG VA 67 37.22 -89.08 82.14
CA ARG VA 67 36.86 -88.90 83.54
C ARG VA 67 35.37 -88.74 83.76
N ARG VA 68 34.68 -87.96 82.92
CA ARG VA 68 33.23 -87.85 83.05
C ARG VA 68 32.52 -89.16 82.71
N ALA VA 69 33.06 -89.94 81.78
CA ALA VA 69 32.48 -91.26 81.47
C ALA VA 69 32.66 -92.24 82.62
N LEU VA 70 33.80 -92.19 83.31
CA LEU VA 70 33.96 -92.90 84.57
C LEU VA 70 32.93 -92.47 85.61
N ALA VA 71 32.71 -91.16 85.75
CA ALA VA 71 31.71 -90.70 86.71
C ALA VA 71 30.30 -91.13 86.33
N GLN VA 72 30.00 -91.20 85.02
CA GLN VA 72 28.72 -91.72 84.58
C GLN VA 72 28.58 -93.23 84.85
N THR VA 73 29.66 -93.99 84.77
CA THR VA 73 29.61 -95.40 85.15
C THR VA 73 29.39 -95.59 86.64
N ILE VA 74 30.10 -94.84 87.48
CA ILE VA 74 29.88 -94.93 88.92
C ILE VA 74 28.46 -94.53 89.28
N ALA VA 75 27.94 -93.48 88.66
CA ALA VA 75 26.56 -93.05 88.91
C ALA VA 75 25.55 -94.13 88.53
N THR VA 76 25.74 -94.77 87.37
CA THR VA 76 24.85 -95.86 86.96
C THR VA 76 25.01 -97.10 87.84
N PHE VA 77 26.22 -97.39 88.32
CA PHE VA 77 26.41 -98.55 89.18
C PHE VA 77 25.67 -98.42 90.51
N LYS VA 78 25.85 -97.28 91.19
CA LYS VA 78 25.17 -97.06 92.47
C LYS VA 78 23.69 -96.79 92.31
N SER VA 79 23.24 -96.24 91.17
CA SER VA 79 21.80 -96.16 90.93
C SER VA 79 21.18 -97.54 90.80
N THR VA 80 21.85 -98.49 90.15
CA THR VA 80 21.38 -99.87 90.17
C THR VA 80 21.33 -100.39 91.60
N GLU VA 81 22.32 -100.02 92.41
CA GLU VA 81 22.34 -100.41 93.82
C GLU VA 81 21.25 -99.71 94.63
N ARG VA 82 20.91 -98.47 94.27
CA ARG VA 82 19.78 -97.79 94.88
C ARG VA 82 18.46 -98.51 94.56
N GLN VA 83 18.38 -99.12 93.38
CA GLN VA 83 17.22 -99.95 93.06
C GLN VA 83 17.21 -101.22 93.90
N ARG VA 84 18.39 -101.78 94.18
CA ARG VA 84 18.50 -102.86 95.14
C ARG VA 84 18.09 -102.42 96.54
N ASP VA 85 18.51 -101.21 96.94
CA ASP VA 85 18.10 -100.68 98.23
C ASP VA 85 16.58 -100.58 98.36
N ALA VA 86 15.91 -100.26 97.26
CA ALA VA 86 14.45 -100.27 97.26
C ALA VA 86 13.89 -101.69 97.34
N GLN VA 87 14.44 -102.62 96.55
CA GLN VA 87 13.96 -103.99 96.59
C GLN VA 87 14.08 -104.59 97.98
N GLN VA 88 15.24 -104.41 98.63
CA GLN VA 88 15.44 -104.92 99.98
C GLN VA 88 14.59 -104.19 100.99
N LEU VA 89 14.28 -102.90 100.76
CA LEU VA 89 13.35 -102.18 101.62
C LEU VA 89 11.93 -102.75 101.52
N ILE VA 90 11.50 -103.14 100.32
CA ILE VA 90 10.19 -103.78 100.18
C ILE VA 90 10.21 -105.19 100.75
N ALA VA 91 11.36 -105.88 100.68
CA ALA VA 91 11.52 -107.14 101.38
C ALA VA 91 11.35 -106.98 102.89
N GLN VA 92 11.95 -105.92 103.46
CA GLN VA 92 11.72 -105.60 104.87
C GLN VA 92 10.26 -105.27 105.14
N ARG VA 93 9.62 -104.54 104.23
CA ARG VA 93 8.18 -104.31 104.32
C ARG VA 93 7.38 -105.60 104.31
N TRP VA 94 7.88 -106.62 103.60
CA TRP VA 94 7.27 -107.95 103.66
C TRP VA 94 7.56 -108.67 104.98
N TYR VA 95 8.70 -108.41 105.61
CA TYR VA 95 8.91 -108.94 106.96
C TYR VA 95 8.03 -108.24 107.98
N GLU VA 96 7.84 -106.92 107.86
CA GLU VA 96 6.92 -106.21 108.76
C GLU VA 96 5.52 -106.77 108.67
N LYS VA 97 5.01 -106.96 107.44
CA LYS VA 97 3.70 -107.58 107.25
C LYS VA 97 3.65 -109.00 107.78
N ALA VA 98 4.77 -109.73 107.71
CA ALA VA 98 4.84 -111.02 108.39
C ALA VA 98 4.81 -110.86 109.91
N GLN VA 99 5.51 -109.87 110.45
CA GLN VA 99 5.60 -109.71 111.89
C GLN VA 99 4.24 -109.45 112.51
N ALA VA 100 3.34 -108.78 111.78
CA ALA VA 100 1.96 -108.60 112.22
C ALA VA 100 1.20 -109.91 112.30
N ALA VA 101 1.78 -111.01 111.82
CA ALA VA 101 1.20 -112.34 111.96
C ALA VA 101 2.19 -113.34 112.52
N LEU VA 102 3.38 -112.91 112.94
CA LEU VA 102 4.39 -113.82 113.46
C LEU VA 102 4.32 -113.97 114.97
N ASP VA 103 3.37 -113.32 115.62
CA ASP VA 103 3.02 -113.57 117.01
C ASP VA 103 1.70 -114.32 117.09
N ARG VA 104 1.45 -114.92 118.25
CA ARG VA 104 0.22 -115.65 118.57
C ARG VA 104 0.07 -116.94 117.75
N GLY VA 105 1.11 -117.35 117.02
CA GLY VA 105 0.98 -118.51 116.15
C GLY VA 105 0.13 -118.29 114.93
N ASN VA 106 -0.15 -117.03 114.59
CA ASN VA 106 -0.98 -116.69 113.44
C ASN VA 106 -0.17 -116.57 112.15
N GLU VA 107 1.00 -117.21 112.09
CA GLU VA 107 1.96 -117.06 111.00
C GLU VA 107 1.43 -117.52 109.64
N GLN VA 108 0.18 -117.99 109.59
CA GLN VA 108 -0.44 -118.40 108.33
C GLN VA 108 -0.18 -117.41 107.20
N LEU VA 109 -0.44 -116.12 107.43
CA LEU VA 109 -0.24 -115.13 106.38
C LEU VA 109 1.22 -114.95 106.03
N ALA VA 110 2.14 -115.34 106.92
CA ALA VA 110 3.56 -115.29 106.59
C ALA VA 110 3.89 -116.19 105.41
N ARG VA 111 3.05 -117.20 105.14
CA ARG VA 111 3.27 -118.05 103.98
C ARG VA 111 3.30 -117.22 102.69
N GLU VA 112 2.26 -116.42 102.47
CA GLU VA 112 2.23 -115.54 101.30
C GLU VA 112 3.24 -114.40 101.39
N ALA VA 113 3.38 -113.78 102.57
CA ALA VA 113 4.26 -112.63 102.70
C ALA VA 113 5.72 -112.98 102.41
N LEU VA 114 6.21 -114.07 102.99
CA LEU VA 114 7.54 -114.57 102.65
C LEU VA 114 7.59 -115.22 101.27
N GLY VA 115 6.47 -115.76 100.78
CA GLY VA 115 6.44 -116.22 99.41
C GLY VA 115 6.72 -115.12 98.40
N GLN VA 116 6.18 -113.92 98.63
CA GLN VA 116 6.57 -112.76 97.86
C GLN VA 116 8.02 -112.37 98.12
N ARG VA 117 8.43 -112.30 99.39
CA ARG VA 117 9.80 -111.88 99.69
C ARG VA 117 10.83 -112.76 99.02
N GLN VA 118 10.52 -114.05 98.81
CA GLN VA 118 11.46 -114.91 98.10
C GLN VA 118 11.78 -114.38 96.70
N SER VA 119 10.75 -113.96 95.96
CA SER VA 119 11.00 -113.32 94.66
C SER VA 119 11.70 -111.97 94.80
N TYR VA 120 11.43 -111.23 95.87
CA TYR VA 120 12.13 -109.95 96.07
C TYR VA 120 13.59 -110.16 96.42
N GLN VA 121 13.91 -111.19 97.21
CA GLN VA 121 15.30 -111.53 97.50
C GLN VA 121 16.05 -112.00 96.25
N SER VA 122 15.38 -112.71 95.35
CA SER VA 122 16.07 -113.16 94.14
C SER VA 122 16.49 -111.98 93.27
N HIS VA 123 15.60 -110.99 93.09
CA HIS VA 123 16.00 -109.78 92.37
C HIS VA 123 17.02 -108.96 93.15
N THR VA 124 16.92 -108.94 94.48
CA THR VA 124 17.91 -108.21 95.28
C THR VA 124 19.30 -108.80 95.13
N GLU VA 125 19.42 -110.13 95.08
CA GLU VA 125 20.73 -110.75 94.97
C GLU VA 125 21.21 -110.83 93.52
N ALA VA 126 20.29 -110.85 92.56
CA ALA VA 126 20.66 -110.60 91.17
C ALA VA 126 21.28 -109.22 90.99
N LEU VA 127 20.64 -108.20 91.59
CA LEU VA 127 21.23 -106.87 91.60
C LEU VA 127 22.56 -106.85 92.34
N GLY VA 128 22.62 -107.47 93.52
CA GLY VA 128 23.84 -107.45 94.30
C GLY VA 128 25.02 -108.10 93.62
N LYS VA 129 24.78 -109.13 92.81
CA LYS VA 129 25.87 -109.80 92.10
C LYS VA 129 26.20 -109.16 90.75
N SER VA 130 25.21 -108.57 90.08
CA SER VA 130 25.51 -107.63 89.01
C SER VA 130 26.38 -106.49 89.52
N LEU VA 131 26.03 -105.96 90.69
CA LEU VA 131 26.77 -104.89 91.35
C LEU VA 131 28.12 -105.35 91.89
N GLY VA 132 28.38 -106.66 91.90
CA GLY VA 132 29.72 -107.16 92.15
C GLY VA 132 30.59 -107.06 90.91
N GLU VA 133 30.01 -107.33 89.75
CA GLU VA 133 30.75 -107.12 88.50
C GLU VA 133 30.93 -105.63 88.24
N GLN VA 134 29.87 -104.85 88.42
CA GLN VA 134 29.95 -103.40 88.26
C GLN VA 134 30.94 -102.78 89.23
N ARG VA 135 31.11 -103.37 90.41
CA ARG VA 135 32.22 -102.99 91.29
C ARG VA 135 33.56 -103.21 90.61
N ALA VA 136 33.83 -104.44 90.19
CA ALA VA 136 35.09 -104.74 89.52
C ALA VA 136 35.31 -103.87 88.28
N LEU VA 137 34.23 -103.50 87.59
CA LEU VA 137 34.35 -102.57 86.46
C LEU VA 137 34.81 -101.19 86.89
N VAL VA 138 34.19 -100.61 87.92
CA VAL VA 138 34.62 -99.29 88.38
C VAL VA 138 36.01 -99.32 88.99
N GLU VA 139 36.39 -100.42 89.63
CA GLU VA 139 37.77 -100.54 90.13
C GLU VA 139 38.77 -100.64 89.00
N GLN VA 140 38.54 -101.54 88.04
CA GLN VA 140 39.50 -101.73 86.95
C GLN VA 140 39.57 -100.51 86.05
N VAL VA 141 38.45 -99.84 85.82
CA VAL VA 141 38.47 -98.62 85.01
C VAL VA 141 39.17 -97.49 85.74
N ARG VA 142 39.07 -97.43 87.07
CA ARG VA 142 39.84 -96.46 87.84
C ARG VA 142 41.33 -96.74 87.78
N GLY VA 143 41.73 -98.02 87.86
CA GLY VA 143 43.14 -98.33 87.74
C GLY VA 143 43.67 -98.11 86.33
N GLN VA 144 42.86 -98.43 85.32
CA GLN VA 144 43.23 -98.15 83.94
C GLN VA 144 43.46 -96.66 83.73
N LEU VA 145 42.51 -95.83 84.19
CA LEU VA 145 42.67 -94.38 84.08
C LEU VA 145 43.89 -93.89 84.84
N GLN VA 146 44.03 -94.26 86.11
CA GLN VA 146 45.11 -93.69 86.92
C GLN VA 146 46.49 -94.06 86.39
N LYS VA 147 46.66 -95.27 85.85
CA LYS VA 147 47.88 -95.60 85.10
C LYS VA 147 48.04 -94.74 83.85
N LEU VA 148 46.97 -94.63 83.06
CA LEU VA 148 47.06 -93.95 81.77
C LEU VA 148 47.31 -92.46 81.92
N GLU VA 149 46.54 -91.79 82.78
CA GLU VA 149 46.66 -90.35 82.95
C GLU VA 149 47.95 -89.98 83.67
N ARG VA 150 48.43 -90.83 84.58
CA ARG VA 150 49.76 -90.61 85.16
C ARG VA 150 50.84 -90.76 84.11
N LYS VA 151 50.65 -91.67 83.16
CA LYS VA 151 51.57 -91.80 82.04
C LYS VA 151 51.51 -90.56 81.14
N TYR VA 152 50.33 -90.00 80.95
CA TYR VA 152 50.19 -88.74 80.24
C TYR VA 152 50.90 -87.59 80.95
N LEU VA 153 50.78 -87.53 82.28
CA LEU VA 153 51.50 -86.51 83.05
C LEU VA 153 53.01 -86.63 82.89
N GLU VA 154 53.55 -87.84 83.07
CA GLU VA 154 54.98 -88.06 82.87
C GLU VA 154 55.41 -87.86 81.42
N LEU VA 155 54.52 -88.16 80.48
CA LEU VA 155 54.79 -87.89 79.07
C LEU VA 155 54.78 -86.40 78.77
N LYS VA 156 53.93 -85.62 79.44
CA LYS VA 156 54.04 -84.16 79.37
C LYS VA 156 55.39 -83.69 79.89
N SER VA 157 55.83 -84.23 81.02
CA SER VA 157 57.15 -83.90 81.55
C SER VA 157 58.24 -84.20 80.53
N GLN VA 158 58.21 -85.39 79.95
CA GLN VA 158 59.17 -85.77 78.92
C GLN VA 158 59.10 -84.85 77.69
N LYS VA 159 57.90 -84.50 77.24
CA LYS VA 159 57.78 -83.62 76.07
C LYS VA 159 58.42 -82.26 76.34
N ASN VA 160 58.13 -81.66 77.50
CA ASN VA 160 58.75 -80.39 77.85
C ASN VA 160 60.27 -80.51 77.82
N LEU VA 161 60.79 -81.58 78.41
CA LEU VA 161 62.22 -81.86 78.40
C LEU VA 161 62.73 -82.21 77.01
N TYR VA 162 61.86 -82.72 76.14
CA TYR VA 162 62.27 -83.05 74.78
C TYR VA 162 62.37 -81.82 73.89
N LEU VA 163 61.47 -80.85 74.06
CA LEU VA 163 61.59 -79.58 73.35
C LEU VA 163 62.83 -78.82 73.80
N ALA VA 164 63.14 -78.87 75.10
CA ALA VA 164 64.39 -78.29 75.59
C ALA VA 164 65.61 -79.00 75.00
N ARG VA 165 65.63 -80.33 75.05
CA ARG VA 165 66.71 -81.10 74.41
C ARG VA 165 66.85 -80.75 72.95
N LEU VA 166 65.75 -80.71 72.21
CA LEU VA 166 65.79 -80.44 70.77
C LEU VA 166 66.36 -79.05 70.47
N LYS VA 167 65.84 -78.02 71.13
CA LYS VA 167 66.38 -76.67 70.94
C LYS VA 167 67.85 -76.59 71.34
N SER VA 168 68.25 -77.31 72.39
CA SER VA 168 69.64 -77.29 72.82
C SER VA 168 70.55 -77.99 71.81
N ALA VA 169 70.11 -79.12 71.27
CA ALA VA 169 70.85 -79.78 70.19
C ALA VA 169 70.96 -78.89 68.96
N ILE VA 170 69.86 -78.25 68.58
CA ILE VA 170 69.86 -77.33 67.44
C ILE VA 170 70.90 -76.24 67.64
N ALA VA 171 70.92 -75.63 68.83
CA ALA VA 171 71.92 -74.62 69.16
C ALA VA 171 73.34 -75.19 69.06
N ALA VA 172 73.54 -76.40 69.60
CA ALA VA 172 74.85 -77.05 69.52
C ALA VA 172 75.28 -77.26 68.07
N GLN VA 173 74.36 -77.75 67.24
CA GLN VA 173 74.62 -77.90 65.81
C GLN VA 173 75.06 -76.58 65.20
N LYS VA 174 74.42 -75.49 65.58
CA LYS VA 174 74.78 -74.18 65.06
C LYS VA 174 76.16 -73.72 65.52
N ILE VA 175 76.55 -74.01 66.76
CA ILE VA 175 77.91 -73.70 67.20
C ILE VA 175 78.96 -74.53 66.45
N GLU VA 176 78.75 -75.83 66.33
CA GLU VA 176 79.73 -76.65 65.59
C GLU VA 176 79.87 -76.20 64.14
N GLU VA 177 78.74 -76.05 63.43
CA GLU VA 177 78.82 -75.71 62.02
C GLU VA 177 79.36 -74.30 61.78
N ILE VA 178 78.96 -73.33 62.59
CA ILE VA 178 79.49 -71.97 62.46
C ILE VA 178 80.94 -71.90 62.93
N ALA VA 179 81.29 -72.68 63.95
CA ALA VA 179 82.69 -72.78 64.37
C ALA VA 179 83.56 -73.45 63.32
N GLY VA 180 83.06 -74.52 62.69
CA GLY VA 180 83.81 -75.14 61.61
C GLY VA 180 84.04 -74.23 60.42
N ASN VA 181 83.02 -73.45 60.05
CA ASN VA 181 83.23 -72.44 59.01
C ASN VA 181 84.11 -71.30 59.49
N LEU VA 182 84.03 -70.95 60.77
CA LEU VA 182 84.85 -69.85 61.28
C LEU VA 182 86.33 -70.23 61.30
N ASP VA 183 86.65 -71.40 61.86
CA ASP VA 183 88.04 -71.82 61.95
C ASP VA 183 88.57 -72.19 60.57
N ASN VA 184 87.86 -73.08 59.86
CA ASN VA 184 88.39 -73.62 58.63
C ASN VA 184 88.40 -72.59 57.50
N ALA VA 185 87.25 -71.96 57.24
CA ALA VA 185 87.19 -71.00 56.15
C ALA VA 185 87.86 -69.68 56.51
N SER VA 186 87.49 -69.09 57.66
CA SER VA 186 87.96 -67.75 57.99
C SER VA 186 89.44 -67.77 58.36
N ALA VA 187 89.84 -68.69 59.23
CA ALA VA 187 91.20 -68.66 59.76
C ALA VA 187 92.23 -68.99 58.69
N SER VA 188 91.95 -69.95 57.82
CA SER VA 188 92.87 -70.21 56.71
C SER VA 188 92.95 -69.00 55.79
N SER VA 189 91.83 -68.30 55.61
CA SER VA 189 91.85 -67.06 54.84
C SER VA 189 92.70 -66.00 55.53
N LEU VA 190 92.70 -65.97 56.86
CA LEU VA 190 93.51 -64.99 57.58
C LEU VA 190 94.99 -65.33 57.49
N PHE VA 191 95.36 -66.58 57.81
CA PHE VA 191 96.77 -66.93 57.91
C PHE VA 191 97.43 -66.97 56.54
N GLU VA 192 96.84 -67.70 55.60
CA GLU VA 192 97.47 -67.85 54.29
C GLU VA 192 97.44 -66.58 53.44
N ARG VA 193 96.38 -65.76 53.53
CA ARG VA 193 96.40 -64.46 52.85
C ARG VA 193 97.29 -63.42 53.52
N ILE VA 194 97.39 -63.43 54.85
CA ILE VA 194 98.31 -62.51 55.51
C ILE VA 194 99.75 -62.92 55.26
N GLU VA 195 100.03 -64.22 55.32
CA GLU VA 195 101.38 -64.71 55.06
C GLU VA 195 101.83 -64.39 53.64
N THR VA 196 101.00 -64.71 52.64
CA THR VA 196 101.36 -64.41 51.25
C THR VA 196 101.56 -62.92 51.02
N LYS VA 197 100.74 -62.09 51.66
CA LYS VA 197 100.97 -60.64 51.56
C LYS VA 197 102.23 -60.21 52.27
N ILE VA 198 102.59 -60.89 53.35
CA ILE VA 198 103.86 -60.62 54.03
C ILE VA 198 105.02 -61.00 53.12
N LEU VA 199 104.92 -62.16 52.48
CA LEU VA 199 105.94 -62.59 51.52
C LEU VA 199 106.10 -61.59 50.38
N GLU VA 200 104.99 -60.99 49.94
CA GLU VA 200 105.07 -59.96 48.92
C GLU VA 200 105.85 -58.75 49.44
N LEU VA 201 105.62 -58.39 50.70
CA LEU VA 201 106.40 -57.33 51.32
C LEU VA 201 107.86 -57.73 51.48
N GLU VA 202 108.11 -59.02 51.72
CA GLU VA 202 109.48 -59.53 51.89
C GLU VA 202 110.24 -59.60 50.58
N ALA VA 203 109.54 -59.84 49.46
CA ALA VA 203 110.18 -59.76 48.15
C ALA VA 203 110.68 -58.36 47.85
N GLU VA 204 109.98 -57.33 48.32
CA GLU VA 204 110.53 -55.97 48.28
C GLU VA 204 111.58 -55.73 49.34
N ARG VA 205 111.51 -56.42 50.49
CA ARG VA 205 112.58 -56.31 51.47
C ARG VA 205 113.91 -56.79 50.90
N GLU VA 206 113.92 -57.96 50.26
CA GLU VA 206 115.14 -58.51 49.68
C GLU VA 206 115.57 -57.77 48.42
N LEU VA 207 114.74 -56.88 47.89
CA LEU VA 207 115.19 -55.96 46.86
C LEU VA 207 115.85 -54.72 47.46
N LEU VA 208 115.37 -54.26 48.62
CA LEU VA 208 115.93 -53.09 49.28
C LEU VA 208 117.06 -53.42 50.24
N ASN VA 209 117.25 -54.70 50.57
CA ASN VA 209 118.07 -55.08 51.72
C ASN VA 209 118.79 -56.39 51.43
N PRO VA 210 120.12 -56.42 51.46
CA PRO VA 210 120.82 -57.69 51.28
C PRO VA 210 120.45 -58.67 52.38
N PRO VA 211 120.40 -59.96 52.09
CA PRO VA 211 120.17 -60.95 53.15
C PRO VA 211 121.15 -60.77 54.29
N PRO VA 212 120.65 -60.53 55.52
CA PRO VA 212 121.57 -60.37 56.66
C PRO VA 212 122.20 -61.68 57.10
N SER VA 213 123.23 -62.13 56.38
CA SER VA 213 123.91 -63.38 56.69
C SER VA 213 124.59 -63.28 58.04
N PRO VA 214 125.05 -64.40 58.62
CA PRO VA 214 125.81 -64.31 59.86
C PRO VA 214 127.11 -63.52 59.72
N LEU VA 215 127.63 -63.37 58.50
CA LEU VA 215 128.93 -62.73 58.32
C LEU VA 215 128.84 -61.23 58.62
N ASP VA 216 128.00 -60.51 57.86
CA ASP VA 216 127.83 -59.08 58.10
C ASP VA 216 127.31 -58.80 59.50
N LYS VA 217 126.50 -59.70 60.05
CA LYS VA 217 126.03 -59.54 61.42
C LYS VA 217 127.18 -59.52 62.41
N LYS VA 218 128.14 -60.45 62.26
CA LYS VA 218 129.29 -60.49 63.15
C LYS VA 218 130.17 -59.25 62.97
N PHE VA 219 130.32 -58.78 61.73
CA PHE VA 219 131.08 -57.56 61.49
C PHE VA 219 130.45 -56.35 62.16
N GLU VA 220 129.12 -56.23 62.11
CA GLU VA 220 128.45 -55.12 62.78
C GLU VA 220 128.61 -55.21 64.29
N GLN VA 221 128.55 -56.43 64.84
CA GLN VA 221 128.78 -56.61 66.26
C GLN VA 221 130.19 -56.18 66.65
N TRP VA 222 131.19 -56.56 65.83
CA TRP VA 222 132.56 -56.13 66.09
C TRP VA 222 132.69 -54.62 65.96
N GLU VA 223 131.91 -53.99 65.09
CA GLU VA 223 131.95 -52.53 64.98
C GLU VA 223 131.51 -51.89 66.28
N GLU VA 224 130.43 -52.39 66.89
CA GLU VA 224 130.02 -51.90 68.19
C GLU VA 224 131.10 -52.17 69.23
N GLN VA 225 131.72 -53.35 69.17
CA GLN VA 225 132.80 -53.68 70.09
C GLN VA 225 133.97 -52.70 69.95
N GLN VA 226 134.28 -52.30 68.71
CA GLN VA 226 135.38 -51.38 68.48
C GLN VA 226 135.03 -49.96 68.90
N ALA VA 227 133.76 -49.57 68.81
CA ALA VA 227 133.35 -48.27 69.34
C ALA VA 227 133.57 -48.20 70.84
N VAL VA 228 133.15 -49.24 71.58
CA VAL VA 228 133.36 -49.26 73.02
C VAL VA 228 134.84 -49.41 73.34
N GLU VA 229 135.60 -50.11 72.50
CA GLU VA 229 137.04 -50.17 72.75
C GLU VA 229 137.71 -48.81 72.57
N ALA VA 230 137.17 -47.97 71.67
CA ALA VA 230 137.68 -46.60 71.55
C ALA VA 230 137.30 -45.74 72.75
N THR VA 231 136.08 -45.90 73.29
CA THR VA 231 135.71 -45.21 74.51
C THR VA 231 136.61 -45.64 75.67
N LEU VA 232 136.91 -46.94 75.76
CA LEU VA 232 137.84 -47.41 76.78
C LEU VA 232 139.21 -46.78 76.61
N ALA VA 233 139.66 -46.60 75.37
CA ALA VA 233 140.95 -45.97 75.13
C ALA VA 233 140.96 -44.54 75.63
N ALA VA 234 139.88 -43.80 75.37
CA ALA VA 234 139.74 -42.45 75.91
C ALA VA 234 139.74 -42.47 77.44
N MET VA 235 139.01 -43.43 78.02
CA MET VA 235 138.96 -43.53 79.48
C MET VA 235 140.36 -43.67 80.07
N LYS VA 236 141.15 -44.62 79.57
CA LYS VA 236 142.45 -44.89 80.17
C LYS VA 236 143.50 -43.88 79.76
N ALA VA 237 143.27 -43.12 78.67
CA ALA VA 237 144.17 -42.03 78.32
C ALA VA 237 143.96 -40.84 79.25
N ARG VA 238 142.70 -40.54 79.59
CA ARG VA 238 142.44 -39.54 80.61
C ARG VA 238 142.95 -40.00 81.97
N ARG VA 239 142.86 -41.30 82.25
CA ARG VA 239 143.36 -41.85 83.50
C ARG VA 239 144.88 -41.89 83.55
N SER VA 240 145.57 -41.84 82.42
CA SER VA 240 147.04 -41.89 82.43
C SER VA 240 147.61 -40.78 83.31
N MET WA 24 -66.23 -72.65 21.05
CA MET WA 24 -66.60 -71.69 20.02
C MET WA 24 -66.61 -70.27 20.60
N GLU WA 25 -66.12 -69.31 19.81
CA GLU WA 25 -66.15 -67.92 20.27
C GLU WA 25 -67.58 -67.43 20.44
N LEU WA 26 -68.48 -67.85 19.55
CA LEU WA 26 -69.90 -67.52 19.71
C LEU WA 26 -70.42 -68.03 21.04
N PHE WA 27 -70.10 -69.29 21.37
CA PHE WA 27 -70.53 -69.87 22.63
C PHE WA 27 -70.04 -69.04 23.82
N ASN WA 28 -68.74 -68.69 23.81
CA ASN WA 28 -68.19 -67.85 24.87
C ASN WA 28 -68.91 -66.51 24.99
N ARG WA 29 -69.16 -65.84 23.85
CA ARG WA 29 -69.95 -64.62 23.86
C ARG WA 29 -71.32 -64.82 24.51
N VAL WA 30 -72.02 -65.89 24.13
CA VAL WA 30 -73.32 -66.21 24.71
C VAL WA 30 -73.21 -66.70 26.16
N GLY WA 31 -72.00 -67.06 26.58
CA GLY WA 31 -71.81 -67.66 27.90
C GLY WA 31 -72.37 -66.89 29.06
N ARG WA 32 -72.17 -65.58 29.12
CA ARG WA 32 -72.70 -64.84 30.26
C ARG WA 32 -74.22 -65.03 30.41
N VAL WA 33 -74.96 -64.83 29.32
CA VAL WA 33 -76.42 -64.95 29.35
C VAL WA 33 -76.89 -66.39 29.48
N LEU WA 34 -76.28 -67.32 28.76
CA LEU WA 34 -76.71 -68.72 28.83
C LEU WA 34 -76.30 -69.35 30.15
N LYS WA 35 -75.04 -69.22 30.53
CA LYS WA 35 -74.54 -69.86 31.74
C LYS WA 35 -75.15 -69.25 33.01
N SER WA 36 -75.56 -67.98 33.02
CA SER WA 36 -76.31 -67.49 34.18
C SER WA 36 -77.62 -68.25 34.35
N GLN WA 37 -78.36 -68.41 33.25
CA GLN WA 37 -79.57 -69.22 33.27
C GLN WA 37 -79.28 -70.66 33.67
N LEU WA 38 -78.26 -71.29 33.08
CA LEU WA 38 -77.97 -72.68 33.45
C LEU WA 38 -77.51 -72.82 34.90
N THR WA 39 -76.81 -71.82 35.45
CA THR WA 39 -76.43 -71.84 36.86
C THR WA 39 -77.66 -71.82 37.76
N HIS WA 40 -78.67 -71.03 37.40
CA HIS WA 40 -79.93 -71.18 38.11
C HIS WA 40 -80.66 -72.48 37.75
N TRP WA 41 -80.48 -72.97 36.53
CA TRP WA 41 -81.19 -74.17 36.09
C TRP WA 41 -80.83 -75.37 36.94
N GLN WA 42 -79.52 -75.55 37.19
CA GLN WA 42 -79.10 -76.59 38.13
C GLN WA 42 -79.59 -76.29 39.54
N GLN WA 43 -79.68 -75.02 39.91
CA GLN WA 43 -80.26 -74.61 41.19
C GLN WA 43 -81.76 -74.83 41.28
N GLN WA 44 -82.49 -74.97 40.17
CA GLN WA 44 -83.94 -74.83 40.22
C GLN WA 44 -84.59 -75.72 41.29
N GLN WA 45 -84.01 -76.89 41.57
CA GLN WA 45 -84.58 -77.73 42.63
C GLN WA 45 -84.60 -76.99 43.96
N GLU WA 46 -83.53 -76.24 44.25
CA GLU WA 46 -83.53 -75.37 45.42
C GLU WA 46 -84.35 -74.09 45.16
N ALA WA 47 -84.27 -73.54 43.95
CA ALA WA 47 -84.79 -72.20 43.67
C ALA WA 47 -85.65 -72.19 42.41
N PRO WA 48 -86.89 -72.66 42.51
CA PRO WA 48 -87.87 -72.42 41.44
C PRO WA 48 -88.54 -71.05 41.53
N GLU WA 49 -88.34 -70.33 42.64
CA GLU WA 49 -89.24 -69.26 43.04
C GLU WA 49 -89.38 -68.19 41.97
N ASP WA 50 -88.27 -67.76 41.36
CA ASP WA 50 -88.33 -66.70 40.36
C ASP WA 50 -89.10 -67.11 39.11
N LEU WA 51 -88.85 -68.32 38.59
CA LEU WA 51 -89.58 -68.75 37.40
C LEU WA 51 -91.07 -68.94 37.69
N LEU WA 52 -91.40 -69.52 38.84
CA LEU WA 52 -92.80 -69.71 39.22
C LEU WA 52 -93.54 -68.38 39.34
N GLU WA 53 -92.97 -67.44 40.07
CA GLU WA 53 -93.60 -66.14 40.27
C GLU WA 53 -93.62 -65.29 39.00
N ARG WA 54 -92.63 -65.44 38.13
CA ARG WA 54 -92.69 -64.76 36.83
C ARG WA 54 -93.90 -65.21 36.03
N LEU WA 55 -94.10 -66.52 35.90
CA LEU WA 55 -95.26 -67.03 35.16
C LEU WA 55 -96.58 -66.57 35.75
N LEU WA 56 -96.74 -66.69 37.07
CA LEU WA 56 -97.97 -66.24 37.72
C LEU WA 56 -98.14 -64.72 37.68
N GLY WA 57 -97.04 -63.97 37.63
CA GLY WA 57 -97.15 -62.55 37.33
C GLY WA 57 -97.74 -62.28 35.96
N GLU WA 58 -97.29 -63.03 34.96
CA GLU WA 58 -97.88 -62.94 33.62
C GLU WA 58 -99.35 -63.33 33.64
N MET WA 59 -99.70 -64.31 34.47
CA MET WA 59 -101.10 -64.72 34.63
C MET WA 59 -101.94 -63.63 35.29
N GLU WA 60 -101.37 -62.88 36.22
CA GLU WA 60 -102.05 -61.69 36.76
C GLU WA 60 -102.19 -60.58 35.72
N LEU WA 61 -101.18 -60.37 34.88
CA LEU WA 61 -101.30 -59.40 33.80
C LEU WA 61 -102.38 -59.79 32.80
N GLU WA 62 -102.50 -61.08 32.49
CA GLU WA 62 -103.61 -61.55 31.67
C GLU WA 62 -104.95 -61.31 32.36
N LEU WA 63 -105.05 -61.74 33.63
CA LEU WA 63 -106.33 -61.71 34.36
C LEU WA 63 -106.89 -60.31 34.52
N ILE WA 64 -106.04 -59.29 34.64
CA ILE WA 64 -106.53 -57.91 34.61
C ILE WA 64 -107.07 -57.55 33.22
N GLU WA 65 -106.51 -58.12 32.16
CA GLU WA 65 -107.16 -58.01 30.85
C GLU WA 65 -108.51 -58.74 30.83
N LEU WA 66 -108.54 -59.98 31.31
CA LEU WA 66 -109.78 -60.78 31.25
C LEU WA 66 -110.94 -60.09 31.94
N ARG WA 67 -110.69 -59.44 33.08
CA ARG WA 67 -111.72 -58.65 33.74
C ARG WA 67 -112.16 -57.44 32.92
N ARG WA 68 -111.22 -56.72 32.31
CA ARG WA 68 -111.63 -55.61 31.44
C ARG WA 68 -112.36 -56.08 30.19
N ALA WA 69 -112.01 -57.25 29.66
CA ALA WA 69 -112.73 -57.81 28.51
C ALA WA 69 -114.15 -58.22 28.89
N LEU WA 70 -114.35 -58.76 30.09
CA LEU WA 70 -115.69 -58.95 30.62
C LEU WA 70 -116.46 -57.63 30.73
N ALA WA 71 -115.82 -56.58 31.23
CA ALA WA 71 -116.48 -55.29 31.32
C ALA WA 71 -116.83 -54.72 29.95
N GLN WA 72 -115.97 -54.97 28.95
CA GLN WA 72 -116.30 -54.56 27.58
C GLN WA 72 -117.46 -55.36 26.99
N THR WA 73 -117.59 -56.64 27.35
CA THR WA 73 -118.75 -57.41 26.92
C THR WA 73 -120.04 -56.92 27.57
N ILE WA 74 -120.02 -56.66 28.87
CA ILE WA 74 -121.22 -56.13 29.54
C ILE WA 74 -121.60 -54.78 28.96
N ALA WA 75 -120.61 -53.92 28.70
CA ALA WA 75 -120.89 -52.62 28.10
C ALA WA 75 -121.53 -52.74 26.72
N THR WA 76 -121.01 -53.64 25.88
CA THR WA 76 -121.59 -53.87 24.56
C THR WA 76 -122.97 -54.54 24.63
N PHE WA 77 -123.21 -55.41 25.62
CA PHE WA 77 -124.52 -56.03 25.76
C PHE WA 77 -125.61 -55.02 26.09
N LYS WA 78 -125.37 -54.20 27.11
CA LYS WA 78 -126.36 -53.19 27.51
C LYS WA 78 -126.45 -52.04 26.52
N SER WA 79 -125.37 -51.73 25.78
CA SER WA 79 -125.51 -50.75 24.70
C SER WA 79 -126.43 -51.26 23.59
N THR WA 80 -126.35 -52.55 23.26
CA THR WA 80 -127.35 -53.13 22.35
C THR WA 80 -128.74 -53.00 22.93
N GLU WA 81 -128.86 -53.18 24.25
CA GLU WA 81 -130.15 -53.02 24.92
C GLU WA 81 -130.59 -51.56 24.96
N ARG WA 82 -129.64 -50.62 25.06
CA ARG WA 82 -129.98 -49.20 24.94
C ARG WA 82 -130.51 -48.87 23.55
N GLN WA 83 -130.04 -49.58 22.53
CA GLN WA 83 -130.60 -49.42 21.19
C GLN WA 83 -132.01 -49.99 21.12
N ARG WA 84 -132.25 -51.08 21.85
CA ARG WA 84 -133.61 -51.58 22.01
C ARG WA 84 -134.48 -50.57 22.76
N ASP WA 85 -133.95 -49.95 23.81
CA ASP WA 85 -134.68 -48.92 24.53
C ASP WA 85 -135.09 -47.77 23.62
N ALA WA 86 -134.24 -47.43 22.64
CA ALA WA 86 -134.64 -46.43 21.65
C ALA WA 86 -135.70 -46.96 20.69
N GLN WA 87 -135.55 -48.19 20.20
CA GLN WA 87 -136.55 -48.74 19.29
C GLN WA 87 -137.92 -48.79 19.94
N GLN WA 88 -137.99 -49.27 21.19
CA GLN WA 88 -139.27 -49.33 21.90
C GLN WA 88 -139.79 -47.95 22.23
N LEU WA 89 -138.90 -46.96 22.45
CA LEU WA 89 -139.34 -45.58 22.64
C LEU WA 89 -139.97 -45.01 21.37
N ILE WA 90 -139.42 -45.35 20.20
CA ILE WA 90 -140.05 -44.90 18.96
C ILE WA 90 -141.34 -45.66 18.68
N ALA WA 91 -141.41 -46.93 19.12
CA ALA WA 91 -142.68 -47.65 19.09
C ALA WA 91 -143.74 -46.97 19.94
N GLN WA 92 -143.36 -46.50 21.14
CA GLN WA 92 -144.28 -45.71 21.96
C GLN WA 92 -144.64 -44.40 21.27
N ARG WA 93 -143.68 -43.75 20.61
CA ARG WA 93 -143.97 -42.58 19.79
C ARG WA 93 -144.96 -42.90 18.69
N TRP WA 94 -144.93 -44.12 18.15
CA TRP WA 94 -145.95 -44.56 17.20
C TRP WA 94 -147.30 -44.81 17.85
N TYR WA 95 -147.32 -45.24 19.12
CA TYR WA 95 -148.60 -45.31 19.83
C TYR WA 95 -149.16 -43.94 20.14
N GLU WA 96 -148.30 -42.97 20.51
CA GLU WA 96 -148.76 -41.61 20.73
C GLU WA 96 -149.41 -41.03 19.48
N LYS WA 97 -148.74 -41.18 18.33
CA LYS WA 97 -149.30 -40.75 17.06
C LYS WA 97 -150.58 -41.49 16.72
N ALA WA 98 -150.70 -42.75 17.12
CA ALA WA 98 -151.99 -43.44 17.00
C ALA WA 98 -153.03 -42.85 17.94
N GLN WA 99 -152.63 -42.51 19.17
CA GLN WA 99 -153.59 -42.03 20.16
C GLN WA 99 -154.24 -40.73 19.71
N ALA WA 100 -153.50 -39.89 18.96
CA ALA WA 100 -154.08 -38.69 18.36
C ALA WA 100 -155.14 -39.00 17.31
N ALA WA 101 -155.31 -40.26 16.95
CA ALA WA 101 -156.37 -40.70 16.05
C ALA WA 101 -157.17 -41.86 16.63
N LEU WA 102 -156.92 -42.27 17.86
CA LEU WA 102 -157.61 -43.40 18.47
C LEU WA 102 -158.84 -42.99 19.25
N ASP WA 103 -159.17 -41.70 19.27
CA ASP WA 103 -160.44 -41.20 19.73
C ASP WA 103 -161.30 -40.75 18.55
N ARG WA 104 -162.60 -40.62 18.82
CA ARG WA 104 -163.59 -40.16 17.84
C ARG WA 104 -163.81 -41.15 16.71
N GLY WA 105 -163.26 -42.36 16.79
CA GLY WA 105 -163.36 -43.30 15.69
C GLY WA 105 -162.53 -42.94 14.49
N ASN WA 106 -161.57 -42.03 14.64
CA ASN WA 106 -160.71 -41.59 13.55
C ASN WA 106 -159.46 -42.47 13.40
N GLU WA 107 -159.53 -43.71 13.87
CA GLU WA 107 -158.38 -44.61 13.95
C GLU WA 107 -157.78 -44.97 12.58
N GLN WA 108 -158.35 -44.43 11.50
CA GLN WA 108 -157.82 -44.66 10.16
C GLN WA 108 -156.30 -44.54 10.10
N LEU WA 109 -155.74 -43.44 10.62
CA LEU WA 109 -154.30 -43.25 10.57
C LEU WA 109 -153.55 -44.25 11.44
N ALA WA 110 -154.22 -44.86 12.41
CA ALA WA 110 -153.59 -45.91 13.20
C ALA WA 110 -153.18 -47.09 12.34
N ARG WA 111 -153.81 -47.26 11.17
CA ARG WA 111 -153.42 -48.32 10.26
C ARG WA 111 -151.94 -48.20 9.89
N GLU WA 112 -151.54 -47.02 9.40
CA GLU WA 112 -150.14 -46.79 9.07
C GLU WA 112 -149.25 -46.71 10.31
N ALA WA 113 -149.71 -46.04 11.37
CA ALA WA 113 -148.87 -45.85 12.55
C ALA WA 113 -148.50 -47.17 13.22
N LEU WA 114 -149.48 -48.05 13.40
CA LEU WA 114 -149.21 -49.40 13.90
C LEU WA 114 -148.56 -50.28 12.84
N GLY WA 115 -148.81 -50.02 11.56
CA GLY WA 115 -148.07 -50.71 10.52
C GLY WA 115 -146.58 -50.50 10.59
N GLN WA 116 -146.15 -49.27 10.88
CA GLN WA 116 -144.75 -49.01 11.20
C GLN WA 116 -144.35 -49.68 12.52
N ARG WA 117 -145.14 -49.51 13.56
CA ARG WA 117 -144.77 -50.09 14.86
C ARG WA 117 -144.55 -51.59 14.78
N GLN WA 118 -145.26 -52.29 13.89
CA GLN WA 118 -145.02 -53.72 13.72
C GLN WA 118 -143.57 -54.02 13.35
N SER WA 119 -143.02 -53.27 12.40
CA SER WA 119 -141.60 -53.42 12.08
C SER WA 119 -140.69 -52.98 13.23
N TYR WA 120 -141.10 -51.98 14.00
CA TYR WA 120 -140.29 -51.56 15.14
C TYR WA 120 -140.30 -52.59 16.26
N GLN WA 121 -141.45 -53.24 16.49
CA GLN WA 121 -141.52 -54.34 17.45
C GLN WA 121 -140.70 -55.54 17.02
N SER WA 122 -140.62 -55.82 15.72
CA SER WA 122 -139.83 -56.96 15.28
C SER WA 122 -138.35 -56.75 15.58
N HIS WA 123 -137.82 -55.55 15.30
CA HIS WA 123 -136.45 -55.24 15.66
C HIS WA 123 -136.26 -55.17 17.17
N THR WA 124 -137.27 -54.68 17.91
CA THR WA 124 -137.16 -54.64 19.37
C THR WA 124 -137.06 -56.03 19.96
N GLU WA 125 -137.82 -57.00 19.44
CA GLU WA 125 -137.78 -58.35 19.99
C GLU WA 125 -136.63 -59.17 19.43
N ALA WA 126 -136.15 -58.84 18.23
CA ALA WA 126 -134.87 -59.37 17.77
C ALA WA 126 -133.74 -58.94 18.69
N LEU WA 127 -133.71 -57.65 19.05
CA LEU WA 127 -132.76 -57.17 20.03
C LEU WA 127 -132.96 -57.86 21.38
N GLY WA 128 -134.20 -57.93 21.85
CA GLY WA 128 -134.47 -58.52 23.15
C GLY WA 128 -134.06 -59.98 23.27
N LYS WA 129 -134.15 -60.74 22.18
CA LYS WA 129 -133.76 -62.14 22.20
C LYS WA 129 -132.27 -62.37 21.91
N SER WA 130 -131.66 -61.50 21.10
CA SER WA 130 -130.20 -61.42 21.08
C SER WA 130 -129.66 -61.12 22.47
N LEU WA 131 -130.30 -60.17 23.17
CA LEU WA 131 -129.95 -59.77 24.52
C LEU WA 131 -130.29 -60.85 25.55
N GLY WA 132 -131.04 -61.87 25.16
CA GLY WA 132 -131.20 -63.05 26.00
C GLY WA 132 -129.99 -63.96 25.91
N GLU WA 133 -129.43 -64.10 24.71
CA GLU WA 133 -128.19 -64.85 24.56
C GLU WA 133 -127.04 -64.08 25.18
N GLN WA 134 -126.95 -62.78 24.90
CA GLN WA 134 -125.92 -61.93 25.50
C GLN WA 134 -126.01 -61.92 27.02
N ARG WA 135 -127.21 -62.05 27.57
CA ARG WA 135 -127.36 -62.30 29.01
C ARG WA 135 -126.65 -63.57 29.42
N ALA WA 136 -127.01 -64.69 28.82
CA ALA WA 136 -126.38 -65.97 29.16
C ALA WA 136 -124.87 -65.93 28.95
N LEU WA 137 -124.40 -65.15 27.97
CA LEU WA 137 -122.96 -64.98 27.79
C LEU WA 137 -122.31 -64.26 28.96
N VAL WA 138 -122.88 -63.13 29.40
CA VAL WA 138 -122.29 -62.42 30.54
C VAL WA 138 -122.42 -63.21 31.83
N GLU WA 139 -123.48 -64.00 31.98
CA GLU WA 139 -123.58 -64.87 33.16
C GLU WA 139 -122.54 -65.98 33.14
N GLN WA 140 -122.44 -66.70 32.02
CA GLN WA 140 -121.50 -67.83 31.95
C GLN WA 140 -120.06 -67.35 32.00
N VAL WA 141 -119.75 -66.21 31.39
CA VAL WA 141 -118.39 -65.67 31.45
C VAL WA 141 -118.06 -65.19 32.86
N ARG WA 142 -119.05 -64.67 33.60
CA ARG WA 142 -118.83 -64.32 35.00
C ARG WA 142 -118.59 -65.55 35.85
N GLY WA 143 -119.33 -66.64 35.62
CA GLY WA 143 -119.08 -67.86 36.36
C GLY WA 143 -117.75 -68.52 35.99
N GLN WA 144 -117.40 -68.48 34.71
CA GLN WA 144 -116.11 -68.97 34.26
C GLN WA 144 -114.97 -68.21 34.94
N LEU WA 145 -115.04 -66.88 34.93
CA LEU WA 145 -114.04 -66.07 35.61
C LEU WA 145 -113.99 -66.36 37.11
N GLN WA 146 -115.13 -66.31 37.79
CA GLN WA 146 -115.11 -66.43 39.24
C GLN WA 146 -114.59 -67.79 39.71
N LYS WA 147 -114.89 -68.85 38.97
CA LYS WA 147 -114.23 -70.14 39.21
C LYS WA 147 -112.72 -70.08 38.96
N LEU WA 148 -112.33 -69.51 37.82
CA LEU WA 148 -110.93 -69.53 37.41
C LEU WA 148 -110.06 -68.68 38.33
N GLU WA 149 -110.49 -67.44 38.60
CA GLU WA 149 -109.70 -66.52 39.42
C GLU WA 149 -109.68 -66.94 40.87
N ARG WA 150 -110.77 -67.56 41.38
CA ARG WA 150 -110.73 -68.14 42.70
C ARG WA 150 -109.75 -69.31 42.75
N LYS WA 151 -109.67 -70.07 41.67
CA LYS WA 151 -108.66 -71.14 41.57
C LYS WA 151 -107.25 -70.56 41.55
N TYR WA 152 -107.06 -69.44 40.87
CA TYR WA 152 -105.78 -68.73 40.91
C TYR WA 152 -105.44 -68.25 42.31
N LEU WA 153 -106.42 -67.72 43.05
CA LEU WA 153 -106.19 -67.31 44.43
C LEU WA 153 -105.75 -68.48 45.31
N GLU WA 154 -106.50 -69.58 45.26
CA GLU WA 154 -106.12 -70.78 46.02
C GLU WA 154 -104.82 -71.39 45.54
N LEU WA 155 -104.53 -71.26 44.24
CA LEU WA 155 -103.23 -71.71 43.71
C LEU WA 155 -102.09 -70.81 44.18
N LYS WA 156 -102.33 -69.51 44.34
CA LYS WA 156 -101.35 -68.66 45.02
C LYS WA 156 -101.10 -69.11 46.44
N SER WA 157 -102.18 -69.42 47.17
CA SER WA 157 -102.03 -69.94 48.52
C SER WA 157 -101.17 -71.21 48.54
N GLN WA 158 -101.49 -72.15 47.65
CA GLN WA 158 -100.71 -73.38 47.53
C GLN WA 158 -99.24 -73.11 47.16
N LYS WA 159 -98.99 -72.19 46.23
CA LYS WA 159 -97.61 -71.89 45.84
C LYS WA 159 -96.81 -71.36 47.03
N ASN WA 160 -97.37 -70.40 47.77
CA ASN WA 160 -96.70 -69.88 48.95
C ASN WA 160 -96.37 -71.02 49.92
N LEU WA 161 -97.35 -71.90 50.15
CA LEU WA 161 -97.14 -73.07 51.00
C LEU WA 161 -96.19 -74.08 50.37
N TYR WA 162 -96.07 -74.08 49.05
CA TYR WA 162 -95.16 -75.00 48.37
C TYR WA 162 -93.71 -74.54 48.46
N LEU WA 163 -93.47 -73.23 48.37
CA LEU WA 163 -92.13 -72.70 48.59
C LEU WA 163 -91.68 -72.92 50.03
N ALA WA 164 -92.60 -72.76 50.99
CA ALA WA 164 -92.30 -73.09 52.37
C ALA WA 164 -91.98 -74.58 52.54
N ARG WA 165 -92.84 -75.45 52.00
CA ARG WA 165 -92.56 -76.90 52.03
C ARG WA 165 -91.20 -77.22 51.42
N LEU WA 166 -90.92 -76.65 50.24
CA LEU WA 166 -89.67 -76.95 49.55
C LEU WA 166 -88.45 -76.53 50.36
N LYS WA 167 -88.43 -75.29 50.84
CA LYS WA 167 -87.34 -74.83 51.69
C LYS WA 167 -87.21 -75.67 52.95
N SER WA 168 -88.33 -76.09 53.53
CA SER WA 168 -88.28 -76.91 54.74
C SER WA 168 -87.73 -78.30 54.46
N ALA WA 169 -88.14 -78.91 53.35
CA ALA WA 169 -87.55 -80.18 52.92
C ALA WA 169 -86.06 -80.05 52.66
N ILE WA 170 -85.65 -78.98 51.97
CA ILE WA 170 -84.24 -78.74 51.69
C ILE WA 170 -83.45 -78.69 53.00
N ALA WA 171 -83.96 -77.93 53.98
CA ALA WA 171 -83.33 -77.85 55.29
C ALA WA 171 -83.25 -79.23 55.95
N ALA WA 172 -84.33 -80.00 55.88
CA ALA WA 172 -84.36 -81.36 56.44
C ALA WA 172 -83.30 -82.24 55.78
N GLN WA 173 -83.21 -82.18 54.45
CA GLN WA 173 -82.17 -82.91 53.73
C GLN WA 173 -80.79 -82.53 54.24
N LYS WA 174 -80.57 -81.24 54.50
CA LYS WA 174 -79.28 -80.80 55.00
C LYS WA 174 -78.99 -81.30 56.41
N ILE WA 175 -80.00 -81.38 57.29
CA ILE WA 175 -79.78 -81.98 58.61
C ILE WA 175 -79.47 -83.47 58.52
N GLU WA 176 -80.24 -84.23 57.74
CA GLU WA 176 -79.95 -85.65 57.60
C GLU WA 176 -78.56 -85.91 57.04
N GLU WA 177 -78.21 -85.26 55.93
CA GLU WA 177 -76.93 -85.52 55.28
C GLU WA 177 -75.74 -85.04 56.13
N ILE WA 178 -75.85 -83.88 56.76
CA ILE WA 178 -74.79 -83.39 57.64
C ILE WA 178 -74.73 -84.20 58.93
N ALA WA 179 -75.88 -84.64 59.43
CA ALA WA 179 -75.91 -85.54 60.59
C ALA WA 179 -75.32 -86.90 60.27
N GLY WA 180 -75.63 -87.45 59.09
CA GLY WA 180 -75.01 -88.71 58.70
C GLY WA 180 -73.51 -88.64 58.54
N ASN WA 181 -73.00 -87.54 57.97
CA ASN WA 181 -71.56 -87.34 57.94
C ASN WA 181 -70.99 -87.05 59.31
N LEU WA 182 -71.74 -86.37 60.17
CA LEU WA 182 -71.24 -86.05 61.51
C LEU WA 182 -71.12 -87.32 62.35
N ASP WA 183 -72.18 -88.13 62.39
CA ASP WA 183 -72.15 -89.34 63.21
C ASP WA 183 -71.22 -90.38 62.60
N ASN WA 184 -71.42 -90.68 61.31
CA ASN WA 184 -70.70 -91.79 60.71
C ASN WA 184 -69.22 -91.46 60.49
N ALA WA 185 -68.93 -90.34 59.83
CA ALA WA 185 -67.53 -90.00 59.56
C ALA WA 185 -66.82 -89.49 60.81
N SER WA 186 -67.41 -88.49 61.49
CA SER WA 186 -66.72 -87.84 62.59
C SER WA 186 -66.62 -88.75 63.81
N ALA WA 187 -67.73 -89.37 64.20
CA ALA WA 187 -67.77 -90.12 65.44
C ALA WA 187 -66.91 -91.37 65.37
N SER WA 188 -66.94 -92.08 64.24
CA SER WA 188 -66.03 -93.23 64.10
C SER WA 188 -64.58 -92.77 64.15
N SER WA 189 -64.30 -91.59 63.58
CA SER WA 189 -62.95 -91.04 63.68
C SER WA 189 -62.59 -90.71 65.13
N LEU WA 190 -63.58 -90.28 65.93
CA LEU WA 190 -63.30 -89.97 67.33
C LEU WA 190 -63.07 -91.25 68.13
N PHE WA 191 -63.99 -92.22 68.02
CA PHE WA 191 -63.92 -93.39 68.89
C PHE WA 191 -62.75 -94.30 68.51
N GLU WA 192 -62.65 -94.65 67.24
CA GLU WA 192 -61.60 -95.59 66.83
C GLU WA 192 -60.20 -95.00 66.86
N ARG WA 193 -60.03 -93.70 66.54
CA ARG WA 193 -58.72 -93.07 66.72
C ARG WA 193 -58.35 -92.79 68.18
N ILE WA 194 -59.33 -92.46 69.02
CA ILE WA 194 -59.02 -92.30 70.45
C ILE WA 194 -58.72 -93.63 71.11
N GLU WA 195 -59.50 -94.66 70.76
CA GLU WA 195 -59.25 -95.99 71.31
C GLU WA 195 -57.89 -96.53 70.91
N THR WA 196 -57.55 -96.47 69.62
CA THR WA 196 -56.24 -96.96 69.18
C THR WA 196 -55.10 -96.18 69.82
N LYS WA 197 -55.27 -94.88 70.02
CA LYS WA 197 -54.25 -94.11 70.74
C LYS WA 197 -54.18 -94.49 72.21
N ILE WA 198 -55.33 -94.85 72.80
CA ILE WA 198 -55.35 -95.33 74.17
C ILE WA 198 -54.60 -96.66 74.26
N LEU WA 199 -54.87 -97.55 73.30
CA LEU WA 199 -54.16 -98.83 73.24
C LEU WA 199 -52.66 -98.64 73.12
N GLU WA 200 -52.23 -97.61 72.36
CA GLU WA 200 -50.82 -97.31 72.27
C GLU WA 200 -50.26 -96.89 73.62
N LEU WA 201 -51.05 -96.11 74.37
CA LEU WA 201 -50.65 -95.76 75.74
C LEU WA 201 -50.65 -96.98 76.64
N GLU WA 202 -51.57 -97.92 76.40
CA GLU WA 202 -51.66 -99.14 77.20
C GLU WA 202 -50.52 -100.12 76.91
N ALA WA 203 -50.02 -100.14 75.68
CA ALA WA 203 -48.83 -100.93 75.36
C ALA WA 203 -47.61 -100.45 76.15
N GLU WA 204 -47.51 -99.14 76.39
CA GLU WA 204 -46.50 -98.65 77.33
C GLU WA 204 -46.89 -98.89 78.79
N ARG WA 205 -48.18 -98.93 79.11
CA ARG WA 205 -48.58 -99.30 80.47
C ARG WA 205 -48.11 -100.71 80.82
N GLU WA 206 -48.35 -101.68 79.94
CA GLU WA 206 -47.95 -103.06 80.18
C GLU WA 206 -46.44 -103.26 80.06
N LEU WA 207 -45.70 -102.27 79.55
CA LEU WA 207 -44.25 -102.29 79.67
C LEU WA 207 -43.77 -101.75 81.01
N LEU WA 208 -44.48 -100.75 81.57
CA LEU WA 208 -44.11 -100.17 82.85
C LEU WA 208 -44.74 -100.87 84.04
N ASN WA 209 -45.73 -101.74 83.81
CA ASN WA 209 -46.61 -102.19 84.87
C ASN WA 209 -47.02 -103.64 84.62
N PRO WA 210 -46.74 -104.57 85.53
CA PRO WA 210 -47.20 -105.93 85.34
C PRO WA 210 -48.72 -105.99 85.32
N PRO WA 211 -49.31 -106.90 84.55
CA PRO WA 211 -50.77 -107.06 84.58
C PRO WA 211 -51.27 -107.26 86.00
N PRO WA 212 -52.16 -106.38 86.50
CA PRO WA 212 -52.67 -106.56 87.86
C PRO WA 212 -53.65 -107.72 87.98
N SER WA 213 -53.13 -108.94 88.06
CA SER WA 213 -53.96 -110.14 88.15
C SER WA 213 -54.74 -110.12 89.46
N PRO WA 214 -55.74 -110.98 89.62
CA PRO WA 214 -56.42 -111.09 90.92
C PRO WA 214 -55.50 -111.49 92.05
N LEU WA 215 -54.37 -112.14 91.76
CA LEU WA 215 -53.50 -112.66 92.81
C LEU WA 215 -52.82 -111.52 93.58
N ASP WA 216 -52.03 -110.72 92.88
CA ASP WA 216 -51.37 -109.59 93.53
C ASP WA 216 -52.37 -108.61 94.12
N LYS WA 217 -53.55 -108.48 93.51
CA LYS WA 217 -54.59 -107.62 94.07
C LYS WA 217 -55.03 -108.10 95.44
N LYS WA 218 -55.24 -109.41 95.59
CA LYS WA 218 -55.64 -109.95 96.88
C LYS WA 218 -54.52 -109.80 97.92
N PHE WA 219 -53.27 -109.98 97.49
CA PHE WA 219 -52.14 -109.78 98.39
C PHE WA 219 -52.06 -108.34 98.89
N GLU WA 220 -52.28 -107.37 98.01
CA GLU WA 220 -52.26 -105.97 98.43
C GLU WA 220 -53.41 -105.68 99.40
N GLN WA 221 -54.58 -106.27 99.15
CA GLN WA 221 -55.70 -106.10 100.07
C GLN WA 221 -55.37 -106.68 101.44
N TRP WA 222 -54.75 -107.86 101.47
CA TRP WA 222 -54.33 -108.44 102.74
C TRP WA 222 -53.26 -107.59 103.41
N GLU WA 223 -52.42 -106.90 102.64
CA GLU WA 223 -51.43 -106.00 103.24
C GLU WA 223 -52.12 -104.87 103.99
N GLU WA 224 -53.16 -104.28 103.40
CA GLU WA 224 -53.93 -103.27 104.11
C GLU WA 224 -54.60 -103.87 105.34
N GLN WA 225 -55.13 -105.09 105.21
CA GLN WA 225 -55.74 -105.77 106.34
C GLN WA 225 -54.73 -105.97 107.47
N GLN WA 226 -53.49 -106.31 107.12
CA GLN WA 226 -52.47 -106.53 108.14
C GLN WA 226 -51.99 -105.24 108.77
N ALA WA 227 -52.01 -104.13 108.03
CA ALA WA 227 -51.72 -102.83 108.62
C ALA WA 227 -52.73 -102.47 109.69
N VAL WA 228 -54.02 -102.64 109.39
CA VAL WA 228 -55.06 -102.36 110.37
C VAL WA 228 -55.02 -103.37 111.51
N GLU WA 229 -54.62 -104.61 111.22
CA GLU WA 229 -54.49 -105.56 112.31
C GLU WA 229 -53.35 -105.19 113.25
N ALA WA 230 -52.30 -104.55 112.73
CA ALA WA 230 -51.24 -104.04 113.60
C ALA WA 230 -51.70 -102.84 114.42
N THR WA 231 -52.51 -101.95 113.84
CA THR WA 231 -53.09 -100.86 114.62
C THR WA 231 -53.98 -101.40 115.72
N LEU WA 232 -54.78 -102.44 115.42
CA LEU WA 232 -55.60 -103.07 116.44
C LEU WA 232 -54.73 -103.65 117.55
N ALA WA 233 -53.59 -104.23 117.20
CA ALA WA 233 -52.69 -104.77 118.21
C ALA WA 233 -52.18 -103.68 119.13
N ALA WA 234 -51.80 -102.54 118.57
CA ALA WA 234 -51.41 -101.39 119.39
C ALA WA 234 -52.57 -100.93 120.27
N MET WA 235 -53.78 -100.88 119.71
CA MET WA 235 -54.95 -100.47 120.49
C MET WA 235 -55.11 -101.34 121.72
N LYS WA 236 -55.12 -102.66 121.56
CA LYS WA 236 -55.41 -103.55 122.67
C LYS WA 236 -54.20 -103.73 123.59
N ALA WA 237 -53.00 -103.41 123.12
CA ALA WA 237 -51.83 -103.42 124.00
C ALA WA 237 -51.84 -102.20 124.92
N ARG WA 238 -52.22 -101.04 124.40
CA ARG WA 238 -52.44 -99.88 125.25
C ARG WA 238 -53.61 -100.13 126.21
N ARG WA 239 -54.65 -100.83 125.74
CA ARG WA 239 -55.79 -101.15 126.58
C ARG WA 239 -55.48 -102.21 127.63
N SER WA 240 -54.41 -103.00 127.45
CA SER WA 240 -54.08 -104.04 128.43
C SER WA 240 -53.91 -103.43 129.82
N MET XA 24 -81.15 3.80 -66.08
CA MET XA 24 -79.88 4.37 -66.52
C MET XA 24 -79.44 5.49 -65.57
N GLU XA 25 -78.14 5.54 -65.28
CA GLU XA 25 -77.63 6.61 -64.43
C GLU XA 25 -77.81 7.97 -65.08
N LEU XA 26 -77.64 8.04 -66.41
CA LEU XA 26 -77.92 9.28 -67.13
C LEU XA 26 -79.36 9.71 -66.91
N PHE XA 27 -80.29 8.76 -67.05
CA PHE XA 27 -81.70 9.08 -66.85
C PHE XA 27 -81.95 9.64 -65.46
N ASN XA 28 -81.41 8.98 -64.43
CA ASN XA 28 -81.53 9.47 -63.05
C ASN XA 28 -80.98 10.89 -62.90
N ARG XA 29 -79.79 11.14 -63.45
CA ARG XA 29 -79.23 12.50 -63.45
C ARG XA 29 -80.19 13.51 -64.08
N VAL XA 30 -80.75 13.17 -65.25
CA VAL XA 30 -81.71 14.03 -65.93
C VAL XA 30 -83.05 14.08 -65.21
N GLY XA 31 -83.29 13.14 -64.30
CA GLY XA 31 -84.59 13.03 -63.66
C GLY XA 31 -85.13 14.28 -63.02
N ARG XA 32 -84.31 15.02 -62.27
CA ARG XA 32 -84.84 16.22 -61.64
C ARG XA 32 -85.45 17.19 -62.66
N VAL XA 33 -84.71 17.49 -63.72
CA VAL XA 33 -85.17 18.43 -64.75
C VAL XA 33 -86.28 17.85 -65.62
N LEU XA 34 -86.16 16.59 -66.03
CA LEU XA 34 -87.18 16.00 -66.89
C LEU XA 34 -88.46 15.71 -66.11
N LYS XA 35 -88.34 15.03 -64.97
CA LYS XA 35 -89.51 14.66 -64.20
C LYS XA 35 -90.23 15.86 -63.60
N SER XA 36 -89.57 16.98 -63.32
CA SER XA 36 -90.32 18.18 -62.93
C SER XA 36 -91.25 18.63 -64.05
N GLN XA 37 -90.71 18.69 -65.27
CA GLN XA 37 -91.53 19.01 -66.43
C GLN XA 37 -92.64 17.98 -66.63
N LEU XA 38 -92.33 16.68 -66.56
CA LEU XA 38 -93.38 15.69 -66.75
C LEU XA 38 -94.44 15.72 -65.64
N THR XA 39 -94.06 16.06 -64.41
CA THR XA 39 -95.03 16.23 -63.33
C THR XA 39 -96.00 17.36 -63.62
N HIS XA 40 -95.49 18.47 -64.17
CA HIS XA 40 -96.43 19.47 -64.69
C HIS XA 40 -97.15 18.99 -65.95
N TRP XA 41 -96.50 18.18 -66.77
CA TRP XA 41 -97.09 17.75 -68.04
C TRP XA 41 -98.37 16.96 -67.80
N GLN XA 42 -98.35 16.03 -66.85
CA GLN XA 42 -99.57 15.35 -66.46
C GLN XA 42 -100.57 16.31 -65.83
N GLN XA 43 -100.08 17.31 -65.12
CA GLN XA 43 -100.93 18.38 -64.58
C GLN XA 43 -101.52 19.30 -65.65
N GLN XA 44 -100.95 19.37 -66.86
CA GLN XA 44 -101.28 20.47 -67.75
C GLN XA 44 -102.78 20.67 -67.95
N GLN XA 45 -103.57 19.59 -67.90
CA GLN XA 45 -105.02 19.75 -68.03
C GLN XA 45 -105.56 20.67 -66.94
N GLU XA 46 -105.06 20.51 -65.71
CA GLU XA 46 -105.37 21.45 -64.64
C GLU XA 46 -104.62 22.76 -64.79
N ALA XA 47 -103.35 22.70 -65.21
CA ALA XA 47 -102.44 23.85 -65.14
C ALA XA 47 -101.71 24.06 -66.47
N PRO XA 48 -102.39 24.64 -67.45
CA PRO XA 48 -101.69 25.14 -68.64
C PRO XA 48 -101.09 26.53 -68.45
N GLU XA 49 -101.42 27.20 -67.35
CA GLU XA 49 -101.28 28.65 -67.25
C GLU XA 49 -99.86 29.12 -67.52
N ASP XA 50 -98.86 28.45 -66.94
CA ASP XA 50 -97.48 28.88 -67.10
C ASP XA 50 -96.99 28.75 -68.54
N LEU XA 51 -97.28 27.63 -69.21
CA LEU XA 51 -96.85 27.49 -70.60
C LEU XA 51 -97.55 28.47 -71.52
N LEU XA 52 -98.86 28.67 -71.32
CA LEU XA 52 -99.61 29.63 -72.13
C LEU XA 52 -99.07 31.05 -71.98
N GLU XA 53 -98.89 31.50 -70.74
CA GLU XA 53 -98.40 32.85 -70.50
C GLU XA 53 -96.93 33.03 -70.88
N ARG XA 54 -96.12 31.98 -70.79
CA ARG XA 54 -94.75 32.06 -71.29
C ARG XA 54 -94.73 32.36 -72.79
N LEU XA 55 -95.50 31.60 -73.58
CA LEU XA 55 -95.55 31.83 -75.02
C LEU XA 55 -96.04 33.23 -75.36
N LEU XA 56 -97.14 33.66 -74.75
CA LEU XA 56 -97.66 35.01 -75.00
C LEU XA 56 -96.74 36.11 -74.49
N GLY XA 57 -95.97 35.83 -73.44
CA GLY XA 57 -94.89 36.74 -73.07
C GLY XA 57 -93.86 36.90 -74.16
N GLU XA 58 -93.45 35.80 -74.77
CA GLU XA 58 -92.55 35.85 -75.93
C GLU XA 58 -93.17 36.61 -77.08
N MET XA 59 -94.49 36.46 -77.26
CA MET XA 59 -95.21 37.20 -78.29
C MET XA 59 -95.24 38.70 -78.00
N GLU XA 60 -95.34 39.09 -76.73
CA GLU XA 60 -95.18 40.51 -76.37
C GLU XA 60 -93.75 41.02 -76.59
N LEU XA 61 -92.74 40.19 -76.30
CA LEU XA 61 -91.36 40.58 -76.60
C LEU XA 61 -91.13 40.76 -78.09
N GLU XA 62 -91.72 39.90 -78.93
CA GLU XA 62 -91.68 40.11 -80.37
C GLU XA 62 -92.40 41.40 -80.76
N LEU XA 63 -93.63 41.58 -80.27
CA LEU XA 63 -94.48 42.70 -80.69
C LEU XA 63 -93.87 44.06 -80.37
N ILE XA 64 -93.12 44.17 -79.27
CA ILE XA 64 -92.38 45.42 -79.03
C ILE XA 64 -91.25 45.59 -80.05
N GLU XA 65 -90.67 44.50 -80.55
CA GLU XA 65 -89.80 44.62 -81.71
C GLU XA 65 -90.57 45.07 -82.95
N LEU XA 66 -91.70 44.43 -83.24
CA LEU XA 66 -92.45 44.73 -84.47
C LEU XA 66 -92.84 46.20 -84.55
N ARG XA 67 -93.22 46.80 -83.42
CA ARG XA 67 -93.49 48.24 -83.39
C ARG XA 67 -92.25 49.08 -83.65
N ARG XA 68 -91.11 48.72 -83.05
CA ARG XA 68 -89.88 49.46 -83.35
C ARG XA 68 -89.42 49.27 -84.79
N ALA XA 69 -89.66 48.10 -85.38
CA ALA XA 69 -89.34 47.88 -86.79
C ALA XA 69 -90.22 48.70 -87.72
N LEU XA 70 -91.50 48.85 -87.37
CA LEU XA 70 -92.35 49.81 -88.05
C LEU XA 70 -91.82 51.23 -87.93
N ALA XA 71 -91.38 51.64 -86.74
CA ALA XA 71 -90.83 52.98 -86.59
C ALA XA 71 -89.54 53.17 -87.38
N GLN XA 72 -88.73 52.11 -87.50
CA GLN XA 72 -87.54 52.17 -88.34
C GLN XA 72 -87.89 52.26 -89.83
N THR XA 73 -88.97 51.63 -90.26
CA THR XA 73 -89.42 51.79 -91.65
C THR XA 73 -89.93 53.20 -91.93
N ILE XA 74 -90.74 53.76 -91.03
CA ILE XA 74 -91.21 55.14 -91.21
C ILE XA 74 -90.04 56.11 -91.23
N ALA XA 75 -89.07 55.91 -90.34
CA ALA XA 75 -87.89 56.77 -90.31
C ALA XA 75 -87.09 56.71 -91.62
N THR XA 76 -86.90 55.50 -92.15
CA THR XA 76 -86.20 55.35 -93.43
C THR XA 76 -87.01 55.88 -94.61
N PHE XA 77 -88.34 55.77 -94.57
CA PHE XA 77 -89.17 56.31 -95.65
C PHE XA 77 -89.06 57.82 -95.75
N LYS XA 78 -89.26 58.52 -94.63
CA LYS XA 78 -89.19 59.98 -94.63
C LYS XA 78 -87.76 60.50 -94.77
N SER XA 79 -86.74 59.73 -94.34
CA SER XA 79 -85.38 60.13 -94.64
C SER XA 79 -85.10 60.09 -96.14
N THR XA 80 -85.62 59.09 -96.85
CA THR XA 80 -85.54 59.11 -98.31
C THR XA 80 -86.25 60.34 -98.87
N GLU XA 81 -87.38 60.71 -98.25
CA GLU XA 81 -88.11 61.91 -98.65
C GLU XA 81 -87.35 63.19 -98.30
N ARG XA 82 -86.61 63.18 -97.19
CA ARG XA 82 -85.73 64.30 -96.86
C ARG XA 82 -84.63 64.46 -97.90
N GLN XA 83 -84.18 63.35 -98.49
CA GLN XA 83 -83.22 63.42 -99.59
C GLN XA 83 -83.88 64.01 -100.84
N ARG XA 84 -85.15 63.68 -101.05
CA ARG XA 84 -85.93 64.35 -102.10
C ARG XA 84 -86.08 65.84 -101.81
N ASP XA 85 -86.34 66.20 -100.55
CA ASP XA 85 -86.43 67.60 -100.17
C ASP XA 85 -85.15 68.36 -100.49
N ALA XA 86 -83.99 67.70 -100.34
CA ALA XA 86 -82.74 68.31 -100.75
C ALA XA 86 -82.61 68.41 -102.27
N GLN XA 87 -82.97 67.34 -103.00
CA GLN XA 87 -82.89 67.39 -104.45
C GLN XA 87 -83.75 68.50 -105.03
N GLN XA 88 -84.99 68.62 -104.55
CA GLN XA 88 -85.88 69.68 -105.02
C GLN XA 88 -85.41 71.05 -104.57
N LEU XA 89 -84.75 71.15 -103.42
CA LEU XA 89 -84.15 72.42 -103.00
C LEU XA 89 -83.01 72.83 -103.92
N ILE XA 90 -82.20 71.88 -104.39
CA ILE XA 90 -81.15 72.21 -105.35
C ILE XA 90 -81.76 72.52 -106.73
N ALA XA 91 -82.88 71.88 -107.07
CA ALA XA 91 -83.62 72.27 -108.27
C ALA XA 91 -84.09 73.71 -108.18
N GLN XA 92 -84.62 74.12 -107.02
CA GLN XA 92 -84.97 75.53 -106.81
C GLN XA 92 -83.74 76.42 -106.89
N ARG XA 93 -82.60 75.98 -106.34
CA ARG XA 93 -81.35 76.70 -106.52
C ARG XA 93 -80.96 76.83 -107.97
N TRP XA 94 -81.31 75.85 -108.80
CA TRP XA 94 -81.12 75.96 -110.25
C TRP XA 94 -82.11 76.93 -110.90
N TYR XA 95 -83.32 77.05 -110.35
CA TYR XA 95 -84.22 78.10 -110.83
C TYR XA 95 -83.75 79.49 -110.43
N GLU XA 96 -83.22 79.65 -109.21
CA GLU XA 96 -82.66 80.94 -108.79
C GLU XA 96 -81.52 81.37 -109.72
N LYS XA 97 -80.60 80.45 -110.00
CA LYS XA 97 -79.52 80.73 -110.95
C LYS XA 97 -80.05 81.02 -112.34
N ALA XA 98 -81.16 80.40 -112.74
CA ALA XA 98 -81.81 80.80 -113.98
C ALA XA 98 -82.41 82.20 -113.87
N GLN XA 99 -83.03 82.53 -112.73
CA GLN XA 99 -83.71 83.80 -112.59
C GLN XA 99 -82.74 84.96 -112.73
N ALA XA 100 -81.48 84.78 -112.32
CA ALA XA 100 -80.44 85.78 -112.53
C ALA XA 100 -80.12 85.98 -114.00
N ALA XA 101 -80.67 85.15 -114.88
CA ALA XA 101 -80.54 85.33 -116.32
C ALA XA 101 -81.88 85.29 -117.03
N LEU XA 102 -82.99 85.23 -116.31
CA LEU XA 102 -84.31 85.14 -116.91
C LEU XA 102 -84.94 86.51 -117.11
N ASP XA 103 -84.25 87.59 -116.76
CA ASP XA 103 -84.61 88.94 -117.14
C ASP XA 103 -83.68 89.46 -118.22
N ARG XA 104 -84.12 90.51 -118.89
CA ARG XA 104 -83.37 91.21 -119.94
C ARG XA 104 -83.18 90.36 -121.19
N GLY XA 105 -83.85 89.21 -121.29
CA GLY XA 105 -83.63 88.32 -122.42
C GLY XA 105 -82.31 87.61 -122.41
N ASN XA 106 -81.61 87.60 -121.27
CA ASN XA 106 -80.31 86.96 -121.14
C ASN XA 106 -80.42 85.48 -120.77
N GLU XA 107 -81.55 84.85 -121.07
CA GLU XA 107 -81.88 83.49 -120.64
C GLU XA 107 -80.92 82.43 -121.19
N GLN XA 108 -79.94 82.84 -121.98
CA GLN XA 108 -78.94 81.91 -122.51
C GLN XA 108 -78.43 80.92 -121.46
N LEU XA 109 -78.00 81.42 -120.30
CA LEU XA 109 -77.49 80.54 -119.26
C LEU XA 109 -78.56 79.64 -118.68
N ALA XA 110 -79.83 80.00 -118.83
CA ALA XA 110 -80.90 79.11 -118.39
C ALA XA 110 -80.89 77.79 -119.13
N ARG XA 111 -80.28 77.76 -120.33
CA ARG XA 111 -80.16 76.50 -121.06
C ARG XA 111 -79.43 75.45 -120.22
N GLU XA 112 -78.24 75.80 -119.72
CA GLU XA 112 -77.49 74.88 -118.86
C GLU XA 112 -78.14 74.70 -117.50
N ALA XA 113 -78.64 75.79 -116.89
CA ALA XA 113 -79.19 75.70 -115.54
C ALA XA 113 -80.41 74.79 -115.48
N LEU XA 114 -81.34 74.94 -116.41
CA LEU XA 114 -82.47 74.02 -116.52
C LEU XA 114 -82.06 72.67 -117.10
N GLY XA 115 -81.00 72.62 -117.91
CA GLY XA 115 -80.47 71.34 -118.32
C GLY XA 115 -80.01 70.47 -117.16
N GLN XA 116 -79.36 71.08 -116.18
CA GLN XA 116 -79.10 70.37 -114.92
C GLN XA 116 -80.39 70.06 -114.16
N ARG XA 117 -81.26 71.04 -114.01
CA ARG XA 117 -82.48 70.80 -113.25
C ARG XA 117 -83.30 69.65 -113.80
N GLN XA 118 -83.24 69.40 -115.11
CA GLN XA 118 -83.94 68.24 -115.67
C GLN XA 118 -83.48 66.93 -115.04
N SER XA 119 -82.17 66.75 -114.89
CA SER XA 119 -81.67 65.58 -114.19
C SER XA 119 -82.02 65.60 -112.70
N TYR XA 120 -82.08 66.77 -112.08
CA TYR XA 120 -82.47 66.84 -110.68
C TYR XA 120 -83.95 66.52 -110.47
N GLN XA 121 -84.80 66.95 -111.40
CA GLN XA 121 -86.21 66.58 -111.36
C GLN XA 121 -86.43 65.09 -111.58
N SER XA 122 -85.62 64.46 -112.42
CA SER XA 122 -85.78 63.02 -112.64
C SER XA 122 -85.50 62.23 -111.36
N HIS XA 123 -84.42 62.57 -110.65
CA HIS XA 123 -84.16 61.93 -109.36
C HIS XA 123 -85.19 62.32 -108.31
N THR XA 124 -85.69 63.56 -108.35
CA THR XA 124 -86.73 63.97 -107.40
C THR XA 124 -88.01 63.17 -107.59
N GLU XA 125 -88.40 62.89 -108.84
CA GLU XA 125 -89.63 62.16 -109.07
C GLU XA 125 -89.43 60.65 -108.98
N ALA XA 126 -88.21 60.16 -109.22
CA ALA XA 126 -87.86 58.80 -108.85
C ALA XA 126 -88.00 58.58 -107.35
N LEU XA 127 -87.48 59.52 -106.56
CA LEU XA 127 -87.68 59.47 -105.12
C LEU XA 127 -89.15 59.58 -104.76
N GLY XA 128 -89.87 60.53 -105.36
CA GLY XA 128 -91.27 60.73 -105.03
C GLY XA 128 -92.15 59.53 -105.32
N LYS XA 129 -91.83 58.75 -106.36
CA LYS XA 129 -92.61 57.57 -106.69
C LYS XA 129 -92.15 56.31 -105.95
N SER XA 130 -90.86 56.21 -105.63
CA SER XA 130 -90.43 55.25 -104.62
C SER XA 130 -91.15 55.51 -103.31
N LEU XA 131 -91.23 56.78 -102.91
CA LEU XA 131 -91.91 57.21 -101.70
C LEU XA 131 -93.43 57.07 -101.80
N GLY XA 132 -93.96 56.79 -102.98
CA GLY XA 132 -95.35 56.38 -103.11
C GLY XA 132 -95.54 54.93 -102.73
N GLU XA 133 -94.59 54.08 -103.13
CA GLU XA 133 -94.62 52.69 -102.70
C GLU XA 133 -94.32 52.59 -101.20
N GLN XA 134 -93.29 53.29 -100.75
CA GLN XA 134 -92.96 53.32 -99.32
C GLN XA 134 -94.11 53.86 -98.48
N ARG XA 135 -94.91 54.78 -99.04
CA ARG XA 135 -96.16 55.16 -98.39
C ARG XA 135 -97.08 53.96 -98.22
N ALA XA 136 -97.41 53.29 -99.32
CA ALA XA 136 -98.29 52.13 -99.25
C ALA XA 136 -97.73 51.05 -98.33
N LEU XA 137 -96.40 50.92 -98.24
CA LEU XA 137 -95.79 49.99 -97.30
C LEU XA 137 -96.06 50.38 -95.84
N VAL XA 138 -95.84 51.64 -95.48
CA VAL XA 138 -96.10 52.06 -94.10
C VAL XA 138 -97.58 52.03 -93.77
N GLU XA 139 -98.46 52.28 -94.75
CA GLU XA 139 -99.89 52.15 -94.50
C GLU XA 139 -100.30 50.69 -94.29
N GLN XA 140 -99.88 49.81 -95.19
CA GLN XA 140 -100.28 48.40 -95.10
C GLN XA 140 -99.66 47.73 -93.87
N VAL XA 141 -98.42 48.09 -93.53
CA VAL XA 141 -97.80 47.52 -92.33
C VAL XA 141 -98.46 48.04 -91.06
N ARG XA 142 -98.94 49.30 -91.08
CA ARG XA 142 -99.72 49.80 -89.95
C ARG XA 142 -101.07 49.09 -89.82
N GLY XA 143 -101.73 48.81 -90.93
CA GLY XA 143 -102.98 48.07 -90.85
C GLY XA 143 -102.77 46.62 -90.46
N GLN XA 144 -101.71 46.00 -90.96
CA GLN XA 144 -101.34 44.65 -90.56
C GLN XA 144 -101.10 44.57 -89.05
N LEU XA 145 -100.29 45.49 -88.53
CA LEU XA 145 -100.05 45.54 -87.09
C LEU XA 145 -101.33 45.78 -86.30
N GLN XA 146 -102.09 46.81 -86.66
CA GLN XA 146 -103.24 47.16 -85.84
C GLN XA 146 -104.29 46.06 -85.80
N LYS XA 147 -104.48 45.33 -86.90
CA LYS XA 147 -105.29 44.11 -86.88
C LYS XA 147 -104.69 43.04 -85.97
N LEU XA 148 -103.38 42.79 -86.13
CA LEU XA 148 -102.73 41.68 -85.43
C LEU XA 148 -102.67 41.93 -83.92
N GLU XA 149 -102.22 43.12 -83.51
CA GLU XA 149 -102.07 43.42 -82.10
C GLU XA 149 -103.42 43.58 -81.41
N ARG XA 150 -104.43 44.09 -82.12
CA ARG XA 150 -105.78 44.08 -81.56
C ARG XA 150 -106.29 42.66 -81.38
N LYS XA 151 -105.92 41.76 -82.29
CA LYS XA 151 -106.27 40.35 -82.13
C LYS XA 151 -105.53 39.74 -80.94
N TYR XA 152 -104.27 40.14 -80.72
CA TYR XA 152 -103.55 39.74 -79.52
C TYR XA 152 -104.21 40.25 -78.25
N LEU XA 153 -104.69 41.50 -78.25
CA LEU XA 153 -105.41 42.03 -77.09
C LEU XA 153 -106.68 41.24 -76.79
N GLU XA 154 -107.51 41.01 -77.81
CA GLU XA 154 -108.71 40.20 -77.63
C GLU XA 154 -108.40 38.76 -77.29
N LEU XA 155 -107.28 38.24 -77.80
CA LEU XA 155 -106.83 36.89 -77.43
C LEU XA 155 -106.34 36.84 -75.99
N LYS XA 156 -105.72 37.90 -75.49
CA LYS XA 156 -105.45 38.00 -74.05
C LYS XA 156 -106.73 37.97 -73.24
N SER XA 157 -107.74 38.72 -73.67
CA SER XA 157 -109.03 38.70 -73.00
C SER XA 157 -109.60 37.28 -72.97
N GLN XA 158 -109.60 36.61 -74.12
CA GLN XA 158 -110.07 35.22 -74.19
C GLN XA 158 -109.26 34.29 -73.30
N LYS XA 159 -107.93 34.43 -73.27
CA LYS XA 159 -107.11 33.55 -72.43
C LYS XA 159 -107.46 33.72 -70.96
N ASN XA 160 -107.57 34.97 -70.49
CA ASN XA 160 -107.97 35.20 -69.10
C ASN XA 160 -109.30 34.52 -68.81
N LEU XA 161 -110.27 34.69 -69.71
CA LEU XA 161 -111.57 34.04 -69.59
C LEU XA 161 -111.49 32.54 -69.76
N TYR XA 162 -110.46 32.04 -70.45
CA TYR XA 162 -110.30 30.60 -70.63
C TYR XA 162 -109.71 29.93 -69.40
N LEU XA 163 -108.77 30.60 -68.72
CA LEU XA 163 -108.27 30.09 -67.44
C LEU XA 163 -109.37 30.08 -66.38
N ALA XA 164 -110.22 31.12 -66.38
CA ALA XA 164 -111.39 31.12 -65.50
C ALA XA 164 -112.34 29.98 -65.83
N ARG XA 165 -112.69 29.83 -67.11
CA ARG XA 165 -113.54 28.70 -67.53
C ARG XA 165 -112.93 27.37 -67.12
N LEU XA 166 -111.64 27.17 -67.37
CA LEU XA 166 -110.99 25.90 -67.06
C LEU XA 166 -111.03 25.59 -65.57
N LYS XA 167 -110.62 26.55 -64.73
CA LYS XA 167 -110.68 26.35 -63.29
C LYS XA 167 -112.12 26.10 -62.82
N SER XA 168 -113.09 26.77 -63.42
CA SER XA 168 -114.49 26.57 -63.04
C SER XA 168 -115.00 25.19 -63.44
N ALA XA 169 -114.64 24.73 -64.63
CA ALA XA 169 -114.96 23.37 -65.04
C ALA XA 169 -114.31 22.34 -64.13
N ILE XA 170 -113.03 22.55 -63.79
CA ILE XA 170 -112.32 21.65 -62.89
C ILE XA 170 -113.06 21.55 -61.55
N ALA XA 171 -113.45 22.69 -61.00
CA ALA XA 171 -114.23 22.71 -59.76
C ALA XA 171 -115.54 21.96 -59.92
N ALA XA 172 -116.24 22.18 -61.03
CA ALA XA 172 -117.49 21.48 -61.31
C ALA XA 172 -117.28 19.97 -61.36
N GLN XA 173 -116.24 19.54 -62.07
CA GLN XA 173 -115.88 18.12 -62.10
C GLN XA 173 -115.67 17.57 -60.69
N LYS XA 174 -115.02 18.35 -59.83
CA LYS XA 174 -114.80 17.90 -58.46
C LYS XA 174 -116.10 17.81 -57.65
N ILE XA 175 -117.04 18.72 -57.85
CA ILE XA 175 -118.35 18.58 -57.19
C ILE XA 175 -119.12 17.37 -57.69
N GLU XA 176 -119.19 17.16 -59.00
CA GLU XA 176 -119.91 15.98 -59.50
C GLU XA 176 -119.28 14.68 -59.00
N GLU XA 177 -117.97 14.53 -59.14
CA GLU XA 177 -117.32 13.27 -58.76
C GLU XA 177 -117.36 13.03 -57.25
N ILE XA 178 -117.14 14.07 -56.45
CA ILE XA 178 -117.23 13.92 -54.99
C ILE XA 178 -118.67 13.74 -54.53
N ALA XA 179 -119.61 14.40 -55.21
CA ALA XA 179 -121.03 14.19 -54.94
C ALA XA 179 -121.48 12.79 -55.33
N GLY XA 180 -121.03 12.27 -56.47
CA GLY XA 180 -121.35 10.91 -56.84
C GLY XA 180 -120.80 9.88 -55.88
N ASN XA 181 -119.58 10.07 -55.39
CA ASN XA 181 -119.07 9.20 -54.35
C ASN XA 181 -119.77 9.42 -53.02
N LEU XA 182 -120.18 10.65 -52.73
CA LEU XA 182 -120.86 10.92 -51.46
C LEU XA 182 -122.23 10.27 -51.43
N ASP XA 183 -123.04 10.48 -52.48
CA ASP XA 183 -124.38 9.92 -52.50
C ASP XA 183 -124.32 8.40 -52.69
N ASN XA 184 -123.61 7.94 -53.71
CA ASN XA 184 -123.65 6.53 -54.06
C ASN XA 184 -122.92 5.66 -53.04
N ALA XA 185 -121.66 5.99 -52.74
CA ALA XA 185 -120.89 5.17 -51.80
C ALA XA 185 -121.33 5.40 -50.36
N SER XA 186 -121.38 6.67 -49.93
CA SER XA 186 -121.62 6.97 -48.52
C SER XA 186 -123.07 6.67 -48.14
N ALA XA 187 -124.02 7.16 -48.94
CA ALA XA 187 -125.42 7.07 -48.55
C ALA XA 187 -125.92 5.64 -48.56
N SER XA 188 -125.53 4.84 -49.55
CA SER XA 188 -125.89 3.42 -49.52
C SER XA 188 -125.28 2.73 -48.31
N SER XA 189 -124.06 3.13 -47.93
CA SER XA 189 -123.46 2.61 -46.72
C SER XA 189 -124.25 3.02 -45.48
N LEU XA 190 -124.82 4.22 -45.48
CA LEU XA 190 -125.60 4.66 -44.33
C LEU XA 190 -126.94 3.93 -44.27
N PHE XA 191 -127.68 3.88 -45.37
CA PHE XA 191 -129.03 3.34 -45.33
C PHE XA 191 -129.01 1.82 -45.16
N GLU XA 192 -128.25 1.12 -45.99
CA GLU XA 192 -128.26 -0.33 -45.93
C GLU XA 192 -127.56 -0.91 -44.70
N ARG XA 193 -126.49 -0.27 -44.21
CA ARG XA 193 -125.91 -0.70 -42.94
C ARG XA 193 -126.73 -0.33 -41.71
N ILE XA 194 -127.40 0.82 -41.72
CA ILE XA 194 -128.28 1.15 -40.60
C ILE XA 194 -129.52 0.28 -40.60
N GLU XA 195 -130.09 0.03 -41.77
CA GLU XA 195 -131.25 -0.84 -41.86
C GLU XA 195 -130.95 -2.26 -41.41
N THR XA 196 -129.87 -2.85 -41.91
CA THR XA 196 -129.51 -4.20 -41.50
C THR XA 196 -129.22 -4.29 -40.00
N LYS XA 197 -128.60 -3.26 -39.43
CA LYS XA 197 -128.41 -3.24 -37.98
C LYS XA 197 -129.73 -3.07 -37.24
N ILE XA 198 -130.66 -2.33 -37.82
CA ILE XA 198 -132.00 -2.22 -37.23
C ILE XA 198 -132.70 -3.58 -37.26
N LEU XA 199 -132.60 -4.28 -38.38
CA LEU XA 199 -133.16 -5.62 -38.50
C LEU XA 199 -132.57 -6.56 -37.47
N GLU XA 200 -131.27 -6.41 -37.18
CA GLU XA 200 -130.65 -7.22 -36.14
C GLU XA 200 -131.27 -6.91 -34.78
N LEU XA 201 -131.54 -5.63 -34.53
CA LEU XA 201 -132.24 -5.24 -33.31
C LEU XA 201 -133.68 -5.77 -33.31
N GLU XA 202 -134.31 -5.84 -34.49
CA GLU XA 202 -135.67 -6.33 -34.60
C GLU XA 202 -135.77 -7.84 -34.43
N ALA XA 203 -134.74 -8.58 -34.83
CA ALA XA 203 -134.69 -10.01 -34.55
C ALA XA 203 -134.68 -10.29 -33.05
N GLU XA 204 -134.03 -9.44 -32.26
CA GLU XA 204 -134.17 -9.52 -30.81
C GLU XA 204 -135.50 -8.96 -30.32
N ARG XA 205 -136.10 -7.99 -31.03
CA ARG XA 205 -137.43 -7.54 -30.66
C ARG XA 205 -138.45 -8.69 -30.74
N GLU XA 206 -138.44 -9.42 -31.85
CA GLU XA 206 -139.38 -10.54 -32.03
C GLU XA 206 -139.03 -11.74 -31.17
N LEU XA 207 -137.86 -11.76 -30.54
CA LEU XA 207 -137.58 -12.73 -29.49
C LEU XA 207 -138.13 -12.29 -28.13
N LEU XA 208 -138.11 -10.99 -27.85
CA LEU XA 208 -138.61 -10.46 -26.60
C LEU XA 208 -140.10 -10.12 -26.62
N ASN XA 209 -140.70 -10.08 -27.81
CA ASN XA 209 -142.01 -9.44 -27.98
C ASN XA 209 -142.82 -10.19 -29.04
N PRO XA 210 -143.99 -10.71 -28.72
CA PRO XA 210 -144.81 -11.34 -29.74
C PRO XA 210 -145.21 -10.34 -30.80
N PRO XA 211 -145.34 -10.76 -32.06
CA PRO XA 211 -145.84 -9.86 -33.10
C PRO XA 211 -147.14 -9.21 -32.68
N PRO XA 212 -147.20 -7.86 -32.62
CA PRO XA 212 -148.45 -7.21 -32.24
C PRO XA 212 -149.50 -7.26 -33.34
N SER XA 213 -150.19 -8.40 -33.47
CA SER XA 213 -151.21 -8.59 -34.49
C SER XA 213 -152.37 -7.63 -34.26
N PRO XA 214 -153.28 -7.46 -35.21
CA PRO XA 214 -154.48 -6.66 -34.95
C PRO XA 214 -155.34 -7.21 -33.84
N LEU XA 215 -155.22 -8.50 -33.52
CA LEU XA 215 -156.12 -9.12 -32.54
C LEU XA 215 -155.82 -8.60 -31.13
N ASP XA 216 -154.60 -8.83 -30.65
CA ASP XA 216 -154.22 -8.35 -29.32
C ASP XA 216 -154.31 -6.84 -29.23
N LYS XA 217 -154.07 -6.13 -30.34
CA LYS XA 217 -154.22 -4.68 -30.33
C LYS XA 217 -155.66 -4.26 -30.04
N LYS XA 218 -156.63 -4.93 -30.67
CA LYS XA 218 -158.03 -4.61 -30.41
C LYS XA 218 -158.43 -4.97 -28.98
N PHE XA 219 -157.89 -6.07 -28.46
CA PHE XA 219 -158.16 -6.45 -27.07
C PHE XA 219 -157.63 -5.40 -26.09
N GLU XA 220 -156.42 -4.88 -26.33
CA GLU XA 220 -155.87 -3.84 -25.47
C GLU XA 220 -156.71 -2.57 -25.55
N GLN XA 221 -157.18 -2.22 -26.75
CA GLN XA 221 -158.04 -1.06 -26.90
C GLN XA 221 -159.34 -1.24 -26.11
N TRP XA 222 -159.94 -2.44 -26.19
CA TRP XA 222 -161.13 -2.72 -25.40
C TRP XA 222 -160.85 -2.69 -23.91
N GLU XA 223 -159.63 -3.05 -23.50
CA GLU XA 223 -159.28 -2.96 -22.08
C GLU XA 223 -159.31 -1.51 -21.60
N GLU XA 224 -158.77 -0.59 -22.40
CA GLU XA 224 -158.87 0.82 -22.07
C GLU XA 224 -160.33 1.27 -22.07
N GLN XA 225 -161.11 0.79 -23.03
CA GLN XA 225 -162.54 1.11 -23.07
C GLN XA 225 -163.25 0.64 -21.81
N GLN XA 226 -162.87 -0.54 -21.32
CA GLN XA 226 -163.52 -1.09 -20.11
C GLN XA 226 -163.07 -0.37 -18.86
N ALA XA 227 -161.84 0.14 -18.83
CA ALA XA 227 -161.41 0.97 -17.70
C ALA XA 227 -162.25 2.23 -17.61
N VAL XA 228 -162.44 2.92 -18.74
CA VAL XA 228 -163.27 4.13 -18.74
C VAL XA 228 -164.73 3.78 -18.49
N GLU XA 229 -165.18 2.60 -18.93
CA GLU XA 229 -166.55 2.23 -18.61
C GLU XA 229 -166.73 1.98 -17.12
N ALA XA 230 -165.67 1.51 -16.43
CA ALA XA 230 -165.74 1.39 -14.98
C ALA XA 230 -165.74 2.74 -14.28
N THR XA 231 -164.96 3.71 -14.78
CA THR XA 231 -165.02 5.06 -14.24
C THR XA 231 -166.40 5.66 -14.43
N LEU XA 232 -167.01 5.43 -15.60
CA LEU XA 232 -168.37 5.90 -15.84
C LEU XA 232 -169.34 5.26 -14.85
N ALA XA 233 -169.14 3.99 -14.53
CA ALA XA 233 -170.01 3.32 -13.56
C ALA XA 233 -169.90 3.97 -12.20
N ALA XA 234 -168.67 4.28 -11.76
CA ALA XA 234 -168.48 5.02 -10.52
C ALA XA 234 -169.14 6.39 -10.59
N MET XA 235 -169.01 7.09 -11.72
CA MET XA 235 -169.62 8.40 -11.86
C MET XA 235 -171.13 8.32 -11.63
N LYS XA 236 -171.82 7.41 -12.32
CA LYS XA 236 -173.27 7.37 -12.24
C LYS XA 236 -173.76 6.70 -10.96
N ALA XA 237 -172.91 5.94 -10.28
CA ALA XA 237 -173.27 5.41 -8.98
C ALA XA 237 -173.22 6.49 -7.90
N ARG XA 238 -172.21 7.36 -7.97
CA ARG XA 238 -172.20 8.53 -7.11
C ARG XA 238 -173.35 9.47 -7.44
N ARG XA 239 -173.69 9.58 -8.72
CA ARG XA 239 -174.81 10.41 -9.15
C ARG XA 239 -176.17 9.82 -8.77
N SER XA 240 -176.25 8.52 -8.51
CA SER XA 240 -177.53 7.91 -8.15
C SER XA 240 -178.16 8.62 -6.95
N MET YA 24 27.18 37.40 -94.28
CA MET YA 24 28.19 36.77 -93.43
C MET YA 24 28.27 37.49 -92.09
N GLU YA 25 28.42 36.72 -91.01
CA GLU YA 25 28.57 37.33 -89.69
C GLU YA 25 29.85 38.15 -89.61
N LEU YA 26 30.92 37.66 -90.24
CA LEU YA 26 32.16 38.44 -90.32
C LEU YA 26 31.90 39.79 -90.98
N PHE YA 27 31.19 39.77 -92.11
CA PHE YA 27 30.87 41.01 -92.81
C PHE YA 27 30.11 41.98 -91.91
N ASN YA 28 29.07 41.49 -91.23
CA ASN YA 28 28.33 42.33 -90.29
C ASN YA 28 29.21 42.91 -89.20
N ARG YA 29 30.09 42.09 -88.60
CA ARG YA 29 31.06 42.60 -87.63
C ARG YA 29 31.91 43.73 -88.22
N VAL YA 30 32.43 43.53 -89.43
CA VAL YA 30 33.24 44.54 -90.11
C VAL YA 30 32.38 45.73 -90.58
N GLY YA 31 31.07 45.56 -90.61
CA GLY YA 31 30.19 46.57 -91.17
C GLY YA 31 30.34 47.96 -90.61
N ARG YA 32 30.45 48.11 -89.29
CA ARG YA 32 30.58 49.46 -88.75
C ARG YA 32 31.78 50.20 -89.35
N VAL YA 33 32.95 49.56 -89.34
CA VAL YA 33 34.18 50.18 -89.85
C VAL YA 33 34.18 50.30 -91.37
N LEU YA 34 33.76 49.26 -92.08
CA LEU YA 34 33.78 49.31 -93.53
C LEU YA 34 32.69 50.24 -94.07
N LYS YA 35 31.45 50.07 -93.62
CA LYS YA 35 30.34 50.86 -94.12
C LYS YA 35 30.46 52.34 -93.73
N SER YA 36 31.11 52.70 -92.62
CA SER YA 36 31.37 54.12 -92.38
C SER YA 36 32.25 54.71 -93.48
N GLN YA 37 33.33 54.01 -93.81
CA GLN YA 37 34.19 54.42 -94.91
C GLN YA 37 33.43 54.46 -96.23
N LEU YA 38 32.65 53.41 -96.54
CA LEU YA 38 31.90 53.42 -97.80
C LEU YA 38 30.83 54.52 -97.86
N THR YA 39 30.22 54.86 -96.71
CA THR YA 39 29.27 55.96 -96.66
C THR YA 39 29.95 57.28 -97.00
N HIS YA 40 31.16 57.50 -96.50
CA HIS YA 40 31.92 58.64 -97.01
C HIS YA 40 32.39 58.43 -98.44
N TRP YA 41 32.67 57.19 -98.84
CA TRP YA 41 33.20 56.93 -100.18
C TRP YA 41 32.22 57.37 -101.25
N GLN YA 42 30.94 57.03 -101.08
CA GLN YA 42 29.92 57.55 -101.99
C GLN YA 42 29.78 59.07 -101.87
N GLN YA 43 30.00 59.61 -100.67
CA GLN YA 43 30.04 61.06 -100.48
C GLN YA 43 31.25 61.74 -101.10
N GLN YA 44 32.34 61.02 -101.40
CA GLN YA 44 33.61 61.70 -101.67
C GLN YA 44 33.50 62.79 -102.72
N GLN YA 45 32.60 62.65 -103.70
CA GLN YA 45 32.42 63.71 -104.69
C GLN YA 45 32.03 65.02 -104.02
N GLU YA 46 31.16 64.95 -103.01
CA GLU YA 46 30.85 66.11 -102.19
C GLU YA 46 31.97 66.41 -101.19
N ALA YA 47 32.56 65.37 -100.60
CA ALA YA 47 33.44 65.52 -99.45
C ALA YA 47 34.74 64.74 -99.64
N PRO YA 48 35.67 65.29 -100.43
CA PRO YA 48 37.04 64.76 -100.44
C PRO YA 48 37.90 65.32 -99.31
N GLU YA 49 37.41 66.33 -98.59
CA GLU YA 49 38.27 67.21 -97.81
C GLU YA 49 39.11 66.46 -96.79
N ASP YA 50 38.52 65.52 -96.07
CA ASP YA 50 39.25 64.79 -95.04
C ASP YA 50 40.38 63.93 -95.61
N LEU YA 51 40.11 63.19 -96.70
CA LEU YA 51 41.17 62.36 -97.27
C LEU YA 51 42.28 63.21 -97.87
N LEU YA 52 41.93 64.31 -98.55
CA LEU YA 52 42.93 65.21 -99.13
C LEU YA 52 43.83 65.81 -98.05
N GLU YA 53 43.24 66.37 -97.01
CA GLU YA 53 44.01 66.99 -95.93
C GLU YA 53 44.78 65.97 -95.09
N ARG YA 54 44.26 64.76 -94.94
CA ARG YA 54 45.04 63.71 -94.27
C ARG YA 54 46.34 63.43 -95.01
N LEU YA 55 46.26 63.22 -96.33
CA LEU YA 55 47.48 62.96 -97.11
C LEU YA 55 48.47 64.11 -97.04
N LEU YA 56 48.00 65.35 -97.24
CA LEU YA 56 48.88 66.51 -97.16
C LEU YA 56 49.41 66.75 -95.74
N GLY YA 57 48.65 66.36 -94.72
CA GLY YA 57 49.21 66.33 -93.37
C GLY YA 57 50.38 65.39 -93.24
N GLU YA 58 50.26 64.19 -93.81
CA GLU YA 58 51.38 63.25 -93.86
C GLU YA 58 52.56 63.82 -94.64
N MET YA 59 52.26 64.58 -95.70
CA MET YA 59 53.31 65.24 -96.47
C MET YA 59 54.01 66.34 -95.67
N GLU YA 60 53.28 67.05 -94.81
CA GLU YA 60 53.91 67.98 -93.86
C GLU YA 60 54.75 67.27 -92.81
N LEU YA 61 54.29 66.12 -92.32
CA LEU YA 61 55.09 65.33 -91.39
C LEU YA 61 56.38 64.82 -92.03
N GLU YA 62 56.32 64.42 -93.30
CA GLU YA 62 57.54 64.08 -94.03
C GLU YA 62 58.44 65.30 -94.18
N LEU YA 63 57.88 66.42 -94.66
CA LEU YA 63 58.66 67.60 -94.99
C LEU YA 63 59.41 68.18 -93.80
N ILE YA 64 58.86 68.07 -92.59
CA ILE YA 64 59.63 68.45 -91.40
C ILE YA 64 60.78 67.48 -91.16
N GLU YA 65 60.63 66.21 -91.53
CA GLU YA 65 61.80 65.33 -91.57
C GLU YA 65 62.81 65.77 -92.64
N LEU YA 66 62.34 66.05 -93.86
CA LEU YA 66 63.25 66.38 -94.95
C LEU YA 66 64.12 67.58 -94.62
N ARG YA 67 63.55 68.60 -93.96
CA ARG YA 67 64.34 69.74 -93.50
C ARG YA 67 65.37 69.35 -92.44
N ARG YA 68 64.99 68.51 -91.47
CA ARG YA 68 65.98 68.06 -90.49
C ARG YA 68 67.05 67.17 -91.11
N ALA YA 69 66.71 66.39 -92.13
CA ALA YA 69 67.71 65.58 -92.83
C ALA YA 69 68.68 66.44 -93.63
N LEU YA 70 68.19 67.53 -94.23
CA LEU YA 70 69.08 68.55 -94.79
C LEU YA 70 70.00 69.14 -93.73
N ALA YA 71 69.47 69.48 -92.56
CA ALA YA 71 70.32 70.02 -91.51
C ALA YA 71 71.35 69.01 -91.02
N GLN YA 72 71.00 67.72 -91.00
CA GLN YA 72 71.97 66.69 -90.66
C GLN YA 72 73.05 66.53 -91.73
N THR YA 73 72.70 66.73 -93.01
CA THR YA 73 73.73 66.71 -94.05
C THR YA 73 74.67 67.90 -93.95
N ILE YA 74 74.14 69.10 -93.72
CA ILE YA 74 75.00 70.27 -93.55
C ILE YA 74 75.92 70.10 -92.34
N ALA YA 75 75.37 69.58 -91.24
CA ALA YA 75 76.18 69.33 -90.05
C ALA YA 75 77.30 68.35 -90.32
N THR YA 76 77.02 67.25 -91.02
CA THR YA 76 78.06 66.28 -91.37
C THR YA 76 79.06 66.82 -92.38
N PHE YA 77 78.62 67.68 -93.30
CA PHE YA 77 79.55 68.26 -94.27
C PHE YA 77 80.59 69.16 -93.60
N LYS YA 78 80.13 70.10 -92.77
CA LYS YA 78 81.05 71.00 -92.08
C LYS YA 78 81.83 70.32 -90.97
N SER YA 79 81.29 69.25 -90.37
CA SER YA 79 82.11 68.47 -89.43
C SER YA 79 83.28 67.79 -90.15
N THR YA 80 83.06 67.27 -91.36
CA THR YA 80 84.18 66.79 -92.16
C THR YA 80 85.17 67.92 -92.43
N GLU YA 81 84.66 69.12 -92.67
CA GLU YA 81 85.51 70.29 -92.88
C GLU YA 81 86.22 70.72 -91.60
N ARG YA 82 85.58 70.54 -90.44
CA ARG YA 82 86.25 70.77 -89.16
C ARG YA 82 87.40 69.80 -88.96
N GLN YA 83 87.27 68.58 -89.49
CA GLN YA 83 88.38 67.63 -89.46
C GLN YA 83 89.50 68.08 -90.39
N ARG YA 84 89.14 68.68 -91.52
CA ARG YA 84 90.13 69.33 -92.37
C ARG YA 84 90.80 70.50 -91.65
N ASP YA 85 90.01 71.30 -90.93
CA ASP YA 85 90.58 72.40 -90.16
C ASP YA 85 91.60 71.92 -89.14
N ALA YA 86 91.38 70.73 -88.56
CA ALA YA 86 92.38 70.14 -87.68
C ALA YA 86 93.60 69.66 -88.45
N GLN YA 87 93.39 68.98 -89.59
CA GLN YA 87 94.53 68.50 -90.37
C GLN YA 87 95.43 69.65 -90.81
N GLN YA 88 94.84 70.73 -91.32
CA GLN YA 88 95.61 71.89 -91.74
C GLN YA 88 96.25 72.62 -90.55
N LEU YA 89 95.61 72.57 -89.38
CA LEU YA 89 96.23 73.11 -88.17
C LEU YA 89 97.46 72.32 -87.76
N ILE YA 90 97.42 70.99 -87.91
CA ILE YA 90 98.61 70.20 -87.61
C ILE YA 90 99.67 70.39 -88.70
N ALA YA 91 99.25 70.64 -89.95
CA ALA YA 91 100.19 71.03 -90.99
C ALA YA 91 100.91 72.33 -90.63
N GLN YA 92 100.16 73.32 -90.12
CA GLN YA 92 100.78 74.54 -89.61
C GLN YA 92 101.71 74.26 -88.45
N ARG YA 93 101.30 73.36 -87.54
CA ARG YA 93 102.19 72.92 -86.48
C ARG YA 93 103.47 72.29 -87.02
N TRP YA 94 103.39 71.63 -88.18
CA TRP YA 94 104.59 71.13 -88.85
C TRP YA 94 105.41 72.25 -89.48
N TYR YA 95 104.78 73.33 -89.93
CA TYR YA 95 105.55 74.49 -90.36
C TYR YA 95 106.22 75.20 -89.20
N GLU YA 96 105.55 75.31 -88.05
CA GLU YA 96 106.17 75.90 -86.86
C GLU YA 96 107.41 75.11 -86.45
N LYS YA 97 107.30 73.79 -86.39
CA LYS YA 97 108.45 72.94 -86.09
C LYS YA 97 109.54 73.06 -87.14
N ALA YA 98 109.17 73.30 -88.41
CA ALA YA 98 110.17 73.62 -89.41
C ALA YA 98 110.80 74.99 -89.15
N GLN YA 99 109.99 75.98 -88.75
CA GLN YA 99 110.51 77.33 -88.57
C GLN YA 99 111.58 77.38 -87.48
N ALA YA 100 111.46 76.52 -86.47
CA ALA YA 100 112.50 76.39 -85.44
C ALA YA 100 113.81 75.85 -86.01
N ALA YA 101 113.83 75.41 -87.26
CA ALA YA 101 115.04 75.00 -87.95
C ALA YA 101 115.20 75.67 -89.30
N LEU YA 102 114.34 76.62 -89.65
CA LEU YA 102 114.41 77.30 -90.94
C LEU YA 102 115.24 78.56 -90.89
N ASP YA 103 115.82 78.90 -89.75
CA ASP YA 103 116.83 79.93 -89.63
C ASP YA 103 118.20 79.29 -89.41
N ARG YA 104 119.24 80.07 -89.64
CA ARG YA 104 120.64 79.69 -89.44
C ARG YA 104 121.10 78.62 -90.43
N GLY YA 105 120.29 78.29 -91.43
CA GLY YA 105 120.64 77.21 -92.34
C GLY YA 105 120.54 75.84 -91.74
N ASN YA 106 119.85 75.70 -90.61
CA ASN YA 106 119.69 74.43 -89.93
C ASN YA 106 118.47 73.65 -90.43
N GLU YA 107 118.03 73.92 -91.64
CA GLU YA 107 116.79 73.38 -92.21
C GLU YA 107 116.79 71.86 -92.36
N GLN YA 108 117.88 71.21 -91.96
CA GLN YA 108 117.95 69.75 -92.01
C GLN YA 108 116.69 69.07 -91.47
N LEU YA 109 116.24 69.46 -90.27
CA LEU YA 109 115.05 68.85 -89.70
C LEU YA 109 113.78 69.18 -90.49
N ALA YA 110 113.80 70.24 -91.28
CA ALA YA 110 112.65 70.54 -92.13
C ALA YA 110 112.40 69.42 -93.13
N ARG YA 111 113.43 68.62 -93.44
CA ARG YA 111 113.23 67.49 -94.34
C ARG YA 111 112.14 66.55 -93.81
N GLU YA 112 112.29 66.11 -92.56
CA GLU YA 112 111.27 65.27 -91.94
C GLU YA 112 109.97 66.01 -91.65
N ALA YA 113 110.06 67.25 -91.16
CA ALA YA 113 108.86 67.99 -90.77
C ALA YA 113 107.94 68.25 -91.96
N LEU YA 114 108.50 68.71 -93.08
CA LEU YA 114 107.73 68.84 -94.31
C LEU YA 114 107.44 67.50 -94.97
N GLY YA 115 108.27 66.49 -94.75
CA GLY YA 115 107.92 65.16 -95.19
C GLY YA 115 106.64 64.63 -94.57
N GLN YA 116 106.44 64.88 -93.28
CA GLN YA 116 105.13 64.62 -92.67
C GLN YA 116 104.06 65.53 -93.22
N ARG YA 117 104.33 66.84 -93.32
CA ARG YA 117 103.30 67.76 -93.80
C ARG YA 117 102.79 67.38 -95.18
N GLN YA 118 103.64 66.78 -96.02
CA GLN YA 118 103.16 66.34 -97.33
C GLN YA 118 102.00 65.35 -97.22
N SER YA 119 102.12 64.38 -96.32
CA SER YA 119 100.99 63.47 -96.06
C SER YA 119 99.81 64.19 -95.43
N TYR YA 120 100.05 65.19 -94.60
CA TYR YA 120 98.94 65.94 -94.00
C TYR YA 120 98.23 66.81 -95.02
N GLN YA 121 98.96 67.40 -95.97
CA GLN YA 121 98.35 68.14 -97.06
C GLN YA 121 97.54 67.24 -97.98
N SER YA 122 97.99 66.00 -98.20
CA SER YA 122 97.22 65.11 -99.08
C SER YA 122 95.85 64.79 -98.47
N HIS YA 123 95.80 64.49 -97.16
CA HIS YA 123 94.52 64.29 -96.51
C HIS YA 123 93.72 65.58 -96.43
N THR YA 124 94.38 66.72 -96.25
CA THR YA 124 93.66 68.00 -96.21
C THR YA 124 92.98 68.30 -97.54
N GLU YA 125 93.65 68.00 -98.67
CA GLU YA 125 93.05 68.29 -99.96
C GLU YA 125 92.10 67.19 -100.43
N ALA YA 126 92.30 65.96 -99.95
CA ALA YA 126 91.27 64.94 -100.10
C ALA YA 126 89.98 65.35 -99.39
N LEU YA 127 90.10 65.85 -98.16
CA LEU YA 127 88.95 66.40 -97.47
C LEU YA 127 88.36 67.60 -98.21
N GLY YA 128 89.22 68.53 -98.64
CA GLY YA 128 88.74 69.73 -99.31
C GLY YA 128 87.99 69.45 -100.60
N LYS YA 129 88.38 68.41 -101.34
CA LYS YA 129 87.69 68.07 -102.57
C LYS YA 129 86.50 67.16 -102.38
N SER YA 130 86.52 66.30 -101.36
CA SER YA 130 85.28 65.68 -100.89
C SER YA 130 84.28 66.75 -100.49
N LEU YA 131 84.74 67.76 -99.76
CA LEU YA 131 83.93 68.89 -99.32
C LEU YA 131 83.53 69.80 -100.46
N GLY YA 132 84.10 69.63 -101.65
CA GLY YA 132 83.60 70.28 -102.84
C GLY YA 132 82.38 69.57 -103.39
N GLU YA 133 82.39 68.23 -103.34
CA GLU YA 133 81.20 67.49 -103.72
C GLU YA 133 80.10 67.67 -102.68
N GLN YA 134 80.46 67.57 -101.40
CA GLN YA 134 79.49 67.79 -100.32
C GLN YA 134 78.91 69.19 -100.36
N ARG YA 135 79.68 70.18 -100.84
CA ARG YA 135 79.12 71.49 -101.14
C ARG YA 135 78.02 71.38 -102.18
N ALA YA 136 78.35 70.83 -103.35
CA ALA YA 136 77.36 70.70 -104.41
C ALA YA 136 76.15 69.89 -103.96
N LEU YA 137 76.35 68.92 -103.06
CA LEU YA 137 75.22 68.18 -102.50
C LEU YA 137 74.30 69.07 -101.66
N VAL YA 138 74.87 69.86 -100.74
CA VAL YA 138 74.03 70.73 -99.92
C VAL YA 138 73.39 71.84 -100.75
N GLU YA 139 74.05 72.31 -101.81
CA GLU YA 139 73.43 73.28 -102.69
C GLU YA 139 72.27 72.67 -103.48
N GLN YA 140 72.50 71.52 -104.12
CA GLN YA 140 71.46 70.91 -104.94
C GLN YA 140 70.30 70.42 -104.09
N VAL YA 141 70.56 69.91 -102.90
CA VAL YA 141 69.48 69.48 -102.01
C VAL YA 141 68.69 70.67 -101.50
N ARG YA 142 69.35 71.81 -101.28
CA ARG YA 142 68.62 73.03 -100.91
C ARG YA 142 67.74 73.52 -102.06
N GLY YA 143 68.24 73.46 -103.30
CA GLY YA 143 67.40 73.86 -104.42
C GLY YA 143 66.27 72.88 -104.68
N GLN YA 144 66.54 71.59 -104.52
CA GLN YA 144 65.49 70.57 -104.63
C GLN YA 144 64.39 70.83 -103.61
N LEU YA 145 64.77 71.03 -102.35
CA LEU YA 145 63.78 71.33 -101.31
C LEU YA 145 63.02 72.61 -101.61
N GLN YA 146 63.72 73.71 -101.89
CA GLN YA 146 63.04 74.99 -102.04
C GLN YA 146 62.06 75.00 -103.21
N LYS YA 147 62.39 74.31 -104.30
CA LYS YA 147 61.42 74.07 -105.36
C LYS YA 147 60.24 73.23 -104.89
N LEU YA 148 60.53 72.12 -104.21
CA LEU YA 148 59.48 71.17 -103.83
C LEU YA 148 58.54 71.75 -102.80
N GLU YA 149 59.07 72.35 -101.73
CA GLU YA 149 58.25 72.88 -100.66
C GLU YA 149 57.49 74.12 -101.10
N ARG YA 150 58.07 74.93 -101.98
CA ARG YA 150 57.31 76.03 -102.58
C ARG YA 150 56.17 75.51 -103.44
N LYS YA 151 56.39 74.38 -104.12
CA LYS YA 151 55.32 73.74 -104.87
C LYS YA 151 54.23 73.21 -103.93
N TYR YA 152 54.64 72.67 -102.78
CA TYR YA 152 53.67 72.28 -101.76
C TYR YA 152 52.87 73.46 -101.23
N LEU YA 153 53.53 74.60 -101.00
CA LEU YA 153 52.81 75.81 -100.58
C LEU YA 153 51.78 76.25 -101.61
N GLU YA 154 52.19 76.36 -102.88
CA GLU YA 154 51.25 76.72 -103.94
C GLU YA 154 50.18 75.65 -104.15
N LEU YA 155 50.52 74.39 -103.93
CA LEU YA 155 49.53 73.31 -104.00
C LEU YA 155 48.54 73.38 -102.83
N LYS YA 156 48.98 73.81 -101.65
CA LYS YA 156 48.04 74.12 -100.57
C LYS YA 156 47.09 75.24 -100.98
N SER YA 157 47.63 76.29 -101.59
CA SER YA 157 46.79 77.38 -102.09
C SER YA 157 45.75 76.85 -103.07
N GLN YA 158 46.19 76.06 -104.04
CA GLN YA 158 45.27 75.45 -105.01
C GLN YA 158 44.24 74.55 -104.34
N LYS YA 159 44.64 73.73 -103.36
CA LYS YA 159 43.67 72.85 -102.69
C LYS YA 159 42.59 73.66 -101.99
N ASN YA 160 42.98 74.70 -101.24
CA ASN YA 160 42.00 75.55 -100.59
C ASN YA 160 41.02 76.12 -101.62
N LEU YA 161 41.55 76.62 -102.73
CA LEU YA 161 40.73 77.12 -103.83
C LEU YA 161 39.95 76.02 -104.52
N TYR YA 162 40.42 74.78 -104.46
CA TYR YA 162 39.71 73.67 -105.08
C TYR YA 162 38.53 73.20 -104.24
N LEU YA 163 38.67 73.21 -102.91
CA LEU YA 163 37.53 72.92 -102.05
C LEU YA 163 36.46 74.00 -102.17
N ALA YA 164 36.87 75.26 -102.29
CA ALA YA 164 35.93 76.34 -102.56
C ALA YA 164 35.23 76.15 -103.91
N ARG YA 165 36.00 75.89 -104.96
CA ARG YA 165 35.42 75.60 -106.28
C ARG YA 165 34.43 74.44 -106.21
N LEU YA 166 34.82 73.34 -105.56
CA LEU YA 166 33.99 72.15 -105.49
C LEU YA 166 32.67 72.44 -104.77
N LYS YA 167 32.73 73.04 -103.58
CA LYS YA 167 31.51 73.40 -102.87
C LYS YA 167 30.65 74.37 -103.66
N SER YA 168 31.27 75.30 -104.40
CA SER YA 168 30.50 76.25 -105.20
C SER YA 168 29.83 75.57 -106.37
N ALA YA 169 30.52 74.65 -107.04
CA ALA YA 169 29.91 73.85 -108.10
C ALA YA 169 28.76 73.01 -107.56
N ILE YA 170 28.96 72.37 -106.41
CA ILE YA 170 27.91 71.57 -105.79
C ILE YA 170 26.66 72.43 -105.54
N ALA YA 171 26.85 73.62 -104.98
CA ALA YA 171 25.75 74.55 -104.77
C ALA YA 171 25.07 74.91 -106.09
N ALA YA 172 25.86 75.19 -107.13
CA ALA YA 172 25.32 75.51 -108.45
C ALA YA 172 24.48 74.35 -108.99
N GLN YA 173 25.00 73.13 -108.88
CA GLN YA 173 24.25 71.94 -109.27
C GLN YA 173 22.92 71.88 -108.54
N LYS YA 174 22.91 72.21 -107.26
CA LYS YA 174 21.67 72.19 -106.49
C LYS YA 174 20.68 73.26 -106.94
N ILE YA 175 21.15 74.45 -107.30
CA ILE YA 175 20.24 75.46 -107.85
C ILE YA 175 19.67 75.05 -109.21
N GLU YA 176 20.50 74.55 -110.12
CA GLU YA 176 19.97 74.11 -111.41
C GLU YA 176 18.95 73.00 -111.27
N GLU YA 177 19.30 71.95 -110.52
CA GLU YA 177 18.41 70.80 -110.40
C GLU YA 177 17.12 71.13 -109.65
N ILE YA 178 17.21 71.90 -108.57
CA ILE YA 178 16.02 72.32 -107.83
C ILE YA 178 15.20 73.33 -108.62
N ALA YA 179 15.88 74.20 -109.37
CA ALA YA 179 15.18 75.13 -110.27
C ALA YA 179 14.50 74.40 -111.41
N GLY YA 180 15.15 73.39 -112.00
CA GLY YA 180 14.49 72.61 -113.04
C GLY YA 180 13.28 71.85 -112.55
N ASN YA 181 13.35 71.28 -111.34
CA ASN YA 181 12.16 70.68 -110.76
C ASN YA 181 11.13 71.71 -110.35
N LEU YA 182 11.57 72.90 -109.93
CA LEU YA 182 10.62 73.94 -109.53
C LEU YA 182 9.85 74.47 -110.73
N ASP YA 183 10.56 74.84 -111.79
CA ASP YA 183 9.89 75.38 -112.97
C ASP YA 183 9.11 74.29 -113.70
N ASN YA 184 9.77 73.18 -114.02
CA ASN YA 184 9.15 72.18 -114.88
C ASN YA 184 8.04 71.42 -114.16
N ALA YA 185 8.33 70.86 -112.98
CA ALA YA 185 7.32 70.08 -112.26
C ALA YA 185 6.28 70.98 -111.60
N SER YA 186 6.73 71.98 -110.82
CA SER YA 186 5.80 72.77 -110.03
C SER YA 186 4.96 73.70 -110.92
N ALA YA 187 5.61 74.42 -111.82
CA ALA YA 187 4.92 75.45 -112.59
C ALA YA 187 3.91 74.85 -113.56
N SER YA 188 4.27 73.75 -114.22
CA SER YA 188 3.28 73.08 -115.07
C SER YA 188 2.10 72.58 -114.23
N SER YA 189 2.38 72.12 -113.01
CA SER YA 189 1.31 71.73 -112.11
C SER YA 189 0.43 72.93 -111.74
N LEU YA 190 1.04 74.11 -111.61
CA LEU YA 190 0.25 75.30 -111.27
C LEU YA 190 -0.59 75.75 -112.45
N PHE YA 191 0.01 75.89 -113.64
CA PHE YA 191 -0.70 76.47 -114.76
C PHE YA 191 -1.75 75.52 -115.31
N GLU YA 192 -1.36 74.29 -115.60
CA GLU YA 192 -2.32 73.35 -116.20
C GLU YA 192 -3.41 72.88 -115.25
N ARG YA 193 -3.12 72.71 -113.95
CA ARG YA 193 -4.18 72.41 -112.99
C ARG YA 193 -5.07 73.61 -112.66
N ILE YA 194 -4.52 74.82 -112.63
CA ILE YA 194 -5.38 75.99 -112.42
C ILE YA 194 -6.24 76.26 -113.64
N GLU YA 195 -5.66 76.13 -114.82
CA GLU YA 195 -6.41 76.34 -116.05
C GLU YA 195 -7.55 75.34 -116.19
N THR YA 196 -7.26 74.04 -116.02
CA THR YA 196 -8.32 73.03 -116.11
C THR YA 196 -9.41 73.24 -115.07
N LYS YA 197 -9.05 73.67 -113.86
CA LYS YA 197 -10.07 74.00 -112.87
C LYS YA 197 -10.85 75.25 -113.26
N ILE YA 198 -10.20 76.20 -113.92
CA ILE YA 198 -10.91 77.37 -114.43
C ILE YA 198 -11.91 76.95 -115.51
N LEU YA 199 -11.47 76.08 -116.41
CA LEU YA 199 -12.35 75.55 -117.45
C LEU YA 199 -13.55 74.84 -116.85
N GLU YA 200 -13.34 74.13 -115.73
CA GLU YA 200 -14.47 73.49 -115.05
C GLU YA 200 -15.44 74.54 -114.53
N LEU YA 201 -14.91 75.65 -114.01
CA LEU YA 201 -15.76 76.76 -113.60
C LEU YA 201 -16.45 77.40 -114.80
N GLU YA 202 -15.77 77.43 -115.95
CA GLU YA 202 -16.33 78.01 -117.16
C GLU YA 202 -17.42 77.15 -117.79
N ALA YA 203 -17.32 75.82 -117.64
CA ALA YA 203 -18.39 74.94 -118.07
C ALA YA 203 -19.68 75.21 -117.30
N GLU YA 204 -19.57 75.56 -116.02
CA GLU YA 204 -20.75 76.06 -115.30
C GLU YA 204 -21.10 77.49 -115.66
N ARG YA 205 -20.14 78.31 -116.06
CA ARG YA 205 -20.47 79.65 -116.56
C ARG YA 205 -21.37 79.57 -117.80
N GLU YA 206 -20.99 78.75 -118.78
CA GLU YA 206 -21.77 78.60 -120.00
C GLU YA 206 -23.08 77.83 -119.78
N LEU YA 207 -23.26 77.21 -118.62
CA LEU YA 207 -24.57 76.70 -118.23
C LEU YA 207 -25.45 77.79 -117.62
N LEU YA 208 -24.86 78.72 -116.87
CA LEU YA 208 -25.60 79.79 -116.23
C LEU YA 208 -25.74 81.04 -117.11
N ASN YA 209 -24.98 81.12 -118.21
CA ASN YA 209 -24.79 82.38 -118.91
C ASN YA 209 -24.66 82.12 -120.41
N PRO YA 210 -25.53 82.68 -121.25
CA PRO YA 210 -25.36 82.52 -122.69
C PRO YA 210 -24.05 83.13 -123.15
N PRO YA 211 -23.41 82.55 -124.17
CA PRO YA 211 -22.20 83.17 -124.72
C PRO YA 211 -22.44 84.62 -125.08
N PRO YA 212 -21.67 85.56 -124.49
CA PRO YA 212 -21.86 86.97 -124.84
C PRO YA 212 -21.34 87.32 -126.22
N SER YA 213 -22.12 87.00 -127.25
CA SER YA 213 -21.73 87.27 -128.63
C SER YA 213 -21.62 88.77 -128.87
N PRO YA 214 -21.02 89.21 -129.97
CA PRO YA 214 -21.02 90.65 -130.29
C PRO YA 214 -22.42 91.22 -130.46
N LEU YA 215 -23.42 90.39 -130.75
CA LEU YA 215 -24.75 90.91 -131.05
C LEU YA 215 -25.41 91.48 -129.80
N ASP YA 216 -25.60 90.62 -128.78
CA ASP YA 216 -26.21 91.10 -127.53
C ASP YA 216 -25.36 92.18 -126.88
N LYS YA 217 -24.04 92.14 -127.05
CA LYS YA 217 -23.19 93.19 -126.52
C LYS YA 217 -23.52 94.54 -127.14
N LYS YA 218 -23.71 94.58 -128.46
CA LYS YA 218 -24.05 95.83 -129.12
C LYS YA 218 -25.44 96.31 -128.70
N PHE YA 219 -26.39 95.38 -128.51
CA PHE YA 219 -27.72 95.75 -128.04
C PHE YA 219 -27.67 96.37 -126.65
N GLU YA 220 -26.86 95.81 -125.75
CA GLU YA 220 -26.72 96.37 -124.41
C GLU YA 220 -26.09 97.77 -124.47
N GLN YA 221 -25.11 97.95 -125.34
CA GLN YA 221 -24.50 99.26 -125.51
C GLN YA 221 -25.52 100.27 -126.01
N TRP YA 222 -26.35 99.88 -126.98
CA TRP YA 222 -27.42 100.76 -127.46
C TRP YA 222 -28.43 101.04 -126.37
N GLU YA 223 -28.66 100.09 -125.45
CA GLU YA 223 -29.58 100.34 -124.34
C GLU YA 223 -29.05 101.47 -123.45
N GLU YA 224 -27.74 101.45 -123.15
CA GLU YA 224 -27.15 102.55 -122.41
C GLU YA 224 -27.25 103.84 -123.20
N GLN YA 225 -27.02 103.78 -124.51
CA GLN YA 225 -27.15 104.95 -125.36
C GLN YA 225 -28.57 105.52 -125.31
N GLN YA 226 -29.57 104.64 -125.28
CA GLN YA 226 -30.95 105.10 -125.24
C GLN YA 226 -31.34 105.66 -123.89
N ALA YA 227 -30.73 105.14 -122.80
CA ALA YA 227 -30.95 105.74 -121.49
C ALA YA 227 -30.46 107.18 -121.45
N VAL YA 228 -29.24 107.41 -121.95
CA VAL YA 228 -28.70 108.77 -121.98
C VAL YA 228 -29.48 109.63 -122.98
N GLU YA 229 -29.98 109.04 -124.06
CA GLU YA 229 -30.80 109.84 -124.97
C GLU YA 229 -32.12 110.24 -124.32
N ALA YA 230 -32.65 109.43 -123.40
CA ALA YA 230 -33.83 109.84 -122.64
C ALA YA 230 -33.52 110.94 -121.63
N THR YA 231 -32.35 110.88 -120.98
CA THR YA 231 -31.93 111.97 -120.11
C THR YA 231 -31.77 113.27 -120.90
N LEU YA 232 -31.19 113.17 -122.11
CA LEU YA 232 -31.08 114.35 -122.97
C LEU YA 232 -32.44 114.90 -123.32
N ALA YA 233 -33.42 114.02 -123.55
CA ALA YA 233 -34.77 114.49 -123.87
C ALA YA 233 -35.36 115.25 -122.70
N ALA YA 234 -35.18 114.75 -121.48
CA ALA YA 234 -35.61 115.49 -120.29
C ALA YA 234 -34.89 116.82 -120.17
N MET YA 235 -33.58 116.83 -120.45
CA MET YA 235 -32.81 118.08 -120.38
C MET YA 235 -33.41 119.13 -121.30
N LYS YA 236 -33.63 118.80 -122.57
CA LYS YA 236 -34.09 119.80 -123.53
C LYS YA 236 -35.58 120.09 -123.40
N ALA YA 237 -36.34 119.21 -122.75
CA ALA YA 237 -37.73 119.51 -122.47
C ALA YA 237 -37.85 120.52 -121.32
N ARG YA 238 -37.01 120.37 -120.29
CA ARG YA 238 -36.94 121.40 -119.26
C ARG YA 238 -36.40 122.70 -119.83
N ARG YA 239 -35.46 122.61 -120.78
CA ARG YA 239 -34.91 123.80 -121.42
C ARG YA 239 -35.89 124.47 -122.38
N SER YA 240 -36.93 123.75 -122.85
CA SER YA 240 -37.88 124.34 -123.78
C SER YA 240 -38.50 125.61 -123.19
N MET ZA 24 96.31 -23.87 -22.68
CA MET ZA 24 95.53 -24.72 -21.77
C MET ZA 24 94.99 -23.89 -20.61
N GLU ZA 25 93.76 -24.17 -20.20
CA GLU ZA 25 93.19 -23.46 -19.06
C GLU ZA 25 93.95 -23.78 -17.78
N LEU ZA 26 94.40 -25.03 -17.64
CA LEU ZA 26 95.24 -25.39 -16.50
C LEU ZA 26 96.50 -24.54 -16.48
N PHE ZA 27 97.15 -24.41 -17.65
CA PHE ZA 27 98.36 -23.60 -17.73
C PHE ZA 27 98.09 -22.16 -17.29
N ASN ZA 28 97.02 -21.56 -17.81
CA ASN ZA 28 96.65 -20.20 -17.40
C ASN ZA 28 96.42 -20.09 -15.89
N ARG ZA 29 95.69 -21.04 -15.31
CA ARG ZA 29 95.53 -21.09 -13.85
C ARG ZA 29 96.87 -21.11 -13.13
N VAL ZA 30 97.79 -21.98 -13.57
CA VAL ZA 30 99.12 -22.07 -12.99
C VAL ZA 30 99.99 -20.85 -13.33
N GLY ZA 31 99.57 -20.06 -14.32
CA GLY ZA 31 100.39 -18.96 -14.80
C GLY ZA 31 100.87 -17.99 -13.76
N ARG ZA 32 100.00 -17.56 -12.84
CA ARG ZA 32 100.46 -16.60 -11.84
C ARG ZA 32 101.67 -17.12 -11.06
N VAL ZA 33 101.57 -18.35 -10.54
CA VAL ZA 33 102.64 -18.95 -9.73
C VAL ZA 33 103.84 -19.33 -10.58
N LEU ZA 34 103.63 -19.94 -11.74
CA LEU ZA 34 104.75 -20.38 -12.56
C LEU ZA 34 105.44 -19.18 -13.21
N LYS ZA 35 104.69 -18.30 -13.86
CA LYS ZA 35 105.26 -17.17 -14.56
C LYS ZA 35 105.91 -16.16 -13.61
N SER ZA 36 105.48 -16.03 -12.36
CA SER ZA 36 106.24 -15.20 -11.42
C SER ZA 36 107.64 -15.76 -11.21
N GLN ZA 37 107.73 -17.07 -10.97
CA GLN ZA 37 109.02 -17.72 -10.87
C GLN ZA 37 109.84 -17.59 -12.15
N LEU ZA 38 109.23 -17.83 -13.31
CA LEU ZA 38 109.99 -17.70 -14.56
C LEU ZA 38 110.44 -16.26 -14.84
N THR ZA 39 109.64 -15.26 -14.43
CA THR ZA 39 110.05 -13.87 -14.57
C THR ZA 39 111.27 -13.57 -13.73
N HIS ZA 40 111.34 -14.12 -12.52
CA HIS ZA 40 112.62 -14.05 -11.80
C HIS ZA 40 113.68 -14.94 -12.43
N TRP ZA 41 113.28 -16.08 -13.01
CA TRP ZA 41 114.25 -17.03 -13.55
C TRP ZA 41 115.08 -16.39 -14.66
N GLN ZA 42 114.42 -15.68 -15.57
CA GLN ZA 42 115.16 -14.91 -16.58
C GLN ZA 42 115.97 -13.79 -15.94
N GLN ZA 43 115.46 -13.21 -14.85
CA GLN ZA 43 116.22 -12.22 -14.08
C GLN ZA 43 117.41 -12.81 -13.32
N GLN ZA 44 117.46 -14.12 -13.07
CA GLN ZA 44 118.41 -14.64 -12.07
C GLN ZA 44 119.84 -14.16 -12.29
N GLN ZA 45 120.25 -13.94 -13.55
CA GLN ZA 45 121.60 -13.43 -13.78
C GLN ZA 45 121.80 -12.09 -13.08
N GLU ZA 46 120.79 -11.22 -13.12
CA GLU ZA 46 120.81 -10.00 -12.33
C GLU ZA 46 120.53 -10.27 -10.85
N ALA ZA 47 119.60 -11.17 -10.56
CA ALA ZA 47 119.06 -11.33 -9.21
C ALA ZA 47 119.06 -12.79 -8.78
N PRO ZA 48 120.22 -13.32 -8.38
CA PRO ZA 48 120.24 -14.61 -7.68
C PRO ZA 48 119.96 -14.49 -6.18
N GLU ZA 49 119.92 -13.27 -5.66
CA GLU ZA 49 120.11 -13.03 -4.23
C GLU ZA 49 119.10 -13.80 -3.38
N ASP ZA 50 117.82 -13.78 -3.77
CA ASP ZA 50 116.79 -14.45 -2.98
C ASP ZA 50 116.97 -15.96 -2.93
N LEU ZA 51 117.26 -16.61 -4.07
CA LEU ZA 51 117.45 -18.05 -4.06
C LEU ZA 51 118.71 -18.46 -3.28
N LEU ZA 52 119.79 -17.69 -3.44
CA LEU ZA 52 121.02 -17.97 -2.71
C LEU ZA 52 120.82 -17.87 -1.20
N GLU ZA 53 120.23 -16.77 -0.75
CA GLU ZA 53 120.00 -16.56 0.68
C GLU ZA 53 118.95 -17.50 1.26
N ARG ZA 54 117.95 -17.90 0.47
CA ARG ZA 54 117.01 -18.91 0.93
C ARG ZA 54 117.72 -20.22 1.26
N LEU ZA 55 118.56 -20.72 0.35
CA LEU ZA 55 119.28 -21.96 0.58
C LEU ZA 55 120.20 -21.86 1.80
N LEU ZA 56 120.98 -20.79 1.91
CA LEU ZA 56 121.86 -20.61 3.06
C LEU ZA 56 121.09 -20.38 4.36
N GLY ZA 57 119.90 -19.80 4.28
CA GLY ZA 57 119.01 -19.78 5.44
C GLY ZA 57 118.63 -21.18 5.91
N GLU ZA 58 118.29 -22.05 4.97
CA GLU ZA 58 118.02 -23.46 5.29
C GLU ZA 58 119.26 -24.12 5.87
N MET ZA 59 120.44 -23.76 5.38
CA MET ZA 59 121.69 -24.27 5.93
C MET ZA 59 121.94 -23.79 7.35
N GLU ZA 60 121.56 -22.56 7.67
CA GLU ZA 60 121.58 -22.10 9.07
C GLU ZA 60 120.57 -22.82 9.95
N LEU ZA 61 119.38 -23.10 9.42
CA LEU ZA 61 118.39 -23.89 10.17
C LEU ZA 61 118.89 -25.31 10.45
N GLU ZA 62 119.57 -25.92 9.48
CA GLU ZA 62 120.21 -27.20 9.73
C GLU ZA 62 121.32 -27.08 10.79
N LEU ZA 63 122.22 -26.10 10.61
CA LEU ZA 63 123.40 -25.96 11.46
C LEU ZA 63 123.05 -25.73 12.93
N ILE ZA 64 121.94 -25.05 13.22
CA ILE ZA 64 121.48 -24.96 14.61
C ILE ZA 64 120.99 -26.32 15.11
N GLU ZA 65 120.46 -27.17 14.23
CA GLU ZA 65 120.24 -28.56 14.62
C GLU ZA 65 121.55 -29.30 14.87
N LEU ZA 66 122.51 -29.17 13.95
CA LEU ZA 66 123.77 -29.91 14.07
C LEU ZA 66 124.49 -29.62 15.38
N ARG ZA 67 124.46 -28.36 15.83
CA ARG ZA 67 125.02 -28.02 17.14
C ARG ZA 67 124.25 -28.65 18.29
N ARG ZA 68 122.92 -28.64 18.23
CA ARG ZA 68 122.16 -29.32 19.28
C ARG ZA 68 122.35 -30.83 19.26
N ALA ZA 69 122.54 -31.43 18.09
CA ALA ZA 69 122.83 -32.86 17.99
C ALA ZA 69 124.20 -33.20 18.56
N LEU ZA 70 125.18 -32.34 18.35
CA LEU ZA 70 126.46 -32.46 19.07
C LEU ZA 70 126.27 -32.38 20.58
N ALA ZA 71 125.47 -31.43 21.06
CA ALA ZA 71 125.23 -31.34 22.49
C ALA ZA 71 124.50 -32.56 23.04
N GLN ZA 72 123.60 -33.15 22.25
CA GLN ZA 72 122.96 -34.39 22.65
C GLN ZA 72 123.93 -35.57 22.68
N THR ZA 73 124.92 -35.60 21.79
CA THR ZA 73 125.95 -36.64 21.86
C THR ZA 73 126.84 -36.47 23.08
N ILE ZA 74 127.28 -35.25 23.37
CA ILE ZA 74 128.09 -35.03 24.58
C ILE ZA 74 127.32 -35.39 25.84
N ALA ZA 75 126.04 -35.02 25.89
CA ALA ZA 75 125.20 -35.37 27.03
C ALA ZA 75 125.07 -36.89 27.21
N THR ZA 76 124.85 -37.62 26.12
CA THR ZA 76 124.77 -39.08 26.20
C THR ZA 76 126.12 -39.72 26.51
N PHE ZA 77 127.23 -39.15 26.05
CA PHE ZA 77 128.55 -39.70 26.37
C PHE ZA 77 128.85 -39.62 27.86
N LYS ZA 78 128.70 -38.43 28.45
CA LYS ZA 78 128.97 -38.26 29.87
C LYS ZA 78 127.92 -38.91 30.76
N SER ZA 79 126.68 -39.05 30.29
CA SER ZA 79 125.71 -39.84 31.05
C SER ZA 79 126.11 -41.31 31.12
N THR ZA 80 126.65 -41.87 30.04
CA THR ZA 80 127.23 -43.21 30.12
C THR ZA 80 128.38 -43.23 31.12
N GLU ZA 81 129.17 -42.16 31.15
CA GLU ZA 81 130.26 -42.05 32.12
C GLU ZA 81 129.74 -41.86 33.54
N ARG ZA 82 128.61 -41.18 33.71
CA ARG ZA 82 127.98 -41.10 35.03
C ARG ZA 82 127.50 -42.47 35.50
N GLN ZA 83 127.12 -43.34 34.57
CA GLN ZA 83 126.79 -44.72 34.93
C GLN ZA 83 128.05 -45.48 35.34
N ARG ZA 84 129.17 -45.19 34.69
CA ARG ZA 84 130.46 -45.71 35.14
C ARG ZA 84 130.81 -45.18 36.53
N ASP ZA 85 130.56 -43.89 36.77
CA ASP ZA 85 130.81 -43.32 38.09
C ASP ZA 85 130.01 -44.03 39.17
N ALA ZA 86 128.79 -44.46 38.84
CA ALA ZA 86 128.03 -45.28 39.79
C ALA ZA 86 128.61 -46.68 39.95
N GLN ZA 87 128.98 -47.33 38.84
CA GLN ZA 87 129.57 -48.66 38.95
C GLN ZA 87 130.83 -48.66 39.80
N GLN ZA 88 131.73 -47.70 39.57
CA GLN ZA 88 132.95 -47.60 40.35
C GLN ZA 88 132.67 -47.20 41.80
N LEU ZA 89 131.61 -46.43 42.04
CA LEU ZA 89 131.20 -46.13 43.41
C LEU ZA 89 130.71 -47.37 44.14
N ILE ZA 90 129.99 -48.26 43.46
CA ILE ZA 90 129.59 -49.51 44.08
C ILE ZA 90 130.78 -50.45 44.25
N ALA ZA 91 131.76 -50.39 43.34
CA ALA ZA 91 133.02 -51.10 43.54
C ALA ZA 91 133.73 -50.61 44.79
N GLN ZA 92 133.76 -49.30 45.02
CA GLN ZA 92 134.30 -48.77 46.27
C GLN ZA 92 133.49 -49.23 47.47
N ARG ZA 93 132.16 -49.27 47.34
CA ARG ZA 93 131.32 -49.85 48.37
C ARG ZA 93 131.66 -51.31 48.65
N TRP ZA 94 132.09 -52.03 47.62
CA TRP ZA 94 132.59 -53.40 47.82
C TRP ZA 94 133.96 -53.43 48.49
N TYR ZA 95 134.80 -52.42 48.27
CA TYR ZA 95 136.04 -52.32 49.05
C TYR ZA 95 135.77 -51.97 50.50
N GLU ZA 96 134.81 -51.07 50.77
CA GLU ZA 96 134.44 -50.75 52.14
C GLU ZA 96 133.97 -51.99 52.90
N LYS ZA 97 133.07 -52.77 52.27
CA LYS ZA 97 132.62 -54.02 52.86
C LYS ZA 97 133.76 -55.02 53.04
N ALA ZA 98 134.75 -55.00 52.14
CA ALA ZA 98 135.96 -55.78 52.37
C ALA ZA 98 136.77 -55.24 53.55
N GLN ZA 99 136.87 -53.91 53.67
CA GLN ZA 99 137.70 -53.33 54.72
C GLN ZA 99 137.19 -53.69 56.10
N ALA ZA 100 135.87 -53.86 56.25
CA ALA ZA 100 135.30 -54.35 57.50
C ALA ZA 100 135.71 -55.78 57.82
N ALA ZA 101 136.39 -56.46 56.90
CA ALA ZA 101 136.94 -57.78 57.14
C ALA ZA 101 138.41 -57.87 56.75
N LEU ZA 102 139.04 -56.76 56.37
CA LEU ZA 102 140.42 -56.76 55.95
C LEU ZA 102 141.39 -56.49 57.09
N ASP ZA 103 140.88 -56.31 58.30
CA ASP ZA 103 141.68 -56.30 59.52
C ASP ZA 103 141.47 -57.59 60.29
N ARG ZA 104 142.40 -57.87 61.21
CA ARG ZA 104 142.36 -59.02 62.11
C ARG ZA 104 142.56 -60.34 61.38
N GLY ZA 105 142.91 -60.31 60.09
CA GLY ZA 105 143.01 -61.54 59.32
C GLY ZA 105 141.68 -62.19 59.00
N ASN ZA 106 140.58 -61.45 59.14
CA ASN ZA 106 139.25 -61.97 58.88
C ASN ZA 106 138.83 -61.80 57.42
N GLU ZA 107 139.80 -61.69 56.52
CA GLU ZA 107 139.58 -61.36 55.11
C GLU ZA 107 138.74 -62.40 54.35
N GLN ZA 108 138.33 -63.46 55.04
CA GLN ZA 108 137.48 -64.48 54.43
C GLN ZA 108 136.34 -63.89 53.60
N LEU ZA 109 135.58 -62.96 54.16
CA LEU ZA 109 134.46 -62.37 53.43
C LEU ZA 109 134.93 -61.53 52.26
N ALA ZA 110 136.19 -61.08 52.26
CA ALA ZA 110 136.71 -60.36 51.11
C ALA ZA 110 136.72 -61.22 49.86
N ARG ZA 111 136.70 -62.55 50.02
CA ARG ZA 111 136.63 -63.43 48.86
C ARG ZA 111 135.38 -63.13 48.03
N GLU ZA 112 134.22 -63.13 48.67
CA GLU ZA 112 132.97 -62.80 47.98
C GLU ZA 112 132.89 -61.33 47.59
N ALA ZA 113 133.32 -60.43 48.49
CA ALA ZA 113 133.17 -58.99 48.22
C ALA ZA 113 133.99 -58.56 47.01
N LEU ZA 114 135.25 -58.98 46.93
CA LEU ZA 114 136.05 -58.75 45.74
C LEU ZA 114 135.64 -59.63 44.56
N GLY ZA 115 135.07 -60.80 44.82
CA GLY ZA 115 134.49 -61.57 43.74
C GLY ZA 115 133.37 -60.84 43.00
N GLN ZA 116 132.52 -60.14 43.73
CA GLN ZA 116 131.58 -59.23 43.10
C GLN ZA 116 132.28 -58.05 42.43
N ARG ZA 117 133.22 -57.41 43.14
CA ARG ZA 117 133.88 -56.25 42.55
C ARG ZA 117 134.55 -56.57 41.23
N GLN ZA 118 135.03 -57.81 41.05
CA GLN ZA 118 135.61 -58.18 39.76
C GLN ZA 118 134.63 -57.99 38.61
N SER ZA 119 133.38 -58.43 38.79
CA SER ZA 119 132.35 -58.17 37.78
C SER ZA 119 132.01 -56.69 37.66
N TYR ZA 120 132.08 -55.94 38.76
CA TYR ZA 120 131.81 -54.51 38.68
C TYR ZA 120 132.93 -53.75 37.97
N GLN ZA 121 134.18 -54.17 38.18
CA GLN ZA 121 135.30 -53.59 37.43
C GLN ZA 121 135.23 -53.91 35.95
N SER ZA 122 134.74 -55.10 35.58
CA SER ZA 122 134.65 -55.42 34.15
C SER ZA 122 133.66 -54.50 33.44
N HIS ZA 123 132.50 -54.27 34.05
CA HIS ZA 123 131.55 -53.31 33.48
C HIS ZA 123 132.08 -51.88 33.54
N THR ZA 124 132.82 -51.53 34.60
CA THR ZA 124 133.39 -50.19 34.69
C THR ZA 124 134.39 -49.94 33.57
N GLU ZA 125 135.21 -50.94 33.23
CA GLU ZA 125 136.22 -50.74 32.19
C GLU ZA 125 135.65 -50.94 30.79
N ALA ZA 126 134.59 -51.74 30.67
CA ALA ZA 126 133.81 -51.75 29.44
C ALA ZA 126 133.21 -50.37 29.16
N LEU ZA 127 132.62 -49.75 30.18
CA LEU ZA 127 132.16 -48.37 30.04
C LEU ZA 127 133.31 -47.42 29.74
N GLY ZA 128 134.40 -47.54 30.48
CA GLY ZA 128 135.53 -46.63 30.27
C GLY ZA 128 136.14 -46.68 28.89
N LYS ZA 129 136.13 -47.87 28.26
CA LYS ZA 129 136.68 -47.99 26.91
C LYS ZA 129 135.66 -47.71 25.81
N SER ZA 130 134.38 -47.97 26.05
CA SER ZA 130 133.34 -47.38 25.23
C SER ZA 130 133.44 -45.87 25.25
N LEU ZA 131 133.64 -45.29 26.44
CA LEU ZA 131 133.80 -43.86 26.64
C LEU ZA 131 135.12 -43.34 26.09
N GLY ZA 132 136.03 -44.21 25.70
CA GLY ZA 132 137.20 -43.81 24.94
C GLY ZA 132 136.86 -43.60 23.48
N GLU ZA 133 136.02 -44.47 22.93
CA GLU ZA 133 135.53 -44.26 21.57
C GLU ZA 133 134.59 -43.06 21.52
N GLN ZA 134 133.66 -42.98 22.47
CA GLN ZA 134 132.75 -41.84 22.56
C GLN ZA 134 133.51 -40.53 22.74
N ARG ZA 135 134.65 -40.56 23.41
CA ARG ZA 135 135.55 -39.40 23.42
C ARG ZA 135 135.99 -39.04 22.02
N ALA ZA 136 136.60 -39.98 21.31
CA ALA ZA 136 137.06 -39.72 19.95
C ALA ZA 136 135.91 -39.27 19.04
N LEU ZA 137 134.70 -39.76 19.28
CA LEU ZA 137 133.53 -39.30 18.53
C LEU ZA 137 133.22 -37.83 18.79
N VAL ZA 138 133.17 -37.42 20.06
CA VAL ZA 138 132.88 -36.02 20.35
C VAL ZA 138 134.02 -35.10 19.91
N GLU ZA 139 135.27 -35.58 19.94
CA GLU ZA 139 136.37 -34.78 19.42
C GLU ZA 139 136.29 -34.63 17.91
N GLN ZA 140 136.12 -35.74 17.19
CA GLN ZA 140 136.09 -35.67 15.72
C GLN ZA 140 134.86 -34.93 15.22
N VAL ZA 141 133.72 -35.09 15.89
CA VAL ZA 141 132.53 -34.35 15.49
C VAL ZA 141 132.67 -32.86 15.77
N ARG ZA 142 133.38 -32.51 16.85
CA ARG ZA 142 133.68 -31.09 17.10
C ARG ZA 142 134.61 -30.51 16.04
N GLY ZA 143 135.62 -31.28 15.62
CA GLY ZA 143 136.49 -30.79 14.57
C GLY ZA 143 135.80 -30.73 13.21
N GLN ZA 144 134.95 -31.72 12.93
CA GLN ZA 144 134.14 -31.69 11.71
C GLN ZA 144 133.25 -30.45 11.68
N LEU ZA 145 132.53 -30.19 12.76
CA LEU ZA 145 131.70 -28.99 12.84
C LEU ZA 145 132.52 -27.72 12.70
N GLN ZA 146 133.59 -27.57 13.49
CA GLN ZA 146 134.31 -26.30 13.50
C GLN ZA 146 134.94 -25.99 12.15
N LYS ZA 147 135.42 -27.00 11.43
CA LYS ZA 147 135.82 -26.81 10.03
C LYS ZA 147 134.65 -26.41 9.15
N LEU ZA 148 133.53 -27.13 9.26
CA LEU ZA 148 132.39 -26.92 8.36
C LEU ZA 148 131.74 -25.56 8.58
N GLU ZA 149 131.45 -25.21 9.83
CA GLU ZA 149 130.76 -23.96 10.14
C GLU ZA 149 131.67 -22.76 9.90
N ARG ZA 150 132.97 -22.90 10.13
CA ARG ZA 150 133.90 -21.84 9.74
C ARG ZA 150 133.94 -21.66 8.23
N LYS ZA 151 133.81 -22.76 7.49
CA LYS ZA 151 133.70 -22.67 6.03
C LYS ZA 151 132.40 -22.00 5.63
N TYR ZA 152 131.31 -22.26 6.34
CA TYR ZA 152 130.05 -21.55 6.13
C TYR ZA 152 130.19 -20.05 6.40
N LEU ZA 153 130.89 -19.69 7.48
CA LEU ZA 153 131.14 -18.27 7.77
C LEU ZA 153 131.92 -17.58 6.65
N GLU ZA 154 133.03 -18.18 6.23
CA GLU ZA 154 133.81 -17.63 5.12
C GLU ZA 154 133.05 -17.66 3.81
N LEU ZA 155 132.18 -18.66 3.62
CA LEU ZA 155 131.32 -18.70 2.44
C LEU ZA 155 130.25 -17.62 2.48
N LYS ZA 156 129.74 -17.28 3.67
CA LYS ZA 156 128.89 -16.08 3.79
C LYS ZA 156 129.64 -14.83 3.40
N SER ZA 157 130.88 -14.69 3.86
CA SER ZA 157 131.71 -13.55 3.47
C SER ZA 157 131.85 -13.48 1.96
N GLN ZA 158 132.20 -14.61 1.33
CA GLN ZA 158 132.31 -14.68 -0.12
C GLN ZA 158 131.00 -14.34 -0.82
N LYS ZA 159 129.86 -14.86 -0.33
CA LYS ZA 159 128.58 -14.57 -0.97
C LYS ZA 159 128.28 -13.07 -0.94
N ASN ZA 160 128.46 -12.43 0.22
CA ASN ZA 160 128.25 -10.99 0.30
C ASN ZA 160 129.12 -10.27 -0.71
N LEU ZA 161 130.39 -10.65 -0.80
CA LEU ZA 161 131.31 -10.09 -1.78
C LEU ZA 161 130.96 -10.48 -3.21
N TYR ZA 162 130.26 -11.61 -3.38
CA TYR ZA 162 129.87 -12.04 -4.72
C TYR ZA 162 128.66 -11.27 -5.23
N LEU ZA 163 127.70 -10.96 -4.35
CA LEU ZA 163 126.59 -10.09 -4.74
C LEU ZA 163 127.07 -8.69 -5.06
N ALA ZA 164 128.04 -8.17 -4.31
CA ALA ZA 164 128.67 -6.90 -4.64
C ALA ZA 164 129.38 -6.96 -5.99
N ARG ZA 165 130.21 -7.98 -6.20
CA ARG ZA 165 130.86 -8.18 -7.50
C ARG ZA 165 129.84 -8.24 -8.64
N LEU ZA 166 128.79 -9.04 -8.46
CA LEU ZA 166 127.79 -9.20 -9.52
C LEU ZA 166 127.10 -7.89 -9.86
N LYS ZA 167 126.59 -7.18 -8.85
CA LYS ZA 167 125.98 -5.88 -9.10
C LYS ZA 167 126.94 -4.89 -9.74
N SER ZA 168 128.22 -4.94 -9.34
CA SER ZA 168 129.22 -4.04 -9.91
C SER ZA 168 129.50 -4.38 -11.37
N ALA ZA 169 129.62 -5.66 -11.69
CA ALA ZA 169 129.76 -6.09 -13.08
C ALA ZA 169 128.55 -5.69 -13.91
N ILE ZA 170 127.34 -5.89 -13.38
CA ILE ZA 170 126.11 -5.50 -14.07
C ILE ZA 170 126.15 -4.00 -14.40
N ALA ZA 171 126.51 -3.18 -13.41
CA ALA ZA 171 126.65 -1.74 -13.64
C ALA ZA 171 127.68 -1.45 -14.72
N ALA ZA 172 128.83 -2.12 -14.67
CA ALA ZA 172 129.87 -1.95 -15.68
C ALA ZA 172 129.35 -2.30 -17.07
N GLN ZA 173 128.66 -3.42 -17.19
CA GLN ZA 173 128.03 -3.80 -18.45
C GLN ZA 173 127.11 -2.70 -18.96
N LYS ZA 174 126.35 -2.09 -18.06
CA LYS ZA 174 125.44 -1.02 -18.45
C LYS ZA 174 126.19 0.23 -18.92
N ILE ZA 175 127.31 0.58 -18.30
CA ILE ZA 175 128.12 1.70 -18.79
C ILE ZA 175 128.73 1.41 -20.17
N GLU ZA 176 129.31 0.23 -20.36
CA GLU ZA 176 129.87 -0.09 -21.67
C GLU ZA 176 128.82 -0.08 -22.76
N GLU ZA 177 127.70 -0.78 -22.55
CA GLU ZA 177 126.68 -0.89 -23.58
C GLU ZA 177 125.99 0.45 -23.87
N ILE ZA 178 125.69 1.23 -22.83
CA ILE ZA 178 125.09 2.55 -23.03
C ILE ZA 178 126.11 3.54 -23.60
N ALA ZA 179 127.38 3.42 -23.21
CA ALA ZA 179 128.43 4.22 -23.81
C ALA ZA 179 128.67 3.87 -25.27
N GLY ZA 180 128.65 2.57 -25.61
CA GLY ZA 180 128.77 2.19 -27.00
C GLY ZA 180 127.64 2.68 -27.88
N ASN ZA 181 126.41 2.63 -27.36
CA ASN ZA 181 125.29 3.24 -28.09
C ASN ZA 181 125.37 4.75 -28.10
N LEU ZA 182 125.89 5.36 -27.04
CA LEU ZA 182 125.99 6.82 -26.99
C LEU ZA 182 127.02 7.32 -27.99
N ASP ZA 183 128.21 6.75 -27.98
CA ASP ZA 183 129.27 7.20 -28.89
C ASP ZA 183 128.94 6.81 -30.33
N ASN ZA 184 128.67 5.52 -30.55
CA ASN ZA 184 128.53 5.03 -31.91
C ASN ZA 184 127.24 5.51 -32.57
N ALA ZA 185 126.10 5.30 -31.91
CA ALA ZA 185 124.82 5.72 -32.52
C ALA ZA 185 124.63 7.22 -32.45
N SER ZA 186 124.77 7.81 -31.26
CA SER ZA 186 124.43 9.22 -31.07
C SER ZA 186 125.45 10.13 -31.76
N ALA ZA 187 126.73 9.87 -31.53
CA ALA ZA 187 127.76 10.79 -32.00
C ALA ZA 187 127.87 10.79 -33.52
N SER ZA 188 127.77 9.63 -34.16
CA SER ZA 188 127.74 9.60 -35.62
C SER ZA 188 126.52 10.34 -36.14
N SER ZA 189 125.40 10.22 -35.43
CA SER ZA 189 124.20 10.99 -35.81
C SER ZA 189 124.44 12.49 -35.65
N LEU ZA 190 125.23 12.89 -34.65
CA LEU ZA 190 125.51 14.31 -34.47
C LEU ZA 190 126.47 14.82 -35.54
N PHE ZA 191 127.58 14.13 -35.76
CA PHE ZA 191 128.61 14.66 -36.65
C PHE ZA 191 128.16 14.60 -38.11
N GLU ZA 192 127.71 13.43 -38.56
CA GLU ZA 192 127.35 13.29 -39.97
C GLU ZA 192 126.07 14.02 -40.36
N ARG ZA 193 125.07 14.10 -39.47
CA ARG ZA 193 123.90 14.94 -39.76
C ARG ZA 193 124.17 16.44 -39.65
N ILE ZA 194 125.02 16.87 -38.72
CA ILE ZA 194 125.37 18.29 -38.66
C ILE ZA 194 126.23 18.69 -39.85
N GLU ZA 195 127.19 17.83 -40.21
CA GLU ZA 195 128.04 18.11 -41.35
C GLU ZA 195 127.24 18.20 -42.65
N THR ZA 196 126.38 17.21 -42.92
CA THR ZA 196 125.57 17.24 -44.14
C THR ZA 196 124.64 18.45 -44.17
N LYS ZA 197 124.09 18.85 -43.03
CA LYS ZA 197 123.30 20.07 -42.98
C LYS ZA 197 124.15 21.31 -43.20
N ILE ZA 198 125.40 21.29 -42.74
CA ILE ZA 198 126.32 22.39 -43.00
C ILE ZA 198 126.62 22.46 -44.50
N LEU ZA 199 126.86 21.32 -45.12
CA LEU ZA 199 127.09 21.25 -46.56
C LEU ZA 199 125.90 21.80 -47.33
N GLU ZA 200 124.69 21.55 -46.85
CA GLU ZA 200 123.50 22.10 -47.48
C GLU ZA 200 123.51 23.62 -47.37
N LEU ZA 201 123.94 24.14 -46.22
CA LEU ZA 201 124.10 25.59 -46.08
C LEU ZA 201 125.22 26.11 -46.97
N GLU ZA 202 126.26 25.31 -47.18
CA GLU ZA 202 127.39 25.70 -48.02
C GLU ZA 202 127.05 25.69 -49.51
N ALA ZA 203 126.15 24.80 -49.93
CA ALA ZA 203 125.66 24.83 -51.30
C ALA ZA 203 124.91 26.12 -51.60
N GLU ZA 204 124.21 26.68 -50.62
CA GLU ZA 204 123.67 28.04 -50.77
C GLU ZA 204 124.74 29.11 -50.61
N ARG ZA 205 125.79 28.86 -49.83
CA ARG ZA 205 126.90 29.82 -49.77
C ARG ZA 205 127.55 30.00 -51.14
N GLU ZA 206 127.87 28.90 -51.82
CA GLU ZA 206 128.48 28.97 -53.14
C GLU ZA 206 127.53 29.43 -54.23
N LEU ZA 207 126.22 29.50 -53.94
CA LEU ZA 207 125.30 30.20 -54.83
C LEU ZA 207 125.28 31.70 -54.59
N LEU ZA 208 125.44 32.13 -53.34
CA LEU ZA 208 125.45 33.54 -52.99
C LEU ZA 208 126.83 34.18 -53.07
N ASN ZA 209 127.90 33.38 -53.17
CA ASN ZA 209 129.25 33.86 -52.90
C ASN ZA 209 130.24 33.14 -53.81
N PRO ZA 210 130.99 33.85 -54.65
CA PRO ZA 210 132.00 33.18 -55.45
C PRO ZA 210 133.05 32.54 -54.56
N PRO ZA 211 133.62 31.40 -54.99
CA PRO ZA 211 134.72 30.80 -54.22
C PRO ZA 211 135.83 31.80 -53.96
N PRO ZA 212 136.15 32.08 -52.69
CA PRO ZA 212 137.23 33.03 -52.40
C PRO ZA 212 138.62 32.47 -52.71
N SER ZA 213 138.99 32.48 -53.98
CA SER ZA 213 140.28 31.96 -54.42
C SER ZA 213 141.41 32.80 -53.83
N PRO ZA 214 142.66 32.33 -53.88
CA PRO ZA 214 143.78 33.18 -53.44
C PRO ZA 214 143.91 34.47 -54.24
N LEU ZA 215 143.36 34.52 -55.46
CA LEU ZA 215 143.56 35.69 -56.31
C LEU ZA 215 142.81 36.90 -55.77
N ASP ZA 216 141.48 36.79 -55.68
CA ASP ZA 216 140.69 37.90 -55.14
C ASP ZA 216 141.08 38.23 -53.71
N LYS ZA 217 141.52 37.23 -52.93
CA LYS ZA 217 141.98 37.50 -51.58
C LYS ZA 217 143.20 38.43 -51.59
N LYS ZA 218 144.16 38.18 -52.47
CA LYS ZA 218 145.34 39.03 -52.55
C LYS ZA 218 144.96 40.43 -53.03
N PHE ZA 219 144.01 40.53 -53.96
CA PHE ZA 219 143.55 41.83 -54.44
C PHE ZA 219 142.91 42.63 -53.31
N GLU ZA 220 142.09 41.99 -52.48
CA GLU ZA 220 141.48 42.68 -51.35
C GLU ZA 220 142.53 43.14 -50.35
N GLN ZA 221 143.55 42.31 -50.12
CA GLN ZA 221 144.64 42.70 -49.23
C GLN ZA 221 145.38 43.92 -49.78
N TRP ZA 222 145.65 43.93 -51.09
CA TRP ZA 222 146.27 45.10 -51.71
C TRP ZA 222 145.37 46.32 -51.63
N GLU ZA 223 144.05 46.13 -51.66
CA GLU ZA 223 143.15 47.27 -51.51
C GLU ZA 223 143.31 47.91 -50.14
N GLU ZA 224 143.41 47.10 -49.08
CA GLU ZA 224 143.68 47.64 -47.76
C GLU ZA 224 145.05 48.31 -47.73
N GLN ZA 225 146.03 47.71 -48.38
CA GLN ZA 225 147.36 48.31 -48.46
C GLN ZA 225 147.31 49.67 -49.14
N GLN ZA 226 146.50 49.80 -50.19
CA GLN ZA 226 146.40 51.06 -50.91
C GLN ZA 226 145.63 52.11 -50.13
N ALA ZA 227 144.67 51.69 -49.30
CA ALA ZA 227 143.99 52.64 -48.41
C ALA ZA 227 144.98 53.25 -47.43
N VAL ZA 228 145.81 52.41 -46.79
CA VAL ZA 228 146.79 52.93 -45.86
C VAL ZA 228 147.87 53.71 -46.60
N GLU ZA 229 148.18 53.34 -47.84
CA GLU ZA 229 149.14 54.15 -48.58
C GLU ZA 229 148.58 55.53 -48.91
N ALA ZA 230 147.26 55.63 -49.08
CA ALA ZA 230 146.65 56.95 -49.26
C ALA ZA 230 146.66 57.77 -47.97
N THR ZA 231 146.43 57.13 -46.82
CA THR ZA 231 146.56 57.82 -45.54
C THR ZA 231 147.99 58.32 -45.34
N LEU ZA 232 148.98 57.49 -45.70
CA LEU ZA 232 150.37 57.91 -45.61
C LEU ZA 232 150.62 59.12 -46.51
N ALA ZA 233 150.01 59.13 -47.69
CA ALA ZA 233 150.18 60.27 -48.59
C ALA ZA 233 149.64 61.55 -47.97
N ALA ZA 234 148.47 61.46 -47.34
CA ALA ZA 234 147.92 62.60 -46.61
C ALA ZA 234 148.84 63.02 -45.48
N MET ZA 235 149.38 62.05 -44.75
CA MET ZA 235 150.30 62.35 -43.64
C MET ZA 235 151.48 63.18 -44.13
N LYS ZA 236 152.17 62.72 -45.18
CA LYS ZA 236 153.38 63.39 -45.61
C LYS ZA 236 153.09 64.65 -46.42
N ALA ZA 237 151.87 64.80 -46.94
CA ALA ZA 237 151.49 66.05 -47.59
C ALA ZA 237 151.22 67.14 -46.55
N ARG ZA 238 150.57 66.78 -45.44
CA ARG ZA 238 150.46 67.71 -44.33
C ARG ZA 238 151.83 68.03 -43.74
N ARG ZA 239 152.71 67.03 -43.69
CA ARG ZA 239 154.07 67.23 -43.18
C ARG ZA 239 154.94 68.05 -44.13
N SER ZA 240 154.59 68.15 -45.41
CA SER ZA 240 155.41 68.91 -46.35
C SER ZA 240 155.59 70.35 -45.88
N MET AB 24 22.62 -89.65 39.80
CA MET AB 24 21.22 -89.39 39.44
C MET AB 24 20.73 -88.12 40.13
N GLU AB 25 19.95 -87.31 39.40
CA GLU AB 25 19.38 -86.11 40.00
C GLU AB 25 18.42 -86.45 41.13
N LEU AB 26 17.66 -87.54 40.98
CA LEU AB 26 16.81 -88.01 42.06
C LEU AB 26 17.64 -88.31 43.30
N PHE AB 27 18.75 -89.03 43.11
CA PHE AB 27 19.62 -89.35 44.24
C PHE AB 27 20.11 -88.10 44.93
N ASN AB 28 20.59 -87.12 44.17
CA ASN AB 28 21.02 -85.84 44.75
C ASN AB 28 19.91 -85.15 45.53
N ARG AB 29 18.70 -85.09 44.97
CA ARG AB 29 17.55 -84.56 45.70
C ARG AB 29 17.33 -85.28 47.03
N VAL AB 30 17.37 -86.61 47.00
CA VAL AB 30 17.21 -87.42 48.22
C VAL AB 30 18.43 -87.31 49.13
N GLY AB 31 19.54 -86.82 48.61
CA GLY AB 31 20.80 -86.81 49.37
C GLY AB 31 20.73 -86.17 50.74
N ARG AB 32 20.11 -85.01 50.87
CA ARG AB 32 20.06 -84.39 52.19
C ARG AB 32 19.46 -85.33 53.24
N VAL AB 33 18.29 -85.90 52.95
CA VAL AB 33 17.59 -86.78 53.89
C VAL AB 33 18.29 -88.13 54.04
N LEU AB 34 18.72 -88.73 52.94
CA LEU AB 34 19.36 -90.05 53.03
C LEU AB 34 20.75 -89.94 53.64
N LYS AB 35 21.59 -89.05 53.13
CA LYS AB 35 22.95 -88.92 53.60
C LYS AB 35 23.04 -88.42 55.05
N SER AB 36 22.06 -87.64 55.54
CA SER AB 36 22.07 -87.33 56.98
C SER AB 36 21.93 -88.60 57.81
N GLN AB 37 20.96 -89.45 57.44
CA GLN AB 37 20.80 -90.74 58.09
C GLN AB 37 22.05 -91.60 57.94
N LEU AB 38 22.62 -91.70 56.75
CA LEU AB 38 23.81 -92.52 56.58
C LEU AB 38 25.02 -91.97 57.35
N THR AB 39 25.14 -90.64 57.48
CA THR AB 39 26.20 -90.04 58.29
C THR AB 39 26.07 -90.44 59.74
N HIS AB 40 24.85 -90.47 60.27
CA HIS AB 40 24.68 -91.08 61.58
C HIS AB 40 24.85 -92.60 61.55
N TRP AB 41 24.50 -93.25 60.45
CA TRP AB 41 24.56 -94.70 60.37
C TRP AB 41 25.99 -95.19 60.55
N GLN AB 42 26.94 -94.56 59.87
CA GLN AB 42 28.34 -94.87 60.12
C GLN AB 42 28.77 -94.50 61.53
N GLN AB 43 28.18 -93.44 62.08
CA GLN AB 43 28.41 -93.07 63.49
C GLN AB 43 27.78 -94.04 64.49
N GLN AB 44 26.80 -94.86 64.09
CA GLN AB 44 25.98 -95.54 65.10
C GLN AB 44 26.79 -96.28 66.15
N GLN AB 45 27.97 -96.81 65.79
CA GLN AB 45 28.79 -97.47 66.79
C GLN AB 45 29.16 -96.52 67.92
N GLU AB 46 29.46 -95.27 67.60
CA GLU AB 46 29.64 -94.24 68.61
C GLU AB 46 28.30 -93.76 69.17
N ALA AB 47 27.28 -93.63 68.32
CA ALA AB 47 26.04 -92.94 68.67
C ALA AB 47 24.82 -93.76 68.28
N PRO AB 48 24.49 -94.78 69.09
CA PRO AB 48 23.18 -95.44 68.96
C PRO AB 48 22.07 -94.70 69.69
N GLU AB 49 22.41 -93.71 70.52
CA GLU AB 49 21.54 -93.24 71.58
C GLU AB 49 20.18 -92.79 71.07
N ASP AB 50 20.16 -92.02 69.98
CA ASP AB 50 18.90 -91.51 69.45
C ASP AB 50 17.98 -92.61 68.94
N LEU AB 51 18.50 -93.58 68.19
CA LEU AB 51 17.65 -94.66 67.69
C LEU AB 51 17.14 -95.55 68.82
N LEU AB 52 18.00 -95.85 69.80
CA LEU AB 52 17.60 -96.65 70.95
C LEU AB 52 16.49 -95.99 71.75
N GLU AB 53 16.67 -94.71 72.09
CA GLU AB 53 15.68 -93.98 72.88
C GLU AB 53 14.41 -93.69 72.09
N ARG AB 54 14.50 -93.51 70.77
CA ARG AB 54 13.29 -93.38 69.97
C ARG AB 54 12.41 -94.62 70.07
N LEU AB 55 13.01 -95.81 69.88
CA LEU AB 55 12.25 -97.06 69.98
C LEU AB 55 11.62 -97.25 71.35
N LEU AB 56 12.41 -97.05 72.42
CA LEU AB 56 11.88 -97.18 73.77
C LEU AB 56 10.86 -96.09 74.12
N GLY AB 57 10.97 -94.91 73.51
CA GLY AB 57 9.88 -93.95 73.61
C GLY AB 57 8.59 -94.45 73.00
N GLU AB 58 8.66 -95.07 71.84
CA GLU AB 58 7.50 -95.71 71.23
C GLU AB 58 6.95 -96.83 72.13
N MET AB 59 7.86 -97.55 72.81
CA MET AB 59 7.44 -98.58 73.75
C MET AB 59 6.73 -98.00 74.97
N GLU AB 60 7.16 -96.83 75.44
CA GLU AB 60 6.41 -96.11 76.48
C GLU AB 60 5.06 -95.62 76.00
N LEU AB 61 4.97 -95.14 74.76
CA LEU AB 61 3.68 -94.76 74.19
C LEU AB 61 2.73 -95.94 74.07
N GLU AB 62 3.24 -97.11 73.69
CA GLU AB 62 2.42 -98.32 73.72
C GLU AB 62 1.99 -98.67 75.14
N LEU AB 63 2.95 -98.70 76.07
CA LEU AB 63 2.69 -99.16 77.44
C LEU AB 63 1.66 -98.32 78.17
N ILE AB 64 1.58 -97.02 77.88
CA ILE AB 64 0.48 -96.22 78.43
C ILE AB 64 -0.85 -96.62 77.80
N GLU AB 65 -0.85 -97.08 76.55
CA GLU AB 65 -2.06 -97.72 76.02
C GLU AB 65 -2.35 -99.03 76.74
N LEU AB 66 -1.35 -99.89 76.91
CA LEU AB 66 -1.58 -101.21 77.51
C LEU AB 66 -2.20 -101.11 78.90
N ARG AB 67 -1.76 -100.13 79.70
CA ARG AB 67 -2.38 -99.89 81.00
C ARG AB 67 -3.83 -99.41 80.89
N ARG AB 68 -4.13 -98.51 79.94
CA ARG AB 68 -5.52 -98.10 79.75
C ARG AB 68 -6.39 -99.23 79.21
N ALA AB 69 -5.83 -100.12 78.39
CA ALA AB 69 -6.56 -101.28 77.89
C ALA AB 69 -6.86 -102.28 79.02
N LEU AB 70 -5.92 -102.46 79.94
CA LEU AB 70 -6.20 -103.19 81.17
C LEU AB 70 -7.32 -102.54 81.98
N ALA AB 71 -7.31 -101.22 82.12
CA ALA AB 71 -8.38 -100.55 82.84
C ALA AB 71 -9.72 -100.69 82.15
N GLN AB 72 -9.73 -100.70 80.81
CA GLN AB 72 -10.95 -100.94 80.07
C GLN AB 72 -11.46 -102.38 80.23
N THR AB 73 -10.56 -103.36 80.37
CA THR AB 73 -10.99 -104.72 80.66
C THR AB 73 -11.57 -104.86 82.05
N ILE AB 74 -10.93 -104.26 83.06
CA ILE AB 74 -11.48 -104.31 84.42
C ILE AB 74 -12.84 -103.62 84.47
N ALA AB 75 -12.97 -102.48 83.79
CA ALA AB 75 -14.26 -101.78 83.75
C ALA AB 75 -15.36 -102.63 83.11
N THR AB 76 -15.05 -103.30 81.99
CA THR AB 76 -16.02 -104.18 81.35
C THR AB 76 -16.32 -105.43 82.17
N PHE AB 77 -15.33 -105.96 82.91
CA PHE AB 77 -15.58 -107.13 83.74
C PHE AB 77 -16.56 -106.84 84.87
N LYS AB 78 -16.31 -105.77 85.63
CA LYS AB 78 -17.19 -105.40 86.72
C LYS AB 78 -18.52 -104.83 86.25
N SER AB 79 -18.58 -104.21 85.07
CA SER AB 79 -19.87 -103.83 84.52
C SER AB 79 -20.73 -105.05 84.20
N THR AB 80 -20.13 -106.11 83.67
CA THR AB 80 -20.87 -107.37 83.53
C THR AB 80 -21.34 -107.87 84.89
N GLU AB 81 -20.51 -107.70 85.92
CA GLU AB 81 -20.89 -108.08 87.27
C GLU AB 81 -21.96 -107.17 87.85
N ARG AB 82 -21.95 -105.89 87.48
CA ARG AB 82 -23.04 -104.99 87.85
C ARG AB 82 -24.36 -105.42 87.22
N GLN AB 83 -24.30 -106.01 86.02
CA GLN AB 83 -25.51 -106.58 85.41
C GLN AB 83 -25.96 -107.82 86.17
N ARG AB 84 -25.00 -108.60 86.68
CA ARG AB 84 -25.34 -109.68 87.59
C ARG AB 84 -25.96 -109.16 88.88
N ASP AB 85 -25.41 -108.07 89.43
CA ASP AB 85 -25.98 -107.46 90.62
C ASP AB 85 -27.43 -107.04 90.40
N ALA AB 86 -27.76 -106.58 89.19
CA ALA AB 86 -29.15 -106.30 88.88
C ALA AB 86 -29.99 -107.57 88.76
N GLN AB 87 -29.48 -108.60 88.08
CA GLN AB 87 -30.23 -109.84 87.95
C GLN AB 87 -30.54 -110.45 89.31
N GLN AB 88 -29.55 -110.51 90.20
CA GLN AB 88 -29.77 -111.04 91.54
C GLN AB 88 -30.66 -110.14 92.38
N LEU AB 89 -30.65 -108.83 92.13
CA LEU AB 89 -31.58 -107.93 92.80
C LEU AB 89 -33.02 -108.18 92.35
N ILE AB 90 -33.24 -108.48 91.07
CA ILE AB 90 -34.59 -108.84 90.63
C ILE AB 90 -34.98 -110.22 91.12
N ALA AB 91 -34.01 -111.13 91.27
CA ALA AB 91 -34.27 -112.40 91.94
C ALA AB 91 -34.74 -112.20 93.37
N GLN AB 92 -34.09 -111.28 94.10
CA GLN AB 92 -34.56 -110.92 95.44
C GLN AB 92 -35.95 -110.30 95.40
N ARG AB 93 -36.21 -109.45 94.40
CA ARG AB 93 -37.54 -108.92 94.18
C ARG AB 93 -38.56 -110.03 93.94
N TRP AB 94 -38.14 -111.12 93.31
CA TRP AB 94 -39.00 -112.30 93.18
C TRP AB 94 -39.18 -113.06 94.49
N TYR AB 95 -38.17 -113.04 95.37
CA TYR AB 95 -38.39 -113.59 96.70
C TYR AB 95 -39.32 -112.73 97.54
N GLU AB 96 -39.20 -111.39 97.43
CA GLU AB 96 -40.13 -110.51 98.14
C GLU AB 96 -41.57 -110.76 97.71
N LYS AB 97 -41.81 -110.85 96.40
CA LYS AB 97 -43.13 -111.18 95.89
C LYS AB 97 -43.59 -112.57 96.34
N ALA AB 98 -42.66 -113.51 96.49
CA ALA AB 98 -43.01 -114.78 97.11
C ALA AB 98 -43.35 -114.62 98.59
N GLN AB 99 -42.60 -113.78 99.31
CA GLN AB 99 -42.81 -113.64 100.74
C GLN AB 99 -44.20 -113.10 101.05
N ALA AB 100 -44.75 -112.27 100.17
CA ALA AB 100 -46.12 -111.81 100.31
C ALA AB 100 -47.14 -112.93 100.16
N ALA AB 101 -46.70 -114.13 99.77
CA ALA AB 101 -47.55 -115.31 99.72
C ALA AB 101 -46.95 -116.49 100.45
N LEU AB 102 -45.82 -116.31 101.13
CA LEU AB 102 -45.16 -117.40 101.83
C LEU AB 102 -45.60 -117.54 103.28
N ASP AB 103 -46.52 -116.69 103.72
CA ASP AB 103 -47.22 -116.86 104.98
C ASP AB 103 -48.65 -117.32 104.73
N ARG AB 104 -49.27 -117.86 105.78
CA ARG AB 104 -50.66 -118.32 105.79
C ARG AB 104 -50.88 -119.54 104.91
N GLY AB 105 -49.81 -120.17 104.40
CA GLY AB 105 -49.96 -121.28 103.48
C GLY AB 105 -50.45 -120.89 102.11
N ASN AB 106 -50.40 -119.60 101.77
CA ASN AB 106 -50.86 -119.10 100.48
C ASN AB 106 -49.76 -119.14 99.42
N GLU AB 107 -48.77 -120.03 99.59
CA GLU AB 107 -47.58 -120.09 98.74
C GLU AB 107 -47.86 -120.42 97.29
N GLN AB 108 -49.14 -120.62 96.94
CA GLN AB 108 -49.52 -120.90 95.56
C GLN AB 108 -48.82 -119.99 94.55
N LEU AB 109 -48.87 -118.68 94.78
CA LEU AB 109 -48.24 -117.75 93.84
C LEU AB 109 -46.72 -117.87 93.83
N ALA AB 110 -46.13 -118.45 94.89
CA ALA AB 110 -44.69 -118.69 94.88
C ALA AB 110 -44.29 -119.64 93.76
N ARG AB 111 -45.24 -120.46 93.27
CA ARG AB 111 -44.93 -121.34 92.15
C ARG AB 111 -44.45 -120.54 90.94
N GLU AB 112 -45.23 -119.55 90.54
CA GLU AB 112 -44.81 -118.68 89.42
C GLU AB 112 -43.63 -117.78 89.78
N ALA AB 113 -43.64 -117.20 90.99
CA ALA AB 113 -42.59 -116.25 91.37
C ALA AB 113 -41.21 -116.90 91.39
N LEU AB 114 -41.10 -118.07 92.02
CA LEU AB 114 -39.86 -118.83 91.96
C LEU AB 114 -39.62 -119.49 90.61
N GLY AB 115 -40.69 -119.78 89.86
CA GLY AB 115 -40.51 -120.22 88.49
C GLY AB 115 -39.79 -119.21 87.62
N GLN AB 116 -40.12 -117.93 87.77
CA GLN AB 116 -39.33 -116.88 87.16
C GLN AB 116 -37.92 -116.79 87.75
N ARG AB 117 -37.81 -116.80 89.08
CA ARG AB 117 -36.50 -116.68 89.70
C ARG AB 117 -35.54 -117.76 89.24
N GLN AB 118 -36.04 -118.95 88.91
CA GLN AB 118 -35.17 -120.00 88.38
C GLN AB 118 -34.44 -119.55 87.12
N SER AB 119 -35.16 -118.93 86.17
CA SER AB 119 -34.50 -118.36 85.01
C SER AB 119 -33.59 -117.19 85.35
N TYR AB 120 -33.93 -116.40 86.37
CA TYR AB 120 -33.06 -115.30 86.77
C TYR AB 120 -31.79 -115.80 87.43
N GLN AB 121 -31.87 -116.87 88.22
CA GLN AB 121 -30.69 -117.48 88.81
C GLN AB 121 -29.78 -118.11 87.73
N SER AB 122 -30.36 -118.67 86.67
CA SER AB 122 -29.52 -119.25 85.63
C SER AB 122 -28.68 -118.19 84.93
N HIS AB 123 -29.29 -117.04 84.60
CA HIS AB 123 -28.51 -115.94 84.03
C HIS AB 123 -27.54 -115.35 85.06
N THR AB 124 -27.93 -115.30 86.34
CA THR AB 124 -27.02 -114.79 87.36
C THR AB 124 -25.78 -115.66 87.50
N GLU AB 125 -25.93 -116.98 87.42
CA GLU AB 125 -24.78 -117.86 87.57
C GLU AB 125 -24.01 -118.05 86.27
N ALA AB 126 -24.67 -117.87 85.13
CA ALA AB 126 -23.95 -117.72 83.87
C ALA AB 126 -23.05 -116.49 83.90
N LEU AB 127 -23.58 -115.36 84.38
CA LEU AB 127 -22.75 -114.18 84.58
C LEU AB 127 -21.64 -114.44 85.60
N GLY AB 128 -21.99 -115.05 86.73
CA GLY AB 128 -21.00 -115.28 87.77
C GLY AB 128 -19.84 -116.17 87.34
N LYS AB 129 -20.09 -117.14 86.45
CA LYS AB 129 -19.04 -118.01 85.96
C LYS AB 129 -18.30 -117.46 84.76
N SER AB 130 -18.96 -116.68 83.91
CA SER AB 130 -18.24 -115.83 82.97
C SER AB 130 -17.30 -114.89 83.71
N LEU AB 131 -17.79 -114.29 84.80
CA LEU AB 131 -17.02 -113.40 85.66
C LEU AB 131 -15.95 -114.13 86.46
N GLY AB 132 -15.96 -115.46 86.47
CA GLY AB 132 -14.85 -116.23 86.99
C GLY AB 132 -13.72 -116.31 85.98
N GLU AB 133 -14.06 -116.46 84.71
CA GLU AB 133 -13.04 -116.41 83.67
C GLU AB 133 -12.50 -114.99 83.52
N GLN AB 134 -13.40 -114.01 83.49
CA GLN AB 134 -12.99 -112.61 83.42
C GLN AB 134 -12.12 -112.21 84.61
N ARG AB 135 -12.36 -112.82 85.77
CA ARG AB 135 -11.43 -112.67 86.89
C ARG AB 135 -10.04 -113.17 86.52
N ALA AB 136 -9.94 -114.42 86.11
CA ALA AB 136 -8.65 -114.98 85.72
C ALA AB 136 -7.98 -114.19 84.61
N LEU AB 137 -8.78 -113.59 83.71
CA LEU AB 137 -8.22 -112.73 82.68
C LEU AB 137 -7.59 -111.46 83.26
N VAL AB 138 -8.30 -110.77 84.16
CA VAL AB 138 -7.73 -109.56 84.75
C VAL AB 138 -6.54 -109.88 85.66
N GLU AB 139 -6.54 -111.03 86.31
CA GLU AB 139 -5.38 -111.44 87.10
C GLU AB 139 -4.18 -111.75 86.22
N GLN AB 140 -4.37 -112.58 85.20
CA GLN AB 140 -3.25 -112.97 84.34
C GLN AB 140 -2.72 -111.79 83.53
N VAL AB 141 -3.61 -110.90 83.08
CA VAL AB 141 -3.15 -109.71 82.35
C VAL AB 141 -2.43 -108.75 83.27
N ARG AB 142 -2.82 -108.68 84.55
CA ARG AB 142 -2.07 -107.87 85.51
C ARG AB 142 -0.69 -108.46 85.77
N GLY AB 143 -0.58 -109.79 85.88
CA GLY AB 143 0.72 -110.40 86.06
C GLY AB 143 1.60 -110.30 84.82
N GLN AB 144 0.98 -110.44 83.65
CA GLN AB 144 1.71 -110.25 82.39
C GLN AB 144 2.28 -108.83 82.31
N LEU AB 145 1.44 -107.83 82.57
CA LEU AB 145 1.91 -106.45 82.58
C LEU AB 145 3.00 -106.22 83.61
N GLN AB 146 2.77 -106.61 84.86
CA GLN AB 146 3.73 -106.27 85.90
C GLN AB 146 5.09 -106.92 85.67
N LYS AB 147 5.13 -108.13 85.13
CA LYS AB 147 6.39 -108.71 84.66
C LYS AB 147 7.00 -107.91 83.52
N LEU AB 148 6.19 -107.58 82.51
CA LEU AB 148 6.71 -106.94 81.31
C LEU AB 148 7.21 -105.53 81.58
N GLU AB 149 6.42 -104.72 82.27
CA GLU AB 149 6.78 -103.34 82.54
C GLU AB 149 7.92 -103.24 83.54
N ARG AB 150 8.00 -104.16 84.49
CA ARG AB 150 9.18 -104.23 85.36
C ARG AB 150 10.42 -104.60 84.57
N LYS AB 151 10.27 -105.46 83.56
CA LYS AB 151 11.38 -105.77 82.67
C LYS AB 151 11.78 -104.56 81.84
N TYR AB 152 10.80 -103.76 81.40
CA TYR AB 152 11.09 -102.50 80.73
C TYR AB 152 11.84 -101.52 81.65
N LEU AB 153 11.44 -101.43 82.92
CA LEU AB 153 12.15 -100.58 83.87
C LEU AB 153 13.61 -101.02 84.04
N GLU AB 154 13.83 -102.31 84.29
CA GLU AB 154 15.20 -102.83 84.41
C GLU AB 154 15.96 -102.73 83.10
N LEU AB 155 15.27 -102.84 81.97
CA LEU AB 155 15.91 -102.64 80.67
C LEU AB 155 16.27 -101.17 80.43
N LYS AB 156 15.47 -100.23 80.93
CA LYS AB 156 15.89 -98.83 80.95
C LYS AB 156 17.15 -98.65 81.78
N SER AB 157 17.20 -99.26 82.96
CA SER AB 157 18.40 -99.21 83.79
C SER AB 157 19.62 -99.72 83.01
N GLN AB 158 19.48 -100.90 82.40
CA GLN AB 158 20.55 -101.47 81.58
C GLN AB 158 20.94 -100.56 80.42
N LYS AB 159 19.98 -99.96 79.72
CA LYS AB 159 20.31 -99.08 78.60
C LYS AB 159 21.13 -97.88 79.06
N ASN AB 160 20.71 -97.23 80.14
CA ASN AB 160 21.48 -96.12 80.68
C ASN AB 160 22.91 -96.55 80.99
N LEU AB 161 23.05 -97.71 81.64
CA LEU AB 161 24.36 -98.28 81.93
C LEU AB 161 25.09 -98.73 80.67
N TYR AB 162 24.36 -99.04 79.60
CA TYR AB 162 24.98 -99.46 78.36
C TYR AB 162 25.54 -98.29 77.57
N LEU AB 163 24.83 -97.15 77.58
CA LEU AB 163 25.37 -95.94 76.98
C LEU AB 163 26.61 -95.45 77.72
N ALA AB 164 26.59 -95.55 79.05
CA ALA AB 164 27.79 -95.25 79.84
C ALA AB 164 28.94 -96.20 79.50
N ARG AB 165 28.68 -97.50 79.49
CA ARG AB 165 29.70 -98.48 79.08
C ARG AB 165 30.24 -98.16 77.69
N LEU AB 166 29.36 -97.91 76.73
CA LEU AB 166 29.78 -97.66 75.36
C LEU AB 166 30.68 -96.42 75.26
N LYS AB 167 30.24 -95.30 75.82
CA LYS AB 167 31.06 -94.10 75.82
C LYS AB 167 32.39 -94.32 76.53
N SER AB 168 32.39 -95.10 77.62
CA SER AB 168 33.62 -95.37 78.34
C SER AB 168 34.58 -96.24 77.53
N ALA AB 169 34.05 -97.26 76.85
CA ALA AB 169 34.86 -98.07 75.95
C ALA AB 169 35.43 -97.22 74.81
N ILE AB 170 34.60 -96.36 74.22
CA ILE AB 170 35.05 -95.48 73.15
C ILE AB 170 36.21 -94.61 73.63
N ALA AB 171 36.08 -94.03 74.82
CA ALA AB 171 37.17 -93.24 75.40
C ALA AB 171 38.42 -94.10 75.59
N ALA AB 172 38.26 -95.31 76.11
CA ALA AB 172 39.39 -96.23 76.30
C ALA AB 172 40.07 -96.53 74.97
N GLN AB 173 39.29 -96.82 73.94
CA GLN AB 173 39.84 -97.03 72.60
C GLN AB 173 40.66 -95.82 72.15
N LYS AB 174 40.18 -94.62 72.44
CA LYS AB 174 40.90 -93.42 72.06
C LYS AB 174 42.21 -93.25 72.83
N ILE AB 175 42.24 -93.61 74.12
CA ILE AB 175 43.51 -93.59 74.86
C ILE AB 175 44.50 -94.62 74.33
N GLU AB 176 44.07 -95.86 74.11
CA GLU AB 176 45.00 -96.86 73.57
C GLU AB 176 45.55 -96.46 72.21
N GLU AB 177 44.67 -96.08 71.28
CA GLU AB 177 45.13 -95.76 69.92
C GLU AB 177 45.99 -94.50 69.87
N ILE AB 178 45.62 -93.46 70.62
CA ILE AB 178 46.43 -92.25 70.68
C ILE AB 178 47.72 -92.47 71.46
N ALA AB 179 47.67 -93.31 72.50
CA ALA AB 179 48.88 -93.70 73.22
C ALA AB 179 49.81 -94.54 72.36
N GLY AB 180 49.27 -95.48 71.58
CA GLY AB 180 50.10 -96.24 70.67
C GLY AB 180 50.77 -95.40 69.60
N ASN AB 181 50.04 -94.43 69.04
CA ASN AB 181 50.68 -93.49 68.12
C ASN AB 181 51.64 -92.56 68.83
N LEU AB 182 51.35 -92.19 70.08
CA LEU AB 182 52.23 -91.29 70.81
C LEU AB 182 53.56 -91.97 71.14
N ASP AB 183 53.50 -93.17 71.72
CA ASP AB 183 54.72 -93.87 72.08
C ASP AB 183 55.46 -94.36 70.84
N ASN AB 184 54.76 -95.08 69.96
CA ASN AB 184 55.45 -95.72 68.85
C ASN AB 184 55.92 -94.72 67.80
N ALA AB 185 55.00 -93.87 67.31
CA ALA AB 185 55.39 -92.91 66.28
C ALA AB 185 56.21 -91.77 66.84
N SER AB 186 55.73 -91.11 67.91
CA SER AB 186 56.36 -89.89 68.39
C SER AB 186 57.69 -90.21 69.07
N ALA AB 187 57.69 -91.19 69.97
CA ALA AB 187 58.87 -91.45 70.79
C ALA AB 187 60.03 -91.98 69.96
N SER AB 188 59.77 -92.87 69.01
CA SER AB 188 60.84 -93.33 68.13
C SER AB 188 61.37 -92.16 67.30
N SER AB 189 60.48 -91.24 66.91
CA SER AB 189 60.93 -90.03 66.21
C SER AB 189 61.81 -89.17 67.12
N LEU AB 190 61.51 -89.14 68.42
CA LEU AB 190 62.31 -88.34 69.34
C LEU AB 190 63.67 -88.99 69.58
N PHE AB 191 63.69 -90.28 69.90
CA PHE AB 191 64.94 -90.92 70.31
C PHE AB 191 65.88 -91.10 69.11
N GLU AB 192 65.38 -91.69 68.03
CA GLU AB 192 66.25 -91.97 66.89
C GLU AB 192 66.67 -90.73 66.11
N ARG AB 193 65.80 -89.71 66.00
CA ARG AB 193 66.23 -88.45 65.41
C ARG AB 193 67.14 -87.61 66.29
N ILE AB 194 66.94 -87.64 67.61
CA ILE AB 194 67.85 -86.93 68.50
C ILE AB 194 69.21 -87.62 68.57
N GLU AB 195 69.19 -88.95 68.62
CA GLU AB 195 70.44 -89.71 68.65
C GLU AB 195 71.25 -89.51 67.38
N THR AB 196 70.62 -89.64 66.21
CA THR AB 196 71.34 -89.44 64.95
C THR AB 196 71.88 -88.01 64.83
N LYS AB 197 71.13 -87.03 65.31
CA LYS AB 197 71.66 -85.66 65.32
C LYS AB 197 72.81 -85.50 66.32
N ILE AB 198 72.75 -86.24 67.43
CA ILE AB 198 73.86 -86.23 68.38
C ILE AB 198 75.10 -86.84 67.73
N LEU AB 199 74.92 -87.96 67.03
CA LEU AB 199 76.02 -88.60 66.31
C LEU AB 199 76.62 -87.66 65.28
N GLU AB 200 75.79 -86.84 64.63
CA GLU AB 200 76.31 -85.85 63.69
C GLU AB 200 77.17 -84.83 64.43
N LEU AB 201 76.74 -84.43 65.62
CA LEU AB 201 77.57 -83.55 66.45
C LEU AB 201 78.84 -84.25 66.91
N GLU AB 202 78.76 -85.57 67.15
CA GLU AB 202 79.91 -86.34 67.59
C GLU AB 202 80.93 -86.57 66.47
N ALA AB 203 80.47 -86.66 65.23
CA ALA AB 203 81.39 -86.72 64.09
C ALA AB 203 82.23 -85.46 63.98
N GLU AB 204 81.65 -84.30 64.31
CA GLU AB 204 82.46 -83.09 64.46
C GLU AB 204 83.28 -83.07 65.75
N ARG AB 205 82.81 -83.72 66.81
CA ARG AB 205 83.63 -83.84 68.02
C ARG AB 205 84.93 -84.58 67.73
N GLU AB 206 84.84 -85.74 67.06
CA GLU AB 206 86.02 -86.53 66.74
C GLU AB 206 86.87 -85.90 65.64
N LEU AB 207 86.37 -84.86 64.96
CA LEU AB 207 87.24 -84.05 64.11
C LEU AB 207 87.97 -82.98 64.90
N LEU AB 208 87.34 -82.42 65.94
CA LEU AB 208 87.96 -81.39 66.76
C LEU AB 208 88.76 -81.95 67.93
N ASN AB 209 88.61 -83.23 68.24
CA ASN AB 209 89.05 -83.77 69.53
C ASN AB 209 89.53 -85.20 69.34
N PRO AB 210 90.79 -85.51 69.67
CA PRO AB 210 91.23 -86.90 69.60
C PRO AB 210 90.44 -87.77 70.56
N PRO AB 211 90.19 -89.03 70.20
CA PRO AB 211 89.53 -89.95 71.13
C PRO AB 211 90.24 -89.97 72.47
N PRO AB 212 89.54 -89.63 73.57
CA PRO AB 212 90.18 -89.66 74.88
C PRO AB 212 90.42 -91.07 75.39
N SER AB 213 91.47 -91.72 74.90
CA SER AB 213 91.80 -93.09 75.30
C SER AB 213 92.16 -93.13 76.78
N PRO AB 214 92.23 -94.31 77.39
CA PRO AB 214 92.71 -94.39 78.78
C PRO AB 214 94.13 -93.88 78.96
N LEU AB 215 94.94 -93.85 77.89
CA LEU AB 215 96.35 -93.48 78.04
C LEU AB 215 96.50 -92.00 78.37
N ASP AB 216 96.01 -91.13 77.48
CA ASP AB 216 96.09 -89.69 77.74
C ASP AB 216 95.33 -89.30 78.99
N LYS AB 217 94.26 -90.02 79.32
CA LYS AB 217 93.53 -89.74 80.55
C LYS AB 217 94.41 -89.98 81.78
N LYS AB 218 95.16 -91.08 81.80
CA LYS AB 218 96.04 -91.35 82.92
C LYS AB 218 97.18 -90.32 82.99
N PHE AB 219 97.69 -89.89 81.84
CA PHE AB 219 98.73 -88.87 81.82
C PHE AB 219 98.21 -87.55 82.39
N GLU AB 220 96.99 -87.15 82.05
CA GLU AB 220 96.42 -85.93 82.60
C GLU AB 220 96.22 -86.05 84.11
N GLN AB 221 95.79 -87.22 84.57
CA GLN AB 221 95.65 -87.44 86.00
C GLN AB 221 96.99 -87.32 86.72
N TRP AB 222 98.04 -87.90 86.13
CA TRP AB 222 99.38 -87.76 86.70
C TRP AB 222 99.85 -86.31 86.67
N GLU AB 223 99.42 -85.54 85.67
CA GLU AB 223 99.78 -84.12 85.64
C GLU AB 223 99.20 -83.38 86.84
N GLU AB 224 97.94 -83.66 87.17
CA GLU AB 224 97.35 -83.09 88.37
C GLU AB 224 98.08 -83.57 89.62
N GLN AB 225 98.45 -84.86 89.64
CA GLN AB 225 99.21 -85.40 90.76
C GLN AB 225 100.54 -84.68 90.92
N GLN AB 226 101.20 -84.36 89.80
CA GLN AB 226 102.50 -83.69 89.86
C GLN AB 226 102.36 -82.23 90.26
N ALA AB 227 101.25 -81.58 89.90
CA ALA AB 227 100.99 -80.23 90.39
C ALA AB 227 100.87 -80.20 91.90
N VAL AB 228 100.10 -81.12 92.47
CA VAL AB 228 99.97 -81.18 93.93
C VAL AB 228 101.29 -81.63 94.56
N GLU AB 229 102.06 -82.48 93.88
CA GLU AB 229 103.35 -82.83 94.45
C GLU AB 229 104.30 -81.64 94.47
N ALA AB 230 104.17 -80.72 93.52
CA ALA AB 230 104.95 -79.49 93.57
C ALA AB 230 104.50 -78.56 94.70
N THR AB 231 103.19 -78.47 94.94
CA THR AB 231 102.70 -77.71 96.08
C THR AB 231 103.21 -78.30 97.39
N LEU AB 232 103.21 -79.64 97.49
CA LEU AB 232 103.76 -80.29 98.67
C LEU AB 232 105.24 -79.96 98.84
N ALA AB 233 105.98 -79.89 97.73
CA ALA AB 233 107.40 -79.54 97.82
C ALA AB 233 107.58 -78.14 98.37
N ALA AB 234 106.76 -77.19 97.90
CA ALA AB 234 106.79 -75.84 98.46
C ALA AB 234 106.42 -75.85 99.94
N MET AB 235 105.41 -76.64 100.32
CA MET AB 235 105.01 -76.72 101.71
C MET AB 235 106.18 -77.14 102.59
N LYS AB 236 106.85 -78.24 102.24
CA LYS AB 236 107.90 -78.77 103.10
C LYS AB 236 109.20 -77.99 102.97
N ALA AB 237 109.38 -77.22 101.91
CA ALA AB 237 110.53 -76.34 101.81
C ALA AB 237 110.36 -75.11 102.72
N ARG AB 238 109.15 -74.56 102.78
CA ARG AB 238 108.87 -73.53 103.77
C ARG AB 238 108.96 -74.08 105.18
N ARG AB 239 108.54 -75.33 105.38
CA ARG AB 239 108.63 -75.98 106.68
C ARG AB 239 110.05 -76.33 107.07
N SER AB 240 110.99 -76.42 106.12
CA SER AB 240 112.36 -76.78 106.46
C SER AB 240 112.94 -75.81 107.48
N MET BB 24 -83.15 -62.79 -2.08
CA MET BB 24 -83.07 -61.77 -3.12
C MET BB 24 -82.92 -60.38 -2.49
N GLU BB 25 -82.08 -59.54 -3.11
CA GLU BB 25 -81.92 -58.17 -2.62
C GLU BB 25 -83.22 -57.40 -2.75
N LEU BB 26 -83.97 -57.62 -3.83
CA LEU BB 26 -85.28 -57.01 -3.98
C LEU BB 26 -86.18 -57.40 -2.81
N PHE BB 27 -86.21 -58.70 -2.48
CA PHE BB 27 -87.03 -59.17 -1.37
C PHE BB 27 -86.65 -58.46 -0.08
N ASN BB 28 -85.35 -58.39 0.23
CA ASN BB 28 -84.90 -57.67 1.43
C ASN BB 28 -85.33 -56.20 1.43
N ARG BB 29 -85.18 -55.51 0.30
CA ARG BB 29 -85.69 -54.14 0.18
C ARG BB 29 -87.18 -54.05 0.50
N VAL BB 30 -87.98 -54.96 -0.07
CA VAL BB 30 -89.42 -55.01 0.19
C VAL BB 30 -89.73 -55.49 1.60
N GLY BB 31 -88.75 -56.10 2.27
CA GLY BB 31 -89.00 -56.72 3.57
C GLY BB 31 -89.63 -55.84 4.62
N ARG BB 32 -89.19 -54.61 4.77
CA ARG BB 32 -89.80 -53.76 5.79
C ARG BB 32 -91.32 -53.64 5.59
N VAL BB 33 -91.74 -53.29 4.37
CA VAL BB 33 -93.16 -53.10 4.07
C VAL BB 33 -93.93 -54.42 4.04
N LEU BB 34 -93.37 -55.46 3.43
CA LEU BB 34 -94.08 -56.73 3.34
C LEU BB 34 -94.12 -57.43 4.70
N LYS BB 35 -92.98 -57.57 5.35
CA LYS BB 35 -92.91 -58.29 6.61
C LYS BB 35 -93.65 -57.57 7.74
N SER BB 36 -93.79 -56.24 7.71
CA SER BB 36 -94.67 -55.60 8.70
C SER BB 36 -96.12 -56.07 8.54
N GLN BB 37 -96.60 -56.08 7.30
CA GLN BB 37 -97.92 -56.62 7.01
C GLN BB 37 -98.03 -58.09 7.39
N LEU BB 38 -97.05 -58.91 7.02
CA LEU BB 38 -97.13 -60.33 7.39
C LEU BB 38 -97.05 -60.56 8.90
N THR BB 39 -96.31 -59.73 9.63
CA THR BB 39 -96.27 -59.82 11.09
C THR BB 39 -97.63 -59.54 11.69
N HIS BB 40 -98.36 -58.56 11.16
CA HIS BB 40 -99.77 -58.44 11.55
C HIS BB 40 -100.63 -59.57 10.99
N TRP BB 41 -100.29 -60.09 9.81
CA TRP BB 41 -101.11 -61.11 9.18
C TRP BB 41 -101.19 -62.36 10.05
N GLN BB 42 -100.05 -62.81 10.57
CA GLN BB 42 -100.07 -63.91 11.53
C GLN BB 42 -100.79 -63.51 12.81
N GLN BB 43 -100.70 -62.25 13.20
CA GLN BB 43 -101.46 -61.73 14.34
C GLN BB 43 -102.97 -61.63 14.09
N GLN BB 44 -103.42 -61.61 12.83
CA GLN BB 44 -104.80 -61.18 12.56
C GLN BB 44 -105.84 -61.90 13.42
N GLN BB 45 -105.58 -63.17 13.77
CA GLN BB 45 -106.54 -63.86 14.63
C GLN BB 45 -106.71 -63.14 15.96
N GLU BB 46 -105.61 -62.63 16.52
CA GLU BB 46 -105.69 -61.76 17.69
C GLU BB 46 -106.16 -60.35 17.32
N ALA BB 47 -105.70 -59.83 16.18
CA ALA BB 47 -105.85 -58.41 15.85
C ALA BB 47 -106.38 -58.24 14.43
N PRO BB 48 -107.69 -58.43 14.24
CA PRO BB 48 -108.32 -57.99 12.98
C PRO BB 48 -108.71 -56.52 12.98
N GLU BB 49 -108.61 -55.85 14.14
CA GLU BB 49 -109.35 -54.62 14.38
C GLU BB 49 -109.03 -53.54 13.35
N ASP BB 50 -107.74 -53.36 13.02
CA ASP BB 50 -107.36 -52.31 12.08
C ASP BB 50 -107.89 -52.55 10.67
N LEU BB 51 -107.79 -53.79 10.16
CA LEU BB 51 -108.30 -54.06 8.82
C LEU BB 51 -109.82 -53.95 8.76
N LEU BB 52 -110.51 -54.43 9.78
CA LEU BB 52 -111.97 -54.33 9.84
C LEU BB 52 -112.43 -52.88 9.85
N GLU BB 53 -111.86 -52.07 10.74
CA GLU BB 53 -112.25 -50.66 10.84
C GLU BB 53 -111.80 -49.84 9.64
N ARG BB 54 -110.69 -50.19 9.00
CA ARG BB 54 -110.31 -49.52 7.76
C ARG BB 54 -111.37 -49.70 6.68
N LEU BB 55 -111.81 -50.95 6.46
CA LEU BB 55 -112.84 -51.21 5.46
C LEU BB 55 -114.14 -50.48 5.76
N LEU BB 56 -114.62 -50.56 7.01
CA LEU BB 56 -115.85 -49.87 7.39
C LEU BB 56 -115.70 -48.34 7.37
N GLY BB 57 -114.49 -47.83 7.60
CA GLY BB 57 -114.23 -46.42 7.35
C GLY BB 57 -114.43 -46.05 5.89
N GLU BB 58 -113.92 -46.87 4.99
CA GLU BB 58 -114.16 -46.67 3.55
C GLU BB 58 -115.65 -46.75 3.23
N MET BB 59 -116.36 -47.63 3.92
CA MET BB 59 -117.82 -47.73 3.75
C MET BB 59 -118.55 -46.49 4.24
N GLU BB 60 -118.06 -45.87 5.31
CA GLU BB 60 -118.59 -44.57 5.74
C GLU BB 60 -118.28 -43.46 4.75
N LEU BB 61 -117.07 -43.46 4.16
CA LEU BB 61 -116.74 -42.50 3.12
C LEU BB 61 -117.62 -42.66 1.89
N GLU BB 62 -117.93 -43.90 1.51
CA GLU BB 62 -118.90 -44.12 0.43
C GLU BB 62 -120.28 -43.62 0.84
N LEU BB 63 -120.76 -44.01 2.02
CA LEU BB 63 -122.13 -43.71 2.45
C LEU BB 63 -122.42 -42.22 2.55
N ILE BB 64 -121.42 -41.40 2.89
CA ILE BB 64 -121.61 -39.95 2.82
C ILE BB 64 -121.73 -39.49 1.36
N GLU BB 65 -121.07 -40.17 0.43
CA GLU BB 65 -121.37 -39.93 -0.98
C GLU BB 65 -122.80 -40.36 -1.33
N LEU BB 66 -123.20 -41.57 -0.93
CA LEU BB 66 -124.52 -42.09 -1.30
C LEU BB 66 -125.65 -41.17 -0.86
N ARG BB 67 -125.53 -40.58 0.33
CA ARG BB 67 -126.51 -39.59 0.78
C ARG BB 67 -126.50 -38.32 -0.06
N ARG BB 68 -125.31 -37.81 -0.42
CA ARG BB 68 -125.28 -36.65 -1.30
C ARG BB 68 -125.79 -36.96 -2.71
N ALA BB 69 -125.57 -38.18 -3.19
CA ALA BB 69 -126.11 -38.58 -4.50
C ALA BB 69 -127.64 -38.69 -4.46
N LEU BB 70 -128.20 -39.17 -3.36
CA LEU BB 70 -129.64 -39.08 -3.14
C LEU BB 70 -130.12 -37.63 -3.15
N ALA BB 71 -129.41 -36.73 -2.48
CA ALA BB 71 -129.81 -35.33 -2.49
C ALA BB 71 -129.71 -34.71 -3.87
N GLN BB 72 -128.72 -35.13 -4.67
CA GLN BB 72 -128.64 -34.67 -6.05
C GLN BB 72 -129.77 -35.21 -6.92
N THR BB 73 -130.23 -36.43 -6.66
CA THR BB 73 -131.40 -36.94 -7.37
C THR BB 73 -132.68 -36.20 -7.00
N ILE BB 74 -132.91 -35.95 -5.71
CA ILE BB 74 -134.09 -35.17 -5.31
C ILE BB 74 -134.04 -33.77 -5.90
N ALA BB 75 -132.87 -33.14 -5.89
CA ALA BB 75 -132.73 -31.81 -6.49
C ALA BB 75 -133.06 -31.81 -7.98
N THR BB 76 -132.55 -32.80 -8.72
CA THR BB 76 -132.86 -32.90 -10.15
C THR BB 76 -134.33 -33.27 -10.41
N PHE BB 77 -134.95 -34.07 -9.54
CA PHE BB 77 -136.36 -34.41 -9.72
C PHE BB 77 -137.26 -33.19 -9.59
N LYS BB 78 -137.10 -32.43 -8.51
CA LYS BB 78 -137.93 -31.24 -8.31
C LYS BB 78 -137.56 -30.09 -9.24
N SER BB 79 -136.31 -30.02 -9.70
CA SER BB 79 -135.99 -29.04 -10.74
C SER BB 79 -136.72 -29.35 -12.05
N THR BB 80 -136.83 -30.63 -12.41
CA THR BB 80 -137.68 -30.99 -13.54
C THR BB 80 -139.12 -30.58 -13.27
N GLU BB 81 -139.57 -30.72 -12.03
CA GLU BB 81 -140.92 -30.29 -11.65
C GLU BB 81 -141.05 -28.78 -11.65
N ARG BB 82 -139.98 -28.05 -11.31
CA ARG BB 82 -139.99 -26.60 -11.43
C ARG BB 82 -140.12 -26.17 -12.89
N GLN BB 83 -139.57 -26.96 -13.81
CA GLN BB 83 -139.77 -26.69 -15.23
C GLN BB 83 -141.21 -26.96 -15.64
N ARG BB 84 -141.83 -27.97 -15.03
CA ARG BB 84 -143.28 -28.18 -15.19
C ARG BB 84 -144.06 -27.00 -14.62
N ASP BB 85 -143.66 -26.50 -13.45
CA ASP BB 85 -144.32 -25.34 -12.87
C ASP BB 85 -144.27 -24.13 -13.80
N ALA BB 86 -143.17 -23.98 -14.54
CA ALA BB 86 -143.11 -22.92 -15.56
C ALA BB 86 -144.02 -23.22 -16.74
N GLN BB 87 -144.01 -24.46 -17.24
CA GLN BB 87 -144.87 -24.80 -18.37
C GLN BB 87 -146.33 -24.56 -18.05
N GLN BB 88 -146.78 -25.01 -16.88
CA GLN BB 88 -148.17 -24.80 -16.46
C GLN BB 88 -148.46 -23.33 -16.19
N LEU BB 89 -147.47 -22.56 -15.74
CA LEU BB 89 -147.65 -21.12 -15.59
C LEU BB 89 -147.84 -20.43 -16.95
N ILE BB 90 -147.13 -20.87 -17.98
CA ILE BB 90 -147.34 -20.31 -19.31
C ILE BB 90 -148.67 -20.80 -19.89
N ALA BB 91 -149.10 -22.01 -19.54
CA ALA BB 91 -150.45 -22.46 -19.89
C ALA BB 91 -151.50 -21.57 -19.26
N GLN BB 92 -151.33 -21.19 -17.99
CA GLN BB 92 -152.22 -20.21 -17.36
C GLN BB 92 -152.14 -18.87 -18.06
N ARG BB 93 -150.95 -18.44 -18.45
CA ARG BB 93 -150.80 -17.24 -19.26
C ARG BB 93 -151.56 -17.33 -20.58
N TRP BB 94 -151.66 -18.54 -21.14
CA TRP BB 94 -152.50 -18.76 -22.31
C TRP BB 94 -153.99 -18.73 -22.00
N TYR BB 95 -154.39 -19.14 -20.78
CA TYR BB 95 -155.77 -18.94 -20.38
C TYR BB 95 -156.10 -17.47 -20.14
N GLU BB 96 -155.18 -16.71 -19.55
CA GLU BB 96 -155.39 -15.28 -19.37
C GLU BB 96 -155.59 -14.58 -20.71
N LYS BB 97 -154.72 -14.88 -21.69
CA LYS BB 97 -154.89 -14.34 -23.03
C LYS BB 97 -156.18 -14.79 -23.69
N ALA BB 98 -156.64 -16.01 -23.38
CA ALA BB 98 -157.98 -16.41 -23.81
C ALA BB 98 -159.06 -15.61 -23.09
N GLN BB 99 -158.90 -15.36 -21.79
CA GLN BB 99 -159.94 -14.69 -21.02
C GLN BB 99 -160.19 -13.28 -21.55
N ALA BB 100 -159.16 -12.62 -22.08
CA ALA BB 100 -159.32 -11.33 -22.74
C ALA BB 100 -160.16 -11.42 -24.00
N ALA BB 101 -160.49 -12.62 -24.46
CA ALA BB 101 -161.39 -12.83 -25.58
C ALA BB 101 -162.52 -13.79 -25.26
N LEU BB 102 -162.64 -14.24 -24.01
CA LEU BB 102 -163.66 -15.20 -23.62
C LEU BB 102 -164.93 -14.54 -23.12
N ASP BB 103 -164.98 -13.21 -23.12
CA ASP BB 103 -166.20 -12.46 -22.92
C ASP BB 103 -166.66 -11.85 -24.24
N ARG BB 104 -167.93 -11.45 -24.28
CA ARG BB 104 -168.56 -10.80 -25.41
C ARG BB 104 -168.71 -11.72 -26.62
N GLY BB 105 -168.46 -13.02 -26.46
CA GLY BB 105 -168.49 -13.92 -27.60
C GLY BB 105 -167.35 -13.75 -28.57
N ASN BB 106 -166.29 -13.05 -28.18
CA ASN BB 106 -165.14 -12.81 -29.02
C ASN BB 106 -164.09 -13.91 -28.93
N GLU BB 107 -164.50 -15.12 -28.54
CA GLU BB 107 -163.62 -16.24 -28.26
C GLU BB 107 -162.81 -16.72 -29.45
N GLN BB 108 -162.99 -16.08 -30.61
CA GLN BB 108 -162.23 -16.42 -31.82
C GLN BB 108 -160.75 -16.61 -31.53
N LEU BB 109 -160.11 -15.65 -30.86
CA LEU BB 109 -158.69 -15.77 -30.57
C LEU BB 109 -158.38 -16.90 -29.60
N ALA BB 110 -159.36 -17.36 -28.83
CA ALA BB 110 -159.15 -18.51 -27.97
C ALA BB 110 -158.80 -19.75 -28.78
N ARG BB 111 -159.17 -19.79 -30.06
CA ARG BB 111 -158.80 -20.92 -30.90
C ARG BB 111 -157.30 -21.11 -30.93
N GLU BB 112 -156.56 -20.04 -31.26
CA GLU BB 112 -155.10 -20.10 -31.26
C GLU BB 112 -154.51 -20.20 -29.86
N ALA BB 113 -155.06 -19.45 -28.90
CA ALA BB 113 -154.49 -19.43 -27.55
C ALA BB 113 -154.56 -20.80 -26.88
N LEU BB 114 -155.72 -21.45 -26.95
CA LEU BB 114 -155.84 -22.83 -26.47
C LEU BB 114 -155.17 -23.84 -27.40
N GLY BB 115 -155.06 -23.53 -28.69
CA GLY BB 115 -154.26 -24.36 -29.57
C GLY BB 115 -152.80 -24.46 -29.15
N GLN BB 116 -152.22 -23.35 -28.73
CA GLN BB 116 -150.91 -23.39 -28.09
C GLN BB 116 -150.95 -24.12 -26.75
N ARG BB 117 -151.92 -23.79 -25.90
CA ARG BB 117 -151.97 -24.42 -24.58
C ARG BB 117 -152.06 -25.94 -24.68
N GLN BB 118 -152.66 -26.48 -25.73
CA GLN BB 118 -152.69 -27.93 -25.90
C GLN BB 118 -151.29 -28.53 -25.95
N SER BB 119 -150.39 -27.91 -26.73
CA SER BB 119 -149.00 -28.35 -26.73
C SER BB 119 -148.31 -28.11 -25.40
N TYR BB 120 -148.66 -27.03 -24.69
CA TYR BB 120 -148.07 -26.80 -23.37
C TYR BB 120 -148.55 -27.80 -22.33
N GLN BB 121 -149.82 -28.19 -22.39
CA GLN BB 121 -150.33 -29.24 -21.51
C GLN BB 121 -149.69 -30.60 -21.80
N SER BB 122 -149.38 -30.89 -23.07
CA SER BB 122 -148.75 -32.17 -23.37
C SER BB 122 -147.37 -32.27 -22.74
N HIS BB 123 -146.56 -31.21 -22.85
CA HIS BB 123 -145.27 -31.19 -22.17
C HIS BB 123 -145.42 -31.16 -20.65
N THR BB 124 -146.44 -30.46 -20.14
CA THR BB 124 -146.67 -30.43 -18.70
C THR BB 124 -146.99 -31.82 -18.15
N GLU BB 125 -147.78 -32.61 -18.88
CA GLU BB 125 -148.15 -33.93 -18.39
C GLU BB 125 -147.09 -34.98 -18.71
N ALA BB 126 -146.30 -34.76 -19.77
CA ALA BB 126 -145.09 -35.54 -19.96
C ALA BB 126 -144.13 -35.35 -18.79
N LEU BB 127 -143.92 -34.11 -18.37
CA LEU BB 127 -143.13 -33.84 -17.17
C LEU BB 127 -143.77 -34.45 -15.94
N GLY BB 128 -145.08 -34.26 -15.77
CA GLY BB 128 -145.75 -34.79 -14.58
C GLY BB 128 -145.68 -36.30 -14.44
N LYS BB 129 -145.68 -37.03 -15.55
CA LYS BB 129 -145.59 -38.48 -15.50
C LYS BB 129 -144.16 -39.00 -15.47
N SER BB 130 -143.22 -38.29 -16.09
CA SER BB 130 -141.81 -38.52 -15.78
C SER BB 130 -141.55 -38.32 -14.30
N LEU BB 131 -142.12 -37.26 -13.71
CA LEU BB 131 -142.01 -36.94 -12.30
C LEU BB 131 -142.78 -37.91 -11.42
N GLY BB 132 -143.61 -38.77 -12.01
CA GLY BB 132 -144.20 -39.88 -11.29
C GLY BB 132 -143.21 -41.03 -11.14
N GLU BB 133 -142.44 -41.28 -12.19
CA GLU BB 133 -141.38 -42.27 -12.09
C GLU BB 133 -140.25 -41.76 -11.19
N GLN BB 134 -139.85 -40.50 -11.39
CA GLN BB 134 -138.83 -39.89 -10.54
C GLN BB 134 -139.25 -39.85 -9.08
N ARG BB 135 -140.56 -39.73 -8.82
CA ARG BB 135 -141.06 -39.93 -7.46
C ARG BB 135 -140.74 -41.33 -6.95
N ALA BB 136 -141.19 -42.35 -7.68
CA ALA BB 136 -140.92 -43.72 -7.27
C ALA BB 136 -139.43 -44.00 -7.13
N LEU BB 137 -138.59 -43.35 -7.93
CA LEU BB 137 -137.15 -43.48 -7.79
C LEU BB 137 -136.65 -42.90 -6.47
N VAL BB 138 -137.06 -41.68 -6.12
CA VAL BB 138 -136.61 -41.10 -4.85
C VAL BB 138 -137.19 -41.84 -3.65
N GLU BB 139 -138.40 -42.40 -3.77
CA GLU BB 139 -138.93 -43.22 -2.69
C GLU BB 139 -138.17 -44.52 -2.53
N GLN BB 140 -137.96 -45.25 -3.62
CA GLN BB 140 -137.28 -46.55 -3.54
C GLN BB 140 -135.81 -46.38 -3.14
N VAL BB 141 -135.16 -45.33 -3.62
CA VAL BB 141 -133.76 -45.09 -3.23
C VAL BB 141 -133.68 -44.68 -1.77
N ARG BB 142 -134.68 -43.96 -1.26
CA ARG BB 142 -134.71 -43.66 0.18
C ARG BB 142 -134.93 -44.92 1.01
N GLY BB 143 -135.80 -45.83 0.57
CA GLY BB 143 -135.98 -47.07 1.30
C GLY BB 143 -134.77 -47.99 1.21
N GLN BB 144 -134.13 -48.03 0.03
CA GLN BB 144 -132.89 -48.78 -0.14
C GLN BB 144 -131.82 -48.27 0.82
N LEU BB 145 -131.62 -46.96 0.85
CA LEU BB 145 -130.64 -46.36 1.77
C LEU BB 145 -130.99 -46.65 3.22
N GLN BB 146 -132.23 -46.36 3.63
CA GLN BB 146 -132.56 -46.48 5.05
C GLN BB 146 -132.44 -47.92 5.56
N LYS BB 147 -132.77 -48.90 4.73
CA LYS BB 147 -132.47 -50.30 5.05
C LYS BB 147 -130.96 -50.54 5.14
N LEU BB 148 -130.21 -50.08 4.14
CA LEU BB 148 -128.79 -50.39 4.06
C LEU BB 148 -128.00 -49.73 5.19
N GLU BB 149 -128.22 -48.43 5.41
CA GLU BB 149 -127.47 -47.70 6.41
C GLU BB 149 -127.86 -48.11 7.82
N ARG BB 150 -129.13 -48.48 8.04
CA ARG BB 150 -129.52 -49.06 9.32
C ARG BB 150 -128.84 -50.41 9.54
N LYS BB 151 -128.66 -51.17 8.46
CA LYS BB 151 -127.90 -52.43 8.55
C LYS BB 151 -126.43 -52.15 8.86
N TYR BB 152 -125.87 -51.09 8.29
CA TYR BB 152 -124.52 -50.67 8.64
C TYR BB 152 -124.40 -50.26 10.11
N LEU BB 153 -125.40 -49.54 10.63
CA LEU BB 153 -125.41 -49.18 12.05
C LEU BB 153 -125.44 -50.41 12.95
N GLU BB 154 -126.36 -51.34 12.68
CA GLU BB 154 -126.42 -52.58 13.46
C GLU BB 154 -125.19 -53.45 13.25
N LEU BB 155 -124.59 -53.39 12.06
CA LEU BB 155 -123.33 -54.10 11.81
C LEU BB 155 -122.16 -53.46 12.56
N LYS BB 156 -122.16 -52.14 12.72
CA LYS BB 156 -121.21 -51.50 13.63
C LYS BB 156 -121.40 -51.99 15.06
N SER BB 157 -122.64 -52.07 15.52
CA SER BB 157 -122.92 -52.61 16.85
C SER BB 157 -122.36 -54.02 16.99
N GLN BB 158 -122.66 -54.88 16.02
CA GLN BB 158 -122.13 -56.25 16.02
C GLN BB 158 -120.60 -56.28 15.99
N LYS BB 159 -119.95 -55.44 15.18
CA LYS BB 159 -118.49 -55.44 15.13
C LYS BB 159 -117.89 -55.08 16.49
N ASN BB 160 -118.41 -54.02 17.12
CA ASN BB 160 -117.92 -53.65 18.45
C ASN BB 160 -118.05 -54.83 19.41
N LEU BB 161 -119.22 -55.49 19.39
CA LEU BB 161 -119.45 -56.68 20.20
C LEU BB 161 -118.62 -57.86 19.76
N TYR BB 162 -118.19 -57.89 18.49
CA TYR BB 162 -117.36 -58.99 18.01
C TYR BB 162 -115.91 -58.83 18.43
N LEU BB 163 -115.39 -57.60 18.45
CA LEU BB 163 -114.06 -57.36 18.98
C LEU BB 163 -114.01 -57.66 20.48
N ALA BB 164 -115.06 -57.31 21.21
CA ALA BB 164 -115.16 -57.70 22.62
C ALA BB 164 -115.20 -59.21 22.79
N ARG BB 165 -116.07 -59.89 22.03
CA ARG BB 165 -116.10 -61.36 22.06
C ARG BB 165 -114.74 -61.96 21.75
N LEU BB 166 -114.08 -61.47 20.69
CA LEU BB 166 -112.80 -62.03 20.28
C LEU BB 166 -111.74 -61.86 21.36
N LYS BB 167 -111.57 -60.65 21.89
CA LYS BB 167 -110.62 -60.43 22.98
C LYS BB 167 -110.96 -61.27 24.20
N SER BB 168 -112.24 -61.45 24.50
CA SER BB 168 -112.64 -62.26 25.65
C SER BB 168 -112.33 -63.73 25.44
N ALA BB 169 -112.59 -64.24 24.23
CA ALA BB 169 -112.20 -65.61 23.89
C ALA BB 169 -110.69 -65.80 23.98
N ILE BB 170 -109.93 -64.84 23.44
CA ILE BB 170 -108.47 -64.90 23.50
C ILE BB 170 -108.00 -65.00 24.96
N ALA BB 171 -108.56 -64.15 25.82
CA ALA BB 171 -108.25 -64.21 27.25
C ALA BB 171 -108.59 -65.57 27.84
N ALA BB 172 -109.77 -66.10 27.50
CA ALA BB 172 -110.19 -67.41 27.97
C ALA BB 172 -109.21 -68.50 27.54
N GLN BB 173 -108.82 -68.47 26.26
CA GLN BB 173 -107.81 -69.39 25.76
C GLN BB 173 -106.53 -69.31 26.57
N LYS BB 174 -106.13 -68.10 26.94
CA LYS BB 174 -104.91 -67.93 27.74
C LYS BB 174 -105.06 -68.48 29.15
N ILE BB 175 -106.23 -68.34 29.78
CA ILE BB 175 -106.45 -68.97 31.08
C ILE BB 175 -106.45 -70.49 31.00
N GLU BB 176 -107.14 -71.07 30.03
CA GLU BB 176 -107.13 -72.53 29.91
C GLU BB 176 -105.72 -73.07 29.66
N GLU BB 177 -105.02 -72.51 28.68
CA GLU BB 177 -103.70 -73.03 28.33
C GLU BB 177 -102.66 -72.81 29.43
N ILE BB 178 -102.67 -71.65 30.08
CA ILE BB 178 -101.77 -71.39 31.19
C ILE BB 178 -102.16 -72.19 32.42
N ALA BB 179 -103.46 -72.38 32.63
CA ALA BB 179 -103.93 -73.25 33.72
C ALA BB 179 -103.57 -74.70 33.47
N GLY BB 180 -103.72 -75.18 32.23
CA GLY BB 180 -103.29 -76.54 31.93
C GLY BB 180 -101.81 -76.78 32.12
N ASN BB 181 -100.98 -75.81 31.72
CA ASN BB 181 -99.55 -75.92 32.02
C ASN BB 181 -99.26 -75.75 33.50
N LEU BB 182 -100.04 -74.92 34.20
CA LEU BB 182 -99.81 -74.72 35.63
C LEU BB 182 -100.13 -75.98 36.42
N ASP BB 183 -101.32 -76.54 36.20
CA ASP BB 183 -101.72 -77.73 36.94
C ASP BB 183 -100.90 -78.95 36.50
N ASN BB 184 -100.87 -79.21 35.19
CA ASN BB 184 -100.26 -80.44 34.71
C ASN BB 184 -98.74 -80.43 34.85
N ALA BB 185 -98.08 -79.39 34.32
CA ALA BB 185 -96.63 -79.35 34.38
C ALA BB 185 -96.13 -79.00 35.78
N SER BB 186 -96.64 -77.90 36.36
CA SER BB 186 -96.10 -77.40 37.61
C SER BB 186 -96.47 -78.31 38.78
N ALA BB 187 -97.74 -78.68 38.88
CA ALA BB 187 -98.21 -79.40 40.05
C ALA BB 187 -97.63 -80.80 40.12
N SER BB 188 -97.54 -81.50 38.98
CA SER BB 188 -96.88 -82.81 39.00
C SER BB 188 -95.42 -82.66 39.38
N SER BB 189 -94.77 -81.57 38.95
CA SER BB 189 -93.40 -81.31 39.37
C SER BB 189 -93.33 -81.06 40.88
N LEU BB 190 -94.35 -80.43 41.45
CA LEU BB 190 -94.34 -80.18 42.89
C LEU BB 190 -94.58 -81.47 43.67
N PHE BB 191 -95.61 -82.23 43.31
CA PHE BB 191 -95.99 -83.38 44.12
C PHE BB 191 -94.97 -84.51 43.97
N GLU BB 192 -94.66 -84.89 42.74
CA GLU BB 192 -93.77 -86.03 42.54
C GLU BB 192 -92.31 -85.74 42.90
N ARG BB 193 -91.81 -84.51 42.69
CA ARG BB 193 -90.48 -84.16 43.18
C ARG BB 193 -90.40 -83.96 44.69
N ILE BB 194 -91.46 -83.43 45.32
CA ILE BB 194 -91.45 -83.33 46.78
C ILE BB 194 -91.58 -84.70 47.43
N GLU BB 195 -92.45 -85.54 46.87
CA GLU BB 195 -92.61 -86.89 47.40
C GLU BB 195 -91.33 -87.71 47.30
N THR BB 196 -90.70 -87.72 46.12
CA THR BB 196 -89.46 -88.47 45.96
C THR BB 196 -88.36 -87.95 46.87
N LYS BB 197 -88.30 -86.63 47.07
CA LYS BB 197 -87.34 -86.09 48.03
C LYS BB 197 -87.69 -86.47 49.47
N ILE BB 198 -88.98 -86.58 49.77
CA ILE BB 198 -89.40 -87.05 51.09
C ILE BB 198 -88.99 -88.51 51.28
N LEU BB 199 -89.20 -89.33 50.26
CA LEU BB 199 -88.78 -90.72 50.29
C LEU BB 199 -87.28 -90.84 50.51
N GLU BB 200 -86.50 -89.93 49.92
CA GLU BB 200 -85.06 -89.93 50.15
C GLU BB 200 -84.76 -89.63 51.61
N LEU BB 201 -85.52 -88.70 52.20
CA LEU BB 201 -85.38 -88.43 53.63
C LEU BB 201 -85.83 -89.63 54.46
N GLU BB 202 -86.84 -90.37 53.98
CA GLU BB 202 -87.36 -91.54 54.69
C GLU BB 202 -86.41 -92.73 54.62
N ALA BB 203 -85.65 -92.86 53.53
CA ALA BB 203 -84.60 -93.88 53.45
C ALA BB 203 -83.53 -93.66 54.51
N GLU BB 204 -83.22 -92.40 54.83
CA GLU BB 204 -82.37 -92.12 55.98
C GLU BB 204 -83.12 -92.27 57.31
N ARG BB 205 -84.43 -92.05 57.33
CA ARG BB 205 -85.19 -92.32 58.55
C ARG BB 205 -85.11 -93.80 58.94
N GLU BB 206 -85.34 -94.69 57.98
CA GLU BB 206 -85.29 -96.12 58.25
C GLU BB 206 -83.87 -96.64 58.45
N LEU BB 207 -82.85 -95.83 58.17
CA LEU BB 207 -81.50 -96.14 58.61
C LEU BB 207 -81.24 -95.70 60.04
N LEU BB 208 -81.84 -94.59 60.47
CA LEU BB 208 -81.66 -94.08 61.82
C LEU BB 208 -82.67 -94.64 62.82
N ASN BB 209 -83.74 -95.28 62.33
CA ASN BB 209 -84.91 -95.54 63.15
C ASN BB 209 -85.53 -96.87 62.75
N PRO BB 210 -85.66 -97.84 63.66
CA PRO BB 210 -86.34 -99.08 63.32
C PRO BB 210 -87.79 -98.80 62.96
N PRO BB 211 -88.36 -99.58 62.03
CA PRO BB 211 -89.80 -99.44 61.73
C PRO BB 211 -90.63 -99.53 63.00
N PRO BB 212 -91.41 -98.48 63.32
CA PRO BB 212 -92.25 -98.54 64.52
C PRO BB 212 -93.44 -99.47 64.37
N SER BB 213 -93.20 -100.77 64.51
CA SER BB 213 -94.25 -101.77 64.37
C SER BB 213 -95.29 -101.60 65.47
N PRO BB 214 -96.46 -102.23 65.37
CA PRO BB 214 -97.42 -102.18 66.47
C PRO BB 214 -96.89 -102.77 67.76
N LEU BB 215 -95.87 -103.63 67.69
CA LEU BB 215 -95.40 -104.32 68.90
C LEU BB 215 -94.70 -103.35 69.84
N ASP BB 216 -93.61 -102.72 69.37
CA ASP BB 216 -92.90 -101.75 70.20
C ASP BB 216 -93.79 -100.59 70.60
N LYS BB 217 -94.74 -100.21 69.74
CA LYS BB 217 -95.68 -99.16 70.10
C LYS BB 217 -96.52 -99.53 71.32
N LYS BB 218 -97.02 -100.77 71.36
CA LYS BB 218 -97.80 -101.21 72.50
C LYS BB 218 -96.94 -101.30 73.77
N PHE BB 219 -95.68 -101.72 73.62
CA PHE BB 219 -94.78 -101.77 74.76
C PHE BB 219 -94.52 -100.37 75.32
N GLU BB 220 -94.33 -99.38 74.46
CA GLU BB 220 -94.13 -98.01 74.93
C GLU BB 220 -95.38 -97.49 75.63
N GLN BB 221 -96.56 -97.82 75.11
CA GLN BB 221 -97.80 -97.42 75.76
C GLN BB 221 -97.91 -98.05 77.15
N TRP BB 222 -97.57 -99.34 77.26
CA TRP BB 222 -97.56 -99.99 78.57
C TRP BB 222 -96.53 -99.37 79.49
N GLU BB 223 -95.42 -98.88 78.96
CA GLU BB 223 -94.44 -98.20 79.80
C GLU BB 223 -95.02 -96.94 80.43
N GLU BB 224 -95.76 -96.15 79.65
CA GLU BB 224 -96.45 -95.01 80.21
C GLU BB 224 -97.49 -95.45 81.23
N GLN BB 225 -98.21 -96.53 80.94
CA GLN BB 225 -99.19 -97.07 81.87
C GLN BB 225 -98.53 -97.47 83.19
N GLN BB 226 -97.33 -98.06 83.12
CA GLN BB 226 -96.63 -98.49 84.32
C GLN BB 226 -96.06 -97.32 85.10
N ALA BB 227 -95.68 -96.23 84.42
CA ALA BB 227 -95.27 -95.02 85.13
C ALA BB 227 -96.42 -94.46 85.95
N VAL BB 228 -97.61 -94.35 85.36
CA VAL BB 228 -98.76 -93.85 86.10
C VAL BB 228 -99.19 -94.85 87.17
N GLU BB 229 -99.00 -96.15 86.93
CA GLU BB 229 -99.32 -97.10 87.98
C GLU BB 229 -98.36 -96.97 89.17
N ALA BB 230 -97.11 -96.57 88.92
CA ALA BB 230 -96.19 -96.28 90.02
C ALA BB 230 -96.58 -95.01 90.77
N THR BB 231 -97.03 -93.97 90.07
CA THR BB 231 -97.54 -92.79 90.74
C THR BB 231 -98.75 -93.13 91.60
N LEU BB 232 -99.65 -93.98 91.08
CA LEU BB 232 -100.79 -94.41 91.87
C LEU BB 232 -100.34 -95.17 93.11
N ALA BB 233 -99.29 -95.97 92.99
CA ALA BB 233 -98.77 -96.69 94.16
C ALA BB 233 -98.28 -95.73 95.22
N ALA BB 234 -97.55 -94.69 94.80
CA ALA BB 234 -97.13 -93.64 95.74
C ALA BB 234 -98.34 -92.94 96.36
N MET BB 235 -99.35 -92.65 95.55
CA MET BB 235 -100.56 -92.00 96.06
C MET BB 235 -101.18 -92.81 97.20
N LYS BB 236 -101.42 -94.10 96.97
CA LYS BB 236 -102.12 -94.91 97.95
C LYS BB 236 -101.22 -95.34 99.11
N ALA BB 237 -99.89 -95.27 98.93
CA ALA BB 237 -98.99 -95.52 100.04
C ALA BB 237 -98.96 -94.33 101.00
N ARG BB 238 -98.97 -93.11 100.45
CA ARG BB 238 -99.15 -91.93 101.29
C ARG BB 238 -100.52 -91.93 101.95
N ARG BB 239 -101.53 -92.39 101.23
CA ARG BB 239 -102.89 -92.47 101.78
C ARG BB 239 -103.04 -93.57 102.83
N SER BB 240 -102.15 -94.56 102.86
CA SER BB 240 -102.26 -95.64 103.83
C SER BB 240 -102.29 -95.08 105.25
N MET CB 24 -62.08 14.80 -86.92
CA MET CB 24 -60.67 15.09 -87.03
C MET CB 24 -60.24 16.09 -85.96
N GLU CB 25 -59.05 15.88 -85.39
CA GLU CB 25 -58.54 16.83 -84.40
C GLU CB 25 -58.29 18.19 -85.02
N LEU CB 26 -57.81 18.21 -86.26
CA LEU CB 26 -57.65 19.48 -86.97
C LEU CB 26 -58.99 20.20 -87.07
N PHE CB 27 -60.04 19.48 -87.46
CA PHE CB 27 -61.37 20.07 -87.55
C PHE CB 27 -61.81 20.67 -86.23
N ASN CB 28 -61.66 19.92 -85.13
CA ASN CB 28 -61.99 20.44 -83.80
C ASN CB 28 -61.20 21.71 -83.46
N ARG CB 29 -59.89 21.72 -83.73
CA ARG CB 29 -59.09 22.92 -83.54
C ARG CB 29 -59.66 24.11 -84.33
N VAL CB 30 -59.99 23.88 -85.60
CA VAL CB 30 -60.57 24.93 -86.44
C VAL CB 30 -62.01 25.26 -86.04
N GLY CB 31 -62.64 24.39 -85.25
CA GLY CB 31 -64.04 24.54 -84.92
C GLY CB 31 -64.45 25.89 -84.34
N ARG CB 32 -63.69 26.44 -83.41
CA ARG CB 32 -64.09 27.73 -82.86
C ARG CB 32 -64.24 28.80 -83.95
N VAL CB 33 -63.23 28.94 -84.81
CA VAL CB 33 -63.26 29.95 -85.87
C VAL CB 33 -64.24 29.60 -86.98
N LEU CB 34 -64.27 28.35 -87.42
CA LEU CB 34 -65.17 27.98 -88.51
C LEU CB 34 -66.62 27.97 -88.05
N LYS CB 35 -66.91 27.28 -86.94
CA LYS CB 35 -68.28 27.15 -86.46
C LYS CB 35 -68.86 28.49 -85.99
N SER CB 36 -68.06 29.44 -85.51
CA SER CB 36 -68.61 30.78 -85.26
C SER CB 36 -69.16 31.41 -86.54
N GLN CB 37 -68.36 31.36 -87.60
CA GLN CB 37 -68.81 31.83 -88.90
C GLN CB 37 -70.02 31.05 -89.39
N LEU CB 38 -70.01 29.72 -89.30
CA LEU CB 38 -71.18 28.96 -89.76
C LEU CB 38 -72.44 29.23 -88.92
N THR CB 39 -72.28 29.48 -87.61
CA THR CB 39 -73.41 29.84 -86.77
C THR CB 39 -74.03 31.15 -87.22
N HIS CB 40 -73.21 32.13 -87.60
CA HIS CB 40 -73.78 33.30 -88.26
C HIS CB 40 -74.28 32.99 -89.68
N TRP CB 41 -73.63 32.05 -90.37
CA TRP CB 41 -74.00 31.74 -91.75
C TRP CB 41 -75.43 31.26 -91.83
N GLN CB 42 -75.81 30.33 -90.95
CA GLN CB 42 -77.21 29.92 -90.88
C GLN CB 42 -78.10 31.07 -90.44
N GLN CB 43 -77.60 31.95 -89.59
CA GLN CB 43 -78.31 33.18 -89.21
C GLN CB 43 -78.45 34.19 -90.34
N GLN CB 44 -77.61 34.14 -91.38
CA GLN CB 44 -77.50 35.29 -92.28
C GLN CB 44 -78.84 35.79 -92.80
N GLN CB 45 -79.82 34.89 -92.97
CA GLN CB 45 -81.14 35.36 -93.42
C GLN CB 45 -81.73 36.36 -92.43
N GLU CB 46 -81.55 36.11 -91.14
CA GLU CB 46 -81.91 37.10 -90.12
C GLU CB 46 -80.89 38.23 -90.04
N ALA CB 47 -79.60 37.90 -90.17
CA ALA CB 47 -78.51 38.84 -89.85
C ALA CB 47 -77.48 38.88 -90.97
N PRO CB 48 -77.78 39.59 -92.06
CA PRO CB 48 -76.74 39.93 -93.04
C PRO CB 48 -75.94 41.16 -92.66
N GLU CB 49 -76.36 41.89 -91.63
CA GLU CB 49 -75.96 43.28 -91.44
C GLU CB 49 -74.45 43.45 -91.36
N ASP CB 50 -73.76 42.58 -90.60
CA ASP CB 50 -72.33 42.72 -90.44
C ASP CB 50 -71.56 42.49 -91.73
N LEU CB 51 -71.92 41.45 -92.50
CA LEU CB 51 -71.20 41.21 -93.76
C LEU CB 51 -71.48 42.32 -94.79
N LEU CB 52 -72.72 42.79 -94.86
CA LEU CB 52 -73.06 43.88 -95.78
C LEU CB 52 -72.29 45.15 -95.45
N GLU CB 53 -72.30 45.57 -94.19
CA GLU CB 53 -71.62 46.79 -93.78
C GLU CB 53 -70.11 46.65 -93.82
N ARG CB 54 -69.56 45.46 -93.59
CA ARG CB 54 -68.13 45.25 -93.78
C ARG CB 54 -67.71 45.54 -95.22
N LEU CB 55 -68.41 44.95 -96.19
CA LEU CB 55 -68.09 45.18 -97.59
C LEU CB 55 -68.19 46.65 -97.98
N LEU CB 56 -69.30 47.30 -97.60
CA LEU CB 56 -69.46 48.72 -97.91
C LEU CB 56 -68.48 49.61 -97.15
N GLY CB 57 -68.03 49.19 -95.97
CA GLY CB 57 -66.91 49.85 -95.33
C GLY CB 57 -65.64 49.80 -96.16
N GLU CB 58 -65.34 48.62 -96.71
CA GLU CB 58 -64.21 48.48 -97.63
C GLU CB 58 -64.39 49.35 -98.87
N MET CB 59 -65.63 49.48 -99.34
CA MET CB 59 -65.94 50.36 -100.46
C MET CB 59 -65.73 51.83 -100.13
N GLU CB 60 -66.02 52.23 -98.89
CA GLU CB 60 -65.67 53.58 -98.44
C GLU CB 60 -64.16 53.78 -98.33
N LEU CB 61 -63.43 52.77 -97.85
CA LEU CB 61 -61.97 52.86 -97.82
C LEU CB 61 -61.37 52.99 -99.22
N GLU CB 62 -61.92 52.27 -100.19
CA GLU CB 62 -61.51 52.46 -101.58
C GLU CB 62 -61.85 53.86 -102.06
N LEU CB 63 -63.10 54.30 -101.86
CA LEU CB 63 -63.58 55.57 -102.41
C LEU CB 63 -62.80 56.78 -101.90
N ILE CB 64 -62.30 56.73 -100.65
CA ILE CB 64 -61.40 57.79 -100.20
C ILE CB 64 -60.07 57.73 -100.93
N GLU CB 65 -59.62 56.54 -101.34
CA GLU CB 65 -58.50 56.47 -102.27
C GLU CB 65 -58.86 57.06 -103.63
N LEU CB 66 -60.00 56.67 -104.19
CA LEU CB 66 -60.38 57.12 -105.53
C LEU CB 66 -60.43 58.64 -105.64
N ARG CB 67 -60.93 59.31 -104.60
CA ARG CB 67 -60.91 60.78 -104.57
C ARG CB 67 -59.50 61.35 -104.50
N ARG CB 68 -58.61 60.75 -103.69
CA ARG CB 68 -57.23 61.22 -103.67
C ARG CB 68 -56.50 60.93 -104.98
N ALA CB 69 -56.83 59.83 -105.66
CA ALA CB 69 -56.24 59.54 -106.97
C ALA CB 69 -56.71 60.52 -108.03
N LEU CB 70 -57.98 60.94 -107.97
CA LEU CB 70 -58.44 62.06 -108.79
C LEU CB 70 -57.68 63.34 -108.49
N ALA CB 71 -57.45 63.65 -107.22
CA ALA CB 71 -56.68 64.84 -106.88
C ALA CB 71 -55.24 64.75 -107.36
N GLN CB 72 -54.65 63.56 -107.34
CA GLN CB 72 -53.31 63.37 -107.90
C GLN CB 72 -53.28 63.52 -109.42
N THR CB 73 -54.35 63.13 -110.11
CA THR CB 73 -54.43 63.38 -111.55
C THR CB 73 -54.57 64.86 -111.87
N ILE CB 74 -55.43 65.57 -111.15
CA ILE CB 74 -55.55 67.02 -111.38
C ILE CB 74 -54.24 67.73 -111.09
N ALA CB 75 -53.55 67.33 -110.01
CA ALA CB 75 -52.26 67.93 -109.69
C ALA CB 75 -51.23 67.70 -110.79
N THR CB 76 -51.16 66.47 -111.31
CA THR CB 76 -50.24 66.17 -112.41
C THR CB 76 -50.64 66.86 -113.72
N PHE CB 77 -51.93 67.04 -113.98
CA PHE CB 77 -52.37 67.72 -115.19
C PHE CB 77 -51.94 69.18 -115.20
N LYS CB 78 -52.24 69.91 -114.13
CA LYS CB 78 -51.87 71.32 -114.04
C LYS CB 78 -50.38 71.53 -113.84
N SER CB 79 -49.66 70.58 -113.24
CA SER CB 79 -48.20 70.68 -113.20
C SER CB 79 -47.60 70.58 -114.60
N THR CB 80 -48.14 69.70 -115.45
CA THR CB 80 -47.74 69.71 -116.86
C THR CB 80 -48.04 71.06 -117.50
N GLU CB 81 -49.18 71.65 -117.14
CA GLU CB 81 -49.53 72.98 -117.64
C GLU CB 81 -48.64 74.06 -117.06
N ARG CB 82 -48.18 73.91 -115.83
CA ARG CB 82 -47.20 74.83 -115.26
C ARG CB 82 -45.87 74.75 -116.02
N GLN CB 83 -45.54 73.57 -116.54
CA GLN CB 83 -44.36 73.44 -117.40
C GLN CB 83 -44.59 74.14 -118.73
N ARG CB 84 -45.82 74.09 -119.24
CA ARG CB 84 -46.19 74.90 -120.40
C ARG CB 84 -46.09 76.38 -120.09
N ASP CB 85 -46.56 76.79 -118.91
CA ASP CB 85 -46.45 78.19 -118.50
C ASP CB 85 -44.99 78.66 -118.49
N ALA CB 86 -44.07 77.78 -118.12
CA ALA CB 86 -42.65 78.11 -118.21
C ALA CB 86 -42.17 78.18 -119.66
N GLN CB 87 -42.56 77.21 -120.49
CA GLN CB 87 -42.14 77.23 -121.88
C GLN CB 87 -42.61 78.50 -122.59
N GLN CB 88 -43.87 78.88 -122.40
CA GLN CB 88 -44.41 80.09 -123.00
C GLN CB 88 -43.77 81.35 -122.40
N LEU CB 89 -43.39 81.30 -121.13
CA LEU CB 89 -42.65 82.41 -120.53
C LEU CB 89 -41.27 82.58 -121.16
N ILE CB 90 -40.59 81.48 -121.48
CA ILE CB 90 -39.31 81.59 -122.17
C ILE CB 90 -39.51 82.00 -123.62
N ALA CB 91 -40.63 81.61 -124.24
CA ALA CB 91 -40.98 82.14 -125.55
C ALA CB 91 -41.17 83.65 -125.51
N GLN CB 92 -41.83 84.16 -124.47
CA GLN CB 92 -41.93 85.62 -124.29
C GLN CB 92 -40.56 86.24 -124.06
N ARG CB 93 -39.70 85.57 -123.29
CA ARG CB 93 -38.32 86.01 -123.14
C ARG CB 93 -37.59 86.06 -124.48
N TRP CB 94 -37.94 85.16 -125.40
CA TRP CB 94 -37.41 85.23 -126.76
C TRP CB 94 -38.01 86.38 -127.57
N TYR CB 95 -39.26 86.75 -127.30
CA TYR CB 95 -39.79 87.97 -127.93
C TYR CB 95 -39.15 89.23 -127.37
N GLU CB 96 -38.89 89.27 -126.06
CA GLU CB 96 -38.19 90.42 -125.47
C GLU CB 96 -36.81 90.60 -126.10
N LYS CB 97 -36.05 89.51 -126.21
CA LYS CB 97 -34.75 89.56 -126.88
C LYS CB 97 -34.88 89.95 -128.34
N ALA CB 98 -35.98 89.57 -129.00
CA ALA CB 98 -36.24 90.09 -130.34
C ALA CB 98 -36.55 91.59 -130.31
N GLN CB 99 -37.33 92.04 -129.32
CA GLN CB 99 -37.74 93.43 -129.28
C GLN CB 99 -36.55 94.36 -129.14
N ALA CB 100 -35.48 93.92 -128.47
CA ALA CB 100 -34.25 94.68 -128.40
C ALA CB 100 -33.56 94.81 -129.76
N ALA CB 101 -34.05 94.11 -130.78
CA ALA CB 101 -33.56 94.25 -132.14
C ALA CB 101 -34.69 94.48 -133.13
N LEU CB 102 -35.93 94.66 -132.68
CA LEU CB 102 -37.06 94.85 -133.56
C LEU CB 102 -37.35 96.32 -133.84
N ASP CB 103 -36.55 97.22 -133.29
CA ASP CB 103 -36.54 98.63 -133.68
C ASP CB 103 -35.29 98.93 -134.50
N ARG CB 104 -35.34 100.06 -135.22
CA ARG CB 104 -34.26 100.58 -136.03
C ARG CB 104 -33.96 99.70 -137.25
N GLY CB 105 -34.81 98.72 -137.55
CA GLY CB 105 -34.54 97.81 -138.63
C GLY CB 105 -33.42 96.83 -138.36
N ASN CB 106 -33.01 96.68 -137.10
CA ASN CB 106 -31.93 95.78 -136.71
C ASN CB 106 -32.42 94.37 -136.43
N GLU CB 107 -33.56 93.98 -137.01
CA GLU CB 107 -34.24 92.72 -136.73
C GLU CB 107 -33.43 91.48 -137.09
N GLN CB 108 -32.22 91.67 -137.62
CA GLN CB 108 -31.34 90.55 -137.96
C GLN CB 108 -31.30 89.49 -136.87
N LEU CB 109 -31.04 89.89 -135.63
CA LEU CB 109 -30.97 88.92 -134.53
C LEU CB 109 -32.31 88.26 -134.25
N ALA CB 110 -33.42 88.88 -134.66
CA ALA CB 110 -34.72 88.24 -134.51
C ALA CB 110 -34.79 86.94 -135.29
N ARG CB 111 -33.95 86.77 -136.32
CA ARG CB 111 -33.93 85.52 -137.06
C ARG CB 111 -33.64 84.35 -136.13
N GLU CB 112 -32.55 84.44 -135.36
CA GLU CB 112 -32.22 83.39 -134.40
C GLU CB 112 -33.18 83.35 -133.22
N ALA CB 113 -33.56 84.53 -132.69
CA ALA CB 113 -34.42 84.55 -131.50
C ALA CB 113 -35.78 83.91 -131.75
N LEU CB 114 -36.42 84.26 -132.86
CA LEU CB 114 -37.66 83.59 -133.26
C LEU CB 114 -37.42 82.18 -133.80
N GLY CB 115 -36.24 81.91 -134.35
CA GLY CB 115 -35.90 80.54 -134.69
C GLY CB 115 -35.89 79.60 -133.50
N GLN CB 116 -35.38 80.06 -132.36
CA GLN CB 116 -35.55 79.32 -131.11
C GLN CB 116 -37.01 79.29 -130.67
N ARG CB 117 -37.69 80.43 -130.68
CA ARG CB 117 -39.08 80.45 -130.21
C ARG CB 117 -39.95 79.49 -130.98
N GLN CB 118 -39.66 79.23 -132.26
CA GLN CB 118 -40.43 78.25 -133.02
C GLN CB 118 -40.40 76.87 -132.35
N SER CB 119 -39.22 76.42 -131.93
CA SER CB 119 -39.14 75.17 -131.17
C SER CB 119 -39.81 75.27 -129.81
N TYR CB 120 -39.76 76.44 -129.17
CA TYR CB 120 -40.45 76.58 -127.89
C TYR CB 120 -41.96 76.58 -128.03
N GLN CB 121 -42.48 77.18 -129.11
CA GLN CB 121 -43.92 77.12 -129.39
C GLN CB 121 -44.37 75.69 -129.72
N SER CB 122 -43.53 74.90 -130.39
CA SER CB 122 -43.94 73.53 -130.70
C SER CB 122 -44.11 72.70 -129.42
N HIS CB 123 -43.18 72.82 -128.48
CA HIS CB 123 -43.35 72.15 -127.20
C HIS CB 123 -44.50 72.75 -126.39
N THR CB 124 -44.71 74.06 -126.48
CA THR CB 124 -45.83 74.67 -125.76
C THR CB 124 -47.17 74.16 -126.27
N GLU CB 125 -47.31 73.96 -127.58
CA GLU CB 125 -48.59 73.50 -128.12
C GLU CB 125 -48.72 71.98 -128.05
N ALA CB 126 -47.60 71.25 -128.03
CA ALA CB 126 -47.64 69.84 -127.66
C ALA CB 126 -48.15 69.67 -126.23
N LEU CB 127 -47.64 70.48 -125.30
CA LEU CB 127 -48.16 70.48 -123.95
C LEU CB 127 -49.62 70.89 -123.92
N GLY CB 128 -49.97 71.97 -124.63
CA GLY CB 128 -51.34 72.46 -124.61
C GLY CB 128 -52.36 71.46 -125.14
N LYS CB 129 -51.98 70.64 -126.11
CA LYS CB 129 -52.88 69.64 -126.65
C LYS CB 129 -52.87 68.32 -125.90
N SER CB 130 -51.74 67.95 -125.31
CA SER CB 130 -51.75 66.91 -124.27
C SER CB 130 -52.68 67.33 -123.13
N LEU CB 131 -52.60 68.59 -122.71
CA LEU CB 131 -53.42 69.17 -121.67
C LEU CB 131 -54.87 69.33 -122.09
N GLY CB 132 -55.18 69.16 -123.37
CA GLY CB 132 -56.55 69.06 -123.83
C GLY CB 132 -57.11 67.67 -123.57
N GLU CB 133 -56.29 66.65 -123.78
CA GLU CB 133 -56.71 65.29 -123.43
C GLU CB 133 -56.77 65.14 -121.92
N GLN CB 134 -55.75 65.62 -121.21
CA GLN CB 134 -55.75 65.58 -119.75
C GLN CB 134 -56.92 66.35 -119.16
N ARG CB 135 -57.38 67.41 -119.84
CA ARG CB 135 -58.64 68.05 -119.47
C ARG CB 135 -59.80 67.06 -119.56
N ALA CB 136 -60.00 66.47 -120.73
CA ALA CB 136 -61.09 65.51 -120.91
C ALA CB 136 -60.99 64.35 -119.93
N LEU CB 137 -59.76 63.95 -119.56
CA LEU CB 137 -59.59 62.92 -118.55
C LEU CB 137 -60.10 63.35 -117.17
N VAL CB 138 -59.71 64.55 -116.72
CA VAL CB 138 -60.18 65.01 -115.41
C VAL CB 138 -61.68 65.29 -115.42
N GLU CB 139 -62.24 65.72 -116.55
CA GLU CB 139 -63.69 65.88 -116.64
C GLU CB 139 -64.42 64.55 -116.59
N GLN CB 140 -64.00 63.60 -117.42
CA GLN CB 140 -64.68 62.30 -117.47
C GLN CB 140 -64.51 61.52 -116.17
N VAL CB 141 -63.34 61.61 -115.54
CA VAL CB 141 -63.13 60.93 -114.26
C VAL CB 141 -63.95 61.59 -113.16
N ARG CB 142 -64.15 62.91 -113.23
CA ARG CB 142 -65.03 63.58 -112.28
C ARG CB 142 -66.49 63.15 -112.47
N GLY CB 143 -66.93 63.02 -113.72
CA GLY CB 143 -68.29 62.55 -113.96
C GLY CB 143 -68.48 61.09 -113.59
N GLN CB 144 -67.46 60.27 -113.87
CA GLN CB 144 -67.49 58.87 -113.46
C GLN CB 144 -67.62 58.75 -111.93
N LEU CB 145 -66.77 59.48 -111.21
CA LEU CB 145 -66.86 59.48 -109.75
C LEU CB 145 -68.20 59.98 -109.25
N GLN CB 146 -68.64 61.15 -109.73
CA GLN CB 146 -69.86 61.73 -109.16
C GLN CB 146 -71.09 60.87 -109.41
N LYS CB 147 -71.16 60.20 -110.56
CA LYS CB 147 -72.19 59.17 -110.77
C LYS CB 147 -72.04 58.00 -109.80
N LEU CB 148 -70.81 57.49 -109.68
CA LEU CB 148 -70.58 56.27 -108.89
C LEU CB 148 -70.80 56.51 -107.40
N GLU CB 149 -70.23 57.57 -106.85
CA GLU CB 149 -70.34 57.85 -105.43
C GLU CB 149 -71.75 58.28 -105.05
N ARG CB 150 -72.45 58.98 -105.94
CA ARG CB 150 -73.87 59.26 -105.70
C ARG CB 150 -74.69 57.98 -105.70
N LYS CB 151 -74.31 57.02 -106.55
CA LYS CB 151 -74.96 55.71 -106.52
C LYS CB 151 -74.65 54.97 -105.23
N TYR CB 152 -73.43 55.10 -104.72
CA TYR CB 152 -73.09 54.56 -103.41
C TYR CB 152 -73.90 55.20 -102.29
N LEU CB 153 -74.10 56.52 -102.34
CA LEU CB 153 -74.94 57.20 -101.36
C LEU CB 153 -76.37 56.69 -101.38
N GLU CB 154 -76.99 56.63 -102.57
CA GLU CB 154 -78.34 56.09 -102.69
C GLU CB 154 -78.41 54.61 -102.36
N LEU CB 155 -77.34 53.87 -102.63
CA LEU CB 155 -77.26 52.47 -102.23
C LEU CB 155 -77.14 52.32 -100.72
N LYS CB 156 -76.45 53.23 -100.04
CA LYS CB 156 -76.48 53.27 -98.58
C LYS CB 156 -77.90 53.51 -98.08
N SER CB 157 -78.61 54.46 -98.69
CA SER CB 157 -80.00 54.70 -98.32
C SER CB 157 -80.83 53.44 -98.48
N GLN CB 158 -80.72 52.78 -99.63
CA GLN CB 158 -81.42 51.52 -99.87
C GLN CB 158 -81.04 50.44 -98.86
N LYS CB 159 -79.75 50.30 -98.53
CA LYS CB 159 -79.34 49.27 -97.56
C LYS CB 159 -79.98 49.52 -96.20
N ASN CB 160 -79.93 50.76 -95.71
CA ASN CB 160 -80.58 51.07 -94.44
C ASN CB 160 -82.05 50.69 -94.48
N LEU CB 161 -82.73 51.06 -95.57
CA LEU CB 161 -84.14 50.69 -95.77
C LEU CB 161 -84.32 49.20 -95.98
N TYR CB 162 -83.29 48.50 -96.45
CA TYR CB 162 -83.38 47.05 -96.65
C TYR CB 162 -83.24 46.28 -95.35
N LEU CB 163 -82.37 46.74 -94.45
CA LEU CB 163 -82.29 46.15 -93.12
C LEU CB 163 -83.56 46.37 -92.33
N ALA CB 164 -84.17 47.55 -92.46
CA ALA CB 164 -85.48 47.80 -91.87
C ALA CB 164 -86.55 46.89 -92.46
N ARG CB 165 -86.62 46.81 -93.79
CA ARG CB 165 -87.56 45.88 -94.44
C ARG CB 165 -87.35 44.45 -93.95
N LEU CB 166 -86.10 43.99 -93.92
CA LEU CB 166 -85.80 42.61 -93.54
C LEU CB 166 -86.24 42.32 -92.10
N LYS CB 167 -85.85 43.17 -91.15
CA LYS CB 167 -86.28 43.00 -89.77
C LYS CB 167 -87.79 43.05 -89.64
N SER CB 168 -88.46 43.91 -90.42
CA SER CB 168 -89.91 44.01 -90.36
C SER CB 168 -90.59 42.76 -90.92
N ALA CB 169 -90.07 42.24 -92.03
CA ALA CB 169 -90.56 40.96 -92.56
C ALA CB 169 -90.35 39.83 -91.56
N ILE CB 170 -89.17 39.77 -90.95
CA ILE CB 170 -88.88 38.74 -89.95
C ILE CB 170 -89.91 38.81 -88.82
N ALA CB 171 -90.17 40.01 -88.32
CA ALA CB 171 -91.19 40.19 -87.28
C ALA CB 171 -92.57 39.72 -87.76
N ALA CB 172 -92.93 40.08 -88.99
CA ALA CB 172 -94.20 39.65 -89.57
C ALA CB 172 -94.29 38.13 -89.64
N GLN CB 173 -93.23 37.49 -90.11
CA GLN CB 173 -93.17 36.03 -90.13
C GLN CB 173 -93.40 35.46 -88.74
N LYS CB 174 -92.82 36.09 -87.72
CA LYS CB 174 -93.01 35.61 -86.35
C LYS CB 174 -94.44 35.79 -85.86
N ILE CB 175 -95.12 36.88 -86.22
CA ILE CB 175 -96.54 37.02 -85.88
C ILE CB 175 -97.41 35.98 -86.59
N GLU CB 176 -97.22 35.79 -87.88
CA GLU CB 176 -98.03 34.78 -88.58
C GLU CB 176 -97.82 33.39 -88.02
N GLU CB 177 -96.56 32.96 -87.86
CA GLU CB 177 -96.28 31.60 -87.40
C GLU CB 177 -96.71 31.38 -85.96
N ILE CB 178 -96.48 32.35 -85.08
CA ILE CB 178 -96.92 32.23 -83.69
C ILE CB 178 -98.43 32.36 -83.57
N ALA CB 179 -99.04 33.20 -84.42
CA ALA CB 179 -100.50 33.28 -84.48
C ALA CB 179 -101.12 32.01 -85.01
N GLY CB 180 -100.52 31.40 -86.04
CA GLY CB 180 -101.03 30.14 -86.54
C GLY CB 180 -100.95 29.01 -85.52
N ASN CB 181 -99.85 28.95 -84.77
CA ASN CB 181 -99.76 27.99 -83.67
C ASN CB 181 -100.70 28.35 -82.52
N LEU CB 182 -100.90 29.65 -82.28
CA LEU CB 182 -101.79 30.06 -81.19
C LEU CB 182 -103.23 29.71 -81.49
N ASP CB 183 -103.71 30.08 -82.67
CA ASP CB 183 -105.10 29.81 -83.03
C ASP CB 183 -105.31 28.32 -83.26
N ASN CB 184 -104.49 27.71 -84.12
CA ASN CB 184 -104.75 26.34 -84.53
C ASN CB 184 -104.45 25.35 -83.42
N ALA CB 185 -103.26 25.41 -82.83
CA ALA CB 185 -102.91 24.45 -81.78
C ALA CB 185 -103.61 24.77 -80.47
N SER CB 186 -103.49 26.02 -80.00
CA SER CB 186 -103.98 26.37 -78.67
C SER CB 186 -105.50 26.38 -78.62
N ALA CB 187 -106.13 27.04 -79.59
CA ALA CB 187 -107.57 27.26 -79.54
C ALA CB 187 -108.33 25.95 -79.72
N SER CB 188 -107.90 25.09 -80.62
CA SER CB 188 -108.54 23.78 -80.74
C SER CB 188 -108.36 22.98 -79.45
N SER CB 189 -107.21 23.12 -78.80
CA SER CB 189 -107.02 22.49 -77.51
C SER CB 189 -107.97 23.06 -76.46
N LEU CB 190 -108.27 24.36 -76.54
CA LEU CB 190 -109.19 24.95 -75.57
C LEU CB 190 -110.62 24.51 -75.84
N PHE CB 191 -111.09 24.62 -77.09
CA PHE CB 191 -112.50 24.36 -77.36
C PHE CB 191 -112.82 22.88 -77.25
N GLU CB 192 -112.06 22.03 -77.93
CA GLU CB 192 -112.38 20.61 -77.94
C GLU CB 192 -112.11 19.91 -76.62
N ARG CB 193 -111.06 20.31 -75.86
CA ARG CB 193 -110.88 19.77 -74.52
C ARG CB 193 -111.87 20.31 -73.48
N ILE CB 194 -112.27 21.58 -73.60
CA ILE CB 194 -113.29 22.09 -72.69
C ILE CB 194 -114.66 21.48 -72.99
N GLU CB 195 -114.98 21.36 -74.28
CA GLU CB 195 -116.25 20.75 -74.66
C GLU CB 195 -116.35 19.30 -74.22
N THR CB 196 -115.32 18.49 -74.49
CA THR CB 196 -115.34 17.09 -74.06
C THR CB 196 -115.42 16.96 -72.54
N LYS CB 197 -114.75 17.84 -71.81
CA LYS CB 197 -114.90 17.83 -70.36
C LYS CB 197 -116.29 18.27 -69.92
N ILE CB 198 -116.91 19.18 -70.66
CA ILE CB 198 -118.29 19.57 -70.38
C ILE CB 198 -119.22 18.39 -70.62
N LEU CB 199 -119.02 17.68 -71.73
CA LEU CB 199 -119.79 16.49 -72.03
C LEU CB 199 -119.65 15.44 -70.93
N GLU CB 200 -118.46 15.32 -70.35
CA GLU CB 200 -118.27 14.40 -69.24
C GLU CB 200 -119.09 14.84 -68.04
N LEU CB 201 -119.15 16.15 -67.80
CA LEU CB 201 -120.03 16.67 -66.74
C LEU CB 201 -121.50 16.46 -67.09
N GLU CB 202 -121.84 16.52 -68.38
CA GLU CB 202 -123.21 16.32 -68.82
C GLU CB 202 -123.66 14.87 -68.74
N ALA CB 203 -122.73 13.93 -68.93
CA ALA CB 203 -123.04 12.52 -68.71
C ALA CB 203 -123.43 12.24 -67.26
N GLU CB 204 -122.80 12.95 -66.30
CA GLU CB 204 -123.29 12.91 -64.93
C GLU CB 204 -124.56 13.73 -64.71
N ARG CB 205 -124.77 14.79 -65.50
CA ARG CB 205 -126.04 15.51 -65.41
C ARG CB 205 -127.21 14.61 -65.78
N GLU CB 206 -127.11 13.88 -66.89
CA GLU CB 206 -128.18 12.98 -67.32
C GLU CB 206 -128.29 11.73 -66.45
N LEU CB 207 -127.32 11.48 -65.57
CA LEU CB 207 -127.50 10.48 -64.54
C LEU CB 207 -128.23 11.02 -63.32
N LEU CB 208 -128.02 12.29 -62.98
CA LEU CB 208 -128.67 12.92 -61.84
C LEU CB 208 -130.01 13.56 -62.19
N ASN CB 209 -130.31 13.72 -63.48
CA ASN CB 209 -131.38 14.62 -63.91
C ASN CB 209 -132.07 14.05 -65.15
N PRO CB 210 -133.36 13.78 -65.12
CA PRO CB 210 -134.04 13.33 -66.33
C PRO CB 210 -133.98 14.40 -67.40
N PRO CB 211 -133.91 14.00 -68.67
CA PRO CB 211 -133.95 14.99 -69.76
C PRO CB 211 -135.17 15.89 -69.62
N PRO CB 212 -134.96 17.22 -69.51
CA PRO CB 212 -136.11 18.13 -69.40
C PRO CB 212 -136.87 18.29 -70.70
N SER CB 213 -137.71 17.32 -71.03
CA SER CB 213 -138.50 17.34 -72.26
C SER CB 213 -139.46 18.52 -72.24
N PRO CB 214 -140.08 18.87 -73.37
CA PRO CB 214 -141.11 19.91 -73.35
C PRO CB 214 -142.30 19.55 -72.48
N LEU CB 215 -142.53 18.26 -72.20
CA LEU CB 215 -143.72 17.85 -71.48
C LEU CB 215 -143.66 18.30 -70.01
N ASP CB 216 -142.65 17.81 -69.28
CA ASP CB 216 -142.49 18.22 -67.88
C ASP CB 216 -142.29 19.72 -67.75
N LYS CB 217 -141.67 20.35 -68.74
CA LYS CB 217 -141.51 21.81 -68.71
C LYS CB 217 -142.87 22.51 -68.71
N LYS CB 218 -143.79 22.06 -69.58
CA LYS CB 218 -145.11 22.66 -69.62
C LYS CB 218 -145.89 22.40 -68.33
N PHE CB 219 -145.72 21.21 -67.74
CA PHE CB 219 -146.37 20.90 -66.48
C PHE CB 219 -145.87 21.82 -65.37
N GLU CB 220 -144.56 22.07 -65.31
CA GLU CB 220 -144.03 22.98 -64.30
C GLU CB 220 -144.54 24.40 -64.50
N GLN CB 221 -144.65 24.83 -65.76
CA GLN CB 221 -145.21 26.15 -66.05
C GLN CB 221 -146.66 26.24 -65.58
N TRP CB 222 -147.45 25.20 -65.84
CA TRP CB 222 -148.82 25.17 -65.35
C TRP CB 222 -148.88 25.15 -63.83
N GLU CB 223 -147.89 24.54 -63.18
CA GLU CB 223 -147.86 24.56 -61.72
C GLU CB 223 -147.70 25.99 -61.19
N GLU CB 224 -146.82 26.77 -61.81
CA GLU CB 224 -146.70 28.18 -61.46
C GLU CB 224 -148.00 28.91 -61.75
N GLN CB 225 -148.63 28.60 -62.88
CA GLN CB 225 -149.91 29.22 -63.23
C GLN CB 225 -150.97 28.91 -62.18
N GLN CB 226 -150.97 27.67 -61.66
CA GLN CB 226 -151.96 27.28 -60.67
C GLN CB 226 -151.67 27.90 -59.31
N ALA CB 227 -150.40 28.14 -58.99
CA ALA CB 227 -150.07 28.86 -57.75
C ALA CB 227 -150.64 30.28 -57.80
N VAL CB 228 -150.43 30.99 -58.91
CA VAL CB 228 -150.97 32.33 -59.04
C VAL CB 228 -152.49 32.30 -59.13
N GLU CB 229 -153.06 31.24 -59.71
CA GLU CB 229 -154.52 31.17 -59.73
C GLU CB 229 -155.08 30.95 -58.32
N ALA CB 230 -154.32 30.29 -57.44
CA ALA CB 230 -154.74 30.18 -56.04
C ALA CB 230 -154.62 31.51 -55.30
N THR CB 231 -153.56 32.29 -55.58
CA THR CB 231 -153.47 33.63 -55.01
C THR CB 231 -154.63 34.51 -55.48
N LEU CB 232 -154.98 34.40 -56.76
CA LEU CB 232 -156.14 35.15 -57.26
C LEU CB 232 -157.41 34.72 -56.55
N ALA CB 233 -157.55 33.43 -56.25
CA ALA CB 233 -158.73 32.97 -55.53
C ALA CB 233 -158.81 33.59 -54.15
N ALA CB 234 -157.67 33.64 -53.44
CA ALA CB 234 -157.62 34.32 -52.15
C ALA CB 234 -157.96 35.80 -52.30
N MET CB 235 -157.43 36.44 -53.34
CA MET CB 235 -157.72 37.86 -53.58
C MET CB 235 -159.21 38.10 -53.68
N LYS CB 236 -159.90 37.35 -54.54
CA LYS CB 236 -161.31 37.61 -54.79
C LYS CB 236 -162.21 37.06 -53.68
N ALA CB 237 -161.71 36.14 -52.86
CA ALA CB 237 -162.46 35.69 -51.69
C ALA CB 237 -162.43 36.75 -50.59
N ARG CB 238 -161.27 37.39 -50.39
CA ARG CB 238 -161.22 38.54 -49.50
C ARG CB 238 -162.05 39.69 -50.04
N ARG CB 239 -162.06 39.87 -51.36
CA ARG CB 239 -162.86 40.91 -51.99
C ARG CB 239 -164.36 40.62 -51.95
N SER CB 240 -164.77 39.37 -51.76
CA SER CB 240 -166.19 39.04 -51.74
C SER CB 240 -166.91 39.86 -50.67
N MET DB 24 54.32 25.07 -88.83
CA MET DB 24 54.95 24.25 -87.81
C MET DB 24 54.88 24.94 -86.45
N GLU DB 25 54.61 24.15 -85.39
CA GLU DB 25 54.58 24.73 -84.06
C GLU DB 25 55.95 25.26 -83.65
N LEU DB 26 57.02 24.57 -84.05
CA LEU DB 26 58.36 25.07 -83.82
C LEU DB 26 58.54 26.44 -84.46
N PHE DB 27 58.12 26.56 -85.72
CA PHE DB 27 58.22 27.84 -86.42
C PHE DB 27 57.50 28.94 -85.68
N ASN DB 28 56.25 28.69 -85.26
CA ASN DB 28 55.50 29.66 -84.46
C ASN DB 28 56.22 30.06 -83.18
N ARG DB 29 56.75 29.08 -82.45
CA ARG DB 29 57.56 29.38 -81.27
C ARG DB 29 58.73 30.30 -81.60
N VAL DB 30 59.47 29.99 -82.67
CA VAL DB 30 60.58 30.82 -83.11
C VAL DB 30 60.13 32.15 -83.70
N GLY DB 31 58.84 32.25 -84.03
CA GLY DB 31 58.34 33.43 -84.74
C GLY DB 31 58.64 34.77 -84.08
N ARG DB 32 58.47 34.89 -82.78
CA ARG DB 32 58.75 36.18 -82.16
C ARG DB 32 60.18 36.65 -82.44
N VAL DB 33 61.16 35.78 -82.20
CA VAL DB 33 62.58 36.13 -82.40
C VAL DB 33 62.95 36.24 -83.87
N LEU DB 34 62.49 35.31 -84.70
CA LEU DB 34 62.85 35.35 -86.11
C LEU DB 34 62.12 36.49 -86.84
N LYS DB 35 60.80 36.57 -86.67
CA LYS DB 35 60.03 37.58 -87.38
C LYS DB 35 60.35 39.01 -86.91
N SER DB 36 60.79 39.22 -85.67
CA SER DB 36 61.27 40.57 -85.32
C SER DB 36 62.48 40.96 -86.16
N GLN DB 37 63.44 40.04 -86.27
CA GLN DB 37 64.59 40.26 -87.14
C GLN DB 37 64.17 40.44 -88.59
N LEU DB 38 63.29 39.59 -89.11
CA LEU DB 38 62.87 39.75 -90.51
C LEU DB 38 62.09 41.04 -90.75
N THR DB 39 61.31 41.51 -89.76
CA THR DB 39 60.62 42.79 -89.87
C THR DB 39 61.60 43.94 -89.99
N HIS DB 40 62.69 43.89 -89.22
CA HIS DB 40 63.77 44.85 -89.51
C HIS DB 40 64.50 44.55 -90.81
N TRP DB 41 64.60 43.27 -91.19
CA TRP DB 41 65.35 42.90 -92.38
C TRP DB 41 64.75 43.54 -93.62
N GLN DB 42 63.42 43.47 -93.76
CA GLN DB 42 62.77 44.18 -94.84
C GLN DB 42 62.92 45.69 -94.69
N GLN DB 43 62.96 46.18 -93.46
CA GLN DB 43 63.24 47.60 -93.19
C GLN DB 43 64.68 48.01 -93.50
N GLN DB 44 65.64 47.08 -93.58
CA GLN DB 44 67.05 47.48 -93.53
C GLN DB 44 67.39 48.56 -94.54
N GLN DB 45 66.73 48.61 -95.69
CA GLN DB 45 67.02 49.68 -96.64
C GLN DB 45 66.75 51.04 -96.02
N GLU DB 46 65.68 51.16 -95.24
CA GLU DB 46 65.43 52.36 -94.46
C GLU DB 46 66.33 52.43 -93.22
N ALA DB 47 66.56 51.29 -92.56
CA ALA DB 47 67.16 51.25 -91.23
C ALA DB 47 68.28 50.23 -91.18
N PRO DB 48 69.46 50.57 -91.72
CA PRO DB 48 70.66 49.76 -91.43
C PRO DB 48 71.34 50.13 -90.12
N GLU DB 49 70.91 51.23 -89.49
CA GLU DB 49 71.73 51.92 -88.50
C GLU DB 49 72.16 51.01 -87.35
N ASP DB 50 71.23 50.22 -86.82
CA ASP DB 50 71.56 49.35 -85.69
C ASP DB 50 72.58 48.28 -86.03
N LEU DB 51 72.42 47.60 -87.18
CA LEU DB 51 73.39 46.57 -87.55
C LEU DB 51 74.76 47.16 -87.85
N LEU DB 52 74.80 48.31 -88.53
CA LEU DB 52 76.06 48.98 -88.83
C LEU DB 52 76.80 49.38 -87.56
N GLU DB 53 76.11 50.05 -86.64
CA GLU DB 53 76.72 50.51 -85.40
C GLU DB 53 77.06 49.36 -84.45
N ARG DB 54 76.30 48.28 -84.47
CA ARG DB 54 76.67 47.10 -83.70
C ARG DB 54 78.02 46.55 -84.14
N LEU DB 55 78.21 46.35 -85.45
CA LEU DB 55 79.48 45.84 -85.96
C LEU DB 55 80.65 46.77 -85.62
N LEU DB 56 80.49 48.07 -85.86
CA LEU DB 56 81.55 49.03 -85.53
C LEU DB 56 81.78 49.16 -84.03
N GLY DB 57 80.75 48.93 -83.21
CA GLY DB 57 80.98 48.80 -81.78
C GLY DB 57 81.87 47.63 -81.44
N GLU DB 58 81.63 46.49 -82.07
CA GLU DB 58 82.52 45.33 -81.90
C GLU DB 58 83.93 45.64 -82.38
N MET DB 59 84.05 46.44 -83.44
CA MET DB 59 85.36 46.88 -83.93
C MET DB 59 86.07 47.80 -82.95
N GLU DB 60 85.32 48.65 -82.24
CA GLU DB 60 85.89 49.43 -81.14
C GLU DB 60 86.32 48.56 -79.97
N LEU DB 61 85.53 47.54 -79.63
CA LEU DB 61 85.93 46.60 -78.58
C LEU DB 61 87.19 45.84 -78.94
N GLU DB 62 87.34 45.45 -80.21
CA GLU DB 62 88.60 44.86 -80.66
C GLU DB 62 89.74 45.87 -80.57
N LEU DB 63 89.54 47.08 -81.10
CA LEU DB 63 90.61 48.08 -81.20
C LEU DB 63 91.17 48.49 -79.84
N ILE DB 64 90.34 48.50 -78.79
CA ILE DB 64 90.88 48.72 -77.45
C ILE DB 64 91.73 47.53 -77.00
N GLU DB 65 91.42 46.31 -77.46
CA GLU DB 65 92.35 45.21 -77.27
C GLU DB 65 93.64 45.43 -78.07
N LEU DB 66 93.53 45.79 -79.35
CA LEU DB 66 94.71 45.93 -80.20
C LEU DB 66 95.72 46.93 -79.64
N ARG DB 67 95.23 48.03 -79.06
CA ARG DB 67 96.11 48.98 -78.38
C ARG DB 67 96.77 48.41 -77.14
N ARG DB 68 96.02 47.66 -76.32
CA ARG DB 68 96.64 47.01 -75.17
C ARG DB 68 97.63 45.92 -75.57
N ALA DB 69 97.37 45.22 -76.67
CA ALA DB 69 98.32 44.22 -77.18
C ALA DB 69 99.60 44.86 -77.69
N LEU DB 70 99.49 46.02 -78.34
CA LEU DB 70 100.67 46.84 -78.65
C LEU DB 70 101.43 47.23 -77.39
N ALA DB 71 100.73 47.67 -76.35
CA ALA DB 71 101.41 48.03 -75.11
C ALA DB 71 102.07 46.83 -74.45
N GLN DB 72 101.47 45.64 -74.56
CA GLN DB 72 102.11 44.43 -74.07
C GLN DB 72 103.34 44.04 -74.87
N THR DB 73 103.35 44.31 -76.19
CA THR DB 73 104.56 44.08 -76.98
C THR DB 73 105.67 45.04 -76.61
N ILE DB 74 105.36 46.33 -76.46
CA ILE DB 74 106.38 47.30 -76.05
C ILE DB 74 106.94 46.95 -74.68
N ALA DB 75 106.07 46.55 -73.75
CA ALA DB 75 106.52 46.15 -72.42
C ALA DB 75 107.46 44.94 -72.47
N THR DB 76 107.11 43.93 -73.27
CA THR DB 76 107.99 42.76 -73.42
C THR DB 76 109.28 43.08 -74.16
N PHE DB 77 109.25 44.01 -75.12
CA PHE DB 77 110.47 44.38 -75.82
C PHE DB 77 111.49 45.05 -74.91
N LYS DB 78 111.06 46.06 -74.16
CA LYS DB 78 111.96 46.76 -73.24
C LYS DB 78 112.32 45.93 -72.02
N SER DB 79 111.45 45.00 -71.59
CA SER DB 79 111.86 44.07 -70.53
C SER DB 79 112.99 43.16 -71.01
N THR DB 80 112.95 42.70 -72.25
CA THR DB 80 114.10 41.99 -72.80
C THR DB 80 115.34 42.88 -72.80
N GLU DB 81 115.15 44.17 -73.10
CA GLU DB 81 116.25 45.13 -73.06
C GLU DB 81 116.71 45.41 -71.64
N ARG DB 82 115.80 45.37 -70.66
CA ARG DB 82 116.21 45.46 -69.25
C ARG DB 82 117.05 44.27 -68.85
N GLN DB 83 116.80 43.10 -69.43
CA GLN DB 83 117.66 41.94 -69.20
C GLN DB 83 119.03 42.14 -69.83
N ARG DB 84 119.07 42.80 -71.00
CA ARG DB 84 120.33 43.23 -71.58
C ARG DB 84 121.04 44.24 -70.68
N ASP DB 85 120.30 45.19 -70.11
CA ASP DB 85 120.88 46.15 -69.19
C ASP DB 85 121.53 45.47 -68.00
N ALA DB 86 120.94 44.36 -67.53
CA ALA DB 86 121.58 43.58 -66.48
C ALA DB 86 122.82 42.84 -66.98
N GLN DB 87 122.74 42.22 -68.15
CA GLN DB 87 123.90 41.52 -68.68
C GLN DB 87 125.09 42.45 -68.86
N GLN DB 88 124.86 43.63 -69.44
CA GLN DB 88 125.93 44.60 -69.63
C GLN DB 88 126.41 45.19 -68.31
N LEU DB 89 125.53 45.28 -67.30
CA LEU DB 89 125.96 45.68 -65.97
C LEU DB 89 126.88 44.65 -65.33
N ILE DB 90 126.61 43.36 -65.54
CA ILE DB 90 127.52 42.34 -65.03
C ILE DB 90 128.81 42.30 -65.84
N ALA DB 91 128.74 42.62 -67.13
CA ALA DB 91 129.95 42.81 -67.92
C ALA DB 91 130.81 43.94 -67.36
N GLN DB 92 130.19 45.06 -66.98
CA GLN DB 92 130.91 46.14 -66.30
C GLN DB 92 131.47 45.67 -64.96
N ARG DB 93 130.70 44.87 -64.22
CA ARG DB 93 131.22 44.26 -63.00
C ARG DB 93 132.43 43.37 -63.27
N TRP DB 94 132.48 42.74 -64.44
CA TRP DB 94 133.67 42.01 -64.86
C TRP DB 94 134.83 42.92 -65.24
N TYR DB 95 134.55 44.11 -65.77
CA TYR DB 95 135.62 45.09 -65.97
C TYR DB 95 136.14 45.64 -64.65
N GLU DB 96 135.26 45.90 -63.68
CA GLU DB 96 135.70 46.34 -62.36
C GLU DB 96 136.62 45.32 -61.71
N LYS DB 97 136.23 44.04 -61.74
CA LYS DB 97 137.10 42.98 -61.24
C LYS DB 97 138.39 42.87 -62.01
N ALA DB 98 138.37 43.17 -63.31
CA ALA DB 98 139.63 43.28 -64.05
C ALA DB 98 140.44 44.49 -63.60
N GLN DB 99 139.78 45.62 -63.34
CA GLN DB 99 140.51 46.84 -63.00
C GLN DB 99 141.29 46.67 -61.70
N ALA DB 100 140.78 45.86 -60.77
CA ALA DB 100 141.51 45.52 -59.56
C ALA DB 100 142.77 44.72 -59.83
N ALA DB 101 142.98 44.28 -61.07
CA ALA DB 101 144.21 43.62 -61.49
C ALA DB 101 144.81 44.24 -62.74
N LEU DB 102 144.27 45.35 -63.23
CA LEU DB 102 144.75 45.99 -64.44
C LEU DB 102 145.79 47.06 -64.16
N ASP DB 103 146.15 47.27 -62.90
CA ASP DB 103 147.30 48.06 -62.51
C ASP DB 103 148.42 47.16 -62.02
N ARG DB 104 149.63 47.71 -61.98
CA ARG DB 104 150.84 47.04 -61.49
C ARG DB 104 151.28 45.90 -62.39
N GLY DB 105 150.68 45.74 -63.57
CA GLY DB 105 150.99 44.62 -64.42
C GLY DB 105 150.48 43.29 -63.92
N ASN DB 106 149.55 43.30 -62.98
CA ASN DB 106 148.97 42.09 -62.40
C ASN DB 106 147.77 41.58 -63.19
N GLU DB 107 147.67 41.93 -64.47
CA GLU DB 107 146.51 41.67 -65.32
C GLU DB 107 146.23 40.18 -65.52
N GLN DB 108 147.05 39.31 -64.93
CA GLN DB 108 146.84 37.86 -65.02
C GLN DB 108 145.38 37.48 -64.81
N LEU DB 109 144.76 37.95 -63.73
CA LEU DB 109 143.37 37.59 -63.46
C LEU DB 109 142.41 38.17 -64.49
N ALA DB 110 142.82 39.22 -65.22
CA ALA DB 110 141.98 39.74 -66.28
C ALA DB 110 141.74 38.69 -67.36
N ARG DB 111 142.62 37.69 -67.48
CA ARG DB 111 142.41 36.62 -68.44
C ARG DB 111 141.06 35.94 -68.21
N GLU DB 112 140.83 35.49 -66.98
CA GLU DB 112 139.55 34.87 -66.64
C GLU DB 112 138.40 35.87 -66.61
N ALA DB 113 138.63 37.07 -66.05
CA ALA DB 113 137.54 38.04 -65.92
C ALA DB 113 136.99 38.48 -67.27
N LEU DB 114 137.87 38.81 -68.21
CA LEU DB 114 137.44 39.10 -69.58
C LEU DB 114 137.03 37.84 -70.34
N GLY DB 115 137.58 36.68 -69.98
CA GLY DB 115 137.07 35.44 -70.55
C GLY DB 115 135.61 35.19 -70.26
N GLN DB 116 135.18 35.49 -69.04
CA GLN DB 116 133.74 35.51 -68.74
C GLN DB 116 133.02 36.63 -69.49
N ARG DB 117 133.57 37.85 -69.45
CA ARG DB 117 132.88 38.95 -70.11
C ARG DB 117 132.63 38.69 -71.58
N GLN DB 118 133.50 37.93 -72.25
CA GLN DB 118 133.27 37.58 -73.65
C GLN DB 118 131.93 36.86 -73.83
N SER DB 119 131.64 35.88 -72.98
CA SER DB 119 130.33 35.24 -73.03
C SER DB 119 129.20 36.18 -72.63
N TYR DB 120 129.45 37.12 -71.72
CA TYR DB 120 128.41 38.08 -71.35
C TYR DB 120 128.14 39.07 -72.47
N GLN DB 121 129.17 39.49 -73.20
CA GLN DB 121 128.98 40.35 -74.36
C GLN DB 121 128.23 39.63 -75.49
N SER DB 122 128.45 38.33 -75.66
CA SER DB 122 127.75 37.61 -76.71
C SER DB 122 126.25 37.58 -76.45
N HIS DB 123 125.85 37.30 -75.20
CA HIS DB 123 124.43 37.38 -74.86
C HIS DB 123 123.91 38.81 -74.90
N THR DB 124 124.73 39.79 -74.52
CA THR DB 124 124.29 41.18 -74.59
C THR DB 124 124.01 41.62 -76.03
N GLU DB 125 124.84 41.18 -76.98
CA GLU DB 125 124.62 41.58 -78.36
C GLU DB 125 123.61 40.70 -79.08
N ALA DB 126 123.43 39.46 -78.63
CA ALA DB 126 122.27 38.68 -79.04
C ALA DB 126 120.98 39.35 -78.63
N LEU DB 127 120.91 39.82 -77.38
CA LEU DB 127 119.76 40.60 -76.93
C LEU DB 127 119.63 41.89 -77.73
N GLY DB 128 120.73 42.61 -77.91
CA GLY DB 128 120.67 43.89 -78.63
C GLY DB 128 120.19 43.77 -80.06
N LYS DB 129 120.51 42.67 -80.74
CA LYS DB 129 120.08 42.47 -82.11
C LYS DB 129 118.69 41.83 -82.23
N SER DB 130 118.31 40.98 -81.27
CA SER DB 130 116.90 40.64 -81.12
C SER DB 130 116.07 41.90 -80.90
N LEU DB 131 116.56 42.80 -80.04
CA LEU DB 131 115.92 44.07 -79.73
C LEU DB 131 115.98 45.05 -80.90
N GLY DB 132 116.75 44.74 -81.94
CA GLY DB 132 116.68 45.49 -83.19
C GLY DB 132 115.50 45.04 -84.02
N GLU DB 133 115.22 43.74 -84.03
CA GLU DB 133 114.02 43.24 -84.69
C GLU DB 133 112.78 43.66 -83.92
N GLN DB 134 112.81 43.48 -82.60
CA GLN DB 134 111.69 43.91 -81.76
C GLN DB 134 111.43 45.41 -81.86
N ARG DB 135 112.47 46.20 -82.11
CA ARG DB 135 112.27 47.60 -82.47
C ARG DB 135 111.44 47.73 -83.74
N ALA DB 136 111.91 47.12 -84.83
CA ALA DB 136 111.17 47.19 -86.09
C ALA DB 136 109.75 46.65 -85.95
N LEU DB 137 109.54 45.67 -85.08
CA LEU DB 137 108.19 45.17 -84.81
C LEU DB 137 107.31 46.23 -84.15
N VAL DB 138 107.80 46.89 -83.10
CA VAL DB 138 106.99 47.92 -82.45
C VAL DB 138 106.79 49.13 -83.35
N GLU DB 139 107.76 49.45 -84.21
CA GLU DB 139 107.56 50.54 -85.18
C GLU DB 139 106.51 50.18 -86.22
N GLN DB 140 106.65 49.00 -86.84
CA GLN DB 140 105.71 48.61 -87.90
C GLN DB 140 104.31 48.38 -87.36
N VAL DB 141 104.20 47.83 -86.15
CA VAL DB 141 102.88 47.63 -85.55
C VAL DB 141 102.25 48.96 -85.17
N ARG DB 142 103.06 49.95 -84.77
CA ARG DB 142 102.53 51.29 -84.52
C ARG DB 142 102.06 51.95 -85.81
N GLY DB 143 102.80 51.78 -86.90
CA GLY DB 143 102.34 52.34 -88.17
C GLY DB 143 101.12 51.62 -88.72
N GLN DB 144 101.07 50.30 -88.55
CA GLN DB 144 99.90 49.53 -88.94
C GLN DB 144 98.66 50.01 -88.17
N LEU DB 145 98.78 50.13 -86.86
CA LEU DB 145 97.67 50.63 -86.05
C LEU DB 145 97.27 52.05 -86.46
N GLN DB 146 98.22 52.97 -86.52
CA GLN DB 146 97.87 54.37 -86.77
C GLN DB 146 97.20 54.57 -88.13
N LYS DB 147 97.62 53.82 -89.15
CA LYS DB 147 96.89 53.80 -90.41
C LYS DB 147 95.48 53.22 -90.24
N LEU DB 148 95.38 52.07 -89.56
CA LEU DB 148 94.12 51.36 -89.47
C LEU DB 148 93.09 52.13 -88.65
N GLU DB 149 93.48 52.60 -87.47
CA GLU DB 149 92.56 53.30 -86.58
C GLU DB 149 92.19 54.67 -87.12
N ARG DB 150 93.10 55.34 -87.83
CA ARG DB 150 92.75 56.57 -88.52
C ARG DB 150 91.74 56.29 -89.63
N LYS DB 151 91.88 55.14 -90.30
CA LYS DB 151 90.89 54.73 -91.30
C LYS DB 151 89.55 54.44 -90.65
N TYR DB 152 89.56 53.84 -89.46
CA TYR DB 152 88.33 53.65 -88.69
C TYR DB 152 87.69 54.98 -88.31
N LEU DB 153 88.49 55.97 -87.89
CA LEU DB 153 87.96 57.30 -87.59
C LEU DB 153 87.30 57.94 -88.80
N GLU DB 154 87.99 57.95 -89.94
CA GLU DB 154 87.42 58.50 -91.16
C GLU DB 154 86.24 57.68 -91.66
N LEU DB 155 86.25 56.37 -91.42
CA LEU DB 155 85.11 55.52 -91.75
C LEU DB 155 83.92 55.80 -90.83
N LYS DB 156 84.15 56.13 -89.57
CA LYS DB 156 83.07 56.64 -88.71
C LYS DB 156 82.49 57.93 -89.27
N SER DB 157 83.35 58.85 -89.70
CA SER DB 157 82.88 60.08 -90.32
C SER DB 157 82.01 59.77 -91.53
N GLN DB 158 82.48 58.90 -92.42
CA GLN DB 158 81.71 58.49 -93.59
C GLN DB 158 80.38 57.83 -93.20
N LYS DB 159 80.38 56.95 -92.20
CA LYS DB 159 79.13 56.30 -91.80
C LYS DB 159 78.11 57.31 -91.32
N ASN DB 160 78.52 58.25 -90.46
CA ASN DB 160 77.60 59.29 -90.01
C ASN DB 160 77.02 60.04 -91.20
N LEU DB 161 77.88 60.41 -92.15
CA LEU DB 161 77.45 61.08 -93.37
C LEU DB 161 76.64 60.16 -94.28
N TYR DB 162 76.83 58.85 -94.16
CA TYR DB 162 76.07 57.90 -94.97
C TYR DB 162 74.65 57.70 -94.44
N LEU DB 163 74.49 57.68 -93.11
CA LEU DB 163 73.16 57.64 -92.53
C LEU DB 163 72.37 58.91 -92.85
N ALA DB 164 73.05 60.06 -92.81
CA ALA DB 164 72.43 61.31 -93.25
C ALA DB 164 72.04 61.27 -94.72
N ARG DB 165 72.96 60.85 -95.59
CA ARG DB 165 72.63 60.68 -97.01
C ARG DB 165 71.44 59.76 -97.21
N LEU DB 166 71.45 58.60 -96.54
CA LEU DB 166 70.40 57.61 -96.71
C LEU DB 166 69.03 58.17 -96.30
N LYS DB 167 68.95 58.74 -95.09
CA LYS DB 167 67.70 59.35 -94.65
C LYS DB 167 67.26 60.48 -95.58
N SER DB 168 68.20 61.25 -96.11
CA SER DB 168 67.85 62.34 -97.02
C SER DB 168 67.32 61.82 -98.35
N ALA DB 169 67.96 60.77 -98.89
CA ALA DB 169 67.45 60.11 -100.08
C ALA DB 169 66.06 59.53 -99.85
N ILE DB 170 65.86 58.87 -98.72
CA ILE DB 170 64.55 58.30 -98.38
C ILE DB 170 63.49 59.40 -98.38
N ALA DB 171 63.79 60.53 -97.74
CA ALA DB 171 62.87 61.67 -97.74
C ALA DB 171 62.60 62.16 -99.16
N ALA DB 172 63.64 62.26 -99.98
CA ALA DB 172 63.49 62.68 -101.37
C ALA DB 172 62.58 61.73 -102.14
N GLN DB 173 62.81 60.43 -101.97
CA GLN DB 173 61.94 59.42 -102.57
C GLN DB 173 60.49 59.63 -102.16
N LYS DB 174 60.25 59.96 -100.90
CA LYS DB 174 58.90 60.20 -100.43
C LYS DB 174 58.27 61.46 -101.03
N ILE DB 175 59.04 62.52 -101.23
CA ILE DB 175 58.52 63.70 -101.93
C ILE DB 175 58.19 63.41 -103.39
N GLU DB 176 59.09 62.75 -104.11
CA GLU DB 176 58.79 62.43 -105.51
C GLU DB 176 57.55 61.54 -105.64
N GLU DB 177 57.50 60.44 -104.88
CA GLU DB 177 56.39 59.50 -105.02
C GLU DB 177 55.06 60.09 -104.55
N ILE DB 178 55.06 60.84 -103.45
CA ILE DB 178 53.84 61.50 -102.98
C ILE DB 178 53.45 62.66 -103.89
N ALA DB 179 54.45 63.37 -104.43
CA ALA DB 179 54.18 64.41 -105.41
C ALA DB 179 53.63 63.84 -106.72
N GLY DB 180 54.18 62.72 -107.19
CA GLY DB 180 53.64 62.08 -108.37
C GLY DB 180 52.21 61.59 -108.21
N ASN DB 181 51.89 61.02 -107.03
CA ASN DB 181 50.50 60.69 -106.76
C ASN DB 181 49.63 61.92 -106.56
N LEU DB 182 50.19 62.98 -105.99
CA LEU DB 182 49.41 64.19 -105.75
C LEU DB 182 49.05 64.87 -107.08
N ASP DB 183 50.04 65.08 -107.94
CA ASP DB 183 49.79 65.75 -109.21
C ASP DB 183 48.99 64.85 -110.15
N ASN DB 184 49.47 63.62 -110.36
CA ASN DB 184 48.86 62.77 -111.37
C ASN DB 184 47.49 62.25 -110.95
N ALA DB 185 47.40 61.65 -109.76
CA ALA DB 185 46.11 61.10 -109.32
C ALA DB 185 45.15 62.20 -108.88
N SER DB 186 45.60 63.08 -107.97
CA SER DB 186 44.70 64.06 -107.37
C SER DB 186 44.29 65.13 -108.38
N ALA DB 187 45.27 65.70 -109.08
CA ALA DB 187 44.99 66.85 -109.94
C ALA DB 187 44.13 66.47 -111.14
N SER DB 188 44.39 65.31 -111.75
CA SER DB 188 43.50 64.86 -112.83
C SER DB 188 42.09 64.62 -112.30
N SER DB 189 41.99 64.12 -111.06
CA SER DB 189 40.67 63.96 -110.44
C SER DB 189 40.01 65.32 -110.22
N LEU DB 190 40.79 66.35 -109.91
CA LEU DB 190 40.21 67.67 -109.71
C LEU DB 190 39.76 68.29 -111.03
N PHE DB 191 40.64 68.29 -112.03
CA PHE DB 191 40.34 69.01 -113.26
C PHE DB 191 39.26 68.30 -114.07
N GLU DB 192 39.45 67.01 -114.32
CA GLU DB 192 38.49 66.29 -115.17
C GLU DB 192 37.13 66.05 -114.50
N ARG DB 193 37.09 65.83 -113.17
CA ARG DB 193 35.79 65.77 -112.49
C ARG DB 193 35.11 67.12 -112.31
N ILE DB 194 35.87 68.19 -112.11
CA ILE DB 194 35.24 69.51 -112.04
C ILE DB 194 34.76 69.96 -113.41
N GLU DB 195 35.56 69.71 -114.45
CA GLU DB 195 35.16 70.06 -115.79
C GLU DB 195 33.90 69.32 -116.23
N THR DB 196 33.87 67.99 -116.05
CA THR DB 196 32.68 67.23 -116.43
C THR DB 196 31.45 67.66 -115.64
N LYS DB 197 31.60 68.01 -114.37
CA LYS DB 197 30.48 68.54 -113.62
C LYS DB 197 30.07 69.91 -114.11
N ILE DB 198 31.03 70.72 -114.57
CA ILE DB 198 30.71 72.01 -115.17
C ILE DB 198 29.92 71.80 -116.46
N LEU DB 199 30.37 70.85 -117.28
CA LEU DB 199 29.66 70.52 -118.51
C LEU DB 199 28.23 70.07 -118.22
N GLU DB 200 28.04 69.35 -117.12
CA GLU DB 200 26.68 68.95 -116.73
C GLU DB 200 25.85 70.18 -116.40
N LEU DB 201 26.46 71.16 -115.73
CA LEU DB 201 25.77 72.42 -115.47
C LEU DB 201 25.52 73.19 -116.76
N GLU DB 202 26.44 73.07 -117.73
CA GLU DB 202 26.30 73.76 -119.01
C GLU DB 202 25.23 73.13 -119.90
N ALA DB 203 25.03 71.82 -119.79
CA ALA DB 203 23.91 71.18 -120.49
C ALA DB 203 22.56 71.70 -120.01
N GLU DB 204 22.45 72.04 -118.72
CA GLU DB 204 21.28 72.77 -118.26
C GLU DB 204 21.30 74.24 -118.63
N ARG DB 205 22.49 74.84 -118.77
CA ARG DB 205 22.55 76.22 -119.27
C ARG DB 205 21.96 76.32 -120.68
N GLU DB 206 22.38 75.43 -121.58
CA GLU DB 206 21.87 75.45 -122.95
C GLU DB 206 20.42 74.97 -123.06
N LEU DB 207 19.86 74.41 -122.00
CA LEU DB 207 18.43 74.19 -121.95
C LEU DB 207 17.66 75.43 -121.49
N LEU DB 208 18.26 76.22 -120.59
CA LEU DB 208 17.62 77.43 -120.08
C LEU DB 208 17.94 78.67 -120.92
N ASN DB 209 18.92 78.58 -121.82
CA ASN DB 209 19.52 79.77 -122.41
C ASN DB 209 19.93 79.49 -123.85
N PRO DB 210 19.41 80.22 -124.83
CA PRO DB 210 19.87 80.02 -126.20
C PRO DB 210 21.34 80.35 -126.33
N PRO DB 211 22.06 79.64 -127.20
CA PRO DB 211 23.46 79.99 -127.45
C PRO DB 211 23.61 81.46 -127.79
N PRO DB 212 24.39 82.22 -127.00
CA PRO DB 212 24.59 83.64 -127.32
C PRO DB 212 25.47 83.87 -128.54
N SER DB 213 24.90 83.71 -129.73
CA SER DB 213 25.63 83.89 -130.97
C SER DB 213 26.10 85.34 -131.12
N PRO DB 214 27.00 85.64 -132.04
CA PRO DB 214 27.36 87.04 -132.27
C PRO DB 214 26.19 87.89 -132.73
N LEU DB 215 25.14 87.29 -133.28
CA LEU DB 215 24.04 88.08 -133.84
C LEU DB 215 23.25 88.77 -132.74
N ASP DB 216 22.66 87.98 -131.84
CA ASP DB 216 21.90 88.57 -130.73
C ASP DB 216 22.77 89.46 -129.86
N LYS DB 217 24.06 89.14 -129.74
CA LYS DB 217 24.97 89.99 -128.98
C LYS DB 217 25.06 91.38 -129.60
N LYS DB 218 25.19 91.46 -130.93
CA LYS DB 218 25.27 92.75 -131.59
C LYS DB 218 23.95 93.51 -131.47
N PHE DB 219 22.82 92.80 -131.54
CA PHE DB 219 21.52 93.43 -131.36
C PHE DB 219 21.37 94.03 -129.96
N GLU DB 220 21.82 93.32 -128.93
CA GLU DB 220 21.77 93.85 -127.58
C GLU DB 220 22.67 95.08 -127.43
N GLN DB 221 23.84 95.05 -128.06
CA GLN DB 221 24.73 96.21 -128.03
C GLN DB 221 24.06 97.41 -128.69
N TRP DB 222 23.41 97.19 -129.84
CA TRP DB 222 22.69 98.27 -130.50
C TRP DB 222 21.52 98.76 -129.65
N GLU DB 223 20.91 97.88 -128.86
CA GLU DB 223 19.84 98.33 -127.96
C GLU DB 223 20.37 99.32 -126.93
N GLU DB 224 21.54 99.03 -126.36
CA GLU DB 224 22.16 99.98 -125.45
C GLU DB 224 22.51 101.27 -126.18
N GLN DB 225 23.01 101.15 -127.42
CA GLN DB 225 23.32 102.33 -128.22
C GLN DB 225 22.08 103.18 -128.46
N GLN DB 226 20.93 102.53 -128.69
CA GLN DB 226 19.70 103.26 -128.95
C GLN DB 226 19.14 103.88 -127.68
N ALA DB 227 19.37 103.26 -126.52
CA ALA DB 227 18.98 103.90 -125.25
C ALA DB 227 19.73 105.20 -125.05
N VAL DB 228 21.05 105.18 -125.26
CA VAL DB 228 21.84 106.40 -125.11
C VAL DB 228 21.51 107.39 -126.21
N GLU DB 229 21.15 106.91 -127.40
CA GLU DB 229 20.74 107.86 -128.44
C GLU DB 229 19.43 108.54 -128.08
N ALA DB 230 18.55 107.85 -127.33
CA ALA DB 230 17.33 108.50 -126.84
C ALA DB 230 17.62 109.52 -125.74
N THR DB 231 18.58 109.22 -124.85
CA THR DB 231 19.00 110.20 -123.86
C THR DB 231 19.60 111.43 -124.54
N LEU DB 232 20.40 111.22 -125.59
CA LEU DB 232 20.95 112.35 -126.34
C LEU DB 232 19.83 113.17 -126.97
N ALA DB 233 18.77 112.51 -127.45
CA ALA DB 233 17.65 113.24 -128.03
C ALA DB 233 16.98 114.12 -127.00
N ALA DB 234 16.77 113.59 -125.79
CA ALA DB 234 16.25 114.40 -124.70
C ALA DB 234 17.19 115.56 -124.37
N MET DB 235 18.49 115.30 -124.34
CA MET DB 235 19.46 116.35 -124.06
C MET DB 235 19.31 117.51 -125.03
N LYS DB 236 19.32 117.23 -126.34
CA LYS DB 236 19.31 118.29 -127.33
C LYS DB 236 17.92 118.89 -127.52
N ALA DB 237 16.87 118.19 -127.10
CA ALA DB 237 15.53 118.78 -127.11
C ALA DB 237 15.37 119.79 -125.98
N ARG DB 238 15.90 119.48 -124.80
CA ARG DB 238 15.96 120.46 -123.73
C ARG DB 238 16.86 121.63 -124.12
N ARG DB 239 17.95 121.35 -124.83
CA ARG DB 239 18.86 122.39 -125.28
C ARG DB 239 18.27 123.24 -126.41
N SER DB 240 17.26 122.75 -127.12
CA SER DB 240 16.67 123.53 -128.22
C SER DB 240 16.21 124.89 -127.72
N MET EB 24 91.50 -48.98 -6.41
CA MET EB 24 90.39 -49.64 -5.74
C MET EB 24 89.78 -48.71 -4.68
N GLU EB 25 88.45 -48.73 -4.58
CA GLU EB 25 87.80 -47.91 -3.56
C GLU EB 25 88.18 -48.39 -2.16
N LEU EB 26 88.31 -49.70 -1.97
CA LEU EB 26 88.79 -50.22 -0.70
C LEU EB 26 90.15 -49.65 -0.36
N PHE EB 27 91.07 -49.66 -1.34
CA PHE EB 27 92.40 -49.12 -1.12
C PHE EB 27 92.34 -47.66 -0.70
N ASN EB 28 91.55 -46.84 -1.40
CA ASN EB 28 91.37 -45.44 -1.03
C ASN EB 28 90.84 -45.28 0.40
N ARG EB 29 89.82 -46.06 0.76
CA ARG EB 29 89.33 -46.06 2.14
C ARG EB 29 90.44 -46.36 3.14
N VAL EB 30 91.24 -47.40 2.87
CA VAL EB 30 92.36 -47.76 3.73
C VAL EB 30 93.50 -46.76 3.65
N GLY EB 31 93.49 -45.91 2.63
CA GLY EB 31 94.60 -45.01 2.39
C GLY EB 31 95.03 -44.13 3.56
N ARG EB 32 94.08 -43.54 4.27
CA ARG EB 32 94.49 -42.69 5.39
C ARG EB 32 95.35 -43.45 6.40
N VAL EB 33 94.89 -44.63 6.83
CA VAL EB 33 95.60 -45.43 7.82
C VAL EB 33 96.86 -46.07 7.25
N LEU EB 34 96.79 -46.61 6.05
CA LEU EB 34 97.97 -47.28 5.48
C LEU EB 34 99.02 -46.25 5.05
N LYS EB 35 98.62 -45.24 4.29
CA LYS EB 35 99.56 -44.26 3.79
C LYS EB 35 100.18 -43.40 4.90
N SER EB 36 99.50 -43.17 6.03
CA SER EB 36 100.18 -42.52 7.15
C SER EB 36 101.36 -43.36 7.64
N GLN EB 37 101.12 -44.65 7.83
CA GLN EB 37 102.20 -45.57 8.19
C GLN EB 37 103.29 -45.61 7.13
N LEU EB 38 102.93 -45.72 5.85
CA LEU EB 38 103.96 -45.76 4.82
C LEU EB 38 104.74 -44.44 4.71
N THR EB 39 104.08 -43.30 4.97
CA THR EB 39 104.79 -42.01 4.98
C THR EB 39 105.83 -41.98 6.09
N HIS EB 40 105.51 -42.53 7.26
CA HIS EB 40 106.57 -42.72 8.24
C HIS EB 40 107.55 -43.82 7.84
N TRP EB 41 107.07 -44.84 7.12
CA TRP EB 41 107.93 -45.97 6.77
C TRP EB 41 109.09 -45.52 5.91
N GLN EB 42 108.81 -44.70 4.90
CA GLN EB 42 109.90 -44.11 4.12
C GLN EB 42 110.76 -43.18 4.97
N GLN EB 43 110.15 -42.51 5.95
CA GLN EB 43 110.89 -41.70 6.91
C GLN EB 43 111.74 -42.51 7.88
N GLN EB 44 111.47 -43.80 8.08
CA GLN EB 44 112.03 -44.50 9.24
C GLN EB 44 113.54 -44.33 9.36
N GLN EB 45 114.26 -44.20 8.24
CA GLN EB 45 115.70 -43.98 8.34
C GLN EB 45 116.01 -42.71 9.12
N GLU EB 46 115.23 -41.66 8.90
CA GLU EB 46 115.33 -40.47 9.73
C GLU EB 46 114.66 -40.66 11.09
N ALA EB 47 113.53 -41.36 11.14
CA ALA EB 47 112.67 -41.39 12.32
C ALA EB 47 112.27 -42.82 12.67
N PRO EB 48 113.18 -43.57 13.30
CA PRO EB 48 112.79 -44.84 13.93
C PRO EB 48 112.21 -44.66 15.33
N GLU EB 49 112.29 -43.45 15.88
CA GLU EB 49 112.19 -43.26 17.33
C GLU EB 49 110.89 -43.80 17.91
N ASP EB 50 109.76 -43.51 17.23
CA ASP EB 50 108.47 -43.96 17.75
C ASP EB 50 108.33 -45.47 17.77
N LEU EB 51 108.73 -46.16 16.69
CA LEU EB 51 108.61 -47.62 16.69
C LEU EB 51 109.54 -48.27 17.70
N LEU EB 52 110.77 -47.75 17.82
CA LEU EB 52 111.73 -48.28 18.80
C LEU EB 52 111.21 -48.13 20.22
N GLU EB 53 110.77 -46.93 20.59
CA GLU EB 53 110.28 -46.67 21.94
C GLU EB 53 108.95 -47.36 22.22
N ARG EB 54 108.10 -47.55 21.21
CA ARG EB 54 106.89 -48.34 21.41
C ARG EB 54 107.23 -49.78 21.84
N LEU EB 55 108.13 -50.43 21.10
CA LEU EB 55 108.51 -51.80 21.45
C LEU EB 55 109.13 -51.89 22.83
N LEU EB 56 110.07 -51.01 23.16
CA LEU EB 56 110.68 -51.01 24.49
C LEU EB 56 109.69 -50.61 25.59
N GLY EB 57 108.69 -49.80 25.27
CA GLY EB 57 107.59 -49.60 26.21
C GLY EB 57 106.85 -50.88 26.51
N GLU EB 58 106.55 -51.67 25.49
CA GLU EB 58 105.94 -52.99 25.68
C GLU EB 58 106.85 -53.89 26.49
N MET EB 59 108.16 -53.79 26.29
CA MET EB 59 109.12 -54.54 27.08
C MET EB 59 109.14 -54.13 28.54
N GLU EB 60 108.95 -52.84 28.83
CA GLU EB 60 108.76 -52.38 30.21
C GLU EB 60 107.45 -52.88 30.80
N LEU EB 61 106.37 -52.90 30.02
CA LEU EB 61 105.11 -53.47 30.50
C LEU EB 61 105.23 -54.96 30.82
N GLU EB 62 105.96 -55.70 30.00
CA GLU EB 62 106.26 -57.10 30.33
C GLU EB 62 107.10 -57.19 31.61
N LEU EB 63 108.20 -56.43 31.68
CA LEU EB 63 109.15 -56.54 32.78
C LEU EB 63 108.54 -56.24 34.14
N ILE EB 64 107.55 -55.33 34.20
CA ILE EB 64 106.82 -55.15 35.46
C ILE EB 64 105.95 -56.38 35.78
N GLU EB 65 105.48 -57.10 34.77
CA GLU EB 65 104.90 -58.41 35.03
C GLU EB 65 105.96 -59.39 35.53
N LEU EB 66 107.09 -59.48 34.86
CA LEU EB 66 108.12 -60.46 35.22
C LEU EB 66 108.57 -60.32 36.67
N ARG EB 67 108.69 -59.09 37.16
CA ARG EB 67 109.00 -58.86 38.57
C ARG EB 67 107.88 -59.31 39.50
N ARG EB 68 106.62 -59.03 39.15
CA ARG EB 68 105.52 -59.53 39.98
C ARG EB 68 105.40 -61.05 39.93
N ALA EB 69 105.73 -61.68 38.80
CA ALA EB 69 105.72 -63.14 38.71
C ALA EB 69 106.84 -63.76 39.55
N LEU EB 70 108.00 -63.12 39.61
CA LEU EB 70 109.03 -63.50 40.58
C LEU EB 70 108.53 -63.37 42.01
N ALA EB 71 107.84 -62.28 42.34
CA ALA EB 71 107.31 -62.14 43.69
C ALA EB 71 106.24 -63.18 44.01
N GLN EB 72 105.45 -63.57 43.01
CA GLN EB 72 104.49 -64.65 43.21
C GLN EB 72 105.17 -66.01 43.41
N THR EB 73 106.30 -66.24 42.75
CA THR EB 73 107.06 -67.47 43.00
C THR EB 73 107.67 -67.49 44.40
N ILE EB 74 108.28 -66.39 44.84
CA ILE EB 74 108.82 -66.33 46.20
C ILE EB 74 107.72 -66.53 47.24
N ALA EB 75 106.56 -65.90 47.02
CA ALA EB 75 105.44 -66.06 47.93
C ALA EB 75 104.97 -67.51 48.01
N THR EB 76 104.85 -68.18 46.86
CA THR EB 76 104.47 -69.60 46.86
C THR EB 76 105.54 -70.51 47.44
N PHE EB 77 106.82 -70.17 47.26
CA PHE EB 77 107.89 -70.99 47.84
C PHE EB 77 107.86 -70.97 49.36
N LYS EB 78 107.82 -69.78 49.95
CA LYS EB 78 107.80 -69.66 51.41
C LYS EB 78 106.46 -70.07 52.01
N SER EB 79 105.35 -69.96 51.27
CA SER EB 79 104.10 -70.52 51.77
C SER EB 79 104.17 -72.04 51.86
N THR EB 80 104.82 -72.70 50.90
CA THR EB 80 105.08 -74.13 51.04
C THR EB 80 105.94 -74.39 52.27
N GLU EB 81 106.91 -73.51 52.53
CA GLU EB 81 107.75 -73.63 53.72
C GLU EB 81 106.97 -73.33 55.00
N ARG EB 82 106.00 -72.43 54.94
CA ARG EB 82 105.11 -72.21 56.08
C ARG EB 82 104.27 -73.45 56.38
N GLN EB 83 103.93 -74.23 55.35
CA GLN EB 83 103.27 -75.50 55.57
C GLN EB 83 104.21 -76.51 56.21
N ARG EB 84 105.49 -76.47 55.83
CA ARG EB 84 106.51 -77.23 56.54
C ARG EB 84 106.64 -76.78 58.00
N ASP EB 85 106.61 -75.47 58.23
CA ASP EB 85 106.66 -74.96 59.60
C ASP EB 85 105.51 -75.48 60.44
N ALA EB 86 104.33 -75.66 59.84
CA ALA EB 86 103.23 -76.29 60.55
C ALA EB 86 103.46 -77.78 60.78
N GLN EB 87 103.94 -78.50 59.75
CA GLN EB 87 104.19 -79.92 59.92
C GLN EB 87 105.20 -80.18 61.03
N GLN EB 88 106.31 -79.43 61.05
CA GLN EB 88 107.32 -79.58 62.09
C GLN EB 88 106.80 -79.13 63.46
N LEU EB 89 105.89 -78.16 63.49
CA LEU EB 89 105.26 -77.77 64.74
C LEU EB 89 104.38 -78.88 65.29
N ILE EB 90 103.66 -79.61 64.43
CA ILE EB 90 102.88 -80.75 64.90
C ILE EB 90 103.79 -81.91 65.28
N ALA EB 91 104.94 -82.05 64.61
CA ALA EB 91 105.94 -83.01 65.05
C ALA EB 91 106.45 -82.68 66.46
N GLN EB 92 106.69 -81.40 66.75
CA GLN EB 92 107.02 -80.99 68.10
C GLN EB 92 105.89 -81.27 69.08
N ARG EB 93 104.64 -81.03 68.65
CA ARG EB 93 103.49 -81.41 69.44
C ARG EB 93 103.45 -82.91 69.72
N TRP EB 94 103.95 -83.72 68.79
CA TRP EB 94 104.11 -85.15 69.03
C TRP EB 94 105.25 -85.47 69.99
N TYR EB 95 106.31 -84.66 70.01
CA TYR EB 95 107.32 -84.82 71.04
C TYR EB 95 106.81 -84.41 72.41
N GLU EB 96 106.02 -83.33 72.50
CA GLU EB 96 105.43 -82.94 73.77
C GLU EB 96 104.55 -84.05 74.34
N LYS EB 97 103.69 -84.63 73.50
CA LYS EB 97 102.87 -85.76 73.92
C LYS EB 97 103.71 -86.97 74.30
N ALA EB 98 104.86 -87.15 73.65
CA ALA EB 98 105.80 -88.17 74.11
C ALA EB 98 106.41 -87.80 75.46
N GLN EB 99 106.76 -86.53 75.66
CA GLN EB 99 107.42 -86.12 76.89
C GLN EB 99 106.55 -86.37 78.11
N ALA EB 100 105.22 -86.26 77.95
CA ALA EB 100 104.29 -86.62 79.02
C ALA EB 100 104.33 -88.10 79.36
N ALA EB 101 105.04 -88.91 78.58
CA ALA EB 101 105.25 -90.31 78.88
C ALA EB 101 106.72 -90.70 78.82
N LEU EB 102 107.62 -89.75 78.65
CA LEU EB 102 109.05 -90.05 78.54
C LEU EB 102 109.76 -89.97 79.88
N ASP EB 103 109.04 -89.69 80.96
CA ASP EB 103 109.53 -89.85 82.32
C ASP EB 103 108.88 -91.06 82.97
N ARG EB 104 109.50 -91.52 84.06
CA ARG EB 104 109.03 -92.64 84.88
C ARG EB 104 109.11 -93.97 84.14
N GLY EB 105 109.75 -94.02 82.97
CA GLY EB 105 109.78 -95.24 82.20
C GLY EB 105 108.45 -95.60 81.56
N ASN EB 106 107.51 -94.66 81.48
CA ASN EB 106 106.19 -94.89 80.91
C ASN EB 106 106.17 -94.63 79.40
N GLU EB 107 107.31 -94.73 78.74
CA GLU EB 107 107.49 -94.36 77.33
C GLU EB 107 106.66 -95.21 76.38
N GLN EB 108 105.88 -96.16 76.90
CA GLN EB 108 105.01 -96.99 76.07
C GLN EB 108 104.24 -96.18 75.04
N LEU EB 109 103.57 -95.11 75.46
CA LEU EB 109 102.80 -94.30 74.52
C LEU EB 109 103.68 -93.57 73.51
N ALA EB 110 104.97 -93.40 73.82
CA ALA EB 110 105.88 -92.80 72.84
C ALA EB 110 105.98 -93.66 71.59
N ARG EB 111 105.67 -94.96 71.69
CA ARG EB 111 105.67 -95.81 70.51
C ARG EB 111 104.74 -95.26 69.43
N GLU EB 112 103.48 -95.01 69.79
CA GLU EB 112 102.53 -94.43 68.86
C GLU EB 112 102.84 -92.98 68.53
N ALA EB 113 103.21 -92.18 69.53
CA ALA EB 113 103.44 -90.75 69.30
C ALA EB 113 104.58 -90.50 68.33
N LEU EB 114 105.70 -91.18 68.51
CA LEU EB 114 106.79 -91.11 67.54
C LEU EB 114 106.49 -91.89 66.26
N GLY EB 115 105.64 -92.92 66.34
CA GLY EB 115 105.18 -93.56 65.12
C GLY EB 115 104.43 -92.62 64.19
N GLN EB 116 103.60 -91.75 64.74
CA GLN EB 116 103.02 -90.66 63.96
C GLN EB 116 104.08 -89.66 63.52
N ARG EB 117 104.94 -89.23 64.43
CA ARG EB 117 105.95 -88.23 64.06
C ARG EB 117 106.83 -88.68 62.91
N GLN EB 118 107.06 -89.99 62.78
CA GLN EB 118 107.84 -90.48 61.64
C GLN EB 118 107.20 -90.10 60.31
N SER EB 119 105.89 -90.28 60.19
CA SER EB 119 105.19 -89.80 58.99
C SER EB 119 105.19 -88.29 58.87
N TYR EB 120 105.15 -87.56 59.98
CA TYR EB 120 105.20 -86.11 59.91
C TYR EB 120 106.59 -85.61 59.50
N GLN EB 121 107.65 -86.27 59.96
CA GLN EB 121 109.00 -85.94 59.51
C GLN EB 121 109.20 -86.24 58.03
N SER EB 122 108.59 -87.30 57.51
CA SER EB 122 108.75 -87.61 56.10
C SER EB 122 108.16 -86.51 55.22
N HIS EB 123 106.96 -86.03 55.56
CA HIS EB 123 106.38 -84.90 54.83
C HIS EB 123 107.16 -83.62 55.08
N THR EB 124 107.69 -83.43 56.29
CA THR EB 124 108.49 -82.23 56.56
C THR EB 124 109.76 -82.19 55.71
N GLU EB 125 110.42 -83.34 55.51
CA GLU EB 125 111.65 -83.36 54.73
C GLU EB 125 111.37 -83.45 53.24
N ALA EB 126 110.22 -84.01 52.84
CA ALA EB 126 109.76 -83.85 51.46
C ALA EB 126 109.54 -82.39 51.12
N LEU EB 127 108.88 -81.65 52.02
CA LEU EB 127 108.74 -80.22 51.84
C LEU EB 127 110.10 -79.52 51.84
N GLY EB 128 110.96 -79.86 52.80
CA GLY EB 128 112.25 -79.21 52.90
C GLY EB 128 113.13 -79.39 51.67
N LYS EB 129 113.03 -80.54 51.01
CA LYS EB 129 113.84 -80.79 49.81
C LYS EB 129 113.18 -80.30 48.53
N SER EB 130 111.85 -80.30 48.47
CA SER EB 130 111.16 -79.51 47.45
C SER EB 130 111.56 -78.04 47.56
N LEU EB 131 111.59 -77.52 48.79
CA LEU EB 131 111.99 -76.15 49.09
C LEU EB 131 113.48 -75.91 48.87
N GLY EB 132 114.27 -76.96 48.65
CA GLY EB 132 115.63 -76.81 48.19
C GLY EB 132 115.68 -76.54 46.70
N GLU EB 133 114.82 -77.21 45.94
CA GLU EB 133 114.71 -76.92 44.52
C GLU EB 133 114.07 -75.54 44.31
N GLN EB 134 112.98 -75.27 45.03
CA GLN EB 134 112.33 -73.97 44.96
C GLN EB 134 113.27 -72.84 45.37
N ARG EB 135 114.20 -73.11 46.28
CA ARG EB 135 115.29 -72.17 46.54
C ARG EB 135 116.10 -71.90 45.28
N ALA EB 136 116.66 -72.95 44.69
CA ALA EB 136 117.45 -72.80 43.48
C ALA EB 136 116.66 -72.13 42.36
N LEU EB 137 115.34 -72.36 42.31
CA LEU EB 137 114.50 -71.66 41.33
C LEU EB 137 114.45 -70.16 41.58
N VAL EB 138 114.19 -69.74 42.82
CA VAL EB 138 114.14 -68.31 43.10
C VAL EB 138 115.50 -67.65 42.97
N GLU EB 139 116.59 -68.37 43.25
CA GLU EB 139 117.92 -67.82 43.02
C GLU EB 139 118.21 -67.66 41.54
N GLN EB 140 117.99 -68.71 40.75
CA GLN EB 140 118.31 -68.66 39.32
C GLN EB 140 117.40 -67.67 38.59
N VAL EB 141 116.13 -67.59 38.98
CA VAL EB 141 115.23 -66.62 38.36
C VAL EB 141 115.61 -65.20 38.74
N ARG EB 142 116.12 -64.99 39.96
CA ARG EB 142 116.62 -63.67 40.33
C ARG EB 142 117.88 -63.30 39.53
N GLY EB 143 118.77 -64.25 39.31
CA GLY EB 143 119.95 -63.96 38.50
C GLY EB 143 119.61 -63.76 37.03
N GLN EB 144 118.66 -64.55 36.52
CA GLN EB 144 118.17 -64.37 35.16
C GLN EB 144 117.59 -62.96 34.98
N LEU EB 145 116.71 -62.56 35.89
CA LEU EB 145 116.14 -61.22 35.84
C LEU EB 145 117.20 -60.14 35.94
N GLN EB 146 118.07 -60.21 36.95
CA GLN EB 146 119.01 -59.12 37.17
C GLN EB 146 119.99 -58.95 36.01
N LYS EB 147 120.40 -60.05 35.36
CA LYS EB 147 121.14 -59.95 34.11
C LYS EB 147 120.31 -59.31 33.00
N LEU EB 148 119.07 -59.78 32.83
CA LEU EB 148 118.23 -59.35 31.72
C LEU EB 148 117.84 -57.88 31.84
N GLU EB 149 117.34 -57.47 33.01
CA GLU EB 149 116.88 -56.11 33.21
C GLU EB 149 118.04 -55.12 33.24
N ARG EB 150 119.20 -55.53 33.74
CA ARG EB 150 120.39 -54.69 33.62
C ARG EB 150 120.80 -54.53 32.16
N LYS EB 151 120.62 -55.58 31.37
CA LYS EB 151 120.86 -55.48 29.93
C LYS EB 151 119.86 -54.54 29.26
N TYR EB 152 118.60 -54.58 29.71
CA TYR EB 152 117.60 -53.62 29.25
C TYR EB 152 117.97 -52.18 29.62
N LEU EB 153 118.47 -51.96 30.83
CA LEU EB 153 118.93 -50.63 31.23
C LEU EB 153 120.06 -50.12 30.35
N GLU EB 154 121.10 -50.94 30.16
CA GLU EB 154 122.20 -50.57 29.28
C GLU EB 154 121.77 -50.44 27.83
N LEU EB 155 120.79 -51.24 27.41
CA LEU EB 155 120.22 -51.11 26.07
C LEU EB 155 119.40 -49.82 25.92
N LYS EB 156 118.72 -49.38 26.97
CA LYS EB 156 118.12 -48.04 26.96
C LYS EB 156 119.19 -46.96 26.80
N SER EB 157 120.29 -47.09 27.53
CA SER EB 157 121.40 -46.15 27.39
C SER EB 157 121.89 -46.11 25.94
N GLN EB 158 122.14 -47.29 25.37
CA GLN EB 158 122.56 -47.39 23.97
C GLN EB 158 121.53 -46.79 23.01
N LYS EB 159 120.24 -47.06 23.22
CA LYS EB 159 119.22 -46.50 22.32
C LYS EB 159 119.24 -44.98 22.35
N ASN EB 160 119.27 -44.38 23.54
CA ASN EB 160 119.35 -42.93 23.64
C ASN EB 160 120.55 -42.41 22.87
N LEU EB 161 121.70 -43.05 23.07
CA LEU EB 161 122.92 -42.70 22.34
C LEU EB 161 122.82 -43.02 20.85
N TYR EB 162 121.98 -43.97 20.47
CA TYR EB 162 121.80 -44.31 19.07
C TYR EB 162 120.93 -43.30 18.32
N LEU EB 163 119.89 -42.81 18.98
CA LEU EB 163 119.09 -41.72 18.41
C LEU EB 163 119.90 -40.45 18.25
N ALA EB 164 120.76 -40.16 19.23
CA ALA EB 164 121.70 -39.04 19.10
C ALA EB 164 122.67 -39.25 17.94
N ARG EB 165 123.30 -40.43 17.88
CA ARG EB 165 124.17 -40.74 16.75
C ARG EB 165 123.45 -40.61 15.42
N LEU EB 166 122.24 -41.16 15.31
CA LEU EB 166 121.50 -41.13 14.06
C LEU EB 166 121.17 -39.70 13.62
N LYS EB 167 120.62 -38.89 14.53
CA LYS EB 167 120.34 -37.50 14.21
C LYS EB 167 121.61 -36.73 13.84
N SER EB 168 122.73 -37.04 14.51
CA SER EB 168 123.99 -36.37 14.21
C SER EB 168 124.53 -36.76 12.84
N ALA EB 169 124.45 -38.05 12.50
CA ALA EB 169 124.81 -38.50 11.16
C ALA EB 169 123.92 -37.85 10.10
N ILE EB 170 122.61 -37.81 10.34
CA ILE EB 170 121.69 -37.17 9.41
C ILE EB 170 122.09 -35.71 9.17
N ALA EB 171 122.39 -34.98 10.24
CA ALA EB 171 122.85 -33.61 10.11
C ALA EB 171 124.14 -33.53 9.30
N ALA EB 172 125.08 -34.44 9.58
CA ALA EB 172 126.34 -34.48 8.83
C ALA EB 172 126.10 -34.72 7.34
N GLN EB 173 125.23 -35.68 7.03
CA GLN EB 173 124.84 -35.92 5.64
C GLN EB 173 124.29 -34.66 4.99
N LYS EB 174 123.49 -33.90 5.73
CA LYS EB 174 122.95 -32.66 5.18
C LYS EB 174 124.02 -31.59 4.95
N ILE EB 175 125.02 -31.48 5.82
CA ILE EB 175 126.13 -30.56 5.56
C ILE EB 175 126.96 -30.98 4.35
N GLU EB 176 127.31 -32.25 4.25
CA GLU EB 176 128.09 -32.69 3.08
C GLU EB 176 127.32 -32.46 1.78
N GLU EB 177 126.07 -32.91 1.71
CA GLU EB 177 125.30 -32.81 0.47
C GLU EB 177 124.99 -31.35 0.10
N ILE EB 178 124.63 -30.53 1.08
CA ILE EB 178 124.37 -29.11 0.81
C ILE EB 178 125.67 -28.36 0.52
N ALA EB 179 126.76 -28.74 1.18
CA ALA EB 179 128.07 -28.18 0.87
C ALA EB 179 128.55 -28.58 -0.53
N GLY EB 180 128.35 -29.84 -0.91
CA GLY EB 180 128.71 -30.25 -2.26
C GLY EB 180 127.91 -29.53 -3.34
N ASN EB 181 126.62 -29.33 -3.11
CA ASN EB 181 125.85 -28.50 -4.04
C ASN EB 181 126.23 -27.03 -3.98
N LEU EB 182 126.61 -26.55 -2.79
CA LEU EB 182 126.99 -25.14 -2.66
C LEU EB 182 128.30 -24.86 -3.39
N ASP EB 183 129.32 -25.67 -3.13
CA ASP EB 183 130.61 -25.45 -3.77
C ASP EB 183 130.55 -25.78 -5.25
N ASN EB 184 130.08 -26.98 -5.59
CA ASN EB 184 130.16 -27.44 -6.97
C ASN EB 184 129.18 -26.69 -7.88
N ALA EB 185 127.90 -26.66 -7.51
CA ALA EB 185 126.90 -25.99 -8.36
C ALA EB 185 127.01 -24.48 -8.27
N SER EB 186 127.00 -23.93 -7.04
CA SER EB 186 126.92 -22.48 -6.88
C SER EB 186 128.23 -21.81 -7.28
N ALA EB 187 129.35 -22.32 -6.79
CA ALA EB 187 130.63 -21.64 -6.98
C ALA EB 187 131.06 -21.66 -8.44
N SER EB 188 130.88 -22.79 -9.13
CA SER EB 188 131.19 -22.81 -10.56
C SER EB 188 130.28 -21.84 -11.31
N SER EB 189 129.02 -21.71 -10.87
CA SER EB 189 128.14 -20.71 -11.47
C SER EB 189 128.63 -19.30 -11.20
N LEU EB 190 129.23 -19.07 -10.03
CA LEU EB 190 129.75 -17.73 -9.73
C LEU EB 190 131.00 -17.43 -10.54
N PHE EB 191 131.98 -18.34 -10.53
CA PHE EB 191 133.27 -18.04 -11.15
C PHE EB 191 133.15 -18.02 -12.67
N GLU EB 192 132.59 -19.07 -13.26
CA GLU EB 192 132.54 -19.13 -14.72
C GLU EB 192 131.56 -18.16 -15.35
N ARG EB 193 130.41 -17.87 -14.70
CA ARG EB 193 129.54 -16.80 -15.20
C ARG EB 193 130.07 -15.39 -14.97
N ILE EB 194 130.76 -15.14 -13.87
CA ILE EB 194 131.37 -13.83 -13.67
C ILE EB 194 132.55 -13.62 -14.62
N GLU EB 195 133.36 -14.66 -14.80
CA GLU EB 195 134.49 -14.56 -15.71
C GLU EB 195 134.04 -14.32 -17.14
N THR EB 196 133.08 -15.11 -17.64
CA THR EB 196 132.59 -14.91 -19.01
C THR EB 196 131.95 -13.53 -19.19
N LYS EB 197 131.26 -13.03 -18.18
CA LYS EB 197 130.74 -11.66 -18.26
C LYS EB 197 131.86 -10.64 -18.24
N ILE EB 198 132.94 -10.91 -17.51
CA ILE EB 198 134.10 -10.03 -17.51
C ILE EB 198 134.73 -10.02 -18.89
N LEU EB 199 134.87 -11.20 -19.49
CA LEU EB 199 135.41 -11.31 -20.85
C LEU EB 199 134.55 -10.53 -21.84
N GLU EB 200 133.24 -10.53 -21.65
CA GLU EB 200 132.37 -9.74 -22.50
C GLU EB 200 132.66 -8.26 -22.33
N LEU EB 201 132.91 -7.83 -21.10
CA LEU EB 201 133.33 -6.45 -20.86
C LEU EB 201 134.70 -6.18 -21.45
N GLU EB 202 135.59 -7.18 -21.46
CA GLU EB 202 136.93 -7.03 -22.01
C GLU EB 202 136.93 -6.97 -23.54
N ALA EB 203 135.99 -7.66 -24.18
CA ALA EB 203 135.83 -7.54 -25.63
C ALA EB 203 135.46 -6.11 -26.03
N GLU EB 204 134.67 -5.42 -25.21
CA GLU EB 204 134.48 -3.99 -25.41
C GLU EB 204 135.68 -3.15 -24.98
N ARG EB 205 136.45 -3.61 -23.99
CA ARG EB 205 137.68 -2.91 -23.65
C ARG EB 205 138.65 -2.87 -24.82
N GLU EB 206 138.88 -4.01 -25.47
CA GLU EB 206 139.79 -4.08 -26.61
C GLU EB 206 139.21 -3.44 -27.86
N LEU EB 207 137.92 -3.08 -27.87
CA LEU EB 207 137.38 -2.22 -28.91
C LEU EB 207 137.62 -0.75 -28.61
N LEU EB 208 137.58 -0.36 -27.33
CA LEU EB 208 137.80 1.03 -26.94
C LEU EB 208 139.26 1.36 -26.67
N ASN EB 209 140.13 0.35 -26.57
CA ASN EB 209 141.45 0.55 -25.99
C ASN EB 209 142.46 -0.37 -26.70
N PRO EB 210 143.50 0.17 -27.31
CA PRO EB 210 144.52 -0.70 -27.89
C PRO EB 210 145.19 -1.54 -26.82
N PRO EB 211 145.59 -2.77 -27.16
CA PRO EB 211 146.34 -3.58 -26.20
C PRO EB 211 147.54 -2.83 -25.65
N PRO EB 212 147.62 -2.62 -24.33
CA PRO EB 212 148.78 -1.92 -23.77
C PRO EB 212 150.05 -2.75 -23.79
N SER EB 213 150.70 -2.83 -24.95
CA SER EB 213 151.93 -3.60 -25.11
C SER EB 213 153.03 -3.02 -24.24
N PRO EB 214 154.14 -3.73 -24.04
CA PRO EB 214 155.27 -3.13 -23.32
C PRO EB 214 155.84 -1.91 -24.01
N LEU EB 215 155.61 -1.75 -25.32
CA LEU EB 215 156.24 -0.64 -26.05
C LEU EB 215 155.64 0.70 -25.64
N ASP EB 216 154.33 0.87 -25.85
CA ASP EB 216 153.67 2.12 -25.45
C ASP EB 216 153.80 2.36 -23.96
N LYS EB 217 153.84 1.30 -23.15
CA LYS EB 217 154.03 1.47 -21.71
C LYS EB 217 155.38 2.13 -21.41
N LYS EB 218 156.44 1.68 -22.07
CA LYS EB 218 157.75 2.27 -21.85
C LYS EB 218 157.79 3.71 -22.34
N PHE EB 219 157.12 4.01 -23.46
CA PHE EB 219 157.05 5.37 -23.96
C PHE EB 219 156.34 6.29 -22.97
N GLU EB 220 155.24 5.83 -22.37
CA GLU EB 220 154.54 6.64 -21.38
C GLU EB 220 155.42 6.88 -20.15
N GLN EB 221 156.17 5.85 -19.73
CA GLN EB 221 157.08 6.01 -18.62
C GLN EB 221 158.15 7.05 -18.93
N TRP EB 222 158.71 7.00 -20.14
CA TRP EB 222 159.68 8.00 -20.55
C TRP EB 222 159.06 9.39 -20.62
N GLU EB 223 157.77 9.48 -20.95
CA GLU EB 223 157.10 10.78 -20.96
C GLU EB 223 157.08 11.39 -19.56
N GLU EB 224 156.77 10.57 -18.55
CA GLU EB 224 156.83 11.05 -17.18
C GLU EB 224 158.26 11.43 -16.82
N GLN EB 225 159.24 10.62 -17.25
CA GLN EB 225 160.64 10.93 -17.00
C GLN EB 225 161.02 12.28 -17.62
N GLN EB 226 160.51 12.57 -18.82
CA GLN EB 226 160.84 13.82 -19.48
C GLN EB 226 160.14 15.01 -18.85
N ALA EB 227 158.95 14.80 -18.28
CA ALA EB 227 158.30 15.87 -17.52
C ALA EB 227 159.14 16.27 -16.32
N VAL EB 228 159.61 15.28 -15.55
CA VAL EB 228 160.45 15.58 -14.40
C VAL EB 228 161.80 16.12 -14.84
N GLU EB 229 162.31 15.69 -15.99
CA GLU EB 229 163.55 16.28 -16.48
C GLU EB 229 163.37 17.74 -16.86
N ALA EB 230 162.17 18.12 -17.32
CA ALA EB 230 161.90 19.54 -17.57
C ALA EB 230 161.78 20.34 -16.28
N THR EB 231 161.17 19.76 -15.23
CA THR EB 231 161.14 20.42 -13.93
C THR EB 231 162.56 20.61 -13.39
N LEU EB 232 163.41 19.59 -13.56
CA LEU EB 232 164.81 19.72 -13.14
C LEU EB 232 165.49 20.84 -13.92
N ALA EB 233 165.19 20.98 -15.20
CA ALA EB 233 165.78 22.05 -15.98
C ALA EB 233 165.39 23.41 -15.44
N ALA EB 234 164.10 23.58 -15.10
CA ALA EB 234 163.66 24.82 -14.47
C ALA EB 234 164.36 25.03 -13.13
N MET EB 235 164.51 23.96 -12.34
CA MET EB 235 165.19 24.08 -11.06
C MET EB 235 166.60 24.64 -11.23
N LYS EB 236 167.39 24.05 -12.12
CA LYS EB 236 168.78 24.45 -12.24
C LYS EB 236 168.95 25.74 -13.04
N ALA EB 237 167.93 26.13 -13.81
CA ALA EB 237 167.97 27.43 -14.47
C ALA EB 237 167.71 28.56 -13.46
N ARG EB 238 166.77 28.35 -12.55
CA ARG EB 238 166.60 29.29 -11.45
C ARG EB 238 167.83 29.31 -10.55
N ARG EB 239 168.46 28.15 -10.35
CA ARG EB 239 169.67 28.07 -9.55
C ARG EB 239 170.89 28.69 -10.24
N SER EB 240 170.86 28.85 -11.56
CA SER EB 240 172.01 29.42 -12.26
C SER EB 240 172.37 30.80 -11.70
N MET FB 24 -6.20 -97.80 35.19
CA MET FB 24 -7.39 -97.26 34.54
C MET FB 24 -7.76 -95.90 35.15
N GLU FB 25 -8.18 -94.96 34.30
CA GLU FB 25 -8.60 -93.66 34.81
C GLU FB 25 -9.85 -93.80 35.69
N LEU FB 26 -10.76 -94.70 35.32
CA LEU FB 26 -11.92 -94.98 36.17
C LEU FB 26 -11.47 -95.44 37.55
N PHE FB 27 -10.52 -96.38 37.58
CA PHE FB 27 -10.00 -96.87 38.85
C PHE FB 27 -9.44 -95.75 39.70
N ASN FB 28 -8.60 -94.88 39.10
CA ASN FB 28 -8.07 -93.73 39.82
C ASN FB 28 -9.16 -92.81 40.36
N ARG FB 29 -10.18 -92.52 39.55
CA ARG FB 29 -11.33 -91.75 40.03
C ARG FB 29 -11.99 -92.41 41.24
N VAL FB 30 -12.22 -93.72 41.17
CA VAL FB 30 -12.81 -94.46 42.28
C VAL FB 30 -11.84 -94.61 43.45
N GLY FB 31 -10.55 -94.36 43.21
CA GLY FB 31 -9.54 -94.62 44.22
C GLY FB 31 -9.77 -93.97 45.57
N ARG FB 32 -10.17 -92.71 45.61
CA ARG FB 32 -10.38 -92.09 46.92
C ARG FB 32 -11.38 -92.88 47.77
N VAL FB 33 -12.54 -93.19 47.20
CA VAL FB 33 -13.59 -93.90 47.92
C VAL FB 33 -13.24 -95.37 48.16
N LEU FB 34 -12.70 -96.05 47.16
CA LEU FB 34 -12.39 -97.47 47.33
C LEU FB 34 -11.17 -97.65 48.25
N LYS FB 35 -10.08 -96.95 47.97
CA LYS FB 35 -8.86 -97.11 48.74
C LYS FB 35 -9.01 -96.63 50.19
N SER FB 36 -9.88 -95.66 50.49
CA SER FB 36 -10.14 -95.36 51.90
C SER FB 36 -10.73 -96.57 52.63
N GLN FB 37 -11.73 -97.20 52.01
CA GLN FB 37 -12.29 -98.43 52.56
C GLN FB 37 -11.25 -99.54 52.65
N LEU FB 38 -10.45 -99.75 51.60
CA LEU FB 38 -9.44 -100.80 51.67
C LEU FB 38 -8.35 -100.51 52.71
N THR FB 39 -8.01 -99.23 52.92
CA THR FB 39 -7.06 -98.87 53.97
C THR FB 39 -7.58 -99.22 55.34
N HIS FB 40 -8.88 -99.00 55.58
CA HIS FB 40 -9.47 -99.56 56.81
C HIS FB 40 -9.60 -101.08 56.74
N TRP FB 41 -9.82 -101.64 55.56
CA TRP FB 41 -10.04 -103.08 55.43
C TRP FB 41 -8.81 -103.85 55.91
N GLN FB 42 -7.63 -103.43 55.48
CA GLN FB 42 -6.41 -104.03 56.02
C GLN FB 42 -6.25 -103.75 57.51
N GLN FB 43 -6.72 -102.59 57.97
CA GLN FB 43 -6.75 -102.27 59.40
C GLN FB 43 -7.76 -103.09 60.19
N GLN FB 44 -8.78 -103.68 59.55
CA GLN FB 44 -9.92 -104.17 60.32
C GLN FB 44 -9.54 -105.07 61.49
N GLN FB 45 -8.44 -105.83 61.38
CA GLN FB 45 -8.01 -106.65 62.51
C GLN FB 45 -7.73 -105.79 63.73
N GLU FB 46 -7.12 -104.63 63.54
CA GLU FB 46 -6.97 -103.65 64.61
C GLU FB 46 -8.28 -102.90 64.88
N ALA FB 47 -9.03 -102.57 63.83
CA ALA FB 47 -10.15 -101.63 63.93
C ALA FB 47 -11.39 -102.19 63.24
N PRO FB 48 -12.09 -103.11 63.90
CA PRO FB 48 -13.45 -103.48 63.45
C PRO FB 48 -14.52 -102.53 63.96
N GLU FB 49 -14.17 -101.63 64.88
CA GLU FB 49 -15.15 -100.99 65.75
C GLU FB 49 -16.24 -100.26 64.96
N ASP FB 50 -15.86 -99.51 63.93
CA ASP FB 50 -16.84 -98.74 63.16
C ASP FB 50 -17.83 -99.63 62.41
N LEU FB 51 -17.35 -100.69 61.75
CA LEU FB 51 -18.27 -101.57 61.03
C LEU FB 51 -19.19 -102.33 61.98
N LEU FB 52 -18.65 -102.80 63.11
CA LEU FB 52 -19.46 -103.50 64.10
C LEU FB 52 -20.57 -102.62 64.67
N GLU FB 53 -20.21 -101.40 65.10
CA GLU FB 53 -21.18 -100.48 65.67
C GLU FB 53 -22.16 -99.94 64.64
N ARG FB 54 -21.74 -99.79 63.39
CA ARG FB 54 -22.68 -99.41 62.33
C ARG FB 54 -23.79 -100.45 62.19
N LEU FB 55 -23.41 -101.73 62.08
CA LEU FB 55 -24.41 -102.79 61.95
C LEU FB 55 -25.36 -102.84 63.15
N LEU FB 56 -24.81 -102.81 64.36
CA LEU FB 56 -25.66 -102.82 65.56
C LEU FB 56 -26.48 -101.54 65.71
N GLY FB 57 -26.00 -100.42 65.20
CA GLY FB 57 -26.85 -99.24 65.09
C GLY FB 57 -28.07 -99.47 64.20
N GLU FB 58 -27.85 -100.10 63.06
CA GLU FB 58 -28.96 -100.49 62.18
C GLU FB 58 -29.90 -101.46 62.89
N MET FB 59 -29.35 -102.35 63.70
CA MET FB 59 -30.16 -103.27 64.50
C MET FB 59 -30.99 -102.56 65.55
N GLU FB 60 -30.45 -101.49 66.15
CA GLU FB 60 -31.26 -100.63 67.03
C GLU FB 60 -32.35 -99.88 66.27
N LEU FB 61 -32.04 -99.39 65.07
CA LEU FB 61 -33.07 -98.75 64.26
C LEU FB 61 -34.19 -99.71 63.87
N GLU FB 62 -33.85 -100.96 63.56
CA GLU FB 62 -34.88 -101.97 63.35
C GLU FB 62 -35.68 -102.23 64.64
N LEU FB 63 -34.99 -102.45 65.75
CA LEU FB 63 -35.64 -102.84 67.01
C LEU FB 63 -36.62 -101.80 67.53
N ILE FB 64 -36.36 -100.51 67.29
CA ILE FB 64 -37.37 -99.50 67.60
C ILE FB 64 -38.58 -99.61 66.68
N GLU FB 65 -38.40 -100.07 65.44
CA GLU FB 65 -39.54 -100.44 64.63
C GLU FB 65 -40.26 -101.66 65.21
N LEU FB 66 -39.51 -102.72 65.55
CA LEU FB 66 -40.13 -103.96 66.03
C LEU FB 66 -41.02 -103.73 67.25
N ARG FB 67 -40.59 -102.86 68.17
CA ARG FB 67 -41.42 -102.48 69.31
C ARG FB 67 -42.68 -101.72 68.90
N ARG FB 68 -42.57 -100.77 67.95
CA ARG FB 68 -43.77 -100.09 67.48
C ARG FB 68 -44.70 -101.02 66.70
N ALA FB 69 -44.16 -102.01 66.00
CA ALA FB 69 -44.99 -102.99 65.30
C ALA FB 69 -45.72 -103.90 66.28
N LEU FB 70 -45.08 -104.26 67.38
CA LEU FB 70 -45.78 -104.92 68.49
C LEU FB 70 -46.90 -104.05 69.05
N ALA FB 71 -46.64 -102.76 69.25
CA ALA FB 71 -47.69 -101.88 69.75
C ALA FB 71 -48.84 -101.74 68.76
N GLN FB 72 -48.54 -101.76 67.46
CA GLN FB 72 -49.60 -101.75 66.46
C GLN FB 72 -50.41 -103.04 66.44
N THR FB 73 -49.77 -104.18 66.72
CA THR FB 73 -50.53 -105.43 66.85
C THR FB 73 -51.43 -105.43 68.08
N ILE FB 74 -50.92 -104.99 69.23
CA ILE FB 74 -51.76 -104.90 70.42
C ILE FB 74 -52.93 -103.95 70.20
N ALA FB 75 -52.68 -102.82 69.57
CA ALA FB 75 -53.75 -101.87 69.27
C ALA FB 75 -54.82 -102.47 68.36
N THR FB 76 -54.41 -103.18 67.31
CA THR FB 76 -55.37 -103.85 66.43
C THR FB 76 -56.09 -105.01 67.11
N PHE FB 77 -55.43 -105.73 68.02
CA PHE FB 77 -56.09 -106.82 68.73
C PHE FB 77 -57.21 -106.32 69.62
N LYS FB 78 -56.93 -105.32 70.46
CA LYS FB 78 -57.96 -104.78 71.36
C LYS FB 78 -59.00 -103.95 70.63
N SER FB 79 -58.66 -103.34 69.49
CA SER FB 79 -59.69 -102.69 68.68
C SER FB 79 -60.68 -103.71 68.12
N THR FB 80 -60.20 -104.88 67.69
CA THR FB 80 -61.13 -105.96 67.34
C THR FB 80 -61.98 -106.34 68.54
N GLU FB 81 -61.40 -106.35 69.73
CA GLU FB 81 -62.14 -106.64 70.96
C GLU FB 81 -63.11 -105.51 71.31
N ARG FB 82 -62.75 -104.26 71.00
CA ARG FB 82 -63.69 -103.16 71.17
C ARG FB 82 -64.89 -103.31 70.24
N GLN FB 83 -64.69 -103.90 69.07
CA GLN FB 83 -65.81 -104.21 68.18
C GLN FB 83 -66.66 -105.32 68.76
N ARG FB 84 -66.03 -106.30 69.43
CA ARG FB 84 -66.78 -107.28 70.20
C ARG FB 84 -67.56 -106.63 71.34
N ASP FB 85 -66.93 -105.67 72.04
CA ASP FB 85 -67.62 -104.96 73.11
C ASP FB 85 -68.87 -104.24 72.59
N ALA FB 86 -68.82 -103.74 71.36
CA ALA FB 86 -70.02 -103.17 70.75
C ALA FB 86 -71.04 -104.24 70.39
N GLN FB 87 -70.61 -105.35 69.80
CA GLN FB 87 -71.55 -106.41 69.45
C GLN FB 87 -72.28 -106.94 70.68
N GLN FB 88 -71.55 -107.19 71.77
CA GLN FB 88 -72.16 -107.68 73.00
C GLN FB 88 -73.03 -106.59 73.65
N LEU FB 89 -72.68 -105.32 73.48
CA LEU FB 89 -73.55 -104.25 73.96
C LEU FB 89 -74.87 -104.20 73.20
N ILE FB 90 -74.85 -104.45 71.89
CA ILE FB 90 -76.10 -104.51 71.13
C ILE FB 90 -76.87 -105.79 71.47
N ALA FB 91 -76.17 -106.88 71.80
CA ALA FB 91 -76.83 -108.06 72.33
C ALA FB 91 -77.55 -107.76 73.64
N GLN FB 92 -76.91 -107.00 74.53
CA GLN FB 92 -77.59 -106.54 75.74
C GLN FB 92 -78.77 -105.64 75.42
N ARG FB 93 -78.62 -104.77 74.43
CA ARG FB 93 -79.74 -103.97 73.94
C ARG FB 93 -80.88 -104.84 73.43
N TRP FB 94 -80.56 -106.01 72.86
CA TRP FB 94 -81.58 -106.98 72.49
C TRP FB 94 -82.20 -107.67 73.69
N TYR FB 95 -81.45 -107.86 74.77
CA TYR FB 95 -82.07 -108.35 76.00
C TYR FB 95 -82.97 -107.31 76.65
N GLU FB 96 -82.57 -106.04 76.63
CA GLU FB 96 -83.42 -104.97 77.15
C GLU FB 96 -84.76 -104.92 76.40
N LYS FB 97 -84.70 -104.97 75.07
CA LYS FB 97 -85.92 -105.02 74.27
C LYS FB 97 -86.73 -106.28 74.54
N ALA FB 98 -86.07 -107.39 74.85
CA ALA FB 98 -86.81 -108.56 75.32
C ALA FB 98 -87.43 -108.32 76.69
N GLN FB 99 -86.71 -107.66 77.60
CA GLN FB 99 -87.20 -107.48 78.95
C GLN FB 99 -88.49 -106.66 78.97
N ALA FB 100 -88.64 -105.73 78.03
CA ALA FB 100 -89.90 -104.99 77.87
C ALA FB 100 -91.05 -105.88 77.45
N ALA FB 101 -90.78 -107.14 77.12
CA ALA FB 101 -91.83 -108.12 76.82
C ALA FB 101 -91.66 -109.40 77.62
N LEU FB 102 -90.71 -109.46 78.55
CA LEU FB 102 -90.45 -110.66 79.32
C LEU FB 102 -91.22 -110.69 80.63
N ASP FB 103 -92.03 -109.68 80.90
CA ASP FB 103 -93.02 -109.70 81.96
C ASP FB 103 -94.41 -109.85 81.38
N ARG FB 104 -95.36 -110.24 82.24
CA ARG FB 104 -96.77 -110.40 81.92
C ARG FB 104 -97.03 -111.56 80.96
N GLY FB 105 -96.02 -112.39 80.67
CA GLY FB 105 -96.19 -113.44 79.70
C GLY FB 105 -96.27 -112.97 78.27
N ASN FB 106 -95.88 -111.72 78.00
CA ASN FB 106 -95.91 -111.14 76.67
C ASN FB 106 -94.64 -111.42 75.88
N GLU FB 107 -93.91 -112.48 76.22
CA GLU FB 107 -92.60 -112.80 75.67
C GLU FB 107 -92.62 -113.07 74.17
N GLN FB 108 -93.79 -113.00 73.54
CA GLN FB 108 -93.90 -113.20 72.09
C GLN FB 108 -92.82 -112.46 71.31
N LEU FB 109 -92.64 -111.16 71.57
CA LEU FB 109 -91.64 -110.39 70.85
C LEU FB 109 -90.22 -110.83 71.17
N ALA FB 110 -90.01 -111.50 72.30
CA ALA FB 110 -88.70 -112.05 72.60
C ALA FB 110 -88.26 -113.06 71.56
N ARG FB 111 -89.21 -113.67 70.84
CA ARG FB 111 -88.85 -114.59 69.78
C ARG FB 111 -87.95 -113.92 68.75
N GLU FB 112 -88.38 -112.78 68.21
CA GLU FB 112 -87.57 -112.03 67.26
C GLU FB 112 -86.35 -111.39 67.91
N ALA FB 113 -86.52 -110.81 69.11
CA ALA FB 113 -85.41 -110.10 69.75
C ALA FB 113 -84.23 -111.02 70.06
N LEU FB 114 -84.50 -112.19 70.64
CA LEU FB 114 -83.46 -113.20 70.83
C LEU FB 114 -83.06 -113.89 69.53
N GLY FB 115 -83.97 -113.96 68.55
CA GLY FB 115 -83.57 -114.44 67.24
C GLY FB 115 -82.49 -113.59 66.59
N GLN FB 116 -82.58 -112.28 66.73
CA GLN FB 116 -81.46 -111.41 66.35
C GLN FB 116 -80.25 -111.62 67.25
N ARG FB 117 -80.46 -111.65 68.57
CA ARG FB 117 -79.31 -111.79 69.47
C ARG FB 117 -78.51 -113.05 69.18
N GLN FB 118 -79.16 -114.12 68.70
CA GLN FB 118 -78.41 -115.33 68.34
C GLN FB 118 -77.34 -115.04 67.28
N SER FB 119 -77.69 -114.29 66.24
CA SER FB 119 -76.68 -113.86 65.26
C SER FB 119 -75.65 -112.91 65.86
N TYR FB 120 -76.06 -112.06 66.80
CA TYR FB 120 -75.09 -111.17 67.44
C TYR FB 120 -74.13 -111.92 68.35
N GLN FB 121 -74.61 -112.95 69.05
CA GLN FB 121 -73.73 -113.79 69.85
C GLN FB 121 -72.75 -114.59 68.98
N SER FB 122 -73.18 -115.02 67.79
CA SER FB 122 -72.26 -115.77 66.94
C SER FB 122 -71.09 -114.91 66.49
N HIS FB 123 -71.35 -113.67 66.09
CA HIS FB 123 -70.26 -112.75 65.76
C HIS FB 123 -69.46 -112.37 67.00
N THR FB 124 -70.10 -112.24 68.15
CA THR FB 124 -69.37 -111.92 69.38
C THR FB 124 -68.39 -113.03 69.75
N GLU FB 125 -68.79 -114.30 69.59
CA GLU FB 125 -67.91 -115.39 69.95
C GLU FB 125 -66.91 -115.73 68.84
N ALA FB 126 -67.24 -115.43 67.59
CA ALA FB 126 -66.25 -115.43 66.53
C ALA FB 126 -65.14 -114.42 66.81
N LEU FB 127 -65.52 -113.21 67.22
CA LEU FB 127 -64.55 -112.22 67.64
C LEU FB 127 -63.78 -112.70 68.86
N GLY FB 128 -64.48 -113.22 69.87
CA GLY FB 128 -63.82 -113.65 71.09
C GLY FB 128 -62.80 -114.76 70.89
N LYS FB 129 -63.05 -115.66 69.92
CA LYS FB 129 -62.10 -116.73 69.65
C LYS FB 129 -61.00 -116.36 68.67
N SER FB 130 -61.29 -115.46 67.73
CA SER FB 130 -60.22 -114.78 67.00
C SER FB 130 -59.30 -114.06 67.98
N LEU FB 131 -59.89 -113.36 68.96
CA LEU FB 131 -59.17 -112.64 70.00
C LEU FB 131 -58.48 -113.58 70.98
N GLY FB 132 -58.77 -114.88 70.94
CA GLY FB 132 -57.99 -115.86 71.66
C GLY FB 132 -56.69 -116.18 70.93
N GLU FB 133 -56.76 -116.26 69.60
CA GLU FB 133 -55.54 -116.43 68.82
C GLU FB 133 -54.71 -115.15 68.86
N GLN FB 134 -55.35 -114.00 68.67
CA GLN FB 134 -54.66 -112.72 68.75
C GLN FB 134 -54.03 -112.50 70.12
N ARG FB 135 -54.64 -113.04 71.18
CA ARG FB 135 -53.98 -113.09 72.48
C ARG FB 135 -52.67 -113.86 72.40
N ALA FB 136 -52.74 -115.12 71.97
CA ALA FB 136 -51.53 -115.94 71.87
C ALA FB 136 -50.49 -115.29 70.95
N LEU FB 137 -50.92 -114.56 69.93
CA LEU FB 137 -49.98 -113.82 69.09
C LEU FB 137 -49.26 -112.71 69.85
N VAL FB 138 -49.99 -111.89 70.60
CA VAL FB 138 -49.33 -110.82 71.35
C VAL FB 138 -48.48 -111.38 72.49
N GLU FB 139 -48.86 -112.50 73.07
CA GLU FB 139 -48.01 -113.14 74.08
C GLU FB 139 -46.73 -113.69 73.48
N GLN FB 140 -46.85 -114.47 72.40
CA GLN FB 140 -45.67 -115.08 71.80
C GLN FB 140 -44.74 -114.05 71.18
N VAL FB 141 -45.30 -112.99 70.58
CA VAL FB 141 -44.47 -111.93 70.03
C VAL FB 141 -43.78 -111.13 71.12
N ARG FB 142 -44.43 -110.97 72.28
CA ARG FB 142 -43.77 -110.34 73.42
C ARG FB 142 -42.64 -111.22 73.97
N GLY FB 143 -42.83 -112.53 74.03
CA GLY FB 143 -41.74 -113.39 74.47
C GLY FB 143 -40.62 -113.48 73.46
N GLN FB 144 -40.96 -113.50 72.17
CA GLN FB 144 -39.95 -113.46 71.12
C GLN FB 144 -39.10 -112.19 71.23
N LEU FB 145 -39.76 -111.04 71.35
CA LEU FB 145 -39.03 -109.78 71.51
C LEU FB 145 -38.17 -109.78 72.77
N GLN FB 146 -38.76 -110.12 73.92
CA GLN FB 146 -38.01 -109.98 75.16
C GLN FB 146 -36.79 -110.90 75.22
N LYS FB 147 -36.88 -112.10 74.64
CA LYS FB 147 -35.70 -112.93 74.44
C LYS FB 147 -34.69 -112.28 73.50
N LEU FB 148 -35.17 -111.78 72.35
CA LEU FB 148 -34.28 -111.28 71.32
C LEU FB 148 -33.56 -110.00 71.76
N GLU FB 149 -34.31 -109.03 72.30
CA GLU FB 149 -33.75 -107.75 72.69
C GLU FB 149 -32.86 -107.90 73.93
N ARG FB 150 -33.19 -108.81 74.84
CA ARG FB 150 -32.28 -109.11 75.94
C ARG FB 150 -31.00 -109.74 75.43
N LYS FB 151 -31.09 -110.55 74.37
CA LYS FB 151 -29.89 -111.10 73.74
C LYS FB 151 -29.07 -109.99 73.07
N TYR FB 152 -29.75 -109.01 72.47
CA TYR FB 152 -29.06 -107.83 71.93
C TYR FB 152 -28.36 -107.04 73.03
N LEU FB 153 -29.01 -106.86 74.18
CA LEU FB 153 -28.38 -106.17 75.31
C LEU FB 153 -27.12 -106.90 75.78
N GLU FB 154 -27.22 -108.21 76.01
CA GLU FB 154 -26.05 -108.99 76.41
C GLU FB 154 -25.00 -109.06 75.31
N LEU FB 155 -25.43 -109.03 74.05
CA LEU FB 155 -24.49 -108.97 72.93
C LEU FB 155 -23.79 -107.61 72.85
N LYS FB 156 -24.48 -106.53 73.20
CA LYS FB 156 -23.79 -105.24 73.37
C LYS FB 156 -22.74 -105.32 74.47
N SER FB 157 -23.08 -105.93 75.59
CA SER FB 157 -22.12 -106.12 76.67
C SER FB 157 -20.90 -106.89 76.17
N GLN FB 158 -21.13 -108.01 75.49
CA GLN FB 158 -20.04 -108.79 74.91
C GLN FB 158 -19.21 -107.99 73.90
N LYS FB 159 -19.86 -107.21 73.03
CA LYS FB 159 -19.11 -106.42 72.05
C LYS FB 159 -18.19 -105.42 72.74
N ASN FB 160 -18.70 -104.68 73.72
CA ASN FB 160 -17.86 -103.75 74.47
C ASN FB 160 -16.66 -104.48 75.07
N LEU FB 161 -16.90 -105.63 75.68
CA LEU FB 161 -15.83 -106.46 76.23
C LEU FB 161 -14.94 -107.06 75.15
N TYR FB 162 -15.47 -107.22 73.93
CA TYR FB 162 -14.67 -107.76 72.84
C TYR FB 162 -13.73 -106.73 72.25
N LEU FB 163 -14.17 -105.48 72.14
CA LEU FB 163 -13.28 -104.40 71.73
C LEU FB 163 -12.18 -104.17 72.75
N ALA FB 164 -12.50 -104.27 74.04
CA ALA FB 164 -11.47 -104.22 75.08
C ALA FB 164 -10.50 -105.39 74.97
N ARG FB 165 -11.02 -106.61 74.85
CA ARG FB 165 -10.14 -107.77 74.64
C ARG FB 165 -9.25 -107.58 73.41
N LEU FB 166 -9.82 -107.15 72.29
CA LEU FB 166 -9.05 -107.00 71.06
C LEU FB 166 -7.93 -105.98 71.21
N LYS FB 167 -8.25 -104.79 71.72
CA LYS FB 167 -7.22 -103.78 71.95
C LYS FB 167 -6.16 -104.27 72.94
N SER FB 168 -6.57 -105.03 73.95
CA SER FB 168 -5.61 -105.56 74.93
C SER FB 168 -4.69 -106.60 74.31
N ALA FB 169 -5.24 -107.50 73.49
CA ALA FB 169 -4.43 -108.46 72.75
C ALA FB 169 -3.47 -107.75 71.80
N ILE FB 170 -3.95 -106.74 71.08
CA ILE FB 170 -3.09 -105.97 70.18
C ILE FB 170 -1.91 -105.37 70.94
N ALA FB 171 -2.19 -104.76 72.09
CA ALA FB 171 -1.13 -104.22 72.94
C ALA FB 171 -0.16 -105.31 73.37
N ALA FB 172 -0.67 -106.47 73.78
CA ALA FB 172 0.17 -107.59 74.17
C ALA FB 172 1.06 -108.04 73.03
N GLN FB 173 0.49 -108.17 71.83
CA GLN FB 173 1.28 -108.48 70.64
C GLN FB 173 2.40 -107.48 70.44
N LYS FB 174 2.12 -106.20 70.66
CA LYS FB 174 3.15 -105.18 70.51
C LYS FB 174 4.25 -105.28 71.56
N ILE FB 175 3.92 -105.64 72.80
CA ILE FB 175 4.96 -105.87 73.80
C ILE FB 175 5.82 -107.10 73.47
N GLU FB 176 5.20 -108.21 73.10
CA GLU FB 176 6.00 -109.38 72.74
C GLU FB 176 6.92 -109.11 71.56
N GLU FB 177 6.38 -108.57 70.47
CA GLU FB 177 7.18 -108.36 69.27
C GLU FB 177 8.26 -107.30 69.47
N ILE FB 178 7.96 -106.21 70.16
CA ILE FB 178 8.96 -105.18 70.44
C ILE FB 178 9.97 -105.67 71.48
N ALA FB 179 9.51 -106.47 72.44
CA ALA FB 179 10.43 -107.10 73.39
C ALA FB 179 11.34 -108.13 72.72
N GLY FB 180 10.80 -108.93 71.81
CA GLY FB 180 11.64 -109.86 71.08
C GLY FB 180 12.70 -109.18 70.22
N ASN FB 181 12.33 -108.08 69.56
CA ASN FB 181 13.33 -107.30 68.85
C ASN FB 181 14.28 -106.58 69.79
N LEU FB 182 13.79 -106.15 70.95
CA LEU FB 182 14.66 -105.45 71.91
C LEU FB 182 15.70 -106.39 72.49
N ASP FB 183 15.27 -107.55 72.98
CA ASP FB 183 16.21 -108.49 73.58
C ASP FB 183 17.10 -109.12 72.52
N ASN FB 184 16.49 -109.69 71.48
CA ASN FB 184 17.26 -110.46 70.51
C ASN FB 184 18.14 -109.58 69.64
N ALA FB 185 17.56 -108.56 69.00
CA ALA FB 185 18.36 -107.70 68.11
C ALA FB 185 19.25 -106.75 68.90
N SER FB 186 18.67 -106.01 69.86
CA SER FB 186 19.43 -104.96 70.53
C SER FB 186 20.46 -105.54 71.47
N ALA FB 187 20.07 -106.50 72.30
CA ALA FB 187 20.95 -106.98 73.35
C ALA FB 187 22.14 -107.76 72.78
N SER FB 188 21.91 -108.58 71.76
CA SER FB 188 23.04 -109.24 71.11
C SER FB 188 23.97 -108.21 70.48
N SER FB 189 23.42 -107.13 69.94
CA SER FB 189 24.24 -106.05 69.42
C SER FB 189 25.04 -105.38 70.53
N LEU FB 190 24.46 -105.28 71.74
CA LEU FB 190 25.18 -104.67 72.84
C LEU FB 190 26.30 -105.58 73.34
N PHE FB 191 25.98 -106.85 73.61
CA PHE FB 191 26.95 -107.73 74.25
C PHE FB 191 28.07 -108.11 73.29
N GLU FB 192 27.72 -108.59 72.10
CA GLU FB 192 28.75 -109.05 71.18
C GLU FB 192 29.58 -107.92 70.56
N ARG FB 193 28.99 -106.74 70.30
CA ARG FB 193 29.79 -105.60 69.87
C ARG FB 193 30.63 -104.96 70.98
N ILE FB 194 30.13 -104.94 72.21
CA ILE FB 194 30.95 -104.44 73.32
C ILE FB 194 32.08 -105.40 73.65
N GLU FB 195 31.78 -106.70 73.64
CA GLU FB 195 32.80 -107.70 73.91
C GLU FB 195 33.91 -107.67 72.86
N THR FB 196 33.54 -107.68 71.58
CA THR FB 196 34.56 -107.63 70.52
C THR FB 196 35.40 -106.35 70.59
N LYS FB 197 34.77 -105.22 70.93
CA LYS FB 197 35.54 -104.00 71.13
C LYS FB 197 36.44 -104.09 72.35
N ILE FB 198 36.00 -104.79 73.39
CA ILE FB 198 36.84 -105.00 74.56
C ILE FB 198 38.03 -105.87 74.18
N LEU FB 199 37.79 -106.92 73.41
CA LEU FB 199 38.87 -107.77 72.92
C LEU FB 199 39.87 -106.99 72.10
N GLU FB 200 39.40 -106.02 71.32
CA GLU FB 200 40.31 -105.16 70.56
C GLU FB 200 41.17 -104.33 71.51
N LEU FB 201 40.57 -103.85 72.60
CA LEU FB 201 41.34 -103.16 73.63
C LEU FB 201 42.31 -104.11 74.33
N GLU FB 202 41.92 -105.38 74.49
CA GLU FB 202 42.76 -106.37 75.14
C GLU FB 202 43.93 -106.81 74.27
N ALA FB 203 43.75 -106.81 72.94
CA ALA FB 203 44.88 -107.06 72.04
C ALA FB 203 45.96 -106.00 72.17
N GLU FB 204 45.57 -104.75 72.42
CA GLU FB 204 46.56 -103.74 72.79
C GLU FB 204 47.04 -103.88 74.23
N ARG FB 205 46.22 -104.41 75.13
CA ARG FB 205 46.70 -104.69 76.48
C ARG FB 205 47.86 -105.69 76.46
N GLU FB 206 47.68 -106.80 75.74
CA GLU FB 206 48.73 -107.83 75.65
C GLU FB 206 49.91 -107.39 74.80
N LEU FB 207 49.81 -106.28 74.08
CA LEU FB 207 50.98 -105.66 73.47
C LEU FB 207 51.72 -104.76 74.45
N LEU FB 208 51.01 -104.09 75.35
CA LEU FB 208 51.62 -103.20 76.33
C LEU FB 208 52.00 -103.91 77.63
N ASN FB 209 51.52 -105.13 77.84
CA ASN FB 209 51.54 -105.75 79.17
C ASN FB 209 51.76 -107.25 79.03
N PRO FB 210 52.81 -107.82 79.62
CA PRO FB 210 52.96 -109.26 79.58
C PRO FB 210 51.82 -109.94 80.30
N PRO FB 211 51.42 -111.13 79.84
CA PRO FB 211 50.38 -111.89 80.56
C PRO FB 211 50.75 -112.05 82.02
N PRO FB 212 49.90 -111.57 82.96
CA PRO FB 212 50.22 -111.73 84.38
C PRO FB 212 50.04 -113.16 84.87
N SER FB 213 51.02 -114.01 84.59
CA SER FB 213 50.97 -115.41 84.99
C SER FB 213 50.96 -115.52 86.51
N PRO FB 214 50.66 -116.69 87.07
CA PRO FB 214 50.78 -116.86 88.53
C PRO FB 214 52.19 -116.65 89.04
N LEU FB 215 53.21 -116.80 88.18
CA LEU FB 215 54.59 -116.72 88.65
C LEU FB 215 54.96 -115.31 89.08
N ASP FB 216 54.89 -114.36 88.14
CA ASP FB 216 55.20 -112.97 88.47
C ASP FB 216 54.26 -112.44 89.55
N LYS FB 217 53.02 -112.91 89.58
CA LYS FB 217 52.10 -112.49 90.64
C LYS FB 217 52.62 -112.88 92.01
N LYS FB 218 53.10 -114.13 92.15
CA LYS FB 218 53.64 -114.57 93.43
C LYS FB 218 54.90 -113.80 93.80
N PHE FB 219 55.74 -113.48 92.81
CA PHE FB 219 56.94 -112.70 93.07
C PHE FB 219 56.59 -111.31 93.57
N GLU FB 220 55.58 -110.67 92.98
CA GLU FB 220 55.16 -109.34 93.44
C GLU FB 220 54.61 -109.42 94.86
N GLN FB 221 53.85 -110.48 95.17
CA GLN FB 221 53.35 -110.66 96.52
C GLN FB 221 54.50 -110.81 97.51
N TRP FB 222 55.51 -111.60 97.15
CA TRP FB 222 56.69 -111.73 98.01
C TRP FB 222 57.43 -110.42 98.15
N GLU FB 223 57.41 -109.57 97.12
CA GLU FB 223 58.05 -108.26 97.23
C GLU FB 223 57.36 -107.42 98.31
N GLU FB 224 56.04 -107.43 98.33
CA GLU FB 224 55.32 -106.74 99.40
C GLU FB 224 55.64 -107.36 100.75
N GLN FB 225 55.72 -108.69 100.80
CA GLN FB 225 56.08 -109.38 102.03
C GLN FB 225 57.46 -108.96 102.52
N GLN FB 226 58.41 -108.78 101.59
CA GLN FB 226 59.77 -108.39 101.96
C GLN FB 226 59.84 -106.93 102.38
N ALA FB 227 58.99 -106.07 101.82
CA ALA FB 227 58.92 -104.69 102.29
C ALA FB 227 58.47 -104.63 103.74
N VAL FB 228 57.42 -105.37 104.09
CA VAL FB 228 56.95 -105.40 105.47
C VAL FB 228 57.96 -106.11 106.36
N GLU FB 229 58.68 -107.10 105.84
CA GLU FB 229 59.71 -107.71 106.65
C GLU FB 229 60.85 -106.76 106.95
N ALA FB 230 61.13 -105.82 106.02
CA ALA FB 230 62.12 -104.77 106.30
C ALA FB 230 61.62 -103.77 107.34
N THR FB 231 60.33 -103.40 107.29
CA THR FB 231 59.76 -102.56 108.33
C THR FB 231 59.83 -103.25 109.69
N LEU FB 232 59.54 -104.55 109.72
CA LEU FB 232 59.66 -105.30 110.98
C LEU FB 232 61.09 -105.27 111.48
N ALA FB 233 62.07 -105.37 110.57
CA ALA FB 233 63.47 -105.32 110.99
C ALA FB 233 63.80 -103.98 111.62
N ALA FB 234 63.33 -102.89 111.03
CA ALA FB 234 63.49 -101.57 111.64
C ALA FB 234 62.81 -101.50 113.00
N MET FB 235 61.60 -102.06 113.10
CA MET FB 235 60.88 -102.06 114.37
C MET FB 235 61.72 -102.71 115.47
N LYS FB 236 62.21 -103.92 115.23
CA LYS FB 236 62.91 -104.66 116.28
C LYS FB 236 64.34 -104.17 116.48
N ALA FB 237 64.91 -103.45 115.51
CA ALA FB 237 66.20 -102.83 115.71
C ALA FB 237 66.08 -101.60 116.61
N ARG FB 238 65.03 -100.80 116.43
CA ARG FB 238 64.74 -99.73 117.36
C ARG FB 238 64.40 -100.29 118.74
N ARG FB 239 63.70 -101.42 118.78
CA ARG FB 239 63.35 -102.06 120.05
C ARG FB 239 64.56 -102.71 120.73
N SER FB 240 65.64 -102.99 120.01
CA SER FB 240 66.80 -103.63 120.62
C SER FB 240 67.32 -102.79 121.79
N MET GB 24 -92.00 -49.70 -27.93
CA MET GB 24 -91.49 -48.72 -28.89
C MET GB 24 -91.20 -47.40 -28.19
N GLU GB 25 -90.10 -46.75 -28.56
CA GLU GB 25 -89.80 -45.44 -27.98
C GLU GB 25 -90.84 -44.41 -28.37
N LEU GB 26 -91.35 -44.49 -29.59
CA LEU GB 26 -92.45 -43.61 -30.01
C LEU GB 26 -93.65 -43.81 -29.09
N PHE GB 27 -94.01 -45.06 -28.83
CA PHE GB 27 -95.13 -45.35 -27.95
C PHE GB 27 -94.93 -44.74 -26.57
N ASN GB 28 -93.75 -44.93 -25.98
CA ASN GB 28 -93.42 -44.32 -24.69
C ASN GB 28 -93.55 -42.80 -24.71
N ARG GB 29 -93.01 -42.15 -25.75
CA ARG GB 29 -93.19 -40.71 -25.92
C ARG GB 29 -94.67 -40.31 -25.93
N VAL GB 30 -95.48 -41.04 -26.71
CA VAL GB 30 -96.92 -40.78 -26.78
C VAL GB 30 -97.63 -41.19 -25.49
N GLY GB 31 -96.99 -41.98 -24.65
CA GLY GB 31 -97.63 -42.54 -23.48
C GLY GB 31 -98.30 -41.54 -22.55
N ARG GB 32 -97.65 -40.43 -22.25
CA ARG GB 32 -98.31 -39.47 -21.36
C ARG GB 32 -99.67 -39.03 -21.88
N VAL GB 33 -99.73 -38.61 -23.15
CA VAL GB 33 -100.99 -38.13 -23.75
C VAL GB 33 -101.97 -39.27 -24.00
N LEU GB 34 -101.51 -40.39 -24.52
CA LEU GB 34 -102.43 -41.49 -24.82
C LEU GB 34 -102.92 -42.16 -23.54
N LYS GB 35 -102.00 -42.53 -22.66
CA LYS GB 35 -102.37 -43.24 -21.44
C LYS GB 35 -103.18 -42.38 -20.47
N SER GB 36 -103.04 -41.05 -20.48
CA SER GB 36 -103.98 -40.24 -19.69
C SER GB 36 -105.40 -40.41 -20.18
N GLN GB 37 -105.59 -40.32 -21.50
CA GLN GB 37 -106.89 -40.57 -22.09
C GLN GB 37 -107.38 -41.98 -21.81
N LEU GB 38 -106.53 -43.00 -21.99
CA LEU GB 38 -106.99 -44.36 -21.72
C LEU GB 38 -107.29 -44.60 -20.23
N THR GB 39 -106.58 -43.94 -19.32
CA THR GB 39 -106.90 -44.03 -17.89
C THR GB 39 -108.27 -43.48 -17.60
N HIS GB 40 -108.64 -42.36 -18.24
CA HIS GB 40 -110.04 -41.95 -18.16
C HIS GB 40 -110.97 -42.87 -18.95
N TRP GB 41 -110.49 -43.46 -20.04
CA TRP GB 41 -111.33 -44.30 -20.89
C TRP GB 41 -111.86 -45.49 -20.12
N GLN GB 42 -110.98 -46.17 -19.37
CA GLN GB 42 -111.44 -47.23 -18.49
C GLN GB 42 -112.34 -46.69 -17.39
N GLN GB 43 -112.08 -45.47 -16.93
CA GLN GB 43 -112.96 -44.80 -15.97
C GLN GB 43 -114.32 -44.40 -16.55
N GLN GB 44 -114.47 -44.29 -17.87
CA GLN GB 44 -115.63 -43.58 -18.42
C GLN GB 44 -116.96 -44.08 -17.85
N GLN GB 45 -117.06 -45.36 -17.50
CA GLN GB 45 -118.30 -45.85 -16.90
C GLN GB 45 -118.62 -45.09 -15.62
N GLU GB 46 -117.60 -44.82 -14.80
CA GLU GB 46 -117.76 -43.95 -13.65
C GLU GB 46 -117.83 -42.48 -14.05
N ALA GB 47 -117.03 -42.06 -15.03
CA ALA GB 47 -116.81 -40.65 -15.32
C ALA GB 47 -116.96 -40.37 -16.81
N PRO GB 48 -118.20 -40.29 -17.31
CA PRO GB 48 -118.42 -39.73 -18.65
C PRO GB 48 -118.49 -38.21 -18.67
N GLU GB 49 -118.54 -37.57 -17.50
CA GLU GB 49 -119.04 -36.21 -17.38
C GLU GB 49 -118.28 -35.23 -18.26
N ASP GB 50 -116.95 -35.32 -18.28
CA ASP GB 50 -116.15 -34.37 -19.07
C ASP GB 50 -116.39 -34.51 -20.56
N LEU GB 51 -116.43 -35.74 -21.09
CA LEU GB 51 -116.67 -35.90 -22.53
C LEU GB 51 -118.08 -35.47 -22.92
N LEU GB 52 -119.07 -35.81 -22.09
CA LEU GB 52 -120.44 -35.40 -22.36
C LEU GB 52 -120.60 -33.89 -22.40
N GLU GB 53 -120.09 -33.21 -21.36
CA GLU GB 53 -120.20 -31.75 -21.29
C GLU GB 53 -119.33 -31.04 -22.33
N ARG GB 54 -118.20 -31.62 -22.71
CA ARG GB 54 -117.42 -31.05 -23.81
C ARG GB 54 -118.23 -31.01 -25.10
N LEU GB 55 -118.84 -32.14 -25.47
CA LEU GB 55 -119.66 -32.18 -26.69
C LEU GB 55 -120.81 -31.20 -26.65
N LEU GB 56 -121.56 -31.18 -25.54
CA LEU GB 56 -122.68 -30.24 -25.41
C LEU GB 56 -122.22 -28.78 -25.33
N GLY GB 57 -121.02 -28.53 -24.82
CA GLY GB 57 -120.43 -27.21 -24.94
C GLY GB 57 -120.22 -26.80 -26.39
N GLU GB 58 -119.69 -27.72 -27.19
CA GLU GB 58 -119.56 -27.48 -28.63
C GLU GB 58 -120.92 -27.25 -29.28
N MET GB 59 -121.94 -27.96 -28.81
CA MET GB 59 -123.30 -27.76 -29.30
C MET GB 59 -123.86 -26.39 -28.93
N GLU GB 60 -123.51 -25.88 -27.76
CA GLU GB 60 -123.85 -24.49 -27.40
C GLU GB 60 -123.10 -23.48 -28.26
N LEU GB 61 -121.82 -23.74 -28.55
CA LEU GB 61 -121.07 -22.86 -29.45
C LEU GB 61 -121.66 -22.84 -30.85
N GLU GB 62 -122.12 -23.98 -31.35
CA GLU GB 62 -122.85 -24.01 -32.61
C GLU GB 62 -124.16 -23.23 -32.51
N LEU GB 63 -124.96 -23.51 -31.48
CA LEU GB 63 -126.30 -22.93 -31.35
C LEU GB 63 -126.29 -21.41 -31.26
N ILE GB 64 -125.25 -20.82 -30.67
CA ILE GB 64 -125.12 -19.36 -30.72
C ILE GB 64 -124.81 -18.88 -32.14
N GLU GB 65 -124.12 -19.70 -32.93
CA GLU GB 65 -124.04 -19.40 -34.36
C GLU GB 65 -125.40 -19.53 -35.04
N LEU GB 66 -126.12 -20.62 -34.79
CA LEU GB 66 -127.39 -20.87 -35.47
C LEU GB 66 -128.39 -19.73 -35.25
N ARG GB 67 -128.42 -19.17 -34.04
CA ARG GB 67 -129.26 -18.00 -33.77
C ARG GB 67 -128.80 -16.75 -34.53
N ARG GB 68 -127.49 -16.51 -34.60
CA ARG GB 68 -127.01 -15.38 -35.40
C ARG GB 68 -127.24 -15.58 -36.89
N ALA GB 69 -127.18 -16.82 -37.37
CA ALA GB 69 -127.48 -17.11 -38.78
C ALA GB 69 -128.95 -16.89 -39.10
N LEU GB 70 -129.84 -17.25 -38.16
CA LEU GB 70 -131.25 -16.86 -38.27
C LEU GB 70 -131.41 -15.34 -38.32
N ALA GB 71 -130.70 -14.60 -37.47
CA ALA GB 71 -130.80 -13.15 -37.50
C ALA GB 71 -130.27 -12.57 -38.80
N GLN GB 72 -129.23 -13.19 -39.38
CA GLN GB 72 -128.74 -12.76 -40.68
C GLN GB 72 -129.73 -13.06 -41.80
N THR GB 73 -130.48 -14.16 -41.70
CA THR GB 73 -131.54 -14.41 -42.69
C THR GB 73 -132.69 -13.42 -42.57
N ILE GB 74 -133.14 -13.13 -41.36
CA ILE GB 74 -134.20 -12.12 -41.19
C ILE GB 74 -133.74 -10.76 -41.70
N ALA GB 75 -132.50 -10.39 -41.40
CA ALA GB 75 -131.96 -9.12 -41.89
C ALA GB 75 -131.92 -9.05 -43.42
N THR GB 76 -131.48 -10.13 -44.07
CA THR GB 76 -131.47 -10.18 -45.53
C THR GB 76 -132.88 -10.23 -46.13
N PHE GB 77 -133.83 -10.88 -45.45
CA PHE GB 77 -135.20 -10.92 -45.96
C PHE GB 77 -135.85 -9.54 -45.99
N LYS GB 78 -135.79 -8.82 -44.86
CA LYS GB 78 -136.38 -7.49 -44.79
C LYS GB 78 -135.59 -6.45 -45.57
N SER GB 79 -134.27 -6.63 -45.74
CA SER GB 79 -133.54 -5.75 -46.64
C SER GB 79 -134.00 -5.90 -48.08
N THR GB 80 -134.28 -7.13 -48.52
CA THR GB 80 -134.91 -7.31 -49.83
C THR GB 80 -136.26 -6.60 -49.87
N GLU GB 81 -137.00 -6.65 -48.77
CA GLU GB 81 -138.28 -5.95 -48.68
C GLU GB 81 -138.10 -4.44 -48.64
N ARG GB 82 -137.01 -3.95 -48.04
CA ARG GB 82 -136.69 -2.53 -48.09
C ARG GB 82 -136.39 -2.09 -49.52
N GLN GB 83 -135.83 -2.98 -50.33
CA GLN GB 83 -135.65 -2.68 -51.75
C GLN GB 83 -136.98 -2.64 -52.48
N ARG GB 84 -137.91 -3.51 -52.08
CA ARG GB 84 -139.29 -3.40 -52.55
C ARG GB 84 -139.93 -2.09 -52.12
N ASP GB 85 -139.72 -1.68 -50.87
CA ASP GB 85 -140.24 -0.41 -50.40
C ASP GB 85 -139.73 0.76 -51.24
N ALA GB 86 -138.48 0.69 -51.72
CA ALA GB 86 -137.98 1.70 -52.64
C ALA GB 86 -138.64 1.59 -54.01
N GLN GB 87 -138.77 0.37 -54.55
CA GLN GB 87 -139.40 0.22 -55.85
C GLN GB 87 -140.83 0.76 -55.86
N GLN GB 88 -141.61 0.42 -54.83
CA GLN GB 88 -142.97 0.91 -54.73
C GLN GB 88 -143.03 2.42 -54.47
N LEU GB 89 -142.02 2.95 -53.78
CA LEU GB 89 -141.93 4.41 -53.61
C LEU GB 89 -141.67 5.12 -54.94
N ILE GB 90 -140.84 4.53 -55.81
CA ILE GB 90 -140.64 5.12 -57.12
C ILE GB 90 -141.87 4.92 -58.01
N ALA GB 91 -142.60 3.82 -57.82
CA ALA GB 91 -143.89 3.66 -58.47
C ALA GB 91 -144.87 4.76 -58.06
N GLN GB 92 -144.91 5.10 -56.77
CA GLN GB 92 -145.70 6.23 -56.31
C GLN GB 92 -145.20 7.54 -56.91
N ARG GB 93 -143.88 7.70 -57.01
CA ARG GB 93 -143.32 8.85 -57.72
C ARG GB 93 -143.76 8.91 -59.17
N TRP GB 94 -143.97 7.75 -59.79
CA TRP GB 94 -144.55 7.70 -61.13
C TRP GB 94 -146.04 8.04 -61.15
N TYR GB 95 -146.77 7.73 -60.08
CA TYR GB 95 -148.15 8.21 -59.98
C TYR GB 95 -148.21 9.71 -59.76
N GLU GB 96 -147.31 10.27 -58.94
CA GLU GB 96 -147.26 11.72 -58.76
C GLU GB 96 -147.00 12.44 -60.08
N LYS GB 97 -146.03 11.96 -60.85
CA LYS GB 97 -145.76 12.52 -62.17
C LYS GB 97 -146.95 12.34 -63.11
N ALA GB 98 -147.70 11.25 -62.96
CA ALA GB 98 -148.95 11.13 -63.70
C ALA GB 98 -149.99 12.14 -63.21
N GLN GB 99 -150.08 12.35 -61.89
CA GLN GB 99 -151.10 13.23 -61.35
C GLN GB 99 -150.94 14.66 -61.85
N ALA GB 100 -149.70 15.09 -62.11
CA ALA GB 100 -149.45 16.38 -62.73
C ALA GB 100 -149.97 16.47 -64.16
N ALA GB 101 -150.43 15.36 -64.72
CA ALA GB 101 -151.08 15.34 -66.03
C ALA GB 101 -152.41 14.62 -66.00
N LEU GB 102 -152.90 14.22 -64.83
CA LEU GB 102 -154.17 13.49 -64.73
C LEU GB 102 -155.35 14.41 -64.49
N ASP GB 103 -155.13 15.72 -64.45
CA ASP GB 103 -156.19 16.71 -64.49
C ASP GB 103 -156.20 17.39 -65.85
N ARG GB 104 -157.32 18.05 -66.15
CA ARG GB 104 -157.54 18.82 -67.38
C ARG GB 104 -157.60 17.94 -68.62
N GLY GB 105 -157.65 16.62 -68.47
CA GLY GB 105 -157.61 15.74 -69.62
C GLY GB 105 -156.27 15.67 -70.31
N ASN GB 106 -155.21 16.13 -69.65
CA ASN GB 106 -153.86 16.13 -70.22
C ASN GB 106 -153.11 14.83 -69.94
N GLU GB 107 -153.84 13.73 -69.71
CA GLU GB 107 -153.29 12.45 -69.28
C GLU GB 107 -152.35 11.82 -70.29
N GLN GB 108 -152.13 12.48 -71.43
CA GLN GB 108 -151.20 11.98 -72.44
C GLN GB 108 -149.88 11.48 -71.85
N LEU GB 109 -149.24 12.29 -71.01
CA LEU GB 109 -147.97 11.88 -70.42
C LEU GB 109 -148.13 10.72 -69.46
N ALA GB 110 -149.33 10.48 -68.95
CA ALA GB 110 -149.55 9.31 -68.10
C ALA GB 110 -149.29 8.02 -68.86
N ARG GB 111 -149.37 8.05 -70.20
CA ARG GB 111 -149.05 6.87 -70.99
C ARG GB 111 -147.64 6.38 -70.69
N GLU GB 112 -146.66 7.26 -70.80
CA GLU GB 112 -145.27 6.90 -70.49
C GLU GB 112 -145.06 6.68 -68.99
N ALA GB 113 -145.65 7.54 -68.15
CA ALA GB 113 -145.40 7.44 -66.71
C ALA GB 113 -145.89 6.12 -66.13
N LEU GB 114 -147.11 5.72 -66.48
CA LEU GB 114 -147.62 4.40 -66.10
C LEU GB 114 -146.98 3.27 -66.90
N GLY GB 115 -146.51 3.55 -68.11
CA GLY GB 115 -145.73 2.56 -68.83
C GLY GB 115 -144.45 2.16 -68.11
N GLN GB 116 -143.76 3.13 -67.51
CA GLN GB 116 -142.67 2.82 -66.60
C GLN GB 116 -143.17 2.12 -65.34
N ARG GB 117 -144.21 2.65 -64.71
CA ARG GB 117 -144.69 2.04 -63.47
C ARG GB 117 -145.05 0.58 -63.64
N GLN GB 118 -145.50 0.17 -64.83
CA GLN GB 118 -145.79 -1.24 -65.07
C GLN GB 118 -144.56 -2.12 -64.84
N SER GB 119 -143.40 -1.71 -65.37
CA SER GB 119 -142.16 -2.42 -65.07
C SER GB 119 -141.76 -2.33 -63.61
N TYR GB 120 -142.04 -1.20 -62.95
CA TYR GB 120 -141.71 -1.09 -61.53
C TYR GB 120 -142.62 -1.96 -60.67
N GLN GB 121 -143.89 -2.08 -61.03
CA GLN GB 121 -144.79 -3.00 -60.32
C GLN GB 121 -144.39 -4.46 -60.53
N SER GB 122 -143.88 -4.82 -61.70
CA SER GB 122 -143.48 -6.20 -61.92
C SER GB 122 -142.31 -6.58 -61.00
N HIS GB 123 -141.30 -5.71 -60.88
CA HIS GB 123 -140.22 -5.96 -59.93
C HIS GB 123 -140.71 -5.89 -58.48
N THR GB 124 -141.66 -5.00 -58.18
CA THR GB 124 -142.19 -4.92 -56.83
C THR GB 124 -142.90 -6.20 -56.43
N GLU GB 125 -143.65 -6.81 -57.35
CA GLU GB 125 -144.38 -8.03 -57.01
C GLU GB 125 -143.51 -9.28 -57.13
N ALA GB 126 -142.48 -9.23 -57.97
CA ALA GB 126 -141.44 -10.25 -57.91
C ALA GB 126 -140.75 -10.26 -56.56
N LEU GB 127 -140.40 -9.08 -56.05
CA LEU GB 127 -139.86 -8.97 -54.71
C LEU GB 127 -140.87 -9.44 -53.66
N GLY GB 128 -142.12 -8.98 -53.77
CA GLY GB 128 -143.13 -9.35 -52.80
C GLY GB 128 -143.40 -10.84 -52.71
N LYS GB 129 -143.30 -11.56 -53.83
CA LYS GB 129 -143.52 -13.00 -53.83
C LYS GB 129 -142.27 -13.81 -53.50
N SER GB 130 -141.09 -13.31 -53.85
CA SER GB 130 -139.86 -13.83 -53.25
C SER GB 130 -139.92 -13.69 -51.74
N LEU GB 131 -140.36 -12.53 -51.25
CA LEU GB 131 -140.52 -12.23 -49.84
C LEU GB 131 -141.66 -13.02 -49.20
N GLY GB 132 -142.49 -13.68 -49.99
CA GLY GB 132 -143.43 -14.65 -49.46
C GLY GB 132 -142.76 -15.97 -49.16
N GLU GB 133 -141.84 -16.38 -50.02
CA GLU GB 133 -141.04 -17.58 -49.72
C GLU GB 133 -140.07 -17.30 -48.58
N GLN GB 134 -139.39 -16.16 -48.63
CA GLN GB 134 -138.49 -15.77 -47.56
C GLN GB 134 -139.22 -15.64 -46.22
N ARG GB 135 -140.50 -15.25 -46.25
CA ARG GB 135 -141.33 -15.33 -45.05
C ARG GB 135 -141.42 -16.77 -44.55
N ALA GB 136 -141.89 -17.68 -45.39
CA ALA GB 136 -142.00 -19.08 -44.99
C ALA GB 136 -140.66 -19.65 -44.54
N LEU GB 137 -139.56 -19.19 -45.11
CA LEU GB 137 -138.23 -19.62 -44.65
C LEU GB 137 -137.94 -19.15 -43.23
N VAL GB 138 -138.17 -17.87 -42.93
CA VAL GB 138 -137.92 -17.39 -41.57
C VAL GB 138 -138.89 -18.00 -40.56
N GLU GB 139 -140.11 -18.29 -40.97
CA GLU GB 139 -141.04 -18.97 -40.08
C GLU GB 139 -140.61 -20.41 -39.80
N GLN GB 140 -140.32 -21.17 -40.86
CA GLN GB 140 -139.95 -22.58 -40.68
C GLN GB 140 -138.61 -22.72 -39.96
N VAL GB 141 -137.66 -21.83 -40.24
CA VAL GB 141 -136.38 -21.88 -39.54
C VAL GB 141 -136.54 -21.49 -38.07
N ARG GB 142 -137.47 -20.58 -37.76
CA ARG GB 142 -137.76 -20.27 -36.36
C ARG GB 142 -138.41 -21.46 -35.65
N GLY GB 143 -139.32 -22.16 -36.32
CA GLY GB 143 -139.91 -23.35 -35.69
C GLY GB 143 -138.93 -24.49 -35.57
N GLN GB 144 -138.06 -24.66 -36.57
CA GLN GB 144 -136.99 -25.66 -36.49
C GLN GB 144 -136.08 -25.38 -35.29
N LEU GB 145 -135.63 -24.14 -35.17
CA LEU GB 145 -134.79 -23.76 -34.03
C LEU GB 145 -135.51 -23.96 -32.70
N GLN GB 146 -136.73 -23.42 -32.56
CA GLN GB 146 -137.38 -23.46 -31.26
C GLN GB 146 -137.68 -24.89 -30.81
N LYS GB 147 -138.01 -25.80 -31.73
CA LYS GB 147 -138.08 -27.22 -31.40
C LYS GB 147 -136.72 -27.77 -30.99
N LEU GB 148 -135.68 -27.48 -31.77
CA LEU GB 148 -134.36 -28.07 -31.56
C LEU GB 148 -133.73 -27.59 -30.25
N GLU GB 149 -133.72 -26.28 -30.03
CA GLU GB 149 -133.09 -25.71 -28.85
C GLU GB 149 -133.87 -26.02 -27.59
N ARG GB 150 -135.20 -26.12 -27.68
CA ARG GB 150 -135.98 -26.61 -26.54
C ARG GB 150 -135.66 -28.06 -26.24
N LYS GB 151 -135.39 -28.86 -27.28
CA LYS GB 151 -134.95 -30.23 -27.07
C LYS GB 151 -133.57 -30.27 -26.43
N TYR GB 152 -132.69 -29.35 -26.82
CA TYR GB 152 -131.39 -29.22 -26.15
C TYR GB 152 -131.54 -28.84 -24.68
N LEU GB 153 -132.45 -27.92 -24.37
CA LEU GB 153 -132.71 -27.57 -22.97
C LEU GB 153 -133.19 -28.76 -22.16
N GLU GB 154 -134.19 -29.48 -22.66
CA GLU GB 154 -134.68 -30.68 -21.97
C GLU GB 154 -133.64 -31.78 -21.94
N LEU GB 155 -132.78 -31.86 -22.96
CA LEU GB 155 -131.68 -32.81 -22.96
C LEU GB 155 -130.60 -32.42 -21.94
N LYS GB 156 -130.37 -31.13 -21.73
CA LYS GB 156 -129.53 -30.71 -20.60
C LYS GB 156 -130.14 -31.14 -19.27
N SER GB 157 -131.44 -30.96 -19.11
CA SER GB 157 -132.11 -31.42 -17.89
C SER GB 157 -131.91 -32.92 -17.70
N GLN GB 158 -132.14 -33.71 -18.74
CA GLN GB 158 -131.91 -35.15 -18.68
C GLN GB 158 -130.46 -35.50 -18.37
N LYS GB 159 -129.49 -34.81 -18.98
CA LYS GB 159 -128.08 -35.11 -18.71
C LYS GB 159 -127.75 -34.88 -17.24
N ASN GB 160 -128.17 -33.74 -16.68
CA ASN GB 160 -127.93 -33.48 -15.27
C ASN GB 160 -128.52 -34.60 -14.42
N LEU GB 161 -129.76 -35.00 -14.72
CA LEU GB 161 -130.41 -36.11 -14.03
C LEU GB 161 -129.74 -37.45 -14.33
N TYR GB 162 -129.07 -37.56 -15.48
CA TYR GB 162 -128.38 -38.81 -15.81
C TYR GB 162 -127.07 -38.96 -15.07
N LEU GB 163 -126.32 -37.87 -14.89
CA LEU GB 163 -125.13 -37.90 -14.05
C LEU GB 163 -125.48 -38.20 -12.60
N ALA GB 164 -126.58 -37.64 -12.10
CA ALA GB 164 -127.07 -37.99 -10.77
C ALA GB 164 -127.45 -39.47 -10.68
N ARG GB 165 -128.24 -39.95 -11.64
CA ARG GB 165 -128.59 -41.37 -11.68
C ARG GB 165 -127.33 -42.25 -11.71
N LEU GB 166 -126.37 -41.91 -12.58
CA LEU GB 166 -125.16 -42.73 -12.71
C LEU GB 166 -124.36 -42.78 -11.41
N LYS GB 167 -124.09 -41.62 -10.82
CA LYS GB 167 -123.38 -41.60 -9.53
C LYS GB 167 -124.15 -42.35 -8.45
N SER GB 168 -125.48 -42.26 -8.46
CA SER GB 168 -126.28 -42.96 -7.46
C SER GB 168 -126.24 -44.47 -7.66
N ALA GB 169 -126.32 -44.93 -8.91
CA ALA GB 169 -126.15 -46.34 -9.22
C ALA GB 169 -124.76 -46.84 -8.81
N ILE GB 170 -123.73 -46.06 -9.12
CA ILE GB 170 -122.36 -46.43 -8.74
C ILE GB 170 -122.26 -46.60 -7.23
N ALA GB 171 -122.82 -45.67 -6.47
CA ALA GB 171 -122.85 -45.78 -5.01
C ALA GB 171 -123.59 -47.04 -4.57
N ALA GB 172 -124.75 -47.31 -5.19
CA ALA GB 172 -125.52 -48.51 -4.87
C ALA GB 172 -124.71 -49.77 -5.14
N GLN GB 173 -124.04 -49.83 -6.28
CA GLN GB 173 -123.15 -50.94 -6.60
C GLN GB 173 -122.10 -51.12 -5.51
N LYS GB 174 -121.55 -50.02 -5.01
CA LYS GB 174 -120.54 -50.10 -3.96
C LYS GB 174 -121.12 -50.61 -2.63
N ILE GB 175 -122.35 -50.23 -2.28
CA ILE GB 175 -122.98 -50.80 -1.08
C ILE GB 175 -123.26 -52.29 -1.23
N GLU GB 176 -123.83 -52.71 -2.35
CA GLU GB 176 -124.08 -54.15 -2.53
C GLU GB 176 -122.80 -54.97 -2.49
N GLU GB 177 -121.79 -54.56 -3.26
CA GLU GB 177 -120.55 -55.35 -3.34
C GLU GB 177 -119.78 -55.35 -2.02
N ILE GB 178 -119.70 -54.20 -1.35
CA ILE GB 178 -119.03 -54.14 -0.04
C ILE GB 178 -119.85 -54.83 1.04
N ALA GB 179 -121.17 -54.74 0.94
CA ALA GB 179 -122.04 -55.49 1.85
C ALA GB 179 -121.94 -57.00 1.63
N GLY GB 180 -121.89 -57.44 0.37
CA GLY GB 180 -121.70 -58.86 0.11
C GLY GB 180 -120.38 -59.40 0.61
N ASN GB 181 -119.30 -58.63 0.46
CA ASN GB 181 -118.04 -59.03 1.06
C ASN GB 181 -118.05 -58.92 2.57
N LEU GB 182 -118.78 -57.94 3.11
CA LEU GB 182 -118.84 -57.78 4.57
C LEU GB 182 -119.59 -58.94 5.21
N ASP GB 183 -120.79 -59.25 4.70
CA ASP GB 183 -121.57 -60.33 5.28
C ASP GB 183 -120.94 -61.69 4.99
N ASN GB 184 -120.67 -61.96 3.71
CA ASN GB 184 -120.24 -63.30 3.33
C ASN GB 184 -118.81 -63.60 3.79
N ALA GB 185 -117.85 -62.72 3.47
CA ALA GB 185 -116.47 -62.99 3.86
C ALA GB 185 -116.24 -62.74 5.35
N SER GB 186 -116.64 -61.55 5.84
CA SER GB 186 -116.31 -61.17 7.21
C SER GB 186 -117.10 -61.98 8.22
N ALA GB 187 -118.42 -62.07 8.02
CA ALA GB 187 -119.28 -62.68 9.03
C ALA GB 187 -119.02 -64.17 9.16
N SER GB 188 -118.82 -64.88 8.05
CA SER GB 188 -118.46 -66.30 8.15
C SER GB 188 -117.12 -66.45 8.85
N SER GB 189 -116.20 -65.52 8.62
CA SER GB 189 -114.94 -65.54 9.35
C SER GB 189 -115.15 -65.31 10.84
N LEU GB 190 -116.13 -64.48 11.20
CA LEU GB 190 -116.40 -64.23 12.61
C LEU GB 190 -117.06 -65.45 13.26
N PHE GB 191 -118.12 -65.98 12.66
CA PHE GB 191 -118.89 -67.03 13.31
C PHE GB 191 -118.12 -68.34 13.33
N GLU GB 192 -117.62 -68.78 12.19
CA GLU GB 192 -116.95 -70.07 12.14
C GLU GB 192 -115.59 -70.10 12.83
N ARG GB 193 -114.82 -69.00 12.79
CA ARG GB 193 -113.59 -68.93 13.59
C ARG GB 193 -113.82 -68.75 15.08
N ILE GB 194 -114.85 -68.01 15.48
CA ILE GB 194 -115.15 -67.90 16.90
C ILE GB 194 -115.71 -69.21 17.45
N GLU GB 195 -116.58 -69.86 16.68
CA GLU GB 195 -117.14 -71.14 17.10
C GLU GB 195 -116.05 -72.21 17.24
N THR GB 196 -115.20 -72.36 16.23
CA THR GB 196 -114.12 -73.35 16.32
C THR GB 196 -113.17 -73.06 17.48
N LYS GB 197 -112.89 -71.79 17.75
CA LYS GB 197 -112.08 -71.46 18.93
C LYS GB 197 -112.83 -71.76 20.22
N ILE GB 198 -114.15 -71.59 20.23
CA ILE GB 198 -114.95 -71.95 21.40
C ILE GB 198 -114.88 -73.46 21.61
N LEU GB 199 -115.02 -74.22 20.53
CA LEU GB 199 -114.91 -75.68 20.60
C LEU GB 199 -113.55 -76.10 21.14
N GLU GB 200 -112.49 -75.38 20.78
CA GLU GB 200 -111.18 -75.68 21.32
C GLU GB 200 -111.16 -75.44 22.83
N LEU GB 201 -111.82 -74.38 23.28
CA LEU GB 201 -111.97 -74.14 24.71
C LEU GB 201 -112.83 -75.21 25.37
N GLU GB 202 -113.83 -75.72 24.64
CA GLU GB 202 -114.72 -76.75 25.16
C GLU GB 202 -114.04 -78.11 25.25
N ALA GB 203 -113.10 -78.41 24.35
CA ALA GB 203 -112.30 -79.62 24.47
C ALA GB 203 -111.47 -79.63 25.74
N GLU GB 204 -110.99 -78.46 26.18
CA GLU GB 204 -110.39 -78.37 27.50
C GLU GB 204 -111.42 -78.35 28.62
N ARG GB 205 -112.63 -77.85 28.37
CA ARG GB 205 -113.70 -77.96 29.37
C ARG GB 205 -114.00 -79.42 29.70
N GLU GB 206 -114.19 -80.25 28.68
CA GLU GB 206 -114.49 -81.66 28.88
C GLU GB 206 -113.29 -82.46 29.38
N LEU GB 207 -112.09 -81.87 29.37
CA LEU GB 207 -110.96 -82.46 30.08
C LEU GB 207 -110.95 -82.08 31.55
N LEU GB 208 -111.39 -80.87 31.89
CA LEU GB 208 -111.41 -80.41 33.27
C LEU GB 208 -112.73 -80.73 33.98
N ASN GB 209 -113.75 -81.15 33.25
CA ASN GB 209 -115.12 -81.16 33.78
C ASN GB 209 -115.89 -82.33 33.19
N PRO GB 210 -116.41 -83.24 34.00
CA PRO GB 210 -117.24 -84.31 33.46
C PRO GB 210 -118.48 -83.75 32.81
N PRO GB 211 -118.97 -84.39 31.74
CA PRO GB 211 -120.23 -83.96 31.14
C PRO GB 211 -121.34 -83.86 32.18
N PRO GB 212 -121.94 -82.68 32.37
CA PRO GB 212 -123.03 -82.56 33.35
C PRO GB 212 -124.32 -83.22 32.89
N SER GB 213 -124.39 -84.55 33.03
CA SER GB 213 -125.56 -85.31 32.61
C SER GB 213 -126.76 -84.91 33.46
N PRO GB 214 -127.98 -85.29 33.07
CA PRO GB 214 -129.14 -85.03 33.94
C PRO GB 214 -129.05 -85.72 35.29
N LEU GB 215 -128.23 -86.78 35.41
CA LEU GB 215 -128.19 -87.54 36.66
C LEU GB 215 -127.54 -86.73 37.78
N ASP GB 216 -126.28 -86.35 37.58
CA ASP GB 216 -125.58 -85.55 38.59
C ASP GB 216 -126.29 -84.22 38.84
N LYS GB 217 -126.93 -83.66 37.80
CA LYS GB 217 -127.69 -82.43 37.98
C LYS GB 217 -128.83 -82.62 38.97
N LYS GB 218 -129.58 -83.72 38.84
CA LYS GB 218 -130.67 -83.99 39.77
C LYS GB 218 -130.15 -84.24 41.18
N PHE GB 219 -129.01 -84.92 41.31
CA PHE GB 219 -128.40 -85.15 42.61
C PHE GB 219 -128.01 -83.84 43.28
N GLU GB 220 -127.43 -82.91 42.53
CA GLU GB 220 -127.08 -81.61 43.09
C GLU GB 220 -128.31 -80.84 43.52
N GLN GB 221 -129.38 -80.92 42.73
CA GLN GB 221 -130.63 -80.27 43.10
C GLN GB 221 -131.18 -80.86 44.40
N TRP GB 222 -131.15 -82.19 44.54
CA TRP GB 222 -131.57 -82.82 45.78
C TRP GB 222 -130.68 -82.43 46.94
N GLU GB 223 -129.39 -82.18 46.69
CA GLU GB 223 -128.51 -81.72 47.76
C GLU GB 223 -128.95 -80.37 48.30
N GLU GB 224 -129.32 -79.44 47.41
CA GLU GB 224 -129.87 -78.17 47.85
C GLU GB 224 -131.18 -78.39 48.59
N GLN GB 225 -132.02 -79.30 48.10
CA GLN GB 225 -133.28 -79.62 48.77
C GLN GB 225 -133.02 -80.14 50.18
N GLN GB 226 -131.98 -80.97 50.35
CA GLN GB 226 -131.68 -81.53 51.67
C GLN GB 226 -131.07 -80.49 52.59
N ALA GB 227 -130.34 -79.52 52.06
CA ALA GB 227 -129.86 -78.42 52.89
C ALA GB 227 -131.02 -77.63 53.48
N VAL GB 228 -132.00 -77.28 52.64
CA VAL GB 228 -133.17 -76.55 53.13
C VAL GB 228 -134.01 -77.44 54.03
N GLU GB 229 -134.05 -78.75 53.78
CA GLU GB 229 -134.78 -79.61 54.69
C GLU GB 229 -134.12 -79.67 56.06
N ALA GB 230 -132.79 -79.53 56.11
CA ALA GB 230 -132.11 -79.44 57.40
C ALA GB 230 -132.37 -78.12 58.11
N THR GB 231 -132.45 -77.01 57.37
CA THR GB 231 -132.84 -75.74 57.96
C THR GB 231 -134.26 -75.81 58.51
N LEU GB 232 -135.17 -76.46 57.77
CA LEU GB 232 -136.52 -76.65 58.26
C LEU GB 232 -136.53 -77.47 59.55
N ALA GB 233 -135.66 -78.48 59.63
CA ALA GB 233 -135.58 -79.29 60.84
C ALA GB 233 -135.15 -78.44 62.04
N ALA GB 234 -134.15 -77.58 61.83
CA ALA GB 234 -133.76 -76.65 62.88
C ALA GB 234 -134.91 -75.71 63.25
N MET GB 235 -135.63 -75.21 62.24
CA MET GB 235 -136.76 -74.33 62.51
C MET GB 235 -137.77 -74.99 63.44
N LYS GB 236 -138.21 -76.20 63.10
CA LYS GB 236 -139.27 -76.84 63.87
C LYS GB 236 -138.76 -77.44 65.18
N ALA GB 237 -137.45 -77.66 65.30
CA ALA GB 237 -136.88 -78.08 66.58
C ALA GB 237 -136.83 -76.92 67.56
N ARG GB 238 -136.47 -75.72 67.09
CA ARG GB 238 -136.58 -74.54 67.91
C ARG GB 238 -138.04 -74.24 68.25
N ARG GB 239 -138.95 -74.49 67.31
CA ARG GB 239 -140.36 -74.29 67.54
C ARG GB 239 -140.97 -75.32 68.47
N SER GB 240 -140.34 -76.48 68.66
CA SER GB 240 -140.89 -77.51 69.53
C SER GB 240 -141.12 -76.95 70.94
N MET HB 24 -36.97 21.53 -102.48
CA MET HB 24 -35.54 21.52 -102.28
C MET HB 24 -35.16 22.41 -101.09
N GLU HB 25 -34.21 21.96 -100.27
CA GLU HB 25 -33.76 22.78 -99.16
C GLU HB 25 -33.11 24.06 -99.64
N LEU HB 26 -32.35 23.98 -100.75
CA LEU HB 26 -31.79 25.19 -101.35
C LEU HB 26 -32.89 26.17 -101.71
N PHE HB 27 -33.96 25.67 -102.35
CA PHE HB 27 -35.07 26.53 -102.71
C PHE HB 27 -35.67 27.21 -101.50
N ASN HB 28 -35.93 26.46 -100.43
CA ASN HB 28 -36.45 27.04 -99.19
C ASN HB 28 -35.51 28.11 -98.62
N ARG HB 29 -34.21 27.85 -98.59
CA ARG HB 29 -33.24 28.86 -98.18
C ARG HB 29 -33.36 30.14 -99.02
N VAL HB 30 -33.43 29.98 -100.34
CA VAL HB 30 -33.59 31.12 -101.24
C VAL HB 30 -34.98 31.74 -101.16
N GLY HB 31 -35.93 31.03 -100.56
CA GLY HB 31 -37.31 31.47 -100.56
C GLY HB 31 -37.55 32.88 -100.03
N ARG HB 32 -36.93 33.26 -98.92
CA ARG HB 32 -37.17 34.61 -98.42
C ARG HB 32 -36.86 35.68 -99.46
N VAL HB 33 -35.68 35.60 -100.07
CA VAL HB 33 -35.25 36.59 -101.06
C VAL HB 33 -36.01 36.45 -102.38
N LEU HB 34 -36.19 35.23 -102.86
CA LEU HB 34 -36.88 35.06 -104.15
C LEU HB 34 -38.37 35.35 -104.02
N LYS HB 35 -39.03 34.75 -103.04
CA LYS HB 35 -40.47 34.91 -102.87
C LYS HB 35 -40.86 36.33 -102.49
N SER HB 36 -40.00 37.10 -101.80
CA SER HB 36 -40.33 38.52 -101.62
C SER HB 36 -40.42 39.25 -102.96
N GLN HB 37 -39.43 39.03 -103.82
CA GLN HB 37 -39.47 39.58 -105.17
C GLN HB 37 -40.68 39.07 -105.95
N LEU HB 38 -40.96 37.77 -105.92
CA LEU HB 38 -42.11 37.26 -106.66
C LEU HB 38 -43.45 37.78 -106.10
N THR HB 39 -43.54 38.00 -104.79
CA THR HB 39 -44.74 38.60 -104.20
C THR HB 39 -44.97 40.00 -104.72
N HIS HB 40 -43.90 40.79 -104.87
CA HIS HB 40 -44.06 42.05 -105.59
C HIS HB 40 -44.27 41.84 -107.09
N TRP HB 41 -43.69 40.78 -107.66
CA TRP HB 41 -43.78 40.56 -109.10
C TRP HB 41 -45.24 40.38 -109.52
N GLN HB 42 -45.98 39.56 -108.79
CA GLN HB 42 -47.41 39.44 -109.04
C GLN HB 42 -48.14 40.76 -108.76
N GLN HB 43 -47.66 41.52 -107.79
CA GLN HB 43 -48.19 42.86 -107.52
C GLN HB 43 -47.85 43.88 -108.61
N GLN HB 44 -46.83 43.66 -109.44
CA GLN HB 44 -46.29 44.75 -110.25
C GLN HB 44 -47.34 45.51 -111.03
N GLN HB 45 -48.43 44.84 -111.45
CA GLN HB 45 -49.48 45.57 -112.16
C GLN HB 45 -50.06 46.68 -111.28
N GLU HB 46 -50.23 46.40 -109.99
CA GLU HB 46 -50.60 47.44 -109.04
C GLU HB 46 -49.42 48.34 -108.69
N ALA HB 47 -48.23 47.76 -108.54
CA ALA HB 47 -47.08 48.44 -107.94
C ALA HB 47 -45.84 48.26 -108.80
N PRO HB 48 -45.73 49.02 -109.90
CA PRO HB 48 -44.45 49.13 -110.61
C PRO HB 48 -43.51 50.17 -110.00
N GLU HB 49 -44.00 50.98 -109.06
CA GLU HB 49 -43.38 52.26 -108.73
C GLU HB 49 -41.92 52.11 -108.31
N ASP HB 50 -41.63 51.13 -107.46
CA ASP HB 50 -40.26 50.95 -106.97
C ASP HB 50 -39.28 50.57 -108.07
N LEU HB 51 -39.66 49.62 -108.95
CA LEU HB 51 -38.76 49.23 -110.03
C LEU HB 51 -38.55 50.37 -111.03
N LEU HB 52 -39.62 51.09 -111.36
CA LEU HB 52 -39.52 52.22 -112.28
C LEU HB 52 -38.61 53.31 -111.74
N GLU HB 53 -38.82 53.72 -110.49
CA GLU HB 53 -38.01 54.77 -109.88
C GLU HB 53 -36.58 54.33 -109.60
N ARG HB 54 -36.37 53.05 -109.31
CA ARG HB 54 -35.00 52.55 -109.18
C ARG HB 54 -34.21 52.73 -110.47
N LEU HB 55 -34.78 52.30 -111.60
CA LEU HB 55 -34.10 52.45 -112.89
C LEU HB 55 -33.83 53.91 -113.23
N LEU HB 56 -34.83 54.78 -113.07
CA LEU HB 56 -34.62 56.21 -113.35
C LEU HB 56 -33.67 56.87 -112.35
N GLY HB 57 -33.60 56.37 -111.12
CA GLY HB 57 -32.54 56.79 -110.22
C GLY HB 57 -31.16 56.46 -110.75
N GLU HB 58 -30.99 55.25 -111.27
CA GLU HB 58 -29.73 54.88 -111.92
C GLU HB 58 -29.45 55.76 -113.12
N MET HB 59 -30.50 56.15 -113.85
CA MET HB 59 -30.36 57.06 -114.98
C MET HB 59 -29.93 58.46 -114.54
N GLU HB 60 -30.42 58.92 -113.39
CA GLU HB 60 -29.91 60.17 -112.81
C GLU HB 60 -28.45 60.05 -112.36
N LEU HB 61 -28.07 58.92 -111.78
CA LEU HB 61 -26.67 58.70 -111.41
C LEU HB 61 -25.76 58.69 -112.64
N GLU HB 62 -26.21 58.09 -113.74
CA GLU HB 62 -25.46 58.20 -114.99
C GLU HB 62 -25.39 59.64 -115.48
N LEU HB 63 -26.53 60.32 -115.53
CA LEU HB 63 -26.61 61.67 -116.12
C LEU HB 63 -25.74 62.68 -115.39
N ILE HB 64 -25.56 62.54 -114.08
CA ILE HB 64 -24.59 63.40 -113.39
C ILE HB 64 -23.15 63.05 -113.80
N GLU HB 65 -22.88 61.80 -114.16
CA GLU HB 65 -21.62 61.49 -114.82
C GLU HB 65 -21.54 62.15 -116.20
N LEU HB 66 -22.59 62.00 -117.02
CA LEU HB 66 -22.54 62.51 -118.39
C LEU HB 66 -22.26 64.00 -118.44
N ARG HB 67 -22.83 64.77 -117.51
CA ARG HB 67 -22.51 66.20 -117.40
C ARG HB 67 -21.07 66.46 -117.00
N ARG HB 68 -20.53 65.70 -116.04
CA ARG HB 68 -19.12 65.87 -115.70
C ARG HB 68 -18.19 65.43 -116.82
N ALA HB 69 -18.58 64.42 -117.60
CA ALA HB 69 -17.78 64.01 -118.76
C ALA HB 69 -17.79 65.07 -119.86
N LEU HB 70 -18.92 65.73 -120.06
CA LEU HB 70 -18.96 66.92 -120.91
C LEU HB 70 -18.03 68.02 -120.40
N ALA HB 71 -18.03 68.28 -119.09
CA ALA HB 71 -17.14 69.29 -118.54
C ALA HB 71 -15.67 68.90 -118.69
N GLN HB 72 -15.36 67.60 -118.59
CA GLN HB 72 -14.01 67.14 -118.85
C GLN HB 72 -13.61 67.29 -120.31
N THR HB 73 -14.54 67.11 -121.24
CA THR HB 73 -14.23 67.37 -122.65
C THR HB 73 -14.00 68.85 -122.93
N ILE HB 74 -14.83 69.73 -122.39
CA ILE HB 74 -14.61 71.17 -122.58
C ILE HB 74 -13.28 71.59 -121.98
N ALA HB 75 -12.95 71.07 -120.79
CA ALA HB 75 -11.67 71.38 -120.16
C ALA HB 75 -10.48 70.93 -121.01
N THR HB 76 -10.55 69.72 -121.56
CA THR HB 76 -9.49 69.24 -122.44
C THR HB 76 -9.42 69.98 -123.77
N PHE HB 77 -10.57 70.42 -124.30
CA PHE HB 77 -10.57 71.18 -125.55
C PHE HB 77 -9.86 72.53 -125.40
N LYS HB 78 -10.24 73.30 -124.39
CA LYS HB 78 -9.62 74.61 -124.17
C LYS HB 78 -8.20 74.50 -123.63
N SER HB 79 -7.86 73.42 -122.92
CA SER HB 79 -6.45 73.22 -122.56
C SER HB 79 -5.59 72.99 -123.80
N THR HB 80 -6.09 72.24 -124.78
CA THR HB 80 -5.38 72.16 -126.06
C THR HB 80 -5.25 73.53 -126.69
N GLU HB 81 -6.29 74.36 -126.56
CA GLU HB 81 -6.25 75.72 -127.07
C GLU HB 81 -5.30 76.61 -126.27
N ARG HB 82 -5.18 76.36 -124.96
CA ARG HB 82 -4.18 77.06 -124.16
C ARG HB 82 -2.77 76.70 -124.60
N GLN HB 83 -2.57 75.48 -125.09
CA GLN HB 83 -1.28 75.11 -125.68
C GLN HB 83 -1.05 75.83 -126.99
N ARG HB 84 -2.12 76.02 -127.77
CA ARG HB 84 -2.05 76.89 -128.93
C ARG HB 84 -1.72 78.34 -128.55
N ASP HB 85 -2.34 78.84 -127.48
CA ASP HB 85 -2.05 80.18 -127.00
C ASP HB 85 -0.57 80.34 -126.64
N ALA HB 86 0.05 79.28 -126.11
CA ALA HB 86 1.48 79.32 -125.88
C ALA HB 86 2.28 79.28 -127.18
N GLN HB 87 1.90 78.40 -128.11
CA GLN HB 87 2.62 78.34 -129.38
C GLN HB 87 2.59 79.67 -130.12
N GLN HB 88 1.42 80.30 -130.19
CA GLN HB 88 1.30 81.59 -130.84
C GLN HB 88 2.02 82.70 -130.07
N LEU HB 89 2.09 82.57 -128.75
CA LEU HB 89 2.88 83.52 -127.95
C LEU HB 89 4.38 83.39 -128.24
N ILE HB 90 4.88 82.17 -128.45
CA ILE HB 90 6.27 82.01 -128.83
C ILE HB 90 6.49 82.45 -130.28
N ALA HB 91 5.49 82.30 -131.15
CA ALA HB 91 5.56 82.89 -132.48
C ALA HB 91 5.68 84.41 -132.42
N GLN HB 92 4.91 85.05 -131.53
CA GLN HB 92 5.07 86.48 -131.30
C GLN HB 92 6.45 86.81 -130.76
N ARG HB 93 6.96 85.98 -129.84
CA ARG HB 93 8.33 86.12 -129.37
C ARG HB 93 9.33 86.01 -130.51
N TRP HB 94 9.04 85.21 -131.52
CA TRP HB 94 9.86 85.17 -132.74
C TRP HB 94 9.70 86.41 -133.60
N TYR HB 95 8.52 87.04 -133.60
CA TYR HB 95 8.40 88.33 -134.27
C TYR HB 95 9.15 89.43 -133.53
N GLU HB 96 9.11 89.43 -132.19
CA GLU HB 96 9.87 90.40 -131.42
C GLU HB 96 11.37 90.29 -131.71
N LYS HB 97 11.90 89.07 -131.70
CA LYS HB 97 13.30 88.85 -132.07
C LYS HB 97 13.59 89.25 -133.50
N ALA HB 98 12.61 89.10 -134.41
CA ALA HB 98 12.78 89.66 -135.74
C ALA HB 98 12.76 91.19 -135.72
N GLN HB 99 11.90 91.79 -134.90
CA GLN HB 99 11.77 93.24 -134.89
C GLN HB 99 13.07 93.91 -134.46
N ALA HB 100 13.84 93.25 -133.58
CA ALA HB 100 15.17 93.74 -133.21
C ALA HB 100 16.15 93.72 -134.37
N ALA HB 101 15.77 93.14 -135.50
CA ALA HB 101 16.57 93.17 -136.72
C ALA HB 101 15.77 93.63 -137.93
N LEU HB 102 14.52 94.06 -137.75
CA LEU HB 102 13.68 94.48 -138.85
C LEU HB 102 13.77 95.97 -139.12
N ASP HB 103 14.59 96.69 -138.37
CA ASP HB 103 14.98 98.06 -138.69
C ASP HB 103 16.41 98.10 -139.20
N ARG HB 104 16.75 99.20 -139.85
CA ARG HB 104 18.08 99.48 -140.38
C ARG HB 104 18.45 98.57 -141.54
N GLY HB 105 17.52 97.78 -142.06
CA GLY HB 105 17.84 96.83 -143.10
C GLY HB 105 18.65 95.63 -142.62
N ASN HB 106 18.72 95.41 -141.32
CA ASN HB 106 19.48 94.31 -140.74
C ASN HB 106 18.66 93.03 -140.64
N GLU HB 107 17.63 92.88 -141.47
CA GLU HB 107 16.65 91.79 -141.40
C GLU HB 107 17.26 90.42 -141.63
N GLN HB 108 18.58 90.35 -141.87
CA GLN HB 108 19.26 89.07 -142.06
C GLN HB 108 18.83 88.02 -141.03
N LEU HB 109 18.88 88.37 -139.74
CA LEU HB 109 18.50 87.41 -138.71
C LEU HB 109 17.02 87.04 -138.75
N ALA HB 110 16.19 87.87 -139.37
CA ALA HB 110 14.79 87.52 -139.54
C ALA HB 110 14.62 86.26 -140.38
N ARG HB 111 15.63 85.92 -141.20
CA ARG HB 111 15.57 84.69 -141.97
C ARG HB 111 15.39 83.48 -141.05
N GLU HB 112 16.28 83.35 -140.06
CA GLU HB 112 16.17 82.25 -139.09
C GLU HB 112 14.97 82.42 -138.16
N ALA HB 113 14.71 83.65 -137.68
CA ALA HB 113 13.64 83.86 -136.71
C ALA HB 113 12.27 83.52 -137.28
N LEU HB 114 11.98 83.99 -138.49
CA LEU HB 114 10.76 83.58 -139.18
C LEU HB 114 10.82 82.15 -139.71
N GLY HB 115 12.02 81.64 -140.00
CA GLY HB 115 12.14 80.23 -140.32
C GLY HB 115 11.68 79.32 -139.20
N GLN HB 116 12.01 79.66 -137.95
CA GLN HB 116 11.42 78.98 -136.81
C GLN HB 116 9.92 79.25 -136.70
N ARG HB 117 9.50 80.51 -136.81
CA ARG HB 117 8.09 80.82 -136.67
C ARG HB 117 7.22 80.06 -137.65
N GLN HB 118 7.74 79.74 -138.85
CA GLN HB 118 6.97 78.94 -139.80
C GLN HB 118 6.58 77.59 -139.20
N SER HB 119 7.51 76.90 -138.55
CA SER HB 119 7.16 75.67 -137.85
C SER HB 119 6.24 75.90 -136.67
N TYR HB 120 6.37 77.04 -135.98
CA TYR HB 120 5.47 77.33 -134.88
C TYR HB 120 4.05 77.64 -135.36
N GLN HB 121 3.92 78.33 -136.49
CA GLN HB 121 2.60 78.56 -137.08
C GLN HB 121 1.96 77.27 -137.56
N SER HB 122 2.74 76.31 -138.07
CA SER HB 122 2.16 75.06 -138.52
C SER HB 122 1.53 74.29 -137.36
N HIS HB 123 2.24 74.21 -136.22
CA HIS HB 123 1.64 73.59 -135.04
C HIS HB 123 0.49 74.42 -134.48
N THR HB 124 0.57 75.75 -134.57
CA THR HB 124 -0.53 76.58 -134.09
C THR HB 124 -1.80 76.36 -134.90
N GLU HB 125 -1.68 76.19 -136.22
CA GLU HB 125 -2.86 76.00 -137.05
C GLU HB 125 -3.32 74.54 -137.07
N ALA HB 126 -2.41 73.60 -136.84
CA ALA HB 126 -2.81 72.23 -136.55
C ALA HB 126 -3.66 72.17 -135.28
N LEU HB 127 -3.21 72.86 -134.23
CA LEU HB 127 -4.02 72.97 -133.02
C LEU HB 127 -5.33 73.68 -133.30
N GLY HB 128 -5.28 74.81 -134.01
CA GLY HB 128 -6.49 75.56 -134.29
C GLY HB 128 -7.55 74.80 -135.07
N LYS HB 129 -7.13 73.91 -135.97
CA LYS HB 129 -8.08 73.12 -136.75
C LYS HB 129 -8.50 71.83 -136.06
N SER HB 130 -7.63 71.24 -135.25
CA SER HB 130 -8.09 70.24 -134.29
C SER HB 130 -9.15 70.83 -133.37
N LEU HB 131 -8.91 72.04 -132.89
CA LEU HB 131 -9.82 72.79 -132.02
C LEU HB 131 -11.07 73.25 -132.76
N GLY HB 132 -11.10 73.14 -134.08
CA GLY HB 132 -12.32 73.33 -134.84
C GLY HB 132 -13.19 72.09 -134.77
N GLU HB 133 -12.57 70.91 -134.84
CA GLU HB 133 -13.33 69.68 -134.64
C GLU HB 133 -13.77 69.55 -133.19
N GLN HB 134 -12.86 69.80 -132.25
CA GLN HB 134 -13.20 69.77 -130.84
C GLN HB 134 -14.29 70.77 -130.48
N ARG HB 135 -14.35 71.90 -131.20
CA ARG HB 135 -15.51 72.78 -131.09
C ARG HB 135 -16.79 72.06 -131.48
N ALA HB 136 -16.84 71.52 -132.70
CA ALA HB 136 -18.03 70.81 -133.15
C ALA HB 136 -18.39 69.65 -132.23
N LEU HB 137 -17.39 69.02 -131.61
CA LEU HB 137 -17.66 67.97 -130.63
C LEU HB 137 -18.36 68.51 -129.39
N VAL HB 138 -17.86 69.60 -128.81
CA VAL HB 138 -18.51 70.15 -127.62
C VAL HB 138 -19.88 70.74 -127.95
N GLU HB 139 -20.07 71.27 -129.16
CA GLU HB 139 -21.39 71.74 -129.56
C GLU HB 139 -22.38 70.58 -129.73
N GLN HB 140 -21.98 69.55 -130.48
CA GLN HB 140 -22.89 68.43 -130.74
C GLN HB 140 -23.18 67.64 -129.48
N VAL HB 141 -22.18 67.48 -128.60
CA VAL HB 141 -22.41 66.78 -127.34
C VAL HB 141 -23.30 67.59 -126.41
N ARG HB 142 -23.21 68.92 -126.46
CA ARG HB 142 -24.14 69.77 -125.71
C ARG HB 142 -25.56 69.65 -126.24
N GLY HB 143 -25.73 69.61 -127.56
CA GLY HB 143 -27.07 69.44 -128.11
C GLY HB 143 -27.62 68.04 -127.86
N GLN HB 144 -26.76 67.03 -127.95
CA GLN HB 144 -27.16 65.66 -127.61
C GLN HB 144 -27.65 65.58 -126.16
N LEU HB 145 -26.86 66.12 -125.23
CA LEU HB 145 -27.27 66.14 -123.82
C LEU HB 145 -28.57 66.92 -123.62
N GLN HB 146 -28.65 68.15 -124.13
CA GLN HB 146 -29.81 68.98 -123.83
C GLN HB 146 -31.11 68.39 -124.38
N LYS HB 147 -31.05 67.74 -125.55
CA LYS HB 147 -32.19 66.95 -126.02
C LYS HB 147 -32.50 65.78 -125.09
N LEU HB 148 -31.46 65.01 -124.72
CA LEU HB 148 -31.66 63.79 -123.97
C LEU HB 148 -32.18 64.07 -122.56
N GLU HB 149 -31.53 64.99 -121.84
CA GLU HB 149 -31.91 65.29 -120.47
C GLU HB 149 -33.24 66.01 -120.39
N ARG HB 150 -33.57 66.84 -121.39
CA ARG HB 150 -34.91 67.40 -121.45
C ARG HB 150 -35.95 66.32 -121.70
N LYS HB 151 -35.60 65.29 -122.48
CA LYS HB 151 -36.49 64.15 -122.66
C LYS HB 151 -36.65 63.37 -121.36
N TYR HB 152 -35.56 63.25 -120.59
CA TYR HB 152 -35.64 62.65 -119.25
C TYR HB 152 -36.56 63.45 -118.32
N LEU HB 153 -36.46 64.78 -118.35
CA LEU HB 153 -37.34 65.63 -117.56
C LEU HB 153 -38.81 65.42 -117.91
N GLU HB 154 -39.13 65.49 -119.21
CA GLU HB 154 -40.49 65.24 -119.66
C GLU HB 154 -40.94 63.81 -119.41
N LEU HB 155 -40.01 62.86 -119.47
CA LEU HB 155 -40.32 61.47 -119.12
C LEU HB 155 -40.57 61.30 -117.63
N LYS HB 156 -39.88 62.06 -116.78
CA LYS HB 156 -40.24 62.10 -115.37
C LYS HB 156 -41.65 62.64 -115.17
N SER HB 157 -42.00 63.71 -115.89
CA SER HB 157 -43.36 64.25 -115.83
C SER HB 157 -44.37 63.18 -116.22
N GLN HB 158 -44.13 62.50 -117.34
CA GLN HB 158 -45.01 61.42 -117.79
C GLN HB 158 -45.10 60.29 -116.77
N LYS HB 159 -43.97 59.88 -116.17
CA LYS HB 159 -44.01 58.80 -115.19
C LYS HB 159 -44.88 59.17 -113.99
N ASN HB 160 -44.69 60.38 -113.45
CA ASN HB 160 -45.52 60.82 -112.34
C ASN HB 160 -47.00 60.76 -112.72
N LEU HB 161 -47.32 61.25 -113.91
CA LEU HB 161 -48.68 61.18 -114.43
C LEU HB 161 -49.12 59.75 -114.74
N TYR HB 162 -48.17 58.86 -115.01
CA TYR HB 162 -48.51 57.47 -115.29
C TYR HB 162 -48.83 56.69 -114.02
N LEU HB 163 -48.10 56.96 -112.94
CA LEU HB 163 -48.45 56.37 -111.64
C LEU HB 163 -49.80 56.86 -111.15
N ALA HB 164 -50.11 58.13 -111.36
CA ALA HB 164 -51.44 58.66 -111.07
C ALA HB 164 -52.51 57.98 -111.92
N ARG HB 165 -52.29 57.91 -113.23
CA ARG HB 165 -53.23 57.20 -114.10
C ARG HB 165 -53.42 55.75 -113.66
N LEU HB 166 -52.33 55.04 -113.37
CA LEU HB 166 -52.42 53.64 -112.99
C LEU HB 166 -53.22 53.45 -111.70
N LYS HB 167 -52.89 54.20 -110.65
CA LYS HB 167 -53.65 54.12 -109.41
C LYS HB 167 -55.11 54.50 -109.62
N SER HB 168 -55.39 55.47 -110.49
CA SER HB 168 -56.77 55.87 -110.75
C SER HB 168 -57.54 54.79 -111.49
N ALA HB 169 -56.91 54.16 -112.48
CA ALA HB 169 -57.51 53.01 -113.16
C ALA HB 169 -57.77 51.87 -112.21
N ILE HB 170 -56.79 51.56 -111.34
CA ILE HB 170 -56.96 50.51 -110.35
C ILE HB 170 -58.18 50.78 -109.47
N ALA HB 171 -58.30 52.01 -108.98
CA ALA HB 171 -59.47 52.41 -108.19
C ALA HB 171 -60.75 52.24 -108.99
N ALA HB 172 -60.75 52.66 -110.26
CA ALA HB 172 -61.93 52.50 -111.12
C ALA HB 172 -62.31 51.03 -111.28
N GLN HB 173 -61.31 50.18 -111.53
CA GLN HB 173 -61.54 48.74 -111.59
C GLN HB 173 -62.20 48.23 -110.31
N LYS HB 174 -61.76 48.73 -109.17
CA LYS HB 174 -62.33 48.31 -107.90
C LYS HB 174 -63.78 48.78 -107.72
N ILE HB 175 -64.12 49.98 -108.18
CA ILE HB 175 -65.51 50.41 -108.15
C ILE HB 175 -66.40 49.59 -109.09
N GLU HB 176 -65.96 49.36 -110.32
CA GLU HB 176 -66.78 48.53 -111.22
C GLU HB 176 -66.99 47.13 -110.69
N GLU HB 177 -65.91 46.45 -110.28
CA GLU HB 177 -66.02 45.07 -109.83
C GLU HB 177 -66.82 44.94 -108.52
N ILE HB 178 -66.59 45.84 -107.57
CA ILE HB 178 -67.34 45.82 -106.32
C ILE HB 178 -68.79 46.26 -106.54
N ALA HB 179 -69.01 47.21 -107.46
CA ALA HB 179 -70.36 47.59 -107.84
C ALA HB 179 -71.10 46.47 -108.56
N GLY HB 180 -70.42 45.76 -109.46
CA GLY HB 180 -71.05 44.62 -110.10
C GLY HB 180 -71.42 43.50 -109.14
N ASN HB 181 -70.55 43.22 -108.17
CA ASN HB 181 -70.93 42.27 -107.12
C ASN HB 181 -72.00 42.82 -106.20
N LEU HB 182 -71.99 44.13 -105.95
CA LEU HB 182 -72.99 44.72 -105.06
C LEU HB 182 -74.38 44.68 -105.70
N ASP HB 183 -74.49 45.14 -106.94
CA ASP HB 183 -75.79 45.16 -107.60
C ASP HB 183 -76.24 43.74 -107.94
N ASN HB 184 -75.38 42.98 -108.63
CA ASN HB 184 -75.81 41.68 -109.14
C ASN HB 184 -75.99 40.66 -108.04
N ALA HB 185 -74.96 40.47 -107.20
CA ALA HB 185 -75.07 39.46 -106.13
C ALA HB 185 -75.97 39.93 -105.00
N SER HB 186 -75.71 41.13 -104.46
CA SER HB 186 -76.40 41.57 -103.26
C SER HB 186 -77.86 41.90 -103.55
N ALA HB 187 -78.10 42.68 -104.61
CA ALA HB 187 -79.45 43.18 -104.86
C ALA HB 187 -80.40 42.07 -105.27
N SER HB 188 -79.95 41.13 -106.09
CA SER HB 188 -80.81 39.98 -106.41
C SER HB 188 -81.09 39.17 -105.15
N SER HB 189 -80.11 39.07 -104.25
CA SER HB 189 -80.35 38.41 -102.97
C SER HB 189 -81.38 39.17 -102.14
N LEU HB 190 -81.38 40.50 -102.22
CA LEU HB 190 -82.35 41.29 -101.47
C LEU HB 190 -83.75 41.14 -102.06
N PHE HB 191 -83.88 41.34 -103.37
CA PHE HB 191 -85.22 41.38 -103.96
C PHE HB 191 -85.86 40.00 -104.00
N GLU HB 192 -85.14 39.01 -104.53
CA GLU HB 192 -85.73 37.69 -104.67
C GLU HB 192 -85.92 36.95 -103.34
N ARG HB 193 -85.02 37.13 -102.37
CA ARG HB 193 -85.26 36.57 -101.04
C ARG HB 193 -86.32 37.31 -100.23
N ILE HB 194 -86.42 38.62 -100.37
CA ILE HB 194 -87.50 39.34 -99.69
C ILE HB 194 -88.85 39.03 -100.31
N GLU HB 195 -88.90 38.97 -101.64
CA GLU HB 195 -90.13 38.65 -102.33
C GLU HB 195 -90.63 37.24 -101.98
N THR HB 196 -89.75 36.24 -102.05
CA THR HB 196 -90.16 34.88 -101.71
C THR HB 196 -90.61 34.77 -100.26
N LYS HB 197 -89.96 35.49 -99.35
CA LYS HB 197 -90.42 35.52 -97.96
C LYS HB 197 -91.75 36.23 -97.84
N ILE HB 198 -91.99 37.26 -98.65
CA ILE HB 198 -93.29 37.92 -98.66
C ILE HB 198 -94.37 36.96 -99.16
N LEU HB 199 -94.06 36.22 -100.22
CA LEU HB 199 -94.98 35.22 -100.74
C LEU HB 199 -95.30 34.17 -99.68
N GLU HB 200 -94.32 33.80 -98.86
CA GLU HB 200 -94.58 32.86 -97.77
C GLU HB 200 -95.55 33.47 -96.77
N LEU HB 201 -95.40 34.77 -96.49
CA LEU HB 201 -96.36 35.46 -95.64
C LEU HB 201 -97.72 35.56 -96.31
N GLU HB 202 -97.75 35.68 -97.63
CA GLU HB 202 -99.00 35.78 -98.38
C GLU HB 202 -99.74 34.44 -98.46
N ALA HB 203 -99.00 33.33 -98.48
CA ALA HB 203 -99.63 32.02 -98.39
C ALA HB 203 -100.38 31.83 -97.09
N GLU HB 204 -99.87 32.40 -95.99
CA GLU HB 204 -100.64 32.46 -94.76
C GLU HB 204 -101.73 33.53 -94.80
N ARG HB 205 -101.54 34.61 -95.56
CA ARG HB 205 -102.62 35.58 -95.73
C ARG HB 205 -103.84 34.94 -96.38
N GLU HB 206 -103.64 34.21 -97.47
CA GLU HB 206 -104.75 33.55 -98.17
C GLU HB 206 -105.30 32.35 -97.41
N LEU HB 207 -104.63 31.91 -96.35
CA LEU HB 207 -105.23 30.96 -95.42
C LEU HB 207 -106.10 31.65 -94.38
N LEU HB 208 -105.71 32.85 -93.94
CA LEU HB 208 -106.46 33.60 -92.95
C LEU HB 208 -107.53 34.51 -93.55
N ASN HB 209 -107.49 34.73 -94.87
CA ASN HB 209 -108.24 35.82 -95.49
C ASN HB 209 -108.72 35.41 -96.88
N PRO HB 210 -110.02 35.41 -97.15
CA PRO HB 210 -110.48 35.11 -98.49
C PRO HB 210 -109.96 36.13 -99.47
N PRO HB 211 -109.69 35.73 -100.72
CA PRO HB 211 -109.29 36.70 -101.75
C PRO HB 211 -110.29 37.83 -101.84
N PRO HB 212 -109.85 39.09 -101.62
CA PRO HB 212 -110.79 40.21 -101.73
C PRO HB 212 -111.17 40.53 -103.16
N SER HB 213 -112.11 39.76 -103.72
CA SER HB 213 -112.56 39.93 -105.08
C SER HB 213 -113.25 41.29 -105.23
N PRO HB 214 -113.51 41.75 -106.45
CA PRO HB 214 -114.29 42.99 -106.61
C PRO HB 214 -115.70 42.88 -106.05
N LEU HB 215 -116.24 41.67 -105.89
CA LEU HB 215 -117.63 41.53 -105.46
C LEU HB 215 -117.80 41.95 -104.00
N ASP HB 216 -117.11 41.27 -103.09
CA ASP HB 216 -117.18 41.63 -101.68
C ASP HB 216 -116.72 43.07 -101.43
N LYS HB 217 -115.77 43.55 -102.23
CA LYS HB 217 -115.34 44.94 -102.10
C LYS HB 217 -116.49 45.91 -102.38
N LYS HB 218 -117.25 45.66 -103.44
CA LYS HB 218 -118.39 46.52 -103.75
C LYS HB 218 -119.47 46.43 -102.68
N PHE HB 219 -119.69 45.24 -102.12
CA PHE HB 219 -120.65 45.08 -101.05
C PHE HB 219 -120.25 45.87 -99.81
N GLU HB 220 -118.96 45.85 -99.46
CA GLU HB 220 -118.49 46.62 -98.31
C GLU HB 220 -118.66 48.12 -98.56
N GLN HB 221 -118.39 48.56 -99.79
CA GLN HB 221 -118.58 49.96 -100.14
C GLN HB 221 -120.05 50.36 -100.01
N TRP HB 222 -120.96 49.50 -100.47
CA TRP HB 222 -122.38 49.76 -100.30
C TRP HB 222 -122.78 49.75 -98.84
N GLU HB 223 -122.12 48.96 -98.01
CA GLU HB 223 -122.41 48.98 -96.58
C GLU HB 223 -122.09 50.35 -95.98
N GLU HB 224 -120.95 50.92 -96.35
CA GLU HB 224 -120.63 52.27 -95.91
C GLU HB 224 -121.66 53.27 -96.46
N GLN HB 225 -122.06 53.09 -97.71
CA GLN HB 225 -123.07 53.95 -98.31
C GLN HB 225 -124.38 53.87 -97.53
N GLN HB 226 -124.76 52.67 -97.08
CA GLN HB 226 -126.00 52.49 -96.35
C GLN HB 226 -125.91 53.04 -94.93
N ALA HB 227 -124.73 53.02 -94.33
CA ALA HB 227 -124.54 53.66 -93.03
C ALA HB 227 -124.78 55.16 -93.13
N VAL HB 228 -124.19 55.81 -94.13
CA VAL HB 228 -124.40 57.24 -94.32
C VAL HB 228 -125.84 57.52 -94.76
N GLU HB 229 -126.46 56.61 -95.50
CA GLU HB 229 -127.86 56.82 -95.83
C GLU HB 229 -128.75 56.74 -94.59
N ALA HB 230 -128.37 55.93 -93.60
CA ALA HB 230 -129.10 55.92 -92.34
C ALA HB 230 -128.89 57.20 -91.53
N THR HB 231 -127.67 57.75 -91.53
CA THR HB 231 -127.43 59.04 -90.90
C THR HB 231 -128.25 60.13 -91.57
N LEU HB 232 -128.32 60.10 -92.91
CA LEU HB 232 -129.15 61.07 -93.62
C LEU HB 232 -130.62 60.92 -93.22
N ALA HB 233 -131.08 59.69 -93.02
CA ALA HB 233 -132.46 59.48 -92.61
C ALA HB 233 -132.72 60.11 -91.24
N ALA HB 234 -131.79 59.92 -90.30
CA ALA HB 234 -131.89 60.59 -89.01
C ALA HB 234 -131.88 62.10 -89.16
N MET HB 235 -131.01 62.62 -90.03
CA MET HB 235 -130.95 64.05 -90.26
C MET HB 235 -132.30 64.61 -90.68
N LYS HB 236 -132.92 64.01 -91.71
CA LYS HB 236 -134.15 64.56 -92.25
C LYS HB 236 -135.36 64.22 -91.40
N ALA HB 237 -135.26 63.21 -90.53
CA ALA HB 237 -136.32 62.94 -89.58
C ALA HB 237 -136.33 63.97 -88.45
N ARG HB 238 -135.15 64.36 -87.97
CA ARG HB 238 -135.07 65.47 -87.04
C ARG HB 238 -135.51 66.77 -87.70
N ARG HB 239 -135.18 66.94 -88.98
CA ARG HB 239 -135.59 68.12 -89.73
C ARG HB 239 -137.08 68.15 -90.03
N SER HB 240 -137.77 67.00 -89.99
CA SER HB 240 -139.19 66.98 -90.30
C SER HB 240 -139.96 67.94 -89.39
#